data_7M6A
#
_entry.id   7M6A
#
_cell.length_a   1.00
_cell.length_b   1.00
_cell.length_c   1.00
_cell.angle_alpha   90.00
_cell.angle_beta   90.00
_cell.angle_gamma   90.00
#
_symmetry.space_group_name_H-M   'P 1'
#
loop_
_entity.id
_entity.type
_entity.pdbx_description
1 polymer 'Peptidyl-prolyl cis-trans isomerase FKBP1B'
2 polymer 'Ryanodine receptor 1'
3 non-polymer "ADENOSINE-5'-TRIPHOSPHATE"
4 non-polymer 'CALCIUM ION'
5 non-polymer 'ZINC ION'
6 non-polymer CAFFEINE
#
loop_
_entity_poly.entity_id
_entity_poly.type
_entity_poly.pdbx_seq_one_letter_code
_entity_poly.pdbx_strand_id
1 'polypeptide(L)'
;MGVEIETISPGDGRTFPKKGQTCVVHYTGMLQNGKKFDSSRDRNKPFKFRIGKQEVIKGFEEGAAQMSLGQRAKLTCTPD
VAYGATGHPGVIPPNATLIFDVELLNLE
;
F,H,J,O
2 'polypeptide(L)'
;MGDGGEGEDEVQFLRTDDEVVLQCSATVLKEQLKLCLAAEGFGNRLCFLEPTSNAQNVPPDLAICCFTLEQSLSVRALQE
MLANTVEAGVESSQGGGHRTLLYGHAILLRHAHSRMYLSCLTTSRSMTDKLAFDVGLQEDATGEACWWTMHPASKQRSEG
EKVRVGDDLILVSVSSERYLHLSTASGELQVDASFMQTLWNMNPICSCCEEGYVTGGHVLRLFHGHMDECLTISAADSDD
QRRLVYYEGGAVCTHARSLWRLEPLRISWSGSHLRWGQPLRIRHVTTGRYLALTEDQGLVVVDACKAHTKATSFCFRVSK
EKLDTAPKRDVEGMGPPEIKYGESLCFVQHVASGLWLTYAAPDPKALRLGVLKKKAILHQEGHMDDALFLTRCQQEESQA
ARMIHSTAGLYNQFIKGLDSFSGKPRGSGPPAGPALPIEAVILSLQDLIGYFEPPSEELQHEEKQSKLRSLRNRQSLFQE
EGMLSLVLNCIDRLNVYTTAAHFAEYAGEEAAESWKEIVNLLYELLASLIRGNRANCALFSTNLDWVVSKLDRLEASSGI
LEVLYCVLIESPEVLNIIQENHIKSIISLLDKHGRNHKVLDVLCSLCVCNGVAVRSNQDLITENLLPGRELLLQTNLINY
VTSIRPNIFVGRAEGSTQYGKWYFEVMVDEVVPFLTAQATHLRVGWALTEGYSPYPGGGEGWGGNGVGDDLYSYGFDGLH
LWTGHVARPVTSPGQHLLAPEDVVSCCLDLSVPSISFRINGCPVQGVFEAFNLDGLFFPVVSFSAGVKVRFLLGGRHGEF
KFLPPPGYAPCHEAVLPRERLRLEPIKEYRREGPRGPHLVGPSRCLSHTDFVPCPVDTVQIVLPPHLERIREKLAENIHE
LWALTRIEQGWTYGPVRDDNKRLHPCLVNFHSLPEPERNYNLQMSGETLKTLLALGCHVGMADEKAEDNLKKTKLPKTYM
MSNGYKPAPLDLSHVRLTPAQTTLVDRLAENGHNVWARDRVAQGWSYSAVQDIPARRNPRLVPYRLLDEATKRSNRDSLC
QAVRTLLGYGYNIEPPDQEPSQVENQSRWDRVRIFRAEKSYTVQSGRWYFEFEAVTTGEMRVGWARPELRPDVELGADEL
AYVFNGHRGQRWHLGSEPFGRPWQSGDVVGCMIDLTENTIIFTLNGEVLMSDSGSETAFREIEIGDGFLPVCSLGPGQVG
HLNLGQDVSSLRFFAICGLQEGFEPFAINMQRPVTTWFSKSLPQFEPVPPEHPHYEVARMDGTVDTPPCLRLAHRTWGSQ
NSLVEMLFLRLSLPVQFHQHFRCTAGATPLAPPGLQPPAEDEARAAEPDPDYENLRRSAGGWGEAEGGKEGTAKEGTPGG
TPQPGVEAQPVRAENEKDATTEKNKKRGFLFKAKKAAMMTQPPATPALPRLPHDVVPADNRDDPEIILNTTTYYYSVRVF
AGQEPSCVWVGWVTPDYHQHDMNFDLSKVRAVTVTMGDEQGNVHSSLKCSNCYMVWGGDFVSPGQQGRISHTDLVIGCLV
DLATGLMTFTANGKESNTFFQVEPNTKLFPAVFVLPTHQNVIQFELGKQKNIMPLSAAMFLSERKNPAPQCPPRLEVQML
MPVSWSRMPNHFLQVETRRAGERLGWAVQCQDPLTMMALHIPEENRCMDILELSERLDLQRFHSHTLRLYRAVCALGNNR
VAHALCSHVDQAQLLHALEDAHLPGPLRAGYYDLLISIHLESACRSRRSMLSEYIVPLTPETRAITLFPPGRKGGNARRH
GLPGVGVTTSLRPPHHFSPPCFVAALPAAGVAEAPARLSPAIPLEALRDKALRMLGEAVRDGGQHARDPVGGSVEFQFVP
VLKLVSTLLVMGIFGDEDVKQILKMIEPEVFTEEEEEEEEEEEEEEEEEEDEEEKEEDEEEEEKEDAEKEEEEAPEGEKE
DLEEGLLQMKLPESVKLQMCNLLEYFCDQELQHRVESLAAFAERYVDKLQANQRSRYALLMRAFTMSAAETARRTREFRS
PPQEQINMLLHFKDEADEEDCPLPEDIRQDLQDFHQDLLAHCGIQLEGEEEEPEEETSLSSRLRSLLETVRLVKKKEEKP
EEELPAEEKKPQSLQELVSHMVVRWAQEDYVQSPELVRAMFSLLHRQYDGLGELLRALPRAYTISPSSVEDTMSLLECLG
QIRSLLIVQMGPQEENLMIQSIGNIMNNKVFYQHPNLMRALGMHETVMEVMVNVLGGGETKEIRFPKMVTSCCRFLCYFC
RISRQNQRSMFDHLSYLLENSGIGLGMQGSTPLDVAAASVIDNNELALALQEQDLEKVVSYLAGCGLQSCPMLLAKGYPD
IGWNPCGGERYLDFLRFAVFVNGESVEENANVVVRLLIRKPECFGPALRGEGGSGLLAAIEEAIRISEDPARDGPGVRRD
RRREHFGEEPPEENRVHLGHAIMSFYAALIDLLGRCAPEMHLIQAGKGEALRIRAILRSLVPLDDLVGIISLPLQIPTLG
KDGALVQPKMSASFVPDHKASMVLFLDRVYGIENQDFLLHVLDVGFLPDMRAAASLDTATFSTTEMALALNRYLCLAVLP
LITKCAPLFAGTEHRAIMVDSMLHTVYRLSRGRSLTKAQRDVIEDCLMALCRYIRPSMLQHLLRRLVFDVPILNEFAKMP
LKLLTNHYERCWKYYCLPTGWANFGVTSEEELHLTRKLFWGIFDSLAHKKYDQELYRMAMPCLCAIAGALPPDYVDASYS
SKAEKKATVDAEGNFDPRPVETLNVIIPEKLDSFINKFAEYTHEKWAFDKIQNNWSYGENVDEELKTHPMLRPYKTFSEK
DKEIYRWPIKESLKAMIAWEWTIEKAREGEEERTEKKKTRKISQTAQTYDPREGYNPQPPDLSGVTLSRELQAMAEQLAE
NYHNTWGRKKKQELEAKGGGTHPLLVPYDTLTAKEKARDREKAQELLKFLQMNGYAVTRGLKDMELDTSSIEKRFAFGFL
QQLLRWMDISQEFIAHLEAVVSSGRVEKSPHEQEIKFFAKILLPLINQYFTNHCLYFLSTPAKVLGSGGHASNKEKEMIT
SLFCKLAALVRHRVSLFGTDAPAVVNCLHILARSLDARTVMKSGPEIVKAGLRSFFESASEDIEKMVENLRLGKVSQART
QVKGVGQNLTYTTVALLPVLTTLFQHIAQHQFGDDVILDDVQVSCYRTLCSIYSLGTTKNTYVEKLRPALGECLARLAAA
MPVAFLEPQLNEYNACSVYTTKSPRERAILGLPNSVEEMCPDIPVLDRLMADIGGLAESGARYTEMPHVIEITLPMLCSY
LPRWWERGPEAPPPALPAGAPPPCTAVTSDHLNSLLGNILRIIVNNLGIDEATWMKRLAVFAQPIVSRARPELLHSHFIP
TIGRLRKRAGKVVAEEEQLRLEAKAEAEEGELLVRDEFSVLCRDLYALYPLLIRYVDNNRAHWLTEPNANAEELFRMVGE
IFIYWSKSHNFKREEQNFVVQNEINNMSFLTADSKSKMAKAGDAQSGGSDQERTKKKRRGDRYSVQTSLIVATLKKMLPI
GLNMCAPTDQDLIMLAKTRYALKDTDEEVREFLQNNLHLQGKVEGSPSLRWQMALYRGLPGREEDADDPEKIVRRVQEVS
AVLYHLEQTEHPYKSKKAVWHKLLSKQRRRAVVACFRMTPLYNLPTHRACNMFLESYKAAWILTEDHSFEDRMIDDLSKA
GEQEEEEEEVEEKKPDPLHQLVLHFSRTALTEKSKLDEDYLYMAYADIMAKSCHLEEGGENGEAEEEEVEVSFEEKEMEK
QRLLYQQSRLHTRGAAEMVLQMISACKGETGAMVSSTLKLGISILNGGNAEVQQKMLDYLKDKKEVGFFQSIQALMQTCS
VLDLNAFERQNKAEGLGMVNEDGTVINRQNGEKVMADDEFTQDLFRFLQLLCEGHNNDFQNYLRTQTGNTTTINIIICTV
DYLLRLQESISDFYWYYSGKDVIEEQGKRNFSKAMSVAKQVFNSLTEYIQGPCTGNQQSLAHSRLWDAVVGFLHVFAHMM
MKLAQDSSQIELLKELLDLQKDMVVMLLSLLEGNVVNGMIARQMVDMLVESSSNVEMILKFFDMFLKLKDIVGSEAFQDY
VTDPRGLISKKDFQKAMDSQKQFTGPEIQFLLSCSEADENEMINFEEFANRFQEPARDIGFNVAVLLTNLSEHVPHDPRL
RNFLELAESILEYFRPYLGRIEIMGASRRIERIYFEISETNRAQWEMPQVKESKRQFIFDVVNEGGEAEKMELFVSFCED
TIFEMQIAAQISEPEGEPEADEDEGMGEAAAEGAEEGAAGAEGAAGTVAAGATARLAAAAARALRGLSYRSLRRRVRRLR
RLTAREAATALAALLWAVVARAGAAGAGAAAGALRLLWGSLFGGGLVEGAKKVTVTELLAGMPDPTSDEVHGEQPAGPGG
DADGAGEGEGEGDAAEGDGDEEVAGHEAGPGGAEGVVAVADGGPFRPEGAGGLGDMGDTTPAEPPTPEGSPILKRKLGVD
GEEEELVPEPEPEPEPEPEKADEENGEKEEVPEAPPEPPKKAPPSPPAKKEEAGGAGMEFWGELEVQRVKFLNYLSRNFY
TLRFLALFLAFAINFILLFYKVSDSPPGEDDMEGSAAGDLAGAGSGGGSGWGSGAGEEAEGDEDENMVYYFLEESTGYME
PALWCLSLLHTLVAFLCIIGYNCLKVPLVIFKREKELARKLEFDGLYITEQPGDDDVKGQWDRLVLNTPSFPSNYWDKFV
KRKVLDKHGDIFGRERIAELLGMDLASLEITAHNERKPDPPPGLLTWLMSIDVKYQIWKFGVIFTDNSFLYLGWYMVMSL
LGHYNNFFFAAHLLDIAMGVKTLRTILSSVTHNGKQLVMTVGLLAVVVYLYTVVAFNFFRKFYNKSEDEDEPDMKCDDMM
TCYLFHMYVGVRAGGGIGDEIEDPAGDEYELYRVVFDITFFFFVIVILLAIIQGLIIDAFGELRDQQEQVKEDMETKCFI
CGIGSDYFDTTPHGFETHTLEEHNLANYMFFLMYLINKDETEHTGQESYVWKMYQERCWDFFPAGDCFRKQYEDQLS
;
A,G,B,I
#
loop_
_chem_comp.id
_chem_comp.type
_chem_comp.name
_chem_comp.formula
ATP non-polymer ADENOSINE-5'-TRIPHOSPHATE 'C10 H16 N5 O13 P3'
CA non-polymer 'CALCIUM ION' 'Ca 2'
CFF non-polymer CAFFEINE 'C8 H10 N4 O2'
ZN non-polymer 'ZINC ION' 'Zn 2'
#
# COMPACT_ATOMS: atom_id res chain seq x y z
N GLY A 2 51.88 -24.18 -115.38
CA GLY A 2 51.04 -23.91 -114.24
C GLY A 2 49.77 -23.18 -114.62
N VAL A 3 49.89 -22.23 -115.52
CA VAL A 3 48.77 -21.46 -116.03
C VAL A 3 48.45 -21.92 -117.44
N GLU A 4 47.18 -22.14 -117.73
CA GLU A 4 46.71 -22.66 -119.01
C GLU A 4 45.87 -21.58 -119.67
N ILE A 5 46.40 -20.99 -120.73
CA ILE A 5 45.69 -19.94 -121.44
C ILE A 5 44.85 -20.55 -122.56
N GLU A 6 43.58 -20.17 -122.63
CA GLU A 6 42.65 -20.66 -123.64
C GLU A 6 41.97 -19.47 -124.28
N THR A 7 42.24 -19.23 -125.55
CA THR A 7 41.72 -18.04 -126.21
C THR A 7 40.21 -18.14 -126.38
N ILE A 8 39.52 -17.07 -126.02
CA ILE A 8 38.06 -16.97 -126.19
C ILE A 8 37.71 -16.08 -127.37
N SER A 9 38.43 -14.98 -127.54
CA SER A 9 38.25 -14.12 -128.68
C SER A 9 39.59 -13.47 -129.00
N PRO A 10 40.07 -13.62 -130.22
CA PRO A 10 41.42 -13.18 -130.54
C PRO A 10 41.55 -11.67 -130.51
N GLY A 11 42.75 -11.22 -130.15
CA GLY A 11 43.05 -9.81 -130.15
C GLY A 11 43.85 -9.43 -131.38
N ASP A 12 45.07 -8.96 -131.18
CA ASP A 12 45.94 -8.57 -132.29
C ASP A 12 47.02 -9.58 -132.59
N GLY A 13 47.44 -10.36 -131.61
CA GLY A 13 48.46 -11.37 -131.83
C GLY A 13 49.79 -10.78 -132.25
N ARG A 14 49.95 -9.47 -132.07
CA ARG A 14 51.17 -8.79 -132.49
C ARG A 14 51.86 -8.07 -131.35
N THR A 15 51.14 -7.25 -130.56
CA THR A 15 51.73 -6.52 -129.45
C THR A 15 51.48 -7.31 -128.17
N PHE A 16 52.55 -7.70 -127.51
CA PHE A 16 52.46 -8.40 -126.24
C PHE A 16 53.04 -7.52 -125.15
N PRO A 17 52.56 -7.66 -123.92
CA PRO A 17 53.07 -6.82 -122.83
C PRO A 17 54.51 -7.16 -122.50
N LYS A 18 55.42 -6.26 -122.85
CA LYS A 18 56.81 -6.38 -122.44
C LYS A 18 56.93 -6.07 -120.96
N LYS A 19 58.05 -6.30 -120.31
CA LYS A 19 58.13 -5.91 -118.92
C LYS A 19 57.90 -4.44 -118.83
N GLY A 20 57.46 -4.00 -117.69
CA GLY A 20 57.28 -2.59 -117.51
C GLY A 20 56.32 -1.82 -118.35
N GLN A 21 55.21 -2.39 -118.69
CA GLN A 21 54.20 -1.67 -119.38
C GLN A 21 53.07 -2.03 -118.49
N THR A 22 52.31 -1.06 -118.05
CA THR A 22 51.15 -1.35 -117.26
C THR A 22 50.15 -2.06 -118.10
N CYS A 23 49.38 -2.95 -117.53
CA CYS A 23 48.43 -3.68 -118.28
C CYS A 23 47.09 -3.34 -117.75
N VAL A 24 46.15 -2.93 -118.58
CA VAL A 24 44.81 -2.70 -118.10
C VAL A 24 44.00 -3.87 -118.50
N VAL A 25 43.40 -4.57 -117.56
CA VAL A 25 42.69 -5.75 -117.85
C VAL A 25 41.41 -5.74 -117.08
N HIS A 26 40.26 -6.04 -117.70
CA HIS A 26 39.00 -6.16 -117.00
C HIS A 26 38.87 -7.64 -116.86
N TYR A 27 38.45 -8.17 -115.74
CA TYR A 27 38.43 -9.58 -115.47
C TYR A 27 37.34 -10.10 -114.58
N THR A 28 37.16 -11.40 -114.47
CA THR A 28 36.22 -12.02 -113.56
C THR A 28 36.85 -13.28 -113.13
N GLY A 29 36.70 -13.65 -111.88
CA GLY A 29 37.40 -14.79 -111.40
C GLY A 29 36.55 -15.78 -110.72
N MET A 30 36.83 -17.05 -110.87
CA MET A 30 36.00 -18.09 -110.34
C MET A 30 36.73 -19.29 -109.81
N LEU A 31 36.36 -19.79 -108.65
CA LEU A 31 36.92 -21.04 -108.18
C LEU A 31 36.58 -22.13 -109.19
N GLN A 32 37.43 -23.15 -109.27
CA GLN A 32 37.28 -24.13 -110.34
C GLN A 32 35.94 -24.85 -110.27
N ASN A 33 35.34 -24.94 -109.09
CA ASN A 33 34.01 -25.50 -108.99
C ASN A 33 32.94 -24.63 -109.65
N GLY A 34 33.28 -23.40 -110.03
CA GLY A 34 32.34 -22.53 -110.69
C GLY A 34 31.65 -21.52 -109.81
N LYS A 35 32.32 -20.93 -108.83
CA LYS A 35 31.74 -19.91 -107.98
C LYS A 35 32.58 -18.66 -108.12
N LYS A 36 32.02 -17.46 -108.03
CA LYS A 36 32.76 -16.24 -108.31
C LYS A 36 33.19 -15.48 -107.12
N PHE A 37 34.43 -15.05 -107.10
CA PHE A 37 34.90 -14.26 -106.04
C PHE A 37 35.18 -12.81 -106.40
N ASP A 38 35.42 -12.49 -107.66
CA ASP A 38 35.75 -11.15 -108.06
C ASP A 38 35.52 -10.85 -109.46
N SER A 39 35.29 -9.61 -109.80
CA SER A 39 35.13 -9.16 -111.13
C SER A 39 35.48 -7.75 -111.02
N SER A 40 35.97 -7.15 -112.07
CA SER A 40 36.35 -5.80 -112.05
C SER A 40 35.28 -5.10 -112.71
N ARG A 41 34.54 -5.81 -113.50
CA ARG A 41 33.42 -5.24 -114.19
C ARG A 41 32.33 -4.83 -113.27
N ASP A 42 32.12 -5.49 -112.15
CA ASP A 42 31.20 -5.05 -111.11
C ASP A 42 31.65 -3.76 -110.46
N ARG A 43 32.93 -3.61 -110.14
CA ARG A 43 33.48 -2.39 -109.61
C ARG A 43 33.46 -1.34 -110.68
N ASN A 44 33.48 -1.73 -111.92
CA ASN A 44 33.40 -0.85 -113.07
C ASN A 44 34.60 -0.18 -113.56
N LYS A 45 35.74 -0.58 -113.07
CA LYS A 45 36.97 0.03 -113.47
C LYS A 45 37.97 -0.98 -113.86
N PRO A 46 38.69 -0.73 -114.94
CA PRO A 46 39.75 -1.63 -115.31
C PRO A 46 40.88 -1.75 -114.31
N PHE A 47 41.48 -2.91 -114.11
CA PHE A 47 42.54 -3.14 -113.15
C PHE A 47 43.88 -3.03 -113.86
N LYS A 48 44.77 -2.22 -113.31
CA LYS A 48 46.08 -1.96 -113.90
C LYS A 48 47.17 -2.54 -113.03
N PHE A 49 48.15 -3.17 -113.67
CA PHE A 49 49.29 -3.66 -112.92
C PHE A 49 50.53 -3.62 -113.79
N ARG A 50 51.65 -3.29 -113.19
CA ARG A 50 52.94 -3.29 -113.88
C ARG A 50 53.48 -4.70 -113.91
N ILE A 51 53.69 -5.23 -115.10
CA ILE A 51 54.24 -6.58 -115.21
C ILE A 51 55.73 -6.52 -114.93
N GLY A 52 56.18 -7.37 -114.02
CA GLY A 52 57.56 -7.38 -113.58
C GLY A 52 57.78 -6.89 -112.16
N LYS A 53 56.76 -6.33 -111.50
CA LYS A 53 56.86 -5.86 -110.13
C LYS A 53 56.24 -6.83 -109.13
N GLN A 54 55.71 -7.96 -109.60
CA GLN A 54 55.17 -9.01 -108.73
C GLN A 54 54.09 -8.49 -107.81
N GLU A 55 53.24 -7.60 -108.30
CA GLU A 55 52.07 -7.25 -107.51
C GLU A 55 51.01 -8.34 -107.59
N VAL A 56 50.81 -8.92 -108.78
CA VAL A 56 49.76 -9.91 -109.00
C VAL A 56 50.31 -11.30 -108.71
N ILE A 57 49.41 -12.27 -108.55
CA ILE A 57 49.86 -13.63 -108.35
C ILE A 57 50.60 -14.10 -109.59
N LYS A 58 51.39 -15.16 -109.43
CA LYS A 58 52.33 -15.57 -110.48
C LYS A 58 51.61 -15.96 -111.76
N GLY A 59 50.77 -17.00 -111.70
CA GLY A 59 50.07 -17.44 -112.89
C GLY A 59 49.35 -16.31 -113.60
N PHE A 60 48.87 -15.33 -112.84
CA PHE A 60 48.28 -14.15 -113.45
C PHE A 60 49.32 -13.31 -114.17
N GLU A 61 50.61 -13.61 -114.00
CA GLU A 61 51.68 -12.80 -114.57
C GLU A 61 52.44 -13.48 -115.70
N GLU A 62 52.58 -14.81 -115.69
CA GLU A 62 52.88 -15.51 -116.94
C GLU A 62 51.68 -15.61 -117.86
N GLY A 63 50.48 -15.43 -117.31
CA GLY A 63 49.28 -15.63 -118.07
C GLY A 63 48.88 -14.41 -118.86
N ALA A 64 48.91 -13.26 -118.23
CA ALA A 64 48.57 -12.08 -118.99
C ALA A 64 49.70 -11.60 -119.80
N ALA A 65 50.77 -12.39 -119.93
CA ALA A 65 51.89 -12.06 -120.78
C ALA A 65 51.81 -12.71 -122.15
N GLN A 66 51.17 -13.88 -122.24
CA GLN A 66 50.94 -14.52 -123.52
C GLN A 66 49.82 -13.86 -124.31
N MET A 67 48.87 -13.25 -123.62
CA MET A 67 47.79 -12.55 -124.28
C MET A 67 48.34 -11.38 -125.07
N SER A 68 47.58 -10.96 -126.07
CA SER A 68 47.87 -9.80 -126.89
C SER A 68 46.84 -8.73 -126.63
N LEU A 69 47.03 -7.58 -127.26
CA LEU A 69 46.20 -6.42 -127.00
C LEU A 69 44.80 -6.65 -127.55
N GLY A 70 43.80 -6.48 -126.71
CA GLY A 70 42.42 -6.70 -127.08
C GLY A 70 41.95 -8.13 -126.98
N GLN A 71 42.86 -9.08 -126.79
CA GLN A 71 42.48 -10.48 -126.70
C GLN A 71 41.68 -10.74 -125.44
N ARG A 72 40.76 -11.68 -125.53
CA ARG A 72 40.04 -12.18 -124.37
C ARG A 72 40.32 -13.66 -124.25
N ALA A 73 40.77 -14.09 -123.07
CA ALA A 73 41.17 -15.47 -122.87
C ALA A 73 40.76 -15.89 -121.47
N LYS A 74 41.05 -17.16 -121.17
CA LYS A 74 40.71 -17.75 -119.89
C LYS A 74 41.95 -18.43 -119.32
N LEU A 75 42.36 -18.00 -118.14
CA LEU A 75 43.52 -18.56 -117.46
C LEU A 75 43.07 -19.52 -116.38
N THR A 76 43.83 -20.59 -116.18
CA THR A 76 43.55 -21.58 -115.14
C THR A 76 44.80 -21.72 -114.28
N CYS A 77 44.90 -20.87 -113.26
CA CYS A 77 46.07 -20.85 -112.40
C CYS A 77 45.94 -21.94 -111.35
N THR A 78 46.91 -22.84 -111.32
CA THR A 78 47.02 -23.85 -110.30
C THR A 78 47.57 -23.22 -109.02
N PRO A 79 47.28 -23.81 -107.84
CA PRO A 79 47.68 -23.16 -106.58
C PRO A 79 49.18 -22.92 -106.47
N ASP A 80 49.97 -23.69 -107.21
CA ASP A 80 51.41 -23.44 -107.25
C ASP A 80 51.70 -22.05 -107.81
N VAL A 81 51.08 -21.71 -108.94
CA VAL A 81 51.23 -20.40 -109.55
C VAL A 81 50.08 -19.48 -109.15
N ALA A 82 49.43 -19.76 -108.04
CA ALA A 82 48.36 -18.93 -107.49
C ALA A 82 48.61 -18.87 -105.99
N TYR A 83 47.57 -18.51 -105.23
CA TYR A 83 47.72 -18.30 -103.79
C TYR A 83 48.39 -19.48 -103.11
N GLY A 84 47.77 -20.66 -103.17
CA GLY A 84 48.42 -21.88 -102.74
C GLY A 84 47.80 -22.46 -101.49
N ALA A 85 48.63 -23.12 -100.68
CA ALA A 85 48.15 -23.87 -99.54
C ALA A 85 47.60 -22.97 -98.43
N THR A 86 47.98 -21.69 -98.40
CA THR A 86 47.50 -20.79 -97.37
C THR A 86 46.12 -20.23 -97.70
N GLY A 87 45.95 -19.71 -98.91
CA GLY A 87 44.69 -19.15 -99.34
C GLY A 87 44.55 -17.69 -98.97
N HIS A 88 43.46 -17.11 -99.44
CA HIS A 88 43.13 -15.73 -99.16
C HIS A 88 41.99 -15.74 -98.17
N PRO A 89 42.28 -15.76 -96.86
CA PRO A 89 41.29 -16.19 -95.87
C PRO A 89 39.97 -15.45 -95.95
N GLY A 90 38.88 -16.19 -96.09
CA GLY A 90 37.57 -15.63 -96.27
C GLY A 90 37.15 -15.41 -97.69
N VAL A 91 38.06 -15.58 -98.65
CA VAL A 91 37.77 -15.39 -100.06
C VAL A 91 38.02 -16.67 -100.86
N ILE A 92 39.18 -17.29 -100.65
CA ILE A 92 39.63 -18.43 -101.45
C ILE A 92 40.06 -19.53 -100.50
N PRO A 93 39.51 -20.73 -100.60
CA PRO A 93 39.91 -21.81 -99.72
C PRO A 93 41.29 -22.31 -100.08
N PRO A 94 41.97 -23.01 -99.17
CA PRO A 94 43.33 -23.45 -99.45
C PRO A 94 43.37 -24.51 -100.53
N ASN A 95 44.51 -24.58 -101.21
CA ASN A 95 44.74 -25.55 -102.27
C ASN A 95 43.66 -25.43 -103.35
N ALA A 96 43.62 -24.26 -103.97
CA ALA A 96 42.55 -23.90 -104.88
C ALA A 96 43.13 -23.51 -106.24
N THR A 97 42.41 -23.88 -107.29
CA THR A 97 42.74 -23.51 -108.65
C THR A 97 41.74 -22.45 -109.10
N LEU A 98 42.25 -21.37 -109.69
CA LEU A 98 41.41 -20.25 -110.08
C LEU A 98 41.29 -20.19 -111.60
N ILE A 99 40.16 -19.69 -112.07
CA ILE A 99 39.90 -19.47 -113.49
C ILE A 99 39.52 -18.02 -113.70
N PHE A 100 40.22 -17.36 -114.61
CA PHE A 100 40.06 -15.93 -114.83
C PHE A 100 39.69 -15.67 -116.29
N ASP A 101 38.57 -15.00 -116.49
CA ASP A 101 38.19 -14.49 -117.81
C ASP A 101 38.82 -13.12 -117.96
N VAL A 102 39.96 -13.03 -118.63
CA VAL A 102 40.75 -11.82 -118.68
C VAL A 102 40.69 -11.23 -120.07
N GLU A 103 40.41 -9.94 -120.15
CA GLU A 103 40.40 -9.19 -121.41
C GLU A 103 41.43 -8.09 -121.30
N LEU A 104 42.53 -8.23 -122.03
CA LEU A 104 43.61 -7.24 -121.96
C LEU A 104 43.18 -6.03 -122.78
N LEU A 105 42.70 -4.99 -122.15
CA LEU A 105 42.18 -3.87 -122.88
C LEU A 105 43.19 -2.94 -123.51
N ASN A 106 44.15 -2.42 -122.77
CA ASN A 106 45.14 -1.49 -123.27
C ASN A 106 46.46 -1.82 -122.64
N LEU A 107 47.55 -1.48 -123.28
CA LEU A 107 48.87 -1.66 -122.67
C LEU A 107 49.34 -0.28 -122.29
N GLU A 108 49.56 -0.02 -121.00
CA GLU A 108 49.90 1.30 -120.49
C GLU A 108 48.79 2.26 -120.73
N VAL B 11 -11.90 -18.39 -24.11
CA VAL B 11 -12.27 -17.48 -25.19
C VAL B 11 -11.47 -17.88 -26.42
N GLN B 12 -10.68 -16.95 -26.94
CA GLN B 12 -9.83 -17.20 -28.10
C GLN B 12 -10.65 -17.75 -29.26
N PHE B 13 -11.54 -16.90 -29.77
CA PHE B 13 -12.31 -17.26 -30.96
C PHE B 13 -11.46 -17.00 -32.20
N LEU B 14 -11.49 -17.94 -33.12
CA LEU B 14 -10.67 -17.81 -34.33
C LEU B 14 -11.15 -16.63 -35.14
N ARG B 15 -10.22 -16.06 -35.91
CA ARG B 15 -10.54 -14.93 -36.76
C ARG B 15 -9.82 -15.10 -38.08
N THR B 16 -10.32 -14.43 -39.10
CA THR B 16 -9.65 -14.50 -40.38
C THR B 16 -8.31 -13.80 -40.30
N ASP B 17 -7.41 -14.19 -41.20
CA ASP B 17 -6.02 -13.77 -41.27
C ASP B 17 -5.18 -14.32 -40.13
N ASP B 18 -5.72 -15.22 -39.33
CA ASP B 18 -4.91 -16.01 -38.43
C ASP B 18 -4.19 -17.11 -39.19
N GLU B 19 -3.04 -17.49 -38.70
CA GLU B 19 -2.41 -18.72 -39.18
C GLU B 19 -2.73 -19.84 -38.22
N VAL B 20 -3.11 -20.99 -38.77
CA VAL B 20 -3.56 -22.11 -37.97
C VAL B 20 -3.03 -23.40 -38.58
N VAL B 21 -3.01 -24.45 -37.78
CA VAL B 21 -2.56 -25.76 -38.21
C VAL B 21 -3.71 -26.75 -38.05
N LEU B 22 -4.06 -27.42 -39.15
CA LEU B 22 -5.01 -28.51 -39.11
C LEU B 22 -4.33 -29.72 -38.52
N GLN B 23 -5.05 -30.50 -37.73
CA GLN B 23 -4.38 -31.49 -36.89
C GLN B 23 -5.32 -32.60 -36.48
N CYS B 24 -4.99 -33.82 -36.88
CA CYS B 24 -5.69 -35.02 -36.49
C CYS B 24 -4.97 -35.69 -35.32
N SER B 25 -5.59 -36.73 -34.77
CA SER B 25 -5.00 -37.50 -33.69
C SER B 25 -5.15 -38.98 -34.04
N ALA B 26 -4.18 -39.51 -34.77
CA ALA B 26 -4.23 -40.93 -35.10
C ALA B 26 -3.91 -41.74 -33.87
N THR B 27 -4.44 -42.95 -33.81
CA THR B 27 -4.28 -43.83 -32.65
C THR B 27 -3.69 -45.15 -33.12
N VAL B 28 -2.38 -45.27 -33.02
CA VAL B 28 -1.72 -46.51 -33.44
C VAL B 28 -0.68 -46.87 -32.39
N LEU B 29 -0.30 -48.15 -32.36
CA LEU B 29 0.65 -48.68 -31.39
C LEU B 29 0.23 -48.36 -29.96
N LYS B 30 -1.07 -48.25 -29.74
CA LYS B 30 -1.63 -47.87 -28.44
C LYS B 30 -1.06 -46.56 -27.93
N GLU B 31 -0.90 -45.59 -28.84
CA GLU B 31 -0.68 -44.21 -28.44
C GLU B 31 -1.34 -43.30 -29.45
N GLN B 32 -1.67 -42.11 -28.98
CA GLN B 32 -2.26 -41.06 -29.81
C GLN B 32 -1.11 -40.22 -30.36
N LEU B 33 -0.83 -40.33 -31.65
CA LEU B 33 0.15 -39.46 -32.26
C LEU B 33 -0.61 -38.39 -33.02
N LYS B 34 -0.32 -37.13 -32.68
CA LYS B 34 -0.93 -36.01 -33.36
C LYS B 34 -0.23 -35.80 -34.69
N LEU B 35 -1.01 -35.46 -35.71
CA LEU B 35 -0.49 -35.27 -37.04
C LEU B 35 -1.03 -33.96 -37.58
N CYS B 36 -0.25 -33.29 -38.40
CA CYS B 36 -0.64 -32.00 -38.94
C CYS B 36 -0.57 -32.04 -40.45
N LEU B 37 -1.51 -31.39 -41.11
CA LEU B 37 -1.44 -31.33 -42.55
C LEU B 37 -0.19 -30.58 -42.99
N ALA B 38 0.29 -30.93 -44.16
CA ALA B 38 1.47 -30.27 -44.69
C ALA B 38 1.44 -30.41 -46.19
N ALA B 39 2.19 -29.54 -46.85
CA ALA B 39 2.37 -29.64 -48.29
C ALA B 39 3.55 -28.76 -48.66
N GLU B 40 4.37 -29.23 -49.59
CA GLU B 40 5.47 -28.40 -50.04
C GLU B 40 5.00 -27.31 -50.97
N GLY B 41 3.96 -27.60 -51.75
CA GLY B 41 3.39 -26.63 -52.67
C GLY B 41 4.09 -26.56 -53.99
N PHE B 42 5.40 -26.67 -53.99
CA PHE B 42 6.20 -26.62 -55.21
C PHE B 42 6.71 -28.03 -55.47
N GLY B 43 6.22 -28.64 -56.54
CA GLY B 43 6.65 -29.95 -56.95
C GLY B 43 5.81 -31.07 -56.39
N ASN B 44 5.06 -30.80 -55.33
CA ASN B 44 4.18 -31.81 -54.75
C ASN B 44 2.94 -31.08 -54.24
N ARG B 45 1.91 -31.04 -55.07
CA ARG B 45 0.68 -30.40 -54.65
C ARG B 45 -0.07 -31.20 -53.59
N LEU B 46 0.24 -32.47 -53.41
CA LEU B 46 -0.54 -33.27 -52.48
C LEU B 46 -0.16 -32.99 -51.03
N CYS B 47 -1.16 -33.08 -50.17
CA CYS B 47 -1.01 -32.90 -48.75
C CYS B 47 -0.63 -34.21 -48.09
N PHE B 48 0.10 -34.11 -46.98
CA PHE B 48 0.49 -35.28 -46.22
C PHE B 48 0.54 -34.94 -44.75
N LEU B 49 0.51 -35.96 -43.92
CA LEU B 49 0.45 -35.79 -42.48
C LEU B 49 1.85 -35.87 -41.90
N GLU B 50 2.26 -34.82 -41.20
CA GLU B 50 3.54 -34.76 -40.51
C GLU B 50 3.33 -34.86 -39.01
N PRO B 51 4.02 -35.78 -38.33
CA PRO B 51 3.73 -36.02 -36.92
C PRO B 51 4.45 -35.04 -36.01
N THR B 52 3.77 -34.67 -34.93
CA THR B 52 4.27 -33.69 -33.99
C THR B 52 4.29 -34.16 -32.55
N SER B 53 3.71 -35.32 -32.25
CA SER B 53 3.66 -35.79 -30.86
C SER B 53 5.06 -36.03 -30.32
N ASN B 54 5.94 -36.61 -31.13
CA ASN B 54 7.34 -36.79 -30.76
C ASN B 54 8.12 -35.56 -31.23
N ALA B 55 7.95 -34.46 -30.52
CA ALA B 55 8.61 -33.22 -30.89
C ALA B 55 9.84 -32.92 -30.07
N GLN B 56 10.02 -33.55 -28.92
CA GLN B 56 11.24 -33.33 -28.15
C GLN B 56 12.41 -34.09 -28.73
N ASN B 57 12.16 -35.29 -29.27
CA ASN B 57 13.27 -36.06 -29.82
C ASN B 57 13.59 -35.64 -31.25
N VAL B 58 12.59 -35.52 -32.11
CA VAL B 58 12.82 -35.01 -33.46
C VAL B 58 11.87 -33.84 -33.70
N PRO B 59 12.35 -32.74 -34.21
CA PRO B 59 11.49 -31.62 -34.50
C PRO B 59 10.63 -31.89 -35.72
N PRO B 60 9.40 -31.43 -35.74
CA PRO B 60 8.59 -31.47 -36.95
C PRO B 60 8.82 -30.24 -37.82
N ASP B 61 8.55 -30.40 -39.11
CA ASP B 61 8.73 -29.33 -40.08
C ASP B 61 7.42 -28.54 -40.18
N LEU B 62 7.31 -27.46 -39.42
CA LEU B 62 6.13 -26.62 -39.45
C LEU B 62 6.25 -25.44 -40.39
N ALA B 63 7.32 -25.33 -41.17
CA ALA B 63 7.36 -24.31 -42.19
C ALA B 63 6.27 -24.55 -43.23
N ILE B 64 5.82 -25.79 -43.37
CA ILE B 64 4.90 -26.18 -44.42
C ILE B 64 3.58 -26.70 -43.85
N CYS B 65 3.38 -26.59 -42.54
CA CYS B 65 2.16 -27.04 -41.92
C CYS B 65 1.22 -25.91 -41.55
N CYS B 66 1.58 -24.66 -41.82
CA CYS B 66 0.87 -23.48 -41.35
C CYS B 66 -0.02 -22.95 -42.46
N PHE B 67 -1.29 -22.71 -42.13
CA PHE B 67 -2.29 -22.26 -43.08
C PHE B 67 -2.94 -20.99 -42.59
N THR B 68 -3.06 -20.01 -43.48
CA THR B 68 -3.75 -18.77 -43.14
C THR B 68 -5.24 -18.90 -43.40
N LEU B 69 -6.04 -18.41 -42.47
CA LEU B 69 -7.49 -18.32 -42.66
C LEU B 69 -7.75 -17.06 -43.45
N GLU B 70 -8.08 -17.19 -44.73
CA GLU B 70 -8.29 -16.01 -45.55
C GLU B 70 -9.67 -15.43 -45.36
N GLN B 71 -10.71 -16.18 -45.70
CA GLN B 71 -12.05 -15.64 -45.72
C GLN B 71 -13.03 -16.59 -45.07
N SER B 72 -14.11 -16.01 -44.54
CA SER B 72 -15.23 -16.77 -44.00
C SER B 72 -16.51 -16.19 -44.56
N LEU B 73 -17.26 -17.01 -45.30
CA LEU B 73 -18.46 -16.52 -45.97
C LEU B 73 -19.59 -17.48 -45.66
N SER B 74 -20.75 -16.95 -45.30
CA SER B 74 -21.93 -17.79 -45.24
C SER B 74 -22.18 -18.38 -46.62
N VAL B 75 -22.50 -19.68 -46.63
CA VAL B 75 -22.55 -20.46 -47.87
C VAL B 75 -23.21 -19.65 -48.98
N ARG B 76 -24.29 -18.97 -48.66
CA ARG B 76 -24.94 -18.12 -49.64
C ARG B 76 -23.92 -17.16 -50.26
N ALA B 77 -23.35 -16.29 -49.42
CA ALA B 77 -22.42 -15.29 -49.94
C ALA B 77 -21.33 -15.93 -50.77
N LEU B 78 -20.92 -17.15 -50.40
CA LEU B 78 -19.97 -17.87 -51.25
C LEU B 78 -20.56 -18.14 -52.63
N GLN B 79 -21.83 -18.56 -52.68
CA GLN B 79 -22.44 -18.84 -53.98
C GLN B 79 -22.52 -17.58 -54.84
N GLU B 80 -23.01 -16.49 -54.27
CA GLU B 80 -23.09 -15.28 -55.07
C GLU B 80 -21.73 -14.70 -55.41
N MET B 81 -20.72 -14.93 -54.57
CA MET B 81 -19.39 -14.49 -54.92
C MET B 81 -18.84 -15.31 -56.08
N LEU B 82 -19.08 -16.62 -56.06
CA LEU B 82 -18.62 -17.47 -57.14
C LEU B 82 -19.32 -17.10 -58.45
N ALA B 83 -20.60 -16.76 -58.39
CA ALA B 83 -21.30 -16.33 -59.59
C ALA B 83 -20.74 -15.04 -60.13
N ASN B 84 -20.25 -14.16 -59.27
CA ASN B 84 -19.71 -12.87 -59.70
C ASN B 84 -18.19 -12.92 -59.77
N HIS B 98 -11.32 -8.90 -40.52
CA HIS B 98 -10.97 -9.79 -39.42
C HIS B 98 -12.20 -10.37 -38.78
N ARG B 99 -13.03 -10.99 -39.62
CA ARG B 99 -14.27 -11.58 -39.16
C ARG B 99 -14.00 -12.79 -38.30
N THR B 100 -14.73 -12.89 -37.19
CA THR B 100 -14.73 -14.13 -36.42
C THR B 100 -15.35 -15.24 -37.25
N LEU B 101 -14.73 -16.40 -37.24
CA LEU B 101 -15.28 -17.55 -37.95
C LEU B 101 -16.49 -18.06 -37.18
N LEU B 102 -17.48 -18.54 -37.91
CA LEU B 102 -18.68 -19.13 -37.34
C LEU B 102 -18.81 -20.54 -37.86
N TYR B 103 -19.40 -21.42 -37.05
CA TYR B 103 -19.73 -22.75 -37.53
C TYR B 103 -20.71 -22.68 -38.68
N GLY B 104 -20.56 -23.56 -39.66
CA GLY B 104 -21.42 -23.56 -40.81
C GLY B 104 -21.02 -22.60 -41.90
N HIS B 105 -20.08 -21.70 -41.65
CA HIS B 105 -19.62 -20.81 -42.69
C HIS B 105 -18.65 -21.55 -43.58
N ALA B 106 -18.07 -20.85 -44.54
CA ALA B 106 -17.03 -21.42 -45.37
C ALA B 106 -15.69 -20.82 -44.98
N ILE B 107 -14.63 -21.49 -45.40
CA ILE B 107 -13.27 -21.04 -45.10
C ILE B 107 -12.39 -21.28 -46.31
N LEU B 108 -11.53 -20.33 -46.58
CA LEU B 108 -10.51 -20.42 -47.61
C LEU B 108 -9.16 -20.42 -46.92
N LEU B 109 -8.47 -21.56 -46.96
CA LEU B 109 -7.21 -21.75 -46.27
C LEU B 109 -6.07 -21.56 -47.23
N ARG B 110 -5.21 -20.59 -46.96
CA ARG B 110 -4.07 -20.30 -47.82
C ARG B 110 -2.83 -20.90 -47.16
N HIS B 111 -2.04 -21.60 -47.96
CA HIS B 111 -0.78 -22.13 -47.49
C HIS B 111 0.19 -21.00 -47.19
N ALA B 112 0.87 -21.08 -46.05
CA ALA B 112 1.78 -20.02 -45.65
C ALA B 112 3.01 -19.97 -46.56
N HIS B 113 3.64 -21.12 -46.80
CA HIS B 113 4.86 -21.15 -47.58
C HIS B 113 4.60 -20.81 -49.04
N SER B 114 3.81 -21.63 -49.73
CA SER B 114 3.68 -21.55 -51.17
C SER B 114 2.58 -20.63 -51.64
N ARG B 115 1.79 -20.06 -50.73
CA ARG B 115 0.73 -19.14 -51.07
C ARG B 115 -0.33 -19.76 -51.97
N MET B 116 -0.53 -21.07 -51.85
CA MET B 116 -1.60 -21.76 -52.56
C MET B 116 -2.72 -22.09 -51.59
N TYR B 117 -3.83 -22.57 -52.13
CA TYR B 117 -5.03 -22.76 -51.34
C TYR B 117 -5.36 -24.23 -51.25
N LEU B 118 -5.65 -24.68 -50.04
CA LEU B 118 -6.05 -26.06 -49.84
C LEU B 118 -7.29 -26.35 -50.67
N SER B 119 -7.30 -27.50 -51.33
CA SER B 119 -8.41 -27.79 -52.24
C SER B 119 -8.66 -29.29 -52.27
N CYS B 120 -9.86 -29.65 -52.72
CA CYS B 120 -10.23 -31.04 -52.94
C CYS B 120 -9.99 -31.37 -54.41
N LEU B 121 -8.82 -31.93 -54.69
CA LEU B 121 -8.37 -32.08 -56.06
C LEU B 121 -9.25 -33.04 -56.83
N THR B 122 -9.35 -32.82 -58.13
CA THR B 122 -10.25 -33.61 -58.97
C THR B 122 -9.84 -35.07 -59.02
N THR B 123 -8.54 -35.33 -59.12
CA THR B 123 -8.06 -36.70 -59.25
C THR B 123 -8.24 -37.47 -57.95
N SER B 124 -7.79 -38.72 -57.97
CA SER B 124 -7.70 -39.56 -56.78
C SER B 124 -6.78 -40.72 -57.09
N ARG B 125 -5.66 -40.81 -56.39
CA ARG B 125 -4.69 -41.87 -56.59
C ARG B 125 -4.76 -42.94 -55.52
N SER B 126 -5.80 -42.91 -54.68
CA SER B 126 -5.85 -43.73 -53.48
C SER B 126 -6.07 -45.19 -53.84
N MET B 127 -5.16 -46.06 -53.37
CA MET B 127 -5.29 -47.50 -53.49
C MET B 127 -6.48 -48.06 -52.71
N THR B 128 -6.66 -47.65 -51.46
CA THR B 128 -7.49 -48.41 -50.53
C THR B 128 -8.97 -48.35 -50.89
N ASP B 129 -9.50 -47.15 -51.12
CA ASP B 129 -10.93 -46.99 -51.33
C ASP B 129 -11.19 -46.03 -52.48
N LYS B 130 -12.31 -46.25 -53.13
CA LYS B 130 -12.83 -45.33 -54.14
C LYS B 130 -13.70 -44.29 -53.44
N LEU B 131 -14.42 -43.49 -54.22
CA LEU B 131 -15.29 -42.44 -53.68
C LEU B 131 -14.52 -41.48 -52.77
N ALA B 132 -13.21 -41.51 -52.83
CA ALA B 132 -12.37 -40.65 -52.00
C ALA B 132 -11.44 -39.89 -52.91
N PHE B 133 -11.26 -38.61 -52.61
CA PHE B 133 -10.42 -37.74 -53.42
C PHE B 133 -9.24 -37.29 -52.60
N ASP B 134 -8.16 -36.93 -53.28
CA ASP B 134 -6.92 -36.57 -52.62
C ASP B 134 -6.82 -35.06 -52.49
N VAL B 135 -6.68 -34.59 -51.25
CA VAL B 135 -6.67 -33.17 -50.94
C VAL B 135 -5.29 -32.62 -51.26
N GLY B 136 -5.25 -31.49 -51.95
CA GLY B 136 -3.98 -30.93 -52.35
C GLY B 136 -3.95 -29.43 -52.31
N LEU B 137 -3.09 -28.81 -53.10
CA LEU B 137 -2.95 -27.36 -53.14
C LEU B 137 -3.24 -26.86 -54.54
N GLN B 138 -4.12 -25.88 -54.63
CA GLN B 138 -4.54 -25.28 -55.88
C GLN B 138 -3.95 -23.88 -55.97
N GLU B 139 -3.52 -23.50 -57.17
CA GLU B 139 -2.77 -22.26 -57.32
C GLU B 139 -3.60 -21.02 -57.07
N ASP B 140 -4.91 -21.06 -57.33
CA ASP B 140 -5.72 -19.86 -57.22
C ASP B 140 -7.09 -20.19 -56.63
N ALA B 141 -7.73 -19.17 -56.07
CA ALA B 141 -8.97 -19.39 -55.31
C ALA B 141 -10.15 -19.70 -56.20
N THR B 142 -10.06 -19.41 -57.49
CA THR B 142 -11.14 -19.60 -58.43
C THR B 142 -11.75 -20.99 -58.32
N GLY B 143 -13.03 -21.07 -57.98
CA GLY B 143 -13.73 -22.34 -57.92
C GLY B 143 -14.12 -22.69 -56.50
N GLU B 144 -15.01 -23.66 -56.41
CA GLU B 144 -15.50 -24.13 -55.13
C GLU B 144 -14.67 -25.26 -54.56
N ALA B 145 -13.62 -25.67 -55.25
CA ALA B 145 -12.69 -26.64 -54.68
C ALA B 145 -11.96 -26.04 -53.49
N CYS B 146 -11.50 -24.80 -53.63
CA CYS B 146 -10.70 -24.14 -52.60
C CYS B 146 -11.47 -23.89 -51.33
N TRP B 147 -12.80 -23.97 -51.35
CA TRP B 147 -13.63 -23.53 -50.25
C TRP B 147 -14.10 -24.73 -49.45
N TRP B 148 -13.89 -24.68 -48.14
CA TRP B 148 -14.30 -25.76 -47.26
C TRP B 148 -15.37 -25.23 -46.31
N THR B 149 -16.03 -26.14 -45.63
CA THR B 149 -16.99 -25.77 -44.60
C THR B 149 -16.60 -26.46 -43.30
N MET B 150 -17.03 -25.84 -42.21
CA MET B 150 -16.69 -26.29 -40.87
C MET B 150 -17.97 -26.59 -40.13
N HIS B 151 -17.98 -27.67 -39.37
CA HIS B 151 -19.18 -28.11 -38.66
C HIS B 151 -18.84 -28.64 -37.29
N PRO B 152 -19.81 -28.64 -36.39
CA PRO B 152 -19.55 -29.02 -35.01
C PRO B 152 -19.13 -30.47 -34.88
N ALA B 153 -18.33 -30.72 -33.84
CA ALA B 153 -17.90 -32.08 -33.53
C ALA B 153 -19.07 -32.93 -33.10
N SER B 154 -19.85 -32.44 -32.14
CA SER B 154 -20.96 -33.19 -31.59
C SER B 154 -22.07 -32.20 -31.25
N LYS B 155 -23.08 -32.68 -30.55
CA LYS B 155 -24.22 -31.85 -30.17
C LYS B 155 -23.90 -30.86 -29.06
N GLN B 156 -22.63 -30.77 -28.66
CA GLN B 156 -22.24 -29.73 -27.72
C GLN B 156 -22.20 -28.36 -28.39
N ARG B 157 -21.85 -28.32 -29.67
CA ARG B 157 -21.73 -27.08 -30.42
C ARG B 157 -22.81 -27.01 -31.48
N SER B 158 -23.42 -25.84 -31.60
CA SER B 158 -24.47 -25.60 -32.58
C SER B 158 -23.92 -24.76 -33.72
N GLU B 159 -24.71 -24.66 -34.78
CA GLU B 159 -24.28 -23.88 -35.94
C GLU B 159 -24.48 -22.41 -35.67
N GLY B 160 -23.83 -21.58 -36.48
CA GLY B 160 -23.96 -20.15 -36.31
C GLY B 160 -23.14 -19.57 -35.19
N GLU B 161 -22.86 -20.36 -34.15
CA GLU B 161 -22.03 -19.87 -33.06
C GLU B 161 -20.56 -20.00 -33.41
N LYS B 162 -19.79 -19.04 -32.95
CA LYS B 162 -18.42 -18.86 -33.40
C LYS B 162 -17.52 -19.95 -32.85
N VAL B 163 -16.52 -20.32 -33.64
CA VAL B 163 -15.62 -21.40 -33.27
C VAL B 163 -14.54 -20.88 -32.33
N ARG B 164 -14.26 -21.65 -31.29
CA ARG B 164 -13.23 -21.31 -30.32
C ARG B 164 -12.02 -22.19 -30.55
N VAL B 165 -10.87 -21.71 -30.09
CA VAL B 165 -9.62 -22.47 -30.22
C VAL B 165 -9.69 -23.70 -29.32
N GLY B 166 -9.42 -24.86 -29.91
CA GLY B 166 -9.51 -26.10 -29.17
C GLY B 166 -10.80 -26.83 -29.49
N ASP B 167 -11.35 -26.58 -30.67
CA ASP B 167 -12.60 -27.17 -31.09
C ASP B 167 -12.32 -28.28 -32.08
N ASP B 168 -13.00 -29.41 -31.91
CA ASP B 168 -12.96 -30.47 -32.90
C ASP B 168 -13.89 -30.10 -34.05
N LEU B 169 -13.36 -30.07 -35.25
CA LEU B 169 -14.12 -29.65 -36.41
C LEU B 169 -14.48 -30.85 -37.26
N ILE B 170 -15.50 -30.68 -38.08
CA ILE B 170 -15.80 -31.62 -39.17
C ILE B 170 -15.83 -30.78 -40.43
N LEU B 171 -14.78 -30.86 -41.22
CA LEU B 171 -14.75 -30.12 -42.47
C LEU B 171 -15.39 -30.92 -43.57
N VAL B 172 -16.02 -30.20 -44.50
CA VAL B 172 -16.63 -30.79 -45.68
C VAL B 172 -16.30 -29.89 -46.86
N SER B 173 -15.80 -30.47 -47.94
CA SER B 173 -15.49 -29.66 -49.10
C SER B 173 -16.76 -29.16 -49.75
N VAL B 174 -16.76 -27.89 -50.14
CA VAL B 174 -17.92 -27.34 -50.84
C VAL B 174 -18.09 -28.00 -52.20
N SER B 175 -17.00 -28.21 -52.93
CA SER B 175 -17.13 -28.71 -54.29
C SER B 175 -17.63 -30.14 -54.33
N SER B 176 -17.25 -30.98 -53.38
CA SER B 176 -17.51 -32.40 -53.50
C SER B 176 -18.32 -32.99 -52.36
N GLU B 177 -18.81 -32.18 -51.43
CA GLU B 177 -19.58 -32.62 -50.28
C GLU B 177 -18.85 -33.65 -49.44
N ARG B 178 -17.54 -33.81 -49.65
CA ARG B 178 -16.77 -34.83 -48.97
C ARG B 178 -16.09 -34.22 -47.75
N TYR B 179 -16.07 -34.99 -46.66
CA TYR B 179 -15.30 -34.60 -45.51
C TYR B 179 -13.81 -34.73 -45.80
N LEU B 180 -13.02 -34.08 -44.96
CA LEU B 180 -11.64 -34.50 -44.81
C LEU B 180 -11.62 -35.82 -44.05
N HIS B 181 -10.52 -36.54 -44.20
CA HIS B 181 -10.44 -37.90 -43.67
C HIS B 181 -8.98 -38.31 -43.70
N LEU B 182 -8.67 -39.45 -43.11
CA LEU B 182 -7.29 -39.92 -43.13
C LEU B 182 -7.23 -41.43 -43.37
N SER B 183 -6.43 -41.82 -44.34
CA SER B 183 -6.24 -43.24 -44.67
C SER B 183 -5.32 -43.86 -43.65
N THR B 184 -5.90 -44.59 -42.71
CA THR B 184 -5.18 -45.54 -41.88
C THR B 184 -5.30 -46.96 -42.36
N ALA B 185 -6.16 -47.22 -43.35
CA ALA B 185 -6.40 -48.57 -43.81
C ALA B 185 -5.18 -49.12 -44.55
N SER B 186 -4.64 -48.34 -45.48
CA SER B 186 -3.28 -48.60 -45.93
C SER B 186 -2.34 -48.55 -44.73
N GLY B 187 -1.15 -49.09 -44.89
CA GLY B 187 -0.20 -49.09 -43.79
C GLY B 187 0.14 -47.71 -43.29
N GLU B 188 -0.02 -46.72 -44.14
CA GLU B 188 0.36 -45.36 -43.83
C GLU B 188 -0.83 -44.57 -43.29
N LEU B 189 -0.59 -43.28 -43.05
CA LEU B 189 -1.63 -42.35 -42.61
C LEU B 189 -1.64 -41.22 -43.61
N GLN B 190 -2.60 -41.21 -44.52
CA GLN B 190 -2.68 -40.16 -45.52
C GLN B 190 -3.91 -39.30 -45.27
N VAL B 191 -4.02 -38.23 -45.99
CA VAL B 191 -5.19 -37.38 -45.88
C VAL B 191 -5.97 -37.48 -47.17
N ASP B 192 -7.31 -37.49 -47.04
CA ASP B 192 -8.18 -37.74 -48.17
C ASP B 192 -9.44 -36.92 -48.01
N ALA B 193 -10.24 -36.87 -49.08
CA ALA B 193 -11.56 -36.30 -49.04
C ALA B 193 -12.56 -37.40 -49.35
N SER B 194 -13.29 -37.83 -48.32
CA SER B 194 -14.10 -39.02 -48.46
C SER B 194 -15.38 -38.84 -47.66
N PHE B 195 -16.11 -39.91 -47.49
CA PHE B 195 -17.42 -39.86 -46.84
C PHE B 195 -17.34 -40.46 -45.44
N MET B 196 -16.21 -40.25 -44.78
CA MET B 196 -16.03 -40.65 -43.40
C MET B 196 -15.34 -39.53 -42.67
N GLN B 197 -15.81 -39.20 -41.47
CA GLN B 197 -15.44 -37.94 -40.83
C GLN B 197 -14.33 -38.15 -39.82
N THR B 198 -13.27 -37.37 -39.95
CA THR B 198 -12.23 -37.27 -38.96
C THR B 198 -12.35 -35.92 -38.28
N LEU B 199 -12.13 -35.89 -36.96
CA LEU B 199 -12.31 -34.69 -36.15
C LEU B 199 -10.98 -33.95 -36.07
N TRP B 200 -10.81 -32.98 -36.96
CA TRP B 200 -9.68 -32.08 -36.99
C TRP B 200 -9.78 -31.06 -35.87
N ASN B 201 -8.62 -30.61 -35.39
CA ASN B 201 -8.54 -29.46 -34.52
C ASN B 201 -7.97 -28.31 -35.32
N MET B 202 -8.24 -27.09 -34.87
CA MET B 202 -7.77 -25.90 -35.56
C MET B 202 -6.87 -25.17 -34.58
N ASN B 203 -5.62 -25.61 -34.48
CA ASN B 203 -4.81 -24.93 -33.49
C ASN B 203 -4.19 -23.69 -34.08
N PRO B 204 -4.09 -22.62 -33.31
CA PRO B 204 -3.61 -21.35 -33.85
C PRO B 204 -2.11 -21.19 -33.69
N ILE B 205 -1.55 -20.36 -34.55
CA ILE B 205 -0.12 -20.10 -34.59
C ILE B 205 0.18 -18.63 -34.35
N CYS B 206 -0.56 -17.74 -35.03
CA CYS B 206 -0.27 -16.32 -35.01
C CYS B 206 -1.58 -15.57 -35.20
N SER B 207 -1.75 -14.49 -34.45
CA SER B 207 -2.94 -13.66 -34.59
C SER B 207 -2.63 -12.27 -35.12
N CYS B 208 -1.82 -11.49 -34.41
CA CYS B 208 -1.52 -10.11 -34.79
C CYS B 208 -0.23 -9.69 -34.12
N CYS B 209 0.84 -9.60 -34.89
CA CYS B 209 2.15 -9.23 -34.38
C CYS B 209 2.33 -7.73 -34.50
N GLU B 210 2.76 -7.09 -33.41
CA GLU B 210 3.05 -5.68 -33.45
C GLU B 210 4.18 -5.40 -34.42
N GLU B 211 4.24 -4.16 -34.89
CA GLU B 211 5.23 -3.79 -35.88
C GLU B 211 6.63 -3.92 -35.29
N GLY B 212 7.53 -4.53 -36.06
CA GLY B 212 8.91 -4.62 -35.65
C GLY B 212 9.14 -5.37 -34.36
N TYR B 213 8.52 -6.53 -34.20
CA TYR B 213 8.78 -7.38 -33.06
C TYR B 213 9.02 -8.80 -33.55
N VAL B 214 9.83 -9.54 -32.81
CA VAL B 214 10.30 -10.85 -33.23
C VAL B 214 9.35 -11.91 -32.69
N THR B 215 8.81 -12.73 -33.59
CA THR B 215 7.89 -13.79 -33.24
C THR B 215 8.42 -15.09 -33.80
N GLY B 216 7.95 -16.20 -33.20
CA GLY B 216 8.46 -17.50 -33.59
C GLY B 216 8.06 -17.86 -35.00
N GLY B 217 8.90 -18.66 -35.64
CA GLY B 217 8.66 -19.05 -37.01
C GLY B 217 9.13 -18.07 -38.04
N HIS B 218 9.80 -17.01 -37.64
CA HIS B 218 10.35 -16.06 -38.60
C HIS B 218 11.67 -16.58 -39.14
N VAL B 219 11.90 -16.34 -40.42
CA VAL B 219 13.21 -16.55 -41.01
C VAL B 219 13.95 -15.23 -40.91
N LEU B 220 15.19 -15.28 -40.42
CA LEU B 220 15.89 -14.09 -39.99
C LEU B 220 17.39 -14.37 -39.99
N ARG B 221 18.17 -13.30 -40.09
CA ARG B 221 19.61 -13.41 -39.95
C ARG B 221 20.01 -12.96 -38.55
N LEU B 222 20.90 -13.71 -37.92
CA LEU B 222 21.41 -13.36 -36.61
C LEU B 222 22.68 -12.55 -36.81
N PHE B 223 22.52 -11.27 -37.09
CA PHE B 223 23.65 -10.38 -37.31
C PHE B 223 24.46 -10.20 -36.06
N HIS B 224 25.73 -9.83 -36.26
CA HIS B 224 26.60 -9.43 -35.17
C HIS B 224 26.64 -7.92 -35.13
N GLY B 225 26.45 -7.35 -33.94
CA GLY B 225 26.16 -5.93 -33.78
C GLY B 225 27.03 -4.99 -34.57
N HIS B 226 28.16 -5.48 -35.07
CA HIS B 226 29.01 -4.70 -35.96
C HIS B 226 28.33 -4.36 -37.28
N MET B 227 27.25 -5.05 -37.63
CA MET B 227 26.46 -4.83 -38.86
C MET B 227 27.17 -5.24 -40.13
N ASP B 228 28.15 -6.13 -40.04
CA ASP B 228 28.72 -6.76 -41.23
C ASP B 228 28.85 -8.26 -41.10
N GLU B 229 28.85 -8.80 -39.88
CA GLU B 229 29.05 -10.22 -39.63
C GLU B 229 27.72 -10.85 -39.28
N CYS B 230 27.37 -11.92 -39.99
CA CYS B 230 26.18 -12.70 -39.73
C CYS B 230 26.56 -14.16 -39.61
N LEU B 231 25.73 -14.91 -38.89
CA LEU B 231 26.04 -16.30 -38.54
C LEU B 231 25.65 -17.21 -39.69
N THR B 232 26.65 -17.83 -40.33
CA THR B 232 26.44 -18.62 -41.53
C THR B 232 27.14 -19.96 -41.39
N ILE B 233 26.61 -20.98 -42.05
CA ILE B 233 27.34 -22.23 -42.22
C ILE B 233 28.20 -22.12 -43.48
N SER B 234 29.11 -23.06 -43.67
CA SER B 234 30.06 -23.01 -44.77
C SER B 234 29.34 -22.91 -46.10
N ALA B 235 30.07 -22.41 -47.10
CA ALA B 235 29.50 -22.27 -48.43
C ALA B 235 29.23 -23.65 -49.04
N ALA B 236 28.43 -23.65 -50.09
CA ALA B 236 28.00 -24.90 -50.69
C ALA B 236 29.19 -25.65 -51.28
N ASP B 237 29.16 -26.98 -51.16
CA ASP B 237 30.21 -27.85 -51.66
C ASP B 237 31.57 -27.46 -51.06
N SER B 238 31.67 -27.63 -49.75
CA SER B 238 32.88 -27.38 -49.00
C SER B 238 33.24 -28.61 -48.19
N ASP B 239 34.54 -28.77 -47.92
CA ASP B 239 35.05 -29.94 -47.21
C ASP B 239 34.54 -30.04 -45.79
N ASP B 240 33.98 -28.96 -45.24
CA ASP B 240 33.46 -28.95 -43.89
C ASP B 240 32.26 -29.88 -43.72
N GLN B 241 31.66 -30.34 -44.81
CA GLN B 241 30.35 -30.96 -44.80
C GLN B 241 29.29 -30.00 -44.27
N ARG B 242 29.59 -28.71 -44.38
CA ARG B 242 28.65 -27.64 -44.04
C ARG B 242 28.10 -27.81 -42.64
N ARG B 243 28.82 -28.49 -41.77
CA ARG B 243 28.34 -28.79 -40.43
C ARG B 243 29.06 -27.99 -39.37
N LEU B 244 29.45 -26.76 -39.70
CA LEU B 244 30.15 -25.91 -38.76
C LEU B 244 29.72 -24.47 -38.97
N VAL B 245 29.41 -23.79 -37.88
CA VAL B 245 28.94 -22.41 -37.91
C VAL B 245 30.11 -21.46 -38.03
N TYR B 246 29.83 -20.21 -38.41
CA TYR B 246 30.83 -19.19 -38.57
C TYR B 246 30.17 -17.83 -38.42
N TYR B 247 30.96 -16.83 -38.11
CA TYR B 247 30.57 -15.44 -38.25
C TYR B 247 31.25 -14.93 -39.50
N GLU B 248 30.50 -14.77 -40.57
CA GLU B 248 31.08 -14.37 -41.84
C GLU B 248 30.52 -13.01 -42.25
N GLY B 249 31.35 -12.23 -42.94
CA GLY B 249 30.95 -10.92 -43.41
C GLY B 249 30.89 -10.88 -44.93
N GLY B 250 30.49 -9.73 -45.43
CA GLY B 250 30.50 -9.52 -46.86
C GLY B 250 29.14 -9.72 -47.50
N ALA B 251 29.13 -10.20 -48.74
CA ALA B 251 27.88 -10.45 -49.44
C ALA B 251 27.13 -11.64 -48.89
N VAL B 252 27.74 -12.42 -48.00
CA VAL B 252 27.05 -13.57 -47.43
C VAL B 252 25.84 -13.14 -46.64
N CYS B 253 25.82 -11.91 -46.16
CA CYS B 253 24.68 -11.42 -45.41
C CYS B 253 23.59 -10.91 -46.31
N THR B 254 23.69 -11.16 -47.62
CA THR B 254 22.55 -11.10 -48.53
C THR B 254 22.36 -12.41 -49.26
N HIS B 255 22.77 -13.52 -48.65
CA HIS B 255 22.63 -14.84 -49.22
C HIS B 255 21.68 -15.67 -48.35
N ALA B 256 21.53 -16.93 -48.70
CA ALA B 256 20.59 -17.80 -48.04
C ALA B 256 21.23 -18.71 -47.01
N ARG B 257 22.54 -18.89 -47.06
CA ARG B 257 23.24 -19.65 -46.03
C ARG B 257 23.24 -18.96 -44.69
N SER B 258 22.88 -17.67 -44.67
CA SER B 258 22.84 -16.88 -43.45
C SER B 258 21.46 -16.80 -42.82
N LEU B 259 20.47 -17.52 -43.35
CA LEU B 259 19.10 -17.42 -42.91
C LEU B 259 18.77 -18.55 -41.98
N TRP B 260 18.30 -18.22 -40.78
CA TRP B 260 17.91 -19.18 -39.76
C TRP B 260 16.44 -18.99 -39.48
N ARG B 261 15.85 -19.95 -38.79
CA ARG B 261 14.43 -19.89 -38.47
C ARG B 261 14.24 -20.32 -37.03
N LEU B 262 13.60 -19.47 -36.25
CA LEU B 262 13.44 -19.75 -34.83
C LEU B 262 12.19 -20.58 -34.62
N GLU B 263 12.36 -21.79 -34.13
CA GLU B 263 11.26 -22.75 -33.96
C GLU B 263 11.07 -22.96 -32.47
N PRO B 264 10.10 -22.28 -31.86
CA PRO B 264 9.87 -22.48 -30.42
C PRO B 264 9.54 -23.94 -30.13
N LEU B 265 9.52 -24.24 -28.85
CA LEU B 265 9.30 -25.61 -28.39
C LEU B 265 7.84 -25.91 -28.11
N ARG B 266 6.93 -25.16 -28.73
CA ARG B 266 5.50 -25.35 -28.60
C ARG B 266 4.87 -25.28 -29.98
N ILE B 267 4.13 -26.31 -30.34
CA ILE B 267 3.48 -26.32 -31.65
C ILE B 267 2.33 -25.32 -31.71
N SER B 268 1.55 -25.20 -30.65
CA SER B 268 0.45 -24.24 -30.58
C SER B 268 0.99 -22.89 -30.14
N TRP B 269 0.54 -21.83 -30.81
CA TRP B 269 0.99 -20.47 -30.55
C TRP B 269 2.47 -20.31 -30.83
N SER B 270 2.98 -21.05 -31.80
CA SER B 270 4.39 -21.00 -32.16
C SER B 270 4.78 -19.68 -32.79
N GLY B 271 3.82 -18.84 -33.16
CA GLY B 271 4.15 -17.56 -33.73
C GLY B 271 4.05 -16.44 -32.73
N SER B 272 4.09 -16.79 -31.44
CA SER B 272 3.95 -15.80 -30.40
C SER B 272 5.16 -14.89 -30.37
N HIS B 273 5.01 -13.76 -29.68
CA HIS B 273 6.11 -12.82 -29.53
C HIS B 273 7.23 -13.46 -28.71
N LEU B 274 8.43 -13.46 -29.27
CA LEU B 274 9.58 -14.00 -28.55
C LEU B 274 9.79 -13.23 -27.26
N ARG B 275 9.99 -13.97 -26.18
CA ARG B 275 10.30 -13.39 -24.89
C ARG B 275 11.72 -13.73 -24.51
N TRP B 276 12.30 -12.91 -23.63
CA TRP B 276 13.66 -13.14 -23.20
C TRP B 276 13.75 -14.48 -22.49
N GLY B 277 14.75 -15.27 -22.85
CA GLY B 277 15.01 -16.52 -22.18
C GLY B 277 13.89 -17.52 -22.25
N GLN B 278 13.35 -17.76 -23.44
CA GLN B 278 12.45 -18.88 -23.62
C GLN B 278 13.09 -19.89 -24.55
N PRO B 279 12.92 -21.18 -24.29
CA PRO B 279 13.60 -22.18 -25.12
C PRO B 279 13.09 -22.16 -26.55
N LEU B 280 14.00 -22.44 -27.48
CA LEU B 280 13.66 -22.44 -28.89
C LEU B 280 14.80 -23.05 -29.68
N ARG B 281 14.46 -23.92 -30.64
CA ARG B 281 15.46 -24.40 -31.56
C ARG B 281 15.70 -23.36 -32.65
N ILE B 282 16.85 -23.48 -33.31
CA ILE B 282 17.19 -22.62 -34.43
C ILE B 282 17.58 -23.49 -35.60
N ARG B 283 16.82 -23.39 -36.68
CA ARG B 283 16.95 -24.28 -37.82
C ARG B 283 17.52 -23.54 -39.00
N HIS B 284 18.57 -24.07 -39.60
CA HIS B 284 19.05 -23.53 -40.86
C HIS B 284 18.01 -23.79 -41.92
N VAL B 285 17.71 -22.79 -42.73
CA VAL B 285 16.58 -22.92 -43.64
C VAL B 285 16.97 -23.72 -44.88
N THR B 286 18.08 -23.38 -45.53
CA THR B 286 18.42 -24.02 -46.78
C THR B 286 18.93 -25.44 -46.62
N THR B 287 19.20 -25.89 -45.41
CA THR B 287 19.66 -27.26 -45.19
C THR B 287 18.86 -28.01 -44.14
N GLY B 288 17.99 -27.35 -43.41
CA GLY B 288 17.15 -28.05 -42.45
C GLY B 288 17.93 -28.73 -41.36
N ARG B 289 18.98 -28.09 -40.85
CA ARG B 289 19.83 -28.66 -39.83
C ARG B 289 19.80 -27.76 -38.61
N TYR B 290 19.60 -28.35 -37.45
CA TYR B 290 19.36 -27.62 -36.22
C TYR B 290 20.66 -27.34 -35.50
N LEU B 291 20.83 -26.09 -35.10
CA LEU B 291 22.00 -25.70 -34.32
C LEU B 291 22.05 -26.52 -33.04
N ALA B 292 23.23 -27.06 -32.72
CA ALA B 292 23.31 -27.94 -31.57
C ALA B 292 24.70 -27.90 -30.96
N LEU B 293 24.75 -28.33 -29.71
CA LEU B 293 26.00 -28.56 -28.98
C LEU B 293 26.21 -30.07 -28.89
N THR B 294 27.10 -30.58 -29.73
CA THR B 294 27.52 -31.96 -29.63
C THR B 294 28.84 -32.02 -28.88
N GLU B 295 29.07 -33.14 -28.19
CA GLU B 295 30.26 -33.27 -27.36
C GLU B 295 31.53 -33.21 -28.19
N ASP B 296 31.54 -33.86 -29.35
CA ASP B 296 32.78 -33.99 -30.12
C ASP B 296 33.25 -32.64 -30.66
N GLN B 297 32.35 -31.90 -31.32
CA GLN B 297 32.76 -30.70 -32.04
C GLN B 297 32.10 -29.43 -31.51
N GLY B 298 31.59 -29.44 -30.30
CA GLY B 298 31.05 -28.23 -29.72
C GLY B 298 29.83 -27.77 -30.49
N LEU B 299 29.93 -26.61 -31.12
CA LEU B 299 28.83 -26.08 -31.89
C LEU B 299 28.83 -26.68 -33.29
N VAL B 300 27.70 -27.26 -33.69
CA VAL B 300 27.50 -27.85 -35.00
C VAL B 300 26.08 -27.55 -35.46
N VAL B 301 25.75 -28.00 -36.66
CA VAL B 301 24.38 -28.06 -37.13
C VAL B 301 24.06 -29.53 -37.38
N VAL B 302 23.33 -30.12 -36.44
CA VAL B 302 23.03 -31.54 -36.44
C VAL B 302 21.77 -31.76 -37.25
N ASP B 303 21.62 -32.96 -37.82
CA ASP B 303 20.46 -33.23 -38.64
C ASP B 303 19.20 -33.23 -37.80
N ALA B 304 18.06 -33.34 -38.46
CA ALA B 304 16.77 -33.27 -37.78
C ALA B 304 16.45 -34.53 -37.01
N CYS B 305 17.22 -35.60 -37.19
CA CYS B 305 16.99 -36.84 -36.48
C CYS B 305 17.71 -36.89 -35.14
N LYS B 306 18.48 -35.87 -34.81
CA LYS B 306 19.33 -35.88 -33.62
C LYS B 306 19.19 -34.58 -32.84
N ALA B 307 18.02 -33.96 -32.90
CA ALA B 307 17.76 -32.69 -32.21
C ALA B 307 16.84 -32.99 -31.04
N HIS B 308 17.42 -33.41 -29.91
CA HIS B 308 16.65 -34.00 -28.84
C HIS B 308 16.36 -33.03 -27.70
N THR B 309 16.29 -31.74 -27.99
CA THR B 309 15.83 -30.68 -27.08
C THR B 309 16.83 -30.47 -25.95
N LYS B 310 17.81 -31.34 -25.80
CA LYS B 310 18.94 -31.08 -24.93
C LYS B 310 20.09 -30.46 -25.66
N ALA B 311 20.31 -30.86 -26.91
CA ALA B 311 21.39 -30.32 -27.72
C ALA B 311 20.99 -29.06 -28.46
N THR B 312 19.73 -28.95 -28.85
CA THR B 312 19.31 -27.91 -29.78
C THR B 312 18.54 -26.77 -29.14
N SER B 313 18.17 -26.88 -27.88
CA SER B 313 17.42 -25.82 -27.24
C SER B 313 18.34 -24.65 -26.90
N PHE B 314 17.76 -23.46 -26.84
CA PHE B 314 18.53 -22.24 -26.71
C PHE B 314 17.66 -21.19 -26.02
N CYS B 315 18.27 -20.07 -25.65
CA CYS B 315 17.55 -19.00 -24.98
C CYS B 315 18.25 -17.69 -25.31
N PHE B 316 17.63 -16.85 -26.12
CA PHE B 316 18.05 -15.45 -26.19
C PHE B 316 17.90 -14.82 -24.82
N ARG B 317 18.90 -14.06 -24.39
CA ARG B 317 18.83 -13.39 -23.11
C ARG B 317 19.40 -11.98 -23.23
N VAL B 318 18.93 -11.11 -22.34
CA VAL B 318 19.22 -9.69 -22.44
C VAL B 318 20.59 -9.35 -21.87
N SER B 319 20.90 -9.83 -20.67
CA SER B 319 22.17 -9.58 -20.03
C SER B 319 22.74 -10.90 -19.52
N LYS B 320 24.06 -10.92 -19.38
CA LYS B 320 24.76 -12.15 -19.02
C LYS B 320 24.59 -12.49 -17.54
N GLU B 321 23.77 -11.74 -16.81
CA GLU B 321 23.45 -12.05 -15.43
C GLU B 321 22.62 -13.32 -15.37
N LYS B 322 22.55 -13.91 -14.18
CA LYS B 322 21.96 -15.24 -14.03
C LYS B 322 20.50 -15.11 -13.63
N LEU B 323 19.61 -15.38 -14.58
CA LEU B 323 18.17 -15.24 -14.38
C LEU B 323 17.50 -16.59 -14.17
N PRO B 327 12.79 -20.04 -19.23
CA PRO B 327 11.42 -20.49 -19.52
C PRO B 327 10.37 -19.83 -18.62
N LYS B 328 9.29 -19.37 -19.23
CA LYS B 328 8.18 -18.76 -18.52
C LYS B 328 6.92 -19.58 -18.76
N ARG B 329 5.91 -19.32 -17.94
CA ARG B 329 4.65 -20.03 -18.10
C ARG B 329 3.98 -19.60 -19.40
N ASP B 330 3.59 -20.58 -20.20
CA ASP B 330 3.07 -20.32 -21.53
C ASP B 330 1.81 -19.47 -21.43
N VAL B 331 1.75 -18.41 -22.22
CA VAL B 331 0.59 -17.53 -22.28
C VAL B 331 -0.14 -17.83 -23.57
N GLU B 332 -1.43 -18.15 -23.46
CA GLU B 332 -2.22 -18.57 -24.61
C GLU B 332 -2.63 -17.36 -25.45
N GLY B 333 -1.62 -16.66 -25.94
CA GLY B 333 -1.87 -15.48 -26.75
C GLY B 333 -0.65 -15.11 -27.54
N MET B 334 -0.79 -14.03 -28.30
CA MET B 334 0.35 -13.51 -29.03
C MET B 334 1.46 -13.07 -28.08
N GLY B 335 1.12 -12.78 -26.82
CA GLY B 335 2.09 -12.59 -25.78
C GLY B 335 2.50 -11.14 -25.59
N PRO B 336 3.23 -10.86 -24.53
CA PRO B 336 3.81 -9.54 -24.35
C PRO B 336 5.04 -9.36 -25.21
N PRO B 337 5.02 -8.39 -26.12
CA PRO B 337 6.12 -8.25 -27.08
C PRO B 337 7.39 -7.74 -26.39
N GLU B 338 8.48 -8.49 -26.54
CA GLU B 338 9.73 -8.14 -25.89
C GLU B 338 10.84 -7.78 -26.88
N ILE B 339 11.19 -8.66 -27.80
CA ILE B 339 12.33 -8.43 -28.65
C ILE B 339 11.89 -7.69 -29.90
N LYS B 340 12.74 -6.80 -30.39
CA LYS B 340 12.48 -6.05 -31.60
C LYS B 340 13.46 -6.45 -32.69
N TYR B 341 13.30 -5.82 -33.86
CA TYR B 341 14.14 -6.09 -35.01
C TYR B 341 15.09 -4.93 -35.23
N GLY B 342 16.35 -5.25 -35.51
CA GLY B 342 17.36 -4.23 -35.68
C GLY B 342 17.62 -3.48 -34.40
N GLU B 343 17.23 -4.08 -33.28
CA GLU B 343 17.42 -3.52 -31.95
C GLU B 343 17.59 -4.68 -31.00
N SER B 344 17.47 -4.40 -29.70
CA SER B 344 17.40 -5.43 -28.68
C SER B 344 18.56 -6.41 -28.78
N LEU B 345 19.75 -5.91 -28.45
CA LEU B 345 20.92 -6.76 -28.30
C LEU B 345 20.60 -7.98 -27.44
N CYS B 346 20.86 -9.15 -27.99
CA CYS B 346 20.51 -10.41 -27.36
C CYS B 346 21.68 -11.38 -27.41
N PHE B 347 21.96 -12.01 -26.27
CA PHE B 347 22.96 -13.06 -26.18
C PHE B 347 22.25 -14.41 -26.28
N VAL B 348 22.82 -15.31 -27.07
CA VAL B 348 22.26 -16.64 -27.25
C VAL B 348 22.91 -17.56 -26.25
N GLN B 349 22.09 -18.20 -25.42
CA GLN B 349 22.60 -19.10 -24.41
C GLN B 349 21.98 -20.47 -24.62
N HIS B 350 22.83 -21.48 -24.76
CA HIS B 350 22.35 -22.84 -24.74
C HIS B 350 21.73 -23.12 -23.38
N VAL B 351 20.66 -23.90 -23.37
CA VAL B 351 19.85 -23.95 -22.16
C VAL B 351 20.43 -24.95 -21.17
N ALA B 352 20.92 -26.09 -21.66
CA ALA B 352 21.40 -27.10 -20.73
C ALA B 352 22.84 -26.85 -20.32
N SER B 353 23.69 -26.52 -21.28
CA SER B 353 25.10 -26.30 -21.02
C SER B 353 25.42 -24.89 -20.59
N GLY B 354 24.44 -24.00 -20.53
CA GLY B 354 24.67 -22.64 -20.12
C GLY B 354 25.60 -21.86 -21.01
N LEU B 355 26.20 -22.49 -22.01
CA LEU B 355 27.28 -21.86 -22.76
C LEU B 355 26.77 -20.71 -23.60
N TRP B 356 27.49 -19.61 -23.62
CA TRP B 356 27.16 -18.49 -24.48
C TRP B 356 27.78 -18.67 -25.86
N LEU B 357 27.08 -18.18 -26.86
CA LEU B 357 27.60 -18.20 -28.22
C LEU B 357 28.56 -17.03 -28.41
N THR B 358 29.79 -17.34 -28.83
CA THR B 358 30.81 -16.33 -29.05
C THR B 358 31.59 -16.68 -30.31
N TYR B 359 32.55 -15.84 -30.63
CA TYR B 359 33.44 -16.09 -31.75
C TYR B 359 34.79 -16.57 -31.24
N ALA B 360 35.30 -17.63 -31.87
CA ALA B 360 36.58 -18.18 -31.46
C ALA B 360 37.68 -17.17 -31.76
N ALA B 361 38.35 -16.72 -30.71
CA ALA B 361 39.41 -15.72 -30.87
C ALA B 361 40.53 -16.13 -31.83
N PRO B 362 41.04 -17.39 -31.82
CA PRO B 362 42.20 -17.71 -32.67
C PRO B 362 42.12 -17.24 -34.11
N ASP B 363 43.12 -16.46 -34.52
CA ASP B 363 43.24 -15.97 -35.89
C ASP B 363 44.58 -16.40 -36.44
N PRO B 364 44.67 -17.55 -37.12
CA PRO B 364 45.96 -18.11 -37.50
C PRO B 364 46.53 -17.52 -38.79
N LYS B 365 47.59 -18.15 -39.30
CA LYS B 365 48.24 -17.78 -40.55
C LYS B 365 47.24 -17.55 -41.68
N ALA B 366 46.20 -18.37 -41.73
CA ALA B 366 45.15 -18.22 -42.74
C ALA B 366 44.51 -16.83 -42.64
N LEU B 367 44.60 -16.23 -41.46
CA LEU B 367 44.15 -14.87 -41.24
C LEU B 367 45.30 -13.88 -41.08
N ARG B 368 46.55 -14.32 -41.25
CA ARG B 368 47.66 -13.38 -41.25
C ARG B 368 47.53 -12.40 -42.41
N LEU B 369 47.15 -12.91 -43.58
CA LEU B 369 46.81 -12.05 -44.71
C LEU B 369 45.36 -12.16 -45.12
N GLY B 370 44.68 -13.27 -44.81
CA GLY B 370 43.28 -13.40 -45.18
C GLY B 370 42.36 -12.62 -44.27
N VAL B 371 41.12 -12.48 -44.71
CA VAL B 371 40.09 -11.73 -44.02
C VAL B 371 39.43 -12.64 -42.99
N LEU B 372 38.91 -12.03 -41.91
CA LEU B 372 38.41 -12.80 -40.78
C LEU B 372 37.10 -13.49 -41.11
N LYS B 373 37.02 -14.78 -40.77
CA LYS B 373 35.78 -15.54 -40.76
C LYS B 373 35.76 -16.23 -39.40
N LYS B 374 35.28 -15.52 -38.40
CA LYS B 374 35.40 -15.99 -37.03
C LYS B 374 34.46 -17.17 -36.81
N LYS B 375 35.04 -18.33 -36.51
CA LYS B 375 34.23 -19.47 -36.15
C LYS B 375 33.44 -19.18 -34.89
N ALA B 376 32.22 -19.67 -34.84
CA ALA B 376 31.35 -19.49 -33.70
C ALA B 376 31.47 -20.70 -32.79
N ILE B 377 31.79 -20.46 -31.54
CA ILE B 377 31.99 -21.51 -30.55
C ILE B 377 31.17 -21.19 -29.33
N LEU B 378 30.85 -22.21 -28.56
CA LEU B 378 30.14 -22.07 -27.31
C LEU B 378 31.15 -22.04 -26.18
N HIS B 379 31.05 -21.05 -25.31
CA HIS B 379 32.07 -20.81 -24.31
C HIS B 379 31.41 -20.71 -22.93
N GLN B 380 32.19 -21.00 -21.89
CA GLN B 380 31.67 -20.99 -20.52
C GLN B 380 31.21 -19.59 -20.12
N GLU B 381 32.02 -18.58 -20.42
CA GLU B 381 31.73 -17.21 -20.05
C GLU B 381 31.68 -16.26 -21.24
N GLY B 382 32.53 -16.48 -22.24
CA GLY B 382 32.42 -15.74 -23.48
C GLY B 382 32.82 -14.29 -23.39
N HIS B 383 32.88 -13.62 -24.54
CA HIS B 383 33.25 -12.22 -24.60
C HIS B 383 32.06 -11.35 -24.17
N MET B 384 32.34 -10.06 -24.00
CA MET B 384 31.32 -9.08 -23.64
C MET B 384 30.76 -8.32 -24.83
N ASP B 385 31.19 -8.62 -26.05
CA ASP B 385 30.73 -7.94 -27.25
C ASP B 385 29.93 -8.85 -28.17
N ASP B 386 29.57 -10.04 -27.71
CA ASP B 386 28.97 -11.06 -28.56
C ASP B 386 27.47 -10.88 -28.76
N ALA B 387 26.89 -9.74 -28.39
CA ALA B 387 25.46 -9.54 -28.55
C ALA B 387 25.08 -9.40 -30.02
N LEU B 388 23.90 -9.90 -30.36
CA LEU B 388 23.47 -10.04 -31.75
C LEU B 388 22.20 -9.24 -32.00
N PHE B 389 22.21 -8.43 -33.06
CA PHE B 389 20.98 -7.95 -33.64
C PHE B 389 20.33 -9.05 -34.46
N LEU B 390 19.01 -9.02 -34.50
CA LEU B 390 18.23 -9.88 -35.38
C LEU B 390 17.58 -9.03 -36.46
N THR B 391 17.87 -9.34 -37.71
CA THR B 391 17.22 -8.67 -38.81
C THR B 391 16.15 -9.59 -39.37
N ARG B 392 15.36 -9.06 -40.30
CA ARG B 392 14.29 -9.82 -40.93
C ARG B 392 14.62 -9.97 -42.39
N CYS B 393 14.20 -11.07 -42.98
CA CYS B 393 14.39 -11.33 -44.40
C CYS B 393 13.07 -11.17 -45.12
N GLN B 394 13.12 -10.68 -46.35
CA GLN B 394 11.91 -10.49 -47.13
C GLN B 394 11.25 -11.84 -47.39
N GLN B 395 9.93 -11.82 -47.57
CA GLN B 395 9.21 -13.05 -47.84
C GLN B 395 9.70 -13.75 -49.09
N GLU B 396 10.19 -12.98 -50.07
CA GLU B 396 10.81 -13.58 -51.25
C GLU B 396 12.01 -14.42 -50.86
N GLU B 397 12.89 -13.87 -50.01
CA GLU B 397 14.08 -14.60 -49.62
C GLU B 397 13.75 -15.83 -48.80
N SER B 398 12.79 -15.72 -47.87
CA SER B 398 12.44 -16.87 -47.05
C SER B 398 11.84 -17.97 -47.91
N GLN B 399 10.94 -17.60 -48.81
CA GLN B 399 10.35 -18.58 -49.70
C GLN B 399 11.39 -19.24 -50.57
N ALA B 400 12.34 -18.46 -51.10
CA ALA B 400 13.39 -19.04 -51.92
C ALA B 400 14.27 -19.97 -51.10
N ALA B 401 14.60 -19.59 -49.87
CA ALA B 401 15.46 -20.41 -49.03
C ALA B 401 14.79 -21.71 -48.64
N ARG B 402 13.47 -21.73 -48.59
CA ARG B 402 12.79 -22.99 -48.37
C ARG B 402 12.56 -23.77 -49.66
N MET B 403 12.44 -23.11 -50.80
CA MET B 403 12.40 -23.82 -52.07
C MET B 403 13.70 -24.54 -52.35
N ILE B 404 14.84 -23.94 -52.01
CA ILE B 404 16.12 -24.59 -52.17
C ILE B 404 16.25 -25.83 -51.31
N HIS B 405 15.66 -25.86 -50.13
CA HIS B 405 15.74 -27.03 -49.30
C HIS B 405 14.97 -28.21 -49.85
N SER B 406 13.92 -27.97 -50.63
CA SER B 406 13.15 -29.06 -51.21
C SER B 406 13.69 -29.45 -52.57
N THR B 407 14.10 -28.47 -53.39
CA THR B 407 14.66 -28.76 -54.69
C THR B 407 15.95 -29.57 -54.56
N ALA B 408 16.81 -29.19 -53.62
CA ALA B 408 18.05 -29.92 -53.43
C ALA B 408 17.79 -31.35 -53.02
N GLY B 409 16.86 -31.56 -52.09
CA GLY B 409 16.54 -32.91 -51.68
C GLY B 409 15.97 -33.75 -52.80
N LEU B 410 15.04 -33.17 -53.55
CA LEU B 410 14.44 -33.89 -54.67
C LEU B 410 15.47 -34.28 -55.71
N TYR B 411 16.32 -33.34 -56.09
CA TYR B 411 17.25 -33.62 -57.17
C TYR B 411 18.40 -34.49 -56.70
N ASN B 412 18.72 -34.47 -55.41
CA ASN B 412 19.69 -35.41 -54.90
C ASN B 412 19.13 -36.82 -54.86
N GLN B 413 17.85 -36.97 -54.55
CA GLN B 413 17.21 -38.27 -54.71
C GLN B 413 17.27 -38.73 -56.16
N PHE B 414 17.00 -37.83 -57.09
CA PHE B 414 17.06 -38.17 -58.51
C PHE B 414 18.46 -38.61 -58.90
N ILE B 415 19.47 -37.85 -58.49
CA ILE B 415 20.85 -38.16 -58.85
C ILE B 415 21.26 -39.50 -58.25
N LYS B 416 20.98 -39.70 -56.96
CA LYS B 416 21.36 -40.93 -56.30
C LYS B 416 20.57 -42.12 -56.81
N GLY B 417 19.39 -41.90 -57.37
CA GLY B 417 18.69 -42.97 -58.07
C GLY B 417 19.33 -43.30 -59.39
N LEU B 418 19.74 -42.27 -60.13
CA LEU B 418 20.42 -42.51 -61.40
C LEU B 418 21.72 -43.26 -61.18
N ASP B 419 22.46 -42.90 -60.13
CA ASP B 419 23.71 -43.59 -59.82
C ASP B 419 23.49 -45.00 -59.33
N SER B 420 22.26 -45.40 -59.03
CA SER B 420 22.02 -46.77 -58.61
C SER B 420 22.17 -47.74 -59.78
N PHE B 421 21.71 -47.35 -60.96
CA PHE B 421 21.85 -48.18 -62.15
C PHE B 421 22.78 -47.57 -63.17
N SER B 422 23.86 -46.93 -62.73
CA SER B 422 24.82 -46.34 -63.66
C SER B 422 25.38 -47.41 -64.58
N GLY B 423 25.88 -48.49 -64.02
CA GLY B 423 26.14 -49.69 -64.79
C GLY B 423 24.89 -50.55 -64.76
N LYS B 424 25.03 -51.80 -64.36
CA LYS B 424 23.90 -52.64 -64.00
C LYS B 424 22.81 -52.65 -65.06
N PRO B 425 23.02 -53.28 -66.21
CA PRO B 425 21.94 -53.37 -67.20
C PRO B 425 20.73 -54.08 -66.63
N ARG B 426 19.55 -53.60 -67.01
CA ARG B 426 18.32 -54.20 -66.53
C ARG B 426 18.13 -55.61 -67.04
N GLY B 427 18.75 -55.96 -68.14
CA GLY B 427 18.47 -57.26 -68.75
C GLY B 427 17.06 -57.27 -69.29
N SER B 428 16.32 -58.33 -68.95
CA SER B 428 14.90 -58.41 -69.26
C SER B 428 14.05 -58.41 -67.99
N GLY B 429 14.63 -58.03 -66.86
CA GLY B 429 13.93 -58.06 -65.61
C GLY B 429 13.46 -56.71 -65.14
N PRO B 430 13.64 -56.43 -63.86
CA PRO B 430 13.12 -55.20 -63.28
C PRO B 430 14.18 -54.11 -63.26
N PRO B 431 13.79 -52.87 -63.00
CA PRO B 431 14.78 -51.81 -62.72
C PRO B 431 15.65 -52.17 -61.53
N ALA B 432 16.76 -51.46 -61.39
CA ALA B 432 17.75 -51.81 -60.38
C ALA B 432 17.19 -51.70 -58.96
N GLY B 433 16.86 -50.48 -58.53
CA GLY B 433 16.48 -50.23 -57.17
C GLY B 433 15.18 -49.48 -57.00
N PRO B 434 15.11 -48.62 -55.98
CA PRO B 434 13.87 -47.89 -55.69
C PRO B 434 13.46 -46.97 -56.82
N ALA B 435 12.16 -46.66 -56.89
CA ALA B 435 11.60 -45.96 -58.03
C ALA B 435 12.15 -44.53 -58.11
N LEU B 436 12.45 -44.09 -59.32
CA LEU B 436 12.88 -42.73 -59.53
C LEU B 436 11.73 -41.77 -59.25
N PRO B 437 12.00 -40.61 -58.67
CA PRO B 437 10.94 -39.62 -58.48
C PRO B 437 10.71 -38.80 -59.74
N ILE B 438 10.08 -39.40 -60.74
CA ILE B 438 10.01 -38.76 -62.05
C ILE B 438 8.91 -37.72 -62.11
N GLU B 439 7.71 -38.05 -61.63
CA GLU B 439 6.63 -37.08 -61.73
C GLU B 439 6.92 -35.88 -60.86
N ALA B 440 7.51 -36.12 -59.68
CA ALA B 440 7.90 -35.02 -58.81
C ALA B 440 8.95 -34.14 -59.47
N VAL B 441 9.93 -34.75 -60.14
CA VAL B 441 10.96 -33.96 -60.81
C VAL B 441 10.37 -33.13 -61.92
N ILE B 442 9.48 -33.72 -62.73
CA ILE B 442 8.89 -32.98 -63.83
C ILE B 442 8.09 -31.79 -63.30
N LEU B 443 7.28 -32.03 -62.26
CA LEU B 443 6.50 -30.94 -61.69
C LEU B 443 7.38 -29.87 -61.08
N SER B 444 8.42 -30.27 -60.35
CA SER B 444 9.28 -29.29 -59.70
C SER B 444 10.02 -28.45 -60.73
N LEU B 445 10.52 -29.08 -61.78
CA LEU B 445 11.19 -28.32 -62.84
C LEU B 445 10.22 -27.39 -63.54
N GLN B 446 9.00 -27.86 -63.80
CA GLN B 446 8.01 -27.00 -64.41
C GLN B 446 7.70 -25.80 -63.54
N ASP B 447 7.60 -26.00 -62.23
CA ASP B 447 7.34 -24.92 -61.30
C ASP B 447 8.50 -23.96 -61.20
N LEU B 448 9.73 -24.46 -61.23
CA LEU B 448 10.90 -23.59 -61.14
C LEU B 448 11.14 -22.82 -62.42
N ILE B 449 10.75 -23.37 -63.57
CA ILE B 449 10.82 -22.61 -64.81
C ILE B 449 9.84 -21.44 -64.81
N GLY B 450 8.67 -21.61 -64.20
CA GLY B 450 7.73 -20.52 -64.07
C GLY B 450 8.12 -19.56 -62.96
N TYR B 451 8.83 -20.08 -61.97
CA TYR B 451 9.37 -19.23 -60.91
C TYR B 451 10.32 -18.20 -61.47
N PHE B 452 11.06 -18.57 -62.51
CA PHE B 452 12.10 -17.73 -63.07
C PHE B 452 11.68 -17.08 -64.38
N GLU B 453 10.40 -17.09 -64.71
CA GLU B 453 9.97 -16.55 -65.99
C GLU B 453 10.30 -15.07 -66.05
N PRO B 454 10.81 -14.57 -67.17
CA PRO B 454 11.15 -13.17 -67.26
C PRO B 454 9.90 -12.32 -67.14
N PRO B 455 10.01 -11.12 -66.59
CA PRO B 455 8.86 -10.23 -66.53
C PRO B 455 8.37 -9.89 -67.93
N SER B 456 7.05 -9.77 -68.05
CA SER B 456 6.40 -9.55 -69.33
C SER B 456 6.73 -8.16 -69.87
N GLU B 457 6.45 -7.96 -71.15
CA GLU B 457 6.76 -6.70 -71.79
C GLU B 457 5.70 -5.64 -71.53
N GLU B 458 4.43 -6.03 -71.50
CA GLU B 458 3.40 -5.05 -71.20
C GLU B 458 3.50 -4.57 -69.77
N LEU B 459 4.28 -5.26 -68.94
CA LEU B 459 4.50 -4.73 -67.60
C LEU B 459 5.09 -3.35 -67.71
N GLN B 460 4.53 -2.45 -66.93
CA GLN B 460 4.78 -1.02 -67.06
C GLN B 460 6.17 -0.78 -66.49
N HIS B 461 6.80 0.32 -66.88
CA HIS B 461 8.26 0.41 -66.72
C HIS B 461 8.74 0.12 -65.31
N GLU B 462 8.20 0.82 -64.32
CA GLU B 462 8.72 0.68 -62.97
C GLU B 462 8.48 -0.72 -62.42
N GLU B 463 7.31 -1.28 -62.72
CA GLU B 463 7.02 -2.66 -62.33
C GLU B 463 8.02 -3.61 -62.96
N LYS B 464 8.34 -3.39 -64.23
CA LYS B 464 9.29 -4.22 -64.96
C LYS B 464 10.65 -4.17 -64.28
N GLN B 465 11.10 -2.98 -63.90
CA GLN B 465 12.41 -2.86 -63.30
C GLN B 465 12.45 -3.34 -61.86
N SER B 466 11.32 -3.38 -61.17
CA SER B 466 11.32 -4.02 -59.85
C SER B 466 11.35 -5.53 -59.97
N LYS B 467 10.57 -6.09 -60.89
CA LYS B 467 10.55 -7.53 -61.07
C LYS B 467 11.90 -8.03 -61.57
N LEU B 468 12.59 -7.24 -62.37
CA LEU B 468 13.92 -7.64 -62.81
C LEU B 468 14.88 -7.74 -61.64
N ARG B 469 14.86 -6.78 -60.72
CA ARG B 469 15.72 -6.87 -59.55
C ARG B 469 15.39 -8.10 -58.73
N SER B 470 14.10 -8.38 -58.54
CA SER B 470 13.71 -9.55 -57.78
C SER B 470 14.18 -10.83 -58.45
N LEU B 471 14.05 -10.90 -59.78
CA LEU B 471 14.48 -12.09 -60.51
C LEU B 471 15.98 -12.29 -60.39
N ARG B 472 16.75 -11.22 -60.55
CA ARG B 472 18.19 -11.32 -60.41
C ARG B 472 18.56 -11.81 -59.02
N ASN B 473 17.87 -11.28 -58.01
CA ASN B 473 18.13 -11.72 -56.64
C ASN B 473 17.87 -13.20 -56.47
N ARG B 474 16.72 -13.67 -56.96
CA ARG B 474 16.37 -15.07 -56.77
C ARG B 474 17.34 -15.99 -57.50
N GLN B 475 17.74 -15.61 -58.71
CA GLN B 475 18.71 -16.42 -59.44
C GLN B 475 20.05 -16.45 -58.71
N SER B 476 20.48 -15.32 -58.15
CA SER B 476 21.73 -15.32 -57.40
C SER B 476 21.63 -16.21 -56.19
N LEU B 477 20.52 -16.17 -55.46
CA LEU B 477 20.35 -17.07 -54.32
C LEU B 477 20.50 -18.52 -54.74
N PHE B 478 19.75 -18.93 -55.76
CA PHE B 478 19.82 -20.32 -56.18
C PHE B 478 21.22 -20.71 -56.62
N GLN B 479 21.90 -19.84 -57.36
CA GLN B 479 23.24 -20.18 -57.81
C GLN B 479 24.21 -20.28 -56.66
N GLU B 480 24.20 -19.31 -55.75
CA GLU B 480 25.13 -19.33 -54.63
C GLU B 480 24.88 -20.49 -53.69
N GLU B 481 23.69 -21.08 -53.71
CA GLU B 481 23.46 -22.33 -52.99
C GLU B 481 23.68 -23.55 -53.86
N GLY B 482 24.39 -23.39 -54.97
CA GLY B 482 24.73 -24.52 -55.80
C GLY B 482 23.56 -25.22 -56.46
N MET B 483 22.64 -24.46 -57.05
CA MET B 483 21.59 -25.06 -57.84
C MET B 483 21.91 -25.06 -59.33
N LEU B 484 22.94 -24.34 -59.75
CA LEU B 484 23.47 -24.46 -61.09
C LEU B 484 24.52 -25.55 -61.20
N SER B 485 24.78 -26.27 -60.13
CA SER B 485 25.59 -27.47 -60.20
C SER B 485 24.76 -28.73 -60.06
N LEU B 486 23.70 -28.68 -59.27
CA LEU B 486 22.79 -29.81 -59.17
C LEU B 486 22.13 -30.09 -60.51
N VAL B 487 21.73 -29.03 -61.21
CA VAL B 487 21.13 -29.18 -62.53
C VAL B 487 22.15 -29.75 -63.51
N LEU B 488 23.39 -29.28 -63.44
CA LEU B 488 24.42 -29.82 -64.32
C LEU B 488 24.66 -31.29 -64.05
N ASN B 489 24.67 -31.68 -62.78
CA ASN B 489 24.87 -33.09 -62.46
C ASN B 489 23.71 -33.94 -62.97
N CYS B 490 22.49 -33.44 -62.85
CA CYS B 490 21.34 -34.16 -63.41
C CYS B 490 21.49 -34.31 -64.93
N ILE B 491 21.90 -33.25 -65.60
CA ILE B 491 22.08 -33.31 -67.06
C ILE B 491 23.14 -34.34 -67.41
N ASP B 492 24.26 -34.33 -66.69
CA ASP B 492 25.33 -35.27 -67.00
C ASP B 492 24.88 -36.70 -66.80
N ARG B 493 24.20 -36.98 -65.69
CA ARG B 493 23.75 -38.34 -65.45
C ARG B 493 22.74 -38.78 -66.50
N LEU B 494 21.86 -37.89 -66.92
CA LEU B 494 20.87 -38.22 -67.92
C LEU B 494 21.42 -38.12 -69.34
N ASN B 495 22.67 -37.73 -69.48
CA ASN B 495 23.28 -37.51 -70.77
C ASN B 495 24.16 -38.66 -71.21
N VAL B 496 24.57 -39.54 -70.28
CA VAL B 496 25.32 -40.72 -70.67
C VAL B 496 24.49 -41.69 -71.47
N TYR B 497 23.22 -41.37 -71.69
CA TYR B 497 22.32 -42.22 -72.46
C TYR B 497 21.95 -41.49 -73.74
N THR B 498 22.11 -42.15 -74.88
CA THR B 498 21.92 -41.49 -76.16
C THR B 498 20.46 -41.25 -76.46
N THR B 499 19.60 -42.20 -76.13
CA THR B 499 18.19 -42.07 -76.42
C THR B 499 17.37 -42.73 -75.33
N ALA B 500 16.04 -42.58 -75.43
CA ALA B 500 15.15 -43.08 -74.40
C ALA B 500 15.21 -44.59 -74.28
N ALA B 501 15.44 -45.30 -75.39
CA ALA B 501 15.57 -46.76 -75.30
C ALA B 501 16.85 -47.15 -74.57
N HIS B 502 17.92 -46.40 -74.78
CA HIS B 502 19.14 -46.64 -74.03
C HIS B 502 18.90 -46.44 -72.55
N PHE B 503 18.13 -45.41 -72.19
CA PHE B 503 17.74 -45.20 -70.81
C PHE B 503 16.87 -46.34 -70.30
N ALA B 504 15.96 -46.84 -71.14
CA ALA B 504 15.07 -47.92 -70.73
C ALA B 504 15.85 -49.19 -70.43
N GLU B 505 16.94 -49.42 -71.16
CA GLU B 505 17.73 -50.62 -70.91
C GLU B 505 18.31 -50.63 -69.50
N TYR B 506 18.30 -49.49 -68.81
CA TYR B 506 18.80 -49.40 -67.45
C TYR B 506 17.72 -49.03 -66.45
N ALA B 507 16.84 -48.08 -66.79
CA ALA B 507 15.83 -47.60 -65.86
C ALA B 507 14.51 -48.36 -66.02
N GLY B 508 14.00 -48.45 -67.23
CA GLY B 508 12.76 -49.15 -67.46
C GLY B 508 11.95 -48.41 -68.50
N GLU B 509 10.88 -49.08 -68.95
CA GLU B 509 10.04 -48.49 -69.98
C GLU B 509 9.32 -47.26 -69.47
N GLU B 510 8.66 -47.39 -68.31
CA GLU B 510 7.91 -46.27 -67.76
C GLU B 510 8.84 -45.10 -67.42
N ALA B 511 9.99 -45.41 -66.83
CA ALA B 511 10.95 -44.35 -66.51
C ALA B 511 11.43 -43.67 -67.77
N ALA B 512 11.72 -44.44 -68.81
CA ALA B 512 12.20 -43.86 -70.06
C ALA B 512 11.12 -43.11 -70.81
N GLU B 513 9.86 -43.26 -70.40
CA GLU B 513 8.80 -42.48 -71.03
C GLU B 513 8.97 -40.98 -70.79
N SER B 514 9.73 -40.57 -69.78
CA SER B 514 9.88 -39.17 -69.45
C SER B 514 11.31 -38.67 -69.61
N TRP B 515 12.18 -39.45 -70.26
CA TRP B 515 13.58 -39.07 -70.39
C TRP B 515 13.73 -37.78 -71.18
N LYS B 516 13.11 -37.72 -72.35
CA LYS B 516 13.24 -36.54 -73.19
C LYS B 516 12.61 -35.33 -72.52
N GLU B 517 11.45 -35.51 -71.89
CA GLU B 517 10.80 -34.39 -71.23
C GLU B 517 11.66 -33.84 -70.10
N ILE B 518 12.23 -34.71 -69.28
CA ILE B 518 13.07 -34.25 -68.18
C ILE B 518 14.31 -33.57 -68.72
N VAL B 519 14.94 -34.16 -69.73
CA VAL B 519 16.19 -33.60 -70.23
C VAL B 519 15.97 -32.28 -70.94
N ASN B 520 14.76 -32.03 -71.43
CA ASN B 520 14.43 -30.70 -71.94
C ASN B 520 14.12 -29.71 -70.83
N LEU B 521 13.38 -30.13 -69.80
CA LEU B 521 13.09 -29.22 -68.70
C LEU B 521 14.36 -28.78 -67.97
N LEU B 522 15.33 -29.68 -67.84
CA LEU B 522 16.59 -29.28 -67.20
C LEU B 522 17.29 -28.21 -68.01
N TYR B 523 17.32 -28.37 -69.33
CA TYR B 523 17.98 -27.40 -70.19
C TYR B 523 17.22 -26.09 -70.26
N GLU B 524 15.92 -26.11 -70.03
CA GLU B 524 15.15 -24.87 -69.93
C GLU B 524 15.39 -24.17 -68.60
N LEU B 525 15.41 -24.92 -67.51
CA LEU B 525 15.65 -24.33 -66.20
C LEU B 525 17.04 -23.74 -66.11
N LEU B 526 18.03 -24.38 -66.73
CA LEU B 526 19.37 -23.83 -66.70
C LEU B 526 19.42 -22.46 -67.35
N ALA B 527 18.77 -22.31 -68.50
CA ALA B 527 18.70 -21.01 -69.14
C ALA B 527 17.95 -20.03 -68.26
N SER B 528 16.85 -20.47 -67.64
CA SER B 528 16.12 -19.59 -66.75
C SER B 528 16.98 -19.11 -65.59
N LEU B 529 17.88 -19.95 -65.10
CA LEU B 529 18.76 -19.55 -64.02
C LEU B 529 19.79 -18.54 -64.51
N ILE B 530 20.33 -18.74 -65.72
CA ILE B 530 21.44 -17.93 -66.16
C ILE B 530 21.05 -16.77 -67.04
N ARG B 531 19.78 -16.62 -67.39
CA ARG B 531 19.40 -15.60 -68.37
C ARG B 531 19.46 -14.23 -67.72
N GLY B 532 20.38 -13.39 -68.19
CA GLY B 532 20.48 -12.03 -67.74
C GLY B 532 21.50 -11.78 -66.65
N ASN B 533 21.92 -12.80 -65.93
CA ASN B 533 22.94 -12.65 -64.89
C ASN B 533 24.30 -12.73 -65.55
N ARG B 534 25.11 -11.69 -65.33
CA ARG B 534 26.49 -11.79 -65.78
C ARG B 534 27.30 -12.73 -64.90
N ALA B 535 26.87 -12.97 -63.66
CA ALA B 535 27.59 -13.86 -62.79
C ALA B 535 27.33 -15.32 -63.11
N ASN B 536 26.06 -15.71 -63.19
CA ASN B 536 25.74 -17.08 -63.55
C ASN B 536 26.19 -17.42 -64.95
N CYS B 537 26.25 -16.44 -65.84
CA CYS B 537 26.84 -16.64 -67.16
C CYS B 537 28.35 -16.67 -67.12
N ALA B 538 28.96 -15.94 -66.20
CA ALA B 538 30.40 -16.01 -65.96
C ALA B 538 30.84 -17.35 -65.43
N LEU B 539 29.94 -18.09 -64.79
CA LEU B 539 30.29 -19.42 -64.31
C LEU B 539 30.71 -20.35 -65.43
N PHE B 540 30.38 -20.04 -66.68
CA PHE B 540 30.65 -20.93 -67.79
C PHE B 540 31.94 -20.60 -68.51
N SER B 541 32.88 -19.93 -67.85
CA SER B 541 34.17 -19.67 -68.48
C SER B 541 35.06 -20.90 -68.43
N THR B 542 34.68 -21.92 -67.67
CA THR B 542 35.50 -23.11 -67.53
C THR B 542 34.82 -24.37 -68.02
N ASN B 543 33.49 -24.42 -68.03
CA ASN B 543 32.76 -25.54 -68.58
C ASN B 543 31.98 -25.09 -69.81
N LEU B 544 32.66 -24.33 -70.68
CA LEU B 544 32.08 -23.99 -71.97
C LEU B 544 32.09 -25.18 -72.91
N ASP B 545 33.16 -25.98 -72.85
CA ASP B 545 33.18 -27.21 -73.61
C ASP B 545 32.10 -28.17 -73.15
N TRP B 546 31.56 -27.96 -71.95
CA TRP B 546 30.39 -28.71 -71.52
C TRP B 546 29.21 -28.41 -72.42
N VAL B 547 28.99 -27.14 -72.75
CA VAL B 547 27.83 -26.74 -73.54
C VAL B 547 28.06 -27.03 -75.01
N VAL B 548 29.21 -26.63 -75.54
CA VAL B 548 29.45 -26.79 -76.97
C VAL B 548 29.46 -28.26 -77.37
N SER B 549 29.86 -29.16 -76.48
CA SER B 549 29.93 -30.56 -76.83
C SER B 549 28.58 -31.26 -76.77
N LYS B 550 27.52 -30.55 -76.39
CA LYS B 550 26.19 -31.13 -76.34
C LYS B 550 25.27 -30.54 -77.40
N LEU B 551 25.80 -29.74 -78.32
CA LEU B 551 24.94 -29.06 -79.27
C LEU B 551 24.36 -30.00 -80.30
N ASP B 552 25.03 -31.12 -80.56
CA ASP B 552 24.55 -32.07 -81.56
C ASP B 552 23.51 -33.03 -81.02
N ARG B 553 23.32 -33.09 -79.70
CA ARG B 553 22.35 -34.01 -79.11
C ARG B 553 20.96 -33.70 -79.61
N LEU B 554 20.29 -34.71 -80.14
CA LEU B 554 19.00 -34.52 -80.76
C LEU B 554 17.84 -34.52 -79.77
N GLU B 555 18.01 -35.08 -78.58
CA GLU B 555 16.91 -35.16 -77.64
C GLU B 555 16.43 -33.77 -77.22
N ALA B 556 17.36 -32.86 -76.96
CA ALA B 556 17.05 -31.47 -76.65
C ALA B 556 18.12 -30.64 -77.34
N SER B 557 17.84 -30.22 -78.56
CA SER B 557 18.78 -29.46 -79.35
C SER B 557 18.50 -27.97 -79.36
N SER B 558 17.24 -27.57 -79.19
CA SER B 558 16.93 -26.15 -79.07
C SER B 558 17.29 -25.62 -77.70
N GLY B 559 17.10 -26.44 -76.66
CA GLY B 559 17.37 -25.98 -75.31
C GLY B 559 18.83 -25.68 -75.08
N ILE B 560 19.70 -26.57 -75.56
CA ILE B 560 21.13 -26.37 -75.36
C ILE B 560 21.62 -25.16 -76.15
N LEU B 561 21.04 -24.93 -77.33
CA LEU B 561 21.36 -23.74 -78.10
C LEU B 561 20.92 -22.47 -77.38
N GLU B 562 19.74 -22.51 -76.75
CA GLU B 562 19.29 -21.35 -75.99
C GLU B 562 20.20 -21.07 -74.80
N VAL B 563 20.66 -22.12 -74.12
CA VAL B 563 21.60 -21.93 -73.02
C VAL B 563 22.85 -21.26 -73.54
N LEU B 564 23.36 -21.73 -74.67
CA LEU B 564 24.55 -21.12 -75.25
C LEU B 564 24.30 -19.66 -75.59
N TYR B 565 23.13 -19.35 -76.13
CA TYR B 565 22.83 -17.99 -76.53
C TYR B 565 22.81 -17.06 -75.32
N CYS B 566 22.20 -17.51 -74.22
CA CYS B 566 22.19 -16.69 -73.02
C CYS B 566 23.60 -16.46 -72.50
N VAL B 567 24.40 -17.52 -72.43
CA VAL B 567 25.76 -17.40 -71.93
C VAL B 567 26.54 -16.40 -72.76
N LEU B 568 26.47 -16.52 -74.08
CA LEU B 568 27.24 -15.66 -74.96
C LEU B 568 26.74 -14.24 -74.98
N ILE B 569 25.42 -14.03 -74.87
CA ILE B 569 24.88 -12.68 -74.94
C ILE B 569 25.05 -11.92 -73.64
N GLU B 570 25.35 -12.60 -72.53
CA GLU B 570 25.49 -11.89 -71.27
C GLU B 570 26.92 -11.76 -70.77
N SER B 571 27.77 -12.76 -70.98
CA SER B 571 29.13 -12.71 -70.46
C SER B 571 30.11 -12.35 -71.55
N PRO B 572 30.89 -11.28 -71.39
CA PRO B 572 31.96 -10.97 -72.35
C PRO B 572 33.26 -11.71 -72.10
N GLU B 573 33.47 -12.26 -70.91
CA GLU B 573 34.68 -13.04 -70.65
C GLU B 573 34.61 -14.41 -71.30
N VAL B 574 33.39 -14.91 -71.54
CA VAL B 574 33.24 -16.17 -72.26
C VAL B 574 33.69 -16.02 -73.70
N LEU B 575 33.48 -14.84 -74.29
CA LEU B 575 33.89 -14.65 -75.68
C LEU B 575 35.40 -14.76 -75.85
N ASN B 576 36.17 -14.47 -74.80
CA ASN B 576 37.62 -14.50 -74.95
C ASN B 576 38.18 -15.91 -74.96
N ILE B 577 37.43 -16.89 -74.44
CA ILE B 577 37.91 -18.26 -74.40
C ILE B 577 37.41 -19.11 -75.55
N ILE B 578 36.62 -18.54 -76.46
CA ILE B 578 36.18 -19.27 -77.65
C ILE B 578 37.39 -19.55 -78.51
N GLN B 579 37.53 -20.79 -78.95
CA GLN B 579 38.59 -21.19 -79.86
C GLN B 579 37.98 -21.63 -81.17
N GLU B 580 38.83 -22.09 -82.09
CA GLU B 580 38.33 -22.56 -83.37
C GLU B 580 37.54 -23.85 -83.22
N ASN B 581 37.83 -24.63 -82.18
CA ASN B 581 37.06 -25.83 -81.92
C ASN B 581 35.61 -25.50 -81.71
N HIS B 582 35.34 -24.46 -80.94
CA HIS B 582 33.97 -24.10 -80.62
C HIS B 582 33.25 -23.52 -81.82
N ILE B 583 33.92 -22.65 -82.57
CA ILE B 583 33.30 -22.03 -83.73
C ILE B 583 33.06 -23.03 -84.84
N LYS B 584 33.97 -23.96 -85.06
CA LYS B 584 33.74 -25.01 -86.05
C LYS B 584 32.65 -25.97 -85.63
N SER B 585 32.25 -25.98 -84.37
CA SER B 585 31.13 -26.77 -83.91
C SER B 585 29.81 -26.02 -83.99
N ILE B 586 29.79 -24.73 -83.69
CA ILE B 586 28.57 -23.96 -83.84
C ILE B 586 28.19 -23.86 -85.31
N ILE B 587 29.17 -23.74 -86.19
CA ILE B 587 28.90 -23.72 -87.62
C ILE B 587 28.37 -25.06 -88.09
N SER B 588 28.88 -26.17 -87.56
CA SER B 588 28.41 -27.49 -87.97
C SER B 588 26.95 -27.71 -87.63
N LEU B 589 26.39 -26.97 -86.68
CA LEU B 589 24.95 -27.00 -86.49
C LEU B 589 24.20 -26.53 -87.70
N LEU B 590 24.69 -25.52 -88.41
CA LEU B 590 24.07 -25.09 -89.64
C LEU B 590 24.05 -26.18 -90.69
N ASP B 591 25.14 -26.91 -90.83
CA ASP B 591 25.24 -27.98 -91.80
C ASP B 591 24.40 -29.19 -91.42
N LYS B 592 24.25 -29.46 -90.14
CA LYS B 592 23.62 -30.70 -89.69
C LYS B 592 22.20 -30.50 -89.20
N HIS B 593 21.84 -29.31 -88.74
CA HIS B 593 20.50 -29.10 -88.22
C HIS B 593 19.64 -28.19 -89.08
N GLY B 594 20.21 -27.57 -90.11
CA GLY B 594 19.43 -26.81 -91.06
C GLY B 594 19.77 -25.34 -91.00
N ARG B 595 19.04 -24.58 -91.81
CA ARG B 595 19.20 -23.13 -91.86
C ARG B 595 18.34 -22.54 -90.75
N ASN B 596 18.95 -22.34 -89.59
CA ASN B 596 18.29 -21.79 -88.42
C ASN B 596 18.90 -20.43 -88.12
N HIS B 597 18.05 -19.41 -88.02
CA HIS B 597 18.58 -18.06 -87.82
C HIS B 597 19.16 -17.88 -86.42
N LYS B 598 18.74 -18.70 -85.47
CA LYS B 598 19.26 -18.57 -84.12
C LYS B 598 20.74 -18.90 -84.05
N VAL B 599 21.19 -19.82 -84.90
CA VAL B 599 22.62 -20.10 -84.95
C VAL B 599 23.37 -18.89 -85.44
N LEU B 600 22.85 -18.19 -86.44
CA LEU B 600 23.46 -16.95 -86.89
C LEU B 600 23.43 -15.90 -85.79
N ASP B 601 22.39 -15.88 -84.97
CA ASP B 601 22.35 -14.95 -83.85
C ASP B 601 23.47 -15.25 -82.86
N VAL B 602 23.69 -16.53 -82.57
CA VAL B 602 24.81 -16.91 -81.72
C VAL B 602 26.12 -16.42 -82.30
N LEU B 603 26.32 -16.66 -83.60
CA LEU B 603 27.57 -16.27 -84.23
C LEU B 603 27.75 -14.77 -84.24
N CYS B 604 26.67 -14.00 -84.42
CA CYS B 604 26.76 -12.56 -84.29
C CYS B 604 27.19 -12.15 -82.88
N SER B 605 26.63 -12.79 -81.86
CA SER B 605 27.01 -12.46 -80.49
C SER B 605 28.44 -12.86 -80.17
N LEU B 606 29.04 -13.75 -80.95
CA LEU B 606 30.42 -14.15 -80.71
C LEU B 606 31.42 -13.09 -81.14
N CYS B 607 31.01 -12.07 -81.89
CA CYS B 607 31.93 -11.09 -82.43
C CYS B 607 31.99 -9.81 -81.60
N VAL B 608 30.85 -9.23 -81.25
CA VAL B 608 30.78 -7.99 -80.49
C VAL B 608 30.00 -8.24 -79.22
N CYS B 609 30.59 -7.90 -78.07
CA CYS B 609 29.91 -8.00 -76.79
C CYS B 609 30.04 -6.66 -76.07
N ASN B 610 28.92 -5.98 -75.88
CA ASN B 610 28.86 -4.70 -75.18
C ASN B 610 29.72 -3.65 -75.86
N GLY B 611 29.71 -3.63 -77.18
CA GLY B 611 30.35 -2.58 -77.94
C GLY B 611 31.83 -2.75 -78.17
N VAL B 612 32.41 -3.87 -77.76
CA VAL B 612 33.82 -4.15 -78.03
C VAL B 612 33.91 -5.38 -78.91
N ALA B 613 34.75 -5.29 -79.94
CA ALA B 613 34.89 -6.32 -80.94
C ALA B 613 36.01 -7.27 -80.58
N VAL B 614 35.76 -8.56 -80.76
CA VAL B 614 36.73 -9.61 -80.49
C VAL B 614 37.19 -10.11 -81.84
N ARG B 615 38.37 -9.69 -82.28
CA ARG B 615 38.74 -9.90 -83.68
C ARG B 615 39.05 -11.36 -83.98
N SER B 616 39.53 -12.11 -83.00
CA SER B 616 39.82 -13.51 -83.26
C SER B 616 38.55 -14.25 -83.68
N ASN B 617 37.44 -13.97 -83.01
CA ASN B 617 36.18 -14.62 -83.37
C ASN B 617 35.70 -14.18 -84.74
N GLN B 618 35.82 -12.91 -85.07
CA GLN B 618 35.43 -12.43 -86.38
C GLN B 618 36.23 -13.15 -87.46
N ASP B 619 37.54 -13.23 -87.27
CA ASP B 619 38.38 -13.88 -88.25
C ASP B 619 38.05 -15.36 -88.38
N LEU B 620 37.77 -16.03 -87.26
CA LEU B 620 37.48 -17.45 -87.32
C LEU B 620 36.17 -17.73 -88.02
N ILE B 621 35.13 -16.96 -87.71
CA ILE B 621 33.85 -17.13 -88.41
C ILE B 621 34.01 -16.85 -89.90
N THR B 622 34.72 -15.78 -90.24
CA THR B 622 34.92 -15.47 -91.65
C THR B 622 35.67 -16.60 -92.35
N GLU B 623 36.74 -17.08 -91.74
CA GLU B 623 37.59 -18.08 -92.38
C GLU B 623 36.92 -19.44 -92.48
N ASN B 624 36.06 -19.80 -91.54
CA ASN B 624 35.41 -21.10 -91.56
C ASN B 624 34.07 -21.10 -92.26
N LEU B 625 33.21 -20.12 -91.98
CA LEU B 625 31.86 -20.15 -92.52
C LEU B 625 31.82 -19.71 -93.98
N LEU B 626 32.52 -18.64 -94.30
CA LEU B 626 32.28 -17.95 -95.56
C LEU B 626 32.88 -18.60 -96.80
N PRO B 627 34.19 -18.89 -96.84
CA PRO B 627 34.81 -19.21 -98.13
C PRO B 627 34.29 -20.47 -98.79
N GLY B 628 33.54 -21.30 -98.08
CA GLY B 628 33.00 -22.48 -98.71
C GLY B 628 31.85 -22.17 -99.64
N ARG B 629 31.08 -21.13 -99.32
CA ARG B 629 29.91 -20.74 -100.11
C ARG B 629 28.94 -21.91 -100.27
N GLU B 630 28.64 -22.57 -99.15
CA GLU B 630 27.77 -23.74 -99.17
C GLU B 630 26.63 -23.68 -98.17
N LEU B 631 26.76 -22.95 -97.07
CA LEU B 631 25.71 -22.90 -96.07
C LEU B 631 24.88 -21.64 -96.13
N LEU B 632 25.43 -20.55 -96.63
CA LEU B 632 24.77 -19.25 -96.64
C LEU B 632 24.29 -18.96 -98.05
N LEU B 633 23.03 -18.56 -98.16
CA LEU B 633 22.45 -18.30 -99.48
C LEU B 633 23.25 -17.23 -100.21
N GLN B 634 23.75 -17.59 -101.38
CA GLN B 634 24.60 -16.73 -102.16
C GLN B 634 23.74 -15.87 -103.09
N THR B 635 24.22 -14.67 -103.39
CA THR B 635 23.50 -13.76 -104.27
C THR B 635 24.46 -13.19 -105.30
N ASN B 636 23.90 -12.73 -106.41
CA ASN B 636 24.69 -12.18 -107.50
C ASN B 636 23.74 -11.50 -108.47
N LEU B 637 24.30 -10.68 -109.35
CA LEU B 637 23.54 -10.03 -110.39
C LEU B 637 23.70 -10.81 -111.68
N ILE B 638 22.58 -11.20 -112.28
CA ILE B 638 22.59 -12.00 -113.50
C ILE B 638 21.68 -11.36 -114.53
N ASN B 639 22.05 -11.52 -115.79
CA ASN B 639 21.26 -11.02 -116.89
C ASN B 639 20.03 -11.89 -117.09
N TYR B 640 18.98 -11.30 -117.66
CA TYR B 640 17.87 -12.08 -118.14
C TYR B 640 18.22 -12.68 -119.49
N VAL B 641 17.78 -13.91 -119.72
CA VAL B 641 18.06 -14.63 -120.94
C VAL B 641 16.77 -15.17 -121.51
N THR B 642 16.60 -15.02 -122.83
CA THR B 642 15.39 -15.50 -123.47
C THR B 642 15.77 -16.36 -124.66
N SER B 643 14.75 -16.87 -125.35
CA SER B 643 14.93 -17.84 -126.40
C SER B 643 13.89 -17.61 -127.49
N ILE B 644 14.28 -17.79 -128.73
CA ILE B 644 13.40 -17.60 -129.86
C ILE B 644 13.54 -18.77 -130.81
N ARG B 645 12.42 -19.24 -131.35
CA ARG B 645 12.39 -20.38 -132.23
C ARG B 645 11.51 -20.08 -133.43
N PRO B 646 11.76 -20.71 -134.56
CA PRO B 646 10.73 -20.79 -135.59
C PRO B 646 9.66 -21.75 -135.13
N ASN B 647 8.46 -21.59 -135.67
CA ASN B 647 7.43 -22.57 -135.37
C ASN B 647 7.55 -23.76 -136.30
N ILE B 648 8.76 -24.32 -136.36
CA ILE B 648 9.07 -25.51 -137.14
C ILE B 648 9.34 -26.62 -136.15
N PHE B 649 8.54 -27.67 -136.18
CA PHE B 649 8.71 -28.81 -135.31
C PHE B 649 8.88 -30.06 -136.15
N VAL B 650 9.92 -30.84 -135.86
CA VAL B 650 10.18 -32.08 -136.56
C VAL B 650 10.44 -33.17 -135.53
N GLY B 651 10.09 -34.40 -135.87
CA GLY B 651 10.23 -35.45 -134.90
C GLY B 651 10.38 -36.80 -135.56
N ARG B 652 10.29 -37.84 -134.74
CA ARG B 652 10.46 -39.20 -135.21
C ARG B 652 9.59 -40.14 -134.40
N ALA B 653 8.95 -41.08 -135.09
CA ALA B 653 8.16 -42.11 -134.44
C ALA B 653 7.91 -43.19 -135.48
N GLU B 654 7.37 -44.31 -135.02
CA GLU B 654 7.04 -45.40 -135.92
C GLU B 654 5.99 -44.97 -136.92
N GLY B 655 6.32 -45.06 -138.21
CA GLY B 655 5.37 -44.68 -139.23
C GLY B 655 5.03 -43.21 -139.23
N SER B 656 5.99 -42.36 -138.90
CA SER B 656 5.77 -40.93 -138.90
C SER B 656 5.93 -40.38 -140.32
N THR B 657 5.15 -39.36 -140.61
CA THR B 657 5.11 -38.75 -141.93
C THR B 657 6.15 -37.65 -142.09
N GLN B 658 7.18 -37.63 -141.25
CA GLN B 658 8.18 -36.58 -141.24
C GLN B 658 9.51 -37.11 -141.74
N TYR B 659 10.18 -36.34 -142.59
CA TYR B 659 11.56 -36.60 -142.93
C TYR B 659 12.41 -36.43 -141.68
N GLY B 660 13.61 -37.01 -141.70
CA GLY B 660 14.42 -37.04 -140.51
C GLY B 660 15.82 -36.49 -140.66
N LYS B 661 15.97 -35.41 -141.42
CA LYS B 661 17.29 -34.84 -141.68
C LYS B 661 17.08 -33.35 -141.95
N TRP B 662 17.43 -32.52 -140.97
CA TRP B 662 17.07 -31.11 -140.99
C TRP B 662 18.29 -30.23 -140.80
N TYR B 663 18.22 -29.04 -141.37
CA TYR B 663 19.39 -28.17 -141.48
C TYR B 663 18.95 -26.72 -141.39
N PHE B 664 19.56 -25.95 -140.50
CA PHE B 664 19.24 -24.54 -140.42
C PHE B 664 20.47 -23.77 -139.98
N GLU B 665 20.47 -22.47 -140.25
CA GLU B 665 21.62 -21.64 -139.95
C GLU B 665 21.23 -20.39 -139.18
N VAL B 666 22.20 -19.83 -138.49
CA VAL B 666 22.04 -18.55 -137.82
C VAL B 666 23.24 -17.70 -138.16
N MET B 667 22.99 -16.50 -138.66
CA MET B 667 24.03 -15.54 -138.97
C MET B 667 24.04 -14.47 -137.89
N VAL B 668 25.17 -14.32 -137.22
CA VAL B 668 25.31 -13.34 -136.16
C VAL B 668 25.71 -12.01 -136.77
N ASP B 669 24.93 -10.97 -136.50
CA ASP B 669 25.15 -9.66 -137.09
C ASP B 669 25.92 -8.73 -136.15
N GLU B 670 25.41 -8.50 -134.96
CA GLU B 670 26.11 -7.68 -133.98
C GLU B 670 26.01 -8.35 -132.62
N VAL B 671 27.09 -8.32 -131.87
CA VAL B 671 27.10 -8.82 -130.50
C VAL B 671 27.95 -7.90 -129.65
N VAL B 672 27.33 -7.25 -128.67
CA VAL B 672 28.07 -6.46 -127.70
C VAL B 672 28.59 -7.41 -126.64
N PRO B 673 29.89 -7.70 -126.60
CA PRO B 673 30.37 -8.78 -125.74
C PRO B 673 30.10 -8.54 -124.27
N PHE B 674 30.12 -7.30 -123.81
CA PHE B 674 29.84 -7.00 -122.41
C PHE B 674 28.97 -5.75 -122.36
N LEU B 675 27.66 -5.95 -122.39
CA LEU B 675 26.72 -4.86 -122.22
C LEU B 675 26.47 -4.56 -120.76
N THR B 676 26.50 -5.60 -119.92
CA THR B 676 26.51 -5.49 -118.48
C THR B 676 27.82 -6.11 -117.98
N ALA B 677 27.94 -6.25 -116.66
CA ALA B 677 29.11 -6.90 -116.11
C ALA B 677 29.23 -8.33 -116.58
N GLN B 678 28.11 -9.04 -116.62
CA GLN B 678 28.09 -10.41 -117.07
C GLN B 678 28.21 -10.47 -118.59
N ALA B 679 28.98 -11.42 -119.09
CA ALA B 679 29.21 -11.52 -120.51
C ALA B 679 27.90 -11.78 -121.24
N THR B 680 27.79 -11.22 -122.44
CA THR B 680 26.58 -11.41 -123.23
C THR B 680 26.39 -12.87 -123.60
N HIS B 681 25.17 -13.34 -123.47
CA HIS B 681 24.80 -14.72 -123.71
C HIS B 681 24.32 -14.90 -125.14
N LEU B 682 24.82 -15.92 -125.82
CA LEU B 682 24.35 -16.24 -127.16
C LEU B 682 24.71 -17.68 -127.46
N ARG B 683 23.70 -18.54 -127.61
CA ARG B 683 23.89 -19.91 -128.04
C ARG B 683 22.88 -20.26 -129.11
N VAL B 684 23.24 -21.16 -129.98
CA VAL B 684 22.33 -21.72 -130.97
C VAL B 684 22.13 -23.19 -130.64
N GLY B 685 21.08 -23.79 -131.18
CA GLY B 685 20.96 -25.23 -131.06
C GLY B 685 19.55 -25.71 -131.37
N TRP B 686 19.30 -26.93 -130.95
CA TRP B 686 17.99 -27.55 -131.07
C TRP B 686 17.40 -27.74 -129.70
N ALA B 687 16.09 -27.95 -129.65
CA ALA B 687 15.43 -28.14 -128.36
C ALA B 687 14.23 -29.03 -128.56
N LEU B 688 13.68 -29.50 -127.45
CA LEU B 688 12.57 -30.45 -127.47
C LEU B 688 11.32 -29.80 -126.93
N THR B 689 10.17 -30.20 -127.46
CA THR B 689 8.89 -29.59 -127.15
C THR B 689 8.24 -30.18 -125.91
N GLU B 690 8.93 -31.04 -125.18
CA GLU B 690 8.37 -31.72 -124.03
C GLU B 690 9.21 -31.45 -122.80
N GLY B 691 9.52 -30.19 -122.55
CA GLY B 691 10.27 -29.88 -121.37
C GLY B 691 11.22 -28.70 -121.47
N TYR B 692 11.54 -28.26 -122.68
CA TYR B 692 12.35 -27.05 -122.78
C TYR B 692 11.43 -25.87 -122.55
N SER B 693 11.37 -25.42 -121.30
CA SER B 693 10.60 -24.23 -120.94
C SER B 693 11.47 -23.35 -120.07
N PRO B 694 12.11 -22.36 -120.63
CA PRO B 694 13.02 -21.48 -119.89
C PRO B 694 12.33 -20.25 -119.32
N TYR B 695 11.61 -20.43 -118.22
CA TYR B 695 10.88 -19.33 -117.62
C TYR B 695 11.83 -18.20 -117.28
N PRO B 696 11.50 -16.96 -117.61
CA PRO B 696 12.42 -15.85 -117.37
C PRO B 696 12.72 -15.70 -115.89
N GLY B 697 13.95 -15.35 -115.59
CA GLY B 697 14.33 -15.15 -114.21
C GLY B 697 15.22 -16.24 -113.66
N GLY B 698 14.80 -16.84 -112.55
CA GLY B 698 15.61 -17.84 -111.89
C GLY B 698 15.62 -19.15 -112.63
N GLY B 699 16.34 -20.11 -112.05
CA GLY B 699 16.38 -21.43 -112.65
C GLY B 699 17.57 -22.22 -112.15
N GLU B 700 17.95 -23.22 -112.93
CA GLU B 700 19.03 -24.11 -112.54
C GLU B 700 20.33 -23.34 -112.44
N GLY B 701 21.16 -23.74 -111.49
CA GLY B 701 22.46 -23.10 -111.34
C GLY B 701 22.30 -21.65 -110.95
N TRP B 702 22.91 -20.77 -111.73
CA TRP B 702 22.89 -19.35 -111.48
C TRP B 702 21.95 -18.61 -112.42
N GLY B 703 20.86 -19.21 -112.82
CA GLY B 703 19.93 -18.54 -113.70
C GLY B 703 20.49 -18.40 -115.09
N GLY B 704 19.82 -17.58 -115.88
CA GLY B 704 20.24 -17.35 -117.25
C GLY B 704 20.17 -18.62 -118.07
N ASN B 705 19.04 -19.31 -117.98
CA ASN B 705 18.89 -20.60 -118.62
C ASN B 705 18.59 -20.39 -120.10
N GLY B 706 19.48 -20.87 -120.96
CA GLY B 706 19.29 -20.76 -122.39
C GLY B 706 19.28 -22.12 -123.05
N VAL B 707 19.92 -22.23 -124.21
CA VAL B 707 19.94 -23.49 -124.94
C VAL B 707 21.07 -24.33 -124.38
N GLY B 708 20.74 -25.32 -123.57
CA GLY B 708 21.75 -26.22 -123.05
C GLY B 708 21.82 -26.22 -121.56
N ASP B 709 20.79 -25.67 -120.91
CA ASP B 709 20.72 -25.66 -119.46
C ASP B 709 19.77 -26.71 -118.93
N ASP B 710 19.49 -27.73 -119.72
CA ASP B 710 18.76 -28.90 -119.28
C ASP B 710 19.10 -30.02 -120.23
N LEU B 711 18.46 -31.16 -120.07
CA LEU B 711 18.67 -32.30 -120.94
C LEU B 711 17.63 -32.37 -122.05
N TYR B 712 16.88 -31.29 -122.26
CA TYR B 712 15.95 -31.17 -123.37
C TYR B 712 16.45 -30.25 -124.46
N SER B 713 17.57 -29.57 -124.26
CA SER B 713 18.10 -28.64 -125.22
C SER B 713 19.56 -28.98 -125.50
N TYR B 714 20.01 -28.64 -126.70
CA TYR B 714 21.35 -28.98 -127.15
C TYR B 714 21.91 -27.77 -127.88
N GLY B 715 22.93 -27.14 -127.29
CA GLY B 715 23.35 -25.83 -127.70
C GLY B 715 24.83 -25.75 -128.00
N PHE B 716 25.24 -24.58 -128.47
CA PHE B 716 26.57 -24.34 -129.00
C PHE B 716 26.81 -22.84 -128.99
N ASP B 717 27.94 -22.42 -128.44
CA ASP B 717 28.24 -20.99 -128.33
C ASP B 717 29.51 -20.59 -129.05
N GLY B 718 30.11 -21.46 -129.86
CA GLY B 718 31.32 -21.18 -130.57
C GLY B 718 32.53 -21.84 -129.97
N LEU B 719 32.63 -21.85 -128.64
CA LEU B 719 33.70 -22.53 -127.93
C LEU B 719 33.26 -23.79 -127.22
N HIS B 720 31.99 -23.93 -126.92
CA HIS B 720 31.51 -24.98 -126.04
C HIS B 720 30.29 -25.63 -126.65
N LEU B 721 30.05 -26.87 -126.24
CA LEU B 721 28.81 -27.58 -126.50
C LEU B 721 28.11 -27.74 -125.17
N TRP B 722 26.90 -27.21 -125.07
CA TRP B 722 26.20 -27.10 -123.81
C TRP B 722 25.06 -28.09 -123.75
N THR B 723 24.99 -28.85 -122.67
CA THR B 723 23.78 -29.61 -122.38
C THR B 723 23.86 -30.06 -120.93
N GLY B 724 22.69 -30.18 -120.31
CA GLY B 724 22.66 -30.47 -118.90
C GLY B 724 23.34 -29.44 -118.04
N HIS B 725 23.38 -28.19 -118.47
CA HIS B 725 24.03 -27.08 -117.79
C HIS B 725 25.53 -27.30 -117.68
N VAL B 726 26.10 -28.10 -118.56
CA VAL B 726 27.54 -28.35 -118.59
C VAL B 726 28.05 -27.88 -119.94
N ALA B 727 29.16 -27.17 -119.92
CA ALA B 727 29.81 -26.68 -121.13
C ALA B 727 31.03 -27.54 -121.41
N ARG B 728 31.11 -28.11 -122.60
CA ARG B 728 32.19 -29.01 -122.93
C ARG B 728 32.94 -28.46 -124.14
N PRO B 729 34.23 -28.15 -124.02
CA PRO B 729 34.93 -27.50 -125.13
C PRO B 729 34.99 -28.37 -126.37
N VAL B 730 34.85 -27.73 -127.52
CA VAL B 730 34.90 -28.38 -128.81
C VAL B 730 35.92 -27.68 -129.67
N THR B 731 36.77 -28.45 -130.32
CA THR B 731 37.73 -27.86 -131.24
C THR B 731 37.04 -27.50 -132.54
N SER B 732 37.25 -26.28 -132.98
CA SER B 732 36.83 -25.81 -134.30
C SER B 732 38.02 -25.09 -134.91
N PRO B 733 38.11 -25.05 -136.22
CA PRO B 733 39.30 -24.45 -136.83
C PRO B 733 39.32 -22.93 -136.70
N GLY B 734 39.80 -22.44 -135.56
CA GLY B 734 39.81 -21.00 -135.32
C GLY B 734 38.76 -20.61 -134.31
N GLN B 735 38.61 -21.42 -133.28
CA GLN B 735 37.50 -21.28 -132.35
C GLN B 735 37.52 -19.93 -131.65
N HIS B 736 36.32 -19.44 -131.33
CA HIS B 736 36.09 -18.21 -130.60
C HIS B 736 34.61 -18.09 -130.34
N LEU B 737 34.22 -17.27 -129.36
CA LEU B 737 32.81 -17.05 -129.12
C LEU B 737 32.13 -16.53 -130.38
N LEU B 738 30.81 -16.62 -130.38
CA LEU B 738 30.03 -16.18 -131.53
C LEU B 738 30.19 -14.68 -131.70
N ALA B 739 30.79 -14.29 -132.82
CA ALA B 739 31.14 -12.91 -133.10
C ALA B 739 30.34 -12.45 -134.31
N PRO B 740 30.38 -11.15 -134.61
CA PRO B 740 29.73 -10.67 -135.84
C PRO B 740 30.31 -11.34 -137.07
N GLU B 741 29.46 -11.52 -138.07
CA GLU B 741 29.81 -12.17 -139.33
C GLU B 741 30.17 -13.64 -139.12
N ASP B 742 29.36 -14.32 -138.31
CA ASP B 742 29.51 -15.74 -138.04
C ASP B 742 28.28 -16.46 -138.57
N VAL B 743 28.50 -17.64 -139.13
CA VAL B 743 27.43 -18.44 -139.70
C VAL B 743 27.50 -19.81 -139.06
N VAL B 744 26.53 -20.12 -138.21
CA VAL B 744 26.46 -21.41 -137.52
C VAL B 744 25.43 -22.26 -138.22
N SER B 745 25.86 -23.43 -138.68
CA SER B 745 24.99 -24.36 -139.39
C SER B 745 24.73 -25.55 -138.49
N CYS B 746 23.50 -25.68 -138.03
CA CYS B 746 23.12 -26.78 -137.15
C CYS B 746 22.35 -27.83 -137.93
N CYS B 747 22.66 -29.09 -137.64
CA CYS B 747 22.10 -30.22 -138.34
C CYS B 747 21.44 -31.16 -137.33
N LEU B 748 20.43 -31.94 -137.72
CA LEU B 748 19.80 -32.96 -136.89
C LEU B 748 19.54 -34.12 -137.76
N ASP B 749 20.06 -35.29 -137.46
CA ASP B 749 19.76 -36.50 -138.15
C ASP B 749 19.11 -37.14 -137.04
N LEU B 750 17.90 -37.55 -137.18
CA LEU B 750 17.22 -38.04 -136.09
C LEU B 750 17.29 -39.46 -136.31
N SER B 751 17.85 -39.90 -137.42
CA SER B 751 18.05 -41.34 -137.63
C SER B 751 19.00 -42.02 -136.67
N VAL B 752 20.12 -41.42 -136.36
CA VAL B 752 21.02 -41.92 -135.36
C VAL B 752 20.72 -40.78 -134.57
N PRO B 753 20.45 -40.92 -133.33
CA PRO B 753 20.10 -39.53 -133.19
C PRO B 753 21.32 -38.68 -133.06
N SER B 754 21.44 -37.55 -133.74
CA SER B 754 22.64 -36.76 -133.72
C SER B 754 22.42 -35.31 -134.02
N ILE B 755 23.24 -34.41 -133.52
CA ILE B 755 23.11 -33.02 -133.76
C ILE B 755 24.49 -32.52 -134.02
N SER B 756 24.88 -32.38 -135.25
CA SER B 756 26.18 -31.88 -135.64
C SER B 756 26.12 -30.36 -135.75
N PHE B 757 27.29 -29.76 -135.98
CA PHE B 757 27.37 -28.32 -136.19
C PHE B 757 28.47 -28.03 -137.19
N ARG B 758 28.43 -26.82 -137.72
CA ARG B 758 29.54 -26.21 -138.44
C ARG B 758 29.58 -24.75 -138.07
N ILE B 759 30.78 -24.18 -138.06
CA ILE B 759 30.97 -22.77 -137.78
C ILE B 759 31.74 -22.16 -138.96
N ASN B 760 31.14 -21.18 -139.61
CA ASN B 760 31.75 -20.53 -140.77
C ASN B 760 32.13 -21.54 -141.83
N GLY B 761 31.40 -22.64 -141.90
CA GLY B 761 31.70 -23.67 -142.87
C GLY B 761 32.74 -24.67 -142.45
N CYS B 762 33.33 -24.50 -141.27
CA CYS B 762 34.34 -25.39 -140.73
C CYS B 762 33.72 -26.35 -139.74
N PRO B 763 33.92 -27.66 -139.90
CA PRO B 763 33.26 -28.62 -139.01
C PRO B 763 33.64 -28.41 -137.57
N VAL B 764 32.67 -28.58 -136.68
CA VAL B 764 32.90 -28.49 -135.25
C VAL B 764 33.04 -29.90 -134.71
N GLN B 765 34.21 -30.23 -134.17
CA GLN B 765 34.53 -31.60 -133.79
C GLN B 765 33.90 -31.93 -132.44
N GLY B 766 32.60 -32.17 -132.48
CA GLY B 766 31.85 -32.55 -131.30
C GLY B 766 30.40 -32.81 -131.67
N VAL B 767 29.84 -33.92 -131.21
CA VAL B 767 28.52 -34.35 -131.67
C VAL B 767 27.71 -34.85 -130.48
N PHE B 768 26.53 -34.30 -130.30
CA PHE B 768 25.56 -34.91 -129.41
C PHE B 768 24.96 -36.12 -130.10
N GLU B 769 24.73 -37.18 -129.34
CA GLU B 769 24.21 -38.41 -129.90
C GLU B 769 23.31 -39.08 -128.88
N ALA B 770 22.70 -40.18 -129.31
CA ALA B 770 22.03 -41.12 -128.43
C ALA B 770 21.19 -40.40 -127.38
N PHE B 771 20.36 -39.49 -127.83
CA PHE B 771 19.50 -38.76 -126.92
C PHE B 771 18.05 -39.18 -127.11
N ASN B 772 17.19 -38.67 -126.24
CA ASN B 772 15.80 -39.06 -126.21
C ASN B 772 15.07 -38.49 -127.42
N LEU B 773 14.24 -39.32 -128.04
CA LEU B 773 13.57 -38.96 -129.28
C LEU B 773 12.07 -38.82 -129.12
N ASP B 774 11.56 -38.77 -127.90
CA ASP B 774 10.17 -38.38 -127.71
C ASP B 774 10.03 -36.89 -127.96
N GLY B 775 8.80 -36.44 -128.10
CA GLY B 775 8.59 -35.03 -128.34
C GLY B 775 9.07 -34.58 -129.71
N LEU B 776 9.00 -33.27 -129.92
CA LEU B 776 9.32 -32.65 -131.19
C LEU B 776 10.47 -31.68 -131.00
N PHE B 777 11.33 -31.59 -132.02
CA PHE B 777 12.53 -30.77 -131.99
C PHE B 777 12.30 -29.51 -132.81
N PHE B 778 12.72 -28.39 -132.25
CA PHE B 778 12.69 -27.14 -132.98
C PHE B 778 14.02 -26.41 -132.85
N PRO B 779 14.39 -25.62 -133.86
CA PRO B 779 15.57 -24.79 -133.73
C PRO B 779 15.35 -23.71 -132.69
N VAL B 780 16.43 -23.26 -132.06
CA VAL B 780 16.29 -22.28 -131.01
C VAL B 780 17.59 -21.52 -130.89
N VAL B 781 17.49 -20.22 -130.62
CA VAL B 781 18.61 -19.41 -130.20
C VAL B 781 18.29 -18.83 -128.84
N SER B 782 19.24 -18.92 -127.93
CA SER B 782 19.13 -18.28 -126.64
C SER B 782 20.06 -17.10 -126.60
N PHE B 783 19.62 -16.02 -125.96
CA PHE B 783 20.40 -14.81 -125.99
C PHE B 783 19.99 -13.92 -124.83
N SER B 784 20.95 -13.16 -124.34
CA SER B 784 20.66 -12.05 -123.45
C SER B 784 20.57 -10.80 -124.30
N ALA B 785 20.44 -9.65 -123.66
CA ALA B 785 20.35 -8.42 -124.41
C ALA B 785 21.69 -8.11 -125.07
N GLY B 786 21.63 -7.37 -126.16
CA GLY B 786 22.82 -6.93 -126.85
C GLY B 786 23.26 -7.77 -128.01
N VAL B 787 22.35 -8.47 -128.69
CA VAL B 787 22.70 -9.31 -129.82
C VAL B 787 21.77 -8.98 -130.98
N LYS B 788 22.23 -9.29 -132.18
CA LYS B 788 21.39 -9.36 -133.36
C LYS B 788 21.78 -10.60 -134.14
N VAL B 789 20.81 -11.43 -134.48
CA VAL B 789 21.06 -12.65 -135.22
C VAL B 789 20.02 -12.74 -136.33
N ARG B 790 20.24 -13.68 -137.23
CA ARG B 790 19.33 -13.90 -138.35
C ARG B 790 19.17 -15.39 -138.57
N PHE B 791 17.95 -15.87 -138.48
CA PHE B 791 17.65 -17.24 -138.83
C PHE B 791 17.68 -17.38 -140.34
N LEU B 792 18.35 -18.41 -140.82
CA LEU B 792 18.35 -18.76 -142.23
C LEU B 792 17.76 -20.16 -142.33
N LEU B 793 16.57 -20.24 -142.93
CA LEU B 793 15.83 -21.47 -143.04
C LEU B 793 15.76 -21.99 -144.46
N GLY B 794 16.41 -21.31 -145.40
CA GLY B 794 16.49 -21.82 -146.75
C GLY B 794 15.32 -21.41 -147.61
N GLY B 795 15.56 -21.30 -148.90
CA GLY B 795 14.50 -20.98 -149.84
C GLY B 795 14.13 -19.53 -149.84
N ARG B 796 12.95 -19.20 -149.33
CA ARG B 796 12.53 -17.81 -149.26
C ARG B 796 12.64 -17.26 -147.85
N HIS B 797 13.34 -17.95 -146.97
CA HIS B 797 13.58 -17.48 -145.62
C HIS B 797 15.06 -17.44 -145.29
N GLY B 798 15.91 -17.45 -146.29
CA GLY B 798 17.36 -17.45 -146.12
C GLY B 798 18.01 -18.17 -147.28
N GLU B 799 19.33 -18.02 -147.38
CA GLU B 799 20.07 -18.66 -148.46
C GLU B 799 21.24 -19.51 -147.98
N PHE B 800 21.42 -19.65 -146.68
CA PHE B 800 22.30 -20.64 -146.09
C PHE B 800 23.78 -20.40 -146.30
N LYS B 801 24.16 -19.58 -147.28
CA LYS B 801 25.56 -19.18 -147.45
C LYS B 801 26.50 -20.38 -147.58
N PHE B 802 25.94 -21.58 -147.50
CA PHE B 802 26.70 -22.82 -147.33
C PHE B 802 25.76 -23.96 -147.70
N LEU B 803 26.20 -24.82 -148.59
CA LEU B 803 25.36 -25.93 -148.98
C LEU B 803 25.09 -26.82 -147.77
N PRO B 804 23.85 -27.18 -147.50
CA PRO B 804 23.58 -28.17 -146.47
C PRO B 804 24.24 -29.47 -146.85
N PRO B 805 24.81 -30.19 -145.89
CA PRO B 805 25.47 -31.44 -146.21
C PRO B 805 24.49 -32.41 -146.85
N PRO B 806 24.96 -33.34 -147.68
CA PRO B 806 24.07 -34.08 -148.55
C PRO B 806 22.98 -34.81 -147.79
N GLY B 807 21.78 -34.81 -148.36
CA GLY B 807 20.64 -35.49 -147.78
C GLY B 807 19.86 -34.71 -146.76
N TYR B 808 20.27 -33.49 -146.45
CA TYR B 808 19.58 -32.71 -145.43
C TYR B 808 18.53 -31.81 -146.06
N ALA B 809 17.46 -31.58 -145.31
CA ALA B 809 16.36 -30.78 -145.81
C ALA B 809 16.34 -29.42 -145.13
N PRO B 810 16.23 -28.33 -145.87
CA PRO B 810 16.11 -27.02 -145.25
C PRO B 810 14.89 -26.97 -144.35
N CYS B 811 15.00 -26.23 -143.26
CA CYS B 811 13.95 -26.20 -142.26
C CYS B 811 12.68 -25.51 -142.71
N HIS B 812 12.71 -24.77 -143.82
CA HIS B 812 11.49 -24.15 -144.32
C HIS B 812 10.56 -25.17 -144.94
N GLU B 813 10.96 -26.43 -144.99
CA GLU B 813 10.17 -27.51 -145.56
C GLU B 813 9.38 -28.24 -144.49
N ALA B 814 9.30 -27.69 -143.30
CA ALA B 814 8.58 -28.34 -142.22
C ALA B 814 7.43 -27.51 -141.70
N VAL B 815 7.10 -26.40 -142.33
CA VAL B 815 5.92 -25.64 -141.95
C VAL B 815 4.69 -26.42 -142.38
N LEU B 816 3.78 -26.61 -141.46
CA LEU B 816 2.63 -27.45 -141.71
C LEU B 816 1.62 -26.71 -142.58
N PRO B 817 0.77 -27.45 -143.31
CA PRO B 817 -0.06 -26.79 -144.34
C PRO B 817 -1.10 -25.85 -143.77
N ARG B 818 -1.13 -25.62 -142.46
CA ARG B 818 -2.11 -24.73 -141.88
C ARG B 818 -1.50 -23.54 -141.16
N GLU B 819 -0.18 -23.46 -141.05
CA GLU B 819 0.46 -22.38 -140.34
C GLU B 819 1.40 -21.63 -141.26
N ARG B 820 1.92 -20.52 -140.77
CA ARG B 820 2.86 -19.68 -141.49
C ARG B 820 4.15 -19.59 -140.70
N LEU B 821 5.28 -19.59 -141.40
CA LEU B 821 6.57 -19.53 -140.75
C LEU B 821 6.75 -18.19 -140.06
N ARG B 822 7.11 -18.23 -138.78
CA ARG B 822 7.27 -17.04 -137.98
C ARG B 822 8.10 -17.40 -136.76
N LEU B 823 8.66 -16.37 -136.14
CA LEU B 823 9.52 -16.57 -134.99
C LEU B 823 8.75 -16.21 -133.73
N GLU B 824 8.74 -17.13 -132.78
CA GLU B 824 8.00 -16.98 -131.55
C GLU B 824 8.84 -17.38 -130.37
N PRO B 825 8.54 -16.85 -129.20
CA PRO B 825 9.18 -17.35 -127.99
C PRO B 825 8.61 -18.68 -127.57
N ILE B 826 9.38 -19.40 -126.77
CA ILE B 826 8.96 -20.67 -126.19
C ILE B 826 7.87 -20.33 -125.18
N LYS B 827 7.24 -21.34 -124.60
CA LYS B 827 6.09 -21.19 -123.71
C LYS B 827 6.18 -19.93 -122.86
N GLU B 828 5.15 -19.09 -122.92
CA GLU B 828 5.15 -17.78 -122.29
C GLU B 828 3.85 -17.61 -121.52
N TYR B 829 3.93 -16.86 -120.43
CA TYR B 829 2.75 -16.56 -119.64
C TYR B 829 2.34 -15.11 -119.74
N ARG B 830 2.92 -14.38 -120.68
CA ARG B 830 2.75 -12.94 -120.73
C ARG B 830 3.21 -12.44 -122.08
N ARG B 831 2.38 -11.68 -122.75
CA ARG B 831 2.77 -10.99 -123.95
C ARG B 831 2.24 -9.57 -123.86
N GLU B 832 2.91 -8.66 -124.55
CA GLU B 832 2.50 -7.26 -124.50
C GLU B 832 1.25 -7.06 -125.34
N GLY B 833 0.32 -6.27 -124.83
CA GLY B 833 -0.93 -6.05 -125.50
C GLY B 833 -1.18 -4.60 -125.82
N PRO B 834 -2.24 -4.32 -126.56
CA PRO B 834 -2.56 -2.94 -126.93
C PRO B 834 -2.74 -2.03 -125.72
N ARG B 835 -3.64 -2.39 -124.83
CA ARG B 835 -3.90 -1.58 -123.64
C ARG B 835 -2.96 -1.91 -122.49
N GLY B 836 -2.41 -3.11 -122.45
CA GLY B 836 -1.52 -3.50 -121.38
C GLY B 836 -1.12 -4.96 -121.49
N PRO B 837 -0.36 -5.44 -120.52
CA PRO B 837 0.13 -6.82 -120.59
C PRO B 837 -1.00 -7.83 -120.68
N HIS B 838 -0.81 -8.83 -121.52
CA HIS B 838 -1.77 -9.89 -121.73
C HIS B 838 -1.26 -11.18 -121.12
N LEU B 839 -1.93 -11.65 -120.08
CA LEU B 839 -1.64 -12.94 -119.49
C LEU B 839 -2.04 -14.02 -120.46
N VAL B 840 -1.20 -15.05 -120.59
CA VAL B 840 -1.43 -16.12 -121.53
C VAL B 840 -1.40 -17.44 -120.79
N GLY B 841 -2.39 -18.27 -121.06
CA GLY B 841 -2.44 -19.60 -120.48
C GLY B 841 -1.56 -20.53 -121.27
N PRO B 842 -1.57 -21.81 -120.92
CA PRO B 842 -0.70 -22.76 -121.60
C PRO B 842 -1.08 -22.87 -123.07
N SER B 843 -0.14 -23.35 -123.87
CA SER B 843 -0.38 -23.57 -125.29
C SER B 843 -0.29 -25.05 -125.59
N ARG B 844 -0.96 -25.46 -126.65
CA ARG B 844 -0.95 -26.85 -127.08
C ARG B 844 0.04 -27.03 -128.22
N CYS B 845 1.06 -27.85 -127.98
CA CYS B 845 2.06 -28.15 -128.97
C CYS B 845 1.80 -29.55 -129.51
N LEU B 846 2.18 -29.77 -130.77
CA LEU B 846 1.96 -31.07 -131.38
C LEU B 846 2.87 -32.10 -130.73
N SER B 847 2.30 -33.25 -130.38
CA SER B 847 3.11 -34.38 -129.96
C SER B 847 3.60 -35.11 -131.21
N HIS B 848 4.69 -35.85 -131.04
CA HIS B 848 5.27 -36.54 -132.19
C HIS B 848 4.36 -37.62 -132.72
N THR B 849 3.31 -37.99 -131.99
CA THR B 849 2.34 -38.97 -132.43
C THR B 849 1.14 -38.31 -133.11
N ASP B 850 1.22 -37.02 -133.39
CA ASP B 850 0.22 -36.34 -134.21
C ASP B 850 0.62 -36.28 -135.67
N PHE B 851 1.77 -36.85 -136.03
CA PHE B 851 2.17 -36.95 -137.42
C PHE B 851 2.05 -38.36 -137.97
N VAL B 852 1.70 -39.33 -137.15
CA VAL B 852 1.48 -40.69 -137.62
C VAL B 852 0.01 -40.84 -137.98
N PRO B 853 -0.32 -41.28 -139.19
CA PRO B 853 -1.73 -41.48 -139.55
C PRO B 853 -2.20 -42.84 -139.07
N CYS B 854 -3.17 -42.85 -138.17
CA CYS B 854 -3.68 -44.07 -137.56
C CYS B 854 -5.14 -44.28 -137.96
N PRO B 855 -5.40 -44.99 -139.05
CA PRO B 855 -6.78 -45.19 -139.50
C PRO B 855 -7.44 -46.36 -138.79
N VAL B 856 -8.67 -46.63 -139.18
CA VAL B 856 -9.36 -47.84 -138.73
C VAL B 856 -9.12 -48.93 -139.76
N ASP B 857 -8.68 -50.10 -139.29
CA ASP B 857 -8.34 -51.19 -140.20
C ASP B 857 -9.57 -51.61 -140.98
N THR B 858 -9.42 -51.71 -142.30
CA THR B 858 -10.52 -52.09 -143.18
C THR B 858 -10.27 -53.41 -143.89
N VAL B 859 -9.81 -54.43 -143.16
CA VAL B 859 -9.54 -55.73 -143.75
C VAL B 859 -10.56 -56.73 -143.21
N GLN B 860 -10.67 -56.82 -141.89
CA GLN B 860 -11.52 -57.81 -141.23
C GLN B 860 -12.98 -57.34 -141.21
N ILE B 861 -13.55 -57.26 -142.41
CA ILE B 861 -14.94 -56.85 -142.61
C ILE B 861 -15.55 -57.78 -143.64
N VAL B 862 -16.42 -58.68 -143.20
CA VAL B 862 -17.21 -59.49 -144.11
C VAL B 862 -18.26 -58.61 -144.76
N LEU B 863 -18.35 -58.67 -146.07
CA LEU B 863 -19.18 -57.72 -146.79
C LEU B 863 -20.65 -58.13 -146.68
N PRO B 864 -21.53 -57.25 -146.20
CA PRO B 864 -22.91 -57.66 -145.90
C PRO B 864 -23.75 -57.78 -147.16
N PRO B 865 -24.88 -58.49 -147.09
CA PRO B 865 -25.76 -58.59 -148.26
C PRO B 865 -26.35 -57.26 -148.70
N HIS B 866 -26.73 -56.41 -147.75
CA HIS B 866 -27.37 -55.15 -148.12
C HIS B 866 -26.39 -54.19 -148.79
N LEU B 867 -25.09 -54.38 -148.56
CA LEU B 867 -24.10 -53.53 -149.23
C LEU B 867 -23.80 -54.03 -150.64
N GLU B 868 -23.57 -55.33 -150.81
CA GLU B 868 -23.39 -55.88 -152.14
C GLU B 868 -24.63 -55.68 -152.99
N ARG B 869 -25.79 -55.58 -152.35
CA ARG B 869 -27.00 -55.27 -153.08
C ARG B 869 -26.94 -53.86 -153.68
N ILE B 870 -26.20 -52.95 -153.04
CA ILE B 870 -26.06 -51.59 -153.54
C ILE B 870 -24.60 -51.37 -153.93
N ARG B 871 -23.90 -52.45 -154.24
CA ARG B 871 -22.48 -52.37 -154.55
C ARG B 871 -22.20 -51.62 -155.85
N GLU B 872 -23.21 -51.43 -156.70
CA GLU B 872 -22.94 -50.92 -158.04
C GLU B 872 -23.19 -49.43 -158.18
N LYS B 873 -24.40 -48.97 -157.83
CA LYS B 873 -24.74 -47.56 -158.05
C LYS B 873 -23.81 -46.64 -157.27
N LEU B 874 -23.54 -46.98 -156.01
CA LEU B 874 -22.57 -46.23 -155.23
C LEU B 874 -21.16 -46.32 -155.80
N ALA B 875 -20.90 -47.29 -156.68
CA ALA B 875 -19.65 -47.36 -157.41
C ALA B 875 -19.74 -46.63 -158.75
N GLU B 876 -20.85 -46.85 -159.46
CA GLU B 876 -21.06 -46.18 -160.74
C GLU B 876 -21.06 -44.66 -160.61
N ASN B 877 -21.49 -44.13 -159.46
CA ASN B 877 -21.59 -42.70 -159.28
C ASN B 877 -20.26 -42.06 -158.90
N ILE B 878 -19.22 -42.85 -158.66
CA ILE B 878 -17.91 -42.28 -158.33
C ILE B 878 -16.88 -42.80 -159.33
N HIS B 879 -17.33 -43.21 -160.51
CA HIS B 879 -16.42 -43.67 -161.55
C HIS B 879 -15.92 -42.53 -162.43
N GLU B 880 -16.73 -41.49 -162.62
CA GLU B 880 -16.27 -40.30 -163.32
C GLU B 880 -16.76 -39.02 -162.64
N LEU B 881 -17.05 -39.06 -161.35
CA LEU B 881 -17.54 -37.88 -160.66
C LEU B 881 -16.50 -36.78 -160.66
N TRP B 882 -15.23 -37.14 -160.50
CA TRP B 882 -14.15 -36.17 -160.63
C TRP B 882 -14.05 -35.62 -162.05
N ALA B 883 -14.68 -36.28 -163.02
CA ALA B 883 -14.65 -35.85 -164.40
C ALA B 883 -15.73 -34.83 -164.74
N LEU B 884 -16.77 -34.71 -163.92
CA LEU B 884 -17.90 -33.87 -164.27
C LEU B 884 -17.55 -32.38 -164.25
N THR B 885 -16.64 -31.97 -163.36
CA THR B 885 -16.37 -30.55 -163.16
C THR B 885 -15.79 -29.90 -164.41
N ARG B 886 -14.89 -30.59 -165.10
CA ARG B 886 -14.07 -30.03 -166.15
C ARG B 886 -14.58 -30.27 -167.57
N ILE B 887 -15.75 -30.89 -167.74
CA ILE B 887 -16.27 -31.07 -169.09
C ILE B 887 -16.70 -29.71 -169.63
N GLU B 888 -16.64 -29.57 -170.96
CA GLU B 888 -16.90 -28.30 -171.65
C GLU B 888 -15.89 -27.23 -171.24
N GLN B 889 -14.68 -27.64 -170.87
CA GLN B 889 -13.60 -26.72 -170.58
C GLN B 889 -12.36 -27.10 -171.38
N GLY B 890 -11.21 -26.54 -171.04
CA GLY B 890 -9.97 -26.97 -171.66
C GLY B 890 -9.70 -28.45 -171.42
N TRP B 891 -10.21 -29.00 -170.32
CA TRP B 891 -10.11 -30.42 -170.04
C TRP B 891 -11.39 -31.12 -170.49
N THR B 892 -11.63 -31.07 -171.80
CA THR B 892 -12.79 -31.68 -172.42
C THR B 892 -12.34 -32.92 -173.19
N TYR B 893 -13.04 -34.04 -172.97
CA TYR B 893 -12.58 -35.32 -173.44
C TYR B 893 -12.50 -35.36 -174.97
N GLY B 894 -11.77 -36.34 -175.48
CA GLY B 894 -11.64 -36.56 -176.90
C GLY B 894 -11.56 -38.04 -177.21
N PRO B 895 -12.15 -38.46 -178.33
CA PRO B 895 -12.13 -39.89 -178.68
C PRO B 895 -10.74 -40.45 -178.87
N VAL B 896 -9.77 -39.62 -179.28
CA VAL B 896 -8.43 -40.11 -179.54
C VAL B 896 -7.74 -40.52 -178.23
N ARG B 897 -7.98 -39.79 -177.16
CA ARG B 897 -7.27 -40.01 -175.91
C ARG B 897 -8.22 -40.55 -174.84
N ASP B 898 -7.71 -40.67 -173.62
CA ASP B 898 -8.44 -41.23 -172.49
C ASP B 898 -8.12 -40.38 -171.27
N ASP B 899 -8.38 -40.92 -170.08
CA ASP B 899 -8.12 -40.20 -168.84
C ASP B 899 -6.64 -39.81 -168.75
N ASN B 900 -6.37 -38.81 -167.91
CA ASN B 900 -5.03 -38.34 -167.56
C ASN B 900 -4.30 -37.70 -168.74
N LYS B 901 -5.02 -37.31 -169.80
CA LYS B 901 -4.42 -36.73 -170.99
C LYS B 901 -4.85 -35.27 -171.20
N ARG B 902 -5.03 -34.53 -170.11
CA ARG B 902 -5.47 -33.14 -170.12
C ARG B 902 -6.83 -32.97 -170.79
N LEU B 903 -7.48 -34.07 -171.13
CA LEU B 903 -8.82 -34.12 -171.69
C LEU B 903 -9.56 -35.29 -171.03
N HIS B 904 -9.39 -35.39 -169.72
CA HIS B 904 -9.70 -36.56 -168.90
C HIS B 904 -11.13 -37.11 -169.01
N PRO B 905 -12.21 -36.26 -168.98
CA PRO B 905 -13.52 -36.73 -168.48
C PRO B 905 -13.95 -38.15 -168.83
N CYS B 906 -14.06 -38.46 -170.12
CA CYS B 906 -14.52 -39.77 -170.58
C CYS B 906 -15.76 -40.22 -169.81
N LEU B 907 -16.83 -39.45 -169.97
CA LEU B 907 -18.05 -39.66 -169.21
C LEU B 907 -18.83 -40.90 -169.63
N VAL B 908 -18.41 -41.57 -170.71
CA VAL B 908 -19.23 -42.62 -171.30
C VAL B 908 -19.55 -43.71 -170.29
N ASN B 909 -18.52 -44.41 -169.83
CA ASN B 909 -18.68 -45.50 -168.87
C ASN B 909 -17.29 -45.97 -168.46
N PHE B 910 -17.25 -46.81 -167.43
CA PHE B 910 -16.04 -47.43 -166.95
C PHE B 910 -15.69 -48.71 -167.72
N HIS B 911 -16.60 -49.20 -168.56
CA HIS B 911 -16.26 -50.31 -169.44
C HIS B 911 -15.22 -49.90 -170.47
N SER B 912 -15.36 -48.70 -171.04
CA SER B 912 -14.33 -48.17 -171.92
C SER B 912 -13.02 -47.96 -171.17
N LEU B 913 -13.09 -47.61 -169.90
CA LEU B 913 -11.92 -47.39 -169.07
C LEU B 913 -11.29 -48.73 -168.70
N PRO B 914 -10.00 -48.74 -168.35
CA PRO B 914 -9.30 -50.00 -168.08
C PRO B 914 -9.99 -50.80 -166.98
N GLU B 915 -10.06 -52.11 -167.20
CA GLU B 915 -10.73 -53.07 -166.32
C GLU B 915 -10.17 -53.11 -164.90
N PRO B 916 -8.82 -53.16 -164.71
CA PRO B 916 -8.30 -53.26 -163.34
C PRO B 916 -8.70 -52.07 -162.48
N GLU B 917 -8.44 -50.85 -162.96
CA GLU B 917 -8.89 -49.67 -162.23
C GLU B 917 -10.41 -49.60 -162.15
N ARG B 918 -11.10 -50.19 -163.13
CA ARG B 918 -12.56 -50.20 -163.11
C ARG B 918 -13.09 -50.97 -161.90
N ASN B 919 -12.82 -52.27 -161.83
CA ASN B 919 -13.29 -53.03 -160.68
C ASN B 919 -12.60 -52.58 -159.40
N TYR B 920 -11.42 -51.94 -159.51
CA TYR B 920 -10.82 -51.27 -158.38
C TYR B 920 -11.72 -50.16 -157.87
N ASN B 921 -12.31 -49.38 -158.77
CA ASN B 921 -13.22 -48.32 -158.35
C ASN B 921 -14.49 -48.90 -157.73
N LEU B 922 -15.00 -50.00 -158.31
CA LEU B 922 -16.12 -50.69 -157.67
C LEU B 922 -15.79 -51.05 -156.24
N GLN B 923 -14.65 -51.72 -156.04
CA GLN B 923 -14.31 -52.16 -154.70
C GLN B 923 -13.75 -51.04 -153.83
N MET B 924 -13.42 -49.88 -154.39
CA MET B 924 -13.21 -48.68 -153.58
C MET B 924 -14.51 -48.08 -153.07
N SER B 925 -15.57 -48.09 -153.87
CA SER B 925 -16.88 -47.74 -153.31
C SER B 925 -17.26 -48.72 -152.21
N GLY B 926 -17.03 -50.00 -152.46
CA GLY B 926 -17.18 -50.99 -151.41
C GLY B 926 -16.27 -50.72 -150.23
N GLU B 927 -15.06 -50.24 -150.49
CA GLU B 927 -14.10 -49.94 -149.44
C GLU B 927 -14.56 -48.78 -148.57
N THR B 928 -15.13 -47.74 -149.19
CA THR B 928 -15.75 -46.68 -148.43
C THR B 928 -16.91 -47.19 -147.59
N LEU B 929 -17.74 -48.06 -148.15
CA LEU B 929 -18.76 -48.71 -147.35
C LEU B 929 -18.16 -49.58 -146.25
N LYS B 930 -16.98 -50.16 -146.48
CA LYS B 930 -16.33 -50.97 -145.45
C LYS B 930 -15.82 -50.09 -144.32
N THR B 931 -15.33 -48.89 -144.65
CA THR B 931 -15.02 -47.90 -143.64
C THR B 931 -16.28 -47.53 -142.88
N LEU B 932 -17.41 -47.45 -143.58
CA LEU B 932 -18.68 -47.19 -142.93
C LEU B 932 -19.03 -48.29 -141.94
N LEU B 933 -18.75 -49.54 -142.32
CA LEU B 933 -18.98 -50.66 -141.41
C LEU B 933 -18.09 -50.55 -140.18
N ALA B 934 -16.79 -50.39 -140.38
CA ALA B 934 -15.86 -50.36 -139.25
C ALA B 934 -16.14 -49.16 -138.34
N LEU B 935 -16.64 -48.06 -138.90
CA LEU B 935 -16.97 -46.90 -138.09
C LEU B 935 -18.23 -47.15 -137.25
N GLY B 936 -19.19 -47.90 -137.77
CA GLY B 936 -20.44 -48.09 -137.07
C GLY B 936 -21.64 -47.54 -137.83
N CYS B 937 -21.58 -47.59 -139.14
CA CYS B 937 -22.68 -47.14 -140.00
C CYS B 937 -23.38 -48.36 -140.58
N HIS B 938 -24.70 -48.39 -140.47
CA HIS B 938 -25.52 -49.47 -140.98
C HIS B 938 -26.69 -48.88 -141.75
N VAL B 939 -27.24 -49.63 -142.69
CA VAL B 939 -28.19 -49.10 -143.67
C VAL B 939 -29.55 -49.74 -143.49
N GLY B 940 -30.59 -48.98 -143.79
CA GLY B 940 -31.95 -49.50 -143.77
C GLY B 940 -32.81 -48.80 -144.80
N MET B 941 -33.65 -49.58 -145.47
CA MET B 941 -34.45 -49.13 -146.60
C MET B 941 -35.91 -48.99 -146.18
N ALA B 942 -36.47 -47.79 -146.37
CA ALA B 942 -37.87 -47.56 -146.04
C ALA B 942 -38.71 -47.14 -147.24
N ASP B 943 -38.37 -46.05 -147.92
CA ASP B 943 -39.34 -45.33 -148.73
C ASP B 943 -39.31 -45.79 -150.19
N GLU B 944 -39.96 -45.01 -151.06
CA GLU B 944 -40.01 -45.30 -152.47
C GLU B 944 -38.60 -45.43 -153.04
N LYS B 945 -38.40 -46.41 -153.90
CA LYS B 945 -37.07 -46.67 -154.44
C LYS B 945 -36.62 -45.51 -155.29
N ALA B 946 -35.50 -44.91 -154.92
CA ALA B 946 -34.99 -43.76 -155.66
C ALA B 946 -34.70 -44.08 -157.12
N GLU B 947 -34.44 -45.35 -157.43
CA GLU B 947 -34.20 -45.75 -158.81
C GLU B 947 -35.35 -45.31 -159.72
N ASP B 948 -36.59 -45.39 -159.21
CA ASP B 948 -37.74 -44.97 -160.01
C ASP B 948 -37.78 -43.47 -160.21
N ASN B 949 -37.63 -42.71 -159.13
CA ASN B 949 -37.90 -41.27 -159.16
C ASN B 949 -36.62 -40.48 -159.40
N LEU B 950 -35.56 -41.15 -159.85
CA LEU B 950 -34.31 -40.56 -160.31
C LEU B 950 -34.20 -40.70 -161.82
N LYS B 951 -33.53 -39.74 -162.46
CA LYS B 951 -33.33 -39.78 -163.90
C LYS B 951 -31.97 -39.22 -164.25
N LYS B 952 -31.50 -39.57 -165.45
CA LYS B 952 -30.25 -39.05 -165.99
C LYS B 952 -30.53 -37.87 -166.91
N THR B 953 -29.76 -36.80 -166.74
CA THR B 953 -30.00 -35.54 -167.43
C THR B 953 -28.87 -35.27 -168.42
N LYS B 954 -29.17 -35.40 -169.72
CA LYS B 954 -28.24 -35.04 -170.77
C LYS B 954 -28.25 -33.51 -170.89
N LEU B 955 -27.42 -32.88 -170.05
CA LEU B 955 -27.35 -31.43 -170.03
C LEU B 955 -26.72 -30.91 -171.33
N PRO B 956 -27.04 -29.66 -171.71
CA PRO B 956 -26.29 -29.04 -172.81
C PRO B 956 -24.79 -28.99 -172.51
N LYS B 957 -24.44 -28.71 -171.26
CA LYS B 957 -23.08 -28.91 -170.81
C LYS B 957 -22.82 -30.41 -170.66
N THR B 958 -21.53 -30.78 -170.68
CA THR B 958 -21.07 -32.16 -170.64
C THR B 958 -21.52 -32.96 -171.86
N TYR B 959 -21.84 -32.29 -172.96
CA TYR B 959 -22.13 -32.99 -174.20
C TYR B 959 -20.85 -33.46 -174.86
N MET B 960 -20.82 -34.73 -175.28
CA MET B 960 -19.64 -35.31 -175.89
C MET B 960 -20.01 -36.10 -177.14
N MET B 961 -19.02 -36.25 -178.01
CA MET B 961 -19.19 -36.95 -179.28
C MET B 961 -18.90 -38.44 -179.19
N SER B 962 -18.18 -38.88 -178.15
CA SER B 962 -17.80 -40.28 -178.01
C SER B 962 -18.95 -41.04 -177.37
N ASN B 963 -19.71 -41.75 -178.20
CA ASN B 963 -20.75 -42.68 -177.76
C ASN B 963 -21.76 -41.99 -176.84
N GLY B 964 -22.32 -40.88 -177.34
CA GLY B 964 -23.36 -40.18 -176.62
C GLY B 964 -22.84 -39.37 -175.45
N TYR B 965 -23.73 -38.55 -174.90
CA TYR B 965 -23.41 -37.67 -173.79
C TYR B 965 -24.27 -38.00 -172.58
N LYS B 966 -23.66 -37.90 -171.39
CA LYS B 966 -24.34 -38.21 -170.14
C LYS B 966 -23.56 -37.53 -169.02
N PRO B 967 -24.16 -37.35 -167.85
CA PRO B 967 -23.37 -36.91 -166.69
C PRO B 967 -22.24 -37.89 -166.43
N ALA B 968 -21.06 -37.36 -166.14
CA ALA B 968 -19.89 -38.21 -165.91
C ALA B 968 -20.07 -39.17 -164.75
N PRO B 969 -20.53 -38.74 -163.56
CA PRO B 969 -20.98 -39.73 -162.57
C PRO B 969 -22.42 -40.13 -162.85
N LEU B 970 -23.00 -40.94 -161.98
CA LEU B 970 -24.41 -41.27 -162.13
C LEU B 970 -25.26 -40.13 -161.60
N ASP B 971 -26.29 -39.75 -162.35
CA ASP B 971 -27.07 -38.56 -162.03
C ASP B 971 -27.89 -38.77 -160.76
N LEU B 972 -28.33 -37.66 -160.18
CA LEU B 972 -29.11 -37.70 -158.95
C LEU B 972 -30.01 -36.48 -158.91
N SER B 973 -31.19 -36.64 -158.32
CA SER B 973 -32.17 -35.59 -158.19
C SER B 973 -32.04 -34.93 -156.82
N HIS B 974 -33.03 -34.10 -156.47
CA HIS B 974 -33.10 -33.44 -155.17
C HIS B 974 -32.98 -34.43 -154.01
N VAL B 975 -31.88 -34.31 -153.27
CA VAL B 975 -31.55 -35.18 -152.14
C VAL B 975 -30.81 -34.34 -151.11
N ARG B 976 -31.06 -34.60 -149.83
CA ARG B 976 -30.47 -33.82 -148.76
C ARG B 976 -29.72 -34.75 -147.81
N LEU B 977 -29.05 -34.17 -146.81
CA LEU B 977 -28.21 -34.91 -145.88
C LEU B 977 -28.31 -34.28 -144.50
N THR B 978 -28.49 -35.11 -143.47
CA THR B 978 -28.60 -34.62 -142.11
C THR B 978 -27.22 -34.43 -141.50
N PRO B 979 -27.11 -33.67 -140.40
CA PRO B 979 -25.78 -33.42 -139.81
C PRO B 979 -25.02 -34.68 -139.43
N ALA B 980 -25.73 -35.74 -139.04
CA ALA B 980 -25.07 -37.02 -138.80
C ALA B 980 -24.25 -37.44 -140.00
N GLN B 981 -24.81 -37.26 -141.20
CA GLN B 981 -24.06 -37.56 -142.42
C GLN B 981 -22.88 -36.62 -142.60
N THR B 982 -22.99 -35.37 -142.16
CA THR B 982 -21.87 -34.45 -142.29
C THR B 982 -20.69 -34.90 -141.44
N THR B 983 -20.95 -35.22 -140.17
CA THR B 983 -19.88 -35.71 -139.32
C THR B 983 -19.33 -37.02 -139.86
N LEU B 984 -20.21 -37.91 -140.31
CA LEU B 984 -19.78 -39.20 -140.81
C LEU B 984 -18.92 -39.06 -142.05
N VAL B 985 -19.29 -38.16 -142.96
CA VAL B 985 -18.47 -37.99 -144.15
C VAL B 985 -17.17 -37.31 -143.81
N ASP B 986 -17.14 -36.46 -142.78
CA ASP B 986 -15.88 -35.88 -142.34
C ASP B 986 -14.90 -36.96 -141.89
N ARG B 987 -15.32 -37.83 -140.98
CA ARG B 987 -14.40 -38.87 -140.52
C ARG B 987 -14.19 -39.94 -141.59
N LEU B 988 -15.15 -40.10 -142.49
CA LEU B 988 -14.95 -41.02 -143.60
C LEU B 988 -13.85 -40.53 -144.54
N ALA B 989 -13.81 -39.22 -144.82
CA ALA B 989 -12.73 -38.66 -145.60
C ALA B 989 -11.41 -38.71 -144.84
N GLU B 990 -11.46 -38.50 -143.53
CA GLU B 990 -10.26 -38.65 -142.72
C GLU B 990 -9.65 -40.04 -142.89
N ASN B 991 -10.48 -41.06 -142.83
CA ASN B 991 -9.94 -42.41 -142.93
C ASN B 991 -9.53 -42.76 -144.34
N GLY B 992 -9.88 -41.96 -145.34
CA GLY B 992 -9.35 -42.19 -146.66
C GLY B 992 -7.97 -41.58 -146.77
N HIS B 993 -7.87 -40.33 -146.29
CA HIS B 993 -6.59 -39.64 -146.31
C HIS B 993 -5.53 -40.38 -145.51
N ASN B 994 -5.89 -40.88 -144.33
CA ASN B 994 -4.92 -41.50 -143.45
C ASN B 994 -4.49 -42.87 -143.91
N VAL B 995 -5.29 -43.56 -144.71
CA VAL B 995 -4.86 -44.83 -145.28
C VAL B 995 -3.94 -44.51 -146.44
N TRP B 996 -4.29 -43.49 -147.21
CA TRP B 996 -3.42 -43.08 -148.31
C TRP B 996 -2.05 -42.64 -147.82
N ALA B 997 -2.02 -41.82 -146.77
CA ALA B 997 -0.76 -41.32 -146.23
C ALA B 997 0.07 -42.46 -145.64
N ARG B 998 -0.59 -43.38 -144.95
CA ARG B 998 0.11 -44.54 -144.41
C ARG B 998 0.78 -45.32 -145.52
N ASP B 999 0.05 -45.56 -146.60
CA ASP B 999 0.62 -46.31 -147.71
C ASP B 999 1.81 -45.57 -148.32
N ARG B 1000 1.66 -44.27 -148.55
CA ARG B 1000 2.74 -43.50 -149.13
C ARG B 1000 3.99 -43.54 -148.26
N VAL B 1001 3.81 -43.40 -146.94
CA VAL B 1001 4.94 -43.49 -146.03
C VAL B 1001 5.59 -44.87 -146.13
N ALA B 1002 4.76 -45.91 -146.16
CA ALA B 1002 5.31 -47.25 -146.31
C ALA B 1002 6.05 -47.43 -147.62
N GLN B 1003 5.81 -46.59 -148.62
CA GLN B 1003 6.67 -46.58 -149.79
C GLN B 1003 7.81 -45.57 -149.66
N GLY B 1004 8.05 -45.05 -148.46
CA GLY B 1004 9.21 -44.24 -148.19
C GLY B 1004 8.96 -42.75 -148.18
N TRP B 1005 7.86 -42.30 -148.78
CA TRP B 1005 7.57 -40.87 -148.93
C TRP B 1005 7.53 -40.15 -147.59
N SER B 1006 7.63 -38.83 -147.60
CA SER B 1006 7.53 -38.02 -146.39
C SER B 1006 6.98 -36.66 -146.74
N TYR B 1007 6.89 -35.79 -145.74
CA TYR B 1007 6.28 -34.48 -145.90
C TYR B 1007 7.31 -33.44 -146.29
N SER B 1008 6.89 -32.50 -147.13
CA SER B 1008 7.70 -31.33 -147.43
C SER B 1008 6.77 -30.27 -147.99
N ALA B 1009 6.86 -29.05 -147.47
CA ALA B 1009 5.98 -27.99 -147.93
C ALA B 1009 6.18 -27.70 -149.40
N VAL B 1010 7.32 -28.09 -149.97
CA VAL B 1010 7.54 -28.01 -151.41
C VAL B 1010 7.62 -29.43 -151.95
N GLN B 1011 6.90 -29.68 -153.04
CA GLN B 1011 6.78 -31.04 -153.54
C GLN B 1011 8.02 -31.45 -154.31
N ASP B 1012 8.53 -32.65 -154.00
CA ASP B 1012 9.69 -33.24 -154.68
C ASP B 1012 9.32 -34.69 -154.99
N ILE B 1013 8.83 -34.94 -156.20
CA ILE B 1013 8.44 -36.28 -156.60
C ILE B 1013 9.64 -37.20 -156.68
N PRO B 1014 10.72 -36.87 -157.42
CA PRO B 1014 11.87 -37.78 -157.45
C PRO B 1014 12.51 -37.99 -156.10
N ALA B 1015 12.43 -37.01 -155.21
CA ALA B 1015 12.87 -37.19 -153.82
C ALA B 1015 11.79 -37.81 -152.95
N ARG B 1016 10.61 -38.05 -153.51
CA ARG B 1016 9.54 -38.80 -152.84
C ARG B 1016 9.06 -38.08 -151.59
N ARG B 1017 8.73 -36.80 -151.76
CA ARG B 1017 8.17 -36.00 -150.68
C ARG B 1017 6.97 -35.22 -151.20
N ASN B 1018 5.99 -35.03 -150.34
CA ASN B 1018 4.70 -34.49 -150.73
C ASN B 1018 4.30 -33.42 -149.73
N PRO B 1019 3.55 -32.40 -150.16
CA PRO B 1019 3.00 -31.43 -149.21
C PRO B 1019 1.74 -31.89 -148.51
N ARG B 1020 1.25 -33.09 -148.78
CA ARG B 1020 0.01 -33.55 -148.21
C ARG B 1020 0.17 -34.82 -147.38
N LEU B 1021 1.40 -35.29 -147.18
CA LEU B 1021 1.61 -36.41 -146.27
C LEU B 1021 1.56 -35.93 -144.84
N VAL B 1022 0.38 -35.51 -144.39
CA VAL B 1022 0.13 -35.28 -142.97
C VAL B 1022 -1.20 -35.88 -142.60
N PRO B 1023 -1.37 -36.25 -141.34
CA PRO B 1023 -2.67 -36.72 -140.89
C PRO B 1023 -3.74 -35.66 -141.16
N TYR B 1024 -4.97 -36.14 -141.37
CA TYR B 1024 -6.06 -35.26 -141.78
C TYR B 1024 -6.18 -34.06 -140.86
N ARG B 1025 -5.99 -34.26 -139.57
CA ARG B 1025 -6.17 -33.17 -138.63
C ARG B 1025 -5.21 -32.02 -138.90
N LEU B 1026 -4.10 -32.28 -139.58
CA LEU B 1026 -3.10 -31.27 -139.86
C LEU B 1026 -3.16 -30.77 -141.30
N LEU B 1027 -3.99 -31.37 -142.14
CA LEU B 1027 -4.14 -30.95 -143.52
C LEU B 1027 -4.71 -29.54 -143.56
N ASP B 1028 -4.72 -28.95 -144.75
CA ASP B 1028 -5.27 -27.61 -144.94
C ASP B 1028 -6.74 -27.69 -145.28
N GLU B 1029 -7.46 -26.59 -145.05
CA GLU B 1029 -8.90 -26.61 -145.26
C GLU B 1029 -9.27 -26.80 -146.72
N ALA B 1030 -8.45 -26.29 -147.64
CA ALA B 1030 -8.72 -26.49 -149.05
C ALA B 1030 -8.73 -27.98 -149.40
N THR B 1031 -7.69 -28.70 -149.00
CA THR B 1031 -7.63 -30.13 -149.30
C THR B 1031 -8.65 -30.90 -148.49
N LYS B 1032 -8.88 -30.51 -147.23
CA LYS B 1032 -9.93 -31.14 -146.45
C LYS B 1032 -11.26 -31.09 -147.19
N ARG B 1033 -11.61 -29.91 -147.69
CA ARG B 1033 -12.86 -29.72 -148.41
C ARG B 1033 -12.87 -30.52 -149.71
N SER B 1034 -11.74 -30.52 -150.43
CA SER B 1034 -11.68 -31.24 -151.69
C SER B 1034 -11.88 -32.74 -151.48
N ASN B 1035 -11.29 -33.30 -150.42
CA ASN B 1035 -11.56 -34.70 -150.08
C ASN B 1035 -13.01 -34.90 -149.69
N ARG B 1036 -13.55 -34.00 -148.86
CA ARG B 1036 -14.89 -34.19 -148.34
C ARG B 1036 -15.93 -34.13 -149.44
N ASP B 1037 -15.65 -33.42 -150.53
CA ASP B 1037 -16.64 -33.28 -151.58
C ASP B 1037 -17.00 -34.62 -152.21
N SER B 1038 -15.99 -35.43 -152.51
CA SER B 1038 -16.24 -36.72 -153.17
C SER B 1038 -17.08 -37.64 -152.31
N LEU B 1039 -16.67 -37.86 -151.06
CA LEU B 1039 -17.42 -38.76 -150.21
C LEU B 1039 -18.75 -38.16 -149.77
N CYS B 1040 -18.87 -36.83 -149.77
CA CYS B 1040 -20.18 -36.23 -149.56
C CYS B 1040 -21.11 -36.58 -150.69
N GLN B 1041 -20.61 -36.52 -151.93
CA GLN B 1041 -21.43 -36.95 -153.06
C GLN B 1041 -21.81 -38.41 -152.94
N ALA B 1042 -20.86 -39.26 -152.52
CA ALA B 1042 -21.14 -40.68 -152.38
C ALA B 1042 -22.24 -40.92 -151.34
N VAL B 1043 -22.09 -40.33 -150.15
CA VAL B 1043 -23.09 -40.55 -149.11
C VAL B 1043 -24.42 -39.93 -149.50
N ARG B 1044 -24.39 -38.86 -150.29
CA ARG B 1044 -25.62 -38.26 -150.81
C ARG B 1044 -26.34 -39.25 -151.73
N THR B 1045 -25.60 -39.87 -152.63
CA THR B 1045 -26.18 -40.86 -153.52
C THR B 1045 -26.72 -42.05 -152.74
N LEU B 1046 -26.02 -42.43 -151.68
CA LEU B 1046 -26.53 -43.49 -150.81
C LEU B 1046 -27.82 -43.08 -150.12
N LEU B 1047 -27.88 -41.83 -149.62
CA LEU B 1047 -29.07 -41.37 -148.92
C LEU B 1047 -30.27 -41.30 -149.83
N GLY B 1048 -30.06 -40.94 -151.09
CA GLY B 1048 -31.17 -40.87 -152.02
C GLY B 1048 -31.92 -42.19 -152.12
N TYR B 1049 -31.19 -43.30 -152.10
CA TYR B 1049 -31.78 -44.63 -152.11
C TYR B 1049 -32.44 -45.00 -150.79
N GLY B 1050 -32.47 -44.09 -149.82
CA GLY B 1050 -33.22 -44.29 -148.61
C GLY B 1050 -32.55 -45.14 -147.56
N TYR B 1051 -31.33 -45.61 -147.81
CA TYR B 1051 -30.65 -46.46 -146.84
C TYR B 1051 -30.08 -45.59 -145.74
N ASN B 1052 -30.44 -45.91 -144.50
CA ASN B 1052 -30.11 -45.05 -143.37
C ASN B 1052 -28.61 -44.96 -143.17
N ILE B 1053 -28.14 -43.79 -142.80
CA ILE B 1053 -26.76 -43.59 -142.39
C ILE B 1053 -26.75 -43.56 -140.87
N GLU B 1054 -26.35 -44.65 -140.26
CA GLU B 1054 -26.50 -44.74 -138.82
C GLU B 1054 -25.28 -44.20 -138.12
N PRO B 1055 -25.42 -43.16 -137.29
CA PRO B 1055 -24.29 -42.71 -136.49
C PRO B 1055 -23.86 -43.80 -135.54
N PRO B 1056 -22.57 -43.91 -135.26
CA PRO B 1056 -22.10 -44.87 -134.26
C PRO B 1056 -22.33 -44.33 -132.86
N ASP B 1057 -21.97 -45.15 -131.88
CA ASP B 1057 -22.03 -44.72 -130.49
C ASP B 1057 -21.01 -43.62 -130.24
N GLN B 1058 -21.27 -42.81 -129.24
CA GLN B 1058 -20.41 -41.68 -128.89
C GLN B 1058 -19.56 -42.05 -127.67
N GLU B 1059 -18.23 -41.92 -127.82
CA GLU B 1059 -17.31 -42.20 -126.73
C GLU B 1059 -16.47 -40.96 -126.45
N PRO B 1060 -16.59 -40.37 -125.26
CA PRO B 1060 -15.77 -39.19 -124.94
C PRO B 1060 -14.34 -39.60 -124.61
N SER B 1061 -13.39 -38.96 -125.30
CA SER B 1061 -11.98 -39.27 -125.14
C SER B 1061 -11.18 -37.98 -124.98
N GLN B 1062 -10.08 -38.09 -124.25
CA GLN B 1062 -9.15 -36.98 -124.03
C GLN B 1062 -7.82 -37.34 -124.67
N VAL B 1063 -7.27 -36.41 -125.46
CA VAL B 1063 -6.03 -36.69 -126.19
C VAL B 1063 -4.87 -36.86 -125.22
N GLU B 1064 -4.73 -35.95 -124.28
CA GLU B 1064 -3.68 -35.99 -123.27
C GLU B 1064 -4.34 -35.97 -121.90
N ASN B 1065 -4.00 -36.93 -121.05
CA ASN B 1065 -4.61 -37.07 -119.73
C ASN B 1065 -3.61 -36.99 -118.59
N GLN B 1066 -2.39 -37.50 -118.78
CA GLN B 1066 -1.43 -37.59 -117.69
C GLN B 1066 -1.14 -36.22 -117.09
N SER B 1067 -0.80 -35.24 -117.94
CA SER B 1067 -0.43 -33.91 -117.47
C SER B 1067 -1.67 -33.04 -117.25
N ARG B 1068 -2.37 -33.35 -116.16
CA ARG B 1068 -3.51 -32.52 -115.77
C ARG B 1068 -3.07 -31.16 -115.26
N TRP B 1069 -1.78 -31.01 -114.93
CA TRP B 1069 -1.28 -29.78 -114.33
C TRP B 1069 -0.82 -28.78 -115.39
N ASP B 1070 -0.30 -29.26 -116.52
CA ASP B 1070 0.01 -28.38 -117.65
C ASP B 1070 -1.28 -28.06 -118.41
N ARG B 1071 -2.24 -27.56 -117.66
CA ARG B 1071 -3.53 -27.17 -118.19
C ARG B 1071 -3.94 -25.76 -117.80
N VAL B 1072 -3.64 -25.35 -116.57
CA VAL B 1072 -4.19 -24.11 -116.02
C VAL B 1072 -3.05 -23.31 -115.42
N ARG B 1073 -2.99 -22.02 -115.75
CA ARG B 1073 -2.08 -21.09 -115.10
C ARG B 1073 -2.88 -20.15 -114.22
N ILE B 1074 -2.48 -20.03 -112.97
CA ILE B 1074 -3.17 -19.20 -112.00
C ILE B 1074 -2.28 -18.03 -111.65
N PHE B 1075 -2.73 -16.83 -111.99
CA PHE B 1075 -2.02 -15.60 -111.67
C PHE B 1075 -2.76 -14.91 -110.54
N ARG B 1076 -2.07 -14.69 -109.43
CA ARG B 1076 -2.66 -14.03 -108.30
C ARG B 1076 -1.80 -12.85 -107.92
N ALA B 1077 -2.39 -11.88 -107.24
CA ALA B 1077 -1.58 -10.81 -106.70
C ALA B 1077 -0.71 -11.33 -105.57
N GLU B 1078 0.30 -10.56 -105.21
CA GLU B 1078 1.16 -10.97 -104.11
C GLU B 1078 0.39 -10.96 -102.80
N LYS B 1079 0.84 -11.77 -101.85
CA LYS B 1079 0.15 -11.82 -100.56
C LYS B 1079 0.21 -10.50 -99.82
N SER B 1080 1.17 -9.64 -100.14
CA SER B 1080 1.30 -8.38 -99.44
C SER B 1080 0.17 -7.41 -99.76
N TYR B 1081 -0.64 -7.70 -100.77
CA TYR B 1081 -1.73 -6.83 -101.16
C TYR B 1081 -3.07 -7.32 -100.65
N THR B 1082 -3.08 -8.33 -99.78
CA THR B 1082 -4.32 -8.90 -99.30
C THR B 1082 -5.17 -7.84 -98.62
N VAL B 1083 -6.46 -7.84 -98.91
CA VAL B 1083 -7.39 -6.84 -98.40
C VAL B 1083 -8.26 -7.50 -97.34
N GLN B 1084 -8.44 -6.81 -96.22
CA GLN B 1084 -9.26 -7.29 -95.13
C GLN B 1084 -10.42 -6.36 -94.83
N SER B 1085 -10.58 -5.31 -95.63
CA SER B 1085 -11.62 -4.31 -95.38
C SER B 1085 -11.76 -3.46 -96.63
N GLY B 1086 -12.73 -2.56 -96.58
CA GLY B 1086 -12.98 -1.69 -97.71
C GLY B 1086 -13.77 -2.36 -98.79
N ARG B 1087 -13.96 -1.63 -99.88
CA ARG B 1087 -14.68 -2.11 -101.04
C ARG B 1087 -13.80 -1.93 -102.26
N TRP B 1088 -13.52 -3.03 -102.95
CA TRP B 1088 -12.48 -3.05 -103.97
C TRP B 1088 -13.03 -3.55 -105.30
N TYR B 1089 -12.28 -3.28 -106.36
CA TYR B 1089 -12.74 -3.51 -107.71
C TYR B 1089 -11.54 -3.77 -108.61
N PHE B 1090 -11.74 -4.61 -109.62
CA PHE B 1090 -10.70 -4.86 -110.60
C PHE B 1090 -11.33 -5.52 -111.82
N GLU B 1091 -10.75 -5.29 -112.98
CA GLU B 1091 -11.33 -5.77 -114.23
C GLU B 1091 -10.47 -6.84 -114.84
N PHE B 1092 -11.10 -7.67 -115.68
CA PHE B 1092 -10.44 -8.76 -116.36
C PHE B 1092 -11.09 -8.93 -117.71
N GLU B 1093 -10.36 -8.65 -118.77
CA GLU B 1093 -10.89 -8.72 -120.12
C GLU B 1093 -10.59 -10.08 -120.71
N ALA B 1094 -11.63 -10.74 -121.21
CA ALA B 1094 -11.52 -12.07 -121.80
C ALA B 1094 -11.22 -11.90 -123.27
N VAL B 1095 -9.94 -12.00 -123.62
CA VAL B 1095 -9.55 -11.83 -125.02
C VAL B 1095 -10.05 -12.99 -125.86
N THR B 1096 -10.03 -14.21 -125.33
CA THR B 1096 -10.56 -15.37 -126.02
C THR B 1096 -11.56 -16.07 -125.12
N THR B 1097 -12.81 -16.14 -125.55
CA THR B 1097 -13.83 -16.88 -124.81
C THR B 1097 -13.38 -18.33 -124.70
N GLY B 1098 -13.11 -18.77 -123.49
CA GLY B 1098 -12.58 -20.09 -123.26
C GLY B 1098 -12.75 -20.39 -121.81
N GLU B 1099 -11.87 -21.24 -121.28
CA GLU B 1099 -11.95 -21.64 -119.88
C GLU B 1099 -11.03 -20.75 -119.07
N MET B 1100 -11.59 -19.67 -118.54
CA MET B 1100 -10.86 -18.81 -117.63
C MET B 1100 -11.75 -18.46 -116.46
N ARG B 1101 -11.13 -18.31 -115.30
CA ARG B 1101 -11.84 -17.99 -114.06
C ARG B 1101 -11.21 -16.78 -113.42
N VAL B 1102 -12.03 -15.84 -112.99
CA VAL B 1102 -11.57 -14.60 -112.39
C VAL B 1102 -12.31 -14.36 -111.09
N GLY B 1103 -11.60 -13.91 -110.06
CA GLY B 1103 -12.28 -13.64 -108.81
C GLY B 1103 -11.33 -13.36 -107.69
N TRP B 1104 -11.77 -13.69 -106.48
CA TRP B 1104 -11.03 -13.39 -105.26
C TRP B 1104 -10.54 -14.68 -104.62
N ALA B 1105 -9.41 -14.60 -103.93
CA ALA B 1105 -8.76 -15.80 -103.45
C ALA B 1105 -8.04 -15.53 -102.15
N ARG B 1106 -8.18 -16.43 -101.21
CA ARG B 1106 -7.49 -16.29 -99.94
C ARG B 1106 -5.99 -16.47 -100.14
N PRO B 1107 -5.17 -15.85 -99.30
CA PRO B 1107 -3.73 -15.82 -99.57
C PRO B 1107 -3.08 -17.17 -99.72
N GLU B 1108 -3.47 -18.17 -98.93
CA GLU B 1108 -2.80 -19.46 -98.96
C GLU B 1108 -3.37 -20.35 -100.05
N LEU B 1109 -3.46 -19.81 -101.25
CA LEU B 1109 -4.08 -20.54 -102.36
C LEU B 1109 -3.16 -21.63 -102.84
N ARG B 1110 -3.69 -22.84 -102.96
CA ARG B 1110 -2.91 -23.94 -103.50
C ARG B 1110 -2.71 -23.72 -105.00
N PRO B 1111 -1.50 -23.96 -105.52
CA PRO B 1111 -1.27 -23.77 -106.95
C PRO B 1111 -1.70 -24.94 -107.79
N ASP B 1112 -2.18 -26.03 -107.20
CA ASP B 1112 -2.48 -27.25 -107.95
C ASP B 1112 -3.91 -27.74 -107.73
N VAL B 1113 -4.84 -26.84 -107.48
CA VAL B 1113 -6.26 -27.15 -107.44
C VAL B 1113 -6.98 -26.12 -108.28
N GLU B 1114 -7.99 -26.57 -109.03
CA GLU B 1114 -8.77 -25.65 -109.86
C GLU B 1114 -9.46 -24.62 -108.98
N LEU B 1115 -9.48 -23.39 -109.45
CA LEU B 1115 -10.01 -22.30 -108.63
C LEU B 1115 -11.47 -22.56 -108.31
N GLY B 1116 -11.81 -22.47 -107.03
CA GLY B 1116 -13.15 -22.70 -106.57
C GLY B 1116 -13.45 -24.13 -106.20
N ALA B 1117 -12.64 -25.09 -106.63
CA ALA B 1117 -12.84 -26.47 -106.21
C ALA B 1117 -12.71 -26.59 -104.70
N ASP B 1118 -11.69 -25.97 -104.12
CA ASP B 1118 -11.50 -25.94 -102.69
C ASP B 1118 -12.26 -24.74 -102.11
N GLU B 1119 -11.97 -24.38 -100.88
CA GLU B 1119 -12.66 -23.29 -100.21
C GLU B 1119 -11.84 -22.01 -100.17
N LEU B 1120 -10.76 -21.94 -100.94
CA LEU B 1120 -9.83 -20.82 -100.89
C LEU B 1120 -10.06 -19.81 -102.02
N ALA B 1121 -11.16 -19.91 -102.74
CA ALA B 1121 -11.37 -18.99 -103.84
C ALA B 1121 -12.86 -18.85 -104.14
N TYR B 1122 -13.29 -17.63 -104.41
CA TYR B 1122 -14.61 -17.33 -104.91
C TYR B 1122 -14.42 -16.75 -106.30
N VAL B 1123 -14.66 -17.54 -107.35
CA VAL B 1123 -14.30 -17.15 -108.70
C VAL B 1123 -15.47 -17.37 -109.63
N PHE B 1124 -15.35 -16.79 -110.83
CA PHE B 1124 -16.38 -16.85 -111.85
C PHE B 1124 -15.77 -17.43 -113.10
N ASN B 1125 -16.41 -18.45 -113.65
CA ASN B 1125 -15.99 -19.11 -114.87
C ASN B 1125 -16.92 -18.71 -116.00
N GLY B 1126 -16.33 -18.23 -117.09
CA GLY B 1126 -17.10 -17.57 -118.11
C GLY B 1126 -17.38 -18.41 -119.33
N HIS B 1127 -16.77 -19.59 -119.45
CA HIS B 1127 -17.04 -20.42 -120.61
C HIS B 1127 -18.51 -20.76 -120.70
N ARG B 1128 -19.06 -21.32 -119.63
CA ARG B 1128 -20.49 -21.25 -119.37
C ARG B 1128 -20.59 -20.64 -117.98
N GLY B 1129 -21.53 -19.72 -117.81
CA GLY B 1129 -21.53 -18.94 -116.60
C GLY B 1129 -21.64 -19.76 -115.34
N GLN B 1130 -20.59 -19.76 -114.52
CA GLN B 1130 -20.63 -20.59 -113.33
C GLN B 1130 -19.93 -19.89 -112.18
N ARG B 1131 -20.55 -19.94 -111.01
CA ARG B 1131 -19.85 -19.65 -109.78
C ARG B 1131 -18.91 -20.79 -109.44
N TRP B 1132 -17.87 -20.49 -108.68
CA TRP B 1132 -17.02 -21.53 -108.17
C TRP B 1132 -16.60 -21.16 -106.76
N HIS B 1133 -17.08 -21.94 -105.81
CA HIS B 1133 -16.51 -22.01 -104.47
C HIS B 1133 -16.92 -23.35 -103.89
N LEU B 1134 -15.95 -24.16 -103.52
CA LEU B 1134 -16.19 -25.52 -103.06
C LEU B 1134 -16.99 -26.32 -104.08
N GLY B 1135 -16.96 -25.93 -105.33
CA GLY B 1135 -17.73 -26.60 -106.35
C GLY B 1135 -18.22 -25.60 -107.37
N SER B 1136 -19.35 -25.92 -107.99
CA SER B 1136 -19.90 -25.14 -109.07
C SER B 1136 -21.39 -24.94 -108.90
N GLU B 1137 -21.86 -23.77 -109.31
CA GLU B 1137 -23.28 -23.44 -109.38
C GLU B 1137 -23.48 -22.55 -110.59
N PRO B 1138 -24.52 -22.80 -111.39
CA PRO B 1138 -24.72 -22.00 -112.60
C PRO B 1138 -25.12 -20.58 -112.24
N PHE B 1139 -24.42 -19.61 -112.82
CA PHE B 1139 -24.60 -18.23 -112.40
C PHE B 1139 -24.12 -17.32 -113.53
N GLY B 1140 -25.06 -16.75 -114.26
CA GLY B 1140 -24.77 -15.71 -115.22
C GLY B 1140 -24.56 -16.26 -116.61
N ARG B 1141 -24.40 -15.34 -117.53
CA ARG B 1141 -24.20 -15.54 -118.96
C ARG B 1141 -22.79 -16.00 -119.23
N PRO B 1142 -22.53 -16.59 -120.40
CA PRO B 1142 -21.16 -16.81 -120.82
C PRO B 1142 -20.65 -15.58 -121.55
N TRP B 1143 -19.38 -15.28 -121.36
CA TRP B 1143 -18.82 -14.16 -122.10
C TRP B 1143 -18.53 -14.52 -123.55
N GLN B 1144 -18.36 -13.49 -124.36
CA GLN B 1144 -17.80 -13.59 -125.69
C GLN B 1144 -16.43 -12.95 -125.69
N SER B 1145 -15.79 -12.93 -126.85
CA SER B 1145 -14.48 -12.31 -126.95
C SER B 1145 -14.61 -10.81 -126.75
N GLY B 1146 -13.75 -10.25 -125.91
CA GLY B 1146 -13.74 -8.83 -125.64
C GLY B 1146 -14.55 -8.40 -124.44
N ASP B 1147 -15.29 -9.31 -123.82
CA ASP B 1147 -16.08 -8.96 -122.64
C ASP B 1147 -15.16 -8.60 -121.48
N VAL B 1148 -15.62 -7.71 -120.62
CA VAL B 1148 -14.85 -7.22 -119.50
C VAL B 1148 -15.60 -7.58 -118.23
N VAL B 1149 -15.04 -8.46 -117.43
CA VAL B 1149 -15.64 -8.88 -116.18
C VAL B 1149 -15.06 -8.03 -115.06
N GLY B 1150 -15.90 -7.25 -114.42
CA GLY B 1150 -15.49 -6.44 -113.31
C GLY B 1150 -15.86 -7.09 -112.00
N CYS B 1151 -14.86 -7.53 -111.26
CA CYS B 1151 -15.07 -8.21 -110.01
C CYS B 1151 -14.88 -7.21 -108.88
N MET B 1152 -15.82 -7.19 -107.95
CA MET B 1152 -15.78 -6.25 -106.86
C MET B 1152 -16.19 -6.94 -105.57
N ILE B 1153 -15.60 -6.51 -104.47
CA ILE B 1153 -15.86 -7.09 -103.17
C ILE B 1153 -16.24 -5.98 -102.20
N ASP B 1154 -17.18 -6.27 -101.32
CA ASP B 1154 -17.59 -5.36 -100.26
C ASP B 1154 -17.35 -6.11 -98.96
N LEU B 1155 -16.27 -5.79 -98.27
CA LEU B 1155 -15.93 -6.49 -97.05
C LEU B 1155 -16.60 -5.88 -95.83
N THR B 1156 -17.40 -4.83 -96.00
CA THR B 1156 -18.28 -4.38 -94.93
C THR B 1156 -19.53 -5.23 -94.89
N GLU B 1157 -20.14 -5.46 -96.04
CA GLU B 1157 -21.27 -6.36 -96.15
C GLU B 1157 -20.86 -7.81 -96.40
N ASN B 1158 -19.57 -8.05 -96.65
CA ASN B 1158 -19.06 -9.40 -96.90
C ASN B 1158 -19.76 -10.06 -98.08
N THR B 1159 -19.63 -9.43 -99.25
CA THR B 1159 -20.25 -9.93 -100.46
C THR B 1159 -19.31 -9.74 -101.64
N ILE B 1160 -19.55 -10.54 -102.69
CA ILE B 1160 -18.80 -10.46 -103.93
C ILE B 1160 -19.77 -10.29 -105.08
N ILE B 1161 -19.47 -9.34 -105.97
CA ILE B 1161 -20.30 -9.06 -107.12
C ILE B 1161 -19.44 -9.16 -108.37
N PHE B 1162 -20.02 -9.73 -109.43
CA PHE B 1162 -19.39 -9.77 -110.73
C PHE B 1162 -20.27 -9.05 -111.73
N THR B 1163 -19.65 -8.22 -112.56
CA THR B 1163 -20.37 -7.51 -113.60
C THR B 1163 -19.78 -7.90 -114.95
N LEU B 1164 -20.63 -8.11 -115.92
CA LEU B 1164 -20.21 -8.47 -117.27
C LEU B 1164 -20.57 -7.31 -118.19
N ASN B 1165 -19.57 -6.52 -118.55
CA ASN B 1165 -19.76 -5.34 -119.39
C ASN B 1165 -20.68 -4.32 -118.71
N GLY B 1166 -20.37 -4.01 -117.45
CA GLY B 1166 -21.09 -2.98 -116.73
C GLY B 1166 -22.45 -3.39 -116.22
N GLU B 1167 -22.89 -4.61 -116.50
CA GLU B 1167 -24.17 -5.11 -116.03
C GLU B 1167 -23.91 -6.16 -114.98
N VAL B 1168 -24.60 -6.06 -113.85
CA VAL B 1168 -24.39 -7.01 -112.77
C VAL B 1168 -24.92 -8.37 -113.22
N LEU B 1169 -24.13 -9.41 -113.02
CA LEU B 1169 -24.63 -10.76 -113.21
C LEU B 1169 -25.51 -11.14 -112.04
N MET B 1170 -26.66 -11.74 -112.34
CA MET B 1170 -27.63 -12.13 -111.34
C MET B 1170 -27.80 -13.64 -111.35
N SER B 1171 -27.86 -14.23 -110.17
CA SER B 1171 -28.17 -15.64 -110.09
C SER B 1171 -29.63 -15.87 -110.47
N ASP B 1172 -30.00 -17.15 -110.59
CA ASP B 1172 -31.37 -17.47 -110.95
C ASP B 1172 -32.34 -17.11 -109.83
N SER B 1173 -31.90 -17.20 -108.58
CA SER B 1173 -32.76 -16.84 -107.47
C SER B 1173 -33.10 -15.36 -107.49
N GLY B 1174 -32.28 -14.55 -108.13
CA GLY B 1174 -32.53 -13.14 -108.23
C GLY B 1174 -31.54 -12.30 -107.45
N SER B 1175 -30.66 -12.97 -106.71
CA SER B 1175 -29.69 -12.24 -105.90
C SER B 1175 -28.70 -11.52 -106.81
N GLU B 1176 -28.30 -10.33 -106.40
CA GLU B 1176 -27.34 -9.54 -107.14
C GLU B 1176 -25.90 -9.76 -106.68
N THR B 1177 -25.70 -10.52 -105.62
CA THR B 1177 -24.36 -10.84 -105.16
C THR B 1177 -24.07 -12.30 -105.49
N ALA B 1178 -22.91 -12.55 -106.08
CA ALA B 1178 -22.53 -13.92 -106.39
C ALA B 1178 -22.32 -14.72 -105.11
N PHE B 1179 -21.63 -14.15 -104.15
CA PHE B 1179 -21.38 -14.82 -102.88
C PHE B 1179 -21.68 -13.85 -101.76
N ARG B 1180 -22.23 -14.37 -100.67
CA ARG B 1180 -22.58 -13.57 -99.51
C ARG B 1180 -22.09 -14.26 -98.26
N GLU B 1181 -22.02 -13.49 -97.17
CA GLU B 1181 -21.64 -14.01 -95.86
C GLU B 1181 -20.22 -14.58 -95.86
N ILE B 1182 -19.34 -13.98 -96.64
CA ILE B 1182 -17.95 -14.41 -96.69
C ILE B 1182 -17.27 -13.89 -95.44
N GLU B 1183 -16.57 -14.77 -94.74
CA GLU B 1183 -15.78 -14.32 -93.60
C GLU B 1183 -14.54 -13.59 -94.11
N ILE B 1184 -14.19 -12.49 -93.44
CA ILE B 1184 -13.00 -11.76 -93.85
C ILE B 1184 -11.76 -12.64 -93.73
N GLY B 1185 -11.63 -13.32 -92.60
CA GLY B 1185 -10.53 -14.23 -92.44
C GLY B 1185 -9.20 -13.53 -92.56
N ASP B 1186 -8.24 -14.21 -93.19
CA ASP B 1186 -6.92 -13.63 -93.36
C ASP B 1186 -6.89 -12.59 -94.47
N GLY B 1187 -7.74 -12.71 -95.49
CA GLY B 1187 -7.82 -11.67 -96.49
C GLY B 1187 -8.35 -12.21 -97.80
N PHE B 1188 -8.14 -11.42 -98.85
CA PHE B 1188 -8.59 -11.75 -100.19
C PHE B 1188 -7.66 -11.09 -101.19
N LEU B 1189 -7.55 -11.69 -102.36
CA LEU B 1189 -6.61 -11.26 -103.39
C LEU B 1189 -7.26 -11.40 -104.76
N PRO B 1190 -6.83 -10.61 -105.73
CA PRO B 1190 -7.26 -10.87 -107.11
C PRO B 1190 -6.58 -12.09 -107.67
N VAL B 1191 -7.36 -12.93 -108.33
CA VAL B 1191 -6.86 -14.19 -108.86
C VAL B 1191 -7.52 -14.43 -110.21
N CYS B 1192 -6.74 -15.02 -111.11
CA CYS B 1192 -7.15 -15.28 -112.47
C CYS B 1192 -6.59 -16.64 -112.84
N SER B 1193 -7.26 -17.33 -113.75
CA SER B 1193 -6.92 -18.71 -114.09
C SER B 1193 -7.20 -18.90 -115.57
N LEU B 1194 -6.14 -19.01 -116.36
CA LEU B 1194 -6.27 -19.15 -117.79
C LEU B 1194 -5.95 -20.57 -118.20
N GLY B 1195 -6.83 -21.17 -119.00
CA GLY B 1195 -6.64 -22.52 -119.48
C GLY B 1195 -5.78 -22.55 -120.70
N PRO B 1196 -5.74 -23.69 -121.38
CA PRO B 1196 -4.84 -23.85 -122.54
C PRO B 1196 -5.29 -22.99 -123.70
N GLY B 1197 -4.36 -22.21 -124.23
CA GLY B 1197 -4.64 -21.37 -125.36
C GLY B 1197 -5.46 -20.16 -125.07
N GLN B 1198 -5.52 -19.72 -123.82
CA GLN B 1198 -6.40 -18.65 -123.39
C GLN B 1198 -5.59 -17.42 -123.03
N VAL B 1199 -6.06 -16.26 -123.49
CA VAL B 1199 -5.42 -14.98 -123.21
C VAL B 1199 -6.40 -14.13 -122.42
N GLY B 1200 -5.86 -13.23 -121.61
CA GLY B 1200 -6.70 -12.34 -120.83
C GLY B 1200 -5.88 -11.18 -120.33
N HIS B 1201 -6.58 -10.09 -120.01
CA HIS B 1201 -5.95 -8.86 -119.59
C HIS B 1201 -6.47 -8.47 -118.22
N LEU B 1202 -5.59 -8.49 -117.22
CA LEU B 1202 -5.96 -8.20 -115.84
C LEU B 1202 -5.64 -6.74 -115.55
N ASN B 1203 -6.68 -5.92 -115.40
CA ASN B 1203 -6.52 -4.51 -115.12
C ASN B 1203 -6.89 -4.28 -113.66
N LEU B 1204 -5.88 -4.28 -112.80
CA LEU B 1204 -6.14 -4.01 -111.40
C LEU B 1204 -6.51 -2.56 -111.15
N GLY B 1205 -6.27 -1.69 -112.11
CA GLY B 1205 -6.75 -0.33 -112.06
C GLY B 1205 -5.77 0.71 -111.57
N GLN B 1206 -4.47 0.49 -111.73
CA GLN B 1206 -3.50 1.49 -111.29
C GLN B 1206 -3.75 2.84 -111.96
N ASP B 1207 -4.28 2.84 -113.18
CA ASP B 1207 -4.74 4.06 -113.84
C ASP B 1207 -6.23 3.93 -114.05
N VAL B 1208 -6.99 4.84 -113.44
CA VAL B 1208 -8.44 4.68 -113.39
C VAL B 1208 -9.05 4.79 -114.77
N SER B 1209 -8.50 5.66 -115.61
CA SER B 1209 -9.09 5.86 -116.93
C SER B 1209 -9.02 4.60 -117.77
N SER B 1210 -8.07 3.71 -117.48
CA SER B 1210 -7.97 2.47 -118.23
C SER B 1210 -9.19 1.58 -118.00
N LEU B 1211 -9.67 1.52 -116.77
CA LEU B 1211 -10.86 0.74 -116.46
C LEU B 1211 -12.02 1.23 -117.30
N ARG B 1212 -12.58 0.33 -118.10
CA ARG B 1212 -13.57 0.74 -119.09
C ARG B 1212 -14.98 0.80 -118.54
N PHE B 1213 -15.36 -0.14 -117.69
CA PHE B 1213 -16.73 -0.22 -117.18
C PHE B 1213 -16.78 0.07 -115.68
N PHE B 1214 -15.81 0.81 -115.18
CA PHE B 1214 -15.79 1.13 -113.76
C PHE B 1214 -16.92 2.05 -113.38
N ALA B 1215 -17.10 3.14 -114.12
CA ALA B 1215 -18.08 4.15 -113.75
C ALA B 1215 -19.50 3.62 -113.91
N ILE B 1216 -19.74 2.81 -114.95
CA ILE B 1216 -21.07 2.30 -115.20
C ILE B 1216 -21.57 1.48 -114.04
N CYS B 1217 -20.72 0.63 -113.49
CA CYS B 1217 -21.08 -0.14 -112.30
C CYS B 1217 -19.82 -0.31 -111.47
N GLY B 1218 -19.77 0.34 -110.32
CA GLY B 1218 -18.63 0.19 -109.43
C GLY B 1218 -18.20 1.47 -108.78
N LEU B 1219 -18.43 2.60 -109.43
CA LEU B 1219 -17.94 3.87 -108.90
C LEU B 1219 -18.89 4.46 -107.88
N GLN B 1220 -20.13 4.73 -108.29
CA GLN B 1220 -21.07 5.40 -107.40
C GLN B 1220 -21.46 4.52 -106.22
N GLU B 1221 -21.24 3.21 -106.34
CA GLU B 1221 -21.56 2.31 -105.25
C GLU B 1221 -20.51 2.31 -104.16
N GLY B 1222 -19.43 3.06 -104.32
CA GLY B 1222 -18.43 3.22 -103.30
C GLY B 1222 -17.17 2.39 -103.50
N PHE B 1223 -17.16 1.49 -104.48
CA PHE B 1223 -16.02 0.62 -104.66
C PHE B 1223 -14.82 1.38 -105.19
N GLU B 1224 -13.67 0.97 -104.77
CA GLU B 1224 -12.44 1.57 -105.26
C GLU B 1224 -11.68 0.58 -106.14
N PRO B 1225 -10.95 1.08 -107.13
CA PRO B 1225 -10.05 0.19 -107.88
C PRO B 1225 -9.02 -0.42 -106.95
N PHE B 1226 -8.68 -1.68 -107.20
CA PHE B 1226 -7.84 -2.43 -106.27
C PHE B 1226 -6.47 -1.78 -106.12
N ALA B 1227 -5.81 -1.52 -107.23
CA ALA B 1227 -4.58 -0.76 -107.24
C ALA B 1227 -4.96 0.68 -107.55
N ILE B 1228 -4.87 1.55 -106.57
CA ILE B 1228 -5.28 2.92 -106.81
C ILE B 1228 -4.10 3.85 -106.61
N ASN B 1229 -3.15 3.45 -105.77
CA ASN B 1229 -1.94 4.24 -105.58
C ASN B 1229 -0.74 3.32 -105.47
N MET B 1230 -0.84 2.11 -106.01
CA MET B 1230 0.30 1.23 -106.11
C MET B 1230 1.23 1.77 -107.17
N GLN B 1231 1.99 2.80 -106.81
CA GLN B 1231 2.72 3.61 -107.79
C GLN B 1231 3.46 2.69 -108.71
N ARG B 1232 4.02 1.63 -108.15
CA ARG B 1232 4.63 0.57 -108.90
C ARG B 1232 3.59 -0.48 -109.19
N PRO B 1233 3.44 -0.95 -110.43
CA PRO B 1233 2.34 -1.86 -110.75
C PRO B 1233 2.35 -3.10 -109.88
N VAL B 1234 1.16 -3.62 -109.59
CA VAL B 1234 1.02 -4.67 -108.60
C VAL B 1234 1.77 -5.91 -109.02
N THR B 1235 2.63 -6.39 -108.13
CA THR B 1235 3.38 -7.62 -108.38
C THR B 1235 2.44 -8.81 -108.36
N THR B 1236 2.65 -9.73 -109.28
CA THR B 1236 1.83 -10.92 -109.39
C THR B 1236 2.68 -12.16 -109.41
N TRP B 1237 2.12 -13.24 -108.91
CA TRP B 1237 2.76 -14.54 -108.85
C TRP B 1237 1.90 -15.52 -109.62
N PHE B 1238 2.53 -16.36 -110.43
CA PHE B 1238 1.81 -17.34 -111.20
C PHE B 1238 2.17 -18.75 -110.73
N SER B 1239 1.36 -19.71 -111.12
CA SER B 1239 1.60 -21.10 -110.78
C SER B 1239 2.55 -21.69 -111.81
N LYS B 1240 3.79 -21.92 -111.39
CA LYS B 1240 4.85 -22.39 -112.27
C LYS B 1240 4.84 -23.91 -112.29
N SER B 1241 4.51 -24.48 -113.44
CA SER B 1241 4.36 -25.93 -113.55
C SER B 1241 5.69 -26.62 -113.83
N LEU B 1242 6.69 -26.34 -113.03
CA LEU B 1242 7.99 -27.01 -113.11
C LEU B 1242 8.21 -27.81 -111.85
N PRO B 1243 8.26 -29.14 -111.93
CA PRO B 1243 8.32 -29.94 -110.71
C PRO B 1243 9.60 -29.72 -109.93
N GLN B 1244 9.44 -29.20 -108.72
CA GLN B 1244 10.53 -29.05 -107.78
C GLN B 1244 10.34 -30.04 -106.65
N PHE B 1245 11.44 -30.44 -106.03
CA PHE B 1245 11.37 -31.29 -104.86
C PHE B 1245 11.10 -30.45 -103.63
N GLU B 1246 10.07 -30.81 -102.88
CA GLU B 1246 9.71 -30.08 -101.67
C GLU B 1246 9.50 -31.07 -100.53
N PRO B 1247 9.75 -30.65 -99.29
CA PRO B 1247 9.66 -31.59 -98.18
C PRO B 1247 8.26 -32.14 -98.01
N VAL B 1248 8.19 -33.41 -97.62
CA VAL B 1248 6.88 -34.03 -97.40
C VAL B 1248 6.19 -33.31 -96.26
N PRO B 1249 4.99 -32.78 -96.45
CA PRO B 1249 4.34 -32.02 -95.40
C PRO B 1249 4.13 -32.87 -94.16
N PRO B 1250 4.35 -32.30 -92.98
CA PRO B 1250 4.08 -33.07 -91.75
C PRO B 1250 2.63 -33.48 -91.63
N GLU B 1251 1.71 -32.68 -92.13
CA GLU B 1251 0.30 -33.05 -92.20
C GLU B 1251 -0.02 -33.27 -93.68
N HIS B 1252 -0.13 -34.53 -94.06
CA HIS B 1252 -0.40 -34.92 -95.43
C HIS B 1252 -1.46 -35.99 -95.37
N PRO B 1253 -2.52 -35.90 -96.18
CA PRO B 1253 -3.59 -36.89 -96.09
C PRO B 1253 -3.16 -38.30 -96.41
N HIS B 1254 -2.07 -38.48 -97.14
CA HIS B 1254 -1.73 -39.81 -97.63
C HIS B 1254 -0.39 -40.34 -97.16
N TYR B 1255 0.68 -39.56 -97.26
CA TYR B 1255 2.03 -40.06 -97.01
C TYR B 1255 2.52 -39.60 -95.64
N GLU B 1256 3.16 -40.51 -94.92
CA GLU B 1256 3.77 -40.18 -93.64
C GLU B 1256 5.19 -40.72 -93.65
N VAL B 1257 6.09 -39.99 -93.00
CA VAL B 1257 7.50 -40.36 -92.93
C VAL B 1257 7.89 -40.42 -91.47
N ALA B 1258 8.39 -41.57 -91.05
CA ALA B 1258 8.82 -41.79 -89.67
C ALA B 1258 10.34 -41.81 -89.63
N ARG B 1259 10.92 -40.95 -88.80
CA ARG B 1259 12.37 -40.86 -88.67
C ARG B 1259 12.83 -41.85 -87.61
N MET B 1260 12.78 -43.12 -87.97
CA MET B 1260 13.18 -44.16 -87.04
C MET B 1260 14.66 -44.06 -86.72
N ASP B 1261 15.00 -44.25 -85.46
CA ASP B 1261 16.38 -44.17 -85.03
C ASP B 1261 17.02 -45.55 -85.11
N GLY B 1262 18.26 -45.67 -84.67
CA GLY B 1262 19.03 -46.84 -84.95
C GLY B 1262 19.33 -47.73 -83.76
N THR B 1263 18.76 -48.92 -83.77
CA THR B 1263 19.14 -49.96 -82.83
C THR B 1263 20.48 -50.56 -83.26
N VAL B 1264 20.89 -51.61 -82.56
CA VAL B 1264 22.16 -52.27 -82.91
C VAL B 1264 22.03 -52.98 -84.25
N ASP B 1265 20.92 -53.67 -84.48
CA ASP B 1265 20.74 -54.38 -85.74
C ASP B 1265 20.33 -53.42 -86.84
N THR B 1266 19.75 -52.29 -86.48
CA THR B 1266 19.22 -51.50 -87.59
C THR B 1266 19.88 -50.13 -87.64
N PRO B 1267 20.33 -49.71 -88.82
CA PRO B 1267 20.85 -48.35 -88.97
C PRO B 1267 19.72 -47.35 -88.92
N PRO B 1268 20.02 -46.06 -88.79
CA PRO B 1268 18.97 -45.06 -88.82
C PRO B 1268 18.20 -45.12 -90.13
N CYS B 1269 16.89 -44.90 -90.06
CA CYS B 1269 16.03 -45.04 -91.21
C CYS B 1269 15.11 -43.84 -91.33
N LEU B 1270 14.44 -43.76 -92.48
CA LEU B 1270 13.36 -42.82 -92.73
C LEU B 1270 12.30 -43.57 -93.50
N ARG B 1271 11.30 -44.09 -92.80
CA ARG B 1271 10.36 -45.02 -93.40
C ARG B 1271 9.17 -44.27 -93.96
N LEU B 1272 8.78 -44.62 -95.18
CA LEU B 1272 7.60 -44.06 -95.82
C LEU B 1272 6.44 -45.02 -95.65
N ALA B 1273 5.31 -44.51 -95.18
CA ALA B 1273 4.11 -45.30 -95.04
C ALA B 1273 2.95 -44.57 -95.68
N HIS B 1274 2.04 -45.34 -96.28
CA HIS B 1274 0.87 -44.80 -96.94
C HIS B 1274 -0.29 -44.86 -95.97
N ARG B 1275 -0.83 -43.70 -95.60
CA ARG B 1275 -1.82 -43.65 -94.54
C ARG B 1275 -3.12 -44.34 -94.95
N THR B 1276 -3.65 -44.01 -96.11
CA THR B 1276 -5.01 -44.37 -96.47
C THR B 1276 -5.08 -45.56 -97.42
N TRP B 1277 -4.12 -46.47 -97.36
CA TRP B 1277 -4.17 -47.63 -98.24
C TRP B 1277 -5.35 -48.51 -97.86
N GLY B 1278 -6.06 -48.99 -98.86
CA GLY B 1278 -7.28 -49.74 -98.66
C GLY B 1278 -8.49 -48.87 -98.42
N SER B 1279 -8.31 -47.71 -97.81
CA SER B 1279 -9.40 -46.77 -97.59
C SER B 1279 -9.97 -46.31 -98.93
N GLN B 1280 -11.14 -45.67 -98.86
CA GLN B 1280 -11.84 -45.27 -100.08
C GLN B 1280 -11.11 -44.15 -100.80
N ASN B 1281 -10.56 -43.18 -100.08
CA ASN B 1281 -9.89 -42.05 -100.68
C ASN B 1281 -8.40 -42.28 -100.91
N SER B 1282 -8.00 -43.54 -101.09
CA SER B 1282 -6.59 -43.83 -101.33
C SER B 1282 -6.14 -43.18 -102.63
N LEU B 1283 -4.96 -42.57 -102.61
CA LEU B 1283 -4.36 -41.95 -103.78
C LEU B 1283 -3.13 -42.77 -104.13
N VAL B 1284 -3.25 -43.59 -105.16
CA VAL B 1284 -2.17 -44.46 -105.60
C VAL B 1284 -1.61 -43.88 -106.88
N GLU B 1285 -0.40 -43.33 -106.81
CA GLU B 1285 0.23 -42.69 -107.95
C GLU B 1285 1.72 -42.71 -107.73
N MET B 1286 2.46 -42.48 -108.80
CA MET B 1286 3.91 -42.50 -108.69
C MET B 1286 4.39 -41.43 -107.72
N LEU B 1287 5.31 -41.81 -106.86
CA LEU B 1287 5.85 -40.94 -105.82
C LEU B 1287 7.33 -40.77 -106.08
N PHE B 1288 7.77 -39.53 -106.24
CA PHE B 1288 9.16 -39.24 -106.57
C PHE B 1288 9.84 -38.69 -105.33
N LEU B 1289 10.48 -39.57 -104.57
CA LEU B 1289 11.09 -39.22 -103.30
C LEU B 1289 12.58 -38.96 -103.50
N ARG B 1290 13.13 -38.09 -102.66
CA ARG B 1290 14.57 -37.91 -102.60
C ARG B 1290 14.95 -37.37 -101.24
N LEU B 1291 16.18 -37.64 -100.83
CA LEU B 1291 16.69 -37.09 -99.59
C LEU B 1291 17.24 -35.70 -99.84
N SER B 1292 17.20 -34.87 -98.81
CA SER B 1292 17.42 -33.45 -98.99
C SER B 1292 18.84 -33.15 -99.41
N LEU B 1293 19.80 -33.89 -98.91
CA LEU B 1293 21.13 -33.39 -99.16
C LEU B 1293 21.87 -34.23 -100.18
N PRO B 1294 22.72 -33.61 -101.00
CA PRO B 1294 23.44 -34.34 -102.02
C PRO B 1294 24.82 -34.78 -101.54
N VAL B 1295 25.37 -35.73 -102.27
CA VAL B 1295 26.76 -36.15 -102.11
C VAL B 1295 27.52 -35.65 -103.32
N GLN B 1296 28.61 -34.96 -103.10
CA GLN B 1296 29.35 -34.32 -104.16
C GLN B 1296 30.61 -35.09 -104.48
N PHE B 1297 30.89 -35.26 -105.76
CA PHE B 1297 32.06 -36.01 -106.16
C PHE B 1297 33.28 -35.12 -106.09
N HIS B 1298 34.44 -35.76 -105.94
CA HIS B 1298 35.69 -35.02 -105.83
C HIS B 1298 35.99 -34.31 -107.14
N GLN B 1299 36.64 -33.15 -107.01
CA GLN B 1299 36.88 -32.32 -108.17
C GLN B 1299 37.97 -32.90 -109.07
N HIS B 1300 38.82 -33.75 -108.51
CA HIS B 1300 39.84 -34.46 -109.27
C HIS B 1300 39.74 -35.95 -108.97
N PHE B 1301 39.85 -36.77 -110.00
CA PHE B 1301 39.70 -38.21 -109.85
C PHE B 1301 41.06 -38.88 -109.76
N ARG B 1302 41.10 -39.98 -109.02
CA ARG B 1302 42.38 -40.60 -108.67
C ARG B 1302 43.15 -41.03 -109.90
N CYS B 1303 42.47 -41.64 -110.86
CA CYS B 1303 43.14 -42.06 -112.09
C CYS B 1303 43.59 -40.82 -112.86
N THR B 1304 44.90 -40.57 -112.87
CA THR B 1304 45.49 -39.38 -113.48
C THR B 1304 44.86 -38.11 -112.91
N ASN B 1420 30.32 -56.59 -90.25
CA ASN B 1420 31.56 -56.98 -89.61
C ASN B 1420 32.42 -55.78 -89.22
N ARG B 1421 33.35 -56.06 -88.31
CA ARG B 1421 34.40 -55.16 -87.89
C ARG B 1421 35.16 -54.62 -89.09
N ASP B 1422 35.72 -53.43 -88.93
CA ASP B 1422 36.35 -52.71 -90.03
C ASP B 1422 37.84 -52.52 -89.77
N ASP B 1423 38.61 -52.59 -90.84
CA ASP B 1423 40.01 -52.22 -90.76
C ASP B 1423 40.13 -50.70 -90.67
N PRO B 1424 40.68 -50.16 -89.57
CA PRO B 1424 40.61 -48.71 -89.37
C PRO B 1424 41.30 -47.90 -90.45
N GLU B 1425 42.40 -48.41 -91.01
CA GLU B 1425 43.15 -47.62 -91.97
C GLU B 1425 42.43 -47.59 -93.31
N ILE B 1426 41.76 -48.68 -93.68
CA ILE B 1426 40.97 -48.70 -94.90
C ILE B 1426 39.75 -47.80 -94.77
N ILE B 1427 39.00 -47.96 -93.67
CA ILE B 1427 37.78 -47.18 -93.50
C ILE B 1427 38.08 -45.70 -93.38
N LEU B 1428 39.21 -45.34 -92.77
CA LEU B 1428 39.55 -43.93 -92.64
C LEU B 1428 40.06 -43.35 -93.95
N ASN B 1429 40.60 -44.18 -94.84
CA ASN B 1429 41.14 -43.74 -96.11
C ASN B 1429 40.34 -44.23 -97.30
N THR B 1430 39.02 -44.38 -97.13
CA THR B 1430 38.17 -44.83 -98.20
C THR B 1430 37.33 -43.67 -98.71
N THR B 1431 36.83 -43.84 -99.95
CA THR B 1431 35.96 -42.85 -100.57
C THR B 1431 34.67 -43.50 -101.08
N THR B 1432 34.35 -44.70 -100.64
CA THR B 1432 33.13 -45.37 -101.02
C THR B 1432 32.09 -45.15 -99.94
N TYR B 1433 30.87 -44.82 -100.38
CA TYR B 1433 29.79 -44.51 -99.47
C TYR B 1433 28.57 -45.30 -99.89
N TYR B 1434 27.68 -45.53 -98.94
CA TYR B 1434 26.65 -46.55 -99.08
C TYR B 1434 25.34 -46.09 -98.50
N TYR B 1435 24.25 -46.51 -99.13
CA TYR B 1435 22.93 -46.42 -98.50
C TYR B 1435 22.01 -47.42 -99.16
N SER B 1436 21.06 -47.94 -98.41
CA SER B 1436 20.18 -48.95 -98.94
C SER B 1436 18.75 -48.50 -98.83
N VAL B 1437 17.87 -49.24 -99.50
CA VAL B 1437 16.44 -49.03 -99.42
C VAL B 1437 15.78 -50.39 -99.25
N ARG B 1438 14.97 -50.53 -98.21
CA ARG B 1438 14.23 -51.74 -97.95
C ARG B 1438 12.85 -51.58 -98.53
N VAL B 1439 12.53 -52.41 -99.52
CA VAL B 1439 11.20 -52.47 -100.11
C VAL B 1439 10.45 -53.55 -99.37
N PHE B 1440 9.50 -53.13 -98.54
CA PHE B 1440 8.84 -54.03 -97.62
C PHE B 1440 8.01 -55.06 -98.37
N ALA B 1441 7.81 -56.20 -97.73
CA ALA B 1441 7.02 -57.26 -98.33
C ALA B 1441 5.59 -56.76 -98.53
N GLY B 1442 5.08 -56.90 -99.74
CA GLY B 1442 3.77 -56.36 -100.07
C GLY B 1442 3.90 -55.29 -101.12
N GLN B 1443 4.92 -54.46 -101.01
CA GLN B 1443 5.21 -53.45 -102.02
C GLN B 1443 5.96 -54.12 -103.16
N GLU B 1444 5.33 -54.20 -104.32
CA GLU B 1444 5.88 -54.98 -105.41
C GLU B 1444 7.23 -54.41 -105.83
N PRO B 1445 8.27 -55.24 -105.94
CA PRO B 1445 9.58 -54.73 -106.32
C PRO B 1445 9.65 -54.23 -107.74
N SER B 1446 8.69 -54.57 -108.59
CA SER B 1446 8.67 -54.07 -109.95
C SER B 1446 8.11 -52.67 -110.03
N CYS B 1447 7.66 -52.10 -108.91
CA CYS B 1447 7.13 -50.75 -108.84
C CYS B 1447 8.04 -49.82 -108.05
N VAL B 1448 9.33 -50.12 -107.96
CA VAL B 1448 10.29 -49.29 -107.24
C VAL B 1448 11.52 -49.08 -108.10
N TRP B 1449 12.01 -47.85 -108.14
CA TRP B 1449 13.27 -47.50 -108.79
C TRP B 1449 14.14 -46.81 -107.75
N VAL B 1450 15.32 -47.37 -107.50
CA VAL B 1450 16.19 -46.91 -106.43
C VAL B 1450 17.49 -46.40 -107.03
N GLY B 1451 17.97 -45.26 -106.52
CA GLY B 1451 19.24 -44.76 -106.99
C GLY B 1451 19.51 -43.32 -106.63
N TRP B 1452 20.00 -42.55 -107.60
CA TRP B 1452 20.40 -41.17 -107.40
C TRP B 1452 19.78 -40.29 -108.48
N VAL B 1453 19.62 -39.01 -108.16
CA VAL B 1453 19.18 -38.01 -109.12
C VAL B 1453 20.07 -36.80 -109.02
N THR B 1454 20.41 -36.22 -110.16
CA THR B 1454 21.15 -34.97 -110.16
C THR B 1454 20.21 -33.87 -109.73
N PRO B 1455 20.70 -32.69 -109.35
CA PRO B 1455 19.80 -31.66 -108.84
C PRO B 1455 18.93 -31.01 -109.91
N ASP B 1456 18.86 -31.59 -111.10
CA ASP B 1456 18.00 -31.07 -112.16
C ASP B 1456 17.08 -32.15 -112.67
N TYR B 1457 16.42 -32.86 -111.76
CA TYR B 1457 15.37 -33.80 -112.11
C TYR B 1457 14.04 -33.12 -111.85
N HIS B 1458 13.34 -32.73 -112.90
CA HIS B 1458 12.07 -32.04 -112.82
C HIS B 1458 11.03 -32.76 -113.64
N GLN B 1459 10.95 -34.07 -113.49
CA GLN B 1459 10.18 -34.92 -114.39
C GLN B 1459 9.13 -35.68 -113.60
N HIS B 1460 7.97 -35.06 -113.41
CA HIS B 1460 6.86 -35.67 -112.69
C HIS B 1460 6.06 -36.53 -113.66
N ASP B 1461 6.66 -37.65 -114.03
CA ASP B 1461 6.10 -38.54 -115.03
C ASP B 1461 5.31 -39.64 -114.34
N MET B 1462 4.00 -39.64 -114.52
CA MET B 1462 3.17 -40.61 -113.83
C MET B 1462 3.19 -41.98 -114.48
N ASN B 1463 3.96 -42.18 -115.53
CA ASN B 1463 4.20 -43.50 -116.10
C ASN B 1463 5.70 -43.62 -116.23
N PHE B 1464 6.36 -44.01 -115.15
CA PHE B 1464 7.81 -43.99 -115.16
C PHE B 1464 8.36 -45.32 -115.61
N ASP B 1465 9.56 -45.27 -116.17
CA ASP B 1465 10.38 -46.43 -116.50
C ASP B 1465 11.76 -45.92 -116.84
N LEU B 1466 12.73 -46.83 -116.86
CA LEU B 1466 14.10 -46.41 -117.08
C LEU B 1466 14.40 -46.12 -118.53
N SER B 1467 13.38 -46.05 -119.38
CA SER B 1467 13.54 -45.55 -120.73
C SER B 1467 13.03 -44.13 -120.88
N LYS B 1468 12.45 -43.57 -119.83
CA LYS B 1468 12.01 -42.19 -119.81
C LYS B 1468 12.95 -41.28 -119.05
N VAL B 1469 14.12 -41.76 -118.68
CA VAL B 1469 15.12 -40.92 -118.06
C VAL B 1469 15.92 -40.22 -119.14
N ARG B 1470 16.20 -38.93 -118.93
CA ARG B 1470 16.94 -38.17 -119.91
C ARG B 1470 18.33 -38.73 -120.08
N ALA B 1471 18.84 -38.64 -121.30
CA ALA B 1471 20.17 -39.14 -121.58
C ALA B 1471 20.71 -38.42 -122.80
N VAL B 1472 22.04 -38.38 -122.89
CA VAL B 1472 22.72 -37.81 -124.05
C VAL B 1472 24.14 -38.31 -124.01
N THR B 1473 24.81 -38.27 -125.15
CA THR B 1473 26.18 -38.77 -125.28
C THR B 1473 26.97 -37.75 -126.07
N VAL B 1474 27.65 -36.86 -125.36
CA VAL B 1474 28.48 -35.87 -126.03
C VAL B 1474 29.79 -36.53 -126.43
N THR B 1475 30.05 -36.55 -127.73
CA THR B 1475 31.23 -37.22 -128.28
C THR B 1475 32.12 -36.20 -128.95
N MET B 1476 33.38 -36.18 -128.54
CA MET B 1476 34.37 -35.26 -129.07
C MET B 1476 35.40 -36.05 -129.86
N GLY B 1477 35.62 -35.62 -131.11
CA GLY B 1477 36.49 -36.33 -132.00
C GLY B 1477 37.56 -35.42 -132.56
N ASP B 1478 38.45 -36.01 -133.34
CA ASP B 1478 39.55 -35.30 -133.97
C ASP B 1478 39.11 -34.83 -135.35
N GLU B 1479 40.08 -34.39 -136.16
CA GLU B 1479 39.75 -33.85 -137.48
C GLU B 1479 39.12 -34.89 -138.38
N GLN B 1480 39.65 -36.12 -138.38
CA GLN B 1480 39.10 -37.17 -139.22
C GLN B 1480 37.76 -37.65 -138.69
N GLY B 1481 37.50 -37.45 -137.40
CA GLY B 1481 36.30 -37.94 -136.76
C GLY B 1481 36.54 -39.04 -135.74
N ASN B 1482 37.79 -39.48 -135.57
CA ASN B 1482 38.10 -40.48 -134.56
C ASN B 1482 37.79 -39.94 -133.17
N VAL B 1483 37.08 -40.74 -132.37
CA VAL B 1483 36.60 -40.27 -131.08
C VAL B 1483 37.77 -40.01 -130.14
N HIS B 1484 37.64 -38.96 -129.34
CA HIS B 1484 38.53 -38.72 -128.21
C HIS B 1484 37.80 -38.70 -126.88
N SER B 1485 36.48 -38.56 -126.87
CA SER B 1485 35.72 -38.58 -125.63
C SER B 1485 34.29 -38.95 -125.96
N SER B 1486 33.66 -39.69 -125.06
CA SER B 1486 32.29 -40.16 -125.28
C SER B 1486 31.46 -39.99 -124.02
N LEU B 1487 31.48 -38.81 -123.42
CA LEU B 1487 30.84 -38.63 -122.12
C LEU B 1487 29.35 -38.85 -122.21
N LYS B 1488 28.82 -39.65 -121.30
CA LYS B 1488 27.41 -39.96 -121.23
C LYS B 1488 26.79 -39.22 -120.05
N CYS B 1489 25.73 -38.46 -120.32
CA CYS B 1489 25.13 -37.60 -119.32
C CYS B 1489 23.65 -37.94 -119.16
N SER B 1490 23.16 -37.74 -117.94
CA SER B 1490 21.77 -38.01 -117.60
C SER B 1490 21.44 -37.24 -116.33
N ASN B 1491 20.24 -37.46 -115.82
CA ASN B 1491 19.86 -36.88 -114.55
C ASN B 1491 19.26 -37.86 -113.57
N CYS B 1492 19.07 -39.12 -113.96
CA CYS B 1492 18.49 -40.13 -113.11
C CYS B 1492 19.32 -41.39 -113.27
N TYR B 1493 20.07 -41.74 -112.24
CA TYR B 1493 20.91 -42.93 -112.23
C TYR B 1493 20.26 -43.94 -111.31
N MET B 1494 19.53 -44.90 -111.86
CA MET B 1494 18.60 -45.68 -111.07
C MET B 1494 18.59 -47.12 -111.53
N VAL B 1495 18.10 -47.99 -110.66
CA VAL B 1495 17.86 -49.39 -111.02
C VAL B 1495 16.43 -49.74 -110.66
N TRP B 1496 15.85 -50.64 -111.43
CA TRP B 1496 14.48 -51.07 -111.27
C TRP B 1496 14.48 -52.34 -110.43
N GLY B 1497 13.63 -52.36 -109.40
CA GLY B 1497 13.63 -53.50 -108.51
C GLY B 1497 13.19 -54.78 -109.17
N GLY B 1498 12.58 -54.68 -110.36
CA GLY B 1498 12.16 -55.87 -111.06
C GLY B 1498 13.31 -56.59 -111.74
N ASP B 1499 14.45 -55.91 -111.90
CA ASP B 1499 15.63 -56.60 -112.38
C ASP B 1499 16.12 -57.62 -111.37
N PHE B 1500 15.76 -57.45 -110.10
CA PHE B 1500 16.30 -58.27 -109.03
C PHE B 1500 15.36 -59.37 -108.59
N VAL B 1501 14.09 -59.30 -109.00
CA VAL B 1501 13.15 -60.35 -108.66
C VAL B 1501 12.69 -61.04 -109.93
N ARG B 1508 8.98 -68.13 -105.85
CA ARG B 1508 8.51 -67.00 -106.64
C ARG B 1508 7.70 -66.04 -105.78
N ILE B 1509 7.23 -66.50 -104.64
CA ILE B 1509 6.26 -65.75 -103.85
C ILE B 1509 6.97 -64.63 -103.09
N SER B 1510 6.33 -63.46 -103.03
CA SER B 1510 6.89 -62.26 -102.41
C SER B 1510 6.43 -62.14 -100.96
N HIS B 1511 7.24 -62.65 -100.03
CA HIS B 1511 7.11 -62.33 -98.62
C HIS B 1511 8.36 -61.78 -97.98
N THR B 1512 9.48 -61.69 -98.69
CA THR B 1512 10.71 -61.18 -98.13
C THR B 1512 11.04 -59.83 -98.76
N ASP B 1513 11.50 -58.89 -97.95
CA ASP B 1513 11.78 -57.56 -98.42
C ASP B 1513 12.96 -57.57 -99.38
N LEU B 1514 13.10 -56.47 -100.11
CA LEU B 1514 14.19 -56.31 -101.07
C LEU B 1514 15.08 -55.16 -100.60
N VAL B 1515 16.33 -55.46 -100.31
CA VAL B 1515 17.24 -54.47 -99.76
C VAL B 1515 18.20 -54.08 -100.87
N ILE B 1516 17.85 -53.04 -101.61
CA ILE B 1516 18.70 -52.57 -102.70
C ILE B 1516 19.72 -51.60 -102.13
N GLY B 1517 20.99 -51.91 -102.28
CA GLY B 1517 22.06 -51.08 -101.75
C GLY B 1517 22.73 -50.32 -102.88
N CYS B 1518 23.19 -49.11 -102.57
CA CYS B 1518 23.80 -48.24 -103.55
C CYS B 1518 25.13 -47.77 -103.01
N LEU B 1519 26.17 -47.88 -103.83
CA LEU B 1519 27.52 -47.47 -103.48
C LEU B 1519 28.02 -46.43 -104.47
N VAL B 1520 28.74 -45.43 -103.98
CA VAL B 1520 29.39 -44.44 -104.82
C VAL B 1520 30.83 -44.30 -104.41
N ASP B 1521 31.72 -44.24 -105.38
CA ASP B 1521 33.14 -43.99 -105.15
C ASP B 1521 33.42 -42.56 -105.58
N LEU B 1522 33.46 -41.65 -104.61
CA LEU B 1522 33.51 -40.23 -104.91
C LEU B 1522 34.83 -39.78 -105.49
N ALA B 1523 35.82 -40.66 -105.56
CA ALA B 1523 37.10 -40.30 -106.16
C ALA B 1523 37.38 -41.11 -107.43
N THR B 1524 36.48 -41.97 -107.84
CA THR B 1524 36.53 -42.60 -109.14
C THR B 1524 35.38 -42.16 -110.03
N GLY B 1525 34.27 -41.72 -109.44
CA GLY B 1525 33.11 -41.35 -110.19
C GLY B 1525 32.21 -42.50 -110.54
N LEU B 1526 32.37 -43.64 -109.89
CA LEU B 1526 31.70 -44.86 -110.29
C LEU B 1526 30.65 -45.25 -109.27
N MET B 1527 29.52 -45.74 -109.77
CA MET B 1527 28.34 -46.02 -108.97
C MET B 1527 27.95 -47.46 -109.20
N THR B 1528 27.55 -48.14 -108.13
CA THR B 1528 27.25 -49.57 -108.22
C THR B 1528 26.06 -49.89 -107.33
N PHE B 1529 25.37 -50.96 -107.68
CA PHE B 1529 24.17 -51.36 -106.96
C PHE B 1529 24.27 -52.82 -106.58
N THR B 1530 23.72 -53.15 -105.42
CA THR B 1530 23.66 -54.53 -104.93
C THR B 1530 22.21 -54.89 -104.70
N ALA B 1531 21.81 -56.05 -105.23
CA ALA B 1531 20.40 -56.41 -105.24
C ALA B 1531 19.93 -56.84 -103.87
N ASN B 1532 20.44 -57.95 -103.37
CA ASN B 1532 20.11 -58.42 -102.03
C ASN B 1532 21.36 -58.98 -101.38
N GLY B 1533 22.49 -58.34 -101.63
CA GLY B 1533 23.79 -58.90 -101.28
C GLY B 1533 24.57 -59.20 -102.54
N LYS B 1534 23.90 -59.74 -103.54
CA LYS B 1534 24.52 -59.99 -104.83
C LYS B 1534 24.73 -58.68 -105.58
N GLU B 1535 25.83 -58.60 -106.31
CA GLU B 1535 26.17 -57.39 -107.06
C GLU B 1535 25.43 -57.38 -108.38
N SER B 1536 24.81 -56.26 -108.71
CA SER B 1536 24.10 -56.13 -109.97
C SER B 1536 25.10 -55.94 -111.09
N ASN B 1537 24.59 -55.72 -112.30
CA ASN B 1537 25.42 -55.50 -113.46
C ASN B 1537 25.24 -54.13 -114.07
N THR B 1538 24.67 -53.19 -113.34
CA THR B 1538 24.51 -51.82 -113.83
C THR B 1538 25.50 -50.94 -113.08
N PHE B 1539 26.49 -50.45 -113.78
CA PHE B 1539 27.43 -49.49 -113.24
C PHE B 1539 27.28 -48.17 -114.00
N PHE B 1540 27.38 -47.08 -113.27
CA PHE B 1540 27.34 -45.76 -113.86
C PHE B 1540 28.65 -45.05 -113.59
N GLN B 1541 29.03 -44.18 -114.51
CA GLN B 1541 30.22 -43.35 -114.35
C GLN B 1541 29.79 -41.90 -114.48
N VAL B 1542 30.25 -41.07 -113.54
CA VAL B 1542 29.88 -39.66 -113.54
C VAL B 1542 31.13 -38.80 -113.44
N GLU B 1543 31.11 -37.69 -114.16
CA GLU B 1543 32.25 -36.80 -114.26
C GLU B 1543 32.48 -36.09 -112.95
N PRO B 1544 33.66 -35.50 -112.74
CA PRO B 1544 33.98 -34.92 -111.45
C PRO B 1544 33.03 -33.81 -111.05
N ASN B 1545 32.86 -33.66 -109.75
CA ASN B 1545 32.22 -32.52 -109.11
C ASN B 1545 30.70 -32.53 -109.26
N THR B 1546 30.12 -33.67 -109.59
CA THR B 1546 28.67 -33.77 -109.72
C THR B 1546 28.02 -33.94 -108.36
N LYS B 1547 26.77 -33.49 -108.27
CA LYS B 1547 25.95 -33.67 -107.09
C LYS B 1547 24.91 -34.74 -107.38
N LEU B 1548 24.59 -35.55 -106.38
CA LEU B 1548 23.68 -36.67 -106.58
C LEU B 1548 22.91 -36.92 -105.30
N PHE B 1549 21.63 -36.62 -105.31
CA PHE B 1549 20.77 -36.87 -104.18
C PHE B 1549 20.31 -38.32 -104.20
N PRO B 1550 20.22 -38.98 -103.05
CA PRO B 1550 19.55 -40.27 -103.00
C PRO B 1550 18.10 -40.11 -103.38
N ALA B 1551 17.53 -41.12 -104.03
CA ALA B 1551 16.17 -40.98 -104.49
C ALA B 1551 15.55 -42.35 -104.72
N VAL B 1552 14.25 -42.42 -104.48
CA VAL B 1552 13.45 -43.60 -104.76
C VAL B 1552 12.16 -43.16 -105.43
N PHE B 1553 11.80 -43.82 -106.52
CA PHE B 1553 10.57 -43.54 -107.24
C PHE B 1553 9.68 -44.77 -107.11
N VAL B 1554 8.56 -44.63 -106.42
CA VAL B 1554 7.78 -45.79 -106.03
C VAL B 1554 6.30 -45.54 -106.28
N LEU B 1555 5.63 -46.53 -106.86
CA LEU B 1555 4.18 -46.52 -106.94
C LEU B 1555 3.67 -47.39 -105.82
N PRO B 1556 3.01 -46.83 -104.81
CA PRO B 1556 2.65 -47.64 -103.64
C PRO B 1556 1.77 -48.81 -104.00
N THR B 1557 2.07 -49.95 -103.40
CA THR B 1557 1.26 -51.16 -103.51
C THR B 1557 1.01 -51.76 -102.14
N HIS B 1558 1.33 -51.04 -101.08
CA HIS B 1558 1.14 -51.50 -99.72
C HIS B 1558 1.25 -50.31 -98.79
N GLN B 1559 0.64 -50.41 -97.62
CA GLN B 1559 0.70 -49.30 -96.68
C GLN B 1559 2.07 -49.20 -96.01
N ASN B 1560 2.92 -50.20 -96.19
CA ASN B 1560 4.33 -50.12 -95.86
C ASN B 1560 5.10 -50.13 -97.18
N VAL B 1561 5.54 -48.96 -97.61
CA VAL B 1561 6.00 -48.80 -98.98
C VAL B 1561 7.49 -49.09 -99.09
N ILE B 1562 8.31 -48.24 -98.48
CA ILE B 1562 9.76 -48.36 -98.55
C ILE B 1562 10.35 -47.85 -97.24
N GLN B 1563 11.66 -47.96 -97.13
CA GLN B 1563 12.36 -47.51 -95.94
C GLN B 1563 13.80 -47.20 -96.32
N PHE B 1564 14.17 -45.92 -96.31
CA PHE B 1564 15.55 -45.53 -96.49
C PHE B 1564 16.36 -46.08 -95.32
N GLU B 1565 17.55 -46.60 -95.59
CA GLU B 1565 18.42 -47.13 -94.56
C GLU B 1565 19.81 -46.52 -94.73
N LEU B 1566 20.19 -45.67 -93.80
CA LEU B 1566 21.43 -44.91 -93.89
C LEU B 1566 22.50 -45.65 -93.10
N GLY B 1567 22.83 -46.85 -93.54
CA GLY B 1567 23.82 -47.65 -92.84
C GLY B 1567 25.13 -47.73 -93.59
N LYS B 1568 25.98 -48.65 -93.19
CA LYS B 1568 27.29 -48.82 -93.81
C LYS B 1568 27.58 -50.29 -93.99
N GLN B 1569 28.47 -50.60 -94.92
CA GLN B 1569 28.98 -51.95 -95.05
C GLN B 1569 30.34 -52.04 -94.38
N LYS B 1570 30.99 -53.18 -94.53
CA LYS B 1570 32.34 -53.32 -94.00
C LYS B 1570 33.31 -52.60 -94.90
N ASN B 1571 33.97 -51.58 -94.35
CA ASN B 1571 34.98 -50.77 -95.03
C ASN B 1571 34.36 -49.81 -96.05
N ILE B 1572 33.08 -49.47 -95.89
CA ILE B 1572 32.43 -48.43 -96.67
C ILE B 1572 31.72 -47.51 -95.70
N MET B 1573 32.01 -46.22 -95.78
CA MET B 1573 31.45 -45.25 -94.87
C MET B 1573 29.98 -45.04 -95.20
N PRO B 1574 29.20 -44.51 -94.27
CA PRO B 1574 27.79 -44.23 -94.55
C PRO B 1574 27.64 -42.91 -95.29
N LEU B 1575 26.39 -42.61 -95.64
CA LEU B 1575 26.11 -41.37 -96.36
C LEU B 1575 26.44 -40.14 -95.52
N SER B 1576 26.13 -40.19 -94.22
CA SER B 1576 26.30 -39.01 -93.38
C SER B 1576 27.73 -38.53 -93.38
N ALA B 1577 28.68 -39.39 -93.68
CA ALA B 1577 30.06 -38.96 -93.81
C ALA B 1577 30.27 -38.14 -95.08
N ALA B 1578 29.60 -38.52 -96.17
CA ALA B 1578 29.73 -37.78 -97.41
C ALA B 1578 28.96 -36.49 -97.37
N MET B 1579 27.82 -36.48 -96.70
CA MET B 1579 26.92 -35.33 -96.76
C MET B 1579 27.43 -34.18 -95.93
N PHE B 1580 27.93 -34.45 -94.73
CA PHE B 1580 28.32 -33.43 -93.77
C PHE B 1580 29.83 -33.40 -93.63
N LEU B 1581 30.39 -32.20 -93.67
CA LEU B 1581 31.83 -32.05 -93.60
C LEU B 1581 32.37 -32.49 -92.25
N SER B 1582 31.64 -32.21 -91.17
CA SER B 1582 32.11 -32.55 -89.85
C SER B 1582 32.26 -34.05 -89.65
N GLU B 1583 31.60 -34.86 -90.47
CA GLU B 1583 31.56 -36.30 -90.27
C GLU B 1583 32.38 -37.06 -91.30
N ARG B 1584 33.33 -36.40 -91.96
CA ARG B 1584 34.08 -37.07 -93.02
C ARG B 1584 34.83 -38.28 -92.51
N LYS B 1585 35.15 -38.33 -91.22
CA LYS B 1585 35.89 -39.45 -90.67
C LYS B 1585 35.08 -40.24 -89.65
N ASN B 1586 33.84 -39.89 -89.42
CA ASN B 1586 33.03 -40.60 -88.46
C ASN B 1586 32.36 -41.78 -89.14
N PRO B 1587 32.69 -43.01 -88.76
CA PRO B 1587 32.04 -44.19 -89.36
C PRO B 1587 30.74 -44.62 -88.70
N ALA B 1588 30.19 -43.81 -87.83
CA ALA B 1588 28.93 -44.19 -87.22
C ALA B 1588 27.78 -43.58 -87.99
N PRO B 1589 26.85 -44.38 -88.47
CA PRO B 1589 25.73 -43.83 -89.25
C PRO B 1589 24.93 -42.83 -88.43
N GLN B 1590 24.53 -41.75 -89.07
CA GLN B 1590 23.73 -40.72 -88.45
C GLN B 1590 22.61 -40.29 -89.38
N CYS B 1591 21.62 -39.61 -88.80
CA CYS B 1591 20.50 -39.06 -89.55
C CYS B 1591 20.12 -37.74 -88.91
N PRO B 1592 20.86 -36.69 -89.20
CA PRO B 1592 20.59 -35.41 -88.58
C PRO B 1592 19.32 -34.79 -89.12
N PRO B 1593 18.75 -33.80 -88.43
CA PRO B 1593 17.45 -33.26 -88.85
C PRO B 1593 17.46 -32.59 -90.20
N ARG B 1594 18.61 -32.28 -90.77
CA ARG B 1594 18.62 -31.72 -92.11
C ARG B 1594 18.37 -32.76 -93.18
N LEU B 1595 18.57 -34.04 -92.86
CA LEU B 1595 18.30 -35.11 -93.80
C LEU B 1595 16.83 -35.50 -93.69
N GLU B 1596 16.08 -35.26 -94.76
CA GLU B 1596 14.64 -35.48 -94.70
C GLU B 1596 14.13 -35.80 -96.10
N VAL B 1597 13.18 -36.72 -96.17
CA VAL B 1597 12.65 -37.14 -97.47
C VAL B 1597 11.84 -36.00 -98.06
N GLN B 1598 12.14 -35.68 -99.31
CA GLN B 1598 11.40 -34.68 -100.08
C GLN B 1598 10.69 -35.37 -101.23
N MET B 1599 9.55 -34.85 -101.61
CA MET B 1599 8.77 -35.41 -102.70
C MET B 1599 8.59 -34.37 -103.80
N LEU B 1600 8.29 -34.83 -105.00
CA LEU B 1600 8.20 -33.96 -106.17
C LEU B 1600 6.83 -33.33 -106.21
N MET B 1601 6.78 -32.03 -106.23
CA MET B 1601 5.52 -31.33 -106.34
C MET B 1601 5.31 -30.87 -107.77
N PRO B 1602 4.13 -31.06 -108.34
CA PRO B 1602 3.95 -30.72 -109.76
C PRO B 1602 4.05 -29.24 -110.04
N VAL B 1603 3.47 -28.40 -109.18
CA VAL B 1603 3.35 -26.97 -109.42
C VAL B 1603 3.84 -26.23 -108.18
N SER B 1604 4.29 -25.01 -108.39
CA SER B 1604 4.71 -24.14 -107.31
C SER B 1604 4.53 -22.70 -107.75
N TRP B 1605 4.29 -21.82 -106.79
CA TRP B 1605 4.11 -20.41 -107.12
C TRP B 1605 5.44 -19.81 -107.54
N SER B 1606 5.36 -18.74 -108.32
CA SER B 1606 6.58 -18.08 -108.75
C SER B 1606 6.30 -16.64 -109.12
N ARG B 1607 7.25 -15.77 -108.79
CA ARG B 1607 7.10 -14.36 -109.08
C ARG B 1607 7.15 -14.08 -110.58
N MET B 1608 6.32 -13.15 -111.01
CA MET B 1608 6.39 -12.65 -112.36
C MET B 1608 7.29 -11.43 -112.40
N PRO B 1609 8.32 -11.42 -113.24
CA PRO B 1609 9.22 -10.28 -113.28
C PRO B 1609 8.48 -8.99 -113.58
N ASN B 1610 9.00 -7.89 -113.05
CA ASN B 1610 8.37 -6.60 -113.27
C ASN B 1610 8.58 -6.12 -114.70
N HIS B 1611 9.75 -6.40 -115.26
CA HIS B 1611 10.10 -5.96 -116.60
C HIS B 1611 10.62 -7.16 -117.37
N PHE B 1612 10.18 -7.29 -118.61
CA PHE B 1612 10.59 -8.40 -119.46
C PHE B 1612 11.43 -7.88 -120.62
N LEU B 1613 12.22 -8.78 -121.19
CA LEU B 1613 13.08 -8.41 -122.29
C LEU B 1613 12.24 -7.99 -123.49
N GLN B 1614 12.76 -7.06 -124.27
CA GLN B 1614 12.05 -6.55 -125.43
C GLN B 1614 12.78 -7.02 -126.68
N VAL B 1615 12.25 -8.08 -127.28
CA VAL B 1615 12.85 -8.71 -128.46
C VAL B 1615 12.08 -8.27 -129.69
N GLU B 1616 12.78 -8.06 -130.79
CA GLU B 1616 12.17 -7.64 -132.04
C GLU B 1616 12.50 -8.66 -133.11
N THR B 1617 11.47 -9.13 -133.80
CA THR B 1617 11.60 -10.11 -134.87
C THR B 1617 10.95 -9.57 -136.13
N ARG B 1618 11.59 -9.81 -137.27
CA ARG B 1618 11.09 -9.27 -138.51
C ARG B 1618 11.71 -10.06 -139.66
N ARG B 1619 10.94 -10.30 -140.70
CA ARG B 1619 11.48 -10.96 -141.87
C ARG B 1619 12.31 -9.94 -142.63
N ALA B 1620 13.62 -10.04 -142.48
CA ALA B 1620 14.50 -9.02 -143.04
C ALA B 1620 14.42 -8.98 -144.56
N GLY B 1621 14.23 -10.12 -145.19
CA GLY B 1621 14.09 -10.17 -146.63
C GLY B 1621 13.93 -11.59 -147.08
N GLU B 1622 13.82 -11.77 -148.39
CA GLU B 1622 13.80 -13.13 -148.92
C GLU B 1622 15.15 -13.79 -148.75
N ARG B 1623 16.23 -13.02 -148.83
CA ARG B 1623 17.57 -13.57 -148.76
C ARG B 1623 18.21 -13.36 -147.40
N LEU B 1624 17.75 -12.39 -146.63
CA LEU B 1624 18.37 -12.15 -145.33
C LEU B 1624 17.82 -13.07 -144.25
N GLY B 1625 16.57 -13.50 -144.40
CA GLY B 1625 15.97 -14.38 -143.42
C GLY B 1625 15.47 -13.63 -142.21
N TRP B 1626 14.90 -14.39 -141.29
CA TRP B 1626 14.28 -13.81 -140.11
C TRP B 1626 15.33 -13.27 -139.15
N ALA B 1627 15.08 -12.08 -138.63
CA ALA B 1627 16.04 -11.39 -137.78
C ALA B 1627 15.50 -11.31 -136.35
N VAL B 1628 16.43 -11.37 -135.40
CA VAL B 1628 16.11 -11.23 -133.99
C VAL B 1628 17.00 -10.15 -133.42
N GLN B 1629 16.48 -9.37 -132.49
CA GLN B 1629 17.24 -8.24 -131.98
C GLN B 1629 16.76 -7.87 -130.59
N CYS B 1630 17.64 -8.01 -129.60
CA CYS B 1630 17.40 -7.53 -128.25
C CYS B 1630 18.59 -6.67 -127.86
N GLN B 1631 18.32 -5.46 -127.38
CA GLN B 1631 19.41 -4.54 -127.10
C GLN B 1631 19.30 -3.79 -125.78
N ASP B 1632 18.13 -3.71 -125.17
CA ASP B 1632 18.06 -3.04 -123.86
C ASP B 1632 18.29 -4.05 -122.75
N PRO B 1633 19.28 -3.84 -121.89
CA PRO B 1633 19.65 -4.87 -120.92
C PRO B 1633 18.70 -4.94 -119.73
N LEU B 1634 18.68 -6.12 -119.12
CA LEU B 1634 17.92 -6.37 -117.91
C LEU B 1634 18.73 -7.28 -117.01
N THR B 1635 18.76 -6.96 -115.73
CA THR B 1635 19.48 -7.76 -114.75
C THR B 1635 18.51 -8.22 -113.67
N MET B 1636 19.02 -9.05 -112.77
CA MET B 1636 18.24 -9.54 -111.65
C MET B 1636 19.21 -9.91 -110.55
N MET B 1637 18.86 -9.62 -109.32
CA MET B 1637 19.70 -9.96 -108.19
C MET B 1637 19.26 -11.35 -107.73
N ALA B 1638 20.04 -12.34 -108.10
CA ALA B 1638 19.72 -13.74 -107.89
C ALA B 1638 19.90 -14.11 -106.42
N LEU B 1639 19.38 -15.28 -106.07
CA LEU B 1639 19.61 -15.89 -104.77
C LEU B 1639 19.74 -17.38 -105.00
N HIS B 1640 20.86 -17.93 -104.59
CA HIS B 1640 21.28 -19.27 -104.98
C HIS B 1640 21.23 -20.16 -103.75
N ILE B 1641 20.47 -21.25 -103.83
CA ILE B 1641 20.49 -22.24 -102.76
C ILE B 1641 21.59 -23.23 -103.09
N PRO B 1642 22.71 -23.23 -102.36
CA PRO B 1642 23.89 -23.94 -102.85
C PRO B 1642 23.73 -25.45 -102.92
N GLU B 1643 23.03 -26.06 -101.97
CA GLU B 1643 22.94 -27.51 -101.98
C GLU B 1643 22.09 -28.02 -103.11
N GLU B 1644 21.07 -27.26 -103.52
CA GLU B 1644 20.15 -27.68 -104.55
C GLU B 1644 20.56 -27.21 -105.94
N ASN B 1645 21.56 -26.36 -106.04
CA ASN B 1645 22.03 -25.82 -107.31
C ASN B 1645 20.89 -25.21 -108.10
N ARG B 1646 20.16 -24.33 -107.44
CA ARG B 1646 19.07 -23.62 -108.10
C ARG B 1646 19.06 -22.18 -107.62
N CYS B 1647 18.39 -21.36 -108.42
CA CYS B 1647 18.38 -19.91 -108.28
C CYS B 1647 16.94 -19.41 -108.31
N MET B 1648 16.66 -18.44 -107.44
CA MET B 1648 15.39 -17.74 -107.46
C MET B 1648 15.66 -16.26 -107.27
N ASP B 1649 14.74 -15.44 -107.75
CA ASP B 1649 14.90 -14.00 -107.56
C ASP B 1649 14.88 -13.69 -106.07
N ILE B 1650 15.59 -12.61 -105.70
CA ILE B 1650 15.58 -12.22 -104.31
C ILE B 1650 14.27 -11.58 -103.91
N LEU B 1651 13.56 -10.96 -104.86
CA LEU B 1651 12.24 -10.42 -104.58
C LEU B 1651 11.21 -11.52 -104.37
N GLU B 1652 11.54 -12.76 -104.70
CA GLU B 1652 10.70 -13.88 -104.30
C GLU B 1652 10.74 -14.09 -102.80
N LEU B 1653 11.62 -13.38 -102.10
CA LEU B 1653 11.63 -13.38 -100.65
C LEU B 1653 10.61 -12.43 -100.07
N SER B 1654 9.61 -12.03 -100.84
CA SER B 1654 8.49 -11.31 -100.28
C SER B 1654 7.45 -12.24 -99.71
N GLU B 1655 7.45 -13.50 -100.12
CA GLU B 1655 6.53 -14.50 -99.61
C GLU B 1655 7.23 -15.73 -99.09
N ARG B 1656 8.55 -15.84 -99.23
CA ARG B 1656 9.32 -16.93 -98.67
C ARG B 1656 9.95 -16.43 -97.38
N LEU B 1657 9.15 -16.41 -96.33
CA LEU B 1657 9.51 -15.65 -95.13
C LEU B 1657 10.61 -16.33 -94.33
N ASP B 1658 10.69 -17.65 -94.35
CA ASP B 1658 11.77 -18.32 -93.64
C ASP B 1658 13.12 -17.96 -94.25
N LEU B 1659 13.20 -17.94 -95.57
CA LEU B 1659 14.41 -17.49 -96.23
C LEU B 1659 14.69 -16.03 -95.94
N GLN B 1660 13.64 -15.21 -95.78
CA GLN B 1660 13.85 -13.84 -95.34
C GLN B 1660 14.55 -13.78 -94.01
N ARG B 1661 14.04 -14.51 -93.03
CA ARG B 1661 14.66 -14.46 -91.71
C ARG B 1661 16.09 -14.92 -91.79
N PHE B 1662 16.33 -16.02 -92.47
CA PHE B 1662 17.69 -16.53 -92.55
C PHE B 1662 18.60 -15.54 -93.26
N HIS B 1663 18.12 -14.89 -94.32
CA HIS B 1663 18.98 -14.00 -95.08
C HIS B 1663 19.21 -12.67 -94.35
N SER B 1664 18.19 -12.13 -93.71
CA SER B 1664 18.37 -10.93 -92.91
C SER B 1664 19.38 -11.18 -91.81
N HIS B 1665 19.33 -12.33 -91.17
CA HIS B 1665 20.31 -12.63 -90.16
C HIS B 1665 21.67 -12.99 -90.76
N THR B 1666 21.70 -13.44 -92.01
CA THR B 1666 22.99 -13.58 -92.69
C THR B 1666 23.65 -12.23 -92.85
N LEU B 1667 22.90 -11.22 -93.26
CA LEU B 1667 23.45 -9.88 -93.35
C LEU B 1667 23.83 -9.31 -92.00
N ARG B 1668 23.07 -9.62 -90.94
CA ARG B 1668 23.53 -9.22 -89.61
C ARG B 1668 24.84 -9.88 -89.27
N LEU B 1669 25.02 -11.14 -89.67
CA LEU B 1669 26.29 -11.81 -89.44
C LEU B 1669 27.42 -11.13 -90.19
N TYR B 1670 27.18 -10.75 -91.45
CA TYR B 1670 28.19 -10.04 -92.22
C TYR B 1670 28.58 -8.74 -91.53
N ARG B 1671 27.59 -7.98 -91.09
CA ARG B 1671 27.87 -6.73 -90.42
C ARG B 1671 28.59 -6.94 -89.10
N ALA B 1672 28.36 -8.06 -88.43
CA ALA B 1672 29.05 -8.34 -87.19
C ALA B 1672 30.51 -8.71 -87.42
N VAL B 1673 30.78 -9.54 -88.42
CA VAL B 1673 32.14 -10.02 -88.60
C VAL B 1673 33.06 -8.94 -89.14
N CYS B 1674 32.52 -7.86 -89.69
CA CYS B 1674 33.32 -6.74 -90.15
C CYS B 1674 33.17 -5.51 -89.27
N ALA B 1675 32.61 -5.67 -88.09
CA ALA B 1675 32.25 -4.54 -87.25
C ALA B 1675 33.44 -4.01 -86.48
N LEU B 1676 33.34 -2.74 -86.10
CA LEU B 1676 34.30 -2.09 -85.23
C LEU B 1676 35.72 -2.23 -85.74
N GLY B 1677 35.94 -1.81 -86.98
CA GLY B 1677 37.28 -1.58 -87.50
C GLY B 1677 37.88 -2.72 -88.29
N ASN B 1678 37.26 -3.88 -88.38
CA ASN B 1678 37.87 -5.01 -89.08
C ASN B 1678 37.76 -4.76 -90.56
N ASN B 1679 38.72 -4.02 -91.11
CA ASN B 1679 38.78 -3.79 -92.54
C ASN B 1679 39.36 -4.96 -93.28
N ARG B 1680 40.09 -5.83 -92.60
CA ARG B 1680 40.58 -7.05 -93.23
C ARG B 1680 39.47 -7.99 -93.60
N VAL B 1681 38.35 -7.94 -92.85
CA VAL B 1681 37.21 -8.78 -93.17
C VAL B 1681 36.22 -8.05 -94.09
N ALA B 1682 36.21 -6.72 -94.05
CA ALA B 1682 35.40 -5.98 -95.00
C ALA B 1682 35.84 -6.24 -96.43
N HIS B 1683 37.15 -6.34 -96.64
CA HIS B 1683 37.66 -6.68 -97.96
C HIS B 1683 37.17 -8.05 -98.38
N ALA B 1684 37.17 -9.00 -97.48
CA ALA B 1684 36.70 -10.34 -97.81
C ALA B 1684 35.22 -10.30 -98.18
N LEU B 1685 34.42 -9.57 -97.42
CA LEU B 1685 33.00 -9.47 -97.72
C LEU B 1685 32.72 -8.69 -98.98
N CYS B 1686 33.66 -8.13 -99.65
CA CYS B 1686 33.40 -7.47 -100.88
C CYS B 1686 33.52 -8.46 -101.96
N SER B 1687 33.60 -9.72 -101.63
CA SER B 1687 33.66 -10.77 -102.62
C SER B 1687 32.47 -11.63 -102.46
N HIS B 1688 31.60 -11.33 -101.55
CA HIS B 1688 30.47 -12.12 -101.28
C HIS B 1688 29.32 -11.23 -101.57
N VAL B 1689 29.42 -9.93 -101.30
CA VAL B 1689 28.41 -8.95 -101.67
C VAL B 1689 29.15 -7.82 -102.37
N ASP B 1690 29.22 -7.78 -103.67
CA ASP B 1690 29.96 -6.76 -104.36
C ASP B 1690 29.32 -5.43 -104.49
N GLN B 1691 30.01 -4.45 -105.06
CA GLN B 1691 29.52 -3.10 -105.16
C GLN B 1691 28.30 -3.03 -105.95
N ALA B 1692 28.22 -3.79 -107.00
CA ALA B 1692 27.10 -3.74 -107.88
C ALA B 1692 25.87 -4.28 -107.27
N GLN B 1693 25.97 -5.31 -106.49
CA GLN B 1693 24.78 -5.76 -105.78
C GLN B 1693 24.34 -4.74 -104.75
N LEU B 1694 25.28 -4.12 -104.04
CA LEU B 1694 24.91 -3.13 -103.05
C LEU B 1694 24.25 -1.92 -103.70
N LEU B 1695 24.87 -1.39 -104.75
CA LEU B 1695 24.29 -0.24 -105.42
C LEU B 1695 22.97 -0.59 -106.09
N HIS B 1696 22.78 -1.85 -106.45
CA HIS B 1696 21.50 -2.29 -106.98
C HIS B 1696 20.44 -2.33 -105.90
N ALA B 1697 20.79 -2.90 -104.75
CA ALA B 1697 19.82 -3.04 -103.67
C ALA B 1697 19.45 -1.70 -103.07
N LEU B 1698 20.31 -0.70 -103.21
CA LEU B 1698 19.94 0.62 -102.72
C LEU B 1698 18.76 1.19 -103.48
N GLU B 1699 18.69 0.97 -104.79
CA GLU B 1699 17.64 1.54 -105.62
C GLU B 1699 16.47 0.59 -105.86
N ASP B 1700 16.52 -0.62 -105.32
CA ASP B 1700 15.54 -1.65 -105.62
C ASP B 1700 14.27 -1.37 -104.86
N ALA B 1701 13.18 -1.16 -105.59
CA ALA B 1701 11.94 -0.73 -104.97
C ALA B 1701 11.18 -1.90 -104.35
N HIS B 1702 11.35 -3.10 -104.87
CA HIS B 1702 10.55 -4.23 -104.44
C HIS B 1702 11.22 -5.10 -103.40
N LEU B 1703 12.38 -4.72 -102.92
CA LEU B 1703 13.01 -5.51 -101.87
C LEU B 1703 12.16 -5.46 -100.61
N PRO B 1704 11.92 -6.58 -99.95
CA PRO B 1704 11.25 -6.52 -98.64
C PRO B 1704 12.09 -5.73 -97.66
N GLY B 1705 11.41 -5.06 -96.74
CA GLY B 1705 12.04 -4.13 -95.83
C GLY B 1705 13.20 -4.68 -95.04
N PRO B 1706 13.05 -5.85 -94.43
CA PRO B 1706 14.15 -6.40 -93.64
C PRO B 1706 15.41 -6.62 -94.47
N LEU B 1707 15.26 -6.74 -95.78
CA LEU B 1707 16.41 -6.87 -96.65
C LEU B 1707 16.89 -5.53 -97.21
N ARG B 1708 15.97 -4.59 -97.43
CA ARG B 1708 16.38 -3.25 -97.83
C ARG B 1708 17.23 -2.60 -96.75
N ALA B 1709 16.74 -2.63 -95.51
CA ALA B 1709 17.52 -2.09 -94.40
C ALA B 1709 18.80 -2.86 -94.19
N GLY B 1710 18.77 -4.17 -94.38
CA GLY B 1710 19.97 -4.96 -94.22
C GLY B 1710 21.05 -4.60 -95.23
N TYR B 1711 20.66 -4.44 -96.50
CA TYR B 1711 21.62 -4.10 -97.52
C TYR B 1711 22.05 -2.64 -97.45
N TYR B 1712 21.28 -1.77 -96.85
CA TYR B 1712 21.77 -0.43 -96.58
C TYR B 1712 22.77 -0.41 -95.44
N ASP B 1713 22.50 -1.18 -94.39
CA ASP B 1713 23.45 -1.24 -93.28
C ASP B 1713 24.73 -1.94 -93.68
N LEU B 1714 24.64 -2.92 -94.57
CA LEU B 1714 25.83 -3.65 -94.99
C LEU B 1714 26.79 -2.76 -95.76
N LEU B 1715 26.27 -1.87 -96.61
CA LEU B 1715 27.14 -0.95 -97.33
C LEU B 1715 27.91 -0.07 -96.37
N ILE B 1716 27.21 0.49 -95.38
CA ILE B 1716 27.86 1.34 -94.40
C ILE B 1716 28.90 0.56 -93.63
N SER B 1717 28.57 -0.66 -93.23
CA SER B 1717 29.50 -1.46 -92.44
C SER B 1717 30.75 -1.80 -93.24
N ILE B 1718 30.58 -2.20 -94.50
CA ILE B 1718 31.72 -2.63 -95.29
C ILE B 1718 32.62 -1.44 -95.63
N HIS B 1719 32.01 -0.33 -96.06
CA HIS B 1719 32.76 0.73 -96.72
C HIS B 1719 32.91 1.99 -95.89
N LEU B 1720 31.88 2.42 -95.17
CA LEU B 1720 31.84 3.77 -94.64
C LEU B 1720 31.97 3.86 -93.12
N GLU B 1721 31.67 2.79 -92.38
CA GLU B 1721 31.51 2.92 -90.94
C GLU B 1721 32.82 3.30 -90.25
N SER B 1722 33.93 2.68 -90.64
CA SER B 1722 35.20 2.98 -89.99
C SER B 1722 35.59 4.42 -90.21
N ALA B 1723 35.50 4.89 -91.46
CA ALA B 1723 35.81 6.29 -91.74
C ALA B 1723 34.85 7.20 -91.01
N CYS B 1724 33.59 6.82 -90.89
CA CYS B 1724 32.63 7.65 -90.19
C CYS B 1724 33.01 7.81 -88.72
N ARG B 1725 33.36 6.72 -88.04
CA ARG B 1725 33.68 6.85 -86.62
C ARG B 1725 34.99 7.60 -86.42
N SER B 1726 35.96 7.37 -87.29
CA SER B 1726 37.21 8.11 -87.16
C SER B 1726 37.00 9.59 -87.35
N ARG B 1727 36.18 9.98 -88.33
CA ARG B 1727 35.86 11.39 -88.50
C ARG B 1727 35.06 11.91 -87.32
N ARG B 1728 34.12 11.13 -86.82
CA ARG B 1728 33.25 11.57 -85.74
C ARG B 1728 34.01 11.78 -84.44
N SER B 1729 35.12 11.09 -84.25
CA SER B 1729 35.95 11.33 -83.08
C SER B 1729 36.74 12.64 -83.15
N MET B 1730 36.99 13.15 -84.35
CA MET B 1730 37.70 14.41 -84.50
C MET B 1730 36.76 15.60 -84.60
N LEU B 1731 35.46 15.39 -84.48
CA LEU B 1731 34.48 16.45 -84.70
C LEU B 1731 34.19 17.24 -83.43
N SER B 1732 34.91 16.98 -82.35
CA SER B 1732 34.73 17.72 -81.12
C SER B 1732 35.94 18.57 -80.77
N GLU B 1733 37.00 18.52 -81.57
CA GLU B 1733 38.19 19.32 -81.35
C GLU B 1733 38.41 20.18 -82.57
N TYR B 1734 38.67 21.47 -82.34
CA TYR B 1734 38.76 22.46 -83.41
C TYR B 1734 40.16 23.04 -83.43
N ILE B 1735 41.06 22.42 -84.19
CA ILE B 1735 42.37 22.97 -84.44
C ILE B 1735 42.25 23.82 -85.70
N VAL B 1736 42.41 25.12 -85.56
CA VAL B 1736 42.17 26.07 -86.64
C VAL B 1736 43.50 26.71 -87.01
N PRO B 1737 44.03 26.45 -88.21
CA PRO B 1737 45.31 27.04 -88.61
C PRO B 1737 45.14 28.49 -89.02
N LEU B 1738 46.17 29.28 -88.74
CA LEU B 1738 46.11 30.73 -88.98
C LEU B 1738 46.49 31.06 -90.42
N THR B 1739 45.79 30.43 -91.34
CA THR B 1739 45.97 30.66 -92.77
C THR B 1739 45.11 31.83 -93.21
N PRO B 1740 45.40 32.42 -94.37
CA PRO B 1740 44.51 33.45 -94.90
C PRO B 1740 43.09 32.96 -95.13
N GLU B 1741 42.93 31.70 -95.53
CA GLU B 1741 41.60 31.12 -95.63
C GLU B 1741 40.84 31.26 -94.31
N THR B 1742 41.50 30.93 -93.20
CA THR B 1742 40.89 31.16 -91.90
C THR B 1742 40.62 32.62 -91.66
N ARG B 1743 41.58 33.48 -92.01
CA ARG B 1743 41.44 34.90 -91.77
C ARG B 1743 40.22 35.49 -92.46
N ALA B 1744 39.79 34.90 -93.57
CA ALA B 1744 38.65 35.42 -94.28
C ALA B 1744 37.31 35.07 -93.63
N ILE B 1745 37.29 34.12 -92.70
CA ILE B 1745 36.03 33.68 -92.11
C ILE B 1745 35.37 34.81 -91.36
N THR B 1746 34.07 34.95 -91.55
CA THR B 1746 33.25 35.91 -90.80
C THR B 1746 31.99 35.21 -90.35
N LEU B 1747 31.39 35.73 -89.27
CA LEU B 1747 30.21 35.09 -88.73
C LEU B 1747 29.06 35.12 -89.72
N PHE B 1748 28.75 36.30 -90.24
CA PHE B 1748 27.61 36.46 -91.12
C PHE B 1748 28.11 36.71 -92.54
N PRO B 1749 27.50 36.09 -93.54
CA PRO B 1749 27.94 36.31 -94.91
C PRO B 1749 27.86 37.79 -95.24
N PRO B 1750 28.84 38.31 -95.98
CA PRO B 1750 28.89 39.76 -96.22
C PRO B 1750 27.63 40.25 -96.92
N GLY B 1751 27.21 41.46 -96.57
CA GLY B 1751 26.04 42.05 -97.14
C GLY B 1751 24.75 41.56 -96.51
N ARG B 1758 22.92 41.44 -91.50
CA ARG B 1758 23.10 40.41 -90.50
C ARG B 1758 22.02 39.33 -90.63
N ARG B 1759 22.14 38.49 -91.66
CA ARG B 1759 21.33 37.30 -91.81
C ARG B 1759 22.21 36.08 -91.57
N HIS B 1760 21.64 35.04 -90.97
CA HIS B 1760 22.37 33.79 -90.89
C HIS B 1760 22.59 33.20 -92.27
N GLY B 1761 23.79 32.71 -92.52
CA GLY B 1761 24.02 31.89 -93.68
C GLY B 1761 23.49 30.49 -93.44
N LEU B 1762 23.52 29.68 -94.48
CA LEU B 1762 23.02 28.33 -94.35
C LEU B 1762 23.99 27.51 -93.50
N PRO B 1763 23.48 26.70 -92.58
CA PRO B 1763 24.36 25.85 -91.79
C PRO B 1763 25.02 24.81 -92.65
N GLY B 1764 26.29 24.53 -92.37
CA GLY B 1764 27.03 23.57 -93.14
C GLY B 1764 27.48 24.04 -94.49
N VAL B 1765 27.08 25.23 -94.90
CA VAL B 1765 27.50 25.82 -96.17
C VAL B 1765 28.46 26.94 -95.84
N GLY B 1766 29.71 26.77 -96.23
CA GLY B 1766 30.70 27.79 -95.97
C GLY B 1766 32.10 27.20 -96.04
N VAL B 1767 33.07 28.00 -95.61
CA VAL B 1767 34.46 27.58 -95.59
C VAL B 1767 34.83 27.19 -94.17
N THR B 1768 35.39 26.00 -94.01
CA THR B 1768 35.83 25.49 -92.72
C THR B 1768 37.29 25.14 -92.82
N THR B 1769 38.08 25.59 -91.83
CA THR B 1769 39.50 25.35 -91.85
C THR B 1769 39.97 24.42 -90.75
N SER B 1770 39.08 23.96 -89.87
CA SER B 1770 39.49 23.06 -88.81
C SER B 1770 40.12 21.81 -89.42
N LEU B 1771 41.23 21.37 -88.83
CA LEU B 1771 41.94 20.19 -89.30
C LEU B 1771 41.14 18.95 -88.96
N ARG B 1772 40.75 18.20 -89.98
CA ARG B 1772 40.28 16.85 -89.84
C ARG B 1772 41.07 16.01 -90.83
N PRO B 1773 41.74 14.94 -90.38
CA PRO B 1773 42.59 14.20 -91.28
C PRO B 1773 41.77 13.55 -92.38
N PRO B 1774 42.30 13.50 -93.59
CA PRO B 1774 41.61 12.78 -94.66
C PRO B 1774 41.52 11.32 -94.33
N HIS B 1775 40.39 10.72 -94.70
CA HIS B 1775 40.15 9.31 -94.45
C HIS B 1775 40.48 8.47 -95.67
N HIS B 1776 41.15 7.35 -95.41
CA HIS B 1776 41.87 6.59 -96.41
C HIS B 1776 41.10 5.34 -96.79
N PHE B 1777 41.21 4.95 -98.05
CA PHE B 1777 40.54 3.77 -98.58
C PHE B 1777 41.52 3.01 -99.46
N SER B 1778 41.25 1.76 -99.74
CA SER B 1778 42.11 0.96 -100.58
C SER B 1778 41.25 0.18 -101.48
N PRO B 1779 41.67 -0.03 -102.70
CA PRO B 1779 40.78 -0.70 -103.63
C PRO B 1779 40.58 -2.16 -103.38
N PRO B 1780 39.39 -2.71 -103.62
CA PRO B 1780 39.29 -4.15 -103.37
C PRO B 1780 39.68 -5.10 -104.50
N CYS B 1781 40.82 -5.77 -104.45
CA CYS B 1781 41.28 -6.70 -105.47
C CYS B 1781 41.73 -7.98 -104.89
N PHE B 1782 41.32 -9.09 -105.49
CA PHE B 1782 41.63 -10.40 -105.00
C PHE B 1782 42.51 -11.16 -105.93
N VAL B 1783 43.34 -10.47 -106.68
CA VAL B 1783 44.33 -11.06 -107.55
C VAL B 1783 45.70 -10.52 -107.15
N ALA B 1784 45.82 -9.78 -106.06
CA ALA B 1784 47.07 -9.17 -105.63
C ALA B 1784 47.86 -10.17 -104.79
N ALA B 1785 49.18 -10.16 -104.98
CA ALA B 1785 50.03 -11.13 -104.31
C ALA B 1785 50.02 -10.90 -102.80
N LEU B 1786 50.37 -11.95 -102.06
CA LEU B 1786 50.36 -11.89 -100.60
C LEU B 1786 51.69 -11.38 -100.06
N ALA B 1794 52.45 -6.68 -90.94
CA ALA B 1794 51.22 -6.47 -91.70
C ALA B 1794 50.53 -5.19 -91.27
N PRO B 1795 50.81 -4.09 -91.98
CA PRO B 1795 50.15 -2.82 -91.65
C PRO B 1795 48.64 -2.95 -91.78
N ALA B 1796 47.93 -2.24 -90.90
CA ALA B 1796 46.48 -2.37 -90.84
C ALA B 1796 45.88 -2.04 -92.20
N ARG B 1797 44.95 -2.88 -92.63
CA ARG B 1797 44.31 -2.71 -93.92
C ARG B 1797 43.26 -1.62 -93.84
N LEU B 1798 43.10 -0.88 -94.93
CA LEU B 1798 42.16 0.21 -94.98
C LEU B 1798 40.81 -0.26 -95.50
N SER B 1799 39.80 0.57 -95.34
CA SER B 1799 38.45 0.20 -95.71
C SER B 1799 38.33 0.09 -97.23
N PRO B 1800 37.46 -0.80 -97.72
CA PRO B 1800 37.30 -0.95 -99.15
C PRO B 1800 36.74 0.31 -99.78
N ALA B 1801 37.35 0.71 -100.89
CA ALA B 1801 36.95 1.92 -101.60
C ALA B 1801 35.64 1.68 -102.32
N ILE B 1802 34.76 2.67 -102.25
CA ILE B 1802 33.55 2.71 -103.07
C ILE B 1802 33.50 4.12 -103.64
N PRO B 1803 33.14 4.31 -104.90
CA PRO B 1803 33.16 5.67 -105.46
C PRO B 1803 32.21 6.58 -104.71
N LEU B 1804 32.77 7.56 -104.01
CA LEU B 1804 31.98 8.32 -103.06
C LEU B 1804 31.10 9.35 -103.74
N GLU B 1805 31.52 9.90 -104.88
CA GLU B 1805 30.73 10.93 -105.54
C GLU B 1805 29.48 10.34 -106.18
N ALA B 1806 29.63 9.20 -106.88
CA ALA B 1806 28.47 8.53 -107.45
C ALA B 1806 27.51 8.10 -106.35
N LEU B 1807 28.04 7.56 -105.26
CA LEU B 1807 27.21 7.16 -104.14
C LEU B 1807 26.48 8.36 -103.54
N ARG B 1808 27.17 9.49 -103.41
CA ARG B 1808 26.56 10.68 -102.84
C ARG B 1808 25.42 11.18 -103.72
N ASP B 1809 25.65 11.23 -105.04
CA ASP B 1809 24.61 11.68 -105.94
C ASP B 1809 23.41 10.75 -105.93
N LYS B 1810 23.67 9.44 -105.89
CA LYS B 1810 22.59 8.48 -105.77
C LYS B 1810 21.81 8.68 -104.48
N ALA B 1811 22.52 8.95 -103.38
CA ALA B 1811 21.86 9.13 -102.09
C ALA B 1811 20.95 10.34 -102.11
N LEU B 1812 21.43 11.46 -102.65
CA LEU B 1812 20.58 12.62 -102.80
C LEU B 1812 19.38 12.34 -103.68
N ARG B 1813 19.58 11.65 -104.80
CA ARG B 1813 18.49 11.37 -105.71
C ARG B 1813 17.42 10.51 -105.06
N MET B 1814 17.85 9.46 -104.35
CA MET B 1814 16.90 8.60 -103.67
C MET B 1814 16.14 9.35 -102.59
N LEU B 1815 16.84 10.19 -101.84
CA LEU B 1815 16.17 10.98 -100.81
C LEU B 1815 15.15 11.92 -101.41
N GLY B 1816 15.50 12.56 -102.53
CA GLY B 1816 14.57 13.45 -103.19
C GLY B 1816 13.35 12.75 -103.71
N GLU B 1817 13.54 11.55 -104.28
CA GLU B 1817 12.39 10.79 -104.77
C GLU B 1817 11.45 10.40 -103.63
N ALA B 1818 11.99 10.03 -102.49
CA ALA B 1818 11.17 9.57 -101.38
C ALA B 1818 10.37 10.68 -100.71
N VAL B 1819 10.69 11.94 -100.95
CA VAL B 1819 10.08 13.03 -100.20
C VAL B 1819 8.88 13.60 -100.95
N ARG B 1820 9.11 14.17 -102.13
CA ARG B 1820 8.01 14.70 -102.89
C ARG B 1820 6.98 13.64 -103.22
N ASP B 1821 7.26 12.39 -102.90
CA ASP B 1821 6.27 11.34 -102.92
C ASP B 1821 5.94 10.89 -101.53
N GLY B 1822 6.65 11.39 -100.51
CA GLY B 1822 6.16 11.24 -99.16
C GLY B 1822 4.92 12.07 -98.91
N GLY B 1823 4.86 13.28 -99.46
CA GLY B 1823 3.70 14.12 -99.25
C GLY B 1823 2.45 13.55 -99.88
N GLN B 1824 2.58 12.92 -101.05
CA GLN B 1824 1.43 12.33 -101.70
C GLN B 1824 0.80 11.24 -100.85
N HIS B 1825 1.60 10.60 -100.01
CA HIS B 1825 1.20 9.40 -99.26
C HIS B 1825 0.32 8.49 -100.10
N ALA B 1826 0.86 8.04 -101.22
CA ALA B 1826 0.29 6.92 -101.93
C ALA B 1826 0.52 5.64 -101.11
N ARG B 1827 -0.01 4.53 -101.63
CA ARG B 1827 0.24 3.23 -101.03
C ARG B 1827 1.48 2.58 -101.59
N ASP B 1828 2.46 3.40 -101.91
CA ASP B 1828 3.79 3.03 -102.34
C ASP B 1828 4.74 3.27 -101.19
N PRO B 1829 4.78 2.38 -100.22
CA PRO B 1829 5.77 2.47 -99.17
C PRO B 1829 6.99 1.62 -99.49
N VAL B 1830 7.86 2.08 -100.39
CA VAL B 1830 8.99 1.30 -100.86
C VAL B 1830 9.66 0.64 -99.67
N GLY B 1831 9.75 -0.68 -99.70
CA GLY B 1831 10.18 -1.45 -98.56
C GLY B 1831 9.06 -1.96 -97.68
N GLY B 1832 7.82 -1.58 -97.94
CA GLY B 1832 6.70 -2.09 -97.19
C GLY B 1832 6.13 -1.16 -96.14
N SER B 1833 6.83 -0.07 -95.82
CA SER B 1833 6.36 0.88 -94.83
C SER B 1833 7.10 2.18 -95.03
N VAL B 1834 6.59 3.24 -94.40
CA VAL B 1834 7.29 4.53 -94.47
C VAL B 1834 8.61 4.46 -93.73
N GLU B 1835 8.65 3.72 -92.63
CA GLU B 1835 9.90 3.53 -91.91
C GLU B 1835 10.97 2.93 -92.80
N PHE B 1836 10.64 1.82 -93.48
CA PHE B 1836 11.62 1.20 -94.35
C PHE B 1836 11.90 2.00 -95.59
N GLN B 1837 10.99 2.88 -95.98
CA GLN B 1837 11.27 3.75 -97.11
C GLN B 1837 12.26 4.85 -96.76
N PHE B 1838 12.19 5.38 -95.54
CA PHE B 1838 12.94 6.58 -95.19
C PHE B 1838 14.18 6.30 -94.35
N VAL B 1839 14.06 5.54 -93.27
CA VAL B 1839 15.13 5.35 -92.33
C VAL B 1839 16.41 4.87 -93.02
N PRO B 1840 16.37 3.87 -93.90
CA PRO B 1840 17.61 3.45 -94.55
C PRO B 1840 18.29 4.55 -95.35
N VAL B 1841 17.54 5.41 -96.03
CA VAL B 1841 18.16 6.46 -96.81
C VAL B 1841 18.70 7.56 -95.91
N LEU B 1842 17.96 7.90 -94.86
CA LEU B 1842 18.42 8.93 -93.95
C LEU B 1842 19.69 8.51 -93.25
N LYS B 1843 19.81 7.23 -92.91
CA LYS B 1843 21.05 6.76 -92.30
C LYS B 1843 22.23 6.97 -93.23
N LEU B 1844 22.07 6.64 -94.50
CA LEU B 1844 23.15 6.80 -95.46
C LEU B 1844 23.51 8.26 -95.64
N VAL B 1845 22.50 9.13 -95.74
CA VAL B 1845 22.78 10.55 -95.95
C VAL B 1845 23.46 11.14 -94.73
N SER B 1846 23.03 10.73 -93.54
CA SER B 1846 23.70 11.21 -92.32
C SER B 1846 25.15 10.77 -92.29
N THR B 1847 25.40 9.52 -92.67
CA THR B 1847 26.77 9.02 -92.68
C THR B 1847 27.64 9.82 -93.65
N LEU B 1848 27.12 10.06 -94.86
CA LEU B 1848 27.93 10.77 -95.85
C LEU B 1848 28.07 12.25 -95.52
N LEU B 1849 27.10 12.83 -94.82
CA LEU B 1849 27.27 14.19 -94.33
C LEU B 1849 28.37 14.26 -93.29
N VAL B 1850 28.36 13.32 -92.34
CA VAL B 1850 29.35 13.33 -91.28
C VAL B 1850 30.73 13.13 -91.84
N MET B 1851 30.89 12.19 -92.77
CA MET B 1851 32.20 11.91 -93.32
C MET B 1851 32.82 13.14 -93.97
N GLY B 1852 32.01 13.93 -94.67
CA GLY B 1852 32.51 15.15 -95.27
C GLY B 1852 32.36 15.16 -96.77
N ILE B 1853 31.61 14.18 -97.29
CA ILE B 1853 31.51 13.97 -98.74
C ILE B 1853 30.71 15.05 -99.44
N PHE B 1854 29.72 15.63 -98.77
CA PHE B 1854 28.75 16.50 -99.42
C PHE B 1854 29.35 17.88 -99.67
N GLY B 1855 29.21 18.36 -100.90
CA GLY B 1855 29.61 19.71 -101.25
C GLY B 1855 28.60 20.72 -100.77
N ASP B 1856 28.79 21.97 -101.21
CA ASP B 1856 27.89 23.03 -100.77
C ASP B 1856 26.53 22.94 -101.46
N GLU B 1857 26.53 22.67 -102.76
CA GLU B 1857 25.27 22.54 -103.48
C GLU B 1857 24.47 21.36 -102.97
N ASP B 1858 25.14 20.25 -102.69
CA ASP B 1858 24.48 19.08 -102.15
C ASP B 1858 23.89 19.38 -100.77
N VAL B 1859 24.63 20.14 -99.95
CA VAL B 1859 24.11 20.49 -98.64
C VAL B 1859 22.88 21.37 -98.79
N LYS B 1860 22.89 22.28 -99.76
CA LYS B 1860 21.71 23.08 -100.02
C LYS B 1860 20.53 22.21 -100.41
N GLN B 1861 20.77 21.18 -101.22
CA GLN B 1861 19.69 20.27 -101.60
C GLN B 1861 19.12 19.57 -100.37
N ILE B 1862 20.00 19.08 -99.49
CA ILE B 1862 19.53 18.40 -98.29
C ILE B 1862 18.68 19.35 -97.45
N LEU B 1863 19.16 20.58 -97.29
CA LEU B 1863 18.45 21.55 -96.47
C LEU B 1863 17.09 21.89 -97.06
N LYS B 1864 17.00 22.02 -98.38
CA LYS B 1864 15.70 22.25 -98.99
C LYS B 1864 14.78 21.05 -98.79
N MET B 1865 15.30 19.83 -98.89
CA MET B 1865 14.47 18.68 -98.61
C MET B 1865 14.06 18.60 -97.16
N ILE B 1866 14.76 19.29 -96.27
CA ILE B 1866 14.35 19.33 -94.87
C ILE B 1866 13.26 20.38 -94.65
N GLU B 1867 13.53 21.62 -95.05
CA GLU B 1867 12.58 22.69 -94.83
C GLU B 1867 12.74 23.76 -95.90
N PRO B 1868 11.92 23.73 -96.95
CA PRO B 1868 12.15 24.66 -98.06
C PRO B 1868 12.04 26.13 -97.71
N GLU B 1869 11.12 26.50 -96.82
CA GLU B 1869 10.93 27.92 -96.54
C GLU B 1869 12.08 28.48 -95.73
N VAL B 1870 12.48 27.76 -94.68
CA VAL B 1870 13.49 28.29 -93.78
C VAL B 1870 14.84 28.41 -94.47
N PHE B 1871 15.16 27.46 -95.35
CA PHE B 1871 16.48 27.38 -95.96
C PHE B 1871 16.38 27.74 -97.44
N THR B 1872 16.45 29.02 -97.74
CA THR B 1872 16.44 29.50 -99.13
C THR B 1872 16.85 30.96 -99.21
N GLU B 1924 7.64 19.80 -101.01
CA GLU B 1924 7.41 19.38 -99.63
C GLU B 1924 8.71 19.04 -98.92
N GLY B 1925 8.81 19.40 -97.64
CA GLY B 1925 9.99 19.09 -96.86
C GLY B 1925 9.78 17.83 -96.04
N LEU B 1926 10.84 17.31 -95.43
CA LEU B 1926 10.69 16.10 -94.64
C LEU B 1926 9.78 16.31 -93.44
N LEU B 1927 9.48 17.57 -93.12
CA LEU B 1927 8.54 17.92 -92.06
C LEU B 1927 7.19 18.32 -92.64
N GLN B 1928 7.00 18.14 -93.95
CA GLN B 1928 5.75 18.40 -94.63
C GLN B 1928 4.85 17.16 -94.69
N MET B 1929 5.17 16.13 -93.92
CA MET B 1929 4.29 14.99 -93.73
C MET B 1929 4.60 14.35 -92.40
N LYS B 1930 3.58 13.69 -91.84
CA LYS B 1930 3.72 13.00 -90.57
C LYS B 1930 4.69 11.84 -90.71
N LEU B 1931 5.45 11.58 -89.64
CA LEU B 1931 6.53 10.60 -89.69
C LEU B 1931 6.45 9.65 -88.52
N PRO B 1932 6.98 8.46 -88.65
CA PRO B 1932 7.08 7.56 -87.50
C PRO B 1932 8.18 7.99 -86.56
N GLU B 1933 8.31 7.30 -85.44
CA GLU B 1933 9.31 7.66 -84.45
C GLU B 1933 10.69 7.11 -84.75
N SER B 1934 10.80 6.25 -85.77
CA SER B 1934 12.12 5.81 -86.22
C SER B 1934 12.71 6.78 -87.23
N VAL B 1935 11.89 7.34 -88.12
CA VAL B 1935 12.37 8.36 -89.03
C VAL B 1935 12.70 9.64 -88.29
N LYS B 1936 11.90 9.99 -87.28
CA LYS B 1936 12.16 11.19 -86.51
C LYS B 1936 13.53 11.14 -85.88
N LEU B 1937 13.99 9.96 -85.47
CA LEU B 1937 15.30 9.85 -84.87
C LEU B 1937 16.40 10.20 -85.87
N GLN B 1938 16.25 9.77 -87.12
CA GLN B 1938 17.23 10.12 -88.13
C GLN B 1938 17.16 11.60 -88.51
N MET B 1939 15.97 12.18 -88.49
CA MET B 1939 15.87 13.63 -88.64
C MET B 1939 16.64 14.35 -87.53
N CYS B 1940 16.54 13.84 -86.32
CA CYS B 1940 17.33 14.40 -85.23
C CYS B 1940 18.82 14.24 -85.50
N ASN B 1941 19.24 13.10 -86.04
CA ASN B 1941 20.64 12.90 -86.35
C ASN B 1941 21.13 13.78 -87.50
N LEU B 1942 20.25 14.28 -88.35
CA LEU B 1942 20.66 15.23 -89.36
C LEU B 1942 20.75 16.64 -88.79
N LEU B 1943 19.72 17.03 -88.04
CA LEU B 1943 19.72 18.37 -87.47
C LEU B 1943 20.84 18.54 -86.46
N GLU B 1944 21.25 17.47 -85.78
CA GLU B 1944 22.39 17.61 -84.90
C GLU B 1944 23.65 17.89 -85.69
N TYR B 1945 23.77 17.34 -86.90
CA TYR B 1945 24.91 17.67 -87.73
C TYR B 1945 24.91 19.15 -88.09
N PHE B 1946 23.77 19.66 -88.53
CA PHE B 1946 23.76 21.06 -88.91
C PHE B 1946 23.87 21.98 -87.70
N CYS B 1947 23.50 21.51 -86.52
CA CYS B 1947 23.75 22.26 -85.30
C CYS B 1947 25.21 22.22 -84.88
N ASP B 1948 25.91 21.14 -85.19
CA ASP B 1948 27.34 21.09 -84.93
C ASP B 1948 28.12 21.97 -85.87
N GLN B 1949 27.70 22.07 -87.13
CA GLN B 1949 28.41 22.92 -88.07
C GLN B 1949 28.27 24.40 -87.72
N GLU B 1950 27.14 24.82 -87.16
CA GLU B 1950 27.02 26.20 -86.70
C GLU B 1950 27.98 26.48 -85.55
N LEU B 1951 28.10 25.54 -84.60
CA LEU B 1951 29.06 25.72 -83.52
C LEU B 1951 30.48 25.76 -84.03
N GLN B 1952 30.81 24.87 -84.96
CA GLN B 1952 32.12 24.89 -85.56
C GLN B 1952 32.39 26.21 -86.26
N HIS B 1953 31.37 26.76 -86.92
CA HIS B 1953 31.51 28.05 -87.55
C HIS B 1953 31.76 29.14 -86.53
N ARG B 1954 31.06 29.09 -85.40
CA ARG B 1954 31.27 30.10 -84.37
C ARG B 1954 32.71 30.05 -83.86
N VAL B 1955 33.19 28.84 -83.60
CA VAL B 1955 34.56 28.70 -83.10
C VAL B 1955 35.56 29.15 -84.14
N GLU B 1956 35.35 28.81 -85.40
CA GLU B 1956 36.27 29.22 -86.45
C GLU B 1956 36.27 30.73 -86.61
N SER B 1957 35.11 31.36 -86.59
CA SER B 1957 35.05 32.81 -86.74
C SER B 1957 35.66 33.51 -85.55
N LEU B 1958 35.49 32.96 -84.35
CA LEU B 1958 36.14 33.49 -83.18
C LEU B 1958 37.64 33.35 -83.22
N ALA B 1959 38.15 32.27 -83.79
CA ALA B 1959 39.59 32.13 -83.99
C ALA B 1959 40.11 33.09 -85.05
N ALA B 1960 39.35 33.28 -86.12
CA ALA B 1960 39.73 34.24 -87.14
C ALA B 1960 39.77 35.65 -86.58
N PHE B 1961 38.79 35.99 -85.75
CA PHE B 1961 38.81 37.30 -85.11
C PHE B 1961 40.02 37.43 -84.20
N ALA B 1962 40.34 36.37 -83.45
CA ALA B 1962 41.52 36.42 -82.62
C ALA B 1962 42.74 36.73 -83.46
N GLU B 1963 42.86 36.07 -84.61
CA GLU B 1963 43.98 36.32 -85.50
C GLU B 1963 44.02 37.76 -85.93
N ARG B 1964 42.88 38.31 -86.34
CA ARG B 1964 42.87 39.67 -86.88
C ARG B 1964 43.00 40.73 -85.80
N TYR B 1965 42.77 40.36 -84.54
CA TYR B 1965 42.68 41.37 -83.49
C TYR B 1965 43.92 41.38 -82.62
N VAL B 1966 44.57 40.23 -82.42
CA VAL B 1966 45.82 40.23 -81.67
C VAL B 1966 46.87 41.02 -82.44
N ASP B 1967 46.73 41.09 -83.76
CA ASP B 1967 47.64 41.94 -84.53
C ASP B 1967 47.52 43.39 -84.10
N LYS B 1968 46.30 43.87 -83.88
CA LYS B 1968 46.12 45.24 -83.43
C LYS B 1968 46.62 45.41 -82.01
N LEU B 1969 46.30 44.46 -81.15
CA LEU B 1969 46.78 44.53 -79.76
C LEU B 1969 48.29 44.48 -79.66
N GLN B 1970 48.96 43.92 -80.67
CA GLN B 1970 50.42 43.89 -80.71
C GLN B 1970 50.98 45.17 -81.32
N ALA B 1971 50.37 45.64 -82.41
CA ALA B 1971 50.83 46.85 -83.06
C ALA B 1971 50.74 48.04 -82.12
N ASN B 1972 49.63 48.18 -81.41
CA ASN B 1972 49.54 49.35 -80.53
C ASN B 1972 50.40 49.17 -79.29
N GLN B 1973 50.62 47.92 -78.85
CA GLN B 1973 51.54 47.73 -77.74
C GLN B 1973 52.93 48.17 -78.12
N ARG B 1974 53.36 47.84 -79.33
CA ARG B 1974 54.69 48.23 -79.75
C ARG B 1974 54.79 49.74 -79.93
N SER B 1975 53.77 50.36 -80.55
CA SER B 1975 53.79 51.81 -80.71
C SER B 1975 53.72 52.52 -79.36
N ARG B 1976 52.91 52.01 -78.45
CA ARG B 1976 52.86 52.53 -77.09
C ARG B 1976 54.21 52.43 -76.40
N TYR B 1977 54.89 51.30 -76.58
CA TYR B 1977 56.20 51.13 -75.98
C TYR B 1977 57.18 52.14 -76.55
N ALA B 1978 57.12 52.38 -77.86
CA ALA B 1978 57.95 53.42 -78.44
C ALA B 1978 57.68 54.77 -77.79
N LEU B 1979 56.41 55.12 -77.63
CA LEU B 1979 56.07 56.40 -77.02
C LEU B 1979 56.56 56.48 -75.58
N LEU B 1980 56.41 55.40 -74.82
CA LEU B 1980 56.91 55.39 -73.44
C LEU B 1980 58.42 55.45 -73.41
N MET B 1981 59.11 54.93 -74.43
CA MET B 1981 60.56 55.03 -74.47
C MET B 1981 61.02 56.46 -74.75
N ARG B 1982 60.31 57.18 -75.61
CA ARG B 1982 60.55 58.63 -75.69
C ARG B 1982 60.27 59.29 -74.35
N ALA B 1983 59.19 58.90 -73.68
CA ALA B 1983 58.97 59.32 -72.32
C ALA B 1983 59.99 58.65 -71.40
N PHE B 1984 59.90 58.96 -70.11
CA PHE B 1984 60.88 58.52 -69.11
C PHE B 1984 62.24 59.14 -69.41
N THR B 1985 62.30 59.96 -70.45
CA THR B 1985 63.45 60.81 -70.77
C THR B 1985 62.98 62.25 -70.59
N MET B 1986 63.59 62.94 -69.62
CA MET B 1986 63.28 64.30 -69.17
C MET B 1986 61.82 64.41 -68.73
N SER B 1987 61.09 63.30 -68.76
CA SER B 1987 59.72 63.22 -68.25
C SER B 1987 59.61 61.88 -67.54
N ALA B 1988 59.94 61.85 -66.25
CA ALA B 1988 60.05 60.61 -65.50
C ALA B 1988 59.27 60.71 -64.20
N ALA B 1989 59.01 59.55 -63.61
CA ALA B 1989 58.27 59.30 -62.38
C ALA B 1989 56.77 59.51 -62.58
N GLU B 1990 56.33 60.01 -63.73
CA GLU B 1990 54.90 60.05 -64.02
C GLU B 1990 54.45 58.82 -64.81
N THR B 1991 55.36 58.19 -65.55
CA THR B 1991 55.11 56.95 -66.25
C THR B 1991 55.74 55.76 -65.55
N ALA B 1992 56.20 55.93 -64.31
CA ALA B 1992 56.94 54.87 -63.63
C ALA B 1992 56.07 53.65 -63.38
N ARG B 1993 54.78 53.86 -63.07
CA ARG B 1993 53.87 52.75 -62.87
C ARG B 1993 53.44 52.12 -64.19
N ARG B 1994 53.33 52.91 -65.24
CA ARG B 1994 52.69 52.45 -66.46
C ARG B 1994 53.50 51.40 -67.20
N THR B 1995 54.68 51.04 -66.70
CA THR B 1995 55.48 49.94 -67.21
C THR B 1995 55.23 48.63 -66.47
N ARG B 1996 54.12 48.53 -65.72
CA ARG B 1996 53.77 47.25 -65.14
C ARG B 1996 53.20 46.31 -66.18
N GLU B 1997 52.41 46.86 -67.12
CA GLU B 1997 51.85 46.04 -68.20
C GLU B 1997 52.94 45.27 -68.92
N PHE B 1998 54.04 45.94 -69.25
CA PHE B 1998 55.09 45.33 -70.05
C PHE B 1998 55.92 44.35 -69.24
N ARG B 1999 55.74 44.31 -67.92
CA ARG B 1999 56.56 43.44 -67.09
C ARG B 1999 55.74 42.43 -66.32
N SER B 2000 54.48 42.26 -66.66
CA SER B 2000 53.66 41.18 -66.17
C SER B 2000 53.70 40.03 -67.15
N PRO B 2001 53.29 38.83 -66.74
CA PRO B 2001 53.27 37.72 -67.67
C PRO B 2001 52.37 38.02 -68.85
N PRO B 2002 52.70 37.52 -70.02
CA PRO B 2002 51.95 37.92 -71.23
C PRO B 2002 50.46 37.69 -71.14
N GLN B 2003 50.00 36.66 -70.43
CA GLN B 2003 48.55 36.53 -70.31
C GLN B 2003 47.98 37.60 -69.40
N GLU B 2004 48.68 37.92 -68.32
CA GLU B 2004 48.22 39.04 -67.50
C GLU B 2004 48.27 40.36 -68.24
N GLN B 2005 48.96 40.41 -69.38
CA GLN B 2005 48.84 41.56 -70.26
C GLN B 2005 47.65 41.46 -71.19
N ILE B 2006 47.40 40.29 -71.76
CA ILE B 2006 46.20 40.07 -72.57
C ILE B 2006 44.96 39.97 -71.74
N ASN B 2007 45.10 39.71 -70.45
CA ASN B 2007 43.98 39.69 -69.51
C ASN B 2007 43.69 41.06 -68.95
N MET B 2008 44.72 41.90 -68.84
CA MET B 2008 44.54 43.32 -68.54
C MET B 2008 43.90 44.05 -69.71
N LEU B 2009 44.40 43.81 -70.91
CA LEU B 2009 43.98 44.60 -72.06
C LEU B 2009 42.51 44.39 -72.37
N LEU B 2010 41.99 43.19 -72.16
CA LEU B 2010 40.61 42.90 -72.52
C LEU B 2010 39.63 43.28 -71.42
N HIS B 2011 40.04 44.14 -70.49
CA HIS B 2011 39.21 44.54 -69.36
C HIS B 2011 38.59 45.90 -69.66
N PHE B 2012 37.61 45.91 -70.55
CA PHE B 2012 36.87 47.13 -70.83
C PHE B 2012 35.40 46.86 -71.11
N LYS B 2013 34.84 45.82 -70.51
CA LYS B 2013 33.45 45.47 -70.78
C LYS B 2013 32.47 46.18 -69.85
N ASP B 2014 32.76 46.21 -68.55
CA ASP B 2014 31.79 46.62 -67.55
C ASP B 2014 31.67 48.13 -67.40
N GLU B 2015 32.52 48.91 -68.07
CA GLU B 2015 32.53 50.37 -68.00
C GLU B 2015 32.92 50.91 -66.63
N ALA B 2016 33.26 50.04 -65.68
CA ALA B 2016 33.91 50.48 -64.45
C ALA B 2016 35.42 50.49 -64.57
N ASP B 2017 35.96 49.94 -65.67
CA ASP B 2017 37.39 49.85 -65.89
C ASP B 2017 37.75 50.34 -67.30
N GLU B 2018 37.28 51.54 -67.66
CA GLU B 2018 37.47 52.00 -69.03
C GLU B 2018 38.91 52.43 -69.28
N GLU B 2019 39.39 53.47 -68.58
CA GLU B 2019 40.71 54.00 -68.90
C GLU B 2019 41.83 53.10 -68.43
N ASP B 2020 41.59 52.24 -67.44
CA ASP B 2020 42.58 51.27 -67.03
C ASP B 2020 43.07 50.44 -68.21
N CYS B 2021 42.17 50.13 -69.12
CA CYS B 2021 42.56 49.51 -70.36
C CYS B 2021 43.32 50.52 -71.21
N PRO B 2022 44.59 50.27 -71.54
CA PRO B 2022 45.35 51.25 -72.33
C PRO B 2022 44.87 51.36 -73.75
N LEU B 2023 44.04 50.44 -74.21
CA LEU B 2023 43.68 50.39 -75.62
C LEU B 2023 43.00 51.68 -76.04
N PRO B 2024 43.35 52.25 -77.19
CA PRO B 2024 42.56 53.34 -77.75
C PRO B 2024 41.15 52.87 -78.07
N GLU B 2025 40.25 53.84 -78.22
CA GLU B 2025 38.83 53.50 -78.29
C GLU B 2025 38.51 52.77 -79.59
N ASP B 2026 39.18 53.11 -80.68
CA ASP B 2026 38.97 52.38 -81.93
C ASP B 2026 39.21 50.89 -81.75
N ILE B 2027 40.30 50.52 -81.07
CA ILE B 2027 40.63 49.12 -80.88
C ILE B 2027 39.55 48.43 -80.05
N ARG B 2028 39.09 49.09 -78.99
CA ARG B 2028 38.01 48.51 -78.19
C ARG B 2028 36.76 48.30 -79.03
N GLN B 2029 36.57 49.14 -80.04
CA GLN B 2029 35.35 49.05 -80.83
C GLN B 2029 35.27 47.74 -81.59
N ASP B 2030 36.39 47.24 -82.11
CA ASP B 2030 36.36 46.01 -82.88
C ASP B 2030 35.85 44.86 -82.01
N LEU B 2031 36.32 44.78 -80.78
CA LEU B 2031 35.88 43.72 -79.91
C LEU B 2031 34.43 43.88 -79.51
N GLN B 2032 34.00 45.11 -79.24
CA GLN B 2032 32.58 45.31 -78.91
C GLN B 2032 31.70 44.85 -80.06
N ASP B 2033 32.06 45.23 -81.28
CA ASP B 2033 31.24 44.90 -82.44
C ASP B 2033 31.20 43.40 -82.68
N PHE B 2034 32.37 42.75 -82.62
CA PHE B 2034 32.36 41.30 -82.79
C PHE B 2034 31.59 40.61 -81.69
N HIS B 2035 31.66 41.14 -80.47
CA HIS B 2035 30.91 40.54 -79.37
C HIS B 2035 29.43 40.61 -79.64
N GLN B 2036 28.97 41.76 -80.15
CA GLN B 2036 27.55 41.87 -80.48
C GLN B 2036 27.17 40.90 -81.59
N ASP B 2037 28.04 40.74 -82.59
CA ASP B 2037 27.76 39.77 -83.64
C ASP B 2037 27.67 38.36 -83.09
N LEU B 2038 28.58 38.02 -82.18
CA LEU B 2038 28.57 36.69 -81.57
C LEU B 2038 27.29 36.46 -80.80
N LEU B 2039 26.85 37.46 -80.03
CA LEU B 2039 25.60 37.32 -79.32
C LEU B 2039 24.43 37.13 -80.27
N ALA B 2040 24.38 37.91 -81.34
CA ALA B 2040 23.28 37.78 -82.29
C ALA B 2040 23.28 36.41 -82.97
N HIS B 2041 24.47 35.89 -83.28
CA HIS B 2041 24.53 34.57 -83.89
C HIS B 2041 23.99 33.50 -82.96
N CYS B 2042 24.23 33.64 -81.67
CA CYS B 2042 23.82 32.65 -80.68
C CYS B 2042 22.37 32.81 -80.27
N GLY B 2043 21.65 33.78 -80.81
CA GLY B 2043 20.25 33.95 -80.55
C GLY B 2043 19.91 34.95 -79.47
N ILE B 2044 20.90 35.50 -78.79
CA ILE B 2044 20.66 36.46 -77.73
C ILE B 2044 20.28 37.81 -78.29
N PRO B 2091 9.90 30.69 -88.83
CA PRO B 2091 11.10 30.34 -88.08
C PRO B 2091 12.30 31.17 -88.50
N GLN B 2092 12.64 31.13 -89.78
CA GLN B 2092 13.70 31.93 -90.39
C GLN B 2092 15.08 31.67 -89.81
N SER B 2093 15.25 30.60 -89.04
CA SER B 2093 16.55 30.28 -88.46
C SER B 2093 16.55 28.83 -88.03
N LEU B 2094 17.74 28.23 -88.01
CA LEU B 2094 17.85 26.85 -87.59
C LEU B 2094 17.45 26.68 -86.13
N GLN B 2095 17.86 27.62 -85.27
CA GLN B 2095 17.50 27.54 -83.86
C GLN B 2095 15.99 27.58 -83.69
N GLU B 2096 15.33 28.52 -84.35
CA GLU B 2096 13.88 28.61 -84.25
C GLU B 2096 13.19 27.40 -84.85
N LEU B 2097 13.70 26.91 -85.97
CA LEU B 2097 13.11 25.72 -86.58
C LEU B 2097 13.15 24.54 -85.63
N VAL B 2098 14.33 24.23 -85.08
CA VAL B 2098 14.44 23.08 -84.20
C VAL B 2098 13.64 23.29 -82.94
N SER B 2099 13.69 24.49 -82.36
CA SER B 2099 12.95 24.76 -81.14
C SER B 2099 11.46 24.59 -81.35
N HIS B 2100 10.95 24.95 -82.52
CA HIS B 2100 9.53 24.77 -82.77
C HIS B 2100 9.19 23.30 -83.01
N MET B 2101 9.99 22.65 -83.84
CA MET B 2101 9.66 21.30 -84.30
C MET B 2101 9.77 20.27 -83.18
N VAL B 2102 10.73 20.44 -82.27
CA VAL B 2102 10.85 19.51 -81.15
C VAL B 2102 9.64 19.63 -80.23
N VAL B 2103 9.28 20.86 -79.89
CA VAL B 2103 8.12 21.09 -79.03
C VAL B 2103 6.86 20.56 -79.70
N ARG B 2104 6.73 20.78 -81.00
CA ARG B 2104 5.55 20.31 -81.71
C ARG B 2104 5.46 18.80 -81.69
N TRP B 2105 6.58 18.11 -81.88
CA TRP B 2105 6.56 16.66 -81.76
C TRP B 2105 6.15 16.23 -80.36
N ALA B 2106 6.70 16.88 -79.35
CA ALA B 2106 6.42 16.48 -77.99
C ALA B 2106 4.96 16.71 -77.62
N GLN B 2107 4.37 17.77 -78.12
CA GLN B 2107 2.98 18.09 -77.79
C GLN B 2107 2.01 17.61 -78.84
N GLU B 2108 2.47 16.84 -79.83
CA GLU B 2108 1.55 16.17 -80.72
C GLU B 2108 1.29 14.73 -80.29
N ASP B 2109 2.25 14.11 -79.61
CA ASP B 2109 2.13 12.71 -79.24
C ASP B 2109 3.00 12.44 -78.04
N TYR B 2110 2.66 11.39 -77.30
CA TYR B 2110 3.45 10.96 -76.16
C TYR B 2110 4.54 10.04 -76.69
N VAL B 2111 5.72 10.61 -76.91
CA VAL B 2111 6.79 9.90 -77.57
C VAL B 2111 7.21 8.69 -76.74
N GLN B 2112 7.25 7.53 -77.35
CA GLN B 2112 7.49 6.28 -76.65
C GLN B 2112 8.93 5.82 -76.71
N SER B 2113 9.72 6.29 -77.66
CA SER B 2113 11.08 5.83 -77.83
C SER B 2113 12.01 6.66 -76.96
N PRO B 2114 12.68 6.07 -75.96
CA PRO B 2114 13.56 6.88 -75.11
C PRO B 2114 14.67 7.55 -75.88
N GLU B 2115 15.21 6.89 -76.90
CA GLU B 2115 16.27 7.49 -77.69
C GLU B 2115 15.79 8.75 -78.39
N LEU B 2116 14.58 8.71 -78.93
CA LEU B 2116 14.04 9.89 -79.57
C LEU B 2116 13.89 11.03 -78.57
N VAL B 2117 13.41 10.73 -77.37
CA VAL B 2117 13.23 11.78 -76.38
C VAL B 2117 14.57 12.40 -76.01
N ARG B 2118 15.59 11.56 -75.82
CA ARG B 2118 16.91 12.07 -75.48
C ARG B 2118 17.45 12.97 -76.57
N ALA B 2119 17.36 12.53 -77.83
CA ALA B 2119 17.87 13.34 -78.92
C ALA B 2119 17.10 14.64 -79.05
N MET B 2120 15.78 14.57 -78.93
CA MET B 2120 14.93 15.73 -79.02
C MET B 2120 15.35 16.79 -78.01
N PHE B 2121 15.54 16.37 -76.77
CA PHE B 2121 15.79 17.36 -75.74
C PHE B 2121 17.24 17.82 -75.70
N SER B 2122 18.18 16.99 -76.16
CA SER B 2122 19.53 17.49 -76.35
C SER B 2122 19.55 18.59 -77.41
N LEU B 2123 18.82 18.39 -78.51
CA LEU B 2123 18.74 19.42 -79.53
C LEU B 2123 18.10 20.68 -79.00
N LEU B 2124 17.00 20.53 -78.27
CA LEU B 2124 16.33 21.70 -77.73
C LEU B 2124 17.25 22.48 -76.81
N HIS B 2125 17.98 21.77 -75.95
CA HIS B 2125 18.94 22.42 -75.07
C HIS B 2125 19.95 23.21 -75.85
N ARG B 2126 20.58 22.58 -76.83
CA ARG B 2126 21.59 23.29 -77.60
C ARG B 2126 21.04 24.47 -78.35
N GLN B 2127 19.77 24.44 -78.71
CA GLN B 2127 19.21 25.62 -79.36
C GLN B 2127 18.96 26.75 -78.38
N TYR B 2128 18.47 26.44 -77.18
CA TYR B 2128 18.21 27.52 -76.23
C TYR B 2128 19.49 28.09 -75.66
N ASP B 2129 20.45 27.24 -75.32
CA ASP B 2129 21.72 27.66 -74.76
C ASP B 2129 22.78 27.52 -75.83
N GLY B 2130 22.91 28.53 -76.68
CA GLY B 2130 23.94 28.54 -77.69
C GLY B 2130 25.25 29.04 -77.11
N LEU B 2131 25.18 30.16 -76.40
CA LEU B 2131 26.36 30.75 -75.80
C LEU B 2131 26.97 29.87 -74.73
N GLY B 2132 26.21 28.94 -74.17
CA GLY B 2132 26.78 28.06 -73.19
C GLY B 2132 27.37 26.84 -73.86
N GLU B 2133 27.01 26.62 -75.11
CA GLU B 2133 27.62 25.55 -75.89
C GLU B 2133 28.94 25.97 -76.49
N LEU B 2134 29.05 27.22 -76.93
CA LEU B 2134 30.33 27.75 -77.37
C LEU B 2134 31.35 27.75 -76.24
N LEU B 2135 30.91 28.08 -75.03
CA LEU B 2135 31.78 28.12 -73.87
C LEU B 2135 32.29 26.75 -73.47
N ARG B 2136 31.59 25.68 -73.82
CA ARG B 2136 32.01 24.33 -73.49
C ARG B 2136 32.76 23.67 -74.61
N ALA B 2137 32.92 24.34 -75.74
CA ALA B 2137 33.75 23.86 -76.82
C ALA B 2137 35.04 24.64 -76.97
N LEU B 2138 35.05 25.90 -76.56
CA LEU B 2138 36.27 26.68 -76.59
C LEU B 2138 37.41 26.08 -75.78
N PRO B 2139 37.20 25.29 -74.75
CA PRO B 2139 38.33 24.56 -74.16
C PRO B 2139 39.05 23.68 -75.16
N ARG B 2140 38.35 23.19 -76.17
CA ARG B 2140 38.91 22.26 -77.14
C ARG B 2140 39.10 22.92 -78.49
N ALA B 2141 39.53 24.17 -78.49
CA ALA B 2141 39.86 24.90 -79.70
C ALA B 2141 41.28 25.41 -79.60
N TYR B 2142 42.10 25.10 -80.59
CA TYR B 2142 43.50 25.46 -80.57
C TYR B 2142 43.89 26.02 -81.93
N THR B 2143 44.71 27.06 -81.93
CA THR B 2143 45.12 27.72 -83.16
C THR B 2143 46.59 27.45 -83.40
N ILE B 2144 46.89 26.75 -84.48
CA ILE B 2144 48.26 26.41 -84.83
C ILE B 2144 48.68 27.25 -86.02
N SER B 2145 49.98 27.43 -86.15
CA SER B 2145 50.51 28.17 -87.27
C SER B 2145 50.38 27.35 -88.54
N PRO B 2146 50.33 28.00 -89.71
CA PRO B 2146 50.15 27.25 -90.95
C PRO B 2146 51.26 26.28 -91.25
N SER B 2147 52.45 26.48 -90.69
CA SER B 2147 53.55 25.56 -90.93
C SER B 2147 53.35 24.23 -90.21
N SER B 2148 52.82 24.25 -89.00
CA SER B 2148 52.66 23.03 -88.23
C SER B 2148 51.54 22.18 -88.70
N VAL B 2149 50.93 22.43 -89.87
CA VAL B 2149 49.74 21.70 -90.25
C VAL B 2149 50.06 20.24 -90.56
N GLU B 2150 51.20 20.01 -91.22
CA GLU B 2150 51.55 18.65 -91.64
C GLU B 2150 51.77 17.74 -90.44
N ASP B 2151 52.58 18.19 -89.49
CA ASP B 2151 52.86 17.38 -88.32
C ASP B 2151 51.60 17.14 -87.51
N THR B 2152 50.77 18.16 -87.37
CA THR B 2152 49.52 17.98 -86.64
C THR B 2152 48.61 17.00 -87.34
N MET B 2153 48.58 17.01 -88.67
CA MET B 2153 47.77 16.06 -89.40
C MET B 2153 48.23 14.63 -89.14
N SER B 2154 49.55 14.40 -89.21
CA SER B 2154 50.06 13.06 -88.92
C SER B 2154 49.77 12.65 -87.49
N LEU B 2155 49.92 13.58 -86.56
CA LEU B 2155 49.65 13.30 -85.15
C LEU B 2155 48.19 12.96 -84.94
N LEU B 2156 47.29 13.64 -85.64
CA LEU B 2156 45.89 13.32 -85.53
C LEU B 2156 45.58 11.95 -86.08
N GLU B 2157 46.24 11.55 -87.16
CA GLU B 2157 46.04 10.19 -87.66
C GLU B 2157 46.51 9.15 -86.65
N CYS B 2158 47.66 9.39 -86.02
CA CYS B 2158 48.13 8.45 -84.99
C CYS B 2158 47.17 8.39 -83.81
N LEU B 2159 46.66 9.54 -83.40
CA LEU B 2159 45.69 9.58 -82.30
C LEU B 2159 44.42 8.83 -82.67
N GLY B 2160 43.97 8.99 -83.91
CA GLY B 2160 42.80 8.26 -84.35
C GLY B 2160 43.02 6.77 -84.30
N GLN B 2161 44.20 6.31 -84.71
CA GLN B 2161 44.50 4.89 -84.57
C GLN B 2161 44.44 4.45 -83.13
N ILE B 2162 45.01 5.25 -82.22
CA ILE B 2162 45.02 4.85 -80.81
C ILE B 2162 43.61 4.76 -80.26
N ARG B 2163 42.76 5.74 -80.54
CA ARG B 2163 41.41 5.76 -79.98
C ARG B 2163 40.43 4.93 -80.79
N SER B 2164 40.88 4.34 -81.90
CA SER B 2164 40.07 3.38 -82.61
C SER B 2164 40.27 1.95 -82.13
N LEU B 2165 41.33 1.70 -81.37
CA LEU B 2165 41.59 0.39 -80.79
C LEU B 2165 41.10 0.29 -79.36
N LEU B 2166 40.27 1.22 -78.94
CA LEU B 2166 39.60 1.12 -77.65
C LEU B 2166 38.28 0.39 -77.72
N ILE B 2167 37.76 0.16 -78.93
CA ILE B 2167 36.58 -0.67 -79.13
C ILE B 2167 36.97 -2.08 -79.55
N VAL B 2168 38.23 -2.46 -79.35
CA VAL B 2168 38.77 -3.74 -79.79
C VAL B 2168 39.47 -4.39 -78.62
N GLN B 2169 39.16 -5.66 -78.36
CA GLN B 2169 39.89 -6.39 -77.34
C GLN B 2169 41.33 -6.60 -77.79
N MET B 2170 42.26 -6.43 -76.86
CA MET B 2170 43.67 -6.42 -77.20
C MET B 2170 44.12 -7.75 -77.78
N GLY B 2171 45.03 -7.67 -78.74
CA GLY B 2171 45.66 -8.83 -79.31
C GLY B 2171 47.06 -8.48 -79.74
N PRO B 2172 47.68 -9.35 -80.52
CA PRO B 2172 49.06 -9.08 -80.98
C PRO B 2172 49.13 -7.89 -81.93
N GLN B 2173 48.30 -7.91 -82.97
CA GLN B 2173 48.34 -6.84 -83.96
C GLN B 2173 47.97 -5.50 -83.34
N GLU B 2174 46.97 -5.49 -82.46
CA GLU B 2174 46.61 -4.25 -81.79
C GLU B 2174 47.73 -3.75 -80.90
N GLU B 2175 48.45 -4.66 -80.25
CA GLU B 2175 49.66 -4.28 -79.53
C GLU B 2175 50.61 -3.56 -80.46
N ASN B 2176 50.84 -4.13 -81.63
CA ASN B 2176 51.81 -3.52 -82.54
C ASN B 2176 51.36 -2.16 -83.01
N LEU B 2177 50.07 -1.98 -83.27
CA LEU B 2177 49.59 -0.67 -83.70
C LEU B 2177 49.69 0.36 -82.59
N MET B 2178 49.34 -0.01 -81.35
CA MET B 2178 49.57 0.89 -80.23
C MET B 2178 51.03 1.30 -80.13
N ILE B 2179 51.94 0.32 -80.22
CA ILE B 2179 53.35 0.65 -80.04
C ILE B 2179 53.83 1.55 -81.15
N GLN B 2180 53.45 1.26 -82.40
CA GLN B 2180 53.86 2.11 -83.51
C GLN B 2180 53.31 3.53 -83.35
N SER B 2181 52.01 3.65 -83.06
CA SER B 2181 51.39 4.96 -82.96
C SER B 2181 52.01 5.77 -81.84
N ILE B 2182 52.15 5.17 -80.65
CA ILE B 2182 52.69 5.87 -79.51
C ILE B 2182 54.14 6.24 -79.73
N GLY B 2183 54.91 5.39 -80.39
CA GLY B 2183 56.28 5.75 -80.69
C GLY B 2183 56.35 6.84 -81.73
N ASN B 2184 55.32 6.94 -82.57
CA ASN B 2184 55.26 7.99 -83.57
C ASN B 2184 54.87 9.33 -83.00
N ILE B 2185 53.93 9.36 -82.05
CA ILE B 2185 53.57 10.60 -81.41
C ILE B 2185 54.76 11.17 -80.67
N MET B 2186 55.47 10.33 -79.94
CA MET B 2186 56.61 10.79 -79.16
C MET B 2186 57.75 11.29 -80.03
N ASN B 2187 57.72 11.01 -81.33
CA ASN B 2187 58.74 11.48 -82.25
C ASN B 2187 58.28 12.68 -83.05
N ASN B 2188 57.16 13.27 -82.67
CA ASN B 2188 56.58 14.40 -83.39
C ASN B 2188 56.89 15.67 -82.63
N LYS B 2189 57.39 16.69 -83.34
CA LYS B 2189 57.76 17.92 -82.67
C LYS B 2189 56.55 18.64 -82.11
N VAL B 2190 55.36 18.42 -82.68
CA VAL B 2190 54.17 19.06 -82.15
C VAL B 2190 53.86 18.54 -80.76
N PHE B 2191 54.16 17.27 -80.50
CA PHE B 2191 53.91 16.71 -79.18
C PHE B 2191 54.72 17.41 -78.11
N TYR B 2192 55.86 17.98 -78.45
CA TYR B 2192 56.68 18.70 -77.48
C TYR B 2192 56.29 20.17 -77.46
N GLN B 2193 56.17 20.76 -78.64
CA GLN B 2193 55.98 22.20 -78.74
C GLN B 2193 54.64 22.66 -78.20
N HIS B 2194 53.62 21.81 -78.28
CA HIS B 2194 52.25 22.20 -77.98
C HIS B 2194 51.68 21.27 -76.92
N PRO B 2195 52.18 21.37 -75.69
CA PRO B 2195 51.65 20.50 -74.63
C PRO B 2195 50.18 20.73 -74.36
N ASN B 2196 49.70 21.96 -74.48
CA ASN B 2196 48.32 22.27 -74.20
C ASN B 2196 47.37 21.63 -75.19
N LEU B 2197 47.77 21.54 -76.45
CA LEU B 2197 46.96 20.81 -77.43
C LEU B 2197 46.82 19.34 -77.02
N MET B 2198 47.89 18.76 -76.49
CA MET B 2198 47.89 17.34 -76.20
C MET B 2198 47.00 17.01 -75.03
N ARG B 2199 47.00 17.88 -74.02
CA ARG B 2199 46.07 17.77 -72.91
C ARG B 2199 44.66 18.21 -73.28
N ALA B 2200 44.51 18.99 -74.35
CA ALA B 2200 43.19 19.36 -74.83
C ALA B 2200 42.55 18.24 -75.63
N LEU B 2201 43.33 17.56 -76.46
CA LEU B 2201 42.87 16.38 -77.16
C LEU B 2201 42.66 15.21 -76.21
N GLY B 2202 43.22 15.29 -75.01
CA GLY B 2202 43.08 14.22 -74.03
C GLY B 2202 43.78 12.95 -74.44
N MET B 2203 45.02 13.01 -74.92
CA MET B 2203 45.68 11.76 -75.23
C MET B 2203 45.98 10.97 -73.97
N HIS B 2204 46.42 11.64 -72.91
CA HIS B 2204 46.81 10.93 -71.71
C HIS B 2204 45.66 10.08 -71.20
N GLU B 2205 44.43 10.59 -71.29
CA GLU B 2205 43.29 9.82 -70.85
C GLU B 2205 43.06 8.60 -71.72
N THR B 2206 43.24 8.74 -73.04
CA THR B 2206 43.09 7.60 -73.94
C THR B 2206 44.13 6.53 -73.65
N VAL B 2207 45.38 6.95 -73.44
CA VAL B 2207 46.45 6.01 -73.13
C VAL B 2207 46.17 5.31 -71.83
N MET B 2208 45.68 6.04 -70.83
CA MET B 2208 45.34 5.36 -69.59
C MET B 2208 44.17 4.42 -69.77
N GLU B 2209 43.23 4.74 -70.66
CA GLU B 2209 42.15 3.81 -70.91
C GLU B 2209 42.67 2.48 -71.44
N VAL B 2210 43.59 2.53 -72.40
CA VAL B 2210 44.09 1.28 -72.95
C VAL B 2210 44.94 0.55 -71.91
N MET B 2211 45.69 1.29 -71.10
CA MET B 2211 46.48 0.66 -70.05
C MET B 2211 45.58 0.02 -68.99
N VAL B 2212 44.47 0.67 -68.67
CA VAL B 2212 43.47 0.08 -67.80
C VAL B 2212 42.99 -1.23 -68.37
N ASN B 2213 42.62 -1.22 -69.66
CA ASN B 2213 42.04 -2.42 -70.25
C ASN B 2213 43.03 -3.57 -70.26
N VAL B 2214 44.30 -3.29 -70.55
CA VAL B 2214 45.27 -4.38 -70.55
C VAL B 2214 45.58 -4.85 -69.13
N LEU B 2215 45.76 -3.92 -68.19
CA LEU B 2215 46.08 -4.32 -66.82
C LEU B 2215 44.89 -5.01 -66.16
N GLY B 2216 43.72 -4.42 -66.26
CA GLY B 2216 42.53 -4.96 -65.63
C GLY B 2216 42.04 -6.26 -66.27
N ILE B 2223 50.07 -9.98 -65.67
CA ILE B 2223 49.34 -9.27 -66.71
C ILE B 2223 49.73 -9.80 -68.07
N ARG B 2224 48.77 -9.81 -68.99
CA ARG B 2224 49.10 -10.11 -70.37
C ARG B 2224 49.57 -8.84 -71.08
N PHE B 2225 50.25 -9.05 -72.20
CA PHE B 2225 50.67 -7.97 -73.08
C PHE B 2225 51.56 -6.98 -72.35
N PRO B 2226 52.71 -7.40 -71.83
CA PRO B 2226 53.56 -6.46 -71.09
C PRO B 2226 54.17 -5.39 -71.98
N LYS B 2227 54.33 -5.66 -73.28
CA LYS B 2227 54.95 -4.68 -74.15
C LYS B 2227 54.12 -3.41 -74.25
N MET B 2228 52.80 -3.56 -74.35
CA MET B 2228 51.95 -2.38 -74.47
C MET B 2228 51.95 -1.59 -73.17
N VAL B 2229 51.99 -2.27 -72.02
CA VAL B 2229 52.07 -1.56 -70.75
C VAL B 2229 53.39 -0.80 -70.66
N THR B 2230 54.49 -1.42 -71.05
CA THR B 2230 55.77 -0.74 -71.04
C THR B 2230 55.79 0.47 -71.95
N SER B 2231 55.15 0.41 -73.11
CA SER B 2231 55.07 1.55 -74.00
C SER B 2231 54.17 2.65 -73.46
N CYS B 2232 53.00 2.29 -72.93
CA CYS B 2232 52.12 3.30 -72.37
C CYS B 2232 52.76 4.01 -71.20
N CYS B 2233 53.45 3.28 -70.33
CA CYS B 2233 54.06 3.88 -69.17
C CYS B 2233 55.32 4.66 -69.50
N ARG B 2234 55.93 4.43 -70.66
CA ARG B 2234 56.94 5.34 -71.16
C ARG B 2234 56.33 6.61 -71.72
N PHE B 2235 55.25 6.47 -72.47
CA PHE B 2235 54.57 7.63 -73.03
C PHE B 2235 54.10 8.55 -71.92
N LEU B 2236 53.51 7.99 -70.88
CA LEU B 2236 52.96 8.82 -69.80
C LEU B 2236 54.07 9.43 -68.97
N CYS B 2237 55.14 8.72 -68.70
CA CYS B 2237 56.27 9.31 -68.01
C CYS B 2237 56.93 10.40 -68.84
N TYR B 2238 56.74 10.41 -70.15
CA TYR B 2238 57.24 11.51 -70.96
C TYR B 2238 56.28 12.69 -71.03
N PHE B 2239 55.00 12.42 -71.22
CA PHE B 2239 53.92 13.38 -71.04
C PHE B 2239 54.17 14.24 -69.82
N CYS B 2240 54.46 13.59 -68.69
CA CYS B 2240 54.63 14.31 -67.42
C CYS B 2240 55.89 15.15 -67.40
N ARG B 2241 56.94 14.74 -68.11
CA ARG B 2241 58.13 15.56 -68.13
C ARG B 2241 58.06 16.71 -69.13
N ILE B 2242 57.06 16.70 -70.02
CA ILE B 2242 56.99 17.78 -71.01
C ILE B 2242 56.77 19.12 -70.32
N SER B 2243 55.77 19.22 -69.45
CA SER B 2243 55.46 20.51 -68.86
C SER B 2243 54.74 20.34 -67.54
N ARG B 2244 54.77 21.41 -66.74
CA ARG B 2244 54.30 21.35 -65.37
C ARG B 2244 52.81 21.10 -65.26
N GLN B 2245 52.02 21.51 -66.25
CA GLN B 2245 50.60 21.23 -66.23
C GLN B 2245 50.28 19.80 -66.57
N ASN B 2246 51.14 19.15 -67.37
CA ASN B 2246 50.93 17.75 -67.67
C ASN B 2246 51.05 16.88 -66.43
N GLN B 2247 52.00 17.19 -65.55
CA GLN B 2247 52.08 16.49 -64.29
C GLN B 2247 50.80 16.63 -63.51
N ARG B 2248 50.30 17.86 -63.39
CA ARG B 2248 49.09 18.08 -62.62
C ARG B 2248 47.90 17.35 -63.23
N SER B 2249 47.82 17.29 -64.56
CA SER B 2249 46.77 16.52 -65.20
C SER B 2249 46.89 15.04 -64.89
N MET B 2250 48.11 14.50 -64.91
CA MET B 2250 48.30 13.10 -64.58
C MET B 2250 48.29 12.83 -63.09
N PHE B 2251 48.56 13.84 -62.26
CA PHE B 2251 48.54 13.63 -60.83
C PHE B 2251 47.18 13.22 -60.30
N ASP B 2252 46.11 13.64 -60.97
CA ASP B 2252 44.77 13.28 -60.56
C ASP B 2252 44.48 11.81 -60.76
N HIS B 2253 45.34 11.11 -61.47
CA HIS B 2253 45.19 9.68 -61.68
C HIS B 2253 46.04 8.87 -60.72
N LEU B 2254 46.69 9.51 -59.76
CA LEU B 2254 47.61 8.81 -58.87
C LEU B 2254 46.93 7.68 -58.13
N SER B 2255 45.68 7.86 -57.72
CA SER B 2255 44.97 6.79 -57.03
C SER B 2255 44.89 5.55 -57.90
N TYR B 2256 44.54 5.72 -59.16
CA TYR B 2256 44.51 4.58 -60.07
C TYR B 2256 45.88 3.91 -60.17
N LEU B 2257 46.89 4.66 -60.59
CA LEU B 2257 48.21 4.09 -60.82
C LEU B 2257 48.70 3.38 -59.58
N LEU B 2258 48.34 3.88 -58.40
CA LEU B 2258 48.73 3.20 -57.17
C LEU B 2258 47.90 1.96 -56.91
N GLU B 2259 46.68 1.91 -57.43
CA GLU B 2259 45.90 0.68 -57.34
C GLU B 2259 46.58 -0.45 -58.11
N ASN B 2260 47.03 -0.16 -59.31
CA ASN B 2260 47.64 -1.20 -60.13
C ASN B 2260 49.16 -1.26 -60.03
N SER B 2261 49.76 -0.47 -59.14
CA SER B 2261 51.20 -0.58 -58.93
C SER B 2261 51.53 -1.86 -58.19
N GLN B 2268 59.20 -4.44 -68.51
CA GLN B 2268 60.54 -4.46 -67.97
C GLN B 2268 60.55 -3.58 -66.73
N GLY B 2269 61.47 -2.64 -66.63
CA GLY B 2269 61.48 -1.75 -65.49
C GLY B 2269 60.29 -0.81 -65.46
N SER B 2270 59.93 -0.24 -66.62
CA SER B 2270 58.91 0.80 -66.67
C SER B 2270 57.52 0.21 -66.47
N THR B 2271 56.82 0.67 -65.44
CA THR B 2271 55.60 0.04 -64.96
C THR B 2271 54.71 1.12 -64.38
N PRO B 2272 53.40 0.84 -64.21
CA PRO B 2272 52.48 1.90 -63.80
C PRO B 2272 52.80 2.55 -62.45
N LEU B 2273 53.89 2.13 -61.82
CA LEU B 2273 54.37 2.85 -60.64
C LEU B 2273 55.29 4.00 -61.00
N ASP B 2274 56.14 3.85 -62.00
CA ASP B 2274 57.03 4.95 -62.36
C ASP B 2274 56.27 6.10 -63.00
N VAL B 2275 55.08 5.84 -63.55
CA VAL B 2275 54.19 6.92 -63.95
C VAL B 2275 53.73 7.69 -62.72
N ALA B 2276 53.36 6.97 -61.67
CA ALA B 2276 52.96 7.61 -60.43
C ALA B 2276 54.10 8.40 -59.81
N ALA B 2277 55.31 7.88 -59.89
CA ALA B 2277 56.47 8.60 -59.38
C ALA B 2277 56.96 9.66 -60.35
N ALA B 2278 56.38 9.73 -61.54
CA ALA B 2278 56.66 10.81 -62.48
C ALA B 2278 55.73 11.99 -62.32
N SER B 2279 54.52 11.75 -61.82
CA SER B 2279 53.59 12.82 -61.58
C SER B 2279 54.10 13.77 -60.51
N VAL B 2280 54.70 13.23 -59.45
CA VAL B 2280 54.97 13.98 -58.23
C VAL B 2280 56.41 14.45 -58.13
N ILE B 2281 57.29 14.00 -59.02
CA ILE B 2281 58.72 14.26 -58.87
C ILE B 2281 58.99 15.75 -59.06
N ASP B 2282 59.68 16.34 -58.09
CA ASP B 2282 60.20 17.70 -58.16
C ASP B 2282 59.13 18.77 -58.29
N ASN B 2283 57.87 18.45 -57.99
CA ASN B 2283 56.82 19.46 -57.92
C ASN B 2283 56.33 19.49 -56.48
N ASN B 2284 57.01 20.27 -55.66
CA ASN B 2284 56.66 20.38 -54.25
C ASN B 2284 55.20 20.81 -54.09
N GLU B 2285 54.68 21.55 -55.07
CA GLU B 2285 53.25 21.85 -55.03
C GLU B 2285 52.44 20.60 -55.31
N LEU B 2286 52.95 19.69 -56.14
CA LEU B 2286 52.25 18.43 -56.35
C LEU B 2286 52.53 17.43 -55.26
N ALA B 2287 53.71 17.43 -54.67
CA ALA B 2287 53.94 16.60 -53.50
C ALA B 2287 52.95 16.97 -52.40
N LEU B 2288 52.80 18.26 -52.15
CA LEU B 2288 51.90 18.69 -51.10
C LEU B 2288 50.47 18.68 -51.62
N ALA B 2289 50.10 17.60 -52.27
CA ALA B 2289 48.70 17.31 -52.58
C ALA B 2289 48.43 15.83 -52.46
N LEU B 2290 49.40 15.04 -52.04
CA LEU B 2290 49.14 13.63 -51.75
C LEU B 2290 48.09 13.51 -50.67
N GLN B 2291 47.18 12.57 -50.84
CA GLN B 2291 46.27 12.19 -49.78
C GLN B 2291 46.89 11.05 -49.00
N GLU B 2292 47.07 11.25 -47.70
CA GLU B 2292 47.79 10.33 -46.83
C GLU B 2292 47.42 8.87 -47.11
N GLN B 2293 46.16 8.62 -47.45
CA GLN B 2293 45.76 7.26 -47.76
C GLN B 2293 46.46 6.72 -49.00
N ASP B 2294 46.79 7.60 -49.95
CA ASP B 2294 47.50 7.14 -51.15
C ASP B 2294 48.96 6.86 -50.85
N LEU B 2295 49.57 7.62 -49.94
CA LEU B 2295 50.84 7.18 -49.37
C LEU B 2295 50.69 5.90 -48.58
N GLU B 2296 49.51 5.66 -48.03
CA GLU B 2296 49.30 4.50 -47.18
C GLU B 2296 49.25 3.22 -47.99
N LYS B 2297 48.52 3.23 -49.10
CA LYS B 2297 48.36 2.01 -49.89
C LYS B 2297 49.71 1.51 -50.39
N VAL B 2298 50.61 2.44 -50.70
CA VAL B 2298 51.96 2.02 -51.09
C VAL B 2298 52.61 1.26 -49.95
N VAL B 2299 52.44 1.74 -48.72
CA VAL B 2299 53.02 1.02 -47.59
C VAL B 2299 52.34 -0.32 -47.42
N SER B 2300 51.06 -0.41 -47.73
CA SER B 2300 50.37 -1.70 -47.68
C SER B 2300 51.00 -2.68 -48.67
N TYR B 2301 51.31 -2.21 -49.87
CA TYR B 2301 51.99 -3.07 -50.83
C TYR B 2301 53.37 -3.47 -50.33
N LEU B 2302 54.08 -2.53 -49.70
CA LEU B 2302 55.38 -2.86 -49.13
C LEU B 2302 55.25 -3.96 -48.09
N ALA B 2303 54.21 -3.89 -47.25
CA ALA B 2303 53.97 -4.94 -46.27
C ALA B 2303 53.70 -6.27 -46.96
N GLY B 2304 52.82 -6.27 -47.96
CA GLY B 2304 52.60 -7.47 -48.72
C GLY B 2304 53.82 -7.99 -49.45
N CYS B 2305 54.86 -7.17 -49.56
CA CYS B 2305 56.10 -7.58 -50.21
C CYS B 2305 57.18 -7.99 -49.22
N GLY B 2306 57.07 -7.60 -47.97
CA GLY B 2306 58.05 -8.02 -46.98
C GLY B 2306 57.67 -9.23 -46.15
N LEU B 2307 56.55 -9.89 -46.44
CA LEU B 2307 56.13 -11.09 -45.71
C LEU B 2307 56.07 -12.31 -46.60
N GLN B 2308 55.57 -12.18 -47.81
CA GLN B 2308 55.62 -13.27 -48.77
C GLN B 2308 56.63 -12.92 -49.86
N SER B 2309 56.80 -13.81 -50.83
CA SER B 2309 57.75 -13.60 -51.91
C SER B 2309 57.03 -13.76 -53.24
N CYS B 2310 57.66 -13.28 -54.30
CA CYS B 2310 57.05 -13.31 -55.62
C CYS B 2310 56.74 -14.74 -56.04
N PRO B 2311 55.51 -15.03 -56.45
CA PRO B 2311 55.27 -16.33 -57.09
C PRO B 2311 56.00 -16.45 -58.41
N MET B 2312 56.41 -15.31 -58.99
CA MET B 2312 57.18 -15.34 -60.22
C MET B 2312 58.48 -16.11 -60.02
N LEU B 2313 59.26 -15.75 -59.00
CA LEU B 2313 60.52 -16.45 -58.75
C LEU B 2313 60.27 -17.87 -58.25
N LEU B 2314 59.16 -18.09 -57.54
CA LEU B 2314 58.74 -19.45 -57.24
C LEU B 2314 58.62 -20.28 -58.51
N ALA B 2315 58.07 -19.69 -59.57
CA ALA B 2315 58.01 -20.36 -60.86
C ALA B 2315 59.36 -20.40 -61.55
N LYS B 2316 60.29 -19.55 -61.14
CA LYS B 2316 61.66 -19.60 -61.63
C LYS B 2316 62.56 -20.49 -60.77
N GLY B 2317 62.01 -21.17 -59.78
CA GLY B 2317 62.78 -22.10 -58.97
C GLY B 2317 63.86 -21.48 -58.11
N TYR B 2318 63.58 -20.37 -57.47
CA TYR B 2318 64.54 -19.59 -56.71
C TYR B 2318 64.50 -19.99 -55.25
N PRO B 2319 65.49 -19.55 -54.46
CA PRO B 2319 65.50 -19.95 -53.04
C PRO B 2319 64.24 -19.61 -52.27
N ASP B 2320 63.64 -18.44 -52.51
CA ASP B 2320 62.38 -18.06 -51.89
C ASP B 2320 62.47 -18.11 -50.36
N ILE B 2321 63.25 -17.17 -49.82
CA ILE B 2321 63.58 -17.30 -48.41
C ILE B 2321 62.37 -16.97 -47.52
N GLY B 2322 61.98 -15.70 -47.44
CA GLY B 2322 60.80 -15.35 -46.69
C GLY B 2322 60.04 -14.17 -47.26
N TRP B 2323 60.63 -13.51 -48.25
CA TRP B 2323 60.16 -12.21 -48.71
C TRP B 2323 60.93 -11.82 -49.96
N ASN B 2324 60.22 -11.30 -50.95
CA ASN B 2324 60.88 -10.76 -52.12
C ASN B 2324 61.28 -9.31 -51.87
N PRO B 2325 62.53 -8.94 -52.06
CA PRO B 2325 62.88 -7.51 -52.09
C PRO B 2325 62.67 -6.83 -53.42
N CYS B 2326 62.30 -7.58 -54.47
CA CYS B 2326 62.14 -6.97 -55.80
C CYS B 2326 61.01 -5.94 -55.81
N GLY B 2327 59.86 -6.27 -55.22
CA GLY B 2327 58.79 -5.28 -55.11
C GLY B 2327 59.05 -4.27 -54.02
N GLY B 2328 59.74 -4.67 -52.96
CA GLY B 2328 60.05 -3.72 -51.91
C GLY B 2328 60.92 -2.58 -52.40
N GLU B 2329 61.94 -2.91 -53.20
CA GLU B 2329 62.81 -1.86 -53.73
C GLU B 2329 62.02 -0.89 -54.58
N ARG B 2330 61.17 -1.41 -55.47
CA ARG B 2330 60.33 -0.55 -56.29
C ARG B 2330 59.50 0.37 -55.41
N TYR B 2331 58.79 -0.19 -54.44
CA TYR B 2331 57.88 0.65 -53.69
C TYR B 2331 58.59 1.57 -52.72
N LEU B 2332 59.87 1.38 -52.47
CA LEU B 2332 60.66 2.36 -51.75
C LEU B 2332 61.25 3.41 -52.66
N ASP B 2333 60.99 3.32 -53.96
CA ASP B 2333 61.44 4.36 -54.89
C ASP B 2333 60.39 5.44 -55.10
N PHE B 2334 59.13 5.05 -55.26
CA PHE B 2334 58.06 6.04 -55.29
C PHE B 2334 58.01 6.80 -53.99
N LEU B 2335 58.13 6.09 -52.87
CA LEU B 2335 58.13 6.76 -51.58
C LEU B 2335 59.33 7.66 -51.39
N ARG B 2336 60.35 7.55 -52.22
CA ARG B 2336 61.49 8.45 -52.14
C ARG B 2336 61.27 9.73 -52.93
N PHE B 2337 60.42 9.68 -53.96
CA PHE B 2337 60.09 10.85 -54.75
C PHE B 2337 58.93 11.63 -54.18
N ALA B 2338 58.32 11.15 -53.11
CA ALA B 2338 57.21 11.83 -52.47
C ALA B 2338 57.56 12.36 -51.10
N VAL B 2339 58.83 12.40 -50.73
CA VAL B 2339 59.23 12.83 -49.40
C VAL B 2339 60.28 13.92 -49.50
N PHE B 2340 60.98 13.97 -50.62
CA PHE B 2340 62.16 14.81 -50.77
C PHE B 2340 62.17 15.33 -52.20
N VAL B 2341 61.85 16.61 -52.36
CA VAL B 2341 61.75 17.23 -53.67
C VAL B 2341 62.62 18.48 -53.70
N ASN B 2342 63.38 18.64 -54.77
CA ASN B 2342 64.20 19.83 -55.00
C ASN B 2342 65.22 20.05 -53.89
N GLY B 2343 65.67 18.96 -53.26
CA GLY B 2343 66.75 19.06 -52.30
C GLY B 2343 66.33 19.41 -50.89
N GLU B 2344 65.06 19.70 -50.65
CA GLU B 2344 64.54 19.95 -49.31
C GLU B 2344 63.54 18.86 -48.95
N SER B 2345 63.37 18.65 -47.65
CA SER B 2345 62.47 17.62 -47.16
C SER B 2345 61.04 18.14 -47.14
N VAL B 2346 60.13 17.33 -47.67
CA VAL B 2346 58.71 17.65 -47.58
C VAL B 2346 58.22 17.19 -46.22
N GLU B 2347 58.26 18.09 -45.24
CA GLU B 2347 57.95 17.74 -43.85
C GLU B 2347 56.61 17.02 -43.74
N GLU B 2348 55.59 17.56 -44.41
CA GLU B 2348 54.25 17.01 -44.31
C GLU B 2348 54.19 15.58 -44.79
N ASN B 2349 54.74 15.32 -45.98
CA ASN B 2349 54.83 13.95 -46.44
C ASN B 2349 55.96 13.19 -45.76
N ALA B 2350 56.89 13.89 -45.11
CA ALA B 2350 57.95 13.19 -44.40
C ALA B 2350 57.40 12.43 -43.21
N ASN B 2351 56.59 13.10 -42.38
CA ASN B 2351 56.14 12.46 -41.15
C ASN B 2351 55.19 11.31 -41.43
N VAL B 2352 54.33 11.47 -42.43
CA VAL B 2352 53.24 10.51 -42.64
C VAL B 2352 53.80 9.14 -42.97
N VAL B 2353 54.81 9.09 -43.84
CA VAL B 2353 55.37 7.80 -44.22
C VAL B 2353 56.06 7.16 -43.02
N VAL B 2354 56.70 7.95 -42.17
CA VAL B 2354 57.33 7.38 -40.98
C VAL B 2354 56.28 6.73 -40.09
N ARG B 2355 55.20 7.46 -39.84
CA ARG B 2355 54.13 6.91 -39.00
C ARG B 2355 53.58 5.63 -39.60
N LEU B 2356 53.27 5.64 -40.90
CA LEU B 2356 52.69 4.47 -41.52
C LEU B 2356 53.67 3.31 -41.57
N LEU B 2357 54.97 3.60 -41.57
CA LEU B 2357 55.94 2.53 -41.53
C LEU B 2357 56.01 1.90 -40.15
N ILE B 2358 56.01 2.70 -39.10
CA ILE B 2358 56.17 2.10 -37.78
C ILE B 2358 54.88 1.46 -37.30
N ARG B 2359 53.72 1.99 -37.70
CA ARG B 2359 52.47 1.35 -37.36
C ARG B 2359 52.39 -0.04 -37.96
N LYS B 2360 53.13 -0.28 -39.04
CA LYS B 2360 53.24 -1.59 -39.66
C LYS B 2360 54.71 -1.98 -39.71
N PRO B 2361 55.30 -2.41 -38.60
CA PRO B 2361 56.75 -2.62 -38.55
C PRO B 2361 57.27 -3.81 -39.34
N GLU B 2362 56.42 -4.49 -40.11
CA GLU B 2362 56.92 -5.55 -40.97
C GLU B 2362 57.52 -5.02 -42.26
N CYS B 2363 57.23 -3.76 -42.61
CA CYS B 2363 57.70 -3.17 -43.84
C CYS B 2363 59.20 -2.90 -43.80
N PHE B 2364 59.80 -3.04 -42.63
CA PHE B 2364 61.21 -2.77 -42.47
C PHE B 2364 62.09 -3.95 -42.83
N GLY B 2365 61.49 -5.08 -43.20
CA GLY B 2365 62.26 -6.23 -43.63
C GLY B 2365 62.51 -7.25 -42.53
N PRO B 2366 63.27 -8.29 -42.84
CA PRO B 2366 63.60 -9.29 -41.82
C PRO B 2366 64.45 -8.74 -40.70
N ALA B 2367 65.50 -8.01 -41.03
CA ALA B 2367 66.18 -7.24 -40.01
C ALA B 2367 65.26 -6.11 -39.56
N LEU B 2368 65.62 -5.47 -38.46
CA LEU B 2368 64.83 -4.41 -37.86
C LEU B 2368 63.44 -4.88 -37.47
N ARG B 2369 63.18 -6.19 -37.51
CA ARG B 2369 61.90 -6.70 -37.05
C ARG B 2369 61.76 -6.64 -35.53
N GLY B 2370 62.82 -6.35 -34.79
CA GLY B 2370 62.66 -6.21 -33.36
C GLY B 2370 62.83 -7.53 -32.62
N GLU B 2371 61.72 -8.19 -32.36
CA GLU B 2371 61.78 -9.56 -31.86
C GLU B 2371 62.43 -10.47 -32.90
N GLY B 2372 63.29 -11.36 -32.42
CA GLY B 2372 64.03 -12.23 -33.32
C GLY B 2372 64.80 -11.45 -34.36
N GLY B 2373 65.24 -10.25 -34.00
CA GLY B 2373 65.83 -9.37 -34.98
C GLY B 2373 67.21 -9.78 -35.41
N SER B 2374 67.69 -9.12 -36.45
CA SER B 2374 69.05 -9.26 -36.92
C SER B 2374 69.58 -7.85 -37.13
N GLY B 2375 70.83 -7.64 -36.73
CA GLY B 2375 71.46 -6.35 -36.94
C GLY B 2375 71.44 -5.99 -38.41
N LEU B 2376 71.12 -4.73 -38.72
CA LEU B 2376 71.20 -4.28 -40.10
C LEU B 2376 72.56 -4.62 -40.69
N LEU B 2377 73.62 -4.41 -39.91
CA LEU B 2377 74.96 -4.83 -40.30
C LEU B 2377 74.99 -6.34 -40.54
N ALA B 2378 74.41 -7.11 -39.62
CA ALA B 2378 74.42 -8.56 -39.77
C ALA B 2378 73.66 -9.00 -41.01
N ALA B 2379 72.52 -8.38 -41.28
CA ALA B 2379 71.74 -8.72 -42.46
C ALA B 2379 72.53 -8.42 -43.73
N ILE B 2380 73.21 -7.28 -43.77
CA ILE B 2380 74.02 -6.96 -44.94
C ILE B 2380 75.17 -7.95 -45.08
N GLU B 2381 75.77 -8.36 -43.96
CA GLU B 2381 76.85 -9.34 -44.04
C GLU B 2381 76.33 -10.67 -44.58
N GLU B 2382 75.14 -11.08 -44.13
CA GLU B 2382 74.51 -12.27 -44.67
C GLU B 2382 74.28 -12.16 -46.16
N ALA B 2383 73.83 -10.99 -46.63
CA ALA B 2383 73.64 -10.83 -48.06
C ALA B 2383 74.97 -10.80 -48.81
N ILE B 2384 76.03 -10.37 -48.16
CA ILE B 2384 77.37 -10.53 -48.75
C ILE B 2384 77.67 -12.00 -48.97
N ARG B 2385 77.47 -12.83 -47.94
CA ARG B 2385 77.83 -14.22 -48.06
C ARG B 2385 76.88 -14.98 -48.98
N ILE B 2386 75.66 -14.49 -49.14
CA ILE B 2386 74.73 -15.11 -50.08
C ILE B 2386 75.05 -14.73 -51.51
N SER B 2387 75.87 -13.69 -51.69
CA SER B 2387 76.13 -13.18 -53.03
C SER B 2387 76.93 -14.17 -53.86
N GLU B 2388 77.76 -15.00 -53.22
CA GLU B 2388 78.68 -15.85 -53.96
C GLU B 2388 78.12 -17.25 -54.16
N ASP B 2389 77.55 -17.84 -53.10
CA ASP B 2389 77.13 -19.22 -53.17
C ASP B 2389 76.01 -19.37 -54.19
N PRO B 2390 76.17 -20.23 -55.20
CA PRO B 2390 75.15 -20.32 -56.25
C PRO B 2390 73.84 -20.90 -55.76
N ALA B 2391 73.89 -21.76 -54.73
CA ALA B 2391 72.68 -22.43 -54.29
C ALA B 2391 71.69 -21.47 -53.69
N ARG B 2392 72.16 -20.43 -53.01
CA ARG B 2392 71.30 -19.51 -52.29
C ARG B 2392 71.13 -18.18 -53.01
N ASP B 2393 71.57 -18.09 -54.26
CA ASP B 2393 71.35 -16.90 -55.07
C ASP B 2393 70.29 -17.09 -56.13
N GLY B 2394 70.14 -18.29 -56.66
CA GLY B 2394 69.02 -18.61 -57.52
C GLY B 2394 69.42 -19.13 -58.87
N PRO B 2395 69.02 -20.37 -59.18
CA PRO B 2395 69.20 -20.96 -60.50
C PRO B 2395 68.08 -20.55 -61.46
N ASN B 2414 69.18 -15.38 -68.05
CA ASN B 2414 68.95 -14.91 -66.69
C ASN B 2414 68.95 -13.38 -66.62
N ARG B 2415 68.10 -12.84 -65.75
CA ARG B 2415 67.98 -11.40 -65.58
C ARG B 2415 67.92 -10.96 -64.12
N VAL B 2416 67.71 -11.88 -63.18
CA VAL B 2416 67.46 -11.53 -61.79
C VAL B 2416 68.33 -12.38 -60.86
N HIS B 2417 69.01 -11.72 -59.93
CA HIS B 2417 69.80 -12.36 -58.90
C HIS B 2417 69.39 -11.79 -57.55
N LEU B 2418 69.75 -12.49 -56.48
CA LEU B 2418 69.33 -12.10 -55.14
C LEU B 2418 70.41 -11.44 -54.30
N GLY B 2419 71.67 -11.85 -54.45
CA GLY B 2419 72.72 -11.30 -53.60
C GLY B 2419 72.72 -9.79 -53.61
N HIS B 2420 72.37 -9.21 -54.75
CA HIS B 2420 72.18 -7.77 -54.84
C HIS B 2420 70.77 -7.34 -54.43
N ALA B 2421 69.79 -8.25 -54.47
CA ALA B 2421 68.41 -7.84 -54.28
C ALA B 2421 68.16 -7.37 -52.85
N ILE B 2422 68.56 -8.18 -51.87
CA ILE B 2422 68.35 -7.80 -50.48
C ILE B 2422 69.11 -6.51 -50.18
N MET B 2423 70.30 -6.40 -50.76
CA MET B 2423 71.10 -5.20 -50.56
C MET B 2423 70.40 -3.98 -51.13
N SER B 2424 69.81 -4.11 -52.31
CA SER B 2424 69.06 -2.99 -52.86
C SER B 2424 67.91 -2.61 -51.94
N PHE B 2425 67.19 -3.60 -51.45
CA PHE B 2425 66.03 -3.32 -50.60
C PHE B 2425 66.46 -2.53 -49.36
N TYR B 2426 67.53 -2.98 -48.70
CA TYR B 2426 67.92 -2.31 -47.49
C TYR B 2426 68.57 -0.96 -47.77
N ALA B 2427 69.31 -0.84 -48.87
CA ALA B 2427 69.87 0.45 -49.24
C ALA B 2427 68.78 1.45 -49.52
N ALA B 2428 67.74 1.03 -50.24
CA ALA B 2428 66.62 1.91 -50.54
C ALA B 2428 65.90 2.34 -49.27
N LEU B 2429 65.67 1.38 -48.36
CA LEU B 2429 65.02 1.72 -47.10
C LEU B 2429 65.84 2.73 -46.32
N ILE B 2430 67.15 2.54 -46.28
CA ILE B 2430 67.99 3.46 -45.53
C ILE B 2430 67.99 4.84 -46.17
N ASP B 2431 68.05 4.90 -47.50
CA ASP B 2431 67.97 6.18 -48.19
C ASP B 2431 66.66 6.89 -47.85
N LEU B 2432 65.55 6.18 -48.03
CA LEU B 2432 64.24 6.80 -47.81
C LEU B 2432 64.10 7.28 -46.38
N LEU B 2433 64.55 6.48 -45.42
CA LEU B 2433 64.49 6.91 -44.03
C LEU B 2433 65.38 8.11 -43.77
N GLY B 2434 66.49 8.22 -44.51
CA GLY B 2434 67.29 9.43 -44.44
C GLY B 2434 66.58 10.64 -45.01
N ARG B 2435 65.79 10.45 -46.06
CA ARG B 2435 65.08 11.56 -46.68
C ARG B 2435 64.10 12.20 -45.71
N CYS B 2436 63.35 11.38 -44.97
CA CYS B 2436 62.34 11.92 -44.08
C CYS B 2436 62.94 12.68 -42.92
N ALA B 2437 64.24 12.56 -42.70
CA ALA B 2437 64.86 13.27 -41.59
C ALA B 2437 64.69 14.78 -41.79
N PRO B 2438 64.38 15.51 -40.73
CA PRO B 2438 64.14 16.95 -40.87
C PRO B 2438 65.40 17.68 -41.30
N GLU B 2439 65.20 18.79 -42.01
CA GLU B 2439 66.30 19.64 -42.43
C GLU B 2439 66.76 20.49 -41.25
N MET B 2440 67.71 21.39 -41.49
CA MET B 2440 68.34 22.11 -40.38
C MET B 2440 67.42 23.16 -39.76
N HIS B 2441 66.51 23.74 -40.56
CA HIS B 2441 65.62 24.77 -40.03
C HIS B 2441 64.87 24.25 -38.81
N LEU B 2442 64.22 23.09 -38.95
CA LEU B 2442 63.41 22.53 -37.87
C LEU B 2442 64.29 22.08 -36.71
N ILE B 2443 65.46 21.51 -37.02
CA ILE B 2443 66.32 21.00 -35.97
C ILE B 2443 66.82 22.11 -35.07
N GLN B 2444 67.26 23.23 -35.63
CA GLN B 2444 67.65 24.36 -34.81
C GLN B 2444 66.46 25.13 -34.25
N ALA B 2445 65.29 25.00 -34.86
CA ALA B 2445 64.11 25.68 -34.36
C ALA B 2445 63.53 25.03 -33.11
N GLY B 2446 64.01 23.85 -32.74
CA GLY B 2446 63.50 23.17 -31.57
C GLY B 2446 62.05 22.76 -31.74
N LYS B 2447 61.64 22.56 -32.99
CA LYS B 2447 60.27 22.15 -33.26
C LYS B 2447 60.04 20.74 -32.74
N GLY B 2448 58.97 20.58 -31.94
CA GLY B 2448 58.77 19.32 -31.24
C GLY B 2448 58.61 18.14 -32.15
N GLU B 2449 57.80 18.30 -33.20
CA GLU B 2449 57.56 17.19 -34.12
C GLU B 2449 58.85 16.78 -34.81
N ALA B 2450 59.67 17.75 -35.20
CA ALA B 2450 60.91 17.45 -35.89
C ALA B 2450 61.83 16.60 -35.02
N LEU B 2451 62.06 17.03 -33.79
CA LEU B 2451 62.91 16.26 -32.89
C LEU B 2451 62.32 14.89 -32.63
N ARG B 2452 61.00 14.80 -32.50
CA ARG B 2452 60.39 13.50 -32.27
C ARG B 2452 60.63 12.56 -33.43
N ILE B 2453 60.45 13.04 -34.66
CA ILE B 2453 60.66 12.17 -35.82
C ILE B 2453 62.11 11.76 -35.91
N ARG B 2454 63.04 12.69 -35.64
CA ARG B 2454 64.44 12.32 -35.72
C ARG B 2454 64.78 11.28 -34.66
N ALA B 2455 64.26 11.44 -33.45
CA ALA B 2455 64.50 10.43 -32.42
C ALA B 2455 63.93 9.09 -32.83
N ILE B 2456 62.77 9.10 -33.49
CA ILE B 2456 62.16 7.84 -33.92
C ILE B 2456 63.07 7.15 -34.92
N LEU B 2457 63.58 7.89 -35.90
CA LEU B 2457 64.50 7.30 -36.86
C LEU B 2457 65.79 6.85 -36.19
N ARG B 2458 66.28 7.61 -35.22
CA ARG B 2458 67.50 7.23 -34.51
C ARG B 2458 67.31 5.89 -33.80
N SER B 2459 66.16 5.70 -33.17
CA SER B 2459 65.87 4.43 -32.55
C SER B 2459 65.72 3.33 -33.60
N LEU B 2460 65.13 3.66 -34.75
CA LEU B 2460 64.83 2.64 -35.76
C LEU B 2460 66.10 1.97 -36.29
N VAL B 2461 67.21 2.69 -36.33
CA VAL B 2461 68.46 2.14 -36.82
C VAL B 2461 69.62 2.59 -35.93
N PRO B 2462 70.42 1.67 -35.41
CA PRO B 2462 71.54 2.06 -34.55
C PRO B 2462 72.63 2.77 -35.34
N LEU B 2463 73.73 3.06 -34.65
CA LEU B 2463 74.87 3.67 -35.33
C LEU B 2463 75.89 2.65 -35.78
N ASP B 2464 76.21 1.67 -34.93
CA ASP B 2464 77.31 0.76 -35.21
C ASP B 2464 77.14 0.09 -36.57
N ASP B 2465 75.92 -0.33 -36.89
CA ASP B 2465 75.67 -0.93 -38.20
C ASP B 2465 75.90 0.08 -39.31
N LEU B 2466 75.57 1.35 -39.07
CA LEU B 2466 75.72 2.35 -40.12
C LEU B 2466 77.19 2.48 -40.52
N VAL B 2467 78.05 2.85 -39.57
CA VAL B 2467 79.47 2.98 -39.87
C VAL B 2467 80.10 1.64 -40.21
N GLY B 2468 79.45 0.54 -39.86
CA GLY B 2468 79.93 -0.76 -40.26
C GLY B 2468 79.69 -1.08 -41.72
N ILE B 2469 78.49 -0.77 -42.22
CA ILE B 2469 78.25 -0.95 -43.64
C ILE B 2469 79.01 0.08 -44.43
N ILE B 2470 79.40 1.18 -43.80
CA ILE B 2470 80.45 2.01 -44.36
C ILE B 2470 81.76 1.23 -44.48
N SER B 2471 81.97 0.23 -43.65
CA SER B 2471 83.28 -0.42 -43.53
C SER B 2471 83.37 -1.75 -44.24
N LEU B 2472 82.44 -2.05 -45.14
CA LEU B 2472 82.47 -3.31 -45.88
C LEU B 2472 83.73 -3.40 -46.75
N PRO B 2473 84.15 -4.60 -47.15
CA PRO B 2473 85.17 -4.69 -48.20
C PRO B 2473 84.54 -4.75 -49.57
N LEU B 2474 85.09 -4.00 -50.51
CA LEU B 2474 84.50 -3.78 -51.83
C LEU B 2474 85.39 -4.45 -52.87
N GLN B 2475 84.91 -5.55 -53.45
CA GLN B 2475 85.76 -6.34 -54.33
C GLN B 2475 86.10 -5.53 -55.58
N ILE B 2476 87.33 -5.01 -55.59
CA ILE B 2476 87.87 -4.11 -56.60
C ILE B 2476 88.13 -4.90 -57.87
N PRO B 2477 88.03 -4.30 -59.07
CA PRO B 2477 88.38 -5.06 -60.28
C PRO B 2477 89.76 -5.65 -60.19
N THR B 2478 89.82 -6.96 -60.14
CA THR B 2478 91.08 -7.65 -59.86
C THR B 2478 91.99 -7.61 -61.08
N LEU B 2479 93.16 -7.01 -60.92
CA LEU B 2479 94.13 -6.94 -61.99
C LEU B 2479 94.69 -8.32 -62.29
N GLY B 2480 95.55 -8.37 -63.29
CA GLY B 2480 96.23 -9.62 -63.59
C GLY B 2480 95.24 -10.72 -63.94
N LYS B 2481 95.27 -11.78 -63.14
CA LYS B 2481 94.47 -12.98 -63.39
C LYS B 2481 94.73 -13.49 -64.80
N ASP B 2482 95.99 -13.85 -65.04
CA ASP B 2482 96.55 -14.22 -66.34
C ASP B 2482 96.61 -13.05 -67.30
N GLY B 2483 96.41 -11.82 -66.83
CA GLY B 2483 96.53 -10.62 -67.65
C GLY B 2483 95.22 -10.04 -68.11
N ALA B 2484 94.12 -10.77 -68.02
CA ALA B 2484 92.84 -10.34 -68.56
C ALA B 2484 92.00 -9.72 -67.44
N LEU B 2485 91.32 -8.62 -67.75
CA LEU B 2485 90.42 -8.00 -66.79
C LEU B 2485 89.31 -8.96 -66.41
N VAL B 2486 89.11 -9.13 -65.10
CA VAL B 2486 87.97 -9.88 -64.57
C VAL B 2486 87.33 -9.02 -63.48
N GLN B 2487 86.37 -8.20 -63.88
CA GLN B 2487 85.68 -7.35 -62.93
C GLN B 2487 84.47 -8.07 -62.35
N PRO B 2488 84.10 -7.78 -61.11
CA PRO B 2488 82.89 -8.38 -60.54
C PRO B 2488 81.66 -7.71 -61.10
N LYS B 2489 80.64 -8.52 -61.39
CA LYS B 2489 79.40 -8.01 -61.96
C LYS B 2489 78.67 -7.20 -60.92
N MET B 2490 78.78 -5.87 -60.99
CA MET B 2490 78.02 -5.02 -60.10
C MET B 2490 76.59 -4.82 -60.57
N SER B 2491 76.10 -5.70 -61.43
CA SER B 2491 74.66 -5.93 -61.51
C SER B 2491 74.22 -7.02 -60.55
N ALA B 2492 75.17 -7.75 -59.96
CA ALA B 2492 74.87 -8.81 -59.02
C ALA B 2492 75.81 -8.89 -57.84
N SER B 2493 76.55 -7.82 -57.53
CA SER B 2493 77.43 -7.83 -56.39
C SER B 2493 77.09 -6.65 -55.47
N PHE B 2494 77.88 -6.48 -54.41
CA PHE B 2494 77.73 -5.31 -53.56
C PHE B 2494 78.21 -4.10 -54.32
N VAL B 2495 77.27 -3.43 -55.00
CA VAL B 2495 77.62 -2.15 -55.63
C VAL B 2495 77.92 -1.14 -54.54
N PRO B 2496 78.98 -0.35 -54.67
CA PRO B 2496 79.26 0.66 -53.64
C PRO B 2496 78.14 1.66 -53.49
N ASP B 2497 77.29 1.82 -54.51
CA ASP B 2497 76.15 2.73 -54.38
C ASP B 2497 75.29 2.35 -53.19
N HIS B 2498 75.23 1.07 -52.84
CA HIS B 2498 74.53 0.64 -51.64
C HIS B 2498 74.97 1.46 -50.45
N LYS B 2499 76.28 1.60 -50.26
CA LYS B 2499 76.83 2.36 -49.16
C LYS B 2499 76.46 3.83 -49.22
N ALA B 2500 76.27 4.38 -50.41
CA ALA B 2500 75.95 5.80 -50.53
C ALA B 2500 74.73 6.14 -49.70
N SER B 2501 73.70 5.30 -49.75
CA SER B 2501 72.52 5.52 -48.93
C SER B 2501 72.90 5.69 -47.47
N MET B 2502 73.69 4.76 -46.93
CA MET B 2502 74.07 4.85 -45.54
C MET B 2502 75.01 6.02 -45.27
N VAL B 2503 75.68 6.54 -46.30
CA VAL B 2503 76.39 7.78 -46.10
C VAL B 2503 75.42 8.95 -45.93
N LEU B 2504 74.33 8.95 -46.70
CA LEU B 2504 73.35 10.02 -46.59
C LEU B 2504 72.72 10.06 -45.20
N PHE B 2505 72.22 8.91 -44.73
CA PHE B 2505 71.58 8.83 -43.44
C PHE B 2505 72.47 9.43 -42.35
N LEU B 2506 73.73 9.02 -42.33
CA LEU B 2506 74.65 9.51 -41.31
C LEU B 2506 74.73 11.04 -41.34
N ASP B 2507 74.79 11.62 -42.53
CA ASP B 2507 74.84 13.07 -42.62
C ASP B 2507 73.55 13.69 -42.10
N ARG B 2508 72.40 13.10 -42.43
CA ARG B 2508 71.15 13.76 -42.14
C ARG B 2508 70.66 13.50 -40.72
N VAL B 2509 70.83 12.27 -40.23
CA VAL B 2509 70.22 11.91 -38.96
C VAL B 2509 71.23 12.01 -37.84
N TYR B 2510 72.27 11.17 -37.88
CA TYR B 2510 73.23 11.15 -36.79
C TYR B 2510 74.13 12.38 -36.82
N GLY B 2511 74.65 12.73 -37.99
CA GLY B 2511 75.51 13.89 -38.13
C GLY B 2511 76.94 13.61 -37.69
N ILE B 2512 77.79 14.57 -37.99
CA ILE B 2512 79.19 14.55 -37.56
C ILE B 2512 79.39 15.76 -36.67
N GLU B 2513 79.25 15.55 -35.36
CA GLU B 2513 79.31 16.64 -34.40
C GLU B 2513 80.65 16.75 -33.68
N ASN B 2514 81.32 15.62 -33.45
CA ASN B 2514 82.60 15.63 -32.76
C ASN B 2514 83.70 15.23 -33.72
N GLN B 2515 84.85 15.86 -33.58
CA GLN B 2515 85.99 15.57 -34.44
C GLN B 2515 86.44 14.11 -34.29
N ASP B 2516 86.28 13.53 -33.10
CA ASP B 2516 86.74 12.17 -32.86
C ASP B 2516 85.98 11.16 -33.70
N PHE B 2517 84.65 11.26 -33.71
CA PHE B 2517 83.84 10.37 -34.53
C PHE B 2517 84.25 10.45 -36.00
N LEU B 2518 84.60 11.65 -36.44
CA LEU B 2518 85.06 11.84 -37.81
C LEU B 2518 86.39 11.14 -38.06
N LEU B 2519 87.38 11.35 -37.19
CA LEU B 2519 88.63 10.63 -37.40
C LEU B 2519 88.48 9.13 -37.18
N HIS B 2520 87.36 8.69 -36.62
CA HIS B 2520 87.05 7.27 -36.58
C HIS B 2520 86.50 6.76 -37.92
N VAL B 2521 85.47 7.44 -38.43
CA VAL B 2521 84.85 7.00 -39.68
C VAL B 2521 85.84 7.12 -40.83
N LEU B 2522 86.81 8.02 -40.73
CA LEU B 2522 87.80 8.14 -41.79
C LEU B 2522 88.62 6.87 -41.92
N ASP B 2523 89.00 6.26 -40.80
CA ASP B 2523 89.82 5.06 -40.89
C ASP B 2523 88.97 3.81 -41.13
N VAL B 2524 87.81 3.70 -40.47
CA VAL B 2524 87.09 2.43 -40.50
C VAL B 2524 86.44 2.20 -41.87
N GLY B 2525 85.86 3.24 -42.46
CA GLY B 2525 85.13 3.04 -43.70
C GLY B 2525 85.50 3.91 -44.89
N PHE B 2526 85.99 5.13 -44.67
CA PHE B 2526 86.09 6.09 -45.77
C PHE B 2526 87.38 5.94 -46.58
N LEU B 2527 88.53 6.14 -45.94
CA LEU B 2527 89.80 6.23 -46.66
C LEU B 2527 90.14 4.98 -47.48
N PRO B 2528 89.96 3.75 -46.93
CA PRO B 2528 90.30 2.56 -47.72
C PRO B 2528 89.48 2.45 -49.00
N ASP B 2529 88.43 3.26 -49.10
CA ASP B 2529 87.66 3.32 -50.33
C ASP B 2529 88.22 4.35 -51.29
N MET B 2530 88.63 5.51 -50.80
CA MET B 2530 89.15 6.53 -51.70
C MET B 2530 90.45 6.08 -52.34
N ARG B 2531 91.34 5.43 -51.60
CA ARG B 2531 92.52 4.93 -52.30
C ARG B 2531 92.25 3.63 -53.05
N ALA B 2532 91.16 2.94 -52.74
CA ALA B 2532 90.69 1.93 -53.70
C ALA B 2532 90.43 2.58 -55.06
N ALA B 2533 89.70 3.69 -55.07
CA ALA B 2533 89.46 4.40 -56.33
C ALA B 2533 90.76 4.92 -56.93
N ALA B 2534 91.63 5.51 -56.10
CA ALA B 2534 92.87 6.09 -56.60
C ALA B 2534 93.77 5.04 -57.22
N SER B 2535 93.84 3.85 -56.63
CA SER B 2535 94.51 2.73 -57.29
C SER B 2535 93.82 2.38 -58.60
N LEU B 2536 92.49 2.43 -58.63
CA LEU B 2536 91.78 2.18 -59.87
C LEU B 2536 91.99 3.26 -60.92
N ASP B 2537 92.60 4.38 -60.57
CA ASP B 2537 92.78 5.46 -61.52
C ASP B 2537 93.71 5.11 -62.69
N THR B 2538 94.25 3.90 -62.72
CA THR B 2538 95.19 3.53 -63.78
C THR B 2538 94.50 3.46 -65.13
N ALA B 2539 95.30 3.47 -66.18
CA ALA B 2539 94.76 3.55 -67.54
C ALA B 2539 93.85 2.38 -67.87
N THR B 2540 94.29 1.15 -67.56
CA THR B 2540 93.49 -0.01 -67.91
C THR B 2540 92.21 -0.08 -67.09
N PHE B 2541 92.26 0.29 -65.81
CA PHE B 2541 91.10 0.19 -64.95
C PHE B 2541 90.42 1.54 -64.76
N SER B 2542 90.68 2.50 -65.64
CA SER B 2542 90.02 3.79 -65.55
C SER B 2542 88.54 3.68 -65.93
N THR B 2543 88.23 2.86 -66.92
CA THR B 2543 86.90 2.80 -67.49
C THR B 2543 86.12 1.55 -67.07
N THR B 2544 86.68 0.70 -66.21
CA THR B 2544 85.90 -0.43 -65.73
C THR B 2544 84.71 0.06 -64.92
N GLU B 2545 83.55 -0.59 -65.12
CA GLU B 2545 82.31 -0.02 -64.60
C GLU B 2545 82.34 0.13 -63.09
N MET B 2546 83.09 -0.73 -62.41
CA MET B 2546 83.31 -0.53 -60.97
C MET B 2546 84.01 0.79 -60.70
N ALA B 2547 85.01 1.14 -61.50
CA ALA B 2547 85.68 2.41 -61.29
C ALA B 2547 84.72 3.57 -61.46
N LEU B 2548 83.88 3.51 -62.50
CA LEU B 2548 82.92 4.59 -62.74
C LEU B 2548 81.94 4.70 -61.59
N ALA B 2549 81.42 3.57 -61.13
CA ALA B 2549 80.48 3.59 -60.00
C ALA B 2549 81.14 4.16 -58.76
N LEU B 2550 82.39 3.78 -58.51
CA LEU B 2550 83.08 4.28 -57.32
C LEU B 2550 83.35 5.77 -57.42
N ASN B 2551 83.70 6.25 -58.61
CA ASN B 2551 83.91 7.68 -58.79
C ASN B 2551 82.63 8.46 -58.51
N ARG B 2552 81.52 7.99 -59.09
CA ARG B 2552 80.24 8.64 -58.84
C ARG B 2552 79.89 8.60 -57.36
N TYR B 2553 80.12 7.45 -56.73
CA TYR B 2553 79.90 7.31 -55.29
C TYR B 2553 80.67 8.34 -54.50
N LEU B 2554 81.98 8.45 -54.74
CA LEU B 2554 82.78 9.38 -53.94
C LEU B 2554 82.35 10.82 -54.17
N CYS B 2555 82.07 11.18 -55.42
CA CYS B 2555 81.73 12.57 -55.70
C CYS B 2555 80.35 12.93 -55.16
N LEU B 2556 79.46 11.95 -54.99
CA LEU B 2556 78.11 12.27 -54.56
C LEU B 2556 77.92 12.20 -53.05
N ALA B 2557 78.61 11.28 -52.36
CA ALA B 2557 78.32 11.02 -50.96
C ALA B 2557 79.45 11.42 -50.02
N VAL B 2558 80.66 10.90 -50.22
CA VAL B 2558 81.71 11.04 -49.21
C VAL B 2558 82.32 12.43 -49.27
N LEU B 2559 82.87 12.79 -50.43
CA LEU B 2559 83.58 14.05 -50.55
C LEU B 2559 82.75 15.27 -50.16
N PRO B 2560 81.47 15.40 -50.55
CA PRO B 2560 80.68 16.53 -50.03
C PRO B 2560 80.57 16.54 -48.52
N LEU B 2561 80.43 15.37 -47.89
CA LEU B 2561 80.36 15.33 -46.44
C LEU B 2561 81.67 15.82 -45.82
N ILE B 2562 82.79 15.40 -46.40
CA ILE B 2562 84.08 15.90 -45.93
C ILE B 2562 84.17 17.41 -46.11
N THR B 2563 83.68 17.91 -47.24
CA THR B 2563 83.72 19.35 -47.49
C THR B 2563 82.94 20.10 -46.43
N LYS B 2564 81.76 19.60 -46.08
CA LYS B 2564 80.96 20.24 -45.04
C LYS B 2564 81.63 20.16 -43.67
N CYS B 2565 82.25 19.04 -43.34
CA CYS B 2565 82.85 18.86 -42.03
C CYS B 2565 84.30 19.34 -41.96
N ALA B 2566 84.79 19.96 -43.03
CA ALA B 2566 86.16 20.48 -43.05
C ALA B 2566 86.54 21.35 -41.84
N PRO B 2567 85.69 22.26 -41.34
CA PRO B 2567 86.13 23.12 -40.22
C PRO B 2567 86.57 22.35 -38.99
N LEU B 2568 86.14 21.11 -38.81
CA LEU B 2568 86.47 20.37 -37.59
C LEU B 2568 87.94 19.99 -37.51
N PHE B 2569 88.68 20.07 -38.61
CA PHE B 2569 90.05 19.54 -38.61
C PHE B 2569 91.04 20.45 -37.91
N ALA B 2570 90.65 21.67 -37.54
CA ALA B 2570 91.62 22.66 -37.10
C ALA B 2570 92.45 22.16 -35.93
N GLY B 2571 91.89 21.29 -35.10
CA GLY B 2571 92.60 20.82 -33.93
C GLY B 2571 93.19 19.43 -34.09
N THR B 2572 93.26 18.93 -35.32
CA THR B 2572 93.80 17.58 -35.56
C THR B 2572 95.32 17.61 -35.49
N GLU B 2573 95.81 17.97 -34.30
CA GLU B 2573 97.24 17.94 -34.03
C GLU B 2573 97.68 16.67 -33.32
N HIS B 2574 96.80 16.08 -32.51
CA HIS B 2574 97.15 14.83 -31.83
C HIS B 2574 97.38 13.72 -32.83
N ARG B 2575 96.49 13.60 -33.81
CA ARG B 2575 96.54 12.54 -34.79
C ARG B 2575 97.09 13.12 -36.09
N ALA B 2576 98.14 12.50 -36.63
CA ALA B 2576 98.95 13.12 -37.66
C ALA B 2576 98.86 12.47 -39.02
N ILE B 2577 99.13 11.17 -39.13
CA ILE B 2577 99.29 10.56 -40.45
C ILE B 2577 97.98 10.43 -41.22
N MET B 2578 96.84 10.42 -40.52
CA MET B 2578 95.57 10.54 -41.24
C MET B 2578 95.50 11.80 -42.09
N VAL B 2579 95.93 12.94 -41.55
CA VAL B 2579 95.81 14.18 -42.29
C VAL B 2579 96.67 14.15 -43.55
N ASP B 2580 97.94 13.75 -43.39
CA ASP B 2580 98.83 13.69 -44.54
C ASP B 2580 98.33 12.68 -45.57
N SER B 2581 97.92 11.50 -45.10
CA SER B 2581 97.45 10.46 -46.00
C SER B 2581 96.23 10.93 -46.76
N MET B 2582 95.29 11.58 -46.08
CA MET B 2582 94.08 12.04 -46.72
C MET B 2582 94.36 13.12 -47.76
N LEU B 2583 95.21 14.09 -47.41
CA LEU B 2583 95.59 15.12 -48.37
C LEU B 2583 96.17 14.46 -49.62
N HIS B 2584 97.06 13.49 -49.42
CA HIS B 2584 97.73 12.87 -50.53
C HIS B 2584 96.74 12.12 -51.41
N THR B 2585 95.81 11.40 -50.79
CA THR B 2585 94.80 10.65 -51.52
C THR B 2585 93.91 11.56 -52.34
N VAL B 2586 93.38 12.61 -51.72
CA VAL B 2586 92.49 13.53 -52.41
C VAL B 2586 93.22 14.14 -53.60
N TYR B 2587 94.47 14.57 -53.39
CA TYR B 2587 95.22 15.15 -54.51
C TYR B 2587 95.37 14.14 -55.63
N ARG B 2588 95.76 12.90 -55.31
CA ARG B 2588 95.99 11.95 -56.38
C ARG B 2588 94.71 11.67 -57.16
N LEU B 2589 93.58 11.58 -56.44
CA LEU B 2589 92.31 11.41 -57.14
C LEU B 2589 91.97 12.61 -57.99
N SER B 2590 92.43 13.80 -57.60
CA SER B 2590 92.12 15.00 -58.36
C SER B 2590 92.73 14.99 -59.76
N ARG B 2591 93.85 14.30 -59.95
CA ARG B 2591 94.54 14.29 -61.24
C ARG B 2591 93.96 13.28 -62.21
N GLY B 2592 93.00 12.48 -61.78
CA GLY B 2592 92.64 11.30 -62.53
C GLY B 2592 91.98 11.60 -63.87
N ARG B 2593 91.87 10.55 -64.67
CA ARG B 2593 91.14 10.59 -65.93
C ARG B 2593 89.73 10.03 -65.71
N SER B 2594 88.91 10.17 -66.76
CA SER B 2594 87.53 9.65 -66.77
C SER B 2594 86.67 10.27 -65.69
N LEU B 2595 87.15 11.31 -65.02
CA LEU B 2595 86.33 12.03 -64.06
C LEU B 2595 85.61 13.17 -64.78
N THR B 2596 84.28 13.17 -64.70
CA THR B 2596 83.49 14.16 -65.40
C THR B 2596 83.77 15.55 -64.86
N LYS B 2597 83.55 16.57 -65.70
CA LYS B 2597 83.99 17.92 -65.35
C LYS B 2597 83.34 18.42 -64.07
N ALA B 2598 82.03 18.19 -63.92
CA ALA B 2598 81.36 18.58 -62.68
C ALA B 2598 81.93 17.81 -61.50
N GLN B 2599 82.23 16.53 -61.72
CA GLN B 2599 82.83 15.71 -60.67
C GLN B 2599 84.22 16.24 -60.31
N ARG B 2600 84.98 16.67 -61.30
CA ARG B 2600 86.28 17.27 -61.03
C ARG B 2600 86.12 18.55 -60.22
N ASP B 2601 85.09 19.33 -60.54
CA ASP B 2601 84.80 20.52 -59.73
C ASP B 2601 84.50 20.12 -58.29
N VAL B 2602 83.73 19.05 -58.10
CA VAL B 2602 83.41 18.60 -56.76
C VAL B 2602 84.67 18.24 -55.99
N ILE B 2603 85.55 17.45 -56.60
CA ILE B 2603 86.72 16.97 -55.87
C ILE B 2603 87.68 18.12 -55.58
N GLU B 2604 87.85 19.04 -56.54
CA GLU B 2604 88.73 20.17 -56.29
C GLU B 2604 88.15 21.08 -55.21
N ASP B 2605 86.82 21.23 -55.20
CA ASP B 2605 86.21 22.03 -54.15
C ASP B 2605 86.45 21.41 -52.79
N CYS B 2606 86.31 20.09 -52.68
CA CYS B 2606 86.57 19.43 -51.41
C CYS B 2606 88.02 19.63 -50.98
N LEU B 2607 88.96 19.50 -51.91
CA LEU B 2607 90.37 19.66 -51.55
C LEU B 2607 90.70 21.08 -51.11
N MET B 2608 90.21 22.06 -51.86
CA MET B 2608 90.59 23.43 -51.55
C MET B 2608 89.78 24.01 -50.40
N ALA B 2609 88.66 23.39 -50.03
CA ALA B 2609 88.03 23.71 -48.76
C ALA B 2609 88.72 22.97 -47.64
N LEU B 2610 89.31 21.82 -47.94
CA LEU B 2610 90.02 21.04 -46.95
C LEU B 2610 91.28 21.75 -46.48
N CYS B 2611 92.06 22.30 -47.42
CA CYS B 2611 93.34 22.89 -47.07
C CYS B 2611 93.18 24.11 -46.17
N ARG B 2612 91.98 24.69 -46.13
CA ARG B 2612 91.70 25.86 -45.29
C ARG B 2612 91.95 25.59 -43.82
N TYR B 2613 91.15 24.70 -43.25
CA TYR B 2613 91.07 24.62 -41.79
C TYR B 2613 92.24 23.86 -41.18
N ILE B 2614 93.00 23.13 -41.98
CA ILE B 2614 94.08 22.32 -41.42
C ILE B 2614 95.24 23.21 -40.99
N ARG B 2615 96.03 22.72 -40.04
CA ARG B 2615 97.17 23.46 -39.55
C ARG B 2615 98.23 23.63 -40.64
N PRO B 2616 98.90 24.79 -40.69
CA PRO B 2616 99.81 25.05 -41.82
C PRO B 2616 100.94 24.06 -41.94
N SER B 2617 101.54 23.67 -40.80
CA SER B 2617 102.69 22.78 -40.84
C SER B 2617 102.33 21.43 -41.42
N MET B 2618 101.16 20.92 -41.06
CA MET B 2618 100.80 19.54 -41.36
C MET B 2618 100.30 19.36 -42.78
N LEU B 2619 100.21 20.45 -43.54
CA LEU B 2619 100.02 20.41 -44.98
C LEU B 2619 101.35 20.26 -45.71
N GLN B 2620 102.48 20.25 -44.96
CA GLN B 2620 103.80 20.33 -45.55
C GLN B 2620 104.03 19.26 -46.61
N HIS B 2621 103.66 18.01 -46.30
CA HIS B 2621 103.89 16.93 -47.26
C HIS B 2621 103.16 17.21 -48.56
N LEU B 2622 101.94 17.73 -48.49
CA LEU B 2622 101.23 18.08 -49.70
C LEU B 2622 102.00 19.12 -50.50
N LEU B 2623 102.63 20.07 -49.81
CA LEU B 2623 103.53 20.98 -50.51
C LEU B 2623 104.60 20.22 -51.25
N ARG B 2624 105.31 19.31 -50.54
CA ARG B 2624 106.15 18.33 -51.22
C ARG B 2624 105.52 17.92 -52.53
N ARG B 2625 104.28 17.45 -52.45
CA ARG B 2625 103.70 16.73 -53.55
C ARG B 2625 103.74 17.67 -54.75
N LEU B 2626 103.23 18.87 -54.49
CA LEU B 2626 103.00 19.89 -55.49
C LEU B 2626 104.28 20.36 -56.13
N VAL B 2627 105.37 20.45 -55.36
CA VAL B 2627 106.56 21.09 -55.89
C VAL B 2627 107.14 20.23 -57.00
N PHE B 2628 106.52 19.08 -57.28
CA PHE B 2628 106.92 18.34 -58.47
C PHE B 2628 105.86 18.35 -59.57
N ASP B 2629 104.59 18.56 -59.22
CA ASP B 2629 103.51 18.51 -60.20
C ASP B 2629 103.22 19.87 -60.83
N VAL B 2630 103.21 20.95 -60.06
CA VAL B 2630 102.87 22.26 -60.58
C VAL B 2630 103.95 22.87 -61.48
N PRO B 2631 105.26 22.67 -61.24
CA PRO B 2631 106.23 23.45 -62.02
C PRO B 2631 106.11 23.28 -63.52
N ILE B 2632 105.65 22.12 -64.00
CA ILE B 2632 105.43 21.97 -65.43
C ILE B 2632 104.32 22.90 -65.90
N LEU B 2633 103.36 23.20 -65.03
CA LEU B 2633 102.21 24.03 -65.38
C LEU B 2633 101.57 23.56 -66.69
N ASN B 2634 101.10 22.32 -66.67
CA ASN B 2634 100.24 21.80 -67.72
C ASN B 2634 98.83 22.33 -67.56
N GLU B 2635 97.93 21.83 -68.41
CA GLU B 2635 96.52 22.20 -68.27
C GLU B 2635 95.97 21.75 -66.92
N PHE B 2636 96.29 20.52 -66.52
CA PHE B 2636 95.76 20.00 -65.27
C PHE B 2636 96.20 20.81 -64.07
N ALA B 2637 97.28 21.57 -64.19
CA ALA B 2637 97.74 22.43 -63.11
C ALA B 2637 96.90 23.68 -62.94
N LYS B 2638 95.75 23.76 -63.61
CA LYS B 2638 94.93 24.96 -63.50
C LYS B 2638 94.38 25.13 -62.10
N MET B 2639 94.01 24.03 -61.43
CA MET B 2639 93.41 24.12 -60.10
C MET B 2639 94.42 24.37 -58.99
N PRO B 2640 95.53 23.60 -58.88
CA PRO B 2640 96.32 23.63 -57.64
C PRO B 2640 96.77 25.02 -57.27
N LEU B 2641 96.97 25.86 -58.29
CA LEU B 2641 97.46 27.21 -58.07
C LEU B 2641 96.56 27.95 -57.08
N LYS B 2642 95.25 27.69 -57.14
CA LYS B 2642 94.35 28.28 -56.17
C LYS B 2642 94.66 27.80 -54.76
N LEU B 2643 94.94 26.50 -54.61
CA LEU B 2643 95.27 25.98 -53.28
C LEU B 2643 96.51 26.67 -52.74
N LEU B 2644 97.53 26.82 -53.60
CA LEU B 2644 98.77 27.44 -53.15
C LEU B 2644 98.52 28.88 -52.73
N THR B 2645 97.80 29.64 -53.57
CA THR B 2645 97.55 31.04 -53.26
C THR B 2645 96.75 31.17 -51.98
N ASN B 2646 95.67 30.41 -51.85
CA ASN B 2646 94.84 30.46 -50.65
C ASN B 2646 95.55 29.93 -49.42
N HIS B 2647 96.68 29.24 -49.60
CA HIS B 2647 97.49 28.83 -48.46
C HIS B 2647 98.46 29.91 -48.02
N TYR B 2648 99.38 30.33 -48.89
CA TYR B 2648 100.37 31.32 -48.46
C TYR B 2648 99.74 32.67 -48.16
N GLU B 2649 98.78 33.13 -48.98
CA GLU B 2649 98.10 34.36 -48.62
C GLU B 2649 97.42 34.26 -47.27
N ARG B 2650 96.99 33.06 -46.89
CA ARG B 2650 96.59 32.80 -45.52
C ARG B 2650 97.79 32.67 -44.59
N CYS B 2651 98.86 32.02 -45.04
CA CYS B 2651 99.98 31.65 -44.18
C CYS B 2651 101.19 32.54 -44.36
N TRP B 2652 101.00 33.82 -44.68
CA TRP B 2652 102.15 34.67 -44.96
C TRP B 2652 103.00 34.86 -43.71
N LYS B 2653 102.36 35.11 -42.57
CA LYS B 2653 103.12 35.42 -41.36
C LYS B 2653 103.53 34.16 -40.60
N TYR B 2654 103.03 32.99 -41.01
CA TYR B 2654 103.60 31.75 -40.50
C TYR B 2654 105.02 31.56 -41.03
N TYR B 2655 105.29 32.06 -42.23
CA TYR B 2655 106.59 31.88 -42.85
C TYR B 2655 107.50 33.08 -42.61
N CYS B 2656 107.03 34.28 -42.95
CA CYS B 2656 107.91 35.45 -42.91
C CYS B 2656 108.32 35.80 -41.49
N LEU B 2657 107.36 35.91 -40.58
CA LEU B 2657 107.69 36.39 -39.25
C LEU B 2657 108.41 35.31 -38.44
N PRO B 2658 109.36 35.70 -37.57
CA PRO B 2658 110.06 34.69 -36.78
C PRO B 2658 109.20 34.06 -35.70
N THR B 2659 108.29 34.84 -35.10
CA THR B 2659 107.42 34.29 -34.07
C THR B 2659 106.40 33.33 -34.66
N GLY B 2660 105.96 33.59 -35.88
CA GLY B 2660 104.98 32.75 -36.54
C GLY B 2660 103.57 32.99 -36.03
N TRP B 2661 102.63 32.21 -36.57
CA TRP B 2661 101.27 32.21 -36.04
C TRP B 2661 101.25 31.85 -34.57
N ALA B 2662 100.39 32.54 -33.82
CA ALA B 2662 100.09 32.15 -32.46
C ALA B 2662 99.52 30.74 -32.44
N ASN B 2663 100.22 29.85 -31.74
CA ASN B 2663 99.84 28.46 -31.45
C ASN B 2663 99.95 27.56 -32.67
N PHE B 2664 100.21 28.10 -33.86
CA PHE B 2664 100.42 27.27 -35.04
C PHE B 2664 101.89 27.14 -35.40
N GLY B 2665 102.79 27.50 -34.51
CA GLY B 2665 104.19 27.21 -34.65
C GLY B 2665 104.90 28.17 -35.59
N VAL B 2666 106.12 27.79 -35.93
CA VAL B 2666 106.97 28.53 -36.85
C VAL B 2666 107.34 27.60 -37.99
N THR B 2667 107.42 28.16 -39.19
CA THR B 2667 107.77 27.38 -40.36
C THR B 2667 109.08 26.64 -40.13
N SER B 2668 109.08 25.35 -40.41
CA SER B 2668 110.30 24.57 -40.32
C SER B 2668 111.27 25.07 -41.38
N GLU B 2669 112.55 24.75 -41.17
CA GLU B 2669 113.63 25.23 -42.04
C GLU B 2669 113.50 24.61 -43.43
N GLU B 2670 113.29 23.30 -43.48
CA GLU B 2670 113.06 22.61 -44.76
C GLU B 2670 111.83 23.15 -45.46
N GLU B 2671 110.80 23.51 -44.70
CA GLU B 2671 109.57 23.99 -45.32
C GLU B 2671 109.81 25.25 -46.14
N LEU B 2672 110.58 26.18 -45.60
CA LEU B 2672 110.94 27.37 -46.37
C LEU B 2672 111.74 27.00 -47.60
N HIS B 2673 112.62 26.00 -47.47
CA HIS B 2673 113.33 25.54 -48.66
C HIS B 2673 112.34 25.12 -49.75
N LEU B 2674 111.31 24.34 -49.38
CA LEU B 2674 110.33 23.90 -50.36
C LEU B 2674 109.60 25.07 -50.99
N THR B 2675 109.19 26.04 -50.17
CA THR B 2675 108.40 27.16 -50.70
C THR B 2675 109.18 27.91 -51.76
N ARG B 2676 110.47 28.09 -51.52
CA ARG B 2676 111.29 28.82 -52.47
C ARG B 2676 111.54 28.01 -53.73
N LYS B 2677 111.92 26.73 -53.58
CA LYS B 2677 112.11 25.93 -54.78
C LYS B 2677 110.85 25.98 -55.63
N LEU B 2678 109.70 25.99 -54.96
CA LEU B 2678 108.44 26.23 -55.65
C LEU B 2678 108.45 27.55 -56.38
N PHE B 2679 108.80 28.64 -55.68
CA PHE B 2679 108.64 29.97 -56.26
C PHE B 2679 109.53 30.12 -57.49
N TRP B 2680 110.80 29.70 -57.37
CA TRP B 2680 111.71 29.81 -58.50
C TRP B 2680 111.31 28.90 -59.65
N GLY B 2681 110.90 27.66 -59.35
CA GLY B 2681 110.45 26.78 -60.42
C GLY B 2681 109.27 27.37 -61.17
N ILE B 2682 108.29 27.88 -60.43
CA ILE B 2682 107.14 28.50 -61.06
C ILE B 2682 107.56 29.72 -61.86
N PHE B 2683 108.45 30.53 -61.29
CA PHE B 2683 108.89 31.75 -61.97
C PHE B 2683 109.56 31.43 -63.30
N ASP B 2684 110.54 30.54 -63.27
CA ASP B 2684 111.28 30.22 -64.49
C ASP B 2684 110.37 29.53 -65.51
N SER B 2685 109.57 28.57 -65.07
CA SER B 2685 108.68 27.88 -66.00
C SER B 2685 107.70 28.85 -66.63
N LEU B 2686 107.24 29.83 -65.85
CA LEU B 2686 106.30 30.81 -66.38
C LEU B 2686 106.98 31.81 -67.30
N ALA B 2687 108.28 32.06 -67.09
CA ALA B 2687 108.95 33.11 -67.85
C ALA B 2687 108.99 32.79 -69.35
N HIS B 2688 109.33 31.56 -69.70
CA HIS B 2688 109.48 31.18 -71.10
C HIS B 2688 108.24 30.47 -71.67
N LYS B 2689 107.07 30.73 -71.12
CA LYS B 2689 105.84 30.08 -71.57
C LYS B 2689 105.06 31.01 -72.50
N LYS B 2690 104.32 30.42 -73.43
CA LYS B 2690 103.49 31.16 -74.37
C LYS B 2690 102.37 31.90 -73.64
N TYR B 2691 102.02 33.08 -74.16
CA TYR B 2691 101.00 33.91 -73.52
C TYR B 2691 99.64 33.23 -73.56
N ASP B 2692 99.16 32.84 -72.39
CA ASP B 2692 97.88 32.15 -72.20
C ASP B 2692 97.08 32.99 -71.21
N GLN B 2693 95.88 33.40 -71.63
CA GLN B 2693 95.14 34.42 -70.90
C GLN B 2693 94.88 33.99 -69.47
N GLU B 2694 94.13 32.90 -69.31
CA GLU B 2694 93.81 32.42 -67.97
C GLU B 2694 95.03 31.87 -67.25
N LEU B 2695 96.08 31.46 -67.97
CA LEU B 2695 97.22 30.87 -67.28
C LEU B 2695 97.97 31.89 -66.44
N TYR B 2696 98.24 33.07 -67.01
CA TYR B 2696 98.80 34.17 -66.22
C TYR B 2696 97.76 34.79 -65.30
N ARG B 2697 96.49 34.80 -65.71
CA ARG B 2697 95.44 35.14 -64.74
C ARG B 2697 95.54 34.27 -63.50
N MET B 2698 96.00 33.04 -63.68
CA MET B 2698 96.09 32.11 -62.57
C MET B 2698 97.36 32.33 -61.76
N ALA B 2699 98.50 32.33 -62.44
CA ALA B 2699 99.79 32.36 -61.78
C ALA B 2699 100.15 33.72 -61.19
N MET B 2700 99.46 34.79 -61.58
CA MET B 2700 99.85 36.12 -61.10
C MET B 2700 99.75 36.23 -59.58
N PRO B 2701 98.57 36.08 -58.95
CA PRO B 2701 98.52 36.16 -57.49
C PRO B 2701 99.30 35.06 -56.79
N CYS B 2702 99.60 33.97 -57.48
CA CYS B 2702 100.33 32.88 -56.85
C CYS B 2702 101.79 33.24 -56.61
N LEU B 2703 102.45 33.81 -57.63
CA LEU B 2703 103.77 34.36 -57.40
C LEU B 2703 103.71 35.51 -56.39
N CYS B 2704 102.66 36.33 -56.47
CA CYS B 2704 102.45 37.35 -55.45
C CYS B 2704 102.48 36.73 -54.04
N ALA B 2705 101.70 35.67 -53.85
CA ALA B 2705 101.58 35.07 -52.52
C ALA B 2705 102.88 34.46 -52.05
N ILE B 2706 103.53 33.69 -52.91
CA ILE B 2706 104.76 33.02 -52.48
C ILE B 2706 105.85 34.03 -52.20
N ALA B 2707 105.90 35.10 -52.99
CA ALA B 2707 106.83 36.20 -52.68
C ALA B 2707 106.52 36.80 -51.33
N GLY B 2708 105.23 36.98 -51.03
CA GLY B 2708 104.86 37.49 -49.72
C GLY B 2708 105.24 36.57 -48.59
N ALA B 2709 105.22 35.26 -48.84
CA ALA B 2709 105.44 34.29 -47.76
C ALA B 2709 106.91 34.27 -47.32
N LEU B 2710 107.83 34.24 -48.27
CA LEU B 2710 109.23 34.01 -47.96
C LEU B 2710 109.82 35.19 -47.21
N PRO B 2711 110.56 34.96 -46.12
CA PRO B 2711 111.34 36.04 -45.51
C PRO B 2711 112.52 36.40 -46.38
N PRO B 2712 112.78 37.69 -46.59
CA PRO B 2712 113.88 38.08 -47.49
C PRO B 2712 115.22 37.51 -47.08
N ASP B 2713 115.49 37.44 -45.78
CA ASP B 2713 116.80 37.00 -45.29
C ASP B 2713 116.71 35.52 -44.91
N TYR B 2714 117.01 34.67 -45.88
CA TYR B 2714 117.14 33.24 -45.63
C TYR B 2714 118.26 32.77 -46.54
N VAL B 2715 119.10 31.86 -46.05
CA VAL B 2715 120.19 31.32 -46.85
C VAL B 2715 119.94 29.83 -47.07
N ASP B 2716 120.07 29.39 -48.32
CA ASP B 2716 119.71 28.03 -48.71
C ASP B 2716 120.64 27.01 -48.06
N ALA B 2717 120.08 25.86 -47.68
CA ALA B 2717 120.89 24.77 -47.15
C ALA B 2717 121.90 24.28 -48.17
N SER B 2718 121.46 24.14 -49.42
CA SER B 2718 122.35 23.82 -50.55
C SER B 2718 121.96 24.74 -51.69
N TYR B 2719 122.55 25.94 -51.71
CA TYR B 2719 122.16 26.94 -52.69
C TYR B 2719 122.47 26.45 -54.09
N SER B 2720 121.43 26.35 -54.93
CA SER B 2720 121.57 25.84 -56.28
C SER B 2720 121.80 27.02 -57.22
N SER B 2721 123.06 27.45 -57.30
CA SER B 2721 123.43 28.45 -58.30
C SER B 2721 123.19 27.94 -59.70
N LYS B 2722 123.40 26.63 -59.92
CA LYS B 2722 123.04 25.97 -61.17
C LYS B 2722 122.06 24.86 -60.83
N ALA B 2723 120.95 24.81 -61.57
CA ALA B 2723 119.92 23.81 -61.37
C ALA B 2723 120.03 22.76 -62.48
N GLU B 2724 120.03 21.49 -62.08
CA GLU B 2724 120.17 20.37 -63.01
C GLU B 2724 118.82 19.68 -63.13
N LYS B 2725 118.03 20.12 -64.11
CA LYS B 2725 116.70 19.55 -64.34
C LYS B 2725 116.82 18.10 -64.82
N ASN B 2734 106.08 9.92 -64.02
CA ASN B 2734 106.46 11.33 -63.87
C ASN B 2734 107.84 11.45 -63.25
N PHE B 2735 107.92 11.19 -61.94
CA PHE B 2735 109.16 11.35 -61.18
C PHE B 2735 110.09 10.19 -61.51
N ASP B 2736 110.85 10.38 -62.59
CA ASP B 2736 111.81 9.37 -63.02
C ASP B 2736 113.23 9.95 -62.94
N PRO B 2737 113.94 9.71 -61.84
CA PRO B 2737 115.29 10.26 -61.70
C PRO B 2737 116.35 9.33 -62.28
N ARG B 2738 117.41 9.96 -62.80
CA ARG B 2738 118.50 9.22 -63.41
C ARG B 2738 119.33 8.51 -62.34
N PRO B 2739 119.85 7.32 -62.65
CA PRO B 2739 120.85 6.71 -61.77
C PRO B 2739 122.26 7.05 -62.22
N VAL B 2740 123.13 7.25 -61.24
CA VAL B 2740 124.53 7.55 -61.55
C VAL B 2740 125.24 6.26 -61.95
N GLU B 2741 125.72 6.21 -63.19
CA GLU B 2741 126.47 5.05 -63.65
C GLU B 2741 127.75 4.92 -62.84
N THR B 2742 128.05 3.71 -62.40
CA THR B 2742 129.18 3.49 -61.50
C THR B 2742 130.35 2.79 -62.17
N LEU B 2743 130.09 1.95 -63.19
CA LEU B 2743 131.13 1.15 -63.81
C LEU B 2743 131.61 1.71 -65.14
N ASN B 2744 130.89 2.69 -65.72
CA ASN B 2744 131.23 3.16 -67.05
C ASN B 2744 132.61 3.81 -67.09
N VAL B 2745 132.94 4.61 -66.07
CA VAL B 2745 134.26 5.21 -66.01
C VAL B 2745 135.26 4.20 -65.44
N ILE B 2746 136.48 4.26 -65.94
CA ILE B 2746 137.54 3.36 -65.50
C ILE B 2746 138.03 3.79 -64.13
N ILE B 2747 138.14 2.83 -63.22
CA ILE B 2747 138.60 3.10 -61.86
C ILE B 2747 140.11 3.37 -61.89
N PRO B 2748 140.55 4.52 -61.40
CA PRO B 2748 141.99 4.79 -61.36
C PRO B 2748 142.70 3.86 -60.39
N GLU B 2749 143.96 3.55 -60.72
CA GLU B 2749 144.73 2.64 -59.88
C GLU B 2749 145.07 3.26 -58.53
N LYS B 2750 145.05 4.59 -58.46
CA LYS B 2750 145.24 5.27 -57.18
C LYS B 2750 144.29 4.72 -56.13
N LEU B 2751 143.06 4.46 -56.53
CA LEU B 2751 142.04 3.90 -55.64
C LEU B 2751 141.96 2.39 -55.85
N ASP B 2752 143.12 1.74 -55.81
CA ASP B 2752 143.17 0.29 -56.04
C ASP B 2752 142.64 -0.47 -54.84
N SER B 2753 142.90 0.03 -53.63
CA SER B 2753 142.40 -0.63 -52.42
C SER B 2753 140.88 -0.74 -52.47
N PHE B 2754 140.20 0.33 -52.87
CA PHE B 2754 138.75 0.29 -52.99
C PHE B 2754 138.29 -0.82 -53.91
N ILE B 2755 139.11 -1.18 -54.90
CA ILE B 2755 138.72 -2.26 -55.80
C ILE B 2755 138.49 -3.54 -55.02
N ASN B 2756 139.36 -3.84 -54.05
CA ASN B 2756 139.22 -5.04 -53.24
C ASN B 2756 139.29 -4.82 -51.74
N LYS B 2757 140.13 -3.90 -51.26
CA LYS B 2757 140.41 -3.78 -49.83
C LYS B 2757 139.31 -3.03 -49.09
N PHE B 2758 138.71 -2.00 -49.72
CA PHE B 2758 137.76 -1.16 -49.01
C PHE B 2758 136.55 -1.95 -48.55
N ALA B 2759 136.04 -2.85 -49.41
CA ALA B 2759 134.94 -3.74 -49.00
C ALA B 2759 135.32 -4.51 -47.74
N GLU B 2760 136.60 -4.89 -47.63
CA GLU B 2760 137.14 -5.40 -46.38
C GLU B 2760 137.25 -4.27 -45.37
N TYR B 2761 137.99 -3.22 -45.75
CA TYR B 2761 138.40 -2.19 -44.80
C TYR B 2761 137.19 -1.49 -44.19
N THR B 2762 136.11 -1.34 -44.96
CA THR B 2762 134.91 -0.75 -44.40
C THR B 2762 134.07 -1.75 -43.63
N HIS B 2763 134.05 -3.03 -44.04
CA HIS B 2763 133.26 -4.01 -43.32
C HIS B 2763 133.75 -4.14 -41.89
N GLU B 2764 135.06 -4.27 -41.69
CA GLU B 2764 135.60 -4.28 -40.34
C GLU B 2764 135.29 -2.96 -39.63
N LYS B 2765 135.25 -1.86 -40.38
CA LYS B 2765 134.75 -0.61 -39.84
C LYS B 2765 133.26 -0.71 -39.54
N TRP B 2766 132.49 -1.24 -40.48
CA TRP B 2766 131.04 -1.27 -40.38
C TRP B 2766 130.54 -2.40 -39.50
N ALA B 2767 131.43 -3.29 -39.05
CA ALA B 2767 130.98 -4.44 -38.27
C ALA B 2767 130.72 -4.07 -36.82
N PHE B 2768 131.79 -3.74 -36.08
CA PHE B 2768 131.68 -3.60 -34.63
C PHE B 2768 130.59 -2.62 -34.25
N ASP B 2769 130.45 -1.53 -35.01
CA ASP B 2769 129.41 -0.55 -34.76
C ASP B 2769 128.07 -1.22 -34.44
N LYS B 2770 127.56 -2.02 -35.39
CA LYS B 2770 126.20 -2.52 -35.21
C LYS B 2770 126.10 -3.44 -34.00
N ILE B 2771 127.20 -4.11 -33.63
CA ILE B 2771 127.11 -5.05 -32.52
C ILE B 2771 127.30 -4.38 -31.18
N GLN B 2772 127.33 -3.05 -31.13
CA GLN B 2772 127.41 -2.37 -29.83
C GLN B 2772 126.17 -2.64 -28.99
N ASN B 2773 124.98 -2.64 -29.59
CA ASN B 2773 123.74 -2.79 -28.84
C ASN B 2773 123.39 -4.26 -28.72
N ASN B 2774 123.66 -4.81 -27.53
CA ASN B 2774 123.18 -6.12 -27.05
C ASN B 2774 123.08 -7.17 -28.16
N TRP B 2775 124.20 -7.39 -28.84
CA TRP B 2775 124.33 -8.42 -29.86
C TRP B 2775 125.25 -9.52 -29.34
N SER B 2776 124.74 -10.74 -29.28
CA SER B 2776 125.56 -11.88 -28.89
C SER B 2776 126.36 -12.39 -30.09
N TYR B 2777 127.04 -13.51 -29.91
CA TYR B 2777 127.87 -14.09 -30.96
C TYR B 2777 127.03 -14.45 -32.19
N GLY B 2778 127.66 -14.50 -33.36
CA GLY B 2778 126.91 -14.80 -34.56
C GLY B 2778 127.73 -15.07 -35.81
N GLU B 2779 127.22 -15.98 -36.66
CA GLU B 2779 127.84 -16.31 -37.93
C GLU B 2779 126.88 -16.31 -39.10
N ASN B 2780 125.58 -16.44 -38.87
CA ASN B 2780 124.57 -16.41 -39.92
C ASN B 2780 123.34 -15.66 -39.42
N VAL B 2781 122.32 -15.56 -40.25
CA VAL B 2781 121.08 -14.88 -39.92
C VAL B 2781 120.07 -15.93 -39.46
N ASP B 2782 119.94 -16.10 -38.14
CA ASP B 2782 118.95 -16.99 -37.56
C ASP B 2782 118.48 -16.34 -36.26
N GLU B 2783 117.28 -15.75 -36.29
CA GLU B 2783 116.76 -15.06 -35.11
C GLU B 2783 116.55 -16.01 -33.94
N GLU B 2784 116.18 -17.27 -34.22
CA GLU B 2784 116.01 -18.24 -33.15
C GLU B 2784 117.32 -18.50 -32.43
N LEU B 2785 118.42 -18.60 -33.18
CA LEU B 2785 119.73 -18.86 -32.59
C LEU B 2785 120.38 -17.62 -32.00
N LYS B 2786 119.79 -16.44 -32.20
CA LYS B 2786 120.39 -15.16 -31.79
C LYS B 2786 121.80 -15.04 -32.33
N THR B 2787 121.96 -15.45 -33.58
CA THR B 2787 123.22 -15.38 -34.30
C THR B 2787 123.12 -14.26 -35.32
N HIS B 2788 124.15 -13.41 -35.36
CA HIS B 2788 124.20 -12.31 -36.30
C HIS B 2788 125.45 -12.44 -37.15
N PRO B 2789 125.32 -12.53 -38.48
CA PRO B 2789 126.44 -13.01 -39.30
C PRO B 2789 127.64 -12.09 -39.33
N MET B 2790 127.58 -10.95 -38.66
CA MET B 2790 128.64 -9.97 -38.83
C MET B 2790 129.51 -9.85 -37.58
N LEU B 2791 129.24 -10.65 -36.55
CA LEU B 2791 130.28 -10.93 -35.58
C LEU B 2791 131.25 -11.99 -36.07
N ARG B 2792 131.16 -12.33 -37.34
CA ARG B 2792 132.13 -13.21 -37.96
C ARG B 2792 133.51 -12.56 -37.92
N PRO B 2793 134.55 -13.30 -37.54
CA PRO B 2793 135.89 -12.73 -37.57
C PRO B 2793 136.34 -12.45 -38.99
N TYR B 2794 137.24 -11.46 -39.11
CA TYR B 2794 137.87 -11.18 -40.40
C TYR B 2794 138.85 -12.27 -40.80
N LYS B 2795 139.12 -13.23 -39.91
CA LYS B 2795 139.78 -14.46 -40.30
C LYS B 2795 138.91 -15.27 -41.26
N THR B 2796 137.61 -15.35 -40.96
CA THR B 2796 136.66 -16.10 -41.78
C THR B 2796 136.24 -15.30 -42.99
N PHE B 2797 136.96 -14.22 -43.28
CA PHE B 2797 136.64 -13.34 -44.40
C PHE B 2797 137.07 -13.97 -45.72
N SER B 2798 136.13 -14.63 -46.40
CA SER B 2798 136.41 -15.22 -47.70
C SER B 2798 135.99 -14.28 -48.83
N GLU B 2799 136.03 -14.80 -50.05
CA GLU B 2799 135.55 -14.04 -51.20
C GLU B 2799 134.07 -13.73 -51.08
N LYS B 2800 133.29 -14.66 -50.52
CA LYS B 2800 131.92 -14.38 -50.07
C LYS B 2800 131.83 -13.08 -49.28
N ASP B 2801 132.60 -12.99 -48.20
CA ASP B 2801 132.47 -11.90 -47.25
C ASP B 2801 132.96 -10.60 -47.88
N LYS B 2802 133.87 -10.72 -48.85
CA LYS B 2802 134.22 -9.55 -49.66
C LYS B 2802 133.04 -9.10 -50.50
N GLU B 2803 132.45 -10.02 -51.27
CA GLU B 2803 131.43 -9.67 -52.25
C GLU B 2803 130.18 -9.07 -51.62
N ILE B 2804 129.75 -9.63 -50.48
CA ILE B 2804 128.47 -9.25 -49.89
C ILE B 2804 128.43 -7.78 -49.50
N TYR B 2805 129.53 -7.22 -48.99
CA TYR B 2805 129.63 -5.79 -48.77
C TYR B 2805 130.36 -5.08 -49.92
N ARG B 2806 130.85 -5.86 -50.89
CA ARG B 2806 131.53 -5.30 -52.06
C ARG B 2806 130.55 -4.56 -52.94
N TRP B 2807 129.39 -5.16 -53.19
CA TRP B 2807 128.46 -4.55 -54.14
C TRP B 2807 128.07 -3.13 -53.74
N PRO B 2808 127.55 -2.90 -52.53
CA PRO B 2808 127.22 -1.50 -52.15
C PRO B 2808 128.43 -0.59 -52.13
N ILE B 2809 129.57 -1.08 -51.66
CA ILE B 2809 130.77 -0.26 -51.59
C ILE B 2809 131.25 0.08 -53.00
N LYS B 2810 131.23 -0.92 -53.89
CA LYS B 2810 131.57 -0.70 -55.29
C LYS B 2810 130.74 0.44 -55.86
N GLU B 2811 129.43 0.37 -55.69
CA GLU B 2811 128.58 1.48 -56.12
C GLU B 2811 129.03 2.78 -55.46
N SER B 2812 129.19 2.76 -54.14
CA SER B 2812 129.43 3.95 -53.34
C SER B 2812 130.61 4.77 -53.87
N LEU B 2813 131.72 4.12 -54.14
CA LEU B 2813 132.91 4.87 -54.53
C LEU B 2813 133.17 4.90 -56.03
N LYS B 2814 132.77 3.88 -56.79
CA LYS B 2814 132.98 3.97 -58.23
C LYS B 2814 132.06 5.02 -58.85
N ALA B 2815 130.90 5.27 -58.24
CA ALA B 2815 130.09 6.40 -58.70
C ALA B 2815 130.72 7.74 -58.33
N MET B 2816 131.40 7.81 -57.18
CA MET B 2816 132.17 9.00 -56.86
C MET B 2816 133.25 9.22 -57.91
N ILE B 2817 133.86 8.13 -58.39
CA ILE B 2817 134.80 8.25 -59.48
C ILE B 2817 134.10 8.72 -60.74
N ALA B 2818 132.84 8.29 -60.95
CA ALA B 2818 132.08 8.76 -62.09
C ALA B 2818 131.89 10.28 -62.04
N TRP B 2819 131.70 10.85 -60.85
CA TRP B 2819 131.63 12.31 -60.77
C TRP B 2819 133.02 12.94 -60.81
N GLU B 2820 133.92 12.49 -59.94
CA GLU B 2820 135.26 13.04 -59.83
C GLU B 2820 136.26 11.93 -60.12
N TRP B 2821 136.90 11.99 -61.28
CA TRP B 2821 137.89 11.00 -61.69
C TRP B 2821 139.22 11.69 -61.93
N THR B 2822 140.22 11.30 -61.14
CA THR B 2822 141.59 11.81 -61.29
C THR B 2822 142.54 10.68 -60.91
N ILE B 2823 143.84 10.97 -60.89
CA ILE B 2823 144.82 10.02 -60.38
C ILE B 2823 145.84 10.76 -59.52
N GLU B 2824 145.66 10.69 -58.21
CA GLU B 2824 146.54 11.34 -57.25
C GLU B 2824 146.81 10.38 -56.09
N LYS B 2825 147.96 10.57 -55.44
CA LYS B 2825 148.37 9.68 -54.35
C LYS B 2825 149.26 10.49 -53.41
N ALA B 2826 148.80 10.73 -52.18
CA ALA B 2826 149.54 11.58 -51.27
C ALA B 2826 149.73 10.96 -49.88
N ARG B 2827 148.79 10.14 -49.44
CA ARG B 2827 148.78 9.68 -48.05
C ARG B 2827 148.28 8.25 -47.98
N GLU B 2828 148.73 7.54 -46.94
CA GLU B 2828 148.29 6.17 -46.66
C GLU B 2828 147.74 6.14 -45.24
N GLY B 2829 146.46 5.83 -45.10
CA GLY B 2829 145.84 5.77 -43.79
C GLY B 2829 144.84 4.64 -43.66
N GLU B 2830 144.95 3.88 -42.59
CA GLU B 2830 144.06 2.73 -42.37
C GLU B 2830 143.59 2.68 -40.91
N TYR B 2855 132.83 -11.23 -31.01
CA TYR B 2855 134.08 -10.59 -30.58
C TYR B 2855 134.02 -9.09 -30.80
N ASN B 2856 134.79 -8.33 -30.01
CA ASN B 2856 134.72 -6.87 -30.01
C ASN B 2856 136.02 -6.29 -30.55
N PRO B 2857 136.09 -5.97 -31.84
CA PRO B 2857 137.23 -5.21 -32.36
C PRO B 2857 137.01 -3.72 -32.21
N GLN B 2858 137.94 -2.90 -32.75
CA GLN B 2858 137.75 -1.46 -32.67
C GLN B 2858 137.24 -0.92 -34.00
N PRO B 2859 136.31 0.03 -33.97
CA PRO B 2859 135.82 0.63 -35.20
C PRO B 2859 136.66 1.82 -35.61
N PRO B 2860 137.26 1.81 -36.79
CA PRO B 2860 137.93 3.02 -37.31
C PRO B 2860 136.91 3.93 -37.97
N ASP B 2861 136.60 5.04 -37.31
CA ASP B 2861 135.61 6.00 -37.80
C ASP B 2861 136.32 7.30 -38.13
N LEU B 2862 136.10 7.80 -39.34
CA LEU B 2862 136.68 9.06 -39.77
C LEU B 2862 135.64 10.14 -40.01
N SER B 2863 134.42 9.97 -39.49
CA SER B 2863 133.45 11.05 -39.54
C SER B 2863 133.92 12.25 -38.72
N GLY B 2864 134.64 11.99 -37.63
CA GLY B 2864 135.22 13.09 -36.87
C GLY B 2864 136.33 13.80 -37.63
N VAL B 2865 137.04 13.07 -38.50
CA VAL B 2865 138.11 13.67 -39.28
C VAL B 2865 137.55 14.78 -40.16
N THR B 2866 138.25 15.91 -40.18
CA THR B 2866 137.75 17.11 -40.85
C THR B 2866 137.71 16.92 -42.35
N LEU B 2867 136.99 17.81 -43.02
CA LEU B 2867 136.82 17.76 -44.45
C LEU B 2867 136.68 19.18 -44.98
N SER B 2868 137.06 19.40 -46.23
CA SER B 2868 137.00 20.72 -46.82
C SER B 2868 135.57 21.03 -47.29
N ARG B 2869 135.31 22.32 -47.49
CA ARG B 2869 133.97 22.76 -47.86
C ARG B 2869 133.58 22.26 -49.24
N GLU B 2870 134.54 22.25 -50.19
CA GLU B 2870 134.27 21.71 -51.51
C GLU B 2870 133.91 20.23 -51.43
N LEU B 2871 134.58 19.49 -50.55
CA LEU B 2871 134.26 18.09 -50.32
C LEU B 2871 132.87 17.90 -49.72
N GLN B 2872 132.28 18.94 -49.12
CA GLN B 2872 130.93 18.81 -48.60
C GLN B 2872 129.91 18.62 -49.72
N ALA B 2873 130.06 19.36 -50.81
CA ALA B 2873 129.09 19.26 -51.90
C ALA B 2873 129.06 17.86 -52.47
N MET B 2874 130.22 17.22 -52.55
CA MET B 2874 130.31 15.87 -53.10
C MET B 2874 129.93 14.82 -52.06
N ALA B 2875 130.18 15.10 -50.77
CA ALA B 2875 129.62 14.25 -49.73
C ALA B 2875 128.10 14.31 -49.71
N GLU B 2876 127.51 15.42 -50.15
CA GLU B 2876 126.08 15.57 -50.35
C GLU B 2876 125.60 14.86 -51.61
N GLN B 2877 126.34 15.00 -52.71
CA GLN B 2877 125.93 14.35 -53.96
C GLN B 2877 126.03 12.84 -53.86
N LEU B 2878 126.92 12.33 -52.99
CA LEU B 2878 127.01 10.89 -52.80
C LEU B 2878 125.79 10.36 -52.04
N ALA B 2879 125.29 11.14 -51.09
CA ALA B 2879 124.04 10.79 -50.43
C ALA B 2879 122.87 10.89 -51.41
N GLU B 2880 122.90 11.91 -52.29
CA GLU B 2880 121.90 11.99 -53.36
C GLU B 2880 121.94 10.74 -54.22
N ASN B 2881 123.14 10.22 -54.46
CA ASN B 2881 123.27 9.00 -55.25
C ASN B 2881 122.78 7.79 -54.47
N TYR B 2882 123.00 7.76 -53.16
CA TYR B 2882 122.39 6.74 -52.33
C TYR B 2882 120.89 6.75 -52.52
N HIS B 2883 120.30 7.94 -52.51
CA HIS B 2883 118.87 8.06 -52.77
C HIS B 2883 118.50 7.53 -54.14
N ASN B 2884 119.17 8.00 -55.19
CA ASN B 2884 118.83 7.60 -56.56
C ASN B 2884 119.55 6.34 -57.02
N THR B 2885 119.99 5.50 -56.08
CA THR B 2885 120.34 4.11 -56.36
C THR B 2885 119.50 3.14 -55.53
N TRP B 2886 119.36 3.38 -54.23
CA TRP B 2886 118.42 2.60 -53.44
C TRP B 2886 117.00 2.77 -53.99
N GLY B 2887 116.62 4.00 -54.27
CA GLY B 2887 115.33 4.24 -54.90
C GLY B 2887 115.30 3.77 -56.34
N ARG B 2888 116.46 3.60 -56.96
CA ARG B 2888 116.47 3.05 -58.32
C ARG B 2888 116.21 1.55 -58.31
N LYS B 2889 116.75 0.84 -57.33
CA LYS B 2889 116.38 -0.57 -57.18
C LYS B 2889 114.92 -0.71 -56.73
N LYS B 2890 114.47 0.17 -55.84
CA LYS B 2890 113.05 0.23 -55.52
C LYS B 2890 112.23 0.51 -56.77
N LYS B 2891 112.75 1.37 -57.67
CA LYS B 2891 112.06 1.70 -58.90
C LYS B 2891 112.11 0.56 -59.90
N GLN B 2892 113.15 -0.27 -59.83
CA GLN B 2892 113.15 -1.51 -60.61
C GLN B 2892 112.01 -2.41 -60.15
N GLU B 2893 111.78 -2.49 -58.84
CA GLU B 2893 110.63 -3.24 -58.35
C GLU B 2893 109.31 -2.56 -58.72
N LEU B 2894 109.25 -1.23 -58.58
CA LEU B 2894 108.05 -0.47 -58.93
C LEU B 2894 107.74 -0.52 -60.42
N GLU B 2895 108.75 -0.72 -61.25
CA GLU B 2895 108.52 -0.84 -62.69
C GLU B 2895 107.84 -2.17 -63.01
N ALA B 2896 107.90 -3.11 -62.08
CA ALA B 2896 107.18 -4.37 -62.21
C ALA B 2896 105.68 -4.21 -61.94
N LYS B 2897 105.24 -3.07 -61.42
CA LYS B 2897 103.81 -2.78 -61.25
C LYS B 2897 103.38 -1.76 -62.29
N GLY B 2898 102.13 -1.32 -62.14
CA GLY B 2898 101.67 -0.07 -62.72
C GLY B 2898 100.97 0.75 -61.65
N GLY B 2899 101.52 1.93 -61.36
CA GLY B 2899 100.91 2.84 -60.41
C GLY B 2899 101.47 2.70 -59.00
N GLY B 2900 101.10 3.66 -58.16
CA GLY B 2900 101.51 3.72 -56.78
C GLY B 2900 102.54 4.81 -56.54
N THR B 2901 102.39 5.53 -55.43
CA THR B 2901 103.30 6.60 -55.04
C THR B 2901 104.09 6.18 -53.81
N HIS B 2902 105.41 6.31 -53.91
CA HIS B 2902 106.32 5.89 -52.86
C HIS B 2902 106.79 7.13 -52.11
N PRO B 2903 106.29 7.39 -50.90
CA PRO B 2903 106.48 8.73 -50.29
C PRO B 2903 107.93 9.11 -50.04
N LEU B 2904 108.79 8.16 -49.68
CA LEU B 2904 110.19 8.50 -49.42
C LEU B 2904 111.06 8.33 -50.66
N LEU B 2905 110.45 8.32 -51.84
CA LEU B 2905 111.17 8.40 -53.11
C LEU B 2905 110.84 9.74 -53.74
N VAL B 2906 111.69 10.74 -53.50
CA VAL B 2906 111.43 12.13 -53.88
C VAL B 2906 112.71 12.78 -54.38
N PRO B 2907 112.63 13.89 -55.12
CA PRO B 2907 113.86 14.57 -55.56
C PRO B 2907 114.66 15.08 -54.37
N TYR B 2908 115.99 15.14 -54.55
CA TYR B 2908 116.86 15.50 -53.44
C TYR B 2908 116.57 16.90 -52.92
N ASP B 2909 116.31 17.87 -53.80
CA ASP B 2909 115.89 19.19 -53.36
C ASP B 2909 114.56 19.14 -52.61
N THR B 2910 113.80 18.06 -52.79
CA THR B 2910 112.50 17.90 -52.16
C THR B 2910 112.56 17.03 -50.91
N LEU B 2911 113.68 16.35 -50.68
CA LEU B 2911 113.84 15.55 -49.46
C LEU B 2911 113.73 16.42 -48.21
N THR B 2912 113.57 15.73 -47.08
CA THR B 2912 113.59 16.31 -45.75
C THR B 2912 114.95 16.04 -45.12
N ALA B 2913 115.32 16.88 -44.15
CA ALA B 2913 116.69 16.89 -43.64
C ALA B 2913 117.07 15.54 -43.02
N LYS B 2914 116.18 14.92 -42.26
CA LYS B 2914 116.50 13.66 -41.61
C LYS B 2914 116.66 12.53 -42.62
N GLU B 2915 115.80 12.49 -43.64
CA GLU B 2915 115.91 11.46 -44.67
C GLU B 2915 117.21 11.61 -45.44
N LYS B 2916 117.62 12.84 -45.74
CA LYS B 2916 118.93 13.07 -46.32
C LYS B 2916 120.04 12.64 -45.38
N ALA B 2917 119.88 12.93 -44.08
CA ALA B 2917 120.93 12.58 -43.11
C ALA B 2917 121.13 11.09 -42.99
N ARG B 2918 120.06 10.30 -43.21
CA ARG B 2918 120.18 8.85 -43.16
C ARG B 2918 121.34 8.35 -44.02
N ASP B 2919 121.26 8.60 -45.33
CA ASP B 2919 122.33 8.12 -46.21
C ASP B 2919 123.50 9.09 -46.26
N ARG B 2920 123.32 10.31 -45.74
CA ARG B 2920 124.47 11.18 -45.55
C ARG B 2920 125.43 10.61 -44.52
N GLU B 2921 124.89 9.85 -43.56
CA GLU B 2921 125.73 9.23 -42.55
C GLU B 2921 126.74 8.27 -43.16
N LYS B 2922 126.32 7.50 -44.16
CA LYS B 2922 127.25 6.67 -44.92
C LYS B 2922 128.09 7.53 -45.88
N ALA B 2923 127.45 8.49 -46.55
CA ALA B 2923 128.12 9.26 -47.59
C ALA B 2923 129.26 10.12 -47.05
N GLN B 2924 129.21 10.48 -45.76
CA GLN B 2924 130.22 11.38 -45.23
C GLN B 2924 131.59 10.70 -45.14
N GLU B 2925 131.63 9.44 -44.74
CA GLU B 2925 132.92 8.79 -44.48
C GLU B 2925 133.76 8.63 -45.74
N LEU B 2926 133.12 8.21 -46.83
CA LEU B 2926 133.87 7.94 -48.06
C LEU B 2926 134.60 9.18 -48.54
N LEU B 2927 134.14 10.36 -48.13
CA LEU B 2927 134.85 11.59 -48.44
C LEU B 2927 135.77 12.00 -47.29
N LYS B 2928 135.26 11.92 -46.06
CA LYS B 2928 135.99 12.28 -44.86
C LYS B 2928 137.17 11.36 -44.61
N PHE B 2929 137.23 10.23 -45.30
CA PHE B 2929 138.42 9.39 -45.26
C PHE B 2929 139.50 10.12 -46.06
N LEU B 2930 140.01 11.23 -45.53
CA LEU B 2930 141.02 11.98 -46.26
C LEU B 2930 142.32 11.20 -46.38
N GLN B 2931 142.51 10.22 -45.49
CA GLN B 2931 143.70 9.39 -45.50
C GLN B 2931 143.54 8.10 -46.29
N MET B 2932 142.42 7.89 -47.00
CA MET B 2932 142.37 6.74 -47.90
C MET B 2932 143.25 7.09 -49.10
N ASN B 2933 144.30 6.32 -49.33
CA ASN B 2933 144.98 6.35 -50.61
C ASN B 2933 145.49 7.75 -50.97
N GLY B 2934 145.36 8.70 -50.04
CA GLY B 2934 145.69 10.08 -50.30
C GLY B 2934 144.88 10.71 -51.42
N TYR B 2935 143.56 10.52 -51.41
CA TYR B 2935 142.68 11.00 -52.48
C TYR B 2935 141.83 12.15 -51.96
N ALA B 2936 142.06 13.34 -52.51
CA ALA B 2936 141.23 14.51 -52.26
C ALA B 2936 140.97 15.23 -53.58
N VAL B 2937 139.70 15.59 -53.80
CA VAL B 2937 139.27 16.21 -55.05
C VAL B 2937 138.33 17.36 -54.73
N THR B 2938 138.17 18.27 -55.71
CA THR B 2938 137.47 19.53 -55.53
C THR B 2938 136.08 19.47 -56.18
N ARG B 2939 135.32 20.54 -55.98
CA ARG B 2939 133.97 20.64 -56.53
C ARG B 2939 134.02 20.92 -58.03
N SER B 2949 130.65 34.76 -47.53
CA SER B 2949 129.47 35.26 -46.83
C SER B 2949 128.20 34.60 -47.35
N SER B 2950 127.41 34.04 -46.44
CA SER B 2950 126.11 33.51 -46.82
C SER B 2950 125.19 34.61 -47.31
N ILE B 2951 125.35 35.82 -46.78
CA ILE B 2951 124.48 36.94 -47.11
C ILE B 2951 124.45 37.21 -48.60
N GLU B 2952 125.50 36.84 -49.32
CA GLU B 2952 125.55 37.09 -50.76
C GLU B 2952 124.49 36.32 -51.53
N LYS B 2953 123.91 35.29 -50.94
CA LYS B 2953 122.96 34.43 -51.66
C LYS B 2953 121.57 34.43 -51.04
N ARG B 2954 121.18 35.50 -50.37
CA ARG B 2954 119.85 35.58 -49.81
C ARG B 2954 118.79 35.60 -50.92
N PHE B 2955 117.55 35.31 -50.54
CA PHE B 2955 116.46 35.27 -51.51
C PHE B 2955 116.26 36.62 -52.18
N ALA B 2956 116.28 37.70 -51.40
CA ALA B 2956 116.05 39.02 -51.96
C ALA B 2956 117.12 39.37 -52.99
N PHE B 2957 118.38 39.06 -52.69
CA PHE B 2957 119.47 39.36 -53.60
C PHE B 2957 119.27 38.69 -54.95
N GLY B 2958 119.03 37.37 -54.94
CA GLY B 2958 118.84 36.66 -56.19
C GLY B 2958 117.63 37.15 -56.96
N PHE B 2959 116.54 37.43 -56.25
CA PHE B 2959 115.34 37.88 -56.94
C PHE B 2959 115.61 39.20 -57.63
N LEU B 2960 116.27 40.13 -56.93
CA LEU B 2960 116.58 41.42 -57.54
C LEU B 2960 117.53 41.27 -58.72
N GLN B 2961 118.45 40.30 -58.64
CA GLN B 2961 119.35 40.07 -59.77
C GLN B 2961 118.58 39.62 -61.00
N GLN B 2962 117.65 38.69 -60.81
CA GLN B 2962 116.81 38.27 -61.94
C GLN B 2962 116.00 39.44 -62.46
N LEU B 2963 115.53 40.30 -61.55
CA LEU B 2963 114.79 41.48 -61.94
C LEU B 2963 115.61 42.37 -62.84
N LEU B 2964 116.87 42.59 -62.48
CA LEU B 2964 117.75 43.41 -63.31
C LEU B 2964 117.93 42.79 -64.69
N ARG B 2965 118.04 41.46 -64.75
CA ARG B 2965 118.28 40.82 -66.05
C ARG B 2965 117.06 40.98 -66.96
N TRP B 2966 115.87 40.67 -66.46
CA TRP B 2966 114.67 41.01 -67.22
C TRP B 2966 114.54 42.50 -67.53
N MET B 2967 115.07 43.38 -66.69
CA MET B 2967 114.81 44.77 -67.02
C MET B 2967 115.77 45.29 -68.08
N ASP B 2968 116.98 44.74 -68.12
CA ASP B 2968 117.85 44.98 -69.28
C ASP B 2968 117.22 44.45 -70.56
N ILE B 2969 116.66 43.22 -70.49
CA ILE B 2969 115.93 42.70 -71.64
C ILE B 2969 114.82 43.66 -72.02
N SER B 2970 114.11 44.21 -71.04
CA SER B 2970 113.00 45.12 -71.33
C SER B 2970 113.49 46.36 -72.05
N GLN B 2971 114.63 46.92 -71.61
CA GLN B 2971 115.22 48.03 -72.34
C GLN B 2971 115.35 47.67 -73.80
N GLU B 2972 115.90 46.47 -74.06
CA GLU B 2972 116.10 46.05 -75.44
C GLU B 2972 114.78 45.97 -76.21
N PHE B 2973 113.78 45.28 -75.67
CA PHE B 2973 112.58 45.09 -76.48
C PHE B 2973 111.55 46.20 -76.34
N ILE B 2974 111.83 47.26 -75.59
CA ILE B 2974 111.03 48.47 -75.77
C ILE B 2974 111.68 49.37 -76.81
N ALA B 2975 113.01 49.39 -76.87
CA ALA B 2975 113.65 50.03 -78.02
C ALA B 2975 113.16 49.41 -79.31
N HIS B 2976 112.92 48.10 -79.29
CA HIS B 2976 112.26 47.43 -80.41
C HIS B 2976 111.03 48.20 -80.87
N LEU B 2977 110.04 48.35 -80.00
CA LEU B 2977 108.76 48.92 -80.41
C LEU B 2977 108.92 50.36 -80.90
N GLU B 2978 109.80 51.12 -80.24
CA GLU B 2978 110.02 52.50 -80.64
C GLU B 2978 110.57 52.58 -82.06
N ALA B 2979 111.48 51.68 -82.42
CA ALA B 2979 111.92 51.61 -83.81
C ALA B 2979 110.83 51.04 -84.71
N VAL B 2980 110.03 50.11 -84.20
CA VAL B 2980 109.03 49.41 -84.99
C VAL B 2980 107.96 50.36 -85.49
N VAL B 2981 107.49 51.26 -84.62
CA VAL B 2981 106.42 52.18 -84.99
C VAL B 2981 106.81 52.97 -86.23
N SER B 2982 108.05 53.48 -86.26
CA SER B 2982 108.55 54.15 -87.45
C SER B 2982 108.70 53.17 -88.61
N SER B 2983 109.18 51.97 -88.33
CA SER B 2983 109.34 50.97 -89.38
C SER B 2983 108.01 50.53 -89.96
N GLY B 2984 106.95 50.54 -89.17
CA GLY B 2984 105.64 50.11 -89.65
C GLY B 2984 105.58 48.66 -90.04
N ARG B 2985 106.20 47.78 -89.24
CA ARG B 2985 106.25 46.36 -89.51
C ARG B 2985 105.89 45.58 -88.25
N VAL B 2986 105.22 44.44 -88.44
CA VAL B 2986 104.91 43.58 -87.31
C VAL B 2986 106.17 42.97 -86.72
N GLU B 2987 107.15 42.65 -87.56
CA GLU B 2987 108.42 42.03 -87.18
C GLU B 2987 108.19 40.65 -86.55
N LYS B 2988 106.96 40.13 -86.61
CA LYS B 2988 106.54 38.88 -85.99
C LYS B 2988 106.48 39.04 -84.49
N SER B 2989 106.95 40.20 -83.99
CA SER B 2989 107.05 40.56 -82.58
C SER B 2989 107.35 39.36 -81.71
N PRO B 2990 108.41 38.59 -81.98
CA PRO B 2990 108.66 37.38 -81.20
C PRO B 2990 108.90 37.67 -79.73
N HIS B 2991 109.30 38.89 -79.39
CA HIS B 2991 109.46 39.28 -78.00
C HIS B 2991 108.12 39.51 -77.31
N GLU B 2992 107.01 39.43 -78.03
CA GLU B 2992 105.70 39.70 -77.42
C GLU B 2992 105.52 38.88 -76.15
N GLN B 2993 105.96 37.63 -76.17
CA GLN B 2993 105.92 36.81 -74.97
C GLN B 2993 106.43 37.61 -73.78
N GLU B 2994 107.69 38.01 -73.84
CA GLU B 2994 108.27 38.70 -72.70
C GLU B 2994 107.55 40.00 -72.41
N ILE B 2995 107.09 40.74 -73.44
CA ILE B 2995 106.44 42.00 -73.13
C ILE B 2995 105.22 41.75 -72.28
N LYS B 2996 104.46 40.71 -72.64
CA LYS B 2996 103.33 40.35 -71.80
C LYS B 2996 103.81 39.93 -70.42
N PHE B 2997 104.85 39.10 -70.37
CA PHE B 2997 105.41 38.72 -69.08
C PHE B 2997 105.90 39.94 -68.32
N PHE B 2998 106.33 40.98 -69.04
CA PHE B 2998 106.73 42.19 -68.35
C PHE B 2998 105.53 43.01 -67.91
N ALA B 2999 104.49 43.04 -68.73
CA ALA B 2999 103.37 43.94 -68.48
C ALA B 2999 102.38 43.38 -67.47
N LYS B 3000 102.12 42.09 -67.52
CA LYS B 3000 101.05 41.52 -66.74
C LYS B 3000 101.53 40.91 -65.43
N ILE B 3001 102.76 40.41 -65.39
CA ILE B 3001 103.24 39.57 -64.30
C ILE B 3001 104.28 40.30 -63.46
N LEU B 3002 105.31 40.84 -64.10
CA LEU B 3002 106.43 41.40 -63.36
C LEU B 3002 105.99 42.57 -62.51
N LEU B 3003 105.40 43.60 -63.12
CA LEU B 3003 105.04 44.80 -62.38
C LEU B 3003 104.14 44.53 -61.18
N PRO B 3004 103.04 43.77 -61.30
CA PRO B 3004 102.23 43.49 -60.10
C PRO B 3004 102.94 42.60 -59.10
N LEU B 3005 103.96 41.85 -59.51
CA LEU B 3005 104.75 41.10 -58.55
C LEU B 3005 105.69 42.03 -57.77
N ILE B 3006 106.33 42.95 -58.49
CA ILE B 3006 107.25 43.90 -57.86
C ILE B 3006 106.51 44.77 -56.85
N ASN B 3007 105.35 45.28 -57.27
CA ASN B 3007 104.58 46.17 -56.42
C ASN B 3007 104.25 45.50 -55.10
N GLN B 3008 103.72 44.28 -55.16
CA GLN B 3008 103.29 43.62 -53.94
C GLN B 3008 104.49 43.25 -53.06
N TYR B 3009 105.57 42.75 -53.68
CA TYR B 3009 106.71 42.34 -52.87
C TYR B 3009 107.25 43.53 -52.10
N PHE B 3010 107.44 44.65 -52.78
CA PHE B 3010 108.10 45.77 -52.13
C PHE B 3010 107.16 46.48 -51.18
N THR B 3011 105.86 46.55 -51.49
CA THR B 3011 104.95 47.11 -50.51
C THR B 3011 104.79 46.19 -49.30
N ASN B 3012 105.21 44.94 -49.39
CA ASN B 3012 105.19 44.06 -48.24
C ASN B 3012 106.48 44.06 -47.45
N HIS B 3013 107.62 44.40 -48.07
CA HIS B 3013 108.91 44.33 -47.38
C HIS B 3013 109.69 45.63 -47.50
N CYS B 3014 109.00 46.75 -47.65
CA CYS B 3014 109.71 48.01 -47.80
C CYS B 3014 110.53 48.34 -46.57
N LEU B 3015 109.92 48.32 -45.37
CA LEU B 3015 110.68 48.72 -44.20
C LEU B 3015 111.84 47.75 -43.92
N TYR B 3016 111.70 46.50 -44.35
CA TYR B 3016 112.89 45.65 -44.36
C TYR B 3016 113.96 46.23 -45.25
N PHE B 3017 113.59 46.60 -46.47
CA PHE B 3017 114.58 47.16 -47.39
C PHE B 3017 115.12 48.50 -46.89
N LEU B 3018 114.42 49.16 -45.97
CA LEU B 3018 114.88 50.40 -45.38
C LEU B 3018 115.44 50.23 -43.98
N SER B 3019 115.35 49.03 -43.41
CA SER B 3019 115.88 48.80 -42.07
C SER B 3019 117.38 49.03 -42.06
N THR B 3020 117.81 50.01 -41.30
CA THR B 3020 119.22 50.35 -41.24
C THR B 3020 119.96 49.36 -40.33
N PRO B 3021 121.24 49.09 -40.62
CA PRO B 3021 122.01 48.20 -39.76
C PRO B 3021 122.11 48.69 -38.32
N ALA B 3022 122.14 50.00 -38.11
CA ALA B 3022 122.18 50.53 -36.75
C ALA B 3022 120.83 50.35 -36.05
N LYS B 3023 119.78 50.93 -36.63
CA LYS B 3023 118.41 50.76 -36.13
C LYS B 3023 117.60 50.08 -37.23
N VAL B 3024 117.06 48.91 -36.93
CA VAL B 3024 116.26 48.15 -37.87
C VAL B 3024 114.79 48.53 -37.66
N LEU B 3025 114.12 48.88 -38.76
CA LEU B 3025 112.71 49.24 -38.71
C LEU B 3025 111.91 48.15 -39.43
N GLY B 3026 111.32 47.25 -38.65
CA GLY B 3026 110.56 46.16 -39.22
C GLY B 3026 110.60 44.96 -38.30
N SER B 3027 110.25 43.80 -38.88
CA SER B 3027 110.20 42.57 -38.09
C SER B 3027 111.58 42.20 -37.56
N GLY B 3028 112.59 42.25 -38.40
CA GLY B 3028 113.93 41.90 -37.96
C GLY B 3028 114.98 41.97 -39.04
N GLY B 3029 116.19 42.34 -38.67
CA GLY B 3029 117.30 42.35 -39.58
C GLY B 3029 117.28 43.54 -40.53
N HIS B 3030 118.40 43.73 -41.21
CA HIS B 3030 118.57 44.81 -42.17
C HIS B 3030 118.88 44.23 -43.53
N ALA B 3031 118.45 44.93 -44.57
CA ALA B 3031 118.87 44.56 -45.92
C ALA B 3031 120.37 44.76 -46.05
N SER B 3032 121.04 43.80 -46.69
CA SER B 3032 122.45 43.97 -46.99
C SER B 3032 122.63 45.17 -47.90
N ASN B 3033 123.79 45.82 -47.79
CA ASN B 3033 124.04 46.99 -48.60
C ASN B 3033 123.79 46.72 -50.08
N LYS B 3034 124.36 45.63 -50.59
CA LYS B 3034 124.25 45.30 -52.00
C LYS B 3034 122.80 45.33 -52.47
N GLU B 3035 121.90 44.81 -51.63
CA GLU B 3035 120.48 44.93 -51.92
C GLU B 3035 120.07 46.39 -51.98
N LYS B 3036 120.61 47.22 -51.08
CA LYS B 3036 120.22 48.62 -51.04
C LYS B 3036 120.70 49.37 -52.29
N GLU B 3037 121.78 48.91 -52.93
CA GLU B 3037 122.15 49.57 -54.18
C GLU B 3037 121.41 48.97 -55.37
N MET B 3038 121.17 47.66 -55.37
CA MET B 3038 120.45 47.13 -56.52
C MET B 3038 119.02 47.65 -56.57
N ILE B 3039 118.41 47.92 -55.42
CA ILE B 3039 117.06 48.50 -55.46
C ILE B 3039 117.10 49.87 -56.13
N THR B 3040 118.14 50.65 -55.85
CA THR B 3040 118.32 51.93 -56.53
C THR B 3040 118.49 51.73 -58.03
N SER B 3041 119.25 50.69 -58.40
CA SER B 3041 119.47 50.43 -59.81
C SER B 3041 118.18 50.08 -60.51
N LEU B 3042 117.34 49.24 -59.88
CA LEU B 3042 116.02 48.99 -60.41
C LEU B 3042 115.25 50.28 -60.61
N PHE B 3043 115.25 51.14 -59.60
CA PHE B 3043 114.51 52.40 -59.69
C PHE B 3043 114.95 53.21 -60.90
N CYS B 3044 116.26 53.46 -61.01
CA CYS B 3044 116.77 54.32 -62.06
C CYS B 3044 116.54 53.71 -63.43
N LYS B 3045 116.75 52.40 -63.55
CA LYS B 3045 116.59 51.76 -64.85
C LYS B 3045 115.12 51.75 -65.26
N LEU B 3046 114.22 51.57 -64.29
CA LEU B 3046 112.80 51.74 -64.60
C LEU B 3046 112.52 53.12 -65.17
N ALA B 3047 113.09 54.14 -64.52
CA ALA B 3047 112.91 55.50 -65.03
C ALA B 3047 113.38 55.61 -66.48
N ALA B 3048 114.53 55.00 -66.78
CA ALA B 3048 115.01 55.02 -68.16
C ALA B 3048 114.03 54.32 -69.09
N LEU B 3049 113.46 53.20 -68.63
CA LEU B 3049 112.48 52.47 -69.43
C LEU B 3049 111.24 53.31 -69.73
N VAL B 3050 110.86 54.22 -68.83
CA VAL B 3050 109.63 55.00 -69.03
C VAL B 3050 109.90 56.44 -69.46
N ARG B 3051 111.15 56.85 -69.59
CA ARG B 3051 111.48 58.23 -69.95
C ARG B 3051 110.97 58.52 -71.36
N HIS B 3052 109.87 59.27 -71.48
CA HIS B 3052 109.17 59.47 -72.76
C HIS B 3052 108.85 58.15 -73.43
N ARG B 3053 108.35 57.20 -72.66
CA ARG B 3053 107.98 55.89 -73.19
C ARG B 3053 106.59 55.47 -72.74
N VAL B 3054 105.75 56.43 -72.33
CA VAL B 3054 104.40 56.10 -71.91
C VAL B 3054 103.57 55.66 -73.10
N SER B 3055 103.86 56.19 -74.29
CA SER B 3055 103.10 55.84 -75.47
C SER B 3055 103.16 54.35 -75.78
N LEU B 3056 104.25 53.67 -75.42
CA LEU B 3056 104.41 52.25 -75.71
C LEU B 3056 103.66 51.37 -74.73
N PHE B 3057 103.88 51.57 -73.43
CA PHE B 3057 103.18 50.77 -72.43
C PHE B 3057 101.70 51.08 -72.43
N GLY B 3058 101.31 52.27 -72.88
CA GLY B 3058 99.91 52.60 -73.06
C GLY B 3058 99.06 52.30 -71.84
N THR B 3059 98.21 51.27 -71.97
CA THR B 3059 97.41 50.82 -70.84
C THR B 3059 98.25 50.34 -69.68
N ASP B 3060 99.53 50.03 -69.89
CA ASP B 3060 100.38 49.64 -68.77
C ASP B 3060 100.77 50.83 -67.91
N ALA B 3061 100.46 52.05 -68.36
CA ALA B 3061 100.89 53.26 -67.64
C ALA B 3061 100.49 53.29 -66.17
N PRO B 3062 99.25 53.00 -65.77
CA PRO B 3062 98.95 53.00 -64.33
C PRO B 3062 99.80 52.00 -63.57
N ALA B 3063 99.99 50.80 -64.12
CA ALA B 3063 100.77 49.79 -63.43
C ALA B 3063 102.22 50.22 -63.28
N VAL B 3064 102.83 50.71 -64.36
CA VAL B 3064 104.25 51.08 -64.29
C VAL B 3064 104.44 52.29 -63.39
N VAL B 3065 103.48 53.22 -63.40
CA VAL B 3065 103.61 54.41 -62.56
C VAL B 3065 103.49 54.05 -61.10
N ASN B 3066 102.53 53.18 -60.76
CA ASN B 3066 102.40 52.75 -59.38
C ASN B 3066 103.60 51.91 -58.93
N CYS B 3067 104.13 51.09 -59.83
CA CYS B 3067 105.38 50.40 -59.52
C CYS B 3067 106.49 51.39 -59.22
N LEU B 3068 106.61 52.41 -60.06
CA LEU B 3068 107.65 53.40 -59.87
C LEU B 3068 107.46 54.10 -58.52
N HIS B 3069 106.20 54.36 -58.16
CA HIS B 3069 105.89 54.97 -56.86
C HIS B 3069 106.32 54.08 -55.71
N ILE B 3070 105.98 52.79 -55.77
CA ILE B 3070 106.27 51.92 -54.62
C ILE B 3070 107.77 51.70 -54.49
N LEU B 3071 108.48 51.60 -55.61
CA LEU B 3071 109.94 51.59 -55.55
C LEU B 3071 110.48 52.87 -54.93
N ALA B 3072 109.91 54.02 -55.32
CA ALA B 3072 110.37 55.28 -54.75
C ALA B 3072 110.19 55.31 -53.25
N ARG B 3073 109.07 54.79 -52.76
CA ARG B 3073 108.85 54.74 -51.32
C ARG B 3073 109.74 53.70 -50.65
N SER B 3074 110.18 52.70 -51.40
CA SER B 3074 111.04 51.66 -50.86
C SER B 3074 112.52 51.97 -51.01
N LEU B 3075 112.86 53.21 -51.38
CA LEU B 3075 114.23 53.57 -51.65
C LEU B 3075 114.99 53.84 -50.36
N ASP B 3076 116.01 53.02 -50.08
CA ASP B 3076 116.89 53.23 -48.93
C ASP B 3076 118.13 53.96 -49.40
N ALA B 3077 118.57 54.95 -48.64
CA ALA B 3077 119.74 55.73 -49.00
C ALA B 3077 120.46 56.18 -47.74
N ARG B 3078 121.36 57.16 -47.91
CA ARG B 3078 122.30 57.65 -46.91
C ARG B 3078 123.37 56.59 -46.65
N THR B 3079 123.16 55.41 -47.21
CA THR B 3079 124.13 54.32 -47.23
C THR B 3079 124.58 54.02 -48.63
N VAL B 3080 123.66 54.09 -49.59
CA VAL B 3080 124.01 53.96 -50.99
C VAL B 3080 124.83 55.17 -51.45
N MET B 3081 124.32 56.37 -51.18
CA MET B 3081 124.98 57.57 -51.68
C MET B 3081 126.24 57.90 -50.87
N LYS B 3082 126.19 57.71 -49.55
CA LYS B 3082 127.38 57.97 -48.75
C LYS B 3082 128.47 56.95 -49.07
N SER B 3083 128.09 55.68 -49.20
CA SER B 3083 129.03 54.60 -49.49
C SER B 3083 128.41 53.63 -50.49
N GLY B 3084 128.62 53.87 -51.78
CA GLY B 3084 128.08 52.99 -52.78
C GLY B 3084 128.87 53.02 -54.07
N PRO B 3085 128.64 52.02 -54.93
CA PRO B 3085 129.31 51.99 -56.22
C PRO B 3085 128.96 53.24 -57.03
N GLU B 3086 129.98 53.81 -57.67
CA GLU B 3086 129.77 55.04 -58.41
C GLU B 3086 128.77 54.86 -59.54
N ILE B 3087 128.66 53.66 -60.11
CA ILE B 3087 127.60 53.41 -61.09
C ILE B 3087 126.24 53.58 -60.44
N VAL B 3088 126.08 53.03 -59.23
CA VAL B 3088 124.83 53.16 -58.51
C VAL B 3088 124.53 54.62 -58.22
N LYS B 3089 125.51 55.36 -57.70
CA LYS B 3089 125.31 56.76 -57.38
C LYS B 3089 124.96 57.56 -58.63
N ALA B 3090 125.69 57.31 -59.72
CA ALA B 3090 125.39 57.95 -60.98
C ALA B 3090 123.97 57.65 -61.42
N GLY B 3091 123.45 56.50 -61.01
CA GLY B 3091 122.05 56.20 -61.26
C GLY B 3091 121.11 57.31 -60.83
N LEU B 3092 121.02 57.55 -59.52
CA LEU B 3092 120.13 58.60 -59.03
C LEU B 3092 120.57 59.97 -59.51
N ARG B 3093 121.88 60.21 -59.55
CA ARG B 3093 122.37 61.53 -59.91
C ARG B 3093 122.05 61.87 -61.36
N SER B 3094 121.85 60.86 -62.20
CA SER B 3094 121.36 61.06 -63.55
C SER B 3094 119.84 61.07 -63.62
N PHE B 3095 119.16 60.33 -62.74
CA PHE B 3095 117.71 60.44 -62.63
C PHE B 3095 117.28 61.87 -62.38
N PHE B 3096 117.86 62.50 -61.35
CA PHE B 3096 117.44 63.85 -61.01
C PHE B 3096 117.77 64.81 -62.15
N GLU B 3097 118.90 64.60 -62.82
CA GLU B 3097 119.26 65.45 -63.93
C GLU B 3097 118.24 65.35 -65.06
N SER B 3098 117.85 64.13 -65.41
CA SER B 3098 116.89 63.95 -66.49
C SER B 3098 115.52 64.53 -66.12
N ALA B 3099 115.09 64.32 -64.87
CA ALA B 3099 113.83 64.90 -64.43
C ALA B 3099 113.88 66.42 -64.48
N SER B 3100 114.99 66.99 -64.03
CA SER B 3100 115.15 68.43 -64.05
C SER B 3100 115.10 68.97 -65.48
N GLU B 3101 115.80 68.34 -66.41
CA GLU B 3101 115.81 68.85 -67.77
C GLU B 3101 114.46 68.67 -68.45
N ASP B 3102 113.74 67.59 -68.12
CA ASP B 3102 112.41 67.41 -68.67
C ASP B 3102 111.45 68.47 -68.14
N ILE B 3103 111.52 68.78 -66.84
CA ILE B 3103 110.72 69.87 -66.30
C ILE B 3103 111.16 71.20 -66.88
N GLU B 3104 112.45 71.35 -67.16
CA GLU B 3104 112.94 72.56 -67.81
C GLU B 3104 112.29 72.75 -69.17
N LYS B 3105 112.25 71.69 -69.97
CA LYS B 3105 111.54 71.75 -71.25
C LYS B 3105 110.05 71.98 -71.04
N MET B 3106 109.49 71.37 -70.01
CA MET B 3106 108.07 71.53 -69.71
C MET B 3106 107.73 73.00 -69.51
N VAL B 3107 108.49 73.67 -68.64
CA VAL B 3107 108.30 75.10 -68.39
C VAL B 3107 108.65 75.92 -69.63
N GLU B 3108 109.67 75.51 -70.37
CA GLU B 3108 110.01 76.17 -71.63
C GLU B 3108 108.84 76.20 -72.60
N ASN B 3109 107.97 75.17 -72.58
CA ASN B 3109 106.85 75.13 -73.51
C ASN B 3109 105.53 75.64 -72.93
N LEU B 3110 105.39 75.71 -71.60
CA LEU B 3110 104.14 76.18 -71.02
C LEU B 3110 103.81 77.63 -71.40
N ARG B 3111 104.82 78.49 -71.52
CA ARG B 3111 104.53 79.89 -71.87
C ARG B 3111 103.87 79.99 -73.23
N LEU B 3112 104.47 79.39 -74.25
CA LEU B 3112 104.01 79.53 -75.62
C LEU B 3112 103.25 78.31 -76.12
N GLY B 3113 103.76 77.11 -75.85
CA GLY B 3113 103.12 75.91 -76.33
C GLY B 3113 104.03 75.05 -77.18
N LYS B 3123 104.42 64.25 -80.67
CA LYS B 3123 105.42 65.29 -80.86
C LYS B 3123 106.09 65.65 -79.54
N GLY B 3124 107.07 66.54 -79.60
CA GLY B 3124 107.87 66.88 -78.44
C GLY B 3124 107.08 67.43 -77.26
N VAL B 3125 106.29 68.47 -77.50
CA VAL B 3125 105.56 69.12 -76.41
C VAL B 3125 104.48 68.19 -75.87
N GLY B 3126 103.72 67.55 -76.76
CA GLY B 3126 102.67 66.64 -76.32
C GLY B 3126 103.22 65.45 -75.56
N GLN B 3127 104.29 64.84 -76.07
CA GLN B 3127 104.88 63.71 -75.36
C GLN B 3127 105.50 64.15 -74.04
N ASN B 3128 106.05 65.36 -74.00
CA ASN B 3128 106.56 65.89 -72.74
C ASN B 3128 105.44 66.03 -71.73
N LEU B 3129 104.28 66.52 -72.17
CA LEU B 3129 103.11 66.55 -71.30
C LEU B 3129 102.80 65.16 -70.79
N THR B 3130 102.76 64.18 -71.70
CA THR B 3130 102.36 62.82 -71.30
C THR B 3130 103.31 62.26 -70.26
N TYR B 3131 104.61 62.46 -70.47
CA TYR B 3131 105.58 61.87 -69.55
C TYR B 3131 105.62 62.61 -68.22
N THR B 3132 105.48 63.93 -68.24
CA THR B 3132 105.61 64.70 -67.01
C THR B 3132 104.36 64.59 -66.17
N THR B 3133 103.22 65.02 -66.71
CA THR B 3133 102.00 65.10 -65.90
C THR B 3133 101.62 63.76 -65.31
N VAL B 3134 101.88 62.67 -66.03
CA VAL B 3134 101.48 61.35 -65.60
C VAL B 3134 102.55 60.70 -64.73
N ALA B 3135 103.81 60.71 -65.17
CA ALA B 3135 104.83 59.90 -64.54
C ALA B 3135 105.83 60.74 -63.74
N LEU B 3136 106.45 61.74 -64.35
CA LEU B 3136 107.58 62.40 -63.72
C LEU B 3136 107.17 63.12 -62.44
N LEU B 3137 106.14 63.97 -62.53
CA LEU B 3137 105.77 64.77 -61.37
C LEU B 3137 105.32 63.93 -60.17
N PRO B 3138 104.43 62.95 -60.31
CA PRO B 3138 104.01 62.22 -59.10
C PRO B 3138 105.14 61.43 -58.47
N VAL B 3139 105.96 60.75 -59.27
CA VAL B 3139 107.05 59.97 -58.69
C VAL B 3139 108.11 60.88 -58.09
N LEU B 3140 108.37 62.02 -58.71
CA LEU B 3140 109.31 62.96 -58.13
C LEU B 3140 108.77 63.51 -56.82
N THR B 3141 107.47 63.78 -56.77
CA THR B 3141 106.85 64.23 -55.53
C THR B 3141 107.00 63.18 -54.44
N THR B 3142 106.72 61.92 -54.77
CA THR B 3142 106.80 60.90 -53.74
C THR B 3142 108.25 60.64 -53.35
N LEU B 3143 109.20 60.88 -54.25
CA LEU B 3143 110.60 60.69 -53.88
C LEU B 3143 111.08 61.79 -52.94
N PHE B 3144 110.73 63.05 -53.23
CA PHE B 3144 111.05 64.11 -52.28
C PHE B 3144 110.32 63.93 -50.96
N GLN B 3145 109.06 63.52 -51.01
CA GLN B 3145 108.33 63.27 -49.78
C GLN B 3145 108.98 62.14 -48.99
N HIS B 3146 109.46 61.12 -49.70
CA HIS B 3146 110.14 60.01 -49.04
C HIS B 3146 111.42 60.46 -48.37
N ILE B 3147 112.24 61.26 -49.06
CA ILE B 3147 113.47 61.74 -48.44
C ILE B 3147 113.15 62.63 -47.24
N ALA B 3148 112.04 63.35 -47.30
CA ALA B 3148 111.64 64.21 -46.20
C ALA B 3148 111.05 63.45 -45.03
N GLN B 3149 110.53 62.24 -45.26
CA GLN B 3149 109.95 61.48 -44.16
C GLN B 3149 111.00 61.02 -43.15
N HIS B 3150 112.11 60.46 -43.63
CA HIS B 3150 113.09 59.85 -42.75
C HIS B 3150 114.32 60.74 -42.56
N GLN B 3151 114.22 62.01 -42.94
CA GLN B 3151 115.30 62.97 -42.74
C GLN B 3151 116.56 62.57 -43.49
N PHE B 3152 116.41 61.93 -44.65
CA PHE B 3152 117.56 61.64 -45.51
C PHE B 3152 118.04 62.87 -46.28
N GLY B 3153 117.46 64.04 -46.07
CA GLY B 3153 117.71 65.17 -46.91
C GLY B 3153 119.16 65.59 -47.07
N ASP B 3154 119.90 65.68 -45.97
CA ASP B 3154 121.23 66.26 -46.05
C ASP B 3154 122.28 65.33 -46.62
N ASP B 3155 121.91 64.19 -47.18
CA ASP B 3155 122.89 63.28 -47.76
C ASP B 3155 122.53 62.75 -49.14
N VAL B 3156 121.25 62.66 -49.47
CA VAL B 3156 120.88 62.12 -50.78
C VAL B 3156 120.93 63.22 -51.82
N ILE B 3157 120.52 64.42 -51.45
CA ILE B 3157 120.48 65.60 -52.31
C ILE B 3157 121.53 66.59 -51.83
N LEU B 3158 122.63 66.06 -51.27
CA LEU B 3158 123.64 66.90 -50.67
C LEU B 3158 124.34 67.77 -51.71
N ASP B 3159 124.85 67.15 -52.78
CA ASP B 3159 125.67 67.84 -53.76
C ASP B 3159 125.44 67.22 -55.13
N ASP B 3160 125.46 68.06 -56.16
CA ASP B 3160 125.50 67.67 -57.57
C ASP B 3160 124.19 67.07 -58.05
N VAL B 3161 123.31 66.74 -57.11
CA VAL B 3161 121.89 66.69 -57.36
C VAL B 3161 121.19 67.88 -56.73
N GLN B 3162 121.88 68.54 -55.79
CA GLN B 3162 121.76 69.95 -55.44
C GLN B 3162 121.46 70.84 -56.63
N VAL B 3163 122.35 70.88 -57.61
CA VAL B 3163 122.11 71.78 -58.74
C VAL B 3163 120.95 71.27 -59.59
N SER B 3164 120.85 69.95 -59.70
CA SER B 3164 119.77 69.35 -60.48
C SER B 3164 118.42 69.85 -60.00
N CYS B 3165 118.26 69.99 -58.70
CA CYS B 3165 116.98 70.44 -58.17
C CYS B 3165 116.86 71.95 -58.10
N TYR B 3166 117.97 72.71 -58.09
CA TYR B 3166 117.78 74.15 -58.24
C TYR B 3166 117.28 74.53 -59.62
N ARG B 3167 117.72 73.82 -60.65
CA ARG B 3167 117.10 74.06 -61.95
C ARG B 3167 115.59 73.88 -61.85
N THR B 3168 115.15 72.79 -61.21
CA THR B 3168 113.73 72.52 -61.09
C THR B 3168 113.01 73.60 -60.28
N LEU B 3169 113.61 74.04 -59.17
CA LEU B 3169 112.94 75.01 -58.31
C LEU B 3169 112.84 76.37 -58.97
N CYS B 3170 113.97 76.86 -59.51
CA CYS B 3170 113.95 78.12 -60.24
C CYS B 3170 113.07 78.05 -61.48
N SER B 3171 112.81 76.85 -62.00
CA SER B 3171 111.85 76.71 -63.08
C SER B 3171 110.42 76.81 -62.55
N ILE B 3172 110.09 75.98 -61.55
CA ILE B 3172 108.71 75.84 -61.11
C ILE B 3172 108.21 77.15 -60.52
N TYR B 3173 109.12 77.97 -60.00
CA TYR B 3173 108.68 79.29 -59.58
C TYR B 3173 108.28 80.16 -60.75
N SER B 3174 108.96 80.04 -61.88
CA SER B 3174 108.84 81.01 -62.95
C SER B 3174 107.52 80.90 -63.71
N LEU B 3175 106.54 80.16 -63.19
CA LEU B 3175 105.23 80.05 -63.82
C LEU B 3175 104.31 81.20 -63.49
N GLY B 3176 104.80 82.23 -62.78
CA GLY B 3176 103.94 83.30 -62.32
C GLY B 3176 103.48 84.24 -63.41
N THR B 3177 103.96 84.06 -64.64
CA THR B 3177 103.64 84.97 -65.72
C THR B 3177 102.58 84.42 -66.67
N THR B 3178 102.67 83.13 -67.02
CA THR B 3178 101.82 82.58 -68.06
C THR B 3178 100.35 82.61 -67.64
N LYS B 3179 99.49 82.90 -68.62
CA LYS B 3179 98.05 82.87 -68.43
C LYS B 3179 97.44 82.10 -69.60
N ASN B 3180 97.09 80.85 -69.36
CA ASN B 3180 96.40 80.02 -70.33
C ASN B 3180 95.56 79.00 -69.57
N THR B 3181 94.92 78.12 -70.32
CA THR B 3181 94.14 77.06 -69.68
C THR B 3181 95.05 76.09 -68.93
N TYR B 3182 96.12 75.64 -69.58
CA TYR B 3182 96.83 74.47 -69.11
C TYR B 3182 97.57 74.73 -67.81
N VAL B 3183 98.06 75.96 -67.61
CA VAL B 3183 98.72 76.29 -66.35
C VAL B 3183 97.74 76.11 -65.20
N GLU B 3184 96.54 76.68 -65.36
CA GLU B 3184 95.49 76.47 -64.36
C GLU B 3184 95.16 74.99 -64.22
N LYS B 3185 95.30 74.24 -65.31
CA LYS B 3185 94.97 72.82 -65.29
C LYS B 3185 95.99 72.02 -64.50
N LEU B 3186 97.23 72.46 -64.51
CA LEU B 3186 98.34 71.71 -63.95
C LEU B 3186 98.70 72.12 -62.53
N ARG B 3187 98.33 73.33 -62.12
CA ARG B 3187 98.87 73.93 -60.90
C ARG B 3187 99.03 72.99 -59.70
N PRO B 3188 98.04 72.19 -59.29
CA PRO B 3188 98.21 71.45 -58.02
C PRO B 3188 99.39 70.49 -58.00
N ALA B 3189 99.69 69.85 -59.13
CA ALA B 3189 100.84 68.95 -59.16
C ALA B 3189 102.13 69.71 -58.88
N LEU B 3190 102.29 70.86 -59.52
CA LEU B 3190 103.42 71.72 -59.22
C LEU B 3190 103.45 72.07 -57.74
N GLY B 3191 102.28 72.39 -57.19
CA GLY B 3191 102.21 72.74 -55.78
C GLY B 3191 102.73 71.64 -54.88
N GLU B 3192 102.31 70.40 -55.15
CA GLU B 3192 102.70 69.29 -54.28
C GLU B 3192 104.17 68.95 -54.43
N CYS B 3193 104.66 68.85 -55.68
CA CYS B 3193 106.07 68.54 -55.89
C CYS B 3193 106.94 69.59 -55.24
N LEU B 3194 106.59 70.86 -55.44
CA LEU B 3194 107.32 71.96 -54.83
C LEU B 3194 107.26 71.91 -53.31
N ALA B 3195 106.09 71.55 -52.76
CA ALA B 3195 105.97 71.47 -51.32
C ALA B 3195 106.90 70.41 -50.74
N ARG B 3196 106.98 69.25 -51.38
CA ARG B 3196 107.90 68.23 -50.88
C ARG B 3196 109.35 68.68 -51.03
N LEU B 3197 109.70 69.29 -52.16
CA LEU B 3197 111.06 69.77 -52.34
C LEU B 3197 111.44 70.82 -51.30
N ALA B 3198 110.48 71.60 -50.82
CA ALA B 3198 110.79 72.62 -49.83
C ALA B 3198 111.36 72.00 -48.56
N ALA B 3199 110.94 70.79 -48.21
CA ALA B 3199 111.52 70.09 -47.07
C ALA B 3199 112.71 69.23 -47.44
N ALA B 3200 112.73 68.70 -48.67
CA ALA B 3200 113.82 67.83 -49.09
C ALA B 3200 115.16 68.56 -49.23
N MET B 3201 115.15 69.74 -49.82
CA MET B 3201 116.38 70.37 -50.29
C MET B 3201 117.14 71.08 -49.16
N PRO B 3202 118.46 70.88 -49.08
CA PRO B 3202 119.21 71.15 -47.85
C PRO B 3202 119.59 72.60 -47.57
N VAL B 3203 119.26 73.57 -48.42
CA VAL B 3203 119.76 74.92 -48.20
C VAL B 3203 118.59 75.80 -47.82
N ALA B 3204 118.89 77.01 -47.38
CA ALA B 3204 117.93 78.09 -47.37
C ALA B 3204 117.90 78.74 -48.75
N PHE B 3205 117.10 78.17 -49.66
CA PHE B 3205 116.97 78.75 -50.99
C PHE B 3205 116.29 80.11 -50.95
N LEU B 3206 115.60 80.41 -49.84
CA LEU B 3206 115.02 81.73 -49.62
C LEU B 3206 115.96 82.67 -48.89
N GLU B 3207 116.99 82.14 -48.24
CA GLU B 3207 117.87 82.92 -47.36
C GLU B 3207 119.30 82.70 -47.78
N PRO B 3208 119.72 83.27 -48.91
CA PRO B 3208 121.13 83.16 -49.30
C PRO B 3208 122.01 84.17 -48.62
N GLN B 3209 121.45 85.13 -47.89
CA GLN B 3209 122.26 86.13 -47.21
C GLN B 3209 123.10 85.52 -46.10
N LEU B 3210 122.58 84.48 -45.44
CA LEU B 3210 123.28 83.79 -44.36
C LEU B 3210 123.43 82.32 -44.75
N ASN B 3211 124.52 82.01 -45.46
CA ASN B 3211 124.80 80.66 -45.92
C ASN B 3211 126.13 80.14 -45.44
N GLU B 3212 126.99 80.99 -44.89
CA GLU B 3212 128.28 80.55 -44.38
C GLU B 3212 128.15 79.70 -43.12
N TYR B 3213 126.93 79.48 -42.64
CA TYR B 3213 126.68 78.62 -41.49
C TYR B 3213 126.19 77.25 -41.90
N ASN B 3214 126.26 76.90 -43.18
CA ASN B 3214 125.79 75.63 -43.69
C ASN B 3214 126.96 74.74 -44.07
N ALA B 3215 126.67 73.44 -44.20
CA ALA B 3215 127.66 72.49 -44.68
C ALA B 3215 127.11 71.55 -45.74
N CYS B 3216 125.79 71.49 -45.92
CA CYS B 3216 125.17 70.57 -46.87
C CYS B 3216 124.92 71.17 -48.24
N SER B 3217 125.26 72.44 -48.44
CA SER B 3217 125.24 73.01 -49.78
C SER B 3217 126.56 72.70 -50.49
N VAL B 3218 126.58 72.99 -51.79
CA VAL B 3218 127.84 72.88 -52.52
C VAL B 3218 128.76 74.07 -52.32
N TYR B 3219 128.29 75.14 -51.68
CA TYR B 3219 129.13 76.33 -51.61
C TYR B 3219 130.02 76.37 -50.38
N THR B 3220 129.59 75.79 -49.27
CA THR B 3220 130.46 75.71 -48.10
C THR B 3220 131.26 74.41 -48.05
N THR B 3221 130.71 73.33 -48.60
CA THR B 3221 131.47 72.10 -48.71
C THR B 3221 132.49 72.16 -49.84
N LYS B 3222 132.17 72.85 -50.93
CA LYS B 3222 133.06 72.97 -52.08
C LYS B 3222 133.50 74.43 -52.26
N SER B 3223 134.79 74.64 -52.41
CA SER B 3223 135.37 75.95 -52.65
C SER B 3223 135.08 76.40 -54.07
N PRO B 3224 135.21 77.69 -54.35
CA PRO B 3224 134.94 78.17 -55.72
C PRO B 3224 135.82 77.52 -56.77
N ARG B 3225 137.00 77.02 -56.39
CA ARG B 3225 137.80 76.24 -57.32
C ARG B 3225 137.08 74.99 -57.78
N GLU B 3226 136.10 74.52 -57.02
CA GLU B 3226 135.23 73.45 -57.50
C GLU B 3226 134.02 74.01 -58.24
N ARG B 3227 133.57 75.22 -57.86
CA ARG B 3227 132.44 75.84 -58.56
C ARG B 3227 132.77 76.12 -60.02
N ALA B 3228 134.04 76.42 -60.32
CA ALA B 3228 134.45 76.51 -61.71
C ALA B 3228 134.29 75.16 -62.40
N ILE B 3229 134.59 74.08 -61.70
CA ILE B 3229 134.51 72.75 -62.30
C ILE B 3229 133.08 72.43 -62.71
N LEU B 3230 132.13 72.68 -61.82
CA LEU B 3230 130.74 72.33 -62.09
C LEU B 3230 130.01 73.37 -62.93
N GLY B 3231 130.68 74.46 -63.29
CA GLY B 3231 130.00 75.55 -63.97
C GLY B 3231 128.93 76.22 -63.14
N LEU B 3232 129.26 76.60 -61.82
CA LEU B 3232 128.16 77.17 -61.06
C LEU B 3232 128.25 78.70 -61.06
N PRO B 3233 127.13 79.41 -60.94
CA PRO B 3233 127.20 80.87 -60.79
C PRO B 3233 127.77 81.27 -59.44
N ASN B 3234 128.59 82.33 -59.43
CA ASN B 3234 129.36 82.67 -58.23
C ASN B 3234 128.46 83.19 -57.10
N SER B 3235 127.58 84.14 -57.42
CA SER B 3235 126.76 84.76 -56.38
C SER B 3235 125.74 83.77 -55.83
N VAL B 3236 125.61 83.73 -54.50
CA VAL B 3236 124.71 82.79 -53.87
C VAL B 3236 123.26 83.03 -54.25
N GLU B 3237 122.85 84.30 -54.38
CA GLU B 3237 121.47 84.59 -54.77
C GLU B 3237 121.19 84.19 -56.20
N GLU B 3238 122.19 84.31 -57.09
CA GLU B 3238 121.90 84.29 -58.51
C GLU B 3238 121.56 82.90 -59.05
N MET B 3239 121.79 81.82 -58.31
CA MET B 3239 121.31 80.51 -58.79
C MET B 3239 119.81 80.52 -58.93
N CYS B 3240 119.11 81.14 -57.99
CA CYS B 3240 117.65 81.19 -57.99
C CYS B 3240 117.25 82.65 -57.84
N PRO B 3241 117.52 83.46 -58.87
CA PRO B 3241 117.27 84.90 -58.74
C PRO B 3241 115.79 85.26 -58.76
N ASP B 3242 115.00 84.58 -59.59
CA ASP B 3242 113.56 84.82 -59.60
C ASP B 3242 112.96 84.59 -58.23
N ILE B 3243 113.51 83.67 -57.46
CA ILE B 3243 113.00 83.39 -56.12
C ILE B 3243 113.45 84.51 -55.18
N PRO B 3244 112.53 85.17 -54.48
CA PRO B 3244 112.93 86.30 -53.62
C PRO B 3244 113.30 85.85 -52.22
N VAL B 3245 113.83 86.78 -51.42
CA VAL B 3245 114.14 86.47 -50.03
C VAL B 3245 112.85 86.33 -49.23
N LEU B 3246 112.95 85.63 -48.10
CA LEU B 3246 111.76 85.26 -47.35
C LEU B 3246 110.97 86.46 -46.88
N ASP B 3247 111.65 87.50 -46.40
CA ASP B 3247 110.93 88.64 -45.83
C ASP B 3247 110.09 89.33 -46.89
N ARG B 3248 110.59 89.43 -48.12
CA ARG B 3248 109.80 90.02 -49.18
C ARG B 3248 108.57 89.17 -49.50
N LEU B 3249 108.71 87.85 -49.49
CA LEU B 3249 107.56 86.99 -49.72
C LEU B 3249 106.51 87.17 -48.63
N MET B 3250 106.96 87.24 -47.37
CA MET B 3250 106.02 87.45 -46.28
C MET B 3250 105.35 88.81 -46.38
N ALA B 3251 106.11 89.83 -46.79
CA ALA B 3251 105.51 91.14 -46.99
C ALA B 3251 104.47 91.10 -48.10
N ASP B 3252 104.78 90.37 -49.17
CA ASP B 3252 103.83 90.21 -50.27
C ASP B 3252 102.54 89.58 -49.77
N ILE B 3253 102.66 88.49 -48.99
CA ILE B 3253 101.48 87.82 -48.48
C ILE B 3253 100.72 88.72 -47.51
N GLY B 3254 101.44 89.50 -46.71
CA GLY B 3254 100.79 90.42 -45.80
C GLY B 3254 99.99 91.48 -46.52
N GLY B 3255 100.54 92.03 -47.58
CA GLY B 3255 99.80 92.99 -48.40
C GLY B 3255 98.60 92.35 -49.07
N LEU B 3256 98.79 91.14 -49.60
CA LEU B 3256 97.70 90.46 -50.28
C LEU B 3256 96.56 90.13 -49.33
N ALA B 3257 96.90 89.74 -48.10
CA ALA B 3257 95.86 89.36 -47.13
C ALA B 3257 94.96 90.54 -46.80
N GLU B 3258 95.55 91.69 -46.49
CA GLU B 3258 94.75 92.88 -46.20
C GLU B 3258 94.08 93.41 -47.47
N SER B 3259 94.63 93.10 -48.64
CA SER B 3259 94.01 93.53 -49.88
C SER B 3259 92.62 92.95 -50.06
N GLY B 3260 92.37 91.77 -49.50
CA GLY B 3260 91.07 91.13 -49.69
C GLY B 3260 90.84 90.65 -51.11
N ALA B 3261 91.89 90.63 -51.93
CA ALA B 3261 91.74 90.16 -53.30
C ALA B 3261 91.38 88.69 -53.32
N ARG B 3262 90.42 88.34 -54.17
CA ARG B 3262 89.96 86.97 -54.22
C ARG B 3262 90.96 86.09 -54.97
N TYR B 3263 90.51 84.87 -55.29
CA TYR B 3263 91.40 83.88 -55.89
C TYR B 3263 91.88 84.33 -57.27
N THR B 3264 91.07 85.13 -57.98
CA THR B 3264 91.41 85.47 -59.35
C THR B 3264 92.68 86.33 -59.45
N GLU B 3265 92.79 87.38 -58.64
CA GLU B 3265 94.01 88.18 -58.69
C GLU B 3265 95.23 87.39 -58.22
N MET B 3266 95.02 86.40 -57.37
CA MET B 3266 96.13 85.70 -56.72
C MET B 3266 95.92 84.20 -56.92
N PRO B 3267 96.16 83.70 -58.14
CA PRO B 3267 96.24 82.26 -58.33
C PRO B 3267 97.59 81.70 -57.90
N HIS B 3268 98.65 82.37 -58.35
CA HIS B 3268 100.00 81.85 -58.17
C HIS B 3268 100.37 81.76 -56.71
N VAL B 3269 100.17 82.85 -55.98
CA VAL B 3269 100.66 82.91 -54.62
C VAL B 3269 99.99 81.83 -53.79
N ILE B 3270 98.68 81.65 -53.96
CA ILE B 3270 98.00 80.57 -53.26
C ILE B 3270 98.54 79.22 -53.68
N GLU B 3271 98.63 78.97 -54.98
CA GLU B 3271 98.83 77.60 -55.44
C GLU B 3271 100.28 77.16 -55.40
N ILE B 3272 101.22 78.09 -55.25
CA ILE B 3272 102.64 77.78 -55.31
C ILE B 3272 103.37 78.30 -54.06
N THR B 3273 103.28 79.60 -53.80
CA THR B 3273 104.16 80.20 -52.80
C THR B 3273 103.73 79.82 -51.39
N LEU B 3274 102.42 79.80 -51.12
CA LEU B 3274 102.00 79.30 -49.82
C LEU B 3274 102.49 77.88 -49.58
N PRO B 3275 102.15 76.87 -50.38
CA PRO B 3275 102.65 75.53 -50.09
C PRO B 3275 104.17 75.46 -50.07
N MET B 3276 104.85 76.37 -50.77
CA MET B 3276 106.29 76.50 -50.62
C MET B 3276 106.63 76.78 -49.17
N LEU B 3277 105.99 77.80 -48.60
CA LEU B 3277 106.37 78.25 -47.27
C LEU B 3277 105.86 77.30 -46.19
N CYS B 3278 104.69 76.70 -46.39
CA CYS B 3278 104.16 75.77 -45.40
C CYS B 3278 105.07 74.58 -45.18
N SER B 3279 105.99 74.33 -46.10
CA SER B 3279 107.00 73.30 -45.92
C SER B 3279 108.38 73.85 -45.60
N TYR B 3280 108.75 75.00 -46.17
CA TYR B 3280 110.04 75.58 -45.86
C TYR B 3280 110.15 75.96 -44.40
N LEU B 3281 109.16 76.68 -43.88
CA LEU B 3281 109.31 77.29 -42.57
C LEU B 3281 109.53 76.28 -41.45
N PRO B 3282 108.80 75.17 -41.34
CA PRO B 3282 109.07 74.24 -40.24
C PRO B 3282 110.43 73.55 -40.36
N ARG B 3283 110.67 72.97 -41.54
CA ARG B 3283 111.85 72.13 -41.73
C ARG B 3283 113.12 72.92 -41.50
N TRP B 3284 113.07 74.23 -41.71
CA TRP B 3284 114.20 75.08 -41.34
C TRP B 3284 114.04 75.69 -39.97
N TRP B 3285 112.84 75.69 -39.40
CA TRP B 3285 112.66 76.24 -38.07
C TRP B 3285 113.28 75.33 -37.03
N GLU B 3286 113.25 74.02 -37.29
CA GLU B 3286 113.78 73.08 -36.31
C GLU B 3286 115.25 73.32 -36.02
N ARG B 3287 116.04 73.60 -37.04
CA ARG B 3287 117.44 73.93 -36.79
C ARG B 3287 117.69 75.43 -36.78
N GLY B 3288 116.63 76.22 -36.71
CA GLY B 3288 116.77 77.65 -36.53
C GLY B 3288 117.19 77.96 -35.10
N PRO B 3289 117.35 79.24 -34.78
CA PRO B 3289 117.80 79.59 -33.44
C PRO B 3289 116.81 79.24 -32.34
N GLU B 3290 115.53 79.08 -32.67
CA GLU B 3290 114.51 78.93 -31.63
C GLU B 3290 114.64 77.61 -30.90
N ALA B 3291 114.77 76.51 -31.64
CA ALA B 3291 114.72 75.18 -31.04
C ALA B 3291 115.91 74.96 -30.12
N PRO B 3292 115.79 74.09 -29.13
CA PRO B 3292 116.86 73.94 -28.14
C PRO B 3292 118.15 73.44 -28.78
N PRO B 3293 119.29 73.96 -28.36
CA PRO B 3293 120.57 73.43 -28.87
C PRO B 3293 120.79 72.02 -28.38
N PRO B 3294 120.94 71.06 -29.30
CA PRO B 3294 121.25 69.69 -28.86
C PRO B 3294 122.53 69.61 -28.05
N ALA B 3295 123.52 70.44 -28.37
CA ALA B 3295 124.75 70.52 -27.60
C ALA B 3295 125.34 71.90 -27.76
N LEU B 3296 125.97 72.39 -26.69
CA LEU B 3296 126.68 73.65 -26.73
C LEU B 3296 127.85 73.60 -27.71
N PRO B 3297 128.73 72.56 -27.68
CA PRO B 3297 129.84 72.55 -28.62
C PRO B 3297 129.41 72.25 -30.05
N ALA B 3298 128.53 71.27 -30.22
CA ALA B 3298 128.10 70.88 -31.56
C ALA B 3298 127.36 72.01 -32.27
N GLY B 3299 126.47 72.69 -31.56
CA GLY B 3299 125.68 73.75 -32.13
C GLY B 3299 126.36 75.09 -32.06
N ALA B 3300 127.66 75.09 -31.78
CA ALA B 3300 128.41 76.35 -31.71
C ALA B 3300 128.32 77.17 -32.98
N PRO B 3301 128.38 76.62 -34.19
CA PRO B 3301 128.15 77.43 -35.39
C PRO B 3301 126.76 78.04 -35.37
N PRO B 3302 126.60 79.26 -35.89
CA PRO B 3302 125.29 79.90 -35.91
C PRO B 3302 124.32 79.12 -36.78
N PRO B 3303 123.02 79.24 -36.54
CA PRO B 3303 122.05 78.49 -37.33
C PRO B 3303 122.03 78.95 -38.78
N CYS B 3304 121.63 78.02 -39.65
CA CYS B 3304 121.61 78.29 -41.08
C CYS B 3304 120.56 79.32 -41.47
N THR B 3305 119.39 79.28 -40.83
CA THR B 3305 118.31 80.20 -41.13
C THR B 3305 117.91 80.94 -39.87
N ALA B 3306 117.82 82.27 -39.95
CA ALA B 3306 117.41 83.08 -38.81
C ALA B 3306 115.89 83.22 -38.77
N VAL B 3307 115.23 82.07 -38.75
CA VAL B 3307 113.77 82.00 -38.77
C VAL B 3307 113.30 81.78 -37.33
N THR B 3308 112.69 82.80 -36.75
CA THR B 3308 112.08 82.68 -35.45
C THR B 3308 110.73 82.01 -35.56
N SER B 3309 110.24 81.49 -34.43
CA SER B 3309 108.93 80.87 -34.42
C SER B 3309 107.82 81.87 -34.69
N ASP B 3310 108.12 83.17 -34.63
CA ASP B 3310 107.12 84.18 -34.96
C ASP B 3310 106.72 84.12 -36.42
N HIS B 3311 107.63 83.65 -37.28
CA HIS B 3311 107.34 83.64 -38.71
C HIS B 3311 106.25 82.65 -39.05
N LEU B 3312 106.28 81.47 -38.43
CA LEU B 3312 105.20 80.50 -38.62
C LEU B 3312 103.87 81.06 -38.16
N ASN B 3313 103.87 81.74 -37.02
CA ASN B 3313 102.64 82.31 -36.51
C ASN B 3313 102.11 83.36 -37.48
N SER B 3314 102.98 84.21 -38.00
CA SER B 3314 102.57 85.24 -38.93
C SER B 3314 102.02 84.63 -40.21
N LEU B 3315 102.68 83.60 -40.73
CA LEU B 3315 102.21 82.96 -41.94
C LEU B 3315 100.84 82.35 -41.74
N LEU B 3316 100.64 81.65 -40.62
CA LEU B 3316 99.33 81.06 -40.36
C LEU B 3316 98.26 82.15 -40.22
N GLY B 3317 98.59 83.23 -39.53
CA GLY B 3317 97.65 84.32 -39.42
C GLY B 3317 97.27 84.92 -40.76
N ASN B 3318 98.23 85.05 -41.66
CA ASN B 3318 97.92 85.53 -42.99
C ASN B 3318 97.11 84.52 -43.79
N ILE B 3319 97.41 83.24 -43.65
CA ILE B 3319 96.68 82.21 -44.39
C ILE B 3319 95.21 82.21 -43.98
N LEU B 3320 94.96 82.41 -42.69
CA LEU B 3320 93.58 82.48 -42.24
C LEU B 3320 92.87 83.67 -42.86
N ARG B 3321 93.54 84.82 -42.91
CA ARG B 3321 92.98 85.97 -43.59
C ARG B 3321 92.71 85.66 -45.05
N ILE B 3322 93.61 84.89 -45.67
CA ILE B 3322 93.42 84.50 -47.07
C ILE B 3322 92.12 83.75 -47.23
N ILE B 3323 91.85 82.83 -46.30
CA ILE B 3323 90.57 82.12 -46.33
C ILE B 3323 89.42 83.10 -46.07
N VAL B 3324 89.67 84.11 -45.23
CA VAL B 3324 88.64 85.08 -44.89
C VAL B 3324 88.20 85.85 -46.12
N ASN B 3325 89.14 86.25 -46.97
CA ASN B 3325 88.75 87.06 -48.12
C ASN B 3325 87.99 86.24 -49.16
N ASN B 3326 88.06 84.92 -49.09
CA ASN B 3326 87.59 84.07 -50.17
C ASN B 3326 86.44 83.16 -49.77
N LEU B 3327 85.92 83.28 -48.56
CA LEU B 3327 84.95 82.30 -48.09
C LEU B 3327 83.68 82.32 -48.93
N GLY B 3328 83.31 83.49 -49.44
CA GLY B 3328 82.06 83.67 -50.16
C GLY B 3328 82.08 83.29 -51.62
N ILE B 3329 83.19 82.73 -52.13
CA ILE B 3329 83.25 82.35 -53.52
C ILE B 3329 82.23 81.24 -53.80
N ASP B 3330 81.80 81.15 -55.05
CA ASP B 3330 80.83 80.16 -55.45
C ASP B 3330 81.46 78.81 -55.80
N GLU B 3331 82.48 78.81 -56.64
CA GLU B 3331 83.13 77.59 -57.11
C GLU B 3331 84.64 77.80 -57.06
N ALA B 3332 85.28 77.29 -56.01
CA ALA B 3332 86.73 77.35 -55.87
C ALA B 3332 87.16 76.28 -54.90
N THR B 3333 87.85 75.26 -55.40
CA THR B 3333 88.27 74.13 -54.58
C THR B 3333 89.66 74.31 -54.00
N TRP B 3334 90.32 75.43 -54.27
CA TRP B 3334 91.70 75.61 -53.84
C TRP B 3334 91.84 75.58 -52.32
N MET B 3335 90.81 75.97 -51.58
CA MET B 3335 90.93 75.95 -50.12
C MET B 3335 91.13 74.54 -49.60
N LYS B 3336 90.57 73.55 -50.29
CA LYS B 3336 90.73 72.17 -49.85
C LYS B 3336 92.19 71.79 -49.71
N ARG B 3337 92.99 72.01 -50.77
CA ARG B 3337 94.39 71.65 -50.76
C ARG B 3337 95.22 72.60 -49.89
N LEU B 3338 94.84 73.88 -49.86
CA LEU B 3338 95.59 74.83 -49.04
C LEU B 3338 95.48 74.49 -47.57
N ALA B 3339 94.31 74.03 -47.11
CA ALA B 3339 94.19 73.62 -45.72
C ALA B 3339 95.11 72.45 -45.41
N VAL B 3340 95.18 71.47 -46.32
CA VAL B 3340 96.05 70.32 -46.11
C VAL B 3340 97.49 70.76 -45.99
N PHE B 3341 97.94 71.63 -46.90
CA PHE B 3341 99.31 72.10 -46.85
C PHE B 3341 99.57 72.98 -45.65
N ALA B 3342 98.55 73.67 -45.14
CA ALA B 3342 98.71 74.55 -43.99
C ALA B 3342 98.59 73.82 -42.66
N GLN B 3343 98.17 72.56 -42.67
CA GLN B 3343 98.05 71.80 -41.43
C GLN B 3343 99.30 71.79 -40.57
N PRO B 3344 100.50 71.49 -41.07
CA PRO B 3344 101.63 71.26 -40.15
C PRO B 3344 102.14 72.50 -39.45
N ILE B 3345 101.76 73.71 -39.88
CA ILE B 3345 102.28 74.91 -39.24
C ILE B 3345 101.73 75.06 -37.84
N VAL B 3346 100.46 74.71 -37.64
CA VAL B 3346 99.71 75.14 -36.47
C VAL B 3346 100.32 74.67 -35.17
N SER B 3347 101.17 73.64 -35.20
CA SER B 3347 101.79 73.16 -33.98
C SER B 3347 102.64 74.24 -33.32
N ARG B 3348 102.80 75.37 -34.00
CA ARG B 3348 103.76 76.37 -33.61
C ARG B 3348 103.06 77.70 -33.36
N ALA B 3349 101.77 77.75 -33.69
CA ALA B 3349 100.99 78.98 -33.66
C ALA B 3349 100.79 79.47 -32.24
N ARG B 3350 100.72 80.78 -32.09
CA ARG B 3350 100.76 81.34 -30.76
C ARG B 3350 99.33 81.58 -30.24
N PRO B 3351 99.15 81.59 -28.92
CA PRO B 3351 97.78 81.57 -28.38
C PRO B 3351 97.00 82.86 -28.60
N GLU B 3352 97.59 83.87 -29.24
CA GLU B 3352 96.87 85.10 -29.49
C GLU B 3352 95.85 84.97 -30.62
N LEU B 3353 96.09 84.09 -31.59
CA LEU B 3353 95.23 84.00 -32.78
C LEU B 3353 93.76 83.82 -32.43
N LEU B 3354 93.46 83.10 -31.36
CA LEU B 3354 92.07 82.90 -30.96
C LEU B 3354 91.34 84.24 -30.87
N HIS B 3355 91.93 85.20 -30.17
CA HIS B 3355 91.32 86.51 -30.09
C HIS B 3355 91.50 87.31 -31.38
N SER B 3356 92.58 87.07 -32.11
CA SER B 3356 92.91 87.89 -33.28
C SER B 3356 92.23 87.40 -34.56
N HIS B 3357 92.35 86.11 -34.84
CA HIS B 3357 91.95 85.62 -36.16
C HIS B 3357 90.80 84.62 -36.12
N PHE B 3358 90.91 83.54 -35.34
CA PHE B 3358 89.97 82.43 -35.47
C PHE B 3358 88.55 82.86 -35.15
N ILE B 3359 88.37 83.65 -34.10
CA ILE B 3359 87.01 84.02 -33.66
C ILE B 3359 86.25 84.79 -34.75
N PRO B 3360 86.81 85.84 -35.36
CA PRO B 3360 86.06 86.49 -36.45
C PRO B 3360 85.71 85.56 -37.59
N THR B 3361 86.63 84.65 -37.95
CA THR B 3361 86.36 83.73 -39.05
C THR B 3361 85.17 82.83 -38.74
N ILE B 3362 85.22 82.16 -37.58
CA ILE B 3362 84.11 81.30 -37.20
C ILE B 3362 82.83 82.10 -37.01
N GLY B 3363 82.92 83.33 -36.54
CA GLY B 3363 81.74 84.13 -36.33
C GLY B 3363 81.04 84.45 -37.64
N ARG B 3364 81.82 84.82 -38.64
CA ARG B 3364 81.23 85.10 -39.94
C ARG B 3364 80.67 83.83 -40.56
N LEU B 3365 81.37 82.71 -40.42
CA LEU B 3365 80.85 81.45 -40.92
C LEU B 3365 79.59 81.06 -40.16
N ARG B 3366 79.57 81.33 -38.84
CA ARG B 3366 78.37 81.07 -38.05
C ARG B 3366 77.21 81.92 -38.55
N LYS B 3367 77.49 83.19 -38.87
CA LYS B 3367 76.44 84.05 -39.41
C LYS B 3367 75.90 83.50 -40.72
N ARG B 3368 76.78 82.97 -41.57
CA ARG B 3368 76.25 82.49 -42.84
C ARG B 3368 75.40 81.25 -42.65
N ALA B 3369 75.88 80.29 -41.85
CA ALA B 3369 75.01 79.18 -41.49
C ALA B 3369 73.72 79.71 -40.89
N GLY B 3370 73.82 80.85 -40.20
CA GLY B 3370 72.64 81.48 -39.66
C GLY B 3370 71.59 81.80 -40.71
N LYS B 3371 71.96 82.51 -41.78
CA LYS B 3371 70.80 82.92 -42.56
C LYS B 3371 70.36 81.77 -43.44
N VAL B 3372 71.25 80.80 -43.68
CA VAL B 3372 70.85 79.69 -44.54
C VAL B 3372 69.90 78.76 -43.81
N VAL B 3373 70.02 78.65 -42.48
CA VAL B 3373 68.97 77.96 -41.72
C VAL B 3373 67.64 78.70 -41.86
N ALA B 3374 67.69 80.03 -41.86
CA ALA B 3374 66.47 80.81 -42.09
C ALA B 3374 65.93 80.60 -43.49
N GLU B 3375 66.82 80.43 -44.47
CA GLU B 3375 66.39 80.08 -45.82
C GLU B 3375 65.62 78.76 -45.81
N GLU B 3376 66.16 77.76 -45.10
CA GLU B 3376 65.45 76.50 -44.97
C GLU B 3376 64.12 76.68 -44.26
N GLU B 3377 64.05 77.62 -43.31
CA GLU B 3377 62.77 77.97 -42.71
C GLU B 3377 61.79 78.50 -43.75
N GLN B 3378 62.24 79.41 -44.60
CA GLN B 3378 61.37 79.98 -45.63
C GLN B 3378 60.87 78.90 -46.58
N LEU B 3379 61.76 78.00 -46.99
CA LEU B 3379 61.33 76.91 -47.87
C LEU B 3379 60.28 76.04 -47.20
N ARG B 3380 60.51 75.66 -45.95
CA ARG B 3380 59.57 74.77 -45.28
C ARG B 3380 58.24 75.46 -44.99
N LEU B 3381 58.26 76.79 -44.83
CA LEU B 3381 57.04 77.51 -44.48
C LEU B 3381 55.99 77.39 -45.57
N GLU B 3382 56.38 77.53 -46.83
CA GLU B 3382 55.45 77.58 -47.95
C GLU B 3382 55.68 76.38 -48.86
N ALA B 3383 54.65 75.58 -49.05
CA ALA B 3383 54.67 74.50 -50.03
C ALA B 3383 54.32 75.07 -51.40
N LYS B 3384 55.21 74.90 -52.37
CA LYS B 3384 55.07 75.58 -53.64
C LYS B 3384 55.93 74.86 -54.67
N ALA B 3385 55.69 75.18 -55.94
CA ALA B 3385 56.65 74.82 -56.98
C ALA B 3385 57.97 75.57 -56.76
N GLU B 3386 57.89 76.76 -56.17
CA GLU B 3386 59.06 77.54 -55.80
C GLU B 3386 59.91 76.80 -54.79
N ALA B 3387 59.27 75.92 -54.01
CA ALA B 3387 60.00 75.16 -53.00
C ALA B 3387 61.07 74.29 -53.65
N GLU B 3388 60.78 73.73 -54.82
CA GLU B 3388 61.74 72.84 -55.48
C GLU B 3388 62.96 73.61 -55.97
N GLU B 3389 62.74 74.76 -56.61
CA GLU B 3389 63.88 75.55 -57.08
C GLU B 3389 64.67 76.12 -55.90
N GLY B 3390 63.96 76.51 -54.83
CA GLY B 3390 64.64 76.93 -53.63
C GLY B 3390 65.47 75.81 -53.03
N GLU B 3391 64.96 74.58 -53.06
CA GLU B 3391 65.73 73.43 -52.60
C GLU B 3391 66.97 73.25 -53.47
N LEU B 3392 66.82 73.39 -54.79
CA LEU B 3392 67.96 73.25 -55.67
C LEU B 3392 69.02 74.30 -55.38
N LEU B 3393 68.61 75.54 -55.12
CA LEU B 3393 69.56 76.59 -54.80
C LEU B 3393 70.19 76.37 -53.42
N VAL B 3394 69.40 75.93 -52.45
CA VAL B 3394 69.92 75.80 -51.09
C VAL B 3394 70.80 74.57 -50.97
N ARG B 3395 70.66 73.58 -51.85
CA ARG B 3395 71.64 72.49 -51.87
C ARG B 3395 73.03 73.01 -52.16
N ASP B 3396 73.14 73.88 -53.18
CA ASP B 3396 74.43 74.48 -53.49
C ASP B 3396 74.87 75.46 -52.41
N GLU B 3397 73.92 76.16 -51.79
CA GLU B 3397 74.28 77.04 -50.68
C GLU B 3397 74.87 76.25 -49.53
N PHE B 3398 74.22 75.13 -49.17
CA PHE B 3398 74.78 74.27 -48.14
C PHE B 3398 76.10 73.66 -48.58
N SER B 3399 76.27 73.44 -49.88
CA SER B 3399 77.56 72.98 -50.38
C SER B 3399 78.64 74.01 -50.11
N VAL B 3400 78.32 75.29 -50.35
CA VAL B 3400 79.26 76.36 -50.05
C VAL B 3400 79.60 76.37 -48.57
N LEU B 3401 78.58 76.26 -47.72
CA LEU B 3401 78.83 76.27 -46.29
C LEU B 3401 79.68 75.08 -45.85
N CYS B 3402 79.37 73.88 -46.36
CA CYS B 3402 80.13 72.70 -45.97
C CYS B 3402 81.57 72.79 -46.46
N ARG B 3403 81.77 73.33 -47.67
CA ARG B 3403 83.10 73.49 -48.21
C ARG B 3403 83.92 74.45 -47.36
N ASP B 3404 83.31 75.55 -46.93
CA ASP B 3404 84.01 76.44 -46.02
C ASP B 3404 84.28 75.78 -44.68
N LEU B 3405 83.32 74.97 -44.20
CA LEU B 3405 83.51 74.27 -42.94
C LEU B 3405 84.73 73.37 -43.00
N TYR B 3406 84.86 72.60 -44.07
CA TYR B 3406 85.98 71.67 -44.18
C TYR B 3406 87.23 72.33 -44.71
N ALA B 3407 87.17 73.61 -45.06
CA ALA B 3407 88.37 74.39 -45.28
C ALA B 3407 88.89 75.02 -43.99
N LEU B 3408 88.00 75.37 -43.07
CA LEU B 3408 88.41 76.04 -41.84
C LEU B 3408 88.75 75.04 -40.73
N TYR B 3409 87.87 74.08 -40.48
CA TYR B 3409 88.03 73.21 -39.32
C TYR B 3409 89.35 72.44 -39.30
N PRO B 3410 89.84 71.85 -40.41
CA PRO B 3410 91.11 71.14 -40.33
C PRO B 3410 92.23 71.94 -39.68
N LEU B 3411 92.25 73.26 -39.88
CA LEU B 3411 93.19 74.09 -39.17
C LEU B 3411 92.78 74.29 -37.71
N LEU B 3412 91.48 74.18 -37.42
CA LEU B 3412 91.01 74.44 -36.07
C LEU B 3412 91.32 73.28 -35.13
N ILE B 3413 91.23 72.05 -35.63
CA ILE B 3413 91.42 70.87 -34.80
C ILE B 3413 92.84 70.85 -34.21
N ARG B 3414 93.83 71.09 -35.05
CA ARG B 3414 95.21 71.02 -34.62
C ARG B 3414 95.66 72.28 -33.87
N TYR B 3415 94.72 73.19 -33.62
CA TYR B 3415 94.90 74.26 -32.66
C TYR B 3415 94.26 73.95 -31.33
N VAL B 3416 93.03 73.43 -31.37
CA VAL B 3416 92.34 73.07 -30.14
C VAL B 3416 93.09 71.98 -29.41
N ASP B 3417 93.55 70.96 -30.14
CA ASP B 3417 94.24 69.87 -29.46
C ASP B 3417 95.59 70.32 -28.90
N ASN B 3418 96.21 71.31 -29.52
CA ASN B 3418 97.49 71.80 -29.05
C ASN B 3418 97.38 72.81 -27.93
N ASN B 3419 96.20 73.41 -27.72
CA ASN B 3419 96.05 74.36 -26.63
C ASN B 3419 95.00 73.97 -25.61
N ARG B 3420 94.41 72.78 -25.70
CA ARG B 3420 93.34 72.45 -24.78
C ARG B 3420 93.85 72.29 -23.36
N ALA B 3421 95.06 71.75 -23.21
CA ALA B 3421 95.64 71.65 -21.87
C ALA B 3421 95.74 73.03 -21.23
N HIS B 3422 96.30 73.98 -21.95
CA HIS B 3422 96.46 75.32 -21.42
C HIS B 3422 95.15 76.04 -21.20
N TRP B 3423 94.15 75.78 -22.04
CA TRP B 3423 92.84 76.40 -21.84
C TRP B 3423 92.11 75.80 -20.66
N LEU B 3424 92.32 74.51 -20.39
CA LEU B 3424 91.65 73.86 -19.27
C LEU B 3424 92.30 74.24 -17.95
N THR B 3425 93.63 74.38 -17.91
CA THR B 3425 94.27 74.69 -16.65
C THR B 3425 94.12 76.14 -16.24
N GLU B 3426 94.00 77.07 -17.19
CA GLU B 3426 93.90 78.50 -16.91
C GLU B 3426 92.72 79.06 -17.69
N PRO B 3427 91.49 78.82 -17.22
CA PRO B 3427 90.31 79.12 -18.04
C PRO B 3427 90.28 80.58 -18.46
N ASN B 3428 89.89 80.81 -19.71
CA ASN B 3428 89.88 82.11 -20.35
C ASN B 3428 88.60 82.28 -21.16
N ALA B 3429 88.13 83.52 -21.21
CA ALA B 3429 86.84 83.82 -21.82
C ALA B 3429 86.82 83.57 -23.31
N ASN B 3430 87.93 83.84 -24.00
CA ASN B 3430 87.94 83.72 -25.46
C ASN B 3430 87.70 82.28 -25.89
N ALA B 3431 88.31 81.32 -25.19
CA ALA B 3431 88.07 79.92 -25.51
C ALA B 3431 86.61 79.55 -25.30
N GLU B 3432 86.01 80.08 -24.23
CA GLU B 3432 84.61 79.78 -23.97
C GLU B 3432 83.72 80.36 -25.06
N GLU B 3433 84.04 81.56 -25.54
CA GLU B 3433 83.31 82.10 -26.68
C GLU B 3433 83.45 81.18 -27.88
N LEU B 3434 84.67 80.69 -28.13
CA LEU B 3434 84.86 79.75 -29.23
C LEU B 3434 83.97 78.53 -29.06
N PHE B 3435 83.86 78.03 -27.83
CA PHE B 3435 83.00 76.87 -27.59
C PHE B 3435 81.55 77.20 -27.88
N ARG B 3436 81.08 78.36 -27.42
CA ARG B 3436 79.70 78.76 -27.68
C ARG B 3436 79.43 78.84 -29.17
N MET B 3437 80.40 79.37 -29.91
CA MET B 3437 80.31 79.52 -31.35
C MET B 3437 80.18 78.16 -32.02
N VAL B 3438 81.09 77.24 -31.69
CA VAL B 3438 81.04 75.91 -32.27
C VAL B 3438 79.75 75.21 -31.86
N GLY B 3439 79.25 75.51 -30.65
CA GLY B 3439 78.00 74.91 -30.23
C GLY B 3439 76.82 75.40 -31.04
N GLU B 3440 76.82 76.68 -31.39
CA GLU B 3440 75.79 77.18 -32.31
C GLU B 3440 75.87 76.43 -33.62
N ILE B 3441 77.10 76.24 -34.13
CA ILE B 3441 77.27 75.52 -35.38
C ILE B 3441 76.74 74.10 -35.24
N PHE B 3442 76.94 73.48 -34.09
CA PHE B 3442 76.52 72.09 -33.91
C PHE B 3442 75.01 71.97 -33.79
N ILE B 3443 74.38 72.92 -33.10
CA ILE B 3443 72.92 72.85 -32.99
C ILE B 3443 72.28 73.10 -34.35
N TYR B 3444 72.86 74.00 -35.16
CA TYR B 3444 72.37 74.14 -36.52
C TYR B 3444 72.67 72.88 -37.33
N TRP B 3445 73.77 72.21 -37.02
CA TRP B 3445 74.07 70.92 -37.65
C TRP B 3445 72.95 69.93 -37.43
N SER B 3446 72.57 69.73 -36.17
CA SER B 3446 71.58 68.72 -35.84
C SER B 3446 70.16 69.14 -36.23
N LYS B 3447 69.89 70.44 -36.28
CA LYS B 3447 68.54 70.91 -36.56
C LYS B 3447 68.19 70.87 -38.05
N SER B 3448 69.14 70.54 -38.91
CA SER B 3448 68.91 70.47 -40.34
C SER B 3448 69.15 69.05 -40.84
N HIS B 3449 68.43 68.69 -41.90
CA HIS B 3449 68.50 67.35 -42.47
C HIS B 3449 69.19 67.33 -43.83
N ASN B 3450 68.72 68.12 -44.79
CA ASN B 3450 69.35 68.14 -46.11
C ASN B 3450 70.79 68.62 -46.01
N PHE B 3451 71.08 69.44 -45.01
CA PHE B 3451 72.45 69.89 -44.76
C PHE B 3451 73.37 68.70 -44.50
N LYS B 3452 72.85 67.68 -43.79
CA LYS B 3452 73.64 66.48 -43.56
C LYS B 3452 73.94 65.76 -44.87
N ARG B 3453 72.93 65.65 -45.75
CA ARG B 3453 73.15 65.00 -47.04
C ARG B 3453 74.17 65.77 -47.87
N GLU B 3454 74.10 67.10 -47.84
CA GLU B 3454 75.08 67.88 -48.58
C GLU B 3454 76.47 67.73 -48.00
N GLU B 3455 76.57 67.54 -46.68
CA GLU B 3455 77.88 67.27 -46.10
C GLU B 3455 78.43 65.94 -46.61
N GLN B 3456 77.58 64.91 -46.62
CA GLN B 3456 77.97 63.65 -47.22
C GLN B 3456 78.38 63.83 -48.67
N ASN B 3457 77.69 64.70 -49.39
CA ASN B 3457 78.10 65.04 -50.75
C ASN B 3457 79.53 65.56 -50.75
N PHE B 3458 79.77 66.65 -50.02
CA PHE B 3458 81.10 67.26 -50.04
C PHE B 3458 82.18 66.22 -49.76
N VAL B 3459 81.94 65.34 -48.78
CA VAL B 3459 82.97 64.36 -48.48
C VAL B 3459 83.13 63.35 -49.63
N VAL B 3460 82.06 63.02 -50.35
CA VAL B 3460 82.24 62.00 -51.38
C VAL B 3460 82.85 62.59 -52.65
N GLN B 3461 82.40 63.77 -53.10
CA GLN B 3461 83.01 64.33 -54.31
C GLN B 3461 84.37 64.96 -54.06
N ASN B 3462 84.70 65.29 -52.81
CA ASN B 3462 86.00 65.87 -52.52
C ASN B 3462 86.98 64.90 -51.86
N GLU B 3463 86.56 63.66 -51.60
CA GLU B 3463 87.46 62.58 -51.19
C GLU B 3463 88.32 62.98 -49.99
N ILE B 3464 87.71 63.65 -49.02
CA ILE B 3464 88.43 64.04 -47.82
C ILE B 3464 88.67 62.81 -46.96
N ASN B 3465 89.91 62.66 -46.48
CA ASN B 3465 90.26 61.50 -45.66
C ASN B 3465 89.47 61.48 -44.37
N ASN B 3466 89.30 62.64 -43.73
CA ASN B 3466 88.60 62.81 -42.46
C ASN B 3466 89.25 62.05 -41.31
N MET B 3467 90.42 61.45 -41.54
CA MET B 3467 91.17 60.76 -40.50
C MET B 3467 92.52 61.41 -40.25
N SER B 3468 93.31 61.60 -41.31
CA SER B 3468 94.59 62.29 -41.15
C SER B 3468 94.40 63.71 -40.66
N PHE B 3469 93.26 64.32 -41.00
CA PHE B 3469 92.92 65.62 -40.43
C PHE B 3469 92.75 65.52 -38.93
N LEU B 3470 92.05 64.48 -38.46
CA LEU B 3470 91.74 64.36 -37.05
C LEU B 3470 92.96 63.93 -36.23
N THR B 3471 93.73 62.99 -36.74
CA THR B 3471 94.91 62.51 -36.01
C THR B 3471 96.06 63.50 -36.13
N TYR B 3503 83.12 56.18 -45.31
CA TYR B 3503 82.86 57.39 -44.53
C TYR B 3503 81.59 57.24 -43.69
N SER B 3504 81.54 57.97 -42.58
CA SER B 3504 80.37 57.98 -41.72
C SER B 3504 80.27 59.33 -41.02
N VAL B 3505 79.06 59.65 -40.55
CA VAL B 3505 78.87 60.90 -39.82
C VAL B 3505 79.69 60.91 -38.54
N GLN B 3506 80.07 59.74 -38.05
CA GLN B 3506 80.98 59.64 -36.92
C GLN B 3506 82.25 60.44 -37.17
N THR B 3507 82.77 60.35 -38.38
CA THR B 3507 83.97 61.07 -38.77
C THR B 3507 83.69 62.46 -39.33
N SER B 3508 82.50 63.01 -39.16
CA SER B 3508 82.25 64.39 -39.57
C SER B 3508 83.13 65.33 -38.75
N LEU B 3509 83.78 66.27 -39.44
CA LEU B 3509 84.62 67.22 -38.72
C LEU B 3509 83.81 68.14 -37.83
N ILE B 3510 82.52 68.31 -38.09
CA ILE B 3510 81.68 69.10 -37.18
C ILE B 3510 81.61 68.42 -35.82
N VAL B 3511 81.16 67.17 -35.80
CA VAL B 3511 81.06 66.45 -34.53
C VAL B 3511 82.42 66.19 -33.93
N ALA B 3512 83.45 65.98 -34.76
CA ALA B 3512 84.79 65.78 -34.23
C ALA B 3512 85.31 67.03 -33.54
N THR B 3513 85.12 68.19 -34.16
CA THR B 3513 85.55 69.44 -33.54
C THR B 3513 84.79 69.69 -32.26
N LEU B 3514 83.49 69.42 -32.23
CA LEU B 3514 82.77 69.65 -30.99
C LEU B 3514 83.18 68.64 -29.92
N LYS B 3515 83.49 67.41 -30.32
CA LYS B 3515 84.02 66.45 -29.37
C LYS B 3515 85.31 66.94 -28.75
N LYS B 3516 86.20 67.50 -29.57
CA LYS B 3516 87.48 67.98 -29.06
C LYS B 3516 87.34 69.28 -28.28
N MET B 3517 86.34 70.09 -28.57
CA MET B 3517 86.15 71.36 -27.92
C MET B 3517 85.23 71.25 -26.71
N LEU B 3518 84.62 70.10 -26.51
CA LEU B 3518 83.64 69.94 -25.44
C LEU B 3518 84.20 70.13 -24.04
N PRO B 3519 85.34 69.54 -23.66
CA PRO B 3519 85.81 69.71 -22.29
C PRO B 3519 86.00 71.16 -21.89
N ILE B 3520 86.43 72.01 -22.81
CA ILE B 3520 86.57 73.43 -22.50
C ILE B 3520 85.23 74.01 -22.09
N GLY B 3521 84.19 73.67 -22.85
CA GLY B 3521 82.86 74.15 -22.50
C GLY B 3521 82.38 73.61 -21.16
N LEU B 3522 82.55 72.31 -20.94
CA LEU B 3522 82.11 71.73 -19.68
C LEU B 3522 82.88 72.30 -18.50
N ASN B 3523 84.07 72.83 -18.74
CA ASN B 3523 84.88 73.36 -17.65
C ASN B 3523 84.19 74.50 -16.92
N MET B 3524 83.49 75.37 -17.64
CA MET B 3524 82.82 76.48 -16.98
C MET B 3524 81.74 75.96 -16.02
N CYS B 3525 80.96 74.99 -16.47
CA CYS B 3525 79.88 74.45 -15.67
C CYS B 3525 80.46 73.71 -14.46
N ALA B 3526 80.22 74.27 -13.27
CA ALA B 3526 80.68 73.63 -12.05
C ALA B 3526 79.95 72.31 -11.86
N PRO B 3527 80.54 71.37 -11.11
CA PRO B 3527 79.84 70.11 -10.82
C PRO B 3527 78.50 70.33 -10.14
N THR B 3528 78.36 71.38 -9.34
CA THR B 3528 77.08 71.72 -8.75
C THR B 3528 76.04 72.12 -9.79
N ASP B 3529 76.47 72.41 -11.01
CA ASP B 3529 75.56 72.67 -12.11
C ASP B 3529 75.29 71.43 -12.94
N GLN B 3530 75.96 70.32 -12.65
CA GLN B 3530 75.75 69.07 -13.37
C GLN B 3530 74.31 68.59 -13.26
N ASP B 3531 73.66 68.84 -12.13
CA ASP B 3531 72.28 68.47 -11.89
C ASP B 3531 71.30 69.26 -12.75
N LEU B 3532 71.44 70.59 -12.79
CA LEU B 3532 70.58 71.42 -13.64
C LEU B 3532 70.58 70.86 -15.05
N ILE B 3533 71.78 70.52 -15.53
CA ILE B 3533 71.95 70.01 -16.89
C ILE B 3533 71.09 68.77 -17.09
N MET B 3534 71.16 67.82 -16.16
CA MET B 3534 70.34 66.62 -16.27
C MET B 3534 68.86 66.94 -16.37
N LEU B 3535 68.41 68.00 -15.71
CA LEU B 3535 67.04 68.46 -15.82
C LEU B 3535 66.80 69.12 -17.18
N ALA B 3536 67.73 69.97 -17.60
CA ALA B 3536 67.60 70.62 -18.89
C ALA B 3536 67.61 69.61 -20.04
N LYS B 3537 68.18 68.42 -19.80
CA LYS B 3537 68.09 67.38 -20.82
C LYS B 3537 66.65 67.12 -21.21
N THR B 3538 65.76 67.07 -20.23
CA THR B 3538 64.35 66.89 -20.54
C THR B 3538 63.81 68.06 -21.34
N ARG B 3539 64.25 69.27 -21.01
CA ARG B 3539 63.72 70.46 -21.68
C ARG B 3539 63.91 70.38 -23.18
N TYR B 3540 65.15 70.13 -23.62
CA TYR B 3540 65.41 70.01 -25.04
C TYR B 3540 64.85 68.74 -25.64
N ALA B 3541 64.52 67.73 -24.81
CA ALA B 3541 63.93 66.52 -25.34
C ALA B 3541 62.56 66.78 -25.94
N LEU B 3542 61.71 67.49 -25.20
CA LEU B 3542 60.38 67.84 -25.67
C LEU B 3542 60.39 69.03 -26.63
N LYS B 3543 61.57 69.43 -27.10
CA LYS B 3543 61.70 70.53 -28.06
C LYS B 3543 61.08 71.82 -27.52
N ASP B 3544 61.47 72.17 -26.30
CA ASP B 3544 61.02 73.42 -25.72
C ASP B 3544 61.74 74.60 -26.37
N THR B 3545 61.10 75.77 -26.28
CA THR B 3545 61.64 76.96 -26.94
C THR B 3545 62.99 77.33 -26.35
N ASP B 3546 63.92 77.69 -27.23
CA ASP B 3546 65.29 77.94 -26.78
C ASP B 3546 65.34 79.13 -25.83
N GLU B 3547 64.57 80.18 -26.12
CA GLU B 3547 64.58 81.35 -25.25
C GLU B 3547 63.96 81.05 -23.89
N GLU B 3548 62.92 80.23 -23.85
CA GLU B 3548 62.23 80.05 -22.58
C GLU B 3548 63.00 79.15 -21.62
N VAL B 3549 63.98 78.38 -22.12
CA VAL B 3549 64.79 77.56 -21.23
C VAL B 3549 65.40 78.41 -20.15
N ARG B 3550 65.80 79.64 -20.50
CA ARG B 3550 66.21 80.62 -19.51
C ARG B 3550 65.31 80.60 -18.29
N GLU B 3551 64.03 80.93 -18.47
CA GLU B 3551 63.14 80.93 -17.32
C GLU B 3551 62.81 79.53 -16.84
N PHE B 3552 62.86 78.53 -17.71
CA PHE B 3552 62.77 77.15 -17.24
C PHE B 3552 63.85 76.91 -16.19
N LEU B 3553 64.97 77.61 -16.30
CA LEU B 3553 66.04 77.50 -15.33
C LEU B 3553 65.98 78.59 -14.25
N GLN B 3554 65.35 79.74 -14.49
CA GLN B 3554 65.13 80.58 -13.31
C GLN B 3554 63.87 80.18 -12.55
N ASN B 3555 62.89 79.57 -13.21
CA ASN B 3555 61.78 79.02 -12.46
C ASN B 3555 62.21 77.78 -11.69
N ASN B 3556 62.95 76.88 -12.34
CA ASN B 3556 63.55 75.74 -11.65
C ASN B 3556 64.94 76.18 -11.20
N LEU B 3557 64.96 76.94 -10.11
CA LEU B 3557 66.17 77.56 -9.60
C LEU B 3557 66.83 76.74 -8.50
N HIS B 3558 66.03 76.11 -7.62
CA HIS B 3558 66.58 75.28 -6.55
C HIS B 3558 67.03 73.93 -7.12
N LEU B 3559 68.08 73.98 -7.92
CA LEU B 3559 68.61 72.73 -8.46
C LEU B 3559 69.96 72.40 -7.85
N GLN B 3560 70.85 73.38 -7.74
CA GLN B 3560 72.21 73.13 -7.24
C GLN B 3560 72.18 72.50 -5.85
N GLY B 3561 72.91 71.41 -5.70
CA GLY B 3561 72.87 70.58 -4.51
C GLY B 3561 73.84 71.05 -3.44
N LYS B 3562 74.18 70.11 -2.56
CA LYS B 3562 75.04 70.37 -1.42
C LYS B 3562 76.37 69.65 -1.59
N VAL B 3563 77.47 70.40 -1.46
CA VAL B 3563 78.79 69.78 -1.56
C VAL B 3563 79.06 68.89 -0.36
N GLU B 3564 78.60 69.29 0.83
CA GLU B 3564 78.72 68.40 1.98
C GLU B 3564 77.76 67.23 1.90
N GLY B 3565 76.52 67.48 1.48
CA GLY B 3565 75.53 66.42 1.41
C GLY B 3565 75.81 65.39 0.34
N SER B 3566 76.56 65.78 -0.69
CA SER B 3566 76.92 64.87 -1.76
C SER B 3566 78.42 64.61 -1.74
N PRO B 3567 78.86 63.36 -1.52
CA PRO B 3567 80.28 63.11 -1.30
C PRO B 3567 81.15 63.30 -2.54
N SER B 3568 80.76 62.73 -3.68
CA SER B 3568 81.56 62.88 -4.89
C SER B 3568 81.78 64.35 -5.23
N LEU B 3569 80.77 65.18 -5.02
CA LEU B 3569 80.94 66.60 -5.22
C LEU B 3569 81.95 67.18 -4.24
N ARG B 3570 82.15 66.55 -3.08
CA ARG B 3570 83.14 67.07 -2.15
C ARG B 3570 84.53 67.07 -2.75
N TRP B 3571 84.78 66.20 -3.73
CA TRP B 3571 86.07 66.23 -4.40
C TRP B 3571 86.02 66.86 -5.78
N GLN B 3572 84.87 66.87 -6.44
CA GLN B 3572 84.80 67.61 -7.70
C GLN B 3572 84.80 69.11 -7.47
N MET B 3573 83.94 69.57 -6.56
CA MET B 3573 83.85 71.00 -6.25
C MET B 3573 85.17 71.55 -5.75
N ALA B 3574 85.98 70.71 -5.11
CA ALA B 3574 87.28 71.19 -4.66
C ALA B 3574 88.15 71.59 -5.84
N LEU B 3575 88.28 70.72 -6.84
CA LEU B 3575 89.06 71.04 -8.03
C LEU B 3575 88.50 72.25 -8.74
N TYR B 3576 87.16 72.30 -8.89
CA TYR B 3576 86.57 73.44 -9.58
C TYR B 3576 86.83 74.73 -8.81
N ARG B 3577 86.77 74.65 -7.48
CA ARG B 3577 87.04 75.80 -6.64
C ARG B 3577 88.49 76.24 -6.75
N GLY B 3578 89.39 75.31 -7.04
CA GLY B 3578 90.80 75.63 -7.10
C GLY B 3578 91.27 76.33 -8.36
N LEU B 3579 90.50 76.24 -9.44
CA LEU B 3579 90.98 76.74 -10.72
C LEU B 3579 91.18 78.26 -10.67
N PRO B 3580 92.39 78.75 -10.95
CA PRO B 3580 92.61 80.20 -10.92
C PRO B 3580 91.76 80.96 -11.92
N GLY B 3581 91.49 80.36 -13.09
CA GLY B 3581 90.63 81.01 -14.06
C GLY B 3581 89.16 80.96 -13.68
N ARG B 3582 88.80 80.03 -12.80
CA ARG B 3582 87.42 79.93 -12.32
C ARG B 3582 87.27 80.80 -11.08
N GLU B 3583 86.81 82.03 -11.31
CA GLU B 3583 86.56 82.96 -10.22
C GLU B 3583 85.12 82.85 -9.76
N GLU B 3584 84.92 82.72 -8.45
CA GLU B 3584 83.57 82.65 -7.90
C GLU B 3584 82.82 83.96 -8.06
N ASP B 3585 83.56 85.07 -8.20
CA ASP B 3585 82.92 86.37 -8.37
C ASP B 3585 82.21 86.48 -9.73
N ALA B 3586 82.79 85.84 -10.75
CA ALA B 3586 82.16 85.86 -12.06
C ALA B 3586 80.84 85.09 -12.08
N ASP B 3587 80.62 84.23 -11.09
CA ASP B 3587 79.40 83.43 -11.01
C ASP B 3587 78.29 84.27 -10.40
N ASP B 3588 77.56 84.98 -11.26
CA ASP B 3588 76.34 85.66 -10.87
C ASP B 3588 75.15 84.74 -11.08
N PRO B 3589 74.07 84.91 -10.32
CA PRO B 3589 72.95 83.96 -10.42
C PRO B 3589 72.34 83.86 -11.81
N GLU B 3590 72.28 84.95 -12.57
CA GLU B 3590 71.59 84.93 -13.84
C GLU B 3590 72.37 84.16 -14.90
N LYS B 3591 73.59 84.61 -15.20
CA LYS B 3591 74.33 84.06 -16.32
C LYS B 3591 74.60 82.57 -16.15
N ILE B 3592 74.51 82.07 -14.92
CA ILE B 3592 74.60 80.63 -14.70
C ILE B 3592 73.54 79.91 -15.52
N VAL B 3593 72.34 80.48 -15.59
CA VAL B 3593 71.25 79.89 -16.34
C VAL B 3593 71.66 79.74 -17.80
N ARG B 3594 72.25 80.79 -18.36
CA ARG B 3594 72.64 80.74 -19.77
C ARG B 3594 73.76 79.73 -19.97
N ARG B 3595 74.69 79.66 -19.02
CA ARG B 3595 75.77 78.67 -19.09
C ARG B 3595 75.19 77.28 -19.20
N VAL B 3596 74.26 76.98 -18.30
CA VAL B 3596 73.62 75.67 -18.31
C VAL B 3596 72.86 75.46 -19.62
N GLN B 3597 72.23 76.52 -20.12
CA GLN B 3597 71.46 76.38 -21.36
C GLN B 3597 72.36 75.95 -22.51
N GLU B 3598 73.44 76.69 -22.73
CA GLU B 3598 74.30 76.38 -23.87
C GLU B 3598 74.88 74.98 -23.72
N VAL B 3599 75.34 74.62 -22.53
CA VAL B 3599 75.96 73.32 -22.34
C VAL B 3599 74.94 72.22 -22.56
N SER B 3600 73.76 72.35 -21.95
CA SER B 3600 72.76 71.29 -22.09
C SER B 3600 72.29 71.15 -23.52
N ALA B 3601 72.19 72.27 -24.24
CA ALA B 3601 71.80 72.20 -25.64
C ALA B 3601 72.79 71.37 -26.44
N VAL B 3602 74.08 71.71 -26.31
CA VAL B 3602 75.05 70.99 -27.13
C VAL B 3602 75.13 69.54 -26.72
N LEU B 3603 74.97 69.24 -25.42
CA LEU B 3603 75.03 67.83 -24.99
C LEU B 3603 73.82 67.05 -25.46
N TYR B 3604 72.63 67.65 -25.45
CA TYR B 3604 71.45 66.88 -25.85
C TYR B 3604 71.55 66.54 -27.34
N HIS B 3605 71.92 67.52 -28.16
CA HIS B 3605 72.11 67.23 -29.58
C HIS B 3605 73.27 66.27 -29.80
N LEU B 3606 74.29 66.34 -28.95
CA LEU B 3606 75.38 65.37 -29.01
C LEU B 3606 74.87 63.97 -28.74
N GLU B 3607 73.96 63.85 -27.79
CA GLU B 3607 73.35 62.55 -27.50
C GLU B 3607 72.62 62.02 -28.74
N GLN B 3608 71.88 62.90 -29.42
CA GLN B 3608 71.27 62.48 -30.67
C GLN B 3608 72.31 62.03 -31.68
N THR B 3609 73.38 62.79 -31.84
CA THR B 3609 74.37 62.44 -32.86
C THR B 3609 75.08 61.14 -32.52
N GLU B 3610 75.25 60.83 -31.24
CA GLU B 3610 75.96 59.63 -30.84
C GLU B 3610 75.24 58.37 -31.29
N HIS B 3611 73.94 58.29 -31.03
CA HIS B 3611 73.15 57.08 -31.30
C HIS B 3611 71.72 57.48 -31.62
N PRO B 3612 71.37 57.62 -32.90
CA PRO B 3612 69.99 57.94 -33.27
C PRO B 3612 69.06 56.73 -33.38
N TYR B 3613 69.45 55.58 -32.83
CA TYR B 3613 68.69 54.33 -32.95
C TYR B 3613 68.47 53.95 -34.42
N LYS B 3614 69.50 54.17 -35.24
CA LYS B 3614 69.43 53.86 -36.67
C LYS B 3614 69.89 52.42 -36.88
N SER B 3615 68.97 51.57 -37.34
CA SER B 3615 69.29 50.17 -37.63
C SER B 3615 68.35 49.61 -38.69
N LEU B 3624 61.11 37.03 -47.07
CA LEU B 3624 60.76 36.96 -48.49
C LEU B 3624 61.11 35.59 -49.06
N SER B 3625 60.20 35.02 -49.85
CA SER B 3625 60.45 33.73 -50.48
C SER B 3625 61.52 33.87 -51.55
N LYS B 3626 62.17 32.75 -51.86
CA LYS B 3626 63.19 32.76 -52.91
C LYS B 3626 62.58 33.11 -54.27
N GLN B 3627 61.30 32.79 -54.48
CA GLN B 3627 60.65 33.14 -55.73
C GLN B 3627 60.55 34.65 -55.88
N ARG B 3628 60.39 35.39 -54.77
CA ARG B 3628 60.45 36.84 -54.83
C ARG B 3628 61.75 37.34 -55.41
N ARG B 3629 62.83 36.56 -55.30
CA ARG B 3629 64.07 36.87 -55.99
C ARG B 3629 63.91 36.64 -57.49
N ARG B 3630 63.42 35.46 -57.88
CA ARG B 3630 63.25 35.15 -59.29
C ARG B 3630 62.26 36.11 -59.96
N ALA B 3631 61.24 36.55 -59.22
CA ALA B 3631 60.30 37.53 -59.73
C ALA B 3631 60.99 38.81 -60.18
N VAL B 3632 62.10 39.20 -59.56
CA VAL B 3632 62.87 40.34 -60.05
C VAL B 3632 63.55 40.00 -61.37
N VAL B 3633 64.19 38.84 -61.44
CA VAL B 3633 64.76 38.39 -62.71
C VAL B 3633 63.66 38.24 -63.75
N ALA B 3634 62.51 37.73 -63.32
CA ALA B 3634 61.33 37.71 -64.19
C ALA B 3634 61.06 39.09 -64.76
N CYS B 3635 61.10 40.11 -63.90
CA CYS B 3635 60.83 41.48 -64.34
C CYS B 3635 61.75 41.90 -65.46
N PHE B 3636 62.93 41.31 -65.56
CA PHE B 3636 63.84 41.64 -66.65
C PHE B 3636 63.48 40.94 -67.95
N ARG B 3637 63.04 39.69 -67.90
CA ARG B 3637 62.85 38.91 -69.13
C ARG B 3637 61.39 38.64 -69.45
N MET B 3638 60.45 39.30 -68.78
CA MET B 3638 59.05 39.20 -69.19
C MET B 3638 58.91 39.63 -70.65
N THR B 3639 58.27 38.78 -71.44
CA THR B 3639 58.17 39.02 -72.86
C THR B 3639 56.92 39.83 -73.16
N PRO B 3640 57.04 41.00 -73.76
CA PRO B 3640 55.86 41.71 -74.24
C PRO B 3640 55.14 40.88 -75.29
N LEU B 3641 53.82 41.05 -75.34
CA LEU B 3641 53.01 40.26 -76.28
C LEU B 3641 53.48 40.47 -77.71
N TYR B 3642 54.01 41.64 -78.03
CA TYR B 3642 54.33 41.93 -79.42
C TYR B 3642 55.49 41.11 -79.94
N ASN B 3643 56.19 40.38 -79.07
CA ASN B 3643 57.24 39.47 -79.49
C ASN B 3643 56.75 38.04 -79.67
N LEU B 3644 55.58 37.70 -79.14
CA LEU B 3644 55.08 36.35 -79.24
C LEU B 3644 54.78 35.98 -80.68
N PRO B 3645 54.83 34.70 -81.00
CA PRO B 3645 54.27 34.24 -82.27
C PRO B 3645 52.76 34.42 -82.25
N THR B 3646 52.19 34.53 -83.45
CA THR B 3646 50.79 34.89 -83.53
C THR B 3646 49.89 33.83 -82.90
N HIS B 3647 50.20 32.55 -83.09
CA HIS B 3647 49.28 31.53 -82.58
C HIS B 3647 49.28 31.48 -81.06
N ARG B 3648 50.44 31.67 -80.42
CA ARG B 3648 50.47 31.62 -78.97
C ARG B 3648 49.92 32.88 -78.34
N ALA B 3649 49.65 33.90 -79.14
CA ALA B 3649 48.89 35.05 -78.66
C ALA B 3649 47.40 34.87 -78.91
N CYS B 3650 47.04 34.30 -80.06
CA CYS B 3650 45.64 34.01 -80.34
C CYS B 3650 45.06 33.00 -79.36
N ASN B 3651 45.88 32.13 -78.81
CA ASN B 3651 45.40 31.19 -77.81
C ASN B 3651 45.29 31.78 -76.43
N MET B 3652 46.09 32.79 -76.11
CA MET B 3652 45.89 33.54 -74.88
C MET B 3652 44.65 34.43 -74.97
N PHE B 3653 44.45 35.02 -76.13
CA PHE B 3653 43.30 35.88 -76.35
C PHE B 3653 42.01 35.10 -76.17
N LEU B 3654 41.98 33.86 -76.65
CA LEU B 3654 40.76 33.08 -76.53
C LEU B 3654 40.40 32.86 -75.06
N GLU B 3655 41.39 32.55 -74.24
CA GLU B 3655 41.12 32.33 -72.83
C GLU B 3655 40.67 33.63 -72.15
N SER B 3656 41.33 34.74 -72.45
CA SER B 3656 40.91 35.99 -71.84
C SER B 3656 39.52 36.39 -72.27
N TYR B 3657 39.20 36.23 -73.55
CA TYR B 3657 37.88 36.55 -74.05
C TYR B 3657 36.82 35.67 -73.41
N LYS B 3658 37.09 34.39 -73.29
CA LYS B 3658 36.14 33.49 -72.66
C LYS B 3658 35.93 33.82 -71.21
N ALA B 3659 37.00 34.19 -70.49
CA ALA B 3659 36.86 34.48 -69.07
C ALA B 3659 36.16 35.82 -68.84
N ALA B 3660 36.48 36.81 -69.67
CA ALA B 3660 36.04 38.17 -69.37
C ALA B 3660 34.75 38.51 -70.08
N TRP B 3661 34.52 37.96 -71.27
CA TRP B 3661 33.42 38.43 -72.10
C TRP B 3661 32.32 37.39 -72.25
N ILE B 3662 32.64 36.19 -72.73
CA ILE B 3662 31.60 35.21 -72.97
C ILE B 3662 30.99 34.75 -71.65
N LEU B 3663 31.84 34.40 -70.69
CA LEU B 3663 31.36 33.80 -69.45
C LEU B 3663 30.56 34.80 -68.63
N THR B 3664 31.06 36.03 -68.51
CA THR B 3664 30.36 37.01 -67.69
C THR B 3664 29.03 37.42 -68.30
N GLU B 3665 28.78 37.04 -69.55
CA GLU B 3665 27.50 37.33 -70.17
C GLU B 3665 26.42 36.46 -69.56
N ASP B 3666 25.29 37.08 -69.23
CA ASP B 3666 24.16 36.41 -68.61
C ASP B 3666 22.95 36.42 -69.54
N HIS B 3667 22.25 35.29 -69.61
CA HIS B 3667 21.07 35.17 -70.45
C HIS B 3667 20.05 34.31 -69.71
N SER B 3668 18.90 34.88 -69.43
CA SER B 3668 17.82 34.18 -68.76
C SER B 3668 16.98 33.50 -69.84
N PHE B 3669 17.13 32.19 -69.94
CA PHE B 3669 16.32 31.40 -70.85
C PHE B 3669 15.55 30.31 -70.14
N GLU B 3670 15.89 30.01 -68.89
CA GLU B 3670 15.21 28.94 -68.18
C GLU B 3670 13.74 29.24 -68.03
N ASP B 3671 13.40 30.48 -67.70
CA ASP B 3671 11.99 30.86 -67.57
C ASP B 3671 11.25 30.65 -68.87
N ARG B 3672 11.79 31.20 -69.96
CA ARG B 3672 11.13 31.08 -71.26
C ARG B 3672 11.05 29.63 -71.71
N MET B 3673 12.11 28.86 -71.48
CA MET B 3673 12.13 27.50 -71.96
C MET B 3673 11.14 26.63 -71.20
N ILE B 3674 11.11 26.76 -69.87
CA ILE B 3674 10.12 26.05 -69.08
C ILE B 3674 8.71 26.48 -69.41
N ASP B 3675 8.51 27.75 -69.75
CA ASP B 3675 7.18 28.20 -70.12
C ASP B 3675 6.77 27.73 -71.51
N ASP B 3676 7.73 27.44 -72.38
CA ASP B 3676 7.37 26.84 -73.67
C ASP B 3676 7.16 25.34 -73.55
N LEU B 3677 8.01 24.67 -72.75
CA LEU B 3677 7.84 23.24 -72.55
C LEU B 3677 6.56 22.92 -71.82
N SER B 3678 6.01 23.87 -71.06
CA SER B 3678 4.87 23.57 -70.21
C SER B 3678 3.56 23.60 -70.98
N LYS B 3679 3.42 24.50 -71.94
CA LYS B 3679 2.16 24.59 -72.66
C LYS B 3679 1.94 23.36 -73.53
N ALA B 3680 0.68 23.05 -73.77
CA ALA B 3680 0.28 21.95 -74.62
C ALA B 3680 -0.54 22.47 -75.79
N GLY B 3681 -0.66 21.64 -76.82
CA GLY B 3681 -1.43 22.02 -77.98
C GLY B 3681 -2.78 21.34 -78.00
N GLU B 3682 -3.76 21.97 -78.62
CA GLU B 3682 -5.12 21.44 -78.69
C GLU B 3682 -5.19 20.14 -79.48
N LYS B 3693 -5.03 13.07 -69.81
CA LYS B 3693 -4.60 13.44 -71.16
C LYS B 3693 -3.15 13.05 -71.38
N LYS B 3694 -2.65 13.28 -72.59
CA LYS B 3694 -1.26 12.95 -72.88
C LYS B 3694 -0.34 13.95 -72.19
N PRO B 3695 0.82 13.52 -71.70
CA PRO B 3695 1.74 14.45 -71.05
C PRO B 3695 2.20 15.55 -71.99
N ASP B 3696 2.35 16.75 -71.45
CA ASP B 3696 2.87 17.88 -72.20
C ASP B 3696 4.39 17.74 -72.34
N PRO B 3697 5.04 18.56 -73.16
CA PRO B 3697 6.47 18.35 -73.40
C PRO B 3697 7.31 18.32 -72.14
N LEU B 3698 7.03 19.17 -71.16
CA LEU B 3698 7.81 19.16 -69.94
C LEU B 3698 7.57 17.90 -69.12
N HIS B 3699 6.33 17.40 -69.12
CA HIS B 3699 6.04 16.19 -68.37
C HIS B 3699 6.60 14.95 -69.02
N GLN B 3700 7.02 15.03 -70.27
CA GLN B 3700 7.75 13.95 -70.91
C GLN B 3700 9.24 14.01 -70.62
N LEU B 3701 9.72 15.13 -70.11
CA LEU B 3701 11.10 15.27 -69.69
C LEU B 3701 11.30 14.70 -68.30
N VAL B 3702 10.39 15.05 -67.39
CA VAL B 3702 10.43 14.51 -66.03
C VAL B 3702 10.30 13.00 -66.07
N LEU B 3703 9.37 12.49 -66.87
CA LEU B 3703 9.19 11.06 -66.99
C LEU B 3703 10.43 10.37 -67.53
N HIS B 3704 11.10 10.99 -68.50
CA HIS B 3704 12.28 10.37 -69.07
C HIS B 3704 13.39 10.23 -68.05
N PHE B 3705 13.63 11.27 -67.26
CA PHE B 3705 14.64 11.18 -66.23
C PHE B 3705 14.22 10.29 -65.07
N SER B 3706 12.91 10.15 -64.84
CA SER B 3706 12.47 9.10 -63.94
C SER B 3706 12.83 7.72 -64.48
N ARG B 3707 12.70 7.54 -65.79
CA ARG B 3707 13.03 6.26 -66.41
C ARG B 3707 14.49 5.91 -66.22
N THR B 3708 15.38 6.86 -66.40
CA THR B 3708 16.81 6.60 -66.22
C THR B 3708 17.15 6.28 -64.78
N ALA B 3709 16.40 6.81 -63.82
CA ALA B 3709 16.65 6.57 -62.41
C ALA B 3709 16.17 5.20 -61.95
N LEU B 3710 15.06 4.71 -62.48
CA LEU B 3710 14.53 3.42 -62.09
C LEU B 3710 15.18 2.26 -62.83
N THR B 3711 16.02 2.53 -63.81
CA THR B 3711 16.69 1.45 -64.54
C THR B 3711 17.70 0.77 -63.64
N GLU B 3712 17.61 -0.56 -63.55
CA GLU B 3712 18.44 -1.33 -62.62
C GLU B 3712 19.86 -1.37 -63.15
N LYS B 3713 20.62 -0.34 -62.81
CA LYS B 3713 22.05 -0.29 -63.07
C LYS B 3713 22.78 -0.23 -61.75
N SER B 3714 23.97 -0.83 -61.70
CA SER B 3714 24.73 -0.87 -60.46
C SER B 3714 25.12 0.51 -59.95
N LYS B 3715 25.40 1.45 -60.84
CA LYS B 3715 25.85 2.78 -60.46
C LYS B 3715 25.28 3.80 -61.44
N LEU B 3716 24.89 4.97 -60.93
CA LEU B 3716 24.20 5.95 -61.74
C LEU B 3716 25.16 6.76 -62.58
N ASP B 3717 24.89 6.84 -63.87
CA ASP B 3717 25.87 7.37 -64.81
C ASP B 3717 25.88 8.90 -64.87
N GLU B 3718 26.98 9.42 -65.41
CA GLU B 3718 27.11 10.82 -65.79
C GLU B 3718 26.17 11.09 -66.95
N ASP B 3719 25.24 12.01 -66.75
CA ASP B 3719 24.41 12.55 -67.82
C ASP B 3719 24.45 14.06 -67.74
N TYR B 3720 25.22 14.68 -68.63
CA TYR B 3720 25.23 16.13 -68.66
C TYR B 3720 23.88 16.68 -69.04
N LEU B 3721 23.08 15.92 -69.78
CA LEU B 3721 21.74 16.38 -70.14
C LEU B 3721 20.89 16.56 -68.91
N TYR B 3722 20.86 15.55 -68.05
CA TYR B 3722 20.08 15.69 -66.82
C TYR B 3722 20.61 16.82 -65.96
N MET B 3723 21.93 16.95 -65.85
CA MET B 3723 22.49 17.99 -65.00
C MET B 3723 22.24 19.38 -65.56
N ALA B 3724 22.06 19.51 -66.87
CA ALA B 3724 21.72 20.80 -67.43
C ALA B 3724 20.25 21.11 -67.23
N TYR B 3725 19.39 20.13 -67.45
CA TYR B 3725 17.98 20.38 -67.31
C TYR B 3725 17.57 20.58 -65.87
N ALA B 3726 18.23 19.89 -64.94
CA ALA B 3726 17.95 20.11 -63.54
C ALA B 3726 18.28 21.54 -63.13
N ASP B 3727 19.38 22.08 -63.64
CA ASP B 3727 19.72 23.46 -63.37
C ASP B 3727 18.71 24.41 -64.00
N ILE B 3728 18.25 24.10 -65.22
CA ILE B 3728 17.22 24.93 -65.84
C ILE B 3728 15.97 24.98 -64.97
N MET B 3729 15.49 23.81 -64.56
CA MET B 3729 14.27 23.77 -63.76
C MET B 3729 14.47 24.43 -62.41
N ALA B 3730 15.67 24.28 -61.82
CA ALA B 3730 15.95 24.97 -60.57
C ALA B 3730 15.90 26.48 -60.74
N LYS B 3731 16.48 26.99 -61.82
CA LYS B 3731 16.43 28.43 -62.07
C LYS B 3731 14.99 28.89 -62.26
N SER B 3732 14.15 28.04 -62.86
CA SER B 3732 12.77 28.45 -63.13
C SER B 3732 12.02 28.78 -61.84
N CYS B 3733 12.18 27.96 -60.81
CA CYS B 3733 11.45 28.14 -59.58
C CYS B 3733 12.10 29.10 -58.61
N HIS B 3734 13.32 29.56 -58.89
CA HIS B 3734 14.01 30.47 -58.00
C HIS B 3734 13.35 31.85 -57.97
N LEU B 3735 12.89 32.31 -59.12
CA LEU B 3735 12.28 33.63 -59.22
C LEU B 3735 10.90 33.66 -58.58
N VAL B 3751 7.79 45.41 -48.89
CA VAL B 3751 7.64 44.57 -47.71
C VAL B 3751 6.18 44.48 -47.32
N SER B 3752 5.28 44.95 -48.18
CA SER B 3752 3.83 44.90 -47.92
C SER B 3752 3.30 43.51 -47.77
N PHE B 3753 2.17 43.39 -47.10
CA PHE B 3753 1.55 42.09 -46.96
C PHE B 3753 1.20 41.61 -48.33
N GLU B 3754 0.65 42.47 -49.20
CA GLU B 3754 0.24 41.95 -50.48
C GLU B 3754 1.51 41.51 -51.08
N GLU B 3755 2.51 42.37 -51.11
CA GLU B 3755 3.70 42.09 -51.90
C GLU B 3755 4.29 40.73 -51.53
N LYS B 3756 4.46 40.49 -50.23
CA LYS B 3756 5.02 39.22 -49.79
C LYS B 3756 4.13 38.05 -50.20
N GLU B 3757 2.83 38.21 -50.04
CA GLU B 3757 1.93 37.10 -50.36
C GLU B 3757 1.90 36.84 -51.87
N MET B 3758 1.98 37.89 -52.68
CA MET B 3758 2.05 37.66 -54.13
C MET B 3758 3.34 36.95 -54.50
N GLU B 3759 4.46 37.33 -53.87
CA GLU B 3759 5.71 36.62 -54.14
C GLU B 3759 5.60 35.15 -53.77
N LYS B 3760 4.99 34.86 -52.61
CA LYS B 3760 4.85 33.48 -52.18
C LYS B 3760 3.98 32.69 -53.15
N GLN B 3761 2.84 33.26 -53.54
CA GLN B 3761 1.93 32.55 -54.44
C GLN B 3761 2.59 32.34 -55.80
N ARG B 3762 3.34 33.33 -56.27
CA ARG B 3762 4.04 33.22 -57.54
C ARG B 3762 5.08 32.11 -57.50
N LEU B 3763 5.83 32.02 -56.40
CA LEU B 3763 6.77 30.93 -56.26
C LEU B 3763 6.06 29.58 -56.17
N LEU B 3764 4.91 29.54 -55.48
CA LEU B 3764 4.13 28.31 -55.42
C LEU B 3764 3.68 27.88 -56.81
N TYR B 3765 3.26 28.83 -57.64
CA TYR B 3765 2.88 28.49 -59.01
C TYR B 3765 4.06 27.97 -59.80
N GLN B 3766 5.22 28.60 -59.63
CA GLN B 3766 6.41 28.13 -60.35
C GLN B 3766 6.78 26.72 -59.94
N GLN B 3767 6.67 26.40 -58.65
CA GLN B 3767 6.90 25.03 -58.21
C GLN B 3767 5.79 24.10 -58.62
N SER B 3768 4.57 24.60 -58.80
CA SER B 3768 3.48 23.79 -59.30
C SER B 3768 3.68 23.38 -60.74
N ARG B 3769 4.36 24.21 -61.53
CA ARG B 3769 4.70 23.79 -62.88
C ARG B 3769 5.52 22.50 -62.86
N LEU B 3770 6.36 22.32 -61.85
CA LEU B 3770 7.22 21.15 -61.82
C LEU B 3770 6.58 19.97 -61.10
N HIS B 3771 6.13 20.19 -59.87
CA HIS B 3771 5.70 19.06 -59.05
C HIS B 3771 4.34 18.52 -59.46
N THR B 3772 3.62 19.21 -60.34
CA THR B 3772 2.44 18.62 -60.95
C THR B 3772 2.80 17.79 -62.18
N ARG B 3773 4.09 17.64 -62.46
CA ARG B 3773 4.55 16.84 -63.59
C ARG B 3773 5.56 15.79 -63.18
N GLY B 3774 5.68 15.50 -61.88
CA GLY B 3774 6.47 14.40 -61.39
C GLY B 3774 7.86 14.75 -60.89
N ALA B 3775 8.17 16.02 -60.71
CA ALA B 3775 9.55 16.40 -60.38
C ALA B 3775 9.98 15.82 -59.03
N ALA B 3776 9.09 15.82 -58.04
CA ALA B 3776 9.45 15.35 -56.72
C ALA B 3776 9.85 13.89 -56.74
N GLU B 3777 9.07 13.07 -57.45
CA GLU B 3777 9.41 11.66 -57.57
C GLU B 3777 10.73 11.47 -58.29
N MET B 3778 11.00 12.28 -59.32
CA MET B 3778 12.30 12.20 -59.97
C MET B 3778 13.42 12.48 -58.99
N VAL B 3779 13.25 13.50 -58.15
CA VAL B 3779 14.32 13.88 -57.22
C VAL B 3779 14.60 12.74 -56.26
N LEU B 3780 13.53 12.17 -55.69
CA LEU B 3780 13.73 11.04 -54.80
C LEU B 3780 14.37 9.86 -55.52
N GLN B 3781 13.93 9.59 -56.74
CA GLN B 3781 14.48 8.47 -57.48
C GLN B 3781 15.96 8.62 -57.75
N MET B 3782 16.39 9.82 -58.14
CA MET B 3782 17.79 9.98 -58.48
C MET B 3782 18.67 10.00 -57.25
N ILE B 3783 18.19 10.59 -56.15
CA ILE B 3783 18.94 10.48 -54.91
C ILE B 3783 19.10 9.02 -54.52
N SER B 3784 18.04 8.23 -54.68
CA SER B 3784 18.14 6.79 -54.40
C SER B 3784 19.08 6.09 -55.35
N ALA B 3785 19.07 6.46 -56.63
CA ALA B 3785 19.84 5.76 -57.65
C ALA B 3785 21.33 6.09 -57.59
N CYS B 3786 21.69 7.25 -57.05
CA CYS B 3786 23.11 7.55 -56.91
C CYS B 3786 23.78 6.59 -55.94
N LYS B 3787 23.00 5.95 -55.07
CA LYS B 3787 23.50 4.95 -54.13
C LYS B 3787 24.61 5.51 -53.25
N GLY B 3788 24.46 6.75 -52.82
CA GLY B 3788 25.41 7.33 -51.90
C GLY B 3788 26.78 7.61 -52.46
N GLU B 3789 26.86 8.12 -53.69
CA GLU B 3789 28.13 8.56 -54.26
C GLU B 3789 28.07 10.06 -54.47
N THR B 3790 29.01 10.77 -53.86
CA THR B 3790 29.11 12.20 -54.07
C THR B 3790 29.49 12.48 -55.52
N GLY B 3791 29.01 13.60 -56.03
CA GLY B 3791 29.32 13.95 -57.40
C GLY B 3791 28.48 15.15 -57.83
N ALA B 3792 28.32 15.29 -59.13
CA ALA B 3792 27.58 16.39 -59.71
C ALA B 3792 26.11 16.08 -59.92
N MET B 3793 25.79 14.83 -60.23
CA MET B 3793 24.39 14.44 -60.40
C MET B 3793 23.62 14.63 -59.11
N VAL B 3794 24.21 14.23 -57.98
CA VAL B 3794 23.55 14.39 -56.70
C VAL B 3794 23.40 15.86 -56.35
N SER B 3795 24.42 16.67 -56.65
CA SER B 3795 24.34 18.09 -56.35
C SER B 3795 23.22 18.74 -57.13
N SER B 3796 23.11 18.42 -58.42
CA SER B 3796 22.03 18.98 -59.23
C SER B 3796 20.68 18.52 -58.72
N THR B 3797 20.56 17.25 -58.36
CA THR B 3797 19.29 16.74 -57.85
C THR B 3797 18.90 17.42 -56.54
N LEU B 3798 19.86 17.60 -55.64
CA LEU B 3798 19.58 18.25 -54.37
C LEU B 3798 19.18 19.71 -54.58
N LYS B 3799 19.87 20.39 -55.50
CA LYS B 3799 19.51 21.78 -55.76
C LYS B 3799 18.11 21.88 -56.35
N LEU B 3800 17.74 20.91 -57.19
CA LEU B 3800 16.37 20.88 -57.71
C LEU B 3800 15.36 20.65 -56.60
N GLY B 3801 15.67 19.72 -55.69
CA GLY B 3801 14.76 19.48 -54.58
C GLY B 3801 14.58 20.70 -53.70
N ILE B 3802 15.68 21.39 -53.42
CA ILE B 3802 15.60 22.63 -52.67
C ILE B 3802 14.76 23.66 -53.42
N SER B 3803 14.96 23.75 -54.74
CA SER B 3803 14.23 24.74 -55.52
C SER B 3803 12.74 24.50 -55.46
N ILE B 3804 12.30 23.24 -55.54
CA ILE B 3804 10.87 22.98 -55.52
C ILE B 3804 10.32 22.90 -54.11
N LEU B 3805 11.16 22.84 -53.09
CA LEU B 3805 10.67 22.78 -51.71
C LEU B 3805 10.81 24.09 -50.95
N ASN B 3806 11.36 25.14 -51.56
CA ASN B 3806 11.56 26.39 -50.84
C ASN B 3806 10.25 26.90 -50.27
N GLY B 3807 10.31 27.38 -49.04
CA GLY B 3807 9.11 27.81 -48.35
C GLY B 3807 8.29 26.70 -47.76
N GLY B 3808 8.77 25.46 -47.85
CA GLY B 3808 8.01 24.34 -47.32
C GLY B 3808 6.75 24.09 -48.09
N ASN B 3809 6.90 23.70 -49.36
CA ASN B 3809 5.73 23.47 -50.21
C ASN B 3809 5.01 22.22 -49.75
N ALA B 3810 3.86 22.41 -49.08
CA ALA B 3810 3.17 21.28 -48.45
C ALA B 3810 2.78 20.23 -49.48
N GLU B 3811 2.38 20.66 -50.68
CA GLU B 3811 2.03 19.70 -51.72
C GLU B 3811 3.22 18.84 -52.10
N VAL B 3812 4.39 19.47 -52.27
CA VAL B 3812 5.57 18.72 -52.68
C VAL B 3812 5.99 17.76 -51.59
N GLN B 3813 5.97 18.21 -50.33
CA GLN B 3813 6.30 17.33 -49.23
C GLN B 3813 5.35 16.15 -49.15
N GLN B 3814 4.05 16.39 -49.30
CA GLN B 3814 3.09 15.31 -49.26
C GLN B 3814 3.31 14.31 -50.38
N LYS B 3815 3.60 14.81 -51.58
CA LYS B 3815 3.89 13.92 -52.70
C LYS B 3815 5.12 13.07 -52.43
N MET B 3816 6.18 13.69 -51.92
CA MET B 3816 7.41 12.95 -51.64
C MET B 3816 7.17 11.87 -50.59
N LEU B 3817 6.46 12.24 -49.52
CA LEU B 3817 6.19 11.27 -48.46
C LEU B 3817 5.35 10.11 -48.98
N ASP B 3818 4.32 10.42 -49.78
CA ASP B 3818 3.49 9.35 -50.32
C ASP B 3818 4.31 8.43 -51.21
N TYR B 3819 5.19 8.99 -52.02
CA TYR B 3819 6.03 8.17 -52.88
C TYR B 3819 6.91 7.24 -52.07
N LEU B 3820 7.61 7.79 -51.08
CA LEU B 3820 8.49 6.96 -50.25
C LEU B 3820 7.69 5.89 -49.53
N LYS B 3821 6.49 6.21 -49.07
CA LYS B 3821 5.72 5.24 -48.31
C LYS B 3821 5.18 4.13 -49.19
N ASP B 3822 4.70 4.44 -50.39
CA ASP B 3822 4.13 3.38 -51.20
C ASP B 3822 5.20 2.52 -51.86
N LYS B 3823 6.34 3.11 -52.22
CA LYS B 3823 7.40 2.28 -52.79
C LYS B 3823 8.15 1.48 -51.75
N LYS B 3824 8.08 1.88 -50.48
CA LYS B 3824 8.73 1.17 -49.38
C LYS B 3824 10.18 0.82 -49.69
N GLU B 3825 10.85 1.69 -50.45
CA GLU B 3825 12.23 1.47 -50.79
C GLU B 3825 13.12 1.92 -49.64
N VAL B 3826 14.16 1.14 -49.37
CA VAL B 3826 15.14 1.49 -48.35
C VAL B 3826 16.32 2.22 -48.95
N GLY B 3827 16.32 2.44 -50.27
CA GLY B 3827 17.44 3.05 -50.94
C GLY B 3827 17.65 4.51 -50.60
N PHE B 3828 16.54 5.25 -50.46
CA PHE B 3828 16.63 6.69 -50.27
C PHE B 3828 17.39 7.04 -49.00
N PHE B 3829 16.96 6.47 -47.87
CA PHE B 3829 17.60 6.76 -46.61
C PHE B 3829 18.92 6.03 -46.45
N GLN B 3830 19.16 4.98 -47.23
CA GLN B 3830 20.45 4.31 -47.25
C GLN B 3830 21.45 5.06 -48.10
N SER B 3831 21.00 6.03 -48.90
CA SER B 3831 21.88 6.89 -49.68
C SER B 3831 22.10 8.24 -49.04
N ILE B 3832 21.08 8.80 -48.39
CA ILE B 3832 21.27 10.03 -47.63
C ILE B 3832 22.30 9.82 -46.53
N GLN B 3833 22.20 8.68 -45.85
CA GLN B 3833 23.14 8.37 -44.78
C GLN B 3833 24.56 8.29 -45.32
N ALA B 3834 24.74 7.63 -46.47
CA ALA B 3834 26.06 7.51 -47.06
C ALA B 3834 26.60 8.88 -47.45
N LEU B 3835 25.74 9.73 -48.03
CA LEU B 3835 26.19 11.06 -48.37
C LEU B 3835 26.65 11.83 -47.15
N MET B 3836 25.91 11.74 -46.05
CA MET B 3836 26.26 12.53 -44.87
C MET B 3836 27.51 11.96 -44.20
N GLN B 3837 27.75 10.67 -44.37
CA GLN B 3837 29.01 10.12 -43.89
C GLN B 3837 30.18 10.61 -44.74
N THR B 3838 29.98 10.76 -46.05
CA THR B 3838 31.07 11.23 -46.91
C THR B 3838 31.28 12.73 -46.84
N CYS B 3839 30.37 13.47 -46.20
CA CYS B 3839 30.51 14.92 -46.11
C CYS B 3839 31.80 15.27 -45.38
N SER B 3840 32.58 16.16 -45.98
CA SER B 3840 33.87 16.52 -45.41
C SER B 3840 33.69 17.42 -44.20
N VAL B 3841 34.67 17.37 -43.32
CA VAL B 3841 34.68 18.15 -42.09
C VAL B 3841 35.96 18.97 -42.07
N LEU B 3842 35.96 20.02 -41.26
CA LEU B 3842 37.08 20.93 -41.19
C LEU B 3842 38.36 20.18 -40.85
N ASP B 3843 39.46 20.56 -41.49
CA ASP B 3843 40.73 19.88 -41.32
C ASP B 3843 41.83 20.88 -41.02
N LEU B 3844 42.86 20.40 -40.33
CA LEU B 3844 44.09 21.16 -40.21
C LEU B 3844 45.14 20.70 -41.19
N ASN B 3845 45.32 19.40 -41.35
CA ASN B 3845 46.40 18.88 -42.17
C ASN B 3845 46.37 19.49 -43.56
N ALA B 3846 45.24 19.33 -44.27
CA ALA B 3846 45.13 19.93 -45.59
C ALA B 3846 45.33 21.44 -45.53
N PHE B 3847 44.86 22.07 -44.46
CA PHE B 3847 45.10 23.49 -44.27
C PHE B 3847 46.59 23.78 -44.16
N GLU B 3848 47.32 22.99 -43.36
CA GLU B 3848 48.75 23.21 -43.23
C GLU B 3848 49.44 23.06 -44.57
N ARG B 3849 49.07 22.03 -45.31
CA ARG B 3849 49.70 21.76 -46.60
C ARG B 3849 49.44 22.88 -47.59
N GLN B 3850 48.23 23.39 -47.66
CA GLN B 3850 47.98 24.44 -48.63
C GLN B 3850 48.60 25.75 -48.16
N ASN B 3851 48.74 25.94 -46.85
CA ASN B 3851 49.50 27.05 -46.34
C ASN B 3851 50.90 27.05 -46.93
N LYS B 3852 51.60 25.92 -46.80
CA LYS B 3852 52.94 25.82 -47.34
C LYS B 3852 52.94 25.91 -48.87
N ALA B 3853 51.91 25.34 -49.51
CA ALA B 3853 51.85 25.36 -50.97
C ALA B 3853 51.76 26.79 -51.49
N GLU B 3854 50.99 27.65 -50.83
CA GLU B 3854 51.06 29.07 -51.18
C GLU B 3854 52.40 29.65 -50.79
N GLY B 3855 53.00 29.16 -49.71
CA GLY B 3855 54.31 29.64 -49.31
C GLY B 3855 55.36 29.38 -50.37
N LEU B 3856 55.12 28.43 -51.26
CA LEU B 3856 56.05 28.19 -52.37
C LEU B 3856 56.15 29.42 -53.26
N GLY B 3857 55.01 29.94 -53.72
CA GLY B 3857 54.99 31.16 -54.48
C GLY B 3857 53.89 31.18 -55.51
N MET B 3858 54.02 32.13 -56.44
CA MET B 3858 52.99 32.47 -57.41
C MET B 3858 53.49 32.38 -58.85
N VAL B 3859 54.81 32.40 -59.06
CA VAL B 3859 55.37 32.59 -60.39
C VAL B 3859 55.72 31.24 -60.99
N ASN B 3860 55.54 31.12 -62.30
CA ASN B 3860 55.98 29.96 -63.06
C ASN B 3860 56.61 30.42 -64.37
N GLU B 3861 57.41 29.54 -64.97
CA GLU B 3861 57.99 29.83 -66.28
C GLU B 3861 56.89 29.82 -67.33
N ASP B 3862 56.49 31.00 -67.79
CA ASP B 3862 55.39 31.16 -68.74
C ASP B 3862 54.10 30.51 -68.22
N GLY B 3863 53.87 30.66 -66.92
CA GLY B 3863 52.69 30.10 -66.29
C GLY B 3863 52.37 30.82 -64.99
N THR B 3864 51.14 30.67 -64.54
CA THR B 3864 50.67 31.24 -63.27
C THR B 3864 50.02 30.13 -62.47
N VAL B 3865 50.32 30.10 -61.16
CA VAL B 3865 49.75 29.10 -60.27
C VAL B 3865 48.24 29.31 -60.17
N ILE B 3866 47.51 28.20 -60.02
CA ILE B 3866 46.07 28.25 -59.81
C ILE B 3866 45.73 29.05 -58.55
N GLU B 3872 40.89 24.32 -53.89
CA GLU B 3872 40.93 24.22 -52.44
C GLU B 3872 40.67 22.79 -51.99
N LYS B 3873 41.40 22.35 -50.96
CA LYS B 3873 41.23 21.01 -50.43
C LYS B 3873 40.84 21.02 -48.96
N VAL B 3874 40.42 22.15 -48.41
CA VAL B 3874 39.90 22.22 -47.05
C VAL B 3874 38.46 22.69 -47.16
N MET B 3875 37.55 21.98 -46.49
CA MET B 3875 36.13 22.28 -46.52
C MET B 3875 35.63 22.37 -47.96
N ALA B 3876 36.11 21.43 -48.77
CA ALA B 3876 35.91 21.50 -50.21
C ALA B 3876 34.45 21.40 -50.61
N ASP B 3877 33.67 20.56 -49.95
CA ASP B 3877 32.28 20.33 -50.31
C ASP B 3877 31.32 21.07 -49.40
N ASP B 3878 31.68 22.28 -48.99
CA ASP B 3878 30.80 23.06 -48.12
C ASP B 3878 29.46 23.34 -48.78
N GLU B 3879 29.49 23.66 -50.07
CA GLU B 3879 28.24 23.94 -50.78
C GLU B 3879 27.35 22.72 -50.80
N PHE B 3880 27.92 21.55 -51.07
CA PHE B 3880 27.12 20.33 -51.12
C PHE B 3880 26.55 19.98 -49.75
N THR B 3881 27.35 20.13 -48.69
CA THR B 3881 26.86 19.82 -47.36
C THR B 3881 25.73 20.76 -46.96
N GLN B 3882 25.91 22.06 -47.24
CA GLN B 3882 24.84 23.01 -46.97
C GLN B 3882 23.59 22.65 -47.74
N ASP B 3883 23.74 22.27 -49.01
CA ASP B 3883 22.57 21.92 -49.82
C ASP B 3883 21.87 20.68 -49.27
N LEU B 3884 22.64 19.69 -48.84
CA LEU B 3884 22.03 18.46 -48.35
C LEU B 3884 21.24 18.71 -47.08
N PHE B 3885 21.81 19.46 -46.14
CA PHE B 3885 21.07 19.70 -44.90
C PHE B 3885 19.95 20.70 -45.11
N ARG B 3886 20.09 21.62 -46.06
CA ARG B 3886 18.97 22.46 -46.45
C ARG B 3886 17.84 21.63 -47.02
N PHE B 3887 18.18 20.60 -47.79
CA PHE B 3887 17.16 19.70 -48.33
C PHE B 3887 16.40 19.01 -47.21
N LEU B 3888 17.11 18.45 -46.23
CA LEU B 3888 16.42 17.77 -45.14
C LEU B 3888 15.56 18.74 -44.34
N GLN B 3889 16.09 19.94 -44.06
CA GLN B 3889 15.31 20.93 -43.34
C GLN B 3889 14.05 21.30 -44.11
N LEU B 3890 14.16 21.49 -45.42
CA LEU B 3890 13.00 21.82 -46.22
C LEU B 3890 12.01 20.67 -46.24
N LEU B 3891 12.49 19.44 -46.14
CA LEU B 3891 11.59 18.30 -46.03
C LEU B 3891 10.76 18.39 -44.76
N CYS B 3892 11.29 18.83 -43.64
CA CYS B 3892 10.43 18.96 -42.47
C CYS B 3892 9.95 20.35 -42.08
N GLU B 3893 10.00 21.31 -42.99
CA GLU B 3893 9.55 22.65 -42.70
C GLU B 3893 8.08 22.63 -42.69
N GLY B 3894 7.49 23.62 -42.06
CA GLY B 3894 6.06 23.65 -41.96
C GLY B 3894 5.60 22.74 -40.86
N HIS B 3895 6.52 22.31 -40.06
CA HIS B 3895 6.17 21.52 -38.93
C HIS B 3895 5.40 20.23 -39.23
N ASN B 3896 5.74 19.53 -40.31
CA ASN B 3896 5.13 18.25 -40.62
C ASN B 3896 5.48 17.20 -39.59
N ASN B 3897 4.51 16.52 -39.00
CA ASN B 3897 4.77 15.43 -38.07
C ASN B 3897 5.12 14.15 -38.81
N ASP B 3898 4.49 13.93 -39.96
CA ASP B 3898 4.74 12.70 -40.70
C ASP B 3898 6.18 12.59 -41.16
N PHE B 3899 6.75 13.68 -41.68
CA PHE B 3899 8.15 13.66 -42.06
C PHE B 3899 9.06 13.60 -40.84
N GLN B 3900 8.76 14.39 -39.82
CA GLN B 3900 9.60 14.40 -38.63
C GLN B 3900 9.64 13.03 -37.97
N ASN B 3901 8.63 12.20 -38.22
CA ASN B 3901 8.64 10.85 -37.68
C ASN B 3901 9.19 9.84 -38.68
N TYR B 3902 8.97 10.06 -39.97
CA TYR B 3902 9.52 9.16 -40.98
C TYR B 3902 11.04 9.21 -40.97
N LEU B 3903 11.61 10.40 -40.83
CA LEU B 3903 13.07 10.52 -40.77
C LEU B 3903 13.62 9.71 -39.61
N ARG B 3904 12.86 9.61 -38.52
CA ARG B 3904 13.35 8.88 -37.38
C ARG B 3904 13.18 7.38 -37.55
N THR B 3905 11.98 6.94 -37.93
CA THR B 3905 11.72 5.52 -38.17
C THR B 3905 10.99 5.39 -39.48
N GLN B 3906 11.39 4.40 -40.27
CA GLN B 3906 10.77 4.15 -41.57
C GLN B 3906 9.93 2.88 -41.42
N THR B 3907 8.71 3.07 -40.96
CA THR B 3907 7.81 1.93 -40.77
C THR B 3907 7.40 1.35 -42.10
N GLY B 3908 7.24 0.04 -42.14
CA GLY B 3908 6.92 -0.64 -43.37
C GLY B 3908 8.15 -1.12 -44.08
N ASN B 3909 9.17 -0.27 -44.17
CA ASN B 3909 10.42 -0.67 -44.79
C ASN B 3909 11.06 -1.79 -43.98
N THR B 3910 11.83 -2.63 -44.67
CA THR B 3910 12.46 -3.75 -44.00
C THR B 3910 13.42 -3.29 -42.92
N THR B 3911 14.21 -2.26 -43.19
CA THR B 3911 15.11 -1.69 -42.21
C THR B 3911 14.89 -0.19 -42.14
N THR B 3912 15.21 0.39 -40.99
CA THR B 3912 14.99 1.79 -40.73
C THR B 3912 16.32 2.49 -40.53
N ILE B 3913 16.41 3.72 -41.05
CA ILE B 3913 17.60 4.55 -40.89
C ILE B 3913 17.17 5.82 -40.19
N ASN B 3914 17.75 6.07 -39.03
CA ASN B 3914 17.41 7.25 -38.22
C ASN B 3914 18.28 8.40 -38.71
N ILE B 3915 17.69 9.28 -39.53
CA ILE B 3915 18.45 10.40 -40.06
C ILE B 3915 18.80 11.42 -38.99
N ILE B 3916 17.96 11.58 -37.97
CA ILE B 3916 18.20 12.62 -36.98
C ILE B 3916 19.49 12.34 -36.22
N ILE B 3917 19.66 11.11 -35.72
CA ILE B 3917 20.90 10.79 -35.01
C ILE B 3917 22.08 10.81 -35.95
N CYS B 3918 21.86 10.57 -37.24
CA CYS B 3918 22.97 10.71 -38.19
C CYS B 3918 23.38 12.17 -38.33
N THR B 3919 22.42 13.10 -38.33
CA THR B 3919 22.77 14.52 -38.33
C THR B 3919 23.54 14.88 -37.08
N VAL B 3920 23.10 14.38 -35.93
CA VAL B 3920 23.84 14.64 -34.70
C VAL B 3920 25.23 14.06 -34.76
N ASP B 3921 25.39 12.84 -35.27
CA ASP B 3921 26.71 12.25 -35.39
C ASP B 3921 27.62 13.04 -36.30
N TYR B 3922 27.10 13.57 -37.40
CA TYR B 3922 27.92 14.47 -38.22
C TYR B 3922 28.29 15.72 -37.45
N LEU B 3923 27.34 16.26 -36.70
CA LEU B 3923 27.63 17.47 -35.94
C LEU B 3923 28.75 17.25 -34.95
N LEU B 3924 28.93 16.03 -34.46
CA LEU B 3924 29.99 15.81 -33.50
C LEU B 3924 31.36 15.86 -34.17
N ARG B 3925 31.47 15.29 -35.37
CA ARG B 3925 32.65 15.45 -36.21
C ARG B 3925 32.94 16.93 -36.36
N LEU B 3926 31.86 17.67 -36.66
CA LEU B 3926 32.00 19.08 -36.92
C LEU B 3926 32.54 19.83 -35.71
N GLN B 3927 32.04 19.53 -34.53
CA GLN B 3927 32.52 20.27 -33.36
C GLN B 3927 33.94 19.85 -33.02
N GLU B 3928 34.29 18.59 -33.28
CA GLU B 3928 35.65 18.16 -33.08
C GLU B 3928 36.60 19.02 -33.91
N SER B 3929 36.32 19.14 -35.20
CA SER B 3929 37.19 19.90 -36.08
C SER B 3929 37.20 21.37 -35.71
N ILE B 3930 36.04 21.91 -35.33
CA ILE B 3930 35.99 23.32 -34.95
C ILE B 3930 36.83 23.58 -33.73
N SER B 3931 36.75 22.71 -32.72
CA SER B 3931 37.65 22.83 -31.58
C SER B 3931 39.10 22.67 -31.98
N ASP B 3932 39.37 21.93 -33.04
CA ASP B 3932 40.74 21.75 -33.48
C ASP B 3932 41.31 23.05 -34.04
N PHE B 3933 40.55 23.82 -34.82
CA PHE B 3933 41.10 25.14 -35.12
C PHE B 3933 41.32 26.01 -33.91
N TYR B 3934 40.33 26.13 -33.00
CA TYR B 3934 40.56 27.00 -31.87
C TYR B 3934 41.85 26.63 -31.16
N TRP B 3935 42.07 25.33 -30.97
CA TRP B 3935 43.33 24.93 -30.33
C TRP B 3935 44.52 25.28 -31.18
N TYR B 3936 44.40 25.13 -32.50
CA TYR B 3936 45.51 25.48 -33.38
C TYR B 3936 45.87 26.96 -33.26
N TYR B 3937 44.87 27.81 -33.08
CA TYR B 3937 45.05 29.25 -33.11
C TYR B 3937 45.17 29.87 -31.73
N SER B 3938 45.07 29.07 -30.66
CA SER B 3938 45.05 29.65 -29.32
C SER B 3938 46.35 30.35 -28.99
N GLY B 3939 47.43 30.02 -29.70
CA GLY B 3939 48.69 30.69 -29.47
C GLY B 3939 48.84 31.89 -30.38
N LYS B 3940 48.51 31.72 -31.65
CA LYS B 3940 48.63 32.79 -32.64
C LYS B 3940 47.71 33.94 -32.24
N ASP B 3941 48.31 35.09 -31.94
CA ASP B 3941 47.55 36.20 -31.40
C ASP B 3941 46.46 36.68 -32.36
N VAL B 3942 46.75 36.73 -33.65
CA VAL B 3942 45.78 37.14 -34.66
C VAL B 3942 45.52 35.98 -35.60
N ILE B 3943 44.24 35.71 -35.87
CA ILE B 3943 43.90 34.75 -36.90
C ILE B 3943 44.09 35.40 -38.26
N GLU B 3944 44.98 34.82 -39.05
CA GLU B 3944 45.26 35.36 -40.37
C GLU B 3944 44.09 35.09 -41.31
N GLU B 3945 44.22 35.56 -42.55
CA GLU B 3945 43.08 35.61 -43.46
C GLU B 3945 42.58 34.23 -43.82
N GLN B 3946 43.50 33.29 -44.09
CA GLN B 3946 43.10 31.95 -44.48
C GLN B 3946 42.24 31.31 -43.39
N GLY B 3947 42.67 31.49 -42.13
CA GLY B 3947 41.87 31.00 -41.03
C GLY B 3947 40.49 31.63 -41.00
N LYS B 3948 40.40 32.91 -41.34
CA LYS B 3948 39.09 33.57 -41.36
C LYS B 3948 38.18 32.91 -42.39
N ARG B 3949 38.68 32.68 -43.59
CA ARG B 3949 37.86 32.05 -44.63
C ARG B 3949 37.39 30.68 -44.19
N ASN B 3950 38.33 29.83 -43.78
CA ASN B 3950 37.96 28.45 -43.49
C ASN B 3950 37.05 28.35 -42.28
N PHE B 3951 37.31 29.18 -41.26
CA PHE B 3951 36.47 29.15 -40.08
C PHE B 3951 35.07 29.67 -40.40
N SER B 3952 34.97 30.67 -41.27
CA SER B 3952 33.65 31.14 -41.69
C SER B 3952 32.89 30.06 -42.45
N LYS B 3953 33.59 29.31 -43.31
CA LYS B 3953 32.94 28.23 -44.05
C LYS B 3953 32.40 27.18 -43.09
N ALA B 3954 33.22 26.77 -42.12
CA ALA B 3954 32.76 25.82 -41.12
C ALA B 3954 31.57 26.37 -40.36
N MET B 3955 31.53 27.68 -40.16
CA MET B 3955 30.45 28.26 -39.38
C MET B 3955 29.15 28.26 -40.18
N SER B 3956 29.23 28.52 -41.48
CA SER B 3956 28.03 28.44 -42.31
C SER B 3956 27.47 27.03 -42.31
N VAL B 3957 28.35 26.03 -42.43
CA VAL B 3957 27.87 24.66 -42.39
C VAL B 3957 27.26 24.34 -41.04
N ALA B 3958 27.87 24.82 -39.96
CA ALA B 3958 27.32 24.59 -38.63
C ALA B 3958 25.98 25.28 -38.44
N LYS B 3959 25.81 26.48 -38.98
CA LYS B 3959 24.52 27.14 -38.93
C LYS B 3959 23.47 26.28 -39.62
N GLN B 3960 23.78 25.75 -40.79
CA GLN B 3960 22.80 24.94 -41.49
C GLN B 3960 22.47 23.66 -40.73
N VAL B 3961 23.47 23.01 -40.13
CA VAL B 3961 23.19 21.79 -39.39
C VAL B 3961 22.33 22.10 -38.17
N PHE B 3962 22.63 23.17 -37.46
CA PHE B 3962 21.81 23.56 -36.33
C PHE B 3962 20.38 23.87 -36.74
N ASN B 3963 20.19 24.59 -37.84
CA ASN B 3963 18.84 24.85 -38.33
C ASN B 3963 18.12 23.57 -38.73
N SER B 3964 18.82 22.60 -39.32
CA SER B 3964 18.19 21.35 -39.69
C SER B 3964 17.71 20.60 -38.45
N LEU B 3965 18.48 20.67 -37.39
CA LEU B 3965 18.08 19.99 -36.19
C LEU B 3965 16.91 20.71 -35.58
N THR B 3966 16.83 22.01 -35.69
CA THR B 3966 15.67 22.67 -35.16
C THR B 3966 14.47 22.22 -35.90
N GLU B 3967 14.48 22.24 -37.22
CA GLU B 3967 13.27 21.89 -37.90
C GLU B 3967 12.81 20.49 -37.61
N TYR B 3968 13.73 19.58 -37.40
CA TYR B 3968 13.36 18.24 -37.06
C TYR B 3968 12.55 18.21 -35.79
N ILE B 3969 12.88 19.02 -34.79
CA ILE B 3969 12.17 19.07 -33.54
C ILE B 3969 11.35 20.27 -33.20
N GLN B 3970 11.20 21.23 -34.11
CA GLN B 3970 10.52 22.49 -33.80
C GLN B 3970 9.10 22.38 -33.54
N GLY B 3971 8.47 21.50 -34.26
CA GLY B 3971 7.07 21.31 -34.03
C GLY B 3971 7.26 20.46 -32.82
N PRO B 3972 6.27 20.45 -31.91
CA PRO B 3972 6.65 19.63 -30.78
C PRO B 3972 6.64 18.14 -31.06
N CYS B 3973 7.47 17.63 -31.97
CA CYS B 3973 7.59 16.20 -32.18
C CYS B 3973 8.26 15.55 -31.02
N THR B 3974 7.51 14.95 -30.12
CA THR B 3974 8.10 14.41 -28.91
C THR B 3974 9.11 13.32 -29.24
N GLY B 3975 8.78 12.46 -30.21
CA GLY B 3975 9.68 11.37 -30.53
C GLY B 3975 11.06 11.86 -30.91
N ASN B 3976 11.13 12.87 -31.78
CA ASN B 3976 12.43 13.44 -32.13
C ASN B 3976 13.05 14.16 -30.95
N GLN B 3977 12.25 14.74 -30.06
CA GLN B 3977 12.81 15.46 -28.93
C GLN B 3977 13.60 14.53 -28.02
N GLN B 3978 12.98 13.43 -27.59
CA GLN B 3978 13.75 12.51 -26.74
C GLN B 3978 14.74 11.69 -27.55
N SER B 3979 14.52 11.52 -28.86
CA SER B 3979 15.55 10.90 -29.67
C SER B 3979 16.82 11.73 -29.65
N LEU B 3980 16.68 13.04 -29.73
CA LEU B 3980 17.82 13.94 -29.58
C LEU B 3980 18.35 13.91 -28.16
N ALA B 3981 17.47 13.90 -27.17
CA ALA B 3981 17.90 13.97 -25.78
C ALA B 3981 18.79 12.78 -25.42
N HIS B 3982 18.40 11.59 -25.85
CA HIS B 3982 19.27 10.44 -25.61
C HIS B 3982 20.48 10.42 -26.54
N SER B 3983 20.33 10.96 -27.75
CA SER B 3983 21.45 11.04 -28.66
C SER B 3983 22.58 11.83 -28.04
N ARG B 3984 23.78 11.66 -28.57
CA ARG B 3984 24.91 12.39 -28.02
C ARG B 3984 24.99 13.79 -28.62
N LEU B 3985 23.85 14.47 -28.61
CA LEU B 3985 23.79 15.87 -28.96
C LEU B 3985 24.41 16.74 -27.88
N TRP B 3986 24.53 16.21 -26.68
CA TRP B 3986 25.03 16.97 -25.55
C TRP B 3986 26.53 17.10 -25.56
N ASP B 3987 27.25 16.07 -26.01
CA ASP B 3987 28.67 16.21 -26.21
C ASP B 3987 28.97 17.33 -27.20
N ALA B 3988 28.22 17.38 -28.29
CA ALA B 3988 28.46 18.38 -29.32
C ALA B 3988 28.29 19.79 -28.77
N VAL B 3989 27.17 20.04 -28.12
CA VAL B 3989 26.89 21.38 -27.61
C VAL B 3989 27.83 21.75 -26.45
N VAL B 3990 28.15 20.78 -25.59
CA VAL B 3990 29.09 21.06 -24.51
C VAL B 3990 30.44 21.43 -25.08
N GLY B 3991 30.88 20.71 -26.11
CA GLY B 3991 32.10 21.05 -26.79
C GLY B 3991 32.03 22.40 -27.47
N PHE B 3992 30.92 22.65 -28.18
CA PHE B 3992 30.77 23.93 -28.88
C PHE B 3992 30.95 25.09 -27.93
N LEU B 3993 30.29 25.05 -26.77
CA LEU B 3993 30.35 26.18 -25.86
C LEU B 3993 31.78 26.55 -25.52
N HIS B 3994 32.68 25.57 -25.49
CA HIS B 3994 34.08 25.89 -25.24
C HIS B 3994 34.66 26.75 -26.35
N VAL B 3995 34.47 26.33 -27.59
CA VAL B 3995 34.96 27.11 -28.72
C VAL B 3995 34.31 28.48 -28.71
N PHE B 3996 33.03 28.54 -28.39
CA PHE B 3996 32.29 29.79 -28.44
C PHE B 3996 32.88 30.79 -27.44
N ALA B 3997 33.02 30.37 -26.19
CA ALA B 3997 33.52 31.28 -25.15
C ALA B 3997 34.94 31.73 -25.46
N HIS B 3998 35.81 30.78 -25.79
CA HIS B 3998 37.21 31.13 -25.96
C HIS B 3998 37.44 31.98 -27.21
N MET B 3999 36.74 31.64 -28.30
CA MET B 3999 36.92 32.44 -29.51
C MET B 3999 36.28 33.80 -29.36
N MET B 4000 35.20 33.92 -28.58
CA MET B 4000 34.68 35.25 -28.27
C MET B 4000 35.74 36.09 -27.59
N MET B 4001 36.40 35.52 -26.56
CA MET B 4001 37.46 36.25 -25.87
C MET B 4001 38.55 36.68 -26.84
N LYS B 4002 39.07 35.74 -27.64
CA LYS B 4002 40.24 36.05 -28.45
C LYS B 4002 39.88 36.96 -29.62
N LEU B 4003 38.70 36.77 -30.21
CA LEU B 4003 38.30 37.61 -31.33
C LEU B 4003 37.94 39.02 -30.89
N ALA B 4004 37.50 39.19 -29.65
CA ALA B 4004 37.11 40.53 -29.20
C ALA B 4004 38.30 41.48 -29.18
N GLN B 4005 39.52 40.95 -29.22
CA GLN B 4005 40.70 41.78 -28.99
C GLN B 4005 41.20 42.49 -30.23
N ASP B 4006 40.54 42.31 -31.38
CA ASP B 4006 40.91 43.02 -32.60
C ASP B 4006 39.66 43.52 -33.31
N SER B 4007 39.82 44.65 -34.00
CA SER B 4007 38.75 45.17 -34.83
C SER B 4007 38.71 44.53 -36.21
N SER B 4008 39.85 44.06 -36.70
CA SER B 4008 39.87 43.40 -38.00
C SER B 4008 39.12 42.09 -38.01
N GLN B 4009 38.82 41.53 -36.85
CA GLN B 4009 38.11 40.26 -36.74
C GLN B 4009 36.67 40.46 -36.26
N ILE B 4010 36.11 41.64 -36.50
CA ILE B 4010 34.76 41.91 -36.03
C ILE B 4010 33.75 41.07 -36.81
N GLU B 4011 33.99 40.87 -38.11
CA GLU B 4011 33.07 40.10 -38.94
C GLU B 4011 32.98 38.67 -38.46
N LEU B 4012 34.13 38.06 -38.18
CA LEU B 4012 34.13 36.69 -37.69
C LEU B 4012 33.41 36.59 -36.36
N LEU B 4013 33.56 37.61 -35.50
CA LEU B 4013 32.88 37.59 -34.22
C LEU B 4013 31.37 37.71 -34.41
N LYS B 4014 30.94 38.50 -35.40
CA LYS B 4014 29.52 38.58 -35.71
C LYS B 4014 28.97 37.22 -36.13
N GLU B 4015 29.68 36.55 -37.03
CA GLU B 4015 29.26 35.23 -37.46
C GLU B 4015 29.23 34.26 -36.28
N LEU B 4016 30.20 34.38 -35.37
CA LEU B 4016 30.23 33.59 -34.15
C LEU B 4016 29.01 33.81 -33.29
N LEU B 4017 28.61 35.06 -33.10
CA LEU B 4017 27.44 35.35 -32.28
C LEU B 4017 26.17 34.81 -32.92
N ASP B 4018 26.05 34.93 -34.25
CA ASP B 4018 24.88 34.39 -34.93
C ASP B 4018 24.82 32.87 -34.79
N LEU B 4019 25.97 32.21 -34.90
CA LEU B 4019 25.99 30.76 -34.72
C LEU B 4019 25.55 30.38 -33.31
N GLN B 4020 26.00 31.14 -32.32
CA GLN B 4020 25.55 30.88 -30.95
C GLN B 4020 24.05 31.05 -30.83
N LYS B 4021 23.50 32.06 -31.50
CA LYS B 4021 22.06 32.27 -31.47
C LYS B 4021 21.32 31.06 -32.03
N ASP B 4022 21.85 30.49 -33.11
CA ASP B 4022 21.22 29.30 -33.70
C ASP B 4022 21.26 28.13 -32.73
N MET B 4023 22.40 27.93 -32.06
CA MET B 4023 22.50 26.86 -31.08
C MET B 4023 21.47 27.05 -29.97
N VAL B 4024 21.29 28.25 -29.47
CA VAL B 4024 20.35 28.45 -28.41
C VAL B 4024 18.94 28.37 -28.91
N VAL B 4025 18.66 28.74 -30.14
CA VAL B 4025 17.31 28.55 -30.68
C VAL B 4025 17.00 27.07 -30.85
N MET B 4026 17.99 26.21 -30.76
CA MET B 4026 17.77 24.79 -30.87
C MET B 4026 17.52 24.27 -29.49
N LEU B 4027 18.34 24.70 -28.56
CA LEU B 4027 18.15 24.30 -27.16
C LEU B 4027 16.78 24.72 -26.66
N LEU B 4028 16.33 25.87 -27.12
CA LEU B 4028 15.02 26.37 -26.74
C LEU B 4028 13.97 25.47 -27.36
N SER B 4029 14.21 25.02 -28.59
CA SER B 4029 13.25 24.18 -29.26
C SER B 4029 13.05 22.87 -28.60
N LEU B 4030 14.10 22.29 -28.10
CA LEU B 4030 14.02 21.02 -27.43
C LEU B 4030 13.17 21.19 -26.21
N LEU B 4031 13.29 22.31 -25.53
CA LEU B 4031 12.56 22.54 -24.31
C LEU B 4031 11.08 22.78 -24.54
N GLU B 4032 10.65 22.97 -25.78
CA GLU B 4032 9.24 23.20 -26.07
C GLU B 4032 8.37 22.07 -25.67
N GLY B 4033 7.28 22.35 -24.99
CA GLY B 4033 6.31 21.34 -24.66
C GLY B 4033 6.71 20.67 -23.40
N ASN B 4034 7.71 21.18 -22.75
CA ASN B 4034 8.30 20.44 -21.65
C ASN B 4034 7.62 20.83 -20.34
N VAL B 4035 7.15 19.82 -19.60
CA VAL B 4035 6.45 20.08 -18.34
C VAL B 4035 7.44 20.53 -17.29
N VAL B 4036 6.90 21.01 -16.17
CA VAL B 4036 7.73 21.40 -15.04
C VAL B 4036 8.52 20.19 -14.54
N ASN B 4037 9.80 20.39 -14.28
CA ASN B 4037 10.70 19.32 -13.85
C ASN B 4037 10.74 18.18 -14.86
N GLY B 4038 10.70 18.52 -16.14
CA GLY B 4038 10.75 17.52 -17.18
C GLY B 4038 12.13 16.94 -17.35
N MET B 4039 12.20 15.90 -18.18
CA MET B 4039 13.47 15.22 -18.42
C MET B 4039 14.45 16.12 -19.14
N ILE B 4040 14.01 16.74 -20.24
CA ILE B 4040 14.92 17.50 -21.10
C ILE B 4040 15.47 18.71 -20.37
N ALA B 4041 14.62 19.40 -19.62
CA ALA B 4041 15.09 20.57 -18.88
C ALA B 4041 16.15 20.18 -17.86
N ARG B 4042 15.92 19.08 -17.14
CA ARG B 4042 16.91 18.63 -16.17
C ARG B 4042 18.21 18.22 -16.86
N GLN B 4043 18.10 17.63 -18.05
CA GLN B 4043 19.30 17.26 -18.79
C GLN B 4043 20.10 18.49 -19.20
N MET B 4044 19.43 19.56 -19.62
CA MET B 4044 20.19 20.75 -19.98
C MET B 4044 20.71 21.49 -18.77
N VAL B 4045 20.05 21.35 -17.63
CA VAL B 4045 20.62 21.93 -16.43
C VAL B 4045 21.90 21.18 -16.06
N ASP B 4046 21.89 19.86 -16.25
CA ASP B 4046 23.11 19.08 -16.07
C ASP B 4046 24.18 19.49 -17.08
N MET B 4047 23.76 19.73 -18.33
CA MET B 4047 24.64 20.35 -19.31
C MET B 4047 25.33 21.57 -18.74
N LEU B 4048 24.55 22.58 -18.40
CA LEU B 4048 25.13 23.86 -18.04
C LEU B 4048 26.03 23.75 -16.82
N VAL B 4049 25.71 22.82 -15.91
CA VAL B 4049 26.64 22.56 -14.84
C VAL B 4049 27.95 22.02 -15.41
N GLU B 4050 27.88 21.07 -16.34
CA GLU B 4050 29.09 20.50 -16.92
C GLU B 4050 29.90 21.50 -17.72
N SER B 4051 29.25 22.50 -18.33
CA SER B 4051 29.94 23.53 -19.11
C SER B 4051 30.04 24.83 -18.32
N SER B 4052 30.29 24.73 -17.02
CA SER B 4052 30.15 25.88 -16.14
C SER B 4052 31.15 26.97 -16.49
N SER B 4053 32.40 26.60 -16.72
CA SER B 4053 33.42 27.60 -17.01
C SER B 4053 33.06 28.40 -18.26
N ASN B 4054 32.69 27.70 -19.32
CA ASN B 4054 32.44 28.35 -20.59
C ASN B 4054 31.19 29.23 -20.53
N VAL B 4055 30.14 28.73 -19.87
CA VAL B 4055 28.92 29.52 -19.72
C VAL B 4055 29.19 30.77 -18.91
N GLU B 4056 29.98 30.65 -17.85
CA GLU B 4056 30.35 31.83 -17.08
C GLU B 4056 31.14 32.81 -17.92
N MET B 4057 32.02 32.32 -18.80
CA MET B 4057 32.75 33.23 -19.68
C MET B 4057 31.80 34.01 -20.56
N ILE B 4058 30.79 33.34 -21.12
CA ILE B 4058 29.86 34.00 -22.03
C ILE B 4058 29.05 35.05 -21.28
N LEU B 4059 28.48 34.66 -20.14
CA LEU B 4059 27.65 35.58 -19.38
C LEU B 4059 28.44 36.78 -18.91
N LYS B 4060 29.66 36.57 -18.44
CA LYS B 4060 30.46 37.68 -17.94
C LYS B 4060 31.05 38.53 -19.07
N PHE B 4061 31.14 37.98 -20.27
CA PHE B 4061 31.41 38.83 -21.43
C PHE B 4061 30.28 39.82 -21.66
N PHE B 4062 29.05 39.30 -21.73
CA PHE B 4062 27.91 40.19 -21.93
C PHE B 4062 27.80 41.18 -20.80
N ASP B 4063 28.05 40.74 -19.57
CA ASP B 4063 28.01 41.64 -18.43
C ASP B 4063 29.07 42.73 -18.54
N MET B 4064 30.28 42.36 -18.96
CA MET B 4064 31.34 43.35 -19.11
C MET B 4064 30.88 44.48 -20.00
N PHE B 4065 30.38 44.16 -21.19
CA PHE B 4065 30.08 45.24 -22.12
C PHE B 4065 28.79 45.98 -21.78
N LEU B 4066 27.80 45.29 -21.22
CA LEU B 4066 26.58 45.98 -20.82
C LEU B 4066 26.85 46.97 -19.69
N LYS B 4067 27.71 46.61 -18.73
CA LYS B 4067 28.12 47.56 -17.72
C LYS B 4067 28.99 48.66 -18.31
N LEU B 4068 29.81 48.30 -19.29
CA LEU B 4068 30.73 49.25 -19.89
C LEU B 4068 30.01 50.41 -20.55
N LYS B 4069 28.93 50.13 -21.27
CA LYS B 4069 28.18 51.20 -21.90
C LYS B 4069 27.68 52.20 -20.86
N ASP B 4070 27.17 51.69 -19.75
CA ASP B 4070 26.67 52.55 -18.69
C ASP B 4070 27.78 53.41 -18.09
N ILE B 4071 28.95 52.81 -17.86
CA ILE B 4071 30.07 53.59 -17.35
C ILE B 4071 30.47 54.67 -18.32
N VAL B 4072 30.50 54.35 -19.62
CA VAL B 4072 30.77 55.34 -20.63
C VAL B 4072 29.77 56.48 -20.54
N GLY B 4073 28.54 56.21 -20.14
CA GLY B 4073 27.59 57.26 -19.90
C GLY B 4073 27.68 57.95 -18.55
N SER B 4074 28.43 57.39 -17.61
CA SER B 4074 28.45 57.90 -16.24
C SER B 4074 29.19 59.23 -16.16
N GLU B 4075 28.79 60.05 -15.19
CA GLU B 4075 29.38 61.37 -15.06
C GLU B 4075 30.85 61.30 -14.64
N ALA B 4076 31.20 60.33 -13.80
CA ALA B 4076 32.58 60.21 -13.35
C ALA B 4076 33.52 60.00 -14.53
N PHE B 4077 33.09 59.17 -15.49
CA PHE B 4077 33.90 58.99 -16.69
C PHE B 4077 34.08 60.29 -17.44
N GLN B 4078 33.01 61.06 -17.61
CA GLN B 4078 33.09 62.28 -18.40
C GLN B 4078 33.80 63.42 -17.67
N ASP B 4079 34.03 63.29 -16.36
CA ASP B 4079 34.96 64.23 -15.74
C ASP B 4079 36.34 63.61 -15.55
N TYR B 4080 36.53 62.37 -16.01
CA TYR B 4080 37.89 61.84 -16.10
C TYR B 4080 38.49 62.10 -17.47
N VAL B 4081 37.66 62.31 -18.49
CA VAL B 4081 38.17 62.57 -19.83
C VAL B 4081 38.74 63.97 -19.90
N THR B 4082 39.80 64.14 -20.68
CA THR B 4082 40.49 65.41 -20.82
C THR B 4082 40.50 65.93 -22.25
N ASP B 4083 40.85 65.09 -23.21
CA ASP B 4083 41.01 65.54 -24.59
C ASP B 4083 39.69 66.04 -25.14
N PRO B 4084 39.65 67.25 -25.70
CA PRO B 4084 38.43 67.69 -26.40
C PRO B 4084 38.07 66.82 -27.59
N ARG B 4085 39.01 66.04 -28.12
CA ARG B 4085 38.71 65.14 -29.22
C ARG B 4085 37.84 63.96 -28.82
N GLY B 4086 37.36 63.92 -27.58
CA GLY B 4086 36.55 62.80 -27.13
C GLY B 4086 37.31 61.49 -27.06
N LEU B 4087 38.58 61.54 -26.71
CA LEU B 4087 39.40 60.34 -26.58
C LEU B 4087 40.01 60.31 -25.19
N ILE B 4088 40.23 59.11 -24.67
CA ILE B 4088 40.74 58.92 -23.32
C ILE B 4088 42.00 58.07 -23.38
N SER B 4089 43.03 58.49 -22.66
CA SER B 4089 44.26 57.71 -22.63
C SER B 4089 44.02 56.37 -21.96
N LYS B 4090 44.84 55.38 -22.33
CA LYS B 4090 44.66 54.05 -21.77
C LYS B 4090 44.84 54.06 -20.26
N LYS B 4091 45.81 54.80 -19.76
CA LYS B 4091 45.98 54.91 -18.32
C LYS B 4091 44.79 55.62 -17.68
N ASP B 4092 44.34 56.72 -18.28
CA ASP B 4092 43.17 57.42 -17.77
C ASP B 4092 41.95 56.51 -17.79
N PHE B 4093 41.76 55.77 -18.88
CA PHE B 4093 40.68 54.79 -18.93
C PHE B 4093 40.83 53.76 -17.82
N GLN B 4094 42.05 53.31 -17.57
CA GLN B 4094 42.29 52.30 -16.55
C GLN B 4094 41.88 52.81 -15.17
N LYS B 4095 42.36 53.99 -14.80
CA LYS B 4095 42.04 54.51 -13.49
C LYS B 4095 40.57 54.90 -13.37
N ALA B 4096 39.92 55.21 -14.49
CA ALA B 4096 38.47 55.33 -14.48
C ALA B 4096 37.79 54.02 -14.12
N MET B 4097 38.21 52.92 -14.75
CA MET B 4097 37.71 51.59 -14.42
C MET B 4097 37.96 51.20 -12.97
N ASP B 4098 39.11 51.59 -12.39
CA ASP B 4098 39.34 51.33 -10.98
C ASP B 4098 38.38 52.14 -10.11
N SER B 4099 38.28 53.44 -10.39
CA SER B 4099 37.50 54.31 -9.51
C SER B 4099 36.01 53.97 -9.53
N GLN B 4100 35.53 53.29 -10.57
CA GLN B 4100 34.12 52.96 -10.61
C GLN B 4100 33.80 51.75 -9.74
N LYS B 4101 34.81 51.11 -9.17
CA LYS B 4101 34.65 50.07 -8.16
C LYS B 4101 33.90 48.88 -8.74
N GLN B 4102 33.87 48.77 -10.08
CA GLN B 4102 32.89 47.94 -10.75
C GLN B 4102 33.52 46.68 -11.35
N PHE B 4103 34.53 46.85 -12.18
CA PHE B 4103 35.25 45.70 -12.72
C PHE B 4103 36.42 45.32 -11.81
N THR B 4104 36.88 44.09 -11.98
CA THR B 4104 38.09 43.64 -11.33
C THR B 4104 39.30 43.97 -12.20
N GLY B 4105 40.49 43.69 -11.69
CA GLY B 4105 41.72 44.02 -12.36
C GLY B 4105 41.91 43.35 -13.71
N PRO B 4106 41.91 42.02 -13.73
CA PRO B 4106 42.13 41.31 -15.01
C PRO B 4106 41.14 41.68 -16.09
N GLU B 4107 39.87 41.87 -15.75
CA GLU B 4107 38.91 42.24 -16.77
C GLU B 4107 39.08 43.69 -17.21
N ILE B 4108 39.63 44.54 -16.35
CA ILE B 4108 40.03 45.87 -16.81
C ILE B 4108 41.14 45.75 -17.84
N GLN B 4109 42.10 44.85 -17.59
CA GLN B 4109 43.14 44.61 -18.58
C GLN B 4109 42.55 44.08 -19.87
N PHE B 4110 41.56 43.19 -19.77
CA PHE B 4110 40.92 42.66 -20.97
C PHE B 4110 40.24 43.77 -21.76
N LEU B 4111 39.55 44.68 -21.06
CA LEU B 4111 38.91 45.80 -21.75
C LEU B 4111 39.94 46.68 -22.42
N LEU B 4112 41.07 46.91 -21.76
CA LEU B 4112 42.14 47.69 -22.38
C LEU B 4112 42.66 47.00 -23.64
N SER B 4113 42.79 45.67 -23.58
CA SER B 4113 43.24 44.92 -24.75
C SER B 4113 42.24 45.06 -25.90
N CYS B 4114 40.95 44.95 -25.59
CA CYS B 4114 39.93 45.14 -26.61
C CYS B 4114 39.88 46.57 -27.12
N SER B 4115 40.52 47.50 -26.42
CA SER B 4115 40.48 48.89 -26.84
C SER B 4115 41.20 49.08 -28.15
N GLU B 4116 40.52 49.67 -29.12
CA GLU B 4116 41.11 49.93 -30.43
C GLU B 4116 42.02 51.15 -30.30
N ALA B 4117 43.04 51.01 -29.47
CA ALA B 4117 43.93 52.10 -29.19
C ALA B 4117 44.81 52.39 -30.39
N ASP B 4118 45.16 53.66 -30.54
CA ASP B 4118 46.11 54.10 -31.54
C ASP B 4118 47.52 53.92 -30.98
N GLU B 4119 48.52 54.29 -31.77
CA GLU B 4119 49.89 54.22 -31.28
C GLU B 4119 50.11 55.22 -30.15
N ASN B 4120 49.36 56.33 -30.16
CA ASN B 4120 49.40 57.29 -29.08
C ASN B 4120 48.65 56.81 -27.84
N GLU B 4121 48.03 55.63 -27.93
CA GLU B 4121 47.31 55.01 -26.82
C GLU B 4121 46.09 55.84 -26.38
N MET B 4122 45.27 56.25 -27.34
CA MET B 4122 44.09 57.03 -27.03
C MET B 4122 42.85 56.33 -27.59
N ILE B 4123 41.89 56.05 -26.71
CA ILE B 4123 40.74 55.21 -27.01
C ILE B 4123 39.53 56.09 -27.26
N ASN B 4124 38.78 55.77 -28.30
CA ASN B 4124 37.50 56.43 -28.57
C ASN B 4124 36.42 55.70 -27.77
N PHE B 4125 36.03 56.28 -26.64
CA PHE B 4125 35.19 55.56 -25.69
C PHE B 4125 33.80 55.28 -26.24
N GLU B 4126 33.27 56.14 -27.11
CA GLU B 4126 31.97 55.86 -27.70
C GLU B 4126 32.03 54.66 -28.63
N GLU B 4127 33.05 54.62 -29.49
CA GLU B 4127 33.20 53.50 -30.42
C GLU B 4127 33.43 52.20 -29.69
N PHE B 4128 34.31 52.23 -28.68
CA PHE B 4128 34.54 51.02 -27.88
C PHE B 4128 33.30 50.64 -27.09
N ALA B 4129 32.48 51.62 -26.69
CA ALA B 4129 31.24 51.28 -26.02
C ALA B 4129 30.28 50.56 -26.95
N ASN B 4130 30.31 50.91 -28.24
CA ASN B 4130 29.25 50.50 -29.14
C ASN B 4130 29.66 49.46 -30.18
N ARG B 4131 30.92 49.01 -30.18
CA ARG B 4131 31.28 48.01 -31.20
C ARG B 4131 30.51 46.72 -31.01
N PHE B 4132 30.43 46.23 -29.77
CA PHE B 4132 29.76 44.97 -29.49
C PHE B 4132 28.32 45.19 -29.09
N GLN B 4133 27.80 46.38 -29.36
CA GLN B 4133 26.51 46.80 -28.82
C GLN B 4133 25.37 46.10 -29.52
N GLU B 4134 25.36 46.17 -30.86
CA GLU B 4134 24.32 45.48 -31.63
C GLU B 4134 24.60 43.99 -31.83
N PRO B 4135 25.81 43.55 -32.20
CA PRO B 4135 25.99 42.12 -32.54
C PRO B 4135 25.60 41.18 -31.43
N ALA B 4136 25.68 41.58 -30.17
CA ALA B 4136 25.42 40.67 -29.06
C ALA B 4136 23.98 40.76 -28.55
N ARG B 4137 23.15 41.63 -29.12
CA ARG B 4137 21.82 41.82 -28.56
C ARG B 4137 20.96 40.57 -28.72
N ASP B 4138 20.94 40.00 -29.92
CA ASP B 4138 20.07 38.84 -30.17
C ASP B 4138 20.52 37.64 -29.37
N ILE B 4139 21.82 37.38 -29.33
CA ILE B 4139 22.31 36.22 -28.58
C ILE B 4139 22.09 36.43 -27.09
N GLY B 4140 22.25 37.67 -26.61
CA GLY B 4140 21.95 37.93 -25.22
C GLY B 4140 20.50 37.66 -24.90
N PHE B 4141 19.60 38.11 -25.78
CA PHE B 4141 18.18 37.87 -25.53
C PHE B 4141 17.86 36.39 -25.52
N ASN B 4142 18.46 35.63 -26.44
CA ASN B 4142 18.22 34.20 -26.47
C ASN B 4142 18.74 33.52 -25.22
N VAL B 4143 19.90 33.94 -24.72
CA VAL B 4143 20.42 33.38 -23.48
C VAL B 4143 19.51 33.72 -22.31
N ALA B 4144 19.00 34.96 -22.28
CA ALA B 4144 18.07 35.34 -21.23
C ALA B 4144 16.81 34.48 -21.28
N VAL B 4145 16.29 34.25 -22.48
CA VAL B 4145 15.10 33.42 -22.63
C VAL B 4145 15.39 32.00 -22.16
N LEU B 4146 16.55 31.46 -22.54
CA LEU B 4146 16.90 30.10 -22.15
C LEU B 4146 16.98 29.97 -20.64
N LEU B 4147 17.67 30.90 -19.99
CA LEU B 4147 17.80 30.85 -18.54
C LEU B 4147 16.47 31.02 -17.83
N THR B 4148 15.64 31.96 -18.29
CA THR B 4148 14.32 32.12 -17.71
C THR B 4148 13.45 30.89 -17.88
N ASN B 4149 13.46 30.28 -19.07
CA ASN B 4149 12.66 29.10 -19.31
C ASN B 4149 13.09 27.94 -18.42
N LEU B 4150 14.40 27.72 -18.28
CA LEU B 4150 14.87 26.67 -17.41
C LEU B 4150 14.51 26.96 -15.96
N SER B 4151 14.63 28.22 -15.54
CA SER B 4151 14.29 28.57 -14.17
C SER B 4151 12.84 28.28 -13.87
N GLU B 4152 11.95 28.66 -14.79
CA GLU B 4152 10.53 28.48 -14.54
C GLU B 4152 10.10 27.03 -14.67
N HIS B 4153 10.81 26.24 -15.47
CA HIS B 4153 10.41 24.84 -15.63
C HIS B 4153 11.17 23.89 -14.71
N VAL B 4154 12.29 24.34 -14.15
CA VAL B 4154 12.97 23.60 -13.10
C VAL B 4154 13.12 24.57 -11.94
N PRO B 4155 12.08 24.79 -11.16
CA PRO B 4155 12.14 25.82 -10.13
C PRO B 4155 13.10 25.48 -9.00
N HIS B 4156 12.99 24.28 -8.47
CA HIS B 4156 13.79 23.88 -7.31
C HIS B 4156 15.06 23.19 -7.81
N ASP B 4157 16.07 24.00 -8.06
CA ASP B 4157 17.38 23.50 -8.49
C ASP B 4157 18.47 24.36 -7.89
N PRO B 4158 19.32 23.81 -7.02
CA PRO B 4158 20.41 24.60 -6.44
C PRO B 4158 21.37 25.17 -7.48
N ARG B 4159 21.54 24.47 -8.60
CA ARG B 4159 22.66 24.67 -9.50
C ARG B 4159 22.41 25.68 -10.61
N LEU B 4160 21.16 25.86 -11.05
CA LEU B 4160 20.89 26.82 -12.11
C LEU B 4160 20.90 28.26 -11.61
N ARG B 4161 20.39 28.50 -10.40
CA ARG B 4161 20.25 29.86 -9.91
C ARG B 4161 21.60 30.53 -9.71
N ASN B 4162 22.66 29.73 -9.60
CA ASN B 4162 24.01 30.27 -9.70
C ASN B 4162 24.19 31.04 -11.01
N PHE B 4163 23.86 30.38 -12.12
CA PHE B 4163 23.97 31.04 -13.42
C PHE B 4163 23.07 32.25 -13.50
N LEU B 4164 21.87 32.15 -12.91
CA LEU B 4164 20.98 33.30 -12.91
C LEU B 4164 21.60 34.48 -12.18
N GLU B 4165 22.28 34.22 -11.07
CA GLU B 4165 22.95 35.31 -10.35
C GLU B 4165 24.06 35.92 -11.19
N LEU B 4166 24.86 35.09 -11.88
CA LEU B 4166 25.87 35.67 -12.76
C LEU B 4166 25.27 36.45 -13.91
N ALA B 4167 24.08 36.07 -14.38
CA ALA B 4167 23.47 36.70 -15.54
C ALA B 4167 22.42 37.73 -15.15
N GLU B 4168 22.40 38.14 -13.88
CA GLU B 4168 21.45 39.13 -13.43
C GLU B 4168 21.46 40.38 -14.29
N SER B 4169 22.65 40.85 -14.69
CA SER B 4169 22.72 42.06 -15.49
C SER B 4169 22.04 41.87 -16.84
N ILE B 4170 22.29 40.74 -17.49
CA ILE B 4170 21.66 40.46 -18.77
C ILE B 4170 20.14 40.38 -18.62
N LEU B 4171 19.69 39.68 -17.57
CA LEU B 4171 18.26 39.58 -17.35
C LEU B 4171 17.64 40.94 -17.07
N GLU B 4172 18.36 41.81 -16.37
CA GLU B 4172 17.84 43.15 -16.11
C GLU B 4172 17.75 43.95 -17.40
N TYR B 4173 18.75 43.82 -18.28
CA TYR B 4173 18.72 44.62 -19.50
C TYR B 4173 17.67 44.11 -20.48
N PHE B 4174 17.45 42.80 -20.53
CA PHE B 4174 16.52 42.22 -21.50
C PHE B 4174 15.15 41.94 -20.93
N ARG B 4175 14.96 42.24 -19.65
CA ARG B 4175 13.62 42.28 -19.05
C ARG B 4175 12.62 43.16 -19.81
N PRO B 4176 12.96 44.39 -20.27
CA PRO B 4176 11.90 45.24 -20.82
C PRO B 4176 11.38 44.65 -22.12
N TYR B 4177 12.24 43.87 -22.77
CA TYR B 4177 12.00 43.37 -24.12
C TYR B 4177 11.67 41.89 -24.14
N LEU B 4178 11.58 41.24 -22.99
CA LEU B 4178 11.25 39.83 -22.91
C LEU B 4178 9.81 39.70 -22.45
N GLY B 4179 8.93 39.32 -23.35
CA GLY B 4179 7.54 39.16 -23.04
C GLY B 4179 7.18 37.69 -22.96
N ARG B 4180 6.35 37.35 -21.99
CA ARG B 4180 5.89 35.98 -21.82
C ARG B 4180 4.38 35.97 -21.75
N ILE B 4181 3.78 34.98 -22.40
CA ILE B 4181 2.33 34.78 -22.37
C ILE B 4181 2.07 33.29 -22.20
N GLU B 4182 0.95 32.95 -21.58
CA GLU B 4182 0.56 31.56 -21.46
C GLU B 4182 -0.58 31.28 -22.42
N ILE B 4183 -0.50 30.15 -23.14
CA ILE B 4183 -1.52 29.73 -24.06
C ILE B 4183 -1.92 28.31 -23.74
N MET B 4184 -2.98 27.85 -24.38
CA MET B 4184 -3.42 26.46 -24.30
C MET B 4184 -2.96 25.76 -25.57
N GLY B 4185 -1.85 25.03 -25.47
CA GLY B 4185 -1.28 24.36 -26.62
C GLY B 4185 -2.11 23.18 -27.06
N ALA B 4186 -1.63 22.52 -28.12
CA ALA B 4186 -2.34 21.38 -28.67
C ALA B 4186 -2.43 20.23 -27.68
N SER B 4187 -1.43 20.05 -26.82
CA SER B 4187 -1.40 18.96 -25.87
C SER B 4187 -2.37 19.15 -24.72
N ARG B 4188 -3.26 20.14 -24.80
CA ARG B 4188 -4.27 20.44 -23.80
C ARG B 4188 -3.65 20.82 -22.45
N ARG B 4189 -2.47 21.42 -22.46
CA ARG B 4189 -1.83 21.93 -21.26
C ARG B 4189 -1.42 23.37 -21.50
N ILE B 4190 -1.48 24.19 -20.45
CA ILE B 4190 -1.02 25.57 -20.57
C ILE B 4190 0.48 25.60 -20.70
N GLU B 4191 0.97 26.29 -21.72
CA GLU B 4191 2.38 26.42 -21.99
C GLU B 4191 2.76 27.90 -22.05
N ARG B 4192 3.94 28.20 -21.55
CA ARG B 4192 4.45 29.57 -21.56
C ARG B 4192 5.28 29.81 -22.80
N ILE B 4193 5.08 30.95 -23.44
CA ILE B 4193 5.81 31.36 -24.62
C ILE B 4193 6.60 32.61 -24.28
N TYR B 4194 7.89 32.58 -24.58
CA TYR B 4194 8.77 33.73 -24.40
C TYR B 4194 9.13 34.27 -25.77
N PHE B 4195 9.02 35.58 -25.93
CA PHE B 4195 9.30 36.23 -27.20
C PHE B 4195 9.84 37.62 -26.92
N GLU B 4196 10.20 38.31 -27.99
CA GLU B 4196 10.87 39.60 -27.91
C GLU B 4196 9.89 40.72 -28.22
N ILE B 4197 9.77 41.67 -27.30
CA ILE B 4197 9.05 42.90 -27.54
C ILE B 4197 10.04 43.96 -27.96
N SER B 4198 9.88 44.50 -29.16
CA SER B 4198 10.83 45.47 -29.67
C SER B 4198 10.70 46.78 -28.90
N GLU B 4199 11.71 47.64 -29.07
CA GLU B 4199 11.70 48.93 -28.39
C GLU B 4199 10.60 49.82 -28.94
N THR B 4200 10.46 49.86 -30.26
CA THR B 4200 9.46 50.73 -30.87
C THR B 4200 8.06 50.33 -30.45
N ASN B 4201 7.78 49.02 -30.42
CA ASN B 4201 6.46 48.55 -30.04
C ASN B 4201 6.12 48.95 -28.61
N ARG B 4202 7.07 48.78 -27.70
CA ARG B 4202 6.82 49.12 -26.30
C ARG B 4202 6.63 50.63 -26.15
N ALA B 4203 7.46 51.41 -26.83
CA ALA B 4203 7.32 52.86 -26.74
C ALA B 4203 5.98 53.31 -27.30
N GLN B 4204 5.54 52.71 -28.40
CA GLN B 4204 4.29 53.13 -29.03
C GLN B 4204 3.09 52.67 -28.22
N TRP B 4205 3.21 51.57 -27.50
CA TRP B 4205 2.09 51.09 -26.69
C TRP B 4205 1.85 51.95 -25.47
N GLU B 4206 2.89 52.55 -24.92
CA GLU B 4206 2.76 53.37 -23.73
C GLU B 4206 2.37 54.80 -24.06
N MET B 4207 2.15 55.11 -25.32
CA MET B 4207 1.91 56.49 -25.73
C MET B 4207 0.50 56.86 -25.25
N PRO B 4208 0.26 58.14 -24.93
CA PRO B 4208 -1.00 58.49 -24.23
C PRO B 4208 -2.27 58.10 -24.96
N GLN B 4209 -2.30 58.25 -26.29
CA GLN B 4209 -3.49 57.90 -27.05
C GLN B 4209 -3.84 56.44 -26.89
N VAL B 4210 -2.85 55.56 -27.06
CA VAL B 4210 -3.12 54.13 -26.98
C VAL B 4210 -3.57 53.76 -25.58
N LYS B 4211 -3.05 54.43 -24.56
CA LYS B 4211 -3.46 54.12 -23.20
C LYS B 4211 -4.90 54.52 -22.95
N GLU B 4212 -5.31 55.69 -23.46
CA GLU B 4212 -6.70 56.07 -23.35
C GLU B 4212 -7.62 55.09 -24.07
N SER B 4213 -7.22 54.67 -25.27
CA SER B 4213 -8.01 53.66 -25.97
C SER B 4213 -8.07 52.36 -25.19
N LYS B 4214 -6.98 51.99 -24.52
CA LYS B 4214 -6.98 50.79 -23.69
C LYS B 4214 -8.04 50.90 -22.60
N ARG B 4215 -8.07 52.01 -21.89
CA ARG B 4215 -9.04 52.13 -20.79
C ARG B 4215 -10.46 52.15 -21.30
N GLN B 4216 -10.72 52.80 -22.43
CA GLN B 4216 -12.06 52.71 -23.01
C GLN B 4216 -12.42 51.28 -23.38
N PHE B 4217 -11.49 50.54 -23.98
CA PHE B 4217 -11.85 49.16 -24.33
C PHE B 4217 -12.16 48.35 -23.09
N ILE B 4218 -11.37 48.53 -22.03
CA ILE B 4218 -11.64 47.79 -20.80
C ILE B 4218 -13.01 48.14 -20.26
N PHE B 4219 -13.35 49.43 -20.26
CA PHE B 4219 -14.65 49.84 -19.74
C PHE B 4219 -15.77 49.21 -20.56
N ASP B 4220 -15.65 49.24 -21.89
CA ASP B 4220 -16.69 48.69 -22.75
C ASP B 4220 -16.83 47.19 -22.57
N VAL B 4221 -15.71 46.47 -22.52
CA VAL B 4221 -15.79 45.02 -22.46
C VAL B 4221 -16.29 44.56 -21.09
N VAL B 4222 -16.00 45.32 -20.03
CA VAL B 4222 -16.45 44.87 -18.72
C VAL B 4222 -17.91 45.21 -18.49
N ASN B 4223 -18.42 46.27 -19.11
CA ASN B 4223 -19.87 46.49 -19.05
C ASN B 4223 -20.62 45.39 -19.77
N GLU B 4224 -20.15 44.99 -20.96
CA GLU B 4224 -20.77 43.90 -21.70
C GLU B 4224 -19.86 43.49 -22.85
N GLY B 4225 -20.03 42.26 -23.33
CA GLY B 4225 -19.41 41.84 -24.56
C GLY B 4225 -18.75 40.47 -24.44
N GLY B 4226 -18.49 39.85 -25.59
CA GLY B 4226 -17.73 38.63 -25.67
C GLY B 4226 -16.25 38.94 -25.63
N GLU B 4227 -15.54 38.39 -24.64
CA GLU B 4227 -14.24 38.94 -24.27
C GLU B 4227 -13.19 38.70 -25.36
N ALA B 4228 -12.90 37.43 -25.65
CA ALA B 4228 -11.72 37.11 -26.45
C ALA B 4228 -11.78 37.74 -27.83
N GLU B 4229 -12.92 37.63 -28.49
CA GLU B 4229 -13.05 38.21 -29.82
C GLU B 4229 -12.91 39.72 -29.78
N LYS B 4230 -13.51 40.36 -28.78
CA LYS B 4230 -13.39 41.80 -28.66
C LYS B 4230 -11.97 42.23 -28.37
N MET B 4231 -11.21 41.51 -27.57
CA MET B 4231 -9.81 41.83 -27.36
C MET B 4231 -9.14 41.75 -28.67
N GLU B 4232 -9.33 40.69 -29.42
CA GLU B 4232 -8.61 40.58 -30.65
C GLU B 4232 -8.96 41.69 -31.62
N LEU B 4233 -10.16 42.24 -31.52
CA LEU B 4233 -10.49 43.34 -32.40
C LEU B 4233 -9.96 44.59 -31.84
N PHE B 4234 -9.65 44.58 -30.57
CA PHE B 4234 -8.98 45.73 -29.96
C PHE B 4234 -7.51 45.77 -30.34
N VAL B 4235 -6.89 44.60 -30.39
CA VAL B 4235 -5.52 44.53 -30.75
C VAL B 4235 -5.40 44.96 -32.17
N SER B 4236 -6.20 44.44 -33.06
CA SER B 4236 -6.04 44.78 -34.47
C SER B 4236 -6.23 46.24 -34.73
N PHE B 4237 -7.19 46.86 -34.09
CA PHE B 4237 -7.35 48.28 -34.26
C PHE B 4237 -6.17 49.04 -33.75
N CYS B 4238 -5.64 48.65 -32.61
CA CYS B 4238 -4.53 49.34 -32.04
C CYS B 4238 -3.35 49.24 -32.98
N GLU B 4239 -3.15 48.10 -33.61
CA GLU B 4239 -2.05 47.92 -34.52
C GLU B 4239 -2.17 48.83 -35.71
N ASP B 4240 -3.37 49.21 -36.11
CA ASP B 4240 -3.55 50.15 -37.21
C ASP B 4240 -3.37 51.54 -36.69
N THR B 4241 -3.77 51.81 -35.46
CA THR B 4241 -3.49 53.15 -34.94
C THR B 4241 -2.00 53.37 -34.78
N ILE B 4242 -1.26 52.33 -34.55
CA ILE B 4242 0.16 52.47 -34.37
C ILE B 4242 0.68 52.87 -35.73
N PHE B 4243 0.15 52.26 -36.78
CA PHE B 4243 0.70 52.56 -38.10
C PHE B 4243 0.43 53.98 -38.40
N GLU B 4244 -0.77 54.42 -38.10
CA GLU B 4244 -1.10 55.76 -38.51
C GLU B 4244 -0.28 56.74 -37.74
N MET B 4245 -0.03 56.53 -36.46
CA MET B 4245 0.72 57.56 -35.75
C MET B 4245 2.19 57.54 -36.12
N GLN B 4246 2.75 56.39 -36.46
CA GLN B 4246 4.12 56.42 -36.97
C GLN B 4246 4.19 57.13 -38.32
N ILE B 4247 3.17 56.93 -39.16
CA ILE B 4247 3.11 57.68 -40.41
C ILE B 4247 3.02 59.18 -40.13
N ALA B 4248 2.16 59.56 -39.19
CA ALA B 4248 1.98 60.99 -38.90
C ALA B 4248 3.25 61.62 -38.37
N ALA B 4249 3.96 60.91 -37.49
CA ALA B 4249 5.18 61.44 -36.91
C ALA B 4249 6.39 61.25 -37.81
N GLN B 4250 6.22 60.63 -38.99
CA GLN B 4250 7.35 60.36 -39.86
C GLN B 4250 8.07 61.65 -40.28
N ILE B 4251 7.31 62.69 -40.63
CA ILE B 4251 7.97 63.93 -41.07
C ILE B 4251 8.77 64.53 -39.93
N SER B 4252 8.24 64.52 -38.71
CA SER B 4252 8.94 65.04 -37.56
C SER B 4252 10.18 64.22 -37.21
N GLU B 4253 10.30 63.03 -37.78
CA GLU B 4253 11.48 62.20 -37.60
C GLU B 4253 12.53 62.57 -38.65
N PHE B 4540 6.87 72.33 -60.27
CA PHE B 4540 6.53 70.92 -60.44
C PHE B 4540 5.65 70.45 -59.29
N TRP B 4541 4.99 69.30 -59.47
CA TRP B 4541 4.06 68.80 -58.48
C TRP B 4541 4.74 67.96 -57.41
N GLY B 4542 5.94 67.45 -57.66
CA GLY B 4542 6.56 66.53 -56.72
C GLY B 4542 6.91 67.18 -55.40
N GLU B 4543 7.61 68.31 -55.46
CA GLU B 4543 8.00 68.99 -54.22
C GLU B 4543 6.79 69.52 -53.47
N LEU B 4544 5.77 69.98 -54.19
CA LEU B 4544 4.54 70.42 -53.54
C LEU B 4544 3.83 69.24 -52.87
N GLU B 4545 3.89 68.05 -53.49
CA GLU B 4545 3.33 66.87 -52.85
C GLU B 4545 4.08 66.54 -51.56
N VAL B 4546 5.40 66.65 -51.57
CA VAL B 4546 6.18 66.40 -50.36
C VAL B 4546 5.78 67.37 -49.26
N GLN B 4547 5.69 68.66 -49.61
CA GLN B 4547 5.31 69.66 -48.61
C GLN B 4547 3.87 69.47 -48.18
N ARG B 4548 3.01 68.98 -49.06
CA ARG B 4548 1.63 68.70 -48.68
C ARG B 4548 1.55 67.58 -47.65
N VAL B 4549 2.33 66.52 -47.87
CA VAL B 4549 2.34 65.43 -46.90
C VAL B 4549 2.85 65.92 -45.56
N LYS B 4550 3.87 66.79 -45.59
CA LYS B 4550 4.39 67.36 -44.35
C LYS B 4550 3.33 68.20 -43.64
N PHE B 4551 2.62 69.02 -44.40
CA PHE B 4551 1.58 69.88 -43.81
C PHE B 4551 0.48 69.03 -43.19
N LEU B 4552 -0.04 68.06 -43.93
CA LEU B 4552 -1.12 67.23 -43.40
C LEU B 4552 -0.66 66.38 -42.22
N ASN B 4553 0.61 66.00 -42.17
CA ASN B 4553 1.11 65.26 -41.02
C ASN B 4553 1.30 66.16 -39.81
N TYR B 4554 1.67 67.43 -40.06
CA TYR B 4554 1.76 68.37 -38.95
C TYR B 4554 0.39 68.64 -38.35
N LEU B 4555 -0.64 68.73 -39.19
CA LEU B 4555 -1.99 68.93 -38.66
C LEU B 4555 -2.41 67.74 -37.82
N SER B 4556 -2.22 66.52 -38.36
CA SER B 4556 -2.66 65.33 -37.67
C SER B 4556 -1.93 65.15 -36.36
N ARG B 4557 -0.65 65.49 -36.32
CA ARG B 4557 0.15 65.25 -35.13
C ARG B 4557 -0.37 66.05 -33.94
N ASN B 4558 -0.73 67.30 -34.16
CA ASN B 4558 -1.17 68.19 -33.09
C ASN B 4558 -2.62 68.61 -33.29
N PHE B 4559 -3.46 67.65 -33.67
CA PHE B 4559 -4.87 67.92 -33.92
C PHE B 4559 -5.56 68.49 -32.68
N TYR B 4560 -5.23 67.95 -31.52
CA TYR B 4560 -5.88 68.37 -30.29
C TYR B 4560 -5.52 69.80 -29.92
N THR B 4561 -4.28 70.20 -30.18
CA THR B 4561 -3.91 71.60 -29.96
C THR B 4561 -4.75 72.51 -30.84
N LEU B 4562 -5.05 72.07 -32.07
CA LEU B 4562 -5.92 72.85 -32.92
C LEU B 4562 -7.33 72.93 -32.36
N ARG B 4563 -7.87 71.80 -31.89
CA ARG B 4563 -9.19 71.78 -31.27
C ARG B 4563 -9.25 72.62 -30.00
N PHE B 4564 -8.11 72.85 -29.37
CA PHE B 4564 -7.99 73.59 -28.12
C PHE B 4564 -7.88 75.08 -28.41
N LEU B 4565 -7.06 75.43 -29.40
CA LEU B 4565 -6.95 76.82 -29.83
C LEU B 4565 -8.27 77.33 -30.41
N ALA B 4566 -9.01 76.46 -31.10
CA ALA B 4566 -10.29 76.87 -31.66
C ALA B 4566 -11.25 77.29 -30.55
N LEU B 4567 -11.27 76.53 -29.47
CA LEU B 4567 -12.08 76.89 -28.31
C LEU B 4567 -11.61 78.20 -27.69
N PHE B 4568 -10.29 78.38 -27.60
CA PHE B 4568 -9.78 79.64 -27.06
C PHE B 4568 -10.28 80.81 -27.90
N LEU B 4569 -10.21 80.67 -29.22
CA LEU B 4569 -10.67 81.72 -30.12
C LEU B 4569 -12.15 82.00 -29.96
N ALA B 4570 -12.95 80.95 -29.74
CA ALA B 4570 -14.38 81.13 -29.51
C ALA B 4570 -14.65 81.97 -28.27
N PHE B 4571 -13.93 81.72 -27.19
CA PHE B 4571 -14.07 82.56 -26.01
C PHE B 4571 -13.63 83.98 -26.31
N ALA B 4572 -12.50 84.14 -27.01
CA ALA B 4572 -11.99 85.47 -27.27
C ALA B 4572 -12.99 86.30 -28.05
N ILE B 4573 -13.55 85.71 -29.11
CA ILE B 4573 -14.53 86.41 -29.92
C ILE B 4573 -15.77 86.73 -29.11
N ASN B 4574 -16.28 85.76 -28.35
CA ASN B 4574 -17.48 85.98 -27.56
C ASN B 4574 -17.24 86.97 -26.44
N PHE B 4575 -16.01 87.13 -25.99
CA PHE B 4575 -15.70 88.20 -25.06
C PHE B 4575 -15.73 89.54 -25.78
N ILE B 4576 -15.19 89.58 -27.00
CA ILE B 4576 -15.33 90.75 -27.85
C ILE B 4576 -16.80 91.01 -28.12
N LEU B 4577 -17.60 89.95 -28.31
CA LEU B 4577 -19.01 90.11 -28.62
C LEU B 4577 -19.82 90.69 -27.47
N LEU B 4578 -19.28 90.73 -26.26
CA LEU B 4578 -20.06 91.27 -25.15
C LEU B 4578 -20.23 92.77 -25.26
N PHE B 4579 -19.35 93.46 -25.97
CA PHE B 4579 -19.32 94.93 -25.98
C PHE B 4579 -20.11 95.48 -27.16
N TYR B 4580 -21.32 94.98 -27.36
CA TYR B 4580 -22.18 95.54 -28.40
C TYR B 4580 -23.19 96.51 -27.82
N LYS B 4581 -23.75 97.31 -28.72
CA LYS B 4581 -24.76 98.28 -28.39
C LYS B 4581 -25.66 98.44 -29.60
N VAL B 4582 -26.95 98.63 -29.36
CA VAL B 4582 -27.92 98.79 -30.42
C VAL B 4582 -28.53 100.18 -30.28
N SER B 4583 -28.42 100.99 -31.33
CA SER B 4583 -28.85 102.37 -31.27
C SER B 4583 -29.33 102.83 -32.65
N ASP B 4584 -30.34 103.69 -32.65
CA ASP B 4584 -30.91 104.17 -33.90
C ASP B 4584 -29.92 104.99 -34.70
N SER B 4585 -29.16 105.85 -34.04
CA SER B 4585 -28.21 106.71 -34.73
C SER B 4585 -26.99 105.91 -35.18
N PRO B 4586 -26.64 105.93 -36.46
CA PRO B 4586 -25.42 105.27 -36.91
C PRO B 4586 -24.22 105.78 -36.16
N PRO B 4587 -23.23 104.92 -35.86
CA PRO B 4587 -22.02 105.35 -35.18
C PRO B 4587 -21.14 106.24 -36.07
N MET B 4627 -34.99 101.17 -39.04
CA MET B 4627 -33.80 100.37 -38.77
C MET B 4627 -32.91 100.95 -37.69
N VAL B 4628 -31.92 100.16 -37.30
CA VAL B 4628 -31.11 100.39 -36.11
C VAL B 4628 -29.78 99.69 -36.35
N TYR B 4629 -28.71 100.18 -35.75
CA TYR B 4629 -27.38 99.70 -36.08
C TYR B 4629 -26.68 99.12 -34.86
N TYR B 4630 -26.07 97.96 -35.04
CA TYR B 4630 -25.28 97.31 -34.01
C TYR B 4630 -23.82 97.70 -34.17
N PHE B 4631 -23.20 98.14 -33.08
CA PHE B 4631 -21.82 98.58 -33.13
C PHE B 4631 -21.20 98.40 -31.77
N LEU B 4632 -19.89 98.18 -31.74
CA LEU B 4632 -19.20 98.02 -30.48
C LEU B 4632 -19.00 99.36 -29.80
N GLU B 4633 -19.00 99.35 -28.47
CA GLU B 4633 -18.67 100.53 -27.68
C GLU B 4633 -17.42 100.22 -26.86
N GLU B 4634 -16.39 101.04 -27.02
CA GLU B 4634 -15.12 100.81 -26.35
C GLU B 4634 -14.28 102.07 -26.45
N SER B 4635 -13.31 102.18 -25.56
CA SER B 4635 -12.40 103.33 -25.60
C SER B 4635 -11.17 103.06 -26.46
N THR B 4636 -10.85 101.80 -26.70
CA THR B 4636 -9.59 101.48 -27.37
C THR B 4636 -9.63 101.89 -28.83
N GLY B 4637 -10.61 101.36 -29.58
CA GLY B 4637 -10.72 101.60 -31.00
C GLY B 4637 -10.49 100.39 -31.84
N TYR B 4638 -9.44 99.62 -31.57
CA TYR B 4638 -9.32 98.32 -32.20
C TYR B 4638 -9.82 97.18 -31.31
N MET B 4639 -11.05 97.28 -30.80
CA MET B 4639 -11.83 96.07 -30.56
C MET B 4639 -12.25 95.47 -31.89
N GLU B 4640 -12.69 96.31 -32.81
CA GLU B 4640 -13.29 95.83 -34.05
C GLU B 4640 -12.30 95.13 -34.97
N PRO B 4641 -11.14 95.70 -35.32
CA PRO B 4641 -10.18 94.93 -36.12
C PRO B 4641 -9.75 93.65 -35.45
N ALA B 4642 -9.65 93.64 -34.12
CA ALA B 4642 -9.36 92.40 -33.42
C ALA B 4642 -10.42 91.35 -33.69
N LEU B 4643 -11.69 91.77 -33.64
CA LEU B 4643 -12.77 90.84 -33.95
C LEU B 4643 -12.67 90.35 -35.39
N TRP B 4644 -12.35 91.25 -36.32
CA TRP B 4644 -12.26 90.86 -37.72
C TRP B 4644 -11.14 89.86 -37.97
N CYS B 4645 -9.97 90.07 -37.36
CA CYS B 4645 -8.89 89.11 -37.51
C CYS B 4645 -9.24 87.78 -36.85
N LEU B 4646 -9.86 87.84 -35.67
CA LEU B 4646 -10.17 86.61 -34.95
C LEU B 4646 -11.22 85.78 -35.68
N SER B 4647 -12.16 86.43 -36.37
CA SER B 4647 -13.16 85.67 -37.12
C SER B 4647 -12.50 84.84 -38.21
N LEU B 4648 -11.64 85.47 -39.01
CA LEU B 4648 -10.95 84.74 -40.07
C LEU B 4648 -10.06 83.65 -39.50
N LEU B 4649 -9.34 83.95 -38.41
CA LEU B 4649 -8.44 82.97 -37.85
C LEU B 4649 -9.20 81.77 -37.29
N HIS B 4650 -10.34 82.02 -36.64
CA HIS B 4650 -11.17 80.93 -36.14
C HIS B 4650 -11.69 80.06 -37.27
N THR B 4651 -12.14 80.69 -38.35
CA THR B 4651 -12.61 79.94 -39.50
C THR B 4651 -11.50 79.07 -40.08
N LEU B 4652 -10.29 79.63 -40.18
CA LEU B 4652 -9.16 78.86 -40.67
C LEU B 4652 -8.86 77.68 -39.76
N VAL B 4653 -8.91 77.89 -38.45
CA VAL B 4653 -8.60 76.81 -37.52
C VAL B 4653 -9.64 75.70 -37.63
N ALA B 4654 -10.91 76.06 -37.80
CA ALA B 4654 -11.96 75.06 -37.95
C ALA B 4654 -11.71 74.22 -39.21
N PHE B 4655 -11.37 74.88 -40.32
CA PHE B 4655 -11.10 74.14 -41.53
C PHE B 4655 -9.90 73.21 -41.36
N LEU B 4656 -8.85 73.70 -40.70
CA LEU B 4656 -7.67 72.88 -40.44
C LEU B 4656 -8.00 71.69 -39.56
N CYS B 4657 -8.88 71.86 -38.59
CA CYS B 4657 -9.30 70.75 -37.75
C CYS B 4657 -10.05 69.70 -38.57
N ILE B 4658 -10.86 70.13 -39.53
CA ILE B 4658 -11.55 69.18 -40.40
C ILE B 4658 -10.54 68.35 -41.18
N ILE B 4659 -9.52 69.01 -41.74
CA ILE B 4659 -8.46 68.26 -42.41
C ILE B 4659 -7.73 67.32 -41.47
N GLY B 4660 -7.42 67.77 -40.26
CA GLY B 4660 -6.78 66.91 -39.29
C GLY B 4660 -7.59 65.67 -38.97
N TYR B 4661 -8.91 65.84 -38.85
CA TYR B 4661 -9.76 64.69 -38.62
C TYR B 4661 -9.76 63.74 -39.81
N ASN B 4662 -9.77 64.28 -41.04
CA ASN B 4662 -9.73 63.41 -42.21
C ASN B 4662 -8.45 62.61 -42.30
N CYS B 4663 -7.38 63.02 -41.64
CA CYS B 4663 -6.09 62.36 -41.77
C CYS B 4663 -5.64 61.67 -40.50
N LEU B 4664 -6.37 61.77 -39.40
CA LEU B 4664 -5.97 61.11 -38.17
C LEU B 4664 -6.98 60.04 -37.73
N LYS B 4665 -8.26 60.36 -37.67
CA LYS B 4665 -9.24 59.44 -37.11
C LYS B 4665 -10.10 58.76 -38.16
N VAL B 4666 -10.34 59.41 -39.29
CA VAL B 4666 -11.17 58.78 -40.33
C VAL B 4666 -10.60 57.46 -40.81
N PRO B 4667 -9.29 57.31 -41.06
CA PRO B 4667 -8.79 56.01 -41.52
C PRO B 4667 -9.14 54.87 -40.59
N LEU B 4668 -9.16 55.11 -39.27
CA LEU B 4668 -9.57 54.06 -38.35
C LEU B 4668 -11.02 53.67 -38.57
N VAL B 4669 -11.90 54.64 -38.80
CA VAL B 4669 -13.31 54.34 -39.01
C VAL B 4669 -13.49 53.51 -40.27
N ILE B 4670 -12.86 53.88 -41.35
CA ILE B 4670 -13.03 53.12 -42.56
C ILE B 4670 -12.45 51.73 -42.36
N PHE B 4671 -11.43 51.58 -41.55
CA PHE B 4671 -10.90 50.27 -41.22
C PHE B 4671 -11.87 49.45 -40.47
N LYS B 4672 -12.62 50.03 -39.57
CA LYS B 4672 -13.47 49.25 -38.74
C LYS B 4672 -14.69 48.90 -39.47
N ARG B 4673 -14.98 49.55 -40.58
CA ARG B 4673 -16.10 49.10 -41.42
C ARG B 4673 -15.64 48.10 -42.47
N GLU B 4674 -14.47 48.33 -43.07
CA GLU B 4674 -13.96 47.35 -44.02
C GLU B 4674 -13.71 46.02 -43.33
N LYS B 4675 -13.17 46.06 -42.11
CA LYS B 4675 -12.89 44.84 -41.37
C LYS B 4675 -14.17 44.07 -41.09
N GLU B 4676 -15.17 44.75 -40.52
CA GLU B 4676 -16.39 44.05 -40.15
C GLU B 4676 -17.11 43.52 -41.37
N LEU B 4677 -17.07 44.25 -42.48
CA LEU B 4677 -17.76 43.75 -43.67
C LEU B 4677 -17.05 42.54 -44.23
N ALA B 4678 -15.74 42.49 -44.13
CA ALA B 4678 -15.10 41.37 -44.75
C ALA B 4678 -15.33 40.14 -43.94
N ARG B 4679 -15.55 40.27 -42.65
CA ARG B 4679 -15.91 39.11 -41.87
C ARG B 4679 -17.32 38.68 -42.14
N LYS B 4680 -18.23 39.63 -42.21
CA LYS B 4680 -19.61 39.30 -42.44
C LYS B 4680 -19.69 38.69 -43.79
N LEU B 4681 -18.78 39.06 -44.68
CA LEU B 4681 -18.81 38.51 -46.02
C LEU B 4681 -18.23 37.11 -46.07
N GLU B 4682 -17.14 36.88 -45.34
CA GLU B 4682 -16.44 35.60 -45.44
C GLU B 4682 -17.02 34.56 -44.50
N PHE B 4683 -17.11 34.89 -43.21
CA PHE B 4683 -17.50 33.89 -42.20
C PHE B 4683 -19.00 33.74 -42.08
N ASP B 4684 -19.76 34.76 -42.46
CA ASP B 4684 -21.21 34.73 -42.36
C ASP B 4684 -21.90 34.88 -43.70
N GLY B 4685 -21.20 35.30 -44.74
CA GLY B 4685 -21.80 35.45 -46.05
C GLY B 4685 -23.00 36.36 -46.09
N LEU B 4686 -22.84 37.59 -45.59
CA LEU B 4686 -24.01 38.45 -45.40
C LEU B 4686 -24.65 38.83 -46.73
N TYR B 4687 -23.88 38.80 -47.82
CA TYR B 4687 -24.45 39.07 -49.13
C TYR B 4687 -24.47 37.85 -50.03
N ILE B 4688 -23.68 36.83 -49.73
CA ILE B 4688 -23.68 35.63 -50.55
C ILE B 4688 -24.91 34.78 -50.25
N THR B 4689 -25.04 34.33 -49.00
CA THR B 4689 -26.14 33.48 -48.58
C THR B 4689 -27.33 34.32 -48.10
N GLU B 4690 -27.12 35.10 -47.06
CA GLU B 4690 -28.15 35.94 -46.47
C GLU B 4690 -28.17 37.26 -47.22
N GLN B 4691 -29.03 38.18 -46.81
CA GLN B 4691 -29.09 39.50 -47.41
C GLN B 4691 -29.32 40.51 -46.31
N PRO B 4692 -28.86 41.76 -46.45
CA PRO B 4692 -29.04 42.74 -45.39
C PRO B 4692 -30.52 42.91 -45.06
N GLY B 4693 -30.80 43.11 -43.77
CA GLY B 4693 -32.14 42.93 -43.23
C GLY B 4693 -33.22 43.86 -43.75
N ASP B 4694 -32.92 44.64 -44.77
CA ASP B 4694 -33.85 45.55 -45.45
C ASP B 4694 -34.32 46.68 -44.53
N ASP B 4695 -33.87 46.72 -43.28
CA ASP B 4695 -34.11 47.83 -42.39
C ASP B 4695 -32.82 48.44 -41.86
N ASP B 4696 -31.68 47.79 -42.09
CA ASP B 4696 -30.38 48.30 -41.69
C ASP B 4696 -29.79 49.08 -42.85
N VAL B 4697 -29.54 50.37 -42.64
CA VAL B 4697 -28.97 51.18 -43.70
C VAL B 4697 -27.49 50.85 -43.90
N LYS B 4698 -26.85 50.28 -42.88
CA LYS B 4698 -25.42 50.04 -42.97
C LYS B 4698 -25.11 48.98 -44.01
N GLY B 4699 -25.81 47.85 -43.98
CA GLY B 4699 -25.55 46.80 -44.95
C GLY B 4699 -25.86 47.24 -46.37
N GLN B 4700 -27.02 47.87 -46.56
CA GLN B 4700 -27.40 48.30 -47.90
C GLN B 4700 -26.44 49.36 -48.43
N TRP B 4701 -25.96 50.24 -47.56
CA TRP B 4701 -24.96 51.21 -48.01
C TRP B 4701 -23.65 50.54 -48.35
N ASP B 4702 -23.24 49.56 -47.55
CA ASP B 4702 -22.00 48.86 -47.81
C ASP B 4702 -22.07 47.99 -49.05
N ARG B 4703 -23.27 47.77 -49.59
CA ARG B 4703 -23.36 47.00 -50.82
C ARG B 4703 -22.61 47.65 -51.96
N LEU B 4704 -22.49 48.99 -51.96
CA LEU B 4704 -21.86 49.67 -53.08
C LEU B 4704 -20.40 49.28 -53.24
N VAL B 4705 -19.67 49.21 -52.12
CA VAL B 4705 -18.21 49.11 -52.16
C VAL B 4705 -17.74 47.73 -52.59
N LEU B 4706 -18.60 46.71 -52.52
CA LEU B 4706 -18.18 45.35 -52.89
C LEU B 4706 -17.67 45.28 -54.31
N ASN B 4707 -18.40 45.90 -55.24
CA ASN B 4707 -18.04 45.81 -56.64
C ASN B 4707 -16.72 46.51 -56.95
N THR B 4708 -16.28 47.40 -56.08
CA THR B 4708 -15.12 48.24 -56.39
C THR B 4708 -13.84 47.42 -56.35
N PRO B 4709 -12.86 47.75 -57.20
CA PRO B 4709 -11.59 47.00 -57.19
C PRO B 4709 -10.71 47.32 -55.99
N SER B 4710 -10.95 48.43 -55.31
CA SER B 4710 -10.13 48.85 -54.17
C SER B 4710 -10.90 48.70 -52.87
N PHE B 4711 -11.63 47.60 -52.72
CA PHE B 4711 -12.34 47.38 -51.47
C PHE B 4711 -11.45 47.33 -50.24
N PRO B 4712 -10.52 46.38 -50.10
CA PRO B 4712 -9.77 46.39 -48.85
C PRO B 4712 -8.61 47.39 -48.94
N SER B 4713 -8.92 48.67 -48.79
CA SER B 4713 -7.94 49.73 -48.94
C SER B 4713 -7.20 50.00 -47.68
N ASN B 4714 -7.86 49.92 -46.54
CA ASN B 4714 -7.17 50.09 -45.29
C ASN B 4714 -6.96 48.82 -44.48
N TYR B 4715 -7.79 47.81 -44.65
CA TYR B 4715 -7.69 46.58 -43.89
C TYR B 4715 -6.54 45.75 -44.35
N TRP B 4716 -5.98 44.92 -43.48
CA TRP B 4716 -4.80 44.15 -43.82
C TRP B 4716 -5.00 43.18 -44.93
N ASP B 4717 -6.13 42.50 -44.96
CA ASP B 4717 -6.31 41.47 -45.96
C ASP B 4717 -6.61 42.12 -47.24
N LYS B 4718 -5.79 41.88 -48.23
CA LYS B 4718 -6.05 42.43 -49.52
C LYS B 4718 -6.50 41.31 -50.42
N PHE B 4719 -6.77 40.16 -49.84
CA PHE B 4719 -7.12 39.02 -50.62
C PHE B 4719 -8.41 38.46 -50.11
N VAL B 4720 -9.21 39.29 -49.47
CA VAL B 4720 -10.49 38.85 -48.92
C VAL B 4720 -11.42 38.36 -50.01
N LYS B 4721 -11.46 39.05 -51.15
CA LYS B 4721 -12.33 38.64 -52.23
C LYS B 4721 -11.99 37.24 -52.71
N ARG B 4722 -10.70 36.95 -52.79
CA ARG B 4722 -10.23 35.66 -53.29
C ARG B 4722 -10.41 34.56 -52.26
N LYS B 4723 -10.77 34.90 -51.03
CA LYS B 4723 -11.16 33.90 -50.05
C LYS B 4723 -12.67 33.68 -50.04
N VAL B 4724 -13.44 34.76 -50.21
CA VAL B 4724 -14.88 34.62 -50.33
C VAL B 4724 -15.21 33.76 -51.53
N LEU B 4725 -14.47 33.95 -52.62
CA LEU B 4725 -14.67 33.10 -53.79
C LEU B 4725 -14.38 31.64 -53.45
N ASP B 4726 -13.21 31.36 -52.90
CA ASP B 4726 -12.83 29.98 -52.62
C ASP B 4726 -13.70 29.33 -51.56
N LYS B 4727 -14.47 30.10 -50.80
CA LYS B 4727 -15.38 29.53 -49.83
C LYS B 4727 -16.79 29.31 -50.39
N HIS B 4728 -17.34 30.29 -51.08
CA HIS B 4728 -18.75 30.25 -51.46
C HIS B 4728 -18.98 30.06 -52.95
N GLY B 4729 -17.91 29.94 -53.74
CA GLY B 4729 -18.10 29.81 -55.18
C GLY B 4729 -18.78 28.53 -55.57
N ASP B 4730 -18.46 27.44 -54.88
CA ASP B 4730 -19.10 26.17 -55.18
C ASP B 4730 -20.60 26.23 -54.93
N ILE B 4731 -21.00 26.80 -53.80
CA ILE B 4731 -22.40 26.79 -53.42
C ILE B 4731 -23.20 27.74 -54.31
N PHE B 4732 -22.64 28.91 -54.60
CA PHE B 4732 -23.41 29.95 -55.29
C PHE B 4732 -22.79 30.38 -56.61
N GLY B 4733 -21.94 29.55 -57.21
CA GLY B 4733 -21.45 29.87 -58.53
C GLY B 4733 -20.26 30.80 -58.49
N ARG B 4734 -19.14 30.37 -59.06
CA ARG B 4734 -17.95 31.20 -59.05
C ARG B 4734 -18.16 32.48 -59.85
N GLU B 4735 -18.84 32.37 -60.99
CA GLU B 4735 -19.08 33.55 -61.82
C GLU B 4735 -19.94 34.57 -61.08
N ARG B 4736 -20.95 34.11 -60.34
CA ARG B 4736 -21.81 35.03 -59.61
C ARG B 4736 -21.04 35.75 -58.52
N ILE B 4737 -20.16 35.03 -57.82
CA ILE B 4737 -19.32 35.67 -56.81
C ILE B 4737 -18.37 36.66 -57.46
N ALA B 4738 -17.88 36.33 -58.65
CA ALA B 4738 -17.01 37.26 -59.36
C ALA B 4738 -17.74 38.55 -59.69
N GLU B 4739 -18.98 38.46 -60.16
CA GLU B 4739 -19.74 39.67 -60.43
C GLU B 4739 -20.05 40.45 -59.16
N LEU B 4740 -20.42 39.76 -58.08
CA LEU B 4740 -20.73 40.45 -56.85
C LEU B 4740 -19.50 41.15 -56.28
N LEU B 4741 -18.33 40.55 -56.42
CA LEU B 4741 -17.10 41.14 -55.91
C LEU B 4741 -16.31 41.87 -56.98
N GLY B 4742 -16.87 42.02 -58.18
CA GLY B 4742 -16.23 42.78 -59.22
C GLY B 4742 -14.95 42.19 -59.77
N MET B 4743 -14.44 41.13 -59.17
CA MET B 4743 -13.20 40.53 -59.64
C MET B 4743 -13.41 39.75 -60.93
N ASP B 4744 -12.34 39.65 -61.71
CA ASP B 4744 -12.37 38.95 -62.99
C ASP B 4744 -11.59 37.65 -62.81
N LEU B 4745 -12.16 36.56 -63.31
CA LEU B 4745 -11.59 35.24 -63.06
C LEU B 4745 -10.28 35.03 -63.80
N ALA B 4746 -10.23 35.41 -65.07
CA ALA B 4746 -9.06 35.11 -65.89
C ALA B 4746 -7.81 35.82 -65.36
N SER B 4747 -7.90 37.13 -65.14
CA SER B 4747 -6.75 37.88 -64.66
C SER B 4747 -6.33 37.43 -63.27
N LEU B 4748 -7.25 36.84 -62.50
CA LEU B 4748 -6.90 36.30 -61.19
C LEU B 4748 -5.82 35.25 -61.30
N GLU B 4749 -5.99 34.28 -62.19
CA GLU B 4749 -4.96 33.28 -62.40
C GLU B 4749 -3.78 33.83 -63.20
N ILE B 4750 -4.03 34.84 -64.04
CA ILE B 4750 -2.93 35.46 -64.77
C ILE B 4750 -1.91 36.04 -63.80
N THR B 4751 -2.37 36.72 -62.75
CA THR B 4751 -1.45 37.25 -61.75
C THR B 4751 -0.73 36.13 -61.00
N ALA B 4752 -1.32 34.93 -60.94
CA ALA B 4752 -0.62 33.79 -60.36
C ALA B 4752 0.57 33.38 -61.22
N HIS B 4753 0.48 33.60 -62.52
CA HIS B 4753 1.61 33.44 -63.42
C HIS B 4753 2.48 34.69 -63.34
N ASN B 4754 3.55 34.74 -64.13
CA ASN B 4754 4.32 35.96 -64.29
C ASN B 4754 3.41 37.08 -64.78
N GLU B 4755 3.51 38.25 -64.13
CA GLU B 4755 2.62 39.36 -64.42
C GLU B 4755 3.47 40.63 -64.52
N ARG B 4756 3.43 41.28 -65.67
CA ARG B 4756 4.19 42.50 -65.92
C ARG B 4756 3.25 43.70 -65.92
N LYS B 4757 3.63 44.74 -65.19
CA LYS B 4757 2.86 45.97 -65.16
C LYS B 4757 3.74 47.16 -65.51
N PRO B 4758 3.21 48.11 -66.27
CA PRO B 4758 3.98 49.32 -66.58
C PRO B 4758 3.69 50.45 -65.60
N ASP B 4759 4.70 51.25 -65.28
CA ASP B 4759 4.48 52.40 -64.43
C ASP B 4759 3.68 53.46 -65.20
N PRO B 4760 2.59 53.97 -64.63
CA PRO B 4760 1.76 54.94 -65.36
C PRO B 4760 2.51 56.24 -65.58
N PRO B 4761 2.19 56.97 -66.64
CA PRO B 4761 2.86 58.25 -66.90
C PRO B 4761 2.63 59.21 -65.74
N PRO B 4762 3.66 59.97 -65.35
CA PRO B 4762 3.47 60.93 -64.26
C PRO B 4762 2.68 62.15 -64.70
N GLY B 4763 1.42 62.23 -64.28
CA GLY B 4763 0.56 63.34 -64.63
C GLY B 4763 -0.62 63.47 -63.70
N LEU B 4764 -1.00 64.70 -63.36
CA LEU B 4764 -2.12 64.92 -62.45
C LEU B 4764 -3.42 64.37 -63.02
N LEU B 4765 -3.53 64.31 -64.34
CA LEU B 4765 -4.71 63.74 -64.97
C LEU B 4765 -4.87 62.27 -64.60
N THR B 4766 -3.75 61.54 -64.52
CA THR B 4766 -3.82 60.15 -64.09
C THR B 4766 -4.34 60.04 -62.67
N TRP B 4767 -3.90 60.90 -61.75
CA TRP B 4767 -4.48 60.91 -60.42
C TRP B 4767 -5.98 61.13 -60.50
N LEU B 4768 -6.39 62.12 -61.29
CA LEU B 4768 -7.79 62.52 -61.31
C LEU B 4768 -8.68 61.41 -61.83
N MET B 4769 -8.26 60.74 -62.89
CA MET B 4769 -9.10 59.73 -63.54
C MET B 4769 -9.00 58.37 -62.87
N SER B 4770 -7.87 58.06 -62.23
CA SER B 4770 -7.74 56.78 -61.52
C SER B 4770 -8.61 56.70 -60.28
N ILE B 4771 -9.23 57.80 -59.85
CA ILE B 4771 -10.11 57.76 -58.70
C ILE B 4771 -11.26 56.81 -58.96
N ASP B 4772 -11.49 55.87 -58.04
CA ASP B 4772 -12.64 54.98 -58.10
C ASP B 4772 -13.82 55.72 -57.50
N VAL B 4773 -14.72 56.21 -58.36
CA VAL B 4773 -15.81 57.06 -57.90
C VAL B 4773 -16.72 56.30 -56.95
N LYS B 4774 -16.92 55.00 -57.17
CA LYS B 4774 -17.84 54.24 -56.33
C LYS B 4774 -17.29 54.08 -54.92
N TYR B 4775 -16.02 53.67 -54.80
CA TYR B 4775 -15.45 53.50 -53.47
C TYR B 4775 -15.38 54.81 -52.73
N GLN B 4776 -15.02 55.89 -53.43
CA GLN B 4776 -14.95 57.19 -52.77
C GLN B 4776 -16.33 57.63 -52.30
N ILE B 4777 -17.36 57.42 -53.13
CA ILE B 4777 -18.72 57.77 -52.71
C ILE B 4777 -19.07 57.02 -51.44
N TRP B 4778 -18.75 55.72 -51.39
CA TRP B 4778 -19.01 54.95 -50.18
C TRP B 4778 -18.23 55.48 -49.00
N LYS B 4779 -16.95 55.77 -49.19
CA LYS B 4779 -16.11 56.28 -48.12
C LYS B 4779 -16.68 57.55 -47.53
N PHE B 4780 -17.08 58.50 -48.39
CA PHE B 4780 -17.63 59.76 -47.91
C PHE B 4780 -19.01 59.58 -47.27
N GLY B 4781 -19.79 58.62 -47.75
CA GLY B 4781 -21.04 58.32 -47.08
C GLY B 4781 -20.80 57.85 -45.67
N VAL B 4782 -19.80 57.00 -45.49
CA VAL B 4782 -19.39 56.61 -44.15
C VAL B 4782 -18.96 57.83 -43.35
N ILE B 4783 -18.09 58.69 -43.91
CA ILE B 4783 -17.53 59.80 -43.14
C ILE B 4783 -18.64 60.76 -42.70
N PHE B 4784 -19.55 61.12 -43.61
CA PHE B 4784 -20.62 62.05 -43.27
C PHE B 4784 -21.63 61.39 -42.34
N THR B 4785 -21.68 60.06 -42.31
CA THR B 4785 -22.46 59.37 -41.30
C THR B 4785 -21.80 59.42 -39.92
N ASP B 4786 -20.48 59.59 -39.85
CA ASP B 4786 -19.78 59.62 -38.57
C ASP B 4786 -20.23 60.79 -37.72
N ASN B 4787 -20.36 60.54 -36.42
CA ASN B 4787 -20.85 61.56 -35.50
C ASN B 4787 -19.83 62.69 -35.32
N SER B 4788 -18.58 62.34 -35.05
CA SER B 4788 -17.58 63.36 -34.77
C SER B 4788 -17.34 64.24 -35.99
N PHE B 4789 -17.32 63.63 -37.18
CA PHE B 4789 -17.16 64.43 -38.39
C PHE B 4789 -18.34 65.36 -38.60
N LEU B 4790 -19.56 64.89 -38.33
CA LEU B 4790 -20.70 65.78 -38.43
C LEU B 4790 -20.60 66.93 -37.44
N TYR B 4791 -20.10 66.67 -36.23
CA TYR B 4791 -19.95 67.74 -35.27
C TYR B 4791 -18.92 68.76 -35.74
N LEU B 4792 -17.78 68.29 -36.27
CA LEU B 4792 -16.80 69.22 -36.81
C LEU B 4792 -17.32 69.97 -38.02
N GLY B 4793 -18.17 69.35 -38.84
CA GLY B 4793 -18.78 70.02 -39.96
C GLY B 4793 -19.73 71.11 -39.51
N TRP B 4794 -20.54 70.83 -38.50
CA TRP B 4794 -21.39 71.87 -37.92
C TRP B 4794 -20.55 73.02 -37.40
N TYR B 4795 -19.44 72.71 -36.75
CA TYR B 4795 -18.54 73.72 -36.21
C TYR B 4795 -18.03 74.63 -37.32
N MET B 4796 -17.66 74.05 -38.45
CA MET B 4796 -17.25 74.84 -39.60
C MET B 4796 -18.40 75.67 -40.16
N VAL B 4797 -19.60 75.08 -40.24
CA VAL B 4797 -20.73 75.78 -40.85
C VAL B 4797 -21.09 77.00 -40.00
N MET B 4798 -21.14 76.84 -38.68
CA MET B 4798 -21.39 77.98 -37.81
C MET B 4798 -20.27 79.00 -37.92
N SER B 4799 -19.03 78.55 -38.06
CA SER B 4799 -17.94 79.50 -38.23
C SER B 4799 -18.09 80.33 -39.48
N LEU B 4800 -18.49 79.71 -40.59
CA LEU B 4800 -18.74 80.46 -41.81
C LEU B 4800 -19.89 81.43 -41.65
N LEU B 4801 -21.00 80.97 -41.08
CA LEU B 4801 -22.14 81.85 -40.88
C LEU B 4801 -21.82 82.97 -39.90
N GLY B 4802 -20.75 82.83 -39.12
CA GLY B 4802 -20.33 83.91 -38.26
C GLY B 4802 -19.95 85.17 -39.02
N HIS B 4803 -19.62 85.04 -40.30
CA HIS B 4803 -19.33 86.22 -41.09
C HIS B 4803 -20.59 86.88 -41.64
N TYR B 4804 -21.68 86.13 -41.77
CA TYR B 4804 -22.95 86.75 -42.11
C TYR B 4804 -23.49 87.55 -40.93
N ASN B 4805 -23.27 87.06 -39.72
CA ASN B 4805 -23.63 87.77 -38.49
C ASN B 4805 -22.79 87.20 -37.37
N ASN B 4806 -21.99 88.04 -36.73
CA ASN B 4806 -20.98 87.56 -35.79
C ASN B 4806 -21.58 86.78 -34.63
N PHE B 4807 -22.85 86.99 -34.32
CA PHE B 4807 -23.44 86.33 -33.16
C PHE B 4807 -23.50 84.83 -33.31
N PHE B 4808 -23.38 84.29 -34.52
CA PHE B 4808 -23.31 82.85 -34.67
C PHE B 4808 -22.11 82.27 -33.97
N PHE B 4809 -21.05 83.06 -33.75
CA PHE B 4809 -19.92 82.56 -32.99
C PHE B 4809 -20.31 82.16 -31.57
N ALA B 4810 -21.46 82.64 -31.07
CA ALA B 4810 -21.92 82.20 -29.76
C ALA B 4810 -22.17 80.70 -29.73
N ALA B 4811 -22.70 80.12 -30.81
CA ALA B 4811 -22.92 78.68 -30.83
C ALA B 4811 -21.63 77.94 -30.57
N HIS B 4812 -20.51 78.54 -30.96
CA HIS B 4812 -19.21 77.91 -30.87
C HIS B 4812 -18.78 77.69 -29.45
N LEU B 4813 -19.49 78.30 -28.49
CA LEU B 4813 -19.17 78.09 -27.09
C LEU B 4813 -19.57 76.71 -26.63
N LEU B 4814 -20.62 76.13 -27.21
CA LEU B 4814 -21.08 74.81 -26.78
C LEU B 4814 -20.01 73.76 -26.97
N ASP B 4815 -19.00 74.06 -27.78
CA ASP B 4815 -17.83 73.20 -27.92
C ASP B 4815 -17.22 72.81 -26.57
N ILE B 4816 -17.35 73.67 -25.56
CA ILE B 4816 -16.76 73.36 -24.25
C ILE B 4816 -17.32 72.05 -23.72
N ALA B 4817 -18.59 71.76 -24.02
CA ALA B 4817 -19.18 70.51 -23.56
C ALA B 4817 -18.43 69.31 -24.10
N MET B 4818 -18.05 69.35 -25.39
CA MET B 4818 -17.27 68.28 -25.96
C MET B 4818 -15.79 68.46 -25.74
N GLY B 4819 -15.37 69.59 -25.20
CA GLY B 4819 -13.96 69.86 -25.01
C GLY B 4819 -13.39 69.20 -23.77
N VAL B 4820 -13.93 69.58 -22.62
CA VAL B 4820 -13.39 69.16 -21.33
C VAL B 4820 -14.10 67.91 -20.86
N LYS B 4821 -13.38 67.07 -20.10
CA LYS B 4821 -13.93 65.79 -19.67
C LYS B 4821 -15.11 65.98 -18.73
N THR B 4822 -15.00 66.91 -17.78
CA THR B 4822 -15.95 66.96 -16.67
C THR B 4822 -17.35 67.31 -17.14
N LEU B 4823 -17.48 68.32 -17.97
CA LEU B 4823 -18.80 68.63 -18.52
C LEU B 4823 -19.33 67.48 -19.36
N ARG B 4824 -18.45 66.69 -19.96
CA ARG B 4824 -18.93 65.56 -20.75
C ARG B 4824 -19.53 64.49 -19.84
N THR B 4825 -18.92 64.28 -18.66
CA THR B 4825 -19.53 63.39 -17.67
C THR B 4825 -20.84 63.95 -17.15
N ILE B 4826 -20.85 65.23 -16.78
CA ILE B 4826 -22.04 65.84 -16.19
C ILE B 4826 -23.20 65.82 -17.17
N LEU B 4827 -22.93 66.10 -18.44
CA LEU B 4827 -23.98 66.01 -19.45
C LEU B 4827 -24.31 64.57 -19.82
N SER B 4828 -23.37 63.65 -19.65
CA SER B 4828 -23.68 62.24 -19.83
C SER B 4828 -24.73 61.81 -18.83
N SER B 4829 -24.82 62.49 -17.68
CA SER B 4829 -25.90 62.22 -16.75
C SER B 4829 -27.26 62.39 -17.41
N VAL B 4830 -27.50 63.55 -18.03
CA VAL B 4830 -28.79 63.79 -18.68
C VAL B 4830 -28.97 62.86 -19.87
N THR B 4831 -27.92 62.69 -20.68
CA THR B 4831 -28.08 61.88 -21.89
C THR B 4831 -28.28 60.41 -21.55
N HIS B 4832 -27.97 60.01 -20.32
CA HIS B 4832 -28.20 58.62 -19.92
C HIS B 4832 -29.69 58.31 -19.90
N ASN B 4833 -30.50 59.20 -19.33
CA ASN B 4833 -31.93 58.98 -19.18
C ASN B 4833 -32.72 59.95 -20.06
N GLY B 4834 -32.11 60.41 -21.16
CA GLY B 4834 -32.78 61.27 -22.09
C GLY B 4834 -34.14 60.78 -22.55
N LYS B 4835 -34.26 59.48 -22.83
CA LYS B 4835 -35.54 58.94 -23.30
C LYS B 4835 -36.63 59.10 -22.24
N GLN B 4836 -36.31 58.76 -20.99
CA GLN B 4836 -37.29 58.93 -19.92
C GLN B 4836 -37.59 60.40 -19.68
N LEU B 4837 -36.60 61.28 -19.83
CA LEU B 4837 -36.85 62.69 -19.65
C LEU B 4837 -37.83 63.22 -20.70
N VAL B 4838 -37.61 62.83 -21.96
CA VAL B 4838 -38.51 63.28 -23.02
C VAL B 4838 -39.91 62.74 -22.79
N MET B 4839 -40.03 61.48 -22.41
CA MET B 4839 -41.34 60.92 -22.14
C MET B 4839 -42.00 61.57 -20.93
N THR B 4840 -41.21 61.96 -19.93
CA THR B 4840 -41.78 62.67 -18.79
C THR B 4840 -42.34 64.01 -19.20
N VAL B 4841 -41.60 64.75 -20.03
CA VAL B 4841 -42.11 66.01 -20.56
C VAL B 4841 -43.38 65.82 -21.38
N GLY B 4842 -43.45 64.74 -22.16
CA GLY B 4842 -44.67 64.44 -22.89
C GLY B 4842 -45.84 64.15 -21.96
N LEU B 4843 -45.58 63.38 -20.91
CA LEU B 4843 -46.61 63.11 -19.93
C LEU B 4843 -47.09 64.40 -19.28
N LEU B 4844 -46.18 65.34 -19.06
CA LEU B 4844 -46.58 66.62 -18.51
C LEU B 4844 -47.55 67.33 -19.46
N ALA B 4845 -47.29 67.28 -20.76
CA ALA B 4845 -48.19 67.90 -21.71
C ALA B 4845 -49.56 67.25 -21.69
N VAL B 4846 -49.60 65.92 -21.56
CA VAL B 4846 -50.88 65.22 -21.53
C VAL B 4846 -51.68 65.63 -20.29
N VAL B 4847 -51.03 65.64 -19.13
CA VAL B 4847 -51.73 65.96 -17.89
C VAL B 4847 -52.22 67.41 -17.92
N VAL B 4848 -51.36 68.32 -18.37
CA VAL B 4848 -51.77 69.71 -18.46
C VAL B 4848 -52.92 69.86 -19.44
N TYR B 4849 -52.95 69.05 -20.50
CA TYR B 4849 -54.07 69.11 -21.42
C TYR B 4849 -55.35 68.66 -20.75
N LEU B 4850 -55.27 67.64 -19.89
CA LEU B 4850 -56.46 67.24 -19.14
C LEU B 4850 -56.98 68.37 -18.27
N TYR B 4851 -56.07 69.06 -17.58
CA TYR B 4851 -56.50 70.21 -16.78
C TYR B 4851 -57.06 71.30 -17.67
N THR B 4852 -56.51 71.47 -18.87
CA THR B 4852 -57.06 72.45 -19.79
C THR B 4852 -58.47 72.09 -20.20
N VAL B 4853 -58.74 70.80 -20.41
CA VAL B 4853 -60.09 70.34 -20.71
C VAL B 4853 -61.05 70.76 -19.61
N VAL B 4854 -60.68 70.45 -18.37
CA VAL B 4854 -61.55 70.75 -17.23
C VAL B 4854 -61.75 72.25 -17.10
N ALA B 4855 -60.66 73.01 -17.23
CA ALA B 4855 -60.77 74.46 -17.10
C ALA B 4855 -61.64 75.05 -18.20
N PHE B 4856 -61.50 74.56 -19.43
CA PHE B 4856 -62.31 75.07 -20.52
C PHE B 4856 -63.78 74.81 -20.32
N ASN B 4857 -64.14 73.68 -19.72
CA ASN B 4857 -65.55 73.34 -19.58
C ASN B 4857 -66.24 74.05 -18.43
N PHE B 4858 -65.61 74.12 -17.26
CA PHE B 4858 -66.28 74.62 -16.07
C PHE B 4858 -65.70 75.94 -15.57
N PHE B 4859 -64.41 75.98 -15.24
CA PHE B 4859 -63.81 77.14 -14.59
C PHE B 4859 -63.25 78.05 -15.67
N ARG B 4860 -64.13 78.80 -16.32
CA ARG B 4860 -63.68 79.67 -17.40
C ARG B 4860 -63.81 81.13 -17.01
N LYS B 4861 -64.75 81.43 -16.13
CA LYS B 4861 -64.89 82.79 -15.62
C LYS B 4861 -63.71 83.22 -14.77
N PHE B 4862 -62.86 82.29 -14.36
CA PHE B 4862 -61.74 82.58 -13.48
C PHE B 4862 -60.47 82.93 -14.24
N TYR B 4863 -60.50 82.95 -15.57
CA TYR B 4863 -59.31 83.13 -16.38
C TYR B 4863 -59.28 84.49 -17.06
N ASN B 4864 -59.70 85.52 -16.34
CA ASN B 4864 -59.75 86.87 -16.88
C ASN B 4864 -58.48 87.61 -16.48
N LYS B 4865 -57.47 87.56 -17.36
CA LYS B 4865 -56.21 88.26 -17.11
C LYS B 4865 -56.26 89.67 -17.68
N SER B 4866 -57.22 90.44 -17.17
CA SER B 4866 -57.42 91.81 -17.61
C SER B 4866 -57.76 92.67 -16.40
N GLU B 4867 -57.18 93.87 -16.35
CA GLU B 4867 -57.42 94.77 -15.23
C GLU B 4867 -58.65 95.64 -15.47
N ASP B 4868 -58.64 96.39 -16.56
CA ASP B 4868 -59.76 97.28 -16.86
C ASP B 4868 -60.98 96.46 -17.31
N GLU B 4869 -62.15 96.91 -16.90
CA GLU B 4869 -63.38 96.20 -17.25
C GLU B 4869 -63.74 96.42 -18.71
N ASP B 4870 -63.25 97.50 -19.31
CA ASP B 4870 -63.52 97.76 -20.72
C ASP B 4870 -62.94 96.67 -21.60
N GLU B 4871 -61.72 96.25 -21.31
CA GLU B 4871 -61.05 95.23 -22.10
C GLU B 4871 -60.97 93.93 -21.32
N PRO B 4872 -61.77 92.92 -21.65
CA PRO B 4872 -61.56 91.60 -21.06
C PRO B 4872 -60.54 90.82 -21.87
N ASP B 4873 -59.79 89.98 -21.18
CA ASP B 4873 -58.71 89.22 -21.81
C ASP B 4873 -58.93 87.73 -21.58
N MET B 4874 -60.12 87.24 -21.90
CA MET B 4874 -60.46 85.84 -21.68
C MET B 4874 -59.36 84.91 -22.18
N LYS B 4875 -58.71 84.22 -21.25
CA LYS B 4875 -57.62 83.33 -21.59
C LYS B 4875 -58.05 81.91 -21.87
N CYS B 4876 -59.26 81.52 -21.47
CA CYS B 4876 -59.72 80.16 -21.75
C CYS B 4876 -60.96 80.16 -22.64
N ASP B 4877 -61.12 81.22 -23.45
CA ASP B 4877 -62.19 81.26 -24.44
C ASP B 4877 -61.99 80.18 -25.48
N ASP B 4878 -60.77 80.05 -25.96
CA ASP B 4878 -60.39 79.01 -26.91
C ASP B 4878 -59.55 77.97 -26.19
N MET B 4879 -59.62 76.73 -26.67
CA MET B 4879 -58.79 75.71 -26.06
C MET B 4879 -57.34 75.88 -26.45
N MET B 4880 -57.06 76.39 -27.64
CA MET B 4880 -55.69 76.66 -28.03
C MET B 4880 -55.06 77.66 -27.07
N THR B 4881 -55.73 78.80 -26.86
CA THR B 4881 -55.21 79.81 -25.95
C THR B 4881 -55.13 79.27 -24.53
N CYS B 4882 -56.12 78.50 -24.11
CA CYS B 4882 -56.17 78.06 -22.72
C CYS B 4882 -55.10 77.02 -22.45
N TYR B 4883 -54.87 76.13 -23.42
CA TYR B 4883 -53.78 75.18 -23.30
C TYR B 4883 -52.43 75.88 -23.27
N LEU B 4884 -52.24 76.87 -24.13
CA LEU B 4884 -50.99 77.63 -24.09
C LEU B 4884 -50.83 78.33 -22.76
N PHE B 4885 -51.92 78.88 -22.23
CA PHE B 4885 -51.89 79.53 -20.93
C PHE B 4885 -51.39 78.60 -19.85
N HIS B 4886 -52.00 77.42 -19.75
CA HIS B 4886 -51.57 76.47 -18.72
C HIS B 4886 -50.13 76.04 -18.96
N MET B 4887 -49.84 75.56 -20.17
CA MET B 4887 -48.52 75.05 -20.51
C MET B 4887 -47.41 76.06 -20.25
N TYR B 4888 -47.72 77.35 -20.35
CA TYR B 4888 -46.72 78.40 -20.20
C TYR B 4888 -46.63 78.91 -18.76
N VAL B 4889 -47.73 79.43 -18.21
CA VAL B 4889 -47.62 80.09 -16.93
C VAL B 4889 -47.98 79.16 -15.78
N GLY B 4890 -48.90 78.22 -16.01
CA GLY B 4890 -49.29 77.33 -14.93
C GLY B 4890 -48.17 76.42 -14.48
N VAL B 4891 -47.41 75.89 -15.44
CA VAL B 4891 -46.29 75.03 -15.10
C VAL B 4891 -45.17 75.82 -14.45
N ARG B 4892 -44.92 77.03 -14.94
CA ARG B 4892 -43.81 77.82 -14.44
C ARG B 4892 -44.07 78.41 -13.06
N ALA B 4893 -45.31 78.75 -12.74
CA ALA B 4893 -45.62 79.33 -11.45
C ALA B 4893 -45.31 78.34 -10.33
N GLY B 4894 -44.76 78.85 -9.23
CA GLY B 4894 -44.38 77.98 -8.13
C GLY B 4894 -45.57 77.33 -7.46
N GLY B 4895 -46.62 78.11 -7.20
CA GLY B 4895 -47.80 77.55 -6.57
C GLY B 4895 -48.57 76.61 -7.48
N GLY B 4896 -48.59 76.91 -8.76
CA GLY B 4896 -49.37 76.16 -9.72
C GLY B 4896 -50.24 77.11 -10.50
N ILE B 4897 -51.29 76.56 -11.10
CA ILE B 4897 -52.21 77.40 -11.86
C ILE B 4897 -53.06 78.26 -10.93
N GLY B 4898 -53.16 77.90 -9.66
CA GLY B 4898 -53.95 78.69 -8.74
C GLY B 4898 -53.41 80.08 -8.51
N ASP B 4899 -52.09 80.26 -8.65
CA ASP B 4899 -51.51 81.58 -8.42
C ASP B 4899 -51.93 82.56 -9.51
N GLU B 4900 -52.04 82.09 -10.75
CA GLU B 4900 -52.31 83.01 -11.85
C GLU B 4900 -53.79 83.36 -11.92
N ILE B 4901 -54.66 82.35 -12.05
CA ILE B 4901 -56.07 82.61 -12.24
C ILE B 4901 -56.66 83.29 -11.01
N GLU B 4902 -57.84 83.90 -11.19
CA GLU B 4902 -58.42 84.73 -10.16
C GLU B 4902 -58.89 83.89 -8.97
N ASP B 4903 -59.25 84.56 -7.90
CA ASP B 4903 -59.53 83.92 -6.63
C ASP B 4903 -60.88 83.21 -6.68
N PRO B 4904 -61.00 82.05 -6.04
CA PRO B 4904 -62.28 81.33 -6.01
C PRO B 4904 -63.14 81.65 -4.80
N ALA B 4905 -62.69 82.53 -3.91
CA ALA B 4905 -63.42 82.80 -2.69
C ALA B 4905 -64.81 83.35 -3.00
N GLY B 4906 -65.80 82.85 -2.26
CA GLY B 4906 -67.16 83.33 -2.43
C GLY B 4906 -67.76 82.99 -3.78
N ASP B 4907 -67.55 81.77 -4.25
CA ASP B 4907 -68.15 81.30 -5.49
C ASP B 4907 -68.69 79.89 -5.27
N GLU B 4908 -69.70 79.54 -6.05
CA GLU B 4908 -70.32 78.23 -5.86
C GLU B 4908 -69.50 77.10 -6.46
N TYR B 4909 -68.43 77.40 -7.20
CA TYR B 4909 -67.43 76.40 -7.57
C TYR B 4909 -66.16 76.53 -6.75
N GLU B 4910 -66.20 77.24 -5.61
CA GLU B 4910 -65.00 77.48 -4.83
C GLU B 4910 -64.30 76.18 -4.45
N LEU B 4911 -65.06 75.24 -3.91
CA LEU B 4911 -64.49 74.01 -3.40
C LEU B 4911 -63.85 73.20 -4.51
N TYR B 4912 -64.52 73.14 -5.66
CA TYR B 4912 -63.94 72.42 -6.79
C TYR B 4912 -62.68 73.10 -7.30
N ARG B 4913 -62.66 74.44 -7.28
CA ARG B 4913 -61.46 75.15 -7.68
C ARG B 4913 -60.31 74.86 -6.72
N VAL B 4914 -60.61 74.74 -5.43
CA VAL B 4914 -59.57 74.41 -4.46
C VAL B 4914 -58.98 73.05 -4.77
N VAL B 4915 -59.83 72.07 -5.03
CA VAL B 4915 -59.35 70.73 -5.40
C VAL B 4915 -58.54 70.80 -6.68
N PHE B 4916 -59.04 71.55 -7.67
CA PHE B 4916 -58.39 71.64 -8.96
C PHE B 4916 -56.99 72.23 -8.84
N ASP B 4917 -56.85 73.35 -8.14
CA ASP B 4917 -55.55 73.99 -8.01
C ASP B 4917 -54.60 73.12 -7.20
N ILE B 4918 -55.08 72.53 -6.10
CA ILE B 4918 -54.19 71.74 -5.25
C ILE B 4918 -53.70 70.51 -5.99
N THR B 4919 -54.58 69.81 -6.70
CA THR B 4919 -54.15 68.63 -7.42
C THR B 4919 -53.27 68.99 -8.61
N PHE B 4920 -53.46 70.18 -9.19
CA PHE B 4920 -52.50 70.66 -10.17
C PHE B 4920 -51.13 70.81 -9.55
N PHE B 4921 -51.08 71.37 -8.35
CA PHE B 4921 -49.80 71.59 -7.69
C PHE B 4921 -49.11 70.27 -7.39
N PHE B 4922 -49.84 69.29 -6.88
CA PHE B 4922 -49.21 68.02 -6.51
C PHE B 4922 -48.81 67.21 -7.73
N PHE B 4923 -49.68 67.16 -8.74
CA PHE B 4923 -49.45 66.22 -9.83
C PHE B 4923 -48.56 66.78 -10.93
N VAL B 4924 -48.24 68.07 -10.89
CA VAL B 4924 -47.43 68.66 -11.94
C VAL B 4924 -46.19 69.32 -11.33
N ILE B 4925 -46.41 70.28 -10.43
CA ILE B 4925 -45.29 71.05 -9.91
C ILE B 4925 -44.42 70.19 -9.00
N VAL B 4926 -45.05 69.32 -8.21
CA VAL B 4926 -44.29 68.55 -7.22
C VAL B 4926 -43.83 67.23 -7.80
N ILE B 4927 -44.77 66.37 -8.19
CA ILE B 4927 -44.42 64.99 -8.53
C ILE B 4927 -43.65 64.93 -9.84
N LEU B 4928 -44.12 65.63 -10.87
CA LEU B 4928 -43.52 65.48 -12.19
C LEU B 4928 -42.14 66.10 -12.24
N LEU B 4929 -41.97 67.28 -11.66
CA LEU B 4929 -40.64 67.86 -11.57
C LEU B 4929 -39.73 67.01 -10.71
N ALA B 4930 -40.27 66.40 -9.66
CA ALA B 4930 -39.47 65.48 -8.86
C ALA B 4930 -39.03 64.28 -9.69
N ILE B 4931 -39.89 63.81 -10.59
CA ILE B 4931 -39.52 62.69 -11.45
C ILE B 4931 -38.37 63.08 -12.35
N ILE B 4932 -38.44 64.27 -12.96
CA ILE B 4932 -37.39 64.72 -13.85
C ILE B 4932 -36.06 64.82 -13.11
N GLN B 4933 -36.08 65.50 -11.98
CA GLN B 4933 -34.86 65.62 -11.19
C GLN B 4933 -34.36 64.26 -10.73
N GLY B 4934 -35.27 63.37 -10.36
CA GLY B 4934 -34.86 62.05 -9.91
C GLY B 4934 -34.19 61.25 -11.01
N LEU B 4935 -34.66 61.39 -12.24
CA LEU B 4935 -33.96 60.76 -13.35
C LEU B 4935 -32.52 61.26 -13.42
N ILE B 4936 -32.32 62.55 -13.23
CA ILE B 4936 -30.95 63.09 -13.27
C ILE B 4936 -30.11 62.50 -12.13
N ILE B 4937 -30.67 62.47 -10.91
CA ILE B 4937 -29.89 62.02 -9.76
C ILE B 4937 -29.49 60.55 -9.94
N ASP B 4938 -30.44 59.71 -10.33
CA ASP B 4938 -30.13 58.30 -10.50
C ASP B 4938 -29.23 58.07 -11.70
N ALA B 4939 -29.23 58.98 -12.67
CA ALA B 4939 -28.23 58.89 -13.73
C ALA B 4939 -26.83 59.06 -13.19
N PHE B 4940 -26.64 60.04 -12.31
CA PHE B 4940 -25.33 60.20 -11.66
C PHE B 4940 -24.96 58.94 -10.89
N GLY B 4941 -25.91 58.40 -10.13
CA GLY B 4941 -25.64 57.20 -9.37
C GLY B 4941 -25.26 56.02 -10.25
N GLU B 4942 -25.98 55.84 -11.35
CA GLU B 4942 -25.69 54.71 -12.23
C GLU B 4942 -24.32 54.84 -12.87
N LEU B 4943 -23.94 56.03 -13.31
CA LEU B 4943 -22.63 56.19 -13.94
C LEU B 4943 -21.51 55.95 -12.95
N ARG B 4944 -21.66 56.48 -11.73
CA ARG B 4944 -20.67 56.22 -10.69
C ARG B 4944 -20.59 54.72 -10.39
N ASP B 4945 -21.74 54.05 -10.34
CA ASP B 4945 -21.76 52.62 -10.10
C ASP B 4945 -21.04 51.87 -11.20
N GLN B 4946 -21.23 52.29 -12.45
CA GLN B 4946 -20.59 51.59 -13.56
C GLN B 4946 -19.08 51.69 -13.48
N GLN B 4947 -18.56 52.88 -13.16
CA GLN B 4947 -17.12 53.00 -13.07
C GLN B 4947 -16.55 52.17 -11.94
N GLU B 4948 -17.16 52.22 -10.75
CA GLU B 4948 -16.72 51.35 -9.68
C GLU B 4948 -16.91 49.88 -10.06
N GLN B 4949 -17.95 49.60 -10.85
CA GLN B 4949 -18.28 48.24 -11.25
C GLN B 4949 -17.14 47.61 -12.01
N VAL B 4950 -16.78 48.22 -13.13
CA VAL B 4950 -15.66 47.74 -13.95
C VAL B 4950 -14.39 47.71 -13.13
N LYS B 4951 -14.19 48.71 -12.29
CA LYS B 4951 -12.85 48.95 -11.79
C LYS B 4951 -12.59 47.79 -10.83
N GLU B 4952 -13.55 47.56 -9.93
CA GLU B 4952 -13.43 46.47 -8.96
C GLU B 4952 -13.32 45.11 -9.66
N ASP B 4953 -14.00 44.95 -10.80
CA ASP B 4953 -13.75 43.75 -11.60
C ASP B 4953 -12.27 43.63 -11.97
N MET B 4954 -11.68 44.73 -12.42
CA MET B 4954 -10.30 44.67 -12.87
C MET B 4954 -9.36 44.28 -11.73
N GLU B 4955 -9.65 44.71 -10.50
CA GLU B 4955 -8.79 44.27 -9.41
C GLU B 4955 -9.28 43.05 -8.64
N THR B 4956 -10.29 42.32 -9.10
CA THR B 4956 -10.61 41.05 -8.45
C THR B 4956 -10.42 39.83 -9.33
N LYS B 4957 -10.33 39.98 -10.65
CA LYS B 4957 -10.11 38.87 -11.56
C LYS B 4957 -9.13 39.26 -12.65
N CYS B 4958 -8.43 38.27 -13.16
CA CYS B 4958 -7.55 38.45 -14.30
C CYS B 4958 -8.40 38.62 -15.55
N PHE B 4959 -7.98 39.51 -16.43
CA PHE B 4959 -8.75 39.79 -17.64
C PHE B 4959 -8.83 38.56 -18.54
N ILE B 4960 -7.71 37.85 -18.71
CA ILE B 4960 -7.67 36.72 -19.63
C ILE B 4960 -8.13 35.45 -18.94
N CYS B 4961 -7.52 35.12 -17.81
CA CYS B 4961 -7.80 33.84 -17.15
C CYS B 4961 -9.27 33.75 -16.74
N GLY B 4962 -9.80 34.83 -16.18
CA GLY B 4962 -11.07 34.80 -15.51
C GLY B 4962 -10.99 34.34 -14.07
N ILE B 4963 -9.83 33.84 -13.65
CA ILE B 4963 -9.69 33.39 -12.28
C ILE B 4963 -9.61 34.59 -11.34
N GLY B 4964 -10.13 34.42 -10.14
CA GLY B 4964 -10.18 35.50 -9.18
C GLY B 4964 -8.84 35.75 -8.50
N SER B 4965 -8.76 36.90 -7.83
CA SER B 4965 -7.54 37.25 -7.12
C SER B 4965 -7.32 36.36 -5.91
N ASP B 4966 -8.37 35.72 -5.40
CA ASP B 4966 -8.23 34.92 -4.18
C ASP B 4966 -7.25 33.77 -4.39
N TYR B 4967 -7.35 33.09 -5.53
CA TYR B 4967 -6.42 32.00 -5.80
C TYR B 4967 -5.00 32.52 -5.97
N PHE B 4968 -4.80 33.57 -6.74
CA PHE B 4968 -3.46 34.01 -7.07
C PHE B 4968 -2.75 34.67 -5.90
N ASP B 4969 -3.47 35.01 -4.85
CA ASP B 4969 -2.86 35.64 -3.69
C ASP B 4969 -2.52 34.65 -2.59
N THR B 4970 -2.64 33.34 -2.84
CA THR B 4970 -2.13 32.36 -1.89
C THR B 4970 -0.62 32.48 -1.75
N THR B 4971 0.02 33.06 -2.70
CA THR B 4971 1.42 33.45 -2.71
C THR B 4971 1.56 34.95 -2.51
N PRO B 4972 2.66 35.41 -1.94
CA PRO B 4972 2.79 36.85 -1.64
C PRO B 4972 2.79 37.69 -2.91
N HIS B 4973 1.84 38.61 -2.98
CA HIS B 4973 1.66 39.48 -4.15
C HIS B 4973 1.56 38.67 -5.43
N GLY B 4974 0.99 37.46 -5.35
CA GLY B 4974 0.93 36.60 -6.51
C GLY B 4974 0.06 37.17 -7.61
N PHE B 4975 -1.04 37.82 -7.23
CA PHE B 4975 -1.96 38.33 -8.23
C PHE B 4975 -1.31 39.38 -9.11
N GLU B 4976 -0.51 40.27 -8.52
CA GLU B 4976 0.16 41.29 -9.32
C GLU B 4976 1.09 40.66 -10.34
N THR B 4977 1.86 39.65 -9.92
CA THR B 4977 2.74 38.97 -10.85
C THR B 4977 1.95 38.32 -11.98
N HIS B 4978 0.91 37.55 -11.63
CA HIS B 4978 0.11 36.91 -12.66
C HIS B 4978 -0.55 37.95 -13.56
N THR B 4979 -0.74 39.16 -13.06
CA THR B 4979 -1.32 40.21 -13.87
C THR B 4979 -0.33 40.77 -14.87
N LEU B 4980 0.81 41.29 -14.42
CA LEU B 4980 1.75 41.87 -15.36
C LEU B 4980 3.04 41.09 -15.51
N GLU B 4981 3.06 39.81 -15.21
CA GLU B 4981 4.11 38.92 -15.70
C GLU B 4981 3.55 37.78 -16.53
N GLU B 4982 2.57 37.03 -16.00
CA GLU B 4982 2.11 35.84 -16.68
C GLU B 4982 1.06 36.17 -17.74
N HIS B 4983 -0.09 36.68 -17.32
CA HIS B 4983 -1.20 36.99 -18.21
C HIS B 4983 -1.37 38.50 -18.25
N ASN B 4984 -0.60 39.15 -19.11
CA ASN B 4984 -0.69 40.59 -19.27
C ASN B 4984 -1.27 40.90 -20.65
N LEU B 4985 -2.39 41.61 -20.68
CA LEU B 4985 -3.07 41.87 -21.93
C LEU B 4985 -2.20 42.66 -22.90
N ALA B 4986 -1.26 43.46 -22.39
CA ALA B 4986 -0.32 44.13 -23.28
C ALA B 4986 0.55 43.11 -24.00
N ASN B 4987 1.01 42.08 -23.27
CA ASN B 4987 1.86 41.07 -23.89
C ASN B 4987 1.13 40.32 -24.99
N TYR B 4988 -0.16 40.06 -24.81
CA TYR B 4988 -0.91 39.37 -25.85
C TYR B 4988 -1.07 40.20 -27.11
N MET B 4989 -0.89 41.52 -27.03
CA MET B 4989 -0.83 42.34 -28.24
C MET B 4989 0.54 42.31 -28.88
N PHE B 4990 1.59 42.44 -28.06
CA PHE B 4990 2.93 42.35 -28.58
C PHE B 4990 3.20 41.00 -29.21
N PHE B 4991 2.43 39.98 -28.89
CA PHE B 4991 2.60 38.70 -29.57
C PHE B 4991 2.18 38.88 -30.97
N LEU B 4992 1.02 39.44 -31.18
CA LEU B 4992 0.54 39.56 -32.51
C LEU B 4992 1.49 40.37 -33.33
N MET B 4993 2.08 41.40 -32.77
CA MET B 4993 2.87 42.23 -33.61
C MET B 4993 4.17 41.53 -33.76
N TYR B 4994 4.49 40.58 -32.90
CA TYR B 4994 5.66 39.77 -33.15
C TYR B 4994 5.41 38.76 -34.26
N LEU B 4995 4.29 38.08 -34.24
CA LEU B 4995 3.97 37.08 -35.24
C LEU B 4995 3.88 37.71 -36.59
N ILE B 4996 3.13 38.79 -36.72
CA ILE B 4996 2.90 39.42 -38.00
C ILE B 4996 4.22 39.79 -38.61
N ASN B 4997 5.14 40.28 -37.81
CA ASN B 4997 6.44 40.67 -38.30
C ASN B 4997 7.28 39.48 -38.63
N LYS B 4998 7.35 38.51 -37.73
CA LYS B 4998 8.18 37.35 -37.95
C LYS B 4998 7.86 36.68 -39.27
N ASP B 4999 8.89 36.11 -39.90
CA ASP B 4999 8.73 35.42 -41.16
C ASP B 4999 8.11 34.05 -40.93
N GLU B 5000 7.12 33.68 -41.71
CA GLU B 5000 6.47 32.40 -41.53
C GLU B 5000 7.42 31.22 -41.48
N THR B 5001 8.47 31.23 -42.25
CA THR B 5001 9.33 30.10 -42.16
C THR B 5001 9.89 30.00 -40.77
N GLU B 5002 10.18 31.12 -40.12
CA GLU B 5002 10.82 31.08 -38.82
C GLU B 5002 9.96 31.03 -37.60
N HIS B 5003 8.68 30.74 -37.74
CA HIS B 5003 7.80 30.60 -36.62
C HIS B 5003 8.01 29.31 -35.92
N THR B 5004 8.16 29.36 -34.61
CA THR B 5004 8.35 28.18 -33.82
C THR B 5004 7.08 27.43 -33.70
N GLY B 5005 7.12 26.27 -33.09
CA GLY B 5005 5.96 25.44 -33.09
C GLY B 5005 4.75 26.03 -32.43
N GLN B 5006 4.95 26.67 -31.31
CA GLN B 5006 3.86 27.25 -30.62
C GLN B 5006 3.42 28.49 -31.35
N GLU B 5007 4.34 29.26 -31.85
CA GLU B 5007 3.98 30.46 -32.60
C GLU B 5007 3.19 30.10 -33.85
N SER B 5008 3.59 29.05 -34.55
CA SER B 5008 2.86 28.65 -35.75
C SER B 5008 1.45 28.22 -35.39
N TYR B 5009 1.30 27.50 -34.29
CA TYR B 5009 -0.01 27.06 -33.83
C TYR B 5009 -0.91 28.24 -33.53
N VAL B 5010 -0.39 29.25 -32.85
CA VAL B 5010 -1.17 30.46 -32.58
C VAL B 5010 -1.54 31.19 -33.84
N TRP B 5011 -0.61 31.32 -34.75
CA TRP B 5011 -0.86 32.03 -35.99
C TRP B 5011 -1.87 31.38 -36.82
N LYS B 5012 -1.97 30.08 -36.77
CA LYS B 5012 -2.85 29.41 -37.67
C LYS B 5012 -4.13 29.60 -37.03
N MET B 5013 -4.16 29.60 -35.71
CA MET B 5013 -5.48 29.91 -35.17
C MET B 5013 -5.91 31.36 -35.38
N TYR B 5014 -5.05 32.33 -35.34
CA TYR B 5014 -5.53 33.69 -35.50
C TYR B 5014 -6.16 33.73 -36.81
N GLN B 5015 -5.49 33.25 -37.82
CA GLN B 5015 -5.99 33.35 -39.16
C GLN B 5015 -7.34 32.68 -39.36
N GLU B 5016 -7.56 31.52 -38.79
CA GLU B 5016 -8.86 30.89 -38.90
C GLU B 5016 -9.83 31.43 -37.89
N ARG B 5017 -9.38 32.31 -37.00
CA ARG B 5017 -10.23 32.97 -36.02
C ARG B 5017 -10.89 31.98 -35.07
N CYS B 5018 -10.06 31.23 -34.37
CA CYS B 5018 -10.47 30.46 -33.20
C CYS B 5018 -9.66 30.90 -32.00
N TRP B 5019 -10.34 31.15 -30.89
CA TRP B 5019 -9.71 31.76 -29.72
C TRP B 5019 -9.54 30.78 -28.58
N ASP B 5020 -9.26 29.51 -28.89
CA ASP B 5020 -9.07 28.54 -27.82
C ASP B 5020 -7.68 28.60 -27.22
N PHE B 5021 -6.74 29.29 -27.86
CA PHE B 5021 -5.40 29.34 -27.31
C PHE B 5021 -5.31 30.25 -26.10
N PHE B 5022 -6.22 31.21 -25.97
CA PHE B 5022 -6.27 32.04 -24.79
C PHE B 5022 -6.56 31.17 -23.57
N PRO B 5023 -5.83 31.33 -22.47
CA PRO B 5023 -6.11 30.51 -21.29
C PRO B 5023 -7.37 30.99 -20.59
N ALA B 5024 -8.40 30.15 -20.61
CA ALA B 5024 -9.65 30.47 -19.95
C ALA B 5024 -9.87 29.49 -18.81
N GLY B 5025 -10.01 30.04 -17.60
CA GLY B 5025 -10.22 29.19 -16.45
C GLY B 5025 -9.05 28.34 -16.04
N ASP B 5026 -7.84 28.67 -16.48
CA ASP B 5026 -6.68 27.89 -16.08
C ASP B 5026 -5.44 28.78 -16.17
N CYS B 5027 -4.38 28.34 -15.51
CA CYS B 5027 -3.14 29.09 -15.49
C CYS B 5027 -1.98 28.13 -15.24
N PHE B 5028 -0.77 28.61 -15.56
CA PHE B 5028 0.42 27.78 -15.36
C PHE B 5028 0.54 27.33 -13.91
N ARG B 5029 0.15 28.19 -12.97
CA ARG B 5029 0.16 27.79 -11.57
C ARG B 5029 -0.81 26.66 -11.31
N LYS B 5030 -1.99 26.70 -11.93
CA LYS B 5030 -2.97 25.65 -11.76
C LYS B 5030 -2.55 24.36 -12.43
N GLN B 5031 -2.00 24.47 -13.65
CA GLN B 5031 -1.66 23.27 -14.41
C GLN B 5031 -0.61 22.44 -13.71
N TYR B 5032 0.39 23.08 -13.12
CA TYR B 5032 1.49 22.41 -12.46
C TYR B 5032 1.52 22.76 -10.98
N GLU B 5033 0.36 22.75 -10.34
CA GLU B 5033 0.26 23.16 -8.95
C GLU B 5033 1.07 22.23 -8.05
N ASP B 5034 0.98 20.93 -8.29
CA ASP B 5034 1.66 19.97 -7.44
C ASP B 5034 3.18 20.07 -7.58
N GLN B 5035 3.69 20.00 -8.82
CA GLN B 5035 5.13 20.01 -9.02
C GLN B 5035 5.72 21.35 -8.64
N LEU B 5036 5.14 22.43 -9.13
CA LEU B 5036 5.67 23.75 -8.80
C LEU B 5036 5.54 24.02 -7.31
N SER B 5037 4.49 23.50 -6.69
CA SER B 5037 4.28 23.59 -5.25
C SER B 5037 4.34 25.03 -4.75
N GLY C 2 -87.34 -88.97 -32.66
CA GLY C 2 -86.56 -87.89 -32.09
C GLY C 2 -87.40 -86.88 -31.37
N VAL C 3 -88.53 -86.54 -31.96
CA VAL C 3 -89.48 -85.60 -31.39
C VAL C 3 -90.69 -86.38 -30.89
N GLU C 4 -91.13 -86.06 -29.68
CA GLU C 4 -92.23 -86.75 -29.01
C GLU C 4 -93.38 -85.76 -28.85
N ILE C 5 -94.44 -85.95 -29.61
CA ILE C 5 -95.60 -85.07 -29.54
C ILE C 5 -96.59 -85.60 -28.51
N GLU C 6 -97.04 -84.73 -27.62
CA GLU C 6 -97.98 -85.07 -26.57
C GLU C 6 -99.11 -84.06 -26.60
N THR C 7 -100.31 -84.50 -26.95
CA THR C 7 -101.42 -83.57 -27.11
C THR C 7 -101.86 -83.01 -25.77
N ILE C 8 -102.03 -81.70 -25.72
CA ILE C 8 -102.51 -81.00 -24.53
C ILE C 8 -103.96 -80.59 -24.69
N SER C 9 -104.34 -80.13 -25.88
CA SER C 9 -105.72 -79.82 -26.15
C SER C 9 -105.96 -80.06 -27.63
N PRO C 10 -106.94 -80.89 -27.97
CA PRO C 10 -107.10 -81.30 -29.36
C PRO C 10 -107.56 -80.16 -30.25
N GLY C 11 -107.13 -80.23 -31.50
CA GLY C 11 -107.55 -79.25 -32.50
C GLY C 11 -108.64 -79.82 -33.37
N ASP C 12 -108.36 -79.95 -34.67
CA ASP C 12 -109.35 -80.48 -35.61
C ASP C 12 -109.07 -81.92 -36.02
N GLY C 13 -107.81 -82.35 -35.97
CA GLY C 13 -107.47 -83.70 -36.34
C GLY C 13 -107.79 -84.03 -37.77
N ARG C 14 -108.04 -83.00 -38.59
CA ARG C 14 -108.40 -83.21 -39.99
C ARG C 14 -107.45 -82.51 -40.95
N THR C 15 -107.15 -81.23 -40.75
CA THR C 15 -106.25 -80.49 -41.63
C THR C 15 -104.87 -80.49 -41.01
N PHE C 16 -103.90 -81.04 -41.72
CA PHE C 16 -102.53 -81.05 -41.29
C PHE C 16 -101.70 -80.20 -42.23
N PRO C 17 -100.62 -79.60 -41.74
CA PRO C 17 -99.79 -78.75 -42.61
C PRO C 17 -99.09 -79.58 -43.68
N LYS C 18 -99.52 -79.44 -44.92
CA LYS C 18 -98.83 -80.02 -46.05
C LYS C 18 -97.54 -79.25 -46.31
N LYS C 19 -96.64 -79.71 -47.15
CA LYS C 19 -95.48 -78.89 -47.43
C LYS C 19 -95.93 -77.59 -47.98
N GLY C 20 -95.13 -76.58 -47.82
CA GLY C 20 -95.48 -75.32 -48.39
C GLY C 20 -96.70 -74.58 -47.98
N GLN C 21 -97.04 -74.65 -46.72
CA GLN C 21 -98.12 -73.86 -46.23
C GLN C 21 -97.41 -73.28 -45.08
N THR C 22 -97.49 -71.98 -44.92
CA THR C 22 -96.89 -71.35 -43.78
C THR C 22 -97.64 -71.77 -42.56
N CYS C 23 -96.97 -71.87 -41.43
CA CYS C 23 -97.60 -72.31 -40.24
C CYS C 23 -97.50 -71.19 -39.27
N VAL C 24 -98.60 -70.74 -38.68
CA VAL C 24 -98.50 -69.74 -37.65
C VAL C 24 -98.65 -70.45 -36.35
N VAL C 25 -97.67 -70.34 -35.48
CA VAL C 25 -97.68 -71.05 -34.27
C VAL C 25 -97.24 -70.13 -33.17
N HIS C 26 -97.93 -70.07 -32.04
CA HIS C 26 -97.50 -69.29 -30.89
C HIS C 26 -96.91 -70.35 -30.01
N TYR C 27 -95.77 -70.12 -29.37
CA TYR C 27 -95.05 -71.12 -28.63
C TYR C 27 -94.29 -70.67 -27.44
N THR C 28 -93.78 -71.57 -26.61
CA THR C 28 -92.94 -71.25 -25.47
C THR C 28 -91.99 -72.37 -25.37
N GLY C 29 -90.74 -72.11 -25.06
CA GLY C 29 -89.77 -73.15 -25.06
C GLY C 29 -89.00 -73.26 -23.82
N MET C 30 -88.64 -74.46 -23.43
CA MET C 30 -87.97 -74.67 -22.17
C MET C 30 -86.94 -75.77 -22.17
N LEU C 31 -85.78 -75.53 -21.60
CA LEU C 31 -84.80 -76.59 -21.44
C LEU C 31 -85.44 -77.69 -20.59
N GLN C 32 -85.00 -78.93 -20.80
CA GLN C 32 -85.68 -80.04 -20.17
C GLN C 32 -85.65 -79.95 -18.65
N ASN C 33 -84.65 -79.28 -18.08
CA ASN C 33 -84.64 -79.05 -16.66
C ASN C 33 -85.76 -78.12 -16.20
N GLY C 34 -86.46 -77.46 -17.11
CA GLY C 34 -87.54 -76.58 -16.75
C GLY C 34 -87.20 -75.11 -16.67
N LYS C 35 -86.37 -74.58 -17.55
CA LYS C 35 -86.06 -73.17 -17.59
C LYS C 35 -86.44 -72.64 -18.94
N LYS C 36 -86.86 -71.39 -19.08
CA LYS C 36 -87.38 -70.89 -20.35
C LYS C 36 -86.46 -70.03 -21.10
N PHE C 37 -86.33 -70.27 -22.38
CA PHE C 37 -85.53 -69.45 -23.20
C PHE C 37 -86.29 -68.59 -24.19
N ASP C 38 -87.50 -68.93 -24.55
CA ASP C 38 -88.25 -68.19 -25.52
C ASP C 38 -89.71 -68.40 -25.49
N SER C 39 -90.48 -67.43 -25.92
CA SER C 39 -91.88 -67.54 -26.02
C SER C 39 -92.19 -66.55 -27.04
N SER C 40 -93.26 -66.71 -27.77
CA SER C 40 -93.62 -65.82 -28.79
C SER C 40 -94.67 -65.03 -28.23
N ARG C 41 -95.30 -65.54 -27.23
CA ARG C 41 -96.36 -64.83 -26.56
C ARG C 41 -95.87 -63.62 -25.83
N ASP C 42 -94.66 -63.62 -25.33
CA ASP C 42 -94.05 -62.42 -24.77
C ASP C 42 -93.79 -61.36 -25.82
N ARG C 43 -93.29 -61.72 -26.98
CA ARG C 43 -93.10 -60.81 -28.07
C ARG C 43 -94.43 -60.40 -28.60
N ASN C 44 -95.44 -61.20 -28.42
CA ASN C 44 -96.81 -60.92 -28.80
C ASN C 44 -97.25 -61.15 -30.17
N LYS C 45 -96.42 -61.80 -30.95
CA LYS C 45 -96.75 -62.06 -32.33
C LYS C 45 -96.57 -63.49 -32.66
N PRO C 46 -97.50 -64.05 -33.41
CA PRO C 46 -97.33 -65.42 -33.86
C PRO C 46 -96.13 -65.65 -34.76
N PHE C 47 -95.45 -66.77 -34.68
CA PHE C 47 -94.27 -67.08 -35.47
C PHE C 47 -94.69 -67.90 -36.68
N LYS C 48 -94.26 -67.47 -37.86
CA LYS C 48 -94.64 -68.11 -39.11
C LYS C 48 -93.42 -68.74 -39.75
N PHE C 49 -93.60 -69.95 -40.26
CA PHE C 49 -92.51 -70.59 -41.00
C PHE C 49 -93.07 -71.48 -42.07
N ARG C 50 -92.40 -71.52 -43.21
CA ARG C 50 -92.78 -72.39 -44.31
C ARG C 50 -92.22 -73.77 -44.05
N ILE C 51 -93.09 -74.76 -43.95
CA ILE C 51 -92.63 -76.12 -43.73
C ILE C 51 -92.09 -76.67 -45.05
N GLY C 52 -90.87 -77.20 -45.00
CA GLY C 52 -90.18 -77.67 -46.18
C GLY C 52 -89.01 -76.84 -46.60
N LYS C 53 -88.80 -75.66 -46.02
CA LYS C 53 -87.67 -74.80 -46.35
C LYS C 53 -86.55 -74.88 -45.32
N GLN C 54 -86.71 -75.71 -44.29
CA GLN C 54 -85.67 -75.94 -43.29
C GLN C 54 -85.20 -74.66 -42.62
N GLU C 55 -86.14 -73.74 -42.35
CA GLU C 55 -85.76 -72.61 -41.53
C GLU C 55 -85.69 -72.98 -40.05
N VAL C 56 -86.62 -73.81 -39.59
CA VAL C 56 -86.71 -74.19 -38.18
C VAL C 56 -85.87 -75.43 -37.93
N ILE C 57 -85.56 -75.71 -36.66
CA ILE C 57 -84.83 -76.93 -36.35
C ILE C 57 -85.67 -78.14 -36.74
N LYS C 58 -85.00 -79.28 -36.88
CA LYS C 58 -85.64 -80.46 -37.48
C LYS C 58 -86.83 -80.94 -36.66
N GLY C 59 -86.60 -81.33 -35.41
CA GLY C 59 -87.68 -81.80 -34.58
C GLY C 59 -88.86 -80.86 -34.53
N PHE C 60 -88.59 -79.56 -34.63
CA PHE C 60 -89.67 -78.59 -34.73
C PHE C 60 -90.41 -78.70 -36.05
N GLU C 61 -89.88 -79.48 -37.01
CA GLU C 61 -90.46 -79.57 -38.35
C GLU C 61 -91.12 -80.91 -38.64
N GLU C 62 -90.64 -82.02 -38.08
CA GLU C 62 -91.49 -83.21 -37.98
C GLU C 62 -92.54 -83.08 -36.90
N GLY C 63 -92.34 -82.16 -35.96
CA GLY C 63 -93.21 -82.04 -34.83
C GLY C 63 -94.43 -81.20 -35.12
N ALA C 64 -94.24 -80.07 -35.72
CA ALA C 64 -95.40 -79.27 -36.05
C ALA C 64 -96.09 -79.75 -37.27
N ALA C 65 -95.72 -80.91 -37.77
CA ALA C 65 -96.39 -81.53 -38.91
C ALA C 65 -97.44 -82.53 -38.50
N GLN C 66 -97.26 -83.19 -37.36
CA GLN C 66 -98.26 -84.10 -36.84
C GLN C 66 -99.44 -83.36 -36.20
N MET C 67 -99.20 -82.15 -35.70
CA MET C 67 -100.26 -81.35 -35.13
C MET C 67 -101.28 -80.99 -36.22
N SER C 68 -102.49 -80.70 -35.78
CA SER C 68 -103.57 -80.26 -36.62
C SER C 68 -103.91 -78.81 -36.29
N LEU C 69 -104.84 -78.26 -37.05
CA LEU C 69 -105.16 -76.84 -36.94
C LEU C 69 -105.87 -76.57 -35.62
N GLY C 70 -105.35 -75.63 -34.84
CA GLY C 70 -105.91 -75.30 -33.55
C GLY C 70 -105.41 -76.17 -32.41
N GLN C 71 -104.74 -77.28 -32.70
CA GLN C 71 -104.27 -78.16 -31.65
C GLN C 71 -103.18 -77.49 -30.83
N ARG C 72 -103.13 -77.84 -29.56
CA ARG C 72 -102.05 -77.44 -28.69
C ARG C 72 -101.38 -78.69 -28.16
N ALA C 73 -100.06 -78.78 -28.33
CA ALA C 73 -99.33 -79.97 -27.96
C ALA C 73 -97.99 -79.57 -27.40
N LYS C 74 -97.22 -80.58 -26.98
CA LYS C 74 -95.91 -80.38 -26.39
C LYS C 74 -94.91 -81.27 -27.10
N LEU C 75 -93.88 -80.67 -27.69
CA LEU C 75 -92.84 -81.40 -28.39
C LEU C 75 -91.61 -81.51 -27.51
N THR C 76 -90.92 -82.64 -27.60
CA THR C 76 -89.69 -82.89 -26.86
C THR C 76 -88.59 -83.24 -27.86
N CYS C 77 -87.92 -82.22 -28.38
CA CYS C 77 -86.90 -82.42 -29.40
C CYS C 77 -85.59 -82.81 -28.72
N THR C 78 -85.07 -83.97 -29.09
CA THR C 78 -83.75 -84.41 -28.66
C THR C 78 -82.68 -83.67 -29.45
N PRO C 79 -81.46 -83.53 -28.91
CA PRO C 79 -80.44 -82.72 -29.58
C PRO C 79 -80.12 -83.19 -30.98
N ASP C 80 -80.37 -84.47 -31.27
CA ASP C 80 -80.21 -84.96 -32.64
C ASP C 80 -81.13 -84.23 -33.60
N VAL C 81 -82.41 -84.10 -33.24
CA VAL C 81 -83.38 -83.38 -34.05
C VAL C 81 -83.57 -81.96 -33.54
N ALA C 82 -82.57 -81.43 -32.83
CA ALA C 82 -82.55 -80.06 -32.34
C ALA C 82 -81.15 -79.53 -32.59
N TYR C 83 -80.79 -78.46 -31.88
CA TYR C 83 -79.50 -77.80 -32.12
C TYR C 83 -78.34 -78.79 -32.08
N GLY C 84 -78.12 -79.44 -30.94
CA GLY C 84 -77.19 -80.54 -30.87
C GLY C 84 -75.97 -80.21 -30.04
N ALA C 85 -74.85 -80.81 -30.41
CA ALA C 85 -73.63 -80.72 -29.60
C ALA C 85 -73.03 -79.32 -29.60
N THR C 86 -73.35 -78.49 -30.58
CA THR C 86 -72.81 -77.15 -30.63
C THR C 86 -73.58 -76.18 -29.75
N GLY C 87 -74.90 -76.16 -29.87
CA GLY C 87 -75.74 -75.30 -29.08
C GLY C 87 -75.91 -73.93 -29.69
N HIS C 88 -76.76 -73.15 -29.07
CA HIS C 88 -77.04 -71.79 -29.50
C HIS C 88 -76.35 -70.87 -28.50
N PRO C 89 -75.10 -70.50 -28.75
CA PRO C 89 -74.24 -70.00 -27.66
C PRO C 89 -74.83 -68.81 -26.92
N GLY C 90 -74.93 -68.95 -25.61
CA GLY C 90 -75.54 -67.93 -24.77
C GLY C 90 -77.02 -68.13 -24.53
N VAL C 91 -77.65 -69.07 -25.22
CA VAL C 91 -79.07 -69.35 -25.07
C VAL C 91 -79.32 -70.78 -24.62
N ILE C 92 -78.69 -71.74 -25.30
CA ILE C 92 -78.95 -73.16 -25.10
C ILE C 92 -77.62 -73.86 -24.91
N PRO C 93 -77.42 -74.59 -23.81
CA PRO C 93 -76.16 -75.28 -23.60
C PRO C 93 -76.05 -76.48 -24.53
N PRO C 94 -74.84 -76.98 -24.75
CA PRO C 94 -74.67 -78.09 -25.70
C PRO C 94 -75.29 -79.37 -25.18
N ASN C 95 -75.66 -80.22 -26.12
CA ASN C 95 -76.27 -81.52 -25.83
C ASN C 95 -77.52 -81.33 -24.97
N ALA C 96 -78.49 -80.64 -25.54
CA ALA C 96 -79.67 -80.21 -24.81
C ALA C 96 -80.93 -80.70 -25.50
N THR C 97 -81.92 -81.08 -24.69
CA THR C 97 -83.24 -81.47 -25.16
C THR C 97 -84.21 -80.35 -24.86
N LEU C 98 -85.01 -79.96 -25.84
CA LEU C 98 -85.91 -78.84 -25.71
C LEU C 98 -87.36 -79.33 -25.63
N ILE C 99 -88.18 -78.58 -24.92
CA ILE C 99 -89.61 -78.84 -24.82
C ILE C 99 -90.37 -77.61 -25.23
N PHE C 100 -91.30 -77.77 -26.17
CA PHE C 100 -92.01 -76.66 -26.76
C PHE C 100 -93.51 -76.84 -26.59
N ASP C 101 -94.15 -75.87 -25.98
CA ASP C 101 -95.62 -75.81 -25.92
C ASP C 101 -96.09 -75.07 -27.15
N VAL C 102 -96.49 -75.82 -28.17
CA VAL C 102 -96.79 -75.25 -29.48
C VAL C 102 -98.28 -75.30 -29.73
N GLU C 103 -98.85 -74.18 -30.14
CA GLU C 103 -100.25 -74.09 -30.52
C GLU C 103 -100.31 -73.66 -31.99
N LEU C 104 -100.71 -74.58 -32.85
CA LEU C 104 -100.77 -74.28 -34.28
C LEU C 104 -102.00 -73.44 -34.54
N LEU C 105 -101.89 -72.14 -34.66
CA LEU C 105 -103.04 -71.30 -34.79
C LEU C 105 -103.73 -71.29 -36.14
N ASN C 106 -103.03 -71.05 -37.22
CA ASN C 106 -103.59 -70.98 -38.56
C ASN C 106 -102.64 -71.61 -39.52
N LEU C 107 -103.13 -72.10 -40.63
CA LEU C 107 -102.23 -72.64 -41.66
C LEU C 107 -102.25 -71.61 -42.78
N GLU C 108 -101.12 -71.01 -43.10
CA GLU C 108 -101.02 -69.94 -44.07
C GLU C 108 -101.78 -68.75 -43.60
N GLY D 2 -17.93 -42.25 120.38
CA GLY D 2 -17.59 -41.54 119.15
C GLY D 2 -17.45 -40.05 119.36
N VAL D 3 -18.35 -39.49 120.15
CA VAL D 3 -18.34 -38.08 120.50
C VAL D 3 -17.87 -37.93 121.93
N GLU D 4 -16.95 -36.99 122.17
CA GLU D 4 -16.34 -36.76 123.47
C GLU D 4 -16.76 -35.38 123.95
N ILE D 5 -17.61 -35.35 124.96
CA ILE D 5 -18.09 -34.07 125.50
C ILE D 5 -17.18 -33.63 126.63
N GLU D 6 -16.74 -32.37 126.58
CA GLU D 6 -15.85 -31.79 127.58
C GLU D 6 -16.45 -30.48 128.03
N THR D 7 -16.88 -30.41 129.29
CA THR D 7 -17.57 -29.22 129.77
C THR D 7 -16.62 -28.03 129.86
N ILE D 8 -17.06 -26.90 129.34
CA ILE D 8 -16.30 -25.65 129.40
C ILE D 8 -16.88 -24.71 130.44
N SER D 9 -18.20 -24.65 130.53
CA SER D 9 -18.85 -23.86 131.54
C SER D 9 -20.18 -24.53 131.86
N PRO D 10 -20.41 -24.86 133.12
CA PRO D 10 -21.58 -25.66 133.46
C PRO D 10 -22.88 -24.89 133.28
N GLY D 11 -23.92 -25.64 132.92
CA GLY D 11 -25.23 -25.07 132.79
C GLY D 11 -26.08 -25.35 134.00
N ASP D 12 -27.18 -26.10 133.83
CA ASP D 12 -28.06 -26.43 134.93
C ASP D 12 -27.90 -27.85 135.42
N GLY D 13 -27.46 -28.76 134.57
CA GLY D 13 -27.25 -30.13 134.96
C GLY D 13 -28.54 -30.81 135.39
N ARG D 14 -29.69 -30.21 135.06
CA ARG D 14 -30.97 -30.76 135.48
C ARG D 14 -31.89 -31.03 134.29
N THR D 15 -32.08 -30.08 133.39
CA THR D 15 -32.95 -30.26 132.23
C THR D 15 -32.09 -30.66 131.04
N PHE D 16 -32.35 -31.83 130.49
CA PHE D 16 -31.67 -32.30 129.31
C PHE D 16 -32.65 -32.40 128.16
N PRO D 17 -32.18 -32.23 126.93
CA PRO D 17 -33.10 -32.29 125.78
C PRO D 17 -33.64 -33.69 125.59
N LYS D 18 -34.93 -33.86 125.88
CA LYS D 18 -35.62 -35.10 125.57
C LYS D 18 -35.85 -35.19 124.07
N LYS D 19 -36.29 -36.31 123.53
CA LYS D 19 -36.57 -36.31 122.10
C LYS D 19 -37.61 -35.29 121.83
N GLY D 20 -37.64 -34.80 120.62
CA GLY D 20 -38.66 -33.87 120.27
C GLY D 20 -38.78 -32.55 120.95
N GLN D 21 -37.67 -31.94 121.29
CA GLN D 21 -37.71 -30.62 121.82
C GLN D 21 -36.70 -30.03 120.92
N THR D 22 -37.01 -28.90 120.32
CA THR D 22 -36.05 -28.24 119.50
C THR D 22 -34.95 -27.74 120.37
N CYS D 23 -33.74 -27.70 119.85
CA CYS D 23 -32.63 -27.27 120.62
C CYS D 23 -32.09 -26.05 119.97
N VAL D 24 -31.92 -24.96 120.70
CA VAL D 24 -31.29 -23.80 120.11
C VAL D 24 -29.89 -23.77 120.59
N VAL D 25 -28.92 -23.80 119.71
CA VAL D 25 -27.57 -23.88 120.09
C VAL D 25 -26.78 -22.93 119.25
N HIS D 26 -25.90 -22.10 119.83
CA HIS D 26 -25.02 -21.23 119.07
C HIS D 26 -23.74 -22.01 119.10
N TYR D 27 -22.99 -22.10 118.02
CA TYR D 27 -21.83 -22.93 117.92
C TYR D 27 -20.72 -22.46 117.03
N THR D 28 -19.56 -23.09 117.07
CA THR D 28 -18.45 -22.78 116.19
C THR D 28 -17.77 -24.07 115.94
N GLY D 29 -17.32 -24.32 114.74
CA GLY D 29 -16.77 -25.60 114.44
C GLY D 29 -15.44 -25.56 113.83
N MET D 30 -14.59 -26.51 114.14
CA MET D 30 -13.23 -26.50 113.69
C MET D 30 -12.65 -27.84 113.36
N LEU D 31 -11.97 -27.98 112.24
CA LEU D 31 -11.25 -29.20 111.95
C LEU D 31 -10.24 -29.44 113.07
N GLN D 32 -9.91 -30.71 113.31
CA GLN D 32 -9.10 -31.02 114.48
C GLN D 32 -7.73 -30.37 114.42
N ASN D 33 -7.24 -30.07 113.23
CA ASN D 33 -6.00 -29.33 113.10
C ASN D 33 -6.12 -27.90 113.59
N GLY D 34 -7.33 -27.41 113.85
CA GLY D 34 -7.52 -26.07 114.34
C GLY D 34 -7.87 -25.03 113.30
N LYS D 35 -8.68 -25.34 112.30
CA LYS D 35 -9.13 -24.38 111.32
C LYS D 35 -10.63 -24.33 111.36
N LYS D 36 -11.26 -23.20 111.08
CA LYS D 36 -12.70 -23.06 111.27
C LYS D 36 -13.49 -23.10 110.03
N PHE D 37 -14.56 -23.85 110.03
CA PHE D 37 -15.42 -23.91 108.92
C PHE D 37 -16.78 -23.26 109.12
N ASP D 38 -17.25 -23.12 110.34
CA ASP D 38 -18.55 -22.56 110.60
C ASP D 38 -18.74 -22.04 111.95
N SER D 39 -19.63 -21.08 112.11
CA SER D 39 -19.97 -20.55 113.38
C SER D 39 -21.32 -20.02 113.13
N SER D 40 -22.15 -19.95 114.13
CA SER D 40 -23.45 -19.47 113.96
C SER D 40 -23.43 -18.13 114.48
N ARG D 41 -22.47 -17.84 115.29
CA ARG D 41 -22.32 -16.53 115.85
C ARG D 41 -21.95 -15.52 114.81
N ASP D 42 -21.24 -15.87 113.77
CA ASP D 42 -21.00 -14.99 112.64
C ASP D 42 -22.26 -14.68 111.86
N ARG D 43 -23.10 -15.67 111.60
CA ARG D 43 -24.38 -15.47 110.97
C ARG D 43 -25.28 -14.73 111.90
N ASN D 44 -25.04 -14.82 113.19
CA ASN D 44 -25.78 -14.11 114.22
C ASN D 44 -27.05 -14.63 114.69
N LYS D 45 -27.38 -15.84 114.32
CA LYS D 45 -28.62 -16.44 114.72
C LYS D 45 -28.41 -17.78 115.30
N PRO D 46 -29.10 -18.08 116.37
CA PRO D 46 -29.02 -19.43 116.92
C PRO D 46 -29.53 -20.52 116.00
N PHE D 47 -28.93 -21.70 115.98
CA PHE D 47 -29.30 -22.81 115.12
C PHE D 47 -30.22 -23.74 115.89
N LYS D 48 -31.36 -24.06 115.30
CA LYS D 48 -32.39 -24.88 115.94
C LYS D 48 -32.50 -26.21 115.21
N PHE D 49 -32.60 -27.29 115.97
CA PHE D 49 -32.83 -28.58 115.36
C PHE D 49 -33.64 -29.45 116.30
N ARG D 50 -34.54 -30.25 115.72
CA ARG D 50 -35.33 -31.19 116.49
C ARG D 50 -34.52 -32.45 116.72
N ILE D 51 -34.27 -32.78 117.97
CA ILE D 51 -33.52 -33.99 118.28
C ILE D 51 -34.43 -35.19 118.07
N GLY D 52 -33.96 -36.16 117.30
CA GLY D 52 -34.73 -37.33 116.95
C GLY D 52 -35.16 -37.38 115.50
N LYS D 53 -34.98 -36.32 114.72
CA LYS D 53 -35.33 -36.29 113.31
C LYS D 53 -34.12 -36.47 112.40
N GLN D 54 -32.94 -36.64 112.96
CA GLN D 54 -31.72 -36.93 112.19
C GLN D 54 -31.44 -35.85 111.15
N GLU D 55 -31.69 -34.59 111.48
CA GLU D 55 -31.24 -33.54 110.58
C GLU D 55 -29.75 -33.30 110.73
N VAL D 56 -29.23 -33.34 111.95
CA VAL D 56 -27.83 -33.04 112.23
C VAL D 56 -27.01 -34.31 112.15
N ILE D 57 -25.69 -34.17 112.03
CA ILE D 57 -24.84 -35.34 112.04
C ILE D 57 -24.97 -36.07 113.37
N LYS D 58 -24.57 -37.34 113.38
CA LYS D 58 -24.86 -38.22 114.52
C LYS D 58 -24.20 -37.70 115.80
N GLY D 59 -22.86 -37.63 115.80
CA GLY D 59 -22.17 -37.18 116.99
C GLY D 59 -22.69 -35.86 117.52
N PHE D 60 -23.16 -34.99 116.62
CA PHE D 60 -23.80 -33.76 117.06
C PHE D 60 -25.13 -34.03 117.74
N GLU D 61 -25.63 -35.27 117.67
CA GLU D 61 -26.95 -35.60 118.21
C GLU D 61 -26.91 -36.48 119.46
N GLU D 62 -25.93 -37.35 119.61
CA GLU D 62 -25.62 -37.85 120.95
C GLU D 62 -24.89 -36.83 121.80
N GLY D 63 -24.29 -35.83 121.17
CA GLY D 63 -23.47 -34.88 121.87
C GLY D 63 -24.27 -33.76 122.47
N ALA D 64 -25.18 -33.20 121.72
CA ALA D 64 -25.97 -32.15 122.32
C ALA D 64 -27.08 -32.69 123.14
N ALA D 65 -27.06 -33.99 123.43
CA ALA D 65 -28.05 -34.61 124.29
C ALA D 65 -27.55 -34.75 125.72
N GLN D 66 -26.24 -34.90 125.91
CA GLN D 66 -25.67 -34.94 127.24
C GLN D 66 -25.58 -33.56 127.88
N MET D 67 -25.48 -32.53 127.06
CA MET D 67 -25.45 -31.17 127.57
C MET D 67 -26.78 -30.84 128.26
N SER D 68 -26.72 -29.87 129.15
CA SER D 68 -27.88 -29.35 129.85
C SER D 68 -28.12 -27.91 129.40
N LEU D 69 -29.19 -27.34 129.90
CA LEU D 69 -29.63 -26.03 129.45
C LEU D 69 -28.66 -24.96 129.95
N GLY D 70 -28.16 -24.15 129.02
CA GLY D 70 -27.20 -23.12 129.34
C GLY D 70 -25.76 -23.59 129.37
N GLN D 71 -25.52 -24.88 129.36
CA GLN D 71 -24.16 -25.40 129.41
C GLN D 71 -23.41 -25.05 128.14
N ARG D 72 -22.10 -24.85 128.28
CA ARG D 72 -21.22 -24.69 127.15
C ARG D 72 -20.18 -25.79 127.22
N ALA D 73 -20.02 -26.53 126.13
CA ALA D 73 -19.14 -27.68 126.12
C ALA D 73 -18.47 -27.77 124.76
N LYS D 74 -17.59 -28.76 124.62
CA LYS D 74 -16.84 -28.98 123.40
C LYS D 74 -16.98 -30.43 122.99
N LEU D 75 -17.50 -30.66 121.80
CA LEU D 75 -17.69 -32.00 121.27
C LEU D 75 -16.59 -32.33 120.27
N THR D 76 -16.16 -33.58 120.25
CA THR D 76 -15.14 -34.05 119.32
C THR D 76 -15.70 -35.24 118.56
N CYS D 77 -16.39 -34.95 117.46
CA CYS D 77 -17.04 -35.98 116.67
C CYS D 77 -16.02 -36.63 115.75
N THR D 78 -15.86 -37.94 115.89
CA THR D 78 -15.04 -38.74 114.99
C THR D 78 -15.79 -38.97 113.68
N PRO D 79 -15.09 -39.21 112.58
CA PRO D 79 -15.77 -39.31 111.28
C PRO D 79 -16.83 -40.39 111.23
N ASP D 80 -16.72 -41.39 112.10
CA ASP D 80 -17.77 -42.39 112.19
C ASP D 80 -19.09 -41.76 112.61
N VAL D 81 -19.07 -40.93 113.64
CA VAL D 81 -20.27 -40.23 114.10
C VAL D 81 -20.31 -38.81 113.54
N ALA D 82 -19.63 -38.57 112.42
CA ALA D 82 -19.64 -37.30 111.71
C ALA D 82 -19.75 -37.64 110.23
N TYR D 83 -19.38 -36.68 109.36
CA TYR D 83 -19.55 -36.85 107.93
C TYR D 83 -18.95 -38.17 107.44
N GLY D 84 -17.63 -38.33 107.60
CA GLY D 84 -17.01 -39.62 107.36
C GLY D 84 -16.10 -39.59 106.14
N ALA D 85 -16.00 -40.74 105.48
CA ALA D 85 -15.04 -40.92 104.39
C ALA D 85 -15.38 -40.08 103.17
N THR D 86 -16.63 -39.66 103.02
CA THR D 86 -17.01 -38.87 101.85
C THR D 86 -16.69 -37.40 102.03
N GLY D 87 -17.08 -36.82 103.16
CA GLY D 87 -16.81 -35.43 103.44
C GLY D 87 -17.88 -34.51 102.89
N HIS D 88 -17.75 -33.25 103.22
CA HIS D 88 -18.65 -32.21 102.76
C HIS D 88 -17.90 -31.41 101.71
N PRO D 89 -17.99 -31.80 100.44
CA PRO D 89 -17.00 -31.37 99.45
C PRO D 89 -16.82 -29.87 99.36
N GLY D 90 -15.60 -29.40 99.53
CA GLY D 90 -15.29 -28.00 99.55
C GLY D 90 -15.31 -27.36 100.91
N VAL D 91 -15.77 -28.08 101.94
CA VAL D 91 -15.82 -27.58 103.30
C VAL D 91 -14.99 -28.43 104.25
N ILE D 92 -15.16 -29.74 104.19
CA ILE D 92 -14.55 -30.67 105.14
C ILE D 92 -13.86 -31.77 104.36
N PRO D 93 -12.57 -32.01 104.57
CA PRO D 93 -11.88 -33.06 103.84
C PRO D 93 -12.31 -34.42 104.34
N PRO D 94 -12.10 -35.47 103.56
CA PRO D 94 -12.55 -36.80 103.97
C PRO D 94 -11.78 -37.32 105.18
N ASN D 95 -12.43 -38.20 105.92
CA ASN D 95 -11.85 -38.82 107.10
C ASN D 95 -11.38 -37.75 108.09
N ALA D 96 -12.34 -36.97 108.57
CA ALA D 96 -12.06 -35.80 109.36
C ALA D 96 -12.79 -35.87 110.69
N THR D 97 -12.13 -35.39 111.74
CA THR D 97 -12.71 -35.27 113.07
C THR D 97 -13.00 -33.80 113.33
N LEU D 98 -14.21 -33.51 113.82
CA LEU D 98 -14.65 -32.15 114.02
C LEU D 98 -14.71 -31.84 115.51
N ILE D 99 -14.48 -30.58 115.85
CA ILE D 99 -14.60 -30.08 117.21
C ILE D 99 -15.55 -28.91 117.23
N PHE D 100 -16.54 -28.98 118.10
CA PHE D 100 -17.63 -28.00 118.14
C PHE D 100 -17.70 -27.38 119.53
N ASP D 101 -17.61 -26.06 119.59
CA ASP D 101 -17.87 -25.30 120.81
C ASP D 101 -19.36 -25.00 120.83
N VAL D 102 -20.13 -25.80 121.56
CA VAL D 102 -21.59 -25.73 121.51
C VAL D 102 -22.10 -25.17 122.83
N GLU D 103 -22.98 -24.19 122.74
CA GLU D 103 -23.66 -23.60 123.88
C GLU D 103 -25.14 -23.81 123.71
N LEU D 104 -25.72 -24.70 124.51
CA LEU D 104 -27.15 -24.99 124.40
C LEU D 104 -27.92 -23.86 125.03
N LEU D 105 -28.44 -22.94 124.27
CA LEU D 105 -29.08 -21.79 124.83
C LEU D 105 -30.47 -21.99 125.41
N ASN D 106 -31.40 -22.55 124.66
CA ASN D 106 -32.78 -22.76 125.11
C ASN D 106 -33.24 -24.08 124.60
N LEU D 107 -34.20 -24.69 125.26
CA LEU D 107 -34.78 -25.93 124.76
C LEU D 107 -36.16 -25.56 124.25
N GLU D 108 -36.42 -25.74 122.96
CA GLU D 108 -37.65 -25.32 122.32
C GLU D 108 -37.78 -23.84 122.37
N GLY E 2 121.06 22.40 37.61
CA GLY E 2 119.77 22.33 36.94
C GLY E 2 119.50 23.52 36.06
N VAL E 3 119.87 24.70 36.56
CA VAL E 3 119.72 25.95 35.82
C VAL E 3 121.09 26.40 35.35
N GLU E 4 121.18 26.80 34.08
CA GLU E 4 122.42 27.21 33.45
C GLU E 4 122.33 28.69 33.11
N ILE E 5 123.07 29.51 33.83
CA ILE E 5 123.05 30.95 33.59
C ILE E 5 124.13 31.32 32.59
N GLU E 6 123.75 32.09 31.57
CA GLU E 6 124.67 32.52 30.52
C GLU E 6 124.53 34.03 30.36
N THR E 7 125.57 34.77 30.70
CA THR E 7 125.48 36.22 30.69
C THR E 7 125.37 36.75 29.26
N ILE E 8 124.41 37.65 29.05
CA ILE E 8 124.22 38.30 27.76
C ILE E 8 124.75 39.73 27.79
N SER E 9 124.52 40.44 28.88
CA SER E 9 125.07 41.75 29.05
C SER E 9 125.31 41.97 30.54
N PRO E 10 126.53 42.32 30.92
CA PRO E 10 126.86 42.38 32.34
C PRO E 10 126.16 43.52 33.05
N GLY E 11 125.87 43.27 34.33
CA GLY E 11 125.28 44.29 35.16
C GLY E 11 126.31 44.94 36.05
N ASP E 12 126.17 44.80 37.36
CA ASP E 12 127.11 45.38 38.30
C ASP E 12 128.07 44.36 38.90
N GLY E 13 127.67 43.11 38.98
CA GLY E 13 128.53 42.08 39.52
C GLY E 13 128.88 42.31 40.98
N ARG E 14 128.15 43.20 41.64
CA ARG E 14 128.43 43.54 43.04
C ARG E 14 127.24 43.29 43.95
N THR E 15 126.05 43.77 43.62
CA THR E 15 124.87 43.59 44.44
C THR E 15 124.09 42.40 43.90
N PHE E 16 123.91 41.39 44.72
CA PHE E 16 123.12 40.23 44.36
C PHE E 16 121.89 40.16 45.24
N PRO E 17 120.80 39.59 44.74
CA PRO E 17 119.57 39.52 45.54
C PRO E 17 119.74 38.60 46.74
N LYS E 18 119.80 39.17 47.92
CA LYS E 18 119.78 38.41 49.16
C LYS E 18 118.39 37.85 49.38
N LYS E 19 118.16 36.96 50.32
CA LYS E 19 116.79 36.54 50.56
C LYS E 19 115.98 37.73 50.92
N GLY E 20 114.71 37.66 50.69
CA GLY E 20 113.86 38.73 51.08
C GLY E 20 114.02 40.10 50.50
N GLN E 21 114.37 40.19 49.25
CA GLN E 21 114.41 41.46 48.62
C GLN E 21 113.60 41.11 47.43
N THR E 22 112.62 41.91 47.10
CA THR E 22 111.83 41.66 45.94
C THR E 22 112.70 41.87 44.74
N CYS E 23 112.46 41.14 43.68
CA CYS E 23 113.26 41.26 42.51
C CYS E 23 112.38 41.72 41.42
N VAL E 24 112.71 42.79 40.71
CA VAL E 24 111.93 43.18 39.58
C VAL E 24 112.66 42.73 38.36
N VAL E 25 112.06 41.90 37.54
CA VAL E 25 112.71 41.37 36.43
C VAL E 25 111.79 41.41 35.25
N HIS E 26 112.23 41.88 34.09
CA HIS E 26 111.43 41.85 32.87
C HIS E 26 111.98 40.66 32.16
N TYR E 27 111.18 39.81 31.57
CA TYR E 27 111.60 38.55 31.00
C TYR E 27 110.86 38.07 29.79
N THR E 28 111.35 37.03 29.12
CA THR E 28 110.67 36.41 27.99
C THR E 28 111.00 34.98 28.08
N GLY E 29 110.09 34.10 27.80
CA GLY E 29 110.33 32.71 27.98
C GLY E 29 110.04 31.88 26.82
N MET E 30 110.83 30.86 26.59
CA MET E 30 110.69 30.04 25.41
C MET E 30 110.95 28.57 25.60
N LEU E 31 110.11 27.71 25.07
CA LEU E 31 110.39 26.29 25.09
C LEU E 31 111.71 26.07 24.35
N GLN E 32 112.43 25.01 24.74
CA GLN E 32 113.77 24.83 24.20
C GLN E 32 113.79 24.68 22.70
N ASN E 33 112.70 24.22 22.10
CA ASN E 33 112.59 24.17 20.65
C ASN E 33 112.54 25.55 20.03
N GLY E 34 112.37 26.61 20.82
CA GLY E 34 112.33 27.95 20.30
C GLY E 34 110.97 28.54 20.06
N LYS E 35 109.98 28.27 20.90
CA LYS E 35 108.66 28.86 20.78
C LYS E 35 108.37 29.63 22.04
N LYS E 36 107.61 30.71 22.00
CA LYS E 36 107.42 31.57 23.16
C LYS E 36 106.13 31.42 23.84
N PHE E 37 106.17 31.33 25.16
CA PHE E 37 104.97 31.25 25.90
C PHE E 37 104.66 32.48 26.74
N ASP E 38 105.64 33.30 27.08
CA ASP E 38 105.43 34.45 27.91
C ASP E 38 106.46 35.48 27.82
N SER E 39 106.11 36.72 28.10
CA SER E 39 107.02 37.79 28.13
C SER E 39 106.34 38.75 29.01
N SER E 40 107.06 39.59 29.69
CA SER E 40 106.48 40.52 30.56
C SER E 40 106.51 41.77 29.86
N ARG E 41 107.36 41.86 28.90
CA ARG E 41 107.47 43.04 28.10
C ARG E 41 106.26 43.27 27.25
N ASP E 42 105.58 42.25 26.81
CA ASP E 42 104.29 42.38 26.14
C ASP E 42 103.21 42.92 27.06
N ARG E 43 103.13 42.43 28.28
CA ARG E 43 102.20 42.95 29.27
C ARG E 43 102.63 44.32 29.67
N ASN E 44 103.89 44.64 29.54
CA ASN E 44 104.45 45.95 29.81
C ASN E 44 104.79 46.32 31.17
N LYS E 45 104.78 45.37 32.07
CA LYS E 45 105.09 45.64 33.44
C LYS E 45 106.10 44.71 33.96
N PRO E 46 107.05 45.21 34.72
CA PRO E 46 108.01 44.32 35.34
C PRO E 46 107.42 43.33 36.33
N PHE E 47 107.93 42.11 36.42
CA PHE E 47 107.42 41.08 37.31
C PHE E 47 108.24 41.07 38.59
N LYS E 48 107.57 41.13 39.73
CA LYS E 48 108.21 41.20 41.03
C LYS E 48 107.96 39.93 41.80
N PHE E 49 109.00 39.41 42.45
CA PHE E 49 108.81 38.26 43.31
C PHE E 49 109.79 38.32 44.46
N ARG E 50 109.34 37.88 45.63
CA ARG E 50 110.20 37.81 46.81
C ARG E 50 110.99 36.52 46.76
N ILE E 51 112.31 36.63 46.73
CA ILE E 51 113.14 35.44 46.70
C ILE E 51 113.17 34.84 48.10
N GLY E 52 112.87 33.55 48.18
CA GLY E 52 112.76 32.85 49.45
C GLY E 52 111.36 32.44 49.84
N LYS E 53 110.34 32.90 49.12
CA LYS E 53 108.96 32.53 49.40
C LYS E 53 108.42 31.47 48.44
N GLN E 54 109.25 30.99 47.52
CA GLN E 54 108.89 29.90 46.61
C GLN E 54 107.63 30.20 45.81
N GLU E 55 107.47 31.45 45.39
CA GLU E 55 106.40 31.72 44.44
C GLU E 55 106.76 31.28 43.04
N VAL E 56 108.01 31.48 42.63
CA VAL E 56 108.46 31.17 41.28
C VAL E 56 108.97 29.74 41.23
N ILE E 57 109.09 29.18 40.03
CA ILE E 57 109.66 27.85 39.90
C ILE E 57 111.11 27.86 40.40
N LYS E 58 111.62 26.67 40.71
CA LYS E 58 112.90 26.57 41.42
C LYS E 58 114.04 27.15 40.59
N GLY E 59 114.31 26.59 39.42
CA GLY E 59 115.39 27.09 38.60
C GLY E 59 115.32 28.58 38.37
N PHE E 60 114.12 29.13 38.33
CA PHE E 60 113.98 30.58 38.24
C PHE E 60 114.41 31.26 39.54
N GLU E 61 114.66 30.49 40.60
CA GLU E 61 114.98 31.05 41.90
C GLU E 61 116.43 30.83 42.33
N GLU E 62 117.08 29.74 41.94
CA GLU E 62 118.54 29.72 41.94
C GLU E 62 119.13 30.51 40.80
N GLY E 63 118.34 30.78 39.77
CA GLY E 63 118.84 31.42 38.59
C GLY E 63 118.86 32.92 38.71
N ALA E 64 117.79 33.50 39.18
CA ALA E 64 117.83 34.93 39.34
C ALA E 64 118.54 35.35 40.57
N ALA E 65 119.22 34.42 41.23
CA ALA E 65 120.03 34.74 42.40
C ALA E 65 121.49 34.94 42.06
N GLN E 66 121.99 34.29 41.01
CA GLN E 66 123.35 34.51 40.55
C GLN E 66 123.49 35.81 39.78
N MET E 67 122.42 36.26 39.15
CA MET E 67 122.45 37.52 38.43
C MET E 67 122.69 38.67 39.40
N SER E 68 123.21 39.76 38.87
CA SER E 68 123.44 40.99 39.60
C SER E 68 122.50 42.07 39.07
N LEU E 69 122.54 43.22 39.70
CA LEU E 69 121.61 44.30 39.39
C LEU E 69 121.91 44.87 38.02
N GLY E 70 120.90 44.91 37.16
CA GLY E 70 121.05 45.40 35.81
C GLY E 70 121.54 44.37 34.82
N GLN E 71 122.01 43.22 35.27
CA GLN E 71 122.51 42.20 34.37
C GLN E 71 121.37 41.63 33.53
N ARG E 72 121.71 41.23 32.32
CA ARG E 72 120.80 40.49 31.46
C ARG E 72 121.45 39.16 31.14
N ALA E 73 120.72 38.08 31.38
CA ALA E 73 121.28 36.75 31.20
C ALA E 73 120.19 35.83 30.66
N LYS E 74 120.58 34.58 30.43
CA LYS E 74 119.69 33.58 29.88
C LYS E 74 119.76 32.33 30.74
N LEU E 75 118.63 31.92 31.29
CA LEU E 75 118.55 30.75 32.15
C LEU E 75 117.96 29.58 31.36
N THR E 76 118.45 28.38 31.62
CA THR E 76 117.98 27.17 30.98
C THR E 76 117.54 26.19 32.07
N CYS E 77 116.29 26.32 32.50
CA CYS E 77 115.77 25.49 33.57
C CYS E 77 115.35 24.14 33.03
N THR E 78 115.95 23.09 33.57
CA THR E 78 115.55 21.72 33.26
C THR E 78 114.27 21.38 34.02
N PRO E 79 113.48 20.43 33.52
CA PRO E 79 112.17 20.15 34.15
C PRO E 79 112.26 19.78 35.62
N ASP E 80 113.41 19.28 36.04
CA ASP E 80 113.61 19.01 37.47
C ASP E 80 113.51 20.30 38.28
N VAL E 81 114.19 21.35 37.85
CA VAL E 81 114.14 22.64 38.50
C VAL E 81 113.13 23.57 37.81
N ALA E 82 112.18 23.00 37.09
CA ALA E 82 111.10 23.73 36.44
C ALA E 82 109.82 22.94 36.69
N TYR E 83 108.79 23.19 35.88
CA TYR E 83 107.49 22.56 36.10
C TYR E 83 107.60 21.05 36.24
N GLY E 84 108.07 20.36 35.21
CA GLY E 84 108.41 18.96 35.32
C GLY E 84 107.47 18.08 34.52
N ALA E 85 107.26 16.86 35.03
CA ALA E 85 106.52 15.86 34.29
C ALA E 85 105.05 16.19 34.14
N THR E 86 104.50 17.05 34.99
CA THR E 86 103.09 17.41 34.90
C THR E 86 102.84 18.48 33.86
N GLY E 87 103.61 19.57 33.91
CA GLY E 87 103.46 20.65 32.97
C GLY E 87 102.42 21.67 33.41
N HIS E 88 102.34 22.73 32.64
CA HIS E 88 101.38 23.80 32.89
C HIS E 88 100.31 23.67 31.83
N PRO E 89 99.26 22.91 32.09
CA PRO E 89 98.41 22.39 31.00
C PRO E 89 97.87 23.46 30.09
N GLY E 90 98.12 23.32 28.79
CA GLY E 90 97.74 24.30 27.81
C GLY E 90 98.78 25.34 27.51
N VAL E 91 99.86 25.38 28.28
CA VAL E 91 100.93 26.34 28.09
C VAL E 91 102.26 25.65 27.82
N ILE E 92 102.61 24.66 28.64
CA ILE E 92 103.92 24.02 28.61
C ILE E 92 103.71 22.52 28.57
N PRO E 93 104.24 21.80 27.59
CA PRO E 93 104.07 20.37 27.53
C PRO E 93 104.90 19.69 28.60
N PRO E 94 104.57 18.45 28.95
CA PRO E 94 105.29 17.77 30.03
C PRO E 94 106.72 17.47 29.64
N ASN E 95 107.57 17.37 30.66
CA ASN E 95 108.99 17.07 30.49
C ASN E 95 109.64 18.07 29.55
N ALA E 96 109.62 19.33 29.99
CA ALA E 96 110.03 20.45 29.14
C ALA E 96 111.12 21.25 29.82
N THR E 97 112.06 21.73 29.02
CA THR E 97 113.13 22.62 29.47
C THR E 97 112.82 24.02 28.97
N LEU E 98 112.92 25.00 29.85
CA LEU E 98 112.56 26.36 29.53
C LEU E 98 113.82 27.23 29.45
N ILE E 99 113.76 28.25 28.60
CA ILE E 99 114.83 29.23 28.46
C ILE E 99 114.26 30.61 28.68
N PHE E 100 114.87 31.37 29.57
CA PHE E 100 114.36 32.66 30.00
C PHE E 100 115.41 33.73 29.75
N ASP E 101 115.05 34.75 28.99
CA ASP E 101 115.87 35.96 28.85
C ASP E 101 115.48 36.91 29.96
N VAL E 102 116.25 36.92 31.04
CA VAL E 102 115.88 37.63 32.25
C VAL E 102 116.80 38.83 32.42
N GLU E 103 116.21 39.99 32.67
CA GLU E 103 116.93 41.22 32.96
C GLU E 103 116.53 41.69 34.35
N LEU E 104 117.44 41.58 35.31
CA LEU E 104 117.13 41.96 36.68
C LEU E 104 117.18 43.48 36.76
N LEU E 105 116.06 44.15 36.74
CA LEU E 105 116.06 45.58 36.70
C LEU E 105 116.37 46.30 37.99
N ASN E 106 115.68 46.00 39.07
CA ASN E 106 115.87 46.65 40.36
C ASN E 106 115.75 45.63 41.43
N LEU E 107 116.36 45.86 42.58
CA LEU E 107 116.19 44.95 43.72
C LEU E 107 115.29 45.69 44.69
N GLU E 108 114.12 45.16 45.00
CA GLU E 108 113.13 45.83 45.83
C GLU E 108 112.66 47.09 45.18
N VAL F 11 -18.44 -18.43 19.52
CA VAL F 11 -19.81 -17.96 19.37
C VAL F 11 -20.66 -19.14 18.88
N GLN F 12 -21.28 -18.98 17.72
CA GLN F 12 -22.08 -20.03 17.11
C GLN F 12 -23.14 -20.54 18.08
N PHE F 13 -24.07 -19.66 18.43
CA PHE F 13 -25.21 -20.05 19.25
C PHE F 13 -26.25 -20.73 18.39
N LEU F 14 -26.79 -21.83 18.89
CA LEU F 14 -27.77 -22.58 18.13
C LEU F 14 -29.02 -21.75 17.91
N ARG F 15 -29.73 -22.04 16.83
CA ARG F 15 -30.95 -21.33 16.51
C ARG F 15 -31.96 -22.32 15.98
N THR F 16 -33.22 -21.96 16.06
CA THR F 16 -34.24 -22.83 15.52
C THR F 16 -34.13 -22.88 14.01
N ASP F 17 -34.63 -23.97 13.44
CA ASP F 17 -34.55 -24.31 12.02
C ASP F 17 -33.15 -24.69 11.58
N ASP F 18 -32.22 -24.83 12.52
CA ASP F 18 -30.95 -25.48 12.22
C ASP F 18 -31.15 -26.99 12.17
N GLU F 19 -30.32 -27.65 11.37
CA GLU F 19 -30.22 -29.08 11.47
C GLU F 19 -29.02 -29.45 12.32
N VAL F 20 -29.22 -30.39 13.24
CA VAL F 20 -28.20 -30.75 14.20
C VAL F 20 -28.22 -32.26 14.40
N VAL F 21 -27.12 -32.78 14.92
CA VAL F 21 -26.99 -34.20 15.20
C VAL F 21 -26.74 -34.38 16.70
N LEU F 22 -27.60 -35.18 17.34
CA LEU F 22 -27.39 -35.58 18.72
C LEU F 22 -26.30 -36.63 18.75
N GLN F 23 -25.47 -36.58 19.77
CA GLN F 23 -24.23 -37.34 19.71
C GLN F 23 -23.66 -37.63 21.09
N CYS F 24 -23.56 -38.91 21.42
CA CYS F 24 -22.92 -39.36 22.64
C CYS F 24 -21.48 -39.77 22.37
N SER F 25 -20.76 -40.09 23.44
CA SER F 25 -19.38 -40.54 23.33
C SER F 25 -19.23 -41.77 24.22
N ALA F 26 -19.53 -42.94 23.65
CA ALA F 26 -19.36 -44.16 24.42
C ALA F 26 -17.89 -44.47 24.57
N THR F 27 -17.53 -45.16 25.65
CA THR F 27 -16.14 -45.47 25.96
C THR F 27 -16.01 -46.97 26.13
N VAL F 28 -15.61 -47.66 25.06
CA VAL F 28 -15.43 -49.10 25.13
C VAL F 28 -14.14 -49.47 24.43
N LEU F 29 -13.60 -50.64 24.76
CA LEU F 29 -12.33 -51.12 24.22
C LEU F 29 -11.21 -50.10 24.41
N LYS F 30 -11.32 -49.31 25.48
CA LYS F 30 -10.36 -48.24 25.78
C LYS F 30 -10.22 -47.28 24.61
N GLU F 31 -11.35 -46.94 23.98
CA GLU F 31 -11.40 -45.81 23.08
C GLU F 31 -12.78 -45.17 23.17
N GLN F 32 -12.82 -43.88 22.86
CA GLN F 32 -14.06 -43.12 22.81
C GLN F 32 -14.60 -43.20 21.40
N LEU F 33 -15.69 -43.93 21.21
CA LEU F 33 -16.34 -43.94 19.92
C LEU F 33 -17.56 -43.03 20.01
N LYS F 34 -17.61 -42.04 19.12
CA LYS F 34 -18.74 -41.14 19.07
C LYS F 34 -19.90 -41.84 18.36
N LEU F 35 -21.10 -41.60 18.85
CA LEU F 35 -22.28 -42.22 18.30
C LEU F 35 -23.32 -41.14 18.10
N CYS F 36 -24.15 -41.31 17.08
CA CYS F 36 -25.16 -40.32 16.75
C CYS F 36 -26.52 -40.98 16.70
N LEU F 37 -27.54 -40.29 17.17
CA LEU F 37 -28.87 -40.84 17.08
C LEU F 37 -29.26 -41.00 15.61
N ALA F 38 -30.12 -41.97 15.37
CA ALA F 38 -30.59 -42.21 14.03
C ALA F 38 -31.93 -42.90 14.12
N ALA F 39 -32.68 -42.83 13.03
CA ALA F 39 -33.92 -43.55 12.91
C ALA F 39 -34.33 -43.56 11.46
N GLU F 40 -34.85 -44.69 10.98
CA GLU F 40 -35.32 -44.73 9.60
C GLU F 40 -36.64 -44.01 9.46
N GLY F 41 -37.47 -44.06 10.49
CA GLY F 41 -38.76 -43.39 10.48
C GLY F 41 -39.85 -44.18 9.83
N PHE F 42 -39.54 -44.88 8.76
CA PHE F 42 -40.50 -45.70 8.06
C PHE F 42 -40.18 -47.16 8.33
N GLY F 43 -41.05 -47.83 9.06
CA GLY F 43 -40.90 -49.23 9.37
C GLY F 43 -40.19 -49.50 10.66
N ASN F 44 -39.45 -48.51 11.18
CA ASN F 44 -38.76 -48.67 12.44
C ASN F 44 -38.79 -47.31 13.13
N ARG F 45 -39.78 -47.13 14.00
CA ARG F 45 -39.85 -45.88 14.72
C ARG F 45 -38.78 -45.75 15.79
N LEU F 46 -38.12 -46.82 16.17
CA LEU F 46 -37.15 -46.72 17.26
C LEU F 46 -35.84 -46.10 16.80
N CYS F 47 -35.22 -45.37 17.70
CA CYS F 47 -33.94 -44.73 17.48
C CYS F 47 -32.81 -45.68 17.83
N PHE F 48 -31.69 -45.52 17.16
CA PHE F 48 -30.51 -46.31 17.43
C PHE F 48 -29.26 -45.48 17.21
N LEU F 49 -28.17 -45.95 17.78
CA LEU F 49 -26.90 -45.23 17.75
C LEU F 49 -26.06 -45.71 16.57
N GLU F 50 -25.68 -44.79 15.69
CA GLU F 50 -24.81 -45.07 14.57
C GLU F 50 -23.45 -44.47 14.80
N PRO F 51 -22.37 -45.25 14.68
CA PRO F 51 -21.05 -44.74 15.06
C PRO F 51 -20.39 -43.95 13.95
N THR F 52 -19.67 -42.91 14.35
CA THR F 52 -19.04 -42.00 13.41
C THR F 52 -17.55 -41.81 13.66
N SER F 53 -17.00 -42.34 14.75
CA SER F 53 -15.58 -42.15 15.04
C SER F 53 -14.70 -42.77 13.96
N ASN F 54 -15.07 -43.96 13.48
CA ASN F 54 -14.39 -44.62 12.38
C ASN F 54 -15.08 -44.20 11.08
N ALA F 55 -14.83 -42.96 10.67
CA ALA F 55 -15.46 -42.44 9.47
C ALA F 55 -14.55 -42.46 8.25
N GLN F 56 -13.24 -42.58 8.43
CA GLN F 56 -12.35 -42.67 7.28
C GLN F 56 -12.39 -44.05 6.66
N ASN F 57 -12.54 -45.10 7.47
CA ASN F 57 -12.56 -46.45 6.93
C ASN F 57 -13.94 -46.83 6.42
N VAL F 58 -14.98 -46.61 7.21
CA VAL F 58 -16.34 -46.84 6.76
C VAL F 58 -17.16 -45.57 6.98
N PRO F 59 -17.91 -45.13 5.99
CA PRO F 59 -18.71 -43.95 6.16
C PRO F 59 -19.93 -44.25 7.02
N PRO F 60 -20.34 -43.31 7.86
CA PRO F 60 -21.61 -43.44 8.56
C PRO F 60 -22.78 -42.91 7.74
N ASP F 61 -23.97 -43.43 8.04
CA ASP F 61 -25.19 -43.05 7.33
C ASP F 61 -25.81 -41.86 8.05
N LEU F 62 -25.49 -40.65 7.59
CA LEU F 62 -26.05 -39.44 8.17
C LEU F 62 -27.29 -38.93 7.47
N ALA F 63 -27.82 -39.67 6.49
CA ALA F 63 -29.10 -39.28 5.93
C ALA F 63 -30.20 -39.36 6.98
N ILE F 64 -30.00 -40.19 8.00
CA ILE F 64 -31.02 -40.49 8.99
C ILE F 64 -30.60 -40.04 10.39
N CYS F 65 -29.47 -39.36 10.51
CA CYS F 65 -29.00 -38.89 11.80
C CYS F 65 -29.23 -37.40 12.03
N CYS F 66 -29.83 -36.70 11.07
CA CYS F 66 -29.93 -35.26 11.09
C CYS F 66 -31.32 -34.85 11.57
N PHE F 67 -31.36 -33.93 12.53
CA PHE F 67 -32.59 -33.49 13.16
C PHE F 67 -32.70 -31.98 13.07
N THR F 68 -33.86 -31.50 12.67
CA THR F 68 -34.11 -30.07 12.63
C THR F 68 -34.62 -29.58 13.97
N LEU F 69 -34.10 -28.45 14.42
CA LEU F 69 -34.60 -27.78 15.61
C LEU F 69 -35.80 -26.96 15.18
N GLU F 70 -37.00 -27.41 15.54
CA GLU F 70 -38.20 -26.72 15.11
C GLU F 70 -38.50 -25.52 15.99
N GLN F 71 -38.78 -25.77 17.28
CA GLN F 71 -39.26 -24.71 18.14
C GLN F 71 -38.54 -24.75 19.48
N SER F 72 -38.47 -23.58 20.11
CA SER F 72 -37.95 -23.44 21.46
C SER F 72 -38.92 -22.61 22.26
N LEU F 73 -39.48 -23.18 23.31
CA LEU F 73 -40.51 -22.51 24.10
C LEU F 73 -40.13 -22.62 25.57
N SER F 74 -40.21 -21.51 26.28
CA SER F 74 -40.12 -21.60 27.73
C SER F 74 -41.24 -22.49 28.24
N VAL F 75 -40.89 -23.36 29.18
CA VAL F 75 -41.76 -24.45 29.61
C VAL F 75 -43.19 -23.95 29.78
N ARG F 76 -43.34 -22.76 30.35
CA ARG F 76 -44.67 -22.18 30.46
C ARG F 76 -45.35 -22.14 29.11
N ALA F 77 -44.76 -21.40 28.17
CA ALA F 77 -45.38 -21.25 26.86
C ALA F 77 -45.70 -22.59 26.25
N LEU F 78 -44.88 -23.61 26.52
CA LEU F 78 -45.22 -24.95 26.07
C LEU F 78 -46.51 -25.42 26.71
N GLN F 79 -46.67 -25.20 28.01
CA GLN F 79 -47.91 -25.64 28.68
C GLN F 79 -49.12 -24.96 28.09
N GLU F 80 -49.08 -23.62 27.95
CA GLU F 80 -50.24 -22.94 27.41
C GLU F 80 -50.46 -23.26 25.93
N MET F 81 -49.40 -23.58 25.19
CA MET F 81 -49.61 -24.01 23.82
C MET F 81 -50.28 -25.37 23.76
N LEU F 82 -49.86 -26.29 24.63
CA LEU F 82 -50.50 -27.59 24.68
C LEU F 82 -51.96 -27.49 25.07
N ALA F 83 -52.27 -26.60 26.02
CA ALA F 83 -53.67 -26.41 26.39
C ALA F 83 -54.49 -25.87 25.23
N ASN F 84 -53.89 -25.05 24.37
CA ASN F 84 -54.61 -24.47 23.24
C ASN F 84 -54.34 -25.24 21.97
N HIS F 98 -36.60 -17.69 14.09
CA HIS F 98 -35.22 -18.12 14.24
C HIS F 98 -34.69 -17.74 15.60
N ARG F 99 -35.42 -18.17 16.63
CA ARG F 99 -35.06 -17.87 18.00
C ARG F 99 -33.80 -18.62 18.39
N THR F 100 -32.90 -17.93 19.08
CA THR F 100 -31.78 -18.59 19.71
C THR F 100 -32.28 -19.51 20.81
N LEU F 101 -31.76 -20.72 20.87
CA LEU F 101 -32.12 -21.64 21.92
C LEU F 101 -31.50 -21.18 23.23
N LEU F 102 -32.22 -21.39 24.33
CA LEU F 102 -31.74 -21.06 25.66
C LEU F 102 -31.77 -22.31 26.50
N TYR F 103 -30.85 -22.42 27.45
CA TYR F 103 -30.92 -23.50 28.41
C TYR F 103 -32.20 -23.43 29.22
N GLY F 104 -32.77 -24.59 29.54
CA GLY F 104 -34.01 -24.65 30.26
C GLY F 104 -35.25 -24.50 29.43
N HIS F 105 -35.12 -24.14 28.17
CA HIS F 105 -36.29 -24.05 27.30
C HIS F 105 -36.66 -25.45 26.85
N ALA F 106 -37.65 -25.55 25.99
CA ALA F 106 -38.01 -26.82 25.38
C ALA F 106 -37.58 -26.82 23.92
N ILE F 107 -37.51 -28.01 23.35
CA ILE F 107 -37.11 -28.17 21.96
C ILE F 107 -37.96 -29.26 21.32
N LEU F 108 -38.36 -29.01 20.09
CA LEU F 108 -39.06 -29.96 19.26
C LEU F 108 -38.14 -30.33 18.10
N LEU F 109 -37.67 -31.57 18.10
CA LEU F 109 -36.70 -32.04 17.11
C LEU F 109 -37.41 -32.81 16.03
N ARG F 110 -37.33 -32.33 14.80
CA ARG F 110 -37.96 -32.98 13.67
C ARG F 110 -36.91 -33.77 12.92
N HIS F 111 -37.24 -35.01 12.59
CA HIS F 111 -36.37 -35.84 11.78
C HIS F 111 -36.29 -35.27 10.37
N ALA F 112 -35.07 -35.21 9.83
CA ALA F 112 -34.87 -34.63 8.50
C ALA F 112 -35.46 -35.53 7.42
N HIS F 113 -35.17 -36.83 7.47
CA HIS F 113 -35.63 -37.74 6.43
C HIS F 113 -37.13 -37.93 6.47
N SER F 114 -37.65 -38.47 7.57
CA SER F 114 -39.03 -38.92 7.63
C SER F 114 -40.00 -37.86 8.11
N ARG F 115 -39.52 -36.69 8.49
CA ARG F 115 -40.36 -35.59 8.94
C ARG F 115 -41.19 -35.94 10.16
N MET F 116 -40.69 -36.84 11.00
CA MET F 116 -41.33 -37.16 12.27
C MET F 116 -40.55 -36.51 13.41
N TYR F 117 -41.11 -36.58 14.60
CA TYR F 117 -40.58 -35.86 15.74
C TYR F 117 -40.06 -36.82 16.77
N LEU F 118 -38.85 -36.56 17.26
CA LEU F 118 -38.30 -37.40 18.31
C LEU F 118 -39.21 -37.37 19.52
N SER F 119 -39.44 -38.53 20.12
CA SER F 119 -40.39 -38.61 21.21
C SER F 119 -39.97 -39.67 22.19
N CYS F 120 -40.51 -39.59 23.40
CA CYS F 120 -40.31 -40.60 24.43
C CYS F 120 -41.51 -41.55 24.39
N LEU F 121 -41.34 -42.64 23.67
CA LEU F 121 -42.46 -43.52 23.35
C LEU F 121 -43.01 -44.17 24.60
N THR F 122 -44.31 -44.45 24.57
CA THR F 122 -44.99 -44.99 25.75
C THR F 122 -44.47 -46.36 26.14
N THR F 123 -44.20 -47.22 25.16
CA THR F 123 -43.75 -48.57 25.44
C THR F 123 -42.33 -48.58 26.00
N SER F 124 -41.85 -49.79 26.25
CA SER F 124 -40.45 -50.02 26.61
C SER F 124 -40.16 -51.50 26.42
N ARG F 125 -39.26 -51.80 25.49
CA ARG F 125 -38.89 -53.19 25.20
C ARG F 125 -37.54 -53.57 25.82
N SER F 126 -37.00 -52.74 26.69
CA SER F 126 -35.64 -52.88 27.17
C SER F 126 -35.52 -54.08 28.11
N MET F 127 -34.62 -55.00 27.78
CA MET F 127 -34.26 -56.12 28.63
C MET F 127 -33.60 -55.71 29.93
N THR F 128 -32.62 -54.81 29.88
CA THR F 128 -31.69 -54.65 30.99
C THR F 128 -32.34 -54.04 32.22
N ASP F 129 -33.06 -52.94 32.07
CA ASP F 129 -33.60 -52.22 33.21
C ASP F 129 -35.03 -51.80 32.94
N LYS F 130 -35.80 -51.71 34.01
CA LYS F 130 -37.14 -51.14 33.98
C LYS F 130 -37.02 -49.64 34.21
N LEU F 131 -38.16 -48.96 34.39
CA LEU F 131 -38.20 -47.52 34.61
C LEU F 131 -37.53 -46.75 33.47
N ALA F 132 -37.30 -47.43 32.35
CA ALA F 132 -36.66 -46.82 31.21
C ALA F 132 -37.55 -47.00 30.01
N PHE F 133 -37.68 -45.96 29.20
CA PHE F 133 -38.53 -45.98 28.03
C PHE F 133 -37.69 -45.85 26.78
N ASP F 134 -38.21 -46.36 25.68
CA ASP F 134 -37.48 -46.39 24.43
C ASP F 134 -37.84 -45.19 23.56
N VAL F 135 -36.84 -44.39 23.20
CA VAL F 135 -37.03 -43.15 22.47
C VAL F 135 -37.23 -43.50 21.02
N GLY F 136 -38.23 -42.90 20.39
CA GLY F 136 -38.53 -43.21 19.02
C GLY F 136 -38.99 -42.02 18.22
N LEU F 137 -39.75 -42.25 17.16
CA LEU F 137 -40.24 -41.18 16.30
C LEU F 137 -41.76 -41.20 16.28
N GLN F 138 -42.36 -40.05 16.54
CA GLN F 138 -43.79 -39.87 16.59
C GLN F 138 -44.23 -39.09 15.36
N GLU F 139 -45.37 -39.46 14.79
CA GLU F 139 -45.76 -38.89 13.52
C GLU F 139 -46.12 -37.41 13.60
N ASP F 140 -46.62 -36.93 14.72
CA ASP F 140 -47.10 -35.56 14.82
C ASP F 140 -46.73 -34.96 16.17
N ALA F 141 -46.67 -33.62 16.21
CA ALA F 141 -46.17 -32.92 17.37
C ALA F 141 -47.12 -32.95 18.55
N THR F 142 -48.39 -33.28 18.32
CA THR F 142 -49.41 -33.30 19.34
C THR F 142 -48.96 -34.07 20.58
N GLY F 143 -48.89 -33.40 21.71
CA GLY F 143 -48.55 -34.04 22.97
C GLY F 143 -47.22 -33.57 23.48
N GLU F 144 -46.98 -33.90 24.74
CA GLU F 144 -45.74 -33.52 25.42
C GLU F 144 -44.68 -34.58 25.28
N ALA F 145 -44.96 -35.68 24.58
CA ALA F 145 -43.92 -36.66 24.29
C ALA F 145 -42.86 -36.05 23.36
N CYS F 146 -43.31 -35.34 22.33
CA CYS F 146 -42.43 -34.79 21.31
C CYS F 146 -41.51 -33.72 21.84
N TRP F 147 -41.77 -33.18 23.02
CA TRP F 147 -41.07 -32.01 23.51
C TRP F 147 -40.03 -32.42 24.54
N TRP F 148 -38.81 -31.97 24.35
CA TRP F 148 -37.71 -32.26 25.25
C TRP F 148 -37.24 -30.97 25.90
N THR F 149 -36.44 -31.11 26.94
CA THR F 149 -35.82 -29.97 27.57
C THR F 149 -34.33 -30.18 27.61
N MET F 150 -33.61 -29.06 27.67
CA MET F 150 -32.16 -29.03 27.60
C MET F 150 -31.64 -28.38 28.86
N HIS F 151 -30.58 -28.93 29.43
CA HIS F 151 -30.03 -28.45 30.68
C HIS F 151 -28.52 -28.48 30.67
N PRO F 152 -27.89 -27.66 31.51
CA PRO F 152 -26.44 -27.55 31.49
C PRO F 152 -25.75 -28.83 31.86
N ALA F 153 -24.55 -29.00 31.31
CA ALA F 153 -23.72 -30.16 31.63
C ALA F 153 -23.27 -30.10 33.08
N SER F 154 -22.72 -28.97 33.50
CA SER F 154 -22.19 -28.83 34.85
C SER F 154 -22.45 -27.39 35.30
N LYS F 155 -21.83 -27.02 36.41
CA LYS F 155 -22.02 -25.68 36.95
C LYS F 155 -21.25 -24.61 36.19
N GLN F 156 -20.65 -24.97 35.06
CA GLN F 156 -20.06 -23.96 34.18
C GLN F 156 -21.14 -23.16 33.46
N ARG F 157 -22.25 -23.80 33.12
CA ARG F 157 -23.33 -23.16 32.38
C ARG F 157 -24.54 -23.03 33.27
N SER F 158 -25.19 -21.87 33.19
CA SER F 158 -26.38 -21.57 33.96
C SER F 158 -27.60 -21.62 33.06
N GLU F 159 -28.77 -21.59 33.67
CA GLU F 159 -30.00 -21.63 32.90
C GLU F 159 -30.30 -20.26 32.33
N GLY F 160 -31.17 -20.23 31.34
CA GLY F 160 -31.54 -18.98 30.73
C GLY F 160 -30.53 -18.46 29.72
N GLU F 161 -29.26 -18.81 29.89
CA GLU F 161 -28.26 -18.38 28.94
C GLU F 161 -28.23 -19.31 27.73
N LYS F 162 -27.97 -18.73 26.58
CA LYS F 162 -28.16 -19.42 25.31
C LYS F 162 -27.10 -20.47 25.10
N VAL F 163 -27.50 -21.55 24.43
CA VAL F 163 -26.61 -22.67 24.21
C VAL F 163 -25.71 -22.41 23.02
N ARG F 164 -24.42 -22.73 23.17
CA ARG F 164 -23.44 -22.57 22.13
C ARG F 164 -23.11 -23.92 21.53
N VAL F 165 -22.60 -23.90 20.31
CA VAL F 165 -22.22 -25.13 19.63
C VAL F 165 -21.00 -25.72 20.31
N GLY F 166 -21.08 -26.99 20.67
CA GLY F 166 -20.01 -27.64 21.39
C GLY F 166 -20.32 -27.74 22.87
N ASP F 167 -21.59 -27.74 23.21
CA ASP F 167 -22.04 -27.79 24.59
C ASP F 167 -22.52 -29.20 24.91
N ASP F 168 -22.11 -29.71 26.07
CA ASP F 168 -22.67 -30.95 26.58
C ASP F 168 -24.03 -30.68 27.18
N LEU F 169 -25.05 -31.38 26.71
CA LEU F 169 -26.41 -31.14 27.14
C LEU F 169 -26.85 -32.25 28.06
N ILE F 170 -27.88 -31.98 28.84
CA ILE F 170 -28.61 -33.00 29.58
C ILE F 170 -30.07 -32.81 29.17
N LEU F 171 -30.55 -33.70 28.30
CA LEU F 171 -31.93 -33.61 27.89
C LEU F 171 -32.82 -34.38 28.85
N VAL F 172 -34.04 -33.88 29.01
CA VAL F 172 -35.05 -34.52 29.83
C VAL F 172 -36.37 -34.43 29.09
N SER F 173 -37.06 -35.55 28.95
CA SER F 173 -38.34 -35.52 28.27
C SER F 173 -39.36 -34.78 29.10
N VAL F 174 -40.15 -33.93 28.44
CA VAL F 174 -41.21 -33.24 29.16
C VAL F 174 -42.28 -34.21 29.63
N SER F 175 -42.66 -35.17 28.80
CA SER F 175 -43.77 -36.05 29.16
C SER F 175 -43.42 -36.95 30.33
N SER F 176 -42.19 -37.42 30.43
CA SER F 176 -41.87 -38.47 31.38
C SER F 176 -40.79 -38.11 32.38
N GLU F 177 -40.31 -36.87 32.38
CA GLU F 177 -39.27 -36.41 33.29
C GLU F 177 -37.99 -37.23 33.19
N ARG F 178 -37.87 -38.05 32.16
CA ARG F 178 -36.74 -38.95 32.01
C ARG F 178 -35.68 -38.31 31.12
N TYR F 179 -34.42 -38.49 31.50
CA TYR F 179 -33.34 -38.09 30.64
C TYR F 179 -33.25 -39.00 29.43
N LEU F 180 -32.55 -38.53 28.42
CA LEU F 180 -31.97 -39.46 27.46
C LEU F 180 -30.83 -40.20 28.12
N HIS F 181 -30.49 -41.35 27.55
CA HIS F 181 -29.54 -42.25 28.17
C HIS F 181 -29.13 -43.27 27.12
N LEU F 182 -28.12 -44.09 27.44
CA LEU F 182 -27.70 -45.11 26.50
C LEU F 182 -27.41 -46.43 27.22
N SER F 183 -28.00 -47.50 26.72
CA SER F 183 -27.79 -48.82 27.29
C SER F 183 -26.45 -49.35 26.82
N THR F 184 -25.45 -49.29 27.71
CA THR F 184 -24.23 -50.04 27.57
C THR F 184 -24.22 -51.30 28.41
N ALA F 185 -25.22 -51.49 29.26
CA ALA F 185 -25.23 -52.63 30.17
C ALA F 185 -25.48 -53.93 29.40
N SER F 186 -26.48 -53.93 28.52
CA SER F 186 -26.52 -54.96 27.50
C SER F 186 -25.25 -54.88 26.67
N GLY F 187 -24.97 -55.93 25.91
CA GLY F 187 -23.76 -55.95 25.11
C GLY F 187 -23.69 -54.82 24.11
N GLU F 188 -24.85 -54.29 23.73
CA GLU F 188 -24.95 -53.27 22.71
C GLU F 188 -24.96 -51.88 23.33
N LEU F 189 -25.12 -50.87 22.47
CA LEU F 189 -25.24 -49.48 22.89
C LEU F 189 -26.55 -48.97 22.30
N GLN F 190 -27.59 -48.88 23.13
CA GLN F 190 -28.87 -48.41 22.65
C GLN F 190 -29.19 -47.05 23.27
N VAL F 191 -30.24 -46.44 22.82
CA VAL F 191 -30.66 -45.18 23.39
C VAL F 191 -31.97 -45.39 24.11
N ASP F 192 -32.13 -44.73 25.25
CA ASP F 192 -33.26 -44.96 26.12
C ASP F 192 -33.64 -43.65 26.80
N ALA F 193 -34.80 -43.66 27.44
CA ALA F 193 -35.24 -42.58 28.29
C ALA F 193 -35.35 -43.10 29.71
N SER F 194 -34.42 -42.70 30.56
CA SER F 194 -34.32 -43.31 31.87
C SER F 194 -33.90 -42.25 32.87
N PHE F 195 -33.52 -42.68 34.06
CA PHE F 195 -33.21 -41.78 35.15
C PHE F 195 -31.71 -41.74 35.40
N MET F 196 -30.95 -41.84 34.33
CA MET F 196 -29.50 -41.70 34.38
C MET F 196 -29.08 -40.84 33.21
N GLN F 197 -28.17 -39.90 33.45
CA GLN F 197 -27.95 -38.82 32.49
C GLN F 197 -26.71 -39.11 31.65
N THR F 198 -26.89 -39.03 30.34
CA THR F 198 -25.78 -39.05 29.40
C THR F 198 -25.63 -37.65 28.82
N LEU F 199 -24.39 -37.22 28.63
CA LEU F 199 -24.09 -35.88 28.16
C LEU F 199 -24.00 -35.88 26.64
N TRP F 200 -25.10 -35.54 26.00
CA TRP F 200 -25.21 -35.37 24.57
C TRP F 200 -24.54 -34.07 24.13
N ASN F 201 -24.02 -34.07 22.91
CA ASN F 201 -23.59 -32.86 22.26
C ASN F 201 -24.59 -32.53 21.17
N MET F 202 -24.65 -31.27 20.78
CA MET F 202 -25.58 -30.83 19.76
C MET F 202 -24.74 -30.28 18.62
N ASN F 203 -24.24 -31.17 17.78
CA ASN F 203 -23.40 -30.63 16.73
C ASN F 203 -24.23 -30.17 15.57
N PRO F 204 -23.87 -29.05 14.94
CA PRO F 204 -24.69 -28.50 13.87
C PRO F 204 -24.29 -29.01 12.50
N ILE F 205 -25.24 -28.96 11.58
CA ILE F 205 -25.06 -29.44 10.23
C ILE F 205 -25.30 -28.33 9.22
N CYS F 206 -26.35 -27.55 9.40
CA CYS F 206 -26.77 -26.55 8.42
C CYS F 206 -27.47 -25.42 9.15
N SER F 207 -27.17 -24.19 8.75
CA SER F 207 -27.83 -23.03 9.35
C SER F 207 -28.72 -22.30 8.36
N CYS F 208 -28.15 -21.77 7.29
CA CYS F 208 -28.91 -20.97 6.32
C CYS F 208 -28.18 -20.99 5.00
N CYS F 209 -28.69 -21.72 4.02
CA CYS F 209 -28.08 -21.84 2.71
C CYS F 209 -28.66 -20.78 1.79
N GLU F 210 -27.78 -20.06 1.11
CA GLU F 210 -28.23 -19.08 0.12
C GLU F 210 -28.99 -19.78 -1.00
N GLU F 211 -29.83 -19.01 -1.67
CA GLU F 211 -30.65 -19.58 -2.73
C GLU F 211 -29.79 -20.10 -3.86
N GLY F 212 -30.10 -21.31 -4.32
CA GLY F 212 -29.40 -21.87 -5.47
C GLY F 212 -27.92 -22.07 -5.27
N TYR F 213 -27.52 -22.62 -4.14
CA TYR F 213 -26.13 -22.97 -3.93
C TYR F 213 -26.05 -24.40 -3.41
N VAL F 214 -24.96 -25.07 -3.73
CA VAL F 214 -24.80 -26.48 -3.45
C VAL F 214 -24.14 -26.66 -2.10
N THR F 215 -24.79 -27.41 -1.21
CA THR F 215 -24.31 -27.68 0.11
C THR F 215 -24.27 -29.18 0.34
N GLY F 216 -23.46 -29.60 1.30
CA GLY F 216 -23.26 -31.02 1.53
C GLY F 216 -24.52 -31.68 2.05
N GLY F 217 -24.68 -32.95 1.73
CA GLY F 217 -25.83 -33.69 2.14
C GLY F 217 -27.02 -33.55 1.23
N HIS F 218 -26.88 -32.86 0.10
CA HIS F 218 -27.96 -32.74 -0.85
C HIS F 218 -28.02 -33.98 -1.72
N VAL F 219 -29.22 -34.42 -2.06
CA VAL F 219 -29.42 -35.43 -3.08
C VAL F 219 -29.63 -34.70 -4.39
N LEU F 220 -28.90 -35.12 -5.41
CA LEU F 220 -28.76 -34.34 -6.62
C LEU F 220 -28.37 -35.26 -7.77
N ARG F 221 -28.65 -34.82 -8.99
CA ARG F 221 -28.19 -35.53 -10.17
C ARG F 221 -26.99 -34.81 -10.74
N LEU F 222 -25.96 -35.57 -11.11
CA LEU F 222 -24.77 -35.01 -11.72
C LEU F 222 -24.97 -35.05 -13.23
N PHE F 223 -25.68 -34.07 -13.75
CA PHE F 223 -25.97 -34.00 -15.17
C PHE F 223 -24.70 -33.73 -15.96
N HIS F 224 -24.75 -34.11 -17.24
CA HIS F 224 -23.70 -33.78 -18.19
C HIS F 224 -24.17 -32.58 -18.99
N GLY F 225 -23.31 -31.58 -19.13
CA GLY F 225 -23.70 -30.26 -19.59
C GLY F 225 -24.57 -30.24 -20.83
N HIS F 226 -24.62 -31.35 -21.55
CA HIS F 226 -25.53 -31.48 -22.68
C HIS F 226 -27.00 -31.41 -22.28
N MET F 227 -27.32 -31.59 -20.99
CA MET F 227 -28.68 -31.53 -20.45
C MET F 227 -29.56 -32.69 -20.85
N ASP F 228 -28.98 -33.83 -21.24
CA ASP F 228 -29.73 -35.05 -21.41
C ASP F 228 -29.08 -36.25 -20.75
N GLU F 229 -27.79 -36.19 -20.47
CA GLU F 229 -27.04 -37.31 -19.91
C GLU F 229 -26.78 -37.04 -18.44
N CYS F 230 -27.14 -38.01 -17.60
CA CYS F 230 -26.88 -37.96 -16.18
C CYS F 230 -26.19 -39.26 -15.74
N LEU F 231 -25.45 -39.17 -14.65
CA LEU F 231 -24.60 -40.27 -14.21
C LEU F 231 -25.43 -41.26 -13.41
N THR F 232 -25.60 -42.46 -13.95
CA THR F 232 -26.48 -43.47 -13.37
C THR F 232 -25.76 -44.80 -13.29
N ILE F 233 -26.14 -45.62 -12.32
CA ILE F 233 -25.72 -47.02 -12.31
C ILE F 233 -26.73 -47.82 -13.09
N SER F 234 -26.40 -49.07 -13.40
CA SER F 234 -27.22 -49.92 -14.25
C SER F 234 -28.64 -50.04 -13.69
N ALA F 235 -29.57 -50.37 -14.57
CA ALA F 235 -30.96 -50.52 -14.16
C ALA F 235 -31.11 -51.72 -13.23
N ALA F 236 -32.25 -51.76 -12.54
CA ALA F 236 -32.46 -52.79 -11.53
C ALA F 236 -32.51 -54.17 -12.17
N ASP F 237 -31.95 -55.14 -11.46
CA ASP F 237 -31.90 -56.54 -11.93
C ASP F 237 -31.20 -56.63 -13.29
N SER F 238 -29.91 -56.29 -13.28
CA SER F 238 -29.06 -56.37 -14.46
C SER F 238 -27.83 -57.19 -14.13
N ASP F 239 -27.27 -57.81 -15.16
CA ASP F 239 -26.12 -58.69 -15.00
C ASP F 239 -24.88 -57.96 -14.50
N ASP F 240 -24.85 -56.64 -14.57
CA ASP F 240 -23.72 -55.86 -14.12
C ASP F 240 -23.50 -55.95 -12.61
N GLN F 241 -24.47 -56.47 -11.87
CA GLN F 241 -24.53 -56.35 -10.42
C GLN F 241 -24.57 -54.89 -10.00
N ARG F 242 -25.05 -54.04 -10.92
CA ARG F 242 -25.28 -52.63 -10.66
C ARG F 242 -24.06 -51.94 -10.09
N ARG F 243 -22.89 -52.48 -10.36
CA ARG F 243 -21.65 -51.97 -9.79
C ARG F 243 -20.80 -51.25 -10.82
N LEU F 244 -21.44 -50.59 -11.78
CA LEU F 244 -20.71 -49.88 -12.82
C LEU F 244 -21.48 -48.62 -13.19
N VAL F 245 -20.77 -47.51 -13.26
CA VAL F 245 -21.37 -46.22 -13.56
C VAL F 245 -21.56 -46.06 -15.06
N TYR F 246 -22.37 -45.08 -15.45
CA TYR F 246 -22.67 -44.81 -16.85
C TYR F 246 -23.12 -43.37 -16.96
N TYR F 247 -23.02 -42.83 -18.16
CA TYR F 247 -23.70 -41.60 -18.53
C TYR F 247 -24.88 -42.01 -19.39
N GLU F 248 -26.07 -41.96 -18.83
CA GLU F 248 -27.25 -42.41 -19.54
C GLU F 248 -28.19 -41.25 -19.75
N GLY F 249 -28.93 -41.29 -20.86
CA GLY F 249 -29.87 -40.25 -21.20
C GLY F 249 -31.30 -40.79 -21.18
N GLY F 250 -32.24 -39.89 -21.42
CA GLY F 250 -33.61 -40.30 -21.54
C GLY F 250 -34.41 -40.07 -20.28
N ALA F 251 -35.39 -40.93 -20.03
CA ALA F 251 -36.21 -40.82 -18.83
C ALA F 251 -35.46 -41.19 -17.57
N VAL F 252 -34.25 -41.74 -17.69
CA VAL F 252 -33.47 -42.10 -16.51
C VAL F 252 -33.15 -40.88 -15.68
N CYS F 253 -33.12 -39.71 -16.30
CA CYS F 253 -32.84 -38.50 -15.57
C CYS F 253 -34.07 -37.93 -14.89
N THR F 254 -35.16 -38.69 -14.86
CA THR F 254 -36.25 -38.46 -13.91
C THR F 254 -36.52 -39.71 -13.08
N HIS F 255 -35.51 -40.54 -12.86
CA HIS F 255 -35.60 -41.74 -12.06
C HIS F 255 -34.73 -41.60 -10.83
N ALA F 256 -34.65 -42.67 -10.05
CA ALA F 256 -33.95 -42.65 -8.79
C ALA F 256 -32.56 -43.27 -8.87
N ARG F 257 -32.27 -44.05 -9.90
CA ARG F 257 -30.93 -44.57 -10.11
C ARG F 257 -29.94 -43.48 -10.46
N SER F 258 -30.42 -42.29 -10.80
CA SER F 258 -29.57 -41.17 -11.18
C SER F 258 -29.30 -40.21 -10.04
N LEU F 259 -29.75 -40.53 -8.82
CA LEU F 259 -29.66 -39.63 -7.69
C LEU F 259 -28.49 -40.01 -6.81
N TRP F 260 -27.60 -39.05 -6.58
CA TRP F 260 -26.43 -39.22 -5.75
C TRP F 260 -26.53 -38.26 -4.58
N ARG F 261 -25.70 -38.46 -3.58
CA ARG F 261 -25.71 -37.64 -2.39
C ARG F 261 -24.29 -37.32 -2.00
N LEU F 262 -23.98 -36.04 -1.88
CA LEU F 262 -22.62 -35.62 -1.59
C LEU F 262 -22.40 -35.61 -0.10
N GLU F 263 -21.51 -36.46 0.38
CA GLU F 263 -21.27 -36.62 1.81
C GLU F 263 -19.86 -36.11 2.09
N PRO F 264 -19.72 -34.89 2.58
CA PRO F 264 -18.39 -34.37 2.89
C PRO F 264 -17.70 -35.24 3.92
N LEU F 265 -16.42 -34.97 4.11
CA LEU F 265 -15.58 -35.77 4.99
C LEU F 265 -15.53 -35.21 6.39
N ARG F 266 -16.53 -34.44 6.79
CA ARG F 266 -16.64 -33.86 8.12
C ARG F 266 -18.06 -34.06 8.62
N ILE F 267 -18.20 -34.67 9.78
CA ILE F 267 -19.53 -34.89 10.34
C ILE F 267 -20.16 -33.58 10.81
N SER F 268 -19.38 -32.70 11.43
CA SER F 268 -19.87 -31.40 11.87
C SER F 268 -19.81 -30.41 10.72
N TRP F 269 -20.88 -29.62 10.57
CA TRP F 269 -21.01 -28.66 9.48
C TRP F 269 -21.01 -29.34 8.13
N SER F 270 -21.55 -30.54 8.07
CA SER F 270 -21.61 -31.30 6.83
C SER F 270 -22.56 -30.69 5.81
N GLY F 271 -23.37 -29.73 6.20
CA GLY F 271 -24.27 -29.10 5.27
C GLY F 271 -23.73 -27.77 4.78
N SER F 272 -22.44 -27.56 4.94
CA SER F 272 -21.83 -26.30 4.55
C SER F 272 -21.87 -26.14 3.04
N HIS F 273 -21.65 -24.90 2.60
CA HIS F 273 -21.59 -24.62 1.18
C HIS F 273 -20.40 -25.31 0.54
N LEU F 274 -20.67 -26.10 -0.49
CA LEU F 274 -19.59 -26.78 -1.21
C LEU F 274 -18.62 -25.77 -1.77
N ARG F 275 -17.33 -26.02 -1.56
CA ARG F 275 -16.28 -25.19 -2.11
C ARG F 275 -15.53 -25.99 -3.17
N TRP F 276 -14.88 -25.26 -4.07
CA TRP F 276 -14.12 -25.91 -5.12
C TRP F 276 -13.00 -26.73 -4.51
N GLY F 277 -12.87 -27.97 -4.97
CA GLY F 277 -11.76 -28.81 -4.55
C GLY F 277 -11.72 -29.09 -3.07
N GLN F 278 -12.84 -29.51 -2.49
CA GLN F 278 -12.82 -30.04 -1.14
C GLN F 278 -13.21 -31.50 -1.17
N PRO F 279 -12.57 -32.35 -0.37
CA PRO F 279 -12.85 -33.78 -0.45
C PRO F 279 -14.26 -34.09 -0.02
N LEU F 280 -14.85 -35.11 -0.67
CA LEU F 280 -16.21 -35.50 -0.38
C LEU F 280 -16.50 -36.83 -1.05
N ARG F 281 -17.15 -37.73 -0.33
CA ARG F 281 -17.64 -38.95 -0.95
C ARG F 281 -18.93 -38.67 -1.69
N ILE F 282 -19.26 -39.57 -2.60
CA ILE F 282 -20.52 -39.48 -3.34
C ILE F 282 -21.22 -40.82 -3.23
N ARG F 283 -22.40 -40.81 -2.64
CA ARG F 283 -23.11 -42.03 -2.31
C ARG F 283 -24.34 -42.18 -3.18
N HIS F 284 -24.49 -43.33 -3.81
CA HIS F 284 -25.72 -43.61 -4.50
C HIS F 284 -26.83 -43.75 -3.48
N VAL F 285 -27.98 -43.14 -3.75
CA VAL F 285 -29.00 -43.08 -2.72
C VAL F 285 -29.79 -44.38 -2.63
N THR F 286 -30.27 -44.89 -3.76
CA THR F 286 -31.14 -46.06 -3.74
C THR F 286 -30.41 -47.35 -3.46
N THR F 287 -29.08 -47.36 -3.44
CA THR F 287 -28.32 -48.56 -3.14
C THR F 287 -27.28 -48.36 -2.07
N GLY F 288 -27.01 -47.15 -1.64
CA GLY F 288 -26.06 -46.94 -0.57
C GLY F 288 -24.66 -47.40 -0.89
N ARG F 289 -24.20 -47.19 -2.11
CA ARG F 289 -22.89 -47.63 -2.55
C ARG F 289 -22.09 -46.42 -2.99
N TYR F 290 -20.86 -46.34 -2.50
CA TYR F 290 -20.03 -45.17 -2.66
C TYR F 290 -19.19 -45.27 -3.91
N LEU F 291 -19.20 -44.21 -4.71
CA LEU F 291 -18.38 -44.14 -5.90
C LEU F 291 -16.93 -44.30 -5.52
N ALA F 292 -16.20 -45.15 -6.25
CA ALA F 292 -14.84 -45.43 -5.86
C ALA F 292 -14.00 -45.80 -7.07
N LEU F 293 -12.69 -45.69 -6.90
CA LEU F 293 -11.69 -46.16 -7.85
C LEU F 293 -11.06 -47.42 -7.26
N THR F 294 -11.47 -48.57 -7.76
CA THR F 294 -10.83 -49.82 -7.42
C THR F 294 -9.85 -50.19 -8.52
N GLU F 295 -8.79 -50.90 -8.14
CA GLU F 295 -7.74 -51.24 -9.09
C GLU F 295 -8.26 -52.12 -10.22
N ASP F 296 -9.10 -53.09 -9.90
CA ASP F 296 -9.52 -54.08 -10.90
C ASP F 296 -10.37 -53.45 -11.99
N GLN F 297 -11.41 -52.71 -11.60
CA GLN F 297 -12.39 -52.23 -12.57
C GLN F 297 -12.47 -50.72 -12.66
N GLY F 298 -11.45 -50.00 -12.20
CA GLY F 298 -11.44 -48.56 -12.36
C GLY F 298 -12.55 -47.93 -11.55
N LEU F 299 -13.51 -47.30 -12.23
CA LEU F 299 -14.62 -46.67 -11.56
C LEU F 299 -15.71 -47.70 -11.27
N VAL F 300 -16.11 -47.78 -10.00
CA VAL F 300 -17.15 -48.69 -9.53
C VAL F 300 -17.96 -47.96 -8.47
N VAL F 301 -18.99 -48.64 -7.95
CA VAL F 301 -19.69 -48.23 -6.75
C VAL F 301 -19.48 -49.33 -5.72
N VAL F 302 -18.57 -49.08 -4.79
CA VAL F 302 -18.16 -50.07 -3.81
C VAL F 302 -19.08 -49.97 -2.61
N ASP F 303 -19.23 -51.07 -1.88
CA ASP F 303 -20.14 -51.06 -0.74
C ASP F 303 -19.61 -50.15 0.35
N ALA F 304 -20.42 -49.95 1.37
CA ALA F 304 -20.09 -49.03 2.46
C ALA F 304 -19.02 -49.57 3.37
N CYS F 305 -18.67 -50.85 3.27
CA CYS F 305 -17.64 -51.43 4.10
C CYS F 305 -16.25 -51.29 3.51
N LYS F 306 -16.14 -50.71 2.33
CA LYS F 306 -14.87 -50.64 1.61
C LYS F 306 -14.61 -49.25 1.07
N ALA F 307 -15.12 -48.23 1.75
CA ALA F 307 -14.96 -46.84 1.33
C ALA F 307 -13.97 -46.18 2.27
N HIS F 308 -12.68 -46.35 2.00
CA HIS F 308 -11.65 -46.02 2.97
C HIS F 308 -10.99 -44.67 2.73
N THR F 309 -11.71 -43.73 2.13
CA THR F 309 -11.33 -42.32 1.97
C THR F 309 -10.15 -42.17 1.02
N LYS F 310 -9.51 -43.26 0.62
CA LYS F 310 -8.57 -43.24 -0.47
C LYS F 310 -9.22 -43.58 -1.79
N ALA F 311 -10.19 -44.49 -1.78
CA ALA F 311 -10.88 -44.89 -2.98
C ALA F 311 -12.07 -44.00 -3.29
N THR F 312 -12.73 -43.49 -2.26
CA THR F 312 -14.03 -42.83 -2.45
C THR F 312 -13.98 -41.33 -2.37
N SER F 313 -12.85 -40.73 -1.98
CA SER F 313 -12.78 -39.28 -1.88
C SER F 313 -12.67 -38.66 -3.26
N PHE F 314 -13.14 -37.42 -3.38
CA PHE F 314 -13.27 -36.76 -4.66
C PHE F 314 -13.18 -35.26 -4.45
N CYS F 315 -13.09 -34.52 -5.55
CA CYS F 315 -12.98 -33.06 -5.47
C CYS F 315 -13.58 -32.48 -6.74
N PHE F 316 -14.74 -31.85 -6.64
CA PHE F 316 -15.18 -30.99 -7.72
C PHE F 316 -14.18 -29.87 -7.91
N ARG F 317 -13.83 -29.56 -9.16
CA ARG F 317 -12.89 -28.50 -9.44
C ARG F 317 -13.35 -27.70 -10.64
N VAL F 318 -12.92 -26.44 -10.69
CA VAL F 318 -13.44 -25.49 -11.66
C VAL F 318 -12.76 -25.65 -13.01
N SER F 319 -11.43 -25.69 -13.02
CA SER F 319 -10.65 -25.84 -14.24
C SER F 319 -9.63 -26.94 -14.05
N LYS F 320 -9.22 -27.53 -15.17
CA LYS F 320 -8.33 -28.68 -15.15
C LYS F 320 -6.89 -28.29 -14.82
N GLU F 321 -6.64 -27.03 -14.49
CA GLU F 321 -5.34 -26.57 -14.05
C GLU F 321 -5.03 -27.16 -12.69
N LYS F 322 -3.75 -27.12 -12.32
CA LYS F 322 -3.28 -27.84 -11.14
C LYS F 322 -3.26 -26.90 -9.95
N LEU F 323 -4.22 -27.07 -9.05
CA LEU F 323 -4.38 -26.20 -7.88
C LEU F 323 -3.87 -26.86 -6.62
N PRO F 327 -8.33 -29.38 -0.82
CA PRO F 327 -8.72 -29.22 0.58
C PRO F 327 -8.33 -27.85 1.15
N LYS F 328 -9.27 -27.21 1.84
CA LYS F 328 -9.05 -25.92 2.48
C LYS F 328 -9.26 -26.08 3.98
N ARG F 329 -8.80 -25.08 4.73
CA ARG F 329 -8.97 -25.11 6.17
C ARG F 329 -10.44 -24.97 6.52
N ASP F 330 -10.93 -25.89 7.36
CA ASP F 330 -12.35 -25.95 7.66
C ASP F 330 -12.81 -24.65 8.30
N VAL F 331 -13.89 -24.10 7.81
CA VAL F 331 -14.48 -22.89 8.36
C VAL F 331 -15.73 -23.29 9.13
N GLU F 332 -15.78 -22.90 10.40
CA GLU F 332 -16.85 -23.31 11.29
C GLU F 332 -18.11 -22.49 11.01
N GLY F 333 -18.59 -22.61 9.78
CA GLY F 333 -19.78 -21.87 9.39
C GLY F 333 -20.39 -22.47 8.16
N MET F 334 -21.48 -21.85 7.73
CA MET F 334 -22.09 -22.25 6.48
C MET F 334 -21.13 -22.06 5.30
N GLY F 335 -20.15 -21.17 5.45
CA GLY F 335 -19.06 -21.07 4.51
C GLY F 335 -19.29 -20.04 3.43
N PRO F 336 -18.25 -19.74 2.65
CA PRO F 336 -18.41 -18.89 1.50
C PRO F 336 -19.02 -19.68 0.35
N PRO F 337 -20.17 -19.26 -0.15
CA PRO F 337 -20.88 -20.05 -1.18
C PRO F 337 -20.16 -19.97 -2.51
N GLU F 338 -19.82 -21.13 -3.07
CA GLU F 338 -19.09 -21.18 -4.33
C GLU F 338 -19.89 -21.80 -5.45
N ILE F 339 -20.36 -23.02 -5.31
CA ILE F 339 -20.99 -23.72 -6.42
C ILE F 339 -22.48 -23.42 -6.42
N LYS F 340 -23.05 -23.31 -7.61
CA LYS F 340 -24.47 -23.07 -7.77
C LYS F 340 -25.14 -24.28 -8.41
N TYR F 341 -26.44 -24.17 -8.61
CA TYR F 341 -27.24 -25.23 -9.19
C TYR F 341 -27.66 -24.84 -10.61
N GLY F 342 -27.53 -25.79 -11.53
CA GLY F 342 -27.84 -25.53 -12.91
C GLY F 342 -26.85 -24.57 -13.53
N GLU F 343 -25.71 -24.41 -12.87
CA GLU F 343 -24.63 -23.53 -13.31
C GLU F 343 -23.32 -24.15 -12.86
N SER F 344 -22.26 -23.36 -12.91
CA SER F 344 -20.99 -23.74 -12.31
C SER F 344 -20.51 -25.10 -12.81
N LEU F 345 -20.12 -25.13 -14.08
CA LEU F 345 -19.46 -26.28 -14.65
C LEU F 345 -18.33 -26.75 -13.75
N CYS F 346 -18.38 -28.03 -13.37
CA CYS F 346 -17.45 -28.60 -12.42
C CYS F 346 -16.92 -29.95 -12.93
N PHE F 347 -15.61 -30.12 -12.85
CA PHE F 347 -14.98 -31.39 -13.16
C PHE F 347 -14.75 -32.16 -11.87
N VAL F 348 -15.06 -33.45 -11.90
CA VAL F 348 -14.90 -34.31 -10.74
C VAL F 348 -13.52 -34.95 -10.81
N GLN F 349 -12.72 -34.74 -9.78
CA GLN F 349 -11.38 -35.29 -9.75
C GLN F 349 -11.24 -36.17 -8.52
N HIS F 350 -10.85 -37.42 -8.74
CA HIS F 350 -10.47 -38.27 -7.62
C HIS F 350 -9.27 -37.65 -6.94
N VAL F 351 -9.21 -37.76 -5.63
CA VAL F 351 -8.25 -36.94 -4.90
C VAL F 351 -6.88 -37.62 -4.87
N ALA F 352 -6.84 -38.93 -4.73
CA ALA F 352 -5.55 -39.59 -4.60
C ALA F 352 -4.96 -39.91 -5.97
N SER F 353 -5.79 -40.42 -6.87
CA SER F 353 -5.33 -40.82 -8.20
C SER F 353 -5.34 -39.67 -9.20
N GLY F 354 -5.79 -38.48 -8.81
CA GLY F 354 -5.83 -37.37 -9.70
C GLY F 354 -6.72 -37.53 -10.90
N LEU F 355 -7.29 -38.71 -11.11
CA LEU F 355 -7.98 -39.01 -12.36
C LEU F 355 -9.24 -38.19 -12.50
N TRP F 356 -9.48 -37.67 -13.70
CA TRP F 356 -10.71 -36.98 -13.98
C TRP F 356 -11.79 -37.96 -14.43
N LEU F 357 -13.02 -37.64 -14.08
CA LEU F 357 -14.16 -38.42 -14.53
C LEU F 357 -14.53 -38.03 -15.95
N THR F 358 -14.57 -39.01 -16.85
CA THR F 358 -14.89 -38.79 -18.25
C THR F 358 -15.76 -39.92 -18.73
N TYR F 359 -16.14 -39.84 -20.00
CA TYR F 359 -16.91 -40.89 -20.64
C TYR F 359 -16.01 -41.71 -21.55
N ALA F 360 -16.11 -43.02 -21.45
CA ALA F 360 -15.30 -43.91 -22.26
C ALA F 360 -15.69 -43.74 -23.73
N ALA F 361 -14.73 -43.28 -24.54
CA ALA F 361 -15.01 -43.05 -25.95
C ALA F 361 -15.51 -44.28 -26.70
N PRO F 362 -14.98 -45.51 -26.50
CA PRO F 362 -15.41 -46.64 -27.34
C PRO F 362 -16.91 -46.80 -27.51
N ASP F 363 -17.34 -46.82 -28.78
CA ASP F 363 -18.75 -47.03 -29.12
C ASP F 363 -18.83 -48.22 -30.07
N PRO F 364 -19.04 -49.43 -29.55
CA PRO F 364 -18.94 -50.64 -30.39
C PRO F 364 -20.21 -50.95 -31.18
N LYS F 365 -20.23 -52.14 -31.77
CA LYS F 365 -21.38 -52.65 -32.52
C LYS F 365 -22.69 -52.44 -31.79
N ALA F 366 -22.69 -52.62 -30.46
CA ALA F 366 -23.89 -52.41 -29.66
C ALA F 366 -24.39 -50.98 -29.81
N LEU F 367 -23.49 -50.08 -30.20
CA LEU F 367 -23.84 -48.70 -30.50
C LEU F 367 -23.78 -48.39 -31.99
N ARG F 368 -23.53 -49.39 -32.85
CA ARG F 368 -23.63 -49.17 -34.28
C ARG F 368 -25.04 -48.80 -34.68
N LEU F 369 -26.03 -49.48 -34.09
CA LEU F 369 -27.42 -49.10 -34.25
C LEU F 369 -28.06 -48.65 -32.94
N GLY F 370 -27.56 -49.09 -31.79
CA GLY F 370 -28.12 -48.69 -30.52
C GLY F 370 -27.74 -47.28 -30.13
N VAL F 371 -28.46 -46.76 -29.14
CA VAL F 371 -28.29 -45.41 -28.63
C VAL F 371 -27.17 -45.41 -27.60
N LEU F 372 -26.49 -44.27 -27.47
CA LEU F 372 -25.29 -44.19 -26.64
C LEU F 372 -25.63 -44.24 -25.15
N LYS F 373 -24.91 -45.09 -24.42
CA LYS F 373 -24.89 -45.12 -22.97
C LYS F 373 -23.42 -45.12 -22.59
N LYS F 374 -22.83 -43.93 -22.54
CA LYS F 374 -21.40 -43.82 -22.38
C LYS F 374 -20.99 -44.23 -20.99
N LYS F 375 -20.21 -45.29 -20.89
CA LYS F 375 -19.66 -45.68 -19.60
C LYS F 375 -18.76 -44.58 -19.08
N ALA F 376 -18.79 -44.38 -17.77
CA ALA F 376 -17.98 -43.37 -17.11
C ALA F 376 -16.71 -44.02 -16.59
N ILE F 377 -15.58 -43.49 -16.98
CA ILE F 377 -14.29 -44.03 -16.62
C ILE F 377 -13.43 -42.90 -16.06
N LEU F 378 -12.45 -43.26 -15.27
CA LEU F 378 -11.50 -42.31 -14.72
C LEU F 378 -10.26 -42.33 -15.60
N HIS F 379 -9.81 -41.15 -16.02
CA HIS F 379 -8.76 -41.04 -17.01
C HIS F 379 -7.67 -40.11 -16.48
N GLN F 380 -6.45 -40.29 -17.00
CA GLN F 380 -5.31 -39.49 -16.56
C GLN F 380 -5.50 -38.02 -16.88
N GLU F 381 -5.95 -37.73 -18.09
CA GLU F 381 -6.14 -36.35 -18.54
C GLU F 381 -7.56 -36.06 -18.98
N GLY F 382 -8.22 -37.01 -19.62
CA GLY F 382 -9.63 -36.87 -19.91
C GLY F 382 -9.97 -35.88 -21.00
N HIS F 383 -11.24 -35.83 -21.38
CA HIS F 383 -11.69 -34.92 -22.43
C HIS F 383 -11.83 -33.51 -21.85
N MET F 384 -12.06 -32.55 -22.75
CA MET F 384 -12.26 -31.16 -22.37
C MET F 384 -13.73 -30.77 -22.29
N ASP F 385 -14.66 -31.70 -22.51
CA ASP F 385 -16.08 -31.41 -22.46
C ASP F 385 -16.79 -32.12 -21.32
N ASP F 386 -16.03 -32.71 -20.40
CA ASP F 386 -16.60 -33.56 -19.37
C ASP F 386 -17.14 -32.80 -18.17
N ALA F 387 -17.31 -31.48 -18.25
CA ALA F 387 -17.82 -30.72 -17.12
C ALA F 387 -19.29 -31.01 -16.88
N LEU F 388 -19.69 -30.99 -15.61
CA LEU F 388 -21.00 -31.44 -15.17
C LEU F 388 -21.77 -30.32 -14.50
N PHE F 389 -23.00 -30.10 -14.92
CA PHE F 389 -23.96 -29.37 -14.11
C PHE F 389 -24.47 -30.26 -12.99
N LEU F 390 -24.80 -29.63 -11.87
CA LEU F 390 -25.47 -30.29 -10.76
C LEU F 390 -26.88 -29.74 -10.66
N THR F 391 -27.86 -30.61 -10.74
CA THR F 391 -29.23 -30.22 -10.53
C THR F 391 -29.67 -30.66 -9.15
N ARG F 392 -30.85 -30.23 -8.75
CA ARG F 392 -31.40 -30.58 -7.45
C ARG F 392 -32.63 -31.44 -7.66
N CYS F 393 -32.88 -32.34 -6.73
CA CYS F 393 -34.06 -33.19 -6.77
C CYS F 393 -35.04 -32.74 -5.71
N GLN F 394 -36.32 -32.85 -6.02
CA GLN F 394 -37.35 -32.45 -5.07
C GLN F 394 -37.28 -33.30 -3.82
N GLN F 395 -37.73 -32.75 -2.70
CA GLN F 395 -37.69 -33.48 -1.45
C GLN F 395 -38.51 -34.76 -1.53
N GLU F 396 -39.56 -34.77 -2.34
CA GLU F 396 -40.32 -36.00 -2.56
C GLU F 396 -39.44 -37.08 -3.18
N GLU F 397 -38.67 -36.72 -4.20
CA GLU F 397 -37.81 -37.70 -4.85
C GLU F 397 -36.71 -38.18 -3.93
N SER F 398 -36.09 -37.28 -3.17
CA SER F 398 -35.03 -37.71 -2.28
C SER F 398 -35.57 -38.63 -1.19
N GLN F 399 -36.71 -38.28 -0.62
CA GLN F 399 -37.33 -39.12 0.39
C GLN F 399 -37.68 -40.48 -0.17
N ALA F 400 -38.23 -40.51 -1.38
CA ALA F 400 -38.57 -41.80 -1.99
C ALA F 400 -37.32 -42.62 -2.27
N ALA F 401 -36.25 -41.98 -2.74
CA ALA F 401 -35.03 -42.69 -3.05
C ALA F 401 -34.37 -43.26 -1.82
N ARG F 402 -34.59 -42.64 -0.67
CA ARG F 402 -34.10 -43.22 0.56
C ARG F 402 -35.06 -44.25 1.15
N MET F 403 -36.36 -44.11 0.91
CA MET F 403 -37.29 -45.17 1.31
C MET F 403 -37.05 -46.45 0.56
N ILE F 404 -36.70 -46.36 -0.72
CA ILE F 404 -36.37 -47.55 -1.50
C ILE F 404 -35.13 -48.26 -0.98
N HIS F 405 -34.16 -47.54 -0.43
CA HIS F 405 -32.98 -48.17 0.10
C HIS F 405 -33.25 -48.96 1.35
N SER F 406 -34.26 -48.57 2.13
CA SER F 406 -34.60 -49.31 3.34
C SER F 406 -35.61 -50.41 3.08
N THR F 407 -36.58 -50.15 2.23
CA THR F 407 -37.58 -51.16 1.88
C THR F 407 -36.92 -52.34 1.20
N ALA F 408 -36.00 -52.08 0.27
CA ALA F 408 -35.34 -53.16 -0.43
C ALA F 408 -34.52 -54.01 0.53
N GLY F 409 -33.79 -53.37 1.44
CA GLY F 409 -33.02 -54.13 2.41
C GLY F 409 -33.89 -54.97 3.32
N LEU F 410 -34.97 -54.38 3.82
CA LEU F 410 -35.87 -55.10 4.71
C LEU F 410 -36.48 -56.30 4.01
N TYR F 411 -36.98 -56.11 2.79
CA TYR F 411 -37.68 -57.19 2.14
C TYR F 411 -36.71 -58.23 1.60
N ASN F 412 -35.48 -57.85 1.31
CA ASN F 412 -34.49 -58.86 0.96
C ASN F 412 -34.09 -59.68 2.17
N GLN F 413 -34.03 -59.07 3.35
CA GLN F 413 -33.86 -59.88 4.56
C GLN F 413 -35.02 -60.84 4.74
N PHE F 414 -36.24 -60.36 4.51
CA PHE F 414 -37.42 -61.23 4.62
C PHE F 414 -37.34 -62.38 3.64
N ILE F 415 -37.02 -62.10 2.39
CA ILE F 415 -36.95 -63.13 1.37
C ILE F 415 -35.87 -64.14 1.70
N LYS F 416 -34.67 -63.66 2.04
CA LYS F 416 -33.57 -64.55 2.35
C LYS F 416 -33.81 -65.33 3.64
N GLY F 417 -34.64 -64.82 4.54
CA GLY F 417 -35.05 -65.59 5.68
C GLY F 417 -36.03 -66.69 5.30
N LEU F 418 -36.98 -66.36 4.41
CA LEU F 418 -37.91 -67.37 3.94
C LEU F 418 -37.20 -68.48 3.21
N ASP F 419 -36.20 -68.14 2.40
CA ASP F 419 -35.43 -69.14 1.68
C ASP F 419 -34.54 -69.95 2.59
N SER F 420 -34.38 -69.58 3.86
CA SER F 420 -33.58 -70.39 4.77
C SER F 420 -34.30 -71.68 5.12
N PHE F 421 -35.62 -71.63 5.32
CA PHE F 421 -36.40 -72.81 5.62
C PHE F 421 -37.36 -73.17 4.50
N SER F 422 -36.94 -73.00 3.25
CA SER F 422 -37.80 -73.35 2.13
C SER F 422 -38.18 -74.82 2.19
N GLY F 423 -37.18 -75.69 2.31
CA GLY F 423 -37.44 -77.06 2.70
C GLY F 423 -37.38 -77.14 4.20
N LYS F 424 -36.56 -78.03 4.72
CA LYS F 424 -36.18 -78.03 6.14
C LYS F 424 -37.38 -77.94 7.07
N PRO F 425 -38.17 -79.00 7.21
CA PRO F 425 -39.28 -78.95 8.17
C PRO F 425 -38.75 -78.72 9.58
N ARG F 426 -39.51 -77.94 10.34
CA ARG F 426 -39.12 -77.64 11.72
C ARG F 426 -39.15 -78.87 12.61
N GLY F 427 -39.92 -79.88 12.24
CA GLY F 427 -40.10 -81.00 13.14
C GLY F 427 -40.88 -80.57 14.37
N SER F 428 -40.37 -80.93 15.53
CA SER F 428 -40.91 -80.45 16.80
C SER F 428 -39.93 -79.55 17.53
N GLY F 429 -38.89 -79.07 16.84
CA GLY F 429 -37.87 -78.27 17.47
C GLY F 429 -38.00 -76.80 17.19
N PRO F 430 -36.87 -76.16 16.88
CA PRO F 430 -36.86 -74.71 16.70
C PRO F 430 -37.00 -74.34 15.24
N PRO F 431 -37.26 -73.07 14.94
CA PRO F 431 -37.16 -72.60 13.56
C PRO F 431 -35.75 -72.81 13.00
N ALA F 432 -35.64 -72.72 11.68
CA ALA F 432 -34.39 -73.07 11.01
C ALA F 432 -33.25 -72.15 11.44
N GLY F 433 -33.33 -70.87 11.10
CA GLY F 433 -32.23 -69.95 11.30
C GLY F 433 -32.61 -68.68 12.03
N PRO F 434 -31.97 -67.57 11.66
CA PRO F 434 -32.20 -66.30 12.35
C PRO F 434 -33.64 -65.81 12.23
N ALA F 435 -34.07 -65.00 13.19
CA ALA F 435 -35.48 -64.62 13.30
C ALA F 435 -35.91 -63.80 12.10
N LEU F 436 -37.12 -64.06 11.62
CA LEU F 436 -37.68 -63.27 10.55
C LEU F 436 -37.98 -61.86 11.04
N PRO F 437 -37.78 -60.85 10.22
CA PRO F 437 -38.16 -59.49 10.63
C PRO F 437 -39.64 -59.23 10.39
N ILE F 438 -40.49 -59.80 11.23
CA ILE F 438 -41.92 -59.79 10.97
C ILE F 438 -42.56 -58.48 11.38
N GLU F 439 -42.26 -57.97 12.57
CA GLU F 439 -42.89 -56.73 13.02
C GLU F 439 -42.44 -55.58 12.15
N ALA F 440 -41.16 -55.58 11.78
CA ALA F 440 -40.65 -54.56 10.87
C ALA F 440 -41.33 -54.62 9.52
N VAL F 441 -41.54 -55.82 8.99
CA VAL F 441 -42.20 -55.94 7.70
C VAL F 441 -43.64 -55.45 7.78
N ILE F 442 -44.35 -55.82 8.84
CA ILE F 442 -45.74 -55.39 8.96
C ILE F 442 -45.82 -53.87 9.04
N LEU F 443 -44.95 -53.27 9.85
CA LEU F 443 -44.94 -51.82 9.98
C LEU F 443 -44.57 -51.14 8.67
N SER F 444 -43.55 -51.65 7.98
CA SER F 444 -43.11 -51.03 6.74
C SER F 444 -44.19 -51.12 5.68
N LEU F 445 -44.84 -52.27 5.56
CA LEU F 445 -45.92 -52.40 4.60
C LEU F 445 -47.08 -51.49 4.96
N GLN F 446 -47.41 -51.38 6.24
CA GLN F 446 -48.47 -50.49 6.65
C GLN F 446 -48.14 -49.05 6.30
N ASP F 447 -46.89 -48.65 6.50
CA ASP F 447 -46.46 -47.29 6.18
C ASP F 447 -46.45 -47.04 4.68
N LEU F 448 -46.05 -48.03 3.88
CA LEU F 448 -46.02 -47.85 2.43
C LEU F 448 -47.41 -47.86 1.83
N ILE F 449 -48.36 -48.57 2.43
CA ILE F 449 -49.74 -48.49 1.98
C ILE F 449 -50.33 -47.11 2.23
N GLY F 450 -49.97 -46.46 3.33
CA GLY F 450 -50.40 -45.10 3.57
C GLY F 450 -49.62 -44.09 2.77
N TYR F 451 -48.39 -44.44 2.41
CA TYR F 451 -47.59 -43.60 1.52
C TYR F 451 -48.25 -43.46 0.17
N PHE F 452 -48.93 -44.50 -0.28
CA PHE F 452 -49.53 -44.55 -1.60
C PHE F 452 -51.04 -44.36 -1.58
N GLU F 453 -51.59 -43.90 -0.48
CA GLU F 453 -53.03 -43.77 -0.39
C GLU F 453 -53.53 -42.79 -1.43
N PRO F 454 -54.62 -43.08 -2.13
CA PRO F 454 -55.11 -42.16 -3.14
C PRO F 454 -55.54 -40.86 -2.51
N PRO F 455 -55.41 -39.74 -3.22
CA PRO F 455 -55.90 -38.48 -2.68
C PRO F 455 -57.39 -38.53 -2.43
N SER F 456 -57.82 -37.87 -1.36
CA SER F 456 -59.21 -37.88 -0.93
C SER F 456 -60.09 -37.15 -1.92
N GLU F 457 -61.40 -37.38 -1.78
CA GLU F 457 -62.35 -36.77 -2.71
C GLU F 457 -62.68 -35.34 -2.33
N GLU F 458 -62.79 -35.04 -1.04
CA GLU F 458 -63.06 -33.66 -0.65
C GLU F 458 -61.89 -32.77 -0.98
N LEU F 459 -60.72 -33.35 -1.29
CA LEU F 459 -59.63 -32.51 -1.75
C LEU F 459 -60.08 -31.73 -2.97
N GLN F 460 -59.77 -30.45 -2.95
CA GLN F 460 -60.32 -29.49 -3.89
C GLN F 460 -59.60 -29.74 -5.21
N HIS F 461 -60.19 -29.31 -6.32
CA HIS F 461 -59.79 -29.86 -7.62
C HIS F 461 -58.28 -29.76 -7.88
N GLU F 462 -57.73 -28.56 -7.75
CA GLU F 462 -56.33 -28.38 -8.13
C GLU F 462 -55.41 -29.16 -7.20
N GLU F 463 -55.73 -29.17 -5.91
CA GLU F 463 -54.97 -29.97 -4.96
C GLU F 463 -55.03 -31.45 -5.33
N LYS F 464 -56.21 -31.92 -5.73
CA LYS F 464 -56.39 -33.30 -6.13
C LYS F 464 -55.50 -33.64 -7.31
N GLN F 465 -55.46 -32.77 -8.30
CA GLN F 465 -54.68 -33.05 -9.49
C GLN F 465 -53.18 -32.88 -9.26
N SER F 466 -52.77 -32.10 -8.27
CA SER F 466 -51.35 -32.08 -7.94
C SER F 466 -50.94 -33.35 -7.20
N LYS F 467 -51.76 -33.77 -6.24
CA LYS F 467 -51.45 -34.98 -5.49
C LYS F 467 -51.46 -36.21 -6.39
N LEU F 468 -52.32 -36.22 -7.40
CA LEU F 468 -52.31 -37.33 -8.33
C LEU F 468 -51.00 -37.41 -9.10
N ARG F 469 -50.49 -36.27 -9.57
CA ARG F 469 -49.21 -36.28 -10.26
C ARG F 469 -48.11 -36.78 -9.35
N SER F 470 -48.11 -36.31 -8.09
CA SER F 470 -47.08 -36.76 -7.15
C SER F 470 -47.18 -38.25 -6.91
N LEU F 471 -48.39 -38.77 -6.77
CA LEU F 471 -48.58 -40.19 -6.52
C LEU F 471 -48.10 -41.02 -7.71
N ARG F 472 -48.44 -40.59 -8.93
CA ARG F 472 -47.98 -41.30 -10.11
C ARG F 472 -46.47 -41.30 -10.17
N ASN F 473 -45.85 -40.17 -9.84
CA ASN F 473 -44.41 -40.09 -9.84
C ASN F 473 -43.80 -41.07 -8.85
N ARG F 474 -44.32 -41.10 -7.63
CA ARG F 474 -43.75 -41.97 -6.60
C ARG F 474 -43.91 -43.44 -6.98
N GLN F 475 -45.07 -43.80 -7.51
CA GLN F 475 -45.27 -45.18 -7.94
C GLN F 475 -44.31 -45.54 -9.07
N SER F 476 -44.09 -44.64 -10.01
CA SER F 476 -43.15 -44.92 -11.09
C SER F 476 -41.75 -45.11 -10.54
N LEU F 477 -41.32 -44.26 -9.60
CA LEU F 477 -40.01 -44.44 -8.99
C LEU F 477 -39.87 -45.83 -8.38
N PHE F 478 -40.83 -46.21 -7.53
CA PHE F 478 -40.73 -47.50 -6.88
C PHE F 478 -40.71 -48.64 -7.89
N GLN F 479 -41.56 -48.56 -8.92
CA GLN F 479 -41.58 -49.63 -9.90
C GLN F 479 -40.27 -49.71 -10.67
N GLU F 480 -39.77 -48.58 -11.15
CA GLU F 480 -38.55 -48.59 -11.94
C GLU F 480 -37.34 -49.03 -11.13
N GLU F 481 -37.40 -48.94 -9.80
CA GLU F 481 -36.36 -49.53 -8.96
C GLU F 481 -36.71 -50.94 -8.53
N GLY F 482 -37.64 -51.59 -9.22
CA GLY F 482 -37.95 -52.97 -8.95
C GLY F 482 -38.56 -53.23 -7.59
N MET F 483 -39.54 -52.43 -7.19
CA MET F 483 -40.30 -52.73 -5.98
C MET F 483 -41.59 -53.46 -6.27
N LEU F 484 -42.01 -53.55 -7.52
CA LEU F 484 -43.10 -54.43 -7.92
C LEU F 484 -42.61 -55.82 -8.27
N SER F 485 -41.33 -56.09 -8.10
CA SER F 485 -40.83 -57.45 -8.19
C SER F 485 -40.44 -57.99 -6.83
N LEU F 486 -39.95 -57.13 -5.94
CA LEU F 486 -39.67 -57.58 -4.59
C LEU F 486 -40.94 -58.00 -3.88
N VAL F 487 -42.03 -57.26 -4.08
CA VAL F 487 -43.31 -57.62 -3.50
C VAL F 487 -43.80 -58.94 -4.08
N LEU F 488 -43.64 -59.12 -5.38
CA LEU F 488 -44.05 -60.37 -6.01
C LEU F 488 -43.26 -61.54 -5.45
N ASN F 489 -41.96 -61.36 -5.25
CA ASN F 489 -41.15 -62.44 -4.70
C ASN F 489 -41.57 -62.76 -3.28
N CYS F 490 -41.88 -61.74 -2.48
CA CYS F 490 -42.39 -62.01 -1.14
C CYS F 490 -43.70 -62.78 -1.18
N ILE F 491 -44.61 -62.41 -2.08
CA ILE F 491 -45.87 -63.12 -2.21
C ILE F 491 -45.63 -64.56 -2.59
N ASP F 492 -44.76 -64.80 -3.57
CA ASP F 492 -44.49 -66.17 -4.00
C ASP F 492 -43.92 -67.01 -2.88
N ARG F 493 -42.95 -66.46 -2.15
CA ARG F 493 -42.37 -67.23 -1.07
C ARG F 493 -43.38 -67.52 0.02
N LEU F 494 -44.25 -66.57 0.32
CA LEU F 494 -45.27 -66.76 1.34
C LEU F 494 -46.47 -67.51 0.80
N ASN F 495 -46.49 -67.83 -0.47
CA ASN F 495 -47.63 -68.46 -1.11
C ASN F 495 -47.45 -69.96 -1.28
N VAL F 496 -46.23 -70.47 -1.18
CA VAL F 496 -46.02 -71.91 -1.22
C VAL F 496 -46.60 -72.61 -0.02
N TYR F 497 -47.18 -71.85 0.92
CA TYR F 497 -47.79 -72.40 2.13
C TYR F 497 -49.29 -72.15 2.06
N THR F 498 -50.07 -73.20 2.26
CA THR F 498 -51.51 -73.11 2.07
C THR F 498 -52.17 -72.34 3.21
N THR F 499 -51.72 -72.56 4.43
CA THR F 499 -52.33 -71.90 5.58
C THR F 499 -51.27 -71.61 6.62
N ALA F 500 -51.69 -70.91 7.68
CA ALA F 500 -50.76 -70.48 8.71
C ALA F 500 -50.12 -71.66 9.43
N ALA F 501 -50.85 -72.76 9.60
CA ALA F 501 -50.26 -73.94 10.23
C ALA F 501 -49.19 -74.56 9.34
N HIS F 502 -49.42 -74.56 8.03
CA HIS F 502 -48.39 -75.01 7.11
C HIS F 502 -47.14 -74.17 7.23
N PHE F 503 -47.32 -72.85 7.35
CA PHE F 503 -46.20 -71.96 7.59
C PHE F 503 -45.53 -72.24 8.93
N ALA F 504 -46.32 -72.55 9.95
CA ALA F 504 -45.77 -72.82 11.27
C ALA F 504 -44.91 -74.07 11.26
N GLU F 505 -45.26 -75.05 10.43
CA GLU F 505 -44.47 -76.26 10.36
C GLU F 505 -43.06 -75.99 9.89
N TYR F 506 -42.81 -74.83 9.32
CA TYR F 506 -41.48 -74.45 8.85
C TYR F 506 -40.91 -73.25 9.58
N ALA F 507 -41.72 -72.23 9.85
CA ALA F 507 -41.25 -71.00 10.48
C ALA F 507 -41.41 -71.05 11.99
N GLY F 508 -42.59 -71.36 12.48
CA GLY F 508 -42.83 -71.42 13.90
C GLY F 508 -44.20 -70.86 14.21
N GLU F 509 -44.60 -71.07 15.47
CA GLU F 509 -45.92 -70.62 15.89
C GLU F 509 -46.02 -69.10 15.89
N GLU F 510 -45.05 -68.44 16.52
CA GLU F 510 -45.07 -66.98 16.59
C GLU F 510 -44.95 -66.36 15.20
N ALA F 511 -44.07 -66.91 14.37
CA ALA F 511 -43.94 -66.40 13.01
C ALA F 511 -45.22 -66.59 12.24
N ALA F 512 -45.86 -67.74 12.38
CA ALA F 512 -47.11 -67.99 11.66
C ALA F 512 -48.27 -67.20 12.21
N GLU F 513 -48.10 -66.56 13.36
CA GLU F 513 -49.17 -65.69 13.87
C GLU F 513 -49.42 -64.50 12.96
N SER F 514 -48.47 -64.13 12.10
CA SER F 514 -48.61 -62.96 11.25
C SER F 514 -48.63 -63.31 9.77
N TRP F 515 -48.78 -64.59 9.42
CA TRP F 515 -48.74 -64.99 8.02
C TRP F 515 -49.87 -64.35 7.23
N LYS F 516 -51.10 -64.48 7.73
CA LYS F 516 -52.24 -63.94 7.01
C LYS F 516 -52.17 -62.42 6.94
N GLU F 517 -51.77 -61.78 8.02
CA GLU F 517 -51.66 -60.31 8.01
C GLU F 517 -50.64 -59.85 6.99
N ILE F 518 -49.47 -60.48 6.96
CA ILE F 518 -48.44 -60.07 6.01
C ILE F 518 -48.91 -60.34 4.58
N VAL F 519 -49.52 -61.50 4.35
CA VAL F 519 -49.90 -61.83 2.98
C VAL F 519 -51.05 -60.97 2.49
N ASN F 520 -51.84 -60.40 3.39
CA ASN F 520 -52.81 -59.40 3.00
C ASN F 520 -52.20 -58.03 2.77
N LEU F 521 -51.26 -57.60 3.61
CA LEU F 521 -50.61 -56.32 3.40
C LEU F 521 -49.84 -56.28 2.10
N LEU F 522 -49.20 -57.39 1.71
CA LEU F 522 -48.49 -57.42 0.44
C LEU F 522 -49.45 -57.22 -0.72
N TYR F 523 -50.61 -57.88 -0.66
CA TYR F 523 -51.59 -57.76 -1.72
C TYR F 523 -52.26 -56.40 -1.74
N GLU F 524 -52.30 -55.71 -0.62
CA GLU F 524 -52.78 -54.34 -0.60
C GLU F 524 -51.76 -53.36 -1.15
N LEU F 525 -50.49 -53.54 -0.79
CA LEU F 525 -49.44 -52.67 -1.28
C LEU F 525 -49.27 -52.81 -2.79
N LEU F 526 -49.42 -54.03 -3.31
CA LEU F 526 -49.30 -54.22 -4.75
C LEU F 526 -50.35 -53.42 -5.49
N ALA F 527 -51.59 -53.45 -5.01
CA ALA F 527 -52.64 -52.63 -5.62
C ALA F 527 -52.31 -51.15 -5.47
N SER F 528 -51.81 -50.75 -4.30
CA SER F 528 -51.44 -49.36 -4.12
C SER F 528 -50.38 -48.93 -5.10
N LEU F 529 -49.45 -49.82 -5.44
CA LEU F 529 -48.41 -49.48 -6.40
C LEU F 529 -48.98 -49.37 -7.80
N ILE F 530 -49.92 -50.25 -8.15
CA ILE F 530 -50.37 -50.32 -9.54
C ILE F 530 -51.65 -49.55 -9.80
N ARG F 531 -52.29 -48.99 -8.78
CA ARG F 531 -53.60 -48.39 -8.99
C ARG F 531 -53.46 -47.08 -9.74
N GLY F 532 -53.99 -47.04 -10.96
CA GLY F 532 -54.01 -45.82 -11.74
C GLY F 532 -52.89 -45.66 -12.74
N ASN F 533 -51.79 -46.38 -12.58
CA ASN F 533 -50.69 -46.34 -13.52
C ASN F 533 -50.98 -47.30 -14.66
N ARG F 534 -50.97 -46.78 -15.88
CA ARG F 534 -51.05 -47.68 -17.02
C ARG F 534 -49.77 -48.46 -17.22
N ALA F 535 -48.64 -47.95 -16.73
CA ALA F 535 -47.38 -48.65 -16.89
C ALA F 535 -47.24 -49.80 -15.91
N ASN F 536 -47.44 -49.54 -14.63
CA ASN F 536 -47.38 -50.62 -13.66
C ASN F 536 -48.46 -51.66 -13.88
N CYS F 537 -49.59 -51.26 -14.43
CA CYS F 537 -50.61 -52.22 -14.84
C CYS F 537 -50.26 -52.93 -16.12
N ALA F 538 -49.53 -52.28 -17.02
CA ALA F 538 -48.99 -52.92 -18.21
C ALA F 538 -47.97 -53.98 -17.90
N LEU F 539 -47.31 -53.88 -16.74
CA LEU F 539 -46.34 -54.90 -16.37
C LEU F 539 -46.97 -56.28 -16.25
N PHE F 540 -48.29 -56.37 -16.14
CA PHE F 540 -48.96 -57.65 -15.92
C PHE F 540 -49.48 -58.27 -17.19
N SER F 541 -48.89 -57.92 -18.34
CA SER F 541 -49.29 -58.58 -19.59
C SER F 541 -48.66 -59.95 -19.72
N THR F 542 -47.70 -60.27 -18.86
CA THR F 542 -46.98 -61.53 -18.97
C THR F 542 -47.16 -62.41 -17.74
N ASN F 543 -47.42 -61.82 -16.57
CA ASN F 543 -47.71 -62.59 -15.37
C ASN F 543 -49.15 -62.36 -14.94
N LEU F 544 -50.05 -62.41 -15.91
CA LEU F 544 -51.48 -62.38 -15.60
C LEU F 544 -51.94 -63.71 -15.01
N ASP F 545 -51.40 -64.81 -15.50
CA ASP F 545 -51.66 -66.10 -14.90
C ASP F 545 -51.16 -66.16 -13.47
N TRP F 546 -50.23 -65.28 -13.11
CA TRP F 546 -49.83 -65.14 -11.72
C TRP F 546 -51.00 -64.71 -10.86
N VAL F 547 -51.77 -63.73 -11.34
CA VAL F 547 -52.86 -63.18 -10.55
C VAL F 547 -54.07 -64.10 -10.59
N VAL F 548 -54.45 -64.52 -11.80
CA VAL F 548 -55.66 -65.34 -11.93
C VAL F 548 -55.53 -66.65 -11.18
N SER F 549 -54.34 -67.20 -11.07
CA SER F 549 -54.16 -68.49 -10.40
C SER F 549 -54.16 -68.38 -8.89
N LYS F 550 -54.26 -67.17 -8.34
CA LYS F 550 -54.30 -66.98 -6.90
C LYS F 550 -55.65 -66.50 -6.42
N LEU F 551 -56.66 -66.48 -7.29
CA LEU F 551 -57.94 -65.93 -6.91
C LEU F 551 -58.68 -66.81 -5.92
N ASP F 552 -58.42 -68.10 -5.92
CA ASP F 552 -59.11 -69.02 -5.03
C ASP F 552 -58.50 -69.08 -3.64
N ARG F 553 -57.31 -68.51 -3.45
CA ARG F 553 -56.66 -68.56 -2.15
C ARG F 553 -57.52 -67.86 -1.11
N LEU F 554 -57.80 -68.56 -0.01
CA LEU F 554 -58.69 -68.03 1.00
C LEU F 554 -58.03 -67.10 1.99
N GLU F 555 -56.70 -67.15 2.14
CA GLU F 555 -56.04 -66.33 3.13
C GLU F 555 -56.23 -64.85 2.83
N ALA F 556 -56.10 -64.46 1.57
CA ALA F 556 -56.34 -63.09 1.13
C ALA F 556 -57.04 -63.21 -0.22
N SER F 557 -58.37 -63.23 -0.20
CA SER F 557 -59.15 -63.38 -1.41
C SER F 557 -59.71 -62.07 -1.93
N SER F 558 -59.95 -61.11 -1.05
CA SER F 558 -60.39 -59.79 -1.51
C SER F 558 -59.23 -58.99 -2.09
N GLY F 559 -58.04 -59.14 -1.50
CA GLY F 559 -56.90 -58.37 -1.96
C GLY F 559 -56.49 -58.74 -3.37
N ILE F 560 -56.45 -60.04 -3.67
CA ILE F 560 -56.04 -60.46 -5.00
C ILE F 560 -57.07 -60.04 -6.03
N LEU F 561 -58.36 -60.06 -5.66
CA LEU F 561 -59.39 -59.57 -6.55
C LEU F 561 -59.25 -58.08 -6.81
N GLU F 562 -58.91 -57.31 -5.78
CA GLU F 562 -58.69 -55.89 -5.98
C GLU F 562 -57.51 -55.63 -6.90
N VAL F 563 -56.44 -56.40 -6.75
CA VAL F 563 -55.30 -56.25 -7.65
C VAL F 563 -55.74 -56.52 -9.08
N LEU F 564 -56.51 -57.58 -9.28
CA LEU F 564 -57.01 -57.88 -10.62
C LEU F 564 -57.86 -56.74 -11.15
N TYR F 565 -58.70 -56.16 -10.30
CA TYR F 565 -59.59 -55.11 -10.74
C TYR F 565 -58.80 -53.89 -11.20
N CYS F 566 -57.76 -53.52 -10.44
CA CYS F 566 -56.94 -52.39 -10.85
C CYS F 566 -56.25 -52.67 -12.17
N VAL F 567 -55.65 -53.86 -12.31
CA VAL F 567 -54.96 -54.20 -13.55
C VAL F 567 -55.90 -54.11 -14.73
N LEU F 568 -57.08 -54.69 -14.61
CA LEU F 568 -58.02 -54.71 -15.72
C LEU F 568 -58.63 -53.36 -16.02
N ILE F 569 -58.87 -52.53 -14.99
CA ILE F 569 -59.50 -51.25 -15.22
C ILE F 569 -58.52 -50.21 -15.75
N GLU F 570 -57.22 -50.45 -15.65
CA GLU F 570 -56.28 -49.45 -16.13
C GLU F 570 -55.56 -49.83 -17.42
N SER F 571 -55.24 -51.11 -17.64
CA SER F 571 -54.49 -51.50 -18.82
C SER F 571 -55.42 -52.10 -19.86
N PRO F 572 -55.47 -51.56 -21.09
CA PRO F 572 -56.23 -52.20 -22.15
C PRO F 572 -55.49 -53.29 -22.90
N GLU F 573 -54.17 -53.34 -22.80
CA GLU F 573 -53.43 -54.43 -23.43
C GLU F 573 -53.58 -55.73 -22.67
N VAL F 574 -53.87 -55.66 -21.37
CA VAL F 574 -54.14 -56.86 -20.60
C VAL F 574 -55.42 -57.53 -21.07
N LEU F 575 -56.40 -56.73 -21.50
CA LEU F 575 -57.66 -57.32 -21.96
C LEU F 575 -57.47 -58.18 -23.19
N ASN F 576 -56.44 -57.91 -23.99
CA ASN F 576 -56.28 -58.67 -25.23
C ASN F 576 -55.69 -60.05 -24.98
N ILE F 577 -55.04 -60.26 -23.84
CA ILE F 577 -54.44 -61.56 -23.55
C ILE F 577 -55.32 -62.44 -22.69
N ILE F 578 -56.49 -61.98 -22.31
CA ILE F 578 -57.43 -62.82 -21.57
C ILE F 578 -57.89 -63.95 -22.46
N GLN F 579 -57.84 -65.17 -21.95
CA GLN F 579 -58.33 -66.34 -22.66
C GLN F 579 -59.52 -66.92 -21.90
N GLU F 580 -60.02 -68.05 -22.41
CA GLU F 580 -61.14 -68.69 -21.75
C GLU F 580 -60.73 -69.28 -20.42
N ASN F 581 -59.45 -69.61 -20.26
CA ASN F 581 -58.97 -70.11 -18.97
C ASN F 581 -59.20 -69.08 -17.89
N HIS F 582 -58.89 -67.82 -18.19
CA HIS F 582 -59.00 -66.77 -17.20
C HIS F 582 -60.45 -66.45 -16.88
N ILE F 583 -61.29 -66.37 -17.92
CA ILE F 583 -62.69 -66.05 -17.70
C ILE F 583 -63.43 -67.18 -16.98
N LYS F 584 -63.12 -68.43 -17.29
CA LYS F 584 -63.72 -69.52 -16.57
C LYS F 584 -63.24 -69.62 -15.13
N SER F 585 -62.16 -68.93 -14.78
CA SER F 585 -61.71 -68.85 -13.41
C SER F 585 -62.30 -67.68 -12.66
N ILE F 586 -62.47 -66.53 -13.31
CA ILE F 586 -63.11 -65.40 -12.64
C ILE F 586 -64.57 -65.72 -12.38
N ILE F 587 -65.22 -66.43 -13.30
CA ILE F 587 -66.60 -66.86 -13.06
C ILE F 587 -66.69 -67.86 -11.92
N SER F 588 -65.73 -68.76 -11.80
CA SER F 588 -65.76 -69.74 -10.72
C SER F 588 -65.67 -69.10 -9.35
N LEU F 589 -65.16 -67.88 -9.25
CA LEU F 589 -65.26 -67.15 -8.00
C LEU F 589 -66.70 -66.91 -7.59
N LEU F 590 -67.58 -66.62 -8.55
CA LEU F 590 -68.99 -66.47 -8.23
C LEU F 590 -69.58 -67.74 -7.67
N ASP F 591 -69.24 -68.89 -8.23
CA ASP F 591 -69.76 -70.16 -7.76
C ASP F 591 -69.18 -70.57 -6.43
N LYS F 592 -67.92 -70.22 -6.15
CA LYS F 592 -67.23 -70.71 -4.97
C LYS F 592 -67.14 -69.69 -3.85
N HIS F 593 -67.20 -68.41 -4.14
CA HIS F 593 -67.07 -67.41 -3.10
C HIS F 593 -68.33 -66.63 -2.84
N GLY F 594 -69.37 -66.81 -3.64
CA GLY F 594 -70.66 -66.22 -3.37
C GLY F 594 -71.03 -65.19 -4.40
N ARG F 595 -72.19 -64.57 -4.19
CA ARG F 595 -72.68 -63.52 -5.06
C ARG F 595 -72.05 -62.22 -4.62
N ASN F 596 -70.92 -61.88 -5.25
CA ASN F 596 -70.17 -60.68 -4.96
C ASN F 596 -70.22 -59.76 -6.18
N HIS F 597 -70.65 -58.52 -5.97
CA HIS F 597 -70.81 -57.63 -7.11
C HIS F 597 -69.48 -57.21 -7.69
N LYS F 598 -68.40 -57.28 -6.90
CA LYS F 598 -67.11 -56.88 -7.42
C LYS F 598 -66.62 -57.82 -8.50
N VAL F 599 -67.00 -59.10 -8.44
CA VAL F 599 -66.65 -60.00 -9.51
C VAL F 599 -67.36 -59.59 -10.79
N LEU F 600 -68.62 -59.19 -10.69
CA LEU F 600 -69.33 -58.67 -11.86
C LEU F 600 -68.68 -57.40 -12.37
N ASP F 601 -68.15 -56.56 -11.49
CA ASP F 601 -67.43 -55.37 -11.93
C ASP F 601 -66.20 -55.74 -12.72
N VAL F 602 -65.45 -56.75 -12.26
CA VAL F 602 -64.32 -57.23 -13.01
C VAL F 602 -64.75 -57.69 -14.40
N LEU F 603 -65.81 -58.49 -14.44
CA LEU F 603 -66.27 -59.01 -15.72
C LEU F 603 -66.75 -57.91 -16.66
N CYS F 604 -67.39 -56.87 -16.12
CA CYS F 604 -67.74 -55.73 -16.94
C CYS F 604 -66.51 -55.05 -17.50
N SER F 605 -65.46 -54.89 -16.69
CA SER F 605 -64.24 -54.27 -17.18
C SER F 605 -63.51 -55.13 -18.20
N LEU F 606 -63.80 -56.42 -18.26
CA LEU F 606 -63.17 -57.28 -19.25
C LEU F 606 -63.71 -57.09 -20.66
N CYS F 607 -64.82 -56.39 -20.83
CA CYS F 607 -65.47 -56.25 -22.12
C CYS F 607 -65.12 -54.94 -22.82
N VAL F 608 -65.23 -53.81 -22.14
CA VAL F 608 -64.96 -52.50 -22.71
C VAL F 608 -63.87 -51.83 -21.90
N CYS F 609 -62.82 -51.39 -22.58
CA CYS F 609 -61.74 -50.63 -21.94
C CYS F 609 -61.50 -49.36 -22.73
N ASN F 610 -61.80 -48.22 -22.12
CA ASN F 610 -61.59 -46.91 -22.72
C ASN F 610 -62.40 -46.75 -24.01
N GLY F 611 -63.63 -47.24 -24.01
CA GLY F 611 -64.53 -47.02 -25.10
C GLY F 611 -64.38 -47.94 -26.29
N VAL F 612 -63.51 -48.93 -26.21
CA VAL F 612 -63.37 -49.91 -27.28
C VAL F 612 -63.75 -51.28 -26.73
N ALA F 613 -64.55 -52.01 -27.50
CA ALA F 613 -65.10 -53.29 -27.10
C ALA F 613 -64.21 -54.43 -27.57
N VAL F 614 -64.01 -55.39 -26.70
CA VAL F 614 -63.20 -56.57 -27.00
C VAL F 614 -64.18 -57.72 -27.14
N ARG F 615 -64.48 -58.11 -28.37
CA ARG F 615 -65.61 -59.01 -28.58
C ARG F 615 -65.33 -60.42 -28.11
N SER F 616 -64.09 -60.85 -28.13
CA SER F 616 -63.80 -62.20 -27.65
C SER F 616 -64.18 -62.35 -26.19
N ASN F 617 -63.89 -61.34 -25.38
CA ASN F 617 -64.26 -61.41 -23.97
C ASN F 617 -65.77 -61.38 -23.77
N GLN F 618 -66.48 -60.55 -24.54
CA GLN F 618 -67.93 -60.52 -24.46
C GLN F 618 -68.51 -61.89 -24.78
N ASP F 619 -68.04 -62.48 -25.86
CA ASP F 619 -68.54 -63.78 -26.26
C ASP F 619 -68.23 -64.85 -25.22
N LEU F 620 -67.04 -64.80 -24.63
CA LEU F 620 -66.67 -65.82 -23.66
C LEU F 620 -67.49 -65.70 -22.38
N ILE F 621 -67.69 -64.47 -21.89
CA ILE F 621 -68.52 -64.29 -20.71
C ILE F 621 -69.95 -64.74 -20.99
N THR F 622 -70.49 -64.35 -22.15
CA THR F 622 -71.85 -64.77 -22.49
C THR F 622 -71.95 -66.28 -22.56
N GLU F 623 -71.01 -66.93 -23.23
CA GLU F 623 -71.07 -68.36 -23.44
C GLU F 623 -70.85 -69.17 -22.18
N ASN F 624 -70.05 -68.68 -21.25
CA ASN F 624 -69.75 -69.40 -20.02
C ASN F 624 -70.67 -69.04 -18.87
N LEU F 625 -70.93 -67.76 -18.63
CA LEU F 625 -71.69 -67.37 -17.46
C LEU F 625 -73.19 -67.57 -17.66
N LEU F 626 -73.71 -67.19 -18.81
CA LEU F 626 -75.14 -67.02 -18.97
C LEU F 626 -75.94 -68.31 -19.16
N PRO F 627 -75.61 -69.16 -20.13
CA PRO F 627 -76.56 -70.22 -20.51
C PRO F 627 -76.84 -71.23 -19.42
N GLY F 628 -76.07 -71.26 -18.35
CA GLY F 628 -76.36 -72.18 -17.28
C GLY F 628 -77.56 -71.76 -16.45
N ARG F 629 -77.77 -70.46 -16.32
CA ARG F 629 -78.87 -69.91 -15.51
C ARG F 629 -78.81 -70.44 -14.09
N GLU F 630 -77.64 -70.38 -13.48
CA GLU F 630 -77.44 -70.90 -12.14
C GLU F 630 -76.78 -69.93 -11.18
N LEU F 631 -75.98 -68.98 -11.66
CA LEU F 631 -75.30 -68.04 -10.79
C LEU F 631 -75.95 -66.68 -10.73
N LEU F 632 -76.66 -66.29 -11.76
CA LEU F 632 -77.24 -64.96 -11.86
C LEU F 632 -78.73 -65.05 -11.60
N LEU F 633 -79.23 -64.19 -10.72
CA LEU F 633 -80.64 -64.24 -10.36
C LEU F 633 -81.51 -64.06 -11.59
N GLN F 634 -82.36 -65.04 -11.85
CA GLN F 634 -83.20 -65.06 -13.02
C GLN F 634 -84.52 -64.35 -12.73
N THR F 635 -85.10 -63.74 -13.75
CA THR F 635 -86.37 -63.05 -13.60
C THR F 635 -87.31 -63.44 -14.72
N ASN F 636 -88.60 -63.25 -14.49
CA ASN F 636 -89.62 -63.62 -15.44
C ASN F 636 -90.94 -63.03 -14.99
N LEU F 637 -91.90 -62.99 -15.89
CA LEU F 637 -93.25 -62.52 -15.58
C LEU F 637 -94.13 -63.73 -15.32
N ILE F 638 -94.78 -63.75 -14.16
CA ILE F 638 -95.62 -64.86 -13.76
C ILE F 638 -96.97 -64.33 -13.32
N ASN F 639 -98.00 -65.13 -13.55
CA ASN F 639 -99.34 -64.80 -13.14
C ASN F 639 -99.49 -65.00 -11.64
N TYR F 640 -100.41 -64.26 -11.04
CA TYR F 640 -100.84 -64.56 -9.69
C TYR F 640 -101.80 -65.72 -9.69
N VAL F 641 -101.68 -66.57 -8.68
CA VAL F 641 -102.51 -67.76 -8.56
C VAL F 641 -103.12 -67.81 -7.18
N THR F 642 -104.40 -68.13 -7.12
CA THR F 642 -105.09 -68.19 -5.84
C THR F 642 -105.81 -69.52 -5.73
N SER F 643 -106.49 -69.71 -4.59
CA SER F 643 -107.09 -70.98 -4.25
C SER F 643 -108.37 -70.73 -3.48
N ILE F 644 -109.38 -71.56 -3.73
CA ILE F 644 -110.66 -71.43 -3.07
C ILE F 644 -111.10 -72.80 -2.60
N ARG F 645 -111.66 -72.87 -1.41
CA ARG F 645 -112.11 -74.11 -0.80
C ARG F 645 -113.49 -73.92 -0.20
N PRO F 646 -114.26 -74.99 -0.09
CA PRO F 646 -115.39 -74.96 0.83
C PRO F 646 -114.86 -75.05 2.23
N ASN F 647 -115.67 -74.57 3.18
CA ASN F 647 -115.27 -74.73 4.57
C ASN F 647 -115.69 -76.10 5.07
N ILE F 648 -115.31 -77.14 4.33
CA ILE F 648 -115.57 -78.53 4.66
C ILE F 648 -114.22 -79.14 5.00
N PHE F 649 -114.07 -79.61 6.23
CA PHE F 649 -112.84 -80.26 6.67
C PHE F 649 -113.16 -81.66 7.15
N VAL F 650 -112.42 -82.64 6.66
CA VAL F 650 -112.59 -84.02 7.07
C VAL F 650 -111.22 -84.59 7.42
N GLY F 651 -111.19 -85.53 8.34
CA GLY F 651 -109.92 -86.05 8.77
C GLY F 651 -110.04 -87.45 9.32
N ARG F 652 -108.96 -87.90 9.94
CA ARG F 652 -108.90 -89.24 10.49
C ARG F 652 -108.01 -89.25 11.72
N ALA F 653 -108.45 -89.97 12.75
CA ALA F 653 -107.68 -90.16 13.96
C ALA F 653 -108.31 -91.30 14.72
N GLU F 654 -107.63 -91.75 15.77
CA GLU F 654 -108.17 -92.82 16.60
C GLU F 654 -109.45 -92.38 17.28
N GLY F 655 -110.52 -93.11 17.04
CA GLY F 655 -111.80 -92.77 17.65
C GLY F 655 -112.35 -91.45 17.19
N SER F 656 -112.14 -91.09 15.92
CA SER F 656 -112.67 -89.86 15.38
C SER F 656 -114.11 -90.06 14.97
N THR F 657 -114.90 -89.00 15.11
CA THR F 657 -116.31 -89.03 14.82
C THR F 657 -116.62 -88.71 13.37
N GLN F 658 -115.64 -88.85 12.48
CA GLN F 658 -115.79 -88.48 11.07
C GLN F 658 -115.78 -89.72 10.19
N TYR F 659 -116.70 -89.75 9.23
CA TYR F 659 -116.63 -90.75 8.19
C TYR F 659 -115.36 -90.52 7.37
N GLY F 660 -114.95 -91.55 6.64
CA GLY F 660 -113.67 -91.47 5.96
C GLY F 660 -113.70 -91.76 4.47
N LYS F 661 -114.74 -91.28 3.79
CA LYS F 661 -114.91 -91.54 2.37
C LYS F 661 -115.70 -90.38 1.78
N TRP F 662 -115.01 -89.51 1.05
CA TRP F 662 -115.57 -88.23 0.65
C TRP F 662 -115.44 -88.04 -0.85
N TYR F 663 -116.38 -87.29 -1.41
CA TYR F 663 -116.54 -87.19 -2.86
C TYR F 663 -117.03 -85.80 -3.22
N PHE F 664 -116.34 -85.13 -4.14
CA PHE F 664 -116.82 -83.83 -4.59
C PHE F 664 -116.42 -83.62 -6.04
N GLU F 665 -117.10 -82.70 -6.70
CA GLU F 665 -116.88 -82.48 -8.11
C GLU F 665 -116.66 -81.01 -8.40
N VAL F 666 -116.02 -80.74 -9.53
CA VAL F 666 -115.88 -79.39 -10.03
C VAL F 666 -116.22 -79.41 -11.51
N MET F 667 -117.14 -78.54 -11.91
CA MET F 667 -117.53 -78.39 -13.30
C MET F 667 -116.91 -77.13 -13.86
N VAL F 668 -116.10 -77.28 -14.89
CA VAL F 668 -115.42 -76.15 -15.52
C VAL F 668 -116.36 -75.53 -16.54
N ASP F 669 -116.63 -74.24 -16.41
CA ASP F 669 -117.55 -73.53 -17.26
C ASP F 669 -116.85 -72.80 -18.40
N GLU F 670 -115.93 -71.89 -18.07
CA GLU F 670 -115.17 -71.20 -19.10
C GLU F 670 -113.72 -71.14 -18.66
N VAL F 671 -112.81 -71.33 -19.61
CA VAL F 671 -111.39 -71.19 -19.34
C VAL F 671 -110.73 -70.52 -20.54
N VAL F 672 -110.20 -69.33 -20.34
CA VAL F 672 -109.42 -68.66 -21.37
C VAL F 672 -108.01 -69.24 -21.33
N PRO F 673 -107.61 -70.07 -22.29
CA PRO F 673 -106.35 -70.80 -22.15
C PRO F 673 -105.13 -69.91 -22.03
N PHE F 674 -105.13 -68.77 -22.68
CA PHE F 674 -104.00 -67.84 -22.60
C PHE F 674 -104.56 -66.43 -22.49
N LEU F 675 -104.79 -65.98 -21.25
CA LEU F 675 -105.19 -64.60 -21.01
C LEU F 675 -104.00 -63.68 -20.93
N THR F 676 -102.88 -64.18 -20.43
CA THR F 676 -101.59 -63.53 -20.50
C THR F 676 -100.65 -64.43 -21.30
N ALA F 677 -99.37 -64.08 -21.32
CA ALA F 677 -98.39 -64.92 -22.00
C ALA F 677 -98.33 -66.29 -21.36
N GLN F 678 -98.36 -66.34 -20.03
CA GLN F 678 -98.31 -67.61 -19.32
C GLN F 678 -99.66 -68.30 -19.40
N ALA F 679 -99.64 -69.62 -19.58
CA ALA F 679 -100.87 -70.37 -19.73
C ALA F 679 -101.71 -70.24 -18.47
N THR F 680 -103.03 -70.22 -18.67
CA THR F 680 -103.94 -70.11 -17.54
C THR F 680 -103.83 -71.32 -16.63
N HIS F 681 -103.80 -71.06 -15.34
CA HIS F 681 -103.63 -72.08 -14.31
C HIS F 681 -104.98 -72.56 -13.82
N LEU F 682 -105.16 -73.87 -13.73
CA LEU F 682 -106.38 -74.43 -13.17
C LEU F 682 -106.09 -75.86 -12.73
N ARG F 683 -106.16 -76.12 -11.43
CA ARG F 683 -106.04 -77.47 -10.89
C ARG F 683 -107.12 -77.68 -9.85
N VAL F 684 -107.54 -78.92 -9.71
CA VAL F 684 -108.45 -79.31 -8.64
C VAL F 684 -107.70 -80.26 -7.72
N GLY F 685 -108.20 -80.46 -6.51
CA GLY F 685 -107.63 -81.48 -5.67
C GLY F 685 -108.04 -81.33 -4.22
N TRP F 686 -107.30 -82.01 -3.37
CA TRP F 686 -107.47 -81.93 -1.93
C TRP F 686 -106.27 -81.26 -1.31
N ALA F 687 -106.42 -80.79 -0.08
CA ALA F 687 -105.31 -80.12 0.58
C ALA F 687 -105.44 -80.35 2.07
N LEU F 688 -104.37 -80.02 2.80
CA LEU F 688 -104.29 -80.27 4.23
C LEU F 688 -104.28 -78.93 4.98
N THR F 689 -104.87 -78.93 6.16
CA THR F 689 -105.05 -77.73 6.96
C THR F 689 -103.85 -77.40 7.81
N GLU F 690 -102.74 -78.12 7.66
CA GLU F 690 -101.57 -77.92 8.50
C GLU F 690 -100.36 -77.64 7.65
N GLY F 691 -100.49 -76.68 6.74
CA GLY F 691 -99.36 -76.32 5.93
C GLY F 691 -99.65 -75.88 4.52
N TYR F 692 -100.85 -76.15 4.01
CA TYR F 692 -101.19 -75.61 2.69
C TYR F 692 -101.56 -74.16 2.88
N SER F 693 -100.57 -73.29 2.71
CA SER F 693 -100.80 -71.84 2.76
C SER F 693 -100.11 -71.21 1.57
N PRO F 694 -100.84 -70.94 0.50
CA PRO F 694 -100.26 -70.39 -0.73
C PRO F 694 -100.30 -68.87 -0.75
N TYR F 695 -99.39 -68.24 -0.02
CA TYR F 695 -99.34 -66.79 0.03
C TYR F 695 -99.23 -66.21 -1.36
N PRO F 696 -100.02 -65.20 -1.71
CA PRO F 696 -99.97 -64.66 -3.07
C PRO F 696 -98.60 -64.10 -3.40
N GLY F 697 -98.18 -64.29 -4.64
CA GLY F 697 -96.91 -63.76 -5.06
C GLY F 697 -95.86 -64.82 -5.26
N GLY F 698 -94.72 -64.67 -4.59
CA GLY F 698 -93.61 -65.57 -4.77
C GLY F 698 -93.84 -66.91 -4.12
N GLY F 699 -92.85 -67.77 -4.24
CA GLY F 699 -92.93 -69.07 -3.60
C GLY F 699 -91.97 -70.05 -4.22
N GLU F 700 -92.27 -71.33 -4.02
CA GLU F 700 -91.39 -72.38 -4.50
C GLU F 700 -91.29 -72.35 -6.02
N GLY F 701 -90.11 -72.68 -6.52
CA GLY F 701 -89.93 -72.72 -7.95
C GLY F 701 -90.08 -71.35 -8.56
N TRP F 702 -90.98 -71.25 -9.54
CA TRP F 702 -91.23 -70.00 -10.24
C TRP F 702 -92.53 -69.35 -9.83
N GLY F 703 -92.92 -69.48 -8.59
CA GLY F 703 -94.15 -68.87 -8.13
C GLY F 703 -95.36 -69.58 -8.69
N GLY F 704 -96.50 -68.91 -8.54
CA GLY F 704 -97.74 -69.48 -9.03
C GLY F 704 -98.09 -70.76 -8.32
N ASN F 705 -98.00 -70.75 -6.99
CA ASN F 705 -98.19 -71.95 -6.20
C ASN F 705 -99.68 -72.22 -6.07
N GLY F 706 -100.13 -73.36 -6.59
CA GLY F 706 -101.51 -73.75 -6.48
C GLY F 706 -101.67 -75.08 -5.78
N VAL F 707 -102.56 -75.92 -6.28
CA VAL F 707 -102.80 -77.23 -5.65
C VAL F 707 -101.77 -78.19 -6.20
N GLY F 708 -100.76 -78.50 -5.40
CA GLY F 708 -99.78 -79.48 -5.80
C GLY F 708 -98.38 -78.91 -5.85
N ASP F 709 -98.19 -77.75 -5.25
CA ASP F 709 -96.89 -77.13 -5.20
C ASP F 709 -96.23 -77.31 -3.84
N ASP F 710 -96.67 -78.30 -3.07
CA ASP F 710 -96.03 -78.70 -1.85
C ASP F 710 -96.45 -80.13 -1.58
N LEU F 711 -96.04 -80.66 -0.43
CA LEU F 711 -96.42 -82.00 -0.03
C LEU F 711 -97.63 -82.01 0.89
N TYR F 712 -98.34 -80.89 0.97
CA TYR F 712 -99.59 -80.79 1.71
C TYR F 712 -100.80 -80.73 0.80
N SER F 713 -100.61 -80.64 -0.50
CA SER F 713 -101.71 -80.54 -1.44
C SER F 713 -101.54 -81.59 -2.52
N TYR F 714 -102.67 -82.01 -3.09
CA TYR F 714 -102.70 -83.09 -4.06
C TYR F 714 -103.64 -82.68 -5.18
N GLY F 715 -103.11 -82.43 -6.37
CA GLY F 715 -103.85 -81.75 -7.41
C GLY F 715 -103.84 -82.50 -8.72
N PHE F 716 -104.60 -81.96 -9.66
CA PHE F 716 -104.89 -82.60 -10.93
C PHE F 716 -105.33 -81.53 -11.91
N ASP F 717 -104.74 -81.50 -13.09
CA ASP F 717 -105.05 -80.48 -14.08
C ASP F 717 -105.59 -81.05 -15.38
N GLY F 718 -105.92 -82.32 -15.44
CA GLY F 718 -106.41 -82.95 -16.64
C GLY F 718 -105.38 -83.81 -17.34
N LEU F 719 -104.14 -83.34 -17.41
CA LEU F 719 -103.05 -84.09 -17.99
C LEU F 719 -102.05 -84.60 -16.96
N HIS F 720 -102.00 -83.99 -15.78
CA HIS F 720 -100.94 -84.25 -14.84
C HIS F 720 -101.53 -84.43 -13.45
N LEU F 721 -100.78 -85.14 -12.61
CA LEU F 721 -101.04 -85.22 -11.19
C LEU F 721 -99.90 -84.49 -10.51
N TRP F 722 -100.23 -83.48 -9.73
CA TRP F 722 -99.26 -82.56 -9.17
C TRP F 722 -99.11 -82.78 -7.69
N THR F 723 -97.87 -82.92 -7.23
CA THR F 723 -97.60 -82.84 -5.81
C THR F 723 -96.10 -82.66 -5.63
N GLY F 724 -95.72 -81.96 -4.57
CA GLY F 724 -94.33 -81.62 -4.40
C GLY F 724 -93.75 -80.78 -5.50
N HIS F 725 -94.57 -79.99 -6.17
CA HIS F 725 -94.18 -79.15 -7.30
C HIS F 725 -93.70 -79.98 -8.47
N VAL F 726 -94.12 -81.23 -8.56
CA VAL F 726 -93.76 -82.11 -9.67
C VAL F 726 -95.05 -82.51 -10.34
N ALA F 727 -95.06 -82.46 -11.67
CA ALA F 727 -96.19 -82.87 -12.47
C ALA F 727 -95.91 -84.22 -13.09
N ARG F 728 -96.80 -85.17 -12.87
CA ARG F 728 -96.59 -86.53 -13.35
C ARG F 728 -97.72 -86.93 -14.27
N PRO F 729 -97.45 -87.25 -15.53
CA PRO F 729 -98.54 -87.49 -16.48
C PRO F 729 -99.37 -88.69 -16.09
N VAL F 730 -100.68 -88.57 -16.31
CA VAL F 730 -101.64 -89.63 -16.01
C VAL F 730 -102.45 -89.89 -17.25
N THR F 731 -102.62 -91.16 -17.59
CA THR F 731 -103.45 -91.50 -18.72
C THR F 731 -104.92 -91.40 -18.32
N SER F 732 -105.70 -90.72 -19.12
CA SER F 732 -107.14 -90.67 -19.01
C SER F 732 -107.70 -90.90 -20.41
N PRO F 733 -108.89 -91.43 -20.52
CA PRO F 733 -109.43 -91.75 -21.85
C PRO F 733 -109.81 -90.51 -22.64
N GLY F 734 -108.84 -89.89 -23.30
CA GLY F 734 -109.09 -88.68 -24.04
C GLY F 734 -108.52 -87.47 -23.33
N GLN F 735 -107.31 -87.64 -22.78
CA GLN F 735 -106.75 -86.63 -21.89
C GLN F 735 -106.55 -85.30 -22.61
N HIS F 736 -106.66 -84.23 -21.83
CA HIS F 736 -106.46 -82.86 -22.26
C HIS F 736 -106.57 -81.96 -21.04
N LEU F 737 -106.03 -80.75 -21.13
CA LEU F 737 -106.17 -79.82 -20.03
C LEU F 737 -107.64 -79.59 -19.71
N LEU F 738 -107.89 -79.04 -18.53
CA LEU F 738 -109.24 -78.78 -18.09
C LEU F 738 -109.89 -77.74 -19.00
N ALA F 739 -110.91 -78.15 -19.72
CA ALA F 739 -111.57 -77.34 -20.72
C ALA F 739 -113.00 -77.07 -20.29
N PRO F 740 -113.71 -76.18 -20.98
CA PRO F 740 -115.12 -75.99 -20.68
C PRO F 740 -115.91 -77.27 -20.84
N GLU F 741 -116.94 -77.41 -20.01
CA GLU F 741 -117.81 -78.59 -19.99
C GLU F 741 -117.05 -79.83 -19.55
N ASP F 742 -116.24 -79.66 -18.50
CA ASP F 742 -115.48 -80.75 -17.90
C ASP F 742 -115.97 -80.96 -16.48
N VAL F 743 -116.05 -82.22 -16.06
CA VAL F 743 -116.52 -82.58 -14.74
C VAL F 743 -115.46 -83.44 -14.09
N VAL F 744 -114.78 -82.88 -13.09
CA VAL F 744 -113.72 -83.60 -12.38
C VAL F 744 -114.28 -84.07 -11.06
N SER F 745 -114.23 -85.37 -10.84
CA SER F 745 -114.74 -85.99 -9.61
C SER F 745 -113.57 -86.44 -8.77
N CYS F 746 -113.36 -85.79 -7.64
CA CYS F 746 -112.26 -86.14 -6.76
C CYS F 746 -112.78 -86.90 -5.56
N CYS F 747 -112.03 -87.93 -5.18
CA CYS F 747 -112.40 -88.84 -4.12
C CYS F 747 -111.29 -88.87 -3.08
N LEU F 748 -111.59 -89.17 -1.80
CA LEU F 748 -110.62 -89.36 -0.73
C LEU F 748 -111.08 -90.48 0.08
N ASP F 749 -110.30 -91.53 0.23
CA ASP F 749 -110.59 -92.63 1.11
C ASP F 749 -109.48 -92.39 1.98
N LEU F 750 -109.73 -92.21 3.25
CA LEU F 750 -108.70 -91.84 4.09
C LEU F 750 -108.42 -93.08 4.75
N SER F 751 -109.16 -94.13 4.49
CA SER F 751 -108.83 -95.44 5.05
C SER F 751 -107.53 -96.04 4.59
N VAL F 752 -107.20 -95.98 3.32
CA VAL F 752 -105.94 -96.41 2.81
C VAL F 752 -105.66 -95.04 2.49
N PRO F 753 -104.53 -94.53 2.79
CA PRO F 753 -104.95 -93.22 2.39
C PRO F 753 -104.87 -93.07 0.91
N SER F 754 -105.83 -92.50 0.22
CA SER F 754 -105.84 -92.43 -1.22
C SER F 754 -106.65 -91.31 -1.77
N ILE F 755 -106.31 -90.78 -2.93
CA ILE F 755 -107.04 -89.72 -3.55
C ILE F 755 -107.16 -90.07 -4.97
N SER F 756 -108.26 -90.63 -5.38
CA SER F 756 -108.53 -91.00 -6.76
C SER F 756 -109.15 -89.82 -7.50
N PHE F 757 -109.32 -89.97 -8.80
CA PHE F 757 -109.98 -88.96 -9.60
C PHE F 757 -110.78 -89.64 -10.72
N ARG F 758 -111.68 -88.87 -11.31
CA ARG F 758 -112.31 -89.21 -12.56
C ARG F 758 -112.46 -87.92 -13.35
N ILE F 759 -112.38 -88.03 -14.67
CA ILE F 759 -112.58 -86.89 -15.56
C ILE F 759 -113.70 -87.25 -16.52
N ASN F 760 -114.76 -86.44 -16.53
CA ASN F 760 -115.92 -86.67 -17.38
C ASN F 760 -116.47 -88.07 -17.20
N GLY F 761 -116.31 -88.63 -16.00
CA GLY F 761 -116.80 -89.96 -15.74
C GLY F 761 -115.86 -91.07 -16.13
N CYS F 762 -114.71 -90.74 -16.70
CA CYS F 762 -113.70 -91.71 -17.13
C CYS F 762 -112.60 -91.79 -16.08
N PRO F 763 -112.27 -92.98 -15.60
CA PRO F 763 -111.27 -93.08 -14.53
C PRO F 763 -109.93 -92.52 -14.97
N VAL F 764 -109.26 -91.85 -14.04
CA VAL F 764 -107.92 -91.32 -14.27
C VAL F 764 -106.92 -92.28 -13.66
N GLN F 765 -106.08 -92.88 -14.50
CA GLN F 765 -105.19 -93.96 -14.07
C GLN F 765 -103.97 -93.39 -13.35
N GLY F 766 -104.20 -92.98 -12.11
CA GLY F 766 -103.15 -92.47 -11.27
C GLY F 766 -103.69 -92.14 -9.90
N VAL F 767 -103.01 -92.57 -8.84
CA VAL F 767 -103.55 -92.48 -7.50
C VAL F 767 -102.46 -92.03 -6.55
N PHE F 768 -102.72 -90.96 -5.81
CA PHE F 768 -101.90 -90.63 -4.65
C PHE F 768 -102.25 -91.59 -3.52
N GLU F 769 -101.24 -92.02 -2.78
CA GLU F 769 -101.45 -92.96 -1.70
C GLU F 769 -100.47 -92.68 -0.58
N ALA F 770 -100.61 -93.43 0.50
CA ALA F 770 -99.64 -93.50 1.57
C ALA F 770 -99.08 -92.13 1.93
N PHE F 771 -99.98 -91.19 2.16
CA PHE F 771 -99.57 -89.85 2.53
C PHE F 771 -99.89 -89.58 4.00
N ASN F 772 -99.45 -88.43 4.47
CA ASN F 772 -99.56 -88.07 5.87
C ASN F 772 -101.02 -87.77 6.20
N LEU F 773 -101.49 -88.27 7.33
CA LEU F 773 -102.89 -88.17 7.72
C LEU F 773 -103.10 -87.29 8.94
N ASP F 774 -102.10 -86.53 9.36
CA ASP F 774 -102.33 -85.49 10.34
C ASP F 774 -103.11 -84.35 9.70
N GLY F 775 -103.64 -83.46 10.54
CA GLY F 775 -104.37 -82.35 9.98
C GLY F 775 -105.68 -82.77 9.34
N LEU F 776 -106.33 -81.78 8.74
CA LEU F 776 -107.64 -81.94 8.13
C LEU F 776 -107.55 -81.65 6.64
N PHE F 777 -108.34 -82.37 5.86
CA PHE F 777 -108.36 -82.28 4.41
C PHE F 777 -109.57 -81.50 3.95
N PHE F 778 -109.36 -80.59 3.02
CA PHE F 778 -110.45 -79.87 2.41
C PHE F 778 -110.30 -79.87 0.90
N PRO F 779 -111.42 -79.81 0.17
CA PRO F 779 -111.35 -79.66 -1.28
C PRO F 779 -110.79 -78.30 -1.63
N VAL F 780 -110.14 -78.20 -2.78
CA VAL F 780 -109.54 -76.94 -3.17
C VAL F 780 -109.42 -76.90 -4.67
N VAL F 781 -109.62 -75.72 -5.24
CA VAL F 781 -109.29 -75.45 -6.62
C VAL F 781 -108.30 -74.30 -6.64
N SER F 782 -107.23 -74.45 -7.40
CA SER F 782 -106.28 -73.39 -7.63
C SER F 782 -106.46 -72.88 -9.04
N PHE F 783 -106.33 -71.57 -9.21
CA PHE F 783 -106.60 -70.98 -10.51
C PHE F 783 -105.92 -69.64 -10.60
N SER F 784 -105.52 -69.28 -11.81
CA SER F 784 -105.15 -67.93 -12.12
C SER F 784 -106.37 -67.24 -12.70
N ALA F 785 -106.18 -66.01 -13.17
CA ALA F 785 -107.31 -65.30 -13.72
C ALA F 785 -107.74 -65.93 -15.04
N GLY F 786 -109.01 -65.76 -15.37
CA GLY F 786 -109.55 -66.24 -16.61
C GLY F 786 -110.24 -67.57 -16.56
N VAL F 787 -110.81 -67.96 -15.43
CA VAL F 787 -111.51 -69.23 -15.31
C VAL F 787 -112.87 -69.00 -14.68
N LYS F 788 -113.77 -69.94 -14.92
CA LYS F 788 -115.01 -70.06 -14.17
C LYS F 788 -115.22 -71.53 -13.88
N VAL F 789 -115.46 -71.87 -12.62
CA VAL F 789 -115.67 -73.24 -12.21
C VAL F 789 -116.87 -73.26 -11.28
N ARG F 790 -117.35 -74.46 -10.98
CA ARG F 790 -118.47 -74.64 -10.09
C ARG F 790 -118.22 -75.84 -9.20
N PHE F 791 -118.22 -75.61 -7.90
CA PHE F 791 -118.15 -76.70 -6.95
C PHE F 791 -119.48 -77.43 -6.90
N LEU F 792 -119.43 -78.74 -6.96
CA LEU F 792 -120.61 -79.57 -6.79
C LEU F 792 -120.35 -80.43 -5.56
N LEU F 793 -121.12 -80.18 -4.51
CA LEU F 793 -120.95 -80.84 -3.24
C LEU F 793 -122.10 -81.78 -2.92
N GLY F 794 -123.07 -81.92 -3.82
CA GLY F 794 -124.11 -82.89 -3.64
C GLY F 794 -125.28 -82.36 -2.85
N GLY F 795 -126.46 -82.90 -3.12
CA GLY F 795 -127.64 -82.52 -2.38
C GLY F 795 -128.21 -81.19 -2.80
N ARG F 796 -128.10 -80.18 -1.96
CA ARG F 796 -128.58 -78.86 -2.30
C ARG F 796 -127.46 -77.92 -2.67
N HIS F 797 -126.27 -78.45 -2.92
CA HIS F 797 -125.13 -77.65 -3.36
C HIS F 797 -124.55 -78.19 -4.65
N GLY F 798 -125.29 -79.00 -5.39
CA GLY F 798 -124.83 -79.60 -6.62
C GLY F 798 -125.51 -80.93 -6.82
N GLU F 799 -125.39 -81.48 -8.03
CA GLU F 799 -126.01 -82.74 -8.35
C GLU F 799 -125.04 -83.79 -8.90
N PHE F 800 -123.76 -83.47 -8.99
CA PHE F 800 -122.70 -84.43 -9.24
C PHE F 800 -122.68 -85.01 -10.64
N LYS F 801 -123.78 -84.93 -11.38
CA LYS F 801 -123.79 -85.34 -12.78
C LYS F 801 -123.31 -86.77 -12.97
N PHE F 802 -122.94 -87.43 -11.88
CA PHE F 802 -122.21 -88.70 -11.90
C PHE F 802 -122.36 -89.31 -10.52
N LEU F 803 -122.79 -90.55 -10.45
CA LEU F 803 -122.95 -91.19 -9.16
C LEU F 803 -121.60 -91.29 -8.47
N PRO F 804 -121.49 -90.87 -7.22
CA PRO F 804 -120.26 -91.13 -6.49
C PRO F 804 -120.03 -92.62 -6.38
N PRO F 805 -118.78 -93.07 -6.49
CA PRO F 805 -118.53 -94.50 -6.42
C PRO F 805 -118.98 -95.05 -5.08
N PRO F 806 -119.34 -96.33 -5.03
CA PRO F 806 -120.07 -96.84 -3.88
C PRO F 806 -119.35 -96.61 -2.56
N GLY F 807 -120.13 -96.27 -1.54
CA GLY F 807 -119.60 -96.05 -0.21
C GLY F 807 -119.09 -94.66 0.07
N TYR F 808 -119.12 -93.76 -0.91
CA TYR F 808 -118.60 -92.43 -0.72
C TYR F 808 -119.69 -91.46 -0.27
N ALA F 809 -119.30 -90.50 0.53
CA ALA F 809 -120.25 -89.54 1.06
C ALA F 809 -120.09 -88.20 0.38
N PRO F 810 -121.17 -87.57 -0.09
CA PRO F 810 -121.06 -86.23 -0.66
C PRO F 810 -120.51 -85.26 0.38
N CYS F 811 -119.73 -84.31 -0.09
CA CYS F 811 -119.04 -83.39 0.80
C CYS F 811 -119.95 -82.43 1.53
N HIS F 812 -121.20 -82.29 1.13
CA HIS F 812 -122.12 -81.43 1.86
C HIS F 812 -122.54 -82.04 3.18
N GLU F 813 -122.08 -83.25 3.48
CA GLU F 813 -122.40 -83.95 4.72
C GLU F 813 -121.33 -83.74 5.76
N ALA F 814 -120.45 -82.79 5.56
CA ALA F 814 -119.38 -82.54 6.51
C ALA F 814 -119.42 -81.15 7.09
N VAL F 815 -120.45 -80.36 6.78
CA VAL F 815 -120.58 -79.06 7.41
C VAL F 815 -120.98 -79.26 8.87
N LEU F 816 -120.25 -78.62 9.75
CA LEU F 816 -120.44 -78.86 11.17
C LEU F 816 -121.69 -78.15 11.65
N PRO F 817 -122.30 -78.61 12.75
CA PRO F 817 -123.62 -78.11 13.13
C PRO F 817 -123.64 -76.65 13.54
N ARG F 818 -122.52 -75.94 13.45
CA ARG F 818 -122.48 -74.54 13.84
C ARG F 818 -122.10 -73.61 12.70
N GLU F 819 -121.76 -74.13 11.54
CA GLU F 819 -121.32 -73.29 10.44
C GLU F 819 -122.23 -73.50 9.25
N ARG F 820 -122.05 -72.66 8.23
CA ARG F 820 -122.81 -72.74 6.99
C ARG F 820 -121.84 -72.96 5.84
N LEU F 821 -122.26 -73.76 4.87
CA LEU F 821 -121.41 -74.07 3.74
C LEU F 821 -121.19 -72.82 2.90
N ARG F 822 -119.93 -72.52 2.61
CA ARG F 822 -119.56 -71.33 1.87
C ARG F 822 -118.16 -71.52 1.35
N LEU F 823 -117.81 -70.73 0.35
CA LEU F 823 -116.51 -70.82 -0.29
C LEU F 823 -115.64 -69.69 0.19
N GLU F 824 -114.46 -70.03 0.67
CA GLU F 824 -113.54 -69.08 1.24
C GLU F 824 -112.13 -69.34 0.73
N PRO F 825 -111.30 -68.31 0.72
CA PRO F 825 -109.89 -68.52 0.42
C PRO F 825 -109.18 -69.15 1.61
N ILE F 826 -108.04 -69.76 1.31
CA ILE F 826 -107.16 -70.33 2.32
C ILE F 826 -106.57 -69.15 3.09
N LYS F 827 -105.83 -69.44 4.16
CA LYS F 827 -105.30 -68.41 5.07
C LYS F 827 -104.92 -67.12 4.35
N GLU F 828 -105.47 -66.01 4.80
CA GLU F 828 -105.33 -64.73 4.14
C GLU F 828 -104.95 -63.67 5.16
N TYR F 829 -104.19 -62.69 4.73
CA TYR F 829 -103.80 -61.59 5.59
C TYR F 829 -104.48 -60.29 5.19
N ARG F 830 -105.46 -60.35 4.33
CA ARG F 830 -106.03 -59.15 3.72
C ARG F 830 -107.34 -59.52 3.06
N ARG F 831 -108.39 -58.78 3.40
CA ARG F 831 -109.65 -58.89 2.70
C ARG F 831 -110.15 -57.49 2.42
N GLU F 832 -110.95 -57.35 1.38
CA GLU F 832 -111.45 -56.05 1.02
C GLU F 832 -112.55 -55.63 1.99
N GLY F 833 -112.54 -54.37 2.39
CA GLY F 833 -113.50 -53.88 3.35
C GLY F 833 -114.33 -52.73 2.81
N PRO F 834 -115.33 -52.30 3.58
CA PRO F 834 -116.19 -51.21 3.15
C PRO F 834 -115.43 -49.94 2.83
N ARG F 835 -114.66 -49.44 3.80
CA ARG F 835 -113.90 -48.22 3.60
C ARG F 835 -112.54 -48.45 2.97
N GLY F 836 -111.98 -49.66 3.11
CA GLY F 836 -110.69 -49.95 2.55
C GLY F 836 -110.23 -51.34 2.95
N PRO F 837 -109.00 -51.69 2.55
CA PRO F 837 -108.51 -53.04 2.84
C PRO F 837 -108.48 -53.34 4.33
N HIS F 838 -108.87 -54.56 4.67
CA HIS F 838 -108.91 -55.03 6.05
C HIS F 838 -107.82 -56.04 6.26
N LEU F 839 -106.84 -55.69 7.09
CA LEU F 839 -105.80 -56.61 7.49
C LEU F 839 -106.41 -57.66 8.40
N VAL F 840 -106.00 -58.91 8.21
CA VAL F 840 -106.55 -60.03 8.94
C VAL F 840 -105.42 -60.79 9.60
N GLY F 841 -105.59 -61.10 10.88
CA GLY F 841 -104.63 -61.88 11.59
C GLY F 841 -104.86 -63.35 11.32
N PRO F 842 -104.10 -64.22 11.98
CA PRO F 842 -104.23 -65.65 11.71
C PRO F 842 -105.62 -66.14 12.09
N SER F 843 -105.99 -67.27 11.52
CA SER F 843 -107.27 -67.89 11.84
C SER F 843 -107.04 -69.22 12.51
N ARG F 844 -108.01 -69.64 13.30
CA ARG F 844 -107.95 -70.92 14.00
C ARG F 844 -108.72 -71.98 13.23
N CYS F 845 -108.01 -73.00 12.77
CA CYS F 845 -108.62 -74.12 12.07
C CYS F 845 -108.69 -75.31 13.01
N LEU F 846 -109.70 -76.14 12.79
CA LEU F 846 -109.86 -77.31 13.64
C LEU F 846 -108.73 -78.30 13.39
N SER F 847 -108.14 -78.79 14.46
CA SER F 847 -107.21 -79.90 14.36
C SER F 847 -108.00 -81.20 14.30
N HIS F 848 -107.37 -82.24 13.74
CA HIS F 848 -108.08 -83.50 13.60
C HIS F 848 -108.39 -84.15 14.94
N THR F 849 -107.81 -83.66 16.02
CA THR F 849 -108.09 -84.15 17.36
C THR F 849 -109.17 -83.34 18.05
N ASP F 850 -109.86 -82.47 17.32
CA ASP F 850 -111.04 -81.79 17.82
C ASP F 850 -112.32 -82.50 17.44
N PHE F 851 -112.23 -83.63 16.75
CA PHE F 851 -113.38 -84.44 16.45
C PHE F 851 -113.44 -85.72 17.26
N VAL F 852 -112.42 -85.99 18.07
CA VAL F 852 -112.45 -87.16 18.96
C VAL F 852 -113.04 -86.72 20.30
N PRO F 853 -114.07 -87.40 20.79
CA PRO F 853 -114.62 -87.04 22.10
C PRO F 853 -113.82 -87.70 23.21
N CYS F 854 -113.18 -86.89 24.06
CA CYS F 854 -112.31 -87.38 25.13
C CYS F 854 -112.92 -87.03 26.47
N PRO F 855 -113.72 -87.89 27.06
CA PRO F 855 -114.35 -87.57 28.35
C PRO F 855 -113.44 -87.91 29.51
N VAL F 856 -113.96 -87.70 30.71
CA VAL F 856 -113.28 -88.16 31.92
C VAL F 856 -113.81 -89.54 32.28
N ASP F 857 -112.90 -90.47 32.49
CA ASP F 857 -113.30 -91.85 32.75
C ASP F 857 -114.13 -91.93 34.03
N THR F 858 -115.28 -92.60 33.94
CA THR F 858 -116.19 -92.73 35.08
C THR F 858 -116.34 -94.17 35.54
N VAL F 859 -115.23 -94.90 35.66
CA VAL F 859 -115.29 -96.28 36.10
C VAL F 859 -114.65 -96.39 37.48
N GLN F 860 -113.43 -95.88 37.63
CA GLN F 860 -112.67 -96.00 38.87
C GLN F 860 -113.11 -94.95 39.88
N ILE F 861 -114.36 -95.09 40.33
CA ILE F 861 -114.96 -94.19 41.31
C ILE F 861 -115.72 -95.04 42.31
N VAL F 862 -115.18 -95.17 43.52
CA VAL F 862 -115.91 -95.81 44.61
C VAL F 862 -117.02 -94.87 45.06
N LEU F 863 -118.23 -95.39 45.15
CA LEU F 863 -119.39 -94.53 45.38
C LEU F 863 -119.44 -94.13 46.86
N PRO F 864 -119.48 -92.84 47.17
CA PRO F 864 -119.36 -92.39 48.56
C PRO F 864 -120.64 -92.60 49.34
N PRO F 865 -120.57 -92.60 50.67
CA PRO F 865 -121.80 -92.72 51.46
C PRO F 865 -122.76 -91.56 51.30
N HIS F 866 -122.26 -90.34 51.19
CA HIS F 866 -123.16 -89.19 51.09
C HIS F 866 -123.89 -89.16 49.75
N LEU F 867 -123.36 -89.83 48.73
CA LEU F 867 -124.04 -89.89 47.45
C LEU F 867 -125.11 -90.98 47.44
N GLU F 868 -124.78 -92.18 47.91
CA GLU F 868 -125.78 -93.23 48.02
C GLU F 868 -126.89 -92.83 48.99
N ARG F 869 -126.56 -91.95 49.94
CA ARG F 869 -127.59 -91.40 50.82
C ARG F 869 -128.60 -90.57 50.04
N ILE F 870 -128.17 -89.95 48.95
CA ILE F 870 -129.06 -89.14 48.12
C ILE F 870 -129.20 -89.80 46.75
N ARG F 871 -128.97 -91.11 46.70
CA ARG F 871 -128.99 -91.84 45.45
C ARG F 871 -130.38 -91.87 44.81
N GLU F 872 -131.43 -91.59 45.57
CA GLU F 872 -132.78 -91.86 45.08
C GLU F 872 -133.47 -90.60 44.54
N LYS F 873 -133.55 -89.54 45.33
CA LYS F 873 -134.30 -88.36 44.91
C LYS F 873 -133.70 -87.75 43.65
N LEU F 874 -132.37 -87.65 43.59
CA LEU F 874 -131.71 -87.20 42.37
C LEU F 874 -131.91 -88.16 41.21
N ALA F 875 -132.34 -89.40 41.47
CA ALA F 875 -132.73 -90.33 40.43
C ALA F 875 -134.22 -90.24 40.14
N GLU F 876 -135.03 -90.16 41.19
CA GLU F 876 -136.48 -90.05 41.02
C GLU F 876 -136.86 -88.80 40.25
N ASN F 877 -136.08 -87.74 40.35
CA ASN F 877 -136.42 -86.48 39.70
C ASN F 877 -136.01 -86.44 38.23
N ILE F 878 -135.31 -87.46 37.74
CA ILE F 878 -134.93 -87.50 36.33
C ILE F 878 -135.46 -88.79 35.70
N HIS F 879 -136.49 -89.37 36.31
CA HIS F 879 -137.11 -90.57 35.74
C HIS F 879 -138.20 -90.24 34.74
N GLU F 880 -138.89 -89.12 34.89
CA GLU F 880 -139.84 -88.67 33.88
C GLU F 880 -139.76 -87.17 33.66
N LEU F 881 -138.61 -86.55 33.93
CA LEU F 881 -138.48 -85.11 33.76
C LEU F 881 -138.65 -84.73 32.29
N TRP F 882 -138.11 -85.55 31.39
CA TRP F 882 -138.34 -85.35 29.97
C TRP F 882 -139.80 -85.51 29.59
N ALA F 883 -140.59 -86.12 30.47
CA ALA F 883 -142.00 -86.34 30.21
C ALA F 883 -142.89 -85.17 30.62
N LEU F 884 -142.38 -84.26 31.45
CA LEU F 884 -143.22 -83.20 31.99
C LEU F 884 -143.63 -82.18 30.92
N THR F 885 -142.76 -81.93 29.94
CA THR F 885 -143.00 -80.86 28.99
C THR F 885 -144.26 -81.11 28.15
N ARG F 886 -144.47 -82.35 27.73
CA ARG F 886 -145.46 -82.71 26.73
C ARG F 886 -146.79 -83.22 27.28
N ILE F 887 -146.97 -83.23 28.60
CA ILE F 887 -148.25 -83.66 29.13
C ILE F 887 -149.30 -82.60 28.81
N GLU F 888 -150.55 -83.04 28.68
CA GLU F 888 -151.67 -82.19 28.25
C GLU F 888 -151.46 -81.65 26.84
N GLN F 889 -150.73 -82.39 26.01
CA GLN F 889 -150.53 -82.06 24.60
C GLN F 889 -150.90 -83.26 23.74
N GLY F 890 -150.54 -83.22 22.46
CA GLY F 890 -150.70 -84.40 21.62
C GLY F 890 -149.93 -85.60 22.14
N TRP F 891 -148.84 -85.35 22.87
CA TRP F 891 -148.08 -86.42 23.51
C TRP F 891 -148.53 -86.54 24.97
N THR F 892 -149.79 -86.91 25.14
CA THR F 892 -150.40 -87.09 26.46
C THR F 892 -150.59 -88.59 26.69
N TYR F 893 -150.15 -89.05 27.86
CA TYR F 893 -150.07 -90.47 28.13
C TYR F 893 -151.44 -91.14 28.07
N GLY F 894 -151.42 -92.46 27.94
CA GLY F 894 -152.62 -93.25 27.95
C GLY F 894 -152.39 -94.58 28.62
N PRO F 895 -153.40 -95.08 29.34
CA PRO F 895 -153.23 -96.35 30.06
C PRO F 895 -152.94 -97.53 29.15
N VAL F 896 -153.39 -97.48 27.90
CA VAL F 896 -153.19 -98.61 26.99
C VAL F 896 -151.72 -98.74 26.61
N ARG F 897 -151.02 -97.62 26.44
CA ARG F 897 -149.65 -97.63 25.95
C ARG F 897 -148.69 -97.19 27.05
N ASP F 898 -147.42 -97.05 26.68
CA ASP F 898 -146.35 -96.69 27.60
C ASP F 898 -145.44 -95.70 26.89
N ASP F 899 -144.22 -95.52 27.40
CA ASP F 899 -143.27 -94.59 26.81
C ASP F 899 -143.01 -94.94 25.35
N ASN F 900 -142.53 -93.94 24.60
CA ASN F 900 -142.09 -94.07 23.21
C ASN F 900 -143.24 -94.37 22.25
N LYS F 901 -144.49 -94.14 22.66
CA LYS F 901 -145.66 -94.44 21.85
C LYS F 901 -146.42 -93.17 21.47
N ARG F 902 -145.71 -92.07 21.25
CA ARG F 902 -146.28 -90.77 20.92
C ARG F 902 -147.23 -90.25 22.00
N LEU F 903 -147.31 -90.96 23.11
CA LEU F 903 -148.08 -90.59 24.30
C LEU F 903 -147.23 -90.91 25.52
N HIS F 904 -145.96 -90.55 25.44
CA HIS F 904 -144.89 -91.01 26.31
C HIS F 904 -145.09 -90.81 27.82
N PRO F 905 -145.57 -89.63 28.31
CA PRO F 905 -145.21 -89.19 29.67
C PRO F 905 -145.16 -90.25 30.77
N CYS F 906 -146.25 -90.94 31.03
CA CYS F 906 -146.33 -91.95 32.08
C CYS F 906 -145.72 -91.42 33.38
N LEU F 907 -146.36 -90.37 33.90
CA LEU F 907 -145.84 -89.66 35.07
C LEU F 907 -145.98 -90.44 36.36
N VAL F 908 -146.64 -91.59 36.35
CA VAL F 908 -147.01 -92.27 37.59
C VAL F 908 -145.77 -92.58 38.42
N ASN F 909 -144.90 -93.43 37.90
CA ASN F 909 -143.68 -93.84 38.60
C ASN F 909 -142.86 -94.70 37.65
N PHE F 910 -141.62 -94.97 38.05
CA PHE F 910 -140.73 -95.85 37.33
C PHE F 910 -140.93 -97.32 37.68
N HIS F 911 -141.72 -97.62 38.72
CA HIS F 911 -142.09 -99.01 38.98
C HIS F 911 -142.96 -99.57 37.87
N SER F 912 -143.91 -98.77 37.37
CA SER F 912 -144.68 -99.20 36.22
C SER F 912 -143.80 -99.35 34.98
N LEU F 913 -142.77 -98.54 34.87
CA LEU F 913 -141.84 -98.59 33.76
C LEU F 913 -140.92 -99.80 33.90
N PRO F 914 -140.33 -100.26 32.80
CA PRO F 914 -139.51 -101.48 32.85
C PRO F 914 -138.37 -101.36 33.86
N GLU F 915 -138.14 -102.45 34.59
CA GLU F 915 -137.15 -102.54 35.66
C GLU F 915 -135.73 -102.28 35.19
N PRO F 916 -135.25 -102.87 34.07
CA PRO F 916 -133.85 -102.65 33.68
C PRO F 916 -133.55 -101.19 33.42
N GLU F 917 -134.35 -100.53 32.57
CA GLU F 917 -134.15 -99.11 32.35
C GLU F 917 -134.43 -98.31 33.61
N ARG F 918 -135.26 -98.83 34.51
CA ARG F 918 -135.55 -98.15 35.78
C ARG F 918 -134.28 -98.03 36.63
N ASN F 919 -133.74 -99.16 37.07
CA ASN F 919 -132.51 -99.08 37.85
C ASN F 919 -131.35 -98.54 37.03
N TYR F 920 -131.43 -98.64 35.71
CA TYR F 920 -130.48 -97.94 34.85
C TYR F 920 -130.57 -96.43 35.05
N ASN F 921 -131.79 -95.90 35.16
CA ASN F 921 -131.95 -94.46 35.40
C ASN F 921 -131.45 -94.10 36.80
N LEU F 922 -131.70 -94.94 37.78
CA LEU F 922 -131.13 -94.72 39.11
C LEU F 922 -129.61 -94.60 39.02
N GLN F 923 -128.96 -95.58 38.38
CA GLN F 923 -127.52 -95.56 38.32
C GLN F 923 -126.98 -94.60 37.27
N MET F 924 -127.82 -94.04 36.38
CA MET F 924 -127.44 -92.87 35.60
C MET F 924 -127.44 -91.60 36.41
N SER F 925 -128.38 -91.41 37.32
CA SER F 925 -128.26 -90.30 38.27
C SER F 925 -127.01 -90.47 39.10
N GLY F 926 -126.75 -91.69 39.56
CA GLY F 926 -125.48 -91.98 40.20
C GLY F 926 -124.31 -91.73 39.28
N GLU F 927 -124.45 -92.02 37.99
CA GLU F 927 -123.39 -91.82 37.02
C GLU F 927 -123.08 -90.35 36.83
N THR F 928 -124.12 -89.50 36.79
CA THR F 928 -123.90 -88.07 36.77
C THR F 928 -123.20 -87.61 38.04
N LEU F 929 -123.59 -88.12 39.19
CA LEU F 929 -122.84 -87.84 40.41
C LEU F 929 -121.41 -88.37 40.34
N LYS F 930 -121.19 -89.48 39.63
CA LYS F 930 -119.84 -90.01 39.47
C LYS F 930 -119.00 -89.11 38.59
N THR F 931 -119.61 -88.53 37.56
CA THR F 931 -118.94 -87.50 36.80
C THR F 931 -118.61 -86.31 37.69
N LEU F 932 -119.53 -86.00 38.61
CA LEU F 932 -119.28 -84.93 39.57
C LEU F 932 -118.07 -85.25 40.44
N LEU F 933 -117.95 -86.51 40.85
CA LEU F 933 -116.77 -86.93 41.62
C LEU F 933 -115.50 -86.77 40.81
N ALA F 934 -115.47 -87.34 39.60
CA ALA F 934 -114.25 -87.30 38.80
C ALA F 934 -113.88 -85.88 38.43
N LEU F 935 -114.87 -84.99 38.29
CA LEU F 935 -114.58 -83.60 37.99
C LEU F 935 -113.98 -82.87 39.19
N GLY F 936 -114.41 -83.22 40.40
CA GLY F 936 -113.96 -82.50 41.57
C GLY F 936 -115.08 -81.80 42.32
N CYS F 937 -116.27 -82.39 42.28
CA CYS F 937 -117.43 -81.87 42.99
C CYS F 937 -117.69 -82.73 44.21
N HIS F 938 -117.85 -82.09 45.37
CA HIS F 938 -118.13 -82.76 46.63
C HIS F 938 -119.27 -82.03 47.33
N VAL F 939 -119.99 -82.76 48.18
CA VAL F 939 -121.27 -82.27 48.71
C VAL F 939 -121.17 -82.08 50.21
N GLY F 940 -121.92 -81.10 50.72
CA GLY F 940 -122.00 -80.87 52.15
C GLY F 940 -123.36 -80.31 52.53
N MET F 941 -123.89 -80.81 53.65
CA MET F 941 -125.25 -80.52 54.10
C MET F 941 -125.20 -79.56 55.27
N ALA F 942 -125.90 -78.42 55.15
CA ALA F 942 -125.96 -77.45 56.23
C ALA F 942 -127.38 -77.20 56.74
N ASP F 943 -128.30 -76.77 55.88
CA ASP F 943 -129.49 -76.06 56.34
C ASP F 943 -130.66 -77.01 56.55
N GLU F 944 -131.86 -76.43 56.70
CA GLU F 944 -133.08 -77.21 56.88
C GLU F 944 -133.26 -78.19 55.74
N LYS F 945 -133.68 -79.40 56.07
CA LYS F 945 -133.81 -80.44 55.06
C LYS F 945 -134.90 -80.06 54.08
N ALA F 946 -134.53 -79.98 52.80
CA ALA F 946 -135.49 -79.59 51.77
C ALA F 946 -136.66 -80.56 51.68
N GLU F 947 -136.46 -81.81 52.11
CA GLU F 947 -137.55 -82.79 52.10
C GLU F 947 -138.77 -82.26 52.86
N ASP F 948 -138.53 -81.54 53.96
CA ASP F 948 -139.64 -80.99 54.74
C ASP F 948 -140.34 -79.86 54.00
N ASN F 949 -139.57 -78.90 53.49
CA ASN F 949 -140.14 -77.65 52.99
C ASN F 949 -140.36 -77.72 51.48
N LEU F 950 -140.34 -78.93 50.91
CA LEU F 950 -140.69 -79.22 49.52
C LEU F 950 -142.01 -79.98 49.50
N LYS F 951 -142.79 -79.79 48.43
CA LYS F 951 -144.07 -80.48 48.28
C LYS F 951 -144.29 -80.82 46.81
N LYS F 952 -145.18 -81.78 46.58
CA LYS F 952 -145.59 -82.17 45.24
C LYS F 952 -146.89 -81.48 44.88
N THR F 953 -146.94 -80.93 43.67
CA THR F 953 -148.05 -80.09 43.22
C THR F 953 -148.82 -80.81 42.11
N LYS F 954 -150.02 -81.28 42.44
CA LYS F 954 -150.92 -81.85 41.43
C LYS F 954 -151.55 -80.68 40.66
N LEU F 955 -150.83 -80.24 39.64
CA LEU F 955 -151.28 -79.11 38.84
C LEU F 955 -152.51 -79.51 38.03
N PRO F 956 -153.35 -78.54 37.65
CA PRO F 956 -154.42 -78.83 36.68
C PRO F 956 -153.85 -79.38 35.38
N LYS F 957 -152.73 -78.82 34.94
CA LYS F 957 -151.96 -79.45 33.87
C LYS F 957 -151.27 -80.69 34.41
N THR F 958 -150.90 -81.59 33.51
CA THR F 958 -150.30 -82.88 33.82
C THR F 958 -151.24 -83.78 34.60
N TYR F 959 -152.55 -83.55 34.52
CA TYR F 959 -153.51 -84.45 35.14
C TYR F 959 -153.69 -85.69 34.26
N MET F 960 -153.64 -86.87 34.89
CA MET F 960 -153.77 -88.12 34.18
C MET F 960 -154.72 -89.06 34.89
N MET F 961 -155.27 -89.99 34.12
CA MET F 961 -156.24 -90.97 34.62
C MET F 961 -155.59 -92.24 35.13
N SER F 962 -154.35 -92.51 34.74
CA SER F 962 -153.66 -93.74 35.13
C SER F 962 -153.05 -93.55 36.50
N ASN F 963 -153.73 -94.08 37.53
CA ASN F 963 -153.22 -94.15 38.89
C ASN F 963 -152.83 -92.76 39.41
N GLY F 964 -153.76 -91.83 39.33
CA GLY F 964 -153.57 -90.50 39.86
C GLY F 964 -152.65 -89.64 39.00
N TYR F 965 -152.60 -88.36 39.35
CA TYR F 965 -151.81 -87.38 38.63
C TYR F 965 -150.77 -86.76 39.54
N LYS F 966 -149.59 -86.50 38.98
CA LYS F 966 -148.47 -85.94 39.72
C LYS F 966 -147.52 -85.32 38.71
N PRO F 967 -146.62 -84.43 39.14
CA PRO F 967 -145.55 -84.00 38.24
C PRO F 967 -144.75 -85.20 37.77
N ALA F 968 -144.41 -85.22 36.48
CA ALA F 968 -143.67 -86.34 35.91
C ALA F 968 -142.32 -86.56 36.58
N PRO F 969 -141.47 -85.54 36.75
CA PRO F 969 -140.31 -85.72 37.64
C PRO F 969 -140.73 -85.47 39.08
N LEU F 970 -139.78 -85.49 40.00
CA LEU F 970 -140.10 -85.15 41.39
C LEU F 970 -140.17 -83.63 41.53
N ASP F 971 -141.20 -83.15 42.22
CA ASP F 971 -141.47 -81.73 42.28
C ASP F 971 -140.40 -81.00 43.10
N LEU F 972 -140.32 -79.69 42.91
CA LEU F 972 -139.35 -78.87 43.61
C LEU F 972 -139.90 -77.46 43.75
N SER F 973 -139.55 -76.82 44.86
CA SER F 973 -139.98 -75.46 45.15
C SER F 973 -138.93 -74.46 44.72
N HIS F 974 -139.09 -73.21 45.14
CA HIS F 974 -138.13 -72.14 44.87
C HIS F 974 -136.71 -72.53 45.28
N VAL F 975 -135.84 -72.65 44.27
CA VAL F 975 -134.44 -73.04 44.44
C VAL F 975 -133.63 -72.32 43.37
N ARG F 976 -132.41 -71.91 43.73
CA ARG F 976 -131.57 -71.15 42.83
C ARG F 976 -130.22 -71.85 42.67
N LEU F 977 -129.38 -71.31 41.79
CA LEU F 977 -128.09 -71.93 41.46
C LEU F 977 -127.05 -70.83 41.23
N THR F 978 -125.88 -71.00 41.81
CA THR F 978 -124.80 -70.03 41.67
C THR F 978 -124.04 -70.28 40.37
N PRO F 979 -123.26 -69.30 39.90
CA PRO F 979 -122.52 -69.49 38.64
C PRO F 979 -121.60 -70.69 38.64
N ALA F 980 -121.02 -71.05 39.79
CA ALA F 980 -120.23 -72.27 39.88
C ALA F 980 -121.03 -73.45 39.37
N GLN F 981 -122.30 -73.54 39.76
CA GLN F 981 -123.17 -74.60 39.27
C GLN F 981 -123.41 -74.48 37.77
N THR F 982 -123.45 -73.26 37.23
CA THR F 982 -123.65 -73.11 35.79
C THR F 982 -122.47 -73.69 35.01
N THR F 983 -121.26 -73.31 35.41
CA THR F 983 -120.08 -73.88 34.74
C THR F 983 -120.02 -75.39 34.93
N LEU F 984 -120.32 -75.84 36.16
CA LEU F 984 -120.25 -77.27 36.44
C LEU F 984 -121.27 -78.05 35.62
N VAL F 985 -122.49 -77.52 35.48
CA VAL F 985 -123.47 -78.24 34.68
C VAL F 985 -123.11 -78.19 33.21
N ASP F 986 -122.44 -77.12 32.77
CA ASP F 986 -121.99 -77.08 31.38
C ASP F 986 -121.01 -78.21 31.10
N ARG F 987 -119.96 -78.34 31.91
CA ARG F 987 -119.00 -79.40 31.65
C ARG F 987 -119.57 -80.78 32.01
N LEU F 988 -120.54 -80.82 32.91
CA LEU F 988 -121.22 -82.07 33.20
C LEU F 988 -122.01 -82.57 32.01
N ALA F 989 -122.70 -81.66 31.32
CA ALA F 989 -123.39 -82.04 30.09
C ALA F 989 -122.41 -82.40 28.98
N GLU F 990 -121.28 -81.69 28.92
CA GLU F 990 -120.24 -82.05 27.97
C GLU F 990 -119.80 -83.50 28.15
N ASN F 991 -119.57 -83.90 29.40
CA ASN F 991 -119.10 -85.25 29.62
C ASN F 991 -120.19 -86.28 29.44
N GLY F 992 -121.44 -85.88 29.34
CA GLY F 992 -122.48 -86.83 28.98
C GLY F 992 -122.49 -87.03 27.48
N HIS F 993 -122.46 -85.92 26.76
CA HIS F 993 -122.44 -85.97 25.30
C HIS F 993 -121.24 -86.74 24.79
N ASN F 994 -120.07 -86.49 25.36
CA ASN F 994 -118.85 -87.09 24.84
C ASN F 994 -118.72 -88.56 25.17
N VAL F 995 -119.38 -89.05 26.21
CA VAL F 995 -119.40 -90.48 26.49
C VAL F 995 -120.37 -91.12 25.52
N TRP F 996 -121.50 -90.45 25.29
CA TRP F 996 -122.47 -90.97 24.35
C TRP F 996 -121.88 -91.07 22.94
N ALA F 997 -121.20 -90.02 22.49
CA ALA F 997 -120.61 -90.01 21.17
C ALA F 997 -119.52 -91.05 21.04
N ARG F 998 -118.70 -91.20 22.08
CA ARG F 998 -117.67 -92.23 22.07
C ARG F 998 -118.29 -93.60 21.90
N ASP F 999 -119.36 -93.88 22.63
CA ASP F 999 -120.00 -95.18 22.53
C ASP F 999 -120.56 -95.39 21.13
N ARG F 1000 -121.24 -94.38 20.59
CA ARG F 1000 -121.82 -94.52 19.26
C ARG F 1000 -120.74 -94.78 18.22
N VAL F 1001 -119.62 -94.08 18.31
CA VAL F 1001 -118.52 -94.32 17.38
C VAL F 1001 -118.02 -95.74 17.53
N ALA F 1002 -117.86 -96.19 18.78
CA ALA F 1002 -117.43 -97.56 18.99
C ALA F 1002 -118.42 -98.57 18.43
N GLN F 1003 -119.67 -98.19 18.21
CA GLN F 1003 -120.57 -99.04 17.46
C GLN F 1003 -120.57 -98.74 15.97
N GLY F 1004 -119.59 -97.97 15.49
CA GLY F 1004 -119.37 -97.75 14.08
C GLY F 1004 -119.92 -96.45 13.54
N TRP F 1005 -120.85 -95.82 14.24
CA TRP F 1005 -121.52 -94.63 13.75
C TRP F 1005 -120.54 -93.50 13.44
N SER F 1006 -120.99 -92.51 12.67
CA SER F 1006 -120.17 -91.35 12.36
C SER F 1006 -121.05 -90.15 12.12
N TYR F 1007 -120.45 -89.03 11.77
CA TYR F 1007 -121.16 -87.78 11.61
C TYR F 1007 -121.67 -87.59 10.19
N SER F 1008 -122.84 -86.98 10.07
CA SER F 1008 -123.34 -86.55 8.78
C SER F 1008 -124.40 -85.50 9.02
N ALA F 1009 -124.32 -84.37 8.33
CA ALA F 1009 -125.28 -83.31 8.53
C ALA F 1009 -126.69 -83.75 8.21
N VAL F 1010 -126.85 -84.82 7.45
CA VAL F 1010 -128.15 -85.43 7.19
C VAL F 1010 -128.14 -86.80 7.86
N GLN F 1011 -129.21 -87.09 8.60
CA GLN F 1011 -129.24 -88.30 9.39
C GLN F 1011 -129.55 -89.51 8.53
N ASP F 1012 -128.76 -90.58 8.70
CA ASP F 1012 -128.95 -91.86 8.01
C ASP F 1012 -128.82 -92.96 9.08
N ILE F 1013 -129.95 -93.39 9.61
CA ILE F 1013 -129.94 -94.43 10.65
C ILE F 1013 -129.46 -95.76 10.08
N PRO F 1014 -130.03 -96.28 8.98
CA PRO F 1014 -129.51 -97.57 8.46
C PRO F 1014 -128.06 -97.49 8.02
N ALA F 1015 -127.59 -96.33 7.58
CA ALA F 1015 -126.17 -96.14 7.31
C ALA F 1015 -125.39 -95.77 8.55
N ARG F 1016 -126.06 -95.63 9.70
CA ARG F 1016 -125.42 -95.46 11.00
C ARG F 1016 -124.60 -94.16 11.05
N ARG F 1017 -125.26 -93.07 10.68
CA ARG F 1017 -124.64 -91.75 10.75
C ARG F 1017 -125.63 -90.78 11.37
N ASN F 1018 -125.12 -89.82 12.13
CA ASN F 1018 -125.92 -88.94 12.96
C ASN F 1018 -125.45 -87.51 12.76
N PRO F 1019 -126.35 -86.53 12.87
CA PRO F 1019 -125.91 -85.13 12.85
C PRO F 1019 -125.38 -84.62 14.18
N ARG F 1020 -125.31 -85.45 15.21
CA ARG F 1020 -124.88 -85.01 16.52
C ARG F 1020 -123.66 -85.76 17.02
N LEU F 1021 -123.07 -86.63 16.22
CA LEU F 1021 -121.82 -87.24 16.62
C LEU F 1021 -120.67 -86.28 16.42
N VAL F 1022 -120.64 -85.22 17.21
CA VAL F 1022 -119.46 -84.36 17.32
C VAL F 1022 -119.20 -84.07 18.78
N PRO F 1023 -117.95 -83.77 19.11
CA PRO F 1023 -117.65 -83.36 20.48
C PRO F 1023 -118.47 -82.14 20.85
N TYR F 1024 -118.76 -82.01 22.15
CA TYR F 1024 -119.65 -80.97 22.63
C TYR F 1024 -119.24 -79.61 22.13
N ARG F 1025 -117.94 -79.34 22.07
CA ARG F 1025 -117.49 -78.03 21.66
C ARG F 1025 -117.93 -77.67 20.25
N LEU F 1026 -118.23 -78.67 19.43
CA LEU F 1026 -118.63 -78.46 18.05
C LEU F 1026 -120.13 -78.59 17.84
N LEU F 1027 -120.87 -79.02 18.86
CA LEU F 1027 -122.31 -79.16 18.76
C LEU F 1027 -122.94 -77.79 18.54
N ASP F 1028 -124.23 -77.78 18.24
CA ASP F 1028 -124.97 -76.54 18.02
C ASP F 1028 -125.56 -76.06 19.33
N GLU F 1029 -125.87 -74.76 19.38
CA GLU F 1029 -126.35 -74.17 20.63
C GLU F 1029 -127.70 -74.73 21.04
N ALA F 1030 -128.56 -75.08 20.07
CA ALA F 1030 -129.84 -75.68 20.40
C ALA F 1030 -129.66 -76.98 21.17
N THR F 1031 -128.84 -77.88 20.64
CA THR F 1031 -128.62 -79.15 21.32
C THR F 1031 -127.81 -78.97 22.59
N LYS F 1032 -126.84 -78.05 22.60
CA LYS F 1032 -126.12 -77.76 23.83
C LYS F 1032 -127.10 -77.38 24.93
N ARG F 1033 -128.02 -76.47 24.63
CA ARG F 1033 -129.01 -76.04 25.61
C ARG F 1033 -129.94 -77.17 26.02
N SER F 1034 -130.36 -77.98 25.05
CA SER F 1034 -131.27 -79.08 25.36
C SER F 1034 -130.60 -80.08 26.30
N ASN F 1035 -129.32 -80.38 26.08
CA ASN F 1035 -128.61 -81.23 27.03
C ASN F 1035 -128.46 -80.56 28.38
N ARG F 1036 -128.12 -79.27 28.38
CA ARG F 1036 -127.86 -78.58 29.64
C ARG F 1036 -129.10 -78.48 30.50
N ASP F 1037 -130.28 -78.48 29.89
CA ASP F 1037 -131.51 -78.32 30.66
C ASP F 1037 -131.69 -79.46 31.66
N SER F 1038 -131.49 -80.70 31.20
CA SER F 1038 -131.73 -81.85 32.07
C SER F 1038 -130.79 -81.84 33.27
N LEU F 1039 -129.49 -81.71 33.03
CA LEU F 1039 -128.56 -81.74 34.15
C LEU F 1039 -128.63 -80.46 34.97
N CYS F 1040 -129.10 -79.35 34.40
CA CYS F 1040 -129.37 -78.19 35.23
C CYS F 1040 -130.50 -78.47 36.20
N GLN F 1041 -131.55 -79.15 35.74
CA GLN F 1041 -132.61 -79.55 36.65
C GLN F 1041 -132.08 -80.48 37.73
N ALA F 1042 -131.22 -81.43 37.34
CA ALA F 1042 -130.66 -82.37 38.31
C ALA F 1042 -129.86 -81.63 39.38
N VAL F 1043 -128.94 -80.77 38.97
CA VAL F 1043 -128.11 -80.06 39.94
C VAL F 1043 -128.95 -79.09 40.75
N ARG F 1044 -130.04 -78.58 40.18
CA ARG F 1044 -130.96 -77.74 40.93
C ARG F 1044 -131.61 -78.54 42.05
N THR F 1045 -132.08 -79.73 41.73
CA THR F 1045 -132.70 -80.60 42.73
C THR F 1045 -131.68 -80.97 43.81
N LEU F 1046 -130.43 -81.18 43.41
CA LEU F 1046 -129.38 -81.44 44.39
C LEU F 1046 -129.16 -80.23 45.28
N LEU F 1047 -129.14 -79.03 44.71
CA LEU F 1047 -128.88 -77.83 45.49
C LEU F 1047 -129.99 -77.57 46.49
N GLY F 1048 -131.23 -77.88 46.11
CA GLY F 1048 -132.34 -77.67 47.03
C GLY F 1048 -132.13 -78.39 48.34
N TYR F 1049 -131.58 -79.61 48.28
CA TYR F 1049 -131.28 -80.39 49.48
C TYR F 1049 -130.08 -79.86 50.24
N GLY F 1050 -129.50 -78.73 49.80
CA GLY F 1050 -128.46 -78.07 50.56
C GLY F 1050 -127.08 -78.64 50.41
N TYR F 1051 -126.90 -79.68 49.61
CA TYR F 1051 -125.59 -80.29 49.47
C TYR F 1051 -124.75 -79.43 48.54
N ASN F 1052 -123.57 -79.03 49.01
CA ASN F 1052 -122.76 -78.06 48.30
C ASN F 1052 -122.29 -78.62 46.96
N ILE F 1053 -122.25 -77.75 45.96
CA ILE F 1053 -121.66 -78.08 44.67
C ILE F 1053 -120.27 -77.47 44.65
N GLU F 1054 -119.26 -78.27 44.88
CA GLU F 1054 -117.94 -77.70 45.06
C GLU F 1054 -117.23 -77.57 43.73
N PRO F 1055 -116.85 -76.36 43.33
CA PRO F 1055 -116.03 -76.21 42.13
C PRO F 1055 -114.70 -76.90 42.32
N PRO F 1056 -114.14 -77.49 41.27
CA PRO F 1056 -112.80 -78.07 41.36
C PRO F 1056 -111.75 -76.98 41.29
N ASP F 1057 -110.50 -77.42 41.40
CA ASP F 1057 -109.38 -76.49 41.24
C ASP F 1057 -109.31 -76.01 39.80
N GLN F 1058 -108.71 -74.84 39.61
CA GLN F 1058 -108.60 -74.23 38.30
C GLN F 1058 -107.18 -74.43 37.76
N GLU F 1059 -107.08 -75.00 36.57
CA GLU F 1059 -105.81 -75.23 35.91
C GLU F 1059 -105.79 -74.54 34.56
N PRO F 1060 -104.93 -73.54 34.36
CA PRO F 1060 -104.85 -72.88 33.06
C PRO F 1060 -104.12 -73.74 32.04
N SER F 1061 -104.77 -73.94 30.89
CA SER F 1061 -104.23 -74.79 29.84
C SER F 1061 -104.35 -74.09 28.49
N GLN F 1062 -103.42 -74.40 27.61
CA GLN F 1062 -103.41 -73.87 26.24
C GLN F 1062 -103.60 -75.03 25.28
N VAL F 1063 -104.53 -74.87 24.33
CA VAL F 1063 -104.85 -75.95 23.41
C VAL F 1063 -103.66 -76.26 22.51
N GLU F 1064 -103.07 -75.23 21.91
CA GLU F 1064 -101.91 -75.35 21.04
C GLU F 1064 -100.80 -74.49 21.61
N ASN F 1065 -99.62 -75.07 21.80
CA ASN F 1065 -98.49 -74.37 22.41
C ASN F 1065 -97.26 -74.33 21.52
N GLN F 1066 -97.02 -75.37 20.72
CA GLN F 1066 -95.78 -75.46 19.95
C GLN F 1066 -95.63 -74.28 19.00
N SER F 1067 -96.68 -74.01 18.21
CA SER F 1067 -96.61 -72.95 17.20
C SER F 1067 -96.96 -71.60 17.83
N ARG F 1068 -96.00 -71.07 18.59
CA ARG F 1068 -96.15 -69.73 19.15
C ARG F 1068 -96.06 -68.66 18.07
N TRP F 1069 -95.54 -69.02 16.89
CA TRP F 1069 -95.31 -68.03 15.84
C TRP F 1069 -96.52 -67.88 14.94
N ASP F 1070 -97.28 -68.95 14.73
CA ASP F 1070 -98.55 -68.85 14.00
C ASP F 1070 -99.62 -68.30 14.94
N ARG F 1071 -99.31 -67.16 15.51
CA ARG F 1071 -100.19 -66.45 16.41
C ARG F 1071 -100.38 -64.99 16.05
N VAL F 1072 -99.34 -64.31 15.59
CA VAL F 1072 -99.36 -62.87 15.43
C VAL F 1072 -98.84 -62.52 14.04
N ARG F 1073 -99.57 -61.67 13.33
CA ARG F 1073 -99.10 -61.11 12.08
C ARG F 1073 -98.78 -59.65 12.29
N ILE F 1074 -97.59 -59.24 11.87
CA ILE F 1074 -97.12 -57.88 12.06
C ILE F 1074 -97.01 -57.23 10.69
N PHE F 1075 -97.82 -56.21 10.45
CA PHE F 1075 -97.79 -55.45 9.22
C PHE F 1075 -97.13 -54.11 9.51
N ARG F 1076 -96.06 -53.82 8.81
CA ARG F 1076 -95.36 -52.57 8.99
C ARG F 1076 -95.23 -51.89 7.63
N ALA F 1077 -95.05 -50.58 7.66
CA ALA F 1077 -94.76 -49.90 6.41
C ALA F 1077 -93.36 -50.27 5.94
N GLU F 1078 -93.08 -50.00 4.68
CA GLU F 1078 -91.76 -50.28 4.15
C GLU F 1078 -90.72 -49.40 4.81
N LYS F 1079 -89.48 -49.88 4.85
CA LYS F 1079 -88.41 -49.09 5.47
C LYS F 1079 -88.17 -47.78 4.75
N SER F 1080 -88.55 -47.69 3.48
CA SER F 1080 -88.31 -46.46 2.72
C SER F 1080 -89.16 -45.30 3.19
N TYR F 1081 -90.15 -45.55 4.03
CA TYR F 1081 -91.04 -44.50 4.54
C TYR F 1081 -90.67 -44.05 5.93
N THR F 1082 -89.53 -44.50 6.45
CA THR F 1082 -89.16 -44.18 7.82
C THR F 1082 -89.07 -42.68 8.01
N VAL F 1083 -89.61 -42.19 9.12
CA VAL F 1083 -89.65 -40.77 9.41
C VAL F 1083 -88.64 -40.47 10.49
N GLN F 1084 -87.89 -39.40 10.31
CA GLN F 1084 -86.89 -38.95 11.26
C GLN F 1084 -87.17 -37.55 11.77
N SER F 1085 -88.28 -36.95 11.37
CA SER F 1085 -88.61 -35.59 11.76
C SER F 1085 -90.07 -35.34 11.44
N GLY F 1086 -90.53 -34.16 11.81
CA GLY F 1086 -91.91 -33.80 11.56
C GLY F 1086 -92.84 -34.38 12.59
N ARG F 1087 -94.13 -34.15 12.37
CA ARG F 1087 -95.18 -34.65 13.23
C ARG F 1087 -96.18 -35.40 12.38
N TRP F 1088 -96.39 -36.68 12.70
CA TRP F 1088 -97.10 -37.58 11.81
C TRP F 1088 -98.27 -38.24 12.54
N TYR F 1089 -99.18 -38.80 11.75
CA TYR F 1089 -100.43 -39.30 12.26
C TYR F 1089 -100.93 -40.42 11.35
N PHE F 1090 -101.61 -41.39 11.95
CA PHE F 1090 -102.22 -42.46 11.18
C PHE F 1090 -103.24 -43.18 12.06
N GLU F 1091 -104.27 -43.73 11.43
CA GLU F 1091 -105.37 -44.31 12.17
C GLU F 1091 -105.40 -45.82 11.99
N PHE F 1092 -106.02 -46.50 12.94
CA PHE F 1092 -106.14 -47.95 12.93
C PHE F 1092 -107.46 -48.31 13.57
N GLU F 1093 -108.38 -48.85 12.79
CA GLU F 1093 -109.69 -49.19 13.28
C GLU F 1093 -109.72 -50.63 13.71
N ALA F 1094 -110.16 -50.87 14.94
CA ALA F 1094 -110.24 -52.19 15.53
C ALA F 1094 -111.59 -52.79 15.18
N VAL F 1095 -111.62 -53.61 14.13
CA VAL F 1095 -112.87 -54.21 13.70
C VAL F 1095 -113.37 -55.21 14.73
N THR F 1096 -112.46 -55.98 15.33
CA THR F 1096 -112.81 -56.92 16.38
C THR F 1096 -111.95 -56.65 17.60
N THR F 1097 -112.58 -56.28 18.71
CA THR F 1097 -111.87 -56.11 19.96
C THR F 1097 -111.18 -57.42 20.33
N GLY F 1098 -109.87 -57.41 20.31
CA GLY F 1098 -109.10 -58.61 20.53
C GLY F 1098 -107.69 -58.20 20.85
N GLU F 1099 -106.75 -59.07 20.53
CA GLU F 1099 -105.34 -58.80 20.81
C GLU F 1099 -104.70 -58.21 19.57
N MET F 1100 -104.69 -56.89 19.49
CA MET F 1100 -104.01 -56.18 18.43
C MET F 1100 -103.23 -55.03 19.02
N ARG F 1101 -102.09 -54.74 18.42
CA ARG F 1101 -101.20 -53.67 18.87
C ARG F 1101 -100.89 -52.75 17.72
N VAL F 1102 -100.98 -51.45 17.95
CA VAL F 1102 -100.75 -50.46 16.90
C VAL F 1102 -99.79 -49.41 17.43
N GLY F 1103 -98.86 -48.98 16.59
CA GLY F 1103 -97.94 -47.96 17.05
C GLY F 1103 -96.80 -47.73 16.08
N TRP F 1104 -95.67 -47.31 16.64
CA TRP F 1104 -94.51 -46.95 15.86
C TRP F 1104 -93.38 -47.94 16.10
N ALA F 1105 -92.54 -48.13 15.09
CA ALA F 1105 -91.56 -49.20 15.15
C ALA F 1105 -90.31 -48.80 14.39
N ARG F 1106 -89.16 -49.08 14.99
CA ARG F 1106 -87.91 -48.79 14.33
C ARG F 1106 -87.73 -49.71 13.13
N PRO F 1107 -86.99 -49.28 12.11
CA PRO F 1107 -86.95 -50.04 10.86
C PRO F 1107 -86.50 -51.47 10.99
N GLU F 1108 -85.51 -51.75 11.83
CA GLU F 1108 -84.98 -53.11 11.93
C GLU F 1108 -85.80 -53.98 12.87
N LEU F 1109 -87.10 -53.98 12.67
CA LEU F 1109 -87.99 -54.70 13.55
C LEU F 1109 -87.88 -56.19 13.32
N ARG F 1110 -87.68 -56.94 14.40
CA ARG F 1110 -87.66 -58.39 14.29
C ARG F 1110 -89.07 -58.91 14.00
N PRO F 1111 -89.21 -59.86 13.08
CA PRO F 1111 -90.54 -60.39 12.79
C PRO F 1111 -91.01 -61.45 13.75
N ASP F 1112 -90.20 -61.84 14.73
CA ASP F 1112 -90.53 -62.96 15.60
C ASP F 1112 -90.46 -62.60 17.08
N VAL F 1113 -90.73 -61.34 17.42
CA VAL F 1113 -90.89 -60.91 18.80
C VAL F 1113 -92.16 -60.09 18.89
N GLU F 1114 -92.89 -60.26 19.98
CA GLU F 1114 -94.13 -59.51 20.17
C GLU F 1114 -93.81 -58.02 20.23
N LEU F 1115 -94.66 -57.22 19.63
CA LEU F 1115 -94.39 -55.79 19.53
C LEU F 1115 -94.30 -55.18 20.91
N GLY F 1116 -93.23 -54.45 21.17
CA GLY F 1116 -93.00 -53.82 22.45
C GLY F 1116 -92.24 -54.66 23.44
N ALA F 1117 -92.14 -55.97 23.22
CA ALA F 1117 -91.33 -56.79 24.10
C ALA F 1117 -89.88 -56.36 24.07
N ASP F 1118 -89.36 -56.12 22.87
CA ASP F 1118 -88.00 -55.62 22.70
C ASP F 1118 -88.04 -54.09 22.74
N GLU F 1119 -86.96 -53.44 22.31
CA GLU F 1119 -86.86 -52.00 22.35
C GLU F 1119 -87.08 -51.36 20.99
N LEU F 1120 -87.60 -52.11 20.03
CA LEU F 1120 -87.74 -51.65 18.66
C LEU F 1120 -89.16 -51.19 18.32
N ALA F 1121 -90.02 -51.03 19.32
CA ALA F 1121 -91.39 -50.63 19.02
C ALA F 1121 -92.01 -49.96 20.23
N TYR F 1122 -92.75 -48.89 19.97
CA TYR F 1122 -93.60 -48.24 20.96
C TYR F 1122 -95.02 -48.42 20.48
N VAL F 1123 -95.76 -49.34 21.10
CA VAL F 1123 -97.06 -49.73 20.57
C VAL F 1123 -98.09 -49.72 21.69
N PHE F 1124 -99.36 -49.79 21.28
CA PHE F 1124 -100.49 -49.76 22.19
C PHE F 1124 -101.32 -51.00 21.96
N ASN F 1125 -101.61 -51.73 23.03
CA ASN F 1125 -102.42 -52.93 23.01
C ASN F 1125 -103.79 -52.62 23.59
N GLY F 1126 -104.82 -52.95 22.84
CA GLY F 1126 -106.14 -52.47 23.16
C GLY F 1126 -107.04 -53.49 23.82
N HIS F 1127 -106.63 -54.74 23.90
CA HIS F 1127 -107.47 -55.74 24.55
C HIS F 1127 -107.74 -55.36 26.00
N ARG F 1128 -106.68 -55.11 26.76
CA ARG F 1128 -106.75 -54.29 27.95
C ARG F 1128 -105.71 -53.20 27.73
N GLY F 1129 -106.05 -51.98 28.07
CA GLY F 1129 -105.21 -50.87 27.66
C GLY F 1129 -103.81 -50.98 28.19
N GLN F 1130 -102.83 -51.15 27.29
CA GLN F 1130 -101.46 -51.31 27.76
C GLN F 1130 -100.49 -50.63 26.81
N ARG F 1131 -99.54 -49.93 27.36
CA ARG F 1131 -98.35 -49.54 26.62
C ARG F 1131 -97.47 -50.74 26.41
N TRP F 1132 -96.66 -50.69 25.36
CA TRP F 1132 -95.66 -51.71 25.16
C TRP F 1132 -94.41 -51.06 24.61
N HIS F 1133 -93.36 -51.08 25.43
CA HIS F 1133 -92.00 -50.87 24.98
C HIS F 1133 -91.10 -51.49 26.03
N LEU F 1134 -90.28 -52.46 25.61
CA LEU F 1134 -89.45 -53.24 26.52
C LEU F 1134 -90.27 -53.88 27.61
N GLY F 1135 -91.55 -54.08 27.37
CA GLY F 1135 -92.42 -54.66 28.37
C GLY F 1135 -93.81 -54.04 28.28
N SER F 1136 -94.49 -54.02 29.41
CA SER F 1136 -95.87 -53.57 29.47
C SER F 1136 -96.08 -52.64 30.65
N GLU F 1137 -96.95 -51.65 30.46
CA GLU F 1137 -97.42 -50.77 31.50
C GLU F 1137 -98.87 -50.45 31.22
N PRO F 1138 -99.74 -50.46 32.23
CA PRO F 1138 -101.16 -50.22 32.00
C PRO F 1138 -101.39 -48.77 31.61
N PHE F 1139 -102.10 -48.56 30.51
CA PHE F 1139 -102.21 -47.22 29.96
C PHE F 1139 -103.46 -47.17 29.08
N GLY F 1140 -104.52 -46.56 29.59
CA GLY F 1140 -105.70 -46.27 28.80
C GLY F 1140 -106.74 -47.34 28.91
N ARG F 1141 -107.88 -47.06 28.29
CA ARG F 1141 -109.07 -47.87 28.22
C ARG F 1141 -108.87 -49.01 27.23
N PRO F 1142 -109.69 -50.04 27.31
CA PRO F 1142 -109.73 -51.03 26.24
C PRO F 1142 -110.70 -50.59 25.17
N TRP F 1143 -110.38 -50.88 23.92
CA TRP F 1143 -111.31 -50.54 22.86
C TRP F 1143 -112.46 -51.54 22.79
N GLN F 1144 -113.51 -51.13 22.13
CA GLN F 1144 -114.59 -51.99 21.69
C GLN F 1144 -114.52 -52.13 20.18
N SER F 1145 -115.46 -52.87 19.62
CA SER F 1145 -115.50 -53.03 18.17
C SER F 1145 -115.85 -51.71 17.51
N GLY F 1146 -115.09 -51.34 16.49
CA GLY F 1146 -115.32 -50.11 15.76
C GLY F 1146 -114.53 -48.92 16.25
N ASP F 1147 -113.80 -49.04 17.34
CA ASP F 1147 -113.00 -47.94 17.85
C ASP F 1147 -111.88 -47.62 16.88
N VAL F 1148 -111.48 -46.37 16.83
CA VAL F 1148 -110.45 -45.90 15.91
C VAL F 1148 -109.32 -45.33 16.75
N VAL F 1149 -108.16 -45.98 16.72
CA VAL F 1149 -107.00 -45.54 17.46
C VAL F 1149 -106.14 -44.69 16.53
N GLY F 1150 -105.99 -43.42 16.86
CA GLY F 1150 -105.15 -42.53 16.09
C GLY F 1150 -103.81 -42.35 16.74
N CYS F 1151 -102.78 -42.89 16.12
CA CYS F 1151 -101.43 -42.83 16.65
C CYS F 1151 -100.70 -41.69 15.99
N MET F 1152 -100.04 -40.86 16.79
CA MET F 1152 -99.36 -39.70 16.26
C MET F 1152 -98.02 -39.56 16.98
N ILE F 1153 -97.04 -39.05 16.26
CA ILE F 1153 -95.69 -38.87 16.79
C ILE F 1153 -95.27 -37.43 16.55
N ASP F 1154 -94.56 -36.87 17.51
CA ASP F 1154 -93.96 -35.54 17.40
C ASP F 1154 -92.46 -35.73 17.59
N LEU F 1155 -91.72 -35.73 16.50
CA LEU F 1155 -90.29 -35.95 16.56
C LEU F 1155 -89.52 -34.67 16.84
N THR F 1156 -90.20 -33.53 16.98
CA THR F 1156 -89.54 -32.35 17.51
C THR F 1156 -89.47 -32.40 19.03
N GLU F 1157 -90.58 -32.76 19.66
CA GLU F 1157 -90.61 -32.98 21.10
C GLU F 1157 -90.26 -34.42 21.48
N ASN F 1158 -90.16 -35.32 20.50
CA ASN F 1158 -89.81 -36.71 20.74
C ASN F 1158 -90.82 -37.38 21.68
N THR F 1159 -92.08 -37.40 21.24
CA THR F 1159 -93.15 -37.99 22.02
C THR F 1159 -94.11 -38.75 21.12
N ILE F 1160 -94.85 -39.67 21.72
CA ILE F 1160 -95.86 -40.46 21.04
C ILE F 1160 -97.18 -40.31 21.78
N ILE F 1161 -98.25 -40.07 21.03
CA ILE F 1161 -99.58 -39.91 21.60
C ILE F 1161 -100.52 -40.88 20.91
N PHE F 1162 -101.41 -41.47 21.69
CA PHE F 1162 -102.47 -42.32 21.16
C PHE F 1162 -103.81 -41.74 21.54
N THR F 1163 -104.72 -41.69 20.58
CA THR F 1163 -106.07 -41.22 20.84
C THR F 1163 -107.06 -42.32 20.52
N LEU F 1164 -108.05 -42.49 21.36
CA LEU F 1164 -109.08 -43.48 21.17
C LEU F 1164 -110.38 -42.76 20.88
N ASN F 1165 -110.78 -42.75 19.61
CA ASN F 1165 -111.99 -42.06 19.17
C ASN F 1165 -111.90 -40.56 19.44
N GLY F 1166 -110.79 -39.97 19.03
CA GLY F 1166 -110.62 -38.54 19.12
C GLY F 1166 -110.29 -38.02 20.50
N GLU F 1167 -110.22 -38.88 21.50
CA GLU F 1167 -109.89 -38.49 22.86
C GLU F 1167 -108.51 -39.03 23.18
N VAL F 1168 -107.66 -38.17 23.71
CA VAL F 1168 -106.30 -38.61 24.03
C VAL F 1168 -106.35 -39.59 25.19
N LEU F 1169 -105.66 -40.71 25.04
CA LEU F 1169 -105.49 -41.62 26.16
C LEU F 1169 -104.46 -41.05 27.12
N MET F 1170 -104.78 -41.10 28.40
CA MET F 1170 -103.93 -40.56 29.44
C MET F 1170 -103.46 -41.68 30.36
N SER F 1171 -102.19 -41.65 30.72
CA SER F 1171 -101.71 -42.59 31.71
C SER F 1171 -102.28 -42.24 33.09
N ASP F 1172 -102.03 -43.12 34.05
CA ASP F 1172 -102.53 -42.87 35.39
C ASP F 1172 -101.83 -41.69 36.05
N SER F 1173 -100.56 -41.47 35.72
CA SER F 1173 -99.83 -40.34 36.28
C SER F 1173 -100.42 -39.02 35.81
N GLY F 1174 -101.12 -39.03 34.69
CA GLY F 1174 -101.74 -37.82 34.19
C GLY F 1174 -101.10 -37.33 32.91
N SER F 1175 -100.01 -37.96 32.50
CA SER F 1175 -99.32 -37.53 31.29
C SER F 1175 -100.19 -37.78 30.07
N GLU F 1176 -100.12 -36.87 29.12
CA GLU F 1176 -100.88 -37.00 27.88
C GLU F 1176 -100.09 -37.66 26.77
N THR F 1177 -98.82 -37.95 26.99
CA THR F 1177 -98.01 -38.64 26.00
C THR F 1177 -97.76 -40.05 26.50
N ALA F 1178 -97.99 -41.03 25.63
CA ALA F 1178 -97.72 -42.41 26.00
C ALA F 1178 -96.24 -42.64 26.25
N PHE F 1179 -95.41 -42.13 25.36
CA PHE F 1179 -93.97 -42.28 25.49
C PHE F 1179 -93.32 -40.92 25.25
N ARG F 1180 -92.26 -40.65 25.99
CA ARG F 1180 -91.54 -39.39 25.90
C ARG F 1180 -90.04 -39.68 25.83
N GLU F 1181 -89.29 -38.67 25.38
CA GLU F 1181 -87.84 -38.74 25.33
C GLU F 1181 -87.36 -39.86 24.40
N ILE F 1182 -88.10 -40.10 23.33
CA ILE F 1182 -87.71 -41.11 22.36
C ILE F 1182 -86.59 -40.53 21.51
N GLU F 1183 -85.51 -41.28 21.36
CA GLU F 1183 -84.46 -40.84 20.46
C GLU F 1183 -84.90 -41.05 19.03
N ILE F 1184 -84.59 -40.09 18.16
CA ILE F 1184 -84.97 -40.22 16.76
C ILE F 1184 -84.31 -41.44 16.16
N GLY F 1185 -83.01 -41.60 16.39
CA GLY F 1185 -82.34 -42.78 15.92
C GLY F 1185 -82.41 -42.89 14.41
N ASP F 1186 -82.57 -44.13 13.94
CA ASP F 1186 -82.65 -44.36 12.51
C ASP F 1186 -84.01 -43.98 11.94
N GLY F 1187 -85.08 -44.08 12.72
CA GLY F 1187 -86.36 -43.61 12.26
C GLY F 1187 -87.49 -44.32 12.98
N PHE F 1188 -88.68 -44.21 12.39
CA PHE F 1188 -89.90 -44.78 12.94
C PHE F 1188 -90.84 -45.10 11.80
N LEU F 1189 -91.70 -46.10 12.01
CA LEU F 1189 -92.60 -46.59 10.98
C LEU F 1189 -93.93 -46.94 11.60
N PRO F 1190 -95.01 -46.90 10.84
CA PRO F 1190 -96.27 -47.44 11.32
C PRO F 1190 -96.23 -48.96 11.35
N VAL F 1191 -96.72 -49.51 12.46
CA VAL F 1191 -96.68 -50.95 12.68
C VAL F 1191 -97.97 -51.36 13.35
N CYS F 1192 -98.44 -52.54 12.99
CA CYS F 1192 -99.68 -53.10 13.46
C CYS F 1192 -99.45 -54.59 13.67
N SER F 1193 -100.19 -55.18 14.60
CA SER F 1193 -99.97 -56.55 15.02
C SER F 1193 -101.33 -57.16 15.35
N LEU F 1194 -101.80 -58.05 14.48
CA LEU F 1194 -103.09 -58.68 14.66
C LEU F 1194 -102.92 -60.11 15.12
N GLY F 1195 -103.64 -60.49 16.17
CA GLY F 1195 -103.57 -61.82 16.70
C GLY F 1195 -104.52 -62.74 15.97
N PRO F 1196 -104.75 -63.93 16.52
CA PRO F 1196 -105.57 -64.93 15.83
C PRO F 1196 -107.02 -64.49 15.76
N GLY F 1197 -107.58 -64.54 14.56
CA GLY F 1197 -108.96 -64.19 14.37
C GLY F 1197 -109.27 -62.72 14.46
N GLN F 1198 -108.28 -61.86 14.28
CA GLN F 1198 -108.43 -60.42 14.50
C GLN F 1198 -108.35 -59.69 13.17
N VAL F 1199 -109.26 -58.74 12.97
CA VAL F 1199 -109.29 -57.92 11.78
C VAL F 1199 -109.06 -56.48 12.19
N GLY F 1200 -108.51 -55.70 11.27
CA GLY F 1200 -108.26 -54.29 11.53
C GLY F 1200 -108.03 -53.56 10.24
N HIS F 1201 -108.25 -52.25 10.28
CA HIS F 1201 -108.15 -51.40 9.11
C HIS F 1201 -107.13 -50.31 9.36
N LEU F 1202 -106.02 -50.35 8.63
CA LEU F 1202 -104.94 -49.40 8.80
C LEU F 1202 -105.09 -48.28 7.79
N ASN F 1203 -105.44 -47.09 8.26
CA ASN F 1203 -105.63 -45.93 7.39
C ASN F 1203 -104.44 -45.01 7.61
N LEU F 1204 -103.44 -45.13 6.74
CA LEU F 1204 -102.30 -44.25 6.83
C LEU F 1204 -102.63 -42.83 6.40
N GLY F 1205 -103.77 -42.63 5.75
CA GLY F 1205 -104.26 -41.32 5.46
C GLY F 1205 -103.97 -40.76 4.10
N GLN F 1206 -103.78 -41.61 3.09
CA GLN F 1206 -103.51 -41.10 1.75
C GLN F 1206 -104.63 -40.19 1.27
N ASP F 1207 -105.85 -40.40 1.71
CA ASP F 1207 -106.97 -39.51 1.48
C ASP F 1207 -107.43 -38.98 2.83
N VAL F 1208 -107.33 -37.65 3.01
CA VAL F 1208 -107.52 -37.09 4.35
C VAL F 1208 -108.96 -37.26 4.81
N SER F 1209 -109.91 -37.16 3.89
CA SER F 1209 -111.32 -37.25 4.28
C SER F 1209 -111.65 -38.62 4.86
N SER F 1210 -110.89 -39.65 4.50
CA SER F 1210 -111.13 -40.97 5.05
C SER F 1210 -110.88 -41.01 6.55
N LEU F 1211 -109.82 -40.35 7.01
CA LEU F 1211 -109.52 -40.28 8.42
C LEU F 1211 -110.69 -39.68 9.18
N ARG F 1212 -111.25 -40.45 10.11
CA ARG F 1212 -112.50 -40.05 10.74
C ARG F 1212 -112.29 -39.13 11.93
N PHE F 1213 -111.28 -39.36 12.74
CA PHE F 1213 -111.06 -38.58 13.95
C PHE F 1213 -109.80 -37.73 13.86
N PHE F 1214 -109.39 -37.39 12.65
CA PHE F 1214 -108.18 -36.60 12.47
C PHE F 1214 -108.38 -35.18 12.97
N ALA F 1215 -109.46 -34.53 12.56
CA ALA F 1215 -109.67 -33.13 12.90
C ALA F 1215 -109.93 -32.95 14.39
N ILE F 1216 -110.66 -33.88 14.99
CA ILE F 1216 -111.00 -33.76 16.40
C ILE F 1216 -109.75 -33.71 17.26
N CYS F 1217 -108.78 -34.57 16.97
CA CYS F 1217 -107.50 -34.54 17.68
C CYS F 1217 -106.42 -34.94 16.69
N GLY F 1218 -105.57 -33.99 16.32
CA GLY F 1218 -104.48 -34.29 15.42
C GLY F 1218 -104.22 -33.22 14.39
N LEU F 1219 -105.25 -32.48 14.00
CA LEU F 1219 -105.08 -31.51 12.94
C LEU F 1219 -104.54 -30.18 13.46
N GLN F 1220 -105.27 -29.55 14.39
CA GLN F 1220 -104.87 -28.23 14.85
C GLN F 1220 -103.57 -28.29 15.63
N GLU F 1221 -103.19 -29.46 16.13
CA GLU F 1221 -101.95 -29.60 16.86
C GLU F 1221 -100.73 -29.65 15.96
N GLY F 1222 -100.91 -29.64 14.65
CA GLY F 1222 -99.82 -29.58 13.72
C GLY F 1222 -99.46 -30.90 13.06
N PHE F 1223 -100.07 -31.99 13.51
CA PHE F 1223 -99.70 -33.29 12.98
C PHE F 1223 -100.20 -33.46 11.55
N GLU F 1224 -99.44 -34.17 10.77
CA GLU F 1224 -99.84 -34.46 9.41
C GLU F 1224 -100.17 -35.94 9.26
N PRO F 1225 -101.08 -36.30 8.37
CA PRO F 1225 -101.28 -37.71 8.05
C PRO F 1225 -100.00 -38.30 7.48
N PHE F 1226 -99.75 -39.55 7.83
CA PHE F 1226 -98.48 -40.18 7.50
C PHE F 1226 -98.27 -40.24 5.99
N ALA F 1227 -99.24 -40.80 5.29
CA ALA F 1227 -99.26 -40.78 3.84
C ALA F 1227 -100.10 -39.58 3.43
N ILE F 1228 -99.47 -38.55 2.91
CA ILE F 1228 -100.24 -37.37 2.57
C ILE F 1228 -100.13 -37.10 1.07
N ASN F 1229 -99.04 -37.53 0.47
CA ASN F 1229 -98.88 -37.40 -0.98
C ASN F 1229 -98.22 -38.64 -1.54
N MET F 1230 -98.33 -39.76 -0.83
CA MET F 1230 -97.88 -41.05 -1.36
C MET F 1230 -98.85 -41.46 -2.45
N GLN F 1231 -98.70 -40.87 -3.63
CA GLN F 1231 -99.73 -40.96 -4.66
C GLN F 1231 -100.12 -42.40 -4.82
N ARG F 1232 -99.12 -43.27 -4.77
CA ARG F 1232 -99.34 -44.70 -4.76
C ARG F 1232 -99.46 -45.15 -3.32
N PRO F 1233 -100.46 -45.94 -2.96
CA PRO F 1233 -100.68 -46.27 -1.56
C PRO F 1233 -99.45 -46.91 -0.93
N VAL F 1234 -99.27 -46.66 0.37
CA VAL F 1234 -98.03 -47.02 1.02
C VAL F 1234 -97.84 -48.52 1.01
N THR F 1235 -96.69 -48.96 0.52
CA THR F 1235 -96.35 -50.36 0.52
C THR F 1235 -96.12 -50.86 1.94
N THR F 1236 -96.61 -52.06 2.21
CA THR F 1236 -96.49 -52.64 3.54
C THR F 1236 -95.91 -54.04 3.43
N TRP F 1237 -95.20 -54.43 4.47
CA TRP F 1237 -94.57 -55.74 4.59
C TRP F 1237 -95.13 -56.41 5.82
N PHE F 1238 -95.46 -57.69 5.70
CA PHE F 1238 -95.98 -58.44 6.83
C PHE F 1238 -95.00 -59.52 7.24
N SER F 1239 -95.20 -60.06 8.42
CA SER F 1239 -94.37 -61.14 8.94
C SER F 1239 -94.92 -62.45 8.41
N LYS F 1240 -94.21 -63.06 7.47
CA LYS F 1240 -94.65 -64.27 6.80
C LYS F 1240 -94.15 -65.47 7.59
N SER F 1241 -95.08 -66.22 8.15
CA SER F 1241 -94.73 -67.34 9.02
C SER F 1241 -94.49 -68.62 8.24
N LEU F 1242 -93.62 -68.55 7.24
CA LEU F 1242 -93.21 -69.72 6.46
C LEU F 1242 -91.74 -69.96 6.69
N PRO F 1243 -91.35 -71.07 7.32
CA PRO F 1243 -89.95 -71.25 7.70
C PRO F 1243 -89.05 -71.36 6.48
N GLN F 1244 -88.14 -70.40 6.36
CA GLN F 1244 -87.10 -70.42 5.35
C GLN F 1244 -85.77 -70.67 6.02
N PHE F 1245 -84.84 -71.25 5.28
CA PHE F 1245 -83.49 -71.43 5.80
C PHE F 1245 -82.69 -70.16 5.59
N GLU F 1246 -82.10 -69.65 6.66
CA GLU F 1246 -81.31 -68.44 6.60
C GLU F 1246 -79.97 -68.67 7.29
N PRO F 1247 -78.92 -67.96 6.88
CA PRO F 1247 -77.60 -68.22 7.44
C PRO F 1247 -77.55 -67.94 8.93
N VAL F 1248 -76.78 -68.74 9.63
CA VAL F 1248 -76.63 -68.54 11.07
C VAL F 1248 -75.96 -67.19 11.30
N PRO F 1249 -76.58 -66.29 12.06
CA PRO F 1249 -76.00 -64.97 12.24
C PRO F 1249 -74.62 -65.06 12.86
N PRO F 1250 -73.68 -64.25 12.39
CA PRO F 1250 -72.35 -64.24 13.01
C PRO F 1250 -72.39 -63.83 14.47
N GLU F 1251 -73.30 -62.96 14.85
CA GLU F 1251 -73.54 -62.62 16.24
C GLU F 1251 -74.89 -63.24 16.63
N HIS F 1252 -74.84 -64.34 17.37
CA HIS F 1252 -76.03 -65.04 17.79
C HIS F 1252 -75.83 -65.37 19.27
N PRO F 1253 -76.81 -65.11 20.11
CA PRO F 1253 -76.63 -65.36 21.55
C PRO F 1253 -76.36 -66.81 21.89
N HIS F 1254 -76.74 -67.76 21.05
CA HIS F 1254 -76.67 -69.16 21.43
C HIS F 1254 -75.77 -70.02 20.55
N TYR F 1255 -75.91 -69.95 19.23
CA TYR F 1255 -75.23 -70.87 18.34
C TYR F 1255 -74.04 -70.21 17.69
N GLU F 1256 -72.94 -70.93 17.61
CA GLU F 1256 -71.75 -70.47 16.92
C GLU F 1256 -71.28 -71.55 15.96
N VAL F 1257 -70.75 -71.13 14.83
CA VAL F 1257 -70.27 -72.06 13.81
C VAL F 1257 -68.82 -71.72 13.51
N ALA F 1258 -67.95 -72.69 13.67
CA ALA F 1258 -66.53 -72.53 13.41
C ALA F 1258 -66.16 -73.24 12.12
N ARG F 1259 -65.56 -72.51 11.20
CA ARG F 1259 -65.18 -73.06 9.90
C ARG F 1259 -63.79 -73.65 10.02
N MET F 1260 -63.69 -74.77 10.71
CA MET F 1260 -62.41 -75.42 10.90
C MET F 1260 -61.84 -75.89 9.58
N ASP F 1261 -60.55 -75.70 9.39
CA ASP F 1261 -59.89 -76.12 8.16
C ASP F 1261 -59.38 -77.54 8.32
N GLY F 1262 -58.67 -78.03 7.32
CA GLY F 1262 -58.38 -79.44 7.25
C GLY F 1262 -56.92 -79.81 7.46
N THR F 1263 -56.65 -80.49 8.56
CA THR F 1263 -55.37 -81.12 8.76
C THR F 1263 -55.28 -82.39 7.92
N VAL F 1264 -54.19 -83.15 8.11
CA VAL F 1264 -54.03 -84.38 7.36
C VAL F 1264 -55.04 -85.43 7.82
N ASP F 1265 -55.25 -85.53 9.14
CA ASP F 1265 -56.21 -86.51 9.65
C ASP F 1265 -57.64 -86.00 9.51
N THR F 1266 -57.80 -84.68 9.43
CA THR F 1266 -59.19 -84.26 9.47
C THR F 1266 -59.57 -83.50 8.20
N PRO F 1267 -60.69 -83.85 7.59
CA PRO F 1267 -61.18 -83.08 6.45
C PRO F 1267 -61.71 -81.74 6.91
N PRO F 1268 -61.97 -80.81 5.99
CA PRO F 1268 -62.55 -79.53 6.39
C PRO F 1268 -63.89 -79.74 7.07
N CYS F 1269 -64.16 -78.92 8.07
CA CYS F 1269 -65.36 -79.09 8.89
C CYS F 1269 -66.06 -77.75 9.06
N LEU F 1270 -67.28 -77.83 9.59
CA LEU F 1270 -68.05 -76.67 10.03
C LEU F 1270 -68.72 -77.08 11.32
N ARG F 1271 -68.11 -76.75 12.45
CA ARG F 1271 -68.53 -77.27 13.73
C ARG F 1271 -69.55 -76.34 14.37
N LEU F 1272 -70.64 -76.91 14.87
CA LEU F 1272 -71.65 -76.18 15.60
C LEU F 1272 -71.41 -76.32 17.10
N ALA F 1273 -71.38 -75.21 17.80
CA ALA F 1273 -71.23 -75.22 19.25
C ALA F 1273 -72.32 -74.35 19.85
N HIS F 1274 -72.78 -74.76 21.03
CA HIS F 1274 -73.82 -74.05 21.75
C HIS F 1274 -73.14 -73.17 22.79
N ARG F 1275 -73.32 -71.85 22.65
CA ARG F 1275 -72.55 -70.93 23.50
C ARG F 1275 -72.95 -71.03 24.95
N THR F 1276 -74.25 -70.96 25.24
CA THR F 1276 -74.75 -70.77 26.59
C THR F 1276 -75.22 -72.05 27.25
N TRP F 1277 -74.66 -73.20 26.89
CA TRP F 1277 -75.09 -74.43 27.53
C TRP F 1277 -74.69 -74.42 28.99
N GLY F 1278 -75.60 -74.88 29.85
CA GLY F 1278 -75.41 -74.81 31.27
C GLY F 1278 -75.74 -73.46 31.88
N SER F 1279 -75.52 -72.38 31.13
CA SER F 1279 -75.86 -71.05 31.58
C SER F 1279 -77.36 -70.94 31.83
N GLN F 1280 -77.75 -69.87 32.52
CA GLN F 1280 -79.15 -69.70 32.89
C GLN F 1280 -80.05 -69.45 31.70
N ASN F 1281 -79.59 -68.64 30.74
CA ASN F 1281 -80.40 -68.30 29.58
C ASN F 1281 -80.23 -69.28 28.42
N SER F 1282 -79.87 -70.53 28.70
CA SER F 1282 -79.72 -71.52 27.65
C SER F 1282 -81.04 -71.74 26.92
N LEU F 1283 -80.97 -71.79 25.61
CA LEU F 1283 -82.13 -72.05 24.75
C LEU F 1283 -81.93 -73.41 24.12
N VAL F 1284 -82.62 -74.41 24.65
CA VAL F 1284 -82.51 -75.77 24.15
C VAL F 1284 -83.78 -76.08 23.37
N GLU F 1285 -83.64 -76.19 22.06
CA GLU F 1285 -84.77 -76.42 21.19
C GLU F 1285 -84.25 -77.07 19.91
N MET F 1286 -85.17 -77.65 19.15
CA MET F 1286 -84.76 -78.31 17.92
C MET F 1286 -84.13 -77.29 16.97
N LEU F 1287 -83.02 -77.68 16.37
CA LEU F 1287 -82.26 -76.84 15.47
C LEU F 1287 -82.24 -77.50 14.11
N PHE F 1288 -82.72 -76.80 13.10
CA PHE F 1288 -82.83 -77.35 11.75
C PHE F 1288 -81.74 -76.74 10.89
N LEU F 1289 -80.62 -77.43 10.79
CA LEU F 1289 -79.44 -76.95 10.09
C LEU F 1289 -79.40 -77.51 8.69
N ARG F 1290 -78.81 -76.76 7.77
CA ARG F 1290 -78.53 -77.26 6.44
C ARG F 1290 -77.38 -76.47 5.84
N LEU F 1291 -76.66 -77.11 4.93
CA LEU F 1291 -75.60 -76.43 4.21
C LEU F 1291 -76.18 -75.68 3.03
N SER F 1292 -75.52 -74.60 2.64
CA SER F 1292 -76.13 -73.65 1.73
C SER F 1292 -76.32 -74.24 0.35
N LEU F 1293 -75.42 -75.08 -0.09
CA LEU F 1293 -75.54 -75.41 -1.50
C LEU F 1293 -76.04 -76.83 -1.70
N PRO F 1294 -76.82 -77.05 -2.75
CA PRO F 1294 -77.37 -78.37 -3.01
C PRO F 1294 -76.50 -79.18 -3.96
N VAL F 1295 -76.73 -80.48 -3.95
CA VAL F 1295 -76.16 -81.39 -4.93
C VAL F 1295 -77.28 -81.84 -5.84
N GLN F 1296 -77.08 -81.72 -7.14
CA GLN F 1296 -78.13 -81.98 -8.10
C GLN F 1296 -77.90 -83.30 -8.79
N PHE F 1297 -78.97 -84.07 -8.94
CA PHE F 1297 -78.84 -85.37 -9.57
C PHE F 1297 -78.82 -85.21 -11.08
N HIS F 1298 -78.24 -86.20 -11.75
CA HIS F 1298 -78.12 -86.17 -13.20
C HIS F 1298 -79.50 -86.26 -13.82
N GLN F 1299 -79.64 -85.61 -14.97
CA GLN F 1299 -80.94 -85.51 -15.62
C GLN F 1299 -81.34 -86.84 -16.25
N HIS F 1300 -80.36 -87.69 -16.54
CA HIS F 1300 -80.62 -89.03 -17.06
C HIS F 1300 -79.86 -90.03 -16.21
N PHE F 1301 -80.50 -91.14 -15.89
CA PHE F 1301 -79.91 -92.15 -15.02
C PHE F 1301 -79.32 -93.28 -15.84
N ARG F 1302 -78.26 -93.88 -15.30
CA ARG F 1302 -77.47 -94.82 -16.09
C ARG F 1302 -78.30 -96.02 -16.54
N CYS F 1303 -79.12 -96.56 -15.66
CA CYS F 1303 -79.97 -97.70 -16.02
C CYS F 1303 -81.00 -97.23 -17.04
N THR F 1304 -80.82 -97.64 -18.29
CA THR F 1304 -81.67 -97.23 -19.41
C THR F 1304 -81.70 -95.70 -19.52
N ASN F 1420 -57.65 -94.53 2.53
CA ASN F 1420 -56.67 -95.17 1.67
C ASN F 1420 -56.54 -94.47 0.32
N ARG F 1421 -55.41 -94.77 -0.34
CA ARG F 1421 -55.11 -94.38 -1.69
C ARG F 1421 -56.24 -94.79 -2.63
N ASP F 1422 -56.38 -94.04 -3.72
CA ASP F 1422 -57.50 -94.21 -4.63
C ASP F 1422 -57.03 -94.65 -6.00
N ASP F 1423 -57.83 -95.49 -6.64
CA ASP F 1423 -57.59 -95.82 -8.03
C ASP F 1423 -58.00 -94.64 -8.91
N PRO F 1424 -57.05 -94.05 -9.65
CA PRO F 1424 -57.37 -92.79 -10.34
C PRO F 1424 -58.49 -92.90 -11.35
N GLU F 1425 -58.60 -94.04 -12.04
CA GLU F 1425 -59.60 -94.14 -13.09
C GLU F 1425 -61.00 -94.30 -12.50
N ILE F 1426 -61.10 -95.00 -11.36
CA ILE F 1426 -62.38 -95.12 -10.68
C ILE F 1426 -62.81 -93.80 -10.08
N ILE F 1427 -61.91 -93.13 -9.37
CA ILE F 1427 -62.27 -91.89 -8.70
C ILE F 1427 -62.58 -90.81 -9.72
N LEU F 1428 -61.91 -90.81 -10.88
CA LEU F 1428 -62.20 -89.81 -11.89
C LEU F 1428 -63.51 -90.10 -12.63
N ASN F 1429 -63.93 -91.36 -12.67
CA ASN F 1429 -65.13 -91.77 -13.38
C ASN F 1429 -66.22 -92.25 -12.43
N THR F 1430 -66.28 -91.68 -11.23
CA THR F 1430 -67.30 -92.07 -10.26
C THR F 1430 -68.33 -90.96 -10.13
N THR F 1431 -69.50 -91.34 -9.64
CA THR F 1431 -70.59 -90.40 -9.38
C THR F 1431 -71.12 -90.51 -7.96
N THR F 1432 -70.36 -91.14 -7.07
CA THR F 1432 -70.74 -91.24 -5.67
C THR F 1432 -70.04 -90.15 -4.89
N TYR F 1433 -70.80 -89.50 -4.02
CA TYR F 1433 -70.28 -88.38 -3.24
C TYR F 1433 -70.66 -88.60 -1.79
N TYR F 1434 -69.90 -87.99 -0.90
CA TYR F 1434 -69.89 -88.38 0.50
C TYR F 1434 -69.78 -87.15 1.40
N TYR F 1435 -70.44 -87.22 2.54
CA TYR F 1435 -70.17 -86.28 3.63
C TYR F 1435 -70.63 -86.91 4.93
N SER F 1436 -69.95 -86.58 6.01
CA SER F 1436 -70.29 -87.18 7.28
C SER F 1436 -70.63 -86.10 8.30
N VAL F 1437 -71.18 -86.54 9.42
CA VAL F 1437 -71.47 -85.67 10.55
C VAL F 1437 -70.99 -86.36 11.80
N ARG F 1438 -70.15 -85.69 12.57
CA ARG F 1438 -69.65 -86.19 13.83
C ARG F 1438 -70.53 -85.65 14.94
N VAL F 1439 -71.23 -86.55 15.62
CA VAL F 1439 -72.02 -86.20 16.79
C VAL F 1439 -71.14 -86.41 18.00
N PHE F 1440 -70.71 -85.31 18.61
CA PHE F 1440 -69.69 -85.34 19.64
C PHE F 1440 -70.21 -86.07 20.87
N ALA F 1441 -69.28 -86.62 21.64
CA ALA F 1441 -69.63 -87.31 22.86
C ALA F 1441 -70.28 -86.33 23.82
N GLY F 1442 -71.45 -86.69 24.33
CA GLY F 1442 -72.19 -85.78 25.17
C GLY F 1442 -73.50 -85.40 24.52
N GLN F 1443 -73.46 -85.18 23.21
CA GLN F 1443 -74.68 -84.92 22.45
C GLN F 1443 -75.34 -86.25 22.13
N GLU F 1444 -76.51 -86.48 22.71
CA GLU F 1444 -77.14 -87.78 22.63
C GLU F 1444 -77.43 -88.13 21.18
N PRO F 1445 -77.04 -89.32 20.72
CA PRO F 1445 -77.29 -89.68 19.32
C PRO F 1445 -78.75 -89.88 18.99
N SER F 1446 -79.62 -90.04 19.99
CA SER F 1446 -81.04 -90.16 19.75
C SER F 1446 -81.71 -88.82 19.51
N CYS F 1447 -80.95 -87.73 19.61
CA CYS F 1447 -81.46 -86.39 19.37
C CYS F 1447 -80.85 -85.76 18.12
N VAL F 1448 -80.41 -86.57 17.16
CA VAL F 1448 -79.82 -86.08 15.92
C VAL F 1448 -80.44 -86.83 14.76
N TRP F 1449 -80.79 -86.10 13.70
CA TRP F 1449 -81.24 -86.67 12.44
C TRP F 1449 -80.34 -86.14 11.34
N VAL F 1450 -79.69 -87.03 10.61
CA VAL F 1450 -78.67 -86.65 9.64
C VAL F 1450 -79.12 -87.08 8.26
N GLY F 1451 -78.95 -86.21 7.26
CA GLY F 1451 -79.28 -86.61 5.91
C GLY F 1451 -79.39 -85.45 4.94
N TRP F 1452 -80.43 -85.45 4.13
CA TRP F 1452 -80.64 -84.47 3.08
C TRP F 1452 -82.04 -83.91 3.16
N VAL F 1453 -82.22 -82.70 2.64
CA VAL F 1453 -83.53 -82.08 2.51
C VAL F 1453 -83.66 -81.50 1.12
N THR F 1454 -84.83 -81.65 0.53
CA THR F 1454 -85.11 -81.02 -0.75
C THR F 1454 -85.28 -79.53 -0.50
N PRO F 1455 -85.23 -78.68 -1.52
CA PRO F 1455 -85.29 -77.25 -1.28
C PRO F 1455 -86.66 -76.74 -0.87
N ASP F 1456 -87.58 -77.63 -0.52
CA ASP F 1456 -88.91 -77.24 -0.06
C ASP F 1456 -89.21 -77.87 1.30
N TYR F 1457 -88.26 -77.76 2.23
CA TYR F 1457 -88.48 -78.15 3.61
C TYR F 1457 -88.74 -76.88 4.41
N HIS F 1458 -89.99 -76.67 4.79
CA HIS F 1458 -90.40 -75.49 5.54
C HIS F 1458 -91.13 -75.90 6.80
N GLN F 1459 -90.57 -76.84 7.53
CA GLN F 1459 -91.27 -77.50 8.62
C GLN F 1459 -90.50 -77.30 9.91
N HIS F 1460 -90.78 -76.19 10.60
CA HIS F 1460 -90.14 -75.86 11.87
C HIS F 1460 -90.89 -76.55 13.00
N ASP F 1461 -90.73 -77.86 13.05
CA ASP F 1461 -91.48 -78.70 13.98
C ASP F 1461 -90.63 -78.92 15.23
N MET F 1462 -91.06 -78.37 16.35
CA MET F 1462 -90.28 -78.49 17.57
C MET F 1462 -90.40 -79.83 18.25
N ASN F 1463 -91.15 -80.77 17.69
CA ASN F 1463 -91.18 -82.16 18.16
C ASN F 1463 -90.95 -83.01 16.93
N PHE F 1464 -89.68 -83.19 16.56
CA PHE F 1464 -89.40 -83.85 15.31
C PHE F 1464 -89.25 -85.35 15.51
N ASP F 1465 -89.53 -86.09 14.45
CA ASP F 1465 -89.27 -87.52 14.34
C ASP F 1465 -89.48 -87.90 12.89
N LEU F 1466 -89.00 -89.08 12.52
CA LEU F 1466 -89.05 -89.49 11.13
C LEU F 1466 -90.43 -89.96 10.72
N SER F 1467 -91.44 -89.77 11.55
CA SER F 1467 -92.82 -89.98 11.16
C SER F 1467 -93.53 -88.68 10.87
N LYS F 1468 -92.87 -87.55 11.08
CA LYS F 1468 -93.42 -86.24 10.76
C LYS F 1468 -92.83 -85.66 9.48
N VAL F 1469 -92.09 -86.45 8.73
CA VAL F 1469 -91.59 -86.00 7.44
C VAL F 1469 -92.66 -86.26 6.39
N ARG F 1470 -92.84 -85.29 5.50
CA ARG F 1470 -93.85 -85.41 4.46
C ARG F 1470 -93.53 -86.59 3.56
N ALA F 1471 -94.58 -87.23 3.06
CA ALA F 1471 -94.40 -88.37 2.17
C ALA F 1471 -95.64 -88.52 1.34
N VAL F 1472 -95.46 -89.16 0.17
CA VAL F 1472 -96.58 -89.48 -0.70
C VAL F 1472 -96.08 -90.53 -1.67
N THR F 1473 -97.02 -91.26 -2.27
CA THR F 1473 -96.69 -92.35 -3.19
C THR F 1473 -97.59 -92.24 -4.40
N VAL F 1474 -97.10 -91.56 -5.43
CA VAL F 1474 -97.87 -91.43 -6.66
C VAL F 1474 -97.75 -92.72 -7.45
N THR F 1475 -98.88 -93.39 -7.66
CA THR F 1475 -98.93 -94.67 -8.33
C THR F 1475 -99.70 -94.56 -9.63
N MET F 1476 -99.07 -94.97 -10.72
CA MET F 1476 -99.66 -94.92 -12.04
C MET F 1476 -99.92 -96.32 -12.52
N GLY F 1477 -101.15 -96.59 -12.94
CA GLY F 1477 -101.56 -97.91 -13.33
C GLY F 1477 -102.16 -97.91 -14.71
N ASP F 1478 -102.49 -99.10 -15.18
CA ASP F 1478 -103.09 -99.31 -16.49
C ASP F 1478 -104.61 -99.28 -16.36
N GLU F 1479 -105.29 -99.71 -17.41
CA GLU F 1479 -106.76 -99.64 -17.42
C GLU F 1479 -107.36 -100.53 -16.35
N GLN F 1480 -106.82 -101.74 -16.18
CA GLN F 1480 -107.36 -102.64 -15.17
C GLN F 1480 -107.00 -102.18 -13.77
N GLY F 1481 -105.94 -101.40 -13.64
CA GLY F 1481 -105.42 -100.97 -12.36
C GLY F 1481 -104.07 -101.55 -12.00
N ASN F 1482 -103.50 -102.41 -12.84
CA ASN F 1482 -102.17 -102.95 -12.58
C ASN F 1482 -101.15 -101.84 -12.60
N VAL F 1483 -100.29 -101.82 -11.57
CA VAL F 1483 -99.36 -100.72 -11.40
C VAL F 1483 -98.35 -100.69 -12.53
N HIS F 1484 -97.98 -99.47 -12.96
CA HIS F 1484 -96.85 -99.26 -13.84
C HIS F 1484 -95.78 -98.37 -13.22
N SER F 1485 -96.10 -97.64 -12.16
CA SER F 1485 -95.10 -96.82 -11.49
C SER F 1485 -95.58 -96.56 -10.07
N SER F 1486 -94.63 -96.49 -9.13
CA SER F 1486 -94.96 -96.31 -7.73
C SER F 1486 -94.02 -95.30 -7.09
N LEU F 1487 -93.87 -94.13 -7.72
CA LEU F 1487 -92.87 -93.17 -7.25
C LEU F 1487 -93.18 -92.69 -5.86
N LYS F 1488 -92.18 -92.72 -5.00
CA LYS F 1488 -92.30 -92.26 -3.63
C LYS F 1488 -91.60 -90.93 -3.47
N CYS F 1489 -92.32 -89.94 -2.94
CA CYS F 1489 -91.82 -88.58 -2.86
C CYS F 1489 -91.86 -88.09 -1.42
N SER F 1490 -90.91 -87.22 -1.09
CA SER F 1490 -90.79 -86.65 0.24
C SER F 1490 -89.96 -85.39 0.14
N ASN F 1491 -89.64 -84.80 1.28
CA ASN F 1491 -88.76 -83.64 1.32
C ASN F 1491 -87.65 -83.76 2.34
N CYS F 1492 -87.63 -84.81 3.15
CA CYS F 1492 -86.62 -85.01 4.16
C CYS F 1492 -86.17 -86.45 4.10
N TYR F 1493 -84.95 -86.68 3.64
CA TYR F 1493 -84.38 -88.01 3.52
C TYR F 1493 -83.32 -88.14 4.60
N MET F 1494 -83.65 -88.77 5.72
CA MET F 1494 -82.85 -88.63 6.92
C MET F 1494 -82.80 -89.96 7.66
N VAL F 1495 -81.81 -90.07 8.54
CA VAL F 1495 -81.71 -91.20 9.46
C VAL F 1495 -81.54 -90.67 10.86
N TRP F 1496 -82.09 -91.41 11.82
CA TRP F 1496 -82.07 -91.05 13.22
C TRP F 1496 -80.87 -91.71 13.88
N GLY F 1497 -80.08 -90.93 14.61
CA GLY F 1497 -78.88 -91.46 15.21
C GLY F 1497 -79.16 -92.54 16.23
N GLY F 1498 -80.40 -92.64 16.70
CA GLY F 1498 -80.73 -93.67 17.66
C GLY F 1498 -80.88 -95.04 17.04
N ASP F 1499 -81.02 -95.10 15.72
CA ASP F 1499 -80.98 -96.39 15.05
C ASP F 1499 -79.61 -97.03 15.16
N PHE F 1500 -78.58 -96.22 15.39
CA PHE F 1500 -77.21 -96.70 15.34
C PHE F 1500 -76.63 -96.96 16.73
N VAL F 1501 -77.28 -96.47 17.77
CA VAL F 1501 -76.82 -96.71 19.12
C VAL F 1501 -77.84 -97.55 19.86
N ARG F 1508 -72.47 -99.80 26.71
CA ARG F 1508 -73.67 -99.00 26.52
C ARG F 1508 -73.37 -97.52 26.72
N ILE F 1509 -72.26 -97.22 27.38
CA ILE F 1509 -71.99 -95.85 27.83
C ILE F 1509 -71.53 -95.01 26.65
N SER F 1510 -71.99 -93.75 26.60
CA SER F 1510 -71.71 -92.82 25.51
C SER F 1510 -70.52 -91.93 25.85
N HIS F 1511 -69.33 -92.35 25.41
CA HIS F 1511 -68.17 -91.48 25.36
C HIS F 1511 -67.50 -91.37 24.00
N THR F 1512 -67.95 -92.12 23.01
CA THR F 1512 -67.36 -92.06 21.68
C THR F 1512 -68.33 -91.41 20.71
N ASP F 1513 -67.80 -90.56 19.85
CA ASP F 1513 -68.63 -89.83 18.91
C ASP F 1513 -69.27 -90.77 17.90
N LEU F 1514 -70.28 -90.26 17.21
CA LEU F 1514 -70.98 -91.02 16.20
C LEU F 1514 -70.76 -90.34 14.85
N VAL F 1515 -70.14 -91.05 13.92
CA VAL F 1515 -69.78 -90.48 12.63
C VAL F 1515 -70.74 -91.06 11.60
N ILE F 1516 -71.85 -90.36 11.37
CA ILE F 1516 -72.83 -90.82 10.39
C ILE F 1516 -72.42 -90.30 9.03
N GLY F 1517 -72.18 -91.21 8.10
CA GLY F 1517 -71.77 -90.85 6.76
C GLY F 1517 -72.91 -91.01 5.78
N CYS F 1518 -72.95 -90.15 4.77
CA CYS F 1518 -74.02 -90.13 3.79
C CYS F 1518 -73.40 -90.17 2.41
N LEU F 1519 -73.90 -91.07 1.57
CA LEU F 1519 -73.45 -91.24 0.20
C LEU F 1519 -74.61 -91.04 -0.75
N VAL F 1520 -74.34 -90.40 -1.89
CA VAL F 1520 -75.32 -90.25 -2.96
C VAL F 1520 -74.68 -90.65 -4.27
N ASP F 1521 -75.42 -91.41 -5.06
CA ASP F 1521 -75.00 -91.79 -6.41
C ASP F 1521 -75.81 -90.95 -7.39
N LEU F 1522 -75.23 -89.87 -7.89
CA LEU F 1522 -75.97 -88.89 -8.65
C LEU F 1522 -76.38 -89.39 -10.02
N ALA F 1523 -75.94 -90.58 -10.42
CA ALA F 1523 -76.35 -91.14 -11.70
C ALA F 1523 -77.18 -92.39 -11.54
N THR F 1524 -77.45 -92.82 -10.33
CA THR F 1524 -78.43 -93.85 -10.04
C THR F 1524 -79.63 -93.32 -9.28
N GLY F 1525 -79.47 -92.22 -8.57
CA GLY F 1525 -80.52 -91.67 -7.76
C GLY F 1525 -80.64 -92.29 -6.40
N LEU F 1526 -79.62 -93.01 -5.95
CA LEU F 1526 -79.73 -93.82 -4.75
C LEU F 1526 -78.87 -93.24 -3.64
N MET F 1527 -79.40 -93.29 -2.43
CA MET F 1527 -78.81 -92.65 -1.27
C MET F 1527 -78.60 -93.69 -0.19
N THR F 1528 -77.49 -93.63 0.52
CA THR F 1528 -77.14 -94.64 1.49
C THR F 1528 -76.47 -93.99 2.68
N PHE F 1529 -76.56 -94.64 3.83
CA PHE F 1529 -76.03 -94.12 5.06
C PHE F 1529 -75.16 -95.17 5.74
N THR F 1530 -74.09 -94.71 6.38
CA THR F 1530 -73.19 -95.57 7.13
C THR F 1530 -73.16 -95.10 8.57
N ALA F 1531 -73.33 -96.03 9.49
CA ALA F 1531 -73.52 -95.65 10.90
C ALA F 1531 -72.20 -95.22 11.53
N ASN F 1532 -71.26 -96.15 11.65
CA ASN F 1532 -69.94 -95.85 12.18
C ASN F 1532 -68.90 -96.62 11.40
N GLY F 1533 -69.11 -96.73 10.10
CA GLY F 1533 -68.34 -97.64 9.28
C GLY F 1533 -69.23 -98.75 8.75
N LYS F 1534 -70.11 -99.25 9.60
CA LYS F 1534 -71.08 -100.25 9.19
C LYS F 1534 -72.17 -99.61 8.34
N GLU F 1535 -72.64 -100.35 7.35
CA GLU F 1535 -73.66 -99.86 6.44
C GLU F 1535 -75.05 -100.03 7.05
N SER F 1536 -75.84 -98.98 7.02
CA SER F 1536 -77.19 -99.03 7.55
C SER F 1536 -78.08 -99.80 6.59
N ASN F 1537 -79.36 -99.86 6.92
CA ASN F 1537 -80.33 -100.55 6.09
C ASN F 1537 -81.40 -99.62 5.52
N THR F 1538 -81.17 -98.31 5.54
CA THR F 1538 -82.10 -97.35 4.97
C THR F 1538 -81.50 -96.82 3.69
N PHE F 1539 -82.12 -97.18 2.57
CA PHE F 1539 -81.76 -96.65 1.27
C PHE F 1539 -82.91 -95.84 0.72
N PHE F 1540 -82.60 -94.73 0.08
CA PHE F 1540 -83.59 -93.90 -0.57
C PHE F 1540 -83.31 -93.84 -2.05
N GLN F 1541 -84.37 -93.71 -2.83
CA GLN F 1541 -84.27 -93.54 -4.26
C GLN F 1541 -84.95 -92.24 -4.65
N VAL F 1542 -84.29 -91.43 -5.46
CA VAL F 1542 -84.84 -90.14 -5.86
C VAL F 1542 -84.77 -90.02 -7.38
N GLU F 1543 -85.81 -89.42 -7.93
CA GLU F 1543 -85.98 -89.30 -9.37
C GLU F 1543 -84.96 -88.30 -9.92
N PRO F 1544 -84.73 -88.33 -11.22
CA PRO F 1544 -83.66 -87.50 -11.79
C PRO F 1544 -83.88 -86.02 -11.55
N ASN F 1545 -82.76 -85.31 -11.48
CA ASN F 1545 -82.69 -83.86 -11.51
C ASN F 1545 -83.14 -83.22 -10.20
N THR F 1546 -83.17 -83.98 -9.12
CA THR F 1546 -83.56 -83.42 -7.83
C THR F 1546 -82.39 -82.72 -7.17
N LYS F 1547 -82.71 -81.74 -6.33
CA LYS F 1547 -81.74 -81.02 -5.52
C LYS F 1547 -81.86 -81.50 -4.09
N LEU F 1548 -80.73 -81.59 -3.40
CA LEU F 1548 -80.73 -82.13 -2.03
C LEU F 1548 -79.62 -81.46 -1.25
N PHE F 1549 -80.00 -80.63 -0.30
CA PHE F 1549 -79.05 -79.98 0.57
C PHE F 1549 -78.68 -80.91 1.72
N PRO F 1550 -77.41 -80.94 2.13
CA PRO F 1550 -77.07 -81.63 3.37
C PRO F 1550 -77.77 -80.96 4.53
N ALA F 1551 -78.14 -81.76 5.53
CA ALA F 1551 -78.89 -81.19 6.63
C ALA F 1551 -78.77 -82.07 7.87
N VAL F 1552 -78.79 -81.42 9.02
CA VAL F 1552 -78.82 -82.10 10.31
C VAL F 1552 -79.85 -81.40 11.18
N PHE F 1553 -80.70 -82.19 11.83
CA PHE F 1553 -81.70 -81.68 12.74
C PHE F 1553 -81.36 -82.17 14.13
N VAL F 1554 -81.01 -81.26 15.02
CA VAL F 1554 -80.41 -81.65 16.30
C VAL F 1554 -81.04 -80.86 17.43
N LEU F 1555 -81.37 -81.56 18.51
CA LEU F 1555 -81.74 -80.92 19.75
C LEU F 1555 -80.52 -80.91 20.64
N PRO F 1556 -79.92 -79.76 20.93
CA PRO F 1556 -78.64 -79.77 21.65
C PRO F 1556 -78.77 -80.43 23.01
N THR F 1557 -77.77 -81.23 23.34
CA THR F 1557 -77.63 -81.84 24.66
C THR F 1557 -76.22 -81.67 25.19
N HIS F 1558 -75.43 -80.82 24.54
CA HIS F 1558 -74.05 -80.57 24.95
C HIS F 1558 -73.59 -79.31 24.24
N GLN F 1559 -72.60 -78.63 24.83
CA GLN F 1559 -72.10 -77.41 24.21
C GLN F 1559 -71.23 -77.71 22.99
N ASN F 1560 -70.89 -78.98 22.77
CA ASN F 1560 -70.32 -79.44 21.52
C ASN F 1560 -71.37 -80.33 20.85
N VAL F 1561 -72.07 -79.78 19.87
CA VAL F 1561 -73.28 -80.42 19.40
C VAL F 1561 -72.97 -81.38 18.26
N ILE F 1562 -72.54 -80.86 17.12
CA ILE F 1562 -72.27 -81.67 15.94
C ILE F 1562 -71.11 -81.02 15.18
N GLN F 1563 -70.71 -81.69 14.11
CA GLN F 1563 -69.63 -81.18 13.28
C GLN F 1563 -69.78 -81.76 11.89
N PHE F 1564 -70.12 -80.91 10.92
CA PHE F 1564 -70.14 -81.33 9.53
C PHE F 1564 -68.72 -81.68 9.12
N GLU F 1565 -68.54 -82.76 8.36
CA GLU F 1565 -67.24 -83.18 7.89
C GLU F 1565 -67.32 -83.42 6.39
N LEU F 1566 -66.66 -82.56 5.62
CA LEU F 1566 -66.75 -82.58 4.17
C LEU F 1566 -65.56 -83.35 3.62
N GLY F 1567 -65.48 -84.62 3.96
CA GLY F 1567 -64.37 -85.44 3.52
C GLY F 1567 -64.76 -86.41 2.44
N LYS F 1568 -63.91 -87.38 2.18
CA LYS F 1568 -64.16 -88.38 1.14
C LYS F 1568 -63.76 -89.75 1.65
N GLN F 1569 -64.33 -90.77 1.03
CA GLN F 1569 -63.90 -92.13 1.29
C GLN F 1569 -62.97 -92.58 0.16
N LYS F 1570 -62.57 -93.85 0.19
CA LYS F 1570 -61.76 -94.38 -0.89
C LYS F 1570 -62.64 -94.61 -2.11
N ASN F 1571 -62.34 -93.91 -3.19
CA ASN F 1571 -63.04 -94.00 -4.47
C ASN F 1571 -64.42 -93.35 -4.43
N ILE F 1572 -64.65 -92.44 -3.51
CA ILE F 1572 -65.85 -91.61 -3.48
C ILE F 1572 -65.41 -90.17 -3.35
N MET F 1573 -65.86 -89.32 -4.26
CA MET F 1573 -65.47 -87.93 -4.26
C MET F 1573 -66.15 -87.20 -3.12
N PRO F 1574 -65.63 -86.05 -2.71
CA PRO F 1574 -66.28 -85.29 -1.65
C PRO F 1574 -67.42 -84.46 -2.19
N LEU F 1575 -68.11 -83.78 -1.28
CA LEU F 1575 -69.25 -82.95 -1.68
C LEU F 1575 -68.82 -81.80 -2.57
N SER F 1576 -67.67 -81.19 -2.29
CA SER F 1576 -67.27 -80.00 -3.03
C SER F 1576 -67.14 -80.28 -4.51
N ALA F 1577 -66.93 -81.54 -4.87
CA ALA F 1577 -66.91 -81.89 -6.29
C ALA F 1577 -68.30 -81.85 -6.89
N ALA F 1578 -69.31 -82.26 -6.13
CA ALA F 1578 -70.68 -82.23 -6.62
C ALA F 1578 -71.24 -80.82 -6.63
N MET F 1579 -70.86 -80.02 -5.65
CA MET F 1579 -71.49 -78.72 -5.46
C MET F 1579 -71.00 -77.72 -6.49
N PHE F 1580 -69.71 -77.70 -6.77
CA PHE F 1580 -69.10 -76.68 -7.63
C PHE F 1580 -68.67 -77.32 -8.94
N LEU F 1581 -69.00 -76.65 -10.04
CA LEU F 1581 -68.67 -77.18 -11.35
C LEU F 1581 -67.17 -77.25 -11.58
N SER F 1582 -66.45 -76.25 -11.09
CA SER F 1582 -65.01 -76.21 -11.31
C SER F 1582 -64.30 -77.40 -10.68
N GLU F 1583 -64.91 -78.05 -9.70
CA GLU F 1583 -64.25 -79.09 -8.92
C GLU F 1583 -64.76 -80.49 -9.25
N ARG F 1584 -65.39 -80.67 -10.40
CA ARG F 1584 -65.99 -81.97 -10.71
C ARG F 1584 -64.95 -83.08 -10.73
N LYS F 1585 -63.69 -82.76 -10.98
CA LYS F 1585 -62.66 -83.77 -11.03
C LYS F 1585 -61.62 -83.62 -9.93
N ASN F 1586 -61.78 -82.66 -9.05
CA ASN F 1586 -60.83 -82.46 -7.98
C ASN F 1586 -61.18 -83.36 -6.81
N PRO F 1587 -60.36 -84.33 -6.45
CA PRO F 1587 -60.65 -85.19 -5.30
C PRO F 1587 -60.16 -84.66 -3.96
N ALA F 1588 -59.75 -83.42 -3.88
CA ALA F 1588 -59.32 -82.88 -2.61
C ALA F 1588 -60.46 -82.17 -1.95
N PRO F 1589 -60.84 -82.56 -0.73
CA PRO F 1589 -61.96 -81.90 -0.05
C PRO F 1589 -61.72 -80.41 0.12
N GLN F 1590 -62.76 -79.62 -0.09
CA GLN F 1590 -62.70 -78.18 0.08
C GLN F 1590 -63.92 -77.69 0.81
N CYS F 1591 -63.82 -76.47 1.31
CA CYS F 1591 -64.93 -75.80 1.99
C CYS F 1591 -64.86 -74.33 1.64
N PRO F 1592 -65.32 -73.96 0.46
CA PRO F 1592 -65.25 -72.57 0.04
C PRO F 1592 -66.21 -71.71 0.83
N PRO F 1593 -66.03 -70.39 0.81
CA PRO F 1593 -66.86 -69.51 1.64
C PRO F 1593 -68.34 -69.52 1.29
N ARG F 1594 -68.73 -70.05 0.14
CA ARG F 1594 -70.14 -70.14 -0.17
C ARG F 1594 -70.82 -71.26 0.57
N LEU F 1595 -70.06 -72.23 1.06
CA LEU F 1595 -70.62 -73.33 1.84
C LEU F 1595 -70.69 -72.91 3.30
N GLU F 1596 -71.90 -72.78 3.82
CA GLU F 1596 -72.08 -72.26 5.17
C GLU F 1596 -73.35 -72.83 5.76
N VAL F 1597 -73.31 -73.14 7.06
CA VAL F 1597 -74.46 -73.72 7.71
C VAL F 1597 -75.56 -72.69 7.83
N GLN F 1598 -76.76 -73.06 7.40
CA GLN F 1598 -77.94 -72.23 7.53
C GLN F 1598 -78.91 -72.90 8.47
N MET F 1599 -79.68 -72.10 9.20
CA MET F 1599 -80.66 -72.61 10.14
C MET F 1599 -82.05 -72.13 9.75
N LEU F 1600 -83.05 -72.84 10.24
CA LEU F 1600 -84.43 -72.57 9.87
C LEU F 1600 -84.98 -71.44 10.73
N MET F 1601 -85.45 -70.40 10.09
CA MET F 1601 -86.04 -69.30 10.82
C MET F 1601 -87.55 -69.41 10.76
N PRO F 1602 -88.26 -69.22 11.87
CA PRO F 1602 -89.71 -69.43 11.85
C PRO F 1602 -90.45 -68.41 11.01
N VAL F 1603 -90.05 -67.15 11.07
CA VAL F 1603 -90.78 -66.06 10.45
C VAL F 1603 -89.80 -65.21 9.65
N SER F 1604 -90.30 -64.54 8.63
CA SER F 1604 -89.52 -63.62 7.83
C SER F 1604 -90.46 -62.57 7.25
N TRP F 1605 -89.92 -61.38 7.01
CA TRP F 1605 -90.72 -60.33 6.44
C TRP F 1605 -91.04 -60.63 4.99
N SER F 1606 -92.14 -60.07 4.51
CA SER F 1606 -92.50 -60.28 3.12
C SER F 1606 -93.39 -59.15 2.62
N ARG F 1607 -93.19 -58.79 1.36
CA ARG F 1607 -93.96 -57.72 0.76
C ARG F 1607 -95.40 -58.11 0.57
N MET F 1608 -96.30 -57.15 0.81
CA MET F 1608 -97.69 -57.33 0.49
C MET F 1608 -97.95 -56.81 -0.91
N PRO F 1609 -98.52 -57.61 -1.81
CA PRO F 1609 -98.75 -57.15 -3.17
C PRO F 1609 -99.62 -55.90 -3.18
N ASN F 1610 -99.39 -55.07 -4.19
CA ASN F 1610 -100.16 -53.84 -4.31
C ASN F 1610 -101.59 -54.13 -4.75
N HIS F 1611 -101.76 -55.12 -5.61
CA HIS F 1611 -103.08 -55.47 -6.14
C HIS F 1611 -103.28 -56.95 -5.98
N PHE F 1612 -104.47 -57.35 -5.54
CA PHE F 1612 -104.78 -58.74 -5.34
C PHE F 1612 -105.85 -59.19 -6.32
N LEU F 1613 -105.91 -60.49 -6.55
CA LEU F 1613 -106.87 -61.04 -7.47
C LEU F 1613 -108.27 -60.80 -6.97
N GLN F 1614 -109.20 -60.61 -7.90
CA GLN F 1614 -110.59 -60.32 -7.56
C GLN F 1614 -111.43 -61.53 -7.94
N VAL F 1615 -111.74 -62.36 -6.96
CA VAL F 1615 -112.49 -63.60 -7.15
C VAL F 1615 -113.92 -63.38 -6.71
N GLU F 1616 -114.86 -63.98 -7.44
CA GLU F 1616 -116.27 -63.85 -7.12
C GLU F 1616 -116.85 -65.23 -6.89
N THR F 1617 -117.53 -65.41 -5.77
CA THR F 1617 -118.16 -66.65 -5.40
C THR F 1617 -119.63 -66.42 -5.11
N ARG F 1618 -120.46 -67.36 -5.54
CA ARG F 1618 -121.90 -67.20 -5.39
C ARG F 1618 -122.54 -68.56 -5.52
N ARG F 1619 -123.59 -68.80 -4.75
CA ARG F 1619 -124.33 -70.04 -4.88
C ARG F 1619 -125.20 -69.92 -6.11
N ALA F 1620 -124.75 -70.55 -7.19
CA ALA F 1620 -125.44 -70.38 -8.47
C ALA F 1620 -126.86 -70.91 -8.43
N GLY F 1621 -127.09 -71.97 -7.68
CA GLY F 1621 -128.43 -72.51 -7.55
C GLY F 1621 -128.39 -73.75 -6.68
N GLU F 1622 -129.57 -74.35 -6.50
CA GLU F 1622 -129.59 -75.62 -5.79
C GLU F 1622 -128.93 -76.71 -6.61
N ARG F 1623 -129.05 -76.64 -7.93
CA ARG F 1623 -128.52 -77.68 -8.80
C ARG F 1623 -127.21 -77.28 -9.45
N LEU F 1624 -126.91 -75.99 -9.55
CA LEU F 1624 -125.68 -75.58 -10.20
C LEU F 1624 -124.50 -75.62 -9.25
N GLY F 1625 -124.74 -75.43 -7.97
CA GLY F 1625 -123.67 -75.46 -6.99
C GLY F 1625 -122.91 -74.15 -6.94
N TRP F 1626 -121.93 -74.12 -6.06
CA TRP F 1626 -121.16 -72.91 -5.83
C TRP F 1626 -120.26 -72.60 -6.99
N ALA F 1627 -120.22 -71.33 -7.39
CA ALA F 1627 -119.47 -70.90 -8.55
C ALA F 1627 -118.31 -70.03 -8.13
N VAL F 1628 -117.22 -70.13 -8.89
CA VAL F 1628 -116.03 -69.31 -8.68
C VAL F 1628 -115.69 -68.65 -10.00
N GLN F 1629 -115.21 -67.42 -9.94
CA GLN F 1629 -114.97 -66.69 -11.17
C GLN F 1629 -113.92 -65.62 -10.94
N CYS F 1630 -112.78 -65.75 -11.62
CA CYS F 1630 -111.75 -64.72 -11.66
C CYS F 1630 -111.43 -64.45 -13.11
N GLN F 1631 -111.46 -63.18 -13.52
CA GLN F 1631 -111.29 -62.85 -14.92
C GLN F 1631 -110.35 -61.68 -15.20
N ASP F 1632 -110.05 -60.84 -14.24
CA ASP F 1632 -109.09 -59.76 -14.52
C ASP F 1632 -107.69 -60.22 -14.19
N PRO F 1633 -106.76 -60.17 -15.13
CA PRO F 1633 -105.45 -60.78 -14.93
C PRO F 1633 -104.53 -59.93 -14.06
N LEU F 1634 -103.57 -60.60 -13.45
CA LEU F 1634 -102.53 -59.97 -12.66
C LEU F 1634 -101.24 -60.71 -12.88
N THR F 1635 -100.16 -59.97 -13.06
CA THR F 1635 -98.84 -60.55 -13.27
C THR F 1635 -97.90 -60.03 -12.20
N MET F 1636 -96.69 -60.57 -12.21
CA MET F 1636 -95.65 -60.16 -11.28
C MET F 1636 -94.32 -60.47 -11.93
N MET F 1637 -93.36 -59.58 -11.76
CA MET F 1637 -92.03 -59.81 -12.30
C MET F 1637 -91.23 -60.51 -11.21
N ALA F 1638 -91.08 -61.81 -11.38
CA ALA F 1638 -90.47 -62.67 -10.39
C ALA F 1638 -88.97 -62.48 -10.35
N LEU F 1639 -88.36 -63.01 -9.30
CA LEU F 1639 -86.91 -63.09 -9.17
C LEU F 1639 -86.59 -64.42 -8.53
N HIS F 1640 -85.79 -65.22 -9.21
CA HIS F 1640 -85.61 -66.62 -8.88
C HIS F 1640 -84.20 -66.82 -8.38
N ILE F 1641 -84.05 -67.36 -7.18
CA ILE F 1641 -82.73 -67.73 -6.68
C ILE F 1641 -82.48 -69.16 -7.11
N PRO F 1642 -81.58 -69.39 -8.07
CA PRO F 1642 -81.55 -70.70 -8.72
C PRO F 1642 -81.14 -71.85 -7.82
N GLU F 1643 -80.21 -71.63 -6.90
CA GLU F 1643 -79.74 -72.74 -6.07
C GLU F 1643 -80.79 -73.18 -5.08
N GLU F 1644 -81.62 -72.26 -4.61
CA GLU F 1644 -82.62 -72.57 -3.60
C GLU F 1644 -83.97 -72.94 -4.19
N ASN F 1645 -84.14 -72.78 -5.50
CA ASN F 1645 -85.39 -73.08 -6.18
C ASN F 1645 -86.56 -72.37 -5.52
N ARG F 1646 -86.40 -71.07 -5.33
CA ARG F 1646 -87.47 -70.26 -4.77
C ARG F 1646 -87.53 -68.93 -5.49
N CYS F 1647 -88.67 -68.28 -5.35
CA CYS F 1647 -89.03 -67.08 -6.07
C CYS F 1647 -89.52 -66.02 -5.10
N MET F 1648 -89.10 -64.79 -5.34
CA MET F 1648 -89.62 -63.64 -4.62
C MET F 1648 -89.89 -62.52 -5.60
N ASP F 1649 -90.80 -61.63 -5.24
CA ASP F 1649 -91.06 -60.49 -6.11
C ASP F 1649 -89.82 -59.65 -6.25
N ILE F 1650 -89.69 -58.99 -7.40
CA ILE F 1650 -88.54 -58.12 -7.59
C ILE F 1650 -88.68 -56.84 -6.79
N LEU F 1651 -89.90 -56.40 -6.51
CA LEU F 1651 -90.09 -55.25 -5.65
C LEU F 1651 -89.74 -55.55 -4.20
N GLU F 1652 -89.56 -56.81 -3.84
CA GLU F 1652 -88.98 -57.14 -2.55
C GLU F 1652 -87.53 -56.72 -2.47
N LEU F 1653 -86.95 -56.30 -3.59
CA LEU F 1653 -85.61 -55.75 -3.59
C LEU F 1653 -85.61 -54.28 -3.20
N SER F 1654 -86.66 -53.81 -2.55
CA SER F 1654 -86.61 -52.48 -1.95
C SER F 1654 -85.98 -52.50 -0.57
N GLU F 1655 -85.94 -53.66 0.06
CA GLU F 1655 -85.33 -53.82 1.36
C GLU F 1655 -84.28 -54.92 1.40
N ARG F 1656 -84.12 -55.67 0.32
CA ARG F 1656 -83.06 -56.68 0.22
C ARG F 1656 -81.92 -56.07 -0.58
N LEU F 1657 -81.13 -55.26 0.10
CA LEU F 1657 -80.20 -54.36 -0.58
C LEU F 1657 -79.01 -55.09 -1.18
N ASP F 1658 -78.57 -56.19 -0.57
CA ASP F 1658 -77.47 -56.94 -1.15
C ASP F 1658 -77.87 -57.52 -2.49
N LEU F 1659 -79.08 -58.07 -2.58
CA LEU F 1659 -79.58 -58.55 -3.86
C LEU F 1659 -79.76 -57.40 -4.84
N GLN F 1660 -80.11 -56.21 -4.36
CA GLN F 1660 -80.13 -55.04 -5.25
C GLN F 1660 -78.77 -54.80 -5.87
N ARG F 1661 -77.73 -54.75 -5.05
CA ARG F 1661 -76.41 -54.48 -5.60
C ARG F 1661 -76.03 -55.55 -6.60
N PHE F 1662 -76.24 -56.81 -6.24
CA PHE F 1662 -75.86 -57.87 -7.15
C PHE F 1662 -76.65 -57.80 -8.44
N HIS F 1663 -77.95 -57.47 -8.36
CA HIS F 1663 -78.77 -57.47 -9.57
C HIS F 1663 -78.50 -56.25 -10.43
N SER F 1664 -78.30 -55.08 -9.83
CA SER F 1664 -77.94 -53.91 -10.60
C SER F 1664 -76.64 -54.14 -11.34
N HIS F 1665 -75.67 -54.77 -10.70
CA HIS F 1665 -74.43 -55.08 -11.39
C HIS F 1665 -74.59 -56.22 -12.37
N THR F 1666 -75.58 -57.10 -12.17
CA THR F 1666 -75.89 -58.07 -13.21
C THR F 1666 -76.36 -57.39 -14.47
N LEU F 1667 -77.23 -56.39 -14.34
CA LEU F 1667 -77.65 -55.63 -15.50
C LEU F 1667 -76.52 -54.83 -16.12
N ARG F 1668 -75.61 -54.30 -15.30
CA ARG F 1668 -74.43 -53.67 -15.89
C ARG F 1668 -73.61 -54.69 -16.68
N LEU F 1669 -73.52 -55.91 -16.19
CA LEU F 1669 -72.82 -56.95 -16.94
C LEU F 1669 -73.51 -57.24 -18.26
N TYR F 1670 -74.84 -57.32 -18.25
CA TYR F 1670 -75.59 -57.53 -19.49
C TYR F 1670 -75.31 -56.43 -20.48
N ARG F 1671 -75.36 -55.19 -20.02
CA ARG F 1671 -75.10 -54.06 -20.90
C ARG F 1671 -73.68 -54.04 -21.40
N ALA F 1672 -72.74 -54.57 -20.63
CA ALA F 1672 -71.36 -54.60 -21.08
C ALA F 1672 -71.14 -55.68 -22.14
N VAL F 1673 -71.73 -56.86 -21.95
CA VAL F 1673 -71.45 -57.95 -22.88
C VAL F 1673 -72.13 -57.74 -24.22
N CYS F 1674 -73.10 -56.85 -24.32
CA CYS F 1674 -73.75 -56.52 -25.57
C CYS F 1674 -73.38 -55.14 -26.08
N ALA F 1675 -72.35 -54.53 -25.51
CA ALA F 1675 -72.04 -53.13 -25.77
C ALA F 1675 -71.26 -52.96 -27.06
N LEU F 1676 -71.37 -51.77 -27.62
CA LEU F 1676 -70.59 -51.36 -28.78
C LEU F 1676 -70.72 -52.35 -29.93
N GLY F 1677 -71.96 -52.60 -30.35
CA GLY F 1677 -72.23 -53.25 -31.60
C GLY F 1677 -72.45 -54.75 -31.55
N ASN F 1678 -72.27 -55.41 -30.41
CA ASN F 1678 -72.40 -56.86 -30.37
C ASN F 1678 -73.88 -57.20 -30.41
N ASN F 1679 -74.43 -57.28 -31.61
CA ASN F 1679 -75.81 -57.69 -31.78
C ASN F 1679 -75.98 -59.19 -31.69
N ARG F 1680 -74.91 -59.95 -31.86
CA ARG F 1680 -74.97 -61.38 -31.67
C ARG F 1680 -75.22 -61.75 -30.23
N VAL F 1681 -74.79 -60.90 -29.29
CA VAL F 1681 -75.03 -61.14 -27.89
C VAL F 1681 -76.31 -60.47 -27.42
N ALA F 1682 -76.74 -59.41 -28.09
CA ALA F 1682 -78.03 -58.81 -27.77
C ALA F 1682 -79.15 -59.79 -28.02
N HIS F 1683 -79.04 -60.56 -29.10
CA HIS F 1683 -80.04 -61.58 -29.37
C HIS F 1683 -80.08 -62.61 -28.25
N ALA F 1684 -78.91 -63.01 -27.75
CA ALA F 1684 -78.87 -63.97 -26.66
C ALA F 1684 -79.53 -63.40 -25.42
N LEU F 1685 -79.23 -62.14 -25.11
CA LEU F 1685 -79.83 -61.51 -23.94
C LEU F 1685 -81.31 -61.27 -24.10
N CYS F 1686 -81.92 -61.52 -25.20
CA CYS F 1686 -83.33 -61.36 -25.32
C CYS F 1686 -83.97 -62.65 -24.91
N SER F 1687 -83.22 -63.55 -24.34
CA SER F 1687 -83.76 -64.78 -23.86
C SER F 1687 -83.58 -64.86 -22.39
N HIS F 1688 -83.01 -63.84 -21.79
CA HIS F 1688 -82.73 -63.83 -20.42
C HIS F 1688 -83.54 -62.70 -19.89
N VAL F 1689 -83.71 -61.61 -20.64
CA VAL F 1689 -84.58 -60.51 -20.28
C VAL F 1689 -85.45 -60.23 -21.49
N ASP F 1690 -86.66 -60.76 -21.58
CA ASP F 1690 -87.48 -60.57 -22.74
C ASP F 1690 -88.18 -59.27 -22.87
N GLN F 1691 -88.88 -59.05 -23.96
CA GLN F 1691 -89.53 -57.79 -24.25
C GLN F 1691 -90.54 -57.47 -23.23
N ALA F 1692 -91.27 -58.46 -22.78
CA ALA F 1692 -92.32 -58.24 -21.84
C ALA F 1692 -91.84 -57.85 -20.52
N GLN F 1693 -90.74 -58.40 -20.06
CA GLN F 1693 -90.18 -57.92 -18.82
C GLN F 1693 -89.67 -56.49 -18.94
N LEU F 1694 -89.04 -56.17 -20.07
CA LEU F 1694 -88.54 -54.82 -20.25
C LEU F 1694 -89.67 -53.82 -20.31
N LEU F 1695 -90.69 -54.09 -21.12
CA LEU F 1695 -91.82 -53.18 -21.21
C LEU F 1695 -92.59 -53.10 -19.90
N HIS F 1696 -92.53 -54.15 -19.09
CA HIS F 1696 -93.13 -54.11 -17.77
C HIS F 1696 -92.35 -53.21 -16.84
N ALA F 1697 -91.02 -53.37 -16.84
CA ALA F 1697 -90.19 -52.61 -15.93
C ALA F 1697 -90.16 -51.13 -16.30
N LEU F 1698 -90.45 -50.80 -17.55
CA LEU F 1698 -90.53 -49.40 -17.91
C LEU F 1698 -91.66 -48.69 -17.18
N GLU F 1699 -92.80 -49.35 -17.01
CA GLU F 1699 -93.97 -48.73 -16.41
C GLU F 1699 -94.11 -49.03 -14.93
N ASP F 1700 -93.20 -49.79 -14.35
CA ASP F 1700 -93.33 -50.28 -12.98
C ASP F 1700 -92.98 -49.15 -12.02
N ALA F 1701 -93.95 -48.76 -11.20
CA ALA F 1701 -93.78 -47.59 -10.35
C ALA F 1701 -92.97 -47.92 -9.10
N HIS F 1702 -93.01 -49.15 -8.64
CA HIS F 1702 -92.40 -49.49 -7.36
C HIS F 1702 -91.01 -50.09 -7.50
N LEU F 1703 -90.46 -50.15 -8.68
CA LEU F 1703 -89.10 -50.66 -8.80
C LEU F 1703 -88.14 -49.71 -8.11
N PRO F 1704 -87.20 -50.22 -7.33
CA PRO F 1704 -86.16 -49.35 -6.77
C PRO F 1704 -85.34 -48.73 -7.88
N GLY F 1705 -84.87 -47.51 -7.65
CA GLY F 1705 -84.21 -46.72 -8.65
C GLY F 1705 -83.06 -47.40 -9.38
N PRO F 1706 -82.14 -48.00 -8.64
CA PRO F 1706 -81.01 -48.64 -9.31
C PRO F 1706 -81.43 -49.73 -10.28
N LEU F 1707 -82.62 -50.27 -10.09
CA LEU F 1707 -83.15 -51.25 -11.02
C LEU F 1707 -84.01 -50.65 -12.10
N ARG F 1708 -84.72 -49.56 -11.81
CA ARG F 1708 -85.46 -48.84 -12.84
C ARG F 1708 -84.50 -48.31 -13.91
N ALA F 1709 -83.45 -47.62 -13.47
CA ALA F 1709 -82.46 -47.11 -14.40
C ALA F 1709 -81.75 -48.24 -15.12
N GLY F 1710 -81.48 -49.34 -14.40
CA GLY F 1710 -80.83 -50.46 -15.04
C GLY F 1710 -81.65 -51.08 -16.15
N TYR F 1711 -82.95 -51.27 -15.91
CA TYR F 1711 -83.81 -51.86 -16.91
C TYR F 1711 -84.14 -50.89 -18.03
N TYR F 1712 -84.05 -49.58 -17.80
CA TYR F 1712 -84.15 -48.66 -18.92
C TYR F 1712 -82.90 -48.66 -19.77
N ASP F 1713 -81.73 -48.73 -19.16
CA ASP F 1713 -80.50 -48.78 -19.92
C ASP F 1713 -80.37 -50.09 -20.67
N LEU F 1714 -80.88 -51.18 -20.10
CA LEU F 1714 -80.76 -52.48 -20.76
C LEU F 1714 -81.58 -52.53 -22.03
N LEU F 1715 -82.77 -51.92 -22.05
CA LEU F 1715 -83.56 -51.89 -23.26
C LEU F 1715 -82.82 -51.17 -24.37
N ILE F 1716 -82.24 -50.01 -24.06
CA ILE F 1716 -81.49 -49.26 -25.05
C ILE F 1716 -80.30 -50.06 -25.53
N SER F 1717 -79.59 -50.71 -24.62
CA SER F 1717 -78.41 -51.46 -25.01
C SER F 1717 -78.77 -52.63 -25.90
N ILE F 1718 -79.83 -53.36 -25.56
CA ILE F 1718 -80.17 -54.55 -26.34
C ILE F 1718 -80.71 -54.17 -27.70
N HIS F 1719 -81.60 -53.18 -27.75
CA HIS F 1719 -82.41 -52.95 -28.95
C HIS F 1719 -82.04 -51.69 -29.72
N LEU F 1720 -81.74 -50.59 -29.04
CA LEU F 1720 -81.71 -49.30 -29.70
C LEU F 1720 -80.32 -48.69 -29.86
N GLU F 1721 -79.34 -49.10 -29.05
CA GLU F 1721 -78.10 -48.36 -28.98
C GLU F 1721 -77.32 -48.39 -30.28
N SER F 1722 -77.23 -49.56 -30.92
CA SER F 1722 -76.48 -49.66 -32.16
C SER F 1722 -77.10 -48.79 -33.25
N ALA F 1723 -78.41 -48.87 -33.41
CA ALA F 1723 -79.08 -48.03 -34.38
C ALA F 1723 -78.91 -46.56 -34.04
N CYS F 1724 -78.93 -46.23 -32.76
CA CYS F 1724 -78.76 -44.84 -32.35
C CYS F 1724 -77.40 -44.31 -32.74
N ARG F 1725 -76.33 -45.07 -32.49
CA ARG F 1725 -75.00 -44.56 -32.83
C ARG F 1725 -74.81 -44.49 -34.33
N SER F 1726 -75.33 -45.48 -35.06
CA SER F 1726 -75.20 -45.44 -36.50
C SER F 1726 -75.92 -44.24 -37.09
N ARG F 1727 -77.12 -43.93 -36.58
CA ARG F 1727 -77.81 -42.74 -37.02
C ARG F 1727 -77.07 -41.47 -36.62
N ARG F 1728 -76.54 -41.46 -35.40
CA ARG F 1728 -75.87 -40.28 -34.88
C ARG F 1728 -74.60 -39.96 -35.62
N SER F 1729 -73.96 -40.95 -36.23
CA SER F 1729 -72.80 -40.68 -37.06
C SER F 1729 -73.14 -40.05 -38.40
N MET F 1730 -74.36 -40.23 -38.89
CA MET F 1730 -74.79 -39.63 -40.15
C MET F 1730 -75.46 -38.29 -39.95
N LEU F 1731 -75.56 -37.80 -38.72
CA LEU F 1731 -76.31 -36.60 -38.43
C LEU F 1731 -75.48 -35.34 -38.57
N SER F 1732 -74.25 -35.46 -39.05
CA SER F 1732 -73.40 -34.30 -39.27
C SER F 1732 -73.13 -34.04 -40.75
N GLU F 1733 -73.61 -34.91 -41.62
CA GLU F 1733 -73.44 -34.74 -43.06
C GLU F 1733 -74.81 -34.65 -43.71
N TYR F 1734 -74.98 -33.67 -44.58
CA TYR F 1734 -76.28 -33.34 -45.16
C TYR F 1734 -76.20 -33.55 -46.67
N ILE F 1735 -76.50 -34.76 -47.13
CA ILE F 1735 -76.66 -35.04 -48.54
C ILE F 1735 -78.12 -34.81 -48.87
N VAL F 1736 -78.40 -33.79 -49.68
CA VAL F 1736 -79.76 -33.36 -49.97
C VAL F 1736 -80.06 -33.63 -51.44
N PRO F 1737 -80.94 -34.56 -51.76
CA PRO F 1737 -81.25 -34.85 -53.16
C PRO F 1737 -82.15 -33.78 -53.77
N LEU F 1738 -81.95 -33.53 -55.05
CA LEU F 1738 -82.66 -32.46 -55.74
C LEU F 1738 -84.03 -32.94 -56.24
N THR F 1739 -84.80 -33.48 -55.32
CA THR F 1739 -86.15 -33.95 -55.60
C THR F 1739 -87.13 -32.79 -55.46
N PRO F 1740 -88.34 -32.92 -56.03
CA PRO F 1740 -89.35 -31.89 -55.78
C PRO F 1740 -89.69 -31.70 -54.32
N GLU F 1741 -89.67 -32.78 -53.54
CA GLU F 1741 -89.84 -32.66 -52.10
C GLU F 1741 -88.84 -31.67 -51.52
N THR F 1742 -87.57 -31.80 -51.90
CA THR F 1742 -86.56 -30.82 -51.49
C THR F 1742 -86.91 -29.44 -52.00
N ARG F 1743 -87.31 -29.36 -53.27
CA ARG F 1743 -87.60 -28.06 -53.88
C ARG F 1743 -88.69 -27.32 -53.14
N ALA F 1744 -89.59 -28.02 -52.48
CA ALA F 1744 -90.67 -27.34 -51.76
C ALA F 1744 -90.21 -26.74 -50.43
N ILE F 1745 -89.04 -27.11 -49.92
CA ILE F 1745 -88.62 -26.64 -48.61
C ILE F 1745 -88.44 -25.13 -48.63
N THR F 1746 -88.93 -24.48 -47.58
CA THR F 1746 -88.74 -23.06 -47.37
C THR F 1746 -88.34 -22.84 -45.92
N LEU F 1747 -87.64 -21.73 -45.67
CA LEU F 1747 -87.17 -21.45 -44.32
C LEU F 1747 -88.34 -21.28 -43.35
N PHE F 1748 -89.28 -20.41 -43.69
CA PHE F 1748 -90.38 -20.10 -42.80
C PHE F 1748 -91.66 -20.70 -43.35
N PRO F 1749 -92.50 -21.30 -42.52
CA PRO F 1749 -93.74 -21.86 -43.03
C PRO F 1749 -94.56 -20.79 -43.71
N PRO F 1750 -95.21 -21.14 -44.82
CA PRO F 1750 -95.90 -20.11 -45.61
C PRO F 1750 -96.97 -19.41 -44.78
N GLY F 1751 -97.14 -18.12 -45.04
CA GLY F 1751 -98.12 -17.32 -44.34
C GLY F 1751 -97.64 -16.85 -42.98
N ARG F 1758 -93.37 -14.11 -41.33
CA ARG F 1758 -92.06 -14.63 -40.94
C ARG F 1758 -92.04 -15.02 -39.46
N ARG F 1759 -92.68 -16.14 -39.14
CA ARG F 1759 -92.58 -16.76 -37.84
C ARG F 1759 -91.77 -18.04 -37.97
N HIS F 1760 -90.99 -18.37 -36.95
CA HIS F 1760 -90.34 -19.66 -36.93
C HIS F 1760 -91.36 -20.78 -36.82
N GLY F 1761 -91.18 -21.82 -37.61
CA GLY F 1761 -91.92 -23.04 -37.38
C GLY F 1761 -91.33 -23.80 -36.22
N LEU F 1762 -92.02 -24.86 -35.82
CA LEU F 1762 -91.55 -25.65 -34.71
C LEU F 1762 -90.29 -26.41 -35.11
N PRO F 1763 -89.27 -26.44 -34.26
CA PRO F 1763 -88.08 -27.21 -34.57
C PRO F 1763 -88.38 -28.70 -34.61
N GLY F 1764 -87.76 -29.40 -35.55
CA GLY F 1764 -88.00 -30.81 -35.70
C GLY F 1764 -89.30 -31.19 -36.34
N VAL F 1765 -90.17 -30.22 -36.60
CA VAL F 1765 -91.44 -30.44 -37.27
C VAL F 1765 -91.32 -29.88 -38.68
N GLY F 1766 -91.37 -30.75 -39.67
CA GLY F 1766 -91.27 -30.31 -41.04
C GLY F 1766 -90.86 -31.46 -41.93
N VAL F 1767 -90.52 -31.11 -43.17
CA VAL F 1767 -90.08 -32.08 -44.16
C VAL F 1767 -88.56 -32.00 -44.27
N THR F 1768 -87.90 -33.16 -44.15
CA THR F 1768 -86.45 -33.24 -44.24
C THR F 1768 -86.12 -34.26 -45.32
N THR F 1769 -85.21 -33.87 -46.22
CA THR F 1769 -84.85 -34.75 -47.32
C THR F 1769 -83.43 -35.26 -47.24
N SER F 1770 -82.66 -34.85 -46.25
CA SER F 1770 -81.29 -35.35 -46.13
C SER F 1770 -81.30 -36.87 -46.03
N LEU F 1771 -80.37 -37.50 -46.76
CA LEU F 1771 -80.28 -38.96 -46.77
C LEU F 1771 -79.70 -39.43 -45.45
N ARG F 1772 -80.48 -40.23 -44.73
CA ARG F 1772 -79.98 -41.02 -43.62
C ARG F 1772 -80.44 -42.46 -43.89
N PRO F 1773 -79.54 -43.43 -43.91
CA PRO F 1773 -79.93 -44.77 -44.26
C PRO F 1773 -80.89 -45.33 -43.24
N PRO F 1774 -81.88 -46.10 -43.67
CA PRO F 1774 -82.76 -46.76 -42.72
C PRO F 1774 -81.98 -47.75 -41.88
N HIS F 1775 -82.36 -47.84 -40.61
CA HIS F 1775 -81.70 -48.74 -39.68
C HIS F 1775 -82.47 -50.04 -39.54
N HIS F 1776 -81.71 -51.14 -39.54
CA HIS F 1776 -82.23 -52.48 -39.78
C HIS F 1776 -82.31 -53.25 -38.47
N PHE F 1777 -83.32 -54.10 -38.37
CA PHE F 1777 -83.54 -54.94 -37.21
C PHE F 1777 -83.89 -56.34 -37.65
N SER F 1778 -83.79 -57.31 -36.78
CA SER F 1778 -84.12 -58.68 -37.11
C SER F 1778 -84.84 -59.24 -35.98
N PRO F 1779 -85.81 -60.10 -36.23
CA PRO F 1779 -86.63 -60.58 -35.14
C PRO F 1779 -85.95 -61.53 -34.21
N PRO F 1780 -86.23 -61.51 -32.91
CA PRO F 1780 -85.52 -62.50 -32.09
C PRO F 1780 -86.16 -63.87 -31.94
N CYS F 1781 -85.65 -64.92 -32.57
CA CYS F 1781 -86.19 -66.28 -32.50
C CYS F 1781 -85.14 -67.27 -32.23
N PHE F 1782 -85.39 -68.19 -31.31
CA PHE F 1782 -84.43 -69.18 -30.89
C PHE F 1782 -84.85 -70.55 -31.28
N VAL F 1783 -85.61 -70.69 -32.35
CA VAL F 1783 -86.00 -71.97 -32.90
C VAL F 1783 -85.53 -72.03 -34.35
N ALA F 1784 -84.76 -71.06 -34.83
CA ALA F 1784 -84.31 -71.00 -36.20
C ALA F 1784 -83.05 -71.83 -36.37
N ALA F 1785 -82.94 -72.52 -37.50
CA ALA F 1785 -81.82 -73.41 -37.74
C ALA F 1785 -80.52 -72.64 -37.83
N LEU F 1786 -79.42 -73.34 -37.59
CA LEU F 1786 -78.10 -72.71 -37.63
C LEU F 1786 -77.50 -72.72 -39.02
N ALA F 1794 -70.55 -65.76 -42.04
CA ALA F 1794 -71.58 -65.31 -41.10
C ALA F 1794 -71.75 -63.81 -41.16
N PRO F 1795 -72.71 -63.35 -41.96
CA PRO F 1795 -72.97 -61.91 -42.05
C PRO F 1795 -73.36 -61.36 -40.68
N ALA F 1796 -72.94 -60.12 -40.42
CA ALA F 1796 -73.15 -59.51 -39.12
C ALA F 1796 -74.62 -59.51 -38.78
N ARG F 1797 -74.93 -59.90 -37.55
CA ARG F 1797 -76.30 -59.99 -37.10
C ARG F 1797 -76.81 -58.60 -36.75
N LEU F 1798 -78.10 -58.37 -37.00
CA LEU F 1798 -78.69 -57.08 -36.74
C LEU F 1798 -79.30 -57.04 -35.34
N SER F 1799 -79.64 -55.83 -34.91
CA SER F 1799 -80.14 -55.64 -33.56
C SER F 1799 -81.51 -56.28 -33.40
N PRO F 1800 -81.84 -56.75 -32.21
CA PRO F 1800 -83.15 -57.37 -32.00
C PRO F 1800 -84.27 -56.36 -32.16
N ALA F 1801 -85.29 -56.76 -32.90
CA ALA F 1801 -86.43 -55.91 -33.18
C ALA F 1801 -87.28 -55.77 -31.93
N ILE F 1802 -87.73 -54.54 -31.68
CA ILE F 1802 -88.74 -54.27 -30.67
C ILE F 1802 -89.75 -53.35 -31.34
N PRO F 1803 -91.06 -53.53 -31.14
CA PRO F 1803 -92.02 -52.69 -31.85
C PRO F 1803 -91.85 -51.22 -31.50
N LEU F 1804 -91.41 -50.44 -32.49
CA LEU F 1804 -90.96 -49.09 -32.20
C LEU F 1804 -92.11 -48.13 -31.97
N GLU F 1805 -93.25 -48.36 -32.62
CA GLU F 1805 -94.37 -47.43 -32.46
C GLU F 1805 -95.01 -47.56 -31.08
N ALA F 1806 -95.24 -48.80 -30.64
CA ALA F 1806 -95.77 -49.01 -29.31
C ALA F 1806 -94.82 -48.47 -28.25
N LEU F 1807 -93.53 -48.72 -28.43
CA LEU F 1807 -92.53 -48.19 -27.51
C LEU F 1807 -92.55 -46.68 -27.49
N ARG F 1808 -92.65 -46.06 -28.66
CA ARG F 1808 -92.67 -44.60 -28.74
C ARG F 1808 -93.88 -44.02 -28.03
N ASP F 1809 -95.05 -44.61 -28.25
CA ASP F 1809 -96.26 -44.12 -27.59
C ASP F 1809 -96.18 -44.29 -26.09
N LYS F 1810 -95.65 -45.42 -25.64
CA LYS F 1810 -95.43 -45.62 -24.21
C LYS F 1810 -94.47 -44.60 -23.65
N ALA F 1811 -93.41 -44.29 -24.39
CA ALA F 1811 -92.42 -43.33 -23.91
C ALA F 1811 -93.04 -41.95 -23.75
N LEU F 1812 -93.80 -41.50 -24.74
CA LEU F 1812 -94.52 -40.25 -24.60
C LEU F 1812 -95.47 -40.25 -23.43
N ARG F 1813 -96.21 -41.34 -23.25
CA ARG F 1813 -97.20 -41.40 -22.18
C ARG F 1813 -96.52 -41.34 -20.82
N MET F 1814 -95.43 -42.07 -20.64
CA MET F 1814 -94.71 -42.04 -19.37
C MET F 1814 -94.12 -40.66 -19.12
N LEU F 1815 -93.57 -40.03 -20.15
CA LEU F 1815 -93.03 -38.68 -19.96
C LEU F 1815 -94.12 -37.70 -19.58
N GLY F 1816 -95.28 -37.80 -20.20
CA GLY F 1816 -96.39 -36.92 -19.87
C GLY F 1816 -96.88 -37.12 -18.46
N GLU F 1817 -96.96 -38.37 -18.01
CA GLU F 1817 -97.38 -38.63 -16.64
C GLU F 1817 -96.41 -38.05 -15.63
N ALA F 1818 -95.12 -38.14 -15.90
CA ALA F 1818 -94.11 -37.68 -14.96
C ALA F 1818 -94.03 -36.17 -14.83
N VAL F 1819 -94.62 -35.41 -15.76
CA VAL F 1819 -94.42 -33.97 -15.78
C VAL F 1819 -95.54 -33.26 -15.04
N ARG F 1820 -96.77 -33.38 -15.54
CA ARG F 1820 -97.89 -32.75 -14.87
C ARG F 1820 -98.03 -33.23 -13.45
N ASP F 1821 -97.27 -34.23 -13.05
CA ASP F 1821 -97.14 -34.59 -11.66
C ASP F 1821 -95.77 -34.25 -11.14
N GLY F 1822 -94.87 -33.78 -12.00
CA GLY F 1822 -93.67 -33.13 -11.50
C GLY F 1822 -93.97 -31.80 -10.84
N GLY F 1823 -94.90 -31.04 -11.42
CA GLY F 1823 -95.23 -29.74 -10.85
C GLY F 1823 -95.87 -29.85 -9.49
N GLN F 1824 -96.70 -30.87 -9.29
CA GLN F 1824 -97.34 -31.05 -7.99
C GLN F 1824 -96.33 -31.29 -6.89
N HIS F 1825 -95.18 -31.84 -7.24
CA HIS F 1825 -94.16 -32.30 -6.29
C HIS F 1825 -94.80 -32.95 -5.07
N ALA F 1826 -95.57 -33.99 -5.32
CA ALA F 1826 -95.96 -34.89 -4.25
C ALA F 1826 -94.74 -35.68 -3.79
N ARG F 1827 -94.94 -36.53 -2.77
CA ARG F 1827 -93.90 -37.42 -2.31
C ARG F 1827 -93.94 -38.75 -3.05
N ASP F 1828 -94.31 -38.69 -4.31
CA ASP F 1828 -94.30 -39.76 -5.27
C ASP F 1828 -93.14 -39.56 -6.21
N PRO F 1829 -91.94 -39.91 -5.78
CA PRO F 1829 -90.79 -39.88 -6.67
C PRO F 1829 -90.56 -41.25 -7.27
N VAL F 1830 -91.36 -41.66 -8.27
CA VAL F 1830 -91.29 -42.98 -8.85
C VAL F 1830 -89.84 -43.36 -9.08
N GLY F 1831 -89.41 -44.46 -8.47
CA GLY F 1831 -88.01 -44.80 -8.45
C GLY F 1831 -87.25 -44.35 -7.22
N GLY F 1832 -87.88 -43.55 -6.35
CA GLY F 1832 -87.25 -43.14 -5.12
C GLY F 1832 -86.71 -41.73 -5.11
N SER F 1833 -86.65 -41.06 -6.26
CA SER F 1833 -86.14 -39.71 -6.34
C SER F 1833 -86.62 -39.11 -7.64
N VAL F 1834 -86.51 -37.79 -7.75
CA VAL F 1834 -86.86 -37.11 -9.01
C VAL F 1834 -85.88 -37.49 -10.10
N GLU F 1835 -84.61 -37.66 -9.76
CA GLU F 1835 -83.63 -38.11 -10.72
C GLU F 1835 -84.03 -39.44 -11.34
N PHE F 1836 -84.35 -40.43 -10.50
CA PHE F 1836 -84.74 -41.74 -11.03
C PHE F 1836 -86.09 -41.71 -11.68
N GLN F 1837 -86.94 -40.76 -11.35
CA GLN F 1837 -88.20 -40.63 -12.05
C GLN F 1837 -88.05 -40.09 -13.45
N PHE F 1838 -87.13 -39.16 -13.66
CA PHE F 1838 -87.04 -38.43 -14.91
C PHE F 1838 -85.94 -38.90 -15.83
N VAL F 1839 -84.71 -39.02 -15.33
CA VAL F 1839 -83.55 -39.31 -16.15
C VAL F 1839 -83.78 -40.54 -17.01
N PRO F 1840 -84.24 -41.67 -16.46
CA PRO F 1840 -84.45 -42.83 -17.32
C PRO F 1840 -85.41 -42.60 -18.47
N VAL F 1841 -86.49 -41.85 -18.26
CA VAL F 1841 -87.43 -41.61 -19.34
C VAL F 1841 -86.86 -40.65 -20.37
N LEU F 1842 -86.17 -39.62 -19.90
CA LEU F 1842 -85.58 -38.65 -20.82
C LEU F 1842 -84.53 -39.30 -21.70
N LYS F 1843 -83.76 -40.24 -21.14
CA LYS F 1843 -82.80 -40.95 -21.96
C LYS F 1843 -83.48 -41.70 -23.09
N LEU F 1844 -84.57 -42.40 -22.78
CA LEU F 1844 -85.27 -43.15 -23.80
C LEU F 1844 -85.87 -42.24 -24.86
N VAL F 1845 -86.46 -41.12 -24.43
CA VAL F 1845 -87.07 -40.21 -25.40
C VAL F 1845 -86.00 -39.58 -26.29
N SER F 1846 -84.86 -39.22 -25.70
CA SER F 1846 -83.77 -38.69 -26.51
C SER F 1846 -83.30 -39.71 -27.53
N THR F 1847 -83.16 -40.96 -27.11
CA THR F 1847 -82.73 -42.00 -28.04
C THR F 1847 -83.72 -42.16 -29.19
N LEU F 1848 -85.01 -42.20 -28.88
CA LEU F 1848 -85.99 -42.41 -29.94
C LEU F 1848 -86.16 -41.18 -30.81
N LEU F 1849 -85.91 -39.98 -30.28
CA LEU F 1849 -85.89 -38.80 -31.12
C LEU F 1849 -84.73 -38.85 -32.09
N VAL F 1850 -83.54 -39.20 -31.60
CA VAL F 1850 -82.36 -39.25 -32.45
C VAL F 1850 -82.52 -40.28 -33.54
N MET F 1851 -83.04 -41.46 -33.19
CA MET F 1851 -83.17 -42.51 -34.18
C MET F 1851 -84.06 -42.08 -35.34
N GLY F 1852 -85.14 -41.36 -35.05
CA GLY F 1852 -86.00 -40.87 -36.10
C GLY F 1852 -87.41 -41.39 -35.98
N ILE F 1853 -87.71 -42.02 -34.85
CA ILE F 1853 -88.99 -42.70 -34.67
C ILE F 1853 -90.16 -41.75 -34.54
N PHE F 1854 -89.95 -40.56 -33.98
CA PHE F 1854 -91.03 -39.68 -33.59
C PHE F 1854 -91.60 -38.97 -34.81
N GLY F 1855 -92.93 -39.00 -34.95
CA GLY F 1855 -93.62 -38.27 -35.98
C GLY F 1855 -93.73 -36.81 -35.62
N ASP F 1856 -94.51 -36.09 -36.43
CA ASP F 1856 -94.66 -34.65 -36.20
C ASP F 1856 -95.53 -34.36 -35.00
N GLU F 1857 -96.64 -35.08 -34.86
CA GLU F 1857 -97.52 -34.87 -33.71
C GLU F 1857 -96.81 -35.24 -32.41
N ASP F 1858 -96.04 -36.32 -32.44
CA ASP F 1858 -95.29 -36.71 -31.25
C ASP F 1858 -94.25 -35.66 -30.91
N VAL F 1859 -93.59 -35.09 -31.92
CA VAL F 1859 -92.61 -34.04 -31.64
C VAL F 1859 -93.30 -32.83 -31.04
N LYS F 1860 -94.49 -32.50 -31.52
CA LYS F 1860 -95.26 -31.41 -30.92
C LYS F 1860 -95.55 -31.70 -29.46
N GLN F 1861 -95.91 -32.95 -29.15
CA GLN F 1861 -96.17 -33.30 -27.76
C GLN F 1861 -94.93 -33.12 -26.89
N ILE F 1862 -93.77 -33.56 -27.39
CA ILE F 1862 -92.53 -33.40 -26.63
C ILE F 1862 -92.25 -31.93 -26.40
N LEU F 1863 -92.43 -31.12 -27.44
CA LEU F 1863 -92.14 -29.69 -27.32
C LEU F 1863 -93.08 -29.01 -26.33
N LYS F 1864 -94.36 -29.40 -26.33
CA LYS F 1864 -95.25 -28.84 -25.32
C LYS F 1864 -94.86 -29.28 -23.92
N MET F 1865 -94.44 -30.53 -23.75
CA MET F 1865 -93.96 -30.94 -22.44
C MET F 1865 -92.68 -30.24 -22.04
N ILE F 1866 -91.95 -29.67 -22.99
CA ILE F 1866 -90.76 -28.89 -22.65
C ILE F 1866 -91.15 -27.47 -22.26
N GLU F 1867 -91.88 -26.78 -23.12
CA GLU F 1867 -92.23 -25.40 -22.84
C GLU F 1867 -93.53 -25.05 -23.54
N PRO F 1868 -94.66 -25.09 -22.83
CA PRO F 1868 -95.96 -24.92 -23.51
C PRO F 1868 -96.14 -23.57 -24.16
N GLU F 1869 -95.65 -22.48 -23.56
CA GLU F 1869 -95.91 -21.16 -24.12
C GLU F 1869 -95.10 -20.93 -25.39
N VAL F 1870 -93.82 -21.28 -25.37
CA VAL F 1870 -92.96 -20.98 -26.51
C VAL F 1870 -93.37 -21.80 -27.72
N PHE F 1871 -93.79 -23.03 -27.52
CA PHE F 1871 -94.05 -23.97 -28.62
C PHE F 1871 -95.56 -24.22 -28.71
N THR F 1872 -96.25 -23.36 -29.44
CA THR F 1872 -97.67 -23.53 -29.68
C THR F 1872 -98.17 -22.59 -30.77
N GLU F 1924 -97.94 -27.79 -17.15
CA GLU F 1924 -96.58 -27.48 -16.74
C GLU F 1924 -95.54 -28.08 -17.69
N GLY F 1925 -94.47 -27.33 -17.94
CA GLY F 1925 -93.42 -27.83 -18.78
C GLY F 1925 -92.28 -28.39 -17.97
N LEU F 1926 -91.32 -29.05 -18.60
CA LEU F 1926 -90.22 -29.63 -17.85
C LEU F 1926 -89.38 -28.57 -17.18
N LEU F 1927 -89.57 -27.30 -17.56
CA LEU F 1927 -88.90 -26.18 -16.93
C LEU F 1927 -89.85 -25.45 -15.97
N GLN F 1928 -91.03 -26.02 -15.72
CA GLN F 1928 -92.01 -25.50 -14.78
C GLN F 1928 -91.83 -26.08 -13.39
N MET F 1929 -90.70 -26.74 -13.13
CA MET F 1929 -90.33 -27.15 -11.78
C MET F 1929 -88.83 -27.28 -11.71
N LYS F 1930 -88.30 -27.10 -10.50
CA LYS F 1930 -86.87 -27.21 -10.26
C LYS F 1930 -86.40 -28.63 -10.51
N LEU F 1931 -85.18 -28.78 -11.01
CA LEU F 1931 -84.68 -30.07 -11.45
C LEU F 1931 -83.29 -30.33 -10.88
N PRO F 1932 -82.91 -31.57 -10.73
CA PRO F 1932 -81.53 -31.86 -10.34
C PRO F 1932 -80.58 -31.68 -11.51
N GLU F 1933 -79.29 -31.85 -11.27
CA GLU F 1933 -78.30 -31.63 -12.30
C GLU F 1933 -78.11 -32.84 -13.19
N SER F 1934 -78.72 -33.96 -12.88
CA SER F 1934 -78.73 -35.11 -13.77
C SER F 1934 -79.86 -35.02 -14.79
N VAL F 1935 -81.03 -34.55 -14.37
CA VAL F 1935 -82.12 -34.32 -15.31
C VAL F 1935 -81.79 -33.17 -16.24
N LYS F 1936 -81.15 -32.13 -15.73
CA LYS F 1936 -80.79 -30.99 -16.56
C LYS F 1936 -79.91 -31.43 -17.73
N LEU F 1937 -79.05 -32.41 -17.50
CA LEU F 1937 -78.19 -32.88 -18.57
C LEU F 1937 -79.00 -33.51 -19.70
N GLN F 1938 -80.04 -34.27 -19.35
CA GLN F 1938 -80.89 -34.86 -20.38
C GLN F 1938 -81.74 -33.80 -21.08
N MET F 1939 -82.16 -32.77 -20.35
CA MET F 1939 -82.82 -31.64 -21.02
C MET F 1939 -81.89 -31.01 -22.03
N CYS F 1940 -80.61 -30.88 -21.69
CA CYS F 1940 -79.64 -30.38 -22.66
C CYS F 1940 -79.52 -31.30 -23.84
N ASN F 1941 -79.55 -32.62 -23.63
CA ASN F 1941 -79.48 -33.56 -24.74
C ASN F 1941 -80.73 -33.55 -25.61
N LEU F 1942 -81.85 -33.08 -25.10
CA LEU F 1942 -83.03 -32.91 -25.95
C LEU F 1942 -82.96 -31.62 -26.74
N LEU F 1943 -82.61 -30.53 -26.07
CA LEU F 1943 -82.54 -29.25 -26.74
C LEU F 1943 -81.44 -29.23 -27.78
N GLU F 1944 -80.38 -30.00 -27.59
CA GLU F 1944 -79.38 -30.08 -28.63
C GLU F 1944 -79.94 -30.77 -29.86
N TYR F 1945 -80.84 -31.73 -29.68
CA TYR F 1945 -81.48 -32.34 -30.84
C TYR F 1945 -82.30 -31.31 -31.60
N PHE F 1946 -83.12 -30.54 -30.88
CA PHE F 1946 -83.94 -29.57 -31.59
C PHE F 1946 -83.12 -28.43 -32.16
N CYS F 1947 -81.95 -28.16 -31.59
CA CYS F 1947 -81.04 -27.20 -32.19
C CYS F 1947 -80.33 -27.76 -33.41
N ASP F 1948 -80.12 -29.06 -33.47
CA ASP F 1948 -79.56 -29.67 -34.67
C ASP F 1948 -80.56 -29.72 -35.80
N GLN F 1949 -81.83 -29.94 -35.49
CA GLN F 1949 -82.84 -29.96 -36.54
C GLN F 1949 -83.04 -28.60 -37.17
N GLU F 1950 -82.90 -27.51 -36.42
CA GLU F 1950 -82.97 -26.19 -37.03
C GLU F 1950 -81.81 -25.96 -37.98
N LEU F 1951 -80.61 -26.39 -37.60
CA LEU F 1951 -79.47 -26.26 -38.50
C LEU F 1951 -79.67 -27.10 -39.75
N GLN F 1952 -80.16 -28.32 -39.58
CA GLN F 1952 -80.43 -29.16 -40.72
C GLN F 1952 -81.46 -28.52 -41.63
N HIS F 1953 -82.47 -27.87 -41.04
CA HIS F 1953 -83.46 -27.16 -41.82
C HIS F 1953 -82.84 -26.01 -42.59
N ARG F 1954 -81.93 -25.27 -41.97
CA ARG F 1954 -81.27 -24.17 -42.66
C ARG F 1954 -80.49 -24.69 -43.86
N VAL F 1955 -79.74 -25.76 -43.67
CA VAL F 1955 -78.95 -26.32 -44.76
C VAL F 1955 -79.86 -26.84 -45.86
N GLU F 1956 -80.95 -27.52 -45.50
CA GLU F 1956 -81.86 -28.03 -46.51
C GLU F 1956 -82.53 -26.91 -47.29
N SER F 1957 -82.95 -25.85 -46.60
CA SER F 1957 -83.59 -24.75 -47.29
C SER F 1957 -82.61 -24.01 -48.18
N LEU F 1958 -81.36 -23.89 -47.74
CA LEU F 1958 -80.32 -23.31 -48.56
C LEU F 1958 -80.00 -24.14 -49.78
N ALA F 1959 -80.06 -25.46 -49.67
CA ALA F 1959 -79.90 -26.32 -50.84
C ALA F 1959 -81.09 -26.22 -51.78
N ALA F 1960 -82.29 -26.14 -51.22
CA ALA F 1960 -83.49 -25.97 -52.05
C ALA F 1960 -83.42 -24.65 -52.80
N PHE F 1961 -82.98 -23.59 -52.13
CA PHE F 1961 -82.82 -22.32 -52.83
C PHE F 1961 -81.79 -22.42 -53.92
N ALA F 1962 -80.69 -23.11 -53.66
CA ALA F 1962 -79.69 -23.30 -54.69
C ALA F 1962 -80.33 -23.96 -55.91
N GLU F 1963 -81.12 -24.99 -55.66
CA GLU F 1963 -81.80 -25.67 -56.76
C GLU F 1963 -82.68 -24.72 -57.54
N ARG F 1964 -83.48 -23.91 -56.84
CA ARG F 1964 -84.42 -23.05 -57.53
C ARG F 1964 -83.76 -21.85 -58.17
N TYR F 1965 -82.53 -21.53 -57.79
CA TYR F 1965 -81.92 -20.28 -58.23
C TYR F 1965 -80.86 -20.50 -59.30
N VAL F 1966 -80.16 -21.64 -59.26
CA VAL F 1966 -79.23 -21.93 -60.33
C VAL F 1966 -79.97 -22.11 -61.63
N ASP F 1967 -81.24 -22.49 -61.56
CA ASP F 1967 -82.05 -22.57 -62.78
C ASP F 1967 -82.16 -21.20 -63.42
N LYS F 1968 -82.38 -20.16 -62.62
CA LYS F 1968 -82.46 -18.81 -63.17
C LYS F 1968 -81.11 -18.34 -63.67
N LEU F 1969 -80.05 -18.61 -62.91
CA LEU F 1969 -78.72 -18.22 -63.34
C LEU F 1969 -78.30 -18.95 -64.61
N GLN F 1970 -78.91 -20.09 -64.91
CA GLN F 1970 -78.63 -20.82 -66.14
C GLN F 1970 -79.51 -20.31 -67.28
N ALA F 1971 -80.78 -20.09 -67.01
CA ALA F 1971 -81.70 -19.60 -68.03
C ALA F 1971 -81.26 -18.25 -68.56
N ASN F 1972 -80.88 -17.33 -67.67
CA ASN F 1972 -80.48 -16.02 -68.19
C ASN F 1972 -79.10 -16.08 -68.83
N GLN F 1973 -78.24 -16.99 -68.38
CA GLN F 1973 -76.96 -17.13 -69.06
C GLN F 1973 -77.17 -17.59 -70.48
N ARG F 1974 -78.07 -18.53 -70.70
CA ARG F 1974 -78.33 -19.02 -72.04
C ARG F 1974 -78.99 -17.93 -72.90
N SER F 1975 -79.96 -17.22 -72.34
CA SER F 1975 -80.61 -16.14 -73.10
C SER F 1975 -79.62 -15.02 -73.40
N ARG F 1976 -78.77 -14.67 -72.44
CA ARG F 1976 -77.71 -13.70 -72.66
C ARG F 1976 -76.77 -14.14 -73.76
N TYR F 1977 -76.41 -15.44 -73.77
CA TYR F 1977 -75.54 -15.93 -74.80
C TYR F 1977 -76.19 -15.83 -76.17
N ALA F 1978 -77.49 -16.11 -76.23
CA ALA F 1978 -78.20 -15.93 -77.49
C ALA F 1978 -78.11 -14.48 -77.95
N LEU F 1979 -78.35 -13.54 -77.03
CA LEU F 1979 -78.28 -12.13 -77.39
C LEU F 1979 -76.89 -11.73 -77.85
N LEU F 1980 -75.86 -12.20 -77.17
CA LEU F 1980 -74.50 -11.91 -77.58
C LEU F 1980 -74.17 -12.56 -78.92
N MET F 1981 -74.80 -13.68 -79.24
CA MET F 1981 -74.56 -14.31 -80.54
C MET F 1981 -75.20 -13.51 -81.66
N ARG F 1982 -76.39 -12.93 -81.43
CA ARG F 1982 -76.90 -11.95 -82.38
C ARG F 1982 -75.95 -10.75 -82.47
N ALA F 1983 -75.42 -10.30 -81.34
CA ALA F 1983 -74.36 -9.32 -81.37
C ALA F 1983 -73.08 -9.98 -81.88
N PHE F 1984 -72.01 -9.18 -81.96
CA PHE F 1984 -70.75 -9.58 -82.58
C PHE F 1984 -70.95 -9.84 -84.07
N THR F 1985 -72.18 -9.64 -84.55
CA THR F 1985 -72.52 -9.63 -85.96
C THR F 1985 -72.93 -8.21 -86.30
N MET F 1986 -72.15 -7.56 -87.17
CA MET F 1986 -72.27 -6.16 -87.60
C MET F 1986 -72.20 -5.22 -86.40
N SER F 1987 -72.00 -5.77 -85.20
CA SER F 1987 -71.78 -4.98 -83.98
C SER F 1987 -70.70 -5.71 -83.19
N ALA F 1988 -69.45 -5.39 -83.47
CA ALA F 1988 -68.31 -6.12 -82.92
C ALA F 1988 -67.30 -5.16 -82.30
N ALA F 1989 -66.43 -5.72 -81.48
CA ALA F 1989 -65.36 -5.09 -80.70
C ALA F 1989 -65.92 -4.30 -79.53
N GLU F 1990 -67.24 -4.15 -79.40
CA GLU F 1990 -67.82 -3.57 -78.20
C GLU F 1990 -68.22 -4.63 -77.19
N THR F 1991 -68.50 -5.84 -77.65
CA THR F 1991 -68.78 -6.99 -76.80
C THR F 1991 -67.60 -7.95 -76.73
N ALA F 1992 -66.43 -7.54 -77.21
CA ALA F 1992 -65.30 -8.45 -77.30
C ALA F 1992 -64.84 -8.91 -75.93
N ARG F 1993 -64.88 -8.02 -74.93
CA ARG F 1993 -64.51 -8.39 -73.57
C ARG F 1993 -65.60 -9.21 -72.89
N ARG F 1994 -66.86 -8.94 -73.20
CA ARG F 1994 -67.96 -9.49 -72.42
C ARG F 1994 -68.11 -10.99 -72.58
N THR F 1995 -67.28 -11.64 -73.41
CA THR F 1995 -67.22 -13.07 -73.53
C THR F 1995 -66.15 -13.70 -72.65
N ARG F 1996 -65.65 -12.97 -71.65
CA ARG F 1996 -64.76 -13.58 -70.67
C ARG F 1996 -65.53 -14.47 -69.71
N GLU F 1997 -66.73 -14.04 -69.32
CA GLU F 1997 -67.56 -14.84 -68.43
C GLU F 1997 -67.74 -16.25 -68.98
N PHE F 1998 -68.05 -16.36 -70.26
CA PHE F 1998 -68.36 -17.65 -70.85
C PHE F 1998 -67.11 -18.50 -71.05
N ARG F 1999 -65.92 -17.92 -70.88
CA ARG F 1999 -64.70 -18.68 -71.14
C ARG F 1999 -63.82 -18.78 -69.90
N SER F 2000 -64.35 -18.45 -68.73
CA SER F 2000 -63.68 -18.73 -67.48
C SER F 2000 -64.19 -20.05 -66.93
N PRO F 2001 -63.49 -20.64 -65.97
CA PRO F 2001 -63.97 -21.88 -65.39
C PRO F 2001 -65.34 -21.68 -64.77
N PRO F 2002 -66.20 -22.70 -64.81
CA PRO F 2002 -67.58 -22.51 -64.37
C PRO F 2002 -67.74 -21.96 -62.97
N GLN F 2003 -66.84 -22.26 -62.04
CA GLN F 2003 -66.97 -21.65 -60.73
C GLN F 2003 -66.62 -20.18 -60.79
N GLU F 2004 -65.59 -19.81 -61.55
CA GLU F 2004 -65.30 -18.40 -61.72
C GLU F 2004 -66.43 -17.68 -62.45
N GLN F 2005 -67.35 -18.40 -63.06
CA GLN F 2005 -68.57 -17.79 -63.56
C GLN F 2005 -69.63 -17.68 -62.49
N ILE F 2006 -69.81 -18.71 -61.67
CA ILE F 2006 -70.73 -18.65 -60.54
C ILE F 2006 -70.17 -17.81 -59.41
N ASN F 2007 -68.87 -17.57 -59.39
CA ASN F 2007 -68.25 -16.70 -58.42
C ASN F 2007 -68.25 -15.25 -58.88
N MET F 2008 -68.23 -15.02 -60.18
CA MET F 2008 -68.46 -13.72 -60.76
C MET F 2008 -69.91 -13.29 -60.58
N LEU F 2009 -70.84 -14.18 -60.90
CA LEU F 2009 -72.25 -13.81 -60.94
C LEU F 2009 -72.77 -13.41 -59.58
N LEU F 2010 -72.27 -14.04 -58.52
CA LEU F 2010 -72.78 -13.77 -57.18
C LEU F 2010 -72.11 -12.57 -56.53
N HIS F 2011 -71.46 -11.71 -57.31
CA HIS F 2011 -70.73 -10.56 -56.80
C HIS F 2011 -71.58 -9.32 -56.97
N PHE F 2012 -72.61 -9.20 -56.14
CA PHE F 2012 -73.43 -7.99 -56.13
C PHE F 2012 -73.90 -7.63 -54.73
N LYS F 2013 -73.11 -7.96 -53.71
CA LYS F 2013 -73.53 -7.69 -52.35
C LYS F 2013 -73.12 -6.31 -51.86
N ASP F 2014 -71.88 -5.90 -52.11
CA ASP F 2014 -71.30 -4.73 -51.49
C ASP F 2014 -71.68 -3.41 -52.15
N GLU F 2015 -72.38 -3.46 -53.29
CA GLU F 2015 -72.82 -2.29 -54.05
C GLU F 2015 -71.66 -1.50 -54.65
N ALA F 2016 -70.42 -1.98 -54.49
CA ALA F 2016 -69.32 -1.45 -55.27
C ALA F 2016 -69.11 -2.19 -56.57
N ASP F 2017 -69.82 -3.31 -56.76
CA ASP F 2017 -69.71 -4.15 -57.95
C ASP F 2017 -71.08 -4.48 -58.51
N GLU F 2018 -71.91 -3.47 -58.72
CA GLU F 2018 -73.29 -3.72 -59.13
C GLU F 2018 -73.37 -4.16 -60.59
N GLU F 2019 -72.98 -3.29 -61.53
CA GLU F 2019 -73.19 -3.61 -62.93
C GLU F 2019 -72.22 -4.67 -63.44
N ASP F 2020 -71.07 -4.84 -62.78
CA ASP F 2020 -70.16 -5.91 -63.14
C ASP F 2020 -70.87 -7.25 -63.13
N CYS F 2021 -71.78 -7.45 -62.20
CA CYS F 2021 -72.63 -8.61 -62.23
C CYS F 2021 -73.60 -8.50 -63.41
N PRO F 2022 -73.55 -9.42 -64.37
CA PRO F 2022 -74.45 -9.31 -65.53
C PRO F 2022 -75.89 -9.56 -65.18
N LEU F 2023 -76.18 -10.08 -64.00
CA LEU F 2023 -77.52 -10.51 -63.68
C LEU F 2023 -78.49 -9.34 -63.74
N PRO F 2024 -79.66 -9.51 -64.34
CA PRO F 2024 -80.71 -8.49 -64.23
C PRO F 2024 -81.14 -8.34 -62.78
N GLU F 2025 -81.78 -7.20 -62.50
CA GLU F 2025 -82.04 -6.84 -61.12
C GLU F 2025 -83.04 -7.77 -60.46
N ASP F 2026 -84.03 -8.25 -61.21
CA ASP F 2026 -84.96 -9.22 -60.67
C ASP F 2026 -84.24 -10.45 -60.11
N ILE F 2027 -83.28 -10.97 -60.86
CA ILE F 2027 -82.56 -12.16 -60.42
C ILE F 2027 -81.79 -11.87 -59.15
N ARG F 2028 -81.12 -10.72 -59.07
CA ARG F 2028 -80.42 -10.35 -57.84
C ARG F 2028 -81.38 -10.26 -56.68
N GLN F 2029 -82.63 -9.91 -56.94
CA GLN F 2029 -83.57 -9.72 -55.85
C GLN F 2029 -83.85 -11.01 -55.12
N ASP F 2030 -83.93 -12.13 -55.83
CA ASP F 2030 -84.22 -13.40 -55.17
C ASP F 2030 -83.15 -13.74 -54.14
N LEU F 2031 -81.89 -13.53 -54.51
CA LEU F 2031 -80.82 -13.82 -53.57
C LEU F 2031 -80.81 -12.85 -52.41
N GLN F 2032 -81.06 -11.56 -52.66
CA GLN F 2032 -81.12 -10.62 -51.55
C GLN F 2032 -82.21 -11.01 -50.56
N ASP F 2033 -83.38 -11.38 -51.07
CA ASP F 2033 -84.50 -11.71 -50.20
C ASP F 2033 -84.22 -12.97 -49.40
N PHE F 2034 -83.71 -14.01 -50.07
CA PHE F 2034 -83.38 -15.21 -49.32
C PHE F 2034 -82.29 -14.96 -48.30
N HIS F 2035 -81.33 -14.10 -48.63
CA HIS F 2035 -80.28 -13.78 -47.67
C HIS F 2035 -80.86 -13.13 -46.44
N GLN F 2036 -81.80 -12.22 -46.63
CA GLN F 2036 -82.44 -11.59 -45.48
C GLN F 2036 -83.21 -12.62 -44.65
N ASP F 2037 -83.89 -13.55 -45.32
CA ASP F 2037 -84.59 -14.59 -44.59
C ASP F 2037 -83.62 -15.44 -43.79
N LEU F 2038 -82.49 -15.79 -44.39
CA LEU F 2038 -81.49 -16.59 -43.70
C LEU F 2038 -80.96 -15.88 -42.48
N LEU F 2039 -80.68 -14.58 -42.61
CA LEU F 2039 -80.23 -13.80 -41.46
C LEU F 2039 -81.28 -13.80 -40.36
N ALA F 2040 -82.55 -13.58 -40.72
CA ALA F 2040 -83.60 -13.54 -39.72
C ALA F 2040 -83.75 -14.88 -39.03
N HIS F 2041 -83.63 -15.97 -39.77
CA HIS F 2041 -83.72 -17.29 -39.16
C HIS F 2041 -82.62 -17.52 -38.14
N CYS F 2042 -81.43 -17.01 -38.42
CA CYS F 2042 -80.28 -17.21 -37.55
C CYS F 2042 -80.25 -16.25 -36.37
N GLY F 2043 -81.23 -15.35 -36.27
CA GLY F 2043 -81.33 -14.46 -35.14
C GLY F 2043 -80.75 -13.08 -35.36
N ILE F 2044 -80.11 -12.84 -36.49
CA ILE F 2044 -79.50 -11.55 -36.77
C ILE F 2044 -80.55 -10.53 -37.14
N PRO F 2091 -89.97 -15.45 -24.62
CA PRO F 2091 -88.92 -15.98 -25.47
C PRO F 2091 -89.33 -16.07 -26.93
N GLN F 2092 -90.43 -16.76 -27.21
CA GLN F 2092 -91.04 -16.87 -28.53
C GLN F 2092 -90.12 -17.49 -29.58
N SER F 2093 -89.02 -18.11 -29.17
CA SER F 2093 -88.13 -18.75 -30.13
C SER F 2093 -87.23 -19.72 -29.38
N LEU F 2094 -86.77 -20.75 -30.10
CA LEU F 2094 -85.89 -21.73 -29.48
C LEU F 2094 -84.59 -21.09 -29.04
N GLN F 2095 -84.03 -20.20 -29.87
CA GLN F 2095 -82.78 -19.54 -29.51
C GLN F 2095 -82.93 -18.73 -28.24
N GLU F 2096 -84.00 -17.94 -28.15
CA GLU F 2096 -84.24 -17.14 -26.96
C GLU F 2096 -84.52 -18.02 -25.75
N LEU F 2097 -85.28 -19.09 -25.94
CA LEU F 2097 -85.57 -19.99 -24.83
C LEU F 2097 -84.29 -20.57 -24.25
N VAL F 2098 -83.44 -21.14 -25.10
CA VAL F 2098 -82.21 -21.76 -24.61
C VAL F 2098 -81.29 -20.72 -24.01
N SER F 2099 -81.16 -19.58 -24.68
CA SER F 2099 -80.28 -18.53 -24.18
C SER F 2099 -80.72 -18.03 -22.81
N HIS F 2100 -82.02 -17.98 -22.55
CA HIS F 2100 -82.48 -17.55 -21.24
C HIS F 2100 -82.27 -18.64 -20.21
N MET F 2101 -82.65 -19.87 -20.55
CA MET F 2101 -82.68 -20.97 -19.59
C MET F 2101 -81.29 -21.38 -19.16
N VAL F 2102 -80.32 -21.35 -20.06
CA VAL F 2102 -78.95 -21.69 -19.68
C VAL F 2102 -78.40 -20.66 -18.71
N VAL F 2103 -78.57 -19.38 -19.02
CA VAL F 2103 -78.10 -18.33 -18.13
C VAL F 2103 -78.79 -18.42 -16.79
N ARG F 2104 -80.09 -18.70 -16.80
CA ARG F 2104 -80.82 -18.79 -15.54
C ARG F 2104 -80.31 -19.93 -14.68
N TRP F 2105 -80.03 -21.08 -15.29
CA TRP F 2105 -79.43 -22.17 -14.53
C TRP F 2105 -78.09 -21.76 -13.96
N ALA F 2106 -77.26 -21.11 -14.76
CA ALA F 2106 -75.94 -20.76 -14.30
C ALA F 2106 -75.97 -19.74 -13.16
N GLN F 2107 -76.91 -18.82 -13.21
CA GLN F 2107 -77.01 -17.79 -12.19
C GLN F 2107 -78.00 -18.13 -11.10
N GLU F 2108 -78.55 -19.34 -11.11
CA GLU F 2108 -79.34 -19.81 -9.98
C GLU F 2108 -78.51 -20.64 -9.01
N ASP F 2109 -77.49 -21.31 -9.52
CA ASP F 2109 -76.70 -22.21 -8.69
C ASP F 2109 -75.32 -22.36 -9.30
N TYR F 2110 -74.37 -22.75 -8.47
CA TYR F 2110 -73.00 -23.00 -8.92
C TYR F 2110 -72.95 -24.45 -9.39
N VAL F 2111 -73.11 -24.64 -10.70
CA VAL F 2111 -73.25 -25.98 -11.26
C VAL F 2111 -71.99 -26.78 -11.00
N GLN F 2112 -72.16 -27.97 -10.44
CA GLN F 2112 -71.05 -28.79 -9.99
C GLN F 2112 -70.64 -29.85 -10.99
N SER F 2113 -71.52 -30.22 -11.92
CA SER F 2113 -71.22 -31.29 -12.85
C SER F 2113 -70.52 -30.73 -14.07
N PRO F 2114 -69.28 -31.11 -14.34
CA PRO F 2114 -68.58 -30.56 -15.51
C PRO F 2114 -69.29 -30.85 -16.81
N GLU F 2115 -69.89 -32.03 -16.94
CA GLU F 2115 -70.60 -32.36 -18.17
C GLU F 2115 -71.77 -31.42 -18.40
N LEU F 2116 -72.50 -31.10 -17.34
CA LEU F 2116 -73.59 -30.16 -17.49
C LEU F 2116 -73.09 -28.80 -17.94
N VAL F 2117 -71.99 -28.33 -17.37
CA VAL F 2117 -71.47 -27.02 -17.75
C VAL F 2117 -71.06 -27.03 -19.21
N ARG F 2118 -70.39 -28.09 -19.65
CA ARG F 2118 -69.97 -28.16 -21.05
C ARG F 2118 -71.18 -28.15 -21.99
N ALA F 2119 -72.20 -28.95 -21.68
CA ALA F 2119 -73.37 -28.98 -22.55
C ALA F 2119 -74.08 -27.63 -22.54
N MET F 2120 -74.23 -27.04 -21.37
CA MET F 2120 -74.88 -25.74 -21.24
C MET F 2120 -74.22 -24.71 -22.14
N PHE F 2121 -72.90 -24.64 -22.08
CA PHE F 2121 -72.23 -23.57 -22.81
C PHE F 2121 -72.06 -23.87 -24.28
N SER F 2122 -71.99 -25.14 -24.67
CA SER F 2122 -72.08 -25.47 -26.08
C SER F 2122 -73.41 -25.02 -26.66
N LEU F 2123 -74.50 -25.28 -25.94
CA LEU F 2123 -75.81 -24.83 -26.40
C LEU F 2123 -75.88 -23.32 -26.49
N LEU F 2124 -75.38 -22.63 -25.48
CA LEU F 2124 -75.41 -21.17 -25.49
C LEU F 2124 -74.64 -20.62 -26.69
N HIS F 2125 -73.47 -21.20 -26.95
CA HIS F 2125 -72.67 -20.78 -28.09
C HIS F 2125 -73.45 -20.95 -29.37
N ARG F 2126 -74.01 -22.12 -29.59
CA ARG F 2126 -74.75 -22.35 -30.82
C ARG F 2126 -75.95 -21.45 -30.96
N GLN F 2127 -76.54 -21.01 -29.85
CA GLN F 2127 -77.64 -20.08 -29.98
C GLN F 2127 -77.17 -18.68 -30.35
N TYR F 2128 -76.08 -18.22 -29.76
CA TYR F 2128 -75.62 -16.87 -30.08
C TYR F 2128 -75.02 -16.80 -31.48
N ASP F 2129 -74.23 -17.79 -31.85
CA ASP F 2129 -73.59 -17.82 -33.16
C ASP F 2129 -74.31 -18.86 -34.01
N GLY F 2130 -75.40 -18.45 -34.64
CA GLY F 2130 -76.12 -19.33 -35.54
C GLY F 2130 -75.49 -19.32 -36.91
N LEU F 2131 -75.23 -18.12 -37.43
CA LEU F 2131 -74.63 -17.97 -38.74
C LEU F 2131 -73.23 -18.53 -38.80
N GLY F 2132 -72.55 -18.69 -37.68
CA GLY F 2132 -71.24 -19.27 -37.70
C GLY F 2132 -71.32 -20.76 -37.59
N GLU F 2133 -72.47 -21.27 -37.17
CA GLU F 2133 -72.70 -22.71 -37.16
C GLU F 2133 -73.12 -23.23 -38.51
N LEU F 2134 -73.92 -22.47 -39.24
CA LEU F 2134 -74.24 -22.83 -40.61
C LEU F 2134 -73.00 -22.85 -41.48
N LEU F 2135 -72.10 -21.92 -41.28
CA LEU F 2135 -70.87 -21.83 -42.03
C LEU F 2135 -69.92 -22.99 -41.78
N ARG F 2136 -70.02 -23.64 -40.62
CA ARG F 2136 -69.18 -24.78 -40.29
C ARG F 2136 -69.83 -26.10 -40.60
N ALA F 2137 -71.06 -26.09 -41.09
CA ALA F 2137 -71.73 -27.28 -41.55
C ALA F 2137 -71.86 -27.33 -43.06
N LEU F 2138 -71.90 -26.18 -43.71
CA LEU F 2138 -71.95 -26.16 -45.17
C LEU F 2138 -70.77 -26.84 -45.85
N PRO F 2139 -69.59 -26.96 -45.24
CA PRO F 2139 -68.57 -27.83 -45.83
C PRO F 2139 -69.04 -29.25 -46.01
N ARG F 2140 -69.96 -29.72 -45.16
CA ARG F 2140 -70.42 -31.09 -45.17
C ARG F 2140 -71.85 -31.19 -45.68
N ALA F 2141 -72.17 -30.41 -46.70
CA ALA F 2141 -73.47 -30.47 -47.35
C ALA F 2141 -73.24 -30.69 -48.83
N TYR F 2142 -73.89 -31.71 -49.38
CA TYR F 2142 -73.70 -32.08 -50.77
C TYR F 2142 -75.06 -32.36 -51.39
N THR F 2143 -75.24 -31.92 -52.63
CA THR F 2143 -76.51 -32.07 -53.33
C THR F 2143 -76.34 -33.07 -54.46
N ILE F 2144 -77.03 -34.20 -54.36
CA ILE F 2144 -76.96 -35.24 -55.36
C ILE F 2144 -78.25 -35.24 -56.16
N SER F 2145 -78.17 -35.76 -57.37
CA SER F 2145 -79.33 -35.87 -58.22
C SER F 2145 -80.25 -36.96 -57.68
N PRO F 2146 -81.55 -36.88 -57.98
CA PRO F 2146 -82.48 -37.87 -57.44
C PRO F 2146 -82.20 -39.29 -57.90
N SER F 2147 -81.51 -39.47 -59.02
CA SER F 2147 -81.18 -40.80 -59.50
C SER F 2147 -80.12 -41.48 -58.64
N SER F 2148 -79.13 -40.74 -58.19
CA SER F 2148 -78.04 -41.32 -57.42
C SER F 2148 -78.42 -41.64 -56.03
N VAL F 2149 -79.69 -41.64 -55.64
CA VAL F 2149 -80.04 -41.80 -54.23
C VAL F 2149 -79.78 -43.23 -53.78
N GLU F 2150 -80.06 -44.20 -54.64
CA GLU F 2150 -79.92 -45.60 -54.24
C GLU F 2150 -78.47 -45.96 -53.95
N ASP F 2151 -77.59 -45.60 -54.88
CA ASP F 2151 -76.17 -45.91 -54.71
C ASP F 2151 -75.61 -45.20 -53.50
N THR F 2152 -76.00 -43.94 -53.30
CA THR F 2152 -75.52 -43.20 -52.14
C THR F 2152 -76.02 -43.83 -50.84
N MET F 2153 -77.25 -44.32 -50.84
CA MET F 2153 -77.76 -44.99 -49.65
C MET F 2153 -76.95 -46.24 -49.33
N SER F 2154 -76.66 -47.06 -50.34
CA SER F 2154 -75.84 -48.25 -50.09
C SER F 2154 -74.45 -47.86 -49.62
N LEU F 2155 -73.88 -46.83 -50.22
CA LEU F 2155 -72.55 -46.38 -49.85
C LEU F 2155 -72.54 -45.88 -48.41
N LEU F 2156 -73.60 -45.19 -47.99
CA LEU F 2156 -73.68 -44.74 -46.62
C LEU F 2156 -73.78 -45.90 -45.66
N GLU F 2157 -74.50 -46.95 -46.03
CA GLU F 2157 -74.54 -48.13 -45.16
C GLU F 2157 -73.17 -48.77 -45.03
N CYS F 2158 -72.43 -48.88 -46.13
CA CYS F 2158 -71.08 -49.43 -46.06
C CYS F 2158 -70.17 -48.56 -45.20
N LEU F 2159 -70.28 -47.24 -45.35
CA LEU F 2159 -69.50 -46.33 -44.52
C LEU F 2159 -69.84 -46.47 -43.06
N GLY F 2160 -71.12 -46.62 -42.74
CA GLY F 2160 -71.52 -46.83 -41.37
C GLY F 2160 -70.93 -48.09 -40.79
N GLN F 2161 -70.90 -49.16 -41.58
CA GLN F 2161 -70.24 -50.37 -41.11
C GLN F 2161 -68.77 -50.12 -40.83
N ILE F 2162 -68.09 -49.40 -41.72
CA ILE F 2162 -66.67 -49.17 -41.51
C ILE F 2162 -66.42 -48.35 -40.25
N ARG F 2163 -67.18 -47.29 -40.04
CA ARG F 2163 -66.95 -46.43 -38.89
C ARG F 2163 -67.62 -46.94 -37.63
N SER F 2164 -68.34 -48.06 -37.70
CA SER F 2164 -68.84 -48.72 -36.52
C SER F 2164 -67.87 -49.74 -35.96
N LEU F 2165 -66.86 -50.14 -36.74
CA LEU F 2165 -65.85 -51.07 -36.30
C LEU F 2165 -64.60 -50.36 -35.81
N LEU F 2166 -64.69 -49.05 -35.57
CA LEU F 2166 -63.62 -48.32 -34.94
C LEU F 2166 -63.71 -48.31 -33.44
N ILE F 2167 -64.84 -48.72 -32.88
CA ILE F 2167 -64.99 -48.90 -31.44
C ILE F 2167 -64.82 -50.36 -31.05
N VAL F 2168 -64.26 -51.17 -31.94
CA VAL F 2168 -64.12 -52.61 -31.75
C VAL F 2168 -62.68 -53.00 -32.01
N GLN F 2169 -62.08 -53.75 -31.09
CA GLN F 2169 -60.74 -54.26 -31.34
C GLN F 2169 -60.78 -55.28 -32.47
N MET F 2170 -59.79 -55.21 -33.35
CA MET F 2170 -59.82 -56.01 -34.58
C MET F 2170 -59.82 -57.49 -34.28
N GLY F 2171 -60.54 -58.23 -35.11
CA GLY F 2171 -60.55 -59.67 -35.06
C GLY F 2171 -60.76 -60.23 -36.45
N PRO F 2172 -61.06 -61.52 -36.54
CA PRO F 2172 -61.29 -62.12 -37.85
C PRO F 2172 -62.55 -61.60 -38.52
N GLN F 2173 -63.67 -61.63 -37.81
CA GLN F 2173 -64.93 -61.20 -38.41
C GLN F 2173 -64.89 -59.72 -38.76
N GLU F 2174 -64.29 -58.90 -37.91
CA GLU F 2174 -64.16 -57.49 -38.22
C GLU F 2174 -63.29 -57.27 -39.45
N GLU F 2175 -62.23 -58.06 -39.58
CA GLU F 2175 -61.46 -58.06 -40.81
C GLU F 2175 -62.35 -58.29 -42.01
N ASN F 2176 -63.20 -59.32 -41.93
CA ASN F 2176 -64.03 -59.64 -43.06
C ASN F 2176 -65.01 -58.54 -43.38
N LEU F 2177 -65.58 -57.90 -42.37
CA LEU F 2177 -66.51 -56.81 -42.63
C LEU F 2177 -65.82 -55.60 -43.24
N MET F 2178 -64.63 -55.24 -42.74
CA MET F 2178 -63.85 -54.19 -43.40
C MET F 2178 -63.61 -54.53 -44.86
N ILE F 2179 -63.16 -55.75 -45.14
CA ILE F 2179 -62.82 -56.08 -46.52
C ILE F 2179 -64.06 -56.03 -47.40
N GLN F 2180 -65.17 -56.58 -46.93
CA GLN F 2180 -66.40 -56.53 -47.72
C GLN F 2180 -66.85 -55.10 -47.97
N SER F 2181 -66.88 -54.27 -46.92
CA SER F 2181 -67.36 -52.91 -47.05
C SER F 2181 -66.47 -52.11 -48.00
N ILE F 2182 -65.16 -52.20 -47.80
CA ILE F 2182 -64.24 -51.44 -48.62
C ILE F 2182 -64.27 -51.91 -50.06
N GLY F 2183 -64.43 -53.21 -50.29
CA GLY F 2183 -64.53 -53.68 -51.65
C GLY F 2183 -65.85 -53.27 -52.27
N ASN F 2184 -66.86 -53.05 -51.44
CA ASN F 2184 -68.15 -52.58 -51.93
C ASN F 2184 -68.15 -51.11 -52.28
N ILE F 2185 -67.49 -50.28 -51.48
CA ILE F 2185 -67.39 -48.86 -51.81
C ILE F 2185 -66.66 -48.68 -53.13
N MET F 2186 -65.55 -49.38 -53.30
CA MET F 2186 -64.77 -49.25 -54.51
C MET F 2186 -65.50 -49.74 -55.74
N ASN F 2187 -66.59 -50.47 -55.59
CA ASN F 2187 -67.39 -50.93 -56.72
C ASN F 2187 -68.64 -50.08 -56.93
N ASN F 2188 -68.72 -48.93 -56.27
CA ASN F 2188 -69.88 -48.06 -56.35
C ASN F 2188 -69.55 -46.90 -57.27
N LYS F 2189 -70.43 -46.62 -58.21
CA LYS F 2189 -70.16 -45.54 -59.16
C LYS F 2189 -70.13 -44.18 -58.49
N VAL F 2190 -70.82 -44.04 -57.36
CA VAL F 2190 -70.80 -42.76 -56.66
C VAL F 2190 -69.41 -42.47 -56.13
N PHE F 2191 -68.69 -43.51 -55.72
CA PHE F 2191 -67.33 -43.32 -55.22
C PHE F 2191 -66.42 -42.72 -56.27
N TYR F 2192 -66.69 -42.95 -57.55
CA TYR F 2192 -65.88 -42.38 -58.61
C TYR F 2192 -66.44 -41.02 -59.02
N GLN F 2193 -67.75 -40.96 -59.23
CA GLN F 2193 -68.36 -39.78 -59.81
C GLN F 2193 -68.30 -38.59 -58.88
N HIS F 2194 -68.29 -38.80 -57.58
CA HIS F 2194 -68.43 -37.73 -56.60
C HIS F 2194 -67.26 -37.78 -55.63
N PRO F 2195 -66.05 -37.45 -56.10
CA PRO F 2195 -64.90 -37.46 -55.20
C PRO F 2195 -65.02 -36.49 -54.06
N ASN F 2196 -65.64 -35.34 -54.28
CA ASN F 2196 -65.78 -34.34 -53.23
C ASN F 2196 -66.68 -34.79 -52.11
N LEU F 2197 -67.72 -35.55 -52.41
CA LEU F 2197 -68.53 -36.13 -51.34
C LEU F 2197 -67.70 -37.05 -50.47
N MET F 2198 -66.81 -37.81 -51.09
CA MET F 2198 -66.06 -38.83 -50.36
C MET F 2198 -65.04 -38.20 -49.43
N ARG F 2199 -64.42 -37.11 -49.85
CA ARG F 2199 -63.55 -36.33 -49.00
C ARG F 2199 -64.32 -35.47 -48.03
N ALA F 2200 -65.60 -35.20 -48.30
CA ALA F 2200 -66.43 -34.47 -47.35
C ALA F 2200 -66.93 -35.38 -46.23
N LEU F 2201 -67.30 -36.61 -46.56
CA LEU F 2201 -67.63 -37.61 -45.56
C LEU F 2201 -66.42 -38.05 -44.77
N GLY F 2202 -65.22 -37.78 -45.28
CA GLY F 2202 -64.00 -38.17 -44.63
C GLY F 2202 -63.79 -39.67 -44.58
N MET F 2203 -64.00 -40.39 -45.68
CA MET F 2203 -63.72 -41.82 -45.60
C MET F 2203 -62.25 -42.08 -45.44
N HIS F 2204 -61.41 -41.33 -46.17
CA HIS F 2204 -59.99 -41.60 -46.12
C HIS F 2204 -59.47 -41.54 -44.70
N GLU F 2205 -59.97 -40.59 -43.91
CA GLU F 2205 -59.53 -40.49 -42.53
C GLU F 2205 -59.98 -41.69 -41.72
N THR F 2206 -61.20 -42.18 -41.96
CA THR F 2206 -61.67 -43.37 -41.24
C THR F 2206 -60.83 -44.60 -41.59
N VAL F 2207 -60.53 -44.76 -42.87
CA VAL F 2207 -59.71 -45.89 -43.30
C VAL F 2207 -58.32 -45.79 -42.70
N MET F 2208 -57.76 -44.59 -42.65
CA MET F 2208 -56.45 -44.47 -42.00
C MET F 2208 -56.55 -44.75 -40.52
N GLU F 2209 -57.67 -44.40 -39.88
CA GLU F 2209 -57.80 -44.72 -38.47
C GLU F 2209 -57.74 -46.23 -38.25
N VAL F 2210 -58.45 -47.00 -39.07
CA VAL F 2210 -58.43 -48.45 -38.87
C VAL F 2210 -57.06 -49.01 -39.21
N MET F 2211 -56.40 -48.45 -40.23
CA MET F 2211 -55.06 -48.91 -40.58
C MET F 2211 -54.06 -48.57 -39.48
N VAL F 2212 -54.21 -47.41 -38.86
CA VAL F 2212 -53.41 -47.06 -37.69
C VAL F 2212 -53.60 -48.10 -36.60
N ASN F 2213 -54.86 -48.43 -36.30
CA ASN F 2213 -55.12 -49.34 -35.20
C ASN F 2213 -54.54 -50.71 -35.45
N VAL F 2214 -54.63 -51.20 -36.68
CA VAL F 2214 -54.07 -52.52 -36.96
C VAL F 2214 -52.54 -52.47 -36.99
N LEU F 2215 -51.95 -51.46 -37.61
CA LEU F 2215 -50.50 -51.38 -37.67
C LEU F 2215 -49.90 -51.11 -36.30
N GLY F 2216 -50.44 -50.13 -35.59
CA GLY F 2216 -49.92 -49.76 -34.29
C GLY F 2216 -50.16 -50.80 -33.21
N ILE F 2223 -46.71 -57.26 -38.20
CA ILE F 2223 -48.06 -56.78 -37.94
C ILE F 2223 -49.05 -57.91 -38.00
N ARG F 2224 -50.09 -57.84 -37.19
CA ARG F 2224 -51.19 -58.77 -37.32
C ARG F 2224 -52.17 -58.28 -38.37
N PHE F 2225 -52.99 -59.20 -38.86
CA PHE F 2225 -54.08 -58.89 -39.77
C PHE F 2225 -53.56 -58.23 -41.05
N PRO F 2226 -52.70 -58.91 -41.81
CA PRO F 2226 -52.17 -58.26 -43.02
C PRO F 2226 -53.21 -58.07 -44.10
N LYS F 2227 -54.28 -58.86 -44.10
CA LYS F 2227 -55.29 -58.71 -45.15
C LYS F 2227 -55.97 -57.36 -45.08
N MET F 2228 -56.29 -56.91 -43.87
CA MET F 2228 -56.97 -55.62 -43.74
C MET F 2228 -56.04 -54.49 -44.14
N VAL F 2229 -54.75 -54.59 -43.83
CA VAL F 2229 -53.81 -53.57 -44.25
C VAL F 2229 -53.71 -53.54 -45.76
N THR F 2230 -53.63 -54.71 -46.40
CA THR F 2230 -53.59 -54.76 -47.85
C THR F 2230 -54.83 -54.17 -48.49
N SER F 2231 -56.00 -54.39 -47.91
CA SER F 2231 -57.23 -53.79 -48.44
C SER F 2231 -57.29 -52.29 -48.22
N CYS F 2232 -56.92 -51.82 -47.03
CA CYS F 2232 -56.93 -50.39 -46.78
C CYS F 2232 -55.95 -49.66 -47.69
N CYS F 2233 -54.77 -50.23 -47.91
CA CYS F 2233 -53.78 -49.57 -48.74
C CYS F 2233 -54.09 -49.68 -50.22
N ARG F 2234 -54.95 -50.60 -50.63
CA ARG F 2234 -55.52 -50.56 -51.97
C ARG F 2234 -56.57 -49.48 -52.10
N PHE F 2235 -57.45 -49.39 -51.10
CA PHE F 2235 -58.48 -48.37 -51.12
C PHE F 2235 -57.88 -46.98 -51.17
N LEU F 2236 -56.85 -46.73 -50.37
CA LEU F 2236 -56.25 -45.41 -50.33
C LEU F 2236 -55.47 -45.11 -51.58
N CYS F 2237 -54.76 -46.08 -52.14
CA CYS F 2237 -54.10 -45.86 -53.41
C CYS F 2237 -55.08 -45.64 -54.54
N TYR F 2238 -56.33 -46.05 -54.38
CA TYR F 2238 -57.35 -45.75 -55.38
C TYR F 2238 -57.99 -44.39 -55.17
N PHE F 2239 -58.34 -44.08 -53.93
CA PHE F 2239 -58.73 -42.75 -53.49
C PHE F 2239 -57.84 -41.70 -54.14
N CYS F 2240 -56.52 -41.89 -54.05
CA CYS F 2240 -55.57 -40.91 -54.56
C CYS F 2240 -55.58 -40.83 -56.08
N ARG F 2241 -55.88 -41.92 -56.76
CA ARG F 2241 -55.93 -41.84 -58.22
C ARG F 2241 -57.25 -41.30 -58.73
N ILE F 2242 -58.27 -41.20 -57.89
CA ILE F 2242 -59.55 -40.69 -58.38
C ILE F 2242 -59.42 -39.26 -58.87
N SER F 2243 -58.86 -38.37 -58.06
CA SER F 2243 -58.83 -36.97 -58.46
C SER F 2243 -57.70 -36.24 -57.73
N ARG F 2244 -57.31 -35.10 -58.31
CA ARG F 2244 -56.12 -34.39 -57.87
C ARG F 2244 -56.26 -33.83 -56.47
N GLN F 2245 -57.47 -33.54 -56.00
CA GLN F 2245 -57.64 -33.07 -54.64
C GLN F 2245 -57.54 -34.21 -53.63
N ASN F 2246 -57.88 -35.42 -54.04
CA ASN F 2246 -57.73 -36.57 -53.14
C ASN F 2246 -56.26 -36.82 -52.80
N GLN F 2247 -55.37 -36.67 -53.78
CA GLN F 2247 -53.95 -36.76 -53.48
C GLN F 2247 -53.55 -35.73 -52.44
N ARG F 2248 -53.95 -34.48 -52.64
CA ARG F 2248 -53.59 -33.44 -51.70
C ARG F 2248 -54.14 -33.69 -50.32
N SER F 2249 -55.35 -34.23 -50.23
CA SER F 2249 -55.90 -34.60 -48.93
C SER F 2249 -55.09 -35.70 -48.28
N MET F 2250 -54.68 -36.71 -49.05
CA MET F 2250 -53.86 -37.77 -48.49
C MET F 2250 -52.40 -37.38 -48.33
N PHE F 2251 -51.92 -36.40 -49.07
CA PHE F 2251 -50.54 -35.99 -48.96
C PHE F 2251 -50.20 -35.46 -47.58
N ASP F 2252 -51.17 -34.89 -46.88
CA ASP F 2252 -50.95 -34.38 -45.53
C ASP F 2252 -50.70 -35.49 -44.54
N HIS F 2253 -50.94 -36.73 -44.91
CA HIS F 2253 -50.68 -37.87 -44.05
C HIS F 2253 -49.35 -38.54 -44.36
N LEU F 2254 -48.54 -37.94 -45.24
CA LEU F 2254 -47.31 -38.58 -45.68
C LEU F 2254 -46.39 -38.87 -44.52
N SER F 2255 -46.33 -37.97 -43.53
CA SER F 2255 -45.49 -38.21 -42.37
C SER F 2255 -45.88 -39.50 -41.66
N TYR F 2256 -47.17 -39.71 -41.46
CA TYR F 2256 -47.62 -40.95 -40.85
C TYR F 2256 -47.21 -42.15 -41.68
N LEU F 2257 -47.64 -42.20 -42.94
CA LEU F 2257 -47.38 -43.35 -43.78
C LEU F 2257 -45.90 -43.67 -43.84
N LEU F 2258 -45.06 -42.64 -43.78
CA LEU F 2258 -43.62 -42.86 -43.76
C LEU F 2258 -43.15 -43.36 -42.41
N GLU F 2259 -43.86 -43.03 -41.33
CA GLU F 2259 -43.51 -43.60 -40.04
C GLU F 2259 -43.69 -45.11 -40.04
N ASN F 2260 -44.81 -45.58 -40.59
CA ASN F 2260 -45.09 -47.01 -40.58
C ASN F 2260 -44.66 -47.71 -41.86
N SER F 2261 -43.99 -47.04 -42.77
CA SER F 2261 -43.46 -47.70 -43.95
C SER F 2261 -42.28 -48.58 -43.58
N GLN F 2268 -49.31 -58.29 -48.89
CA GLN F 2268 -48.53 -58.73 -50.03
C GLN F 2268 -47.69 -57.55 -50.47
N GLY F 2269 -47.73 -57.19 -51.75
CA GLY F 2269 -46.97 -56.04 -52.21
C GLY F 2269 -47.51 -54.73 -51.66
N SER F 2270 -48.84 -54.58 -51.66
CA SER F 2270 -49.45 -53.29 -51.32
C SER F 2270 -49.36 -53.03 -49.82
N THR F 2271 -48.72 -51.93 -49.45
CA THR F 2271 -48.30 -51.67 -48.08
C THR F 2271 -48.32 -50.16 -47.86
N PRO F 2272 -48.33 -49.70 -46.60
CA PRO F 2272 -48.50 -48.27 -46.34
C PRO F 2272 -47.42 -47.39 -46.94
N LEU F 2273 -46.47 -47.97 -47.66
CA LEU F 2273 -45.54 -47.17 -48.44
C LEU F 2273 -46.06 -46.82 -49.82
N ASP F 2274 -46.76 -47.74 -50.48
CA ASP F 2274 -47.28 -47.43 -51.80
C ASP F 2274 -48.41 -46.41 -51.74
N VAL F 2275 -49.08 -46.29 -50.60
CA VAL F 2275 -49.98 -45.16 -50.39
C VAL F 2275 -49.20 -43.86 -50.38
N ALA F 2276 -48.07 -43.84 -49.68
CA ALA F 2276 -47.23 -42.65 -49.66
C ALA F 2276 -46.69 -42.33 -51.04
N ALA F 2277 -46.35 -43.33 -51.83
CA ALA F 2277 -45.89 -43.11 -53.18
C ALA F 2277 -47.04 -42.88 -54.16
N ALA F 2278 -48.27 -43.02 -53.69
CA ALA F 2278 -49.44 -42.68 -54.49
C ALA F 2278 -49.88 -41.24 -54.29
N SER F 2279 -49.59 -40.67 -53.13
CA SER F 2279 -49.91 -39.28 -52.87
C SER F 2279 -49.15 -38.36 -53.81
N VAL F 2280 -47.87 -38.65 -54.04
CA VAL F 2280 -46.95 -37.70 -54.64
C VAL F 2280 -46.71 -37.97 -56.12
N ILE F 2281 -47.20 -39.09 -56.65
CA ILE F 2281 -46.86 -39.49 -58.00
C ILE F 2281 -47.48 -38.51 -59.00
N ASP F 2282 -46.65 -37.99 -59.89
CA ASP F 2282 -47.07 -37.19 -61.04
C ASP F 2282 -47.77 -35.89 -60.66
N ASN F 2283 -47.64 -35.43 -59.43
CA ASN F 2283 -48.13 -34.11 -59.04
C ASN F 2283 -46.93 -33.30 -58.62
N ASN F 2284 -46.29 -32.66 -59.60
CA ASN F 2284 -45.10 -31.85 -59.35
C ASN F 2284 -45.40 -30.78 -58.32
N GLU F 2285 -46.66 -30.32 -58.26
CA GLU F 2285 -47.02 -29.41 -57.18
C GLU F 2285 -47.02 -30.12 -55.84
N LEU F 2286 -47.37 -31.41 -55.83
CA LEU F 2286 -47.29 -32.16 -54.58
C LEU F 2286 -45.88 -32.65 -54.29
N ALA F 2287 -45.10 -32.98 -55.32
CA ALA F 2287 -43.71 -33.28 -55.07
C ALA F 2287 -43.02 -32.10 -54.42
N LEU F 2288 -43.25 -30.90 -54.94
CA LEU F 2288 -42.61 -29.73 -54.38
C LEU F 2288 -43.38 -29.27 -53.15
N ALA F 2289 -43.70 -30.21 -52.28
CA ALA F 2289 -44.17 -29.90 -50.95
C ALA F 2289 -43.62 -30.89 -49.94
N LEU F 2290 -42.77 -31.80 -50.37
CA LEU F 2290 -42.08 -32.68 -49.44
C LEU F 2290 -41.26 -31.85 -48.47
N GLN F 2291 -41.28 -32.25 -47.20
CA GLN F 2291 -40.37 -31.69 -46.22
C GLN F 2291 -39.14 -32.58 -46.17
N GLU F 2292 -37.97 -31.99 -46.41
CA GLU F 2292 -36.73 -32.72 -46.55
C GLU F 2292 -36.56 -33.79 -45.50
N GLN F 2293 -37.06 -33.55 -44.29
CA GLN F 2293 -36.96 -34.56 -43.24
C GLN F 2293 -37.77 -35.80 -43.59
N ASP F 2294 -38.87 -35.63 -44.31
CA ASP F 2294 -39.66 -36.80 -44.69
C ASP F 2294 -39.01 -37.59 -45.81
N LEU F 2295 -38.30 -36.92 -46.72
CA LEU F 2295 -37.38 -37.63 -47.58
C LEU F 2295 -36.24 -38.26 -46.78
N GLU F 2296 -35.89 -37.68 -45.65
CA GLU F 2296 -34.76 -38.16 -44.87
C GLU F 2296 -35.09 -39.48 -44.18
N LYS F 2297 -36.27 -39.56 -43.55
CA LYS F 2297 -36.60 -40.76 -42.81
C LYS F 2297 -36.62 -41.98 -43.70
N VAL F 2298 -37.03 -41.80 -44.96
CA VAL F 2298 -36.97 -42.91 -45.90
C VAL F 2298 -35.54 -43.37 -46.07
N VAL F 2299 -34.60 -42.43 -46.16
CA VAL F 2299 -33.21 -42.81 -46.29
C VAL F 2299 -32.74 -43.49 -45.01
N SER F 2300 -33.26 -43.08 -43.87
CA SER F 2300 -32.92 -43.77 -42.62
C SER F 2300 -33.36 -45.22 -42.66
N TYR F 2301 -34.56 -45.47 -43.17
CA TYR F 2301 -35.01 -46.85 -43.32
C TYR F 2301 -34.13 -47.61 -44.30
N LEU F 2302 -33.73 -46.95 -45.39
CA LEU F 2302 -32.83 -47.59 -46.32
C LEU F 2302 -31.53 -48.00 -45.64
N ALA F 2303 -31.00 -47.11 -44.80
CA ALA F 2303 -29.79 -47.45 -44.05
C ALA F 2303 -30.02 -48.64 -43.14
N GLY F 2304 -31.13 -48.63 -42.39
CA GLY F 2304 -31.46 -49.78 -41.58
C GLY F 2304 -31.70 -51.05 -42.36
N CYS F 2305 -31.88 -50.93 -43.67
CA CYS F 2305 -32.08 -52.09 -44.53
C CYS F 2305 -30.81 -52.53 -45.24
N GLY F 2306 -29.81 -51.68 -45.35
CA GLY F 2306 -28.56 -52.07 -45.97
C GLY F 2306 -27.46 -52.53 -45.03
N LEU F 2307 -27.75 -52.64 -43.72
CA LEU F 2307 -26.75 -53.09 -42.75
C LEU F 2307 -27.17 -54.39 -42.07
N GLN F 2308 -28.44 -54.53 -41.71
CA GLN F 2308 -28.94 -55.80 -41.21
C GLN F 2308 -29.85 -56.42 -42.26
N SER F 2309 -30.40 -57.59 -41.96
CA SER F 2309 -31.27 -58.29 -42.87
C SER F 2309 -32.58 -58.61 -42.18
N CYS F 2310 -33.58 -58.95 -42.97
CA CYS F 2310 -34.93 -59.20 -42.44
C CYS F 2310 -34.89 -60.34 -41.45
N PRO F 2311 -35.41 -60.16 -40.24
CA PRO F 2311 -35.62 -61.33 -39.38
C PRO F 2311 -36.64 -62.29 -39.95
N MET F 2312 -37.47 -61.81 -40.88
CA MET F 2312 -38.44 -62.67 -41.54
C MET F 2312 -37.73 -63.83 -42.26
N LEU F 2313 -36.74 -63.50 -43.10
CA LEU F 2313 -36.02 -64.55 -43.82
C LEU F 2313 -35.14 -65.36 -42.88
N LEU F 2314 -34.64 -64.73 -41.81
CA LEU F 2314 -33.99 -65.48 -40.75
C LEU F 2314 -34.90 -66.58 -40.23
N ALA F 2315 -36.18 -66.28 -40.07
CA ALA F 2315 -37.16 -67.29 -39.67
C ALA F 2315 -37.50 -68.23 -40.82
N LYS F 2316 -37.22 -67.83 -42.06
CA LYS F 2316 -37.37 -68.71 -43.21
C LYS F 2316 -36.11 -69.49 -43.52
N GLY F 2317 -35.07 -69.38 -42.70
CA GLY F 2317 -33.84 -70.15 -42.87
C GLY F 2317 -33.05 -69.83 -44.12
N TYR F 2318 -32.91 -68.56 -44.44
CA TYR F 2318 -32.27 -68.11 -45.67
C TYR F 2318 -30.80 -67.82 -45.42
N PRO F 2319 -30.01 -67.64 -46.49
CA PRO F 2319 -28.57 -67.39 -46.29
C PRO F 2319 -28.25 -66.23 -45.38
N ASP F 2320 -28.98 -65.11 -45.47
CA ASP F 2320 -28.80 -63.97 -44.57
C ASP F 2320 -27.36 -63.46 -44.62
N ILE F 2321 -27.01 -62.88 -45.77
CA ILE F 2321 -25.61 -62.56 -45.97
C ILE F 2321 -25.16 -61.39 -45.10
N GLY F 2322 -25.58 -60.18 -45.42
CA GLY F 2322 -25.27 -59.05 -44.58
C GLY F 2322 -26.33 -57.98 -44.55
N TRP F 2323 -27.34 -58.13 -45.39
CA TRP F 2323 -28.30 -57.06 -45.64
C TRP F 2323 -29.42 -57.61 -46.51
N ASN F 2324 -30.66 -57.26 -46.17
CA ASN F 2324 -31.78 -57.61 -47.02
C ASN F 2324 -31.96 -56.54 -48.10
N PRO F 2325 -32.00 -56.91 -49.38
CA PRO F 2325 -32.43 -55.95 -50.41
C PRO F 2325 -33.93 -55.85 -50.57
N CYS F 2326 -34.72 -56.68 -49.89
CA CYS F 2326 -36.17 -56.65 -50.06
C CYS F 2326 -36.76 -55.31 -49.63
N GLY F 2327 -36.36 -54.80 -48.47
CA GLY F 2327 -36.80 -53.48 -48.05
C GLY F 2327 -36.10 -52.36 -48.79
N GLY F 2328 -34.84 -52.58 -49.16
CA GLY F 2328 -34.13 -51.56 -49.91
C GLY F 2328 -34.79 -51.28 -51.24
N GLU F 2329 -35.19 -52.31 -51.96
CA GLU F 2329 -35.86 -52.12 -53.24
C GLU F 2329 -37.13 -51.30 -53.06
N ARG F 2330 -37.95 -51.68 -52.08
CA ARG F 2330 -39.17 -50.92 -51.80
C ARG F 2330 -38.84 -49.45 -51.56
N TYR F 2331 -37.91 -49.18 -50.65
CA TYR F 2331 -37.69 -47.79 -50.30
C TYR F 2331 -36.96 -47.02 -51.38
N LEU F 2332 -36.40 -47.68 -52.38
CA LEU F 2332 -35.91 -46.98 -53.56
C LEU F 2332 -36.99 -46.79 -54.60
N ASP F 2333 -38.20 -47.25 -54.34
CA ASP F 2333 -39.30 -47.02 -55.26
C ASP F 2333 -40.08 -45.75 -54.91
N PHE F 2334 -40.35 -45.53 -53.63
CA PHE F 2334 -40.93 -44.25 -53.21
C PHE F 2334 -40.01 -43.11 -53.56
N LEU F 2335 -38.72 -43.29 -53.29
CA LEU F 2335 -37.76 -42.25 -53.63
C LEU F 2335 -37.63 -42.03 -55.12
N ARG F 2336 -38.15 -42.93 -55.94
CA ARG F 2336 -38.15 -42.72 -57.38
C ARG F 2336 -39.36 -41.93 -57.85
N PHE F 2337 -40.46 -41.97 -57.11
CA PHE F 2337 -41.65 -41.20 -57.43
C PHE F 2337 -41.63 -39.81 -56.83
N ALA F 2338 -40.59 -39.49 -56.05
CA ALA F 2338 -40.47 -38.18 -55.44
C ALA F 2338 -39.31 -37.37 -56.00
N VAL F 2339 -38.74 -37.79 -57.12
CA VAL F 2339 -37.58 -37.11 -57.67
C VAL F 2339 -37.81 -36.79 -59.13
N PHE F 2340 -38.72 -37.53 -59.77
CA PHE F 2340 -38.89 -37.47 -61.21
C PHE F 2340 -40.38 -37.62 -61.49
N VAL F 2341 -41.03 -36.52 -61.87
CA VAL F 2341 -42.47 -36.52 -62.12
C VAL F 2341 -42.72 -35.94 -63.50
N ASN F 2342 -43.61 -36.58 -64.24
CA ASN F 2342 -44.05 -36.13 -65.55
C ASN F 2342 -42.90 -36.00 -66.54
N GLY F 2343 -41.87 -36.82 -66.37
CA GLY F 2343 -40.79 -36.87 -67.33
C GLY F 2343 -39.69 -35.84 -67.15
N GLU F 2344 -39.85 -34.91 -66.21
CA GLU F 2344 -38.80 -33.95 -65.89
C GLU F 2344 -38.31 -34.20 -64.47
N SER F 2345 -37.08 -33.77 -64.20
CA SER F 2345 -36.47 -33.97 -62.91
C SER F 2345 -36.92 -32.88 -61.95
N VAL F 2346 -37.32 -33.30 -60.74
CA VAL F 2346 -37.63 -32.35 -59.69
C VAL F 2346 -36.33 -31.95 -59.03
N GLU F 2347 -35.73 -30.86 -59.51
CA GLU F 2347 -34.40 -30.45 -59.06
C GLU F 2347 -34.33 -30.34 -57.55
N GLU F 2348 -35.33 -29.71 -56.96
CA GLU F 2348 -35.33 -29.46 -55.52
C GLU F 2348 -35.30 -30.76 -54.74
N ASN F 2349 -36.20 -31.70 -55.08
CA ASN F 2349 -36.14 -33.00 -54.46
C ASN F 2349 -35.02 -33.86 -55.03
N ALA F 2350 -34.48 -33.49 -56.19
CA ALA F 2350 -33.37 -34.26 -56.75
C ALA F 2350 -32.13 -34.13 -55.87
N ASN F 2351 -31.76 -32.90 -55.52
CA ASN F 2351 -30.51 -32.70 -54.80
C ASN F 2351 -30.58 -33.27 -53.39
N VAL F 2352 -31.72 -33.15 -52.74
CA VAL F 2352 -31.81 -33.48 -51.32
C VAL F 2352 -31.53 -34.95 -51.09
N VAL F 2353 -32.11 -35.80 -51.94
CA VAL F 2353 -31.91 -37.23 -51.76
C VAL F 2353 -30.46 -37.60 -52.02
N VAL F 2354 -29.81 -36.93 -52.97
CA VAL F 2354 -28.39 -37.21 -53.22
C VAL F 2354 -27.57 -36.88 -51.98
N ARG F 2355 -27.80 -35.69 -51.42
CA ARG F 2355 -27.08 -35.30 -50.22
C ARG F 2355 -27.30 -36.29 -49.09
N LEU F 2356 -28.56 -36.64 -48.84
CA LEU F 2356 -28.86 -37.55 -47.75
C LEU F 2356 -28.33 -38.94 -48.00
N LEU F 2357 -28.15 -39.31 -49.26
CA LEU F 2357 -27.55 -40.60 -49.54
C LEU F 2357 -26.06 -40.60 -49.28
N ILE F 2358 -25.36 -39.54 -49.68
CA ILE F 2358 -23.91 -39.58 -49.50
C ILE F 2358 -23.53 -39.28 -48.06
N ARG F 2359 -24.31 -38.48 -47.34
CA ARG F 2359 -24.03 -38.27 -45.93
C ARG F 2359 -24.13 -39.56 -45.16
N LYS F 2360 -24.89 -40.52 -45.68
CA LYS F 2360 -24.99 -41.85 -45.09
C LYS F 2360 -24.61 -42.87 -46.15
N PRO F 2361 -23.32 -43.05 -46.44
CA PRO F 2361 -22.91 -43.87 -47.59
C PRO F 2361 -23.12 -45.36 -47.43
N GLU F 2362 -23.77 -45.82 -46.36
CA GLU F 2362 -24.11 -47.22 -46.23
C GLU F 2362 -25.35 -47.59 -47.04
N CYS F 2363 -26.15 -46.60 -47.43
CA CYS F 2363 -27.39 -46.84 -48.14
C CYS F 2363 -27.13 -47.32 -49.57
N PHE F 2364 -25.88 -47.24 -50.01
CA PHE F 2364 -25.53 -47.63 -51.36
C PHE F 2364 -25.29 -49.12 -51.50
N GLY F 2365 -25.38 -49.88 -50.42
CA GLY F 2365 -25.23 -51.32 -50.49
C GLY F 2365 -23.83 -51.80 -50.17
N PRO F 2366 -23.59 -53.10 -50.29
CA PRO F 2366 -22.25 -53.65 -50.06
C PRO F 2366 -21.23 -53.16 -51.08
N ALA F 2367 -21.57 -53.22 -52.35
CA ALA F 2367 -20.75 -52.52 -53.32
C ALA F 2367 -20.91 -51.02 -53.10
N LEU F 2368 -20.04 -50.26 -53.75
CA LEU F 2368 -20.00 -48.80 -53.61
C LEU F 2368 -19.77 -48.36 -52.17
N ARG F 2369 -19.43 -49.29 -51.28
CA ARG F 2369 -19.08 -48.92 -49.92
C ARG F 2369 -17.75 -48.20 -49.81
N GLY F 2370 -16.94 -48.18 -50.88
CA GLY F 2370 -15.70 -47.42 -50.81
C GLY F 2370 -14.56 -48.26 -50.27
N GLU F 2371 -14.31 -48.16 -48.97
CA GLU F 2371 -13.39 -49.07 -48.32
C GLU F 2371 -13.90 -50.50 -48.42
N GLY F 2372 -12.98 -51.43 -48.71
CA GLY F 2372 -13.37 -52.81 -48.89
C GLY F 2372 -14.41 -52.97 -49.96
N GLY F 2373 -14.41 -52.10 -50.95
CA GLY F 2373 -15.49 -52.05 -51.91
C GLY F 2373 -15.45 -53.20 -52.90
N SER F 2374 -16.54 -53.31 -53.64
CA SER F 2374 -16.64 -54.24 -54.74
C SER F 2374 -17.19 -53.47 -55.93
N GLY F 2375 -16.64 -53.72 -57.10
CA GLY F 2375 -17.14 -53.08 -58.30
C GLY F 2375 -18.61 -53.37 -58.47
N LEU F 2376 -19.40 -52.36 -58.85
CA LEU F 2376 -20.81 -52.58 -59.15
C LEU F 2376 -20.95 -53.73 -60.15
N LEU F 2377 -20.08 -53.73 -61.17
CA LEU F 2377 -20.02 -54.85 -62.09
C LEU F 2377 -19.73 -56.15 -61.36
N ALA F 2378 -18.75 -56.12 -60.46
CA ALA F 2378 -18.38 -57.34 -59.73
C ALA F 2378 -19.54 -57.82 -58.86
N ALA F 2379 -20.22 -56.89 -58.19
CA ALA F 2379 -21.36 -57.27 -57.35
C ALA F 2379 -22.46 -57.90 -58.19
N ILE F 2380 -22.74 -57.34 -59.36
CA ILE F 2380 -23.76 -57.92 -60.22
C ILE F 2380 -23.32 -59.30 -60.70
N GLU F 2381 -22.03 -59.46 -61.00
CA GLU F 2381 -21.55 -60.77 -61.43
C GLU F 2381 -21.71 -61.80 -60.30
N GLU F 2382 -21.39 -61.39 -59.08
CA GLU F 2382 -21.61 -62.25 -57.93
C GLU F 2382 -23.08 -62.63 -57.79
N ALA F 2383 -24.00 -61.70 -58.00
CA ALA F 2383 -25.41 -62.03 -57.93
C ALA F 2383 -25.82 -62.94 -59.09
N ILE F 2384 -25.16 -62.84 -60.23
CA ILE F 2384 -25.36 -63.82 -61.29
C ILE F 2384 -25.01 -65.21 -60.80
N ARG F 2385 -23.83 -65.36 -60.20
CA ARG F 2385 -23.38 -66.68 -59.80
C ARG F 2385 -24.18 -67.20 -58.60
N ILE F 2386 -24.75 -66.30 -57.79
CA ILE F 2386 -25.58 -66.72 -56.67
C ILE F 2386 -26.96 -67.14 -57.16
N SER F 2387 -27.32 -66.77 -58.39
CA SER F 2387 -28.66 -67.02 -58.88
C SER F 2387 -28.93 -68.51 -59.08
N GLU F 2388 -27.89 -69.30 -59.36
CA GLU F 2388 -28.09 -70.70 -59.71
C GLU F 2388 -27.91 -71.62 -58.52
N ASP F 2389 -26.87 -71.40 -57.73
CA ASP F 2389 -26.55 -72.32 -56.64
C ASP F 2389 -27.67 -72.32 -55.61
N PRO F 2390 -28.27 -73.47 -55.32
CA PRO F 2390 -29.42 -73.48 -54.40
C PRO F 2390 -29.03 -73.13 -52.98
N ALA F 2391 -27.80 -73.43 -52.58
CA ALA F 2391 -27.41 -73.22 -51.19
C ALA F 2391 -27.38 -71.74 -50.82
N ARG F 2392 -27.01 -70.88 -51.77
CA ARG F 2392 -26.84 -69.47 -51.49
C ARG F 2392 -27.99 -68.62 -52.03
N ASP F 2393 -29.07 -69.25 -52.46
CA ASP F 2393 -30.26 -68.53 -52.88
C ASP F 2393 -31.39 -68.60 -51.88
N GLY F 2394 -31.50 -69.69 -51.14
CA GLY F 2394 -32.41 -69.75 -50.02
C GLY F 2394 -33.41 -70.88 -50.10
N PRO F 2395 -33.36 -71.80 -49.12
CA PRO F 2395 -34.33 -72.87 -48.99
C PRO F 2395 -35.57 -72.40 -48.24
N ASN F 2414 -43.15 -71.44 -51.86
CA ASN F 2414 -42.11 -70.42 -51.89
C ASN F 2414 -42.56 -69.19 -52.67
N ARG F 2415 -42.11 -68.02 -52.22
CA ARG F 2415 -42.46 -66.76 -52.86
C ARG F 2415 -41.29 -65.80 -53.02
N VAL F 2416 -40.16 -66.06 -52.36
CA VAL F 2416 -39.04 -65.11 -52.32
C VAL F 2416 -37.73 -65.83 -52.63
N HIS F 2417 -36.96 -65.26 -53.55
CA HIS F 2417 -35.63 -65.73 -53.90
C HIS F 2417 -34.67 -64.55 -53.83
N LEU F 2418 -33.38 -64.85 -53.78
CA LEU F 2418 -32.36 -63.82 -53.61
C LEU F 2418 -31.59 -63.47 -54.87
N GLY F 2419 -31.33 -64.44 -55.74
CA GLY F 2419 -30.52 -64.17 -56.92
C GLY F 2419 -31.04 -62.97 -57.70
N HIS F 2420 -32.36 -62.80 -57.70
CA HIS F 2420 -32.96 -61.61 -58.27
C HIS F 2420 -33.02 -60.45 -57.29
N ALA F 2421 -32.96 -60.73 -55.98
CA ALA F 2421 -33.20 -59.68 -54.99
C ALA F 2421 -32.10 -58.62 -55.02
N ILE F 2422 -30.83 -59.06 -54.93
CA ILE F 2422 -29.74 -58.11 -54.95
C ILE F 2422 -29.74 -57.34 -56.25
N MET F 2423 -30.05 -58.04 -57.34
CA MET F 2423 -30.12 -57.38 -58.65
C MET F 2423 -31.19 -56.32 -58.66
N SER F 2424 -32.35 -56.60 -58.09
CA SER F 2424 -33.40 -55.60 -58.02
C SER F 2424 -32.92 -54.39 -57.23
N PHE F 2425 -32.28 -54.64 -56.09
CA PHE F 2425 -31.83 -53.53 -55.26
C PHE F 2425 -30.87 -52.63 -56.02
N TYR F 2426 -29.90 -53.22 -56.70
CA TYR F 2426 -28.92 -52.39 -57.37
C TYR F 2426 -29.51 -51.74 -58.63
N ALA F 2427 -30.41 -52.43 -59.33
CA ALA F 2427 -31.06 -51.83 -60.48
C ALA F 2427 -31.89 -50.62 -60.05
N ALA F 2428 -32.62 -50.76 -58.95
CA ALA F 2428 -33.42 -49.65 -58.43
C ALA F 2428 -32.54 -48.49 -58.03
N LEU F 2429 -31.44 -48.77 -57.34
CA LEU F 2429 -30.52 -47.71 -56.95
C LEU F 2429 -29.98 -46.98 -58.17
N ILE F 2430 -29.60 -47.73 -59.20
CA ILE F 2430 -29.06 -47.09 -60.39
C ILE F 2430 -30.12 -46.25 -61.09
N ASP F 2431 -31.34 -46.77 -61.17
CA ASP F 2431 -32.42 -45.98 -61.77
C ASP F 2431 -32.63 -44.68 -61.01
N LEU F 2432 -32.78 -44.78 -59.69
CA LEU F 2432 -33.05 -43.60 -58.88
C LEU F 2432 -31.93 -42.59 -59.01
N LEU F 2433 -30.68 -43.05 -58.98
CA LEU F 2433 -29.56 -42.14 -59.14
C LEU F 2433 -29.55 -41.51 -60.52
N GLY F 2434 -30.04 -42.23 -61.53
CA GLY F 2434 -30.21 -41.62 -62.83
C GLY F 2434 -31.29 -40.56 -62.85
N ARG F 2435 -32.35 -40.76 -62.07
CA ARG F 2435 -33.45 -39.80 -62.04
C ARG F 2435 -32.97 -38.45 -61.52
N CYS F 2436 -32.17 -38.45 -60.45
CA CYS F 2436 -31.74 -37.19 -59.85
C CYS F 2436 -30.81 -36.41 -60.75
N ALA F 2437 -30.30 -37.03 -61.82
CA ALA F 2437 -29.40 -36.32 -62.71
C ALA F 2437 -30.11 -35.13 -63.32
N PRO F 2438 -29.46 -33.99 -63.43
CA PRO F 2438 -30.12 -32.80 -63.97
C PRO F 2438 -30.50 -32.98 -65.43
N GLU F 2439 -31.56 -32.29 -65.82
CA GLU F 2439 -32.02 -32.30 -67.20
C GLU F 2439 -31.12 -31.38 -68.04
N MET F 2440 -31.45 -31.20 -69.32
CA MET F 2440 -30.55 -30.49 -70.22
C MET F 2440 -30.52 -28.99 -69.96
N HIS F 2441 -31.63 -28.42 -69.47
CA HIS F 2441 -31.67 -26.98 -69.23
C HIS F 2441 -30.54 -26.55 -68.31
N LEU F 2442 -30.41 -27.23 -67.17
CA LEU F 2442 -29.39 -26.86 -66.19
C LEU F 2442 -28.00 -27.18 -66.71
N ILE F 2443 -27.85 -28.29 -67.43
CA ILE F 2443 -26.53 -28.69 -67.89
C ILE F 2443 -25.97 -27.68 -68.89
N GLN F 2444 -26.78 -27.23 -69.83
CA GLN F 2444 -26.32 -26.20 -70.76
C GLN F 2444 -26.32 -24.81 -70.12
N ALA F 2445 -27.07 -24.61 -69.04
CA ALA F 2445 -27.08 -23.31 -68.37
C ALA F 2445 -25.84 -23.07 -67.55
N GLY F 2446 -25.00 -24.08 -67.35
CA GLY F 2446 -23.80 -23.91 -66.55
C GLY F 2446 -24.12 -23.63 -65.11
N LYS F 2447 -25.29 -24.08 -64.65
CA LYS F 2447 -25.68 -23.87 -63.27
C LYS F 2447 -24.77 -24.67 -62.34
N GLY F 2448 -24.20 -23.98 -61.35
CA GLY F 2448 -23.17 -24.59 -60.53
C GLY F 2448 -23.65 -25.82 -59.78
N GLU F 2449 -24.83 -25.72 -59.17
CA GLU F 2449 -25.35 -26.85 -58.41
C GLU F 2449 -25.59 -28.05 -59.30
N ALA F 2450 -26.09 -27.83 -60.52
CA ALA F 2450 -26.37 -28.93 -61.42
C ALA F 2450 -25.10 -29.69 -61.77
N LEU F 2451 -24.06 -28.96 -62.19
CA LEU F 2451 -22.80 -29.62 -62.53
C LEU F 2451 -22.21 -30.32 -61.32
N ARG F 2452 -22.35 -29.72 -60.14
CA ARG F 2452 -21.82 -30.36 -58.94
C ARG F 2452 -22.53 -31.69 -58.66
N ILE F 2453 -23.86 -31.70 -58.76
CA ILE F 2453 -24.58 -32.94 -58.50
C ILE F 2453 -24.22 -33.99 -59.55
N ARG F 2454 -24.11 -33.59 -60.81
CA ARG F 2454 -23.75 -34.56 -61.84
C ARG F 2454 -22.36 -35.13 -61.60
N ALA F 2455 -21.42 -34.27 -61.21
CA ALA F 2455 -20.09 -34.77 -60.90
C ALA F 2455 -20.12 -35.73 -59.72
N ILE F 2456 -20.97 -35.44 -58.74
CA ILE F 2456 -21.06 -36.32 -57.58
C ILE F 2456 -21.56 -37.69 -58.00
N LEU F 2457 -22.61 -37.72 -58.82
CA LEU F 2457 -23.10 -39.00 -59.32
C LEU F 2457 -22.08 -39.71 -60.19
N ARG F 2458 -21.34 -38.95 -61.00
CA ARG F 2458 -20.31 -39.55 -61.84
C ARG F 2458 -19.24 -40.23 -61.00
N SER F 2459 -18.84 -39.59 -59.91
CA SER F 2459 -17.89 -40.22 -58.99
C SER F 2459 -18.53 -41.42 -58.32
N LEU F 2460 -19.81 -41.34 -57.99
CA LEU F 2460 -20.45 -42.41 -57.21
C LEU F 2460 -20.45 -43.74 -57.95
N VAL F 2461 -20.52 -43.70 -59.28
CA VAL F 2461 -20.52 -44.93 -60.08
C VAL F 2461 -19.62 -44.75 -61.29
N PRO F 2462 -18.65 -45.65 -61.50
CA PRO F 2462 -17.76 -45.53 -62.67
C PRO F 2462 -18.51 -45.80 -63.96
N LEU F 2463 -17.75 -45.81 -65.05
CA LEU F 2463 -18.34 -46.13 -66.35
C LEU F 2463 -18.20 -47.59 -66.72
N ASP F 2464 -17.02 -48.18 -66.48
CA ASP F 2464 -16.75 -49.53 -66.97
C ASP F 2464 -17.80 -50.51 -66.49
N ASP F 2465 -18.21 -50.40 -65.21
CA ASP F 2465 -19.26 -51.27 -64.71
C ASP F 2465 -20.58 -51.02 -65.42
N LEU F 2466 -20.85 -49.76 -65.78
CA LEU F 2466 -22.12 -49.46 -66.44
C LEU F 2466 -22.24 -50.20 -67.77
N VAL F 2467 -21.31 -49.95 -68.68
CA VAL F 2467 -21.34 -50.63 -69.98
C VAL F 2467 -21.07 -52.11 -69.83
N GLY F 2468 -20.51 -52.54 -68.70
CA GLY F 2468 -20.34 -53.96 -68.45
C GLY F 2468 -21.62 -54.67 -68.10
N ILE F 2469 -22.42 -54.06 -67.23
CA ILE F 2469 -23.73 -54.64 -66.92
C ILE F 2469 -24.64 -54.51 -68.12
N ILE F 2470 -24.35 -53.55 -69.00
CA ILE F 2470 -24.92 -53.62 -70.34
C ILE F 2470 -24.52 -54.90 -71.06
N SER F 2471 -23.36 -55.47 -70.73
CA SER F 2471 -22.76 -56.53 -71.53
C SER F 2471 -22.95 -57.92 -70.92
N LEU F 2472 -23.86 -58.08 -69.98
CA LEU F 2472 -24.11 -59.37 -69.36
C LEU F 2472 -24.62 -60.38 -70.39
N PRO F 2473 -24.50 -61.69 -70.14
CA PRO F 2473 -25.22 -62.65 -70.97
C PRO F 2473 -26.60 -62.95 -70.41
N LEU F 2474 -27.61 -62.99 -71.28
CA LEU F 2474 -29.00 -63.05 -70.89
C LEU F 2474 -29.55 -64.41 -71.31
N GLN F 2475 -29.81 -65.29 -70.34
CA GLN F 2475 -30.18 -66.66 -70.67
C GLN F 2475 -31.53 -66.67 -71.38
N ILE F 2476 -31.47 -66.84 -72.70
CA ILE F 2476 -32.58 -66.77 -73.64
C ILE F 2476 -33.43 -68.03 -73.45
N PRO F 2477 -34.77 -67.98 -73.68
CA PRO F 2477 -35.56 -69.21 -73.60
C PRO F 2477 -34.98 -70.30 -74.49
N THR F 2478 -34.47 -71.34 -73.86
CA THR F 2478 -33.73 -72.36 -74.59
C THR F 2478 -34.68 -73.23 -75.40
N LEU F 2479 -34.49 -73.25 -76.70
CA LEU F 2479 -35.29 -74.08 -77.58
C LEU F 2479 -34.98 -75.54 -77.36
N GLY F 2480 -35.71 -76.40 -78.08
CA GLY F 2480 -35.43 -77.81 -78.02
C GLY F 2480 -35.58 -78.35 -76.61
N LYS F 2481 -34.49 -78.90 -76.08
CA LYS F 2481 -34.48 -79.56 -74.79
C LYS F 2481 -35.55 -80.65 -74.75
N ASP F 2482 -35.39 -81.62 -75.65
CA ASP F 2482 -36.34 -82.69 -75.94
C ASP F 2482 -37.60 -82.17 -76.61
N GLY F 2483 -37.62 -80.91 -77.07
CA GLY F 2483 -38.75 -80.35 -77.78
C GLY F 2483 -39.64 -79.45 -76.96
N ALA F 2484 -39.55 -79.49 -75.63
CA ALA F 2484 -40.44 -78.74 -74.76
C ALA F 2484 -39.81 -77.43 -74.34
N LEU F 2485 -40.60 -76.36 -74.34
CA LEU F 2485 -40.12 -75.07 -73.88
C LEU F 2485 -39.66 -75.16 -72.42
N VAL F 2486 -38.44 -74.68 -72.16
CA VAL F 2486 -37.94 -74.53 -70.79
C VAL F 2486 -37.36 -73.12 -70.68
N GLN F 2487 -38.20 -72.18 -70.28
CA GLN F 2487 -37.75 -70.81 -70.12
C GLN F 2487 -37.23 -70.58 -68.70
N PRO F 2488 -36.26 -69.69 -68.53
CA PRO F 2488 -35.79 -69.37 -67.18
C PRO F 2488 -36.78 -68.48 -66.47
N LYS F 2489 -36.99 -68.75 -65.18
CA LYS F 2489 -37.95 -68.00 -64.38
C LYS F 2489 -37.40 -66.60 -64.16
N MET F 2490 -37.89 -65.64 -64.95
CA MET F 2490 -37.52 -64.25 -64.71
C MET F 2490 -38.31 -63.61 -63.60
N SER F 2491 -38.90 -64.42 -62.72
CA SER F 2491 -39.20 -63.96 -61.38
C SER F 2491 -38.05 -64.24 -60.43
N ALA F 2492 -37.06 -65.02 -60.87
CA ALA F 2492 -35.91 -65.35 -60.06
C ALA F 2492 -34.60 -65.38 -60.84
N SER F 2493 -34.53 -64.77 -62.01
CA SER F 2493 -33.28 -64.73 -62.77
C SER F 2493 -32.91 -63.28 -63.06
N PHE F 2494 -31.82 -63.10 -63.82
CA PHE F 2494 -31.47 -61.77 -64.30
C PHE F 2494 -32.49 -61.33 -65.32
N VAL F 2495 -33.52 -60.64 -64.87
CA VAL F 2495 -34.47 -60.04 -65.82
C VAL F 2495 -33.74 -58.95 -66.60
N PRO F 2496 -33.91 -58.87 -67.90
CA PRO F 2496 -33.25 -57.81 -68.66
C PRO F 2496 -33.68 -56.43 -68.21
N ASP F 2497 -34.84 -56.31 -67.56
CA ASP F 2497 -35.27 -55.00 -67.06
C ASP F 2497 -34.22 -54.42 -66.12
N HIS F 2498 -33.48 -55.27 -65.40
CA HIS F 2498 -32.38 -54.81 -64.59
C HIS F 2498 -31.47 -53.90 -65.39
N LYS F 2499 -31.08 -54.33 -66.57
CA LYS F 2499 -30.20 -53.55 -67.43
C LYS F 2499 -30.82 -52.23 -67.87
N ALA F 2500 -32.15 -52.19 -67.99
CA ALA F 2500 -32.80 -50.96 -68.44
C ALA F 2500 -32.40 -49.79 -67.56
N SER F 2501 -32.38 -49.99 -66.25
CA SER F 2501 -31.94 -48.94 -65.34
C SER F 2501 -30.58 -48.41 -65.74
N MET F 2502 -29.62 -49.30 -65.95
CA MET F 2502 -28.28 -48.86 -66.32
C MET F 2502 -28.24 -48.27 -67.72
N VAL F 2503 -29.22 -48.58 -68.56
CA VAL F 2503 -29.31 -47.84 -69.82
C VAL F 2503 -29.75 -46.41 -69.57
N LEU F 2504 -30.68 -46.19 -68.64
CA LEU F 2504 -31.14 -44.84 -68.35
C LEU F 2504 -30.01 -43.98 -67.83
N PHE F 2505 -29.30 -44.46 -66.81
CA PHE F 2505 -28.20 -43.72 -66.21
C PHE F 2505 -27.23 -43.23 -67.26
N LEU F 2506 -26.81 -44.13 -68.15
CA LEU F 2506 -25.86 -43.77 -69.19
C LEU F 2506 -26.37 -42.62 -70.04
N ASP F 2507 -27.66 -42.66 -70.39
CA ASP F 2507 -28.22 -41.57 -71.17
C ASP F 2507 -28.21 -40.27 -70.38
N ARG F 2508 -28.55 -40.33 -69.10
CA ARG F 2508 -28.77 -39.10 -68.36
C ARG F 2508 -27.47 -38.53 -67.80
N VAL F 2509 -26.58 -39.38 -67.31
CA VAL F 2509 -25.41 -38.88 -66.60
C VAL F 2509 -24.20 -38.82 -67.51
N TYR F 2510 -23.75 -39.99 -67.98
CA TYR F 2510 -22.54 -40.03 -68.79
C TYR F 2510 -22.80 -39.49 -70.19
N GLY F 2511 -23.89 -39.92 -70.82
CA GLY F 2511 -24.23 -39.48 -72.14
C GLY F 2511 -23.44 -40.18 -73.23
N ILE F 2512 -23.87 -39.94 -74.46
CA ILE F 2512 -23.17 -40.45 -75.65
C ILE F 2512 -22.71 -39.23 -76.44
N GLU F 2513 -21.47 -38.81 -76.20
CA GLU F 2513 -20.94 -37.59 -76.81
C GLU F 2513 -20.05 -37.86 -78.01
N ASN F 2514 -19.32 -38.97 -78.01
CA ASN F 2514 -18.42 -39.30 -79.11
C ASN F 2514 -18.95 -40.52 -79.85
N GLN F 2515 -18.80 -40.49 -81.17
CA GLN F 2515 -19.24 -41.60 -81.99
C GLN F 2515 -18.53 -42.90 -81.64
N ASP F 2516 -17.28 -42.81 -81.19
CA ASP F 2516 -16.49 -44.01 -80.90
C ASP F 2516 -17.09 -44.79 -79.72
N PHE F 2517 -17.40 -44.09 -78.63
CA PHE F 2517 -18.02 -44.74 -77.49
C PHE F 2517 -19.31 -45.45 -77.89
N LEU F 2518 -20.05 -44.83 -78.80
CA LEU F 2518 -21.28 -45.44 -79.31
C LEU F 2518 -20.99 -46.72 -80.09
N LEU F 2519 -20.07 -46.66 -81.03
CA LEU F 2519 -19.76 -47.91 -81.75
C LEU F 2519 -19.09 -48.93 -80.86
N HIS F 2520 -18.65 -48.54 -79.66
CA HIS F 2520 -18.20 -49.51 -78.66
C HIS F 2520 -19.37 -50.16 -77.94
N VAL F 2521 -20.29 -49.35 -77.41
CA VAL F 2521 -21.41 -49.89 -76.66
C VAL F 2521 -22.30 -50.72 -77.56
N LEU F 2522 -22.31 -50.42 -78.86
CA LEU F 2522 -23.12 -51.22 -79.78
C LEU F 2522 -22.65 -52.66 -79.82
N ASP F 2523 -21.33 -52.87 -79.84
CA ASP F 2523 -20.84 -54.24 -79.93
C ASP F 2523 -20.81 -54.92 -78.57
N VAL F 2524 -20.40 -54.21 -77.51
CA VAL F 2524 -20.16 -54.89 -76.24
C VAL F 2524 -21.47 -55.30 -75.57
N GLY F 2525 -22.49 -54.43 -75.60
CA GLY F 2525 -23.70 -54.75 -74.89
C GLY F 2525 -25.03 -54.71 -75.65
N PHE F 2526 -25.13 -53.88 -76.69
CA PHE F 2526 -26.44 -53.60 -77.29
C PHE F 2526 -26.87 -54.65 -78.31
N LEU F 2527 -26.12 -54.78 -79.41
CA LEU F 2527 -26.54 -55.60 -80.55
C LEU F 2527 -26.81 -57.05 -80.20
N PRO F 2528 -25.93 -57.73 -79.40
CA PRO F 2528 -26.18 -59.14 -79.09
C PRO F 2528 -27.48 -59.34 -78.34
N ASP F 2529 -28.07 -58.25 -77.86
CA ASP F 2529 -29.37 -58.32 -77.22
C ASP F 2529 -30.50 -58.16 -78.24
N MET F 2530 -30.33 -57.25 -79.19
CA MET F 2530 -31.41 -57.03 -80.15
C MET F 2530 -31.59 -58.25 -81.05
N ARG F 2531 -30.49 -58.89 -81.48
CA ARG F 2531 -30.73 -60.11 -82.23
C ARG F 2531 -31.04 -61.32 -81.35
N ALA F 2532 -30.75 -61.22 -80.04
CA ALA F 2532 -31.37 -62.17 -79.13
C ALA F 2532 -32.89 -62.09 -79.24
N ALA F 2533 -33.44 -60.88 -79.20
CA ALA F 2533 -34.88 -60.69 -79.35
C ALA F 2533 -35.34 -61.13 -80.75
N ALA F 2534 -34.59 -60.73 -81.78
CA ALA F 2534 -34.99 -61.05 -83.15
C ALA F 2534 -35.03 -62.56 -83.39
N SER F 2535 -34.07 -63.30 -82.83
CA SER F 2535 -34.16 -64.75 -82.84
C SER F 2535 -35.39 -65.22 -82.08
N LEU F 2536 -35.71 -64.58 -80.96
CA LEU F 2536 -36.91 -64.94 -80.22
C LEU F 2536 -38.19 -64.60 -80.95
N ASP F 2537 -38.12 -63.85 -82.05
CA ASP F 2537 -39.33 -63.46 -82.78
C ASP F 2537 -40.08 -64.64 -83.39
N THR F 2538 -39.60 -65.87 -83.24
CA THR F 2538 -40.24 -67.01 -83.86
C THR F 2538 -41.60 -67.27 -83.23
N ALA F 2539 -42.42 -68.07 -83.93
CA ALA F 2539 -43.81 -68.28 -83.52
C ALA F 2539 -43.89 -68.91 -82.14
N THR F 2540 -43.11 -69.96 -81.90
CA THR F 2540 -43.20 -70.64 -80.60
C THR F 2540 -42.69 -69.77 -79.46
N PHE F 2541 -41.63 -69.00 -79.70
CA PHE F 2541 -41.05 -68.19 -78.64
C PHE F 2541 -41.46 -66.73 -78.75
N SER F 2542 -42.55 -66.44 -79.47
CA SER F 2542 -43.04 -65.08 -79.56
C SER F 2542 -43.64 -64.62 -78.24
N THR F 2543 -44.33 -65.52 -77.55
CA THR F 2543 -45.11 -65.17 -76.38
C THR F 2543 -44.48 -65.62 -75.07
N THR F 2544 -43.29 -66.21 -75.11
CA THR F 2544 -42.62 -66.55 -73.86
C THR F 2544 -42.29 -65.28 -73.09
N GLU F 2545 -42.49 -65.33 -71.77
CA GLU F 2545 -42.46 -64.10 -70.97
C GLU F 2545 -41.12 -63.39 -71.08
N MET F 2546 -40.04 -64.15 -71.27
CA MET F 2546 -38.75 -63.54 -71.56
C MET F 2546 -38.79 -62.71 -72.84
N ALA F 2547 -39.43 -63.22 -73.88
CA ALA F 2547 -39.54 -62.44 -75.12
C ALA F 2547 -40.29 -61.15 -74.87
N LEU F 2548 -41.39 -61.21 -74.14
CA LEU F 2548 -42.18 -60.01 -73.86
C LEU F 2548 -41.36 -58.99 -73.06
N ALA F 2549 -40.66 -59.47 -72.04
CA ALA F 2549 -39.83 -58.57 -71.24
C ALA F 2549 -38.74 -57.95 -72.09
N LEU F 2550 -38.11 -58.73 -72.97
CA LEU F 2550 -37.06 -58.19 -73.81
C LEU F 2550 -37.60 -57.17 -74.81
N ASN F 2551 -38.78 -57.43 -75.36
CA ASN F 2551 -39.39 -56.47 -76.28
C ASN F 2551 -39.66 -55.15 -75.58
N ARG F 2552 -40.26 -55.22 -74.39
CA ARG F 2552 -40.51 -54.00 -73.61
C ARG F 2552 -39.21 -53.29 -73.29
N TYR F 2553 -38.20 -54.06 -72.89
CA TYR F 2553 -36.87 -53.50 -72.63
C TYR F 2553 -36.34 -52.73 -73.82
N LEU F 2554 -36.32 -53.36 -75.00
CA LEU F 2554 -35.73 -52.68 -76.15
C LEU F 2554 -36.53 -51.44 -76.52
N CYS F 2555 -37.86 -51.52 -76.47
CA CYS F 2555 -38.64 -50.37 -76.89
C CYS F 2555 -38.55 -49.22 -75.89
N LEU F 2556 -38.24 -49.51 -74.63
CA LEU F 2556 -38.23 -48.45 -73.63
C LEU F 2556 -36.87 -47.83 -73.42
N ALA F 2557 -35.79 -48.60 -73.54
CA ALA F 2557 -34.47 -48.12 -73.15
C ALA F 2557 -33.51 -47.96 -74.32
N VAL F 2558 -33.27 -49.01 -75.08
CA VAL F 2558 -32.18 -49.00 -76.06
C VAL F 2558 -32.57 -48.21 -77.30
N LEU F 2559 -33.64 -48.64 -77.96
CA LEU F 2559 -34.04 -48.02 -79.22
C LEU F 2559 -34.25 -46.52 -79.12
N PRO F 2560 -34.92 -45.97 -78.10
CA PRO F 2560 -34.99 -44.51 -77.99
C PRO F 2560 -33.62 -43.84 -77.90
N LEU F 2561 -32.68 -44.46 -77.18
CA LEU F 2561 -31.34 -43.88 -77.09
C LEU F 2561 -30.68 -43.87 -78.46
N ILE F 2562 -30.83 -44.95 -79.22
CA ILE F 2562 -30.31 -44.97 -80.58
C ILE F 2562 -30.97 -43.90 -81.42
N THR F 2563 -32.27 -43.72 -81.27
CA THR F 2563 -32.97 -42.70 -82.04
C THR F 2563 -32.42 -41.32 -81.75
N LYS F 2564 -32.17 -41.02 -80.48
CA LYS F 2564 -31.60 -39.74 -80.11
C LYS F 2564 -30.18 -39.57 -80.64
N CYS F 2565 -29.37 -40.62 -80.60
CA CYS F 2565 -27.97 -40.52 -81.03
C CYS F 2565 -27.79 -40.80 -82.51
N ALA F 2566 -28.87 -40.95 -83.26
CA ALA F 2566 -28.77 -41.19 -84.70
C ALA F 2566 -27.88 -40.21 -85.46
N PRO F 2567 -27.90 -38.89 -85.19
CA PRO F 2567 -27.08 -37.98 -86.01
C PRO F 2567 -25.59 -38.30 -85.99
N LEU F 2568 -25.10 -39.01 -84.98
CA LEU F 2568 -23.67 -39.27 -84.88
C LEU F 2568 -23.16 -40.23 -85.94
N PHE F 2569 -24.04 -40.95 -86.63
CA PHE F 2569 -23.59 -42.01 -87.54
C PHE F 2569 -23.04 -41.48 -88.85
N ALA F 2570 -23.21 -40.19 -89.14
CA ALA F 2570 -22.93 -39.68 -90.48
C ALA F 2570 -21.52 -40.01 -90.93
N GLY F 2571 -20.58 -40.11 -90.00
CA GLY F 2571 -19.19 -40.35 -90.37
C GLY F 2571 -18.74 -41.78 -90.16
N THR F 2572 -19.69 -42.70 -89.97
CA THR F 2572 -19.37 -44.10 -89.74
C THR F 2572 -18.99 -44.77 -91.06
N GLU F 2573 -17.92 -44.25 -91.67
CA GLU F 2573 -17.36 -44.83 -92.87
C GLU F 2573 -16.19 -45.76 -92.60
N HIS F 2574 -15.42 -45.50 -91.54
CA HIS F 2574 -14.31 -46.37 -91.19
C HIS F 2574 -14.81 -47.76 -90.83
N ARG F 2575 -15.85 -47.82 -90.00
CA ARG F 2575 -16.38 -49.08 -89.51
C ARG F 2575 -17.65 -49.39 -90.28
N ALA F 2576 -17.72 -50.58 -90.87
CA ALA F 2576 -18.72 -50.87 -91.88
C ALA F 2576 -19.77 -51.89 -91.48
N ILE F 2577 -19.38 -53.09 -91.05
CA ILE F 2577 -20.35 -54.16 -90.88
C ILE F 2577 -21.27 -53.95 -89.70
N MET F 2578 -20.87 -53.15 -88.71
CA MET F 2578 -21.83 -52.75 -87.69
C MET F 2578 -23.05 -52.06 -88.27
N VAL F 2579 -22.85 -51.14 -89.22
CA VAL F 2579 -23.98 -50.40 -89.76
C VAL F 2579 -24.94 -51.33 -90.47
N ASP F 2580 -24.41 -52.17 -91.36
CA ASP F 2580 -25.25 -53.10 -92.11
C ASP F 2580 -25.96 -54.06 -91.17
N SER F 2581 -25.21 -54.61 -90.21
CA SER F 2581 -25.79 -55.57 -89.29
C SER F 2581 -26.90 -54.94 -88.46
N MET F 2582 -26.69 -53.71 -88.00
CA MET F 2582 -27.68 -53.03 -87.19
C MET F 2582 -28.94 -52.72 -88.00
N LEU F 2583 -28.77 -52.20 -89.22
CA LEU F 2583 -29.92 -51.95 -90.07
C LEU F 2583 -30.73 -53.23 -90.24
N HIS F 2584 -30.03 -54.33 -90.51
CA HIS F 2584 -30.70 -55.60 -90.77
C HIS F 2584 -31.47 -56.06 -89.54
N THR F 2585 -30.85 -55.94 -88.36
CA THR F 2585 -31.46 -56.36 -87.11
C THR F 2585 -32.72 -55.54 -86.81
N VAL F 2586 -32.60 -54.22 -86.91
CA VAL F 2586 -33.74 -53.36 -86.62
C VAL F 2586 -34.88 -53.68 -87.57
N TYR F 2587 -34.58 -53.85 -88.85
CA TYR F 2587 -35.64 -54.18 -89.78
C TYR F 2587 -36.31 -55.49 -89.42
N ARG F 2588 -35.52 -56.53 -89.11
CA ARG F 2588 -36.13 -57.81 -88.82
C ARG F 2588 -37.01 -57.73 -87.59
N LEU F 2589 -36.56 -57.00 -86.58
CA LEU F 2589 -37.39 -56.80 -85.39
C LEU F 2589 -38.66 -56.03 -85.72
N SER F 2590 -38.60 -55.16 -86.73
CA SER F 2590 -39.78 -54.37 -87.07
C SER F 2590 -40.93 -55.22 -87.59
N ARG F 2591 -40.64 -56.35 -88.22
CA ARG F 2591 -41.67 -57.21 -88.80
C ARG F 2591 -42.36 -58.11 -87.79
N GLY F 2592 -41.88 -58.12 -86.56
CA GLY F 2592 -42.25 -59.18 -85.64
C GLY F 2592 -43.71 -59.16 -85.24
N ARG F 2593 -44.12 -60.25 -84.60
CA ARG F 2593 -45.43 -60.37 -84.01
C ARG F 2593 -45.35 -60.07 -82.51
N SER F 2594 -46.52 -59.99 -81.87
CA SER F 2594 -46.65 -59.76 -80.44
C SER F 2594 -46.03 -58.44 -80.01
N LEU F 2595 -45.67 -57.58 -80.95
CA LEU F 2595 -45.20 -56.25 -80.61
C LEU F 2595 -46.39 -55.30 -80.57
N THR F 2596 -46.59 -54.64 -79.43
CA THR F 2596 -47.74 -53.76 -79.26
C THR F 2596 -47.65 -52.58 -80.22
N LYS F 2597 -48.80 -52.01 -80.55
CA LYS F 2597 -48.86 -51.01 -81.61
C LYS F 2597 -47.97 -49.81 -81.30
N ALA F 2598 -48.03 -49.31 -80.06
CA ALA F 2598 -47.16 -48.20 -79.69
C ALA F 2598 -45.69 -48.62 -79.78
N GLN F 2599 -45.40 -49.85 -79.38
CA GLN F 2599 -44.05 -50.35 -79.48
C GLN F 2599 -43.60 -50.45 -80.93
N ARG F 2600 -44.51 -50.87 -81.81
CA ARG F 2600 -44.19 -50.89 -83.24
C ARG F 2600 -43.91 -49.49 -83.74
N ASP F 2601 -44.68 -48.51 -83.27
CA ASP F 2601 -44.39 -47.11 -83.62
C ASP F 2601 -43.01 -46.72 -83.15
N VAL F 2602 -42.62 -47.13 -81.95
CA VAL F 2602 -41.30 -46.81 -81.43
C VAL F 2602 -40.22 -47.38 -82.33
N ILE F 2603 -40.33 -48.65 -82.68
CA ILE F 2603 -39.27 -49.29 -83.43
C ILE F 2603 -39.18 -48.72 -84.85
N GLU F 2604 -40.34 -48.46 -85.47
CA GLU F 2604 -40.31 -47.88 -86.80
C GLU F 2604 -39.75 -46.46 -86.76
N ASP F 2605 -40.05 -45.71 -85.70
CA ASP F 2605 -39.49 -44.38 -85.57
C ASP F 2605 -37.98 -44.44 -85.47
N CYS F 2606 -37.47 -45.39 -84.66
CA CYS F 2606 -36.03 -45.53 -84.55
C CYS F 2606 -35.40 -45.87 -85.89
N LEU F 2607 -36.03 -46.78 -86.64
CA LEU F 2607 -35.45 -47.18 -87.92
C LEU F 2607 -35.46 -46.04 -88.93
N MET F 2608 -36.57 -45.32 -89.02
CA MET F 2608 -36.67 -44.30 -90.05
C MET F 2608 -35.98 -43.01 -89.64
N ALA F 2609 -35.67 -42.83 -88.36
CA ALA F 2609 -34.74 -41.78 -87.98
C ALA F 2609 -33.30 -42.24 -88.19
N LEU F 2610 -33.09 -43.55 -88.10
CA LEU F 2610 -31.76 -44.09 -88.32
C LEU F 2610 -31.30 -43.96 -89.76
N CYS F 2611 -32.20 -44.25 -90.71
CA CYS F 2611 -31.80 -44.25 -92.12
C CYS F 2611 -31.43 -42.85 -92.60
N ARG F 2612 -31.83 -41.82 -91.87
CA ARG F 2612 -31.52 -40.44 -92.22
C ARG F 2612 -30.02 -40.19 -92.29
N TYR F 2613 -29.35 -40.28 -91.14
CA TYR F 2613 -28.01 -39.73 -91.03
C TYR F 2613 -26.96 -40.64 -91.65
N ILE F 2614 -27.29 -41.90 -91.92
CA ILE F 2614 -26.28 -42.81 -92.43
C ILE F 2614 -25.94 -42.48 -93.89
N ARG F 2615 -24.73 -42.87 -94.31
CA ARG F 2615 -24.30 -42.62 -95.67
C ARG F 2615 -25.16 -43.42 -96.66
N PRO F 2616 -25.45 -42.85 -97.83
CA PRO F 2616 -26.39 -43.51 -98.76
C PRO F 2616 -25.92 -44.86 -99.22
N SER F 2617 -24.63 -45.01 -99.53
CA SER F 2617 -24.12 -46.26 -100.06
C SER F 2617 -24.28 -47.39 -99.06
N MET F 2618 -24.01 -47.09 -97.80
CA MET F 2618 -23.90 -48.13 -96.78
C MET F 2618 -25.25 -48.60 -96.27
N LEU F 2619 -26.33 -48.01 -96.75
CA LEU F 2619 -27.67 -48.52 -96.58
C LEU F 2619 -28.03 -49.55 -97.65
N GLN F 2620 -27.11 -49.78 -98.59
CA GLN F 2620 -27.40 -50.58 -99.78
C GLN F 2620 -27.97 -51.95 -99.43
N HIS F 2621 -27.33 -52.64 -98.48
CA HIS F 2621 -27.80 -53.98 -98.12
C HIS F 2621 -29.25 -53.93 -97.64
N LEU F 2622 -29.60 -52.92 -96.87
CA LEU F 2622 -30.98 -52.78 -96.43
C LEU F 2622 -31.91 -52.64 -97.63
N LEU F 2623 -31.46 -51.91 -98.67
CA LEU F 2623 -32.23 -51.89 -99.90
C LEU F 2623 -32.43 -53.29 -100.44
N ARG F 2624 -31.33 -54.06 -100.57
CA ARG F 2624 -31.46 -55.50 -100.80
C ARG F 2624 -32.65 -56.05 -100.06
N ARG F 2625 -32.67 -55.80 -98.76
CA ARG F 2625 -33.56 -56.53 -97.88
C ARG F 2625 -34.96 -56.29 -98.41
N LEU F 2626 -35.24 -54.99 -98.59
CA LEU F 2626 -36.55 -54.47 -98.91
C LEU F 2626 -37.03 -54.96 -100.26
N VAL F 2627 -36.12 -55.10 -101.23
CA VAL F 2627 -36.58 -55.36 -102.59
C VAL F 2627 -37.19 -56.75 -102.65
N PHE F 2628 -37.19 -57.47 -101.53
CA PHE F 2628 -37.95 -58.70 -101.49
C PHE F 2628 -39.18 -58.63 -100.60
N ASP F 2629 -39.20 -57.75 -99.62
CA ASP F 2629 -40.31 -57.66 -98.66
C ASP F 2629 -41.40 -56.71 -99.11
N VAL F 2630 -41.05 -55.54 -99.66
CA VAL F 2630 -42.05 -54.55 -100.03
C VAL F 2630 -42.85 -54.93 -101.28
N PRO F 2631 -42.30 -55.60 -102.31
CA PRO F 2631 -43.09 -55.76 -103.54
C PRO F 2631 -44.43 -56.43 -103.35
N ILE F 2632 -44.57 -57.31 -102.37
CA ILE F 2632 -45.88 -57.89 -102.10
C ILE F 2632 -46.86 -56.83 -101.64
N LEU F 2633 -46.36 -55.79 -100.96
CA LEU F 2633 -47.19 -54.74 -100.40
C LEU F 2633 -48.36 -55.32 -99.61
N ASN F 2634 -48.04 -56.08 -98.56
CA ASN F 2634 -49.00 -56.51 -97.58
C ASN F 2634 -49.32 -55.36 -96.63
N GLU F 2635 -50.12 -55.67 -95.59
CA GLU F 2635 -50.40 -54.66 -94.59
C GLU F 2635 -49.12 -54.22 -93.88
N PHE F 2636 -48.27 -55.18 -93.52
CA PHE F 2636 -47.06 -54.86 -92.79
C PHE F 2636 -46.14 -53.94 -93.57
N ALA F 2637 -46.30 -53.89 -94.90
CA ALA F 2637 -45.49 -53.02 -95.73
C ALA F 2637 -45.93 -51.57 -95.64
N LYS F 2638 -46.80 -51.22 -94.70
CA LYS F 2638 -47.28 -49.85 -94.61
C LYS F 2638 -46.15 -48.90 -94.22
N MET F 2639 -45.25 -49.33 -93.34
CA MET F 2639 -44.18 -48.46 -92.86
C MET F 2639 -43.03 -48.28 -93.85
N PRO F 2640 -42.45 -49.38 -94.41
CA PRO F 2640 -41.16 -49.25 -95.10
C PRO F 2640 -41.19 -48.19 -96.20
N LEU F 2641 -42.37 -48.04 -96.80
CA LEU F 2641 -42.52 -47.11 -97.91
C LEU F 2641 -42.05 -45.73 -97.52
N LYS F 2642 -42.28 -45.34 -96.26
CA LYS F 2642 -41.78 -44.05 -95.78
C LYS F 2642 -40.26 -44.02 -95.79
N LEU F 2643 -39.62 -45.12 -95.37
CA LEU F 2643 -38.17 -45.16 -95.38
C LEU F 2643 -37.64 -45.00 -96.80
N LEU F 2644 -38.27 -45.69 -97.76
CA LEU F 2644 -37.82 -45.60 -99.13
C LEU F 2644 -37.97 -44.18 -99.66
N THR F 2645 -39.13 -43.58 -99.44
CA THR F 2645 -39.38 -42.24 -99.93
C THR F 2645 -38.41 -41.24 -99.30
N ASN F 2646 -38.26 -41.29 -97.99
CA ASN F 2646 -37.35 -40.39 -97.29
C ASN F 2646 -35.89 -40.66 -97.63
N HIS F 2647 -35.58 -41.80 -98.24
CA HIS F 2647 -34.23 -42.06 -98.73
C HIS F 2647 -34.00 -41.48 -100.11
N TYR F 2648 -34.75 -41.93 -101.12
CA TYR F 2648 -34.49 -41.43 -102.47
C TYR F 2648 -34.80 -39.96 -102.62
N GLU F 2649 -35.89 -39.46 -102.04
CA GLU F 2649 -36.13 -38.02 -102.08
C GLU F 2649 -34.99 -37.26 -101.44
N ARG F 2650 -34.32 -37.85 -100.46
CA ARG F 2650 -33.06 -37.32 -99.98
C ARG F 2650 -31.91 -37.62 -100.93
N CYS F 2651 -31.89 -38.82 -101.52
CA CYS F 2651 -30.75 -39.30 -102.28
C CYS F 2651 -30.95 -39.23 -103.79
N TRP F 2652 -31.72 -38.27 -104.28
CA TRP F 2652 -32.03 -38.25 -105.71
C TRP F 2652 -30.77 -37.99 -106.53
N LYS F 2653 -29.93 -37.05 -106.10
CA LYS F 2653 -28.77 -36.69 -106.90
C LYS F 2653 -27.58 -37.57 -106.62
N TYR F 2654 -27.66 -38.42 -105.58
CA TYR F 2654 -26.65 -39.47 -105.44
C TYR F 2654 -26.78 -40.48 -106.56
N TYR F 2655 -27.99 -40.70 -107.05
CA TYR F 2655 -28.24 -41.70 -108.08
C TYR F 2655 -28.24 -41.08 -109.48
N CYS F 2656 -29.05 -40.05 -109.70
CA CYS F 2656 -29.23 -39.52 -111.04
C CYS F 2656 -27.96 -38.88 -111.58
N LEU F 2657 -27.36 -37.98 -110.80
CA LEU F 2657 -26.22 -37.22 -111.32
C LEU F 2657 -24.97 -38.09 -111.38
N PRO F 2658 -24.11 -37.89 -112.39
CA PRO F 2658 -22.90 -38.71 -112.48
C PRO F 2658 -21.88 -38.37 -111.40
N THR F 2659 -21.78 -37.09 -111.02
CA THR F 2659 -20.81 -36.71 -109.99
C THR F 2659 -21.24 -37.22 -108.62
N GLY F 2660 -22.55 -37.30 -108.38
CA GLY F 2660 -23.08 -37.76 -107.12
C GLY F 2660 -22.97 -36.70 -106.02
N TRP F 2661 -23.40 -37.09 -104.83
CA TRP F 2661 -23.19 -36.24 -103.65
C TRP F 2661 -21.72 -35.94 -103.44
N ALA F 2662 -21.45 -34.70 -103.06
CA ALA F 2662 -20.12 -34.33 -102.60
C ALA F 2662 -19.74 -35.17 -101.38
N ASN F 2663 -18.65 -35.92 -101.52
CA ASN F 2663 -18.00 -36.72 -100.48
C ASN F 2663 -18.81 -37.98 -100.12
N PHE F 2664 -20.02 -38.14 -100.63
CA PHE F 2664 -20.78 -39.35 -100.40
C PHE F 2664 -20.78 -40.29 -101.59
N GLY F 2665 -19.88 -40.07 -102.54
CA GLY F 2665 -19.63 -41.02 -103.60
C GLY F 2665 -20.67 -40.97 -104.70
N VAL F 2666 -20.60 -41.98 -105.55
CA VAL F 2666 -21.52 -42.14 -106.67
C VAL F 2666 -22.18 -43.50 -106.51
N THR F 2667 -23.45 -43.57 -106.87
CA THR F 2667 -24.18 -44.82 -106.78
C THR F 2667 -23.46 -45.93 -107.53
N SER F 2668 -23.28 -47.06 -106.87
CA SER F 2668 -22.68 -48.21 -107.52
C SER F 2668 -23.63 -48.69 -108.61
N GLU F 2669 -23.07 -49.45 -109.54
CA GLU F 2669 -23.81 -49.93 -110.71
C GLU F 2669 -24.90 -50.90 -110.30
N GLU F 2670 -24.55 -51.86 -109.44
CA GLU F 2670 -25.54 -52.80 -108.91
C GLU F 2670 -26.62 -52.08 -108.12
N GLU F 2671 -26.25 -51.01 -107.42
CA GLU F 2671 -27.23 -50.30 -106.60
C GLU F 2671 -28.36 -49.74 -107.46
N LEU F 2672 -28.02 -49.15 -108.61
CA LEU F 2672 -29.06 -48.68 -109.52
C LEU F 2672 -29.90 -49.84 -110.02
N HIS F 2673 -29.26 -50.99 -110.27
CA HIS F 2673 -30.06 -52.15 -110.64
C HIS F 2673 -31.11 -52.46 -109.58
N LEU F 2674 -30.72 -52.44 -108.31
CA LEU F 2674 -31.67 -52.72 -107.24
C LEU F 2674 -32.80 -51.70 -107.21
N THR F 2675 -32.46 -50.42 -107.36
CA THR F 2675 -33.48 -49.37 -107.25
C THR F 2675 -34.55 -49.57 -108.31
N ARG F 2676 -34.13 -49.93 -109.51
CA ARG F 2676 -35.09 -50.11 -110.60
C ARG F 2676 -35.91 -51.37 -110.40
N LYS F 2677 -35.26 -52.49 -110.07
CA LYS F 2677 -36.06 -53.70 -109.82
C LYS F 2677 -37.11 -53.41 -108.77
N LEU F 2678 -36.75 -52.58 -107.78
CA LEU F 2678 -37.71 -52.08 -106.82
C LEU F 2678 -38.83 -51.32 -107.52
N PHE F 2679 -38.48 -50.36 -108.38
CA PHE F 2679 -39.50 -49.47 -108.92
C PHE F 2679 -40.48 -50.25 -109.77
N TRP F 2680 -39.98 -51.13 -110.65
CA TRP F 2680 -40.87 -51.92 -111.49
C TRP F 2680 -41.69 -52.90 -110.68
N GLY F 2681 -41.09 -53.57 -109.69
CA GLY F 2681 -41.86 -54.47 -108.87
C GLY F 2681 -43.00 -53.75 -108.16
N ILE F 2682 -42.69 -52.59 -107.57
CA ILE F 2682 -43.72 -51.82 -106.90
C ILE F 2682 -44.78 -51.37 -107.89
N PHE F 2683 -44.35 -50.92 -109.07
CA PHE F 2683 -45.28 -50.42 -110.07
C PHE F 2683 -46.26 -51.51 -110.49
N ASP F 2684 -45.74 -52.68 -110.88
CA ASP F 2684 -46.60 -53.75 -111.35
C ASP F 2684 -47.49 -54.27 -110.23
N SER F 2685 -46.93 -54.48 -109.04
CA SER F 2685 -47.72 -54.97 -107.92
C SER F 2685 -48.84 -53.99 -107.59
N LEU F 2686 -48.55 -52.70 -107.69
CA LEU F 2686 -49.56 -51.69 -107.39
C LEU F 2686 -50.60 -51.60 -108.49
N ALA F 2687 -50.23 -51.92 -109.73
CA ALA F 2687 -51.14 -51.71 -110.85
C ALA F 2687 -52.39 -52.55 -110.72
N HIS F 2688 -52.24 -53.84 -110.38
CA HIS F 2688 -53.37 -54.76 -110.32
C HIS F 2688 -53.89 -54.97 -108.90
N LYS F 2689 -53.73 -53.99 -108.02
CA LYS F 2689 -54.18 -54.10 -106.64
C LYS F 2689 -55.50 -53.37 -106.45
N LYS F 2690 -56.31 -53.86 -105.51
CA LYS F 2690 -57.59 -53.25 -105.18
C LYS F 2690 -57.40 -51.86 -104.61
N TYR F 2691 -58.35 -50.97 -104.90
CA TYR F 2691 -58.25 -49.59 -104.45
C TYR F 2691 -58.34 -49.50 -102.93
N ASP F 2692 -57.22 -49.11 -102.32
CA ASP F 2692 -57.08 -48.99 -100.86
C ASP F 2692 -56.63 -47.56 -100.60
N GLN F 2693 -57.39 -46.84 -99.78
CA GLN F 2693 -57.22 -45.40 -99.67
C GLN F 2693 -55.80 -45.06 -99.22
N GLU F 2694 -55.45 -45.50 -98.02
CA GLU F 2694 -54.13 -45.20 -97.50
C GLU F 2694 -53.03 -45.92 -98.26
N LEU F 2695 -53.33 -47.02 -98.95
CA LEU F 2695 -52.26 -47.75 -99.63
C LEU F 2695 -51.68 -46.94 -100.78
N TYR F 2696 -52.55 -46.38 -101.63
CA TYR F 2696 -52.08 -45.46 -102.67
C TYR F 2696 -51.66 -44.12 -102.09
N ARG F 2697 -52.30 -43.68 -101.00
CA ARG F 2697 -51.74 -42.54 -100.27
C ARG F 2697 -50.29 -42.78 -99.90
N MET F 2698 -49.95 -44.04 -99.67
CA MET F 2698 -48.60 -44.38 -99.27
C MET F 2698 -47.67 -44.48 -100.46
N ALA F 2699 -48.06 -45.29 -101.44
CA ALA F 2699 -47.18 -45.60 -102.57
C ALA F 2699 -47.03 -44.46 -103.57
N MET F 2700 -47.90 -43.44 -103.53
CA MET F 2700 -47.82 -42.38 -104.54
C MET F 2700 -46.49 -41.66 -104.50
N PRO F 2701 -46.09 -40.98 -103.41
CA PRO F 2701 -44.79 -40.32 -103.41
C PRO F 2701 -43.62 -41.27 -103.51
N CYS F 2702 -43.82 -42.55 -103.21
CA CYS F 2702 -42.72 -43.51 -103.27
C CYS F 2702 -42.33 -43.81 -104.71
N LEU F 2703 -43.32 -44.07 -105.58
CA LEU F 2703 -43.02 -44.16 -107.00
C LEU F 2703 -42.49 -42.82 -107.52
N CYS F 2704 -43.06 -41.72 -107.04
CA CYS F 2704 -42.50 -40.41 -107.37
C CYS F 2704 -41.01 -40.35 -107.09
N ALA F 2705 -40.62 -40.76 -105.88
CA ALA F 2705 -39.23 -40.64 -105.45
C ALA F 2705 -38.32 -41.55 -106.26
N ILE F 2706 -38.72 -42.81 -106.42
CA ILE F 2706 -37.85 -43.75 -107.13
C ILE F 2706 -37.71 -43.34 -108.59
N ALA F 2707 -38.79 -42.83 -109.19
CA ALA F 2707 -38.68 -42.29 -110.54
C ALA F 2707 -37.71 -41.12 -110.58
N GLY F 2708 -37.76 -40.26 -109.56
CA GLY F 2708 -36.80 -39.16 -109.49
C GLY F 2708 -35.37 -39.63 -109.35
N ALA F 2709 -35.16 -40.76 -108.66
CA ALA F 2709 -33.80 -41.19 -108.35
C ALA F 2709 -33.08 -41.72 -109.60
N LEU F 2710 -33.76 -42.55 -110.38
CA LEU F 2710 -33.11 -43.27 -111.46
C LEU F 2710 -32.69 -42.31 -112.58
N PRO F 2711 -31.47 -42.41 -113.08
CA PRO F 2711 -31.12 -41.68 -114.30
C PRO F 2711 -31.80 -42.30 -115.50
N PRO F 2712 -32.37 -41.48 -116.38
CA PRO F 2712 -33.10 -42.04 -117.54
C PRO F 2712 -32.25 -42.96 -118.40
N ASP F 2713 -30.98 -42.63 -118.59
CA ASP F 2713 -30.11 -43.41 -119.48
C ASP F 2713 -29.27 -44.37 -118.65
N TYR F 2714 -29.82 -45.57 -118.47
CA TYR F 2714 -29.09 -46.66 -117.85
C TYR F 2714 -29.53 -47.93 -118.57
N VAL F 2715 -28.60 -48.83 -118.83
CA VAL F 2715 -28.93 -50.10 -119.49
C VAL F 2715 -28.68 -51.25 -118.52
N ASP F 2716 -29.66 -52.14 -118.41
CA ASP F 2716 -29.62 -53.21 -117.41
C ASP F 2716 -28.49 -54.19 -117.68
N ALA F 2717 -27.88 -54.69 -116.60
CA ALA F 2717 -26.85 -55.72 -116.73
C ALA F 2717 -27.42 -56.98 -117.35
N SER F 2718 -28.61 -57.38 -116.92
CA SER F 2718 -29.34 -58.49 -117.52
C SER F 2718 -30.79 -58.03 -117.67
N TYR F 2719 -31.09 -57.37 -118.78
CA TYR F 2719 -32.42 -56.79 -118.97
C TYR F 2719 -33.47 -57.87 -118.99
N SER F 2720 -34.42 -57.79 -118.05
CA SER F 2720 -35.46 -58.80 -117.92
C SER F 2720 -36.68 -58.34 -118.72
N SER F 2721 -36.63 -58.63 -120.02
CA SER F 2721 -37.81 -58.40 -120.86
C SER F 2721 -38.97 -59.25 -120.38
N LYS F 2722 -38.69 -60.46 -119.91
CA LYS F 2722 -39.68 -61.31 -119.27
C LYS F 2722 -39.21 -61.60 -117.85
N ALA F 2723 -40.10 -61.40 -116.88
CA ALA F 2723 -39.79 -61.64 -115.47
C ALA F 2723 -40.42 -62.95 -115.04
N GLU F 2724 -39.64 -63.81 -114.39
CA GLU F 2724 -40.09 -65.12 -113.94
C GLU F 2724 -40.25 -65.07 -112.42
N LYS F 2725 -41.45 -64.75 -111.97
CA LYS F 2725 -41.75 -64.67 -110.55
C LYS F 2725 -41.67 -66.05 -109.91
N ASN F 2734 -40.39 -67.17 -96.50
CA ASN F 2734 -40.65 -66.17 -97.53
C ASN F 2734 -39.82 -66.48 -98.79
N PHE F 2735 -38.52 -66.20 -98.70
CA PHE F 2735 -37.63 -66.36 -99.85
C PHE F 2735 -37.35 -67.84 -100.06
N ASP F 2736 -38.25 -68.48 -100.81
CA ASP F 2736 -38.10 -69.89 -101.13
C ASP F 2736 -37.94 -70.06 -102.64
N PRO F 2737 -36.71 -70.16 -103.12
CA PRO F 2737 -36.47 -70.30 -104.56
C PRO F 2737 -36.48 -71.75 -105.00
N ARG F 2738 -36.95 -71.96 -106.23
CA ARG F 2738 -37.04 -73.30 -106.79
C ARG F 2738 -35.65 -73.83 -107.13
N PRO F 2739 -35.42 -75.13 -106.97
CA PRO F 2739 -34.19 -75.74 -107.51
C PRO F 2739 -34.44 -76.30 -108.90
N VAL F 2740 -33.43 -76.18 -109.76
CA VAL F 2740 -33.52 -76.71 -111.11
C VAL F 2740 -33.31 -78.22 -111.05
N GLU F 2741 -34.33 -78.97 -111.46
CA GLU F 2741 -34.21 -80.42 -111.49
C GLU F 2741 -33.17 -80.81 -112.54
N THR F 2742 -32.28 -81.73 -112.17
CA THR F 2742 -31.16 -82.08 -113.02
C THR F 2742 -31.29 -83.46 -113.67
N LEU F 2743 -31.99 -84.38 -113.04
CA LEU F 2743 -32.09 -85.76 -113.51
C LEU F 2743 -33.40 -86.07 -114.23
N ASN F 2744 -34.41 -85.19 -114.11
CA ASN F 2744 -35.72 -85.49 -114.64
C ASN F 2744 -35.69 -85.65 -116.16
N VAL F 2745 -34.95 -84.77 -116.84
CA VAL F 2745 -34.82 -84.89 -118.29
C VAL F 2745 -33.75 -85.92 -118.63
N ILE F 2746 -33.99 -86.65 -119.71
CA ILE F 2746 -33.06 -87.69 -120.15
C ILE F 2746 -31.85 -87.04 -120.78
N ILE F 2747 -30.66 -87.48 -120.38
CA ILE F 2747 -29.41 -86.95 -120.92
C ILE F 2747 -29.23 -87.46 -122.34
N PRO F 2748 -29.07 -86.56 -123.31
CA PRO F 2748 -28.83 -87.01 -124.69
C PRO F 2748 -27.47 -87.69 -124.82
N GLU F 2749 -27.42 -88.66 -125.75
CA GLU F 2749 -26.19 -89.41 -125.94
C GLU F 2749 -25.08 -88.55 -126.54
N LYS F 2750 -25.47 -87.45 -127.20
CA LYS F 2750 -24.48 -86.50 -127.71
C LYS F 2750 -23.52 -86.08 -126.61
N LEU F 2751 -24.05 -85.86 -125.42
CA LEU F 2751 -23.26 -85.47 -124.25
C LEU F 2751 -22.97 -86.71 -123.41
N ASP F 2752 -22.47 -87.76 -124.07
CA ASP F 2752 -22.18 -89.00 -123.38
C ASP F 2752 -20.93 -88.89 -122.52
N SER F 2753 -19.93 -88.14 -123.00
CA SER F 2753 -18.71 -87.95 -122.23
C SER F 2753 -19.03 -87.35 -120.87
N PHE F 2754 -19.90 -86.34 -120.84
CA PHE F 2754 -20.29 -85.73 -119.58
C PHE F 2754 -20.85 -86.77 -118.61
N ILE F 2755 -21.48 -87.83 -119.13
CA ILE F 2755 -22.01 -88.85 -118.25
C ILE F 2755 -20.91 -89.45 -117.39
N ASN F 2756 -19.74 -89.71 -117.99
CA ASN F 2756 -18.62 -90.28 -117.24
C ASN F 2756 -17.31 -89.53 -117.41
N LYS F 2757 -17.00 -89.01 -118.60
CA LYS F 2757 -15.67 -88.48 -118.90
C LYS F 2757 -15.47 -87.08 -118.33
N PHE F 2758 -16.52 -86.24 -118.35
CA PHE F 2758 -16.35 -84.84 -117.96
C PHE F 2758 -15.91 -84.71 -116.51
N ALA F 2759 -16.49 -85.53 -115.61
CA ALA F 2759 -16.05 -85.56 -114.23
C ALA F 2759 -14.55 -85.85 -114.14
N GLU F 2760 -14.05 -86.71 -115.04
CA GLU F 2760 -12.62 -86.87 -115.24
C GLU F 2760 -12.06 -85.63 -115.91
N TYR F 2761 -12.61 -85.30 -117.09
CA TYR F 2761 -12.00 -84.29 -117.96
C TYR F 2761 -11.92 -82.93 -117.28
N THR F 2762 -12.90 -82.61 -116.43
CA THR F 2762 -12.84 -81.37 -115.70
C THR F 2762 -11.97 -81.46 -114.46
N HIS F 2763 -11.92 -82.61 -113.80
CA HIS F 2763 -11.08 -82.75 -112.61
C HIS F 2763 -9.62 -82.50 -112.95
N GLU F 2764 -9.13 -83.14 -114.01
CA GLU F 2764 -7.78 -82.87 -114.47
C GLU F 2764 -7.63 -81.41 -114.87
N LYS F 2765 -8.71 -80.82 -115.42
CA LYS F 2765 -8.72 -79.37 -115.62
C LYS F 2765 -8.72 -78.63 -114.28
N TRP F 2766 -9.57 -79.07 -113.36
CA TRP F 2766 -9.76 -78.37 -112.09
C TRP F 2766 -8.68 -78.69 -111.08
N ALA F 2767 -7.78 -79.62 -111.39
CA ALA F 2767 -6.76 -80.01 -110.41
C ALA F 2767 -5.61 -79.03 -110.37
N PHE F 2768 -4.82 -78.98 -111.45
CA PHE F 2768 -3.56 -78.24 -111.43
C PHE F 2768 -3.77 -76.80 -110.99
N ASP F 2769 -4.86 -76.19 -111.42
CA ASP F 2769 -5.18 -74.82 -111.03
C ASP F 2769 -4.93 -74.60 -109.55
N LYS F 2770 -5.64 -75.35 -108.69
CA LYS F 2770 -5.59 -75.05 -107.27
C LYS F 2770 -4.19 -75.25 -106.71
N ILE F 2771 -3.40 -76.16 -107.30
CA ILE F 2771 -2.08 -76.42 -106.74
C ILE F 2771 -1.02 -75.45 -107.25
N GLN F 2772 -1.43 -74.38 -107.96
CA GLN F 2772 -0.45 -73.38 -108.36
C GLN F 2772 0.17 -72.67 -107.16
N ASN F 2773 -0.64 -72.35 -106.15
CA ASN F 2773 -0.15 -71.58 -105.00
C ASN F 2773 0.38 -72.54 -103.94
N ASN F 2774 1.72 -72.63 -103.88
CA ASN F 2774 2.50 -73.26 -102.81
C ASN F 2774 1.82 -74.47 -102.18
N TRP F 2775 1.50 -75.45 -103.03
CA TRP F 2775 0.94 -76.71 -102.62
C TRP F 2775 1.97 -77.82 -102.85
N SER F 2776 2.34 -78.52 -101.79
CA SER F 2776 3.24 -79.65 -101.90
C SER F 2776 2.48 -80.89 -102.33
N TYR F 2777 3.16 -82.04 -102.34
CA TYR F 2777 2.57 -83.30 -102.76
C TYR F 2777 1.39 -83.66 -101.87
N GLY F 2778 0.45 -84.46 -102.38
CA GLY F 2778 -0.70 -84.83 -101.59
C GLY F 2778 -1.59 -85.92 -102.15
N GLU F 2779 -2.16 -86.73 -101.27
CA GLU F 2779 -3.09 -87.79 -101.64
C GLU F 2779 -4.38 -87.80 -100.81
N ASN F 2780 -4.38 -87.20 -99.63
CA ASN F 2780 -5.57 -87.12 -98.78
C ASN F 2780 -5.60 -85.75 -98.10
N VAL F 2781 -6.62 -85.52 -97.28
CA VAL F 2781 -6.80 -84.27 -96.57
C VAL F 2781 -6.23 -84.45 -95.16
N ASP F 2782 -4.99 -84.00 -94.96
CA ASP F 2782 -4.36 -84.00 -93.64
C ASP F 2782 -3.47 -82.77 -93.56
N GLU F 2783 -3.95 -81.74 -92.84
CA GLU F 2783 -3.21 -80.49 -92.75
C GLU F 2783 -1.86 -80.68 -92.07
N GLU F 2784 -1.77 -81.61 -91.11
CA GLU F 2784 -0.50 -81.87 -90.46
C GLU F 2784 0.53 -82.42 -91.45
N LEU F 2785 0.11 -83.29 -92.35
CA LEU F 2785 1.00 -83.89 -93.34
C LEU F 2785 1.26 -82.98 -94.53
N LYS F 2786 0.56 -81.85 -94.62
CA LYS F 2786 0.62 -80.96 -95.79
C LYS F 2786 0.38 -81.75 -97.07
N THR F 2787 -0.61 -82.63 -97.00
CA THR F 2787 -1.03 -83.45 -98.13
C THR F 2787 -2.37 -82.92 -98.62
N HIS F 2788 -2.48 -82.74 -99.93
CA HIS F 2788 -3.70 -82.27 -100.54
C HIS F 2788 -4.18 -83.29 -101.56
N PRO F 2789 -5.40 -83.84 -101.41
CA PRO F 2789 -5.76 -85.06 -102.12
C PRO F 2789 -5.84 -84.91 -103.63
N MET F 2790 -5.62 -83.71 -104.16
CA MET F 2790 -5.89 -83.51 -105.57
C MET F 2790 -4.61 -83.33 -106.37
N LEU F 2791 -3.45 -83.42 -105.73
CA LEU F 2791 -2.24 -83.75 -106.48
C LEU F 2791 -2.15 -85.23 -106.76
N ARG F 2792 -3.21 -85.96 -106.52
CA ARG F 2792 -3.29 -87.36 -106.91
C ARG F 2792 -3.19 -87.48 -108.42
N PRO F 2793 -2.37 -88.40 -108.94
CA PRO F 2793 -2.32 -88.59 -110.38
C PRO F 2793 -3.62 -89.15 -110.92
N TYR F 2794 -3.89 -88.83 -112.19
CA TYR F 2794 -5.03 -89.40 -112.88
C TYR F 2794 -4.82 -90.88 -113.17
N LYS F 2795 -3.63 -91.42 -112.91
CA LYS F 2795 -3.44 -92.86 -112.84
C LYS F 2795 -4.23 -93.47 -111.69
N THR F 2796 -4.20 -92.81 -110.52
CA THR F 2796 -4.88 -93.28 -109.34
C THR F 2796 -6.37 -92.93 -109.39
N PHE F 2797 -6.85 -92.52 -110.56
CA PHE F 2797 -8.24 -92.13 -110.74
C PHE F 2797 -9.15 -93.34 -110.78
N SER F 2798 -9.75 -93.69 -109.65
CA SER F 2798 -10.68 -94.81 -109.60
C SER F 2798 -12.11 -94.31 -109.72
N GLU F 2799 -13.05 -95.22 -109.49
CA GLU F 2799 -14.47 -94.85 -109.47
C GLU F 2799 -14.77 -93.86 -108.36
N LYS F 2800 -14.09 -94.01 -107.21
CA LYS F 2800 -14.06 -92.97 -106.18
C LYS F 2800 -13.80 -91.59 -106.76
N ASP F 2801 -12.67 -91.44 -107.47
CA ASP F 2801 -12.20 -90.15 -107.91
C ASP F 2801 -13.12 -89.61 -108.99
N LYS F 2802 -13.78 -90.50 -109.72
CA LYS F 2802 -14.84 -90.08 -110.62
C LYS F 2802 -16.01 -89.49 -109.84
N GLU F 2803 -16.52 -90.25 -108.86
CA GLU F 2803 -17.76 -89.88 -108.18
C GLU F 2803 -17.64 -88.56 -107.41
N ILE F 2804 -16.49 -88.36 -106.75
CA ILE F 2804 -16.34 -87.22 -105.84
C ILE F 2804 -16.49 -85.89 -106.56
N TYR F 2805 -15.97 -85.77 -107.78
CA TYR F 2805 -16.24 -84.60 -108.61
C TYR F 2805 -17.38 -84.83 -109.59
N ARG F 2806 -17.91 -86.06 -109.62
CA ARG F 2806 -19.03 -86.40 -110.50
C ARG F 2806 -20.30 -85.70 -110.04
N TRP F 2807 -20.55 -85.73 -108.74
CA TRP F 2807 -21.83 -85.20 -108.25
C TRP F 2807 -22.02 -83.73 -108.66
N PRO F 2808 -21.09 -82.82 -108.32
CA PRO F 2808 -21.29 -81.42 -108.74
C PRO F 2808 -21.32 -81.24 -110.25
N ILE F 2809 -20.49 -81.99 -110.98
CA ILE F 2809 -20.46 -81.88 -112.44
C ILE F 2809 -21.76 -82.39 -113.03
N LYS F 2810 -22.25 -83.52 -112.50
CA LYS F 2810 -23.54 -84.06 -112.90
C LYS F 2810 -24.62 -82.99 -112.78
N GLU F 2811 -24.72 -82.37 -111.61
CA GLU F 2811 -25.65 -81.26 -111.45
C GLU F 2811 -25.40 -80.19 -112.51
N SER F 2812 -24.14 -79.76 -112.63
CA SER F 2812 -23.76 -78.61 -113.45
C SER F 2812 -24.29 -78.73 -114.87
N LEU F 2813 -24.08 -79.87 -115.50
CA LEU F 2813 -24.45 -79.98 -116.90
C LEU F 2813 -25.79 -80.67 -117.14
N LYS F 2814 -26.22 -81.60 -116.28
CA LYS F 2814 -27.52 -82.19 -116.53
C LYS F 2814 -28.64 -81.18 -116.27
N ALA F 2815 -28.40 -80.19 -115.41
CA ALA F 2815 -29.38 -79.11 -115.29
C ALA F 2815 -29.35 -78.20 -116.52
N MET F 2816 -28.18 -78.00 -117.13
CA MET F 2816 -28.14 -77.30 -118.39
C MET F 2816 -28.95 -78.04 -119.44
N ILE F 2817 -28.89 -79.38 -119.40
CA ILE F 2817 -29.74 -80.17 -120.29
C ILE F 2817 -31.21 -79.96 -119.92
N ALA F 2818 -31.50 -79.79 -118.63
CA ALA F 2818 -32.88 -79.51 -118.23
C ALA F 2818 -33.39 -78.20 -118.83
N TRP F 2819 -32.52 -77.20 -118.95
CA TRP F 2819 -32.95 -75.98 -119.65
C TRP F 2819 -32.91 -76.14 -121.16
N GLU F 2820 -31.78 -76.58 -121.70
CA GLU F 2820 -31.59 -76.73 -123.13
C GLU F 2820 -31.27 -78.20 -123.42
N TRP F 2821 -32.23 -78.91 -124.00
CA TRP F 2821 -32.07 -80.31 -124.34
C TRP F 2821 -32.25 -80.48 -125.85
N THR F 2822 -31.19 -80.95 -126.51
CA THR F 2822 -31.21 -81.25 -127.94
C THR F 2822 -30.29 -82.44 -128.17
N ILE F 2823 -30.10 -82.81 -129.45
CA ILE F 2823 -29.11 -83.81 -129.79
C ILE F 2823 -28.36 -83.38 -131.05
N GLU F 2824 -27.18 -82.81 -130.86
CA GLU F 2824 -26.32 -82.34 -131.93
C GLU F 2824 -24.88 -82.77 -131.67
N LYS F 2825 -24.11 -82.90 -132.75
CA LYS F 2825 -22.73 -83.36 -132.65
C LYS F 2825 -21.96 -82.77 -133.83
N ALA F 2826 -21.01 -81.88 -133.54
CA ALA F 2826 -20.29 -81.19 -134.61
C ALA F 2826 -18.78 -81.24 -134.45
N ARG F 2827 -18.28 -81.27 -133.22
CA ARG F 2827 -16.85 -81.07 -132.98
C ARG F 2827 -16.41 -81.95 -131.81
N GLU F 2828 -15.12 -82.31 -131.82
CA GLU F 2828 -14.49 -83.06 -130.74
C GLU F 2828 -13.28 -82.27 -130.26
N GLY F 2829 -13.32 -81.86 -129.00
CA GLY F 2829 -12.23 -81.10 -128.42
C GLY F 2829 -11.94 -81.48 -126.99
N GLU F 2830 -10.66 -81.70 -126.68
CA GLU F 2830 -10.26 -82.10 -125.33
C GLU F 2830 -9.00 -81.34 -124.89
N TYR F 2855 2.57 -83.37 -108.49
CA TYR F 2855 3.01 -83.29 -109.89
C TYR F 2855 2.28 -82.16 -110.61
N ASN F 2856 2.91 -81.61 -111.65
CA ASN F 2856 2.41 -80.43 -112.34
C ASN F 2856 1.99 -80.80 -113.75
N PRO F 2857 0.70 -81.09 -113.99
CA PRO F 2857 0.21 -81.23 -115.36
C PRO F 2857 -0.21 -79.88 -115.94
N GLN F 2858 -0.78 -79.88 -117.15
CA GLN F 2858 -1.24 -78.63 -117.73
C GLN F 2858 -2.74 -78.48 -117.56
N PRO F 2859 -3.23 -77.28 -117.26
CA PRO F 2859 -4.67 -77.07 -117.14
C PRO F 2859 -5.27 -76.68 -118.48
N PRO F 2860 -6.22 -77.44 -119.00
CA PRO F 2860 -6.97 -77.01 -120.19
C PRO F 2860 -8.09 -76.07 -119.79
N ASP F 2861 -7.93 -74.78 -120.08
CA ASP F 2861 -8.91 -73.76 -119.73
C ASP F 2861 -9.50 -73.19 -121.01
N LEU F 2862 -10.83 -73.17 -121.07
CA LEU F 2862 -11.53 -72.62 -122.23
C LEU F 2862 -12.32 -71.37 -121.89
N SER F 2863 -12.04 -70.73 -120.74
CA SER F 2863 -12.65 -69.43 -120.46
C SER F 2863 -12.21 -68.39 -121.48
N GLY F 2864 -10.97 -68.50 -121.97
CA GLY F 2864 -10.52 -67.60 -123.02
C GLY F 2864 -11.22 -67.87 -124.34
N VAL F 2865 -11.64 -69.12 -124.58
CA VAL F 2865 -12.34 -69.45 -125.81
C VAL F 2865 -13.63 -68.66 -125.90
N THR F 2866 -13.89 -68.09 -127.07
CA THR F 2866 -15.01 -67.19 -127.27
C THR F 2866 -16.34 -67.91 -127.15
N LEU F 2867 -17.40 -67.13 -126.99
CA LEU F 2867 -18.73 -67.66 -126.82
C LEU F 2867 -19.72 -66.67 -127.43
N SER F 2868 -20.87 -67.20 -127.87
CA SER F 2868 -21.87 -66.33 -128.50
C SER F 2868 -22.69 -65.62 -127.44
N ARG F 2869 -23.38 -64.55 -127.87
CA ARG F 2869 -24.14 -63.72 -126.95
C ARG F 2869 -25.32 -64.48 -126.36
N GLU F 2870 -25.98 -65.31 -127.18
CA GLU F 2870 -27.07 -66.13 -126.68
C GLU F 2870 -26.58 -67.09 -125.61
N LEU F 2871 -25.38 -67.65 -125.81
CA LEU F 2871 -24.76 -68.51 -124.82
C LEU F 2871 -24.43 -67.78 -123.52
N GLN F 2872 -24.35 -66.45 -123.55
CA GLN F 2872 -24.11 -65.71 -122.32
C GLN F 2872 -25.27 -65.82 -121.35
N ALA F 2873 -26.51 -65.74 -121.86
CA ALA F 2873 -27.66 -65.79 -120.98
C ALA F 2873 -27.72 -67.11 -120.24
N MET F 2874 -27.34 -68.19 -120.92
CA MET F 2874 -27.38 -69.52 -120.30
C MET F 2874 -26.14 -69.76 -119.43
N ALA F 2875 -25.02 -69.15 -119.78
CA ALA F 2875 -23.88 -69.13 -118.86
C ALA F 2875 -24.19 -68.37 -117.58
N GLU F 2876 -25.08 -67.39 -117.65
CA GLU F 2876 -25.63 -66.68 -116.50
C GLU F 2876 -26.64 -67.52 -115.73
N GLN F 2877 -27.54 -68.19 -116.44
CA GLN F 2877 -28.55 -69.00 -115.77
C GLN F 2877 -27.93 -70.20 -115.08
N LEU F 2878 -26.78 -70.68 -115.58
CA LEU F 2878 -26.10 -71.78 -114.91
C LEU F 2878 -25.48 -71.32 -113.59
N ALA F 2879 -24.97 -70.10 -113.56
CA ALA F 2879 -24.51 -69.53 -112.30
C ALA F 2879 -25.68 -69.29 -111.35
N GLU F 2880 -26.82 -68.85 -111.90
CA GLU F 2880 -28.03 -68.74 -111.09
C GLU F 2880 -28.40 -70.08 -110.49
N ASN F 2881 -28.21 -71.15 -111.25
CA ASN F 2881 -28.48 -72.49 -110.75
C ASN F 2881 -27.46 -72.91 -109.70
N TYR F 2882 -26.20 -72.52 -109.87
CA TYR F 2882 -25.22 -72.71 -108.81
C TYR F 2882 -25.70 -72.07 -107.53
N HIS F 2883 -26.22 -70.85 -107.64
CA HIS F 2883 -26.79 -70.18 -106.47
C HIS F 2883 -27.95 -70.97 -105.89
N ASN F 2884 -28.94 -71.34 -106.71
CA ASN F 2884 -30.14 -72.02 -106.23
C ASN F 2884 -29.98 -73.55 -106.20
N THR F 2885 -28.74 -74.04 -106.13
CA THR F 2885 -28.45 -75.41 -105.73
C THR F 2885 -27.54 -75.47 -104.51
N TRP F 2886 -26.46 -74.69 -104.50
CA TRP F 2886 -25.66 -74.55 -103.30
C TRP F 2886 -26.50 -73.97 -102.17
N GLY F 2887 -27.27 -72.93 -102.47
CA GLY F 2887 -28.19 -72.39 -101.49
C GLY F 2887 -29.36 -73.31 -101.22
N ARG F 2888 -29.64 -74.23 -102.14
CA ARG F 2888 -30.69 -75.21 -101.86
C ARG F 2888 -30.24 -76.27 -100.88
N LYS F 2889 -28.98 -76.70 -100.96
CA LYS F 2889 -28.45 -77.58 -99.92
C LYS F 2889 -28.29 -76.83 -98.60
N LYS F 2890 -27.85 -75.57 -98.66
CA LYS F 2890 -27.89 -74.72 -97.48
C LYS F 2890 -29.30 -74.61 -96.92
N LYS F 2891 -30.29 -74.53 -97.81
CA LYS F 2891 -31.68 -74.44 -97.39
C LYS F 2891 -32.21 -75.76 -96.86
N GLN F 2892 -31.65 -76.88 -97.31
CA GLN F 2892 -31.95 -78.15 -96.69
C GLN F 2892 -31.45 -78.17 -95.25
N GLU F 2893 -30.27 -77.60 -95.01
CA GLU F 2893 -29.80 -77.46 -93.63
C GLU F 2893 -30.64 -76.45 -92.85
N LEU F 2894 -30.98 -75.32 -93.48
CA LEU F 2894 -31.79 -74.29 -92.83
C LEU F 2894 -33.22 -74.76 -92.55
N GLU F 2895 -33.71 -75.73 -93.32
CA GLU F 2895 -35.03 -76.29 -93.07
C GLU F 2895 -35.03 -77.13 -91.81
N ALA F 2896 -33.84 -77.55 -91.37
CA ALA F 2896 -33.68 -78.24 -90.10
C ALA F 2896 -33.79 -77.31 -88.90
N LYS F 2897 -33.79 -76.00 -89.11
CA LYS F 2897 -34.02 -75.05 -88.03
C LYS F 2897 -35.42 -74.43 -88.18
N GLY F 2898 -35.67 -73.44 -87.33
CA GLY F 2898 -36.72 -72.48 -87.58
C GLY F 2898 -36.18 -71.07 -87.40
N GLY F 2899 -36.18 -70.28 -88.47
CA GLY F 2899 -35.74 -68.90 -88.40
C GLY F 2899 -34.29 -68.72 -88.81
N GLY F 2900 -33.92 -67.46 -88.97
CA GLY F 2900 -32.58 -67.06 -89.37
C GLY F 2900 -32.51 -66.59 -90.80
N THR F 2901 -31.77 -65.50 -91.03
CA THR F 2901 -31.59 -64.93 -92.36
C THR F 2901 -30.15 -65.15 -92.82
N HIS F 2902 -30.02 -65.70 -94.02
CA HIS F 2902 -28.72 -66.05 -94.58
C HIS F 2902 -28.36 -65.00 -95.61
N PRO F 2903 -27.43 -64.07 -95.32
CA PRO F 2903 -27.30 -62.87 -96.16
C PRO F 2903 -26.90 -63.16 -97.60
N LEU F 2904 -26.06 -64.17 -97.85
CA LEU F 2904 -25.65 -64.44 -99.22
C LEU F 2904 -26.55 -65.47 -99.89
N LEU F 2905 -27.76 -65.67 -99.37
CA LEU F 2905 -28.81 -66.44 -100.04
C LEU F 2905 -29.90 -65.47 -100.44
N VAL F 2906 -29.84 -64.99 -101.68
CA VAL F 2906 -30.72 -63.93 -102.16
C VAL F 2906 -31.13 -64.21 -103.61
N PRO F 2907 -32.20 -63.59 -104.11
CA PRO F 2907 -32.58 -63.80 -105.51
C PRO F 2907 -31.50 -63.31 -106.46
N TYR F 2908 -31.42 -63.95 -107.63
CA TYR F 2908 -30.34 -63.62 -108.56
C TYR F 2908 -30.38 -62.18 -109.02
N ASP F 2909 -31.58 -61.65 -109.30
CA ASP F 2909 -31.71 -60.23 -109.61
C ASP F 2909 -31.27 -59.36 -108.45
N THR F 2910 -31.23 -59.92 -107.24
CA THR F 2910 -30.86 -59.18 -106.04
C THR F 2910 -29.42 -59.41 -105.64
N LEU F 2911 -28.73 -60.39 -106.24
CA LEU F 2911 -27.32 -60.60 -105.98
C LEU F 2911 -26.47 -59.37 -106.32
N THR F 2912 -25.25 -59.40 -105.82
CA THR F 2912 -24.21 -58.42 -106.12
C THR F 2912 -23.25 -59.03 -107.15
N ALA F 2913 -22.59 -58.15 -107.91
CA ALA F 2913 -21.82 -58.58 -109.08
C ALA F 2913 -20.73 -59.59 -108.72
N LYS F 2914 -20.00 -59.36 -107.62
CA LYS F 2914 -18.91 -60.25 -107.25
C LYS F 2914 -19.42 -61.61 -106.82
N GLU F 2915 -20.53 -61.64 -106.07
CA GLU F 2915 -21.10 -62.91 -105.64
C GLU F 2915 -21.60 -63.73 -106.83
N LYS F 2916 -22.20 -63.04 -107.81
CA LYS F 2916 -22.54 -63.72 -109.06
C LYS F 2916 -21.30 -64.20 -109.80
N ALA F 2917 -20.24 -63.39 -109.81
CA ALA F 2917 -19.02 -63.76 -110.51
C ALA F 2917 -18.37 -64.99 -109.92
N ARG F 2918 -18.52 -65.20 -108.60
CA ARG F 2918 -17.96 -66.38 -107.96
C ARG F 2918 -18.35 -67.66 -108.70
N ASP F 2919 -19.64 -67.95 -108.76
CA ASP F 2919 -20.08 -69.17 -109.43
C ASP F 2919 -20.21 -68.98 -110.95
N ARG F 2920 -20.18 -67.73 -111.42
CA ARG F 2920 -20.06 -67.49 -112.85
C ARG F 2920 -18.72 -67.99 -113.37
N GLU F 2921 -17.70 -67.96 -112.52
CA GLU F 2921 -16.38 -68.44 -112.92
C GLU F 2921 -16.42 -69.91 -113.30
N LYS F 2922 -17.17 -70.72 -112.55
CA LYS F 2922 -17.39 -72.11 -112.93
C LYS F 2922 -18.38 -72.21 -114.08
N ALA F 2923 -19.46 -71.42 -114.03
CA ALA F 2923 -20.53 -71.54 -115.01
C ALA F 2923 -20.10 -71.17 -116.43
N GLN F 2924 -19.05 -70.36 -116.56
CA GLN F 2924 -18.65 -69.91 -117.89
C GLN F 2924 -18.06 -71.05 -118.71
N GLU F 2925 -17.26 -71.92 -118.11
CA GLU F 2925 -16.53 -72.93 -118.87
C GLU F 2925 -17.47 -73.93 -119.52
N LEU F 2926 -18.46 -74.41 -118.76
CA LEU F 2926 -19.34 -75.46 -119.27
C LEU F 2926 -20.06 -75.01 -120.54
N LEU F 2927 -20.16 -73.70 -120.74
CA LEU F 2927 -20.72 -73.18 -121.99
C LEU F 2927 -19.61 -72.83 -122.98
N LYS F 2928 -18.56 -72.18 -122.48
CA LYS F 2928 -17.43 -71.76 -123.31
C LYS F 2928 -16.65 -72.95 -123.84
N PHE F 2929 -16.89 -74.14 -123.31
CA PHE F 2929 -16.32 -75.34 -123.92
C PHE F 2929 -17.08 -75.58 -125.22
N LEU F 2930 -16.86 -74.74 -126.23
CA LEU F 2930 -17.59 -74.91 -127.48
C LEU F 2930 -17.16 -76.18 -128.18
N GLN F 2931 -15.98 -76.69 -127.85
CA GLN F 2931 -15.45 -77.91 -128.45
C GLN F 2931 -15.79 -79.17 -127.65
N MET F 2932 -16.58 -79.09 -126.59
CA MET F 2932 -17.04 -80.32 -125.95
C MET F 2932 -18.08 -80.93 -126.90
N ASN F 2933 -17.81 -82.13 -127.40
CA ASN F 2933 -18.86 -82.93 -128.02
C ASN F 2933 -19.55 -82.21 -129.17
N GLY F 2934 -19.05 -81.04 -129.54
CA GLY F 2934 -19.70 -80.19 -130.52
C GLY F 2934 -21.09 -79.76 -130.15
N TYR F 2935 -21.30 -79.28 -128.92
CA TYR F 2935 -22.62 -78.92 -128.43
C TYR F 2935 -22.71 -77.40 -128.28
N ALA F 2936 -23.57 -76.79 -129.09
CA ALA F 2936 -23.91 -75.37 -128.99
C ALA F 2936 -25.41 -75.22 -129.13
N VAL F 2937 -26.00 -74.42 -128.23
CA VAL F 2937 -27.45 -74.23 -128.17
C VAL F 2937 -27.73 -72.74 -127.96
N THR F 2938 -28.97 -72.34 -128.28
CA THR F 2938 -29.37 -70.94 -128.32
C THR F 2938 -30.23 -70.60 -127.12
N ARG F 2939 -30.56 -69.32 -127.01
CA ARG F 2939 -31.39 -68.81 -125.91
C ARG F 2939 -32.84 -69.22 -126.09
N SER F 2949 -28.56 -52.55 -130.24
CA SER F 2949 -28.33 -51.33 -129.48
C SER F 2949 -28.85 -51.46 -128.06
N SER F 2950 -27.99 -51.17 -127.08
CA SER F 2950 -28.43 -51.14 -125.70
C SER F 2950 -29.44 -50.02 -125.47
N ILE F 2951 -29.32 -48.93 -126.23
CA ILE F 2951 -30.18 -47.77 -126.06
C ILE F 2951 -31.65 -48.13 -126.17
N GLU F 2952 -31.97 -49.21 -126.89
CA GLU F 2952 -33.36 -49.59 -127.07
C GLU F 2952 -34.03 -50.01 -125.77
N LYS F 2953 -33.26 -50.32 -124.72
CA LYS F 2953 -33.82 -50.84 -123.49
C LYS F 2953 -33.54 -49.94 -122.29
N ARG F 2954 -33.38 -48.64 -122.50
CA ARG F 2954 -33.15 -47.74 -121.39
C ARG F 2954 -34.39 -47.67 -120.50
N PHE F 2955 -34.20 -47.16 -119.29
CA PHE F 2955 -35.30 -47.06 -118.34
C PHE F 2955 -36.41 -46.17 -118.86
N ALA F 2956 -36.07 -45.01 -119.42
CA ALA F 2956 -37.08 -44.09 -119.90
C ALA F 2956 -37.92 -44.72 -121.00
N PHE F 2957 -37.27 -45.44 -121.92
CA PHE F 2957 -37.99 -46.07 -123.02
C PHE F 2957 -39.05 -47.04 -122.51
N GLY F 2958 -38.64 -47.96 -121.63
CA GLY F 2958 -39.59 -48.94 -121.11
C GLY F 2958 -40.71 -48.29 -120.33
N PHE F 2959 -40.37 -47.27 -119.52
CA PHE F 2959 -41.40 -46.62 -118.73
C PHE F 2959 -42.43 -45.98 -119.64
N LEU F 2960 -41.96 -45.28 -120.68
CA LEU F 2960 -42.90 -44.64 -121.60
C LEU F 2960 -43.73 -45.68 -122.35
N GLN F 2961 -43.15 -46.84 -122.65
CA GLN F 2961 -43.92 -47.90 -123.31
C GLN F 2961 -45.06 -48.37 -122.42
N GLN F 2962 -44.77 -48.60 -121.14
CA GLN F 2962 -45.82 -48.98 -120.21
C GLN F 2962 -46.87 -47.88 -120.12
N LEU F 2963 -46.41 -46.63 -120.15
CA LEU F 2963 -47.33 -45.50 -120.12
C LEU F 2963 -48.28 -45.54 -121.28
N LEU F 2964 -47.77 -45.82 -122.48
CA LEU F 2964 -48.63 -45.90 -123.65
C LEU F 2964 -49.65 -47.02 -123.50
N ARG F 2965 -49.24 -48.15 -122.92
CA ARG F 2965 -50.17 -49.28 -122.80
C ARG F 2965 -51.31 -48.94 -121.84
N TRP F 2966 -50.98 -48.43 -120.65
CA TRP F 2966 -52.04 -47.90 -119.80
C TRP F 2966 -52.85 -46.78 -120.45
N MET F 2967 -52.28 -46.00 -121.35
CA MET F 2967 -53.10 -44.91 -121.84
C MET F 2967 -54.06 -45.38 -122.94
N ASP F 2968 -53.66 -46.39 -123.71
CA ASP F 2968 -54.62 -47.07 -124.58
C ASP F 2968 -55.74 -47.70 -123.76
N ILE F 2969 -55.38 -48.37 -122.66
CA ILE F 2969 -56.41 -48.90 -121.76
C ILE F 2969 -57.32 -47.77 -121.30
N SER F 2970 -56.75 -46.62 -120.98
CA SER F 2970 -57.55 -45.49 -120.49
C SER F 2970 -58.52 -45.02 -121.55
N GLN F 2971 -58.07 -44.94 -122.80
CA GLN F 2971 -59.00 -44.63 -123.89
C GLN F 2971 -60.20 -45.56 -123.83
N GLU F 2972 -59.93 -46.86 -123.68
CA GLU F 2972 -61.01 -47.84 -123.65
C GLU F 2972 -61.95 -47.58 -122.48
N PHE F 2973 -61.42 -47.44 -121.27
CA PHE F 2973 -62.36 -47.35 -120.13
C PHE F 2973 -62.81 -45.94 -119.82
N ILE F 2974 -62.42 -44.93 -120.60
CA ILE F 2974 -63.16 -43.67 -120.54
C ILE F 2974 -64.28 -43.67 -121.56
N ALA F 2975 -64.08 -44.31 -122.72
CA ALA F 2975 -65.21 -44.55 -123.59
C ALA F 2975 -66.29 -45.33 -122.85
N HIS F 2976 -65.88 -46.25 -121.97
CA HIS F 2976 -66.83 -46.90 -121.08
C HIS F 2976 -67.76 -45.90 -120.42
N LEU F 2977 -67.21 -44.97 -119.64
CA LEU F 2977 -68.06 -44.09 -118.84
C LEU F 2977 -68.94 -43.22 -119.71
N GLU F 2978 -68.41 -42.77 -120.86
CA GLU F 2978 -69.21 -41.94 -121.75
C GLU F 2978 -70.42 -42.70 -122.26
N ALA F 2979 -70.26 -43.98 -122.60
CA ALA F 2979 -71.43 -44.79 -122.94
C ALA F 2979 -72.29 -45.09 -121.72
N VAL F 2980 -71.67 -45.24 -120.55
CA VAL F 2980 -72.37 -45.64 -119.34
C VAL F 2980 -73.36 -44.57 -118.91
N VAL F 2981 -72.96 -43.31 -118.96
CA VAL F 2981 -73.83 -42.22 -118.51
C VAL F 2981 -75.16 -42.27 -119.26
N SER F 2982 -75.10 -42.46 -120.58
CA SER F 2982 -76.32 -42.64 -121.36
C SER F 2982 -77.03 -43.94 -120.99
N SER F 2983 -76.25 -45.01 -120.79
CA SER F 2983 -76.86 -46.29 -120.42
C SER F 2983 -77.52 -46.24 -119.05
N GLY F 2984 -77.01 -45.42 -118.15
CA GLY F 2984 -77.58 -45.33 -116.81
C GLY F 2984 -77.45 -46.61 -116.02
N ARG F 2985 -76.29 -47.27 -116.10
CA ARG F 2985 -76.06 -48.53 -115.40
C ARG F 2985 -74.72 -48.48 -114.69
N VAL F 2986 -74.64 -49.14 -113.54
CA VAL F 2986 -73.37 -49.23 -112.82
C VAL F 2986 -72.37 -50.06 -113.60
N GLU F 2987 -72.84 -51.11 -114.28
CA GLU F 2987 -72.00 -52.05 -115.03
C GLU F 2987 -71.01 -52.78 -114.14
N LYS F 2988 -71.15 -52.64 -112.82
CA LYS F 2988 -70.25 -53.17 -111.81
C LYS F 2988 -68.92 -52.43 -111.84
N SER F 2989 -68.76 -51.55 -112.83
CA SER F 2989 -67.57 -50.75 -113.10
C SER F 2989 -66.30 -51.49 -112.73
N PRO F 2990 -66.09 -52.70 -113.25
CA PRO F 2990 -64.90 -53.47 -112.84
C PRO F 2990 -63.60 -52.78 -113.19
N HIS F 2991 -63.62 -51.86 -114.15
CA HIS F 2991 -62.43 -51.08 -114.48
C HIS F 2991 -62.16 -49.99 -113.45
N GLU F 2992 -63.03 -49.82 -112.45
CA GLU F 2992 -62.82 -48.75 -111.48
C GLU F 2992 -61.41 -48.82 -110.90
N GLN F 2993 -60.91 -50.03 -110.62
CA GLN F 2993 -59.54 -50.17 -110.16
C GLN F 2993 -58.62 -49.31 -111.00
N GLU F 2994 -58.55 -49.61 -112.30
CA GLU F 2994 -57.63 -48.89 -113.15
C GLU F 2994 -57.94 -47.40 -113.19
N ILE F 2995 -59.22 -47.01 -113.17
CA ILE F 2995 -59.51 -45.59 -113.27
C ILE F 2995 -58.89 -44.88 -112.08
N LYS F 2996 -59.02 -45.48 -110.90
CA LYS F 2996 -58.35 -44.91 -109.74
C LYS F 2996 -56.86 -44.92 -109.94
N PHE F 2997 -56.31 -46.04 -110.40
CA PHE F 2997 -54.89 -46.09 -110.68
C PHE F 2997 -54.49 -45.07 -111.73
N PHE F 2998 -55.42 -44.73 -112.63
CA PHE F 2998 -55.12 -43.68 -113.60
C PHE F 2998 -55.23 -42.30 -112.97
N ALA F 2999 -56.21 -42.10 -112.10
CA ALA F 2999 -56.52 -40.77 -111.61
C ALA F 2999 -55.60 -40.36 -110.46
N LYS F 3000 -55.27 -41.29 -109.58
CA LYS F 3000 -54.57 -40.91 -108.36
C LYS F 3000 -53.07 -41.11 -108.46
N ILE F 3001 -52.62 -42.07 -109.25
CA ILE F 3001 -51.23 -42.51 -109.24
C ILE F 3001 -50.48 -42.10 -110.49
N LEU F 3002 -51.05 -42.42 -111.67
CA LEU F 3002 -50.32 -42.20 -112.91
C LEU F 3002 -50.03 -40.73 -113.13
N LEU F 3003 -51.05 -39.89 -113.14
CA LEU F 3003 -50.86 -38.48 -113.45
C LEU F 3003 -49.86 -37.79 -112.53
N PRO F 3004 -49.92 -37.92 -111.20
CA PRO F 3004 -48.90 -37.29 -110.36
C PRO F 3004 -47.54 -37.93 -110.50
N LEU F 3005 -47.45 -39.16 -111.00
CA LEU F 3005 -46.15 -39.75 -111.30
C LEU F 3005 -45.56 -39.15 -112.56
N ILE F 3006 -46.39 -39.00 -113.59
CA ILE F 3006 -45.95 -38.43 -114.86
C ILE F 3006 -45.47 -37.01 -114.66
N ASN F 3007 -46.26 -36.22 -113.94
CA ASN F 3007 -45.94 -34.83 -113.74
C ASN F 3007 -44.57 -34.68 -113.10
N GLN F 3008 -44.32 -35.41 -112.01
CA GLN F 3008 -43.06 -35.25 -111.30
C GLN F 3008 -41.89 -35.77 -112.15
N TYR F 3009 -42.06 -36.91 -112.81
CA TYR F 3009 -40.94 -37.45 -113.59
C TYR F 3009 -40.53 -36.45 -114.66
N PHE F 3010 -41.50 -35.92 -115.40
CA PHE F 3010 -41.13 -35.10 -116.53
C PHE F 3010 -40.69 -33.71 -116.08
N THR F 3011 -41.27 -33.18 -115.01
CA THR F 3011 -40.75 -31.92 -114.51
C THR F 3011 -39.37 -32.09 -113.90
N ASN F 3012 -38.95 -33.31 -113.61
CA ASN F 3012 -37.59 -33.56 -113.13
C ASN F 3012 -36.59 -33.85 -114.25
N HIS F 3013 -37.04 -34.35 -115.40
CA HIS F 3013 -36.13 -34.75 -116.46
C HIS F 3013 -36.51 -34.13 -117.81
N CYS F 3014 -37.18 -32.97 -117.79
CA CYS F 3014 -37.58 -32.37 -119.05
C CYS F 3014 -36.39 -32.00 -119.91
N LEU F 3015 -35.42 -31.27 -119.37
CA LEU F 3015 -34.31 -30.84 -120.23
C LEU F 3015 -33.51 -32.04 -120.71
N TYR F 3016 -33.49 -33.13 -119.97
CA TYR F 3016 -32.97 -34.36 -120.54
C TYR F 3016 -33.77 -34.76 -121.77
N PHE F 3017 -35.09 -34.78 -121.65
CA PHE F 3017 -35.92 -35.16 -122.79
C PHE F 3017 -35.81 -34.17 -123.94
N LEU F 3018 -35.33 -32.96 -123.66
CA LEU F 3018 -35.11 -31.96 -124.70
C LEU F 3018 -33.64 -31.80 -125.08
N SER F 3019 -32.73 -32.48 -124.38
CA SER F 3019 -31.32 -32.37 -124.73
C SER F 3019 -31.07 -32.90 -126.14
N THR F 3020 -30.62 -32.02 -126.99
CA THR F 3020 -30.38 -32.40 -128.37
C THR F 3020 -29.07 -33.17 -128.50
N PRO F 3021 -28.98 -34.08 -129.47
CA PRO F 3021 -27.73 -34.82 -129.66
C PRO F 3021 -26.55 -33.91 -129.99
N ALA F 3022 -26.80 -32.80 -130.70
CA ALA F 3022 -25.71 -31.86 -130.99
C ALA F 3022 -25.29 -31.10 -129.75
N LYS F 3023 -26.23 -30.37 -129.13
CA LYS F 3023 -26.01 -29.68 -127.88
C LYS F 3023 -26.96 -30.26 -126.84
N VAL F 3024 -26.39 -30.81 -125.77
CA VAL F 3024 -27.17 -31.41 -124.69
C VAL F 3024 -27.40 -30.34 -123.64
N LEU F 3025 -28.66 -30.17 -123.23
CA LEU F 3025 -29.03 -29.21 -122.20
C LEU F 3025 -29.48 -29.98 -120.97
N GLY F 3026 -28.60 -30.11 -120.00
CA GLY F 3026 -28.90 -30.84 -118.79
C GLY F 3026 -27.64 -31.45 -118.21
N SER F 3027 -27.85 -32.43 -117.32
CA SER F 3027 -26.73 -33.06 -116.64
C SER F 3027 -25.83 -33.79 -117.62
N GLY F 3028 -26.41 -34.57 -118.53
CA GLY F 3028 -25.61 -35.29 -119.49
C GLY F 3028 -26.42 -36.16 -120.43
N GLY F 3029 -25.95 -36.29 -121.66
CA GLY F 3029 -26.57 -37.16 -122.63
C GLY F 3029 -27.84 -36.58 -123.22
N HIS F 3030 -28.30 -37.22 -124.29
CA HIS F 3030 -29.52 -36.82 -124.98
C HIS F 3030 -30.50 -37.97 -124.97
N ALA F 3031 -31.78 -37.63 -124.97
CA ALA F 3031 -32.80 -38.64 -125.14
C ALA F 3031 -32.69 -39.25 -126.54
N SER F 3032 -32.82 -40.56 -126.61
CA SER F 3032 -32.85 -41.21 -127.91
C SER F 3032 -34.06 -40.72 -128.68
N ASN F 3033 -33.94 -40.70 -130.01
CA ASN F 3033 -35.03 -40.21 -130.84
C ASN F 3033 -36.34 -40.90 -130.48
N LYS F 3034 -36.33 -42.23 -130.42
CA LYS F 3034 -37.54 -43.00 -130.16
C LYS F 3034 -38.27 -42.48 -128.93
N GLU F 3035 -37.52 -42.13 -127.89
CA GLU F 3035 -38.12 -41.48 -126.74
C GLU F 3035 -38.75 -40.16 -127.12
N LYS F 3036 -38.09 -39.40 -128.01
CA LYS F 3036 -38.61 -38.10 -128.39
C LYS F 3036 -39.91 -38.22 -129.19
N GLU F 3037 -40.12 -39.34 -129.90
CA GLU F 3037 -41.41 -39.49 -130.55
C GLU F 3037 -42.45 -40.09 -129.62
N MET F 3038 -42.07 -41.01 -128.73
CA MET F 3038 -43.09 -41.55 -127.85
C MET F 3038 -43.61 -40.49 -126.89
N ILE F 3039 -42.77 -39.53 -126.50
CA ILE F 3039 -43.27 -38.46 -125.64
C ILE F 3039 -44.34 -37.65 -126.38
N THR F 3040 -44.14 -37.41 -127.67
CA THR F 3040 -45.16 -36.75 -128.48
C THR F 3040 -46.42 -37.59 -128.54
N SER F 3041 -46.27 -38.91 -128.65
CA SER F 3041 -47.43 -39.79 -128.72
C SER F 3041 -48.23 -39.73 -127.42
N LEU F 3042 -47.53 -39.75 -126.28
CA LEU F 3042 -48.20 -39.54 -125.01
C LEU F 3042 -48.99 -38.24 -125.03
N PHE F 3043 -48.35 -37.15 -125.46
CA PHE F 3043 -49.01 -35.85 -125.45
C PHE F 3043 -50.30 -35.89 -126.27
N CYS F 3044 -50.20 -36.35 -127.52
CA CYS F 3044 -51.36 -36.33 -128.40
C CYS F 3044 -52.46 -37.25 -127.88
N LYS F 3045 -52.09 -38.43 -127.41
CA LYS F 3045 -53.10 -39.37 -126.95
C LYS F 3045 -53.77 -38.85 -125.69
N LEU F 3046 -53.02 -38.18 -124.80
CA LEU F 3046 -53.64 -37.52 -123.68
C LEU F 3046 -54.69 -36.52 -124.15
N ALA F 3047 -54.32 -35.71 -125.16
CA ALA F 3047 -55.28 -34.77 -125.70
C ALA F 3047 -56.54 -35.47 -126.17
N ALA F 3048 -56.39 -36.61 -126.84
CA ALA F 3048 -57.56 -37.36 -127.27
C ALA F 3048 -58.38 -37.82 -126.07
N LEU F 3049 -57.70 -38.26 -125.01
CA LEU F 3049 -58.39 -38.68 -123.79
C LEU F 3049 -59.19 -37.56 -123.16
N VAL F 3050 -58.76 -36.30 -123.30
CA VAL F 3050 -59.47 -35.20 -122.65
C VAL F 3050 -60.29 -34.35 -123.62
N ARG F 3051 -60.28 -34.67 -124.90
CA ARG F 3051 -61.02 -33.88 -125.89
C ARG F 3051 -62.51 -33.98 -125.61
N HIS F 3052 -63.10 -32.90 -125.06
CA HIS F 3052 -64.49 -32.92 -124.55
C HIS F 3052 -64.73 -34.08 -123.61
N ARG F 3053 -63.80 -34.30 -122.69
CA ARG F 3053 -63.92 -35.36 -121.70
C ARG F 3053 -63.66 -34.86 -120.29
N VAL F 3054 -63.77 -33.55 -120.06
CA VAL F 3054 -63.56 -33.01 -118.73
C VAL F 3054 -64.67 -33.44 -117.79
N SER F 3055 -65.88 -33.62 -118.33
CA SER F 3055 -67.02 -34.02 -117.49
C SER F 3055 -66.78 -35.34 -116.78
N LEU F 3056 -65.99 -36.24 -117.37
CA LEU F 3056 -65.75 -37.56 -116.78
C LEU F 3056 -64.70 -37.52 -115.68
N PHE F 3057 -63.53 -36.95 -115.97
CA PHE F 3057 -62.49 -36.86 -114.96
C PHE F 3057 -62.88 -35.92 -113.84
N GLY F 3058 -63.79 -34.98 -114.12
CA GLY F 3058 -64.35 -34.13 -113.08
C GLY F 3058 -63.31 -33.49 -112.20
N THR F 3059 -63.25 -33.94 -110.94
CA THR F 3059 -62.23 -33.48 -110.02
C THR F 3059 -60.82 -33.81 -110.49
N ASP F 3060 -60.66 -34.73 -111.43
CA ASP F 3060 -59.32 -35.00 -111.95
C ASP F 3060 -58.86 -33.89 -112.90
N ALA F 3061 -59.73 -32.96 -113.26
CA ALA F 3061 -59.40 -31.92 -114.24
C ALA F 3061 -58.14 -31.13 -113.91
N PRO F 3062 -57.93 -30.61 -112.69
CA PRO F 3062 -56.67 -29.91 -112.44
C PRO F 3062 -55.44 -30.80 -112.64
N ALA F 3063 -55.52 -32.05 -112.19
CA ALA F 3063 -54.39 -32.95 -112.35
C ALA F 3063 -54.09 -33.23 -113.81
N VAL F 3064 -55.12 -33.54 -114.59
CA VAL F 3064 -54.90 -33.89 -115.99
C VAL F 3064 -54.44 -32.67 -116.77
N VAL F 3065 -54.96 -31.49 -116.42
CA VAL F 3065 -54.56 -30.29 -117.15
C VAL F 3065 -53.12 -29.94 -116.84
N ASN F 3066 -52.71 -30.04 -115.57
CA ASN F 3066 -51.32 -29.76 -115.25
C ASN F 3066 -50.38 -30.82 -115.84
N CYS F 3067 -50.82 -32.07 -115.88
CA CYS F 3067 -50.05 -33.09 -116.60
C CYS F 3067 -49.88 -32.71 -118.06
N LEU F 3068 -50.98 -32.29 -118.69
CA LEU F 3068 -50.91 -31.91 -120.09
C LEU F 3068 -49.95 -30.74 -120.27
N HIS F 3069 -49.97 -29.80 -119.32
CA HIS F 3069 -49.04 -28.66 -119.36
C HIS F 3069 -47.60 -29.11 -119.27
N ILE F 3070 -47.27 -29.99 -118.32
CA ILE F 3070 -45.87 -30.36 -118.12
C ILE F 3070 -45.37 -31.18 -119.30
N LEU F 3071 -46.23 -32.05 -119.86
CA LEU F 3071 -45.87 -32.72 -121.11
C LEU F 3071 -45.62 -31.71 -122.22
N ALA F 3072 -46.48 -30.69 -122.32
CA ALA F 3072 -46.29 -29.68 -123.37
C ALA F 3072 -44.95 -28.98 -123.22
N ARG F 3073 -44.56 -28.68 -121.98
CA ARG F 3073 -43.27 -28.04 -121.76
C ARG F 3073 -42.13 -29.01 -121.99
N SER F 3074 -42.38 -30.31 -121.86
CA SER F 3074 -41.36 -31.32 -122.07
C SER F 3074 -41.29 -31.82 -123.50
N LEU F 3075 -41.98 -31.15 -124.43
CA LEU F 3075 -42.07 -31.63 -125.79
C LEU F 3075 -40.82 -31.25 -126.58
N ASP F 3076 -40.07 -32.26 -127.02
CA ASP F 3076 -38.91 -32.05 -127.89
C ASP F 3076 -39.34 -32.25 -129.33
N ALA F 3077 -38.88 -31.37 -130.21
CA ALA F 3077 -39.23 -31.45 -131.62
C ALA F 3077 -38.08 -30.94 -132.46
N ARG F 3078 -38.38 -30.66 -133.73
CA ARG F 3078 -37.43 -30.32 -134.78
C ARG F 3078 -36.61 -31.54 -135.16
N THR F 3079 -36.77 -32.60 -134.38
CA THR F 3079 -36.22 -33.92 -134.66
C THR F 3079 -37.33 -34.93 -134.90
N VAL F 3080 -38.41 -34.81 -134.13
CA VAL F 3080 -39.58 -35.65 -134.39
C VAL F 3080 -40.25 -35.25 -135.70
N MET F 3081 -40.50 -33.95 -135.89
CA MET F 3081 -41.23 -33.51 -137.08
C MET F 3081 -40.34 -33.52 -138.31
N LYS F 3082 -39.08 -33.12 -138.17
CA LYS F 3082 -38.17 -33.17 -139.32
C LYS F 3082 -37.90 -34.60 -139.74
N SER F 3083 -37.68 -35.48 -138.77
CA SER F 3083 -37.38 -36.89 -139.02
C SER F 3083 -38.10 -37.77 -137.98
N GLY F 3084 -39.32 -38.18 -138.29
CA GLY F 3084 -40.06 -39.01 -137.39
C GLY F 3084 -41.10 -39.88 -138.08
N PRO F 3085 -41.59 -40.90 -137.38
CA PRO F 3085 -42.64 -41.74 -137.96
C PRO F 3085 -43.86 -40.92 -138.29
N GLU F 3086 -44.44 -41.19 -139.46
CA GLU F 3086 -45.58 -40.41 -139.92
C GLU F 3086 -46.77 -40.54 -138.98
N ILE F 3087 -46.91 -41.66 -138.27
CA ILE F 3087 -47.93 -41.75 -137.23
C ILE F 3087 -47.67 -40.72 -136.14
N VAL F 3088 -46.42 -40.60 -135.73
CA VAL F 3088 -46.05 -39.63 -134.71
C VAL F 3088 -46.34 -38.21 -135.20
N LYS F 3089 -45.90 -37.89 -136.42
CA LYS F 3089 -46.12 -36.56 -136.96
C LYS F 3089 -47.61 -36.26 -137.08
N ALA F 3090 -48.38 -37.23 -137.59
CA ALA F 3090 -49.83 -37.08 -137.66
C ALA F 3090 -50.42 -36.83 -136.29
N GLY F 3091 -49.76 -37.33 -135.24
CA GLY F 3091 -50.18 -37.00 -133.90
C GLY F 3091 -50.34 -35.51 -133.66
N LEU F 3092 -49.23 -34.76 -133.69
CA LEU F 3092 -49.32 -33.33 -133.46
C LEU F 3092 -50.14 -32.65 -134.54
N ARG F 3093 -49.99 -33.09 -135.80
CA ARG F 3093 -50.67 -32.41 -136.89
C ARG F 3093 -52.18 -32.57 -136.80
N SER F 3094 -52.65 -33.60 -136.11
CA SER F 3094 -54.05 -33.74 -135.80
C SER F 3094 -54.44 -33.06 -134.50
N PHE F 3095 -53.52 -32.98 -133.54
CA PHE F 3095 -53.75 -32.16 -132.35
C PHE F 3095 -54.09 -30.73 -132.71
N PHE F 3096 -53.24 -30.10 -133.52
CA PHE F 3096 -53.48 -28.71 -133.85
C PHE F 3096 -54.77 -28.54 -134.63
N GLU F 3097 -55.08 -29.51 -135.50
CA GLU F 3097 -56.32 -29.44 -136.26
C GLU F 3097 -57.54 -29.49 -135.32
N SER F 3098 -57.53 -30.41 -134.36
CA SER F 3098 -58.65 -30.52 -133.45
C SER F 3098 -58.78 -29.29 -132.58
N ALA F 3099 -57.66 -28.76 -132.10
CA ALA F 3099 -57.71 -27.53 -131.31
C ALA F 3099 -58.26 -26.38 -132.12
N SER F 3100 -57.81 -26.27 -133.38
CA SER F 3100 -58.29 -25.21 -134.24
C SER F 3100 -59.78 -25.32 -134.48
N GLU F 3101 -60.28 -26.52 -134.77
CA GLU F 3101 -61.70 -26.65 -135.04
C GLU F 3101 -62.54 -26.43 -133.79
N ASP F 3102 -62.03 -26.82 -132.62
CA ASP F 3102 -62.75 -26.55 -131.38
C ASP F 3102 -62.81 -25.05 -131.09
N ILE F 3103 -61.71 -24.33 -131.32
CA ILE F 3103 -61.74 -22.88 -131.18
C ILE F 3103 -62.64 -22.26 -132.25
N GLU F 3104 -62.68 -22.87 -133.43
CA GLU F 3104 -63.58 -22.39 -134.47
C GLU F 3104 -65.02 -22.47 -134.01
N LYS F 3105 -65.42 -23.61 -133.44
CA LYS F 3105 -66.76 -23.74 -132.87
C LYS F 3105 -66.96 -22.77 -131.71
N MET F 3106 -65.91 -22.58 -130.92
CA MET F 3106 -65.98 -21.68 -129.78
C MET F 3106 -66.37 -20.28 -130.23
N VAL F 3107 -65.64 -19.76 -131.22
CA VAL F 3107 -65.92 -18.44 -131.79
C VAL F 3107 -67.27 -18.45 -132.51
N GLU F 3108 -67.60 -19.54 -133.19
CA GLU F 3108 -68.91 -19.68 -133.82
C GLU F 3108 -70.05 -19.49 -132.83
N ASN F 3109 -69.87 -19.88 -131.57
CA ASN F 3109 -70.93 -19.76 -130.57
C ASN F 3109 -70.85 -18.51 -129.70
N LEU F 3110 -69.68 -17.86 -129.63
CA LEU F 3110 -69.56 -16.67 -128.79
C LEU F 3110 -70.47 -15.54 -129.25
N ARG F 3111 -70.66 -15.36 -130.55
CA ARG F 3111 -71.51 -14.27 -131.02
C ARG F 3111 -72.93 -14.41 -130.51
N LEU F 3112 -73.54 -15.58 -130.72
CA LEU F 3112 -74.95 -15.78 -130.41
C LEU F 3112 -75.15 -16.59 -129.13
N GLY F 3113 -74.39 -17.66 -128.96
CA GLY F 3113 -74.56 -18.51 -127.79
C GLY F 3113 -74.86 -19.96 -128.14
N LYS F 3123 -74.34 -30.05 -122.95
CA LYS F 3123 -74.67 -29.76 -124.34
C LYS F 3123 -73.43 -29.28 -125.10
N GLY F 3124 -73.59 -29.05 -126.41
CA GLY F 3124 -72.48 -28.71 -127.25
C GLY F 3124 -71.74 -27.44 -126.86
N VAL F 3125 -72.47 -26.33 -126.70
CA VAL F 3125 -71.84 -25.06 -126.40
C VAL F 3125 -71.25 -25.06 -125.00
N GLY F 3126 -72.02 -25.57 -124.02
CA GLY F 3126 -71.52 -25.62 -122.66
C GLY F 3126 -70.30 -26.52 -122.52
N GLN F 3127 -70.34 -27.70 -123.13
CA GLN F 3127 -69.20 -28.59 -123.05
C GLN F 3127 -68.01 -28.02 -123.80
N ASN F 3128 -68.26 -27.29 -124.90
CA ASN F 3128 -67.18 -26.62 -125.60
C ASN F 3128 -66.51 -25.59 -124.71
N LEU F 3129 -67.33 -24.83 -123.97
CA LEU F 3129 -66.79 -23.92 -122.97
C LEU F 3129 -65.91 -24.67 -121.99
N THR F 3130 -66.42 -25.77 -121.45
CA THR F 3130 -65.69 -26.49 -120.42
C THR F 3130 -64.35 -26.99 -120.94
N TYR F 3131 -64.33 -27.52 -122.17
CA TYR F 3131 -63.09 -28.08 -122.68
C TYR F 3131 -62.11 -26.98 -123.09
N THR F 3132 -62.61 -25.88 -123.65
CA THR F 3132 -61.71 -24.86 -124.15
C THR F 3132 -61.15 -24.01 -123.01
N THR F 3133 -62.02 -23.36 -122.26
CA THR F 3133 -61.57 -22.40 -121.26
C THR F 3133 -60.65 -23.05 -120.23
N VAL F 3134 -60.90 -24.32 -119.91
CA VAL F 3134 -60.13 -25.01 -118.89
C VAL F 3134 -58.89 -25.67 -119.46
N ALA F 3135 -59.04 -26.42 -120.55
CA ALA F 3135 -57.97 -27.30 -121.01
C ALA F 3135 -57.32 -26.80 -122.29
N LEU F 3136 -58.10 -26.54 -123.34
CA LEU F 3136 -57.51 -26.30 -124.65
C LEU F 3136 -56.66 -25.03 -124.66
N LEU F 3137 -57.23 -23.91 -124.21
CA LEU F 3137 -56.51 -22.65 -124.29
C LEU F 3137 -55.23 -22.62 -123.49
N PRO F 3138 -55.20 -23.03 -122.21
CA PRO F 3138 -53.94 -22.95 -121.47
C PRO F 3138 -52.85 -23.84 -122.03
N VAL F 3139 -53.19 -25.08 -122.40
CA VAL F 3139 -52.17 -25.98 -122.92
C VAL F 3139 -51.71 -25.52 -124.30
N LEU F 3140 -52.62 -24.99 -125.12
CA LEU F 3140 -52.19 -24.46 -126.39
C LEU F 3140 -51.30 -23.25 -126.22
N THR F 3141 -51.60 -22.41 -125.23
CA THR F 3141 -50.74 -21.27 -124.93
C THR F 3141 -49.36 -21.74 -124.52
N THR F 3142 -49.29 -22.73 -123.62
CA THR F 3142 -47.99 -23.17 -123.17
C THR F 3142 -47.25 -23.91 -124.28
N LEU F 3143 -47.96 -24.51 -125.22
CA LEU F 3143 -47.28 -25.18 -126.33
C LEU F 3143 -46.67 -24.15 -127.30
N PHE F 3144 -47.43 -23.11 -127.64
CA PHE F 3144 -46.86 -22.05 -128.46
C PHE F 3144 -45.73 -21.33 -127.73
N GLN F 3145 -45.90 -21.08 -126.43
CA GLN F 3145 -44.83 -20.45 -125.69
C GLN F 3145 -43.60 -21.34 -125.66
N HIS F 3146 -43.80 -22.65 -125.55
CA HIS F 3146 -42.68 -23.59 -125.57
C HIS F 3146 -41.95 -23.56 -126.89
N ILE F 3147 -42.70 -23.58 -128.00
CA ILE F 3147 -42.03 -23.54 -129.31
C ILE F 3147 -41.30 -22.22 -129.49
N ALA F 3148 -41.82 -21.15 -128.89
CA ALA F 3148 -41.19 -19.84 -128.99
C ALA F 3148 -39.97 -19.71 -128.08
N GLN F 3149 -39.88 -20.50 -127.02
CA GLN F 3149 -38.73 -20.41 -126.13
C GLN F 3149 -37.44 -20.86 -126.80
N HIS F 3150 -37.46 -22.02 -127.46
CA HIS F 3150 -36.24 -22.61 -127.99
C HIS F 3150 -36.12 -22.41 -129.50
N GLN F 3151 -36.92 -21.51 -130.07
CA GLN F 3151 -36.84 -21.17 -131.49
C GLN F 3151 -37.13 -22.39 -132.36
N PHE F 3152 -38.00 -23.27 -131.91
CA PHE F 3152 -38.47 -24.37 -132.75
C PHE F 3152 -39.48 -23.94 -133.80
N GLY F 3153 -39.79 -22.66 -133.90
CA GLY F 3153 -40.91 -22.22 -134.71
C GLY F 3153 -40.90 -22.62 -136.16
N ASP F 3154 -39.77 -22.47 -136.83
CA ASP F 3154 -39.76 -22.66 -138.27
C ASP F 3154 -39.75 -24.12 -138.71
N ASP F 3155 -39.96 -25.07 -137.80
CA ASP F 3155 -39.99 -26.47 -138.19
C ASP F 3155 -41.15 -27.27 -137.61
N VAL F 3156 -41.68 -26.88 -136.46
CA VAL F 3156 -42.78 -27.63 -135.88
C VAL F 3156 -44.11 -27.21 -136.49
N ILE F 3157 -44.25 -25.92 -136.75
CA ILE F 3157 -45.44 -25.31 -137.32
C ILE F 3157 -45.12 -24.83 -138.73
N LEU F 3158 -44.20 -25.55 -139.39
CA LEU F 3158 -43.73 -25.11 -140.70
C LEU F 3158 -44.84 -25.17 -141.75
N ASP F 3159 -45.50 -26.31 -141.86
CA ASP F 3159 -46.46 -26.54 -142.93
C ASP F 3159 -47.56 -27.47 -142.42
N ASP F 3160 -48.79 -27.22 -142.88
CA ASP F 3160 -49.95 -28.10 -142.71
C ASP F 3160 -50.45 -28.15 -141.28
N VAL F 3161 -49.65 -27.63 -140.35
CA VAL F 3161 -50.16 -27.10 -139.11
C VAL F 3161 -50.12 -25.59 -139.12
N GLN F 3162 -49.34 -25.02 -140.05
CA GLN F 3162 -49.51 -23.71 -140.66
C GLN F 3162 -50.99 -23.33 -140.85
N VAL F 3163 -51.72 -24.11 -141.65
CA VAL F 3163 -53.10 -23.73 -141.91
C VAL F 3163 -53.94 -23.92 -140.67
N SER F 3164 -53.62 -24.96 -139.89
CA SER F 3164 -54.36 -25.24 -138.67
C SER F 3164 -54.36 -24.02 -137.75
N CYS F 3165 -53.25 -23.32 -137.68
CA CYS F 3165 -53.18 -22.16 -136.82
C CYS F 3165 -53.64 -20.87 -137.49
N TYR F 3166 -53.67 -20.80 -138.83
CA TYR F 3166 -54.32 -19.63 -139.41
C TYR F 3166 -55.82 -19.64 -139.18
N ARG F 3167 -56.45 -20.82 -139.19
CA ARG F 3167 -57.84 -20.84 -138.80
C ARG F 3167 -58.01 -20.24 -137.41
N THR F 3168 -57.15 -20.63 -136.47
CA THR F 3168 -57.23 -20.14 -135.11
C THR F 3168 -57.00 -18.64 -135.04
N LEU F 3169 -56.01 -18.13 -135.77
CA LEU F 3169 -55.68 -16.71 -135.68
C LEU F 3169 -56.77 -15.85 -136.31
N CYS F 3170 -57.20 -16.21 -137.52
CA CYS F 3170 -58.30 -15.48 -138.15
C CYS F 3170 -59.59 -15.62 -137.36
N SER F 3171 -59.71 -16.65 -136.53
CA SER F 3171 -60.86 -16.74 -135.64
C SER F 3171 -60.70 -15.78 -134.46
N ILE F 3172 -59.57 -15.89 -133.75
CA ILE F 3172 -59.41 -15.17 -132.50
C ILE F 3172 -59.41 -13.68 -132.73
N TYR F 3173 -59.02 -13.24 -133.93
CA TYR F 3173 -59.16 -11.83 -134.22
C TYR F 3173 -60.62 -11.42 -134.34
N SER F 3174 -61.47 -12.28 -134.86
CA SER F 3174 -62.81 -11.87 -135.25
C SER F 3174 -63.75 -11.65 -134.07
N LEU F 3175 -63.23 -11.56 -132.85
CA LEU F 3175 -64.03 -11.29 -131.67
C LEU F 3175 -64.30 -9.81 -131.47
N GLY F 3176 -63.89 -8.95 -132.41
CA GLY F 3176 -64.01 -7.52 -132.22
C GLY F 3176 -65.42 -6.99 -132.31
N THR F 3177 -66.39 -7.85 -132.64
CA THR F 3177 -67.77 -7.41 -132.83
C THR F 3177 -68.67 -7.72 -131.65
N THR F 3178 -68.53 -8.91 -131.06
CA THR F 3178 -69.47 -9.36 -130.05
C THR F 3178 -69.41 -8.49 -128.81
N LYS F 3179 -70.58 -8.24 -128.22
CA LYS F 3179 -70.69 -7.52 -126.96
C LYS F 3179 -71.64 -8.30 -126.06
N ASN F 3180 -71.05 -9.03 -125.11
CA ASN F 3180 -71.82 -9.75 -124.09
C ASN F 3180 -70.94 -9.85 -122.86
N THR F 3181 -71.46 -10.54 -121.85
CA THR F 3181 -70.68 -10.76 -120.64
C THR F 3181 -69.48 -11.66 -120.92
N TYR F 3182 -69.71 -12.77 -121.61
CA TYR F 3182 -68.73 -13.85 -121.62
C TYR F 3182 -67.47 -13.48 -122.39
N VAL F 3183 -67.60 -12.65 -123.43
CA VAL F 3183 -66.42 -12.21 -124.16
C VAL F 3183 -65.51 -11.43 -123.23
N GLU F 3184 -66.09 -10.48 -122.49
CA GLU F 3184 -65.32 -9.76 -121.47
C GLU F 3184 -64.76 -10.72 -120.44
N LYS F 3185 -65.48 -11.81 -120.17
CA LYS F 3185 -65.05 -12.77 -119.16
C LYS F 3185 -63.84 -13.56 -119.62
N LEU F 3186 -63.75 -13.80 -120.92
CA LEU F 3186 -62.75 -14.70 -121.47
C LEU F 3186 -61.51 -13.98 -121.99
N ARG F 3187 -61.62 -12.68 -122.30
CA ARG F 3187 -60.58 -11.99 -123.05
C ARG F 3187 -59.14 -12.33 -122.72
N PRO F 3188 -58.69 -12.33 -121.45
CA PRO F 3188 -57.24 -12.50 -121.21
C PRO F 3188 -56.66 -13.80 -121.73
N ALA F 3189 -57.42 -14.89 -121.68
CA ALA F 3189 -56.91 -16.16 -122.20
C ALA F 3189 -56.65 -16.06 -123.69
N LEU F 3190 -57.59 -15.46 -124.43
CA LEU F 3190 -57.36 -15.20 -125.84
C LEU F 3190 -56.12 -14.35 -126.02
N GLY F 3191 -55.96 -13.33 -125.19
CA GLY F 3191 -54.80 -12.47 -125.31
C GLY F 3191 -53.50 -13.23 -125.18
N GLU F 3192 -53.40 -14.11 -124.19
CA GLU F 3192 -52.15 -14.83 -123.95
C GLU F 3192 -51.88 -15.85 -125.04
N CYS F 3193 -52.89 -16.65 -125.41
CA CYS F 3193 -52.69 -17.64 -126.46
C CYS F 3193 -52.26 -16.96 -127.76
N LEU F 3194 -52.95 -15.87 -128.10
CA LEU F 3194 -52.62 -15.11 -129.28
C LEU F 3194 -51.22 -14.52 -129.19
N ALA F 3195 -50.83 -14.04 -128.02
CA ALA F 3195 -49.49 -13.47 -127.86
C ALA F 3195 -48.43 -14.51 -128.12
N ARG F 3196 -48.60 -15.72 -127.59
CA ARG F 3196 -47.62 -16.77 -127.86
C ARG F 3196 -47.59 -17.14 -129.33
N LEU F 3197 -48.77 -17.28 -129.94
CA LEU F 3197 -48.81 -17.60 -131.37
C LEU F 3197 -48.14 -16.55 -132.22
N ALA F 3198 -48.16 -15.29 -131.79
CA ALA F 3198 -47.52 -14.23 -132.57
C ALA F 3198 -46.03 -14.49 -132.75
N ALA F 3199 -45.39 -15.12 -131.77
CA ALA F 3199 -43.99 -15.48 -131.90
C ALA F 3199 -43.79 -16.87 -132.49
N ALA F 3200 -44.74 -17.79 -132.24
CA ALA F 3200 -44.60 -19.15 -132.73
C ALA F 3200 -44.71 -19.26 -134.25
N MET F 3201 -45.65 -18.56 -134.86
CA MET F 3201 -46.04 -18.81 -136.24
C MET F 3201 -45.09 -18.18 -137.24
N PRO F 3202 -44.69 -18.92 -138.28
CA PRO F 3202 -43.48 -18.56 -139.06
C PRO F 3202 -43.64 -17.48 -140.12
N VAL F 3203 -44.82 -16.91 -140.34
CA VAL F 3203 -44.96 -15.98 -141.45
C VAL F 3203 -45.15 -14.59 -140.89
N ALA F 3204 -45.10 -13.60 -141.77
CA ALA F 3204 -45.65 -12.29 -141.51
C ALA F 3204 -47.14 -12.31 -141.81
N PHE F 3205 -47.94 -12.75 -140.85
CA PHE F 3205 -49.39 -12.75 -141.04
C PHE F 3205 -49.94 -11.33 -141.14
N LEU F 3206 -49.18 -10.34 -140.71
CA LEU F 3206 -49.54 -8.94 -140.88
C LEU F 3206 -48.98 -8.36 -142.16
N GLU F 3207 -48.00 -8.99 -142.78
CA GLU F 3207 -47.28 -8.44 -143.93
C GLU F 3207 -47.29 -9.46 -145.05
N PRO F 3208 -48.43 -9.66 -145.71
CA PRO F 3208 -48.47 -10.55 -146.86
C PRO F 3208 -48.00 -9.91 -148.13
N GLN F 3209 -47.76 -8.60 -148.13
CA GLN F 3209 -47.32 -7.92 -149.34
C GLN F 3209 -45.92 -8.35 -149.75
N LEU F 3210 -45.06 -8.67 -148.77
CA LEU F 3210 -43.70 -9.12 -149.01
C LEU F 3210 -43.53 -10.51 -148.38
N ASN F 3211 -43.85 -11.52 -149.17
CA ASN F 3211 -43.76 -12.91 -148.70
C ASN F 3211 -42.87 -13.77 -149.58
N GLU F 3212 -42.48 -13.29 -150.76
CA GLU F 3212 -41.60 -14.03 -151.65
C GLU F 3212 -40.18 -14.14 -151.09
N TYR F 3213 -39.91 -13.56 -149.93
CA TYR F 3213 -38.63 -13.66 -149.27
C TYR F 3213 -38.63 -14.67 -148.14
N ASN F 3214 -39.68 -15.48 -148.03
CA ASN F 3214 -39.82 -16.47 -146.97
C ASN F 3214 -39.62 -17.87 -147.52
N ALA F 3215 -39.37 -18.82 -146.62
CA ALA F 3215 -39.28 -20.22 -146.98
C ALA F 3215 -40.06 -21.13 -146.03
N CYS F 3216 -40.48 -20.64 -144.88
CA CYS F 3216 -41.15 -21.44 -143.87
C CYS F 3216 -42.67 -21.38 -143.98
N SER F 3217 -43.21 -20.61 -144.91
CA SER F 3217 -44.63 -20.69 -145.19
C SER F 3217 -44.91 -21.82 -146.16
N VAL F 3218 -46.21 -22.13 -146.34
CA VAL F 3218 -46.58 -23.10 -147.37
C VAL F 3218 -46.60 -22.51 -148.76
N TYR F 3219 -46.47 -21.19 -148.91
CA TYR F 3219 -46.64 -20.62 -150.24
C TYR F 3219 -45.34 -20.52 -151.02
N THR F 3220 -44.21 -20.32 -150.35
CA THR F 3220 -42.93 -20.34 -151.06
C THR F 3220 -42.29 -21.72 -151.07
N THR F 3221 -42.54 -22.53 -150.06
CA THR F 3221 -42.07 -23.91 -150.08
C THR F 3221 -42.92 -24.79 -150.99
N LYS F 3222 -44.22 -24.52 -151.08
CA LYS F 3222 -45.13 -25.30 -151.91
C LYS F 3222 -45.69 -24.42 -153.02
N SER F 3223 -45.64 -24.92 -154.24
CA SER F 3223 -46.18 -24.24 -155.41
C SER F 3223 -47.70 -24.32 -155.40
N PRO F 3224 -48.36 -23.47 -156.17
CA PRO F 3224 -49.84 -23.50 -156.19
C PRO F 3224 -50.41 -24.85 -156.61
N ARG F 3225 -49.64 -25.64 -157.37
CA ARG F 3225 -50.07 -27.01 -157.68
C ARG F 3225 -50.23 -27.84 -156.41
N GLU F 3226 -49.57 -27.45 -155.32
CA GLU F 3226 -49.83 -28.07 -154.04
C GLU F 3226 -50.94 -27.36 -153.28
N ARG F 3227 -51.09 -26.05 -153.52
CA ARG F 3227 -52.17 -25.30 -152.87
C ARG F 3227 -53.54 -25.82 -153.30
N ALA F 3228 -53.67 -26.28 -154.54
CA ALA F 3228 -54.89 -26.95 -154.95
C ALA F 3228 -55.11 -28.22 -154.13
N ILE F 3229 -54.03 -28.94 -153.82
CA ILE F 3229 -54.15 -30.18 -153.08
C ILE F 3229 -54.71 -29.93 -151.69
N LEU F 3230 -54.17 -28.94 -150.99
CA LEU F 3230 -54.58 -28.67 -149.61
C LEU F 3230 -55.85 -27.84 -149.52
N GLY F 3231 -56.42 -27.43 -150.66
CA GLY F 3231 -57.56 -26.53 -150.65
C GLY F 3231 -57.25 -25.16 -150.07
N LEU F 3232 -56.08 -24.50 -150.53
CA LEU F 3232 -55.80 -23.23 -149.88
C LEU F 3232 -56.30 -22.06 -150.74
N PRO F 3233 -56.67 -20.93 -150.15
CA PRO F 3233 -57.01 -19.75 -150.95
C PRO F 3233 -55.78 -19.16 -151.64
N ASN F 3234 -55.96 -18.71 -152.89
CA ASN F 3234 -54.81 -18.33 -153.71
C ASN F 3234 -54.14 -17.05 -153.21
N SER F 3235 -54.92 -16.01 -152.94
CA SER F 3235 -54.36 -14.72 -152.54
C SER F 3235 -53.73 -14.81 -151.15
N VAL F 3236 -52.52 -14.26 -151.03
CA VAL F 3236 -51.80 -14.33 -149.76
C VAL F 3236 -52.54 -13.61 -148.65
N GLU F 3237 -53.16 -12.47 -148.94
CA GLU F 3237 -53.91 -11.74 -147.91
C GLU F 3237 -55.14 -12.50 -147.47
N GLU F 3238 -55.80 -13.21 -148.38
CA GLU F 3238 -57.15 -13.66 -148.14
C GLU F 3238 -57.25 -14.81 -147.14
N MET F 3239 -56.15 -15.48 -146.78
CA MET F 3239 -56.26 -16.48 -145.70
C MET F 3239 -56.70 -15.82 -144.40
N CYS F 3240 -56.18 -14.64 -144.12
CA CYS F 3240 -56.49 -13.90 -142.90
C CYS F 3240 -56.95 -12.50 -143.30
N PRO F 3241 -58.11 -12.40 -143.95
CA PRO F 3241 -58.52 -11.09 -144.48
C PRO F 3241 -58.96 -10.13 -143.39
N ASP F 3242 -59.65 -10.62 -142.36
CA ASP F 3242 -60.04 -9.76 -141.25
C ASP F 3242 -58.83 -9.12 -140.61
N ILE F 3243 -57.70 -9.80 -140.61
CA ILE F 3243 -56.49 -9.24 -140.03
C ILE F 3243 -55.91 -8.21 -140.97
N PRO F 3244 -55.67 -6.97 -140.52
CA PRO F 3244 -55.19 -5.93 -141.44
C PRO F 3244 -53.67 -5.91 -141.53
N VAL F 3245 -53.14 -5.11 -142.45
CA VAL F 3245 -51.69 -4.95 -142.55
C VAL F 3245 -51.18 -4.14 -141.37
N LEU F 3246 -49.88 -4.29 -141.09
CA LEU F 3246 -49.31 -3.73 -139.88
C LEU F 3246 -49.46 -2.23 -139.81
N ASP F 3247 -49.21 -1.53 -140.93
CA ASP F 3247 -49.23 -0.08 -140.89
C ASP F 3247 -50.60 0.46 -140.53
N ARG F 3248 -51.66 -0.19 -141.01
CA ARG F 3248 -53.00 0.24 -140.64
C ARG F 3248 -53.26 0.01 -139.15
N LEU F 3249 -52.78 -1.10 -138.60
CA LEU F 3249 -52.94 -1.33 -137.16
C LEU F 3249 -52.21 -0.26 -136.36
N MET F 3250 -50.99 0.07 -136.77
CA MET F 3250 -50.24 1.11 -136.07
C MET F 3250 -50.93 2.46 -136.20
N ALA F 3251 -51.50 2.75 -137.36
CA ALA F 3251 -52.25 3.99 -137.53
C ALA F 3251 -53.47 4.00 -136.62
N ASP F 3252 -54.15 2.86 -136.50
CA ASP F 3252 -55.29 2.75 -135.61
C ASP F 3252 -54.88 3.04 -134.17
N ILE F 3253 -53.78 2.45 -133.73
CA ILE F 3253 -53.32 2.68 -132.36
C ILE F 3253 -52.90 4.11 -132.17
N GLY F 3254 -52.26 4.71 -133.19
CA GLY F 3254 -51.88 6.11 -133.09
C GLY F 3254 -53.06 7.03 -132.94
N GLY F 3255 -54.12 6.79 -133.71
CA GLY F 3255 -55.34 7.57 -133.56
C GLY F 3255 -56.00 7.37 -132.22
N LEU F 3256 -56.03 6.11 -131.75
CA LEU F 3256 -56.65 5.81 -130.47
C LEU F 3256 -55.90 6.46 -129.32
N ALA F 3257 -54.57 6.48 -129.40
CA ALA F 3257 -53.76 7.05 -128.33
C ALA F 3257 -54.04 8.54 -128.16
N GLU F 3258 -54.03 9.30 -129.25
CA GLU F 3258 -54.32 10.72 -129.16
C GLU F 3258 -55.80 10.95 -128.87
N SER F 3259 -56.66 10.00 -129.19
CA SER F 3259 -58.08 10.13 -128.88
C SER F 3259 -58.33 10.25 -127.39
N GLY F 3260 -57.47 9.66 -126.56
CA GLY F 3260 -57.69 9.68 -125.13
C GLY F 3260 -58.89 8.86 -124.69
N ALA F 3261 -59.42 8.02 -125.58
CA ALA F 3261 -60.54 7.18 -125.22
C ALA F 3261 -60.15 6.18 -124.16
N ARG F 3262 -61.00 6.02 -123.15
CA ARG F 3262 -60.68 5.14 -122.05
C ARG F 3262 -60.88 3.68 -122.46
N TYR F 3263 -60.84 2.79 -121.47
CA TYR F 3263 -60.89 1.37 -121.72
C TYR F 3263 -62.20 0.94 -122.36
N THR F 3264 -63.28 1.66 -122.09
CA THR F 3264 -64.60 1.24 -122.56
C THR F 3264 -64.71 1.29 -124.08
N GLU F 3265 -64.30 2.39 -124.72
CA GLU F 3265 -64.37 2.42 -126.18
C GLU F 3265 -63.42 1.42 -126.81
N MET F 3266 -62.34 1.06 -126.12
CA MET F 3266 -61.28 0.25 -126.71
C MET F 3266 -61.01 -0.92 -125.77
N PRO F 3267 -61.90 -1.90 -125.74
CA PRO F 3267 -61.57 -3.15 -125.05
C PRO F 3267 -60.72 -4.07 -125.92
N HIS F 3268 -61.14 -4.21 -127.18
CA HIS F 3268 -60.53 -5.19 -128.07
C HIS F 3268 -59.07 -4.85 -128.34
N VAL F 3269 -58.82 -3.61 -128.72
CA VAL F 3269 -57.48 -3.25 -129.17
C VAL F 3269 -56.49 -3.46 -128.04
N ILE F 3270 -56.85 -3.05 -126.82
CA ILE F 3270 -55.98 -3.31 -125.68
C ILE F 3270 -55.81 -4.80 -125.45
N GLU F 3271 -56.91 -5.55 -125.41
CA GLU F 3271 -56.83 -6.91 -124.88
C GLU F 3271 -56.34 -7.92 -125.90
N ILE F 3272 -56.33 -7.57 -127.19
CA ILE F 3272 -55.97 -8.50 -128.25
C ILE F 3272 -54.86 -7.96 -129.14
N THR F 3273 -55.08 -6.77 -129.72
CA THR F 3273 -54.17 -6.32 -130.78
C THR F 3273 -52.84 -5.86 -130.21
N LEU F 3274 -52.85 -5.15 -129.07
CA LEU F 3274 -51.58 -4.84 -128.45
C LEU F 3274 -50.78 -6.08 -128.14
N PRO F 3275 -51.24 -7.04 -127.34
CA PRO F 3275 -50.42 -8.23 -127.09
C PRO F 3275 -50.07 -8.99 -128.36
N MET F 3276 -50.88 -8.86 -129.41
CA MET F 3276 -50.49 -9.38 -130.71
C MET F 3276 -49.18 -8.74 -131.14
N LEU F 3277 -49.13 -7.41 -131.11
CA LEU F 3277 -47.98 -6.70 -131.65
C LEU F 3277 -46.77 -6.80 -130.73
N CYS F 3278 -47.00 -6.80 -129.42
CA CYS F 3278 -45.88 -6.89 -128.48
C CYS F 3278 -45.10 -8.17 -128.64
N SER F 3279 -45.66 -9.17 -129.32
CA SER F 3279 -44.94 -10.37 -129.66
C SER F 3279 -44.55 -10.46 -131.13
N TYR F 3280 -45.39 -9.96 -132.04
CA TYR F 3280 -45.04 -9.99 -133.44
C TYR F 3280 -43.80 -9.16 -133.72
N LEU F 3281 -43.77 -7.92 -133.24
CA LEU F 3281 -42.74 -6.98 -133.67
C LEU F 3281 -41.32 -7.44 -133.34
N PRO F 3282 -41.00 -7.93 -132.14
CA PRO F 3282 -39.62 -8.37 -131.89
C PRO F 3282 -39.22 -9.59 -132.70
N ARG F 3283 -40.05 -10.62 -132.63
CA ARG F 3283 -39.71 -11.92 -133.20
C ARG F 3283 -39.50 -11.81 -134.71
N TRP F 3284 -40.14 -10.83 -135.34
CA TRP F 3284 -39.86 -10.55 -136.73
C TRP F 3284 -38.82 -9.45 -136.91
N TRP F 3285 -38.57 -8.66 -135.87
CA TRP F 3285 -37.56 -7.61 -136.00
C TRP F 3285 -36.17 -8.21 -136.06
N GLU F 3286 -35.96 -9.34 -135.37
CA GLU F 3286 -34.64 -9.93 -135.32
C GLU F 3286 -34.15 -10.31 -136.71
N ARG F 3287 -35.02 -10.88 -137.54
CA ARG F 3287 -34.63 -11.17 -138.90
C ARG F 3287 -35.06 -10.10 -139.88
N GLY F 3288 -35.49 -8.94 -139.38
CA GLY F 3288 -35.78 -7.82 -140.24
C GLY F 3288 -34.49 -7.21 -140.75
N PRO F 3289 -34.59 -6.14 -141.54
CA PRO F 3289 -33.38 -5.54 -142.11
C PRO F 3289 -32.46 -4.93 -141.07
N GLU F 3290 -32.97 -4.58 -139.89
CA GLU F 3290 -32.17 -3.81 -138.94
C GLU F 3290 -31.02 -4.64 -138.36
N ALA F 3291 -31.31 -5.85 -137.91
CA ALA F 3291 -30.33 -6.63 -137.18
C ALA F 3291 -29.16 -7.01 -138.10
N PRO F 3292 -27.97 -7.25 -137.55
CA PRO F 3292 -26.79 -7.48 -138.39
C PRO F 3292 -26.94 -8.73 -139.23
N PRO F 3293 -26.51 -8.69 -140.47
CA PRO F 3293 -26.53 -9.90 -141.30
C PRO F 3293 -25.56 -10.93 -140.77
N PRO F 3294 -26.05 -12.12 -140.42
CA PRO F 3294 -25.12 -13.18 -139.98
C PRO F 3294 -24.09 -13.52 -141.03
N ALA F 3295 -24.46 -13.45 -142.30
CA ALA F 3295 -23.53 -13.66 -143.39
C ALA F 3295 -24.02 -12.91 -144.61
N LEU F 3296 -23.07 -12.40 -145.40
CA LEU F 3296 -23.39 -11.75 -146.65
C LEU F 3296 -24.03 -12.73 -147.64
N PRO F 3297 -23.47 -13.94 -147.86
CA PRO F 3297 -24.10 -14.86 -148.81
C PRO F 3297 -25.41 -15.45 -148.30
N ALA F 3298 -25.41 -15.87 -147.04
CA ALA F 3298 -26.60 -16.52 -146.48
C ALA F 3298 -27.78 -15.56 -146.42
N GLY F 3299 -27.53 -14.32 -146.00
CA GLY F 3299 -28.58 -13.34 -145.88
C GLY F 3299 -28.84 -12.57 -147.15
N ALA F 3300 -28.30 -13.07 -148.26
CA ALA F 3300 -28.51 -12.41 -149.55
C ALA F 3300 -29.98 -12.21 -149.90
N PRO F 3301 -30.89 -13.16 -149.67
CA PRO F 3301 -32.31 -12.88 -149.90
C PRO F 3301 -32.79 -11.73 -149.01
N PRO F 3302 -33.71 -10.90 -149.51
CA PRO F 3302 -34.21 -9.79 -148.71
C PRO F 3302 -34.96 -10.29 -147.48
N PRO F 3303 -35.03 -9.49 -146.42
CA PRO F 3303 -35.70 -9.94 -145.21
C PRO F 3303 -37.20 -10.14 -145.42
N CYS F 3304 -37.76 -11.03 -144.62
CA CYS F 3304 -39.18 -11.38 -144.74
C CYS F 3304 -40.09 -10.22 -144.38
N THR F 3305 -39.74 -9.46 -143.35
CA THR F 3305 -40.55 -8.34 -142.87
C THR F 3305 -39.72 -7.08 -142.91
N ALA F 3306 -40.26 -6.01 -143.52
CA ALA F 3306 -39.57 -4.73 -143.58
C ALA F 3306 -39.89 -3.89 -142.34
N VAL F 3307 -39.62 -4.48 -141.18
CA VAL F 3307 -39.91 -3.86 -139.89
C VAL F 3307 -38.61 -3.25 -139.37
N THR F 3308 -38.57 -1.92 -139.37
CA THR F 3308 -37.44 -1.21 -138.79
C THR F 3308 -37.59 -1.15 -137.27
N SER F 3309 -36.48 -0.89 -136.59
CA SER F 3309 -36.53 -0.76 -135.14
C SER F 3309 -37.35 0.44 -134.70
N ASP F 3310 -37.67 1.34 -135.62
CA ASP F 3310 -38.52 2.49 -135.28
C ASP F 3310 -39.92 2.04 -134.91
N HIS F 3311 -40.37 0.92 -135.46
CA HIS F 3311 -41.73 0.48 -135.21
C HIS F 3311 -41.94 0.08 -133.77
N LEU F 3312 -40.97 -0.63 -133.19
CA LEU F 3312 -41.03 -0.97 -131.77
C LEU F 3312 -41.08 0.28 -130.91
N ASN F 3313 -40.25 1.27 -131.25
CA ASN F 3313 -40.23 2.50 -130.49
C ASN F 3313 -41.58 3.20 -130.57
N SER F 3314 -42.17 3.25 -131.76
CA SER F 3314 -43.47 3.90 -131.93
C SER F 3314 -44.55 3.16 -131.16
N LEU F 3315 -44.53 1.83 -131.20
CA LEU F 3315 -45.54 1.07 -130.48
C LEU F 3315 -45.42 1.30 -128.98
N LEU F 3316 -44.19 1.30 -128.45
CA LEU F 3316 -44.02 1.55 -127.02
C LEU F 3316 -44.50 2.95 -126.66
N GLY F 3317 -44.16 3.93 -127.49
CA GLY F 3317 -44.62 5.28 -127.25
C GLY F 3317 -46.12 5.39 -127.23
N ASN F 3318 -46.79 4.69 -128.13
CA ASN F 3318 -48.25 4.70 -128.11
C ASN F 3318 -48.81 3.97 -126.90
N ILE F 3319 -48.18 2.85 -126.51
CA ILE F 3319 -48.66 2.10 -125.35
C ILE F 3319 -48.60 2.96 -124.10
N LEU F 3320 -47.52 3.73 -123.96
CA LEU F 3320 -47.41 4.61 -122.81
C LEU F 3320 -48.53 5.65 -122.81
N ARG F 3321 -48.83 6.21 -123.98
CA ARG F 3321 -49.95 7.14 -124.09
C ARG F 3321 -51.25 6.43 -123.72
N ILE F 3322 -51.38 5.15 -124.08
CA ILE F 3322 -52.57 4.39 -123.73
C ILE F 3322 -52.72 4.33 -122.24
N ILE F 3323 -51.62 4.10 -121.52
CA ILE F 3323 -51.68 4.14 -120.06
C ILE F 3323 -51.99 5.55 -119.59
N VAL F 3324 -51.51 6.55 -120.31
CA VAL F 3324 -51.75 7.95 -119.92
C VAL F 3324 -53.23 8.27 -119.93
N ASN F 3325 -53.95 7.82 -120.96
CA ASN F 3325 -55.36 8.17 -121.04
C ASN F 3325 -56.20 7.48 -119.97
N ASN F 3326 -55.67 6.43 -119.36
CA ASN F 3326 -56.47 5.55 -118.52
C ASN F 3326 -56.04 5.53 -117.06
N LEU F 3327 -55.07 6.35 -116.67
CA LEU F 3327 -54.50 6.22 -115.33
C LEU F 3327 -55.55 6.50 -114.26
N GLY F 3328 -56.49 7.39 -114.54
CA GLY F 3328 -57.47 7.83 -113.57
C GLY F 3328 -58.68 6.94 -113.39
N ILE F 3329 -58.73 5.79 -114.07
CA ILE F 3329 -59.86 4.90 -113.92
C ILE F 3329 -59.95 4.40 -112.48
N ASP F 3330 -61.16 4.02 -112.08
CA ASP F 3330 -61.40 3.54 -110.72
C ASP F 3330 -61.12 2.05 -110.59
N GLU F 3331 -61.70 1.23 -111.46
CA GLU F 3331 -61.57 -0.22 -111.41
C GLU F 3331 -61.29 -0.74 -112.81
N ALA F 3332 -60.02 -1.03 -113.09
CA ALA F 3332 -59.63 -1.61 -114.36
C ALA F 3332 -58.27 -2.27 -114.18
N THR F 3333 -58.25 -3.59 -114.25
CA THR F 3333 -57.04 -4.37 -114.03
C THR F 3333 -56.27 -4.63 -115.32
N TRP F 3334 -56.77 -4.16 -116.46
CA TRP F 3334 -56.14 -4.50 -117.73
C TRP F 3334 -54.71 -4.00 -117.84
N MET F 3335 -54.38 -2.92 -117.14
CA MET F 3335 -53.01 -2.41 -117.24
C MET F 3335 -52.01 -3.41 -116.69
N LYS F 3336 -52.42 -4.21 -115.69
CA LYS F 3336 -51.52 -5.19 -115.12
C LYS F 3336 -50.96 -6.13 -116.18
N ARG F 3337 -51.85 -6.73 -116.97
CA ARG F 3337 -51.43 -7.67 -118.01
C ARG F 3337 -50.78 -6.97 -119.20
N LEU F 3338 -51.25 -5.78 -119.53
CA LEU F 3338 -50.67 -5.06 -120.65
C LEU F 3338 -49.23 -4.69 -120.38
N ALA F 3339 -48.89 -4.33 -119.14
CA ALA F 3339 -47.51 -4.04 -118.82
C ALA F 3339 -46.64 -5.27 -119.01
N VAL F 3340 -47.13 -6.44 -118.57
CA VAL F 3340 -46.37 -7.67 -118.73
C VAL F 3340 -46.11 -7.95 -120.20
N PHE F 3341 -47.15 -7.83 -121.01
CA PHE F 3341 -46.97 -8.10 -122.44
C PHE F 3341 -46.12 -7.04 -123.11
N ALA F 3342 -46.09 -5.81 -122.59
CA ALA F 3342 -45.30 -4.74 -123.17
C ALA F 3342 -43.85 -4.74 -122.69
N GLN F 3343 -43.53 -5.54 -121.68
CA GLN F 3343 -42.15 -5.59 -121.18
C GLN F 3343 -41.10 -5.84 -122.25
N PRO F 3344 -41.22 -6.84 -123.13
CA PRO F 3344 -40.06 -7.20 -123.98
C PRO F 3344 -39.73 -6.17 -125.05
N ILE F 3345 -40.61 -5.22 -125.34
CA ILE F 3345 -40.32 -4.26 -126.40
C ILE F 3345 -39.20 -3.33 -126.00
N VAL F 3346 -39.16 -2.92 -124.73
CA VAL F 3346 -38.38 -1.76 -124.30
C VAL F 3346 -36.90 -1.92 -124.58
N SER F 3347 -36.41 -3.14 -124.77
CA SER F 3347 -35.00 -3.33 -125.06
C SER F 3347 -34.59 -2.61 -126.34
N ARG F 3348 -35.56 -2.07 -127.05
CA ARG F 3348 -35.34 -1.57 -128.40
C ARG F 3348 -35.69 -0.10 -128.47
N ALA F 3349 -36.28 0.42 -127.39
CA ALA F 3349 -36.83 1.77 -127.35
C ALA F 3349 -35.74 2.81 -127.42
N ARG F 3350 -36.05 3.94 -128.03
CA ARG F 3350 -35.01 4.90 -128.35
C ARG F 3350 -34.90 5.95 -127.24
N PRO F 3351 -33.74 6.57 -127.09
CA PRO F 3351 -33.52 7.41 -125.90
C PRO F 3351 -34.32 8.70 -125.89
N GLU F 3352 -35.11 8.98 -126.92
CA GLU F 3352 -35.92 10.18 -126.93
C GLU F 3352 -37.11 10.11 -125.99
N LEU F 3353 -37.66 8.92 -125.75
CA LEU F 3353 -38.89 8.78 -124.98
C LEU F 3353 -38.82 9.46 -123.62
N LEU F 3354 -37.65 9.46 -122.98
CA LEU F 3354 -37.51 10.12 -121.68
C LEU F 3354 -38.03 11.55 -121.75
N HIS F 3355 -37.59 12.31 -122.74
CA HIS F 3355 -38.08 13.67 -122.90
C HIS F 3355 -39.50 13.69 -123.45
N SER F 3356 -39.88 12.72 -124.26
CA SER F 3356 -41.15 12.76 -124.97
C SER F 3356 -42.29 12.17 -124.15
N HIS F 3357 -42.10 10.99 -123.58
CA HIS F 3357 -43.22 10.26 -122.99
C HIS F 3357 -43.10 10.02 -121.51
N PHE F 3358 -41.98 9.43 -121.05
CA PHE F 3358 -41.94 8.95 -119.67
C PHE F 3358 -42.07 10.09 -118.65
N ILE F 3359 -41.40 11.22 -118.90
CA ILE F 3359 -41.41 12.30 -117.92
C ILE F 3359 -42.82 12.83 -117.68
N PRO F 3360 -43.62 13.16 -118.69
CA PRO F 3360 -45.00 13.61 -118.39
C PRO F 3360 -45.81 12.57 -117.62
N THR F 3361 -45.64 11.29 -117.93
CA THR F 3361 -46.40 10.25 -117.24
C THR F 3361 -46.04 10.23 -115.76
N ILE F 3362 -44.75 10.12 -115.46
CA ILE F 3362 -44.34 10.12 -114.06
C ILE F 3362 -44.70 11.42 -113.36
N GLY F 3363 -44.66 12.55 -114.07
CA GLY F 3363 -44.99 13.82 -113.47
C GLY F 3363 -46.43 13.87 -113.04
N ARG F 3364 -47.32 13.41 -113.90
CA ARG F 3364 -48.73 13.39 -113.55
C ARG F 3364 -48.99 12.41 -112.41
N LEU F 3365 -48.33 11.24 -112.45
CA LEU F 3365 -48.47 10.30 -111.35
C LEU F 3365 -47.90 10.89 -110.06
N ARG F 3366 -46.79 11.61 -110.17
CA ARG F 3366 -46.23 12.29 -109.01
C ARG F 3366 -47.20 13.32 -108.46
N LYS F 3367 -47.88 14.06 -109.34
CA LYS F 3367 -48.87 15.02 -108.88
C LYS F 3367 -50.00 14.32 -108.14
N ARG F 3368 -50.42 13.15 -108.64
CA ARG F 3368 -51.54 12.52 -107.94
C ARG F 3368 -51.12 12.01 -106.56
N ALA F 3369 -49.96 11.34 -106.49
CA ALA F 3369 -49.44 11.02 -105.17
C ALA F 3369 -49.32 12.28 -104.33
N GLY F 3370 -49.06 13.41 -104.99
CA GLY F 3370 -49.02 14.67 -104.30
C GLY F 3370 -50.31 15.00 -103.58
N LYS F 3371 -51.45 14.96 -104.26
CA LYS F 3371 -52.55 15.53 -103.47
C LYS F 3371 -53.06 14.47 -102.52
N VAL F 3372 -52.76 13.19 -102.78
CA VAL F 3372 -53.26 12.17 -101.88
C VAL F 3372 -52.48 12.17 -100.57
N VAL F 3373 -51.20 12.55 -100.61
CA VAL F 3373 -50.48 12.80 -99.36
C VAL F 3373 -51.14 13.95 -98.60
N ALA F 3374 -51.57 14.98 -99.32
CA ALA F 3374 -52.29 16.08 -98.68
C ALA F 3374 -53.62 15.60 -98.11
N GLU F 3375 -54.28 14.67 -98.80
CA GLU F 3375 -55.49 14.05 -98.25
C GLU F 3375 -55.18 13.38 -96.92
N GLU F 3376 -54.10 12.62 -96.86
CA GLU F 3376 -53.70 12.01 -95.60
C GLU F 3376 -53.38 13.06 -94.55
N GLU F 3377 -52.84 14.21 -94.96
CA GLU F 3377 -52.67 15.33 -94.05
C GLU F 3377 -54.01 15.79 -93.47
N GLN F 3378 -55.00 15.96 -94.34
CA GLN F 3378 -56.31 16.42 -93.89
C GLN F 3378 -56.93 15.42 -92.91
N LEU F 3379 -56.83 14.12 -93.21
CA LEU F 3379 -57.35 13.12 -92.29
C LEU F 3379 -56.66 13.19 -90.94
N ARG F 3380 -55.33 13.28 -90.93
CA ARG F 3380 -54.61 13.28 -89.66
C ARG F 3380 -54.85 14.57 -88.89
N LEU F 3381 -55.14 15.67 -89.58
CA LEU F 3381 -55.31 16.95 -88.89
C LEU F 3381 -56.49 16.91 -87.94
N GLU F 3382 -57.62 16.34 -88.35
CA GLU F 3382 -58.85 16.38 -87.58
C GLU F 3382 -59.24 14.96 -87.18
N ALA F 3383 -59.37 14.74 -85.87
CA ALA F 3383 -59.88 13.49 -85.34
C ALA F 3383 -61.41 13.57 -85.33
N LYS F 3384 -62.06 12.62 -86.02
CA LYS F 3384 -63.48 12.72 -86.26
C LYS F 3384 -64.01 11.35 -86.63
N ALA F 3385 -65.34 11.22 -86.60
CA ALA F 3385 -65.97 10.08 -87.25
C ALA F 3385 -65.75 10.13 -88.76
N GLU F 3386 -65.63 11.34 -89.29
CA GLU F 3386 -65.31 11.56 -90.70
C GLU F 3386 -63.95 10.97 -91.03
N ALA F 3387 -63.08 10.88 -90.04
CA ALA F 3387 -61.74 10.33 -90.27
C ALA F 3387 -61.82 8.88 -90.74
N GLU F 3388 -62.77 8.12 -90.21
CA GLU F 3388 -62.88 6.71 -90.59
C GLU F 3388 -63.34 6.55 -92.04
N GLU F 3389 -64.36 7.30 -92.44
CA GLU F 3389 -64.82 7.22 -93.82
C GLU F 3389 -63.78 7.77 -94.78
N GLY F 3390 -63.07 8.82 -94.37
CA GLY F 3390 -61.96 9.30 -95.17
C GLY F 3390 -60.87 8.28 -95.31
N GLU F 3391 -60.59 7.53 -94.24
CA GLU F 3391 -59.62 6.44 -94.31
C GLU F 3391 -60.09 5.37 -95.28
N LEU F 3392 -61.38 5.03 -95.23
CA LEU F 3392 -61.91 4.04 -96.15
C LEU F 3392 -61.78 4.49 -97.60
N LEU F 3393 -62.05 5.76 -97.87
CA LEU F 3393 -61.91 6.28 -99.23
C LEU F 3393 -60.45 6.35 -99.65
N VAL F 3394 -59.56 6.75 -98.74
CA VAL F 3394 -58.17 6.94 -99.11
C VAL F 3394 -57.45 5.61 -99.24
N ARG F 3395 -57.97 4.54 -98.62
CA ARG F 3395 -57.40 3.22 -98.89
C ARG F 3395 -57.57 2.85 -100.36
N ASP F 3396 -58.77 3.09 -100.90
CA ASP F 3396 -59.00 2.84 -102.32
C ASP F 3396 -58.24 3.83 -103.20
N GLU F 3397 -58.11 5.07 -102.73
CA GLU F 3397 -57.32 6.05 -103.48
C GLU F 3397 -55.87 5.60 -103.58
N PHE F 3398 -55.29 5.16 -102.46
CA PHE F 3398 -53.93 4.62 -102.49
C PHE F 3398 -53.87 3.35 -103.31
N SER F 3399 -54.94 2.58 -103.35
CA SER F 3399 -54.99 1.41 -104.22
C SER F 3399 -54.87 1.84 -105.68
N VAL F 3400 -55.58 2.90 -106.06
CA VAL F 3400 -55.48 3.42 -107.41
C VAL F 3400 -54.05 3.84 -107.70
N LEU F 3401 -53.45 4.57 -106.77
CA LEU F 3401 -52.07 5.03 -106.98
C LEU F 3401 -51.10 3.87 -107.10
N CYS F 3402 -51.23 2.86 -106.23
CA CYS F 3402 -50.31 1.73 -106.27
C CYS F 3402 -50.51 0.93 -107.56
N ARG F 3403 -51.75 0.79 -108.00
CA ARG F 3403 -52.03 0.07 -109.24
C ARG F 3403 -51.41 0.78 -110.43
N ASP F 3404 -51.50 2.11 -110.46
CA ASP F 3404 -50.83 2.85 -111.53
C ASP F 3404 -49.32 2.72 -111.40
N LEU F 3405 -48.81 2.72 -110.17
CA LEU F 3405 -47.36 2.58 -109.97
C LEU F 3405 -46.86 1.27 -110.55
N TYR F 3406 -47.57 0.18 -110.27
CA TYR F 3406 -47.12 -1.12 -110.76
C TYR F 3406 -47.57 -1.40 -112.17
N ALA F 3407 -48.34 -0.49 -112.78
CA ALA F 3407 -48.55 -0.53 -114.22
C ALA F 3407 -47.48 0.23 -114.98
N LEU F 3408 -46.93 1.30 -114.39
CA LEU F 3408 -45.93 2.11 -115.07
C LEU F 3408 -44.52 1.60 -114.85
N TYR F 3409 -44.14 1.36 -113.60
CA TYR F 3409 -42.75 1.05 -113.29
C TYR F 3409 -42.20 -0.17 -114.02
N PRO F 3410 -42.92 -1.29 -114.15
CA PRO F 3410 -42.34 -2.43 -114.88
C PRO F 3410 -41.79 -2.06 -116.25
N LEU F 3411 -42.42 -1.12 -116.94
CA LEU F 3411 -41.84 -0.61 -118.17
C LEU F 3411 -40.67 0.32 -117.92
N LEU F 3412 -40.62 0.95 -116.75
CA LEU F 3412 -39.57 1.91 -116.47
C LEU F 3412 -38.25 1.22 -116.14
N ILE F 3413 -38.31 0.09 -115.43
CA ILE F 3413 -37.11 -0.60 -114.99
C ILE F 3413 -36.28 -1.04 -116.18
N ARG F 3414 -36.92 -1.66 -117.17
CA ARG F 3414 -36.22 -2.18 -118.32
C ARG F 3414 -35.86 -1.11 -119.33
N TYR F 3415 -36.13 0.15 -119.00
CA TYR F 3415 -35.58 1.30 -119.71
C TYR F 3415 -34.38 1.88 -118.98
N VAL F 3416 -34.49 2.02 -117.66
CA VAL F 3416 -33.39 2.55 -116.88
C VAL F 3416 -32.19 1.62 -116.96
N ASP F 3417 -32.42 0.31 -116.84
CA ASP F 3417 -31.29 -0.61 -116.87
C ASP F 3417 -30.65 -0.67 -118.25
N ASN F 3418 -31.42 -0.41 -119.30
CA ASN F 3418 -30.89 -0.45 -120.64
C ASN F 3418 -30.23 0.85 -121.07
N ASN F 3419 -30.48 1.95 -120.36
CA ASN F 3419 -29.83 3.21 -120.71
C ASN F 3419 -28.98 3.80 -119.60
N ARG F 3420 -28.78 3.10 -118.50
CA ARG F 3420 -28.05 3.70 -117.39
C ARG F 3420 -26.59 3.89 -117.75
N ALA F 3421 -26.01 2.97 -118.52
CA ALA F 3421 -24.63 3.14 -118.96
C ALA F 3421 -24.48 4.43 -119.74
N HIS F 3422 -25.36 4.65 -120.71
CA HIS F 3422 -25.28 5.84 -121.54
C HIS F 3422 -25.60 7.11 -120.77
N TRP F 3423 -26.49 7.04 -119.79
CA TRP F 3423 -26.78 8.22 -118.99
C TRP F 3423 -25.64 8.56 -118.04
N LEU F 3424 -24.92 7.54 -117.56
CA LEU F 3424 -23.81 7.79 -116.66
C LEU F 3424 -22.58 8.30 -117.39
N THR F 3425 -22.32 7.80 -118.60
CA THR F 3425 -21.14 8.25 -119.31
C THR F 3425 -21.29 9.64 -119.92
N GLU F 3426 -22.50 10.04 -120.30
CA GLU F 3426 -22.75 11.34 -120.94
C GLU F 3426 -23.89 12.02 -120.22
N PRO F 3427 -23.63 12.58 -119.04
CA PRO F 3427 -24.72 13.07 -118.18
C PRO F 3427 -25.62 14.06 -118.91
N ASN F 3428 -26.92 13.92 -118.69
CA ASN F 3428 -27.95 14.71 -119.36
C ASN F 3428 -29.00 15.12 -118.36
N ALA F 3429 -29.57 16.32 -118.58
CA ALA F 3429 -30.49 16.91 -117.62
C ALA F 3429 -31.79 16.13 -117.48
N ASN F 3430 -32.29 15.55 -118.58
CA ASN F 3430 -33.58 14.87 -118.53
C ASN F 3430 -33.54 13.68 -117.59
N ALA F 3431 -32.45 12.90 -117.62
CA ALA F 3431 -32.33 11.79 -116.70
C ALA F 3431 -32.30 12.27 -115.26
N GLU F 3432 -31.62 13.38 -115.01
CA GLU F 3432 -31.57 13.91 -113.66
C GLU F 3432 -32.95 14.35 -113.19
N GLU F 3433 -33.73 14.96 -114.08
CA GLU F 3433 -35.10 15.28 -113.73
C GLU F 3433 -35.88 14.02 -113.39
N LEU F 3434 -35.69 12.96 -114.18
CA LEU F 3434 -36.34 11.70 -113.87
C LEU F 3434 -35.95 11.21 -112.48
N PHE F 3435 -34.68 11.35 -112.13
CA PHE F 3435 -34.25 10.93 -110.79
C PHE F 3435 -34.92 11.76 -109.71
N ARG F 3436 -34.99 13.08 -109.92
CA ARG F 3436 -35.64 13.94 -108.93
C ARG F 3436 -37.10 13.53 -108.75
N MET F 3437 -37.75 13.22 -109.86
CA MET F 3437 -39.14 12.80 -109.85
C MET F 3437 -39.34 11.53 -109.05
N VAL F 3438 -38.53 10.51 -109.37
CA VAL F 3438 -38.62 9.25 -108.64
C VAL F 3438 -38.27 9.46 -107.18
N GLY F 3439 -37.38 10.40 -106.90
CA GLY F 3439 -37.03 10.69 -105.51
C GLY F 3439 -38.19 11.31 -104.75
N GLU F 3440 -38.95 12.19 -105.40
CA GLU F 3440 -40.17 12.69 -104.77
C GLU F 3440 -41.11 11.55 -104.48
N ILE F 3441 -41.26 10.62 -105.43
CA ILE F 3441 -42.13 9.48 -105.21
C ILE F 3441 -41.63 8.66 -104.03
N PHE F 3442 -40.32 8.53 -103.88
CA PHE F 3442 -39.77 7.71 -102.81
C PHE F 3442 -39.93 8.37 -101.45
N ILE F 3443 -39.75 9.69 -101.38
CA ILE F 3443 -39.93 10.36 -100.10
C ILE F 3443 -41.39 10.32 -99.68
N TYR F 3444 -42.31 10.43 -100.64
CA TYR F 3444 -43.72 10.23 -100.30
C TYR F 3444 -43.98 8.78 -99.92
N TRP F 3445 -43.23 7.86 -100.51
CA TRP F 3445 -43.32 6.45 -100.13
C TRP F 3445 -43.00 6.28 -98.65
N SER F 3446 -41.87 6.80 -98.22
CA SER F 3446 -41.42 6.60 -96.84
C SER F 3446 -42.22 7.43 -95.86
N LYS F 3447 -42.77 8.58 -96.29
CA LYS F 3447 -43.46 9.46 -95.36
C LYS F 3447 -44.88 9.02 -95.05
N SER F 3448 -45.36 7.96 -95.70
CA SER F 3448 -46.70 7.45 -95.47
C SER F 3448 -46.63 6.02 -94.94
N HIS F 3449 -47.63 5.66 -94.15
CA HIS F 3449 -47.70 4.34 -93.53
C HIS F 3449 -48.79 3.46 -94.13
N ASN F 3450 -50.04 3.92 -94.12
CA ASN F 3450 -51.12 3.12 -94.68
C ASN F 3450 -50.90 2.87 -96.17
N PHE F 3451 -50.19 3.78 -96.83
CA PHE F 3451 -49.84 3.58 -98.23
C PHE F 3451 -49.01 2.33 -98.41
N LYS F 3452 -48.12 2.04 -97.45
CA LYS F 3452 -47.34 0.81 -97.50
C LYS F 3452 -48.24 -0.41 -97.40
N ARG F 3453 -49.21 -0.38 -96.48
CA ARG F 3453 -50.13 -1.50 -96.34
C ARG F 3453 -50.95 -1.70 -97.61
N GLU F 3454 -51.39 -0.61 -98.23
CA GLU F 3454 -52.13 -0.73 -99.48
C GLU F 3454 -51.25 -1.29 -100.59
N GLU F 3455 -49.96 -0.97 -100.59
CA GLU F 3455 -49.06 -1.56 -101.56
C GLU F 3455 -48.97 -3.07 -101.35
N GLN F 3456 -48.81 -3.48 -100.10
CA GLN F 3456 -48.85 -4.91 -99.79
C GLN F 3456 -50.16 -5.53 -100.24
N ASN F 3457 -51.26 -4.80 -100.10
CA ASN F 3457 -52.53 -5.26 -100.63
C ASN F 3457 -52.42 -5.52 -102.12
N PHE F 3458 -52.07 -4.48 -102.88
CA PHE F 3458 -52.01 -4.63 -104.33
C PHE F 3458 -51.19 -5.85 -104.73
N VAL F 3459 -50.04 -6.04 -104.07
CA VAL F 3459 -49.23 -7.19 -104.45
C VAL F 3459 -49.90 -8.50 -104.08
N VAL F 3460 -50.68 -8.55 -103.00
CA VAL F 3460 -51.24 -9.85 -102.62
C VAL F 3460 -52.49 -10.17 -103.45
N GLN F 3461 -53.39 -9.21 -103.68
CA GLN F 3461 -54.57 -9.53 -104.50
C GLN F 3461 -54.26 -9.57 -105.98
N ASN F 3462 -53.16 -8.98 -106.43
CA ASN F 3462 -52.82 -9.00 -107.85
C ASN F 3462 -51.69 -9.97 -108.19
N GLU F 3463 -51.11 -10.65 -107.19
CA GLU F 3463 -50.18 -11.77 -107.41
C GLU F 3463 -49.04 -11.38 -108.35
N ILE F 3464 -48.51 -10.18 -108.16
CA ILE F 3464 -47.39 -9.74 -108.98
C ILE F 3464 -46.12 -10.48 -108.55
N ASN F 3465 -45.39 -11.00 -109.54
CA ASN F 3465 -44.17 -11.75 -109.24
C ASN F 3465 -43.13 -10.88 -108.54
N ASN F 3466 -42.97 -9.64 -108.99
CA ASN F 3466 -42.02 -8.67 -108.47
C ASN F 3466 -40.57 -9.12 -108.64
N MET F 3467 -40.33 -10.23 -109.33
CA MET F 3467 -38.99 -10.71 -109.61
C MET F 3467 -38.71 -10.74 -111.11
N SER F 3468 -39.58 -11.37 -111.90
CA SER F 3468 -39.40 -11.38 -113.35
C SER F 3468 -39.47 -9.97 -113.90
N PHE F 3469 -40.22 -9.09 -113.23
CA PHE F 3469 -40.21 -7.68 -113.60
C PHE F 3469 -38.82 -7.08 -113.41
N LEU F 3470 -38.19 -7.39 -112.27
CA LEU F 3470 -36.91 -6.78 -111.93
C LEU F 3470 -35.77 -7.37 -112.75
N THR F 3471 -35.75 -8.68 -112.95
CA THR F 3471 -34.69 -9.32 -113.71
C THR F 3471 -34.91 -9.13 -115.21
N TYR F 3503 -43.53 -12.45 -100.37
CA TYR F 3503 -43.27 -11.08 -100.77
C TYR F 3503 -42.71 -10.27 -99.60
N SER F 3504 -41.94 -9.23 -99.91
CA SER F 3504 -41.39 -8.33 -98.91
C SER F 3504 -41.23 -6.95 -99.53
N VAL F 3505 -41.14 -5.95 -98.65
CA VAL F 3505 -40.95 -4.58 -99.12
C VAL F 3505 -39.60 -4.44 -99.82
N GLN F 3506 -38.68 -5.35 -99.56
CA GLN F 3506 -37.41 -5.41 -100.27
C GLN F 3506 -37.66 -5.47 -101.77
N THR F 3507 -38.63 -6.27 -102.18
CA THR F 3507 -38.99 -6.42 -103.58
C THR F 3507 -40.03 -5.42 -104.06
N SER F 3508 -40.31 -4.35 -103.31
CA SER F 3508 -41.19 -3.30 -103.81
C SER F 3508 -40.59 -2.65 -105.04
N LEU F 3509 -41.39 -2.48 -106.09
CA LEU F 3509 -40.88 -1.84 -107.29
C LEU F 3509 -40.54 -0.38 -107.06
N ILE F 3510 -41.11 0.25 -106.04
CA ILE F 3510 -40.71 1.62 -105.72
C ILE F 3510 -39.24 1.66 -105.31
N VAL F 3511 -38.89 0.89 -104.28
CA VAL F 3511 -37.51 0.88 -103.82
C VAL F 3511 -36.59 0.27 -104.86
N ALA F 3512 -37.07 -0.71 -105.62
CA ALA F 3512 -36.23 -1.29 -106.68
C ALA F 3512 -35.92 -0.27 -107.76
N THR F 3513 -36.92 0.49 -108.19
CA THR F 3513 -36.68 1.52 -109.20
C THR F 3513 -35.75 2.59 -108.67
N LEU F 3514 -35.90 2.99 -107.42
CA LEU F 3514 -34.98 4.00 -106.91
C LEU F 3514 -33.57 3.43 -106.76
N LYS F 3515 -33.46 2.15 -106.39
CA LYS F 3515 -32.16 1.53 -106.34
C LYS F 3515 -31.48 1.55 -107.70
N LYS F 3516 -32.24 1.25 -108.75
CA LYS F 3516 -31.67 1.24 -110.09
C LYS F 3516 -31.42 2.63 -110.64
N MET F 3517 -32.18 3.63 -110.19
CA MET F 3517 -32.04 4.98 -110.68
C MET F 3517 -31.08 5.81 -109.83
N LEU F 3518 -30.63 5.26 -108.71
CA LEU F 3518 -29.80 6.02 -107.78
C LEU F 3518 -28.47 6.45 -108.36
N PRO F 3519 -27.68 5.60 -109.03
CA PRO F 3519 -26.38 6.06 -109.52
C PRO F 3519 -26.46 7.27 -110.42
N ILE F 3520 -27.51 7.38 -111.23
CA ILE F 3520 -27.68 8.56 -112.08
C ILE F 3520 -27.77 9.80 -111.22
N GLY F 3521 -28.56 9.72 -110.16
CA GLY F 3521 -28.67 10.86 -109.26
C GLY F 3521 -27.37 11.19 -108.57
N LEU F 3522 -26.69 10.17 -108.04
CA LEU F 3522 -25.43 10.42 -107.36
C LEU F 3522 -24.37 10.97 -108.31
N ASN F 3523 -24.54 10.74 -109.60
CA ASN F 3523 -23.55 11.20 -110.57
C ASN F 3523 -23.40 12.72 -110.55
N MET F 3524 -24.49 13.46 -110.41
CA MET F 3524 -24.40 14.91 -110.39
C MET F 3524 -23.58 15.37 -109.20
N CYS F 3525 -23.81 14.80 -108.03
CA CYS F 3525 -23.11 15.20 -106.82
C CYS F 3525 -21.65 14.83 -106.95
N ALA F 3526 -20.79 15.83 -107.01
CA ALA F 3526 -19.35 15.60 -107.07
C ALA F 3526 -18.88 14.97 -105.77
N PRO F 3527 -17.76 14.26 -105.80
CA PRO F 3527 -17.21 13.71 -104.55
C PRO F 3527 -16.94 14.77 -103.50
N THR F 3528 -16.59 15.99 -103.93
CA THR F 3528 -16.42 17.09 -102.99
C THR F 3528 -17.72 17.49 -102.32
N ASP F 3529 -18.85 17.03 -102.83
CA ASP F 3529 -20.14 17.22 -102.18
C ASP F 3529 -20.54 16.05 -101.32
N GLN F 3530 -19.75 14.96 -101.32
CA GLN F 3530 -20.04 13.79 -100.51
C GLN F 3530 -20.07 14.12 -99.03
N ASP F 3531 -19.26 15.07 -98.59
CA ASP F 3531 -19.20 15.54 -97.21
C ASP F 3531 -20.46 16.27 -96.78
N LEU F 3532 -20.92 17.24 -97.59
CA LEU F 3532 -22.15 17.96 -97.27
C LEU F 3532 -23.25 16.96 -96.99
N ILE F 3533 -23.34 15.94 -97.85
CA ILE F 3533 -24.37 14.92 -97.74
C ILE F 3533 -24.33 14.28 -96.37
N MET F 3534 -23.13 13.86 -95.94
CA MET F 3534 -22.99 13.25 -94.62
C MET F 3534 -23.49 14.16 -93.51
N LEU F 3535 -23.33 15.46 -93.67
CA LEU F 3535 -23.89 16.43 -92.74
C LEU F 3535 -25.39 16.53 -92.87
N ALA F 3536 -25.88 16.59 -94.11
CA ALA F 3536 -27.32 16.65 -94.32
C ALA F 3536 -28.02 15.41 -93.83
N LYS F 3537 -27.30 14.29 -93.70
CA LYS F 3537 -27.88 13.10 -93.09
C LYS F 3537 -28.45 13.42 -91.72
N THR F 3538 -27.72 14.19 -90.93
CA THR F 3538 -28.23 14.59 -89.63
C THR F 3538 -29.48 15.44 -89.77
N ARG F 3539 -29.50 16.32 -90.77
CA ARG F 3539 -30.61 17.25 -90.92
C ARG F 3539 -31.93 16.50 -91.05
N TYR F 3540 -31.99 15.56 -91.99
CA TYR F 3540 -33.22 14.77 -92.16
C TYR F 3540 -33.44 13.80 -91.03
N ALA F 3541 -32.41 13.48 -90.23
CA ALA F 3541 -32.61 12.59 -89.11
C ALA F 3541 -33.53 13.21 -88.06
N LEU F 3542 -33.26 14.47 -87.69
CA LEU F 3542 -34.09 15.17 -86.73
C LEU F 3542 -35.36 15.73 -87.36
N LYS F 3543 -35.70 15.30 -88.57
CA LYS F 3543 -36.93 15.73 -89.26
C LYS F 3543 -36.98 17.26 -89.37
N ASP F 3544 -35.90 17.84 -89.89
CA ASP F 3544 -35.88 19.26 -90.14
C ASP F 3544 -36.74 19.60 -91.36
N THR F 3545 -37.17 20.86 -91.42
CA THR F 3545 -38.07 21.29 -92.48
C THR F 3545 -37.37 21.18 -93.83
N ASP F 3546 -38.11 20.67 -94.82
CA ASP F 3546 -37.51 20.41 -96.13
C ASP F 3546 -37.02 21.70 -96.78
N GLU F 3547 -37.80 22.78 -96.65
CA GLU F 3547 -37.40 24.04 -97.26
C GLU F 3547 -36.18 24.64 -96.57
N GLU F 3548 -36.07 24.49 -95.25
CA GLU F 3548 -34.99 25.17 -94.56
C GLU F 3548 -33.65 24.47 -94.76
N VAL F 3549 -33.64 23.22 -95.21
CA VAL F 3549 -32.38 22.53 -95.47
C VAL F 3549 -31.55 23.35 -96.43
N ARG F 3550 -32.20 23.99 -97.41
CA ARG F 3550 -31.54 24.96 -98.26
C ARG F 3550 -30.59 25.85 -97.46
N GLU F 3551 -31.14 26.65 -96.54
CA GLU F 3551 -30.27 27.52 -95.77
C GLU F 3551 -29.41 26.74 -94.77
N PHE F 3552 -29.87 25.59 -94.30
CA PHE F 3552 -29.00 24.73 -93.52
C PHE F 3552 -27.73 24.44 -94.31
N LEU F 3553 -27.84 24.44 -95.64
CA LEU F 3553 -26.69 24.24 -96.50
C LEU F 3553 -26.07 25.54 -96.99
N GLN F 3554 -26.82 26.66 -97.05
CA GLN F 3554 -26.05 27.89 -97.28
C GLN F 3554 -25.47 28.46 -96.00
N ASN F 3555 -26.08 28.18 -94.84
CA ASN F 3555 -25.44 28.56 -93.59
C ASN F 3555 -24.22 27.69 -93.34
N ASN F 3556 -24.37 26.37 -93.51
CA ASN F 3556 -23.23 25.46 -93.45
C ASN F 3556 -22.66 25.34 -94.86
N LEU F 3557 -21.92 26.37 -95.25
CA LEU F 3557 -21.41 26.48 -96.61
C LEU F 3557 -19.99 25.96 -96.74
N HIS F 3558 -19.14 26.18 -95.75
CA HIS F 3558 -17.76 25.69 -95.78
C HIS F 3558 -17.72 24.19 -95.48
N LEU F 3559 -18.26 23.42 -96.41
CA LEU F 3559 -18.24 21.97 -96.23
C LEU F 3559 -17.28 21.31 -97.21
N GLN F 3560 -17.32 21.72 -98.48
CA GLN F 3560 -16.50 21.08 -99.51
C GLN F 3560 -15.03 21.15 -99.16
N GLY F 3561 -14.37 20.00 -99.24
CA GLY F 3561 -13.01 19.84 -98.78
C GLY F 3561 -11.98 20.17 -99.84
N LYS F 3562 -10.78 19.62 -99.65
CA LYS F 3562 -9.65 19.88 -100.52
C LYS F 3562 -9.29 18.61 -101.28
N VAL F 3563 -9.21 18.73 -102.61
CA VAL F 3563 -8.81 17.60 -103.44
C VAL F 3563 -7.35 17.24 -103.21
N GLU F 3564 -6.48 18.24 -103.01
CA GLU F 3564 -5.10 17.93 -102.66
C GLU F 3564 -4.98 17.43 -101.23
N GLY F 3565 -5.71 18.04 -100.30
CA GLY F 3565 -5.61 17.64 -98.90
C GLY F 3565 -6.20 16.27 -98.62
N SER F 3566 -7.11 15.82 -99.47
CA SER F 3566 -7.72 14.51 -99.32
C SER F 3566 -7.31 13.61 -100.46
N PRO F 3567 -6.58 12.51 -100.21
CA PRO F 3567 -6.01 11.72 -101.30
C PRO F 3567 -7.03 10.98 -102.15
N SER F 3568 -7.97 10.26 -101.53
CA SER F 3568 -8.97 9.53 -102.30
C SER F 3568 -9.73 10.44 -103.24
N LEU F 3569 -10.02 11.67 -102.79
CA LEU F 3569 -10.65 12.63 -103.67
C LEU F 3569 -9.75 13.00 -104.83
N ARG F 3570 -8.42 12.86 -104.67
CA ARG F 3570 -7.54 13.18 -105.78
C ARG F 3570 -7.81 12.28 -106.97
N TRP F 3571 -8.35 11.09 -106.76
CA TRP F 3571 -8.71 10.26 -107.89
C TRP F 3571 -10.20 10.22 -108.17
N GLN F 3572 -11.06 10.52 -107.19
CA GLN F 3572 -12.48 10.63 -107.51
C GLN F 3572 -12.78 11.91 -108.28
N MET F 3573 -12.27 13.04 -107.78
CA MET F 3573 -12.49 14.32 -108.42
C MET F 3573 -11.94 14.34 -109.84
N ALA F 3574 -10.90 13.56 -110.10
CA ALA F 3574 -10.38 13.50 -111.46
C ALA F 3574 -11.42 12.94 -112.42
N LEU F 3575 -12.02 11.80 -112.08
CA LEU F 3575 -13.06 11.21 -112.93
C LEU F 3575 -14.25 12.16 -113.07
N TYR F 3576 -14.67 12.76 -111.96
CA TYR F 3576 -15.81 13.67 -112.02
C TYR F 3576 -15.48 14.86 -112.90
N ARG F 3577 -14.25 15.36 -112.81
CA ARG F 3577 -13.81 16.47 -113.62
C ARG F 3577 -13.77 16.09 -115.10
N GLY F 3578 -13.52 14.82 -115.39
CA GLY F 3578 -13.40 14.40 -116.77
C GLY F 3578 -14.69 14.22 -117.54
N LEU F 3579 -15.82 14.10 -116.83
CA LEU F 3579 -17.06 13.76 -117.51
C LEU F 3579 -17.48 14.88 -118.46
N PRO F 3580 -17.66 14.59 -119.75
CA PRO F 3580 -18.08 15.65 -120.68
C PRO F 3580 -19.43 16.24 -120.34
N GLY F 3581 -20.35 15.44 -119.82
CA GLY F 3581 -21.64 15.97 -119.41
C GLY F 3581 -21.57 16.77 -118.13
N ARG F 3582 -20.52 16.56 -117.33
CA ARG F 3582 -20.34 17.31 -116.09
C ARG F 3582 -19.53 18.56 -116.39
N GLU F 3583 -20.24 19.66 -116.64
CA GLU F 3583 -19.60 20.94 -116.90
C GLU F 3583 -19.45 21.71 -115.59
N GLU F 3584 -18.23 22.23 -115.36
CA GLU F 3584 -17.99 23.02 -114.15
C GLU F 3584 -18.74 24.34 -114.19
N ASP F 3585 -19.09 24.82 -115.39
CA ASP F 3585 -19.81 26.07 -115.50
C ASP F 3585 -21.23 25.95 -114.96
N ALA F 3586 -21.85 24.78 -115.12
CA ALA F 3586 -23.19 24.56 -114.61
C ALA F 3586 -23.21 24.57 -113.09
N ASP F 3587 -22.06 24.38 -112.45
CA ASP F 3587 -21.97 24.35 -110.98
C ASP F 3587 -21.92 25.79 -110.46
N ASP F 3588 -23.09 26.35 -110.21
CA ASP F 3588 -23.22 27.62 -109.51
C ASP F 3588 -23.35 27.36 -108.01
N PRO F 3589 -22.92 28.30 -107.17
CA PRO F 3589 -22.93 28.03 -105.72
C PRO F 3589 -24.29 27.68 -105.15
N GLU F 3590 -25.37 28.29 -105.66
CA GLU F 3590 -26.68 28.09 -105.05
C GLU F 3590 -27.23 26.69 -105.35
N LYS F 3591 -27.41 26.37 -106.62
CA LYS F 3591 -28.10 25.13 -106.99
C LYS F 3591 -27.39 23.90 -106.46
N ILE F 3592 -26.11 24.03 -106.10
CA ILE F 3592 -25.40 22.94 -105.45
C ILE F 3592 -26.12 22.54 -104.17
N VAL F 3593 -26.63 23.53 -103.44
CA VAL F 3593 -27.35 23.28 -102.20
C VAL F 3593 -28.55 22.39 -102.48
N ARG F 3594 -29.31 22.73 -103.53
CA ARG F 3594 -30.49 21.94 -103.84
C ARG F 3594 -30.11 20.53 -104.29
N ARG F 3595 -29.03 20.42 -105.05
CA ARG F 3595 -28.52 19.12 -105.47
C ARG F 3595 -28.28 18.24 -104.25
N VAL F 3596 -27.55 18.79 -103.30
CA VAL F 3596 -27.25 18.05 -102.08
C VAL F 3596 -28.53 17.73 -101.33
N GLN F 3597 -29.49 18.66 -101.33
CA GLN F 3597 -30.72 18.42 -100.60
C GLN F 3597 -31.46 17.21 -101.16
N GLU F 3598 -31.69 17.19 -102.47
CA GLU F 3598 -32.45 16.10 -103.06
C GLU F 3598 -31.73 14.77 -102.84
N VAL F 3599 -30.41 14.76 -103.05
CA VAL F 3599 -29.67 13.51 -102.91
C VAL F 3599 -29.71 13.02 -101.47
N SER F 3600 -29.45 13.93 -100.52
CA SER F 3600 -29.41 13.51 -99.12
C SER F 3600 -30.78 13.05 -98.65
N ALA F 3601 -31.84 13.70 -99.14
CA ALA F 3601 -33.19 13.27 -98.77
C ALA F 3601 -33.43 11.84 -99.20
N VAL F 3602 -33.16 11.54 -100.48
CA VAL F 3602 -33.47 10.20 -100.96
C VAL F 3602 -32.59 9.18 -100.27
N LEU F 3603 -31.32 9.52 -99.98
CA LEU F 3603 -30.45 8.57 -99.31
C LEU F 3603 -30.87 8.33 -97.87
N TYR F 3604 -31.31 9.36 -97.15
CA TYR F 3604 -31.66 9.15 -95.75
C TYR F 3604 -32.89 8.25 -95.67
N HIS F 3605 -33.89 8.53 -96.49
CA HIS F 3605 -35.06 7.64 -96.51
C HIS F 3605 -34.70 6.26 -97.01
N LEU F 3606 -33.73 6.16 -97.93
CA LEU F 3606 -33.24 4.88 -98.37
C LEU F 3606 -32.62 4.11 -97.21
N GLU F 3607 -31.89 4.81 -96.36
CA GLU F 3607 -31.32 4.19 -95.17
C GLU F 3607 -32.43 3.62 -94.28
N GLN F 3608 -33.50 4.40 -94.10
CA GLN F 3608 -34.63 3.86 -93.36
C GLN F 3608 -35.19 2.61 -94.02
N THR F 3609 -35.38 2.65 -95.34
CA THR F 3609 -35.99 1.51 -96.02
C THR F 3609 -35.10 0.27 -95.95
N GLU F 3610 -33.79 0.46 -95.94
CA GLU F 3610 -32.86 -0.67 -95.93
C GLU F 3610 -33.00 -1.50 -94.66
N HIS F 3611 -33.00 -0.85 -93.51
CA HIS F 3611 -33.01 -1.54 -92.22
C HIS F 3611 -33.73 -0.68 -91.19
N PRO F 3612 -35.02 -0.92 -90.97
CA PRO F 3612 -35.76 -0.16 -89.95
C PRO F 3612 -35.64 -0.73 -88.53
N TYR F 3613 -34.66 -1.59 -88.28
CA TYR F 3613 -34.51 -2.27 -86.99
C TYR F 3613 -35.77 -3.04 -86.61
N LYS F 3614 -36.39 -3.68 -87.61
CA LYS F 3614 -37.61 -4.46 -87.39
C LYS F 3614 -37.23 -5.90 -87.04
N SER F 3615 -37.55 -6.32 -85.83
CA SER F 3615 -37.28 -7.68 -85.39
C SER F 3615 -38.27 -8.11 -84.31
N LEU F 3624 -43.21 -17.96 -71.68
CA LEU F 3624 -44.56 -18.41 -71.35
C LEU F 3624 -44.55 -19.89 -70.94
N SER F 3625 -45.28 -20.21 -69.88
CA SER F 3625 -45.37 -21.60 -69.44
C SER F 3625 -46.18 -22.42 -70.43
N LYS F 3626 -45.95 -23.74 -70.42
CA LYS F 3626 -46.71 -24.62 -71.30
C LYS F 3626 -48.20 -24.60 -70.96
N GLN F 3627 -48.54 -24.33 -69.70
CA GLN F 3627 -49.94 -24.24 -69.32
C GLN F 3627 -50.62 -23.06 -70.01
N ARG F 3628 -49.88 -21.98 -70.25
CA ARG F 3628 -50.41 -20.87 -71.04
C ARG F 3628 -50.84 -21.31 -72.42
N ARG F 3629 -50.25 -22.39 -72.94
CA ARG F 3629 -50.74 -23.00 -74.17
C ARG F 3629 -52.08 -23.70 -73.93
N ARG F 3630 -52.13 -24.55 -72.90
CA ARG F 3630 -53.36 -25.28 -72.60
C ARG F 3630 -54.49 -24.32 -72.25
N ALA F 3631 -54.17 -23.21 -71.59
CA ALA F 3631 -55.16 -22.18 -71.29
C ALA F 3631 -55.88 -21.67 -72.53
N VAL F 3632 -55.21 -21.64 -73.68
CA VAL F 3632 -55.88 -21.30 -74.94
C VAL F 3632 -56.85 -22.41 -75.36
N VAL F 3633 -56.39 -23.66 -75.31
CA VAL F 3633 -57.28 -24.78 -75.57
C VAL F 3633 -58.41 -24.79 -74.56
N ALA F 3634 -58.09 -24.48 -73.30
CA ALA F 3634 -59.11 -24.29 -72.29
C ALA F 3634 -60.16 -23.30 -72.76
N CYS F 3635 -59.71 -22.17 -73.32
CA CYS F 3635 -60.63 -21.14 -73.78
C CYS F 3635 -61.63 -21.68 -74.79
N PHE F 3636 -61.26 -22.74 -75.51
CA PHE F 3636 -62.18 -23.33 -76.46
C PHE F 3636 -63.22 -24.23 -75.80
N ARG F 3637 -62.84 -24.99 -74.78
CA ARG F 3637 -63.75 -26.00 -74.24
C ARG F 3637 -64.26 -25.66 -72.83
N MET F 3638 -64.05 -24.43 -72.36
CA MET F 3638 -64.69 -24.02 -71.11
C MET F 3638 -66.20 -24.19 -71.21
N THR F 3639 -66.77 -24.87 -70.23
CA THR F 3639 -68.18 -25.20 -70.27
C THR F 3639 -68.98 -24.09 -69.63
N PRO F 3640 -69.90 -23.46 -70.33
CA PRO F 3640 -70.82 -22.54 -69.68
C PRO F 3640 -71.66 -23.26 -68.64
N LEU F 3641 -72.04 -22.54 -67.58
CA LEU F 3641 -72.80 -23.14 -66.51
C LEU F 3641 -74.08 -23.77 -67.01
N TYR F 3642 -74.67 -23.21 -68.07
CA TYR F 3642 -75.97 -23.68 -68.49
C TYR F 3642 -75.93 -25.09 -69.08
N ASN F 3643 -74.74 -25.65 -69.30
CA ASN F 3643 -74.61 -27.03 -69.74
C ASN F 3643 -74.39 -27.99 -68.59
N LEU F 3644 -74.04 -27.50 -67.41
CA LEU F 3644 -73.77 -28.38 -66.29
C LEU F 3644 -75.04 -29.11 -65.84
N PRO F 3645 -74.88 -30.27 -65.23
CA PRO F 3645 -76.01 -30.87 -64.51
C PRO F 3645 -76.37 -30.02 -63.31
N THR F 3646 -77.62 -30.12 -62.89
CA THR F 3646 -78.10 -29.22 -61.86
C THR F 3646 -77.35 -29.38 -60.56
N HIS F 3647 -77.04 -30.61 -60.16
CA HIS F 3647 -76.41 -30.79 -58.86
C HIS F 3647 -74.99 -30.22 -58.82
N ARG F 3648 -74.24 -30.37 -59.91
CA ARG F 3648 -72.88 -29.85 -59.91
C ARG F 3648 -72.84 -28.35 -60.07
N ALA F 3649 -73.98 -27.72 -60.36
CA ALA F 3649 -74.08 -26.27 -60.30
C ALA F 3649 -74.54 -25.82 -58.92
N CYS F 3650 -75.49 -26.54 -58.33
CA CYS F 3650 -75.93 -26.23 -56.98
C CYS F 3650 -74.82 -26.37 -55.97
N ASN F 3651 -73.84 -27.22 -56.22
CA ASN F 3651 -72.71 -27.35 -55.32
C ASN F 3651 -71.67 -26.27 -55.52
N MET F 3652 -71.54 -25.74 -56.72
CA MET F 3652 -70.70 -24.56 -56.94
C MET F 3652 -71.34 -23.32 -56.33
N PHE F 3653 -72.66 -23.22 -56.46
CA PHE F 3653 -73.38 -22.08 -55.91
C PHE F 3653 -73.21 -22.02 -54.40
N LEU F 3654 -73.25 -23.18 -53.75
CA LEU F 3654 -73.12 -23.18 -52.30
C LEU F 3654 -71.79 -22.60 -51.88
N GLU F 3655 -70.72 -22.98 -52.57
CA GLU F 3655 -69.41 -22.47 -52.20
C GLU F 3655 -69.31 -20.98 -52.48
N SER F 3656 -69.82 -20.51 -53.61
CA SER F 3656 -69.77 -19.09 -53.90
C SER F 3656 -70.59 -18.29 -52.91
N TYR F 3657 -71.77 -18.79 -52.56
CA TYR F 3657 -72.61 -18.11 -51.58
C TYR F 3657 -71.95 -18.04 -50.23
N LYS F 3658 -71.34 -19.14 -49.81
CA LYS F 3658 -70.66 -19.17 -48.53
C LYS F 3658 -69.48 -18.22 -48.51
N ALA F 3659 -68.73 -18.15 -49.60
CA ALA F 3659 -67.55 -17.29 -49.64
C ALA F 3659 -67.93 -15.83 -49.72
N ALA F 3660 -68.95 -15.51 -50.50
CA ALA F 3660 -69.23 -14.11 -50.82
C ALA F 3660 -70.27 -13.51 -49.90
N TRP F 3661 -71.22 -14.31 -49.42
CA TRP F 3661 -72.37 -13.76 -48.72
C TRP F 3661 -72.39 -14.12 -47.24
N ILE F 3662 -72.36 -15.40 -46.91
CA ILE F 3662 -72.46 -15.79 -45.50
C ILE F 3662 -71.21 -15.35 -44.74
N LEU F 3663 -70.05 -15.65 -45.29
CA LEU F 3663 -68.80 -15.39 -44.57
C LEU F 3663 -68.55 -13.92 -44.37
N THR F 3664 -68.74 -13.12 -45.43
CA THR F 3664 -68.47 -11.70 -45.35
C THR F 3664 -69.44 -10.99 -44.42
N GLU F 3665 -70.50 -11.67 -44.01
CA GLU F 3665 -71.44 -11.08 -43.06
C GLU F 3665 -70.81 -11.02 -41.68
N ASP F 3666 -70.96 -9.87 -41.03
CA ASP F 3666 -70.39 -9.64 -39.71
C ASP F 3666 -71.50 -9.42 -38.68
N HIS F 3667 -71.33 -10.02 -37.51
CA HIS F 3667 -72.29 -9.89 -36.43
C HIS F 3667 -71.54 -9.80 -35.11
N SER F 3668 -71.71 -8.69 -34.42
CA SER F 3668 -71.08 -8.48 -33.12
C SER F 3668 -72.01 -9.05 -32.06
N PHE F 3669 -71.64 -10.19 -31.52
CA PHE F 3669 -72.37 -10.79 -30.43
C PHE F 3669 -71.51 -11.02 -29.20
N GLU F 3670 -70.19 -10.91 -29.33
CA GLU F 3670 -69.32 -11.17 -28.20
C GLU F 3670 -69.58 -10.17 -27.08
N ASP F 3671 -69.77 -8.90 -27.42
CA ASP F 3671 -70.05 -7.90 -26.41
C ASP F 3671 -71.35 -8.23 -25.68
N ARG F 3672 -72.42 -8.48 -26.42
CA ARG F 3672 -73.70 -8.77 -25.80
C ARG F 3672 -73.65 -10.06 -25.00
N MET F 3673 -72.96 -11.07 -25.51
CA MET F 3673 -72.94 -12.35 -24.82
C MET F 3673 -72.15 -12.27 -23.54
N ILE F 3674 -70.98 -11.63 -23.57
CA ILE F 3674 -70.22 -11.42 -22.35
C ILE F 3674 -70.94 -10.54 -21.36
N ASP F 3675 -71.73 -9.57 -21.84
CA ASP F 3675 -72.50 -8.74 -20.92
C ASP F 3675 -73.70 -9.48 -20.34
N ASP F 3676 -74.21 -10.50 -21.02
CA ASP F 3676 -75.26 -11.31 -20.41
C ASP F 3676 -74.68 -12.35 -19.47
N LEU F 3677 -73.56 -12.96 -19.85
CA LEU F 3677 -72.92 -13.93 -18.97
C LEU F 3677 -72.40 -13.29 -17.69
N SER F 3678 -72.15 -11.99 -17.71
CA SER F 3678 -71.49 -11.36 -16.58
C SER F 3678 -72.48 -11.03 -15.47
N LYS F 3679 -73.69 -10.62 -15.81
CA LYS F 3679 -74.65 -10.25 -14.79
C LYS F 3679 -75.07 -11.46 -13.97
N ALA F 3680 -75.46 -11.21 -12.73
CA ALA F 3680 -75.94 -12.23 -11.81
C ALA F 3680 -77.37 -11.90 -11.39
N GLY F 3681 -78.06 -12.90 -10.87
CA GLY F 3681 -79.41 -12.70 -10.40
C GLY F 3681 -79.48 -12.61 -8.89
N GLU F 3682 -80.46 -11.89 -8.38
CA GLU F 3682 -80.62 -11.70 -6.94
C GLU F 3682 -80.92 -13.01 -6.22
N LYS F 3693 -69.62 -14.85 -2.70
CA LYS F 3693 -70.89 -15.29 -3.25
C LYS F 3693 -70.67 -16.37 -4.30
N LYS F 3694 -71.76 -16.90 -4.86
CA LYS F 3694 -71.63 -17.93 -5.89
C LYS F 3694 -71.14 -17.29 -7.18
N PRO F 3695 -70.31 -17.98 -7.95
CA PRO F 3695 -69.83 -17.43 -9.22
C PRO F 3695 -70.98 -17.15 -10.18
N ASP F 3696 -70.85 -16.06 -10.93
CA ASP F 3696 -71.81 -15.70 -11.96
C ASP F 3696 -71.58 -16.57 -13.18
N PRO F 3697 -72.49 -16.56 -14.17
CA PRO F 3697 -72.34 -17.49 -15.30
C PRO F 3697 -71.00 -17.41 -16.00
N LEU F 3698 -70.45 -16.22 -16.18
CA LEU F 3698 -69.15 -16.11 -16.85
C LEU F 3698 -68.03 -16.67 -15.98
N HIS F 3699 -68.11 -16.49 -14.67
CA HIS F 3699 -67.07 -17.01 -13.79
C HIS F 3699 -67.13 -18.50 -13.64
N GLN F 3700 -68.22 -19.14 -14.06
CA GLN F 3700 -68.30 -20.59 -14.12
C GLN F 3700 -67.75 -21.12 -15.43
N LEU F 3701 -67.56 -20.27 -16.42
CA LEU F 3701 -66.93 -20.63 -17.67
C LEU F 3701 -65.43 -20.62 -17.54
N VAL F 3702 -64.89 -19.56 -16.95
CA VAL F 3702 -63.46 -19.47 -16.69
C VAL F 3702 -63.01 -20.61 -15.80
N LEU F 3703 -63.76 -20.91 -14.75
CA LEU F 3703 -63.43 -22.00 -13.86
C LEU F 3703 -63.45 -23.33 -14.58
N HIS F 3704 -64.40 -23.54 -15.48
CA HIS F 3704 -64.48 -24.82 -16.17
C HIS F 3704 -63.26 -25.04 -17.05
N PHE F 3705 -62.83 -24.01 -17.79
CA PHE F 3705 -61.65 -24.15 -18.61
C PHE F 3705 -60.38 -24.20 -17.78
N SER F 3706 -60.37 -23.61 -16.58
CA SER F 3706 -59.29 -23.88 -15.66
C SER F 3706 -59.26 -25.34 -15.27
N ARG F 3707 -60.43 -25.95 -15.08
CA ARG F 3707 -60.49 -27.35 -14.70
C ARG F 3707 -59.90 -28.25 -15.77
N THR F 3708 -60.20 -27.99 -17.03
CA THR F 3708 -59.64 -28.79 -18.12
C THR F 3708 -58.14 -28.63 -18.25
N ALA F 3709 -57.60 -27.47 -17.87
CA ALA F 3709 -56.17 -27.23 -17.94
C ALA F 3709 -55.38 -27.90 -16.84
N LEU F 3710 -55.95 -27.99 -15.64
CA LEU F 3710 -55.24 -28.60 -14.52
C LEU F 3710 -55.41 -30.10 -14.49
N THR F 3711 -56.23 -30.69 -15.34
CA THR F 3711 -56.40 -32.13 -15.37
C THR F 3711 -55.13 -32.79 -15.89
N GLU F 3712 -54.62 -33.75 -15.14
CA GLU F 3712 -53.34 -34.38 -15.44
C GLU F 3712 -53.52 -35.30 -16.65
N LYS F 3713 -53.39 -34.71 -17.83
CA LYS F 3713 -53.35 -35.45 -19.08
C LYS F 3713 -52.01 -35.22 -19.73
N SER F 3714 -51.52 -36.23 -20.45
CA SER F 3714 -50.21 -36.12 -21.07
C SER F 3714 -50.13 -35.01 -22.11
N LYS F 3715 -51.21 -34.76 -22.85
CA LYS F 3715 -51.22 -33.76 -23.91
C LYS F 3715 -52.57 -33.08 -23.94
N LEU F 3716 -52.57 -31.78 -24.20
CA LEU F 3716 -53.79 -31.00 -24.11
C LEU F 3716 -54.64 -31.14 -25.36
N ASP F 3717 -55.92 -31.46 -25.17
CA ASP F 3717 -56.75 -31.87 -26.30
C ASP F 3717 -57.32 -30.69 -27.08
N GLU F 3718 -57.77 -31.01 -28.29
CA GLU F 3718 -58.56 -30.11 -29.13
C GLU F 3718 -59.90 -29.91 -28.47
N ASP F 3719 -60.23 -28.67 -28.14
CA ASP F 3719 -61.57 -28.29 -27.71
C ASP F 3719 -61.99 -27.08 -28.51
N TYR F 3720 -62.86 -27.30 -29.50
CA TYR F 3720 -63.37 -26.18 -30.25
C TYR F 3720 -64.19 -25.25 -29.37
N LEU F 3721 -64.77 -25.77 -28.29
CA LEU F 3721 -65.53 -24.93 -27.39
C LEU F 3721 -64.64 -23.89 -26.74
N TYR F 3722 -63.51 -24.33 -26.19
CA TYR F 3722 -62.59 -23.38 -25.60
C TYR F 3722 -62.08 -22.39 -26.62
N MET F 3723 -61.75 -22.86 -27.82
CA MET F 3723 -61.20 -21.98 -28.83
C MET F 3723 -62.23 -20.98 -29.33
N ALA F 3724 -63.52 -21.31 -29.26
CA ALA F 3724 -64.54 -20.35 -29.63
C ALA F 3724 -64.77 -19.34 -28.52
N TYR F 3725 -64.81 -19.80 -27.28
CA TYR F 3725 -65.07 -18.88 -26.19
C TYR F 3725 -63.88 -17.96 -25.94
N ALA F 3726 -62.66 -18.45 -26.14
CA ALA F 3726 -61.51 -17.59 -26.02
C ALA F 3726 -61.56 -16.45 -27.02
N ASP F 3727 -61.98 -16.75 -28.25
CA ASP F 3727 -62.12 -15.70 -29.24
C ASP F 3727 -63.23 -14.73 -28.86
N ILE F 3728 -64.33 -15.24 -28.31
CA ILE F 3728 -65.40 -14.35 -27.86
C ILE F 3728 -64.87 -13.38 -26.81
N MET F 3729 -64.21 -13.92 -25.79
CA MET F 3729 -63.70 -13.06 -24.72
C MET F 3729 -62.64 -12.10 -25.23
N ALA F 3730 -61.82 -12.54 -26.18
CA ALA F 3730 -60.83 -11.64 -26.77
C ALA F 3730 -61.51 -10.49 -27.50
N LYS F 3731 -62.56 -10.79 -28.27
CA LYS F 3731 -63.28 -9.72 -28.95
C LYS F 3731 -63.91 -8.76 -27.95
N SER F 3732 -64.34 -9.27 -26.81
CA SER F 3732 -65.01 -8.41 -25.83
C SER F 3732 -64.10 -7.30 -25.35
N CYS F 3733 -62.84 -7.61 -25.07
CA CYS F 3733 -61.92 -6.64 -24.51
C CYS F 3733 -61.21 -5.80 -25.57
N HIS F 3734 -61.38 -6.12 -26.85
CA HIS F 3734 -60.73 -5.36 -27.90
C HIS F 3734 -61.30 -3.97 -28.03
N LEU F 3735 -62.61 -3.83 -27.89
CA LEU F 3735 -63.27 -2.54 -28.05
C LEU F 3735 -62.98 -1.62 -26.87
N VAL F 3751 -58.68 12.95 -30.18
CA VAL F 3751 -57.33 12.82 -29.62
C VAL F 3751 -57.24 13.60 -28.31
N SER F 3752 -58.39 14.05 -27.79
CA SER F 3752 -58.42 14.78 -26.50
C SER F 3752 -57.92 14.01 -25.34
N PHE F 3753 -57.49 14.70 -24.30
CA PHE F 3753 -57.07 14.02 -23.11
C PHE F 3753 -58.24 13.26 -22.57
N GLU F 3754 -59.42 13.85 -22.53
CA GLU F 3754 -60.53 13.13 -21.93
C GLU F 3754 -60.67 11.94 -22.79
N GLU F 3755 -60.78 12.15 -24.10
CA GLU F 3755 -61.16 11.06 -24.97
C GLU F 3755 -60.24 9.85 -24.78
N LYS F 3756 -58.93 10.09 -24.80
CA LYS F 3756 -57.98 9.00 -24.64
C LYS F 3756 -58.14 8.33 -23.28
N GLU F 3757 -58.32 9.13 -22.22
CA GLU F 3757 -58.44 8.55 -20.90
C GLU F 3757 -59.72 7.76 -20.74
N MET F 3758 -60.81 8.23 -21.35
CA MET F 3758 -62.04 7.45 -21.30
C MET F 3758 -61.89 6.14 -22.05
N GLU F 3759 -61.21 6.16 -23.19
CA GLU F 3759 -60.97 4.90 -23.90
C GLU F 3759 -60.15 3.94 -23.06
N LYS F 3760 -59.10 4.45 -22.40
CA LYS F 3760 -58.28 3.60 -21.55
C LYS F 3760 -59.08 3.01 -20.40
N GLN F 3761 -59.87 3.84 -19.72
CA GLN F 3761 -60.65 3.34 -18.59
C GLN F 3761 -61.69 2.33 -19.04
N ARG F 3762 -62.29 2.58 -20.20
CA ARG F 3762 -63.28 1.66 -20.75
C ARG F 3762 -62.66 0.31 -21.08
N LEU F 3763 -61.46 0.33 -21.66
CA LEU F 3763 -60.77 -0.93 -21.92
C LEU F 3763 -60.37 -1.62 -20.62
N LEU F 3764 -59.97 -0.84 -19.61
CA LEU F 3764 -59.66 -1.42 -18.31
C LEU F 3764 -60.88 -2.10 -17.70
N TYR F 3765 -62.05 -1.48 -17.83
CA TYR F 3765 -63.28 -2.11 -17.33
C TYR F 3765 -63.58 -3.40 -18.09
N GLN F 3766 -63.40 -3.37 -19.41
CA GLN F 3766 -63.66 -4.58 -20.19
C GLN F 3766 -62.73 -5.71 -19.78
N GLN F 3767 -61.47 -5.40 -19.53
CA GLN F 3767 -60.55 -6.41 -19.02
C GLN F 3767 -60.83 -6.79 -17.58
N SER F 3768 -61.42 -5.89 -16.80
CA SER F 3768 -61.83 -6.23 -15.44
C SER F 3768 -62.98 -7.21 -15.42
N ARG F 3769 -63.85 -7.18 -16.43
CA ARG F 3769 -64.87 -8.21 -16.51
C ARG F 3769 -64.25 -9.60 -16.56
N LEU F 3770 -63.09 -9.74 -17.17
CA LEU F 3770 -62.48 -11.06 -17.32
C LEU F 3770 -61.56 -11.40 -16.17
N HIS F 3771 -60.58 -10.54 -15.88
CA HIS F 3771 -59.55 -10.90 -14.93
C HIS F 3771 -60.03 -10.86 -13.49
N THR F 3772 -61.21 -10.32 -13.22
CA THR F 3772 -61.83 -10.47 -11.90
C THR F 3772 -62.60 -11.78 -11.80
N ARG F 3773 -62.54 -12.62 -12.83
CA ARG F 3773 -63.21 -13.90 -12.82
C ARG F 3773 -62.27 -15.04 -13.15
N GLY F 3774 -60.96 -14.82 -13.09
CA GLY F 3774 -59.97 -15.88 -13.21
C GLY F 3774 -59.34 -16.05 -14.58
N ALA F 3775 -59.54 -15.12 -15.51
CA ALA F 3775 -59.08 -15.34 -16.88
C ALA F 3775 -57.56 -15.46 -16.94
N ALA F 3776 -56.84 -14.65 -16.18
CA ALA F 3776 -55.38 -14.67 -16.24
C ALA F 3776 -54.83 -16.02 -15.83
N GLU F 3777 -55.37 -16.58 -14.75
CA GLU F 3777 -54.93 -17.90 -14.32
C GLU F 3777 -55.26 -18.96 -15.37
N MET F 3778 -56.41 -18.84 -16.01
CA MET F 3778 -56.73 -19.78 -17.10
C MET F 3778 -55.69 -19.70 -18.19
N VAL F 3779 -55.30 -18.47 -18.57
CA VAL F 3779 -54.36 -18.31 -19.68
C VAL F 3779 -53.03 -18.96 -19.32
N LEU F 3780 -52.53 -18.69 -18.12
CA LEU F 3780 -51.29 -19.32 -17.70
C LEU F 3780 -51.42 -20.84 -17.65
N GLN F 3781 -52.54 -21.34 -17.14
CA GLN F 3781 -52.73 -22.78 -17.03
C GLN F 3781 -52.72 -23.44 -18.39
N MET F 3782 -53.39 -22.86 -19.37
CA MET F 3782 -53.48 -23.52 -20.66
C MET F 3782 -52.18 -23.43 -21.43
N ILE F 3783 -51.46 -22.30 -21.30
CA ILE F 3783 -50.12 -22.25 -21.89
C ILE F 3783 -49.24 -23.33 -21.28
N SER F 3784 -49.33 -23.52 -19.96
CA SER F 3784 -48.58 -24.59 -19.31
C SER F 3784 -49.03 -25.96 -19.77
N ALA F 3785 -50.33 -26.18 -19.95
CA ALA F 3785 -50.87 -27.49 -20.26
C ALA F 3785 -50.62 -27.89 -21.70
N CYS F 3786 -50.45 -26.94 -22.61
CA CYS F 3786 -50.12 -27.31 -23.98
C CYS F 3786 -48.77 -28.01 -24.06
N LYS F 3787 -47.92 -27.80 -23.05
CA LYS F 3787 -46.61 -28.46 -22.97
C LYS F 3787 -45.76 -28.19 -24.21
N GLY F 3788 -45.81 -26.96 -24.72
CA GLY F 3788 -44.97 -26.58 -25.82
C GLY F 3788 -45.31 -27.23 -27.15
N GLU F 3789 -46.58 -27.36 -27.48
CA GLU F 3789 -47.00 -27.81 -28.79
C GLU F 3789 -47.71 -26.69 -29.52
N THR F 3790 -47.20 -26.33 -30.68
CA THR F 3790 -47.85 -25.32 -31.50
C THR F 3790 -49.20 -25.86 -31.98
N GLY F 3791 -50.14 -24.95 -32.14
CA GLY F 3791 -51.46 -25.35 -32.60
C GLY F 3791 -52.42 -24.19 -32.49
N ALA F 3792 -53.70 -24.53 -32.43
CA ALA F 3792 -54.76 -23.53 -32.36
C ALA F 3792 -55.14 -23.17 -30.94
N MET F 3793 -55.08 -24.14 -30.02
CA MET F 3793 -55.39 -23.86 -28.62
C MET F 3793 -54.42 -22.82 -28.05
N VAL F 3794 -53.14 -22.98 -28.36
CA VAL F 3794 -52.15 -22.04 -27.86
C VAL F 3794 -52.36 -20.67 -28.48
N SER F 3795 -52.69 -20.63 -29.78
CA SER F 3795 -52.91 -19.35 -30.43
C SER F 3795 -54.07 -18.62 -29.81
N SER F 3796 -55.17 -19.33 -29.55
CA SER F 3796 -56.33 -18.70 -28.92
C SER F 3796 -55.98 -18.22 -27.52
N THR F 3797 -55.24 -19.03 -26.76
CA THR F 3797 -54.87 -18.64 -25.40
C THR F 3797 -53.98 -17.40 -25.41
N LEU F 3798 -53.01 -17.36 -26.33
CA LEU F 3798 -52.13 -16.20 -26.41
C LEU F 3798 -52.89 -14.96 -26.83
N LYS F 3799 -53.83 -15.09 -27.77
CA LYS F 3799 -54.61 -13.93 -28.17
C LYS F 3799 -55.46 -13.43 -27.02
N LEU F 3800 -55.99 -14.35 -26.21
CA LEU F 3800 -56.74 -13.94 -25.03
C LEU F 3800 -55.85 -13.21 -24.03
N GLY F 3801 -54.63 -13.72 -23.81
CA GLY F 3801 -53.72 -13.05 -22.90
C GLY F 3801 -53.37 -11.66 -23.38
N ILE F 3802 -53.12 -11.52 -24.68
CA ILE F 3802 -52.86 -10.20 -25.24
C ILE F 3802 -54.07 -9.29 -25.05
N SER F 3803 -55.26 -9.83 -25.27
CA SER F 3803 -56.47 -9.03 -25.15
C SER F 3803 -56.63 -8.49 -23.74
N ILE F 3804 -56.37 -9.32 -22.73
CA ILE F 3804 -56.57 -8.83 -21.37
C ILE F 3804 -55.36 -8.08 -20.84
N LEU F 3805 -54.22 -8.12 -21.52
CA LEU F 3805 -53.04 -7.39 -21.07
C LEU F 3805 -52.75 -6.12 -21.86
N ASN F 3806 -53.56 -5.79 -22.86
CA ASN F 3806 -53.28 -4.62 -23.68
C ASN F 3806 -53.19 -3.37 -22.81
N GLY F 3807 -52.21 -2.54 -23.10
CA GLY F 3807 -51.97 -1.36 -22.30
C GLY F 3807 -51.21 -1.62 -21.02
N GLY F 3808 -50.78 -2.86 -20.79
CA GLY F 3808 -50.08 -3.19 -19.57
C GLY F 3808 -50.96 -3.10 -18.35
N ASN F 3809 -51.97 -3.97 -18.28
CA ASN F 3809 -52.91 -3.95 -17.18
C ASN F 3809 -52.21 -4.41 -15.91
N ALA F 3810 -51.90 -3.46 -15.03
CA ALA F 3810 -51.09 -3.77 -13.85
C ALA F 3810 -51.75 -4.82 -12.98
N GLU F 3811 -53.08 -4.78 -12.86
CA GLU F 3811 -53.78 -5.78 -12.07
C GLU F 3811 -53.60 -7.17 -12.66
N VAL F 3812 -53.74 -7.28 -13.98
CA VAL F 3812 -53.62 -8.59 -14.62
C VAL F 3812 -52.19 -9.12 -14.48
N GLN F 3813 -51.21 -8.26 -14.70
CA GLN F 3813 -49.82 -8.68 -14.51
C GLN F 3813 -49.54 -9.12 -13.09
N GLN F 3814 -50.04 -8.38 -12.10
CA GLN F 3814 -49.82 -8.77 -10.72
C GLN F 3814 -50.48 -10.11 -10.42
N LYS F 3815 -51.69 -10.33 -10.93
CA LYS F 3815 -52.36 -11.60 -10.72
C LYS F 3815 -51.56 -12.75 -11.34
N MET F 3816 -51.09 -12.55 -12.56
CA MET F 3816 -50.33 -13.61 -13.23
C MET F 3816 -49.06 -13.92 -12.47
N LEU F 3817 -48.34 -12.88 -12.05
CA LEU F 3817 -47.10 -13.10 -11.31
C LEU F 3817 -47.36 -13.82 -10.00
N ASP F 3818 -48.40 -13.41 -9.28
CA ASP F 3818 -48.70 -14.08 -8.02
C ASP F 3818 -49.04 -15.54 -8.25
N TYR F 3819 -49.81 -15.84 -9.30
CA TYR F 3819 -50.15 -17.22 -9.60
C TYR F 3819 -48.90 -18.04 -9.88
N LEU F 3820 -48.03 -17.55 -10.77
CA LEU F 3820 -46.82 -18.29 -11.09
C LEU F 3820 -45.95 -18.48 -9.85
N LYS F 3821 -45.89 -17.48 -8.98
CA LYS F 3821 -45.02 -17.59 -7.82
C LYS F 3821 -45.57 -18.57 -6.79
N ASP F 3822 -46.87 -18.55 -6.55
CA ASP F 3822 -47.38 -19.45 -5.52
C ASP F 3822 -47.47 -20.89 -6.01
N LYS F 3823 -47.78 -21.10 -7.29
CA LYS F 3823 -47.80 -22.47 -7.77
C LYS F 3823 -46.41 -23.05 -8.00
N LYS F 3824 -45.39 -22.21 -8.14
CA LYS F 3824 -44.01 -22.63 -8.33
C LYS F 3824 -43.88 -23.71 -9.40
N GLU F 3825 -44.73 -23.64 -10.42
CA GLU F 3825 -44.68 -24.60 -11.50
C GLU F 3825 -43.60 -24.20 -12.49
N VAL F 3826 -42.87 -25.20 -12.98
CA VAL F 3826 -41.86 -24.98 -13.99
C VAL F 3826 -42.41 -25.20 -15.39
N GLY F 3827 -43.69 -25.54 -15.50
CA GLY F 3827 -44.28 -25.85 -16.78
C GLY F 3827 -44.42 -24.66 -17.70
N PHE F 3828 -44.78 -23.51 -17.13
CA PHE F 3828 -45.06 -22.33 -17.95
C PHE F 3828 -43.85 -21.91 -18.77
N PHE F 3829 -42.72 -21.71 -18.10
CA PHE F 3829 -41.52 -21.29 -18.80
C PHE F 3829 -40.86 -22.42 -19.56
N GLN F 3830 -41.18 -23.66 -19.22
CA GLN F 3830 -40.70 -24.81 -20.00
C GLN F 3830 -41.53 -25.03 -21.24
N SER F 3831 -42.68 -24.36 -21.35
CA SER F 3831 -43.51 -24.41 -22.55
C SER F 3831 -43.33 -23.18 -23.43
N ILE F 3832 -43.14 -22.01 -22.83
CA ILE F 3832 -42.81 -20.82 -23.63
C ILE F 3832 -41.52 -21.04 -24.40
N GLN F 3833 -40.52 -21.62 -23.72
CA GLN F 3833 -39.24 -21.89 -24.37
C GLN F 3833 -39.43 -22.84 -25.55
N ALA F 3834 -40.22 -23.89 -25.37
CA ALA F 3834 -40.45 -24.83 -26.45
C ALA F 3834 -41.16 -24.15 -27.62
N LEU F 3835 -42.15 -23.31 -27.32
CA LEU F 3835 -42.84 -22.61 -28.39
C LEU F 3835 -41.87 -21.73 -29.17
N MET F 3836 -40.98 -21.02 -28.47
CA MET F 3836 -40.09 -20.10 -29.18
C MET F 3836 -39.03 -20.87 -29.96
N GLN F 3837 -38.69 -22.07 -29.51
CA GLN F 3837 -37.82 -22.91 -30.31
C GLN F 3837 -38.52 -23.41 -31.57
N THR F 3838 -39.82 -23.71 -31.48
CA THR F 3838 -40.54 -24.19 -32.66
C THR F 3838 -40.94 -23.07 -33.61
N CYS F 3839 -40.78 -21.81 -33.20
CA CYS F 3839 -41.16 -20.71 -34.06
C CYS F 3839 -40.35 -20.74 -35.35
N SER F 3840 -41.03 -20.63 -36.48
CA SER F 3840 -40.37 -20.74 -37.76
C SER F 3840 -39.61 -19.46 -38.07
N VAL F 3841 -38.57 -19.61 -38.89
CA VAL F 3841 -37.70 -18.51 -39.28
C VAL F 3841 -37.70 -18.46 -40.80
N LEU F 3842 -37.32 -17.31 -41.33
CA LEU F 3842 -37.32 -17.09 -42.77
C LEU F 3842 -36.49 -18.15 -43.48
N ASP F 3843 -36.98 -18.61 -44.62
CA ASP F 3843 -36.34 -19.68 -45.36
C ASP F 3843 -36.16 -19.28 -46.82
N LEU F 3844 -35.17 -19.88 -47.46
CA LEU F 3844 -35.05 -19.80 -48.90
C LEU F 3844 -35.58 -21.05 -49.57
N ASN F 3845 -35.25 -22.23 -49.05
CA ASN F 3845 -35.61 -23.46 -49.72
C ASN F 3845 -37.10 -23.52 -50.01
N ALA F 3846 -37.93 -23.40 -48.97
CA ALA F 3846 -39.37 -23.38 -49.19
C ALA F 3846 -39.78 -22.26 -50.13
N PHE F 3847 -39.10 -21.13 -50.04
CA PHE F 3847 -39.37 -20.05 -50.98
C PHE F 3847 -39.05 -20.46 -52.40
N GLU F 3848 -37.90 -21.11 -52.62
CA GLU F 3848 -37.56 -21.55 -53.97
C GLU F 3848 -38.60 -22.53 -54.49
N ARG F 3849 -39.01 -23.47 -53.64
CA ARG F 3849 -39.97 -24.49 -54.05
C ARG F 3849 -41.32 -23.87 -54.41
N GLN F 3850 -41.80 -22.93 -53.62
CA GLN F 3850 -43.10 -22.36 -53.96
C GLN F 3850 -42.97 -21.43 -55.16
N ASN F 3851 -41.80 -20.83 -55.35
CA ASN F 3851 -41.56 -20.11 -56.59
C ASN F 3851 -41.81 -21.00 -57.79
N LYS F 3852 -41.17 -22.17 -57.81
CA LYS F 3852 -41.36 -23.10 -58.92
C LYS F 3852 -42.79 -23.63 -58.97
N ALA F 3853 -43.39 -23.84 -57.80
CA ALA F 3853 -44.76 -24.37 -57.76
C ALA F 3853 -45.74 -23.41 -58.42
N GLU F 3854 -45.58 -22.11 -58.19
CA GLU F 3854 -46.36 -21.16 -58.98
C GLU F 3854 -45.93 -21.18 -60.43
N GLY F 3855 -44.65 -21.42 -60.68
CA GLY F 3855 -44.18 -21.50 -62.05
C GLY F 3855 -44.83 -22.60 -62.84
N LEU F 3856 -45.39 -23.61 -62.14
CA LEU F 3856 -46.13 -24.66 -62.83
C LEU F 3856 -47.35 -24.08 -63.54
N GLY F 3857 -48.17 -23.32 -62.84
CA GLY F 3857 -49.30 -22.65 -63.44
C GLY F 3857 -50.48 -22.53 -62.51
N MET F 3858 -51.63 -22.22 -63.12
CA MET F 3858 -52.84 -21.84 -62.40
C MET F 3858 -54.03 -22.72 -62.80
N VAL F 3859 -53.96 -23.40 -63.94
CA VAL F 3859 -55.13 -24.04 -64.53
C VAL F 3859 -55.15 -25.50 -64.14
N ASN F 3860 -56.35 -26.04 -63.92
CA ASN F 3860 -56.57 -27.47 -63.71
C ASN F 3860 -57.80 -27.90 -64.50
N GLU F 3861 -57.89 -29.22 -64.74
CA GLU F 3861 -59.07 -29.76 -65.39
C GLU F 3861 -60.26 -29.68 -64.44
N ASP F 3862 -61.17 -28.74 -64.71
CA ASP F 3862 -62.32 -28.47 -63.84
C ASP F 3862 -61.87 -28.18 -62.41
N GLY F 3863 -60.78 -27.43 -62.28
CA GLY F 3863 -60.26 -27.08 -60.98
C GLY F 3863 -59.38 -25.85 -61.06
N THR F 3864 -59.17 -25.20 -59.93
CA THR F 3864 -58.29 -24.05 -59.82
C THR F 3864 -57.30 -24.28 -58.68
N VAL F 3865 -56.04 -23.94 -58.91
CA VAL F 3865 -55.00 -24.10 -57.91
C VAL F 3865 -55.29 -23.20 -56.72
N ILE F 3866 -54.93 -23.67 -55.52
CA ILE F 3866 -55.05 -22.88 -54.31
C ILE F 3866 -54.23 -21.59 -54.42
N GLU F 3872 -49.35 -21.21 -47.83
CA GLU F 3872 -47.97 -20.73 -47.80
C GLU F 3872 -47.13 -21.56 -46.85
N LYS F 3873 -45.89 -21.85 -47.24
CA LYS F 3873 -44.98 -22.61 -46.41
C LYS F 3873 -43.70 -21.85 -46.07
N VAL F 3874 -43.67 -20.55 -46.29
CA VAL F 3874 -42.57 -19.70 -45.87
C VAL F 3874 -43.11 -18.70 -44.87
N MET F 3875 -42.44 -18.58 -43.73
CA MET F 3875 -42.86 -17.68 -42.66
C MET F 3875 -44.32 -17.95 -42.28
N ALA F 3876 -44.65 -19.24 -42.22
CA ALA F 3876 -46.04 -19.65 -42.09
C ALA F 3876 -46.68 -19.20 -40.79
N ASP F 3877 -45.94 -19.23 -39.69
CA ASP F 3877 -46.48 -18.91 -38.37
C ASP F 3877 -46.10 -17.51 -37.92
N ASP F 3878 -46.05 -16.56 -38.85
CA ASP F 3878 -45.69 -15.20 -38.50
C ASP F 3878 -46.67 -14.61 -37.50
N GLU F 3879 -47.96 -14.87 -37.68
CA GLU F 3879 -48.96 -14.35 -36.75
C GLU F 3879 -48.75 -14.91 -35.36
N PHE F 3880 -48.49 -16.21 -35.25
CA PHE F 3880 -48.29 -16.81 -33.94
C PHE F 3880 -47.03 -16.27 -33.27
N THR F 3881 -45.95 -16.12 -34.03
CA THR F 3881 -44.71 -15.61 -33.44
C THR F 3881 -44.90 -14.17 -32.95
N GLN F 3882 -45.56 -13.34 -33.77
CA GLN F 3882 -45.85 -11.99 -33.35
C GLN F 3882 -46.69 -11.98 -32.08
N ASP F 3883 -47.70 -12.85 -32.02
CA ASP F 3883 -48.56 -12.90 -30.85
C ASP F 3883 -47.79 -13.34 -29.61
N LEU F 3884 -46.90 -14.32 -29.76
CA LEU F 3884 -46.16 -14.81 -28.60
C LEU F 3884 -45.24 -13.73 -28.04
N PHE F 3885 -44.51 -13.05 -28.91
CA PHE F 3885 -43.61 -12.02 -28.41
C PHE F 3885 -44.37 -10.78 -27.95
N ARG F 3886 -45.52 -10.50 -28.55
CA ARG F 3886 -46.39 -9.46 -28.02
C ARG F 3886 -46.87 -9.81 -26.61
N PHE F 3887 -47.16 -11.09 -26.38
CA PHE F 3887 -47.56 -11.53 -25.05
C PHE F 3887 -46.45 -11.28 -24.04
N LEU F 3888 -45.22 -11.67 -24.36
CA LEU F 3888 -44.13 -11.46 -23.41
C LEU F 3888 -43.91 -9.96 -23.18
N GLN F 3889 -43.94 -9.17 -24.24
CA GLN F 3889 -43.78 -7.73 -24.08
C GLN F 3889 -44.86 -7.15 -23.18
N LEU F 3890 -46.11 -7.57 -23.39
CA LEU F 3890 -47.19 -7.07 -22.55
C LEU F 3890 -47.03 -7.52 -21.11
N LEU F 3891 -46.42 -8.69 -20.91
CA LEU F 3891 -46.13 -9.11 -19.54
C LEU F 3891 -45.16 -8.15 -18.87
N CYS F 3892 -44.17 -7.62 -19.54
CA CYS F 3892 -43.30 -6.66 -18.87
C CYS F 3892 -43.52 -5.18 -19.16
N GLU F 3893 -44.66 -4.80 -19.71
CA GLU F 3893 -44.95 -3.41 -20.00
C GLU F 3893 -45.23 -2.74 -18.74
N GLY F 3894 -45.12 -1.44 -18.73
CA GLY F 3894 -45.33 -0.69 -17.51
C GLY F 3894 -44.11 -0.76 -16.65
N HIS F 3895 -43.03 -1.22 -17.22
CA HIS F 3895 -41.80 -1.22 -16.50
C HIS F 3895 -41.81 -2.01 -15.19
N ASN F 3896 -42.48 -3.15 -15.13
CA ASN F 3896 -42.46 -4.00 -13.95
C ASN F 3896 -41.09 -4.58 -13.71
N ASN F 3897 -40.52 -4.43 -12.52
CA ASN F 3897 -39.24 -5.05 -12.18
C ASN F 3897 -39.42 -6.51 -11.84
N ASP F 3898 -40.53 -6.85 -11.19
CA ASP F 3898 -40.75 -8.23 -10.76
C ASP F 3898 -40.83 -9.17 -11.96
N PHE F 3899 -41.57 -8.78 -13.00
CA PHE F 3899 -41.62 -9.60 -14.21
C PHE F 3899 -40.29 -9.60 -14.95
N GLN F 3900 -39.68 -8.43 -15.08
CA GLN F 3900 -38.42 -8.35 -15.80
C GLN F 3900 -37.34 -9.19 -15.14
N ASN F 3901 -37.50 -9.47 -13.84
CA ASN F 3901 -36.55 -10.32 -13.16
C ASN F 3901 -37.01 -11.77 -13.12
N TYR F 3902 -38.32 -12.01 -13.05
CA TYR F 3902 -38.82 -13.38 -13.07
C TYR F 3902 -38.52 -14.05 -14.39
N LEU F 3903 -38.68 -13.32 -15.49
CA LEU F 3903 -38.37 -13.89 -16.80
C LEU F 3903 -36.91 -14.32 -16.86
N ARG F 3904 -36.04 -13.62 -16.16
CA ARG F 3904 -34.63 -13.97 -16.20
C ARG F 3904 -34.32 -15.14 -15.28
N THR F 3905 -34.77 -15.07 -14.03
CA THR F 3905 -34.57 -16.16 -13.08
C THR F 3905 -35.88 -16.45 -12.39
N GLN F 3906 -36.19 -17.73 -12.23
CA GLN F 3906 -37.42 -18.16 -11.58
C GLN F 3906 -37.03 -18.70 -10.20
N THR F 3907 -36.93 -17.80 -9.24
CA THR F 3907 -36.54 -18.20 -7.90
C THR F 3907 -37.66 -18.99 -7.25
N GLY F 3908 -37.28 -19.96 -6.44
CA GLY F 3908 -38.25 -20.84 -5.82
C GLY F 3908 -38.49 -22.08 -6.63
N ASN F 3909 -38.65 -21.92 -7.94
CA ASN F 3909 -38.82 -23.06 -8.82
C ASN F 3909 -37.58 -23.93 -8.80
N THR F 3910 -37.76 -25.23 -9.03
CA THR F 3910 -36.63 -26.16 -9.00
C THR F 3910 -35.60 -25.80 -10.05
N THR F 3911 -36.04 -25.47 -11.26
CA THR F 3911 -35.15 -25.05 -12.31
C THR F 3911 -35.64 -23.73 -12.88
N THR F 3912 -34.70 -22.99 -13.46
CA THR F 3912 -34.99 -21.66 -13.98
C THR F 3912 -34.77 -21.65 -15.49
N ILE F 3913 -35.63 -20.94 -16.20
CA ILE F 3913 -35.52 -20.78 -17.63
C ILE F 3913 -35.40 -19.30 -17.92
N ASN F 3914 -34.29 -18.90 -18.54
CA ASN F 3914 -34.03 -17.51 -18.85
C ASN F 3914 -34.68 -17.19 -20.19
N ILE F 3915 -35.84 -16.55 -20.15
CA ILE F 3915 -36.57 -16.22 -21.37
C ILE F 3915 -35.86 -15.16 -22.18
N ILE F 3916 -35.15 -14.23 -21.54
CA ILE F 3916 -34.52 -13.13 -22.27
C ILE F 3916 -33.46 -13.66 -23.24
N ILE F 3917 -32.56 -14.51 -22.75
CA ILE F 3917 -31.55 -15.06 -23.65
C ILE F 3917 -32.18 -15.98 -24.67
N CYS F 3918 -33.33 -16.57 -24.37
CA CYS F 3918 -34.02 -17.35 -25.40
C CYS F 3918 -34.56 -16.46 -26.50
N THR F 3919 -35.07 -15.27 -26.15
CA THR F 3919 -35.48 -14.31 -27.17
C THR F 3919 -34.28 -13.90 -28.02
N VAL F 3920 -33.15 -13.62 -27.38
CA VAL F 3920 -31.95 -13.28 -28.14
C VAL F 3920 -31.53 -14.42 -29.04
N ASP F 3921 -31.55 -15.65 -28.56
CA ASP F 3921 -31.20 -16.79 -29.38
C ASP F 3921 -32.11 -16.95 -30.58
N TYR F 3922 -33.41 -16.72 -30.40
CA TYR F 3922 -34.30 -16.72 -31.56
C TYR F 3922 -33.93 -15.60 -32.52
N LEU F 3923 -33.63 -14.43 -31.99
CA LEU F 3923 -33.28 -13.32 -32.85
C LEU F 3923 -32.06 -13.61 -33.70
N LEU F 3924 -31.17 -14.47 -33.23
CA LEU F 3924 -29.99 -14.76 -34.02
C LEU F 3924 -30.34 -15.63 -35.23
N ARG F 3925 -31.22 -16.61 -35.04
CA ARG F 3925 -31.80 -17.37 -36.13
C ARG F 3925 -32.39 -16.40 -37.14
N LEU F 3926 -33.12 -15.43 -36.60
CA LEU F 3926 -33.82 -14.47 -37.44
C LEU F 3926 -32.85 -13.67 -38.28
N GLN F 3927 -31.76 -13.18 -37.69
CA GLN F 3927 -30.85 -12.38 -38.47
C GLN F 3927 -30.09 -13.24 -39.47
N GLU F 3928 -29.83 -14.50 -39.14
CA GLU F 3928 -29.23 -15.41 -40.08
C GLU F 3928 -30.07 -15.50 -41.34
N SER F 3929 -31.36 -15.78 -41.17
CA SER F 3929 -32.25 -15.94 -42.31
C SER F 3929 -32.41 -14.62 -43.08
N ILE F 3930 -32.48 -13.52 -42.35
CA ILE F 3930 -32.62 -12.23 -43.02
C ILE F 3930 -31.40 -11.93 -43.87
N SER F 3931 -30.20 -12.18 -43.36
CA SER F 3931 -29.01 -12.06 -44.18
C SER F 3931 -29.02 -13.02 -45.35
N ASP F 3932 -29.70 -14.15 -45.20
CA ASP F 3932 -29.76 -15.10 -46.30
C ASP F 3932 -30.60 -14.58 -47.45
N PHE F 3933 -31.73 -13.92 -47.19
CA PHE F 3933 -32.34 -13.25 -48.34
C PHE F 3933 -31.46 -12.18 -48.97
N TYR F 3934 -30.88 -11.28 -48.18
CA TYR F 3934 -30.08 -10.24 -48.82
C TYR F 3934 -29.05 -10.86 -49.73
N TRP F 3935 -28.38 -11.91 -49.26
CA TRP F 3935 -27.41 -12.56 -50.13
C TRP F 3935 -28.06 -13.19 -51.33
N TYR F 3936 -29.25 -13.77 -51.17
CA TYR F 3936 -29.94 -14.35 -52.30
C TYR F 3936 -30.26 -13.31 -53.37
N TYR F 3937 -30.60 -12.10 -52.94
CA TYR F 3937 -31.06 -11.06 -53.84
C TYR F 3937 -29.98 -10.08 -54.24
N SER F 3938 -28.75 -10.24 -53.75
CA SER F 3938 -27.72 -9.25 -54.02
C SER F 3938 -27.38 -9.18 -55.50
N GLY F 3939 -27.69 -10.22 -56.26
CA GLY F 3939 -27.46 -10.19 -57.68
C GLY F 3939 -28.67 -9.67 -58.43
N LYS F 3940 -29.85 -10.15 -58.06
CA LYS F 3940 -31.08 -9.76 -58.71
C LYS F 3940 -31.29 -8.27 -58.52
N ASP F 3941 -31.29 -7.52 -59.62
CA ASP F 3941 -31.32 -6.07 -59.54
C ASP F 3941 -32.59 -5.56 -58.85
N VAL F 3942 -33.73 -6.17 -59.12
CA VAL F 3942 -34.99 -5.78 -58.51
C VAL F 3942 -35.53 -6.95 -57.70
N ILE F 3943 -35.94 -6.66 -56.46
CA ILE F 3943 -36.64 -7.67 -55.67
C ILE F 3943 -38.06 -7.79 -56.18
N GLU F 3944 -38.41 -8.97 -56.66
CA GLU F 3944 -39.75 -9.21 -57.17
C GLU F 3944 -40.76 -9.23 -56.03
N GLU F 3945 -42.03 -9.40 -56.40
CA GLU F 3945 -43.13 -9.19 -55.45
C GLU F 3945 -43.09 -10.20 -54.31
N GLN F 3946 -42.83 -11.48 -54.62
CA GLN F 3946 -42.82 -12.51 -53.58
C GLN F 3946 -41.78 -12.18 -52.53
N GLY F 3947 -40.60 -11.75 -52.97
CA GLY F 3947 -39.58 -11.31 -52.03
C GLY F 3947 -40.05 -10.16 -51.17
N LYS F 3948 -40.81 -9.24 -51.75
CA LYS F 3948 -41.32 -8.12 -50.97
C LYS F 3948 -42.23 -8.60 -49.85
N ARG F 3949 -43.16 -9.52 -50.17
CA ARG F 3949 -44.07 -10.01 -49.15
C ARG F 3949 -43.30 -10.71 -48.03
N ASN F 3950 -42.45 -11.66 -48.40
CA ASN F 3950 -41.78 -12.48 -47.38
C ASN F 3950 -40.83 -11.64 -46.55
N PHE F 3951 -40.12 -10.70 -47.18
CA PHE F 3951 -39.20 -9.86 -46.45
C PHE F 3951 -39.95 -8.93 -45.52
N SER F 3952 -41.11 -8.43 -45.93
CA SER F 3952 -41.93 -7.61 -45.05
C SER F 3952 -42.43 -8.41 -43.85
N LYS F 3953 -42.81 -9.66 -44.07
CA LYS F 3953 -43.26 -10.50 -42.95
C LYS F 3953 -42.14 -10.70 -41.95
N ALA F 3954 -40.94 -11.03 -42.45
CA ALA F 3954 -39.80 -11.18 -41.55
C ALA F 3954 -39.52 -9.88 -40.81
N MET F 3955 -39.79 -8.75 -41.45
CA MET F 3955 -39.50 -7.47 -40.81
C MET F 3955 -40.49 -7.18 -39.70
N SER F 3956 -41.76 -7.52 -39.91
CA SER F 3956 -42.74 -7.35 -38.85
C SER F 3956 -42.38 -8.20 -37.64
N VAL F 3957 -41.97 -9.45 -37.88
CA VAL F 3957 -41.57 -10.31 -36.78
C VAL F 3957 -40.34 -9.72 -36.07
N ALA F 3958 -39.40 -9.21 -36.85
CA ALA F 3958 -38.21 -8.61 -36.24
C ALA F 3958 -38.54 -7.36 -35.44
N LYS F 3959 -39.49 -6.55 -35.92
CA LYS F 3959 -39.93 -5.40 -35.14
C LYS F 3959 -40.48 -5.84 -33.80
N GLN F 3960 -41.31 -6.88 -33.80
CA GLN F 3960 -41.88 -7.34 -32.54
C GLN F 3960 -40.82 -7.89 -31.61
N VAL F 3961 -39.85 -8.64 -32.14
CA VAL F 3961 -38.81 -9.18 -31.27
C VAL F 3961 -37.97 -8.05 -30.68
N PHE F 3962 -37.62 -7.06 -31.49
CA PHE F 3962 -36.88 -5.92 -30.97
C PHE F 3962 -37.65 -5.18 -29.91
N ASN F 3963 -38.95 -4.95 -30.12
CA ASN F 3963 -39.77 -4.32 -29.09
C ASN F 3963 -39.84 -5.14 -27.82
N SER F 3964 -39.92 -6.46 -27.93
CA SER F 3964 -39.96 -7.31 -26.74
C SER F 3964 -38.68 -7.19 -25.94
N LEU F 3965 -37.57 -7.07 -26.64
CA LEU F 3965 -36.32 -6.94 -25.95
C LEU F 3965 -36.24 -5.59 -25.31
N THR F 3966 -36.80 -4.56 -25.89
CA THR F 3966 -36.77 -3.28 -25.23
C THR F 3966 -37.55 -3.37 -23.98
N GLU F 3967 -38.76 -3.88 -24.01
CA GLU F 3967 -39.53 -3.86 -22.78
C GLU F 3967 -38.87 -4.64 -21.68
N TYR F 3968 -38.18 -5.71 -22.01
CA TYR F 3968 -37.49 -6.45 -20.99
C TYR F 3968 -36.48 -5.59 -20.28
N ILE F 3969 -35.78 -4.72 -20.98
CA ILE F 3969 -34.78 -3.85 -20.38
C ILE F 3969 -35.05 -2.38 -20.30
N GLN F 3970 -36.24 -1.92 -20.66
CA GLN F 3970 -36.51 -0.48 -20.73
C GLN F 3970 -36.54 0.21 -19.45
N GLY F 3971 -37.03 -0.47 -18.46
CA GLY F 3971 -37.04 0.12 -17.15
C GLY F 3971 -35.61 -0.17 -16.87
N PRO F 3972 -34.97 0.64 -16.02
CA PRO F 3972 -33.58 0.27 -15.92
C PRO F 3972 -33.33 -1.01 -15.15
N CYS F 3973 -33.82 -2.17 -15.60
CA CYS F 3973 -33.52 -3.43 -14.97
C CYS F 3973 -32.10 -3.80 -15.21
N THR F 3974 -31.22 -3.57 -14.25
CA THR F 3974 -29.80 -3.79 -14.48
C THR F 3974 -29.52 -5.26 -14.79
N GLY F 3975 -30.19 -6.16 -14.08
CA GLY F 3975 -29.94 -7.58 -14.29
C GLY F 3975 -30.17 -7.99 -15.74
N ASN F 3976 -31.30 -7.57 -16.31
CA ASN F 3976 -31.54 -7.86 -17.71
C ASN F 3976 -30.56 -7.12 -18.62
N GLN F 3977 -30.12 -5.93 -18.22
CA GLN F 3977 -29.21 -5.18 -19.08
C GLN F 3977 -27.89 -5.93 -19.27
N GLN F 3978 -27.25 -6.34 -18.16
CA GLN F 3978 -26.01 -7.08 -18.35
C GLN F 3978 -26.27 -8.53 -18.78
N SER F 3979 -27.45 -9.07 -18.51
CA SER F 3979 -27.78 -10.37 -19.08
C SER F 3979 -27.77 -10.30 -20.60
N LEU F 3980 -28.33 -9.22 -21.15
CA LEU F 3980 -28.25 -8.99 -22.59
C LEU F 3980 -26.82 -8.70 -23.03
N ALA F 3981 -26.09 -7.90 -22.26
CA ALA F 3981 -24.75 -7.50 -22.66
C ALA F 3981 -23.85 -8.71 -22.81
N HIS F 3982 -23.92 -9.66 -21.87
CA HIS F 3982 -23.14 -10.87 -22.02
C HIS F 3982 -23.74 -11.81 -23.06
N SER F 3983 -25.05 -11.80 -23.20
CA SER F 3983 -25.69 -12.62 -24.22
C SER F 3983 -25.15 -12.28 -25.60
N ARG F 3984 -25.34 -13.19 -26.54
CA ARG F 3984 -24.85 -12.93 -27.88
C ARG F 3984 -25.84 -12.08 -28.67
N LEU F 3985 -26.31 -11.02 -28.04
CA LEU F 3985 -27.11 -10.02 -28.72
C LEU F 3985 -26.29 -9.20 -29.68
N TRP F 3986 -24.97 -9.19 -29.50
CA TRP F 3986 -24.08 -8.38 -30.31
C TRP F 3986 -23.83 -8.99 -31.68
N ASP F 3987 -23.75 -10.31 -31.75
CA ASP F 3987 -23.69 -10.95 -33.06
C ASP F 3987 -24.91 -10.59 -33.89
N ALA F 3988 -26.09 -10.64 -33.28
CA ALA F 3988 -27.33 -10.38 -34.01
C ALA F 3988 -27.33 -8.97 -34.57
N VAL F 3989 -27.04 -7.98 -33.74
CA VAL F 3989 -27.09 -6.59 -34.18
C VAL F 3989 -25.96 -6.28 -35.17
N VAL F 3990 -24.77 -6.85 -34.95
CA VAL F 3990 -23.69 -6.65 -35.90
C VAL F 3990 -24.06 -7.22 -37.25
N GLY F 3991 -24.66 -8.40 -37.27
CA GLY F 3991 -25.16 -8.97 -38.50
C GLY F 3991 -26.26 -8.13 -39.12
N PHE F 3992 -27.22 -7.70 -38.30
CA PHE F 3992 -28.32 -6.90 -38.82
C PHE F 3992 -27.80 -5.69 -39.57
N LEU F 3993 -26.86 -4.95 -38.98
CA LEU F 3993 -26.39 -3.73 -39.61
C LEU F 3993 -25.91 -3.97 -41.03
N HIS F 3994 -25.37 -5.16 -41.30
CA HIS F 3994 -24.95 -5.47 -42.65
C HIS F 3994 -26.15 -5.49 -43.60
N VAL F 3995 -27.18 -6.23 -43.24
CA VAL F 3995 -28.39 -6.28 -44.06
C VAL F 3995 -28.97 -4.89 -44.21
N PHE F 3996 -28.97 -4.12 -43.12
CA PHE F 3996 -29.58 -2.80 -43.14
C PHE F 3996 -28.88 -1.90 -44.15
N ALA F 3997 -27.55 -1.80 -44.05
CA ALA F 3997 -26.82 -0.91 -44.93
C ALA F 3997 -26.96 -1.33 -46.38
N HIS F 3998 -26.76 -2.63 -46.66
CA HIS F 3998 -26.74 -3.07 -48.04
C HIS F 3998 -28.13 -3.00 -48.67
N MET F 3999 -29.16 -3.38 -47.91
CA MET F 3999 -30.50 -3.31 -48.46
C MET F 3999 -30.95 -1.86 -48.62
N MET F 4000 -30.50 -0.96 -47.75
CA MET F 4000 -30.78 0.44 -47.98
C MET F 4000 -30.21 0.89 -49.32
N MET F 4001 -28.95 0.54 -49.58
CA MET F 4001 -28.34 0.89 -50.86
C MET F 4001 -29.14 0.34 -52.03
N LYS F 4002 -29.45 -0.97 -51.99
CA LYS F 4002 -30.06 -1.60 -53.16
C LYS F 4002 -31.52 -1.17 -53.33
N LEU F 4003 -32.24 -1.00 -52.23
CA LEU F 4003 -33.63 -0.59 -52.32
C LEU F 4003 -33.78 0.87 -52.71
N ALA F 4004 -32.78 1.70 -52.43
CA ALA F 4004 -32.90 3.11 -52.78
C ALA F 4004 -32.97 3.32 -54.28
N GLN F 4005 -32.57 2.33 -55.06
CA GLN F 4005 -32.39 2.51 -56.49
C GLN F 4005 -33.68 2.34 -57.29
N ASP F 4006 -34.80 2.06 -56.65
CA ASP F 4006 -36.08 1.97 -57.33
C ASP F 4006 -37.16 2.67 -56.52
N SER F 4007 -38.15 3.21 -57.23
CA SER F 4007 -39.31 3.80 -56.57
C SER F 4007 -40.37 2.76 -56.22
N SER F 4008 -40.43 1.66 -56.97
CA SER F 4008 -41.40 0.61 -56.66
C SER F 4008 -41.12 -0.08 -55.33
N GLN F 4009 -39.91 0.09 -54.79
CA GLN F 4009 -39.55 -0.54 -53.53
C GLN F 4009 -39.46 0.48 -52.40
N ILE F 4010 -40.20 1.58 -52.52
CA ILE F 4010 -40.14 2.61 -51.49
C ILE F 4010 -40.78 2.11 -50.19
N GLU F 4011 -41.85 1.33 -50.31
CA GLU F 4011 -42.55 0.83 -49.13
C GLU F 4011 -41.64 -0.09 -48.31
N LEU F 4012 -40.94 -0.98 -48.99
CA LEU F 4012 -40.02 -1.87 -48.28
C LEU F 4012 -38.91 -1.08 -47.61
N LEU F 4013 -38.44 -0.01 -48.26
CA LEU F 4013 -37.40 0.80 -47.65
C LEU F 4013 -37.92 1.52 -46.42
N LYS F 4014 -39.19 1.95 -46.46
CA LYS F 4014 -39.79 2.57 -45.29
C LYS F 4014 -39.83 1.59 -44.12
N GLU F 4015 -40.29 0.36 -44.39
CA GLU F 4015 -40.32 -0.65 -43.36
C GLU F 4015 -38.92 -0.92 -42.82
N LEU F 4016 -37.94 -0.93 -43.72
CA LEU F 4016 -36.54 -1.10 -43.33
C LEU F 4016 -36.06 0.00 -42.40
N LEU F 4017 -36.40 1.25 -42.69
CA LEU F 4017 -35.98 2.34 -41.83
C LEU F 4017 -36.65 2.26 -40.46
N ASP F 4018 -37.93 1.88 -40.43
CA ASP F 4018 -38.61 1.73 -39.15
C ASP F 4018 -37.99 0.63 -38.32
N LEU F 4019 -37.63 -0.49 -38.96
CA LEU F 4019 -36.97 -1.57 -38.24
C LEU F 4019 -35.64 -1.11 -37.66
N GLN F 4020 -34.89 -0.32 -38.43
CA GLN F 4020 -33.64 0.23 -37.92
C GLN F 4020 -33.90 1.11 -36.71
N LYS F 4021 -34.97 1.90 -36.76
CA LYS F 4021 -35.31 2.76 -35.63
C LYS F 4021 -35.56 1.93 -34.38
N ASP F 4022 -36.26 0.80 -34.53
CA ASP F 4022 -36.52 -0.07 -33.40
C ASP F 4022 -35.23 -0.64 -32.83
N MET F 4023 -34.31 -1.06 -33.71
CA MET F 4023 -33.03 -1.57 -33.24
C MET F 4023 -32.30 -0.50 -32.44
N VAL F 4024 -32.27 0.73 -32.91
CA VAL F 4024 -31.56 1.75 -32.20
C VAL F 4024 -32.29 2.15 -30.94
N VAL F 4025 -33.60 2.09 -30.90
CA VAL F 4025 -34.30 2.35 -29.63
C VAL F 4025 -34.03 1.26 -28.61
N MET F 4026 -33.44 0.16 -29.03
CA MET F 4026 -33.11 -0.91 -28.11
C MET F 4026 -31.72 -0.65 -27.63
N LEU F 4027 -30.84 -0.32 -28.54
CA LEU F 4027 -29.46 0.00 -28.16
C LEU F 4027 -29.43 1.17 -27.20
N LEU F 4028 -30.32 2.10 -27.40
CA LEU F 4028 -30.42 3.26 -26.53
C LEU F 4028 -30.90 2.79 -25.19
N SER F 4029 -31.82 1.85 -25.16
CA SER F 4029 -32.36 1.36 -23.90
C SER F 4029 -31.34 0.69 -23.07
N LEU F 4030 -30.48 -0.07 -23.66
CA LEU F 4030 -29.46 -0.76 -22.94
C LEU F 4030 -28.57 0.25 -22.29
N LEU F 4031 -28.30 1.34 -22.96
CA LEU F 4031 -27.40 2.35 -22.46
C LEU F 4031 -28.00 3.15 -21.31
N GLU F 4032 -29.28 3.02 -21.04
CA GLU F 4032 -29.91 3.73 -19.95
C GLU F 4032 -29.34 3.40 -18.62
N GLY F 4033 -29.05 4.41 -17.83
CA GLY F 4033 -28.60 4.20 -16.46
C GLY F 4033 -27.13 3.98 -16.47
N ASN F 4034 -26.51 4.17 -17.59
CA ASN F 4034 -25.12 3.75 -17.70
C ASN F 4034 -24.19 4.89 -17.31
N VAL F 4035 -23.27 4.61 -16.39
CA VAL F 4035 -22.35 5.63 -15.93
C VAL F 4035 -21.32 5.95 -17.01
N VAL F 4036 -20.56 7.01 -16.77
CA VAL F 4036 -19.49 7.38 -17.69
C VAL F 4036 -18.47 6.25 -17.73
N ASN F 4037 -18.02 5.91 -18.94
CA ASN F 4037 -17.08 4.81 -19.15
C ASN F 4037 -17.62 3.49 -18.62
N GLY F 4038 -18.92 3.28 -18.77
CA GLY F 4038 -19.52 2.05 -18.30
C GLY F 4038 -19.20 0.88 -19.19
N MET F 4039 -19.60 -0.30 -18.72
CA MET F 4039 -19.32 -1.53 -19.46
C MET F 4039 -20.10 -1.56 -20.77
N ILE F 4040 -21.40 -1.30 -20.71
CA ILE F 4040 -22.26 -1.46 -21.88
C ILE F 4040 -21.89 -0.48 -22.97
N ALA F 4041 -21.60 0.76 -22.59
CA ALA F 4041 -21.23 1.76 -23.59
C ALA F 4041 -19.94 1.35 -24.29
N ARG F 4042 -18.95 0.87 -23.54
CA ARG F 4042 -17.71 0.44 -24.16
C ARG F 4042 -17.94 -0.77 -25.06
N GLN F 4043 -18.86 -1.66 -24.67
CA GLN F 4043 -19.17 -2.80 -25.52
C GLN F 4043 -19.78 -2.36 -26.84
N MET F 4044 -20.68 -1.37 -26.81
CA MET F 4044 -21.25 -0.94 -28.08
C MET F 4044 -20.28 -0.12 -28.89
N VAL F 4045 -19.32 0.54 -28.25
CA VAL F 4045 -18.29 1.21 -29.04
C VAL F 4045 -17.44 0.16 -29.74
N ASP F 4046 -17.16 -0.95 -29.06
CA ASP F 4046 -16.50 -2.08 -29.71
C ASP F 4046 -17.34 -2.65 -30.84
N MET F 4047 -18.65 -2.77 -30.61
CA MET F 4047 -19.58 -3.07 -31.68
C MET F 4047 -19.32 -2.21 -32.90
N LEU F 4048 -19.51 -0.90 -32.74
CA LEU F 4048 -19.50 -0.02 -33.89
C LEU F 4048 -18.16 -0.05 -34.61
N VAL F 4049 -17.08 -0.27 -33.86
CA VAL F 4049 -15.81 -0.51 -34.53
C VAL F 4049 -15.87 -1.76 -35.37
N GLU F 4050 -16.43 -2.85 -34.83
CA GLU F 4050 -16.52 -4.10 -35.58
C GLU F 4050 -17.44 -3.99 -36.79
N SER F 4051 -18.45 -3.15 -36.74
CA SER F 4051 -19.37 -2.96 -37.87
C SER F 4051 -19.07 -1.68 -38.62
N SER F 4052 -17.79 -1.35 -38.77
CA SER F 4052 -17.40 -0.03 -39.23
C SER F 4052 -17.88 0.23 -40.65
N SER F 4053 -17.72 -0.75 -41.55
CA SER F 4053 -18.11 -0.55 -42.94
C SER F 4053 -19.60 -0.25 -43.04
N ASN F 4054 -20.42 -1.04 -42.37
CA ASN F 4054 -21.86 -0.90 -42.49
C ASN F 4054 -22.35 0.39 -41.86
N VAL F 4055 -21.79 0.75 -40.70
CA VAL F 4055 -22.17 2.00 -40.05
C VAL F 4055 -21.79 3.19 -40.93
N GLU F 4056 -20.61 3.14 -41.54
CA GLU F 4056 -20.24 4.20 -42.46
C GLU F 4056 -21.18 4.28 -43.64
N MET F 4057 -21.63 3.12 -44.15
CA MET F 4057 -22.59 3.16 -45.24
C MET F 4057 -23.87 3.88 -44.83
N ILE F 4058 -24.36 3.59 -43.63
CA ILE F 4058 -25.61 4.19 -43.18
C ILE F 4058 -25.45 5.70 -43.01
N LEU F 4059 -24.38 6.11 -42.32
CA LEU F 4059 -24.17 7.52 -42.06
C LEU F 4059 -23.97 8.30 -43.36
N LYS F 4060 -23.22 7.73 -44.30
CA LYS F 4060 -22.97 8.43 -45.56
C LYS F 4060 -24.17 8.38 -46.49
N PHE F 4061 -25.08 7.42 -46.31
CA PHE F 4061 -26.37 7.52 -46.98
C PHE F 4061 -27.14 8.74 -46.51
N PHE F 4062 -27.29 8.88 -45.19
CA PHE F 4062 -28.01 10.03 -44.66
C PHE F 4062 -27.32 11.32 -45.08
N ASP F 4063 -25.99 11.34 -45.06
CA ASP F 4063 -25.26 12.52 -45.48
C ASP F 4063 -25.51 12.84 -46.94
N MET F 4064 -25.52 11.81 -47.80
CA MET F 4064 -25.78 12.04 -49.21
C MET F 4064 -27.07 12.79 -49.41
N PHE F 4065 -28.15 12.31 -48.82
CA PHE F 4065 -29.44 12.93 -49.12
C PHE F 4065 -29.65 14.25 -48.39
N LEU F 4066 -29.10 14.40 -47.18
CA LEU F 4066 -29.21 15.67 -46.48
C LEU F 4066 -28.45 16.77 -47.21
N LYS F 4067 -27.29 16.46 -47.76
CA LYS F 4067 -26.58 17.42 -48.60
C LYS F 4067 -27.31 17.65 -49.91
N LEU F 4068 -27.92 16.60 -50.44
CA LEU F 4068 -28.61 16.67 -51.73
C LEU F 4068 -29.75 17.67 -51.70
N LYS F 4069 -30.54 17.67 -50.63
CA LYS F 4069 -31.64 18.62 -50.54
C LYS F 4069 -31.12 20.05 -50.61
N ASP F 4070 -30.03 20.33 -49.91
CA ASP F 4070 -29.45 21.67 -49.92
C ASP F 4070 -28.97 22.05 -51.31
N ILE F 4071 -28.31 21.12 -52.01
CA ILE F 4071 -27.87 21.42 -53.36
C ILE F 4071 -29.05 21.70 -54.26
N VAL F 4072 -30.12 20.92 -54.13
CA VAL F 4072 -31.33 21.18 -54.88
C VAL F 4072 -31.85 22.58 -54.61
N GLY F 4073 -31.64 23.10 -53.40
CA GLY F 4073 -31.96 24.48 -53.12
C GLY F 4073 -30.94 25.51 -53.55
N SER F 4074 -29.73 25.08 -53.90
CA SER F 4074 -28.65 26.02 -54.17
C SER F 4074 -28.87 26.76 -55.48
N GLU F 4075 -28.33 27.97 -55.57
CA GLU F 4075 -28.53 28.80 -56.75
C GLU F 4075 -27.83 28.21 -57.97
N ALA F 4076 -26.66 27.62 -57.78
CA ALA F 4076 -25.91 27.05 -58.90
C ALA F 4076 -26.74 25.97 -59.59
N PHE F 4077 -27.43 25.14 -58.80
CA PHE F 4077 -28.29 24.15 -59.42
C PHE F 4077 -29.39 24.80 -60.24
N GLN F 4078 -30.04 25.84 -59.72
CA GLN F 4078 -31.14 26.45 -60.42
C GLN F 4078 -30.70 27.30 -61.60
N ASP F 4079 -29.42 27.62 -61.73
CA ASP F 4079 -28.98 28.15 -63.01
C ASP F 4079 -28.31 27.10 -63.87
N TYR F 4080 -28.27 25.85 -63.41
CA TYR F 4080 -27.89 24.76 -64.30
C TYR F 4080 -29.12 24.15 -64.97
N VAL F 4081 -30.30 24.30 -64.35
CA VAL F 4081 -31.51 23.73 -64.92
C VAL F 4081 -31.94 24.55 -66.14
N THR F 4082 -32.49 23.86 -67.13
CA THR F 4082 -32.91 24.50 -68.38
C THR F 4082 -34.38 24.34 -68.67
N ASP F 4083 -34.92 23.13 -68.54
CA ASP F 4083 -36.30 22.87 -68.92
C ASP F 4083 -37.25 23.67 -68.04
N PRO F 4084 -38.19 24.42 -68.63
CA PRO F 4084 -39.23 25.06 -67.81
C PRO F 4084 -40.10 24.08 -67.06
N ARG F 4085 -40.13 22.81 -67.47
CA ARG F 4085 -40.90 21.80 -66.75
C ARG F 4085 -40.31 21.44 -65.40
N GLY F 4086 -39.26 22.12 -64.96
CA GLY F 4086 -38.63 21.79 -63.69
C GLY F 4086 -37.97 20.43 -63.66
N LEU F 4087 -37.40 20.01 -64.78
CA LEU F 4087 -36.71 18.73 -64.87
C LEU F 4087 -35.30 18.98 -65.37
N ILE F 4088 -34.38 18.13 -64.95
CA ILE F 4088 -32.97 18.27 -65.28
C ILE F 4088 -32.48 16.98 -65.94
N SER F 4089 -31.75 17.11 -67.04
CA SER F 4089 -31.20 15.93 -67.69
C SER F 4089 -30.18 15.25 -66.78
N LYS F 4090 -30.02 13.94 -66.99
CA LYS F 4090 -29.10 13.18 -66.16
C LYS F 4090 -27.67 13.71 -66.30
N LYS F 4091 -27.26 14.04 -67.53
CA LYS F 4091 -25.94 14.61 -67.70
C LYS F 4091 -25.83 15.98 -67.06
N ASP F 4092 -26.86 16.82 -67.23
CA ASP F 4092 -26.86 18.12 -66.58
C ASP F 4092 -26.82 17.98 -65.06
N PHE F 4093 -27.61 17.05 -64.53
CA PHE F 4093 -27.55 16.76 -63.10
C PHE F 4093 -26.16 16.32 -62.69
N GLN F 4094 -25.51 15.48 -63.51
CA GLN F 4094 -24.20 14.99 -63.19
C GLN F 4094 -23.18 16.12 -63.11
N LYS F 4095 -23.14 16.98 -64.11
CA LYS F 4095 -22.18 18.05 -64.09
C LYS F 4095 -22.51 19.10 -63.05
N ALA F 4096 -23.77 19.21 -62.64
CA ALA F 4096 -24.09 19.98 -61.45
C ALA F 4096 -23.46 19.41 -60.20
N MET F 4097 -23.58 18.10 -60.01
CA MET F 4097 -22.93 17.41 -58.89
C MET F 4097 -21.42 17.56 -58.91
N ASP F 4098 -20.79 17.55 -60.09
CA ASP F 4098 -19.36 17.81 -60.14
C ASP F 4098 -19.02 19.23 -59.73
N SER F 4099 -19.74 20.20 -60.30
CA SER F 4099 -19.39 21.59 -60.08
C SER F 4099 -19.59 22.02 -58.63
N GLN F 4100 -20.42 21.30 -57.87
CA GLN F 4100 -20.63 21.68 -56.49
C GLN F 4100 -19.50 21.22 -55.59
N LYS F 4101 -18.55 20.47 -56.13
CA LYS F 4101 -17.30 20.11 -55.45
C LYS F 4101 -17.59 19.29 -54.20
N GLN F 4102 -18.79 18.70 -54.14
CA GLN F 4102 -19.32 18.24 -52.86
C GLN F 4102 -19.32 16.72 -52.76
N PHE F 4103 -19.94 16.04 -53.72
CA PHE F 4103 -19.90 14.58 -53.76
C PHE F 4103 -18.69 14.09 -54.56
N THR F 4104 -18.34 12.84 -54.33
CA THR F 4104 -17.34 12.16 -55.13
C THR F 4104 -18.01 11.52 -56.35
N GLY F 4105 -17.19 10.95 -57.22
CA GLY F 4105 -17.66 10.37 -58.45
C GLY F 4105 -18.64 9.22 -58.28
N PRO F 4106 -18.21 8.15 -57.60
CA PRO F 4106 -19.10 6.99 -57.43
C PRO F 4106 -20.42 7.31 -56.77
N GLU F 4107 -20.44 8.20 -55.78
CA GLU F 4107 -21.69 8.54 -55.13
C GLU F 4107 -22.56 9.43 -56.03
N ILE F 4108 -21.93 10.18 -56.94
CA ILE F 4108 -22.73 10.86 -57.96
C ILE F 4108 -23.39 9.84 -58.87
N GLN F 4109 -22.68 8.78 -59.23
CA GLN F 4109 -23.29 7.70 -60.00
C GLN F 4109 -24.42 7.05 -59.22
N PHE F 4110 -24.23 6.85 -57.92
CA PHE F 4110 -25.28 6.27 -57.10
C PHE F 4110 -26.52 7.16 -57.09
N LEU F 4111 -26.34 8.47 -56.96
CA LEU F 4111 -27.47 9.37 -56.99
C LEU F 4111 -28.17 9.33 -58.33
N LEU F 4112 -27.41 9.25 -59.41
CA LEU F 4112 -28.02 9.10 -60.73
C LEU F 4112 -28.83 7.82 -60.82
N SER F 4113 -28.31 6.73 -60.26
CA SER F 4113 -29.04 5.47 -60.27
C SER F 4113 -30.34 5.60 -59.49
N CYS F 4114 -30.29 6.23 -58.32
CA CYS F 4114 -31.51 6.45 -57.55
C CYS F 4114 -32.47 7.41 -58.24
N SER F 4115 -32.00 8.12 -59.27
CA SER F 4115 -32.86 9.07 -59.95
C SER F 4115 -33.98 8.36 -60.67
N GLU F 4116 -35.21 8.77 -60.38
CA GLU F 4116 -36.38 8.18 -61.03
C GLU F 4116 -36.49 8.78 -62.43
N ALA F 4117 -35.47 8.51 -63.23
CA ALA F 4117 -35.40 9.06 -64.56
C ALA F 4117 -36.42 8.41 -65.47
N ASP F 4118 -36.91 9.19 -66.42
CA ASP F 4118 -37.78 8.68 -67.47
C ASP F 4118 -36.92 8.10 -68.58
N GLU F 4119 -37.57 7.63 -69.63
CA GLU F 4119 -36.81 7.11 -70.77
C GLU F 4119 -36.06 8.25 -71.47
N ASN F 4120 -36.59 9.47 -71.39
CA ASN F 4120 -35.93 10.64 -71.91
C ASN F 4120 -34.79 11.10 -71.01
N GLU F 4121 -34.58 10.43 -69.88
CA GLU F 4121 -33.51 10.72 -68.94
C GLU F 4121 -33.64 12.11 -68.32
N MET F 4122 -34.82 12.44 -67.83
CA MET F 4122 -35.04 13.74 -67.21
C MET F 4122 -35.57 13.54 -65.79
N ILE F 4123 -34.87 14.12 -64.82
CA ILE F 4123 -35.10 13.88 -63.40
C ILE F 4123 -35.88 15.05 -62.81
N ASN F 4124 -36.88 14.73 -62.00
CA ASN F 4124 -37.60 15.75 -61.24
C ASN F 4124 -36.85 15.99 -59.94
N PHE F 4125 -36.09 17.09 -59.90
CA PHE F 4125 -35.14 17.27 -58.82
C PHE F 4125 -35.84 17.49 -57.48
N GLU F 4126 -37.04 18.08 -57.47
CA GLU F 4126 -37.75 18.24 -56.21
C GLU F 4126 -38.20 16.88 -55.65
N GLU F 4127 -38.76 16.04 -56.51
CA GLU F 4127 -39.22 14.72 -56.06
C GLU F 4127 -38.04 13.87 -55.59
N PHE F 4128 -36.95 13.88 -56.35
CA PHE F 4128 -35.77 13.14 -55.93
C PHE F 4128 -35.16 13.72 -54.67
N ALA F 4129 -35.30 15.03 -54.47
CA ALA F 4129 -34.81 15.62 -53.22
C ALA F 4129 -35.64 15.13 -52.04
N ASN F 4130 -36.93 14.89 -52.25
CA ASN F 4130 -37.84 14.70 -51.13
C ASN F 4130 -38.35 13.28 -50.96
N ARG F 4131 -37.94 12.33 -51.80
CA ARG F 4131 -38.46 10.97 -51.61
C ARG F 4131 -38.01 10.39 -50.28
N PHE F 4132 -36.73 10.53 -49.96
CA PHE F 4132 -36.18 9.95 -48.75
C PHE F 4132 -36.18 10.97 -47.61
N GLN F 4133 -36.94 12.04 -47.77
CA GLN F 4133 -36.85 13.20 -46.89
C GLN F 4133 -37.50 12.89 -45.54
N GLU F 4134 -38.74 12.42 -45.57
CA GLU F 4134 -39.44 12.06 -44.33
C GLU F 4134 -39.07 10.68 -43.82
N PRO F 4135 -39.01 9.62 -44.63
CA PRO F 4135 -38.80 8.28 -44.06
C PRO F 4135 -37.54 8.14 -43.23
N ALA F 4136 -36.50 8.92 -43.50
CA ALA F 4136 -35.23 8.77 -42.81
C ALA F 4136 -35.09 9.71 -41.61
N ARG F 4137 -36.08 10.56 -41.34
CA ARG F 4137 -35.90 11.56 -40.30
C ARG F 4137 -35.81 10.92 -38.92
N ASP F 4138 -36.72 10.00 -38.62
CA ASP F 4138 -36.74 9.39 -37.28
C ASP F 4138 -35.50 8.55 -37.05
N ILE F 4139 -35.11 7.74 -38.03
CA ILE F 4139 -33.93 6.90 -37.85
C ILE F 4139 -32.68 7.76 -37.77
N GLY F 4140 -32.63 8.84 -38.54
CA GLY F 4140 -31.49 9.75 -38.41
C GLY F 4140 -31.40 10.35 -37.02
N PHE F 4141 -32.55 10.77 -36.48
CA PHE F 4141 -32.53 11.35 -35.14
C PHE F 4141 -32.09 10.33 -34.10
N ASN F 4142 -32.56 9.08 -34.24
CA ASN F 4142 -32.15 8.06 -33.30
C ASN F 4142 -30.66 7.77 -33.39
N VAL F 4143 -30.11 7.75 -34.60
CA VAL F 4143 -28.67 7.55 -34.75
C VAL F 4143 -27.90 8.72 -34.14
N ALA F 4144 -28.40 9.94 -34.34
CA ALA F 4144 -27.76 11.10 -33.73
C ALA F 4144 -27.77 10.99 -32.21
N VAL F 4145 -28.90 10.58 -31.65
CA VAL F 4145 -28.99 10.42 -30.20
C VAL F 4145 -28.04 9.34 -29.72
N LEU F 4146 -27.96 8.24 -30.45
CA LEU F 4146 -27.07 7.14 -30.05
C LEU F 4146 -25.62 7.60 -30.04
N LEU F 4147 -25.19 8.27 -31.11
CA LEU F 4147 -23.82 8.74 -31.18
C LEU F 4147 -23.51 9.77 -30.12
N THR F 4148 -24.40 10.73 -29.90
CA THR F 4148 -24.20 11.71 -28.84
C THR F 4148 -24.13 11.07 -27.47
N ASN F 4149 -25.01 10.12 -27.17
CA ASN F 4149 -25.00 9.45 -25.88
C ASN F 4149 -23.70 8.69 -25.65
N LEU F 4150 -23.24 7.96 -26.66
CA LEU F 4150 -21.97 7.26 -26.52
C LEU F 4150 -20.82 8.23 -26.36
N SER F 4151 -20.83 9.33 -27.11
CA SER F 4151 -19.75 10.31 -26.99
C SER F 4151 -19.69 10.88 -25.58
N GLU F 4152 -20.84 11.23 -25.03
CA GLU F 4152 -20.85 11.85 -23.71
C GLU F 4152 -20.56 10.86 -22.60
N HIS F 4153 -20.88 9.59 -22.81
CA HIS F 4153 -20.64 8.61 -21.76
C HIS F 4153 -19.32 7.87 -21.92
N VAL F 4154 -18.73 7.92 -23.11
CA VAL F 4154 -17.37 7.43 -23.30
C VAL F 4154 -16.60 8.58 -23.92
N PRO F 4155 -16.17 9.54 -23.13
CA PRO F 4155 -15.57 10.74 -23.72
C PRO F 4155 -14.22 10.47 -24.36
N HIS F 4156 -13.34 9.78 -23.65
CA HIS F 4156 -11.98 9.54 -24.12
C HIS F 4156 -11.95 8.22 -24.87
N ASP F 4157 -12.25 8.27 -26.15
CA ASP F 4157 -12.20 7.10 -27.01
C ASP F 4157 -11.72 7.51 -28.40
N PRO F 4158 -10.55 7.02 -28.84
CA PRO F 4158 -10.07 7.36 -30.19
C PRO F 4158 -11.01 6.94 -31.30
N ARG F 4159 -11.76 5.87 -31.08
CA ARG F 4159 -12.43 5.14 -32.16
C ARG F 4159 -13.84 5.63 -32.47
N LEU F 4160 -14.57 6.19 -31.49
CA LEU F 4160 -15.92 6.66 -31.75
C LEU F 4160 -15.95 7.97 -32.49
N ARG F 4161 -15.02 8.89 -32.18
CA ARG F 4161 -15.05 10.22 -32.75
C ARG F 4161 -14.83 10.19 -34.25
N ASN F 4162 -14.23 9.11 -34.75
CA ASN F 4162 -14.23 8.86 -36.19
C ASN F 4162 -15.65 8.87 -36.73
N PHE F 4163 -16.52 8.06 -36.12
CA PHE F 4163 -17.91 8.01 -36.56
C PHE F 4163 -18.58 9.37 -36.40
N LEU F 4164 -18.26 10.07 -35.32
CA LEU F 4164 -18.83 11.40 -35.15
C LEU F 4164 -18.43 12.33 -36.28
N GLU F 4165 -17.17 12.26 -36.72
CA GLU F 4165 -16.74 13.08 -37.86
C GLU F 4165 -17.49 12.71 -39.13
N LEU F 4166 -17.68 11.41 -39.38
CA LEU F 4166 -18.47 11.04 -40.56
C LEU F 4166 -19.92 11.49 -40.45
N ALA F 4167 -20.47 11.56 -39.24
CA ALA F 4167 -21.87 11.88 -39.04
C ALA F 4167 -22.08 13.34 -38.66
N GLU F 4168 -21.06 14.18 -38.85
CA GLU F 4168 -21.17 15.59 -38.54
C GLU F 4168 -22.38 16.23 -39.20
N SER F 4169 -22.65 15.89 -40.45
CA SER F 4169 -23.79 16.49 -41.15
C SER F 4169 -25.11 16.13 -40.47
N ILE F 4170 -25.27 14.86 -40.10
CA ILE F 4170 -26.48 14.43 -39.42
C ILE F 4170 -26.62 15.13 -38.08
N LEU F 4171 -25.52 15.21 -37.32
CA LEU F 4171 -25.58 15.89 -36.04
C LEU F 4171 -25.90 17.36 -36.21
N GLU F 4172 -25.41 17.99 -37.27
CA GLU F 4172 -25.72 19.39 -37.51
C GLU F 4172 -27.21 19.55 -37.85
N TYR F 4173 -27.77 18.64 -38.64
CA TYR F 4173 -29.16 18.81 -39.03
C TYR F 4173 -30.11 18.50 -37.87
N PHE F 4174 -29.76 17.56 -37.01
CA PHE F 4174 -30.64 17.15 -35.93
C PHE F 4174 -30.30 17.79 -34.60
N ARG F 4175 -29.27 18.63 -34.58
CA ARG F 4175 -29.01 19.52 -33.45
C ARG F 4175 -30.20 20.39 -33.06
N PRO F 4176 -30.97 21.02 -33.96
CA PRO F 4176 -31.99 21.97 -33.49
C PRO F 4176 -33.09 21.24 -32.75
N TYR F 4177 -33.25 19.97 -33.09
CA TYR F 4177 -34.36 19.15 -32.64
C TYR F 4177 -33.95 18.12 -31.60
N LEU F 4178 -32.70 18.11 -31.18
CA LEU F 4178 -32.21 17.18 -30.19
C LEU F 4178 -32.04 17.94 -28.87
N GLY F 4179 -32.93 17.68 -27.93
CA GLY F 4179 -32.88 18.34 -26.64
C GLY F 4179 -32.38 17.37 -25.58
N ARG F 4180 -31.54 17.88 -24.69
CA ARG F 4180 -31.01 17.09 -23.60
C ARG F 4180 -31.25 17.80 -22.29
N ILE F 4181 -31.65 17.06 -21.27
CA ILE F 4181 -31.85 17.59 -19.94
C ILE F 4181 -31.24 16.60 -18.94
N GLU F 4182 -30.79 17.10 -17.81
CA GLU F 4182 -30.30 16.24 -16.75
C GLU F 4182 -31.32 16.16 -15.63
N ILE F 4183 -31.57 14.96 -15.15
CA ILE F 4183 -32.49 14.74 -14.04
C ILE F 4183 -31.79 13.93 -12.97
N MET F 4184 -32.44 13.81 -11.83
CA MET F 4184 -32.00 12.95 -10.75
C MET F 4184 -32.83 11.68 -10.78
N GLY F 4185 -32.26 10.62 -11.36
CA GLY F 4185 -32.98 9.37 -11.51
C GLY F 4185 -33.16 8.65 -10.19
N ALA F 4186 -33.81 7.49 -10.28
CA ALA F 4186 -34.07 6.71 -9.08
C ALA F 4186 -32.80 6.22 -8.41
N SER F 4187 -31.75 5.95 -9.18
CA SER F 4187 -30.50 5.46 -8.64
C SER F 4187 -29.71 6.52 -7.89
N ARG F 4188 -30.30 7.68 -7.64
CA ARG F 4188 -29.68 8.79 -6.93
C ARG F 4188 -28.45 9.33 -7.64
N ARG F 4189 -28.41 9.24 -8.97
CA ARG F 4189 -27.35 9.82 -9.77
C ARG F 4189 -27.97 10.67 -10.86
N ILE F 4190 -27.30 11.76 -11.23
CA ILE F 4190 -27.79 12.59 -12.32
C ILE F 4190 -27.60 11.86 -13.64
N GLU F 4191 -28.67 11.79 -14.41
CA GLU F 4191 -28.67 11.10 -15.69
C GLU F 4191 -29.14 12.08 -16.77
N ARG F 4192 -28.54 11.97 -17.94
CA ARG F 4192 -28.90 12.81 -19.08
C ARG F 4192 -29.96 12.10 -19.92
N ILE F 4193 -30.98 12.85 -20.33
CA ILE F 4193 -32.05 12.36 -21.17
C ILE F 4193 -31.99 13.11 -22.49
N TYR F 4194 -32.00 12.37 -23.58
CA TYR F 4194 -32.04 12.93 -24.93
C TYR F 4194 -33.40 12.65 -25.52
N PHE F 4195 -34.01 13.68 -26.10
CA PHE F 4195 -35.34 13.56 -26.67
C PHE F 4195 -35.45 14.51 -27.85
N GLU F 4196 -36.60 14.46 -28.51
CA GLU F 4196 -36.80 15.21 -29.75
C GLU F 4196 -37.67 16.43 -29.49
N ILE F 4197 -37.17 17.59 -29.87
CA ILE F 4197 -37.96 18.80 -29.87
C ILE F 4197 -38.49 19.01 -31.29
N SER F 4198 -39.80 19.04 -31.41
CA SER F 4198 -40.40 19.17 -32.73
C SER F 4198 -40.18 20.56 -33.29
N GLU F 4199 -40.41 20.70 -34.60
CA GLU F 4199 -40.22 21.99 -35.25
C GLU F 4199 -41.26 23.00 -34.77
N THR F 4200 -42.51 22.58 -34.67
CA THR F 4200 -43.57 23.48 -34.26
C THR F 4200 -43.34 23.99 -32.85
N ASN F 4201 -42.93 23.09 -31.94
CA ASN F 4201 -42.69 23.49 -30.57
C ASN F 4201 -41.59 24.54 -30.47
N ARG F 4202 -40.49 24.31 -31.19
CA ARG F 4202 -39.38 25.26 -31.15
C ARG F 4202 -39.78 26.59 -31.76
N ALA F 4203 -40.50 26.55 -32.87
CA ALA F 4203 -40.94 27.80 -33.50
C ALA F 4203 -41.87 28.57 -32.58
N GLN F 4204 -42.77 27.87 -31.90
CA GLN F 4204 -43.75 28.52 -31.04
C GLN F 4204 -43.10 29.06 -29.77
N TRP F 4205 -42.04 28.41 -29.30
CA TRP F 4205 -41.37 28.88 -28.09
C TRP F 4205 -40.59 30.16 -28.33
N GLU F 4206 -40.06 30.35 -29.52
CA GLU F 4206 -39.27 31.52 -29.83
C GLU F 4206 -40.14 32.72 -30.22
N MET F 4207 -41.46 32.57 -30.20
CA MET F 4207 -42.35 33.61 -30.70
C MET F 4207 -42.31 34.75 -29.68
N PRO F 4208 -42.50 36.00 -30.12
CA PRO F 4208 -42.24 37.15 -29.22
C PRO F 4208 -43.05 37.14 -27.93
N GLN F 4209 -44.32 36.75 -28.00
CA GLN F 4209 -45.14 36.73 -26.79
C GLN F 4209 -44.57 35.80 -25.74
N VAL F 4210 -44.23 34.58 -26.14
CA VAL F 4210 -43.73 33.60 -25.18
C VAL F 4210 -42.42 34.08 -24.59
N LYS F 4211 -41.60 34.75 -25.38
CA LYS F 4211 -40.33 35.25 -24.87
C LYS F 4211 -40.52 36.34 -23.83
N GLU F 4212 -41.48 37.25 -24.08
CA GLU F 4212 -41.79 38.26 -23.08
C GLU F 4212 -42.30 37.63 -21.79
N SER F 4213 -43.18 36.63 -21.92
CA SER F 4213 -43.65 35.93 -20.74
C SER F 4213 -42.51 35.24 -20.01
N LYS F 4214 -41.55 34.69 -20.76
CA LYS F 4214 -40.38 34.07 -20.14
C LYS F 4214 -39.63 35.08 -19.28
N ARG F 4215 -39.35 36.26 -19.82
CA ARG F 4215 -38.59 37.24 -19.05
C ARG F 4215 -39.36 37.74 -17.83
N GLN F 4216 -40.68 37.92 -17.95
CA GLN F 4216 -41.44 38.24 -16.75
C GLN F 4216 -41.37 37.14 -15.71
N PHE F 4217 -41.48 35.88 -16.13
CA PHE F 4217 -41.41 34.82 -15.14
C PHE F 4217 -40.06 34.82 -14.44
N ILE F 4218 -38.99 35.01 -15.21
CA ILE F 4218 -37.66 35.04 -14.59
C ILE F 4218 -37.58 36.17 -13.59
N PHE F 4219 -38.07 37.34 -13.96
CA PHE F 4219 -38.01 38.48 -13.04
C PHE F 4219 -38.78 38.18 -11.76
N ASP F 4220 -39.98 37.64 -11.89
CA ASP F 4220 -40.80 37.35 -10.71
C ASP F 4220 -40.16 36.30 -9.83
N VAL F 4221 -39.64 35.23 -10.42
CA VAL F 4221 -39.11 34.14 -9.61
C VAL F 4221 -37.80 34.56 -8.94
N VAL F 4222 -37.02 35.43 -9.57
CA VAL F 4222 -35.75 35.80 -8.95
C VAL F 4222 -35.97 36.85 -7.86
N ASN F 4223 -37.00 37.68 -7.98
CA ASN F 4223 -37.30 38.55 -6.85
C ASN F 4223 -37.77 37.75 -5.64
N GLU F 4224 -38.62 36.75 -5.84
CA GLU F 4224 -39.06 35.89 -4.75
C GLU F 4224 -39.79 34.69 -5.33
N GLY F 4225 -39.85 33.61 -4.56
CA GLY F 4225 -40.71 32.49 -4.88
C GLY F 4225 -40.01 31.16 -4.75
N GLY F 4226 -40.80 30.10 -4.65
CA GLY F 4226 -40.31 28.72 -4.69
C GLY F 4226 -40.07 28.29 -6.11
N GLU F 4227 -38.83 27.92 -6.44
CA GLU F 4227 -38.41 27.89 -7.83
C GLU F 4227 -39.10 26.78 -8.61
N ALA F 4228 -38.89 25.53 -8.21
CA ALA F 4228 -39.26 24.41 -9.08
C ALA F 4228 -40.77 24.39 -9.35
N GLU F 4229 -41.58 24.58 -8.31
CA GLU F 4229 -43.02 24.56 -8.50
C GLU F 4229 -43.46 25.71 -9.40
N LYS F 4230 -42.87 26.89 -9.21
CA LYS F 4230 -43.23 28.02 -10.05
C LYS F 4230 -42.82 27.80 -11.49
N MET F 4231 -41.67 27.20 -11.76
CA MET F 4231 -41.30 26.88 -13.14
C MET F 4231 -42.35 25.98 -13.68
N GLU F 4232 -42.71 24.94 -12.97
CA GLU F 4232 -43.65 24.03 -13.55
C GLU F 4232 -45.00 24.69 -13.80
N LEU F 4233 -45.35 25.73 -13.06
CA LEU F 4233 -46.59 26.40 -13.34
C LEU F 4233 -46.38 27.36 -14.44
N PHE F 4234 -45.15 27.71 -14.70
CA PHE F 4234 -44.84 28.54 -15.86
C PHE F 4234 -44.89 27.72 -17.13
N VAL F 4235 -44.43 26.50 -17.07
CA VAL F 4235 -44.45 25.66 -18.21
C VAL F 4235 -45.88 25.38 -18.55
N SER F 4236 -46.69 25.00 -17.60
CA SER F 4236 -48.06 24.63 -17.91
C SER F 4236 -48.83 25.77 -18.49
N PHE F 4237 -48.65 26.97 -17.99
CA PHE F 4237 -49.32 28.09 -18.58
C PHE F 4237 -48.86 28.35 -19.98
N CYS F 4238 -47.57 28.23 -20.23
CA CYS F 4238 -47.05 28.48 -21.53
C CYS F 4238 -47.64 27.48 -22.50
N GLU F 4239 -47.79 26.24 -22.09
CA GLU F 4239 -48.34 25.22 -22.95
C GLU F 4239 -49.77 25.52 -23.32
N ASP F 4240 -50.51 26.23 -22.49
CA ASP F 4240 -51.87 26.62 -22.82
C ASP F 4240 -51.83 27.84 -23.67
N THR F 4241 -50.87 28.73 -23.47
CA THR F 4241 -50.78 29.86 -24.39
C THR F 4241 -50.41 29.40 -25.78
N ILE F 4242 -49.69 28.32 -25.88
CA ILE F 4242 -49.28 27.84 -27.17
C ILE F 4242 -50.56 27.37 -27.83
N PHE F 4243 -51.43 26.71 -27.07
CA PHE F 4243 -52.62 26.18 -27.70
C PHE F 4243 -53.44 27.32 -28.20
N GLU F 4244 -53.57 28.34 -27.39
CA GLU F 4244 -54.46 29.39 -27.79
C GLU F 4244 -53.92 30.08 -29.01
N MET F 4245 -52.61 30.31 -29.10
CA MET F 4245 -52.15 31.06 -30.27
C MET F 4245 -52.18 30.21 -31.52
N GLN F 4246 -52.00 28.88 -31.42
CA GLN F 4246 -52.19 28.06 -32.61
C GLN F 4246 -53.65 28.07 -33.04
N ILE F 4247 -54.58 28.06 -32.06
CA ILE F 4247 -55.98 28.18 -32.41
C ILE F 4247 -56.25 29.51 -33.09
N ALA F 4248 -55.70 30.60 -32.55
CA ALA F 4248 -55.95 31.93 -33.11
C ALA F 4248 -55.40 32.03 -34.53
N ALA F 4249 -54.21 31.48 -34.77
CA ALA F 4249 -53.62 31.57 -36.09
C ALA F 4249 -54.13 30.49 -37.04
N GLN F 4250 -55.04 29.63 -36.58
CA GLN F 4250 -55.51 28.53 -37.43
C GLN F 4250 -56.19 29.04 -38.69
N ILE F 4251 -57.02 30.09 -38.59
CA ILE F 4251 -57.70 30.58 -39.78
C ILE F 4251 -56.70 31.13 -40.78
N SER F 4252 -55.68 31.85 -40.30
CA SER F 4252 -54.64 32.39 -41.16
C SER F 4252 -53.79 31.30 -41.81
N GLU F 4253 -53.90 30.07 -41.31
CA GLU F 4253 -53.21 28.95 -41.91
C GLU F 4253 -54.08 28.33 -42.99
N PHE F 4540 -78.40 30.15 -43.22
CA PHE F 4540 -78.14 29.13 -42.21
C PHE F 4540 -77.11 29.63 -41.20
N TRP F 4541 -77.04 28.94 -40.06
CA TRP F 4541 -76.14 29.39 -38.99
C TRP F 4541 -74.73 28.83 -39.13
N GLY F 4542 -74.55 27.76 -39.92
CA GLY F 4542 -73.24 27.11 -39.97
C GLY F 4542 -72.17 27.98 -40.60
N GLU F 4543 -72.46 28.54 -41.79
CA GLU F 4543 -71.48 29.37 -42.45
C GLU F 4543 -71.22 30.65 -41.68
N LEU F 4544 -72.25 31.21 -41.04
CA LEU F 4544 -72.05 32.39 -40.21
C LEU F 4544 -71.18 32.05 -39.00
N GLU F 4545 -71.33 30.84 -38.45
CA GLU F 4545 -70.45 30.43 -37.36
C GLU F 4545 -69.02 30.33 -37.81
N VAL F 4546 -68.79 29.79 -39.02
CA VAL F 4546 -67.43 29.70 -39.54
C VAL F 4546 -66.83 31.10 -39.70
N GLN F 4547 -67.61 32.01 -40.29
CA GLN F 4547 -67.11 33.38 -40.47
C GLN F 4547 -66.93 34.08 -39.14
N ARG F 4548 -67.76 33.74 -38.13
CA ARG F 4548 -67.60 34.32 -36.80
C ARG F 4548 -66.29 33.87 -36.17
N VAL F 4549 -65.98 32.59 -36.29
CA VAL F 4549 -64.72 32.10 -35.74
C VAL F 4549 -63.54 32.78 -36.43
N LYS F 4550 -63.66 32.97 -37.74
CA LYS F 4550 -62.59 33.68 -38.47
C LYS F 4550 -62.46 35.12 -38.00
N PHE F 4551 -63.58 35.81 -37.80
CA PHE F 4551 -63.54 37.19 -37.35
C PHE F 4551 -62.90 37.29 -35.96
N LEU F 4552 -63.36 36.46 -35.03
CA LEU F 4552 -62.82 36.53 -33.68
C LEU F 4552 -61.35 36.11 -33.63
N ASN F 4553 -60.92 35.23 -34.52
CA ASN F 4553 -59.51 34.87 -34.56
C ASN F 4553 -58.67 35.97 -35.20
N TYR F 4554 -59.24 36.71 -36.16
CA TYR F 4554 -58.53 37.84 -36.72
C TYR F 4554 -58.35 38.94 -35.68
N LEU F 4555 -59.36 39.16 -34.83
CA LEU F 4555 -59.22 40.15 -33.78
C LEU F 4555 -58.14 39.74 -32.79
N SER F 4556 -58.18 38.48 -32.35
CA SER F 4556 -57.23 38.01 -31.35
C SER F 4556 -55.81 38.05 -31.88
N ARG F 4557 -55.63 37.73 -33.16
CA ARG F 4557 -54.29 37.64 -33.72
C ARG F 4557 -53.58 38.99 -33.67
N ASN F 4558 -54.28 40.06 -34.01
CA ASN F 4558 -53.69 41.39 -34.08
C ASN F 4558 -54.31 42.32 -33.06
N PHE F 4559 -54.51 41.81 -31.84
CA PHE F 4559 -55.12 42.59 -30.77
C PHE F 4559 -54.31 43.85 -30.46
N TYR F 4560 -52.99 43.72 -30.47
CA TYR F 4560 -52.14 44.84 -30.11
C TYR F 4560 -52.21 45.95 -31.15
N THR F 4561 -52.32 45.58 -32.43
CA THR F 4561 -52.52 46.60 -33.46
C THR F 4561 -53.82 47.36 -33.21
N LEU F 4562 -54.84 46.67 -32.73
CA LEU F 4562 -56.08 47.36 -32.39
C LEU F 4562 -55.88 48.31 -31.21
N ARG F 4563 -55.18 47.84 -30.17
CA ARG F 4563 -54.87 48.71 -29.03
C ARG F 4563 -54.01 49.89 -29.39
N PHE F 4564 -53.27 49.79 -30.49
CA PHE F 4564 -52.35 50.81 -30.95
C PHE F 4564 -53.09 51.82 -31.82
N LEU F 4565 -53.94 51.33 -32.71
CA LEU F 4565 -54.79 52.19 -33.51
C LEU F 4565 -55.77 52.99 -32.65
N ALA F 4566 -56.26 52.38 -31.57
CA ALA F 4566 -57.17 53.09 -30.69
C ALA F 4566 -56.50 54.30 -30.08
N LEU F 4567 -55.25 54.14 -29.66
CA LEU F 4567 -54.47 55.27 -29.14
C LEU F 4567 -54.24 56.32 -30.22
N PHE F 4568 -53.96 55.89 -31.45
CA PHE F 4568 -53.77 56.85 -32.52
C PHE F 4568 -55.05 57.68 -32.69
N LEU F 4569 -56.20 57.02 -32.68
CA LEU F 4569 -57.47 57.69 -32.84
C LEU F 4569 -57.73 58.67 -31.70
N ALA F 4570 -57.33 58.31 -30.49
CA ALA F 4570 -57.48 59.22 -29.35
C ALA F 4570 -56.68 60.50 -29.54
N PHE F 4571 -55.45 60.38 -30.03
CA PHE F 4571 -54.68 61.59 -30.32
C PHE F 4571 -55.34 62.38 -31.44
N ALA F 4572 -55.81 61.70 -32.48
CA ALA F 4572 -56.38 62.41 -33.62
C ALA F 4572 -57.59 63.22 -33.18
N ILE F 4573 -58.48 62.60 -32.40
CA ILE F 4573 -59.66 63.29 -31.92
C ILE F 4573 -59.27 64.45 -31.01
N ASN F 4574 -58.36 64.23 -30.09
CA ASN F 4574 -57.97 65.27 -29.16
C ASN F 4574 -57.21 66.40 -29.86
N PHE F 4575 -56.60 66.12 -30.99
CA PHE F 4575 -56.05 67.18 -31.81
C PHE F 4575 -57.16 67.96 -32.48
N ILE F 4576 -58.18 67.26 -32.97
CA ILE F 4576 -59.40 67.92 -33.44
C ILE F 4576 -60.03 68.71 -32.32
N LEU F 4577 -60.01 68.17 -31.10
CA LEU F 4577 -60.64 68.84 -29.96
C LEU F 4577 -59.94 70.12 -29.56
N LEU F 4578 -58.74 70.38 -30.04
CA LEU F 4578 -58.06 71.61 -29.65
C LEU F 4578 -58.71 72.83 -30.27
N PHE F 4579 -59.40 72.68 -31.38
CA PHE F 4579 -59.90 73.82 -32.15
C PHE F 4579 -61.33 74.17 -31.76
N TYR F 4580 -61.60 74.26 -30.47
CA TYR F 4580 -62.92 74.70 -30.01
C TYR F 4580 -62.92 76.17 -29.64
N LYS F 4581 -64.13 76.70 -29.58
CA LYS F 4581 -64.37 78.08 -29.20
C LYS F 4581 -65.72 78.15 -28.53
N VAL F 4582 -65.82 79.00 -27.50
CA VAL F 4582 -67.07 79.16 -26.76
C VAL F 4582 -67.53 80.60 -26.94
N SER F 4583 -68.73 80.77 -27.46
CA SER F 4583 -69.24 82.09 -27.80
C SER F 4583 -70.74 82.13 -27.64
N ASP F 4584 -71.24 83.29 -27.21
CA ASP F 4584 -72.67 83.43 -26.95
C ASP F 4584 -73.49 83.29 -28.24
N SER F 4585 -73.01 83.88 -29.33
CA SER F 4585 -73.74 83.84 -30.59
C SER F 4585 -73.64 82.47 -31.22
N PRO F 4586 -74.74 81.81 -31.55
CA PRO F 4586 -74.68 80.54 -32.25
C PRO F 4586 -73.93 80.68 -33.55
N PRO F 4587 -73.16 79.66 -33.95
CA PRO F 4587 -72.42 79.69 -35.22
C PRO F 4587 -73.37 79.63 -36.42
N MET F 4627 -77.23 80.94 -21.94
CA MET F 4627 -76.48 79.87 -22.55
C MET F 4627 -75.49 80.34 -23.62
N VAL F 4628 -74.65 79.40 -24.05
CA VAL F 4628 -73.48 79.68 -24.86
C VAL F 4628 -73.19 78.41 -25.64
N TYR F 4629 -72.58 78.53 -26.82
CA TYR F 4629 -72.44 77.38 -27.72
C TYR F 4629 -70.99 77.08 -28.01
N TYR F 4630 -70.64 75.80 -27.95
CA TYR F 4630 -69.31 75.33 -28.29
C TYR F 4630 -69.29 74.90 -29.74
N PHE F 4631 -68.31 75.38 -30.49
CA PHE F 4631 -68.22 75.05 -31.90
C PHE F 4631 -66.77 75.16 -32.34
N LEU F 4632 -66.41 74.38 -33.36
CA LEU F 4632 -65.05 74.43 -33.86
C LEU F 4632 -64.84 75.68 -34.72
N GLU F 4633 -63.62 76.19 -34.71
CA GLU F 4633 -63.22 77.28 -35.58
C GLU F 4633 -62.11 76.77 -36.49
N GLU F 4634 -62.32 76.88 -37.80
CA GLU F 4634 -61.37 76.36 -38.77
C GLU F 4634 -61.71 76.93 -40.14
N SER F 4635 -60.72 76.90 -41.03
CA SER F 4635 -60.96 77.37 -42.39
C SER F 4635 -61.41 76.25 -43.32
N THR F 4636 -61.14 75.00 -42.95
CA THR F 4636 -61.39 73.89 -43.87
C THR F 4636 -62.88 73.66 -44.05
N GLY F 4637 -63.58 73.40 -42.94
CA GLY F 4637 -64.98 73.09 -42.98
C GLY F 4637 -65.31 71.68 -42.56
N TYR F 4638 -64.59 70.70 -43.06
CA TYR F 4638 -64.71 69.36 -42.50
C TYR F 4638 -63.61 69.04 -41.49
N MET F 4639 -63.42 69.90 -40.48
CA MET F 4639 -62.96 69.42 -39.19
C MET F 4639 -64.05 68.61 -38.53
N GLU F 4640 -65.28 69.11 -38.59
CA GLU F 4640 -66.38 68.53 -37.83
C GLU F 4640 -66.79 67.15 -38.31
N PRO F 4641 -67.06 66.92 -39.61
CA PRO F 4641 -67.34 65.54 -40.05
C PRO F 4641 -66.20 64.59 -39.76
N ALA F 4642 -64.96 65.06 -39.82
CA ALA F 4642 -63.83 64.21 -39.45
C ALA F 4642 -63.95 63.79 -38.00
N LEU F 4643 -64.31 64.72 -37.12
CA LEU F 4643 -64.51 64.38 -35.72
C LEU F 4643 -65.64 63.37 -35.56
N TRP F 4644 -66.73 63.56 -36.29
CA TRP F 4644 -67.86 62.67 -36.17
C TRP F 4644 -67.53 61.25 -36.63
N CYS F 4645 -66.80 61.11 -37.74
CA CYS F 4645 -66.38 59.79 -38.18
C CYS F 4645 -65.41 59.16 -37.19
N LEU F 4646 -64.47 59.96 -36.68
CA LEU F 4646 -63.46 59.42 -35.79
C LEU F 4646 -64.06 58.97 -34.47
N SER F 4647 -65.11 59.66 -34.00
CA SER F 4647 -65.75 59.23 -32.75
C SER F 4647 -66.33 57.83 -32.90
N LEU F 4648 -67.10 57.61 -33.96
CA LEU F 4648 -67.68 56.28 -34.18
C LEU F 4648 -66.61 55.24 -34.38
N LEU F 4649 -65.57 55.57 -35.15
CA LEU F 4649 -64.53 54.59 -35.42
C LEU F 4649 -63.77 54.23 -34.15
N HIS F 4650 -63.50 55.21 -33.29
CA HIS F 4650 -62.83 54.93 -32.02
C HIS F 4650 -63.70 54.05 -31.15
N THR F 4651 -64.99 54.33 -31.09
CA THR F 4651 -65.89 53.49 -30.30
C THR F 4651 -65.89 52.07 -30.82
N LEU F 4652 -65.93 51.89 -32.14
CA LEU F 4652 -65.89 50.57 -32.72
C LEU F 4652 -64.59 49.85 -32.36
N VAL F 4653 -63.46 50.57 -32.42
CA VAL F 4653 -62.18 49.94 -32.13
C VAL F 4653 -62.13 49.50 -30.66
N ALA F 4654 -62.66 50.32 -29.76
CA ALA F 4654 -62.69 49.95 -28.35
C ALA F 4654 -63.50 48.68 -28.14
N PHE F 4655 -64.67 48.60 -28.78
CA PHE F 4655 -65.49 47.40 -28.63
C PHE F 4655 -64.77 46.18 -29.18
N LEU F 4656 -64.12 46.34 -30.34
CA LEU F 4656 -63.36 45.24 -30.93
C LEU F 4656 -62.22 44.80 -30.04
N CYS F 4657 -61.57 45.73 -29.36
CA CYS F 4657 -60.51 45.37 -28.43
C CYS F 4657 -61.05 44.57 -27.25
N ILE F 4658 -62.24 44.92 -26.78
CA ILE F 4658 -62.86 44.15 -25.70
C ILE F 4658 -63.09 42.72 -26.15
N ILE F 4659 -63.62 42.54 -27.36
CA ILE F 4659 -63.78 41.18 -27.90
C ILE F 4659 -62.43 40.47 -28.04
N GLY F 4660 -61.42 41.16 -28.52
CA GLY F 4660 -60.10 40.56 -28.63
C GLY F 4660 -59.56 40.08 -27.30
N TYR F 4661 -59.78 40.88 -26.26
CA TYR F 4661 -59.35 40.46 -24.93
C TYR F 4661 -60.13 39.25 -24.44
N ASN F 4662 -61.43 39.19 -24.73
CA ASN F 4662 -62.21 38.03 -24.32
C ASN F 4662 -61.76 36.75 -25.00
N CYS F 4663 -61.08 36.84 -26.14
CA CYS F 4663 -60.71 35.67 -26.90
C CYS F 4663 -59.21 35.39 -26.94
N LEU F 4664 -58.39 36.26 -26.35
CA LEU F 4664 -56.95 36.03 -26.34
C LEU F 4664 -56.39 35.84 -24.94
N LYS F 4665 -56.71 36.72 -24.00
CA LYS F 4665 -56.08 36.67 -22.68
C LYS F 4665 -56.98 36.12 -21.59
N VAL F 4666 -58.30 36.30 -21.73
CA VAL F 4666 -59.21 35.78 -20.71
C VAL F 4666 -59.09 34.29 -20.51
N PRO F 4667 -59.00 33.45 -21.57
CA PRO F 4667 -58.89 32.01 -21.33
C PRO F 4667 -57.71 31.64 -20.45
N LEU F 4668 -56.60 32.37 -20.54
CA LEU F 4668 -55.48 32.08 -19.65
C LEU F 4668 -55.85 32.37 -18.20
N VAL F 4669 -56.57 33.46 -17.95
CA VAL F 4669 -56.94 33.79 -16.58
C VAL F 4669 -57.85 32.73 -16.00
N ILE F 4670 -58.85 32.30 -16.76
CA ILE F 4670 -59.75 31.30 -16.22
C ILE F 4670 -58.97 30.01 -16.00
N PHE F 4671 -57.96 29.74 -16.79
CA PHE F 4671 -57.11 28.58 -16.58
C PHE F 4671 -56.34 28.68 -15.32
N LYS F 4672 -55.87 29.86 -14.97
CA LYS F 4672 -55.02 29.95 -13.84
C LYS F 4672 -55.82 29.97 -12.61
N ARG F 4673 -57.12 30.18 -12.70
CA ARG F 4673 -57.96 30.02 -11.52
C ARG F 4673 -58.50 28.60 -11.40
N GLU F 4674 -58.90 27.99 -12.53
CA GLU F 4674 -59.33 26.61 -12.47
C GLU F 4674 -58.19 25.71 -12.00
N LYS F 4675 -56.97 25.97 -12.48
CA LYS F 4675 -55.83 25.17 -12.09
C LYS F 4675 -55.57 25.28 -10.60
N GLU F 4676 -55.48 26.49 -10.07
CA GLU F 4676 -55.15 26.67 -8.67
C GLU F 4676 -56.25 26.09 -7.79
N LEU F 4677 -57.51 26.22 -8.20
CA LEU F 4677 -58.57 25.68 -7.36
C LEU F 4677 -58.53 24.16 -7.35
N ALA F 4678 -58.16 23.56 -8.45
CA ALA F 4678 -58.22 22.13 -8.43
C ALA F 4678 -57.10 21.58 -7.60
N ARG F 4679 -56.01 22.29 -7.47
CA ARG F 4679 -54.96 21.86 -6.57
C ARG F 4679 -55.37 22.07 -5.14
N LYS F 4680 -55.94 23.22 -4.84
CA LYS F 4680 -56.33 23.53 -3.49
C LYS F 4680 -57.38 22.54 -3.11
N LEU F 4681 -58.13 22.05 -4.08
CA LEU F 4681 -59.19 21.10 -3.78
C LEU F 4681 -58.63 19.71 -3.57
N GLU F 4682 -57.66 19.31 -4.37
CA GLU F 4682 -57.18 17.93 -4.34
C GLU F 4682 -56.08 17.75 -3.29
N PHE F 4683 -55.03 18.56 -3.37
CA PHE F 4683 -53.85 18.35 -2.53
C PHE F 4683 -53.98 18.98 -1.16
N ASP F 4684 -54.84 19.99 -1.02
CA ASP F 4684 -55.04 20.69 0.23
C ASP F 4684 -56.46 20.60 0.74
N GLY F 4685 -57.42 20.19 -0.09
CA GLY F 4685 -58.79 20.07 0.35
C GLY F 4685 -59.38 21.34 0.92
N LEU F 4686 -59.30 22.44 0.15
CA LEU F 4686 -59.66 23.74 0.71
C LEU F 4686 -61.14 23.81 1.07
N TYR F 4687 -61.98 23.01 0.41
CA TYR F 4687 -63.39 22.97 0.76
C TYR F 4687 -63.81 21.65 1.40
N ILE F 4688 -63.02 20.59 1.24
CA ILE F 4688 -63.37 19.32 1.86
C ILE F 4688 -63.06 19.34 3.35
N THR F 4689 -61.79 19.55 3.69
CA THR F 4689 -61.35 19.57 5.08
C THR F 4689 -61.43 20.96 5.67
N GLU F 4690 -60.69 21.89 5.10
CA GLU F 4690 -60.65 23.27 5.55
C GLU F 4690 -61.79 24.03 4.89
N GLN F 4691 -61.90 25.34 5.16
CA GLN F 4691 -62.91 26.17 4.53
C GLN F 4691 -62.28 27.51 4.22
N PRO F 4692 -62.75 28.21 3.19
CA PRO F 4692 -62.13 29.50 2.85
C PRO F 4692 -62.19 30.46 4.03
N GLY F 4693 -61.14 31.25 4.18
CA GLY F 4693 -60.86 31.95 5.42
C GLY F 4693 -61.86 32.99 5.87
N ASP F 4694 -63.01 33.06 5.21
CA ASP F 4694 -64.12 33.95 5.53
C ASP F 4694 -63.76 35.42 5.37
N ASP F 4695 -62.53 35.73 4.95
CA ASP F 4695 -62.14 37.08 4.59
C ASP F 4695 -61.59 37.17 3.18
N ASP F 4696 -61.35 36.02 2.53
CA ASP F 4696 -60.89 35.98 1.15
C ASP F 4696 -62.09 35.85 0.24
N VAL F 4697 -62.29 36.85 -0.62
CA VAL F 4697 -63.42 36.80 -1.53
C VAL F 4697 -63.18 35.77 -2.63
N LYS F 4698 -61.93 35.42 -2.89
CA LYS F 4698 -61.62 34.52 -4.00
C LYS F 4698 -62.17 33.12 -3.73
N GLY F 4699 -61.90 32.57 -2.54
CA GLY F 4699 -62.39 31.24 -2.23
C GLY F 4699 -63.90 31.17 -2.20
N GLN F 4700 -64.52 32.14 -1.53
CA GLN F 4700 -65.97 32.14 -1.43
C GLN F 4700 -66.63 32.31 -2.79
N TRP F 4701 -66.03 33.12 -3.66
CA TRP F 4701 -66.56 33.25 -5.01
C TRP F 4701 -66.38 31.96 -5.79
N ASP F 4702 -65.23 31.31 -5.64
CA ASP F 4702 -64.98 30.07 -6.35
C ASP F 4702 -65.83 28.92 -5.85
N ARG F 4703 -66.50 29.10 -4.71
CA ARG F 4703 -67.39 28.05 -4.24
C ARG F 4703 -68.51 27.76 -5.24
N LEU F 4704 -68.92 28.75 -6.02
CA LEU F 4704 -70.06 28.56 -6.91
C LEU F 4704 -69.76 27.51 -7.97
N VAL F 4705 -68.57 27.55 -8.56
CA VAL F 4705 -68.28 26.77 -9.75
C VAL F 4705 -68.10 25.30 -9.46
N LEU F 4706 -67.87 24.92 -8.19
CA LEU F 4706 -67.67 23.51 -7.86
C LEU F 4706 -68.86 22.65 -8.27
N ASN F 4707 -70.06 23.12 -7.96
CA ASN F 4707 -71.25 22.32 -8.22
C ASN F 4707 -71.49 22.13 -9.72
N THR F 4708 -70.91 22.97 -10.56
CA THR F 4708 -71.23 22.96 -11.98
C THR F 4708 -70.65 21.73 -12.66
N PRO F 4709 -71.34 21.19 -13.68
CA PRO F 4709 -70.82 20.02 -14.38
C PRO F 4709 -69.65 20.33 -15.29
N SER F 4710 -69.44 21.59 -15.66
CA SER F 4710 -68.37 21.97 -16.57
C SER F 4710 -67.28 22.74 -15.82
N PHE F 4711 -66.93 22.27 -14.64
CA PHE F 4711 -65.84 22.92 -13.90
C PHE F 4711 -64.52 22.94 -14.64
N PRO F 4712 -63.88 21.83 -14.95
CA PRO F 4712 -62.57 21.96 -15.60
C PRO F 4712 -62.76 22.18 -17.10
N SER F 4713 -63.12 23.40 -17.49
CA SER F 4713 -63.41 23.72 -18.87
C SER F 4713 -62.19 24.09 -19.65
N ASN F 4714 -61.25 24.77 -19.03
CA ASN F 4714 -60.02 25.09 -19.71
C ASN F 4714 -58.81 24.30 -19.24
N TYR F 4715 -58.79 23.82 -18.01
CA TYR F 4715 -57.65 23.11 -17.46
C TYR F 4715 -57.56 21.73 -18.02
N TRP F 4716 -56.37 21.15 -18.07
CA TRP F 4716 -56.19 19.86 -18.70
C TRP F 4716 -56.92 18.75 -18.03
N ASP F 4717 -56.95 18.73 -16.71
CA ASP F 4717 -57.56 17.60 -16.03
C ASP F 4717 -59.01 17.76 -16.11
N LYS F 4718 -59.68 16.79 -16.70
CA LYS F 4718 -61.09 16.83 -16.77
C LYS F 4718 -61.63 15.82 -15.81
N PHE F 4719 -60.76 15.25 -14.99
CA PHE F 4719 -61.18 14.22 -14.10
C PHE F 4719 -60.78 14.58 -12.71
N VAL F 4720 -60.64 15.86 -12.44
CA VAL F 4720 -60.24 16.33 -11.12
C VAL F 4720 -61.28 15.94 -10.07
N LYS F 4721 -62.57 16.07 -10.40
CA LYS F 4721 -63.60 15.72 -9.44
C LYS F 4721 -63.50 14.26 -9.02
N ARG F 4722 -63.22 13.39 -9.98
CA ARG F 4722 -63.14 11.97 -9.73
C ARG F 4722 -61.86 11.58 -9.00
N LYS F 4723 -60.91 12.50 -8.87
CA LYS F 4723 -59.75 12.28 -8.01
C LYS F 4723 -59.99 12.82 -6.61
N VAL F 4724 -60.65 13.97 -6.50
CA VAL F 4724 -61.02 14.49 -5.18
C VAL F 4724 -61.91 13.49 -4.46
N LEU F 4725 -62.81 12.86 -5.20
CA LEU F 4725 -63.64 11.82 -4.60
C LEU F 4725 -62.79 10.66 -4.10
N ASP F 4726 -61.93 10.11 -4.96
CA ASP F 4726 -61.13 8.96 -4.58
C ASP F 4726 -60.13 9.27 -3.49
N LYS F 4727 -59.85 10.54 -3.23
CA LYS F 4727 -58.94 10.90 -2.14
C LYS F 4727 -59.67 11.17 -0.82
N HIS F 4728 -60.76 11.92 -0.85
CA HIS F 4728 -61.39 12.41 0.38
C HIS F 4728 -62.74 11.77 0.66
N GLY F 4729 -63.21 10.86 -0.19
CA GLY F 4729 -64.52 10.29 0.02
C GLY F 4729 -64.59 9.44 1.27
N ASP F 4730 -63.51 8.70 1.55
CA ASP F 4730 -63.49 7.87 2.75
C ASP F 4730 -63.60 8.72 4.00
N ILE F 4731 -62.82 9.81 4.06
CA ILE F 4731 -62.76 10.61 5.28
C ILE F 4731 -64.06 11.39 5.47
N PHE F 4732 -64.61 11.94 4.39
CA PHE F 4732 -65.75 12.84 4.51
C PHE F 4732 -66.99 12.36 3.75
N GLY F 4733 -67.08 11.08 3.44
CA GLY F 4733 -68.31 10.58 2.86
C GLY F 4733 -68.34 10.77 1.36
N ARG F 4734 -68.49 9.68 0.62
CA ARG F 4734 -68.51 9.79 -0.83
C ARG F 4734 -69.71 10.57 -1.32
N GLU F 4735 -70.87 10.36 -0.67
CA GLU F 4735 -72.07 11.07 -1.07
C GLU F 4735 -71.92 12.57 -0.86
N ARG F 4736 -71.30 12.98 0.25
CA ARG F 4736 -71.11 14.40 0.51
C ARG F 4736 -70.19 15.03 -0.52
N ILE F 4737 -69.12 14.33 -0.90
CA ILE F 4737 -68.24 14.84 -1.93
C ILE F 4737 -68.98 14.93 -3.26
N ALA F 4738 -69.86 13.96 -3.52
CA ALA F 4738 -70.64 14.00 -4.74
C ALA F 4738 -71.53 15.23 -4.79
N GLU F 4739 -72.19 15.56 -3.68
CA GLU F 4739 -73.00 16.76 -3.64
C GLU F 4739 -72.16 18.02 -3.76
N LEU F 4740 -71.01 18.08 -3.09
CA LEU F 4740 -70.18 19.26 -3.17
C LEU F 4740 -69.64 19.47 -4.59
N LEU F 4741 -69.32 18.39 -5.29
CA LEU F 4741 -68.79 18.47 -6.64
C LEU F 4741 -69.87 18.26 -7.70
N GLY F 4742 -71.13 18.16 -7.30
CA GLY F 4742 -72.22 18.06 -8.25
C GLY F 4742 -72.26 16.77 -9.05
N MET F 4743 -71.25 15.92 -8.94
CA MET F 4743 -71.21 14.69 -9.70
C MET F 4743 -72.18 13.67 -9.13
N ASP F 4744 -72.65 12.78 -10.00
CA ASP F 4744 -73.59 11.73 -9.62
C ASP F 4744 -72.83 10.41 -9.62
N LEU F 4745 -73.05 9.61 -8.57
CA LEU F 4745 -72.24 8.41 -8.39
C LEU F 4745 -72.59 7.33 -9.40
N ALA F 4746 -73.88 7.11 -9.65
CA ALA F 4746 -74.28 6.00 -10.51
C ALA F 4746 -73.78 6.18 -11.94
N SER F 4747 -74.03 7.36 -12.52
CA SER F 4747 -73.60 7.59 -13.90
C SER F 4747 -72.09 7.58 -14.02
N LEU F 4748 -71.38 7.86 -12.92
CA LEU F 4748 -69.93 7.78 -12.94
C LEU F 4748 -69.44 6.39 -13.35
N GLU F 4749 -69.98 5.36 -12.69
CA GLU F 4749 -69.61 4.01 -13.07
C GLU F 4749 -70.29 3.58 -14.36
N ILE F 4750 -71.45 4.17 -14.68
CA ILE F 4750 -72.11 3.85 -15.94
C ILE F 4750 -71.22 4.21 -17.12
N THR F 4751 -70.57 5.37 -17.06
CA THR F 4751 -69.63 5.75 -18.11
C THR F 4751 -68.43 4.82 -18.16
N ALA F 4752 -68.08 4.18 -17.03
CA ALA F 4752 -67.02 3.19 -17.05
C ALA F 4752 -67.43 1.97 -17.87
N HIS F 4753 -68.71 1.66 -17.91
CA HIS F 4753 -69.26 0.65 -18.80
C HIS F 4753 -69.43 1.27 -20.19
N ASN F 4754 -69.95 0.48 -21.13
CA ASN F 4754 -70.35 1.04 -22.42
C ASN F 4754 -71.36 2.15 -22.22
N GLU F 4755 -71.14 3.28 -22.89
CA GLU F 4755 -71.97 4.46 -22.71
C GLU F 4755 -72.31 5.03 -24.08
N ARG F 4756 -73.60 5.10 -24.39
CA ARG F 4756 -74.08 5.61 -25.66
C ARG F 4756 -74.68 7.01 -25.48
N LYS F 4757 -74.27 7.94 -26.34
CA LYS F 4757 -74.82 9.28 -26.30
C LYS F 4757 -75.36 9.66 -27.67
N PRO F 4758 -76.49 10.36 -27.71
CA PRO F 4758 -77.02 10.84 -28.98
C PRO F 4758 -76.57 12.25 -29.31
N ASP F 4759 -76.33 12.54 -30.58
CA ASP F 4759 -75.99 13.89 -30.98
C ASP F 4759 -77.21 14.79 -30.84
N PRO F 4760 -77.09 15.93 -30.17
CA PRO F 4760 -78.25 16.80 -29.96
C PRO F 4760 -78.74 17.39 -31.26
N PRO F 4761 -80.04 17.69 -31.37
CA PRO F 4761 -80.56 18.28 -32.60
C PRO F 4761 -79.88 19.61 -32.89
N PRO F 4762 -79.56 19.88 -34.15
CA PRO F 4762 -78.92 21.16 -34.48
C PRO F 4762 -79.90 22.32 -34.42
N GLY F 4763 -79.79 23.14 -33.39
CA GLY F 4763 -80.66 24.28 -33.21
C GLY F 4763 -80.09 25.31 -32.26
N LEU F 4764 -80.29 26.59 -32.57
CA LEU F 4764 -79.74 27.65 -31.72
C LEU F 4764 -80.35 27.60 -30.31
N LEU F 4765 -81.57 27.08 -30.20
CA LEU F 4765 -82.20 26.94 -28.89
C LEU F 4765 -81.40 25.99 -28.01
N THR F 4766 -80.85 24.94 -28.60
CA THR F 4766 -79.99 24.03 -27.83
C THR F 4766 -78.75 24.75 -27.30
N TRP F 4767 -78.12 25.59 -28.13
CA TRP F 4767 -77.00 26.39 -27.63
C TRP F 4767 -77.47 27.23 -26.45
N LEU F 4768 -78.61 27.90 -26.61
CA LEU F 4768 -79.05 28.86 -25.62
C LEU F 4768 -79.34 28.21 -24.28
N MET F 4769 -80.01 27.05 -24.30
CA MET F 4769 -80.44 26.40 -23.06
C MET F 4769 -79.34 25.54 -22.45
N SER F 4770 -78.41 25.01 -23.26
CA SER F 4770 -77.32 24.23 -22.71
C SER F 4770 -76.31 25.06 -21.92
N ILE F 4771 -76.42 26.39 -21.95
CA ILE F 4771 -75.53 27.23 -21.16
C ILE F 4771 -75.69 26.91 -19.69
N ASP F 4772 -74.57 26.64 -19.01
CA ASP F 4772 -74.56 26.45 -17.57
C ASP F 4772 -74.51 27.83 -16.93
N VAL F 4773 -75.64 28.29 -16.41
CA VAL F 4773 -75.73 29.66 -15.92
C VAL F 4773 -74.78 29.87 -14.73
N LYS F 4774 -74.60 28.84 -13.89
CA LYS F 4774 -73.76 29.00 -12.72
C LYS F 4774 -72.30 29.18 -13.10
N TYR F 4775 -71.78 28.31 -13.97
CA TYR F 4775 -70.39 28.42 -14.38
C TYR F 4775 -70.14 29.73 -15.11
N GLN F 4776 -71.06 30.14 -15.97
CA GLN F 4776 -70.89 31.39 -16.69
C GLN F 4776 -70.90 32.57 -15.74
N ILE F 4777 -71.78 32.55 -14.75
CA ILE F 4777 -71.80 33.63 -13.76
C ILE F 4777 -70.45 33.72 -13.07
N TRP F 4778 -69.91 32.56 -12.67
CA TRP F 4778 -68.60 32.54 -12.05
C TRP F 4778 -67.51 33.07 -12.99
N LYS F 4779 -67.54 32.62 -14.24
CA LYS F 4779 -66.54 33.04 -15.22
C LYS F 4779 -66.56 34.55 -15.38
N PHE F 4780 -67.75 35.15 -15.51
CA PHE F 4780 -67.84 36.60 -15.69
C PHE F 4780 -67.48 37.35 -14.42
N GLY F 4781 -67.75 36.76 -13.25
CA GLY F 4781 -67.30 37.38 -12.02
C GLY F 4781 -65.79 37.46 -11.97
N VAL F 4782 -65.13 36.39 -12.40
CA VAL F 4782 -63.68 36.42 -12.55
C VAL F 4782 -63.27 37.50 -13.54
N ILE F 4783 -63.90 37.54 -14.72
CA ILE F 4783 -63.46 38.46 -15.77
C ILE F 4783 -63.60 39.91 -15.31
N PHE F 4784 -64.75 40.26 -14.72
CA PHE F 4784 -64.96 41.63 -14.28
C PHE F 4784 -64.09 41.95 -13.06
N THR F 4785 -63.63 40.94 -12.33
CA THR F 4785 -62.62 41.16 -11.30
C THR F 4785 -61.24 41.43 -11.90
N ASP F 4786 -60.97 40.99 -13.12
CA ASP F 4786 -59.65 41.17 -13.72
C ASP F 4786 -59.36 42.66 -13.93
N ASN F 4787 -58.11 43.03 -13.70
CA ASN F 4787 -57.71 44.43 -13.80
C ASN F 4787 -57.71 44.91 -15.24
N SER F 4788 -57.09 44.15 -16.14
CA SER F 4788 -56.97 44.60 -17.51
C SER F 4788 -58.34 44.70 -18.18
N PHE F 4789 -59.23 43.75 -17.89
CA PHE F 4789 -60.57 43.82 -18.44
C PHE F 4789 -61.32 45.03 -17.91
N LEU F 4790 -61.16 45.33 -16.62
CA LEU F 4790 -61.79 46.53 -16.09
C LEU F 4790 -61.26 47.78 -16.77
N TYR F 4791 -59.95 47.82 -17.05
CA TYR F 4791 -59.39 48.97 -17.73
C TYR F 4791 -59.95 49.11 -19.14
N LEU F 4792 -60.06 48.00 -19.87
CA LEU F 4792 -60.66 48.06 -21.19
C LEU F 4792 -62.14 48.42 -21.14
N GLY F 4793 -62.84 48.01 -20.10
CA GLY F 4793 -64.23 48.38 -19.92
C GLY F 4793 -64.39 49.86 -19.66
N TRP F 4794 -63.52 50.42 -18.81
CA TRP F 4794 -63.51 51.87 -18.62
C TRP F 4794 -63.25 52.60 -19.92
N TYR F 4795 -62.33 52.07 -20.72
CA TYR F 4795 -61.98 52.68 -22.00
C TYR F 4795 -63.20 52.72 -22.91
N MET F 4796 -63.98 51.63 -22.94
CA MET F 4796 -65.22 51.61 -23.70
C MET F 4796 -66.24 52.58 -23.14
N VAL F 4797 -66.37 52.64 -21.82
CA VAL F 4797 -67.39 53.50 -21.21
C VAL F 4797 -67.11 54.96 -21.50
N MET F 4798 -65.84 55.37 -21.38
CA MET F 4798 -65.48 56.73 -21.74
C MET F 4798 -65.70 56.98 -23.24
N SER F 4799 -65.42 55.98 -24.08
CA SER F 4799 -65.67 56.16 -25.50
C SER F 4799 -67.13 56.39 -25.79
N LEU F 4800 -68.02 55.64 -25.14
CA LEU F 4800 -69.45 55.87 -25.32
C LEU F 4800 -69.86 57.24 -24.81
N LEU F 4801 -69.41 57.63 -23.62
CA LEU F 4801 -69.76 58.94 -23.10
C LEU F 4801 -69.17 60.05 -23.95
N GLY F 4802 -68.19 59.75 -24.79
CA GLY F 4802 -67.68 60.75 -25.70
C GLY F 4802 -68.72 61.27 -26.67
N HIS F 4803 -69.78 60.50 -26.89
CA HIS F 4803 -70.85 60.98 -27.75
C HIS F 4803 -71.83 61.88 -27.01
N TYR F 4804 -71.93 61.74 -25.69
CA TYR F 4804 -72.71 62.70 -24.92
C TYR F 4804 -72.00 64.05 -24.86
N ASN F 4805 -70.67 64.04 -24.78
CA ASN F 4805 -69.87 65.25 -24.84
C ASN F 4805 -68.47 64.85 -25.26
N ASN F 4806 -68.00 65.39 -26.39
CA ASN F 4806 -66.77 64.91 -26.99
C ASN F 4806 -65.56 65.04 -26.08
N PHE F 4807 -65.61 65.92 -25.09
CA PHE F 4807 -64.45 66.14 -24.25
C PHE F 4807 -64.08 64.91 -23.42
N PHE F 4808 -65.00 63.96 -23.26
CA PHE F 4808 -64.64 62.73 -22.58
C PHE F 4808 -63.54 61.98 -23.31
N PHE F 4809 -63.39 62.20 -24.61
CA PHE F 4809 -62.29 61.57 -25.33
C PHE F 4809 -60.94 62.00 -24.79
N ALA F 4810 -60.87 63.10 -24.05
CA ALA F 4810 -59.63 63.49 -23.42
C ALA F 4810 -59.14 62.44 -22.44
N ALA F 4811 -60.04 61.81 -21.69
CA ALA F 4811 -59.62 60.77 -20.76
C ALA F 4811 -58.87 59.68 -21.49
N HIS F 4812 -59.20 59.47 -22.76
CA HIS F 4812 -58.64 58.41 -23.56
C HIS F 4812 -57.16 58.59 -23.80
N LEU F 4813 -56.63 59.77 -23.50
CA LEU F 4813 -55.21 60.02 -23.66
C LEU F 4813 -54.39 59.29 -22.61
N LEU F 4814 -54.96 59.10 -21.41
CA LEU F 4814 -54.21 58.45 -20.34
C LEU F 4814 -53.81 57.04 -20.72
N ASP F 4815 -54.45 56.47 -21.74
CA ASP F 4815 -54.04 55.20 -22.32
C ASP F 4815 -52.56 55.14 -22.63
N ILE F 4816 -51.93 56.28 -22.95
CA ILE F 4816 -50.51 56.27 -23.29
C ILE F 4816 -49.69 55.72 -22.15
N ALA F 4817 -50.13 55.95 -20.91
CA ALA F 4817 -49.41 55.43 -19.76
C ALA F 4817 -49.36 53.91 -19.79
N MET F 4818 -50.47 53.26 -20.14
CA MET F 4818 -50.49 51.82 -20.26
C MET F 4818 -50.02 51.36 -21.63
N GLY F 4819 -49.83 52.28 -22.57
CA GLY F 4819 -49.46 51.89 -23.91
C GLY F 4819 -47.98 51.60 -24.06
N VAL F 4820 -47.15 52.60 -23.77
CA VAL F 4820 -45.72 52.53 -24.03
C VAL F 4820 -45.01 52.06 -22.78
N LYS F 4821 -43.89 51.37 -22.96
CA LYS F 4821 -43.17 50.78 -21.83
C LYS F 4821 -42.62 51.86 -20.90
N THR F 4822 -42.04 52.91 -21.48
CA THR F 4822 -41.22 53.82 -20.69
C THR F 4822 -42.05 54.57 -19.66
N LEU F 4823 -43.20 55.12 -20.07
CA LEU F 4823 -44.07 55.76 -19.10
C LEU F 4823 -44.57 54.77 -18.06
N ARG F 4824 -44.68 53.49 -18.41
CA ARG F 4824 -45.11 52.51 -17.43
C ARG F 4824 -44.03 52.30 -16.36
N THR F 4825 -42.76 52.32 -16.76
CA THR F 4825 -41.67 52.29 -15.79
C THR F 4825 -41.66 53.56 -14.94
N ILE F 4826 -41.75 54.72 -15.59
CA ILE F 4826 -41.66 55.99 -14.88
C ILE F 4826 -42.79 56.14 -13.88
N LEU F 4827 -44.00 55.73 -14.25
CA LEU F 4827 -45.12 55.75 -13.31
C LEU F 4827 -45.03 54.62 -12.30
N SER F 4828 -44.37 53.51 -12.63
CA SER F 4828 -44.12 52.48 -11.63
C SER F 4828 -43.27 53.03 -10.50
N SER F 4829 -42.47 54.06 -10.79
CA SER F 4829 -41.74 54.73 -9.71
C SER F 4829 -42.69 55.24 -8.63
N VAL F 4830 -43.70 56.02 -9.03
CA VAL F 4830 -44.64 56.55 -8.04
C VAL F 4830 -45.46 55.43 -7.42
N THR F 4831 -45.93 54.49 -8.23
CA THR F 4831 -46.80 53.45 -7.69
C THR F 4831 -46.04 52.51 -6.76
N HIS F 4832 -44.70 52.53 -6.82
CA HIS F 4832 -43.92 51.71 -5.90
C HIS F 4832 -44.10 52.16 -4.46
N ASN F 4833 -44.04 53.47 -4.23
CA ASN F 4833 -44.13 54.03 -2.88
C ASN F 4833 -45.43 54.82 -2.71
N GLY F 4834 -46.45 54.46 -3.46
CA GLY F 4834 -47.75 55.09 -3.33
C GLY F 4834 -48.28 55.16 -1.91
N LYS F 4835 -48.13 54.08 -1.14
CA LYS F 4835 -48.64 54.07 0.22
C LYS F 4835 -47.95 55.12 1.08
N GLN F 4836 -46.61 55.20 0.98
CA GLN F 4836 -45.89 56.21 1.74
C GLN F 4836 -46.23 57.61 1.25
N LEU F 4837 -46.46 57.78 -0.05
CA LEU F 4837 -46.83 59.09 -0.56
C LEU F 4837 -48.17 59.54 0.00
N VAL F 4838 -49.14 58.64 0.02
CA VAL F 4838 -50.46 59.00 0.55
C VAL F 4838 -50.36 59.32 2.03
N MET F 4839 -49.60 58.53 2.78
CA MET F 4839 -49.43 58.80 4.20
C MET F 4839 -48.68 60.11 4.43
N THR F 4840 -47.73 60.44 3.56
CA THR F 4840 -47.03 61.72 3.69
C THR F 4840 -47.98 62.88 3.47
N VAL F 4841 -48.85 62.79 2.47
CA VAL F 4841 -49.85 63.81 2.26
C VAL F 4841 -50.81 63.93 3.43
N GLY F 4842 -51.18 62.81 4.05
CA GLY F 4842 -52.00 62.86 5.24
C GLY F 4842 -51.29 63.54 6.40
N LEU F 4843 -50.02 63.23 6.57
CA LEU F 4843 -49.22 63.88 7.60
C LEU F 4843 -49.16 65.38 7.37
N LEU F 4844 -49.08 65.80 6.10
CA LEU F 4844 -49.11 67.21 5.79
C LEU F 4844 -50.41 67.84 6.26
N ALA F 4845 -51.53 67.17 6.06
CA ALA F 4845 -52.81 67.71 6.50
C ALA F 4845 -52.84 67.85 8.02
N VAL F 4846 -52.29 66.86 8.73
CA VAL F 4846 -52.29 66.93 10.19
C VAL F 4846 -51.45 68.11 10.67
N VAL F 4847 -50.26 68.27 10.11
CA VAL F 4847 -49.37 69.34 10.55
C VAL F 4847 -49.98 70.70 10.24
N VAL F 4848 -50.53 70.85 9.03
CA VAL F 4848 -51.16 72.10 8.67
C VAL F 4848 -52.35 72.37 9.57
N TYR F 4849 -53.05 71.33 10.00
CA TYR F 4849 -54.15 71.52 10.93
C TYR F 4849 -53.65 72.05 12.27
N LEU F 4850 -52.50 71.54 12.73
CA LEU F 4850 -51.92 72.08 13.96
C LEU F 4850 -51.62 73.56 13.82
N TYR F 4851 -51.02 73.95 12.70
CA TYR F 4851 -50.77 75.37 12.48
C TYR F 4851 -52.06 76.15 12.39
N THR F 4852 -53.11 75.55 11.83
CA THR F 4852 -54.40 76.22 11.80
C THR F 4852 -54.95 76.43 13.20
N VAL F 4853 -54.75 75.46 14.08
CA VAL F 4853 -55.16 75.61 15.48
C VAL F 4853 -54.48 76.82 16.09
N VAL F 4854 -53.16 76.90 15.93
CA VAL F 4854 -52.40 77.98 16.54
C VAL F 4854 -52.82 79.32 15.94
N ALA F 4855 -52.98 79.36 14.62
CA ALA F 4855 -53.37 80.60 13.97
C ALA F 4855 -54.75 81.05 14.41
N PHE F 4856 -55.68 80.10 14.54
CA PHE F 4856 -57.02 80.46 14.95
C PHE F 4856 -57.05 81.03 16.36
N ASN F 4857 -56.21 80.54 17.25
CA ASN F 4857 -56.26 80.99 18.64
C ASN F 4857 -55.57 82.32 18.87
N PHE F 4858 -54.40 82.55 18.30
CA PHE F 4858 -53.60 83.73 18.62
C PHE F 4858 -53.46 84.70 17.45
N PHE F 4859 -52.92 84.25 16.33
CA PHE F 4859 -52.59 85.13 15.22
C PHE F 4859 -53.77 85.17 14.26
N ARG F 4860 -54.81 85.92 14.63
CA ARG F 4860 -55.99 85.97 13.79
C ARG F 4860 -56.16 87.33 13.17
N LYS F 4861 -55.64 88.37 13.83
CA LYS F 4861 -55.67 89.71 13.24
C LYS F 4861 -54.79 89.83 12.01
N PHE F 4862 -53.92 88.86 11.77
CA PHE F 4862 -52.98 88.91 10.66
C PHE F 4862 -53.54 88.28 9.39
N TYR F 4863 -54.77 87.80 9.40
CA TYR F 4863 -55.33 87.06 8.28
C TYR F 4863 -56.41 87.85 7.55
N ASN F 4864 -56.18 89.15 7.38
CA ASN F 4864 -57.15 90.02 6.73
C ASN F 4864 -56.76 90.17 5.27
N LYS F 4865 -57.34 89.31 4.43
CA LYS F 4865 -57.10 89.36 2.99
C LYS F 4865 -58.11 90.28 2.31
N SER F 4866 -58.08 91.54 2.73
CA SER F 4866 -59.00 92.55 2.21
C SER F 4866 -58.25 93.86 2.07
N GLU F 4867 -58.49 94.55 0.95
CA GLU F 4867 -57.80 95.81 0.71
C GLU F 4867 -58.58 96.98 1.31
N ASP F 4868 -59.83 97.15 0.91
CA ASP F 4868 -60.64 98.25 1.42
C ASP F 4868 -61.03 98.00 2.88
N GLU F 4869 -61.04 99.07 3.66
CA GLU F 4869 -61.37 98.95 5.07
C GLU F 4869 -62.87 98.71 5.27
N ASP F 4870 -63.68 99.10 4.29
CA ASP F 4870 -65.11 98.88 4.38
C ASP F 4870 -65.44 97.39 4.44
N GLU F 4871 -64.78 96.61 3.60
CA GLU F 4871 -65.03 95.16 3.55
C GLU F 4871 -63.85 94.42 4.15
N PRO F 4872 -63.97 93.86 5.35
CA PRO F 4872 -62.95 92.95 5.85
C PRO F 4872 -63.22 91.54 5.37
N ASP F 4873 -62.14 90.79 5.16
CA ASP F 4873 -62.24 89.45 4.63
C ASP F 4873 -61.58 88.47 5.57
N MET F 4874 -61.95 88.49 6.84
CA MET F 4874 -61.36 87.64 7.85
C MET F 4874 -61.27 86.20 7.38
N LYS F 4875 -60.05 85.72 7.19
CA LYS F 4875 -59.84 84.37 6.70
C LYS F 4875 -59.71 83.34 7.79
N CYS F 4876 -59.45 83.74 9.04
CA CYS F 4876 -59.35 82.79 10.13
C CYS F 4876 -60.42 83.01 11.18
N ASP F 4877 -61.55 83.60 10.78
CA ASP F 4877 -62.69 83.74 11.68
C ASP F 4877 -63.25 82.38 12.05
N ASP F 4878 -63.39 81.51 11.06
CA ASP F 4878 -63.83 80.15 11.28
C ASP F 4878 -62.65 79.21 11.08
N MET F 4879 -62.69 78.08 11.78
CA MET F 4879 -61.61 77.14 11.59
C MET F 4879 -61.73 76.42 10.25
N MET F 4880 -62.95 76.23 9.75
CA MET F 4880 -63.11 75.65 8.43
C MET F 4880 -62.43 76.52 7.39
N THR F 4881 -62.76 77.82 7.38
CA THR F 4881 -62.15 78.73 6.42
C THR F 4881 -60.66 78.82 6.63
N CYS F 4882 -60.22 78.85 7.88
CA CYS F 4882 -58.80 79.08 8.14
C CYS F 4882 -57.98 77.86 7.77
N TYR F 4883 -58.51 76.66 8.02
CA TYR F 4883 -57.86 75.45 7.57
C TYR F 4883 -57.79 75.38 6.05
N LEU F 4884 -58.89 75.73 5.38
CA LEU F 4884 -58.86 75.77 3.92
C LEU F 4884 -57.82 76.77 3.43
N PHE F 4885 -57.75 77.92 4.08
CA PHE F 4885 -56.77 78.94 3.72
C PHE F 4885 -55.35 78.39 3.78
N HIS F 4886 -54.99 77.79 4.91
CA HIS F 4886 -53.65 77.25 5.03
C HIS F 4886 -53.42 76.14 4.01
N MET F 4887 -54.32 75.14 4.00
CA MET F 4887 -54.18 73.98 3.12
C MET F 4887 -54.05 74.36 1.66
N TYR F 4888 -54.65 75.48 1.26
CA TYR F 4888 -54.65 75.91 -0.13
C TYR F 4888 -53.48 76.83 -0.46
N VAL F 4889 -53.38 77.97 0.22
CA VAL F 4889 -52.40 78.97 -0.21
C VAL F 4889 -51.11 78.84 0.59
N GLY F 4890 -51.18 78.44 1.86
CA GLY F 4890 -49.98 78.36 2.65
C GLY F 4890 -49.03 77.28 2.15
N VAL F 4891 -49.57 76.12 1.77
CA VAL F 4891 -48.73 75.05 1.25
C VAL F 4891 -48.19 75.41 -0.12
N ARG F 4892 -48.99 76.06 -0.95
CA ARG F 4892 -48.57 76.35 -2.31
C ARG F 4892 -47.56 77.49 -2.39
N ALA F 4893 -47.63 78.46 -1.49
CA ALA F 4893 -46.70 79.58 -1.52
C ALA F 4893 -45.28 79.09 -1.27
N GLY F 4894 -44.33 79.67 -2.00
CA GLY F 4894 -42.95 79.24 -1.87
C GLY F 4894 -42.36 79.55 -0.50
N GLY F 4895 -42.59 80.77 -0.01
CA GLY F 4895 -42.06 81.12 1.29
C GLY F 4895 -42.74 80.38 2.43
N GLY F 4896 -44.03 80.12 2.29
CA GLY F 4896 -44.82 79.52 3.33
C GLY F 4896 -46.03 80.37 3.60
N ILE F 4897 -46.62 80.19 4.78
CA ILE F 4897 -47.78 80.99 5.14
C ILE F 4897 -47.40 82.43 5.43
N GLY F 4898 -46.12 82.70 5.71
CA GLY F 4898 -45.71 84.05 5.98
C GLY F 4898 -45.85 84.98 4.81
N ASP F 4899 -45.77 84.46 3.58
CA ASP F 4899 -45.89 85.31 2.41
C ASP F 4899 -47.31 85.86 2.26
N GLU F 4900 -48.30 85.05 2.59
CA GLU F 4900 -49.69 85.47 2.36
C GLU F 4900 -50.17 86.41 3.44
N ILE F 4901 -50.13 85.97 4.70
CA ILE F 4901 -50.68 86.77 5.78
C ILE F 4901 -49.90 88.07 5.94
N GLU F 4902 -50.52 89.02 6.65
CA GLU F 4902 -49.97 90.36 6.73
C GLU F 4902 -48.69 90.38 7.57
N ASP F 4903 -48.01 91.51 7.53
CA ASP F 4903 -46.68 91.63 8.11
C ASP F 4903 -46.77 91.69 9.63
N PRO F 4904 -45.81 91.07 10.33
CA PRO F 4904 -45.81 91.13 11.79
C PRO F 4904 -44.98 92.26 12.38
N ALA F 4905 -44.37 93.09 11.54
CA ALA F 4905 -43.48 94.13 12.04
C ALA F 4905 -44.24 95.09 12.94
N GLY F 4906 -43.60 95.46 14.06
CA GLY F 4906 -44.21 96.41 14.98
C GLY F 4906 -45.44 95.88 15.66
N ASP F 4907 -45.42 94.64 16.10
CA ASP F 4907 -46.52 94.06 16.86
C ASP F 4907 -45.96 93.29 18.05
N GLU F 4908 -46.77 93.17 19.10
CA GLU F 4908 -46.28 92.51 20.29
C GLU F 4908 -46.28 90.99 20.17
N TYR F 4909 -46.84 90.43 19.09
CA TYR F 4909 -46.63 89.03 18.74
C TYR F 4909 -45.66 88.85 17.58
N GLU F 4910 -44.87 89.89 17.26
CA GLU F 4910 -43.99 89.82 16.10
C GLU F 4910 -43.06 88.61 16.18
N LEU F 4911 -42.40 88.45 17.32
CA LEU F 4911 -41.39 87.41 17.45
C LEU F 4911 -42.01 86.02 17.31
N TYR F 4912 -43.19 85.84 17.92
CA TYR F 4912 -43.87 84.55 17.78
C TYR F 4912 -44.30 84.31 16.35
N ARG F 4913 -44.73 85.36 15.65
CA ARG F 4913 -45.09 85.20 14.25
C ARG F 4913 -43.87 84.81 13.41
N VAL F 4914 -42.71 85.36 13.74
CA VAL F 4914 -41.50 85.00 13.02
C VAL F 4914 -41.21 83.52 13.21
N VAL F 4915 -41.29 83.04 14.45
CA VAL F 4915 -41.06 81.62 14.71
C VAL F 4915 -42.11 80.79 13.97
N PHE F 4916 -43.36 81.22 14.02
CA PHE F 4916 -44.46 80.48 13.40
C PHE F 4916 -44.26 80.33 11.90
N ASP F 4917 -43.96 81.43 11.21
CA ASP F 4917 -43.78 81.38 9.78
C ASP F 4917 -42.55 80.56 9.40
N ILE F 4918 -41.44 80.75 10.12
CA ILE F 4918 -40.21 80.06 9.76
C ILE F 4918 -40.37 78.56 9.97
N THR F 4919 -40.97 78.15 11.09
CA THR F 4919 -41.14 76.72 11.30
C THR F 4919 -42.17 76.12 10.37
N PHE F 4920 -43.15 76.92 9.92
CA PHE F 4920 -44.03 76.46 8.84
C PHE F 4920 -43.22 76.20 7.58
N PHE F 4921 -42.29 77.08 7.27
CA PHE F 4921 -41.50 76.91 6.06
C PHE F 4921 -40.64 75.66 6.14
N PHE F 4922 -39.99 75.43 7.28
CA PHE F 4922 -39.09 74.29 7.39
C PHE F 4922 -39.85 72.97 7.45
N PHE F 4923 -40.94 72.94 8.22
CA PHE F 4923 -41.58 71.66 8.50
C PHE F 4923 -42.60 71.26 7.45
N VAL F 4924 -42.93 72.13 6.51
CA VAL F 4924 -43.93 71.81 5.50
C VAL F 4924 -43.34 71.98 4.10
N ILE F 4925 -42.88 73.21 3.80
CA ILE F 4925 -42.42 73.50 2.45
C ILE F 4925 -41.12 72.76 2.16
N VAL F 4926 -40.23 72.68 3.13
CA VAL F 4926 -38.91 72.12 2.89
C VAL F 4926 -38.90 70.62 3.17
N ILE F 4927 -39.16 70.23 4.41
CA ILE F 4927 -38.94 68.84 4.81
C ILE F 4927 -39.96 67.92 4.18
N LEU F 4928 -41.25 68.29 4.22
CA LEU F 4928 -42.28 67.37 3.78
C LEU F 4928 -42.26 67.18 2.26
N LEU F 4929 -42.08 68.27 1.53
CA LEU F 4929 -41.93 68.14 0.08
C LEU F 4929 -40.66 67.38 -0.26
N ALA F 4930 -39.60 67.56 0.52
CA ALA F 4930 -38.38 66.78 0.31
C ALA F 4930 -38.65 65.30 0.55
N ILE F 4931 -39.49 64.97 1.53
CA ILE F 4931 -39.83 63.58 1.77
C ILE F 4931 -40.56 62.98 0.58
N ILE F 4932 -41.53 63.73 0.03
CA ILE F 4932 -42.29 63.23 -1.11
C ILE F 4932 -41.36 62.98 -2.30
N GLN F 4933 -40.56 63.98 -2.63
CA GLN F 4933 -39.63 63.81 -3.73
C GLN F 4933 -38.65 62.68 -3.46
N GLY F 4934 -38.19 62.55 -2.22
CA GLY F 4934 -37.25 61.49 -1.90
C GLY F 4934 -37.84 60.11 -2.07
N LEU F 4935 -39.13 59.96 -1.74
CA LEU F 4935 -39.79 58.69 -2.02
C LEU F 4935 -39.72 58.38 -3.51
N ILE F 4936 -39.95 59.38 -4.35
CA ILE F 4936 -39.87 59.16 -5.80
C ILE F 4936 -38.47 58.75 -6.21
N ILE F 4937 -37.44 59.47 -5.72
CA ILE F 4937 -36.07 59.19 -6.14
C ILE F 4937 -35.68 57.78 -5.74
N ASP F 4938 -35.94 57.41 -4.50
CA ASP F 4938 -35.55 56.09 -4.04
C ASP F 4938 -36.38 55.00 -4.71
N ALA F 4939 -37.59 55.34 -5.18
CA ALA F 4939 -38.33 54.38 -5.98
C ALA F 4939 -37.60 54.06 -7.28
N PHE F 4940 -37.08 55.10 -7.94
CA PHE F 4940 -36.27 54.87 -9.13
C PHE F 4940 -35.06 54.00 -8.81
N GLY F 4941 -34.38 54.33 -7.72
CA GLY F 4941 -33.22 53.55 -7.33
C GLY F 4941 -33.55 52.09 -7.06
N GLU F 4942 -34.65 51.84 -6.35
CA GLU F 4942 -35.02 50.48 -6.03
C GLU F 4942 -35.36 49.68 -7.27
N LEU F 4943 -36.10 50.27 -8.21
CA LEU F 4943 -36.46 49.53 -9.41
C LEU F 4943 -35.23 49.21 -10.26
N ARG F 4944 -34.32 50.18 -10.40
CA ARG F 4944 -33.08 49.92 -11.10
C ARG F 4944 -32.29 48.82 -10.41
N ASP F 4945 -32.24 48.85 -9.08
CA ASP F 4945 -31.54 47.83 -8.32
C ASP F 4945 -32.16 46.46 -8.57
N GLN F 4946 -33.49 46.38 -8.61
CA GLN F 4946 -34.15 45.10 -8.81
C GLN F 4946 -33.79 44.49 -10.16
N GLN F 4947 -33.80 45.32 -11.21
CA GLN F 4947 -33.46 44.77 -12.53
C GLN F 4947 -32.01 44.30 -12.57
N GLU F 4948 -31.07 45.10 -12.07
CA GLU F 4948 -29.70 44.61 -12.00
C GLU F 4948 -29.59 43.40 -11.08
N GLN F 4949 -30.43 43.35 -10.05
CA GLN F 4949 -30.40 42.28 -9.07
C GLN F 4949 -30.66 40.94 -9.73
N VAL F 4950 -31.83 40.81 -10.37
CA VAL F 4950 -32.18 39.59 -11.07
C VAL F 4950 -31.16 39.29 -12.15
N LYS F 4951 -30.69 40.32 -12.83
CA LYS F 4951 -30.03 40.08 -14.10
C LYS F 4951 -28.70 39.42 -13.73
N GLU F 4952 -28.00 40.04 -12.78
CA GLU F 4952 -26.72 39.52 -12.32
C GLU F 4952 -26.87 38.12 -11.73
N ASP F 4953 -28.01 37.85 -11.06
CA ASP F 4953 -28.29 36.47 -10.66
C ASP F 4953 -28.28 35.54 -11.87
N MET F 4954 -28.94 35.95 -12.95
CA MET F 4954 -29.05 35.08 -14.11
C MET F 4954 -27.68 34.78 -14.70
N GLU F 4955 -26.76 35.73 -14.68
CA GLU F 4955 -25.42 35.42 -15.19
C GLU F 4955 -24.41 34.99 -14.13
N THR F 4956 -24.80 34.70 -12.89
CA THR F 4956 -23.84 34.11 -11.97
C THR F 4956 -24.20 32.71 -11.50
N LYS F 4957 -25.44 32.27 -11.67
CA LYS F 4957 -25.85 30.93 -11.29
C LYS F 4957 -26.79 30.34 -12.33
N CYS F 4958 -26.78 29.01 -12.43
CA CYS F 4958 -27.71 28.31 -13.29
C CYS F 4958 -29.09 28.35 -12.64
N PHE F 4959 -30.12 28.51 -13.47
CA PHE F 4959 -31.48 28.61 -12.96
C PHE F 4959 -31.90 27.32 -12.27
N ILE F 4960 -31.59 26.17 -12.87
CA ILE F 4960 -32.05 24.90 -12.33
C ILE F 4960 -31.08 24.37 -11.27
N CYS F 4961 -29.79 24.27 -11.62
CA CYS F 4961 -28.82 23.66 -10.73
C CYS F 4961 -28.71 24.44 -9.41
N GLY F 4962 -28.67 25.76 -9.51
CA GLY F 4962 -28.31 26.60 -8.39
C GLY F 4962 -26.82 26.78 -8.23
N ILE F 4963 -26.02 26.00 -8.96
CA ILE F 4963 -24.58 26.12 -8.86
C ILE F 4963 -24.12 27.39 -9.53
N GLY F 4964 -23.05 27.97 -8.99
CA GLY F 4964 -22.55 29.23 -9.50
C GLY F 4964 -21.74 29.06 -10.77
N SER F 4965 -21.49 30.20 -11.43
CA SER F 4965 -20.70 30.19 -12.64
C SER F 4965 -19.24 29.87 -12.38
N ASP F 4966 -18.78 30.05 -11.15
CA ASP F 4966 -17.37 29.83 -10.85
C ASP F 4966 -16.97 28.39 -11.10
N TYR F 4967 -17.79 27.44 -10.67
CA TYR F 4967 -17.49 26.04 -10.92
C TYR F 4967 -17.52 25.71 -12.40
N PHE F 4968 -18.55 26.15 -13.11
CA PHE F 4968 -18.72 25.74 -14.50
C PHE F 4968 -17.73 26.38 -15.43
N ASP F 4969 -17.02 27.41 -14.99
CA ASP F 4969 -16.04 28.07 -15.84
C ASP F 4969 -14.63 27.57 -15.61
N THR F 4970 -14.44 26.50 -14.84
CA THR F 4970 -13.14 25.86 -14.77
C THR F 4970 -12.74 25.30 -16.13
N THR F 4971 -13.68 25.08 -16.99
CA THR F 4971 -13.52 24.72 -18.38
C THR F 4971 -13.82 25.92 -19.26
N PRO F 4972 -13.22 26.00 -20.45
CA PRO F 4972 -13.41 27.19 -21.29
C PRO F 4972 -14.85 27.35 -21.73
N HIS F 4973 -15.43 28.50 -21.38
CA HIS F 4973 -16.83 28.81 -21.67
C HIS F 4973 -17.76 27.71 -21.18
N GLY F 4974 -17.39 27.06 -20.08
CA GLY F 4974 -18.18 25.95 -19.60
C GLY F 4974 -19.55 26.36 -19.13
N PHE F 4975 -19.65 27.55 -18.53
CA PHE F 4975 -20.94 27.99 -18.00
C PHE F 4975 -21.97 28.17 -19.11
N GLU F 4976 -21.56 28.72 -20.25
CA GLU F 4976 -22.51 28.90 -21.34
C GLU F 4976 -23.03 27.56 -21.83
N THR F 4977 -22.14 26.58 -21.96
CA THR F 4977 -22.59 25.25 -22.38
C THR F 4977 -23.57 24.67 -21.36
N HIS F 4978 -23.20 24.68 -20.08
CA HIS F 4978 -24.11 24.15 -19.07
C HIS F 4978 -25.42 24.92 -19.04
N THR F 4979 -25.40 26.17 -19.49
CA THR F 4979 -26.62 26.95 -19.53
C THR F 4979 -27.52 26.54 -20.68
N LEU F 4980 -27.04 26.58 -21.92
CA LEU F 4980 -27.92 26.24 -23.03
C LEU F 4980 -27.54 24.95 -23.75
N GLU F 4981 -26.81 24.04 -23.09
CA GLU F 4981 -26.75 22.66 -23.55
C GLU F 4981 -27.24 21.70 -22.48
N GLU F 4982 -26.70 21.76 -21.27
CA GLU F 4982 -27.03 20.77 -20.25
C GLU F 4982 -28.33 21.12 -19.53
N HIS F 4983 -28.34 22.22 -18.79
CA HIS F 4983 -29.50 22.64 -18.00
C HIS F 4983 -30.08 23.88 -18.64
N ASN F 4984 -30.93 23.70 -19.63
CA ASN F 4984 -31.59 24.82 -20.29
C ASN F 4984 -33.07 24.79 -19.96
N LEU F 4985 -33.57 25.87 -19.36
CA LEU F 4985 -34.95 25.89 -18.93
C LEU F 4985 -35.92 25.72 -20.08
N ALA F 4986 -35.53 26.12 -21.28
CA ALA F 4986 -36.37 25.86 -22.45
C ALA F 4986 -36.51 24.36 -22.67
N ASN F 4987 -35.42 23.61 -22.54
CA ASN F 4987 -35.46 22.18 -22.75
C ASN F 4987 -36.37 21.49 -21.74
N TYR F 4988 -36.38 21.96 -20.50
CA TYR F 4988 -37.26 21.35 -19.51
C TYR F 4988 -38.73 21.59 -19.81
N MET F 4989 -39.07 22.57 -20.63
CA MET F 4989 -40.43 22.73 -21.10
C MET F 4989 -40.73 21.81 -22.28
N PHE F 4990 -39.81 21.74 -23.23
CA PHE F 4990 -39.98 20.83 -24.35
C PHE F 4990 -40.05 19.39 -23.89
N PHE F 4991 -39.57 19.08 -22.70
CA PHE F 4991 -39.73 17.72 -22.19
C PHE F 4991 -41.16 17.49 -21.93
N LEU F 4992 -41.79 18.41 -21.24
CA LEU F 4992 -43.15 18.19 -20.88
C LEU F 4992 -43.98 18.08 -22.11
N MET F 4993 -43.69 18.82 -23.15
CA MET F 4993 -44.57 18.78 -24.26
C MET F 4993 -44.21 17.56 -25.00
N TYR F 4994 -43.04 17.01 -24.80
CA TYR F 4994 -42.74 15.71 -25.38
C TYR F 4994 -43.48 14.59 -24.67
N LEU F 4995 -43.47 14.58 -23.35
CA LEU F 4995 -44.11 13.55 -22.57
C LEU F 4995 -45.58 13.56 -22.81
N ILE F 4996 -46.22 14.71 -22.74
CA ILE F 4996 -47.65 14.81 -22.85
C ILE F 4996 -48.07 14.24 -24.18
N ASN F 4997 -47.32 14.52 -25.22
CA ASN F 4997 -47.63 14.02 -26.54
C ASN F 4997 -47.35 12.56 -26.66
N LYS F 4998 -46.18 12.12 -26.21
CA LYS F 4998 -45.82 10.72 -26.34
C LYS F 4998 -46.87 9.81 -25.72
N ASP F 4999 -47.05 8.64 -26.32
CA ASP F 4999 -48.01 7.67 -25.83
C ASP F 4999 -47.47 6.97 -24.59
N GLU F 5000 -48.26 6.83 -23.57
CA GLU F 5000 -47.79 6.19 -22.35
C GLU F 5000 -47.16 4.84 -22.56
N THR F 5001 -47.64 4.05 -23.47
CA THR F 5001 -47.02 2.79 -23.63
C THR F 5001 -45.58 2.99 -24.06
N GLU F 5002 -45.31 4.00 -24.87
CA GLU F 5002 -43.97 4.18 -25.40
C GLU F 5002 -43.00 5.03 -24.62
N HIS F 5003 -43.30 5.35 -23.38
CA HIS F 5003 -42.40 6.09 -22.55
C HIS F 5003 -41.29 5.25 -22.05
N THR F 5004 -40.07 5.73 -22.21
CA THR F 5004 -38.89 5.03 -21.76
C THR F 5004 -38.80 5.07 -20.29
N GLY F 5005 -37.85 4.37 -19.73
CA GLY F 5005 -37.81 4.28 -18.30
C GLY F 5005 -37.65 5.57 -17.57
N GLN F 5006 -36.78 6.41 -18.07
CA GLN F 5006 -36.57 7.66 -17.42
C GLN F 5006 -37.76 8.55 -17.68
N GLU F 5007 -38.29 8.54 -18.88
CA GLU F 5007 -39.45 9.36 -19.18
C GLU F 5007 -40.64 8.96 -18.33
N SER F 5008 -40.85 7.65 -18.13
CA SER F 5008 -41.97 7.21 -17.30
C SER F 5008 -41.78 7.68 -15.87
N TYR F 5009 -40.56 7.61 -15.37
CA TYR F 5009 -40.25 8.05 -14.01
C TYR F 5009 -40.56 9.53 -13.84
N VAL F 5010 -40.17 10.36 -14.80
CA VAL F 5010 -40.49 11.78 -14.75
C VAL F 5010 -41.97 12.03 -14.81
N TRP F 5011 -42.66 11.34 -15.68
CA TRP F 5011 -44.09 11.52 -15.85
C TRP F 5011 -44.85 11.16 -14.64
N LYS F 5012 -44.38 10.20 -13.88
CA LYS F 5012 -45.16 9.73 -12.79
C LYS F 5012 -44.90 10.74 -11.78
N MET F 5013 -43.69 11.28 -11.76
CA MET F 5013 -43.57 12.35 -10.78
C MET F 5013 -44.34 13.60 -11.15
N TYR F 5014 -44.46 13.99 -12.39
CA TYR F 5014 -45.15 15.22 -12.67
C TYR F 5014 -46.51 15.04 -12.16
N GLN F 5015 -47.13 13.94 -12.50
CA GLN F 5015 -48.50 13.73 -12.12
C GLN F 5015 -48.74 13.75 -10.62
N GLU F 5016 -47.87 13.16 -9.84
CA GLU F 5016 -48.02 13.22 -8.40
C GLU F 5016 -47.47 14.51 -7.84
N ARG F 5017 -46.87 15.34 -8.66
CA ARG F 5017 -46.37 16.66 -8.27
C ARG F 5017 -45.29 16.56 -7.19
N CYS F 5018 -44.22 15.86 -7.52
CA CYS F 5018 -42.98 15.90 -6.77
C CYS F 5018 -41.85 16.34 -7.69
N TRP F 5019 -41.06 17.30 -7.23
CA TRP F 5019 -40.07 17.94 -8.08
C TRP F 5019 -38.64 17.54 -7.72
N ASP F 5020 -38.44 16.29 -7.30
CA ASP F 5020 -37.10 15.85 -6.97
C ASP F 5020 -36.27 15.48 -8.19
N PHE F 5021 -36.90 15.33 -9.35
CA PHE F 5021 -36.14 14.96 -10.53
C PHE F 5021 -35.31 16.12 -11.07
N PHE F 5022 -35.71 17.35 -10.77
CA PHE F 5022 -34.91 18.50 -11.15
C PHE F 5022 -33.56 18.43 -10.46
N PRO F 5023 -32.46 18.66 -11.15
CA PRO F 5023 -31.15 18.60 -10.48
C PRO F 5023 -30.93 19.85 -9.64
N ALA F 5024 -30.87 19.65 -8.33
CA ALA F 5024 -30.63 20.75 -7.42
C ALA F 5024 -29.30 20.54 -6.74
N GLY F 5025 -28.40 21.50 -6.88
CA GLY F 5025 -27.11 21.40 -6.26
C GLY F 5025 -26.20 20.33 -6.83
N ASP F 5026 -26.47 19.86 -8.04
CA ASP F 5026 -25.60 18.85 -8.64
C ASP F 5026 -25.72 18.94 -10.16
N CYS F 5027 -24.75 18.36 -10.84
CA CYS F 5027 -24.73 18.37 -12.29
C CYS F 5027 -23.95 17.17 -12.78
N PHE F 5028 -24.14 16.85 -14.07
CA PHE F 5028 -23.44 15.72 -14.67
C PHE F 5028 -21.94 15.88 -14.54
N ARG F 5029 -21.44 17.12 -14.64
CA ARG F 5029 -20.02 17.35 -14.44
C ARG F 5029 -19.60 17.01 -13.02
N LYS F 5030 -20.43 17.35 -12.04
CA LYS F 5030 -20.11 17.05 -10.65
C LYS F 5030 -20.21 15.57 -10.36
N GLN F 5031 -21.25 14.92 -10.89
CA GLN F 5031 -21.47 13.51 -10.58
C GLN F 5031 -20.33 12.64 -11.05
N TYR F 5032 -19.80 12.91 -12.23
CA TYR F 5032 -18.73 12.12 -12.83
C TYR F 5032 -17.50 12.97 -13.03
N GLU F 5033 -17.15 13.76 -12.01
CA GLU F 5033 -16.02 14.68 -12.15
C GLU F 5033 -14.72 13.93 -12.36
N ASP F 5034 -14.53 12.83 -11.62
CA ASP F 5034 -13.27 12.10 -11.71
C ASP F 5034 -13.13 11.40 -13.05
N GLN F 5035 -14.13 10.63 -13.46
CA GLN F 5035 -14.02 9.88 -14.71
C GLN F 5035 -14.00 10.80 -15.91
N LEU F 5036 -14.94 11.75 -15.96
CA LEU F 5036 -14.98 12.67 -17.10
C LEU F 5036 -13.73 13.53 -17.12
N SER F 5037 -13.20 13.86 -15.94
CA SER F 5037 -11.94 14.59 -15.80
C SER F 5037 -11.96 15.90 -16.58
N VAL G 11 26.90 1.86 -18.31
CA VAL G 11 27.32 3.25 -18.30
C VAL G 11 28.73 3.30 -17.72
N GLN G 12 28.91 4.04 -16.63
CA GLN G 12 30.19 4.14 -15.95
C GLN G 12 31.28 4.58 -16.93
N PHE G 13 31.14 5.80 -17.42
CA PHE G 13 32.16 6.40 -18.26
C PHE G 13 33.28 6.94 -17.38
N LEU G 14 34.52 6.68 -17.78
CA LEU G 14 35.66 7.13 -17.00
C LEU G 14 35.71 8.64 -16.96
N ARG G 15 36.29 9.17 -15.90
CA ARG G 15 36.43 10.60 -15.73
C ARG G 15 37.79 10.89 -15.15
N THR G 16 38.25 12.11 -15.35
CA THR G 16 39.52 12.50 -14.77
C THR G 16 39.39 12.55 -13.26
N ASP G 17 40.54 12.40 -12.60
CA ASP G 17 40.68 12.30 -11.16
C ASP G 17 40.13 11.00 -10.59
N ASP G 18 39.75 10.06 -11.44
CA ASP G 18 39.51 8.70 -10.99
C ASP G 18 40.83 7.99 -10.79
N GLU G 19 40.84 7.03 -9.86
CA GLU G 19 41.94 6.11 -9.78
C GLU G 19 41.57 4.82 -10.51
N VAL G 20 42.50 4.33 -11.32
CA VAL G 20 42.26 3.19 -12.17
C VAL G 20 43.49 2.31 -12.18
N VAL G 21 43.30 1.05 -12.59
CA VAL G 21 44.38 0.09 -12.69
C VAL G 21 44.48 -0.39 -14.14
N LEU G 22 45.65 -0.23 -14.72
CA LEU G 22 45.94 -0.79 -16.03
C LEU G 22 46.14 -2.28 -15.88
N GLN G 23 45.67 -3.06 -16.85
CA GLN G 23 45.55 -4.50 -16.62
C GLN G 23 45.53 -5.27 -17.92
N CYS G 24 46.52 -6.14 -18.10
CA CYS G 24 46.59 -7.06 -19.21
C CYS G 24 46.05 -8.42 -18.81
N SER G 25 45.94 -9.31 -19.79
CA SER G 25 45.48 -10.68 -19.55
C SER G 25 46.45 -11.62 -20.27
N ALA G 26 47.53 -11.99 -19.59
CA ALA G 26 48.46 -12.92 -20.19
C ALA G 26 47.85 -14.31 -20.21
N THR G 27 48.27 -15.12 -21.18
CA THR G 27 47.71 -16.46 -21.38
C THR G 27 48.85 -17.46 -21.35
N VAL G 28 49.10 -18.05 -20.20
CA VAL G 28 50.17 -19.04 -20.08
C VAL G 28 49.65 -20.21 -19.26
N LEU G 29 50.30 -21.36 -19.42
CA LEU G 29 49.91 -22.60 -18.76
C LEU G 29 48.45 -22.93 -19.01
N LYS G 30 47.93 -22.52 -20.16
CA LYS G 30 46.52 -22.70 -20.52
C LYS G 30 45.59 -22.11 -19.47
N GLU G 31 45.95 -20.95 -18.96
CA GLU G 31 45.01 -20.13 -18.20
C GLU G 31 45.32 -18.67 -18.45
N GLN G 32 44.28 -17.84 -18.29
CA GLN G 32 44.40 -16.40 -18.41
C GLN G 32 44.70 -15.85 -17.03
N LEU G 33 45.91 -15.37 -16.83
CA LEU G 33 46.23 -14.69 -15.58
C LEU G 33 46.23 -13.21 -15.85
N LYS G 34 45.41 -12.49 -15.09
CA LYS G 34 45.35 -11.04 -15.20
C LYS G 34 46.54 -10.44 -14.50
N LEU G 35 47.08 -9.38 -15.08
CA LEU G 35 48.25 -8.72 -14.54
C LEU G 35 47.98 -7.23 -14.51
N CYS G 36 48.54 -6.55 -13.54
CA CYS G 36 48.32 -5.12 -13.40
C CYS G 36 49.65 -4.41 -13.35
N LEU G 37 49.72 -3.23 -13.96
CA LEU G 37 50.95 -2.47 -13.87
C LEU G 37 51.23 -2.08 -12.43
N ALA G 38 52.49 -1.92 -12.13
CA ALA G 38 52.88 -1.52 -10.80
C ALA G 38 54.24 -0.86 -10.89
N ALA G 39 54.55 -0.08 -9.86
CA ALA G 39 55.86 0.51 -9.72
C ALA G 39 56.02 1.01 -8.31
N GLU G 40 57.20 0.83 -7.74
CA GLU G 40 57.43 1.34 -6.40
C GLU G 40 57.62 2.84 -6.42
N GLY G 41 58.21 3.36 -7.48
CA GLY G 41 58.44 4.78 -7.63
C GLY G 41 59.68 5.29 -6.96
N PHE G 42 59.99 4.76 -5.79
CA PHE G 42 61.19 5.14 -5.05
C PHE G 42 62.18 4.00 -5.13
N GLY G 43 63.28 4.22 -5.84
CA GLY G 43 64.33 3.26 -5.96
C GLY G 43 64.21 2.37 -7.18
N ASN G 44 63.02 2.28 -7.75
CA ASN G 44 62.81 1.49 -8.96
C ASN G 44 61.77 2.22 -9.80
N ARG G 45 62.26 3.02 -10.74
CA ARG G 45 61.35 3.72 -11.61
C ARG G 45 60.66 2.81 -12.62
N LEU G 46 61.16 1.60 -12.83
CA LEU G 46 60.58 0.77 -13.86
C LEU G 46 59.28 0.12 -13.39
N CYS G 47 58.37 -0.05 -14.35
CA CYS G 47 57.10 -0.69 -14.12
C CYS G 47 57.22 -2.20 -14.30
N PHE G 48 56.38 -2.93 -13.58
CA PHE G 48 56.34 -4.38 -13.67
C PHE G 48 54.92 -4.87 -13.49
N LEU G 49 54.69 -6.09 -13.92
CA LEU G 49 53.36 -6.68 -13.90
C LEU G 49 53.18 -7.51 -12.64
N GLU G 50 52.17 -7.17 -11.85
CA GLU G 50 51.82 -7.90 -10.64
C GLU G 50 50.54 -8.68 -10.87
N PRO G 51 50.53 -9.98 -10.60
CA PRO G 51 49.36 -10.80 -10.95
C PRO G 51 48.27 -10.73 -9.90
N THR G 52 47.03 -10.77 -10.37
CA THR G 52 45.87 -10.64 -9.52
C THR G 52 44.85 -11.75 -9.69
N SER G 53 45.02 -12.63 -10.68
CA SER G 53 44.04 -13.69 -10.90
C SER G 53 43.96 -14.64 -9.71
N ASN G 54 45.11 -14.98 -9.13
CA ASN G 54 45.17 -15.78 -7.91
C ASN G 54 45.17 -14.82 -6.72
N ALA G 55 44.00 -14.26 -6.44
CA ALA G 55 43.87 -13.31 -5.34
C ALA G 55 43.28 -13.91 -4.08
N GLN G 56 42.61 -15.06 -4.17
CA GLN G 56 42.09 -15.68 -2.95
C GLN G 56 43.20 -16.39 -2.18
N ASN G 57 44.17 -16.97 -2.88
CA ASN G 57 45.24 -17.68 -2.17
C ASN G 57 46.33 -16.73 -1.71
N VAL G 58 46.81 -15.85 -2.59
CA VAL G 58 47.78 -14.83 -2.19
C VAL G 58 47.25 -13.47 -2.61
N PRO G 59 47.27 -12.49 -1.72
CA PRO G 59 46.81 -11.18 -2.08
C PRO G 59 47.82 -10.47 -2.97
N PRO G 60 47.35 -9.69 -3.93
CA PRO G 60 48.25 -8.83 -4.69
C PRO G 60 48.47 -7.49 -4.01
N ASP G 61 49.60 -6.86 -4.32
CA ASP G 61 49.97 -5.58 -3.74
C ASP G 61 49.43 -4.47 -4.63
N LEU G 62 48.24 -3.96 -4.30
CA LEU G 62 47.63 -2.88 -5.05
C LEU G 62 47.90 -1.51 -4.48
N ALA G 63 48.75 -1.40 -3.46
CA ALA G 63 49.16 -0.08 -3.02
C ALA G 63 49.94 0.63 -4.12
N ILE G 64 50.54 -0.12 -5.02
CA ILE G 64 51.44 0.42 -6.03
C ILE G 64 50.93 0.16 -7.44
N CYS G 65 49.71 -0.36 -7.58
CA CYS G 65 49.13 -0.61 -8.88
C CYS G 65 48.09 0.41 -9.29
N CYS G 66 47.82 1.42 -8.46
CA CYS G 66 46.72 2.34 -8.66
C CYS G 66 47.23 3.63 -9.27
N PHE G 67 46.57 4.08 -10.33
CA PHE G 67 46.99 5.25 -11.09
C PHE G 67 45.84 6.23 -11.18
N THR G 68 46.11 7.50 -10.91
CA THR G 68 45.09 8.53 -11.04
C THR G 68 45.08 9.07 -12.47
N LEU G 69 43.88 9.25 -13.01
CA LEU G 69 43.73 9.91 -14.30
C LEU G 69 43.75 11.40 -14.04
N GLU G 70 44.84 12.05 -14.42
CA GLU G 70 44.94 13.48 -14.14
C GLU G 70 44.22 14.30 -15.18
N GLN G 71 44.66 14.24 -16.44
CA GLN G 71 44.15 15.13 -17.46
C GLN G 71 43.83 14.38 -18.73
N SER G 72 42.89 14.92 -19.49
CA SER G 72 42.56 14.43 -20.81
C SER G 72 42.50 15.60 -21.76
N LEU G 73 43.36 15.59 -22.78
CA LEU G 73 43.47 16.72 -23.69
C LEU G 73 43.42 16.18 -25.11
N SER G 74 42.62 16.80 -25.96
CA SER G 74 42.72 16.51 -27.38
C SER G 74 44.12 16.83 -27.85
N VAL G 75 44.68 15.93 -28.64
CA VAL G 75 46.10 15.97 -29.00
C VAL G 75 46.55 17.38 -29.31
N ARG G 76 45.71 18.12 -30.03
CA ARG G 76 46.04 19.52 -30.28
C ARG G 76 46.33 20.24 -28.99
N ALA G 77 45.32 20.31 -28.11
CA ALA G 77 45.49 21.05 -26.87
C ALA G 77 46.72 20.60 -26.12
N LEU G 78 47.07 19.32 -26.22
CA LEU G 78 48.32 18.87 -25.64
C LEU G 78 49.50 19.55 -26.29
N GLN G 79 49.50 19.68 -27.62
CA GLN G 79 50.62 20.32 -28.30
C GLN G 79 50.76 21.77 -27.87
N GLU G 80 49.65 22.52 -27.89
CA GLU G 80 49.75 23.92 -27.50
C GLU G 80 50.05 24.08 -26.01
N MET G 81 49.64 23.14 -25.18
CA MET G 81 50.02 23.22 -23.77
C MET G 81 51.50 22.98 -23.61
N LEU G 82 52.06 22.00 -24.33
CA LEU G 82 53.48 21.74 -24.27
C LEU G 82 54.28 22.93 -24.75
N ALA G 83 53.81 23.60 -25.81
CA ALA G 83 54.50 24.79 -26.29
C ALA G 83 54.47 25.91 -25.26
N ASN G 84 53.42 25.99 -24.46
CA ASN G 84 53.30 27.05 -23.45
C ASN G 84 53.69 26.53 -22.08
N HIS G 98 36.68 17.55 -14.11
CA HIS G 98 36.22 16.17 -14.13
C HIS G 98 35.69 15.80 -15.49
N ARG G 99 36.52 16.02 -16.49
CA ARG G 99 36.15 15.73 -17.86
C ARG G 99 36.04 14.24 -18.10
N THR G 100 34.99 13.85 -18.80
CA THR G 100 34.90 12.48 -19.27
C THR G 100 36.00 12.23 -20.29
N LEU G 101 36.67 11.10 -20.17
CA LEU G 101 37.69 10.73 -21.14
C LEU G 101 37.03 10.35 -22.44
N LEU G 102 37.68 10.67 -23.55
CA LEU G 102 37.23 10.32 -24.88
C LEU G 102 38.31 9.51 -25.57
N TYR G 103 37.90 8.60 -26.45
CA TYR G 103 38.87 7.91 -27.28
C TYR G 103 39.61 8.89 -28.16
N GLY G 104 40.91 8.64 -28.37
CA GLY G 104 41.73 9.52 -29.17
C GLY G 104 42.28 10.70 -28.43
N HIS G 105 41.84 10.96 -27.21
CA HIS G 105 42.41 12.05 -26.43
C HIS G 105 43.72 11.59 -25.84
N ALA G 106 44.34 12.43 -25.03
CA ALA G 106 45.54 12.06 -24.31
C ALA G 106 45.19 11.88 -22.84
N ILE G 107 46.08 11.20 -22.13
CA ILE G 107 45.90 10.95 -20.70
C ILE G 107 47.23 11.08 -20.00
N LEU G 108 47.19 11.69 -18.82
CA LEU G 108 48.32 11.79 -17.93
C LEU G 108 48.01 10.98 -16.68
N LEU G 109 48.73 9.87 -16.50
CA LEU G 109 48.48 8.95 -15.42
C LEU G 109 49.45 9.21 -14.29
N ARG G 110 48.94 9.55 -13.13
CA ARG G 110 49.76 9.82 -11.97
C ARG G 110 49.74 8.60 -11.06
N HIS G 111 50.92 8.19 -10.62
CA HIS G 111 51.02 7.09 -9.66
C HIS G 111 50.44 7.52 -8.32
N ALA G 112 49.63 6.64 -7.72
CA ALA G 112 48.98 6.98 -6.47
C ALA G 112 49.99 7.06 -5.33
N HIS G 113 50.85 6.06 -5.20
CA HIS G 113 51.79 6.02 -4.10
C HIS G 113 52.84 7.13 -4.19
N SER G 114 53.65 7.09 -5.25
CA SER G 114 54.82 7.93 -5.35
C SER G 114 54.57 9.27 -6.00
N ARG G 115 53.36 9.53 -6.49
CA ARG G 115 53.00 10.79 -7.11
C ARG G 115 53.85 11.11 -8.34
N MET G 116 54.33 10.09 -9.03
CA MET G 116 55.04 10.26 -10.29
C MET G 116 54.13 9.89 -11.45
N TYR G 117 54.59 10.16 -12.66
CA TYR G 117 53.75 10.01 -13.84
C TYR G 117 54.29 8.91 -14.72
N LEU G 118 53.41 8.03 -15.16
CA LEU G 118 53.80 6.97 -16.07
C LEU G 118 54.39 7.58 -17.33
N SER G 119 55.50 7.02 -17.80
CA SER G 119 56.18 7.62 -18.93
C SER G 119 56.86 6.54 -19.75
N CYS G 120 57.18 6.90 -20.99
CA CYS G 120 57.94 6.02 -21.88
C CYS G 120 59.41 6.44 -21.80
N LEU G 121 60.15 5.75 -20.94
CA LEU G 121 61.49 6.18 -20.59
C LEU G 121 62.41 6.11 -21.79
N THR G 122 63.42 6.99 -21.81
CA THR G 122 64.32 7.09 -22.95
C THR G 122 65.13 5.82 -23.14
N THR G 123 65.61 5.22 -22.05
CA THR G 123 66.45 4.05 -22.15
C THR G 123 65.66 2.83 -22.61
N SER G 124 66.35 1.71 -22.70
CA SER G 124 65.75 0.40 -22.94
C SER G 124 66.75 -0.67 -22.55
N ARG G 125 66.41 -1.47 -21.55
CA ARG G 125 67.28 -2.53 -21.08
C ARG G 125 66.84 -3.91 -21.56
N SER G 126 65.90 -3.97 -22.50
CA SER G 126 65.25 -5.20 -22.87
C SER G 126 66.20 -6.10 -23.65
N MET G 127 66.38 -7.33 -23.15
CA MET G 127 67.13 -8.37 -23.85
C MET G 127 66.49 -8.81 -25.15
N THR G 128 65.18 -9.08 -25.15
CA THR G 128 64.57 -9.86 -26.21
C THR G 128 64.53 -9.13 -27.55
N ASP G 129 64.07 -7.89 -27.56
CA ASP G 129 63.87 -7.17 -28.81
C ASP G 129 64.36 -5.74 -28.68
N LYS G 130 64.80 -5.19 -29.80
CA LYS G 130 65.13 -3.78 -29.91
C LYS G 130 63.87 -3.03 -30.30
N LEU G 131 64.01 -1.74 -30.65
CA LEU G 131 62.87 -0.90 -31.03
C LEU G 131 61.80 -0.86 -29.94
N ALA G 132 62.14 -1.31 -28.75
CA ALA G 132 61.20 -1.33 -27.64
C ALA G 132 61.81 -0.57 -26.49
N PHE G 133 60.99 0.23 -25.81
CA PHE G 133 61.45 1.04 -24.70
C PHE G 133 60.77 0.58 -23.43
N ASP G 134 61.42 0.85 -22.31
CA ASP G 134 60.93 0.38 -21.02
C ASP G 134 60.13 1.48 -20.33
N VAL G 135 58.88 1.17 -20.01
CA VAL G 135 57.95 2.13 -19.44
C VAL G 135 58.25 2.25 -17.96
N GLY G 136 58.32 3.49 -17.48
CA GLY G 136 58.68 3.70 -16.10
C GLY G 136 57.93 4.86 -15.48
N LEU G 137 58.51 5.46 -14.45
CA LEU G 137 57.89 6.58 -13.75
C LEU G 137 58.79 7.80 -13.82
N GLN G 138 58.23 8.91 -14.25
CA GLN G 138 58.94 10.16 -14.40
C GLN G 138 58.49 11.12 -13.30
N GLU G 139 59.42 11.89 -12.76
CA GLU G 139 59.12 12.69 -11.58
C GLU G 139 58.15 13.83 -11.86
N ASP G 140 58.13 14.37 -13.07
CA ASP G 140 57.31 15.54 -13.35
C ASP G 140 56.68 15.43 -14.73
N ALA G 141 55.58 16.16 -14.93
CA ALA G 141 54.79 16.03 -16.14
C ALA G 141 55.45 16.63 -17.36
N THR G 142 56.44 17.49 -17.16
CA THR G 142 57.12 18.19 -18.24
C THR G 142 57.55 17.23 -19.34
N GLY G 143 57.04 17.43 -20.54
CA GLY G 143 57.43 16.63 -21.69
C GLY G 143 56.29 15.77 -22.18
N GLU G 144 56.49 15.24 -23.37
CA GLU G 144 55.51 14.39 -24.01
C GLU G 144 55.71 12.92 -23.69
N ALA G 145 56.72 12.60 -22.88
CA ALA G 145 56.88 11.23 -22.41
C ALA G 145 55.72 10.84 -21.51
N CYS G 146 55.35 11.73 -20.60
CA CYS G 146 54.32 11.47 -19.60
C CYS G 146 52.95 11.28 -20.19
N TRP G 147 52.74 11.67 -21.44
CA TRP G 147 51.41 11.73 -22.02
C TRP G 147 51.19 10.54 -22.93
N TRP G 148 50.09 9.84 -22.72
CA TRP G 148 49.75 8.67 -23.52
C TRP G 148 48.47 8.96 -24.28
N THR G 149 48.17 8.12 -25.25
CA THR G 149 46.92 8.21 -25.97
C THR G 149 46.20 6.88 -25.89
N MET G 150 44.89 6.94 -26.04
CA MET G 150 44.01 5.80 -25.89
C MET G 150 43.26 5.61 -27.19
N HIS G 151 43.11 4.36 -27.62
CA HIS G 151 42.46 4.06 -28.88
C HIS G 151 41.60 2.82 -28.78
N PRO G 152 40.62 2.69 -29.67
CA PRO G 152 39.67 1.60 -29.58
C PRO G 152 40.33 0.25 -29.76
N ALA G 153 39.72 -0.75 -29.12
CA ALA G 153 40.18 -2.12 -29.25
C ALA G 153 39.96 -2.63 -30.67
N SER G 154 38.74 -2.47 -31.19
CA SER G 154 38.39 -2.96 -32.50
C SER G 154 37.42 -1.98 -33.13
N LYS G 155 36.82 -2.38 -34.24
CA LYS G 155 35.88 -1.53 -34.95
C LYS G 155 34.53 -1.44 -34.28
N GLN G 156 34.39 -1.99 -33.07
CA GLN G 156 33.19 -1.77 -32.29
C GLN G 156 33.13 -0.36 -31.73
N ARG G 157 34.28 0.20 -31.39
CA ARG G 157 34.37 1.53 -30.79
C ARG G 157 35.02 2.49 -31.77
N SER G 158 34.46 3.68 -31.86
CA SER G 158 34.97 4.73 -32.73
C SER G 158 35.68 5.78 -31.91
N GLU G 159 36.38 6.67 -32.59
CA GLU G 159 37.09 7.73 -31.89
C GLU G 159 36.12 8.83 -31.49
N GLY G 160 36.57 9.67 -30.57
CA GLY G 160 35.73 10.76 -30.14
C GLY G 160 34.67 10.37 -29.15
N GLU G 161 34.21 9.13 -29.19
CA GLU G 161 33.20 8.67 -28.23
C GLU G 161 33.87 8.26 -26.94
N LYS G 162 33.18 8.53 -25.84
CA LYS G 162 33.77 8.43 -24.53
C LYS G 162 33.98 6.98 -24.12
N VAL G 163 35.05 6.76 -23.35
CA VAL G 163 35.42 5.41 -22.95
C VAL G 163 34.58 4.99 -21.75
N ARG G 164 34.11 3.75 -21.78
CA ARG G 164 33.33 3.17 -20.71
C ARG G 164 34.19 2.19 -19.93
N VAL G 165 33.80 1.94 -18.69
CA VAL G 165 34.53 0.99 -17.85
C VAL G 165 34.31 -0.41 -18.39
N GLY G 166 35.41 -1.13 -18.60
CA GLY G 166 35.35 -2.45 -19.17
C GLY G 166 35.70 -2.44 -20.65
N ASP G 167 36.47 -1.45 -21.06
CA ASP G 167 36.86 -1.28 -22.45
C ASP G 167 38.29 -1.75 -22.63
N ASP G 168 38.53 -2.51 -23.70
CA ASP G 168 39.89 -2.84 -24.08
C ASP G 168 40.51 -1.66 -24.80
N LEU G 169 41.64 -1.19 -24.31
CA LEU G 169 42.29 -0.01 -24.84
C LEU G 169 43.51 -0.41 -25.65
N ILE G 170 43.93 0.49 -26.52
CA ILE G 170 45.22 0.41 -27.18
C ILE G 170 45.92 1.73 -26.87
N LEU G 171 46.86 1.71 -25.94
CA LEU G 171 47.57 2.93 -25.63
C LEU G 171 48.78 3.08 -26.55
N VAL G 172 49.11 4.33 -26.84
CA VAL G 172 50.27 4.67 -27.64
C VAL G 172 50.92 5.87 -26.98
N SER G 173 52.23 5.80 -26.76
CA SER G 173 52.92 6.93 -26.16
C SER G 173 52.97 8.09 -27.13
N VAL G 174 52.72 9.29 -26.63
CA VAL G 174 52.83 10.46 -27.48
C VAL G 174 54.27 10.70 -27.91
N SER G 175 55.21 10.55 -26.99
CA SER G 175 56.59 10.89 -27.31
C SER G 175 57.20 9.95 -28.34
N SER G 176 56.84 8.67 -28.31
CA SER G 176 57.56 7.69 -29.11
C SER G 176 56.69 6.92 -30.08
N GLU G 177 55.42 7.25 -30.20
CA GLU G 177 54.48 6.57 -31.09
C GLU G 177 54.38 5.08 -30.82
N ARG G 178 54.91 4.62 -29.69
CA ARG G 178 54.95 3.21 -29.36
C ARG G 178 53.76 2.83 -28.51
N TYR G 179 53.20 1.67 -28.77
CA TYR G 179 52.18 1.12 -27.91
C TYR G 179 52.79 0.67 -26.60
N LEU G 180 51.93 0.49 -25.62
CA LEU G 180 52.28 -0.38 -24.52
C LEU G 180 52.25 -1.83 -25.01
N HIS G 181 52.95 -2.69 -24.29
CA HIS G 181 53.14 -4.06 -24.75
C HIS G 181 53.66 -4.86 -23.57
N LEU G 182 53.75 -6.18 -23.73
CA LEU G 182 54.27 -6.99 -22.65
C LEU G 182 55.20 -8.08 -23.18
N SER G 183 56.38 -8.18 -22.61
CA SER G 183 57.35 -9.18 -22.99
C SER G 183 56.96 -10.50 -22.39
N THR G 184 56.39 -11.38 -23.21
CA THR G 184 56.25 -12.79 -22.91
C THR G 184 57.32 -13.63 -23.59
N ALA G 185 58.11 -13.03 -24.49
CA ALA G 185 59.09 -13.79 -25.24
C ALA G 185 60.23 -14.25 -24.35
N SER G 186 60.78 -13.35 -23.54
CA SER G 186 61.56 -13.78 -22.40
C SER G 186 60.70 -14.67 -21.51
N GLY G 187 61.34 -15.42 -20.62
CA GLY G 187 60.59 -16.30 -19.76
C GLY G 187 59.57 -15.58 -18.89
N GLU G 188 59.81 -14.30 -18.65
CA GLU G 188 58.98 -13.51 -17.76
C GLU G 188 57.90 -12.76 -18.54
N LEU G 189 57.14 -11.95 -17.82
CA LEU G 189 56.12 -11.10 -18.40
C LEU G 189 56.44 -9.68 -17.96
N GLN G 190 57.03 -8.89 -18.84
CA GLN G 190 57.38 -7.52 -18.51
C GLN G 190 56.52 -6.55 -19.30
N VAL G 191 56.61 -5.30 -18.98
CA VAL G 191 55.87 -4.29 -19.73
C VAL G 191 56.87 -3.45 -20.49
N ASP G 192 56.49 -3.07 -21.72
CA ASP G 192 57.40 -2.39 -22.63
C ASP G 192 56.62 -1.40 -23.46
N ALA G 193 57.35 -0.55 -24.17
CA ALA G 193 56.77 0.33 -25.17
C ALA G 193 57.35 -0.05 -26.51
N SER G 194 56.52 -0.67 -27.36
CA SER G 194 57.04 -1.26 -28.57
C SER G 194 55.99 -1.09 -29.67
N PHE G 195 56.20 -1.79 -30.77
CA PHE G 195 55.35 -1.64 -31.94
C PHE G 195 54.45 -2.85 -32.10
N MET G 196 54.01 -3.41 -30.98
CA MET G 196 53.05 -4.49 -30.96
C MET G 196 52.03 -4.20 -29.88
N GLN G 197 50.75 -4.41 -30.18
CA GLN G 197 49.70 -3.86 -29.34
C GLN G 197 49.15 -4.92 -28.40
N THR G 198 49.12 -4.58 -27.12
CA THR G 198 48.43 -5.37 -26.12
C THR G 198 47.18 -4.61 -25.70
N LEU G 199 46.09 -5.33 -25.48
CA LEU G 199 44.79 -4.74 -25.16
C LEU G 199 44.66 -4.63 -23.65
N TRP G 200 44.99 -3.48 -23.12
CA TRP G 200 44.84 -3.13 -21.73
C TRP G 200 43.37 -2.86 -21.41
N ASN G 201 42.99 -3.14 -20.17
CA ASN G 201 41.72 -2.70 -19.63
C ASN G 201 41.97 -1.58 -18.66
N MET G 202 40.97 -0.76 -18.42
CA MET G 202 41.11 0.38 -17.52
C MET G 202 40.11 0.16 -16.40
N ASN G 203 40.47 -0.67 -15.43
CA ASN G 203 39.47 -0.91 -14.41
C ASN G 203 39.53 0.17 -13.35
N PRO G 204 38.37 0.59 -12.84
CA PRO G 204 38.35 1.71 -11.90
C PRO G 204 38.45 1.24 -10.46
N ILE G 205 38.92 2.15 -9.61
CA ILE G 205 39.11 1.89 -8.20
C ILE G 205 38.29 2.84 -7.35
N CYS G 206 38.30 4.13 -7.68
CA CYS G 206 37.68 5.15 -6.85
C CYS G 206 37.22 6.28 -7.75
N SER G 207 36.03 6.81 -7.48
CA SER G 207 35.53 7.93 -8.25
C SER G 207 35.39 9.20 -7.41
N CYS G 208 34.58 9.17 -6.37
CA CYS G 208 34.33 10.37 -5.55
C CYS G 208 33.82 9.92 -4.20
N CYS G 209 34.66 10.03 -3.17
CA CYS G 209 34.31 9.61 -1.83
C CYS G 209 33.75 10.80 -1.07
N GLU G 210 32.60 10.60 -0.42
CA GLU G 210 32.04 11.64 0.40
C GLU G 210 32.97 11.98 1.55
N GLU G 211 32.81 13.19 2.09
CA GLU G 211 33.69 13.65 3.16
C GLU G 211 33.52 12.77 4.38
N GLY G 212 34.65 12.37 4.96
CA GLY G 212 34.62 11.63 6.21
C GLY G 212 33.92 10.30 6.12
N TYR G 213 34.21 9.51 5.10
CA TYR G 213 33.67 8.16 5.00
C TYR G 213 34.81 7.22 4.67
N VAL G 214 34.68 5.98 5.12
CA VAL G 214 35.76 5.00 5.02
C VAL G 214 35.58 4.22 3.75
N THR G 215 36.64 4.20 2.92
CA THR G 215 36.65 3.49 1.65
C THR G 215 37.85 2.57 1.62
N GLY G 216 37.76 1.55 0.76
CA GLY G 216 38.80 0.54 0.73
C GLY G 216 40.10 1.12 0.21
N GLY G 217 41.20 0.53 0.66
CA GLY G 217 42.50 0.99 0.27
C GLY G 217 43.03 2.14 1.09
N HIS G 218 42.33 2.55 2.13
CA HIS G 218 42.81 3.60 3.00
C HIS G 218 43.79 3.03 4.00
N VAL G 219 44.83 3.80 4.31
CA VAL G 219 45.70 3.48 5.43
C VAL G 219 45.16 4.23 6.63
N LEU G 220 45.01 3.52 7.74
CA LEU G 220 44.24 4.01 8.87
C LEU G 220 44.67 3.29 10.12
N ARG G 221 44.41 3.91 11.26
CA ARG G 221 44.64 3.27 12.55
C ARG G 221 43.31 2.79 13.10
N LEU G 222 43.29 1.57 13.62
CA LEU G 222 42.11 1.00 14.23
C LEU G 222 42.16 1.32 15.72
N PHE G 223 41.76 2.52 16.08
CA PHE G 223 41.79 2.95 17.46
C PHE G 223 40.79 2.18 18.28
N HIS G 224 41.03 2.15 19.59
CA HIS G 224 40.10 1.61 20.56
C HIS G 224 39.37 2.78 21.19
N GLY G 225 38.04 2.69 21.25
CA GLY G 225 37.18 3.82 21.54
C GLY G 225 37.60 4.68 22.71
N HIS G 226 38.49 4.17 23.55
CA HIS G 226 39.05 4.95 24.64
C HIS G 226 39.89 6.13 24.14
N MET G 227 40.29 6.13 22.87
CA MET G 227 41.08 7.19 22.24
C MET G 227 42.52 7.27 22.72
N ASP G 228 43.06 6.19 23.27
CA ASP G 228 44.48 6.11 23.54
C ASP G 228 45.10 4.81 23.06
N GLU G 229 44.31 3.76 22.86
CA GLU G 229 44.80 2.46 22.48
C GLU G 229 44.53 2.22 21.01
N CYS G 230 45.56 1.86 20.27
CA CYS G 230 45.46 1.50 18.87
C CYS G 230 46.12 0.16 18.63
N LEU G 231 45.68 -0.52 17.58
CA LEU G 231 46.09 -1.89 17.32
C LEU G 231 47.43 -1.90 16.60
N THR G 232 48.46 -2.40 17.27
CA THR G 232 49.83 -2.34 16.76
C THR G 232 50.48 -3.70 16.88
N ILE G 233 51.43 -4.00 15.98
CA ILE G 233 52.30 -5.14 16.16
C ILE G 233 53.50 -4.70 16.98
N SER G 234 54.29 -5.67 17.45
CA SER G 234 55.41 -5.38 18.34
C SER G 234 56.37 -4.37 17.72
N ALA G 235 57.15 -3.72 18.58
CA ALA G 235 58.10 -2.73 18.10
C ALA G 235 59.21 -3.42 17.31
N ALA G 236 59.96 -2.61 16.56
CA ALA G 236 60.97 -3.15 15.68
C ALA G 236 62.07 -3.84 16.47
N ASP G 237 62.58 -4.94 15.92
CA ASP G 237 63.64 -5.73 16.54
C ASP G 237 63.22 -6.20 17.95
N SER G 238 62.19 -7.04 17.97
CA SER G 238 61.68 -7.62 19.20
C SER G 238 61.63 -9.13 19.04
N ASP G 239 61.75 -9.83 20.17
CA ASP G 239 61.78 -11.29 20.18
C ASP G 239 60.50 -11.92 19.68
N ASP G 240 59.41 -11.16 19.59
CA ASP G 240 58.13 -11.67 19.12
C ASP G 240 58.18 -12.09 17.66
N GLN G 241 59.21 -11.69 16.92
CA GLN G 241 59.23 -11.75 15.47
C GLN G 241 58.11 -10.90 14.88
N ARG G 242 57.66 -9.92 15.65
CA ARG G 242 56.67 -8.94 15.22
C ARG G 242 55.42 -9.60 14.65
N ARG G 243 55.15 -10.83 15.06
CA ARG G 243 54.05 -11.59 14.50
C ARG G 243 52.90 -11.73 15.48
N LEU G 244 52.69 -10.73 16.32
CA LEU G 244 51.62 -10.77 17.30
C LEU G 244 51.05 -9.39 17.48
N VAL G 245 49.72 -9.30 17.47
CA VAL G 245 49.02 -8.03 17.58
C VAL G 245 48.91 -7.61 19.03
N TYR G 246 48.58 -6.34 19.26
CA TYR G 246 48.45 -5.79 20.59
C TYR G 246 47.55 -4.57 20.51
N TYR G 247 46.99 -4.20 21.64
CA TYR G 247 46.37 -2.89 21.82
C TYR G 247 47.35 -2.08 22.64
N GLU G 248 48.04 -1.16 22.01
CA GLU G 248 49.06 -0.39 22.70
C GLU G 248 48.66 1.08 22.72
N GLY G 249 49.06 1.78 23.78
CA GLY G 249 48.77 3.18 23.93
C GLY G 249 50.05 4.01 23.89
N GLY G 250 49.86 5.32 23.97
CA GLY G 250 50.99 6.21 24.06
C GLY G 250 51.35 6.83 22.74
N ALA G 251 52.63 7.09 22.52
CA ALA G 251 53.11 7.68 21.27
C ALA G 251 53.03 6.71 20.11
N VAL G 252 52.75 5.43 20.37
CA VAL G 252 52.67 4.45 19.30
C VAL G 252 51.54 4.81 18.35
N CYS G 253 50.54 5.54 18.83
CA CYS G 253 49.44 5.92 17.97
C CYS G 253 49.75 7.16 17.16
N THR G 254 51.01 7.60 17.15
CA THR G 254 51.52 8.49 16.13
C THR G 254 52.74 7.89 15.42
N HIS G 255 52.82 6.58 15.37
CA HIS G 255 53.89 5.85 14.71
C HIS G 255 53.34 5.08 13.52
N ALA G 256 54.20 4.32 12.89
CA ALA G 256 53.85 3.61 11.67
C ALA G 256 53.52 2.14 11.91
N ARG G 257 53.92 1.58 13.04
CA ARG G 257 53.53 0.22 13.40
C ARG G 257 52.06 0.09 13.68
N SER G 258 51.36 1.21 13.84
CA SER G 258 49.93 1.22 14.13
C SER G 258 49.07 1.43 12.90
N LEU G 259 49.66 1.47 11.70
CA LEU G 259 48.95 1.79 10.48
C LEU G 259 48.62 0.52 9.74
N TRP G 260 47.34 0.33 9.44
CA TRP G 260 46.83 -0.82 8.70
C TRP G 260 46.19 -0.31 7.43
N ARG G 261 45.92 -1.22 6.51
CA ARG G 261 45.33 -0.86 5.23
C ARG G 261 44.26 -1.87 4.90
N LEU G 262 43.06 -1.40 4.65
CA LEU G 262 41.94 -2.28 4.39
C LEU G 262 41.89 -2.62 2.92
N GLU G 263 42.08 -3.89 2.60
CA GLU G 263 42.15 -4.36 1.21
C GLU G 263 40.93 -5.22 0.97
N PRO G 264 39.89 -4.67 0.35
CA PRO G 264 38.71 -5.49 0.05
C PRO G 264 39.06 -6.68 -0.81
N LEU G 265 38.10 -7.57 -0.96
CA LEU G 265 38.31 -8.81 -1.69
C LEU G 265 37.91 -8.70 -3.15
N ARG G 266 37.89 -7.47 -3.69
CA ARG G 266 37.58 -7.22 -5.08
C ARG G 266 38.60 -6.25 -5.64
N ILE G 267 39.25 -6.62 -6.73
CA ILE G 267 40.24 -5.74 -7.33
C ILE G 267 39.59 -4.53 -8.00
N SER G 268 38.46 -4.72 -8.67
CA SER G 268 37.72 -3.62 -9.29
C SER G 268 36.82 -2.96 -8.26
N TRP G 269 36.81 -1.64 -8.27
CA TRP G 269 36.05 -0.84 -7.31
C TRP G 269 36.51 -1.07 -5.88
N SER G 270 37.79 -1.33 -5.72
CA SER G 270 38.38 -1.58 -4.41
C SER G 270 38.37 -0.34 -3.53
N GLY G 271 38.11 0.83 -4.08
CA GLY G 271 38.07 2.03 -3.27
C GLY G 271 36.66 2.43 -2.92
N SER G 272 35.73 1.48 -3.02
CA SER G 272 34.34 1.78 -2.75
C SER G 272 34.13 2.07 -1.27
N HIS G 273 32.98 2.67 -0.96
CA HIS G 273 32.64 2.96 0.41
C HIS G 273 32.46 1.67 1.19
N LEU G 274 33.19 1.54 2.29
CA LEU G 274 33.06 0.37 3.15
C LEU G 274 31.63 0.23 3.65
N ARG G 275 31.10 -0.96 3.54
CA ARG G 275 29.78 -1.27 4.06
C ARG G 275 29.90 -2.21 5.25
N TRP G 276 28.88 -2.21 6.09
CA TRP G 276 28.89 -3.07 7.26
C TRP G 276 28.93 -4.52 6.81
N GLY G 277 29.82 -5.30 7.42
CA GLY G 277 29.87 -6.72 7.17
C GLY G 277 30.17 -7.10 5.74
N GLN G 278 31.19 -6.50 5.14
CA GLN G 278 31.69 -6.99 3.88
C GLN G 278 33.09 -7.52 4.06
N PRO G 279 33.45 -8.62 3.41
CA PRO G 279 34.76 -9.22 3.62
C PRO G 279 35.87 -8.31 3.16
N LEU G 280 37.00 -8.35 3.88
CA LEU G 280 38.14 -7.52 3.56
C LEU G 280 39.34 -7.98 4.36
N ARG G 281 40.48 -8.06 3.71
CA ARG G 281 41.72 -8.30 4.44
C ARG G 281 42.22 -7.02 5.06
N ILE G 282 43.08 -7.15 6.06
CA ILE G 282 43.71 -6.01 6.71
C ILE G 282 45.20 -6.24 6.72
N ARG G 283 45.93 -5.35 6.06
CA ARG G 283 47.35 -5.52 5.82
C ARG G 283 48.14 -4.51 6.64
N HIS G 284 49.11 -4.99 7.38
CA HIS G 284 50.04 -4.08 8.04
C HIS G 284 50.86 -3.39 6.97
N VAL G 285 51.03 -2.08 7.09
CA VAL G 285 51.64 -1.35 6.00
C VAL G 285 53.16 -1.47 6.03
N THR G 286 53.79 -1.24 7.18
CA THR G 286 55.24 -1.23 7.24
C THR G 286 55.87 -2.60 7.15
N THR G 287 55.09 -3.67 7.22
CA THR G 287 55.63 -5.02 7.10
C THR G 287 54.92 -5.88 6.08
N GLY G 288 53.80 -5.44 5.53
CA GLY G 288 53.14 -6.20 4.51
C GLY G 288 52.68 -7.57 4.95
N ARG G 289 52.16 -7.66 6.17
CA ARG G 289 51.71 -8.93 6.73
C ARG G 289 50.24 -8.82 7.07
N TYR G 290 49.49 -9.82 6.66
CA TYR G 290 48.04 -9.79 6.73
C TYR G 290 47.54 -10.37 8.04
N LEU G 291 46.65 -9.65 8.69
CA LEU G 291 46.04 -10.13 9.91
C LEU G 291 45.34 -11.45 9.65
N ALA G 292 45.55 -12.44 10.51
CA ALA G 292 45.00 -13.75 10.25
C ALA G 292 44.73 -14.50 11.54
N LEU G 293 43.87 -15.50 11.43
CA LEU G 293 43.61 -16.47 12.49
C LEU G 293 44.29 -17.77 12.08
N THR G 294 45.43 -18.05 12.69
CA THR G 294 46.08 -19.34 12.54
C THR G 294 45.73 -20.21 13.73
N GLU G 295 45.71 -21.52 13.51
CA GLU G 295 45.29 -22.45 14.56
C GLU G 295 46.25 -22.41 15.74
N ASP G 296 47.55 -22.33 15.49
CA ASP G 296 48.52 -22.46 16.57
C ASP G 296 48.46 -21.28 17.52
N GLN G 297 48.49 -20.05 17.00
CA GLN G 297 48.63 -18.87 17.84
C GLN G 297 47.44 -17.92 17.74
N GLY G 298 46.31 -18.39 17.26
CA GLY G 298 45.12 -17.53 17.25
C GLY G 298 45.32 -16.36 16.32
N LEU G 299 45.34 -15.16 16.86
CA LEU G 299 45.53 -13.97 16.04
C LEU G 299 47.01 -13.73 15.81
N VAL G 300 47.40 -13.61 14.54
CA VAL G 300 48.76 -13.33 14.12
C VAL G 300 48.72 -12.39 12.93
N VAL G 301 49.90 -12.02 12.45
CA VAL G 301 50.05 -11.36 11.16
C VAL G 301 50.88 -12.28 10.28
N VAL G 302 50.21 -12.98 9.39
CA VAL G 302 50.81 -14.01 8.56
C VAL G 302 51.35 -13.35 7.31
N ASP G 303 52.37 -13.95 6.69
CA ASP G 303 52.96 -13.35 5.52
C ASP G 303 51.98 -13.36 4.36
N ALA G 304 52.36 -12.72 3.26
CA ALA G 304 51.49 -12.59 2.11
C ALA G 304 51.35 -13.87 1.33
N CYS G 305 52.17 -14.88 1.61
CA CYS G 305 52.08 -16.14 0.90
C CYS G 305 51.11 -17.11 1.56
N LYS G 306 50.51 -16.73 2.67
CA LYS G 306 49.66 -17.63 3.45
C LYS G 306 48.36 -16.96 3.84
N ALA G 307 47.87 -16.04 3.01
CA ALA G 307 46.63 -15.30 3.27
C ALA G 307 45.58 -15.83 2.32
N HIS G 308 44.92 -16.94 2.69
CA HIS G 308 44.12 -17.70 1.75
C HIS G 308 42.63 -17.41 1.87
N THR G 309 42.26 -16.21 2.31
CA THR G 309 40.90 -15.69 2.32
C THR G 309 40.02 -16.43 3.32
N LYS G 310 40.50 -17.54 3.88
CA LYS G 310 39.86 -18.15 5.02
C LYS G 310 40.44 -17.68 6.33
N ALA G 311 41.75 -17.43 6.37
CA ALA G 311 42.41 -16.96 7.57
C ALA G 311 42.37 -15.45 7.69
N THR G 312 42.40 -14.73 6.57
CA THR G 312 42.63 -13.29 6.60
C THR G 312 41.39 -12.46 6.34
N SER G 313 40.27 -13.07 5.96
CA SER G 313 39.07 -12.31 5.70
C SER G 313 38.42 -11.87 7.00
N PHE G 314 37.70 -10.75 6.94
CA PHE G 314 37.17 -10.10 8.13
C PHE G 314 35.91 -9.34 7.74
N CYS G 315 35.19 -8.85 8.75
CA CYS G 315 33.96 -8.11 8.51
C CYS G 315 33.77 -7.13 9.66
N PHE G 316 33.95 -5.84 9.42
CA PHE G 316 33.45 -4.86 10.37
C PHE G 316 31.95 -5.00 10.49
N ARG G 317 31.42 -4.96 11.71
CA ARG G 317 29.99 -5.06 11.91
C ARG G 317 29.55 -4.08 12.98
N VAL G 318 28.28 -3.69 12.91
CA VAL G 318 27.76 -2.61 13.73
C VAL G 318 27.40 -3.09 15.12
N SER G 319 26.66 -4.18 15.22
CA SER G 319 26.24 -4.75 16.49
C SER G 319 26.55 -6.23 16.50
N LYS G 320 26.71 -6.77 17.70
CA LYS G 320 27.11 -8.17 17.87
C LYS G 320 25.98 -9.13 17.58
N GLU G 321 24.82 -8.64 17.12
CA GLU G 321 23.71 -9.48 16.71
C GLU G 321 24.09 -10.23 15.45
N LYS G 322 23.32 -11.29 15.15
CA LYS G 322 23.70 -12.22 14.10
C LYS G 322 23.00 -11.83 12.81
N LEU G 323 23.76 -11.26 11.88
CA LEU G 323 23.22 -10.76 10.61
C LEU G 323 23.53 -11.71 9.46
N PRO G 327 28.53 -10.26 3.75
CA PRO G 327 28.72 -10.01 2.31
C PRO G 327 27.42 -9.60 1.61
N LYS G 328 27.50 -8.55 0.80
CA LYS G 328 26.37 -8.06 0.02
C LYS G 328 26.71 -8.16 -1.46
N ARG G 329 25.68 -8.04 -2.29
CA ARG G 329 25.90 -8.09 -3.73
C ARG G 329 26.67 -6.86 -4.17
N ASP G 330 27.74 -7.09 -4.92
CA ASP G 330 28.65 -6.02 -5.30
C ASP G 330 27.91 -4.98 -6.12
N VAL G 331 28.07 -3.72 -5.76
CA VAL G 331 27.48 -2.62 -6.48
C VAL G 331 28.58 -1.94 -7.28
N GLU G 332 28.37 -1.81 -8.59
CA GLU G 332 29.39 -1.29 -9.49
C GLU G 332 29.45 0.23 -9.39
N GLY G 333 29.77 0.70 -8.17
CA GLY G 333 29.85 2.13 -7.96
C GLY G 333 30.61 2.42 -6.69
N MET G 334 30.73 3.70 -6.40
CA MET G 334 31.35 4.11 -5.15
C MET G 334 30.56 3.58 -3.95
N GLY G 335 29.27 3.29 -4.14
CA GLY G 335 28.48 2.58 -3.17
C GLY G 335 27.73 3.50 -2.22
N PRO G 336 26.83 2.93 -1.43
CA PRO G 336 26.17 3.68 -0.39
C PRO G 336 27.09 3.84 0.81
N PRO G 337 27.41 5.08 1.18
CA PRO G 337 28.39 5.31 2.24
C PRO G 337 27.82 4.94 3.60
N GLU G 338 28.53 4.06 4.32
CA GLU G 338 28.06 3.58 5.61
C GLU G 338 28.96 4.00 6.76
N ILE G 339 30.24 3.65 6.73
CA ILE G 339 31.10 3.89 7.87
C ILE G 339 31.75 5.26 7.75
N LYS G 340 31.91 5.92 8.88
CA LYS G 340 32.56 7.23 8.93
C LYS G 340 33.88 7.14 9.66
N TYR G 341 34.55 8.28 9.77
CA TYR G 341 35.84 8.37 10.43
C TYR G 341 35.68 9.09 11.75
N GLY G 342 36.33 8.55 12.79
CA GLY G 342 36.21 9.11 14.12
C GLY G 342 34.81 8.95 14.67
N GLU G 343 34.05 8.04 14.06
CA GLU G 343 32.69 7.75 14.47
C GLU G 343 32.44 6.28 14.17
N SER G 344 31.17 5.88 14.19
CA SER G 344 30.76 4.57 13.70
C SER G 344 31.54 3.45 14.40
N LEU G 345 31.26 3.27 15.68
CA LEU G 345 31.77 2.13 16.43
C LEU G 345 31.55 0.85 15.66
N CYS G 346 32.62 0.10 15.43
CA CYS G 346 32.59 -1.10 14.61
C CYS G 346 33.33 -2.24 15.30
N PHE G 347 32.70 -3.41 15.32
CA PHE G 347 33.33 -4.62 15.82
C PHE G 347 33.90 -5.41 14.64
N VAL G 348 35.12 -5.90 14.80
CA VAL G 348 35.78 -6.67 13.76
C VAL G 348 35.48 -8.13 13.99
N GLN G 349 34.90 -8.78 13.01
CA GLN G 349 34.56 -10.18 13.11
C GLN G 349 35.26 -10.95 12.00
N HIS G 350 36.02 -11.96 12.39
CA HIS G 350 36.55 -12.89 11.41
C HIS G 350 35.38 -13.58 10.73
N VAL G 351 35.51 -13.84 9.44
CA VAL G 351 34.33 -14.23 8.69
C VAL G 351 34.07 -15.73 8.82
N ALA G 352 35.11 -16.54 8.83
CA ALA G 352 34.89 -17.98 8.86
C ALA G 352 34.72 -18.48 10.29
N SER G 353 35.57 -18.01 11.20
CA SER G 353 35.54 -18.46 12.59
C SER G 353 34.56 -17.66 13.44
N GLY G 354 33.89 -16.66 12.89
CA GLY G 354 32.95 -15.87 13.64
C GLY G 354 33.55 -15.10 14.79
N LEU G 355 34.82 -15.31 15.10
CA LEU G 355 35.39 -14.79 16.33
C LEU G 355 35.47 -13.26 16.30
N TRP G 356 35.12 -12.64 17.42
CA TRP G 356 35.27 -11.20 17.54
C TRP G 356 36.66 -10.85 18.04
N LEU G 357 37.16 -9.71 17.58
CA LEU G 357 38.43 -9.21 18.05
C LEU G 357 38.25 -8.50 19.39
N THR G 358 39.01 -8.94 20.40
CA THR G 358 38.93 -8.39 21.73
C THR G 358 40.33 -8.28 22.30
N TYR G 359 40.41 -7.78 23.52
CA TYR G 359 41.68 -7.70 24.23
C TYR G 359 41.75 -8.79 25.28
N ALA G 360 42.88 -9.48 25.33
CA ALA G 360 43.06 -10.56 26.30
C ALA G 360 43.06 -9.98 27.70
N ALA G 361 42.08 -10.37 28.50
CA ALA G 361 41.97 -9.87 29.87
C ALA G 361 43.21 -10.08 30.72
N PRO G 362 43.91 -11.25 30.70
CA PRO G 362 45.02 -11.47 31.64
C PRO G 362 46.03 -10.33 31.75
N ASP G 363 46.21 -9.84 32.97
CA ASP G 363 47.19 -8.79 33.26
C ASP G 363 48.15 -9.30 34.33
N PRO G 364 49.28 -9.89 33.95
CA PRO G 364 50.14 -10.58 34.92
C PRO G 364 51.08 -9.65 35.67
N LYS G 365 52.03 -10.25 36.39
CA LYS G 365 53.06 -9.53 37.13
C LYS G 365 53.72 -8.44 36.29
N ALA G 366 53.94 -8.70 35.01
CA ALA G 366 54.52 -7.71 34.11
C ALA G 366 53.65 -6.46 34.07
N LEU G 367 52.37 -6.61 34.39
CA LEU G 367 51.46 -5.49 34.51
C LEU G 367 51.09 -5.18 35.96
N ARG G 368 51.70 -5.87 36.93
CA ARG G 368 51.48 -5.49 38.33
C ARG G 368 52.00 -4.08 38.59
N LEU G 369 53.17 -3.76 38.03
CA LEU G 369 53.66 -2.39 38.05
C LEU G 369 53.76 -1.78 36.67
N GLY G 370 53.89 -2.58 35.61
CA GLY G 370 53.98 -2.04 34.28
C GLY G 370 52.64 -1.57 33.74
N VAL G 371 52.71 -0.80 32.66
CA VAL G 371 51.54 -0.23 32.01
C VAL G 371 50.95 -1.24 31.04
N LEU G 372 49.64 -1.14 30.82
CA LEU G 372 48.92 -2.16 30.06
C LEU G 372 49.25 -2.10 28.58
N LYS G 373 49.55 -3.25 28.00
CA LYS G 373 49.65 -3.46 26.56
C LYS G 373 48.80 -4.68 26.27
N LYS G 374 47.50 -4.47 26.12
CA LYS G 374 46.56 -5.58 26.05
C LYS G 374 46.75 -6.32 24.72
N LYS G 375 47.14 -7.57 24.80
CA LYS G 375 47.22 -8.39 23.60
C LYS G 375 45.82 -8.55 23.00
N ALA G 376 45.77 -8.55 21.69
CA ALA G 376 44.51 -8.69 20.96
C ALA G 376 44.33 -10.15 20.60
N ILE G 377 43.20 -10.71 21.00
CA ILE G 377 42.89 -12.11 20.77
C ILE G 377 41.52 -12.20 20.15
N LEU G 378 41.27 -13.30 19.45
CA LEU G 378 39.98 -13.58 18.86
C LEU G 378 39.21 -14.48 19.80
N HIS G 379 37.97 -14.11 20.11
CA HIS G 379 37.21 -14.78 21.14
C HIS G 379 35.84 -15.18 20.58
N GLN G 380 35.24 -16.20 21.19
CA GLN G 380 33.96 -16.71 20.72
C GLN G 380 32.86 -15.66 20.86
N GLU G 381 32.82 -14.99 21.99
CA GLU G 381 31.80 -13.99 22.26
C GLU G 381 32.37 -12.62 22.59
N GLY G 382 33.49 -12.56 23.29
CA GLY G 382 34.19 -11.31 23.48
C GLY G 382 33.52 -10.34 24.41
N HIS G 383 34.21 -9.24 24.72
CA HIS G 383 33.68 -8.23 25.61
C HIS G 383 32.67 -7.36 24.87
N MET G 384 31.97 -6.52 25.63
CA MET G 384 30.99 -5.59 25.08
C MET G 384 31.55 -4.19 24.86
N ASP G 385 32.83 -3.95 25.15
CA ASP G 385 33.44 -2.64 24.97
C ASP G 385 34.50 -2.62 23.88
N ASP G 386 34.58 -3.69 23.08
CA ASP G 386 35.67 -3.85 22.13
C ASP G 386 35.44 -3.10 20.81
N ALA G 387 34.48 -2.19 20.73
CA ALA G 387 34.23 -1.47 19.50
C ALA G 387 35.34 -0.48 19.20
N LEU G 388 35.64 -0.30 17.91
CA LEU G 388 36.80 0.44 17.45
C LEU G 388 36.39 1.63 16.61
N PHE G 389 36.92 2.81 16.93
CA PHE G 389 36.94 3.91 15.98
C PHE G 389 38.02 3.67 14.95
N LEU G 390 37.78 4.17 13.74
CA LEU G 390 38.78 4.18 12.69
C LEU G 390 39.17 5.62 12.42
N THR G 391 40.45 5.92 12.56
CA THR G 391 40.94 7.24 12.22
C THR G 391 41.64 7.17 10.88
N ARG G 392 42.02 8.33 10.36
CA ARG G 392 42.70 8.41 9.08
C ARG G 392 44.11 8.92 9.32
N CYS G 393 45.04 8.49 8.48
CA CYS G 393 46.41 8.95 8.55
C CYS G 393 46.69 9.89 7.39
N GLN G 394 47.53 10.90 7.63
CA GLN G 394 47.86 11.84 6.59
C GLN G 394 48.58 11.14 5.45
N GLN G 395 48.46 11.69 4.25
CA GLN G 395 49.11 11.09 3.10
C GLN G 395 50.62 11.02 3.28
N GLU G 396 51.20 11.95 4.02
CA GLU G 396 52.62 11.88 4.34
C GLU G 396 52.93 10.61 5.13
N GLU G 397 52.13 10.32 6.14
CA GLU G 397 52.37 9.13 6.95
C GLU G 397 52.17 7.86 6.16
N SER G 398 51.13 7.80 5.34
CA SER G 398 50.90 6.58 4.57
C SER G 398 52.02 6.35 3.57
N GLN G 399 52.44 7.42 2.89
CA GLN G 399 53.54 7.30 1.95
C GLN G 399 54.82 6.86 2.65
N ALA G 400 55.10 7.42 3.82
CA ALA G 400 56.29 7.02 4.56
C ALA G 400 56.20 5.57 5.01
N ALA G 401 55.03 5.14 5.46
CA ALA G 401 54.86 3.78 5.94
C ALA G 401 55.00 2.78 4.80
N ARG G 402 54.70 3.17 3.58
CA ARG G 402 54.96 2.30 2.46
C ARG G 402 56.39 2.41 1.94
N MET G 403 57.04 3.57 2.08
CA MET G 403 58.45 3.66 1.77
C MET G 403 59.30 2.80 2.67
N ILE G 404 58.95 2.72 3.95
CA ILE G 404 59.66 1.86 4.88
C ILE G 404 59.53 0.39 4.51
N HIS G 405 58.41 -0.04 3.96
CA HIS G 405 58.26 -1.43 3.58
C HIS G 405 59.13 -1.81 2.40
N SER G 406 59.46 -0.87 1.53
CA SER G 406 60.32 -1.16 0.39
C SER G 406 61.78 -0.95 0.72
N THR G 407 62.10 0.09 1.48
CA THR G 407 63.48 0.33 1.88
C THR G 407 64.01 -0.80 2.74
N ALA G 408 63.20 -1.27 3.69
CA ALA G 408 63.63 -2.36 4.54
C ALA G 408 63.90 -3.62 3.74
N GLY G 409 63.00 -3.95 2.81
CA GLY G 409 63.22 -5.12 1.98
C GLY G 409 64.46 -5.02 1.12
N LEU G 410 64.65 -3.86 0.50
CA LEU G 410 65.82 -3.66 -0.36
C LEU G 410 67.11 -3.78 0.44
N TYR G 411 67.16 -3.13 1.59
CA TYR G 411 68.42 -3.11 2.33
C TYR G 411 68.65 -4.43 3.05
N ASN G 412 67.60 -5.17 3.35
CA ASN G 412 67.81 -6.51 3.88
C ASN G 412 68.31 -7.46 2.81
N GLN G 413 67.85 -7.29 1.57
CA GLN G 413 68.48 -8.03 0.47
C GLN G 413 69.95 -7.68 0.34
N PHE G 414 70.27 -6.39 0.44
CA PHE G 414 71.66 -5.96 0.35
C PHE G 414 72.49 -6.58 1.46
N ILE G 415 71.99 -6.53 2.70
CA ILE G 415 72.72 -7.06 3.84
C ILE G 415 72.92 -8.56 3.69
N LYS G 416 71.85 -9.28 3.36
CA LYS G 416 71.93 -10.73 3.23
C LYS G 416 72.78 -11.14 2.03
N GLY G 417 72.91 -10.28 1.03
CA GLY G 417 73.85 -10.52 -0.04
C GLY G 417 75.28 -10.33 0.41
N LEU G 418 75.53 -9.28 1.19
CA LEU G 418 76.86 -9.05 1.73
C LEU G 418 77.29 -10.20 2.63
N ASP G 419 76.37 -10.70 3.45
CA ASP G 419 76.69 -11.81 4.32
C ASP G 419 76.88 -13.12 3.57
N SER G 420 76.56 -13.16 2.28
CA SER G 420 76.79 -14.38 1.52
C SER G 420 78.28 -14.60 1.27
N PHE G 421 79.02 -13.53 1.00
CA PHE G 421 80.45 -13.63 0.79
C PHE G 421 81.24 -12.94 1.88
N SER G 422 80.78 -13.02 3.13
CA SER G 422 81.50 -12.40 4.24
C SER G 422 82.91 -12.96 4.34
N GLY G 423 83.04 -14.28 4.37
CA GLY G 423 84.31 -14.91 4.12
C GLY G 423 84.43 -15.18 2.64
N LYS G 424 84.70 -16.44 2.29
CA LYS G 424 84.56 -16.90 0.91
C LYS G 424 85.24 -16.00 -0.10
N PRO G 425 86.58 -15.98 -0.16
CA PRO G 425 87.24 -15.18 -1.19
C PRO G 425 86.83 -15.63 -2.58
N ARG G 426 86.70 -14.66 -3.48
CA ARG G 426 86.31 -14.95 -4.84
C ARG G 426 87.37 -15.75 -5.58
N GLY G 427 88.62 -15.68 -5.16
CA GLY G 427 89.69 -16.29 -5.92
C GLY G 427 89.86 -15.56 -7.23
N SER G 428 89.93 -16.31 -8.32
CA SER G 428 89.93 -15.75 -9.66
C SER G 428 88.67 -16.10 -10.43
N GLY G 429 87.64 -16.57 -9.75
CA GLY G 429 86.44 -17.01 -10.40
C GLY G 429 85.30 -16.02 -10.30
N PRO G 430 84.10 -16.51 -10.01
CA PRO G 430 82.92 -15.65 -10.00
C PRO G 430 82.62 -15.16 -8.59
N PRO G 431 81.73 -14.18 -8.47
CA PRO G 431 81.20 -13.82 -7.15
C PRO G 431 80.52 -15.01 -6.48
N ALA G 432 80.29 -14.89 -5.18
CA ALA G 432 79.80 -16.03 -4.41
C ALA G 432 78.41 -16.47 -4.86
N GLY G 433 77.40 -15.61 -4.68
CA GLY G 433 76.03 -15.99 -4.92
C GLY G 433 75.27 -15.04 -5.82
N PRO G 434 73.97 -14.86 -5.54
CA PRO G 434 73.14 -14.01 -6.40
C PRO G 434 73.59 -12.56 -6.42
N ALA G 435 73.25 -11.85 -7.50
CA ALA G 435 73.78 -10.52 -7.73
C ALA G 435 73.28 -9.54 -6.66
N LEU G 436 74.19 -8.67 -6.22
CA LEU G 436 73.81 -7.63 -5.29
C LEU G 436 72.89 -6.63 -5.97
N PRO G 437 71.91 -6.10 -5.26
CA PRO G 437 71.06 -5.06 -5.85
C PRO G 437 71.71 -3.69 -5.73
N ILE G 438 72.72 -3.44 -6.55
CA ILE G 438 73.54 -2.25 -6.37
C ILE G 438 72.89 -1.02 -6.97
N GLU G 439 72.37 -1.11 -8.20
CA GLU G 439 71.78 0.07 -8.82
C GLU G 439 70.52 0.47 -8.07
N ALA G 440 69.75 -0.52 -7.62
CA ALA G 440 68.57 -0.22 -6.81
C ALA G 440 68.94 0.45 -5.52
N VAL G 441 70.00 -0.02 -4.85
CA VAL G 441 70.41 0.59 -3.60
C VAL G 441 70.87 2.02 -3.82
N ILE G 442 71.64 2.26 -4.87
CA ILE G 442 72.12 3.62 -5.13
C ILE G 442 70.96 4.55 -5.40
N LEU G 443 70.00 4.11 -6.22
CA LEU G 443 68.85 4.94 -6.51
C LEU G 443 67.99 5.17 -5.28
N SER G 444 67.77 4.14 -4.47
CA SER G 444 66.93 4.30 -3.29
C SER G 444 67.56 5.23 -2.28
N LEU G 445 68.88 5.11 -2.07
CA LEU G 445 69.57 6.01 -1.18
C LEU G 445 69.54 7.43 -1.70
N GLN G 446 69.73 7.61 -3.01
CA GLN G 446 69.64 8.94 -3.58
C GLN G 446 68.27 9.55 -3.37
N ASP G 447 67.22 8.75 -3.55
CA ASP G 447 65.87 9.23 -3.36
C ASP G 447 65.56 9.54 -1.91
N LEU G 448 66.07 8.74 -0.97
CA LEU G 448 65.83 8.98 0.44
C LEU G 448 66.62 10.18 0.96
N ILE G 449 67.79 10.46 0.38
CA ILE G 449 68.50 11.67 0.73
C ILE G 449 67.76 12.91 0.30
N GLY G 450 67.08 12.88 -0.84
CA GLY G 450 66.25 13.99 -1.28
C GLY G 450 64.94 14.04 -0.54
N TYR G 451 64.47 12.89 -0.08
CA TYR G 451 63.28 12.82 0.75
C TYR G 451 63.46 13.61 2.03
N PHE G 452 64.69 13.61 2.56
CA PHE G 452 64.99 14.21 3.85
C PHE G 452 65.74 15.52 3.72
N GLU G 453 65.76 16.12 2.53
CA GLU G 453 66.51 17.35 2.33
C GLU G 453 65.94 18.44 3.23
N PRO G 454 66.78 19.23 3.89
CA PRO G 454 66.26 20.27 4.75
C PRO G 454 65.51 21.31 3.94
N PRO G 455 64.49 21.92 4.52
CA PRO G 455 63.79 23.00 3.81
C PRO G 455 64.73 24.14 3.48
N SER G 456 64.51 24.74 2.31
CA SER G 456 65.37 25.79 1.81
C SER G 456 65.24 27.06 2.65
N GLU G 457 66.20 27.96 2.46
CA GLU G 457 66.23 29.18 3.26
C GLU G 457 65.29 30.24 2.69
N GLU G 458 65.19 30.35 1.37
CA GLU G 458 64.26 31.32 0.81
C GLU G 458 62.82 30.93 1.10
N LEU G 459 62.59 29.70 1.55
CA LEU G 459 61.25 29.36 1.96
C LEU G 459 60.81 30.32 3.06
N GLN G 460 59.60 30.82 2.90
CA GLN G 460 59.10 31.91 3.69
C GLN G 460 58.78 31.35 5.07
N HIS G 461 58.72 32.21 6.09
CA HIS G 461 58.85 31.71 7.46
C HIS G 461 57.87 30.59 7.80
N GLU G 462 56.58 30.83 7.56
CA GLU G 462 55.58 29.84 8.00
C GLU G 462 55.72 28.54 7.23
N GLU G 463 56.01 28.64 5.92
CA GLU G 463 56.26 27.46 5.13
C GLU G 463 57.46 26.68 5.67
N LYS G 464 58.51 27.41 6.05
CA LYS G 464 59.71 26.80 6.59
C LYS G 464 59.38 26.02 7.86
N GLN G 465 58.61 26.63 8.74
CA GLN G 465 58.29 25.97 10.00
C GLN G 465 57.29 24.83 9.84
N SER G 466 56.47 24.83 8.79
CA SER G 466 55.64 23.66 8.55
C SER G 466 56.46 22.51 7.99
N LYS G 467 57.35 22.81 7.04
CA LYS G 467 58.18 21.77 6.45
C LYS G 467 59.12 21.17 7.49
N LEU G 468 59.57 21.98 8.44
CA LEU G 468 60.41 21.44 9.50
C LEU G 468 59.66 20.42 10.34
N ARG G 469 58.41 20.72 10.71
CA ARG G 469 57.62 19.77 11.47
C ARG G 469 57.43 18.49 10.69
N SER G 470 57.13 18.61 9.39
CA SER G 470 56.94 17.42 8.57
C SER G 470 58.22 16.60 8.50
N LEU G 471 59.37 17.27 8.35
CA LEU G 471 60.63 16.56 8.27
C LEU G 471 60.94 15.83 9.57
N ARG G 472 60.73 16.50 10.70
CA ARG G 472 60.95 15.85 11.98
C ARG G 472 60.06 14.64 12.13
N ASN G 473 58.81 14.77 11.71
CA ASN G 473 57.89 13.64 11.79
C ASN G 473 58.37 12.47 10.96
N ARG G 474 58.78 12.73 9.72
CA ARG G 474 59.20 11.64 8.84
C ARG G 474 60.46 10.97 9.37
N GLN G 475 61.40 11.75 9.88
CA GLN G 475 62.61 11.16 10.45
C GLN G 475 62.27 10.31 11.67
N SER G 476 61.35 10.77 12.51
CA SER G 476 60.96 9.97 13.66
C SER G 476 60.32 8.68 13.24
N LEU G 477 59.45 8.71 12.22
CA LEU G 477 58.86 7.47 11.73
C LEU G 477 59.93 6.49 11.29
N PHE G 478 60.84 6.94 10.43
CA PHE G 478 61.87 6.03 9.94
C PHE G 478 62.71 5.47 11.08
N GLN G 479 63.08 6.32 12.03
CA GLN G 479 63.90 5.83 13.14
C GLN G 479 63.15 4.82 13.99
N GLU G 480 61.92 5.13 14.37
CA GLU G 480 61.16 4.23 15.22
C GLU G 480 60.84 2.92 14.54
N GLU G 481 60.89 2.86 13.21
CA GLU G 481 60.80 1.59 12.51
C GLU G 481 62.17 0.99 12.23
N GLY G 482 63.19 1.44 12.94
CA GLY G 482 64.51 0.86 12.80
C GLY G 482 65.16 1.04 11.46
N MET G 483 65.12 2.25 10.90
CA MET G 483 65.88 2.54 9.70
C MET G 483 67.21 3.19 9.98
N LEU G 484 67.46 3.63 11.21
CA LEU G 484 68.78 4.03 11.64
C LEU G 484 69.59 2.88 12.18
N SER G 485 69.07 1.67 12.14
CA SER G 485 69.86 0.50 12.40
C SER G 485 70.15 -0.30 11.15
N LEU G 486 69.22 -0.30 10.20
CA LEU G 486 69.48 -0.94 8.92
C LEU G 486 70.63 -0.26 8.20
N VAL G 487 70.65 1.08 8.24
CA VAL G 487 71.75 1.82 7.62
C VAL G 487 73.06 1.54 8.33
N LEU G 488 73.03 1.45 9.66
CA LEU G 488 74.25 1.13 10.40
C LEU G 488 74.76 -0.25 10.03
N ASN G 489 73.85 -1.22 9.89
CA ASN G 489 74.28 -2.56 9.52
C ASN G 489 74.87 -2.57 8.12
N CYS G 490 74.29 -1.83 7.19
CA CYS G 490 74.87 -1.73 5.85
C CYS G 490 76.27 -1.12 5.92
N ILE G 491 76.45 -0.06 6.71
CA ILE G 491 77.76 0.56 6.84
C ILE G 491 78.76 -0.43 7.41
N ASP G 492 78.36 -1.16 8.45
CA ASP G 492 79.29 -2.12 9.07
C ASP G 492 79.69 -3.20 8.09
N ARG G 493 78.74 -3.75 7.36
CA ARG G 493 79.08 -4.80 6.40
C ARG G 493 79.98 -4.28 5.30
N LEU G 494 79.74 -3.05 4.84
CA LEU G 494 80.55 -2.46 3.79
C LEU G 494 81.83 -1.86 4.33
N ASN G 495 82.03 -1.90 5.64
CA ASN G 495 83.17 -1.27 6.28
C ASN G 495 84.26 -2.25 6.63
N VAL G 496 83.96 -3.55 6.67
CA VAL G 496 84.99 -4.55 6.90
C VAL G 496 85.97 -4.62 5.74
N TYR G 497 85.76 -3.83 4.69
CA TYR G 497 86.62 -3.80 3.52
C TYR G 497 87.30 -2.45 3.47
N THR G 498 88.63 -2.45 3.35
CA THR G 498 89.38 -1.21 3.44
C THR G 498 89.23 -0.37 2.18
N THR G 499 89.21 -1.00 1.02
CA THR G 499 89.11 -0.27 -0.23
C THR G 499 88.31 -1.08 -1.24
N ALA G 500 88.06 -0.45 -2.39
CA ALA G 500 87.23 -1.07 -3.40
C ALA G 500 87.84 -2.35 -3.94
N ALA G 501 89.18 -2.43 -4.01
CA ALA G 501 89.81 -3.66 -4.48
C ALA G 501 89.63 -4.78 -3.45
N HIS G 502 89.68 -4.44 -2.17
CA HIS G 502 89.39 -5.42 -1.13
C HIS G 502 87.97 -5.94 -1.28
N PHE G 503 87.03 -5.05 -1.58
CA PHE G 503 85.66 -5.47 -1.85
C PHE G 503 85.57 -6.33 -3.09
N ALA G 504 86.34 -5.99 -4.13
CA ALA G 504 86.33 -6.75 -5.37
C ALA G 504 86.82 -8.17 -5.16
N GLU G 505 87.77 -8.35 -4.25
CA GLU G 505 88.28 -9.69 -3.99
C GLU G 505 87.20 -10.62 -3.45
N TYR G 506 86.07 -10.07 -3.01
CA TYR G 506 84.96 -10.86 -2.51
C TYR G 506 83.70 -10.71 -3.35
N ALA G 507 83.37 -9.50 -3.79
CA ALA G 507 82.15 -9.24 -4.53
C ALA G 507 82.37 -9.31 -6.03
N GLY G 508 83.35 -8.60 -6.55
CA GLY G 508 83.61 -8.62 -7.96
C GLY G 508 83.99 -7.23 -8.42
N GLU G 509 84.47 -7.17 -9.67
CA GLU G 509 84.92 -5.89 -10.21
C GLU G 509 83.75 -4.94 -10.39
N GLU G 510 82.68 -5.41 -11.04
CA GLU G 510 81.53 -4.55 -11.29
C GLU G 510 80.88 -4.12 -9.97
N ALA G 511 80.75 -5.05 -9.03
CA ALA G 511 80.18 -4.70 -7.75
C ALA G 511 81.04 -3.67 -7.03
N ALA G 512 82.36 -3.85 -7.07
CA ALA G 512 83.24 -2.92 -6.40
C ALA G 512 83.33 -1.58 -7.11
N GLU G 513 82.78 -1.47 -8.32
CA GLU G 513 82.74 -0.18 -8.97
C GLU G 513 81.87 0.82 -8.24
N SER G 514 80.97 0.37 -7.38
CA SER G 514 80.06 1.26 -6.68
C SER G 514 80.26 1.25 -5.17
N TRP G 515 81.35 0.68 -4.68
CA TRP G 515 81.58 0.57 -3.25
C TRP G 515 81.68 1.94 -2.61
N LYS G 516 82.54 2.80 -3.16
CA LYS G 516 82.73 4.12 -2.57
C LYS G 516 81.47 4.96 -2.68
N GLU G 517 80.77 4.88 -3.81
CA GLU G 517 79.53 5.64 -3.96
C GLU G 517 78.48 5.21 -2.95
N ILE G 518 78.31 3.90 -2.76
CA ILE G 518 77.32 3.42 -1.81
C ILE G 518 77.71 3.82 -0.40
N VAL G 519 78.99 3.66 -0.06
CA VAL G 519 79.41 3.93 1.31
C VAL G 519 79.36 5.42 1.63
N ASN G 520 79.43 6.28 0.62
CA ASN G 520 79.17 7.69 0.83
C ASN G 520 77.69 8.02 0.93
N LEU G 521 76.84 7.40 0.10
CA LEU G 521 75.41 7.66 0.21
C LEU G 521 74.85 7.21 1.54
N LEU G 522 75.34 6.10 2.08
CA LEU G 522 74.87 5.67 3.39
C LEU G 522 75.21 6.69 4.45
N TYR G 523 76.43 7.23 4.41
CA TYR G 523 76.84 8.21 5.39
C TYR G 523 76.14 9.54 5.22
N GLU G 524 75.68 9.85 4.01
CA GLU G 524 74.86 11.03 3.80
C GLU G 524 73.44 10.83 4.31
N LEU G 525 72.86 9.67 4.03
CA LEU G 525 71.50 9.38 4.49
C LEU G 525 71.43 9.35 6.00
N LEU G 526 72.46 8.82 6.65
CA LEU G 526 72.46 8.78 8.11
C LEU G 526 72.39 10.18 8.70
N ALA G 527 73.18 11.11 8.15
CA ALA G 527 73.10 12.48 8.58
C ALA G 527 71.73 13.07 8.29
N SER G 528 71.17 12.77 7.12
CA SER G 528 69.85 13.26 6.78
C SER G 528 68.81 12.77 7.77
N LEU G 529 68.96 11.54 8.26
CA LEU G 529 68.02 11.01 9.24
C LEU G 529 68.18 11.70 10.58
N ILE G 530 69.42 11.98 10.99
CA ILE G 530 69.66 12.47 12.34
C ILE G 530 69.79 13.98 12.43
N ARG G 531 69.77 14.70 11.31
CA ARG G 531 70.04 16.13 11.37
C ARG G 531 68.86 16.86 11.97
N GLY G 532 69.07 17.46 13.14
CA GLY G 532 68.05 18.27 13.77
C GLY G 532 67.20 17.58 14.81
N ASN G 533 67.14 16.25 14.80
CA ASN G 533 66.41 15.50 15.80
C ASN G 533 67.28 15.32 17.01
N ARG G 534 66.78 15.75 18.16
CA ARG G 534 67.48 15.44 19.39
C ARG G 534 67.35 13.97 19.77
N ALA G 535 66.30 13.30 19.28
CA ALA G 535 66.11 11.89 19.61
C ALA G 535 67.02 11.00 18.79
N ASN G 536 67.00 11.16 17.46
CA ASN G 536 67.89 10.37 16.63
C ASN G 536 69.35 10.66 16.90
N CYS G 537 69.68 11.87 17.34
CA CYS G 537 71.01 12.18 17.79
C CYS G 537 71.31 11.64 19.18
N ALA G 538 70.30 11.53 20.03
CA ALA G 538 70.42 10.87 21.33
C ALA G 538 70.69 9.39 21.20
N LEU G 539 70.30 8.78 20.08
CA LEU G 539 70.57 7.37 19.88
C LEU G 539 72.06 7.06 19.90
N PHE G 540 72.92 8.05 19.71
CA PHE G 540 74.35 7.83 19.60
C PHE G 540 75.08 8.03 20.92
N SER G 541 74.39 7.90 22.05
CA SER G 541 75.07 7.99 23.33
C SER G 541 75.80 6.70 23.66
N THR G 542 75.53 5.63 22.91
CA THR G 542 76.13 4.34 23.20
C THR G 542 77.02 3.83 22.08
N ASN G 543 76.77 4.24 20.84
CA ASN G 543 77.63 3.89 19.72
C ASN G 543 78.31 5.13 19.18
N LEU G 544 78.83 5.94 20.10
CA LEU G 544 79.67 7.07 19.69
C LEU G 544 81.03 6.60 19.23
N ASP G 545 81.57 5.58 19.89
CA ASP G 545 82.81 4.98 19.43
C ASP G 545 82.64 4.36 18.05
N TRP G 546 81.41 4.09 17.65
CA TRP G 546 81.15 3.68 16.28
C TRP G 546 81.54 4.78 15.31
N VAL G 547 81.18 6.02 15.62
CA VAL G 547 81.43 7.13 14.70
C VAL G 547 82.88 7.58 14.78
N VAL G 548 83.38 7.78 16.00
CA VAL G 548 84.73 8.29 16.15
C VAL G 548 85.76 7.34 15.57
N SER G 549 85.51 6.04 15.59
CA SER G 549 86.49 5.08 15.10
C SER G 549 86.48 4.96 13.60
N LYS G 550 85.60 5.68 12.90
CA LYS G 550 85.56 5.64 11.44
C LYS G 550 86.00 6.96 10.84
N LEU G 551 86.53 7.88 11.63
CA LEU G 551 86.85 9.20 11.12
C LEU G 551 88.06 9.17 10.19
N ASP G 552 88.96 8.20 10.36
CA ASP G 552 90.15 8.12 9.54
C ASP G 552 89.92 7.43 8.21
N ARG G 553 88.78 6.79 8.02
CA ARG G 553 88.51 6.09 6.78
C ARG G 553 88.50 7.04 5.61
N LEU G 554 89.29 6.74 4.59
CA LEU G 554 89.47 7.65 3.48
C LEU G 554 88.39 7.53 2.43
N GLU G 555 87.66 6.42 2.37
CA GLU G 555 86.66 6.26 1.32
C GLU G 555 85.56 7.30 1.44
N ALA G 556 85.10 7.56 2.65
CA ALA G 556 84.11 8.61 2.91
C ALA G 556 84.52 9.26 4.22
N SER G 557 85.33 10.32 4.12
CA SER G 557 85.85 11.01 5.29
C SER G 557 85.09 12.28 5.61
N SER G 558 84.51 12.93 4.62
CA SER G 558 83.68 14.09 4.89
C SER G 558 82.32 13.69 5.44
N GLY G 559 81.77 12.58 4.94
CA GLY G 559 80.45 12.17 5.38
C GLY G 559 80.42 11.79 6.85
N ILE G 560 81.42 11.04 7.29
CA ILE G 560 81.44 10.61 8.68
C ILE G 560 81.65 11.81 9.60
N LEU G 561 82.45 12.78 9.15
CA LEU G 561 82.62 14.02 9.93
C LEU G 561 81.32 14.79 10.01
N GLU G 562 80.56 14.84 8.93
CA GLU G 562 79.26 15.52 8.96
C GLU G 562 78.30 14.83 9.92
N VAL G 563 78.30 13.50 9.92
CA VAL G 563 77.46 12.76 10.87
C VAL G 563 77.85 13.14 12.28
N LEU G 564 79.14 13.17 12.57
CA LEU G 564 79.60 13.56 13.89
C LEU G 564 79.15 14.96 14.24
N TYR G 565 79.24 15.88 13.28
CA TYR G 565 78.88 17.26 13.55
C TYR G 565 77.41 17.38 13.90
N CYS G 566 76.55 16.67 13.17
CA CYS G 566 75.12 16.71 13.48
C CYS G 566 74.86 16.15 14.88
N VAL G 567 75.46 15.00 15.18
CA VAL G 567 75.25 14.38 16.49
C VAL G 567 75.66 15.34 17.60
N LEU G 568 76.83 15.94 17.48
CA LEU G 568 77.34 16.81 18.52
C LEU G 568 76.59 18.12 18.62
N ILE G 569 76.13 18.67 17.50
CA ILE G 569 75.45 19.95 17.53
C ILE G 569 74.00 19.83 17.99
N GLU G 570 73.44 18.63 18.00
CA GLU G 570 72.05 18.51 18.42
C GLU G 570 71.85 17.86 19.78
N SER G 571 72.68 16.90 20.16
CA SER G 571 72.48 16.21 21.44
C SER G 571 73.45 16.72 22.48
N PRO G 572 72.97 17.22 23.62
CA PRO G 572 73.87 17.60 24.71
C PRO G 572 74.28 16.44 25.62
N GLU G 573 73.54 15.33 25.60
CA GLU G 573 73.94 14.18 26.41
C GLU G 573 75.12 13.46 25.80
N VAL G 574 75.32 13.58 24.48
CA VAL G 574 76.49 13.01 23.85
C VAL G 574 77.75 13.71 24.31
N LEU G 575 77.67 15.01 24.58
CA LEU G 575 78.85 15.75 25.04
C LEU G 575 79.36 15.23 26.37
N ASN G 576 78.49 14.66 27.20
CA ASN G 576 78.93 14.23 28.51
C ASN G 576 79.71 12.93 28.47
N ILE G 577 79.57 12.14 27.39
CA ILE G 577 80.27 10.87 27.30
C ILE G 577 81.56 10.96 26.50
N ILE G 578 81.90 12.13 26.00
CA ILE G 578 83.17 12.32 25.30
C ILE G 578 84.30 12.13 26.30
N GLN G 579 85.28 11.32 25.93
CA GLN G 579 86.47 11.12 26.74
C GLN G 579 87.69 11.65 26.00
N GLU G 580 88.86 11.46 26.60
CA GLU G 580 90.08 11.92 25.96
C GLU G 580 90.39 11.09 24.72
N ASN G 581 89.92 9.84 24.69
CA ASN G 581 90.10 9.02 23.50
C ASN G 581 89.47 9.66 22.29
N HIS G 582 88.26 10.19 22.46
CA HIS G 582 87.53 10.77 21.35
C HIS G 582 88.15 12.08 20.91
N ILE G 583 88.53 12.93 21.87
CA ILE G 583 89.11 14.21 21.54
C ILE G 583 90.49 14.08 20.92
N LYS G 584 91.30 13.14 21.39
CA LYS G 584 92.58 12.90 20.76
C LYS G 584 92.45 12.28 19.38
N SER G 585 91.29 11.77 19.02
CA SER G 585 91.04 11.30 17.67
C SER G 585 90.49 12.37 16.76
N ILE G 586 89.61 13.24 17.26
CA ILE G 586 89.14 14.34 16.43
C ILE G 586 90.26 15.30 16.12
N ILE G 587 91.18 15.51 17.06
CA ILE G 587 92.34 16.34 16.81
C ILE G 587 93.27 15.72 15.79
N SER G 588 93.44 14.39 15.83
CA SER G 588 94.30 13.72 14.87
C SER G 588 93.82 13.87 13.44
N LEU G 589 92.54 14.16 13.23
CA LEU G 589 92.09 14.51 11.89
C LEU G 589 92.77 15.76 11.38
N LEU G 590 93.00 16.74 12.24
CA LEU G 590 93.73 17.93 11.82
C LEU G 590 95.13 17.61 11.38
N ASP G 591 95.82 16.73 12.10
CA ASP G 591 97.18 16.36 11.74
C ASP G 591 97.26 15.49 10.51
N LYS G 592 96.24 14.66 10.26
CA LYS G 592 96.30 13.68 9.20
C LYS G 592 95.50 14.06 7.97
N HIS G 593 94.48 14.89 8.11
CA HIS G 593 93.66 15.24 6.96
C HIS G 593 93.79 16.69 6.53
N GLY G 594 94.50 17.51 7.29
CA GLY G 594 94.80 18.86 6.88
C GLY G 594 94.13 19.88 7.76
N ARG G 595 94.33 21.14 7.41
CA ARG G 595 93.72 22.25 8.12
C ARG G 595 92.32 22.45 7.56
N ASN G 596 91.35 21.81 8.21
CA ASN G 596 89.95 21.87 7.83
C ASN G 596 89.17 22.58 8.92
N HIS G 597 88.44 23.63 8.55
CA HIS G 597 87.75 24.41 9.57
C HIS G 597 86.59 23.65 10.17
N LYS G 598 86.05 22.65 9.46
CA LYS G 598 84.94 21.89 10.00
C LYS G 598 85.35 21.10 11.22
N VAL G 599 86.60 20.64 11.28
CA VAL G 599 87.06 19.97 12.48
C VAL G 599 87.07 20.93 13.66
N LEU G 600 87.49 22.16 13.43
CA LEU G 600 87.42 23.17 14.48
C LEU G 600 85.99 23.45 14.88
N ASP G 601 85.05 23.39 13.93
CA ASP G 601 83.64 23.57 14.27
C ASP G 601 83.17 22.45 15.19
N VAL G 602 83.57 21.21 14.88
CA VAL G 602 83.24 20.10 15.76
C VAL G 602 83.78 20.34 17.16
N LEU G 603 85.05 20.75 17.24
CA LEU G 603 85.66 20.95 18.54
C LEU G 603 85.01 22.10 19.31
N CYS G 604 84.58 23.15 18.61
CA CYS G 604 83.81 24.19 19.26
C CYS G 604 82.50 23.65 19.82
N SER G 605 81.81 22.82 19.06
CA SER G 605 80.56 22.25 19.54
C SER G 605 80.76 21.29 20.70
N LEU G 606 81.97 20.78 20.89
CA LEU G 606 82.23 19.88 22.01
C LEU G 606 82.31 20.59 23.35
N CYS G 607 82.39 21.92 23.37
CA CYS G 607 82.58 22.67 24.61
C CYS G 607 81.28 23.23 25.17
N VAL G 608 80.48 23.89 24.34
CA VAL G 608 79.23 24.50 24.79
C VAL G 608 78.09 23.92 23.97
N CYS G 609 77.08 23.41 24.64
CA CYS G 609 75.87 22.91 23.98
C CYS G 609 74.66 23.55 24.64
N ASN G 610 73.95 24.38 23.87
CA ASN G 610 72.74 25.04 24.33
C ASN G 610 73.00 25.94 25.54
N GLY G 611 74.13 26.64 25.52
CA GLY G 611 74.41 27.64 26.53
C GLY G 611 75.00 27.11 27.82
N VAL G 612 75.29 25.82 27.92
CA VAL G 612 75.94 25.26 29.10
C VAL G 612 77.29 24.72 28.69
N ALA G 613 78.30 25.03 29.50
CA ALA G 613 79.68 24.68 29.21
C ALA G 613 80.04 23.36 29.86
N VAL G 614 80.76 22.53 29.13
CA VAL G 614 81.21 21.23 29.60
C VAL G 614 82.70 21.36 29.82
N ARG G 615 83.13 21.53 31.08
CA ARG G 615 84.50 21.95 31.32
C ARG G 615 85.50 20.84 31.04
N SER G 616 85.12 19.59 31.18
CA SER G 616 86.06 18.52 30.89
C SER G 616 86.50 18.58 29.44
N ASN G 617 85.56 18.83 28.52
CA ASN G 617 85.92 18.92 27.11
C ASN G 617 86.80 20.12 26.83
N GLN G 618 86.50 21.27 27.44
CA GLN G 618 87.34 22.45 27.27
C GLN G 618 88.75 22.16 27.71
N ASP G 619 88.90 21.56 28.88
CA ASP G 619 90.22 21.26 29.40
C ASP G 619 90.95 20.27 28.51
N LEU G 620 90.24 19.26 28.00
CA LEU G 620 90.91 18.26 27.18
C LEU G 620 91.37 18.85 25.85
N ILE G 621 90.53 19.66 25.21
CA ILE G 621 90.95 20.29 23.96
C ILE G 621 92.13 21.22 24.21
N THR G 622 92.07 22.01 25.27
CA THR G 622 93.18 22.90 25.59
C THR G 622 94.46 22.12 25.82
N GLU G 623 94.39 21.06 26.62
CA GLU G 623 95.57 20.31 27.00
C GLU G 623 96.16 19.51 25.86
N ASN G 624 95.34 19.04 24.92
CA ASN G 624 95.83 18.24 23.81
C ASN G 624 96.15 19.05 22.57
N LEU G 625 95.28 19.97 22.18
CA LEU G 625 95.49 20.68 20.92
C LEU G 625 96.52 21.78 21.06
N LEU G 626 96.45 22.57 22.12
CA LEU G 626 97.15 23.84 22.17
C LEU G 626 98.65 23.76 22.46
N PRO G 627 99.08 23.10 23.54
CA PRO G 627 100.47 23.30 23.98
C PRO G 627 101.52 22.82 23.00
N GLY G 628 101.15 22.05 21.99
CA GLY G 628 102.12 21.62 21.02
C GLY G 628 102.55 22.73 20.08
N ARG G 629 101.63 23.64 19.79
CA ARG G 629 101.88 24.74 18.86
C ARG G 629 102.37 24.23 17.52
N GLU G 630 101.67 23.25 16.97
CA GLU G 630 102.05 22.63 15.72
C GLU G 630 100.93 22.54 14.69
N LEU G 631 99.67 22.51 15.10
CA LEU G 631 98.56 22.40 14.16
C LEU G 631 97.85 23.71 13.90
N LEU G 632 97.89 24.64 14.85
CA LEU G 632 97.16 25.89 14.75
C LEU G 632 98.13 27.00 14.42
N LEU G 633 97.78 27.81 13.41
CA LEU G 633 98.67 28.88 12.97
C LEU G 633 98.97 29.81 14.12
N GLN G 634 100.24 29.97 14.43
CA GLN G 634 100.68 30.77 15.55
C GLN G 634 100.90 32.20 15.10
N THR G 635 100.70 33.14 16.01
CA THR G 635 100.89 34.56 15.71
C THR G 635 101.70 35.21 16.81
N ASN G 636 102.32 36.33 16.47
CA ASN G 636 103.16 37.06 17.41
C ASN G 636 103.48 38.41 16.80
N LEU G 637 103.98 39.32 17.63
CA LEU G 637 104.40 40.63 17.18
C LEU G 637 105.91 40.62 17.02
N ILE G 638 106.38 40.99 15.84
CA ILE G 638 107.80 40.98 15.53
C ILE G 638 108.20 42.32 14.94
N ASN G 639 109.43 42.71 15.21
CA ASN G 639 109.99 43.93 14.67
C ASN G 639 110.32 43.76 13.21
N TYR G 640 110.31 44.87 12.48
CA TYR G 640 110.86 44.88 11.13
C TYR G 640 112.38 44.97 11.23
N VAL G 641 113.05 44.26 10.33
CA VAL G 641 114.51 44.22 10.30
C VAL G 641 114.98 44.53 8.90
N THR G 642 116.01 45.37 8.79
CA THR G 642 116.54 45.74 7.50
C THR G 642 118.04 45.53 7.49
N SER G 643 118.66 45.83 6.35
CA SER G 643 120.06 45.53 6.12
C SER G 643 120.67 46.63 5.26
N ILE G 644 121.90 46.99 5.55
CA ILE G 644 122.60 48.02 4.79
C ILE G 644 123.99 47.51 4.47
N ARG G 645 124.45 47.80 3.26
CA ARG G 645 125.74 47.36 2.76
C ARG G 645 126.45 48.52 2.08
N PRO G 646 127.77 48.50 2.05
CA PRO G 646 128.46 49.31 1.07
C PRO G 646 128.31 48.68 -0.29
N ASN G 647 128.46 49.49 -1.33
CA ASN G 647 128.43 48.91 -2.66
C ASN G 647 129.83 48.40 -3.02
N ILE G 648 130.38 47.58 -2.14
CA ILE G 648 131.67 46.94 -2.33
C ILE G 648 131.39 45.46 -2.51
N PHE G 649 131.75 44.91 -3.66
CA PHE G 649 131.58 43.50 -3.94
C PHE G 649 132.92 42.89 -4.28
N VAL G 650 133.25 41.78 -3.63
CA VAL G 650 134.49 41.07 -3.89
C VAL G 650 134.16 39.59 -4.08
N GLY G 651 134.95 38.91 -4.88
CA GLY G 651 134.64 37.53 -5.17
C GLY G 651 135.88 36.76 -5.56
N ARG G 652 135.64 35.54 -6.06
CA ARG G 652 136.72 34.66 -6.44
C ARG G 652 136.28 33.79 -7.61
N ALA G 653 137.18 33.61 -8.56
CA ALA G 653 136.95 32.74 -9.70
C ALA G 653 138.29 32.49 -10.36
N GLU G 654 138.31 31.55 -11.30
CA GLU G 654 139.54 31.27 -12.04
C GLU G 654 139.98 32.48 -12.84
N GLY G 655 141.19 32.95 -12.58
CA GLY G 655 141.70 34.09 -13.29
C GLY G 655 140.94 35.36 -13.04
N SER G 656 140.45 35.56 -11.81
CA SER G 656 139.74 36.76 -11.44
C SER G 656 140.72 37.86 -11.10
N THR G 657 140.34 39.09 -11.40
CA THR G 657 141.18 40.25 -11.20
C THR G 657 141.02 40.85 -9.83
N GLN G 658 140.49 40.09 -8.87
CA GLN G 658 140.20 40.58 -7.52
C GLN G 658 141.15 39.96 -6.51
N TYR G 659 141.65 40.79 -5.61
CA TYR G 659 142.35 40.28 -4.45
C TYR G 659 141.37 39.49 -3.59
N GLY G 660 141.91 38.65 -2.71
CA GLY G 660 141.06 37.73 -1.97
C GLY G 660 141.22 37.78 -0.47
N LYS G 661 141.40 38.96 0.09
CA LYS G 661 141.63 39.12 1.52
C LYS G 661 141.12 40.49 1.92
N TRP G 662 139.97 40.53 2.58
CA TRP G 662 139.25 41.78 2.80
C TRP G 662 138.92 41.97 4.27
N TYR G 663 138.84 43.23 4.68
CA TYR G 663 138.77 43.58 6.09
C TYR G 663 137.92 44.82 6.26
N PHE G 664 136.92 44.76 7.13
CA PHE G 664 136.13 45.95 7.39
C PHE G 664 135.63 45.93 8.83
N GLU G 665 135.26 47.09 9.33
CA GLU G 665 134.86 47.20 10.72
C GLU G 665 133.53 47.92 10.85
N VAL G 666 132.87 47.69 11.98
CA VAL G 666 131.67 48.41 12.33
C VAL G 666 131.80 48.85 13.77
N MET G 667 131.61 50.15 14.01
CA MET G 667 131.65 50.71 15.35
C MET G 667 130.22 51.01 15.79
N VAL G 668 129.80 50.39 16.87
CA VAL G 668 128.47 50.58 17.40
C VAL G 668 128.45 51.81 18.29
N ASP G 669 127.57 52.76 17.99
CA ASP G 669 127.49 54.02 18.71
C ASP G 669 126.43 54.02 19.79
N GLU G 670 125.19 53.76 19.41
CA GLU G 670 124.10 53.67 20.38
C GLU G 670 123.23 52.48 20.02
N VAL G 671 122.79 51.75 21.04
CA VAL G 671 121.86 50.65 20.85
C VAL G 671 120.86 50.66 22.01
N VAL G 672 119.59 50.89 21.69
CA VAL G 672 118.54 50.77 22.68
C VAL G 672 118.17 49.30 22.80
N PRO G 673 118.55 48.62 23.88
CA PRO G 673 118.41 47.15 23.89
C PRO G 673 116.99 46.68 23.74
N PHE G 674 116.01 47.42 24.26
CA PHE G 674 114.60 47.04 24.13
C PHE G 674 113.80 48.30 23.82
N LEU G 675 113.65 48.60 22.54
CA LEU G 675 112.80 49.69 22.11
C LEU G 675 111.35 49.25 21.99
N THR G 676 111.13 48.01 21.62
CA THR G 676 109.84 47.34 21.68
C THR G 676 109.96 46.16 22.63
N ALA G 677 108.92 45.34 22.70
CA ALA G 677 108.98 44.14 23.53
C ALA G 677 110.09 43.21 23.06
N GLN G 678 110.23 43.06 21.75
CA GLN G 678 111.26 42.20 21.19
C GLN G 678 112.61 42.89 21.27
N ALA G 679 113.64 42.14 21.61
CA ALA G 679 114.97 42.71 21.76
C ALA G 679 115.44 43.32 20.46
N THR G 680 116.19 44.41 20.57
CA THR G 680 116.70 45.07 19.39
C THR G 680 117.67 44.17 18.64
N HIS G 681 117.52 44.14 17.32
CA HIS G 681 118.31 43.30 16.44
C HIS G 681 119.51 44.05 15.93
N LEU G 682 120.68 43.41 15.97
CA LEU G 682 121.88 44.01 15.42
C LEU G 682 122.90 42.90 15.17
N ARG G 683 123.23 42.66 13.91
CA ARG G 683 124.27 41.71 13.53
C ARG G 683 125.14 42.33 12.47
N VAL G 684 126.39 41.94 12.45
CA VAL G 684 127.31 42.31 11.38
C VAL G 684 127.68 41.05 10.62
N GLY G 685 128.21 41.20 9.42
CA GLY G 685 128.75 40.04 8.74
C GLY G 685 128.96 40.29 7.26
N TRP G 686 129.12 39.20 6.54
CA TRP G 686 129.24 39.22 5.10
C TRP G 686 128.03 38.56 4.47
N ALA G 687 127.82 38.80 3.19
CA ALA G 687 126.67 38.22 2.53
C ALA G 687 127.01 38.02 1.07
N LEU G 688 126.16 37.27 0.37
CA LEU G 688 126.40 36.90 -1.02
C LEU G 688 125.37 37.57 -1.91
N THR G 689 125.78 37.90 -3.12
CA THR G 689 124.96 38.65 -4.07
C THR G 689 124.04 37.78 -4.88
N GLU G 690 123.96 36.50 -4.58
CA GLU G 690 123.17 35.56 -5.36
C GLU G 690 122.17 34.86 -4.48
N GLY G 691 121.42 35.63 -3.70
CA GLY G 691 120.41 35.02 -2.87
C GLY G 691 120.15 35.68 -1.55
N TYR G 692 121.04 36.54 -1.08
CA TYR G 692 120.73 37.27 0.15
C TYR G 692 119.79 38.39 -0.23
N SER G 693 118.50 38.14 -0.12
CA SER G 693 117.46 39.14 -0.35
C SER G 693 116.49 39.11 0.81
N PRO G 694 116.63 39.96 1.79
CA PRO G 694 115.77 39.97 2.98
C PRO G 694 114.56 40.88 2.82
N TYR G 695 113.56 40.42 2.08
CA TYR G 695 112.38 41.23 1.85
C TYR G 695 111.75 41.64 3.18
N PRO G 696 111.38 42.90 3.36
CA PRO G 696 110.85 43.34 4.65
C PRO G 696 109.57 42.60 4.98
N GLY G 697 109.40 42.30 6.26
CA GLY G 697 108.19 41.63 6.69
C GLY G 697 108.41 40.19 7.08
N GLY G 698 107.67 39.28 6.47
CA GLY G 698 107.72 37.88 6.81
C GLY G 698 108.97 37.22 6.31
N GLY G 699 109.08 35.93 6.59
CA GLY G 699 110.22 35.17 6.11
C GLY G 699 110.40 33.90 6.89
N GLU G 700 111.62 33.37 6.83
CA GLU G 700 111.92 32.11 7.48
C GLU G 700 111.74 32.22 8.99
N GLY G 701 111.28 31.14 9.59
CA GLY G 701 111.12 31.14 11.03
C GLY G 701 110.07 32.14 11.46
N TRP G 702 110.46 33.02 12.36
CA TRP G 702 109.57 34.04 12.90
C TRP G 702 109.84 35.42 12.34
N GLY G 703 110.25 35.51 11.09
CA GLY G 703 110.50 36.79 10.51
C GLY G 703 111.74 37.44 11.07
N GLY G 704 111.90 38.72 10.78
CA GLY G 704 113.05 39.44 11.25
C GLY G 704 114.33 38.90 10.68
N ASN G 705 114.35 38.68 9.37
CA ASN G 705 115.48 38.04 8.71
C ASN G 705 116.58 39.06 8.52
N GLY G 706 117.73 38.82 9.14
CA GLY G 706 118.87 39.70 9.00
C GLY G 706 120.07 38.97 8.46
N VAL G 707 121.25 39.26 8.99
CA VAL G 707 122.48 38.62 8.51
C VAL G 707 122.62 37.30 9.23
N GLY G 708 122.32 36.21 8.53
CA GLY G 708 122.50 34.90 9.10
C GLY G 708 121.22 34.11 9.17
N ASP G 709 120.20 34.56 8.45
CA ASP G 709 118.94 33.86 8.40
C ASP G 709 118.78 33.07 7.11
N ASP G 710 119.88 32.76 6.45
CA ASP G 710 119.90 31.87 5.32
C ASP G 710 121.32 31.34 5.19
N LEU G 711 121.57 30.57 4.14
CA LEU G 711 122.89 30.04 3.88
C LEU G 711 123.67 30.91 2.90
N TYR G 712 123.20 32.12 2.64
CA TYR G 712 123.90 33.09 1.82
C TYR G 712 124.51 34.22 2.65
N SER G 713 124.25 34.26 3.94
CA SER G 713 124.75 35.32 4.79
C SER G 713 125.44 34.71 6.00
N TYR G 714 126.41 35.44 6.54
CA TYR G 714 127.24 34.94 7.63
C TYR G 714 127.40 36.08 8.63
N GLY G 715 126.80 35.93 9.81
CA GLY G 715 126.64 37.05 10.72
C GLY G 715 127.15 36.75 12.11
N PHE G 716 127.11 37.79 12.93
CA PHE G 716 127.72 37.81 14.25
C PHE G 716 127.06 38.90 15.06
N ASP G 717 126.61 38.58 16.27
CA ASP G 717 125.92 39.53 17.12
C ASP G 717 126.61 39.80 18.44
N GLY G 718 127.83 39.32 18.63
CA GLY G 718 128.56 39.50 19.86
C GLY G 718 128.60 38.25 20.72
N LEU G 719 127.48 37.53 20.80
CA LEU G 719 127.40 36.29 21.53
C LEU G 719 127.29 35.07 20.63
N HIS G 720 126.85 35.24 19.39
CA HIS G 720 126.49 34.13 18.55
C HIS G 720 127.07 34.33 17.16
N LEU G 721 127.24 33.22 16.46
CA LEU G 721 127.55 33.21 15.04
C LEU G 721 126.33 32.64 14.35
N TRP G 722 125.76 33.40 13.44
CA TRP G 722 124.47 33.09 12.84
C TRP G 722 124.65 32.66 11.40
N THR G 723 124.06 31.53 11.04
CA THR G 723 123.93 31.19 9.65
C THR G 723 122.91 30.07 9.53
N GLY G 724 122.18 30.04 8.42
CA GLY G 724 121.10 29.11 8.29
C GLY G 724 120.02 29.25 9.32
N HIS G 725 119.82 30.45 9.84
CA HIS G 725 118.85 30.75 10.89
C HIS G 725 119.16 30.03 12.17
N VAL G 726 120.42 29.65 12.38
CA VAL G 726 120.84 28.98 13.60
C VAL G 726 121.89 29.86 14.24
N ALA G 727 121.77 30.06 15.56
CA ALA G 727 122.72 30.82 16.33
C ALA G 727 123.60 29.88 17.11
N ARG G 728 124.91 30.02 16.96
CA ARG G 728 125.84 29.11 17.60
C ARG G 728 126.78 29.90 18.49
N PRO G 729 126.80 29.66 19.80
CA PRO G 729 127.58 30.50 20.71
C PRO G 729 129.07 30.43 20.42
N VAL G 730 129.72 31.58 20.53
CA VAL G 730 131.15 31.70 20.30
C VAL G 730 131.77 32.35 21.52
N THR G 731 132.87 31.78 21.99
CA THR G 731 133.58 32.40 23.10
C THR G 731 134.39 33.58 22.61
N SER G 732 134.24 34.70 23.28
CA SER G 732 135.06 35.88 23.08
C SER G 732 135.49 36.36 24.46
N PRO G 733 136.62 37.03 24.55
CA PRO G 733 137.11 37.43 25.87
C PRO G 733 136.30 38.55 26.49
N GLY G 734 135.18 38.20 27.13
CA GLY G 734 134.30 39.20 27.71
C GLY G 734 133.03 39.35 26.90
N GLN G 735 132.49 38.23 26.44
CA GLN G 735 131.40 38.25 25.48
C GLN G 735 130.18 38.96 26.04
N HIS G 736 129.42 39.57 25.14
CA HIS G 736 128.17 40.25 25.42
C HIS G 736 127.59 40.71 24.10
N LEU G 737 126.29 40.99 24.07
CA LEU G 737 125.69 41.53 22.86
C LEU G 737 126.40 42.80 22.44
N LEU G 738 126.17 43.18 21.18
CA LEU G 738 126.78 44.37 20.64
C LEU G 738 126.26 45.59 21.37
N ALA G 739 127.16 46.27 22.08
CA ALA G 739 126.84 47.40 22.94
C ALA G 739 127.49 48.64 22.39
N PRO G 740 127.15 49.81 22.92
CA PRO G 740 127.85 51.03 22.52
C PRO G 740 129.33 50.94 22.78
N GLU G 741 130.10 51.59 21.92
CA GLU G 741 131.56 51.61 21.98
C GLU G 741 132.14 50.22 21.74
N ASP G 742 131.59 49.54 20.73
CA ASP G 742 132.06 48.23 20.31
C ASP G 742 132.60 48.34 18.90
N VAL G 743 133.69 47.62 18.62
CA VAL G 743 134.33 47.64 17.33
C VAL G 743 134.43 46.20 16.85
N VAL G 744 133.65 45.86 15.83
CA VAL G 744 133.64 44.51 15.28
C VAL G 744 134.44 44.53 13.99
N SER G 745 135.47 43.70 13.92
CA SER G 745 136.34 43.62 12.75
C SER G 745 136.06 42.31 12.04
N CYS G 746 135.48 42.39 10.86
CA CYS G 746 135.17 41.20 10.09
C CYS G 746 136.16 41.03 8.95
N CYS G 747 136.57 39.79 8.76
CA CYS G 747 137.58 39.43 7.78
C CYS G 747 137.02 38.40 6.82
N LEU G 748 137.51 38.32 5.57
CA LEU G 748 137.16 37.29 4.59
C LEU G 748 138.38 36.91 3.89
N ASP G 749 138.78 35.66 3.91
CA ASP G 749 139.87 35.16 3.16
C ASP G 749 139.09 34.30 2.32
N LEU G 750 139.17 34.46 1.03
CA LEU G 750 138.31 33.74 0.23
C LEU G 750 139.18 32.71 -0.28
N SER G 751 140.46 32.73 0.06
CA SER G 751 141.35 31.64 -0.32
C SER G 751 141.04 30.30 0.29
N VAL G 752 140.71 30.22 1.56
CA VAL G 752 140.28 29.02 2.19
C VAL G 752 139.01 29.62 2.37
N PRO G 753 137.94 28.96 2.07
CA PRO G 753 137.11 30.11 2.29
C PRO G 753 136.84 30.31 3.76
N SER G 754 136.92 31.51 4.31
CA SER G 754 136.78 31.72 5.73
C SER G 754 136.31 33.09 6.09
N ILE G 755 135.63 33.26 7.21
CA ILE G 755 135.17 34.53 7.64
C ILE G 755 135.44 34.59 9.08
N SER G 756 136.51 35.21 9.50
CA SER G 756 136.89 35.37 10.88
C SER G 756 136.25 36.64 11.44
N PHE G 757 136.40 36.83 12.74
CA PHE G 757 135.93 38.05 13.39
C PHE G 757 136.87 38.43 14.51
N ARG G 758 136.75 39.67 14.95
CA ARG G 758 137.32 40.14 16.20
C ARG G 758 136.33 41.09 16.82
N ILE G 759 136.29 41.13 18.15
CA ILE G 759 135.44 42.05 18.88
C ILE G 759 136.32 42.86 19.81
N ASN G 760 136.30 44.19 19.65
CA ASN G 760 137.11 45.08 20.46
C ASN G 760 138.58 44.69 20.41
N GLY G 761 139.01 44.10 19.30
CA GLY G 761 140.38 43.69 19.16
C GLY G 761 140.70 42.33 19.74
N CYS G 762 139.73 41.67 20.35
CA CYS G 762 139.88 40.34 20.93
C CYS G 762 139.36 39.29 19.98
N PRO G 763 140.14 38.26 19.65
CA PRO G 763 139.71 37.28 18.66
C PRO G 763 138.43 36.58 19.11
N VAL G 764 137.56 36.32 18.16
CA VAL G 764 136.34 35.58 18.41
C VAL G 764 136.56 34.14 17.98
N GLN G 765 136.48 33.21 18.93
CA GLN G 765 136.87 31.82 18.68
C GLN G 765 135.73 31.09 17.97
N GLY G 766 135.61 31.36 16.68
CA GLY G 766 134.62 30.71 15.85
C GLY G 766 134.76 31.17 14.43
N VAL G 767 134.77 30.25 13.46
CA VAL G 767 135.10 30.59 12.09
C VAL G 767 134.15 29.85 11.15
N PHE G 768 133.48 30.61 10.28
CA PHE G 768 132.81 30.00 9.14
C PHE G 768 133.85 29.59 8.13
N GLU G 769 133.65 28.44 7.51
CA GLU G 769 134.60 27.93 6.54
C GLU G 769 133.86 27.18 5.45
N ALA G 770 134.61 26.73 4.45
CA ALA G 770 134.15 25.77 3.46
C ALA G 770 132.75 26.08 2.97
N PHE G 771 132.53 27.32 2.58
CA PHE G 771 131.23 27.73 2.08
C PHE G 771 131.30 27.97 0.57
N ASN G 772 130.13 28.22 -0.01
CA ASN G 772 130.00 28.37 -1.45
C ASN G 772 130.63 29.68 -1.89
N LEU G 773 131.38 29.63 -2.98
CA LEU G 773 132.14 30.77 -3.47
C LEU G 773 131.63 31.31 -4.79
N ASP G 774 130.46 30.89 -5.23
CA ASP G 774 129.82 31.56 -6.34
C ASP G 774 129.32 32.93 -5.89
N GLY G 775 128.97 33.77 -6.86
CA GLY G 775 128.47 35.07 -6.48
C GLY G 775 129.54 35.96 -5.87
N LEU G 776 129.10 37.13 -5.43
CA LEU G 776 129.96 38.16 -4.88
C LEU G 776 129.58 38.44 -3.44
N PHE G 777 130.59 38.75 -2.63
CA PHE G 777 130.43 38.97 -1.20
C PHE G 777 130.49 40.47 -0.92
N PHE G 778 129.57 40.93 -0.08
CA PHE G 778 129.60 42.30 0.38
C PHE G 778 129.42 42.36 1.88
N PRO G 779 130.00 43.37 2.53
CA PRO G 779 129.74 43.57 3.95
C PRO G 779 128.29 43.96 4.17
N VAL G 780 127.76 43.64 5.34
CA VAL G 780 126.37 43.91 5.61
C VAL G 780 126.18 44.02 7.11
N VAL G 781 125.31 44.94 7.51
CA VAL G 781 124.81 44.99 8.88
C VAL G 781 123.30 44.87 8.82
N SER G 782 122.75 44.01 9.66
CA SER G 782 121.32 43.89 9.81
C SER G 782 120.93 44.50 11.13
N PHE G 783 119.79 45.17 11.16
CA PHE G 783 119.39 45.88 12.36
C PHE G 783 117.90 46.13 12.33
N SER G 784 117.32 46.15 13.51
CA SER G 784 115.99 46.67 13.70
C SER G 784 116.11 48.12 14.10
N ALA G 785 114.99 48.75 14.43
CA ALA G 785 115.05 50.13 14.84
C ALA G 785 115.74 50.27 16.18
N GLY G 786 116.32 51.43 16.42
CA GLY G 786 116.95 51.73 17.68
C GLY G 786 118.44 51.50 17.75
N VAL G 787 119.16 51.61 16.64
CA VAL G 787 120.59 51.41 16.62
C VAL G 787 121.24 52.57 15.89
N LYS G 788 122.52 52.78 16.19
CA LYS G 788 123.39 53.62 15.37
C LYS G 788 124.72 52.90 15.25
N VAL G 789 125.20 52.75 14.03
CA VAL G 789 126.47 52.08 13.77
C VAL G 789 127.25 52.93 12.78
N ARG G 790 128.51 52.57 12.60
CA ARG G 790 129.38 53.27 11.67
C ARG G 790 130.24 52.27 10.94
N PHE G 791 130.14 52.25 9.62
CA PHE G 791 131.02 51.45 8.81
C PHE G 791 132.39 52.09 8.77
N LEU G 792 133.42 51.30 8.99
CA LEU G 792 134.79 51.74 8.83
C LEU G 792 135.41 50.89 7.75
N LEU G 793 135.73 51.53 6.62
CA LEU G 793 136.24 50.86 5.46
C LEU G 793 137.68 51.21 5.18
N GLY G 794 138.31 52.00 6.03
CA GLY G 794 139.72 52.26 5.91
C GLY G 794 140.03 53.42 5.00
N GLY G 795 141.15 54.09 5.25
CA GLY G 795 141.58 55.17 4.40
C GLY G 795 140.83 56.45 4.63
N ARG G 796 140.00 56.85 3.68
CA ARG G 796 139.20 58.05 3.84
C ARG G 796 137.75 57.73 4.16
N HIS G 797 137.46 56.49 4.54
CA HIS G 797 136.13 56.10 4.96
C HIS G 797 136.13 55.46 6.33
N GLY G 798 137.17 55.68 7.10
CA GLY G 798 137.32 55.10 8.42
C GLY G 798 138.79 54.91 8.74
N GLU G 799 139.07 54.63 10.00
CA GLU G 799 140.45 54.43 10.45
C GLU G 799 140.68 53.12 11.17
N PHE G 800 139.66 52.28 11.30
CA PHE G 800 139.80 50.89 11.72
C PHE G 800 140.17 50.70 13.18
N LYS G 801 140.71 51.72 13.83
CA LYS G 801 140.95 51.65 15.28
C LYS G 801 141.82 50.45 15.66
N PHE G 802 142.20 49.65 14.68
CA PHE G 802 142.79 48.32 14.89
C PHE G 802 143.44 47.93 13.58
N LEU G 803 144.71 47.56 13.64
CA LEU G 803 145.39 47.15 12.42
C LEU G 803 144.71 45.93 11.84
N PRO G 804 144.39 45.93 10.55
CA PRO G 804 143.92 44.71 9.92
C PRO G 804 144.99 43.65 10.01
N PRO G 805 144.61 42.40 10.25
CA PRO G 805 145.62 41.35 10.36
C PRO G 805 146.41 41.24 9.07
N PRO G 806 147.65 40.77 9.15
CA PRO G 806 148.57 40.93 8.02
C PRO G 806 148.03 40.34 6.73
N GLY G 807 148.28 41.03 5.63
CA GLY G 807 147.87 40.58 4.32
C GLY G 807 146.46 40.94 3.92
N TYR G 808 145.70 41.60 4.78
CA TYR G 808 144.33 41.94 4.46
C TYR G 808 144.23 43.32 3.84
N ALA G 809 143.26 43.49 2.95
CA ALA G 809 143.09 44.74 2.26
C ALA G 809 141.87 45.47 2.79
N PRO G 810 141.97 46.75 3.11
CA PRO G 810 140.79 47.51 3.52
C PRO G 810 139.75 47.50 2.42
N CYS G 811 138.49 47.50 2.81
CA CYS G 811 137.40 47.36 1.87
C CYS G 811 137.21 48.57 0.97
N HIS G 812 137.81 49.71 1.28
CA HIS G 812 137.70 50.85 0.40
C HIS G 812 138.52 50.69 -0.86
N GLU G 813 139.24 49.58 -0.98
CA GLU G 813 140.07 49.29 -2.15
C GLU G 813 139.34 48.42 -3.15
N ALA G 814 138.04 48.29 -3.00
CA ALA G 814 137.26 47.45 -3.91
C ALA G 814 136.20 48.23 -4.65
N VAL G 815 136.15 49.55 -4.50
CA VAL G 815 135.23 50.35 -5.29
C VAL G 815 135.71 50.38 -6.73
N LEU G 816 134.81 50.06 -7.64
CA LEU G 816 135.19 49.91 -9.03
C LEU G 816 135.39 51.27 -9.67
N PRO G 817 136.19 51.36 -10.74
CA PRO G 817 136.58 52.67 -11.25
C PRO G 817 135.45 53.49 -11.83
N ARG G 818 134.21 53.01 -11.76
CA ARG G 818 133.09 53.75 -12.31
C ARG G 818 132.04 54.11 -11.27
N GLU G 819 132.18 53.67 -10.03
CA GLU G 819 131.20 53.94 -9.01
C GLU G 819 131.84 54.69 -7.86
N ARG G 820 130.99 55.14 -6.94
CA ARG G 820 131.42 55.86 -5.75
C ARG G 820 130.96 55.09 -4.52
N LEU G 821 131.79 55.08 -3.49
CA LEU G 821 131.46 54.35 -2.28
C LEU G 821 130.28 54.99 -1.59
N ARG G 822 129.28 54.18 -1.26
CA ARG G 822 128.06 54.67 -0.64
C ARG G 822 127.36 53.48 -0.01
N LEU G 823 126.45 53.78 0.89
CA LEU G 823 125.73 52.76 1.63
C LEU G 823 124.33 52.65 1.07
N GLU G 824 123.94 51.44 0.70
CA GLU G 824 122.66 51.19 0.08
C GLU G 824 122.00 49.97 0.70
N PRO G 825 120.69 49.90 0.63
CA PRO G 825 120.01 48.67 1.03
C PRO G 825 120.17 47.59 -0.02
N ILE G 826 119.97 46.35 0.41
CA ILE G 826 119.98 45.20 -0.48
C ILE G 826 118.72 45.32 -1.33
N LYS G 827 118.57 44.44 -2.31
CA LYS G 827 117.50 44.49 -3.30
C LYS G 827 116.20 45.02 -2.71
N GLU G 828 115.64 46.06 -3.33
CA GLU G 828 114.49 46.77 -2.81
C GLU G 828 113.48 46.96 -3.93
N TYR G 829 112.21 46.96 -3.58
CA TYR G 829 111.14 47.19 -4.53
C TYR G 829 110.47 48.53 -4.33
N ARG G 830 111.05 49.40 -3.52
CA ARG G 830 110.39 50.61 -3.10
C ARG G 830 111.41 51.53 -2.49
N ARG G 831 111.46 52.76 -2.96
CA ARG G 831 112.25 53.80 -2.33
C ARG G 831 111.40 55.05 -2.26
N GLU G 832 111.69 55.90 -1.29
CA GLU G 832 110.92 57.11 -1.11
C GLU G 832 111.29 58.12 -2.19
N GLY G 833 110.29 58.80 -2.72
CA GLY G 833 110.52 59.74 -3.79
C GLY G 833 110.06 61.14 -3.45
N PRO G 834 110.34 62.09 -4.32
CA PRO G 834 109.94 63.48 -4.07
C PRO G 834 108.45 63.65 -3.87
N ARG G 835 107.65 63.21 -4.83
CA ARG G 835 106.21 63.32 -4.74
C ARG G 835 105.56 62.16 -4.00
N GLY G 836 106.20 61.00 -3.97
CA GLY G 836 105.65 59.85 -3.30
C GLY G 836 106.51 58.63 -3.51
N PRO G 837 106.06 57.48 -3.00
CA PRO G 837 106.87 56.26 -3.09
C PRO G 837 107.18 55.90 -4.53
N HIS G 838 108.41 55.46 -4.75
CA HIS G 838 108.89 55.06 -6.06
C HIS G 838 109.08 53.56 -6.09
N LEU G 839 108.27 52.88 -6.89
CA LEU G 839 108.43 51.46 -7.13
C LEU G 839 109.69 51.23 -7.93
N VAL G 840 110.44 50.22 -7.57
CA VAL G 840 111.72 49.92 -8.21
C VAL G 840 111.70 48.48 -8.70
N GLY G 841 112.11 48.29 -9.93
CA GLY G 841 112.23 46.97 -10.50
C GLY G 841 113.53 46.34 -10.06
N PRO G 842 113.82 45.15 -10.57
CA PRO G 842 115.04 44.46 -10.15
C PRO G 842 116.27 45.25 -10.56
N SER G 843 117.38 44.96 -9.89
CA SER G 843 118.64 45.60 -10.19
C SER G 843 119.62 44.55 -10.69
N ARG G 844 120.59 44.99 -11.48
CA ARG G 844 121.61 44.11 -12.02
C ARG G 844 122.87 44.21 -11.18
N CYS G 845 123.25 43.10 -10.57
CA CYS G 845 124.46 43.03 -9.77
C CYS G 845 125.53 42.29 -10.56
N LEU G 846 126.78 42.64 -10.31
CA LEU G 846 127.87 41.99 -11.02
C LEU G 846 127.99 40.54 -10.60
N SER G 847 128.09 39.65 -11.57
CA SER G 847 128.43 38.27 -11.27
C SER G 847 129.94 38.15 -11.11
N HIS G 848 130.38 37.12 -10.40
CA HIS G 848 131.80 36.97 -10.16
C HIS G 848 132.59 36.68 -11.42
N THR G 849 131.91 36.37 -12.52
CA THR G 849 132.55 36.16 -13.80
C THR G 849 132.59 37.42 -14.64
N ASP G 850 132.24 38.56 -14.06
CA ASP G 850 132.42 39.85 -14.71
C ASP G 850 133.73 40.51 -14.33
N PHE G 851 134.54 39.86 -13.50
CA PHE G 851 135.85 40.35 -13.19
C PHE G 851 136.96 39.57 -13.84
N VAL G 852 136.64 38.49 -14.55
CA VAL G 852 137.64 37.73 -15.29
C VAL G 852 137.72 38.30 -16.70
N PRO G 853 138.90 38.69 -17.18
CA PRO G 853 139.01 39.18 -18.56
C PRO G 853 139.14 38.02 -19.53
N CYS G 854 138.17 37.88 -20.42
CA CYS G 854 138.11 36.77 -21.37
C CYS G 854 138.26 37.30 -22.79
N PRO G 855 139.47 37.38 -23.32
CA PRO G 855 139.66 37.92 -24.66
C PRO G 855 139.46 36.85 -25.72
N VAL G 856 139.68 37.25 -26.97
CA VAL G 856 139.71 36.30 -28.07
C VAL G 856 141.16 35.88 -28.29
N ASP G 857 141.40 34.58 -28.34
CA ASP G 857 142.76 34.07 -28.47
C ASP G 857 143.38 34.55 -29.77
N THR G 858 144.60 35.08 -29.68
CA THR G 858 145.30 35.62 -30.83
C THR G 858 146.58 34.85 -31.14
N VAL G 859 146.52 33.52 -31.10
CA VAL G 859 147.69 32.70 -31.39
C VAL G 859 147.49 31.96 -32.71
N GLN G 860 146.37 31.26 -32.83
CA GLN G 860 146.09 30.43 -34.01
C GLN G 860 145.56 31.28 -35.15
N ILE G 861 146.44 32.15 -35.66
CA ILE G 861 146.13 33.04 -36.77
C ILE G 861 147.32 33.04 -37.70
N VAL G 862 147.18 32.40 -38.86
CA VAL G 862 148.19 32.48 -39.90
C VAL G 862 148.12 33.87 -40.53
N LEU G 863 149.25 34.53 -40.64
CA LEU G 863 149.26 35.93 -41.03
C LEU G 863 149.05 36.03 -42.54
N PRO G 864 148.05 36.78 -43.00
CA PRO G 864 147.71 36.77 -44.43
C PRO G 864 148.67 37.60 -45.25
N PRO G 865 148.71 37.39 -46.57
CA PRO G 865 149.59 38.21 -47.42
C PRO G 865 149.22 39.67 -47.45
N HIS G 866 147.93 39.99 -47.46
CA HIS G 866 147.53 41.39 -47.55
C HIS G 866 147.85 42.16 -46.27
N LEU G 867 148.01 41.46 -45.15
CA LEU G 867 148.39 42.14 -43.91
C LEU G 867 149.89 42.37 -43.83
N GLU G 868 150.70 41.35 -44.15
CA GLU G 868 152.14 41.53 -44.19
C GLU G 868 152.53 42.53 -45.26
N ARG G 869 151.69 42.68 -46.28
CA ARG G 869 151.91 43.71 -47.29
C ARG G 869 151.79 45.11 -46.67
N ILE G 870 150.96 45.25 -45.64
CA ILE G 870 150.78 46.54 -44.96
C ILE G 870 151.31 46.42 -43.54
N ARG G 871 152.23 45.48 -43.32
CA ARG G 871 152.76 45.22 -41.99
C ARG G 871 153.57 46.40 -41.44
N GLU G 872 154.01 47.32 -42.29
CA GLU G 872 154.99 48.32 -41.86
C GLU G 872 154.35 49.66 -41.50
N LYS G 873 153.58 50.24 -42.42
CA LYS G 873 153.05 51.58 -42.18
C LYS G 873 152.12 51.60 -40.97
N LEU G 874 151.26 50.60 -40.85
CA LEU G 874 150.44 50.47 -39.65
C LEU G 874 151.26 50.20 -38.40
N ALA G 875 152.52 49.80 -38.54
CA ALA G 875 153.44 49.70 -37.42
C ALA G 875 154.23 50.98 -37.24
N GLU G 876 154.72 51.57 -38.33
CA GLU G 876 155.46 52.82 -38.26
C GLU G 876 154.64 53.94 -37.67
N ASN G 877 153.32 53.92 -37.85
CA ASN G 877 152.48 54.99 -37.37
C ASN G 877 152.11 54.86 -35.89
N ILE G 878 152.49 53.76 -35.25
CA ILE G 878 152.21 53.59 -33.82
C ILE G 878 153.52 53.35 -33.08
N HIS G 879 154.64 53.77 -33.67
CA HIS G 879 155.93 53.65 -33.01
C HIS G 879 156.25 54.82 -32.10
N GLU G 880 155.76 56.02 -32.44
CA GLU G 880 155.90 57.16 -31.55
C GLU G 880 154.63 57.99 -31.50
N LEU G 881 153.47 57.39 -31.78
CA LEU G 881 152.22 58.15 -31.77
C LEU G 881 151.93 58.68 -30.37
N TRP G 882 152.22 57.87 -29.34
CA TRP G 882 152.10 58.34 -27.98
C TRP G 882 153.07 59.47 -27.68
N ALA G 883 154.10 59.65 -28.51
CA ALA G 883 155.08 60.69 -28.32
C ALA G 883 154.68 62.03 -28.91
N LEU G 884 153.70 62.05 -29.81
CA LEU G 884 153.38 63.28 -30.52
C LEU G 884 152.74 64.33 -29.61
N THR G 885 151.97 63.89 -28.61
CA THR G 885 151.19 64.82 -27.80
C THR G 885 152.07 65.78 -27.02
N ARG G 886 153.17 65.28 -26.47
CA ARG G 886 153.98 65.99 -25.49
C ARG G 886 155.21 66.70 -26.06
N ILE G 887 155.41 66.68 -27.38
CA ILE G 887 156.54 67.41 -27.94
C ILE G 887 156.29 68.91 -27.81
N GLU G 888 157.36 69.68 -27.70
CA GLU G 888 157.32 71.12 -27.43
C GLU G 888 156.68 71.43 -26.09
N GLN G 889 156.80 70.50 -25.14
CA GLN G 889 156.33 70.70 -23.78
C GLN G 889 157.46 70.40 -22.79
N GLY G 890 157.14 70.29 -21.51
CA GLY G 890 158.13 69.83 -20.55
C GLY G 890 158.67 68.46 -20.88
N TRP G 891 157.88 67.64 -21.56
CA TRP G 891 158.33 66.33 -22.03
C TRP G 891 158.77 66.44 -23.48
N THR G 892 159.83 67.23 -23.69
CA THR G 892 160.41 67.46 -25.01
C THR G 892 161.74 66.71 -25.08
N TYR G 893 161.92 65.96 -26.16
CA TYR G 893 163.04 65.03 -26.25
C TYR G 893 164.38 65.75 -26.19
N GLY G 894 165.43 64.99 -25.91
CA GLY G 894 166.78 65.50 -25.88
C GLY G 894 167.75 64.46 -26.40
N PRO G 895 168.78 64.90 -27.11
CA PRO G 895 169.76 63.94 -27.66
C PRO G 895 170.47 63.12 -26.60
N VAL G 896 170.63 63.66 -25.39
CA VAL G 896 171.36 62.96 -24.35
C VAL G 896 170.58 61.73 -23.87
N ARG G 897 169.26 61.85 -23.80
CA ARG G 897 168.43 60.79 -23.22
C ARG G 897 167.57 60.14 -24.30
N ASP G 898 166.69 59.25 -23.88
CA ASP G 898 165.82 58.48 -24.77
C ASP G 898 164.45 58.41 -24.13
N ASP G 899 163.62 57.47 -24.58
CA ASP G 899 162.28 57.32 -24.05
C ASP G 899 162.31 57.07 -22.54
N ASN G 900 161.18 57.35 -21.89
CA ASN G 900 160.94 57.10 -20.47
C ASN G 900 161.80 57.95 -19.56
N LYS G 901 162.38 59.04 -20.07
CA LYS G 901 163.26 59.91 -19.29
C LYS G 901 162.66 61.31 -19.11
N ARG G 902 161.35 61.41 -18.98
CA ARG G 902 160.61 62.66 -18.84
C ARG G 902 160.82 63.59 -20.03
N LEU G 903 161.51 63.12 -21.05
CA LEU G 903 161.73 63.81 -22.32
C LEU G 903 161.57 62.80 -23.44
N HIS G 904 160.51 62.00 -23.33
CA HIS G 904 160.31 60.76 -24.07
C HIS G 904 160.36 60.85 -25.60
N PRO G 905 159.71 61.88 -26.26
CA PRO G 905 159.24 61.69 -27.64
C PRO G 905 160.12 60.89 -28.60
N CYS G 906 161.35 61.34 -28.84
CA CYS G 906 162.27 60.70 -29.77
C CYS G 906 161.55 60.36 -31.08
N LEU G 907 161.12 61.42 -31.76
CA LEU G 907 160.31 61.28 -32.97
C LEU G 907 161.09 60.78 -34.17
N VAL G 908 162.41 60.64 -34.05
CA VAL G 908 163.26 60.40 -35.23
C VAL G 908 162.82 59.14 -35.94
N ASN G 909 162.96 58.00 -35.28
CA ASN G 909 162.62 56.70 -35.85
C ASN G 909 162.77 55.65 -34.75
N PHE G 910 162.28 54.45 -35.05
CA PHE G 910 162.42 53.29 -34.17
C PHE G 910 163.74 52.57 -34.37
N HIS G 911 164.52 52.92 -35.40
CA HIS G 911 165.86 52.37 -35.53
C HIS G 911 166.77 52.87 -34.40
N SER G 912 166.66 54.16 -34.07
CA SER G 912 167.38 54.68 -32.91
C SER G 912 166.92 54.02 -31.62
N LEU G 913 165.63 53.67 -31.55
CA LEU G 913 165.07 53.02 -30.38
C LEU G 913 165.50 51.56 -30.33
N PRO G 914 165.47 50.96 -29.14
CA PRO G 914 165.97 49.58 -29.01
C PRO G 914 165.26 48.61 -29.94
N GLU G 915 166.04 47.71 -30.52
CA GLU G 915 165.61 46.74 -31.51
C GLU G 915 164.52 45.79 -31.01
N PRO G 916 164.65 45.19 -29.79
CA PRO G 916 163.62 44.24 -29.35
C PRO G 916 162.25 44.88 -29.25
N GLU G 917 162.14 46.00 -28.53
CA GLU G 917 160.86 46.70 -28.47
C GLU G 917 160.46 47.24 -29.83
N ARG G 918 161.44 47.50 -30.71
CA ARG G 918 161.13 47.98 -32.05
C ARG G 918 160.33 46.93 -32.84
N ASN G 919 160.94 45.78 -33.10
CA ASN G 919 160.20 44.74 -33.82
C ASN G 919 159.04 44.22 -33.01
N TYR G 920 159.09 44.38 -31.68
CA TYR G 920 157.91 44.12 -30.86
C TYR G 920 156.76 45.05 -31.25
N ASN G 921 157.06 46.33 -31.49
CA ASN G 921 156.01 47.26 -31.91
C ASN G 921 155.50 46.91 -33.29
N LEU G 922 156.40 46.51 -34.19
CA LEU G 922 155.95 46.02 -35.49
C LEU G 922 154.96 44.87 -35.33
N GLN G 923 155.33 43.86 -34.54
CA GLN G 923 154.46 42.71 -34.40
C GLN G 923 153.30 42.97 -33.44
N MET G 924 153.31 44.07 -32.68
CA MET G 924 152.08 44.53 -32.01
C MET G 924 151.10 45.18 -32.96
N SER G 925 151.57 45.94 -33.95
CA SER G 925 150.66 46.37 -35.00
C SER G 925 150.10 45.16 -35.74
N GLY G 926 150.96 44.20 -36.04
CA GLY G 926 150.49 42.93 -36.57
C GLY G 926 149.54 42.23 -35.61
N GLU G 927 149.78 42.34 -34.31
CA GLU G 927 148.93 41.71 -33.31
C GLU G 927 147.55 42.34 -33.27
N THR G 928 147.48 43.67 -33.38
CA THR G 928 146.20 44.33 -33.53
C THR G 928 145.48 43.88 -34.80
N LEU G 929 146.21 43.77 -35.90
CA LEU G 929 145.61 43.18 -37.09
C LEU G 929 145.19 41.74 -36.88
N LYS G 930 145.90 41.00 -36.02
CA LYS G 930 145.53 39.62 -35.74
C LYS G 930 144.25 39.57 -34.92
N THR G 931 144.08 40.51 -34.00
CA THR G 931 142.81 40.67 -33.32
C THR G 931 141.72 40.99 -34.34
N LEU G 932 142.06 41.80 -35.34
CA LEU G 932 141.11 42.11 -36.40
C LEU G 932 140.71 40.84 -37.15
N LEU G 933 141.68 39.96 -37.40
CA LEU G 933 141.37 38.69 -38.03
C LEU G 933 140.45 37.84 -37.18
N ALA G 934 140.80 37.63 -35.92
CA ALA G 934 140.02 36.77 -35.05
C ALA G 934 138.62 37.35 -34.82
N LEU G 935 138.48 38.67 -34.86
CA LEU G 935 137.17 39.28 -34.70
C LEU G 935 136.31 39.08 -35.94
N GLY G 936 136.91 39.08 -37.13
CA GLY G 936 136.14 38.99 -38.35
C GLY G 936 136.28 40.21 -39.24
N CYS G 937 137.46 40.84 -39.20
CA CYS G 937 137.75 41.99 -40.04
C CYS G 937 138.68 41.56 -41.17
N HIS G 938 138.33 41.92 -42.39
CA HIS G 938 139.11 41.62 -43.57
C HIS G 938 139.24 42.87 -44.43
N VAL G 939 140.30 42.93 -45.23
CA VAL G 939 140.70 44.17 -45.89
C VAL G 939 140.58 44.03 -47.40
N GLY G 940 140.25 45.14 -48.06
CA GLY G 940 140.19 45.18 -49.51
C GLY G 940 140.58 46.55 -50.03
N MET G 941 141.35 46.55 -51.11
CA MET G 941 141.95 47.76 -51.67
C MET G 941 141.21 48.14 -52.95
N ALA G 942 140.70 49.38 -53.00
CA ALA G 942 140.03 49.87 -54.20
C ALA G 942 140.68 51.10 -54.81
N ASP G 943 140.82 52.19 -54.06
CA ASP G 943 140.99 53.52 -54.68
C ASP G 943 142.47 53.88 -54.84
N GLU G 944 142.72 55.16 -55.13
CA GLU G 944 144.06 55.66 -55.29
C GLU G 944 144.89 55.38 -54.05
N LYS G 945 146.14 54.98 -54.27
CA LYS G 945 147.00 54.60 -53.15
C LYS G 945 147.27 55.80 -52.27
N ALA G 946 146.90 55.71 -51.00
CA ALA G 946 147.11 56.83 -50.08
C ALA G 946 148.57 57.21 -49.96
N GLU G 947 149.49 56.28 -50.22
CA GLU G 947 150.91 56.60 -50.16
C GLU G 947 151.25 57.79 -51.05
N ASP G 948 150.59 57.89 -52.21
CA ASP G 948 150.85 59.00 -53.12
C ASP G 948 150.31 60.32 -52.56
N ASN G 949 149.05 60.32 -52.11
CA ASN G 949 148.35 61.56 -51.80
C ASN G 949 148.45 61.88 -50.31
N LEU G 950 149.36 61.22 -49.60
CA LEU G 950 149.74 61.50 -48.22
C LEU G 950 151.12 62.13 -48.19
N LYS G 951 151.37 62.98 -47.19
CA LYS G 951 152.66 63.63 -47.03
C LYS G 951 152.98 63.78 -45.56
N LYS G 952 154.27 63.96 -45.27
CA LYS G 952 154.75 64.23 -43.92
C LYS G 952 154.93 65.73 -43.72
N THR G 953 154.45 66.23 -42.59
CA THR G 953 154.39 67.65 -42.31
C THR G 953 155.36 67.98 -41.17
N LYS G 954 156.47 68.65 -41.51
CA LYS G 954 157.40 69.17 -40.51
C LYS G 954 156.78 70.43 -39.91
N LEU G 955 155.94 70.23 -38.90
CA LEU G 955 155.25 71.34 -38.27
C LEU G 955 156.24 72.20 -37.49
N PRO G 956 155.94 73.49 -37.30
CA PRO G 956 156.74 74.29 -36.36
C PRO G 956 156.77 73.67 -34.97
N LYS G 957 155.63 73.15 -34.52
CA LYS G 957 155.62 72.28 -33.36
C LYS G 957 156.25 70.95 -33.71
N THR G 958 156.70 70.23 -32.67
CA THR G 958 157.40 68.96 -32.79
C THR G 958 158.74 69.10 -33.52
N TYR G 959 159.31 70.30 -33.56
CA TYR G 959 160.64 70.48 -34.11
C TYR G 959 161.69 70.01 -33.10
N MET G 960 162.64 69.21 -33.59
CA MET G 960 163.68 68.67 -32.74
C MET G 960 165.05 68.81 -33.40
N MET G 961 166.08 68.80 -32.55
CA MET G 961 167.46 68.95 -32.99
C MET G 961 168.15 67.63 -33.31
N SER G 962 167.60 66.52 -32.82
CA SER G 962 168.21 65.21 -33.02
C SER G 962 167.78 64.66 -34.37
N ASN G 963 168.67 64.78 -35.35
CA ASN G 963 168.51 64.18 -36.67
C ASN G 963 167.19 64.59 -37.32
N GLY G 964 166.99 65.91 -37.41
CA GLY G 964 165.83 66.45 -38.08
C GLY G 964 164.55 66.31 -37.28
N TYR G 965 163.51 66.98 -37.77
CA TYR G 965 162.21 67.00 -37.12
C TYR G 965 161.15 66.41 -38.03
N LYS G 966 160.21 65.68 -37.44
CA LYS G 966 159.14 65.02 -38.17
C LYS G 966 158.01 64.73 -37.19
N PRO G 967 156.80 64.47 -37.67
CA PRO G 967 155.76 63.96 -36.76
C PRO G 967 156.24 62.66 -36.10
N ALA G 968 155.97 62.54 -34.81
CA ALA G 968 156.42 61.37 -34.07
C ALA G 968 155.83 60.07 -34.61
N PRO G 969 154.51 59.95 -34.85
CA PRO G 969 154.03 58.82 -35.65
C PRO G 969 154.16 59.12 -37.13
N LEU G 970 153.67 58.24 -37.99
CA LEU G 970 153.67 58.52 -39.42
C LEU G 970 152.50 59.46 -39.74
N ASP G 971 152.77 60.48 -40.55
CA ASP G 971 151.77 61.51 -40.79
C ASP G 971 150.62 60.98 -41.62
N LEU G 972 149.50 61.70 -41.58
CA LEU G 972 148.31 61.31 -42.31
C LEU G 972 147.51 62.56 -42.66
N SER G 973 146.84 62.52 -43.80
CA SER G 973 146.03 63.63 -44.28
C SER G 973 144.56 63.40 -43.90
N HIS G 974 143.69 64.22 -44.48
CA HIS G 974 142.24 64.09 -44.28
C HIS G 974 141.74 62.68 -44.56
N VAL G 975 141.27 62.02 -43.49
CA VAL G 975 140.77 60.65 -43.53
C VAL G 975 139.65 60.54 -42.51
N ARG G 976 138.62 59.75 -42.84
CA ARG G 976 137.44 59.62 -41.98
C ARG G 976 137.22 58.15 -41.66
N LEU G 977 136.23 57.89 -40.81
CA LEU G 977 135.94 56.54 -40.34
C LEU G 977 134.44 56.36 -40.16
N THR G 978 133.91 55.24 -40.65
CA THR G 978 132.49 54.95 -40.56
C THR G 978 132.17 54.35 -39.20
N PRO G 979 130.89 54.35 -38.81
CA PRO G 979 130.53 53.79 -37.49
C PRO G 979 130.95 52.34 -37.28
N ALA G 980 130.96 51.54 -38.36
CA ALA G 980 131.50 50.19 -38.25
C ALA G 980 132.89 50.20 -37.66
N GLN G 981 133.72 51.13 -38.10
CA GLN G 981 135.07 51.27 -37.54
C GLN G 981 135.02 51.70 -36.10
N THR G 982 134.04 52.52 -35.70
CA THR G 982 133.94 52.93 -34.31
C THR G 982 133.67 51.73 -33.40
N THR G 983 132.67 50.93 -33.75
CA THR G 983 132.39 49.74 -32.97
C THR G 983 133.58 48.79 -32.97
N LEU G 984 134.21 48.62 -34.14
CA LEU G 984 135.32 47.70 -34.26
C LEU G 984 136.50 48.17 -33.42
N VAL G 985 136.79 49.47 -33.41
CA VAL G 985 137.90 49.94 -32.60
C VAL G 985 137.55 49.84 -31.12
N ASP G 986 136.27 49.98 -30.76
CA ASP G 986 135.89 49.80 -29.36
C ASP G 986 136.21 48.39 -28.89
N ARG G 987 135.74 47.38 -29.61
CA ARG G 987 136.02 46.01 -29.18
C ARG G 987 137.48 45.64 -29.40
N LEU G 988 138.14 46.29 -30.36
CA LEU G 988 139.56 46.08 -30.54
C LEU G 988 140.36 46.57 -29.34
N ALA G 989 140.00 47.73 -28.80
CA ALA G 989 140.64 48.20 -27.58
C ALA G 989 140.28 47.34 -26.38
N GLU G 990 139.04 46.85 -26.34
CA GLU G 990 138.67 45.91 -25.29
C GLU G 990 139.58 44.70 -25.28
N ASN G 991 139.84 44.14 -26.45
CA ASN G 991 140.66 42.94 -26.49
C ASN G 991 142.12 43.24 -26.26
N GLY G 992 142.54 44.50 -26.26
CA GLY G 992 143.90 44.82 -25.87
C GLY G 992 143.98 44.89 -24.36
N HIS G 993 143.01 45.60 -23.77
CA HIS G 993 142.96 45.72 -22.32
C HIS G 993 142.84 44.37 -21.65
N ASN G 994 141.99 43.50 -22.18
CA ASN G 994 141.72 42.23 -21.51
C ASN G 994 142.85 41.23 -21.66
N VAL G 995 143.69 41.36 -22.68
CA VAL G 995 144.87 40.51 -22.78
C VAL G 995 145.89 41.04 -21.81
N TRP G 996 146.01 42.37 -21.73
CA TRP G 996 146.95 42.96 -20.79
C TRP G 996 146.59 42.59 -19.35
N ALA G 997 145.32 42.70 -18.98
CA ALA G 997 144.88 42.39 -17.63
C ALA G 997 145.07 40.91 -17.32
N ARG G 998 144.77 40.05 -18.28
CA ARG G 998 145.00 38.63 -18.09
C ARG G 998 146.46 38.34 -17.80
N ASP G 999 147.35 38.97 -18.56
CA ASP G 999 148.77 38.74 -18.34
C ASP G 999 149.18 39.23 -16.97
N ARG G 1000 148.75 40.43 -16.59
CA ARG G 1000 149.11 40.97 -15.29
C ARG G 1000 148.63 40.07 -14.16
N VAL G 1001 147.40 39.57 -14.26
CA VAL G 1001 146.90 38.65 -13.26
C VAL G 1001 147.75 37.41 -13.21
N ALA G 1002 148.10 36.87 -14.37
CA ALA G 1002 148.96 35.70 -14.40
C ALA G 1002 150.33 35.98 -13.79
N GLN G 1003 150.74 37.23 -13.69
CA GLN G 1003 151.92 37.55 -12.89
C GLN G 1003 151.58 37.90 -11.45
N GLY G 1004 150.35 37.61 -11.02
CA GLY G 1004 149.97 37.72 -9.63
C GLY G 1004 149.21 38.98 -9.28
N TRP G 1005 149.29 40.02 -10.11
CA TRP G 1005 148.69 41.32 -9.80
C TRP G 1005 147.19 41.22 -9.56
N SER G 1006 146.61 42.24 -8.94
CA SER G 1006 145.17 42.29 -8.71
C SER G 1006 144.72 43.74 -8.68
N TYR G 1007 143.44 43.93 -8.43
CA TYR G 1007 142.83 45.26 -8.46
C TYR G 1007 142.89 45.94 -7.10
N SER G 1008 143.09 47.25 -7.13
CA SER G 1008 142.96 48.06 -5.92
C SER G 1008 142.76 49.49 -6.36
N ALA G 1009 141.76 50.16 -5.79
CA ALA G 1009 141.48 51.52 -6.18
C ALA G 1009 142.65 52.45 -5.90
N VAL G 1010 143.56 52.04 -5.02
CA VAL G 1010 144.80 52.76 -4.78
C VAL G 1010 145.94 51.89 -5.28
N GLN G 1011 146.84 52.49 -6.04
CA GLN G 1011 147.89 51.72 -6.68
C GLN G 1011 149.00 51.37 -5.70
N ASP G 1012 149.40 50.09 -5.70
CA ASP G 1012 150.50 49.58 -4.88
C ASP G 1012 151.37 48.71 -5.79
N ILE G 1013 152.42 49.31 -6.35
CA ILE G 1013 153.32 48.57 -7.25
C ILE G 1013 154.07 47.48 -6.50
N PRO G 1014 154.76 47.76 -5.39
CA PRO G 1014 155.46 46.67 -4.68
C PRO G 1014 154.51 45.60 -4.17
N ALA G 1015 153.28 45.93 -3.85
CA ALA G 1015 152.27 44.94 -3.51
C ALA G 1015 151.58 44.38 -4.74
N ARG G 1016 151.94 44.86 -5.93
CA ARG G 1016 151.50 44.30 -7.20
C ARG G 1016 149.97 44.38 -7.36
N ARG G 1017 149.46 45.59 -7.16
CA ARG G 1017 148.04 45.85 -7.35
C ARG G 1017 147.89 47.14 -8.14
N ASN G 1018 146.85 47.19 -8.97
CA ASN G 1018 146.67 48.25 -9.94
C ASN G 1018 145.22 48.73 -9.89
N PRO G 1019 144.97 50.00 -10.17
CA PRO G 1019 143.58 50.47 -10.29
C PRO G 1019 142.93 50.17 -11.63
N ARG G 1020 143.63 49.53 -12.55
CA ARG G 1020 143.09 49.28 -13.87
C ARG G 1020 143.01 47.81 -14.21
N LEU G 1021 143.31 46.92 -13.28
CA LEU G 1021 143.10 45.50 -13.53
C LEU G 1021 141.63 45.16 -13.36
N VAL G 1022 140.81 45.66 -14.28
CA VAL G 1022 139.43 45.20 -14.42
C VAL G 1022 139.12 44.98 -15.88
N PRO G 1023 138.18 44.12 -16.17
CA PRO G 1023 137.75 43.95 -17.55
C PRO G 1023 137.26 45.27 -18.12
N TYR G 1024 137.41 45.42 -19.44
CA TYR G 1024 137.13 46.69 -20.10
C TYR G 1024 135.75 47.22 -19.74
N ARG G 1025 134.77 46.33 -19.63
CA ARG G 1025 133.42 46.78 -19.35
C ARG G 1025 133.31 47.51 -18.03
N LEU G 1026 134.24 47.26 -17.11
CA LEU G 1026 134.23 47.87 -15.79
C LEU G 1026 135.20 49.03 -15.65
N LEU G 1027 136.04 49.25 -16.65
CA LEU G 1027 136.99 50.34 -16.63
C LEU G 1027 136.25 51.68 -16.61
N ASP G 1028 136.99 52.76 -16.39
CA ASP G 1028 136.42 54.08 -16.36
C ASP G 1028 136.45 54.70 -17.76
N GLU G 1029 135.60 55.70 -17.97
CA GLU G 1029 135.48 56.28 -19.31
C GLU G 1029 136.75 57.00 -19.73
N ALA G 1030 137.48 57.58 -18.78
CA ALA G 1030 138.73 58.24 -19.11
C ALA G 1030 139.72 57.25 -19.71
N THR G 1031 139.93 56.13 -19.04
CA THR G 1031 140.87 55.13 -19.56
C THR G 1031 140.31 54.44 -20.78
N LYS G 1032 139.01 54.20 -20.84
CA LYS G 1032 138.43 53.64 -22.05
C LYS G 1032 138.77 54.51 -23.24
N ARG G 1033 138.56 55.82 -23.11
CA ARG G 1033 138.84 56.75 -24.19
C ARG G 1033 140.33 56.79 -24.51
N SER G 1034 141.18 56.78 -23.48
CA SER G 1034 142.61 56.83 -23.71
C SER G 1034 143.09 55.61 -24.49
N ASN G 1035 142.56 54.42 -24.16
CA ASN G 1035 142.88 53.24 -24.96
C ASN G 1035 142.32 53.36 -26.37
N ARG G 1036 141.08 53.83 -26.50
CA ARG G 1036 140.46 53.87 -27.81
C ARG G 1036 141.16 54.83 -28.76
N ASP G 1037 141.82 55.86 -28.22
CA ASP G 1037 142.46 56.84 -29.08
C ASP G 1037 143.55 56.22 -29.94
N SER G 1038 144.40 55.38 -29.33
CA SER G 1038 145.52 54.80 -30.07
C SER G 1038 145.04 53.91 -31.21
N LEU G 1039 144.15 52.96 -30.90
CA LEU G 1039 143.69 52.06 -31.96
C LEU G 1039 142.76 52.77 -32.93
N CYS G 1040 142.11 53.86 -32.52
CA CYS G 1040 141.37 54.66 -33.50
C CYS G 1040 142.32 55.28 -34.49
N GLN G 1041 143.46 55.79 -34.01
CA GLN G 1041 144.46 56.31 -34.93
C GLN G 1041 144.97 55.22 -35.86
N ALA G 1042 145.19 54.01 -35.32
CA ALA G 1042 145.68 52.90 -36.13
C ALA G 1042 144.68 52.56 -37.23
N VAL G 1043 143.41 52.37 -36.86
CA VAL G 1043 142.41 52.00 -37.86
C VAL G 1043 142.19 53.15 -38.84
N ARG G 1044 142.37 54.38 -38.39
CA ARG G 1044 142.28 55.53 -39.29
C ARG G 1044 143.39 55.46 -40.35
N THR G 1045 144.61 55.18 -39.92
CA THR G 1045 145.72 55.05 -40.84
C THR G 1045 145.49 53.90 -41.81
N LEU G 1046 144.89 52.81 -41.32
CA LEU G 1046 144.54 51.70 -42.19
C LEU G 1046 143.50 52.12 -43.22
N LEU G 1047 142.48 52.86 -42.77
CA LEU G 1047 141.40 53.26 -43.68
C LEU G 1047 141.91 54.19 -44.76
N GLY G 1048 142.87 55.05 -44.43
CA GLY G 1048 143.40 55.96 -45.42
C GLY G 1048 143.96 55.22 -46.63
N TYR G 1049 144.61 54.08 -46.40
CA TYR G 1049 145.12 53.24 -47.47
C TYR G 1049 144.02 52.49 -48.21
N GLY G 1050 142.76 52.73 -47.88
CA GLY G 1050 141.66 52.20 -48.65
C GLY G 1050 141.29 50.76 -48.35
N TYR G 1051 141.98 50.11 -47.42
CA TYR G 1051 141.69 48.71 -47.14
C TYR G 1051 140.44 48.65 -46.26
N ASN G 1052 139.46 47.88 -46.70
CA ASN G 1052 138.15 47.87 -46.06
C ASN G 1052 138.24 47.32 -44.65
N ILE G 1053 137.47 47.92 -43.75
CA ILE G 1053 137.31 47.40 -42.40
C ILE G 1053 135.98 46.64 -42.37
N GLU G 1054 136.06 45.33 -42.44
CA GLU G 1054 134.83 44.58 -42.61
C GLU G 1054 134.22 44.23 -41.26
N PRO G 1055 133.01 44.68 -40.98
CA PRO G 1055 132.34 44.25 -39.76
C PRO G 1055 132.10 42.76 -39.79
N PRO G 1056 132.20 42.09 -38.64
CA PRO G 1056 131.88 40.66 -38.60
C PRO G 1056 130.37 40.44 -38.58
N ASP G 1057 129.99 39.17 -38.57
CA ASP G 1057 128.59 38.84 -38.45
C ASP G 1057 128.07 39.23 -37.07
N GLN G 1058 126.76 39.44 -36.99
CA GLN G 1058 126.11 39.87 -35.75
C GLN G 1058 125.42 38.67 -35.12
N GLU G 1059 125.75 38.39 -33.86
CA GLU G 1059 125.13 37.31 -33.10
C GLU G 1059 124.49 37.85 -31.84
N PRO G 1060 123.16 37.77 -31.72
CA PRO G 1060 122.50 38.25 -30.50
C PRO G 1060 122.71 37.28 -29.34
N SER G 1061 123.19 37.82 -28.22
CA SER G 1061 123.48 37.01 -27.04
C SER G 1061 122.92 37.68 -25.80
N GLN G 1062 122.55 36.85 -24.83
CA GLN G 1062 122.05 37.31 -23.54
C GLN G 1062 123.04 36.90 -22.45
N VAL G 1063 123.39 37.85 -21.60
CA VAL G 1063 124.40 37.59 -20.57
C VAL G 1063 123.89 36.56 -19.57
N GLU G 1064 122.68 36.76 -19.06
CA GLU G 1064 122.05 35.85 -18.12
C GLU G 1064 120.73 35.40 -18.71
N ASN G 1065 120.52 34.08 -18.77
CA ASN G 1065 119.32 33.50 -19.38
C ASN G 1065 118.50 32.65 -18.44
N GLN G 1066 119.16 31.94 -17.51
CA GLN G 1066 118.45 30.98 -16.66
C GLN G 1066 117.37 31.66 -15.84
N SER G 1067 117.71 32.75 -15.16
CA SER G 1067 116.76 33.43 -14.28
C SER G 1067 115.91 34.42 -15.08
N ARG G 1068 114.97 33.87 -15.84
CA ARG G 1068 114.01 34.71 -16.56
C ARG G 1068 113.03 35.38 -15.61
N TRP G 1069 112.94 34.89 -14.36
CA TRP G 1069 111.94 35.39 -13.42
C TRP G 1069 112.48 36.57 -12.62
N ASP G 1070 113.78 36.59 -12.34
CA ASP G 1070 114.41 37.75 -11.71
C ASP G 1070 114.66 38.83 -12.76
N ARG G 1071 113.58 39.17 -13.44
CA ARG G 1071 113.58 40.18 -14.48
C ARG G 1071 112.50 41.23 -14.30
N VAL G 1072 111.31 40.83 -13.86
CA VAL G 1072 110.15 41.71 -13.87
C VAL G 1072 109.49 41.66 -12.50
N ARG G 1073 109.19 42.83 -11.94
CA ARG G 1073 108.39 42.93 -10.73
C ARG G 1073 107.02 43.48 -11.10
N ILE G 1074 105.97 42.80 -10.67
CA ILE G 1074 104.60 43.20 -10.98
C ILE G 1074 103.94 43.65 -9.69
N PHE G 1075 103.57 44.92 -9.63
CA PHE G 1075 102.87 45.49 -8.49
C PHE G 1075 101.43 45.70 -8.90
N ARG G 1076 100.51 45.09 -8.18
CA ARG G 1076 99.10 45.22 -8.45
C ARG G 1076 98.40 45.67 -7.19
N ALA G 1077 97.24 46.29 -7.36
CA ALA G 1077 96.45 46.60 -6.18
C ALA G 1077 95.90 45.30 -5.59
N GLU G 1078 95.43 45.39 -4.36
CA GLU G 1078 94.85 44.22 -3.72
C GLU G 1078 93.57 43.82 -4.41
N LYS G 1079 93.22 42.53 -4.32
CA LYS G 1079 92.00 42.07 -4.96
C LYS G 1079 90.76 42.71 -4.39
N SER G 1080 90.82 43.23 -3.16
CA SER G 1080 89.65 43.83 -2.54
C SER G 1080 89.25 45.14 -3.20
N TYR G 1081 90.09 45.70 -4.06
CA TYR G 1081 89.79 46.95 -4.74
C TYR G 1081 89.29 46.75 -6.15
N THR G 1082 89.03 45.52 -6.55
CA THR G 1082 88.63 45.25 -7.92
C THR G 1082 87.38 46.02 -8.28
N VAL G 1083 87.36 46.60 -9.46
CA VAL G 1083 86.26 47.44 -9.92
C VAL G 1083 85.48 46.67 -10.97
N GLN G 1084 84.16 46.70 -10.87
CA GLN G 1084 83.28 46.05 -11.80
C GLN G 1084 82.35 47.03 -12.50
N SER G 1085 82.50 48.32 -12.24
CA SER G 1085 81.62 49.32 -12.79
C SER G 1085 82.26 50.69 -12.60
N GLY G 1086 81.61 51.70 -13.13
CA GLY G 1086 82.11 53.04 -13.02
C GLY G 1086 83.19 53.34 -14.02
N ARG G 1087 83.74 54.54 -13.91
CA ARG G 1087 84.82 54.99 -14.77
C ARG G 1087 85.97 55.46 -13.89
N TRP G 1088 87.13 54.85 -14.07
CA TRP G 1088 88.23 55.01 -13.13
C TRP G 1088 89.49 55.47 -13.84
N TYR G 1089 90.43 55.96 -13.04
CA TYR G 1089 91.61 56.64 -13.56
C TYR G 1089 92.74 56.49 -12.57
N PHE G 1090 93.97 56.40 -13.08
CA PHE G 1090 95.15 56.36 -12.23
C PHE G 1090 96.37 56.67 -13.08
N GLU G 1091 97.39 57.26 -12.46
CA GLU G 1091 98.55 57.71 -13.19
C GLU G 1091 99.77 56.88 -12.82
N PHE G 1092 100.73 56.87 -13.73
CA PHE G 1092 101.97 56.13 -13.56
C PHE G 1092 103.08 56.92 -14.23
N GLU G 1093 104.02 57.43 -13.45
CA GLU G 1093 105.09 58.24 -13.97
C GLU G 1093 106.30 57.36 -14.23
N ALA G 1094 106.82 57.44 -15.45
CA ALA G 1094 107.97 56.66 -15.88
C ALA G 1094 109.23 57.44 -15.54
N VAL G 1095 109.84 57.12 -14.41
CA VAL G 1095 111.04 57.83 -13.99
C VAL G 1095 112.20 57.52 -14.91
N THR G 1096 112.31 56.27 -15.37
CA THR G 1096 113.34 55.88 -16.32
C THR G 1096 112.69 55.20 -17.51
N THR G 1097 112.84 55.80 -18.69
CA THR G 1097 112.34 55.17 -19.91
C THR G 1097 113.02 53.82 -20.07
N GLY G 1098 112.24 52.78 -19.99
CA GLY G 1098 112.76 51.42 -20.02
C GLY G 1098 111.63 50.50 -20.30
N GLU G 1099 111.75 49.26 -19.81
CA GLU G 1099 110.73 48.25 -20.04
C GLU G 1099 109.80 48.24 -18.84
N MET G 1100 108.72 49.00 -18.92
CA MET G 1100 107.68 48.99 -17.91
C MET G 1100 106.33 48.96 -18.58
N ARG G 1101 105.38 48.27 -17.95
CA ARG G 1101 104.04 48.13 -18.47
C ARG G 1101 103.04 48.55 -17.41
N VAL G 1102 102.06 49.35 -17.80
CA VAL G 1102 101.06 49.86 -16.88
C VAL G 1102 99.67 49.64 -17.46
N GLY G 1103 98.73 49.23 -16.62
CA GLY G 1103 97.39 49.04 -17.14
C GLY G 1103 96.49 48.37 -16.15
N TRP G 1104 95.52 47.63 -16.68
CA TRP G 1104 94.49 46.99 -15.88
C TRP G 1104 94.64 45.49 -15.94
N ALA G 1105 94.24 44.82 -14.86
CA ALA G 1105 94.52 43.40 -14.73
C ALA G 1105 93.42 42.71 -13.96
N ARG G 1106 93.00 41.55 -14.45
CA ARG G 1106 91.99 40.79 -13.74
C ARG G 1106 92.56 40.25 -12.44
N PRO G 1107 91.71 40.03 -11.44
CA PRO G 1107 92.23 39.71 -10.10
C PRO G 1107 93.13 38.49 -10.05
N GLU G 1108 92.82 37.43 -10.78
CA GLU G 1108 93.60 36.20 -10.69
C GLU G 1108 94.83 36.25 -11.57
N LEU G 1109 95.59 37.32 -11.44
CA LEU G 1109 96.76 37.52 -12.29
C LEU G 1109 97.88 36.59 -11.88
N ARG G 1110 98.43 35.87 -12.85
CA ARG G 1110 99.57 35.03 -12.56
C ARG G 1110 100.80 35.89 -12.30
N PRO G 1111 101.61 35.56 -11.29
CA PRO G 1111 102.80 36.36 -11.01
C PRO G 1111 103.98 36.01 -11.88
N ASP G 1112 103.88 35.00 -12.74
CA ASP G 1112 105.03 34.52 -13.50
C ASP G 1112 104.78 34.51 -15.00
N VAL G 1113 103.96 35.41 -15.51
CA VAL G 1113 103.78 35.62 -16.93
C VAL G 1113 103.87 37.12 -17.20
N GLU G 1114 104.52 37.48 -18.31
CA GLU G 1114 104.64 38.89 -18.65
C GLU G 1114 103.26 39.48 -18.88
N LEU G 1115 103.07 40.72 -18.41
CA LEU G 1115 101.77 41.34 -18.48
C LEU G 1115 101.31 41.46 -19.91
N GLY G 1116 100.10 40.98 -20.19
CA GLY G 1116 99.54 41.02 -21.51
C GLY G 1116 99.82 39.80 -22.35
N ALA G 1117 100.80 38.99 -21.97
CA ALA G 1117 101.05 37.76 -22.70
C ALA G 1117 99.84 36.84 -22.63
N ASP G 1118 99.26 36.69 -21.44
CA ASP G 1118 98.05 35.92 -21.26
C ASP G 1118 96.85 36.83 -21.47
N GLU G 1119 95.66 36.38 -21.06
CA GLU G 1119 94.43 37.14 -21.26
C GLU G 1119 93.97 37.85 -20.00
N LEU G 1120 94.82 37.94 -18.98
CA LEU G 1120 94.46 38.49 -17.69
C LEU G 1120 94.90 39.93 -17.50
N ALA G 1121 95.35 40.60 -18.57
CA ALA G 1121 95.81 41.96 -18.39
C ALA G 1121 95.70 42.71 -19.71
N TYR G 1122 95.27 43.96 -19.63
CA TYR G 1122 95.29 44.91 -20.73
C TYR G 1122 96.26 46.01 -20.32
N VAL G 1123 97.48 46.00 -20.87
CA VAL G 1123 98.53 46.88 -20.38
C VAL G 1123 99.19 47.59 -21.55
N PHE G 1124 99.96 48.61 -21.21
CA PHE G 1124 100.67 49.43 -22.19
C PHE G 1124 102.14 49.41 -21.86
N ASN G 1125 102.96 49.10 -22.85
CA ASN G 1125 104.40 49.06 -22.74
C ASN G 1125 105.00 50.27 -23.44
N GLY G 1126 105.82 51.00 -22.71
CA GLY G 1126 106.23 52.30 -23.17
C GLY G 1126 107.62 52.37 -23.75
N HIS G 1127 108.40 51.29 -23.65
CA HIS G 1127 109.73 51.30 -24.24
C HIS G 1127 109.66 51.57 -25.73
N ARG G 1128 108.89 50.78 -26.45
CA ARG G 1128 108.35 51.17 -27.74
C ARG G 1128 106.85 50.99 -27.58
N GLY G 1129 106.07 51.93 -28.09
CA GLY G 1129 104.66 51.95 -27.76
C GLY G 1129 103.96 50.69 -28.18
N GLN G 1130 103.46 49.91 -27.22
CA GLN G 1130 102.81 48.66 -27.58
C GLN G 1130 101.65 48.39 -26.65
N ARG G 1131 100.54 47.96 -27.23
CA ARG G 1131 99.49 47.33 -26.47
C ARG G 1131 99.93 45.94 -26.06
N TRP G 1132 99.34 45.45 -24.99
CA TRP G 1132 99.56 44.06 -24.60
C TRP G 1132 98.26 43.50 -24.07
N HIS G 1133 97.71 42.56 -24.81
CA HIS G 1133 96.72 41.62 -24.31
C HIS G 1133 96.75 40.41 -25.22
N LEU G 1134 97.01 39.25 -24.65
CA LEU G 1134 97.22 38.02 -25.40
C LEU G 1134 98.29 38.18 -26.45
N GLY G 1135 99.19 39.12 -26.28
CA GLY G 1135 100.23 39.36 -27.25
C GLY G 1135 100.53 40.85 -27.32
N SER G 1136 100.98 41.28 -28.49
CA SER G 1136 101.44 42.64 -28.68
C SER G 1136 100.89 43.21 -29.97
N GLU G 1137 100.60 44.52 -29.94
CA GLU G 1137 100.22 45.28 -31.12
C GLU G 1137 100.80 46.67 -30.96
N PRO G 1138 101.38 47.25 -32.01
CA PRO G 1138 102.01 48.56 -31.90
C PRO G 1138 100.96 49.63 -31.69
N PHE G 1139 101.14 50.45 -30.67
CA PHE G 1139 100.10 51.39 -30.28
C PHE G 1139 100.74 52.53 -29.49
N GLY G 1140 100.91 53.67 -30.14
CA GLY G 1140 101.31 54.88 -29.46
C GLY G 1140 102.81 55.09 -29.49
N ARG G 1141 103.21 56.24 -28.99
CA ARG G 1141 104.57 56.73 -28.90
C ARG G 1141 105.30 56.03 -27.77
N PRO G 1142 106.62 56.08 -27.78
CA PRO G 1142 107.38 55.65 -26.60
C PRO G 1142 107.53 56.83 -25.65
N TRP G 1143 107.49 56.54 -24.36
CA TRP G 1143 107.71 57.62 -23.41
C TRP G 1143 109.19 57.97 -23.29
N GLN G 1144 109.44 59.14 -22.74
CA GLN G 1144 110.74 59.56 -22.27
C GLN G 1144 110.72 59.60 -20.75
N SER G 1145 111.84 59.99 -20.16
CA SER G 1145 111.90 60.10 -18.72
C SER G 1145 111.01 61.23 -18.24
N GLY G 1146 110.20 60.95 -17.22
CA GLY G 1146 109.30 61.93 -16.66
C GLY G 1146 107.91 61.93 -17.23
N ASP G 1147 107.64 61.14 -18.26
CA ASP G 1147 106.31 61.09 -18.84
C ASP G 1147 105.34 60.47 -17.85
N VAL G 1148 104.08 60.90 -17.93
CA VAL G 1148 103.04 60.43 -17.01
C VAL G 1148 101.97 59.76 -17.84
N VAL G 1149 101.82 58.46 -17.67
CA VAL G 1149 100.80 57.69 -18.38
C VAL G 1149 99.58 57.60 -17.51
N GLY G 1150 98.47 58.17 -17.97
CA GLY G 1150 97.22 58.11 -17.27
C GLY G 1150 96.33 57.05 -17.86
N CYS G 1151 96.11 55.98 -17.11
CA CYS G 1151 95.30 54.87 -17.56
C CYS G 1151 93.92 55.03 -17.00
N MET G 1152 92.90 54.89 -17.85
CA MET G 1152 91.54 55.07 -17.43
C MET G 1152 90.67 53.99 -18.08
N ILE G 1153 89.64 53.58 -17.36
CA ILE G 1153 88.74 52.53 -17.82
C ILE G 1153 87.32 53.05 -17.73
N ASP G 1154 86.50 52.68 -18.70
CA ASP G 1154 85.07 53.00 -18.72
C ASP G 1154 84.36 51.66 -18.79
N LEU G 1155 83.85 51.20 -17.66
CA LEU G 1155 83.19 49.91 -17.62
C LEU G 1155 81.72 49.99 -18.01
N THR G 1156 81.21 51.18 -18.31
CA THR G 1156 79.90 51.28 -18.94
C THR G 1156 79.99 51.02 -20.43
N GLU G 1157 80.97 51.63 -21.09
CA GLU G 1157 81.26 51.34 -22.48
C GLU G 1157 82.23 50.19 -22.67
N ASN G 1158 82.83 49.70 -21.59
CA ASN G 1158 83.77 48.58 -21.65
C ASN G 1158 84.96 48.90 -22.56
N THR G 1159 85.69 49.95 -22.19
CA THR G 1159 86.85 50.39 -22.96
C THR G 1159 87.97 50.82 -22.04
N ILE G 1160 89.19 50.81 -22.57
CA ILE G 1160 90.37 51.25 -21.86
C ILE G 1160 91.08 52.30 -22.69
N ILE G 1161 91.46 53.40 -22.04
CA ILE G 1161 92.14 54.50 -22.70
C ILE G 1161 93.45 54.76 -21.95
N PHE G 1162 94.50 55.05 -22.71
CA PHE G 1162 95.78 55.47 -22.16
C PHE G 1162 96.12 56.84 -22.68
N THR G 1163 96.57 57.72 -21.79
CA THR G 1163 96.99 59.06 -22.18
C THR G 1163 98.44 59.24 -21.79
N LEU G 1164 99.21 59.86 -22.67
CA LEU G 1164 100.61 60.12 -22.42
C LEU G 1164 100.78 61.62 -22.30
N ASN G 1165 100.93 62.10 -21.07
CA ASN G 1165 101.06 63.53 -20.78
C ASN G 1165 99.82 64.29 -21.22
N GLY G 1166 98.65 63.80 -20.82
CA GLY G 1166 97.41 64.48 -21.07
C GLY G 1166 96.87 64.35 -22.47
N GLU G 1167 97.60 63.68 -23.36
CA GLU G 1167 97.16 63.48 -24.74
C GLU G 1167 96.81 62.02 -24.91
N VAL G 1168 95.64 61.76 -25.49
CA VAL G 1168 95.22 60.38 -25.68
C VAL G 1168 96.11 59.72 -26.70
N LEU G 1169 96.60 58.52 -26.38
CA LEU G 1169 97.29 57.72 -27.38
C LEU G 1169 96.28 57.11 -28.33
N MET G 1170 96.58 57.18 -29.61
CA MET G 1170 95.71 56.70 -30.66
C MET G 1170 96.40 55.56 -31.41
N SER G 1171 95.64 54.51 -31.70
CA SER G 1171 96.18 53.46 -32.55
C SER G 1171 96.31 53.96 -33.98
N ASP G 1172 96.93 53.14 -34.81
CA ASP G 1172 97.11 53.53 -36.20
C ASP G 1172 95.79 53.58 -36.95
N SER G 1173 94.85 52.71 -36.57
CA SER G 1173 93.53 52.72 -37.22
C SER G 1173 92.79 54.02 -36.95
N GLY G 1174 93.14 54.71 -35.87
CA GLY G 1174 92.51 55.97 -35.55
C GLY G 1174 91.65 55.89 -34.30
N SER G 1175 91.49 54.69 -33.77
CA SER G 1175 90.67 54.53 -32.57
C SER G 1175 91.31 55.22 -31.38
N GLU G 1176 90.48 55.81 -30.54
CA GLU G 1176 90.95 56.49 -29.35
C GLU G 1176 90.95 55.61 -28.12
N THR G 1177 90.45 54.40 -28.23
CA THR G 1177 90.47 53.44 -27.12
C THR G 1177 91.49 52.38 -27.43
N ALA G 1178 92.36 52.09 -26.47
CA ALA G 1178 93.34 51.04 -26.66
C ALA G 1178 92.67 49.68 -26.79
N PHE G 1179 91.71 49.41 -25.92
CA PHE G 1179 90.99 48.15 -25.94
C PHE G 1179 89.50 48.43 -25.83
N ARG G 1180 88.70 47.65 -26.53
CA ARG G 1180 87.26 47.81 -26.54
C ARG G 1180 86.60 46.45 -26.35
N GLU G 1181 85.32 46.48 -25.98
CA GLU G 1181 84.51 45.28 -25.84
C GLU G 1181 85.07 44.36 -24.76
N ILE G 1182 85.64 44.94 -23.71
CA ILE G 1182 86.17 44.15 -22.60
C ILE G 1182 84.99 43.68 -21.76
N GLU G 1183 84.95 42.39 -21.46
CA GLU G 1183 83.91 41.91 -20.55
C GLU G 1183 84.26 42.31 -19.14
N ILE G 1184 83.25 42.72 -18.37
CA ILE G 1184 83.50 43.12 -16.99
C ILE G 1184 84.06 41.94 -16.22
N GLY G 1185 83.44 40.78 -16.35
CA GLY G 1185 83.97 39.60 -15.70
C GLY G 1185 84.00 39.78 -14.19
N ASP G 1186 85.06 39.24 -13.60
CA ASP G 1186 85.20 39.34 -12.14
C ASP G 1186 85.68 40.73 -11.71
N GLY G 1187 86.43 41.42 -12.55
CA GLY G 1187 86.79 42.79 -12.22
C GLY G 1187 88.06 43.22 -12.92
N PHE G 1188 88.64 44.30 -12.41
CA PHE G 1188 89.86 44.88 -12.97
C PHE G 1188 90.60 45.60 -11.86
N LEU G 1189 91.92 45.68 -11.99
CA LEU G 1189 92.78 46.24 -10.97
C LEU G 1189 93.89 47.05 -11.63
N PRO G 1190 94.44 48.02 -10.94
CA PRO G 1190 95.65 48.67 -11.43
C PRO G 1190 96.85 47.75 -11.28
N VAL G 1191 97.66 47.69 -12.34
CA VAL G 1191 98.79 46.80 -12.39
C VAL G 1191 99.94 47.52 -13.08
N CYS G 1192 101.15 47.25 -12.60
CA CYS G 1192 102.36 47.88 -13.09
C CYS G 1192 103.43 46.81 -13.11
N SER G 1193 104.40 46.95 -14.00
CA SER G 1193 105.41 45.92 -14.23
C SER G 1193 106.71 46.61 -14.58
N LEU G 1194 107.65 46.57 -13.65
CA LEU G 1194 108.92 47.24 -13.83
C LEU G 1194 110.01 46.22 -14.11
N GLY G 1195 110.79 46.45 -15.14
CA GLY G 1195 111.87 45.57 -15.51
C GLY G 1195 113.12 45.87 -14.73
N PRO G 1196 114.25 45.30 -15.15
CA PRO G 1196 115.49 45.47 -14.40
C PRO G 1196 115.99 46.90 -14.47
N GLY G 1197 116.29 47.47 -13.31
CA GLY G 1197 116.81 48.81 -13.24
C GLY G 1197 115.82 49.90 -13.52
N GLN G 1198 114.53 49.62 -13.39
CA GLN G 1198 113.47 50.54 -13.77
C GLN G 1198 112.76 51.06 -12.55
N VAL G 1199 112.51 52.37 -12.52
CA VAL G 1199 111.80 53.02 -11.44
C VAL G 1199 110.53 53.62 -11.99
N GLY G 1200 109.52 53.73 -11.14
CA GLY G 1200 108.26 54.32 -11.55
C GLY G 1200 107.45 54.72 -10.34
N HIS G 1201 106.54 55.64 -10.55
CA HIS G 1201 105.72 56.19 -9.48
C HIS G 1201 104.25 55.97 -9.80
N LEU G 1202 103.59 55.14 -9.00
CA LEU G 1202 102.19 54.81 -9.22
C LEU G 1202 101.31 55.70 -8.35
N ASN G 1203 100.59 56.61 -8.98
CA ASN G 1203 99.71 57.54 -8.27
C ASN G 1203 98.29 57.09 -8.52
N LEU G 1204 97.75 56.32 -7.59
CA LEU G 1204 96.36 55.90 -7.71
C LEU G 1204 95.40 57.04 -7.47
N GLY G 1205 95.87 58.15 -6.92
CA GLY G 1205 95.08 59.35 -6.82
C GLY G 1205 94.38 59.59 -5.51
N GLN G 1206 94.89 59.07 -4.40
CA GLN G 1206 94.24 59.31 -3.12
C GLN G 1206 94.14 60.80 -2.81
N ASP G 1207 95.06 61.59 -3.31
CA ASP G 1207 94.98 63.05 -3.25
C ASP G 1207 94.91 63.57 -4.67
N VAL G 1208 93.80 64.23 -5.01
CA VAL G 1208 93.53 64.56 -6.41
C VAL G 1208 94.55 65.56 -6.93
N SER G 1209 94.97 66.50 -6.09
CA SER G 1209 95.89 67.53 -6.55
C SER G 1209 97.22 66.94 -6.99
N SER G 1210 97.58 65.77 -6.47
CA SER G 1210 98.83 65.14 -6.87
C SER G 1210 98.80 64.73 -8.33
N LEU G 1211 97.67 64.20 -8.80
CA LEU G 1211 97.52 63.83 -10.19
C LEU G 1211 97.78 65.04 -11.08
N ARG G 1212 98.78 64.93 -11.95
CA ARG G 1212 99.24 66.09 -12.69
C ARG G 1212 98.44 66.33 -13.97
N PHE G 1213 98.07 65.28 -14.68
CA PHE G 1213 97.39 65.43 -15.96
C PHE G 1213 95.96 64.90 -15.90
N PHE G 1214 95.38 64.91 -14.71
CA PHE G 1214 94.01 64.43 -14.56
C PHE G 1214 93.01 65.34 -15.24
N ALA G 1215 93.11 66.65 -14.98
CA ALA G 1215 92.12 67.58 -15.48
C ALA G 1215 92.22 67.72 -16.99
N ILE G 1216 93.43 67.69 -17.53
CA ILE G 1216 93.62 67.87 -18.96
C ILE G 1216 92.90 66.79 -19.73
N CYS G 1217 93.00 65.55 -19.29
CA CYS G 1217 92.26 64.46 -19.92
C CYS G 1217 91.89 63.47 -18.82
N GLY G 1218 90.61 63.38 -18.52
CA GLY G 1218 90.15 62.43 -17.52
C GLY G 1218 89.07 62.96 -16.62
N LEU G 1219 89.06 64.27 -16.39
CA LEU G 1219 88.11 64.83 -15.44
C LEU G 1219 86.76 65.10 -16.07
N GLN G 1220 86.74 65.94 -17.11
CA GLN G 1220 85.47 66.33 -17.71
C GLN G 1220 84.79 65.16 -18.40
N GLU G 1221 85.54 64.12 -18.72
CA GLU G 1221 84.96 62.95 -19.37
C GLU G 1221 84.23 62.04 -18.39
N GLY G 1222 84.24 62.35 -17.11
CA GLY G 1222 83.50 61.61 -16.12
C GLY G 1222 84.31 60.64 -15.29
N PHE G 1223 85.58 60.43 -15.64
CA PHE G 1223 86.38 59.44 -14.94
C PHE G 1223 86.72 59.92 -13.54
N GLU G 1224 86.80 58.99 -12.64
CA GLU G 1224 87.19 59.29 -11.27
C GLU G 1224 88.56 58.72 -10.97
N PRO G 1225 89.33 59.36 -10.10
CA PRO G 1225 90.56 58.74 -9.63
C PRO G 1225 90.26 57.43 -8.92
N PHE G 1226 91.15 56.45 -9.10
CA PHE G 1226 90.87 55.11 -8.63
C PHE G 1226 90.72 55.09 -7.11
N ALA G 1227 91.69 55.63 -6.41
CA ALA G 1227 91.60 55.82 -4.98
C ALA G 1227 91.11 57.24 -4.76
N ILE G 1228 89.87 57.40 -4.33
CA ILE G 1228 89.36 58.74 -4.17
C ILE G 1228 88.98 58.99 -2.71
N ASN G 1229 88.65 57.93 -2.00
CA ASN G 1229 88.37 58.04 -0.59
C ASN G 1229 88.95 56.85 0.17
N MET G 1230 89.96 56.21 -0.41
CA MET G 1230 90.69 55.16 0.29
C MET G 1230 91.53 55.83 1.36
N GLN G 1231 90.90 56.20 2.47
CA GLN G 1231 91.51 57.09 3.45
C GLN G 1231 92.89 56.59 3.75
N ARG G 1232 93.01 55.28 3.86
CA ARG G 1232 94.28 54.62 4.01
C ARG G 1232 94.81 54.29 2.62
N PRO G 1233 96.06 54.60 2.30
CA PRO G 1233 96.54 54.41 0.93
C PRO G 1233 96.37 52.98 0.46
N VAL G 1234 96.13 52.82 -0.84
CA VAL G 1234 95.73 51.54 -1.38
C VAL G 1234 96.83 50.51 -1.18
N THR G 1235 96.47 49.39 -0.57
CA THR G 1235 97.40 48.30 -0.37
C THR G 1235 97.75 47.66 -1.71
N THR G 1236 99.03 47.33 -1.88
CA THR G 1236 99.51 46.73 -3.11
C THR G 1236 100.28 45.47 -2.81
N TRP G 1237 100.24 44.54 -3.76
CA TRP G 1237 100.94 43.28 -3.67
C TRP G 1237 101.87 43.18 -4.86
N PHE G 1238 103.09 42.72 -4.61
CA PHE G 1238 104.07 42.58 -5.66
C PHE G 1238 104.40 41.11 -5.88
N SER G 1239 105.02 40.82 -7.01
CA SER G 1239 105.43 39.47 -7.34
C SER G 1239 106.78 39.20 -6.71
N LYS G 1240 106.79 38.38 -5.65
CA LYS G 1240 107.98 38.11 -4.87
C LYS G 1240 108.70 36.93 -5.47
N SER G 1241 109.89 37.17 -6.00
CA SER G 1241 110.63 36.13 -6.71
C SER G 1241 111.48 35.29 -5.78
N LEU G 1242 110.85 34.75 -4.74
CA LEU G 1242 111.51 33.84 -3.81
C LEU G 1242 110.84 32.48 -3.92
N PRO G 1243 111.54 31.45 -4.39
CA PRO G 1243 110.88 30.17 -4.66
C PRO G 1243 110.37 29.52 -3.38
N GLN G 1244 109.05 29.36 -3.32
CA GLN G 1244 108.40 28.64 -2.25
C GLN G 1244 107.85 27.34 -2.81
N PHE G 1245 107.73 26.34 -1.96
CA PHE G 1245 107.11 25.09 -2.36
C PHE G 1245 105.60 25.21 -2.27
N GLU G 1246 104.91 24.90 -3.35
CA GLU G 1246 103.46 24.98 -3.39
C GLU G 1246 102.90 23.68 -3.96
N PRO G 1247 101.69 23.30 -3.57
CA PRO G 1247 101.16 22.01 -4.02
C PRO G 1247 100.99 21.96 -5.52
N VAL G 1248 101.22 20.79 -6.08
CA VAL G 1248 101.05 20.62 -7.53
C VAL G 1248 99.59 20.84 -7.87
N PRO G 1249 99.27 21.77 -8.76
CA PRO G 1249 97.88 22.05 -9.06
C PRO G 1249 97.17 20.82 -9.59
N PRO G 1250 95.93 20.58 -9.16
CA PRO G 1250 95.19 19.44 -9.70
C PRO G 1250 94.97 19.54 -11.19
N GLU G 1251 94.83 20.73 -11.73
CA GLU G 1251 94.78 20.95 -13.17
C GLU G 1251 96.09 21.65 -13.55
N HIS G 1252 96.99 20.88 -14.15
CA HIS G 1252 98.28 21.37 -14.56
C HIS G 1252 98.53 20.84 -15.97
N PRO G 1253 98.96 21.69 -16.90
CA PRO G 1253 99.13 21.22 -18.28
C PRO G 1253 100.15 20.13 -18.43
N HIS G 1254 101.09 19.99 -17.51
CA HIS G 1254 102.20 19.07 -17.72
C HIS G 1254 102.31 17.96 -16.70
N TYR G 1255 102.26 18.27 -15.41
CA TYR G 1255 102.55 17.28 -14.37
C TYR G 1255 101.27 16.79 -13.73
N GLU G 1256 101.20 15.48 -13.49
CA GLU G 1256 100.08 14.88 -12.80
C GLU G 1256 100.62 13.99 -11.70
N VAL G 1257 99.91 13.93 -10.59
CA VAL G 1257 100.31 13.13 -9.45
C VAL G 1257 99.17 12.20 -9.10
N ALA G 1258 99.45 10.90 -9.09
CA ALA G 1258 98.46 9.89 -8.78
C ALA G 1258 98.73 9.34 -7.39
N ARG G 1259 97.74 9.39 -6.52
CA ARG G 1259 97.88 8.91 -5.15
C ARG G 1259 97.53 7.43 -5.11
N MET G 1260 98.42 6.62 -5.65
CA MET G 1260 98.20 5.19 -5.69
C MET G 1260 98.17 4.61 -4.29
N ASP G 1261 97.25 3.71 -4.05
CA ASP G 1261 97.12 3.07 -2.75
C ASP G 1261 97.98 1.82 -2.71
N GLY G 1262 97.89 1.08 -1.61
CA GLY G 1262 98.85 0.03 -1.37
C GLY G 1262 98.30 -1.38 -1.44
N THR G 1263 98.75 -2.12 -2.43
CA THR G 1263 98.51 -3.55 -2.48
C THR G 1263 99.44 -4.26 -1.50
N VAL G 1264 99.41 -5.59 -1.53
CA VAL G 1264 100.28 -6.35 -0.62
C VAL G 1264 101.74 -6.19 -1.03
N ASP G 1265 102.03 -6.25 -2.33
CA ASP G 1265 103.40 -6.10 -2.77
C ASP G 1265 103.82 -4.63 -2.77
N THR G 1266 102.86 -3.72 -2.86
CA THR G 1266 103.34 -2.37 -3.04
C THR G 1266 102.88 -1.48 -1.90
N PRO G 1267 103.78 -0.69 -1.32
CA PRO G 1267 103.39 0.28 -0.31
C PRO G 1267 102.65 1.44 -0.95
N PRO G 1268 102.00 2.28 -0.16
CA PRO G 1268 101.33 3.45 -0.74
C PRO G 1268 102.33 4.33 -1.48
N CYS G 1269 101.89 4.90 -2.59
CA CYS G 1269 102.77 5.67 -3.44
C CYS G 1269 102.11 6.99 -3.82
N LEU G 1270 102.94 7.87 -4.39
CA LEU G 1270 102.48 9.10 -5.02
C LEU G 1270 103.29 9.26 -6.30
N ARG G 1271 102.73 8.83 -7.41
CA ARG G 1271 103.48 8.71 -8.65
C ARG G 1271 103.37 9.99 -9.45
N LEU G 1272 104.50 10.47 -9.95
CA LEU G 1272 104.55 11.64 -10.82
C LEU G 1272 104.62 11.18 -12.27
N ALA G 1273 103.73 11.73 -13.10
CA ALA G 1273 103.74 11.44 -14.52
C ALA G 1273 103.72 12.74 -15.29
N HIS G 1274 104.40 12.73 -16.43
CA HIS G 1274 104.48 13.90 -17.30
C HIS G 1274 103.43 13.74 -18.39
N ARG G 1275 102.46 14.67 -18.41
CA ARG G 1275 101.32 14.49 -19.32
C ARG G 1275 101.73 14.58 -20.77
N THR G 1276 102.46 15.62 -21.13
CA THR G 1276 102.68 15.98 -22.53
C THR G 1276 104.02 15.55 -23.06
N TRP G 1277 104.60 14.47 -22.54
CA TRP G 1277 105.88 14.02 -23.05
C TRP G 1277 105.73 13.53 -24.48
N GLY G 1278 106.67 13.91 -25.33
CA GLY G 1278 106.60 13.62 -26.74
C GLY G 1278 105.74 14.59 -27.51
N SER G 1279 104.69 15.13 -26.88
CA SER G 1279 103.85 16.13 -27.52
C SER G 1279 104.67 17.38 -27.86
N GLN G 1280 104.07 18.24 -28.69
CA GLN G 1280 104.78 19.40 -29.18
C GLN G 1280 105.03 20.43 -28.07
N ASN G 1281 104.07 20.63 -27.18
CA ASN G 1281 104.19 21.62 -26.12
C ASN G 1281 104.81 21.05 -24.85
N SER G 1282 105.64 20.01 -24.96
CA SER G 1282 106.27 19.43 -23.79
C SER G 1282 107.18 20.45 -23.13
N LEU G 1283 107.10 20.52 -21.81
CA LEU G 1283 107.94 21.41 -21.01
C LEU G 1283 108.89 20.52 -20.20
N VAL G 1284 110.13 20.43 -20.65
CA VAL G 1284 111.14 19.62 -19.99
C VAL G 1284 112.08 20.55 -19.25
N GLU G 1285 112.01 20.53 -17.93
CA GLU G 1285 112.81 21.40 -17.11
C GLU G 1285 112.94 20.77 -15.74
N MET G 1286 113.91 21.25 -14.97
CA MET G 1286 114.13 20.70 -13.65
C MET G 1286 112.88 20.88 -12.79
N LEU G 1287 112.51 19.83 -12.08
CA LEU G 1287 111.33 19.82 -11.25
C LEU G 1287 111.76 19.58 -9.82
N PHE G 1288 111.43 20.49 -8.93
CA PHE G 1288 111.85 20.42 -7.53
C PHE G 1288 110.66 20.00 -6.68
N LEU G 1289 110.55 18.70 -6.44
CA LEU G 1289 109.43 18.12 -5.73
C LEU G 1289 109.77 17.92 -4.27
N ARG G 1290 108.76 17.99 -3.41
CA ARG G 1290 108.92 17.63 -2.01
C ARG G 1290 107.58 17.23 -1.45
N LEU G 1291 107.61 16.39 -0.43
CA LEU G 1291 106.39 16.01 0.27
C LEU G 1291 106.06 17.06 1.32
N SER G 1292 104.77 17.20 1.61
CA SER G 1292 104.32 18.35 2.37
C SER G 1292 104.83 18.32 3.80
N LEU G 1293 104.95 17.16 4.38
CA LEU G 1293 105.19 17.23 5.81
C LEU G 1293 106.62 16.84 6.16
N PRO G 1294 107.20 17.45 7.17
CA PRO G 1294 108.57 17.16 7.54
C PRO G 1294 108.65 16.11 8.64
N VAL G 1295 109.84 15.53 8.77
CA VAL G 1295 110.17 14.66 9.89
C VAL G 1295 111.14 15.42 10.77
N GLN G 1296 110.85 15.47 12.05
CA GLN G 1296 111.61 16.29 12.97
C GLN G 1296 112.51 15.40 13.82
N PHE G 1297 113.74 15.83 14.00
CA PHE G 1297 114.68 15.05 14.79
C PHE G 1297 114.44 15.30 16.27
N HIS G 1298 114.86 14.33 17.08
CA HIS G 1298 114.68 14.44 18.52
C HIS G 1298 115.53 15.57 19.06
N GLN G 1299 115.01 16.20 20.11
CA GLN G 1299 115.67 17.37 20.67
C GLN G 1299 116.93 17.00 21.43
N HIS G 1300 117.03 15.76 21.89
CA HIS G 1300 118.22 15.23 22.53
C HIS G 1300 118.63 13.94 21.86
N PHE G 1301 119.93 13.78 21.63
CA PHE G 1301 120.44 12.62 20.92
C PHE G 1301 120.95 11.59 21.91
N ARG G 1302 120.85 10.31 21.51
CA ARG G 1302 121.10 9.23 22.45
C ARG G 1302 122.51 9.26 22.99
N CYS G 1303 123.49 9.49 22.12
CA CYS G 1303 124.88 9.56 22.56
C CYS G 1303 125.05 10.79 23.45
N THR G 1304 125.21 10.55 24.76
CA THR G 1304 125.30 11.59 25.77
C THR G 1304 124.10 12.53 25.69
N ASN G 1420 110.28 -8.76 5.13
CA ASN G 1420 110.17 -9.83 6.13
C ASN G 1420 109.45 -9.37 7.39
N ARG G 1421 109.00 -10.36 8.13
CA ARG G 1421 108.42 -10.21 9.46
C ARG G 1421 109.36 -9.44 10.37
N ASP G 1422 108.77 -8.77 11.36
CA ASP G 1422 109.51 -7.85 12.21
C ASP G 1422 109.51 -8.33 13.65
N ASP G 1423 110.62 -8.10 14.34
CA ASP G 1423 110.66 -8.32 15.77
C ASP G 1423 109.89 -7.20 16.47
N PRO G 1424 108.82 -7.52 17.19
CA PRO G 1424 107.94 -6.46 17.71
C PRO G 1424 108.64 -5.50 18.66
N GLU G 1425 109.58 -5.99 19.46
CA GLU G 1425 110.18 -5.12 20.46
C GLU G 1425 111.18 -4.17 19.81
N ILE G 1426 111.87 -4.62 18.76
CA ILE G 1426 112.77 -3.74 18.02
C ILE G 1426 111.98 -2.69 17.25
N ILE G 1427 110.96 -3.12 16.51
CA ILE G 1427 110.20 -2.18 15.69
C ILE G 1427 109.46 -1.18 16.56
N LEU G 1428 109.00 -1.59 17.73
CA LEU G 1428 108.31 -0.65 18.60
C LEU G 1428 109.27 0.31 19.29
N ASN G 1429 110.52 -0.08 19.46
CA ASN G 1429 111.52 0.74 20.14
C ASN G 1429 112.61 1.24 19.18
N THR G 1430 112.27 1.46 17.93
CA THR G 1430 113.22 1.95 16.95
C THR G 1430 112.95 3.40 16.64
N THR G 1431 113.97 4.08 16.11
CA THR G 1431 113.88 5.46 15.69
C THR G 1431 114.36 5.65 14.26
N THR G 1432 114.47 4.58 13.49
CA THR G 1432 114.86 4.65 12.10
C THR G 1432 113.62 4.64 11.23
N TYR G 1433 113.59 5.52 10.24
CA TYR G 1433 112.44 5.67 9.38
C TYR G 1433 112.93 5.67 7.94
N TYR G 1434 112.04 5.31 7.03
CA TYR G 1434 112.42 4.91 5.69
C TYR G 1434 111.43 5.43 4.67
N TYR G 1435 111.94 5.79 3.50
CA TYR G 1435 111.09 5.99 2.33
C TYR G 1435 111.94 5.84 1.08
N SER G 1436 111.34 5.36 0.01
CA SER G 1436 112.11 5.13 -1.20
C SER G 1436 111.50 5.91 -2.34
N VAL G 1437 112.24 5.97 -3.44
CA VAL G 1437 111.78 6.58 -4.68
C VAL G 1437 112.14 5.64 -5.82
N ARG G 1438 111.14 5.26 -6.60
CA ARG G 1438 111.33 4.42 -7.77
C ARG G 1438 111.48 5.32 -8.98
N VAL G 1439 112.64 5.27 -9.60
CA VAL G 1439 112.91 5.98 -10.84
C VAL G 1439 112.62 4.99 -11.96
N PHE G 1440 111.52 5.22 -12.67
CA PHE G 1440 111.01 4.26 -13.62
C PHE G 1440 111.97 4.11 -14.79
N ALA G 1441 111.92 2.95 -15.42
CA ALA G 1441 112.77 2.69 -16.57
C ALA G 1441 112.41 3.66 -17.69
N GLY G 1442 113.42 4.35 -18.22
CA GLY G 1442 113.17 5.38 -19.21
C GLY G 1442 113.60 6.73 -18.68
N GLN G 1443 113.32 6.98 -17.41
CA GLN G 1443 113.78 8.20 -16.75
C GLN G 1443 115.23 7.99 -16.33
N GLU G 1444 116.13 8.74 -16.94
CA GLU G 1444 117.55 8.50 -16.75
C GLU G 1444 117.92 8.69 -15.29
N PRO G 1445 118.62 7.75 -14.66
CA PRO G 1445 118.97 7.90 -13.24
C PRO G 1445 119.97 9.01 -13.00
N SER G 1446 120.66 9.49 -14.00
CA SER G 1446 121.60 10.59 -13.85
C SER G 1446 120.90 11.93 -13.81
N CYS G 1447 119.57 11.95 -13.99
CA CYS G 1447 118.77 13.17 -13.93
C CYS G 1447 117.84 13.19 -12.73
N VAL G 1448 118.18 12.47 -11.66
CA VAL G 1448 117.35 12.43 -10.46
C VAL G 1448 118.26 12.62 -9.25
N TRP G 1449 117.82 13.47 -8.32
CA TRP G 1449 118.47 13.64 -7.02
C TRP G 1449 117.44 13.36 -5.94
N VAL G 1450 117.73 12.39 -5.08
CA VAL G 1450 116.76 11.92 -4.10
C VAL G 1450 117.30 12.18 -2.70
N GLY G 1451 116.43 12.67 -1.81
CA GLY G 1451 116.87 12.87 -0.45
C GLY G 1451 115.94 13.74 0.38
N TRP G 1452 116.50 14.68 1.12
CA TRP G 1452 115.77 15.54 2.04
C TRP G 1452 116.16 16.99 1.81
N VAL G 1453 115.25 17.89 2.17
CA VAL G 1453 115.52 19.32 2.14
C VAL G 1453 115.04 19.93 3.45
N THR G 1454 115.82 20.86 3.98
CA THR G 1454 115.40 21.59 5.16
C THR G 1454 114.31 22.56 4.73
N PRO G 1455 113.54 23.14 5.64
CA PRO G 1455 112.44 23.99 5.22
C PRO G 1455 112.86 25.34 4.67
N ASP G 1456 114.14 25.52 4.38
CA ASP G 1456 114.63 26.76 3.80
C ASP G 1456 115.40 26.48 2.51
N TYR G 1457 114.80 25.68 1.64
CA TYR G 1457 115.33 25.46 0.30
C TYR G 1457 114.51 26.31 -0.66
N HIS G 1458 115.10 27.40 -1.14
CA HIS G 1458 114.45 28.33 -2.05
C HIS G 1458 115.27 28.53 -3.29
N GLN G 1459 115.74 27.44 -3.87
CA GLN G 1459 116.76 27.50 -4.93
C GLN G 1459 116.22 26.84 -6.17
N HIS G 1460 115.53 27.62 -7.00
CA HIS G 1460 114.96 27.15 -8.26
C HIS G 1460 116.03 27.23 -9.35
N ASP G 1461 117.00 26.33 -9.23
CA ASP G 1461 118.17 26.33 -10.09
C ASP G 1461 117.93 25.38 -11.26
N MET G 1462 117.81 25.91 -12.47
CA MET G 1462 117.50 25.07 -13.61
C MET G 1462 118.70 24.31 -14.13
N ASN G 1463 119.87 24.43 -13.51
CA ASN G 1463 121.03 23.60 -13.82
C ASN G 1463 121.49 23.05 -12.49
N PHE G 1464 120.88 21.99 -12.02
CA PHE G 1464 121.17 21.52 -10.69
C PHE G 1464 122.30 20.49 -10.71
N ASP G 1465 123.00 20.42 -9.58
CA ASP G 1465 123.99 19.40 -9.29
C ASP G 1465 124.33 19.51 -7.82
N LEU G 1466 124.97 18.49 -7.29
CA LEU G 1466 125.26 18.46 -5.86
C LEU G 1466 126.43 19.33 -5.47
N SER G 1467 126.92 20.16 -6.39
CA SER G 1467 127.88 21.19 -6.05
C SER G 1467 127.22 22.56 -5.96
N LYS G 1468 125.94 22.67 -6.27
CA LYS G 1468 125.20 23.90 -6.13
C LYS G 1468 124.30 23.91 -4.91
N VAL G 1469 124.46 22.94 -4.02
CA VAL G 1469 123.73 22.96 -2.76
C VAL G 1469 124.50 23.80 -1.75
N ARG G 1470 123.77 24.61 -1.00
CA ARG G 1470 124.40 25.47 -0.02
C ARG G 1470 125.11 24.64 1.04
N ALA G 1471 126.21 25.16 1.54
CA ALA G 1471 126.96 24.46 2.56
C ALA G 1471 127.78 25.47 3.34
N VAL G 1472 128.11 25.10 4.57
CA VAL G 1472 128.98 25.91 5.42
C VAL G 1472 129.47 25.02 6.54
N THR G 1473 130.57 25.41 7.16
CA THR G 1473 131.20 24.62 8.21
C THR G 1473 131.57 25.56 9.35
N VAL G 1474 130.68 25.67 10.32
CA VAL G 1474 130.96 26.52 11.47
C VAL G 1474 131.88 25.76 12.41
N THR G 1475 133.06 26.32 12.64
CA THR G 1475 134.09 25.69 13.45
C THR G 1475 134.37 26.53 14.67
N MET G 1476 134.26 25.90 15.84
CA MET G 1476 134.49 26.57 17.11
C MET G 1476 135.75 26.02 17.74
N GLY G 1477 136.66 26.90 18.10
CA GLY G 1477 137.95 26.51 18.62
C GLY G 1477 138.22 27.16 19.97
N ASP G 1478 139.34 26.79 20.56
CA ASP G 1478 139.79 27.30 21.83
C ASP G 1478 140.67 28.53 21.61
N GLU G 1479 141.36 28.96 22.67
CA GLU G 1479 142.16 30.18 22.58
C GLU G 1479 143.30 30.02 21.58
N GLN G 1480 143.97 28.86 21.60
CA GLN G 1480 145.07 28.66 20.67
C GLN G 1480 144.57 28.47 19.24
N GLY G 1481 143.32 28.05 19.09
CA GLY G 1481 142.74 27.73 17.79
C GLY G 1481 142.44 26.27 17.59
N ASN G 1482 142.75 25.41 18.56
CA ASN G 1482 142.42 23.99 18.45
C ASN G 1482 140.91 23.81 18.39
N VAL G 1483 140.45 23.01 17.43
CA VAL G 1483 139.02 22.89 17.18
C VAL G 1483 138.33 22.22 18.36
N HIS G 1484 137.12 22.68 18.66
CA HIS G 1484 136.23 21.99 19.57
C HIS G 1484 134.93 21.58 18.92
N SER G 1485 134.58 22.13 17.76
CA SER G 1485 133.37 21.74 17.05
C SER G 1485 133.52 22.09 15.59
N SER G 1486 132.97 21.26 14.72
CA SER G 1486 133.10 21.47 13.28
C SER G 1486 131.77 21.22 12.59
N LEU G 1487 130.71 21.86 13.09
CA LEU G 1487 129.38 21.55 12.57
C LEU G 1487 129.25 21.92 11.10
N LYS G 1488 128.73 20.99 10.31
CA LYS G 1488 128.53 21.20 8.90
C LYS G 1488 127.04 21.39 8.63
N CYS G 1489 126.70 22.48 7.94
CA CYS G 1489 125.32 22.86 7.73
C CYS G 1489 125.03 23.00 6.24
N SER G 1490 123.79 22.70 5.88
CA SER G 1490 123.34 22.78 4.49
C SER G 1490 121.82 22.85 4.51
N ASN G 1491 121.24 22.81 3.32
CA ASN G 1491 119.79 22.76 3.19
C ASN G 1491 119.29 21.68 2.26
N CYS G 1492 120.17 20.96 1.59
CA CYS G 1492 119.80 19.92 0.66
C CYS G 1492 120.70 18.72 0.92
N TYR G 1493 120.13 17.66 1.48
CA TYR G 1493 120.86 16.43 1.79
C TYR G 1493 120.39 15.38 0.80
N MET G 1494 121.17 15.16 -0.25
CA MET G 1494 120.66 14.45 -1.42
C MET G 1494 121.74 13.55 -1.99
N VAL G 1495 121.31 12.58 -2.79
CA VAL G 1495 122.20 11.74 -3.56
C VAL G 1495 121.76 11.76 -5.01
N TRP G 1496 122.73 11.64 -5.89
CA TRP G 1496 122.53 11.67 -7.33
C TRP G 1496 122.39 10.24 -7.83
N GLY G 1497 121.34 9.99 -8.60
CA GLY G 1497 121.10 8.63 -9.06
C GLY G 1497 122.20 8.11 -9.97
N GLY G 1498 123.03 9.00 -10.50
CA GLY G 1498 124.11 8.56 -11.35
C GLY G 1498 125.26 7.95 -10.58
N ASP G 1499 125.32 8.18 -9.27
CA ASP G 1499 126.30 7.48 -8.45
C ASP G 1499 126.01 5.99 -8.40
N PHE G 1500 124.77 5.60 -8.66
CA PHE G 1500 124.34 4.23 -8.48
C PHE G 1500 124.28 3.45 -9.78
N VAL G 1501 124.33 4.13 -10.92
CA VAL G 1501 124.35 3.46 -12.20
C VAL G 1501 125.66 3.71 -12.89
N ARG G 1508 124.72 -2.73 -19.09
CA ARG G 1508 124.77 -1.27 -19.08
C ARG G 1508 123.42 -0.68 -19.44
N ILE G 1509 122.56 -1.47 -20.05
CA ILE G 1509 121.32 -0.95 -20.64
C ILE G 1509 120.29 -0.69 -19.55
N SER G 1510 119.57 0.41 -19.67
CA SER G 1510 118.59 0.86 -18.68
C SER G 1510 117.18 0.37 -19.05
N HIS G 1511 116.80 -0.78 -18.50
CA HIS G 1511 115.41 -1.20 -18.49
C HIS G 1511 114.85 -1.52 -17.11
N THR G 1512 115.65 -1.46 -16.06
CA THR G 1512 115.17 -1.76 -14.72
C THR G 1512 115.17 -0.49 -13.90
N ASP G 1513 114.12 -0.31 -13.10
CA ASP G 1513 113.95 0.89 -12.31
C ASP G 1513 115.03 0.98 -11.24
N LEU G 1514 115.17 2.17 -10.68
CA LEU G 1514 116.15 2.41 -9.61
C LEU G 1514 115.39 2.78 -8.35
N VAL G 1515 115.54 1.98 -7.31
CA VAL G 1515 114.78 2.18 -6.08
C VAL G 1515 115.75 2.73 -5.05
N ILE G 1516 115.83 4.05 -4.96
CA ILE G 1516 116.73 4.70 -4.01
C ILE G 1516 115.98 4.83 -2.69
N GLY G 1517 116.52 4.23 -1.64
CA GLY G 1517 115.90 4.25 -0.32
C GLY G 1517 116.65 5.20 0.59
N CYS G 1518 115.91 5.84 1.48
CA CYS G 1518 116.47 6.83 2.38
C CYS G 1518 116.06 6.48 3.79
N LEU G 1519 117.03 6.45 4.71
CA LEU G 1519 116.81 6.14 6.11
C LEU G 1519 117.28 7.31 6.97
N VAL G 1520 116.54 7.60 8.03
CA VAL G 1520 116.93 8.60 9.01
C VAL G 1520 116.80 8.02 10.40
N ASP G 1521 117.80 8.25 11.24
CA ASP G 1521 117.77 7.86 12.63
C ASP G 1521 117.52 9.11 13.45
N LEU G 1522 116.28 9.33 13.86
CA LEU G 1522 115.87 10.59 14.47
C LEU G 1522 116.44 10.79 15.85
N ALA G 1523 117.12 9.80 16.41
CA ALA G 1523 117.72 9.96 17.73
C ALA G 1523 119.24 9.87 17.67
N THR G 1524 119.82 9.69 16.49
CA THR G 1524 121.24 9.85 16.28
C THR G 1524 121.56 11.03 15.39
N GLY G 1525 120.62 11.47 14.56
CA GLY G 1525 120.85 12.53 13.63
C GLY G 1525 121.51 12.10 12.34
N LEU G 1526 121.51 10.81 12.04
CA LEU G 1526 122.30 10.29 10.96
C LEU G 1526 121.39 9.81 9.83
N MET G 1527 121.81 10.06 8.61
CA MET G 1527 121.02 9.83 7.41
C MET G 1527 121.81 8.93 6.48
N THR G 1528 121.13 7.99 5.85
CA THR G 1528 121.81 7.00 5.02
C THR G 1528 120.96 6.69 3.80
N PHE G 1529 121.62 6.26 2.73
CA PHE G 1529 120.94 5.98 1.47
C PHE G 1529 121.31 4.59 0.99
N THR G 1530 120.36 3.93 0.36
CA THR G 1530 120.56 2.61 -0.23
C THR G 1530 120.25 2.69 -1.71
N ALA G 1531 121.16 2.18 -2.53
CA ALA G 1531 121.05 2.38 -3.97
C ALA G 1531 119.97 1.50 -4.57
N ASN G 1532 120.17 0.19 -4.53
CA ASN G 1532 119.18 -0.75 -5.01
C ASN G 1532 119.14 -1.95 -4.09
N GLY G 1533 119.27 -1.70 -2.79
CA GLY G 1533 119.51 -2.75 -1.82
C GLY G 1533 120.88 -2.62 -1.22
N LYS G 1534 121.86 -2.29 -2.06
CA LYS G 1534 123.21 -2.05 -1.59
C LYS G 1534 123.28 -0.70 -0.89
N GLU G 1535 124.11 -0.64 0.15
CA GLU G 1535 124.26 0.58 0.93
C GLU G 1535 125.24 1.52 0.25
N SER G 1536 124.86 2.78 0.13
CA SER G 1536 125.73 3.77 -0.48
C SER G 1536 126.83 4.16 0.51
N ASN G 1537 127.65 5.13 0.12
CA ASN G 1537 128.73 5.60 0.96
C ASN G 1537 128.57 7.06 1.34
N THR G 1538 127.38 7.63 1.19
CA THR G 1538 127.12 9.00 1.58
C THR G 1538 126.27 8.99 2.84
N PHE G 1539 126.85 9.40 3.95
CA PHE G 1539 126.13 9.57 5.18
C PHE G 1539 126.13 11.04 5.56
N PHE G 1540 125.01 11.51 6.09
CA PHE G 1540 124.89 12.87 6.57
C PHE G 1540 124.59 12.85 8.06
N GLN G 1541 125.06 13.87 8.76
CA GLN G 1541 124.78 14.06 10.16
C GLN G 1541 124.11 15.41 10.34
N VAL G 1542 123.02 15.44 11.10
CA VAL G 1542 122.28 16.68 11.32
C VAL G 1542 122.06 16.87 12.80
N GLU G 1543 122.14 18.13 13.22
CA GLU G 1543 122.05 18.50 14.62
C GLU G 1543 120.62 18.32 15.11
N PRO G 1544 120.43 18.27 16.43
CA PRO G 1544 119.10 17.97 16.96
C PRO G 1544 118.05 18.97 16.52
N ASN G 1545 116.82 18.47 16.44
CA ASN G 1545 115.61 19.27 16.30
C ASN G 1545 115.44 19.84 14.90
N THR G 1546 116.14 19.30 13.91
CA THR G 1546 116.00 19.78 12.55
C THR G 1546 114.77 19.16 11.88
N LYS G 1547 114.23 19.90 10.91
CA LYS G 1547 113.13 19.43 10.09
C LYS G 1547 113.66 19.10 8.71
N LEU G 1548 113.12 18.04 8.11
CA LEU G 1548 113.63 17.57 6.83
C LEU G 1548 112.49 16.97 6.03
N PHE G 1549 112.10 17.65 4.97
CA PHE G 1549 111.06 17.16 4.08
C PHE G 1549 111.66 16.18 3.08
N PRO G 1550 110.97 15.10 2.75
CA PRO G 1550 111.40 14.28 1.62
C PRO G 1550 111.34 15.10 0.35
N ALA G 1551 112.26 14.81 -0.57
CA ALA G 1551 112.32 15.62 -1.77
C ALA G 1551 113.02 14.86 -2.88
N VAL G 1552 112.59 15.12 -4.10
CA VAL G 1552 113.21 14.60 -5.30
C VAL G 1552 113.32 15.73 -6.31
N PHE G 1553 114.49 15.88 -6.91
CA PHE G 1553 114.73 16.88 -7.94
C PHE G 1553 115.01 16.15 -9.24
N VAL G 1554 114.12 16.29 -10.21
CA VAL G 1554 114.16 15.43 -11.38
C VAL G 1554 113.97 16.26 -12.64
N LEU G 1555 114.79 15.99 -13.65
CA LEU G 1555 114.56 16.53 -14.97
C LEU G 1555 113.89 15.45 -15.79
N PRO G 1556 112.63 15.59 -16.16
CA PRO G 1556 111.92 14.48 -16.81
C PRO G 1556 112.61 14.03 -18.09
N THR G 1557 112.69 12.72 -18.26
CA THR G 1557 113.18 12.10 -19.47
C THR G 1557 112.23 11.00 -19.94
N HIS G 1558 111.05 10.93 -19.35
CA HIS G 1558 110.06 9.93 -19.71
C HIS G 1558 108.73 10.36 -19.12
N GLN G 1559 107.64 9.89 -19.73
CA GLN G 1559 106.32 10.27 -19.23
C GLN G 1559 105.98 9.53 -17.94
N ASN G 1560 106.78 8.56 -17.55
CA ASN G 1560 106.75 7.98 -16.21
C ASN G 1560 108.04 8.39 -15.52
N VAL G 1561 107.95 9.38 -14.65
CA VAL G 1561 109.15 10.05 -14.18
C VAL G 1561 109.68 9.37 -12.92
N ILE G 1562 108.94 9.46 -11.83
CA ILE G 1562 109.34 8.91 -10.55
C ILE G 1562 108.11 8.44 -9.80
N GLN G 1563 108.33 7.86 -8.63
CA GLN G 1563 107.25 7.38 -7.80
C GLN G 1563 107.72 7.33 -6.37
N PHE G 1564 107.18 8.21 -5.52
CA PHE G 1564 107.44 8.15 -4.10
C PHE G 1564 106.86 6.84 -3.57
N GLU G 1565 107.58 6.16 -2.68
CA GLU G 1565 107.11 4.92 -2.08
C GLU G 1565 107.27 5.03 -0.57
N LEU G 1566 106.15 5.09 0.12
CA LEU G 1566 106.13 5.32 1.56
C LEU G 1566 106.00 3.97 2.26
N GLY G 1567 107.01 3.13 2.08
CA GLY G 1567 106.99 1.81 2.68
C GLY G 1567 107.94 1.70 3.85
N LYS G 1568 108.21 0.47 4.28
CA LYS G 1568 109.08 0.22 5.40
C LYS G 1568 109.99 -0.95 5.09
N GLN G 1569 111.12 -1.02 5.79
CA GLN G 1569 111.97 -2.19 5.72
C GLN G 1569 111.71 -3.07 6.93
N LYS G 1570 112.50 -4.12 7.08
CA LYS G 1570 112.38 -4.95 8.27
C LYS G 1570 113.02 -4.25 9.44
N ASN G 1571 112.21 -3.94 10.46
CA ASN G 1571 112.63 -3.29 11.69
C ASN G 1571 112.92 -1.81 11.50
N ILE G 1572 112.36 -1.19 10.46
CA ILE G 1572 112.41 0.25 10.27
C ILE G 1572 111.00 0.72 9.98
N MET G 1573 110.52 1.69 10.76
CA MET G 1573 109.18 2.17 10.63
C MET G 1573 109.06 3.01 9.36
N PRO G 1574 107.85 3.21 8.86
CA PRO G 1574 107.67 4.04 7.68
C PRO G 1574 107.66 5.52 8.05
N LEU G 1575 107.56 6.37 7.02
CA LEU G 1575 107.54 7.79 7.25
C LEU G 1575 106.32 8.24 8.03
N SER G 1576 105.16 7.64 7.74
CA SER G 1576 103.92 8.09 8.36
C SER G 1576 103.98 7.98 9.87
N ALA G 1577 104.85 7.14 10.40
CA ALA G 1577 105.03 7.08 11.84
C ALA G 1577 105.78 8.30 12.35
N ALA G 1578 106.76 8.77 11.58
CA ALA G 1578 107.52 9.95 11.98
C ALA G 1578 106.70 11.22 11.80
N MET G 1579 105.90 11.27 10.74
CA MET G 1579 105.22 12.51 10.37
C MET G 1579 104.08 12.83 11.30
N PHE G 1580 103.28 11.83 11.66
CA PHE G 1580 102.06 12.02 12.42
C PHE G 1580 102.23 11.47 13.82
N LEU G 1581 101.82 12.24 14.81
CA LEU G 1581 101.98 11.83 16.19
C LEU G 1581 101.14 10.61 16.52
N SER G 1582 99.93 10.54 15.97
CA SER G 1582 99.05 9.43 16.26
C SER G 1582 99.61 8.10 15.83
N GLU G 1583 100.56 8.10 14.89
CA GLU G 1583 101.05 6.87 14.28
C GLU G 1583 102.46 6.51 14.74
N ARG G 1584 102.92 7.05 15.86
CA ARG G 1584 104.29 6.80 16.28
C ARG G 1584 104.58 5.34 16.50
N LYS G 1585 103.56 4.54 16.79
CA LYS G 1585 103.76 3.12 17.02
C LYS G 1585 103.09 2.24 15.97
N ASN G 1586 102.47 2.83 14.97
CA ASN G 1586 101.81 2.05 13.94
C ASN G 1586 102.81 1.68 12.86
N PRO G 1587 103.13 0.40 12.68
CA PRO G 1587 104.07 0.00 11.61
C PRO G 1587 103.43 -0.24 10.26
N ALA G 1588 102.20 0.13 10.06
CA ALA G 1588 101.58 -0.05 8.76
C ALA G 1588 101.72 1.22 7.95
N PRO G 1589 102.32 1.15 6.77
CA PRO G 1589 102.51 2.35 5.96
C PRO G 1589 101.17 2.99 5.62
N GLN G 1590 101.14 4.32 5.68
CA GLN G 1590 99.95 5.08 5.35
C GLN G 1590 100.32 6.27 4.48
N CYS G 1591 99.30 6.84 3.85
CA CYS G 1591 99.46 8.04 3.04
C CYS G 1591 98.21 8.89 3.21
N PRO G 1592 98.12 9.62 4.30
CA PRO G 1592 96.93 10.41 4.57
C PRO G 1592 96.85 11.59 3.63
N PRO G 1593 95.68 12.22 3.50
CA PRO G 1593 95.52 13.29 2.52
C PRO G 1593 96.37 14.52 2.79
N ARG G 1594 96.96 14.66 3.97
CA ARG G 1594 97.84 15.79 4.19
C ARG G 1594 99.20 15.59 3.56
N LEU G 1595 99.56 14.36 3.22
CA LEU G 1595 100.82 14.08 2.55
C LEU G 1595 100.60 14.21 1.05
N GLU G 1596 101.25 15.20 0.45
CA GLU G 1596 101.02 15.49 -0.96
C GLU G 1596 102.26 16.11 -1.55
N VAL G 1597 102.56 15.74 -2.80
CA VAL G 1597 103.75 16.26 -3.46
C VAL G 1597 103.57 17.73 -3.75
N GLN G 1598 104.55 18.52 -3.36
CA GLN G 1598 104.59 19.94 -3.65
C GLN G 1598 105.76 20.22 -4.57
N MET G 1599 105.61 21.23 -5.43
CA MET G 1599 106.65 21.61 -6.36
C MET G 1599 107.06 23.05 -6.12
N LEU G 1600 108.26 23.39 -6.57
CA LEU G 1600 108.83 24.71 -6.32
C LEU G 1600 108.29 25.71 -7.34
N MET G 1601 107.70 26.75 -6.86
CA MET G 1601 107.20 27.79 -7.76
C MET G 1601 108.17 28.94 -7.77
N PRO G 1602 108.51 29.50 -8.93
CA PRO G 1602 109.53 30.55 -8.97
C PRO G 1602 109.10 31.83 -8.30
N VAL G 1603 107.84 32.24 -8.49
CA VAL G 1603 107.36 33.54 -8.04
C VAL G 1603 106.05 33.33 -7.30
N SER G 1604 105.75 34.24 -6.39
CA SER G 1604 104.49 34.24 -5.66
C SER G 1604 104.17 35.66 -5.26
N TRP G 1605 102.88 35.95 -5.14
CA TRP G 1605 102.46 37.28 -4.75
C TRP G 1605 102.82 37.54 -3.29
N SER G 1606 102.98 38.80 -2.94
CA SER G 1606 103.29 39.14 -1.56
C SER G 1606 102.87 40.56 -1.26
N ARG G 1607 102.39 40.76 -0.04
CA ARG G 1607 101.93 42.07 0.38
C ARG G 1607 103.10 43.04 0.53
N MET G 1608 102.87 44.28 0.13
CA MET G 1608 103.80 45.34 0.38
C MET G 1608 103.45 46.02 1.70
N PRO G 1609 104.38 46.11 2.65
CA PRO G 1609 104.07 46.73 3.93
C PRO G 1609 103.57 48.15 3.75
N ASN G 1610 102.70 48.57 4.66
CA ASN G 1610 102.17 49.92 4.58
C ASN G 1610 103.21 50.95 4.97
N HIS G 1611 104.07 50.62 5.93
CA HIS G 1611 105.08 51.54 6.42
C HIS G 1611 106.41 50.82 6.41
N PHE G 1612 107.45 51.50 5.96
CA PHE G 1612 108.78 50.92 5.90
C PHE G 1612 109.71 51.64 6.87
N LEU G 1613 110.77 50.94 7.24
CA LEU G 1613 111.73 51.51 8.17
C LEU G 1613 112.39 52.72 7.56
N GLN G 1614 112.74 53.69 8.40
CA GLN G 1614 113.35 54.94 7.94
C GLN G 1614 114.78 54.95 8.41
N VAL G 1615 115.70 54.61 7.52
CA VAL G 1615 117.12 54.51 7.81
C VAL G 1615 117.82 55.74 7.26
N GLU G 1616 118.80 56.24 8.00
CA GLU G 1616 119.55 57.41 7.59
C GLU G 1616 121.03 57.05 7.49
N THR G 1617 121.63 57.37 6.35
CA THR G 1617 123.03 57.09 6.09
C THR G 1617 123.72 58.39 5.69
N ARG G 1618 124.95 58.56 6.17
CA ARG G 1618 125.67 59.80 5.93
C ARG G 1618 127.14 59.55 6.18
N ARG G 1619 127.99 60.16 5.38
CA ARG G 1619 129.42 60.05 5.60
C ARG G 1619 129.77 60.96 6.76
N ALA G 1620 129.96 60.37 7.94
CA ALA G 1620 130.14 61.16 9.14
C ALA G 1620 131.40 62.00 9.08
N GLY G 1621 132.45 61.48 8.45
CA GLY G 1621 133.68 62.22 8.30
C GLY G 1621 134.70 61.38 7.59
N GLU G 1622 135.89 61.95 7.41
CA GLU G 1622 136.97 61.15 6.86
C GLU G 1622 137.41 60.08 7.84
N ARG G 1623 137.34 60.37 9.13
CA ARG G 1623 137.81 59.45 10.15
C ARG G 1623 136.68 58.70 10.83
N LEU G 1624 135.47 59.23 10.78
CA LEU G 1624 134.37 58.55 11.46
C LEU G 1624 133.76 57.45 10.59
N GLY G 1625 133.83 57.61 9.28
CA GLY G 1625 133.27 56.61 8.37
C GLY G 1625 131.79 56.77 8.22
N TRP G 1626 131.23 55.88 7.40
CA TRP G 1626 129.82 55.95 7.07
C TRP G 1626 128.96 55.53 8.25
N ALA G 1627 127.90 56.28 8.49
CA ALA G 1627 127.04 56.07 9.64
C ALA G 1627 125.67 55.59 9.19
N VAL G 1628 125.07 54.75 10.02
CA VAL G 1628 123.73 54.24 9.78
C VAL G 1628 122.91 54.50 11.04
N GLN G 1629 121.64 54.81 10.86
CA GLN G 1629 120.83 55.20 12.02
C GLN G 1629 119.37 54.94 11.72
N CYS G 1630 118.76 54.03 12.47
CA CYS G 1630 117.33 53.81 12.46
C CYS G 1630 116.83 53.87 13.89
N GLN G 1631 115.80 54.68 14.13
CA GLN G 1631 115.34 54.90 15.49
C GLN G 1631 113.83 54.85 15.69
N ASP G 1632 113.03 55.00 14.65
CA ASP G 1632 111.59 54.89 14.86
C ASP G 1632 111.15 53.44 14.67
N PRO G 1633 110.51 52.83 15.66
CA PRO G 1633 110.24 51.40 15.61
C PRO G 1633 109.06 51.05 14.72
N LEU G 1634 109.07 49.82 14.24
CA LEU G 1634 107.99 49.26 13.43
C LEU G 1634 107.82 47.80 13.83
N THR G 1635 106.58 47.38 13.99
CA THR G 1635 106.26 46.01 14.33
C THR G 1635 105.34 45.43 13.28
N MET G 1636 105.06 44.14 13.42
CA MET G 1636 104.18 43.43 12.51
C MET G 1636 103.60 42.26 13.27
N MET G 1637 102.33 41.98 13.05
CA MET G 1637 101.69 40.84 13.69
C MET G 1637 101.86 39.66 12.75
N ALA G 1638 102.81 38.80 13.07
CA ALA G 1638 103.20 37.69 12.22
C ALA G 1638 102.16 36.59 12.26
N LEU G 1639 102.29 35.67 11.31
CA LEU G 1639 101.51 34.44 11.29
C LEU G 1639 102.43 33.34 10.83
N HIS G 1640 102.56 32.31 11.64
CA HIS G 1640 103.61 31.31 11.49
C HIS G 1640 102.97 30.00 11.10
N ILE G 1641 103.38 29.43 9.97
CA ILE G 1641 102.93 28.09 9.62
C ILE G 1641 103.91 27.11 10.23
N PRO G 1642 103.51 26.36 11.25
CA PRO G 1642 104.51 25.65 12.05
C PRO G 1642 105.25 24.55 11.32
N GLU G 1643 104.57 23.82 10.43
CA GLU G 1643 105.23 22.70 9.78
C GLU G 1643 106.28 23.17 8.78
N GLU G 1644 106.06 24.32 8.15
CA GLU G 1644 106.95 24.84 7.14
C GLU G 1644 108.01 25.77 7.69
N ASN G 1645 107.90 26.15 8.95
CA ASN G 1645 108.84 27.07 9.59
C ASN G 1645 109.00 28.34 8.77
N ARG G 1646 107.87 28.96 8.45
CA ARG G 1646 107.88 30.21 7.73
C ARG G 1646 106.80 31.11 8.29
N CYS G 1647 106.96 32.40 8.00
CA CYS G 1647 106.16 33.47 8.55
C CYS G 1647 105.65 34.37 7.44
N MET G 1648 104.40 34.78 7.56
CA MET G 1648 103.83 35.78 6.68
C MET G 1648 103.02 36.75 7.50
N ASP G 1649 102.86 37.96 6.98
CA ASP G 1649 102.06 38.94 7.69
C ASP G 1649 100.62 38.45 7.82
N ILE G 1650 99.95 38.87 8.88
CA ILE G 1650 98.56 38.45 9.04
C ILE G 1650 97.66 39.22 8.09
N LEU G 1651 98.04 40.43 7.68
CA LEU G 1651 97.29 41.15 6.67
C LEU G 1651 97.40 40.52 5.30
N GLU G 1652 98.33 39.60 5.11
CA GLU G 1652 98.34 38.79 3.91
C GLU G 1652 97.16 37.86 3.85
N LEU G 1653 96.40 37.76 4.94
CA LEU G 1653 95.16 37.00 4.97
C LEU G 1653 94.00 37.81 4.42
N SER G 1654 94.27 38.86 3.65
CA SER G 1654 93.22 39.52 2.89
C SER G 1654 92.96 38.83 1.57
N GLU G 1655 93.90 38.05 1.08
CA GLU G 1655 93.74 37.32 -0.15
C GLU G 1655 94.02 35.83 0.01
N ARG G 1656 94.46 35.39 1.18
CA ARG G 1656 94.65 33.96 1.46
C ARG G 1656 93.44 33.49 2.24
N LEU G 1657 92.34 33.25 1.51
CA LEU G 1657 91.04 33.11 2.14
C LEU G 1657 90.89 31.78 2.89
N ASP G 1658 91.55 30.72 2.44
CA ASP G 1658 91.48 29.47 3.18
C ASP G 1658 92.10 29.61 4.56
N LEU G 1659 93.26 30.28 4.63
CA LEU G 1659 93.85 30.55 5.92
C LEU G 1659 92.98 31.48 6.75
N GLN G 1660 92.25 32.40 6.11
CA GLN G 1660 91.27 33.19 6.85
C GLN G 1660 90.23 32.31 7.52
N ARG G 1661 89.63 31.40 6.76
CA ARG G 1661 88.61 30.57 7.35
C ARG G 1661 89.17 29.76 8.50
N PHE G 1662 90.34 29.15 8.27
CA PHE G 1662 90.92 28.34 9.33
C PHE G 1662 91.26 29.17 10.56
N HIS G 1663 91.75 30.39 10.36
CA HIS G 1663 92.16 31.19 11.50
C HIS G 1663 90.97 31.80 12.24
N SER G 1664 89.96 32.24 11.51
CA SER G 1664 88.75 32.72 12.16
C SER G 1664 88.12 31.63 13.00
N HIS G 1665 88.10 30.40 12.49
CA HIS G 1665 87.57 29.31 13.29
C HIS G 1665 88.52 28.88 14.38
N THR G 1666 89.82 29.15 14.24
CA THR G 1666 90.73 28.96 15.35
C THR G 1666 90.38 29.88 16.51
N LEU G 1667 90.10 31.14 16.20
CA LEU G 1667 89.66 32.06 17.25
C LEU G 1667 88.32 31.69 17.82
N ARG G 1668 87.40 31.17 17.01
CA ARG G 1668 86.16 30.65 17.58
C ARG G 1668 86.45 29.50 18.54
N LEU G 1669 87.42 28.65 18.21
CA LEU G 1669 87.79 27.58 19.11
C LEU G 1669 88.35 28.12 20.41
N TYR G 1670 89.20 29.14 20.33
CA TYR G 1670 89.75 29.76 21.54
C TYR G 1670 88.63 30.30 22.41
N ARG G 1671 87.69 31.01 21.80
CA ARG G 1671 86.57 31.56 22.56
C ARG G 1671 85.68 30.48 23.14
N ALA G 1672 85.60 29.33 22.49
CA ALA G 1672 84.79 28.24 23.02
C ALA G 1672 85.47 27.58 24.21
N VAL G 1673 86.77 27.34 24.13
CA VAL G 1673 87.43 26.59 25.19
C VAL G 1673 87.59 27.42 26.46
N CYS G 1674 87.43 28.73 26.39
CA CYS G 1674 87.48 29.59 27.56
C CYS G 1674 86.11 30.15 27.92
N ALA G 1675 85.05 29.61 27.34
CA ALA G 1675 83.73 30.20 27.46
C ALA G 1675 83.05 29.82 28.76
N LEU G 1676 82.12 30.67 29.18
CA LEU G 1676 81.26 30.42 30.32
C LEU G 1676 82.06 30.09 31.57
N GLY G 1677 82.97 30.98 31.94
CA GLY G 1677 83.59 30.97 33.25
C GLY G 1677 84.92 30.27 33.35
N ASN G 1678 85.42 29.61 32.32
CA ASN G 1678 86.67 28.87 32.44
C ASN G 1678 87.81 29.86 32.42
N ASN G 1679 88.13 30.41 33.58
CA ASN G 1679 89.26 31.30 33.73
C ASN G 1679 90.58 30.55 33.80
N ARG G 1680 90.54 29.28 34.13
CA ARG G 1680 91.75 28.47 34.11
C ARG G 1680 92.28 28.29 32.69
N VAL G 1681 91.39 28.31 31.70
CA VAL G 1681 91.82 28.20 30.31
C VAL G 1681 92.06 29.58 29.70
N ALA G 1682 91.41 30.62 30.22
CA ALA G 1682 91.71 31.97 29.76
C ALA G 1682 93.15 32.33 30.06
N HIS G 1683 93.64 31.92 31.22
CA HIS G 1683 95.04 32.16 31.54
C HIS G 1683 95.95 31.47 30.54
N ALA G 1684 95.62 30.23 30.18
CA ALA G 1684 96.43 29.52 29.21
C ALA G 1684 96.43 30.23 27.88
N LEU G 1685 95.26 30.69 27.42
CA LEU G 1685 95.18 31.40 26.16
C LEU G 1685 95.85 32.75 26.21
N CYS G 1686 96.35 33.23 27.30
CA CYS G 1686 97.05 34.47 27.30
C CYS G 1686 98.48 34.19 27.02
N SER G 1687 98.79 32.99 26.59
CA SER G 1687 100.13 32.66 26.23
C SER G 1687 100.18 32.29 24.79
N HIS G 1688 99.06 32.36 24.12
CA HIS G 1688 98.97 31.97 22.77
C HIS G 1688 98.57 33.22 22.06
N VAL G 1689 97.75 34.07 22.67
CA VAL G 1689 97.39 35.38 22.14
C VAL G 1689 97.61 36.38 23.25
N ASP G 1690 98.74 37.05 23.32
CA ASP G 1690 99.00 37.96 24.40
C ASP G 1690 98.36 39.30 24.34
N GLN G 1691 98.53 40.12 25.35
CA GLN G 1691 97.89 41.41 25.45
C GLN G 1691 98.28 42.28 24.35
N ALA G 1692 99.53 42.25 23.97
CA ALA G 1692 100.03 43.11 22.95
C ALA G 1692 99.51 42.79 21.62
N GLN G 1693 99.34 41.54 21.31
CA GLN G 1693 98.70 41.22 20.04
C GLN G 1693 97.24 41.65 20.03
N LEU G 1694 96.54 41.46 21.15
CA LEU G 1694 95.14 41.86 21.21
C LEU G 1694 95.00 43.37 21.07
N LEU G 1695 95.78 44.12 21.84
CA LEU G 1695 95.69 45.57 21.77
C LEU G 1695 96.16 46.08 20.41
N HIS G 1696 97.03 45.33 19.74
CA HIS G 1696 97.44 45.69 18.39
C HIS G 1696 96.30 45.46 17.40
N ALA G 1697 95.65 44.30 17.49
CA ALA G 1697 94.59 43.97 16.55
C ALA G 1697 93.36 44.85 16.75
N LEU G 1698 93.19 45.42 17.94
CA LEU G 1698 92.09 46.35 18.12
C LEU G 1698 92.23 47.58 17.25
N GLU G 1699 93.44 48.10 17.09
CA GLU G 1699 93.68 49.33 16.35
C GLU G 1699 94.08 49.09 14.91
N ASP G 1700 94.20 47.84 14.48
CA ASP G 1700 94.75 47.50 13.17
C ASP G 1700 93.69 47.78 12.12
N ALA G 1701 94.00 48.68 11.19
CA ALA G 1701 93.01 49.12 10.21
C ALA G 1701 92.86 48.14 9.07
N HIS G 1702 93.92 47.39 8.75
CA HIS G 1702 93.90 46.55 7.56
C HIS G 1702 93.57 45.10 7.85
N LEU G 1703 93.20 44.77 9.07
CA LEU G 1703 92.81 43.38 9.32
C LEU G 1703 91.52 43.08 8.59
N PRO G 1704 91.42 41.93 7.93
CA PRO G 1704 90.15 41.54 7.34
C PRO G 1704 89.09 41.38 8.41
N GLY G 1705 87.86 41.68 8.06
CA GLY G 1705 86.77 41.72 9.01
C GLY G 1705 86.59 40.49 9.87
N PRO G 1706 86.58 39.31 9.27
CA PRO G 1706 86.38 38.09 10.07
C PRO G 1706 87.45 37.92 11.14
N LEU G 1707 88.61 38.55 10.94
CA LEU G 1707 89.65 38.51 11.95
C LEU G 1707 89.60 39.68 12.90
N ARG G 1708 89.17 40.85 12.44
CA ARG G 1708 88.96 41.98 13.34
C ARG G 1708 87.90 41.65 14.39
N ALA G 1709 86.76 41.16 13.93
CA ALA G 1709 85.70 40.76 14.85
C ALA G 1709 86.16 39.61 15.74
N GLY G 1710 86.93 38.68 15.19
CA GLY G 1710 87.40 37.57 15.98
C GLY G 1710 88.32 38.01 17.10
N TYR G 1711 89.25 38.91 16.81
CA TYR G 1711 90.17 39.38 17.82
C TYR G 1711 89.53 40.34 18.80
N TYR G 1712 88.43 40.99 18.42
CA TYR G 1712 87.67 41.75 19.42
C TYR G 1712 86.89 40.85 20.34
N ASP G 1713 86.29 39.79 19.80
CA ASP G 1713 85.56 38.85 20.64
C ASP G 1713 86.50 38.07 21.54
N LEU G 1714 87.70 37.78 21.08
CA LEU G 1714 88.65 37.02 21.89
C LEU G 1714 89.09 37.80 23.11
N LEU G 1715 89.30 39.11 22.98
CA LEU G 1715 89.67 39.91 24.13
C LEU G 1715 88.59 39.86 25.20
N ILE G 1716 87.33 40.03 24.78
CA ILE G 1716 86.22 39.98 25.72
C ILE G 1716 86.13 38.61 26.36
N SER G 1717 86.30 37.56 25.57
CA SER G 1717 86.19 36.22 26.12
C SER G 1717 87.29 35.93 27.13
N ILE G 1718 88.52 36.32 26.82
CA ILE G 1718 89.63 36.00 27.70
C ILE G 1718 89.56 36.81 28.97
N HIS G 1719 89.29 38.11 28.87
CA HIS G 1719 89.51 39.04 29.96
C HIS G 1719 88.23 39.56 30.60
N LEU G 1720 87.20 39.88 29.82
CA LEU G 1720 86.10 40.68 30.33
C LEU G 1720 84.79 39.93 30.49
N GLU G 1721 84.59 38.82 29.79
CA GLU G 1721 83.26 38.24 29.71
C GLU G 1721 82.75 37.73 31.05
N SER G 1722 83.61 37.07 31.83
CA SER G 1722 83.17 36.55 33.13
C SER G 1722 82.77 37.67 34.06
N ALA G 1723 83.59 38.71 34.14
CA ALA G 1723 83.26 39.86 34.97
C ALA G 1723 81.99 40.52 34.47
N CYS G 1724 81.81 40.58 33.16
CA CYS G 1724 80.62 41.20 32.60
C CYS G 1724 79.36 40.46 33.01
N ARG G 1725 79.36 39.12 32.91
CA ARG G 1725 78.14 38.40 33.27
C ARG G 1725 77.89 38.45 34.76
N SER G 1726 78.94 38.39 35.57
CA SER G 1726 78.75 38.47 37.01
C SER G 1726 78.17 39.83 37.40
N ARG G 1727 78.66 40.90 36.79
CA ARG G 1727 78.08 42.22 37.04
C ARG G 1727 76.66 42.30 36.54
N ARG G 1728 76.40 41.75 35.36
CA ARG G 1728 75.09 41.83 34.74
C ARG G 1728 74.04 41.08 35.52
N SER G 1729 74.42 40.06 36.28
CA SER G 1729 73.48 39.37 37.14
C SER G 1729 73.09 40.18 38.37
N MET G 1730 73.92 41.11 38.81
CA MET G 1730 73.61 41.95 39.96
C MET G 1730 72.94 43.25 39.56
N LEU G 1731 72.68 43.46 38.28
CA LEU G 1731 72.16 44.74 37.81
C LEU G 1731 70.65 44.81 37.85
N SER G 1732 69.99 43.81 38.41
CA SER G 1732 68.54 43.83 38.55
C SER G 1732 68.09 43.93 39.99
N GLU G 1733 69.02 43.92 40.94
CA GLU G 1733 68.70 44.05 42.35
C GLU G 1733 69.39 45.28 42.90
N TYR G 1734 68.65 46.09 43.64
CA TYR G 1734 69.13 47.39 44.10
C TYR G 1734 69.15 47.39 45.62
N ILE G 1735 70.28 46.98 46.19
CA ILE G 1735 70.51 47.11 47.63
C ILE G 1735 71.17 48.46 47.84
N VAL G 1736 70.47 49.37 48.50
CA VAL G 1736 70.90 50.75 48.65
C VAL G 1736 71.21 50.99 50.13
N PRO G 1737 72.46 51.22 50.51
CA PRO G 1737 72.79 51.46 51.90
C PRO G 1737 72.42 52.87 52.32
N LEU G 1738 72.02 53.01 53.59
CA LEU G 1738 71.55 54.30 54.10
C LEU G 1738 72.70 55.17 54.57
N THR G 1739 73.65 55.37 53.67
CA THR G 1739 74.80 56.22 53.93
C THR G 1739 74.45 57.66 53.58
N PRO G 1740 75.23 58.63 54.09
CA PRO G 1740 75.03 60.02 53.68
C PRO G 1740 75.16 60.22 52.18
N GLU G 1741 76.06 59.49 51.54
CA GLU G 1741 76.15 59.51 50.08
C GLU G 1741 74.80 59.22 49.44
N THR G 1742 74.13 58.17 49.92
CA THR G 1742 72.78 57.89 49.46
C THR G 1742 71.83 59.03 49.79
N ARG G 1743 71.92 59.54 51.01
CA ARG G 1743 71.03 60.59 51.45
C ARG G 1743 71.10 61.82 50.55
N ALA G 1744 72.24 62.07 49.92
CA ALA G 1744 72.37 63.23 49.07
C ALA G 1744 71.71 63.07 47.70
N ILE G 1745 71.34 61.85 47.32
CA ILE G 1745 70.79 61.63 45.98
C ILE G 1745 69.47 62.36 45.83
N THR G 1746 69.30 63.01 44.69
CA THR G 1746 68.05 63.65 44.32
C THR G 1746 67.73 63.30 42.89
N LEU G 1747 66.44 63.35 42.56
CA LEU G 1747 66.02 62.97 41.21
C LEU G 1747 66.62 63.90 40.16
N PHE G 1748 66.46 65.20 40.34
CA PHE G 1748 66.91 66.17 39.35
C PHE G 1748 68.11 66.91 39.90
N PRO G 1749 69.14 67.14 39.09
CA PRO G 1749 70.30 67.87 39.58
C PRO G 1749 69.88 69.23 40.09
N PRO G 1750 70.47 69.70 41.19
CA PRO G 1750 70.00 70.94 41.81
C PRO G 1750 70.12 72.11 40.84
N GLY G 1751 69.17 73.03 40.94
CA GLY G 1751 69.14 74.20 40.09
C GLY G 1751 68.56 73.92 38.72
N ARG G 1758 63.93 71.87 37.01
CA ARG G 1758 63.60 70.48 36.76
C ARG G 1758 63.99 70.06 35.34
N ARG G 1759 65.30 69.88 35.12
CA ARG G 1759 65.82 69.29 33.91
C ARG G 1759 66.37 67.91 34.24
N HIS G 1760 66.22 66.97 33.32
CA HIS G 1760 66.89 65.69 33.48
C HIS G 1760 68.39 65.87 33.45
N GLY G 1761 69.07 65.20 34.36
CA GLY G 1761 70.50 65.06 34.24
C GLY G 1761 70.85 64.01 33.20
N LEU G 1762 72.13 63.91 32.91
CA LEU G 1762 72.56 62.93 31.92
C LEU G 1762 72.40 61.52 32.49
N PRO G 1763 71.88 60.59 31.70
CA PRO G 1763 71.78 59.21 32.18
C PRO G 1763 73.15 58.60 32.36
N GLY G 1764 73.29 57.80 33.43
CA GLY G 1764 74.55 57.18 33.72
C GLY G 1764 75.59 58.11 34.31
N VAL G 1765 75.31 59.40 34.42
CA VAL G 1765 76.21 60.36 35.03
C VAL G 1765 75.59 60.76 36.35
N GLY G 1766 76.26 60.40 37.44
CA GLY G 1766 75.76 60.74 38.75
C GLY G 1766 76.39 59.84 39.80
N VAL G 1767 75.84 59.92 41.01
CA VAL G 1767 76.31 59.12 42.12
C VAL G 1767 75.35 57.96 42.32
N THR G 1768 75.89 56.75 42.37
CA THR G 1768 75.10 55.53 42.57
C THR G 1768 75.65 54.81 43.78
N THR G 1769 74.76 54.40 44.68
CA THR G 1769 75.17 53.74 45.89
C THR G 1769 74.75 52.28 45.96
N SER G 1770 74.03 51.77 44.97
CA SER G 1770 73.63 50.38 45.00
C SER G 1770 74.86 49.49 45.08
N LEU G 1771 74.78 48.47 45.92
CA LEU G 1771 75.90 47.54 46.11
C LEU G 1771 76.02 46.65 44.89
N ARG G 1772 77.17 46.71 44.23
CA ARG G 1772 77.59 45.74 43.25
C ARG G 1772 78.99 45.30 43.66
N PRO G 1773 79.24 44.01 43.85
CA PRO G 1773 80.54 43.59 44.33
C PRO G 1773 81.61 43.92 43.33
N PRO G 1774 82.79 44.31 43.78
CA PRO G 1774 83.90 44.53 42.86
C PRO G 1774 84.29 43.24 42.19
N HIS G 1775 84.66 43.33 40.93
CA HIS G 1775 85.05 42.17 40.15
C HIS G 1775 86.56 42.01 40.12
N HIS G 1776 87.00 40.77 40.29
CA HIS G 1776 88.37 40.43 40.65
C HIS G 1776 89.12 39.90 39.44
N PHE G 1777 90.41 40.21 39.39
CA PHE G 1777 91.27 39.77 38.31
C PHE G 1777 92.59 39.29 38.91
N SER G 1778 93.36 38.53 38.17
CA SER G 1778 94.63 38.04 38.63
C SER G 1778 95.58 38.17 37.53
N PRO G 1779 96.83 38.48 37.83
CA PRO G 1779 97.77 38.73 36.74
C PRO G 1779 98.19 37.52 35.99
N PRO G 1780 98.41 37.60 34.66
CA PRO G 1780 98.84 36.37 34.01
C PRO G 1780 100.33 36.08 33.99
N CYS G 1781 100.84 35.12 34.77
CA CYS G 1781 102.25 34.76 34.83
C CYS G 1781 102.46 33.30 34.73
N PHE G 1782 103.39 32.87 33.92
CA PHE G 1782 103.65 31.47 33.69
C PHE G 1782 104.99 31.05 34.20
N VAL G 1783 105.48 31.71 35.23
CA VAL G 1783 106.69 31.34 35.90
C VAL G 1783 106.39 31.11 37.38
N ALA G 1784 105.13 31.10 37.79
CA ALA G 1784 104.73 30.93 39.17
C ALA G 1784 104.65 29.45 39.51
N ALA G 1785 105.06 29.11 40.72
CA ALA G 1785 105.11 27.72 41.12
C ALA G 1785 103.72 27.13 41.20
N LEU G 1786 103.65 25.80 41.12
CA LEU G 1786 102.37 25.11 41.14
C LEU G 1786 101.92 24.78 42.57
N ALA G 1794 92.04 23.58 45.15
CA ALA G 1794 92.35 24.55 44.12
C ALA G 1794 91.24 25.58 43.99
N PRO G 1795 91.38 26.72 44.67
CA PRO G 1795 90.37 27.77 44.56
C PRO G 1795 90.23 28.25 43.13
N ALA G 1796 89.00 28.59 42.76
CA ALA G 1796 88.73 28.96 41.38
C ALA G 1796 89.60 30.11 40.94
N ARG G 1797 90.18 29.98 39.75
CA ARG G 1797 91.08 30.99 39.23
C ARG G 1797 90.28 32.16 38.69
N LEU G 1798 90.85 33.36 38.85
CA LEU G 1798 90.17 34.57 38.40
C LEU G 1798 90.58 34.92 36.97
N SER G 1799 89.84 35.83 36.38
CA SER G 1799 90.05 36.19 34.99
C SER G 1799 91.39 36.90 34.83
N PRO G 1800 92.03 36.75 33.68
CA PRO G 1800 93.31 37.42 33.46
C PRO G 1800 93.15 38.93 33.45
N ALA G 1801 94.04 39.61 34.16
CA ALA G 1801 94.00 41.05 34.26
C ALA G 1801 94.46 41.67 32.96
N ILE G 1802 93.76 42.72 32.54
CA ILE G 1802 94.20 43.57 31.45
C ILE G 1802 94.01 45.00 31.96
N PRO G 1803 94.93 45.92 31.69
CA PRO G 1803 94.78 47.27 32.24
C PRO G 1803 93.52 47.94 31.74
N LEU G 1804 92.57 48.15 32.64
CA LEU G 1804 91.24 48.55 32.22
C LEU G 1804 91.16 50.01 31.81
N GLU G 1805 91.97 50.87 32.41
CA GLU G 1805 91.89 52.29 32.08
C GLU G 1805 92.47 52.57 30.69
N ALA G 1806 93.62 51.98 30.40
CA ALA G 1806 94.19 52.13 29.06
C ALA G 1806 93.25 51.55 28.00
N LEU G 1807 92.69 50.39 28.29
CA LEU G 1807 91.73 49.79 27.37
C LEU G 1807 90.51 50.67 27.18
N ARG G 1808 90.01 51.26 28.26
CA ARG G 1808 88.84 52.13 28.16
C ARG G 1808 89.13 53.36 27.31
N ASP G 1809 90.28 53.99 27.53
CA ASP G 1809 90.63 55.16 26.75
C ASP G 1809 90.81 54.81 25.29
N LYS G 1810 91.44 53.68 25.01
CA LYS G 1810 91.57 53.23 23.63
C LYS G 1810 90.20 52.98 23.01
N ALA G 1811 89.28 52.39 23.77
CA ALA G 1811 87.96 52.10 23.24
C ALA G 1811 87.23 53.38 22.87
N LEU G 1812 87.26 54.36 23.76
CA LEU G 1812 86.66 55.65 23.44
C LEU G 1812 87.31 56.29 22.22
N ARG G 1813 88.63 56.23 22.13
CA ARG G 1813 89.32 56.85 21.02
C ARG G 1813 88.95 56.19 19.70
N MET G 1814 88.92 54.86 19.68
CA MET G 1814 88.54 54.16 18.45
C MET G 1814 87.11 54.46 18.07
N LEU G 1815 86.20 54.50 19.05
CA LEU G 1815 84.82 54.81 18.74
C LEU G 1815 84.68 56.22 18.18
N GLY G 1816 85.41 57.17 18.75
CA GLY G 1816 85.39 58.53 18.24
C GLY G 1816 85.91 58.65 16.84
N GLU G 1817 87.00 57.94 16.54
CA GLU G 1817 87.54 57.96 15.18
C GLU G 1817 86.56 57.40 14.17
N ALA G 1818 85.85 56.34 14.53
CA ALA G 1818 84.94 55.69 13.60
C ALA G 1818 83.68 56.48 13.30
N VAL G 1819 83.37 57.51 14.09
CA VAL G 1819 82.08 58.18 13.96
C VAL G 1819 82.22 59.42 13.08
N ARG G 1820 83.02 60.39 13.52
CA ARG G 1820 83.19 61.58 12.71
C ARG G 1820 83.76 61.25 11.35
N ASP G 1821 84.13 60.00 11.11
CA ASP G 1821 84.44 59.52 9.79
C ASP G 1821 83.37 58.56 9.31
N GLY G 1822 82.42 58.21 10.16
CA GLY G 1822 81.23 57.56 9.67
C GLY G 1822 80.37 58.50 8.84
N GLY G 1823 80.26 59.76 9.27
CA GLY G 1823 79.45 60.71 8.54
C GLY G 1823 80.00 61.00 7.15
N GLN G 1824 81.33 61.06 7.02
CA GLN G 1824 81.93 61.32 5.73
C GLN G 1824 81.58 60.23 4.72
N HIS G 1825 81.33 59.02 5.21
CA HIS G 1825 81.16 57.83 4.37
C HIS G 1825 82.13 57.83 3.20
N ALA G 1826 83.41 57.87 3.52
CA ALA G 1826 84.43 57.54 2.54
C ALA G 1826 84.37 56.04 2.26
N ARG G 1827 85.22 55.59 1.34
CA ARG G 1827 85.36 54.17 1.04
C ARG G 1827 86.40 53.53 1.94
N ASP G 1828 86.51 54.01 3.16
CA ASP G 1828 87.32 53.49 4.23
C ASP G 1828 86.41 52.77 5.21
N PRO G 1829 86.00 51.56 4.89
CA PRO G 1829 85.26 50.76 5.85
C PRO G 1829 86.20 49.84 6.61
N VAL G 1830 86.92 50.38 7.60
CA VAL G 1830 87.92 49.61 8.34
C VAL G 1830 87.35 48.25 8.69
N GLY G 1831 88.01 47.19 8.25
CA GLY G 1831 87.47 45.87 8.35
C GLY G 1831 86.73 45.39 7.13
N GLY G 1832 86.51 46.24 6.13
CA GLY G 1832 85.89 45.83 4.90
C GLY G 1832 84.43 46.22 4.76
N SER G 1833 83.79 46.68 5.83
CA SER G 1833 82.40 47.08 5.78
C SER G 1833 82.11 47.96 6.97
N VAL G 1834 80.97 48.66 6.92
CA VAL G 1834 80.57 49.47 8.06
C VAL G 1834 80.24 48.60 9.26
N GLU G 1835 79.65 47.43 9.01
CA GLU G 1835 79.37 46.50 10.08
C GLU G 1835 80.63 46.12 10.82
N PHE G 1836 81.67 45.69 10.09
CA PHE G 1836 82.91 45.32 10.74
C PHE G 1836 83.67 46.50 11.31
N GLN G 1837 83.40 47.70 10.82
CA GLN G 1837 84.02 48.87 11.42
C GLN G 1837 83.41 49.22 12.75
N PHE G 1838 82.09 49.05 12.91
CA PHE G 1838 81.38 49.55 14.07
C PHE G 1838 81.06 48.49 15.10
N VAL G 1839 80.46 47.39 14.69
CA VAL G 1839 79.96 46.38 15.61
C VAL G 1839 81.03 45.93 16.59
N PRO G 1840 82.25 45.60 16.15
CA PRO G 1840 83.26 45.18 17.13
C PRO G 1840 83.58 46.23 18.18
N VAL G 1841 83.60 47.51 17.83
CA VAL G 1841 83.90 48.54 18.81
C VAL G 1841 82.73 48.76 19.75
N LEU G 1842 81.52 48.74 19.20
CA LEU G 1842 80.34 48.94 20.03
C LEU G 1842 80.20 47.81 21.05
N LYS G 1843 80.53 46.59 20.65
CA LYS G 1843 80.48 45.49 21.60
C LYS G 1843 81.42 45.74 22.77
N LEU G 1844 82.64 46.17 22.48
CA LEU G 1844 83.61 46.43 23.54
C LEU G 1844 83.16 47.56 24.44
N VAL G 1845 82.63 48.63 23.86
CA VAL G 1845 82.20 49.77 24.67
C VAL G 1845 81.01 49.38 25.54
N SER G 1846 80.09 48.60 24.99
CA SER G 1846 78.96 48.12 25.78
C SER G 1846 79.44 47.27 26.95
N THR G 1847 80.41 46.39 26.69
CA THR G 1847 80.92 45.55 27.76
C THR G 1847 81.56 46.39 28.85
N LEU G 1848 82.38 47.36 28.48
CA LEU G 1848 83.06 48.17 29.49
C LEU G 1848 82.12 49.11 30.20
N LEU G 1849 81.04 49.54 29.55
CA LEU G 1849 80.02 50.31 30.24
C LEU G 1849 79.32 49.46 31.28
N VAL G 1850 78.94 48.24 30.91
CA VAL G 1850 78.23 47.37 31.82
C VAL G 1850 79.09 47.02 33.02
N MET G 1851 80.36 46.71 32.78
CA MET G 1851 81.24 46.33 33.88
C MET G 1851 81.34 47.43 34.92
N GLY G 1852 81.41 48.68 34.49
CA GLY G 1852 81.45 49.79 35.42
C GLY G 1852 82.71 50.60 35.28
N ILE G 1853 83.47 50.35 34.22
CA ILE G 1853 84.78 50.96 34.04
C ILE G 1853 84.71 52.44 33.72
N PHE G 1854 83.67 52.89 33.03
CA PHE G 1854 83.62 54.23 32.49
C PHE G 1854 83.31 55.25 33.58
N GLY G 1855 84.12 56.32 33.65
CA GLY G 1855 83.87 57.42 34.54
C GLY G 1855 82.77 58.32 34.01
N ASP G 1856 82.60 59.46 34.68
CA ASP G 1856 81.54 60.38 34.27
C ASP G 1856 81.91 61.11 32.98
N GLU G 1857 83.15 61.57 32.87
CA GLU G 1857 83.57 62.27 31.66
C GLU G 1857 83.52 61.33 30.46
N ASP G 1858 83.94 60.09 30.64
CA ASP G 1858 83.87 59.11 29.57
C ASP G 1858 82.43 58.84 29.16
N VAL G 1859 81.52 58.76 30.13
CA VAL G 1859 80.13 58.55 29.80
C VAL G 1859 79.58 59.74 29.02
N LYS G 1860 80.00 60.95 29.39
CA LYS G 1860 79.61 62.13 28.62
C LYS G 1860 80.11 62.03 27.18
N GLN G 1861 81.33 61.54 27.00
CA GLN G 1861 81.85 61.39 25.65
C GLN G 1861 81.03 60.39 24.85
N ILE G 1862 80.68 59.27 25.46
CA ILE G 1862 79.87 58.27 24.77
C ILE G 1862 78.53 58.88 24.37
N LEU G 1863 77.91 59.61 25.30
CA LEU G 1863 76.61 60.19 25.03
C LEU G 1863 76.68 61.22 23.92
N LYS G 1864 77.74 62.03 23.88
CA LYS G 1864 77.88 62.96 22.77
C LYS G 1864 78.08 62.22 21.45
N MET G 1865 78.85 61.14 21.45
CA MET G 1865 78.98 60.35 20.23
C MET G 1865 77.68 59.69 19.83
N ILE G 1866 76.73 59.55 20.75
CA ILE G 1866 75.43 59.00 20.39
C ILE G 1866 74.53 60.09 19.81
N GLU G 1867 74.35 61.18 20.54
CA GLU G 1867 73.47 62.23 20.09
C GLU G 1867 73.91 63.57 20.66
N PRO G 1868 74.65 64.36 19.89
CA PRO G 1868 75.23 65.59 20.46
C PRO G 1868 74.22 66.60 20.94
N GLU G 1869 73.09 66.77 20.24
CA GLU G 1869 72.15 67.80 20.64
C GLU G 1869 71.41 67.44 21.91
N VAL G 1870 70.93 66.20 22.00
CA VAL G 1870 70.12 65.81 23.15
C VAL G 1870 70.94 65.81 24.43
N PHE G 1871 72.20 65.41 24.35
CA PHE G 1871 73.04 65.21 25.53
C PHE G 1871 74.12 66.28 25.56
N THR G 1872 73.80 67.43 26.15
CA THR G 1872 74.76 68.51 26.31
C THR G 1872 74.22 69.57 27.26
N GLU G 1924 79.11 64.77 14.39
CA GLU G 1924 78.07 63.81 14.01
C GLU G 1924 77.89 62.74 15.08
N GLY G 1925 76.64 62.34 15.32
CA GLY G 1925 76.36 61.30 16.28
C GLY G 1925 76.20 59.96 15.59
N LEU G 1926 76.13 58.88 16.37
CA LEU G 1926 75.99 57.57 15.76
C LEU G 1926 74.68 57.42 15.01
N LEU G 1927 73.75 58.35 15.23
CA LEU G 1927 72.49 58.40 14.52
C LEU G 1927 72.51 59.47 13.42
N GLN G 1928 73.69 60.06 13.17
CA GLN G 1928 73.90 61.05 12.11
C GLN G 1928 74.35 60.40 10.82
N MET G 1929 74.23 59.08 10.71
CA MET G 1929 74.43 58.39 9.44
C MET G 1929 73.65 57.08 9.48
N LYS G 1930 73.26 56.63 8.29
CA LYS G 1930 72.52 55.38 8.15
C LYS G 1930 73.38 54.20 8.59
N LEU G 1931 72.75 53.19 9.18
CA LEU G 1931 73.46 52.09 9.79
C LEU G 1931 72.89 50.77 9.34
N PRO G 1932 73.68 49.71 9.35
CA PRO G 1932 73.12 48.38 9.09
C PRO G 1932 72.34 47.87 10.29
N GLU G 1933 71.72 46.70 10.14
CA GLU G 1933 70.90 46.15 11.20
C GLU G 1933 71.71 45.40 12.24
N SER G 1934 73.01 45.20 12.01
CA SER G 1934 73.87 44.65 13.04
C SER G 1934 74.40 45.72 13.97
N VAL G 1935 74.75 46.89 13.44
CA VAL G 1935 75.15 48.01 14.27
C VAL G 1935 73.97 48.53 15.09
N LYS G 1936 72.79 48.57 14.49
CA LYS G 1936 71.60 49.03 15.19
C LYS G 1936 71.37 48.20 16.45
N LEU G 1937 71.67 46.91 16.40
CA LEU G 1937 71.47 46.08 17.57
C LEU G 1937 72.39 46.50 18.71
N GLN G 1938 73.64 46.84 18.39
CA GLN G 1938 74.55 47.31 19.44
C GLN G 1938 74.15 48.69 19.95
N MET G 1939 73.62 49.54 19.09
CA MET G 1939 73.05 50.80 19.58
C MET G 1939 71.93 50.54 20.56
N CYS G 1940 71.09 49.55 20.28
CA CYS G 1940 70.07 49.17 21.23
C CYS G 1940 70.67 48.68 22.54
N ASN G 1941 71.76 47.92 22.47
CA ASN G 1941 72.41 47.45 23.68
C ASN G 1941 73.08 48.56 24.47
N LEU G 1942 73.40 49.69 23.84
CA LEU G 1942 73.91 50.83 24.60
C LEU G 1942 72.78 51.61 25.24
N LEU G 1943 71.74 51.88 24.46
CA LEU G 1943 70.63 52.64 24.99
C LEU G 1943 69.90 51.89 26.07
N GLU G 1944 69.90 50.56 26.03
CA GLU G 1944 69.31 49.84 27.15
C GLU G 1944 70.12 50.04 28.41
N TYR G 1945 71.45 50.18 28.30
CA TYR G 1945 72.24 50.48 29.47
C TYR G 1945 71.85 51.82 30.05
N PHE G 1946 71.75 52.84 29.21
CA PHE G 1946 71.41 54.15 29.75
C PHE G 1946 69.98 54.22 30.22
N CYS G 1947 69.10 53.37 29.70
CA CYS G 1947 67.76 53.26 30.23
C CYS G 1947 67.72 52.53 31.55
N ASP G 1948 68.63 51.59 31.78
CA ASP G 1948 68.72 50.93 33.06
C ASP G 1948 69.28 51.84 34.13
N GLN G 1949 70.24 52.70 33.77
CA GLN G 1949 70.78 53.63 34.75
C GLN G 1949 69.76 54.65 35.22
N GLU G 1950 68.86 55.09 34.34
CA GLU G 1950 67.79 55.97 34.79
C GLU G 1950 66.87 55.29 35.78
N LEU G 1951 66.52 54.03 35.53
CA LEU G 1951 65.69 53.29 36.47
C LEU G 1951 66.41 53.11 37.80
N GLN G 1952 67.70 52.77 37.74
CA GLN G 1952 68.47 52.65 38.96
C GLN G 1952 68.51 53.96 39.72
N HIS G 1953 68.61 55.06 38.99
CA HIS G 1953 68.58 56.38 39.63
C HIS G 1953 67.23 56.63 40.30
N ARG G 1954 66.15 56.25 39.64
CA ARG G 1954 64.83 56.45 40.24
C ARG G 1954 64.71 55.66 41.53
N VAL G 1955 65.16 54.40 41.51
CA VAL G 1955 65.07 53.58 42.71
C VAL G 1955 65.96 54.14 43.81
N GLU G 1956 67.17 54.57 43.47
CA GLU G 1956 68.05 55.13 44.48
C GLU G 1956 67.49 56.41 45.07
N SER G 1957 66.94 57.29 44.25
CA SER G 1957 66.37 58.53 44.77
C SER G 1957 65.15 58.27 45.61
N LEU G 1958 64.34 57.28 45.24
CA LEU G 1958 63.22 56.88 46.05
C LEU G 1958 63.63 56.28 47.38
N ALA G 1959 64.73 55.55 47.42
CA ALA G 1959 65.27 55.06 48.68
C ALA G 1959 65.83 56.18 49.52
N ALA G 1960 66.51 57.13 48.90
CA ALA G 1960 67.01 58.29 49.63
C ALA G 1960 65.88 59.09 50.22
N PHE G 1961 64.80 59.27 49.45
CA PHE G 1961 63.65 59.97 50.00
C PHE G 1961 63.05 59.21 51.17
N ALA G 1962 62.97 57.89 51.05
CA ALA G 1962 62.47 57.10 52.16
C ALA G 1962 63.30 57.36 53.40
N GLU G 1963 64.62 57.37 53.24
CA GLU G 1963 65.50 57.65 54.37
C GLU G 1963 65.21 59.01 54.97
N ARG G 1964 65.06 60.04 54.13
CA ARG G 1964 64.89 61.38 54.66
C ARG G 1964 63.49 61.62 55.20
N TYR G 1965 62.53 60.77 54.85
CA TYR G 1965 61.14 61.06 55.17
C TYR G 1965 60.64 60.20 56.32
N VAL G 1966 61.14 58.98 56.46
CA VAL G 1966 60.75 58.18 57.61
C VAL G 1966 61.26 58.83 58.88
N ASP G 1967 62.33 59.62 58.78
CA ASP G 1967 62.78 60.36 59.94
C ASP G 1967 61.71 61.34 60.42
N LYS G 1968 61.05 62.02 59.48
CA LYS G 1968 59.99 62.93 59.86
C LYS G 1968 58.79 62.17 60.39
N LEU G 1969 58.42 61.08 59.72
CA LEU G 1969 57.30 60.28 60.20
C LEU G 1969 57.54 59.67 61.55
N GLN G 1970 58.81 59.52 61.96
CA GLN G 1970 59.15 59.03 63.29
C GLN G 1970 59.20 60.16 64.31
N ALA G 1971 59.79 61.29 63.92
CA ALA G 1971 59.87 62.43 64.83
C ALA G 1971 58.49 62.92 65.22
N ASN G 1972 57.58 63.04 64.25
CA ASN G 1972 56.27 63.54 64.63
C ASN G 1972 55.46 62.48 65.35
N GLN G 1973 55.71 61.20 65.07
CA GLN G 1973 55.03 60.17 65.84
C GLN G 1973 55.43 60.23 67.29
N ARG G 1974 56.72 60.45 67.55
CA ARG G 1974 57.17 60.52 68.93
C ARG G 1974 56.65 61.78 69.62
N SER G 1975 56.67 62.92 68.92
CA SER G 1975 56.14 64.14 69.51
C SER G 1975 54.64 64.05 69.73
N ARG G 1976 53.91 63.44 68.79
CA ARG G 1976 52.50 63.19 68.96
C ARG G 1976 52.23 62.30 70.15
N TYR G 1977 53.05 61.26 70.33
CA TYR G 1977 52.88 60.39 71.47
C TYR G 1977 53.10 61.14 72.77
N ALA G 1978 54.09 62.03 72.80
CA ALA G 1978 54.29 62.86 73.97
C ALA G 1978 53.03 63.68 74.26
N LEU G 1979 52.48 64.31 73.23
CA LEU G 1979 51.28 65.12 73.43
C LEU G 1979 50.11 64.28 73.92
N LEU G 1980 49.92 63.09 73.36
CA LEU G 1980 48.86 62.22 73.82
C LEU G 1980 49.11 61.73 75.23
N MET G 1981 50.36 61.62 75.66
CA MET G 1981 50.65 61.22 77.03
C MET G 1981 50.32 62.34 78.01
N ARG G 1982 50.57 63.60 77.64
CA ARG G 1982 50.01 64.69 78.44
C ARG G 1982 48.50 64.64 78.44
N ALA G 1983 47.89 64.34 77.30
CA ALA G 1983 46.47 64.06 77.27
C ALA G 1983 46.21 62.70 77.94
N PHE G 1984 44.93 62.32 77.99
CA PHE G 1984 44.48 61.14 78.72
C PHE G 1984 44.72 61.32 80.22
N THR G 1985 45.25 62.49 80.60
CA THR G 1985 45.35 62.93 81.98
C THR G 1985 44.44 64.13 82.12
N MET G 1986 43.40 63.98 82.95
CA MET G 1986 42.32 64.93 83.21
C MET G 1986 41.59 65.29 81.91
N SER G 1987 41.98 64.66 80.80
CA SER G 1987 41.30 64.80 79.51
C SER G 1987 41.29 63.41 78.88
N ALA G 1988 40.27 62.62 79.19
CA ALA G 1988 40.22 61.22 78.80
C ALA G 1988 38.89 60.90 78.13
N ALA G 1989 38.89 59.77 77.43
CA ALA G 1989 37.80 59.20 76.66
C ALA G 1989 37.56 59.96 75.36
N GLU G 1990 38.23 61.09 75.15
CA GLU G 1990 38.16 61.76 73.85
C GLU G 1990 39.32 61.34 72.95
N THR G 1991 40.43 60.91 73.53
CA THR G 1991 41.58 60.38 72.81
C THR G 1991 41.66 58.86 72.92
N ALA G 1992 40.60 58.22 73.42
CA ALA G 1992 40.67 56.79 73.68
C ALA G 1992 40.86 55.98 72.40
N ARG G 1993 40.22 56.42 71.31
CA ARG G 1993 40.38 55.75 70.03
C ARG G 1993 41.72 56.06 69.38
N ARG G 1994 42.24 57.27 69.59
CA ARG G 1994 43.37 57.74 68.81
C ARG G 1994 44.66 57.02 69.14
N THR G 1995 44.63 56.07 70.08
CA THR G 1995 45.75 55.20 70.37
C THR G 1995 45.68 53.87 69.64
N ARG G 1996 44.86 53.78 68.59
CA ARG G 1996 44.88 52.59 67.74
C ARG G 1996 46.11 52.58 66.86
N GLU G 1997 46.49 53.75 66.34
CA GLU G 1997 47.69 53.85 65.50
C GLU G 1997 48.89 53.24 66.20
N PHE G 1998 49.09 53.57 67.47
CA PHE G 1998 50.28 53.14 68.18
C PHE G 1998 50.20 51.67 68.57
N ARG G 1999 49.06 51.03 68.40
CA ARG G 1999 48.92 49.64 68.81
C ARG G 1999 48.56 48.72 67.66
N SER G 2000 48.68 49.19 66.43
CA SER G 2000 48.58 48.36 65.25
C SER G 2000 49.97 47.93 64.84
N PRO G 2001 50.11 46.92 63.99
CA PRO G 2001 51.43 46.52 63.53
C PRO G 2001 52.10 47.66 62.82
N PRO G 2002 53.42 47.76 62.92
CA PRO G 2002 54.11 48.94 62.38
C PRO G 2002 53.84 49.22 60.92
N GLN G 2003 53.62 48.20 60.09
CA GLN G 2003 53.28 48.52 58.71
C GLN G 2003 51.88 49.09 58.61
N GLU G 2004 50.94 48.56 59.39
CA GLU G 2004 49.62 49.17 59.41
C GLU G 2004 49.66 50.58 59.98
N GLN G 2005 50.75 50.97 60.63
CA GLN G 2005 50.94 52.37 60.96
C GLN G 2005 51.54 53.18 59.83
N ILE G 2006 52.53 52.63 59.13
CA ILE G 2006 53.08 53.27 57.94
C ILE G 2006 52.15 53.18 56.76
N ASN G 2007 51.20 52.27 56.79
CA ASN G 2007 50.18 52.15 55.76
C ASN G 2007 48.99 53.05 56.04
N MET G 2008 48.72 53.30 57.32
CA MET G 2008 47.76 54.33 57.71
C MET G 2008 48.29 55.72 57.41
N LEU G 2009 49.54 55.99 57.77
CA LEU G 2009 50.06 57.34 57.69
C LEU G 2009 50.14 57.83 56.25
N LEU G 2010 50.40 56.94 55.30
CA LEU G 2010 50.57 57.36 53.92
C LEU G 2010 49.25 57.43 53.17
N HIS G 2011 48.13 57.50 53.89
CA HIS G 2011 46.80 57.52 53.29
C HIS G 2011 46.29 58.95 53.26
N PHE G 2012 46.85 59.75 52.36
CA PHE G 2012 46.36 61.10 52.16
C PHE G 2012 46.44 61.53 50.70
N LYS G 2013 46.29 60.59 49.78
CA LYS G 2013 46.41 60.92 48.36
C LYS G 2013 45.07 61.33 47.74
N ASP G 2014 44.00 60.59 48.03
CA ASP G 2014 42.75 60.73 47.30
C ASP G 2014 41.89 61.89 47.78
N GLU G 2015 42.27 62.56 48.87
CA GLU G 2015 41.53 63.68 49.46
C GLU G 2015 40.18 63.27 50.04
N ALA G 2016 39.84 62.00 50.01
CA ALA G 2016 38.72 61.50 50.78
C ALA G 2016 39.12 61.06 52.17
N ASP G 2017 40.43 60.99 52.45
CA ASP G 2017 40.97 60.55 53.73
C ASP G 2017 42.01 61.54 54.25
N GLU G 2018 41.67 62.83 54.29
CA GLU G 2018 42.66 63.83 54.64
C GLU G 2018 42.98 63.81 56.13
N GLU G 2019 41.99 64.11 56.98
CA GLU G 2019 42.29 64.26 58.40
C GLU G 2019 42.53 62.93 59.08
N ASP G 2020 42.02 61.83 58.52
CA ASP G 2020 42.34 60.51 59.05
C ASP G 2020 43.83 60.29 59.17
N CYS G 2021 44.59 60.82 58.21
CA CYS G 2021 46.03 60.82 58.33
C CYS G 2021 46.43 61.80 59.42
N PRO G 2022 47.09 61.35 60.49
CA PRO G 2022 47.46 62.27 61.56
C PRO G 2022 48.54 63.24 61.17
N LEU G 2023 49.20 63.03 60.03
CA LEU G 2023 50.36 63.83 59.69
C LEU G 2023 49.97 65.30 59.56
N PRO G 2024 50.77 66.21 60.10
CA PRO G 2024 50.58 67.63 59.81
C PRO G 2024 50.78 67.90 58.33
N GLU G 2025 50.27 69.04 57.88
CA GLU G 2025 50.21 69.31 56.44
C GLU G 2025 51.59 69.48 55.85
N ASP G 2026 52.52 70.09 56.59
CA ASP G 2026 53.88 70.22 56.11
C ASP G 2026 54.47 68.87 55.74
N ILE G 2027 54.29 67.87 56.61
CA ILE G 2027 54.84 66.54 56.35
C ILE G 2027 54.24 65.94 55.10
N ARG G 2028 52.92 66.07 54.94
CA ARG G 2028 52.28 65.57 53.72
C ARG G 2028 52.85 66.25 52.49
N GLN G 2029 53.28 67.50 52.64
CA GLN G 2029 53.75 68.24 51.48
C GLN G 2029 55.00 67.63 50.88
N ASP G 2030 55.91 67.13 51.72
CA ASP G 2030 57.14 66.55 51.19
C ASP G 2030 56.84 65.37 50.29
N LEU G 2031 55.90 64.52 50.68
CA LEU G 2031 55.56 63.37 49.86
C LEU G 2031 54.84 63.79 48.60
N GLN G 2032 53.94 64.77 48.69
CA GLN G 2032 53.29 65.24 47.47
C GLN G 2032 54.31 65.77 46.46
N ASP G 2033 55.26 66.56 46.94
CA ASP G 2033 56.24 67.17 46.05
C ASP G 2033 57.14 66.12 45.43
N PHE G 2034 57.64 65.18 46.24
CA PHE G 2034 58.46 64.13 45.66
C PHE G 2034 57.67 63.27 44.68
N HIS G 2035 56.39 63.05 44.96
CA HIS G 2035 55.58 62.26 44.05
C HIS G 2035 55.46 62.97 42.71
N GLN G 2036 55.28 64.28 42.74
CA GLN G 2036 55.22 65.02 41.47
C GLN G 2036 56.54 64.95 40.74
N ASP G 2037 57.66 65.04 41.47
CA ASP G 2037 58.96 64.90 40.82
C ASP G 2037 59.12 63.53 40.19
N LEU G 2038 58.68 62.49 40.90
CA LEU G 2038 58.79 61.15 40.37
C LEU G 2038 57.97 60.99 39.10
N LEU G 2039 56.76 61.54 39.10
CA LEU G 2039 55.94 61.49 37.89
C LEU G 2039 56.62 62.21 36.74
N ALA G 2040 57.16 63.40 37.00
CA ALA G 2040 57.82 64.15 35.93
C ALA G 2040 59.03 63.41 35.39
N HIS G 2041 59.79 62.76 36.27
CA HIS G 2041 60.94 62.01 35.81
C HIS G 2041 60.54 60.87 34.90
N CYS G 2042 59.40 60.23 35.18
CA CYS G 2042 58.95 59.09 34.41
C CYS G 2042 58.22 59.49 33.14
N GLY G 2043 58.08 60.78 32.86
CA GLY G 2043 57.48 61.25 31.64
C GLY G 2043 56.02 61.61 31.73
N ILE G 2044 55.39 61.36 32.87
CA ILE G 2044 53.96 61.65 33.03
C ILE G 2044 53.74 63.14 33.21
N PRO G 2091 64.01 66.40 20.81
CA PRO G 2091 63.76 65.33 21.78
C PRO G 2091 63.99 65.80 23.21
N GLN G 2092 65.19 66.31 23.50
CA GLN G 2092 65.55 66.89 24.79
C GLN G 2092 65.45 65.92 25.95
N SER G 2093 65.33 64.62 25.69
CA SER G 2093 65.25 63.65 26.76
C SER G 2093 65.55 62.27 26.19
N LEU G 2094 66.06 61.38 27.05
CA LEU G 2094 66.37 60.03 26.61
C LEU G 2094 65.11 59.30 26.19
N GLN G 2095 64.03 59.47 26.93
CA GLN G 2095 62.78 58.81 26.57
C GLN G 2095 62.29 59.25 25.20
N GLU G 2096 62.28 60.56 24.96
CA GLU G 2096 61.85 61.07 23.67
C GLU G 2096 62.80 60.65 22.56
N LEU G 2097 64.11 60.66 22.82
CA LEU G 2097 65.06 60.24 21.81
C LEU G 2097 64.81 58.80 21.38
N VAL G 2098 64.72 57.88 22.35
CA VAL G 2098 64.53 56.48 22.00
C VAL G 2098 63.17 56.28 21.35
N SER G 2099 62.14 56.92 21.88
CA SER G 2099 60.81 56.75 21.31
C SER G 2099 60.75 57.23 19.87
N HIS G 2100 61.49 58.28 19.54
CA HIS G 2100 61.49 58.74 18.15
C HIS G 2100 62.32 57.82 17.27
N MET G 2101 63.50 57.45 17.74
CA MET G 2101 64.46 56.73 16.91
C MET G 2101 64.00 55.32 16.61
N VAL G 2102 63.35 54.66 17.56
CA VAL G 2102 62.84 53.31 17.31
C VAL G 2102 61.74 53.35 16.25
N VAL G 2103 60.79 54.27 16.40
CA VAL G 2103 59.73 54.40 15.43
C VAL G 2103 60.28 54.74 14.07
N ARG G 2104 61.28 55.63 14.03
CA ARG G 2104 61.85 56.01 12.75
C ARG G 2104 62.53 54.83 12.07
N TRP G 2105 63.24 54.02 12.83
CA TRP G 2105 63.82 52.82 12.24
C TRP G 2105 62.73 51.91 11.70
N ALA G 2106 61.67 51.72 12.47
CA ALA G 2106 60.63 50.78 12.05
C ALA G 2106 59.91 51.27 10.80
N GLN G 2107 59.71 52.58 10.68
CA GLN G 2107 59.01 53.13 9.54
C GLN G 2107 59.93 53.60 8.45
N GLU G 2108 61.23 53.35 8.56
CA GLU G 2108 62.13 53.58 7.44
C GLU G 2108 62.37 52.32 6.64
N ASP G 2109 62.28 51.16 7.28
CA ASP G 2109 62.59 49.91 6.62
C ASP G 2109 61.87 48.77 7.32
N TYR G 2110 61.66 47.68 6.59
CA TYR G 2110 61.03 46.50 7.15
C TYR G 2110 62.14 45.67 7.79
N VAL G 2111 62.31 45.83 9.11
CA VAL G 2111 63.44 45.24 9.81
C VAL G 2111 63.36 43.73 9.72
N GLN G 2112 64.45 43.11 9.28
CA GLN G 2112 64.47 41.69 9.02
C GLN G 2112 65.04 40.85 10.16
N SER G 2113 65.80 41.47 11.07
CA SER G 2113 66.43 40.71 12.14
C SER G 2113 65.49 40.61 13.32
N PRO G 2114 65.04 39.42 13.70
CA PRO G 2114 64.12 39.32 14.84
C PRO G 2114 64.69 39.87 16.12
N GLU G 2115 65.99 39.69 16.36
CA GLU G 2115 66.60 40.21 17.57
C GLU G 2115 66.52 41.72 17.62
N LEU G 2116 66.76 42.38 16.49
CA LEU G 2116 66.64 43.82 16.44
C LEU G 2116 65.22 44.26 16.76
N VAL G 2117 64.22 43.57 16.22
CA VAL G 2117 62.84 43.96 16.47
C VAL G 2117 62.52 43.80 17.95
N ARG G 2118 62.94 42.70 18.55
CA ARG G 2118 62.68 42.48 19.96
C ARG G 2118 63.32 43.57 20.81
N ALA G 2119 64.58 43.89 20.54
CA ALA G 2119 65.26 44.92 21.33
C ALA G 2119 64.59 46.28 21.14
N MET G 2120 64.26 46.60 19.89
CA MET G 2120 63.61 47.87 19.57
C MET G 2120 62.34 48.03 20.38
N PHE G 2121 61.51 47.01 20.40
CA PHE G 2121 60.21 47.18 21.02
C PHE G 2121 60.25 47.03 22.53
N SER G 2122 61.22 46.29 23.07
CA SER G 2122 61.44 46.34 24.51
C SER G 2122 61.83 47.73 24.95
N LEU G 2123 62.73 48.38 24.20
CA LEU G 2123 63.11 49.75 24.53
C LEU G 2123 61.93 50.69 24.44
N LEU G 2124 61.15 50.57 23.37
CA LEU G 2124 59.99 51.45 23.22
C LEU G 2124 59.02 51.28 24.38
N HIS G 2125 58.77 50.04 24.78
CA HIS G 2125 57.91 49.77 25.92
C HIS G 2125 58.41 50.46 27.15
N ARG G 2126 59.69 50.25 27.48
CA ARG G 2126 60.22 50.86 28.69
C ARG G 2126 60.20 52.37 28.64
N GLN G 2127 60.25 52.96 27.46
CA GLN G 2127 60.15 54.41 27.40
C GLN G 2127 58.73 54.88 27.63
N TYR G 2128 57.74 54.19 27.07
CA TYR G 2128 56.37 54.65 27.25
C TYR G 2128 55.88 54.38 28.66
N ASP G 2129 56.19 53.21 29.20
CA ASP G 2129 55.75 52.83 30.54
C ASP G 2129 56.97 52.90 31.46
N GLY G 2130 57.24 54.10 31.97
CA GLY G 2130 58.32 54.26 32.92
C GLY G 2130 57.86 53.93 34.32
N LEU G 2131 56.71 54.48 34.70
CA LEU G 2131 56.15 54.23 36.02
C LEU G 2131 55.78 52.78 36.23
N GLY G 2132 55.57 52.02 35.17
CA GLY G 2132 55.26 50.62 35.35
C GLY G 2132 56.53 49.81 35.41
N GLU G 2133 57.63 50.40 34.98
CA GLU G 2133 58.93 49.75 35.12
C GLU G 2133 59.52 49.94 36.50
N LEU G 2134 59.33 51.11 37.09
CA LEU G 2134 59.73 51.33 38.48
C LEU G 2134 58.97 50.40 39.41
N LEU G 2135 57.68 50.20 39.15
CA LEU G 2135 56.84 49.35 39.96
C LEU G 2135 57.24 47.88 39.90
N ARG G 2136 57.90 47.45 38.83
CA ARG G 2136 58.33 46.07 38.68
C ARG G 2136 59.77 45.87 39.11
N ALA G 2137 60.45 46.93 39.52
CA ALA G 2137 61.78 46.83 40.08
C ALA G 2137 61.81 47.08 41.58
N LEU G 2138 60.86 47.85 42.09
CA LEU G 2138 60.78 48.08 43.52
C LEU G 2138 60.59 46.81 44.34
N PRO G 2139 60.03 45.72 43.82
CA PRO G 2139 60.10 44.47 44.58
C PRO G 2139 61.51 44.03 44.89
N ARG G 2140 62.47 44.40 44.05
CA ARG G 2140 63.86 43.98 44.19
C ARG G 2140 64.74 45.13 44.62
N ALA G 2141 64.24 45.97 45.52
CA ALA G 2141 65.01 47.05 46.10
C ALA G 2141 64.98 46.92 47.61
N TYR G 2142 66.14 46.91 48.23
CA TYR G 2142 66.25 46.71 49.66
C TYR G 2142 67.23 47.72 50.23
N THR G 2143 66.92 48.26 51.39
CA THR G 2143 67.74 49.28 52.03
C THR G 2143 68.37 48.69 53.28
N ILE G 2144 69.70 48.58 53.27
CA ILE G 2144 70.43 48.04 54.39
C ILE G 2144 71.15 49.17 55.11
N SER G 2145 71.45 48.95 56.36
CA SER G 2145 72.18 49.92 57.15
C SER G 2145 73.62 49.97 56.69
N PRO G 2146 74.31 51.09 56.90
CA PRO G 2146 75.68 51.20 56.43
C PRO G 2146 76.63 50.21 57.07
N SER G 2147 76.30 49.67 58.25
CA SER G 2147 77.17 48.70 58.88
C SER G 2147 77.13 47.34 58.19
N SER G 2148 75.97 46.92 57.72
CA SER G 2148 75.85 45.62 57.09
C SER G 2148 76.42 45.57 55.72
N VAL G 2149 77.18 46.56 55.26
CA VAL G 2149 77.60 46.58 53.86
C VAL G 2149 78.63 45.48 53.59
N GLU G 2150 79.53 45.25 54.54
CA GLU G 2150 80.60 44.27 54.32
C GLU G 2150 80.05 42.86 54.16
N ASP G 2151 79.18 42.47 55.09
CA ASP G 2151 78.61 41.13 55.04
C ASP G 2151 77.78 40.95 53.79
N THR G 2152 77.00 41.96 53.42
CA THR G 2152 76.19 41.88 52.22
C THR G 2152 77.07 41.76 50.98
N MET G 2153 78.20 42.47 50.96
CA MET G 2153 79.11 42.34 49.83
C MET G 2153 79.66 40.94 49.70
N SER G 2154 80.09 40.34 50.82
CA SER G 2154 80.57 38.96 50.76
C SER G 2154 79.47 38.01 50.33
N LEU G 2155 78.27 38.22 50.86
CA LEU G 2155 77.15 37.37 50.50
C LEU G 2155 76.82 37.48 49.02
N LEU G 2156 76.92 38.67 48.46
CA LEU G 2156 76.68 38.85 47.04
C LEU G 2156 77.73 38.15 46.22
N GLU G 2157 78.99 38.16 46.66
CA GLU G 2157 80.01 37.41 45.94
C GLU G 2157 79.72 35.91 45.96
N CYS G 2158 79.31 35.38 47.11
CA CYS G 2158 78.96 33.96 47.19
C CYS G 2158 77.77 33.64 46.29
N LEU G 2159 76.77 34.51 46.28
CA LEU G 2159 75.63 34.31 45.40
C LEU G 2159 76.03 34.33 43.94
N GLY G 2160 76.93 35.24 43.57
CA GLY G 2160 77.40 35.29 42.21
C GLY G 2160 78.11 34.01 41.82
N GLN G 2161 78.91 33.45 42.72
CA GLN G 2161 79.52 32.16 42.44
C GLN G 2161 78.46 31.09 42.22
N ILE G 2162 77.43 31.07 43.06
CA ILE G 2162 76.42 30.03 42.92
C ILE G 2162 75.70 30.15 41.59
N ARG G 2163 75.30 31.36 41.20
CA ARG G 2163 74.54 31.54 39.98
C ARG G 2163 75.42 31.63 38.75
N SER G 2164 76.74 31.57 38.91
CA SER G 2164 77.64 31.45 37.78
C SER G 2164 77.93 30.01 37.41
N LEU G 2165 77.60 29.07 38.29
CA LEU G 2165 77.79 27.65 38.02
C LEU G 2165 76.51 27.00 37.53
N LEU G 2166 75.52 27.81 37.13
CA LEU G 2166 74.33 27.30 36.49
C LEU G 2166 74.47 27.20 34.99
N ILE G 2167 75.50 27.81 34.41
CA ILE G 2167 75.83 27.64 33.01
C ILE G 2167 76.93 26.62 32.80
N VAL G 2168 77.19 25.79 33.81
CA VAL G 2168 78.28 24.83 33.79
C VAL G 2168 77.72 23.48 34.19
N GLN G 2169 78.03 22.45 33.41
CA GLN G 2169 77.65 21.09 33.79
C GLN G 2169 78.42 20.68 35.02
N MET G 2170 77.73 20.01 35.95
CA MET G 2170 78.31 19.73 37.25
C MET G 2170 79.53 18.83 37.14
N GLY G 2171 80.50 19.07 38.00
CA GLY G 2171 81.67 18.23 38.12
C GLY G 2171 82.15 18.25 39.55
N PRO G 2172 83.36 17.76 39.78
CA PRO G 2172 83.91 17.75 41.14
C PRO G 2172 84.19 19.14 41.67
N GLN G 2173 84.92 19.94 40.89
CA GLN G 2173 85.28 21.27 41.35
C GLN G 2173 84.04 22.15 41.54
N GLU G 2174 83.08 22.03 40.64
CA GLU G 2174 81.84 22.80 40.78
C GLU G 2174 81.08 22.36 42.02
N GLU G 2175 81.09 21.06 42.32
CA GLU G 2175 80.54 20.59 43.59
C GLU G 2175 81.20 21.31 44.74
N ASN G 2176 82.52 21.38 44.73
CA ASN G 2176 83.22 21.99 45.85
C ASN G 2176 82.88 23.47 45.98
N LEU G 2177 82.76 24.18 44.85
CA LEU G 2177 82.42 25.60 44.93
C LEU G 2177 81.00 25.81 45.43
N MET G 2178 80.03 25.01 44.97
CA MET G 2178 78.70 25.07 45.56
C MET G 2178 78.74 24.85 47.06
N ILE G 2179 79.44 23.81 47.50
CA ILE G 2179 79.43 23.51 48.92
C ILE G 2179 80.05 24.63 49.72
N GLN G 2180 81.19 25.16 49.26
CA GLN G 2180 81.82 26.27 49.96
C GLN G 2180 80.92 27.49 50.01
N SER G 2181 80.34 27.86 48.87
CA SER G 2181 79.52 29.07 48.82
C SER G 2181 78.29 28.93 49.70
N ILE G 2182 77.60 27.80 49.60
CA ILE G 2182 76.38 27.59 50.37
C ILE G 2182 76.70 27.51 51.85
N GLY G 2183 77.83 26.91 52.23
CA GLY G 2183 78.19 26.88 53.62
C GLY G 2183 78.60 28.25 54.11
N ASN G 2184 79.07 29.10 53.20
CA ASN G 2184 79.42 30.46 53.55
C ASN G 2184 78.21 31.37 53.74
N ILE G 2185 77.20 31.22 52.89
CA ILE G 2185 75.98 32.00 53.04
C ILE G 2185 75.33 31.68 54.37
N MET G 2186 75.23 30.39 54.70
CA MET G 2186 74.59 29.98 55.92
C MET G 2186 75.34 30.44 57.16
N ASN G 2187 76.58 30.88 57.03
CA ASN G 2187 77.36 31.38 58.15
C ASN G 2187 77.39 32.90 58.19
N ASN G 2188 76.56 33.55 57.40
CA ASN G 2188 76.53 35.00 57.31
C ASN G 2188 75.35 35.52 58.10
N LYS G 2189 75.59 36.51 58.96
CA LYS G 2189 74.50 37.02 59.77
C LYS G 2189 73.43 37.71 58.95
N VAL G 2190 73.78 38.23 57.78
CA VAL G 2190 72.79 38.86 56.93
C VAL G 2190 71.77 37.85 56.46
N PHE G 2191 72.21 36.61 56.22
CA PHE G 2191 71.29 35.57 55.78
C PHE G 2191 70.19 35.31 56.80
N TYR G 2192 70.46 35.55 58.08
CA TYR G 2192 69.46 35.35 59.11
C TYR G 2192 68.68 36.63 59.33
N GLN G 2193 69.39 37.74 59.45
CA GLN G 2193 68.76 39.00 59.85
C GLN G 2193 67.81 39.53 58.79
N HIS G 2194 68.06 39.24 57.53
CA HIS G 2194 67.34 39.86 56.42
C HIS G 2194 66.75 38.78 55.54
N PRO G 2195 65.75 38.05 56.03
CA PRO G 2195 65.13 37.01 55.21
C PRO G 2195 64.49 37.54 53.96
N ASN G 2196 63.91 38.73 54.01
CA ASN G 2196 63.25 39.31 52.85
C ASN G 2196 64.21 39.64 51.73
N LEU G 2197 65.42 40.07 52.05
CA LEU G 2197 66.43 40.25 51.02
C LEU G 2197 66.74 38.96 50.31
N MET G 2198 66.78 37.86 51.06
CA MET G 2198 67.20 36.58 50.51
C MET G 2198 66.15 36.02 49.56
N ARG G 2199 64.88 36.20 49.90
CA ARG G 2199 63.79 35.85 49.02
C ARG G 2199 63.61 36.86 47.89
N ALA G 2200 64.14 38.08 48.06
CA ALA G 2200 64.10 39.06 46.99
C ALA G 2200 65.19 38.81 45.96
N LEU G 2201 66.38 38.43 46.41
CA LEU G 2201 67.44 38.00 45.51
C LEU G 2201 67.13 36.67 44.86
N GLY G 2202 66.18 35.92 45.40
CA GLY G 2202 65.81 34.63 44.88
C GLY G 2202 66.89 33.59 45.01
N MET G 2203 67.53 33.47 46.17
CA MET G 2203 68.52 32.41 46.28
C MET G 2203 67.87 31.05 46.25
N HIS G 2204 66.73 30.89 46.92
CA HIS G 2204 66.12 29.58 47.00
C HIS G 2204 65.84 29.04 45.61
N GLU G 2205 65.42 29.90 44.69
CA GLU G 2205 65.17 29.45 43.33
C GLU G 2205 66.45 29.01 42.64
N THR G 2206 67.55 29.74 42.87
CA THR G 2206 68.82 29.34 42.27
C THR G 2206 69.29 27.99 42.80
N VAL G 2207 69.17 27.80 44.11
CA VAL G 2207 69.57 26.54 44.72
C VAL G 2207 68.71 25.41 44.20
N MET G 2208 67.41 25.64 44.04
CA MET G 2208 66.58 24.59 43.46
C MET G 2208 66.96 24.33 42.01
N GLU G 2209 67.37 25.36 41.29
CA GLU G 2209 67.79 25.11 39.91
C GLU G 2209 68.99 24.16 39.88
N VAL G 2210 69.98 24.38 40.73
CA VAL G 2210 71.14 23.50 40.71
C VAL G 2210 70.77 22.11 41.20
N MET G 2211 69.87 22.03 42.17
CA MET G 2211 69.42 20.72 42.66
C MET G 2211 68.63 19.98 41.59
N VAL G 2212 67.82 20.70 40.83
CA VAL G 2212 67.14 20.12 39.67
C VAL G 2212 68.16 19.55 38.71
N ASN G 2213 69.17 20.33 38.37
CA ASN G 2213 70.13 19.89 37.37
C ASN G 2213 70.88 18.65 37.81
N VAL G 2214 71.26 18.58 39.09
CA VAL G 2214 71.97 17.40 39.55
C VAL G 2214 71.03 16.20 39.66
N LEU G 2215 69.83 16.39 40.20
CA LEU G 2215 68.90 15.27 40.34
C LEU G 2215 68.42 14.78 38.99
N GLY G 2216 67.98 15.70 38.13
CA GLY G 2216 67.45 15.35 36.83
C GLY G 2216 68.51 14.81 35.88
N ILE G 2223 71.38 8.86 41.78
CA ILE G 2223 71.79 10.20 41.38
C ILE G 2223 73.29 10.35 41.53
N ARG G 2224 73.90 11.13 40.64
CA ARG G 2224 75.28 11.49 40.81
C ARG G 2224 75.40 12.69 41.74
N PHE G 2225 76.60 12.88 42.29
CA PHE G 2225 76.93 14.04 43.08
C PHE G 2225 76.03 14.15 44.30
N PRO G 2226 76.01 13.15 45.20
CA PRO G 2226 75.11 13.24 46.35
C PRO G 2226 75.50 14.32 47.33
N LYS G 2227 76.77 14.72 47.37
CA LYS G 2227 77.19 15.74 48.32
C LYS G 2227 76.50 17.07 48.05
N MET G 2228 76.40 17.45 46.79
CA MET G 2228 75.77 18.73 46.46
C MET G 2228 74.28 18.69 46.78
N VAL G 2229 73.63 17.55 46.56
CA VAL G 2229 72.23 17.44 46.92
C VAL G 2229 72.05 17.55 48.42
N THR G 2230 72.91 16.89 49.19
CA THR G 2230 72.84 16.99 50.64
C THR G 2230 73.05 18.41 51.14
N SER G 2231 73.96 19.16 50.51
CA SER G 2231 74.17 20.56 50.89
C SER G 2231 73.01 21.45 50.49
N CYS G 2232 72.48 21.28 49.28
CA CYS G 2232 71.34 22.09 48.87
C CYS G 2232 70.14 21.84 49.75
N CYS G 2233 69.88 20.59 50.10
CA CYS G 2233 68.72 20.26 50.90
C CYS G 2233 68.89 20.62 52.36
N ARG G 2234 70.12 20.83 52.82
CA ARG G 2234 70.34 21.46 54.11
C ARG G 2234 70.09 22.95 54.05
N PHE G 2235 70.59 23.60 53.00
CA PHE G 2235 70.37 25.03 52.84
C PHE G 2235 68.90 25.36 52.76
N LEU G 2236 68.15 24.58 52.00
CA LEU G 2236 66.73 24.86 51.84
C LEU G 2236 65.95 24.55 53.10
N CYS G 2237 66.28 23.48 53.80
CA CYS G 2237 65.64 23.22 55.08
C CYS G 2237 65.97 24.27 56.11
N TYR G 2238 67.04 25.03 55.93
CA TYR G 2238 67.34 26.14 56.82
C TYR G 2238 66.64 27.42 56.42
N PHE G 2239 66.66 27.74 55.12
CA PHE G 2239 65.85 28.77 54.51
C PHE G 2239 64.45 28.74 55.09
N CYS G 2240 63.83 27.56 55.10
CA CYS G 2240 62.45 27.43 55.54
C CYS G 2240 62.30 27.65 57.03
N ARG G 2241 63.31 27.34 57.83
CA ARG G 2241 63.19 27.60 59.26
C ARG G 2241 63.50 29.04 59.62
N ILE G 2242 64.06 29.82 58.71
CA ILE G 2242 64.39 31.20 59.07
C ILE G 2242 63.13 31.99 59.39
N SER G 2243 62.13 31.96 58.51
CA SER G 2243 60.96 32.79 58.75
C SER G 2243 59.75 32.22 58.01
N ARG G 2244 58.56 32.64 58.47
CA ARG G 2244 57.32 32.05 58.02
C ARG G 2244 57.04 32.30 56.55
N GLN G 2245 57.54 33.39 56.00
CA GLN G 2245 57.35 33.64 54.57
C GLN G 2245 58.26 32.79 53.72
N ASN G 2246 59.42 32.40 54.25
CA ASN G 2246 60.30 31.52 53.50
C ASN G 2246 59.67 30.16 53.28
N GLN G 2247 58.95 29.63 54.28
CA GLN G 2247 58.21 28.40 54.08
C GLN G 2247 57.21 28.55 52.96
N ARG G 2248 56.43 29.62 52.98
CA ARG G 2248 55.43 29.82 51.95
C ARG G 2248 56.04 29.96 50.58
N SER G 2249 57.19 30.62 50.48
CA SER G 2249 57.89 30.69 49.20
C SER G 2249 58.35 29.32 48.73
N MET G 2250 58.86 28.49 49.64
CA MET G 2250 59.27 27.15 49.26
C MET G 2250 58.11 26.18 49.14
N PHE G 2251 56.99 26.46 49.79
CA PHE G 2251 55.85 25.57 49.71
C PHE G 2251 55.31 25.44 48.30
N ASP G 2252 55.46 26.47 47.49
CA ASP G 2252 55.01 26.43 46.11
C ASP G 2252 55.81 25.47 45.26
N HIS G 2253 56.94 24.98 45.76
CA HIS G 2253 57.75 24.00 45.06
C HIS G 2253 57.48 22.58 45.53
N LEU G 2254 56.47 22.40 46.38
CA LEU G 2254 56.23 21.08 46.96
C LEU G 2254 55.99 20.02 45.90
N SER G 2255 55.30 20.39 44.82
CA SER G 2255 55.06 19.43 43.74
C SER G 2255 56.37 18.92 43.17
N TYR G 2256 57.31 19.81 42.92
CA TYR G 2256 58.62 19.38 42.44
C TYR G 2256 59.29 18.45 43.42
N LEU G 2257 59.51 18.92 44.65
CA LEU G 2257 60.24 18.14 45.64
C LEU G 2257 59.62 16.77 45.83
N LEU G 2258 58.30 16.68 45.69
CA LEU G 2258 57.63 15.39 45.79
C LEU G 2258 57.81 14.56 44.53
N GLU G 2259 58.04 15.20 43.38
CA GLU G 2259 58.37 14.43 42.18
C GLU G 2259 59.70 13.71 42.36
N ASN G 2260 60.70 14.39 42.90
CA ASN G 2260 62.02 13.80 43.04
C ASN G 2260 62.26 13.18 44.40
N SER G 2261 61.26 13.14 45.27
CA SER G 2261 61.41 12.47 46.55
C SER G 2261 61.45 10.97 46.35
N GLN G 2268 73.10 11.62 52.35
CA GLN G 2268 72.91 10.87 53.57
C GLN G 2268 71.44 10.93 53.92
N GLY G 2269 71.10 11.31 55.14
CA GLY G 2269 69.71 11.43 55.51
C GLY G 2269 69.00 12.56 54.79
N SER G 2270 69.65 13.72 54.68
CA SER G 2270 69.00 14.92 54.15
C SER G 2270 68.83 14.82 52.64
N THR G 2271 67.58 14.89 52.19
CA THR G 2271 67.22 14.56 50.81
C THR G 2271 66.02 15.41 50.42
N PRO G 2272 65.74 15.55 49.12
CA PRO G 2272 64.70 16.49 48.69
C PRO G 2272 63.32 16.20 49.24
N LEU G 2273 63.18 15.18 50.09
CA LEU G 2273 61.94 14.99 50.81
C LEU G 2273 61.88 15.77 52.11
N ASP G 2274 62.99 15.87 52.83
CA ASP G 2274 62.96 16.63 54.07
C ASP G 2274 62.83 18.12 53.82
N VAL G 2275 63.18 18.60 52.64
CA VAL G 2275 62.82 19.96 52.24
C VAL G 2275 61.32 20.08 52.13
N ALA G 2276 60.68 19.10 51.50
CA ALA G 2276 59.23 19.11 51.40
C ALA G 2276 58.56 19.04 52.75
N ALA G 2277 59.12 18.26 53.68
CA ALA G 2277 58.59 18.19 55.02
C ALA G 2277 59.03 19.35 55.88
N ALA G 2278 59.89 20.22 55.37
CA ALA G 2278 60.26 21.45 56.05
C ALA G 2278 59.37 22.60 55.66
N SER G 2279 58.82 22.57 54.45
CA SER G 2279 57.90 23.61 54.02
C SER G 2279 56.65 23.64 54.88
N VAL G 2280 56.12 22.47 55.23
CA VAL G 2280 54.78 22.35 55.76
C VAL G 2280 54.76 22.17 57.27
N ILE G 2281 55.92 21.98 57.90
CA ILE G 2281 55.95 21.64 59.31
C ILE G 2281 55.48 22.82 60.14
N ASP G 2282 54.51 22.56 61.02
CA ASP G 2282 54.04 23.49 62.04
C ASP G 2282 53.44 24.77 61.47
N ASN G 2283 53.07 24.78 60.20
CA ASN G 2283 52.33 25.90 59.63
C ASN G 2283 50.97 25.36 59.19
N ASN G 2284 50.03 25.32 60.12
CA ASN G 2284 48.69 24.82 59.85
C ASN G 2284 48.06 25.56 58.69
N GLU G 2285 48.44 26.82 58.49
CA GLU G 2285 47.98 27.52 57.31
C GLU G 2285 48.64 26.95 56.06
N LEU G 2286 49.88 26.48 56.17
CA LEU G 2286 50.51 25.83 55.04
C LEU G 2286 50.10 24.38 54.89
N ALA G 2287 49.84 23.69 55.99
CA ALA G 2287 49.27 22.35 55.87
C ALA G 2287 47.95 22.41 55.12
N LEU G 2288 47.09 23.35 55.49
CA LEU G 2288 45.81 23.46 54.83
C LEU G 2288 45.96 24.20 53.51
N ALA G 2289 46.96 23.81 52.74
CA ALA G 2289 47.07 24.20 51.35
C ALA G 2289 47.61 23.06 50.50
N LEU G 2290 47.82 21.90 51.08
CA LEU G 2290 48.17 20.74 50.31
C LEU G 2290 47.08 20.44 49.29
N GLN G 2291 47.48 20.08 48.08
CA GLN G 2291 46.56 19.55 47.10
C GLN G 2291 46.56 18.03 47.23
N GLU G 2292 45.37 17.47 47.47
CA GLU G 2292 45.22 16.05 47.77
C GLU G 2292 46.05 15.17 46.86
N GLN G 2293 46.21 15.58 45.60
CA GLN G 2293 47.04 14.78 44.69
C GLN G 2293 48.49 14.76 45.12
N ASP G 2294 48.97 15.82 45.77
CA ASP G 2294 50.35 15.83 46.23
C ASP G 2294 50.54 14.97 47.48
N LEU G 2295 49.52 14.90 48.34
CA LEU G 2295 49.50 13.84 49.33
C LEU G 2295 49.38 12.47 48.68
N GLU G 2296 48.77 12.40 47.51
CA GLU G 2296 48.55 11.11 46.86
C GLU G 2296 49.84 10.54 46.31
N LYS G 2297 50.63 11.37 45.63
CA LYS G 2297 51.84 10.86 45.01
C LYS G 2297 52.78 10.27 46.04
N VAL G 2298 52.81 10.84 47.25
CA VAL G 2298 53.61 10.26 48.31
C VAL G 2298 53.13 8.85 48.62
N VAL G 2299 51.81 8.67 48.66
CA VAL G 2299 51.29 7.33 48.91
C VAL G 2299 51.64 6.40 47.75
N SER G 2300 51.68 6.93 46.54
CA SER G 2300 52.11 6.12 45.41
C SER G 2300 53.54 5.63 45.58
N TYR G 2301 54.42 6.51 46.04
CA TYR G 2301 55.78 6.10 46.33
C TYR G 2301 55.82 5.06 47.44
N LEU G 2302 54.99 5.25 48.47
CA LEU G 2302 54.92 4.25 49.53
C LEU G 2302 54.51 2.90 48.98
N ALA G 2303 53.55 2.87 48.07
CA ALA G 2303 53.15 1.62 47.44
C ALA G 2303 54.30 1.01 46.66
N GLY G 2304 54.98 1.82 45.85
CA GLY G 2304 56.16 1.32 45.16
C GLY G 2304 57.27 0.87 46.08
N CYS G 2305 57.21 1.24 47.36
CA CYS G 2305 58.20 0.83 48.33
C CYS G 2305 57.77 -0.36 49.16
N GLY G 2306 56.49 -0.67 49.23
CA GLY G 2306 56.03 -1.83 49.96
C GLY G 2306 55.81 -3.08 49.14
N LEU G 2307 56.13 -3.08 47.85
CA LEU G 2307 55.98 -4.26 47.00
C LEU G 2307 57.31 -4.75 46.44
N GLN G 2308 58.19 -3.86 46.04
CA GLN G 2308 59.54 -4.25 45.66
C GLN G 2308 60.51 -3.74 46.71
N SER G 2309 61.80 -4.02 46.52
CA SER G 2309 62.83 -3.62 47.46
C SER G 2309 63.90 -2.83 46.72
N CYS G 2310 64.71 -2.12 47.50
CA CYS G 2310 65.73 -1.26 46.92
C CYS G 2310 66.70 -2.07 46.07
N PRO G 2311 66.93 -1.68 44.82
CA PRO G 2311 68.05 -2.29 44.08
C PRO G 2311 69.38 -1.96 44.71
N MET G 2312 69.43 -0.90 45.53
CA MET G 2312 70.66 -0.55 46.23
C MET G 2312 71.12 -1.70 47.11
N LEU G 2313 70.24 -2.21 47.97
CA LEU G 2313 70.61 -3.31 48.85
C LEU G 2313 70.80 -4.61 48.07
N LEU G 2314 70.06 -4.77 46.96
CA LEU G 2314 70.34 -5.86 46.04
C LEU G 2314 71.80 -5.82 45.60
N ALA G 2315 72.33 -4.63 45.32
CA ALA G 2315 73.73 -4.48 44.99
C ALA G 2315 74.62 -4.61 46.22
N LYS G 2316 74.06 -4.46 47.42
CA LYS G 2316 74.80 -4.72 48.65
C LYS G 2316 74.65 -6.16 49.13
N GLY G 2317 74.00 -7.03 48.37
CA GLY G 2317 73.90 -8.44 48.71
C GLY G 2317 73.09 -8.74 49.95
N TYR G 2318 71.97 -8.09 50.13
CA TYR G 2318 71.16 -8.19 51.32
C TYR G 2318 70.07 -9.24 51.14
N PRO G 2319 69.39 -9.63 52.22
CA PRO G 2319 68.35 -10.68 52.08
C PRO G 2319 67.29 -10.37 51.05
N ASP G 2320 66.81 -9.13 50.97
CA ASP G 2320 65.84 -8.71 49.96
C ASP G 2320 64.57 -9.57 50.03
N ILE G 2321 63.83 -9.38 51.12
CA ILE G 2321 62.73 -10.30 51.38
C ILE G 2321 61.58 -10.08 50.40
N GLY G 2322 60.83 -9.00 50.55
CA GLY G 2322 59.79 -8.70 49.59
C GLY G 2322 59.56 -7.22 49.37
N TRP G 2323 60.22 -6.39 50.16
CA TRP G 2323 59.91 -4.98 50.24
C TRP G 2323 60.97 -4.29 51.10
N ASN G 2324 61.43 -3.12 50.64
CA ASN G 2324 62.32 -2.32 51.47
C ASN G 2324 61.51 -1.44 52.39
N PRO G 2325 61.75 -1.47 53.70
CA PRO G 2325 61.18 -0.45 54.58
C PRO G 2325 61.96 0.85 54.65
N CYS G 2326 63.14 0.91 54.01
CA CYS G 2326 63.96 2.13 54.10
C CYS G 2326 63.25 3.32 53.47
N GLY G 2327 62.66 3.16 52.28
CA GLY G 2327 61.90 4.24 51.69
C GLY G 2327 60.54 4.40 52.33
N GLY G 2328 59.95 3.31 52.81
CA GLY G 2328 58.67 3.41 53.48
C GLY G 2328 58.74 4.27 54.73
N GLU G 2329 59.78 4.07 55.53
CA GLU G 2329 59.92 4.88 56.74
C GLU G 2329 60.04 6.35 56.40
N ARG G 2330 60.87 6.68 55.41
CA ARG G 2330 61.00 8.06 54.97
C ARG G 2330 59.65 8.63 54.57
N TYR G 2331 58.93 7.93 53.70
CA TYR G 2331 57.70 8.51 53.20
C TYR G 2331 56.59 8.50 54.22
N LEU G 2332 56.72 7.79 55.33
CA LEU G 2332 55.81 7.93 56.44
C LEU G 2332 56.22 9.03 57.39
N ASP G 2333 57.33 9.71 57.12
CA ASP G 2333 57.73 10.86 57.92
C ASP G 2333 57.19 12.17 57.40
N PHE G 2334 57.25 12.37 56.07
CA PHE G 2334 56.59 13.53 55.48
C PHE G 2334 55.11 13.48 55.74
N LEU G 2335 54.51 12.31 55.58
CA LEU G 2335 53.08 12.19 55.84
C LEU G 2335 52.74 12.39 57.30
N ARG G 2336 53.72 12.38 58.20
CA ARG G 2336 53.47 12.67 59.60
C ARG G 2336 53.50 14.16 59.89
N PHE G 2337 54.24 14.93 59.10
CA PHE G 2337 54.31 16.37 59.25
C PHE G 2337 53.20 17.09 58.50
N ALA G 2338 52.38 16.36 57.75
CA ALA G 2338 51.29 16.95 56.99
C ALA G 2338 49.92 16.55 57.53
N VAL G 2339 49.86 15.97 58.72
CA VAL G 2339 48.59 15.49 59.26
C VAL G 2339 48.39 16.05 60.65
N PHE G 2340 49.47 16.43 61.32
CA PHE G 2340 49.45 16.77 62.73
C PHE G 2340 50.43 17.91 62.94
N VAL G 2341 49.90 19.11 63.15
CA VAL G 2341 50.73 20.31 63.30
C VAL G 2341 50.33 21.01 64.59
N ASN G 2342 51.34 21.43 65.35
CA ASN G 2342 51.15 22.21 66.57
C ASN G 2342 50.30 21.48 67.60
N GLY G 2343 50.36 20.15 67.59
CA GLY G 2343 49.71 19.36 68.61
C GLY G 2343 48.24 19.07 68.37
N GLU G 2344 47.64 19.61 67.33
CA GLU G 2344 46.27 19.29 66.96
C GLU G 2344 46.27 18.58 65.61
N SER G 2345 45.22 17.81 65.37
CA SER G 2345 45.09 17.05 64.14
C SER G 2345 44.54 17.92 63.04
N VAL G 2346 45.17 17.86 61.87
CA VAL G 2346 44.67 18.54 60.69
C VAL G 2346 43.62 17.65 60.06
N GLU G 2347 42.36 17.85 60.46
CA GLU G 2347 41.27 16.97 60.04
C GLU G 2347 41.23 16.79 58.53
N GLU G 2348 41.35 17.91 57.81
CA GLU G 2348 41.23 17.88 56.36
C GLU G 2348 42.31 17.00 55.75
N ASN G 2349 43.57 17.23 56.13
CA ASN G 2349 44.63 16.34 55.67
C ASN G 2349 44.62 15.02 56.41
N ALA G 2350 43.93 14.93 57.55
CA ALA G 2350 43.87 13.66 58.26
C ALA G 2350 43.08 12.64 57.45
N ASN G 2351 41.91 13.00 56.98
CA ASN G 2351 41.05 12.03 56.32
C ASN G 2351 41.63 11.58 54.98
N VAL G 2352 42.24 12.51 54.26
CA VAL G 2352 42.64 12.22 52.88
C VAL G 2352 43.68 11.11 52.85
N VAL G 2353 44.66 11.18 53.75
CA VAL G 2353 45.70 10.16 53.75
C VAL G 2353 45.12 8.82 54.14
N VAL G 2354 44.15 8.79 55.04
CA VAL G 2354 43.52 7.52 55.40
C VAL G 2354 42.84 6.90 54.19
N ARG G 2355 42.06 7.72 53.48
CA ARG G 2355 41.39 7.22 52.28
C ARG G 2355 42.39 6.69 51.27
N LEU G 2356 43.43 7.47 50.99
CA LEU G 2356 44.40 7.06 49.99
C LEU G 2356 45.19 5.84 50.44
N LEU G 2357 45.31 5.63 51.74
CA LEU G 2357 45.98 4.43 52.21
C LEU G 2357 45.11 3.21 52.03
N ILE G 2358 43.82 3.31 52.35
CA ILE G 2358 43.00 2.10 52.27
C ILE G 2358 42.63 1.79 50.83
N ARG G 2359 42.49 2.80 49.98
CA ARG G 2359 42.24 2.53 48.57
C ARG G 2359 43.39 1.77 47.95
N LYS G 2360 44.58 1.89 48.54
CA LYS G 2360 45.75 1.13 48.11
C LYS G 2360 46.28 0.35 49.30
N PRO G 2361 45.65 -0.75 49.69
CA PRO G 2361 45.99 -1.43 50.94
C PRO G 2361 47.33 -2.15 50.94
N GLU G 2362 48.14 -2.01 49.89
CA GLU G 2362 49.49 -2.57 49.92
C GLU G 2362 50.46 -1.69 50.68
N CYS G 2363 50.11 -0.42 50.91
CA CYS G 2363 51.00 0.52 51.56
C CYS G 2363 51.13 0.20 53.05
N PHE G 2364 50.32 -0.70 53.56
CA PHE G 2364 50.34 -1.05 54.96
C PHE G 2364 51.39 -2.10 55.30
N GLY G 2365 52.12 -2.61 54.31
CA GLY G 2365 53.19 -3.56 54.55
C GLY G 2365 52.77 -5.00 54.38
N PRO G 2366 53.67 -5.92 54.67
CA PRO G 2366 53.34 -7.35 54.58
C PRO G 2366 52.28 -7.76 55.59
N ALA G 2367 52.44 -7.37 56.85
CA ALA G 2367 51.35 -7.52 57.76
C ALA G 2367 50.24 -6.54 57.37
N LEU G 2368 49.07 -6.73 57.96
CA LEU G 2368 47.89 -5.92 57.66
C LEU G 2368 47.49 -6.03 56.20
N ARG G 2369 48.08 -6.95 55.44
CA ARG G 2369 47.67 -7.17 54.06
C ARG G 2369 46.31 -7.85 53.96
N GLY G 2370 45.75 -8.35 55.06
CA GLY G 2370 44.42 -8.91 54.97
C GLY G 2370 44.45 -10.39 54.61
N GLU G 2371 44.30 -10.68 53.33
CA GLU G 2371 44.52 -12.03 52.84
C GLU G 2371 45.96 -12.44 53.08
N GLY G 2372 46.15 -13.68 53.52
CA GLY G 2372 47.49 -14.16 53.86
C GLY G 2372 48.18 -13.27 54.87
N GLY G 2373 47.40 -12.66 55.75
CA GLY G 2373 47.94 -11.65 56.63
C GLY G 2373 48.78 -12.23 57.74
N SER G 2374 49.48 -11.33 58.43
CA SER G 2374 50.23 -11.66 59.63
C SER G 2374 49.85 -10.63 60.67
N GLY G 2375 49.66 -11.08 61.91
CA GLY G 2375 49.37 -10.16 62.99
C GLY G 2375 50.46 -9.12 63.11
N LEU G 2376 50.08 -7.86 63.31
CA LEU G 2376 51.07 -6.82 63.56
C LEU G 2376 52.02 -7.26 64.66
N LEU G 2377 51.45 -7.84 65.72
CA LEU G 2377 52.27 -8.42 66.79
C LEU G 2377 53.18 -9.51 66.22
N ALA G 2378 52.64 -10.39 65.39
CA ALA G 2378 53.45 -11.46 64.83
C ALA G 2378 54.56 -10.92 63.95
N ALA G 2379 54.27 -9.90 63.15
CA ALA G 2379 55.28 -9.31 62.29
C ALA G 2379 56.40 -8.69 63.12
N ILE G 2380 56.03 -8.00 64.20
CA ILE G 2380 57.06 -7.42 65.06
C ILE G 2380 57.88 -8.52 65.73
N GLU G 2381 57.23 -9.62 66.12
CA GLU G 2381 57.98 -10.71 66.72
C GLU G 2381 58.96 -11.31 65.71
N GLU G 2382 58.52 -11.47 64.48
CA GLU G 2382 59.42 -11.93 63.43
C GLU G 2382 60.59 -10.99 63.25
N ALA G 2383 60.37 -9.68 63.30
CA ALA G 2383 61.48 -8.76 63.17
C ALA G 2383 62.39 -8.80 64.40
N ILE G 2384 61.84 -9.15 65.56
CA ILE G 2384 62.70 -9.42 66.71
C ILE G 2384 63.63 -10.58 66.42
N ARG G 2385 63.09 -11.68 65.91
CA ARG G 2385 63.92 -12.86 65.69
C ARG G 2385 64.88 -12.66 64.52
N ILE G 2386 64.54 -11.78 63.58
CA ILE G 2386 65.44 -11.48 62.47
C ILE G 2386 66.55 -10.55 62.92
N SER G 2387 66.39 -9.91 64.07
CA SER G 2387 67.36 -8.91 64.52
C SER G 2387 68.70 -9.54 64.86
N GLU G 2388 68.70 -10.80 65.30
CA GLU G 2388 69.93 -11.41 65.80
C GLU G 2388 70.64 -12.24 64.74
N ASP G 2389 69.89 -13.03 63.99
CA ASP G 2389 70.51 -13.95 63.04
C ASP G 2389 71.23 -13.17 61.96
N PRO G 2390 72.53 -13.38 61.77
CA PRO G 2390 73.26 -12.58 60.78
C PRO G 2390 72.85 -12.85 59.35
N ALA G 2391 72.38 -14.07 59.07
CA ALA G 2391 72.07 -14.43 57.69
C ALA G 2391 70.89 -13.63 57.16
N ARG G 2392 69.92 -13.32 58.02
CA ARG G 2392 68.69 -12.67 57.59
C ARG G 2392 68.66 -11.19 57.95
N ASP G 2393 69.78 -10.63 58.39
CA ASP G 2393 69.87 -9.20 58.65
C ASP G 2393 70.66 -8.45 57.59
N GLY G 2394 71.64 -9.09 56.98
CA GLY G 2394 72.29 -8.51 55.82
C GLY G 2394 73.79 -8.36 55.98
N PRO G 2395 74.56 -9.05 55.12
CA PRO G 2395 76.00 -8.91 55.05
C PRO G 2395 76.40 -7.72 54.18
N ASN G 2414 79.87 -0.63 57.20
CA ASN G 2414 78.44 -0.87 57.18
C ASN G 2414 77.66 0.30 57.78
N ARG G 2415 76.49 0.57 57.22
CA ARG G 2415 75.64 1.65 57.68
C ARG G 2415 74.17 1.28 57.80
N VAL G 2416 73.75 0.14 57.25
CA VAL G 2416 72.33 -0.21 57.16
C VAL G 2416 72.12 -1.64 57.63
N HIS G 2417 71.14 -1.83 58.52
CA HIS G 2417 70.73 -3.14 59.00
C HIS G 2417 69.22 -3.23 58.86
N LEU G 2418 68.69 -4.45 58.92
CA LEU G 2418 67.27 -4.69 58.69
C LEU G 2418 66.46 -4.96 59.95
N GLY G 2419 67.04 -5.64 60.94
CA GLY G 2419 66.27 -5.99 62.12
C GLY G 2419 65.57 -4.79 62.72
N HIS G 2420 66.20 -3.62 62.62
CA HIS G 2420 65.57 -2.37 63.01
C HIS G 2420 64.73 -1.77 61.89
N ALA G 2421 64.99 -2.14 60.63
CA ALA G 2421 64.34 -1.45 59.52
C ALA G 2421 62.85 -1.73 59.49
N ILE G 2422 62.47 -3.00 59.53
CA ILE G 2422 61.04 -3.33 59.50
C ILE G 2422 60.35 -2.73 60.71
N MET G 2423 61.03 -2.75 61.85
CA MET G 2423 60.46 -2.17 63.05
C MET G 2423 60.24 -0.68 62.89
N SER G 2424 61.19 0.02 62.29
CA SER G 2424 60.99 1.44 62.04
C SER G 2424 59.79 1.66 61.14
N PHE G 2425 59.68 0.86 60.08
CA PHE G 2425 58.58 1.04 59.14
C PHE G 2425 57.24 0.90 59.85
N TYR G 2426 57.10 -0.16 60.65
CA TYR G 2426 55.81 -0.38 61.28
C TYR G 2426 55.56 0.61 62.41
N ALA G 2427 56.60 1.02 63.13
CA ALA G 2427 56.43 2.03 64.16
C ALA G 2427 55.98 3.35 63.54
N ALA G 2428 56.59 3.73 62.42
CA ALA G 2428 56.20 4.96 61.74
C ALA G 2428 54.76 4.88 61.25
N LEU G 2429 54.38 3.74 60.68
CA LEU G 2429 53.01 3.58 60.21
C LEU G 2429 52.03 3.71 61.36
N ILE G 2430 52.35 3.09 62.50
CA ILE G 2430 51.44 3.16 63.64
C ILE G 2430 51.36 4.58 64.17
N ASP G 2431 52.49 5.28 64.24
CA ASP G 2431 52.45 6.68 64.67
C ASP G 2431 51.57 7.50 63.76
N LEU G 2432 51.82 7.42 62.45
CA LEU G 2432 51.08 8.22 61.49
C LEU G 2432 49.59 7.92 61.56
N LEU G 2433 49.23 6.65 61.67
CA LEU G 2433 47.83 6.30 61.78
C LEU G 2433 47.23 6.81 63.09
N GLY G 2434 48.04 6.91 64.14
CA GLY G 2434 47.57 7.56 65.34
C GLY G 2434 47.35 9.04 65.17
N ARG G 2435 48.19 9.69 64.36
CA ARG G 2435 48.05 11.12 64.15
C ARG G 2435 46.72 11.46 63.51
N CYS G 2436 46.32 10.70 62.50
CA CYS G 2436 45.09 11.01 61.78
C CYS G 2436 43.86 10.82 62.64
N ALA G 2437 43.98 10.17 63.79
CA ALA G 2437 42.83 9.96 64.65
C ALA G 2437 42.26 11.30 65.08
N PRO G 2438 40.94 11.44 65.09
CA PRO G 2438 40.35 12.74 65.44
C PRO G 2438 40.63 13.11 66.89
N GLU G 2439 40.68 14.41 67.13
CA GLU G 2439 40.87 14.93 68.48
C GLU G 2439 39.55 14.85 69.25
N MET G 2440 39.52 15.37 70.47
CA MET G 2440 38.37 15.15 71.34
C MET G 2440 37.15 15.98 70.90
N HIS G 2441 37.37 17.15 70.29
CA HIS G 2441 36.26 17.99 69.88
C HIS G 2441 35.30 17.21 68.99
N LEU G 2442 35.83 16.58 67.94
CA LEU G 2442 34.99 15.87 66.99
C LEU G 2442 34.39 14.61 67.61
N ILE G 2443 35.16 13.93 68.46
CA ILE G 2443 34.68 12.69 69.06
C ILE G 2443 33.48 12.94 69.96
N GLN G 2444 33.54 13.97 70.80
CA GLN G 2444 32.38 14.31 71.61
C GLN G 2444 31.30 15.03 70.82
N ALA G 2445 31.64 15.64 69.69
CA ALA G 2445 30.65 16.32 68.87
C ALA G 2445 29.76 15.37 68.10
N GLY G 2446 30.10 14.07 68.07
CA GLY G 2446 29.31 13.11 67.33
C GLY G 2446 29.36 13.36 65.84
N LYS G 2447 30.43 14.00 65.38
CA LYS G 2447 30.57 14.26 63.97
C LYS G 2447 30.74 12.96 63.20
N GLY G 2448 29.91 12.78 62.16
CA GLY G 2448 29.84 11.50 61.49
C GLY G 2448 31.16 11.08 60.86
N GLU G 2449 31.81 12.02 60.17
CA GLU G 2449 33.07 11.69 59.51
C GLU G 2449 34.13 11.29 60.53
N ALA G 2450 34.17 11.97 61.68
CA ALA G 2450 35.17 11.67 62.69
C ALA G 2450 35.01 10.24 63.20
N LEU G 2451 33.79 9.87 63.59
CA LEU G 2451 33.55 8.53 64.08
C LEU G 2451 33.85 7.50 63.00
N ARG G 2452 33.51 7.82 61.75
CA ARG G 2452 33.78 6.88 60.66
C ARG G 2452 35.28 6.64 60.51
N ILE G 2453 36.08 7.72 60.53
CA ILE G 2453 37.52 7.55 60.37
C ILE G 2453 38.09 6.77 61.54
N ARG G 2454 37.62 7.06 62.76
CA ARG G 2454 38.14 6.33 63.91
C ARG G 2454 37.79 4.86 63.83
N ALA G 2455 36.57 4.55 63.40
CA ALA G 2455 36.21 3.15 63.23
C ALA G 2455 37.07 2.48 62.17
N ILE G 2456 37.39 3.21 61.11
CA ILE G 2456 38.22 2.65 60.06
C ILE G 2456 39.60 2.31 60.61
N LEU G 2457 40.19 3.22 61.37
CA LEU G 2457 41.48 2.93 61.98
C LEU G 2457 41.39 1.80 62.99
N ARG G 2458 40.29 1.74 63.74
CA ARG G 2458 40.12 0.66 64.71
C ARG G 2458 40.10 -0.68 64.02
N SER G 2459 39.41 -0.77 62.89
CA SER G 2459 39.41 -2.00 62.12
C SER G 2459 40.79 -2.28 61.54
N LEU G 2460 41.51 -1.23 61.13
CA LEU G 2460 42.79 -1.43 60.45
C LEU G 2460 43.81 -2.11 61.35
N VAL G 2461 43.75 -1.88 62.66
CA VAL G 2461 44.69 -2.50 63.58
C VAL G 2461 43.94 -2.98 64.83
N PRO G 2462 44.09 -4.25 65.20
CA PRO G 2462 43.40 -4.76 66.39
C PRO G 2462 43.97 -4.16 67.67
N LEU G 2463 43.47 -4.66 68.79
CA LEU G 2463 43.99 -4.22 70.08
C LEU G 2463 45.07 -5.14 70.61
N ASP G 2464 44.86 -6.45 70.52
CA ASP G 2464 45.75 -7.39 71.18
C ASP G 2464 47.20 -7.18 70.75
N ASP G 2465 47.42 -6.94 69.46
CA ASP G 2465 48.78 -6.65 68.99
C ASP G 2465 49.30 -5.36 69.59
N LEU G 2466 48.43 -4.37 69.79
CA LEU G 2466 48.90 -3.10 70.33
C LEU G 2466 49.48 -3.28 71.72
N VAL G 2467 48.68 -3.77 72.67
CA VAL G 2467 49.17 -3.99 74.02
C VAL G 2467 50.21 -5.08 74.06
N GLY G 2468 50.30 -5.91 73.04
CA GLY G 2468 51.35 -6.91 72.96
C GLY G 2468 52.70 -6.32 72.61
N ILE G 2469 52.74 -5.43 71.63
CA ILE G 2469 53.99 -4.76 71.32
C ILE G 2469 54.35 -3.79 72.43
N ILE G 2470 53.36 -3.37 73.22
CA ILE G 2470 53.68 -2.79 74.51
C ILE G 2470 54.42 -3.78 75.41
N SER G 2471 54.21 -5.07 75.21
CA SER G 2471 54.68 -6.08 76.16
C SER G 2471 55.94 -6.81 75.72
N LEU G 2472 56.66 -6.28 74.74
CA LEU G 2472 57.89 -6.90 74.27
C LEU G 2472 58.93 -6.95 75.38
N PRO G 2473 59.93 -7.85 75.30
CA PRO G 2473 61.08 -7.72 76.19
C PRO G 2473 62.17 -6.84 75.58
N LEU G 2474 62.74 -5.96 76.38
CA LEU G 2474 63.64 -4.92 75.92
C LEU G 2474 65.03 -5.22 76.47
N GLN G 2475 65.94 -5.63 75.60
CA GLN G 2475 67.25 -6.09 76.06
C GLN G 2475 68.01 -4.93 76.69
N ILE G 2476 68.03 -4.92 78.02
CA ILE G 2476 68.58 -3.88 78.87
C ILE G 2476 70.11 -3.94 78.79
N PRO G 2477 70.84 -2.81 78.93
CA PRO G 2477 72.30 -2.90 78.95
C PRO G 2477 72.78 -3.89 79.99
N THR G 2478 73.36 -4.98 79.52
CA THR G 2478 73.70 -6.08 80.40
C THR G 2478 74.91 -5.73 81.24
N LEU G 2479 74.74 -5.74 82.56
CA LEU G 2479 75.82 -5.46 83.48
C LEU G 2479 76.84 -6.60 83.45
N GLY G 2480 77.91 -6.42 84.22
CA GLY G 2480 78.89 -7.47 84.34
C GLY G 2480 79.50 -7.83 83.00
N LYS G 2481 79.32 -9.09 82.61
CA LYS G 2481 79.93 -9.64 81.40
C LYS G 2481 81.44 -9.41 81.43
N ASP G 2482 82.07 -9.99 82.45
CA ASP G 2482 83.48 -9.82 82.81
C ASP G 2482 83.76 -8.41 83.33
N GLY G 2483 82.73 -7.62 83.64
CA GLY G 2483 82.90 -6.31 84.21
C GLY G 2483 82.75 -5.15 83.24
N ALA G 2484 82.81 -5.41 81.93
CA ALA G 2484 82.79 -4.36 80.93
C ALA G 2484 81.38 -4.16 80.39
N LEU G 2485 80.99 -2.90 80.22
CA LEU G 2485 79.69 -2.59 79.64
C LEU G 2485 79.58 -3.18 78.23
N VAL G 2486 78.50 -3.92 77.99
CA VAL G 2486 78.16 -4.40 76.64
C VAL G 2486 76.69 -4.06 76.40
N GLN G 2487 76.45 -2.89 75.84
CA GLN G 2487 75.09 -2.46 75.55
C GLN G 2487 74.68 -2.92 74.15
N PRO G 2488 73.40 -3.21 73.94
CA PRO G 2488 72.95 -3.56 72.59
C PRO G 2488 72.87 -2.33 71.71
N LYS G 2489 73.29 -2.48 70.46
CA LYS G 2489 73.29 -1.35 69.52
C LYS G 2489 71.85 -1.00 69.18
N MET G 2490 71.32 0.04 69.80
CA MET G 2490 70.00 0.52 69.43
C MET G 2490 70.02 1.39 68.21
N SER G 2491 71.07 1.30 67.40
CA SER G 2491 70.95 1.65 65.99
C SER G 2491 70.55 0.45 65.16
N ALA G 2492 70.57 -0.75 65.75
CA ALA G 2492 70.21 -1.96 65.05
C ALA G 2492 69.42 -2.95 65.90
N SER G 2493 68.81 -2.52 67.00
CA SER G 2493 68.01 -3.40 67.81
C SER G 2493 66.59 -2.83 67.96
N PHE G 2494 65.77 -3.50 68.76
CA PHE G 2494 64.46 -2.96 69.10
C PHE G 2494 64.64 -1.76 70.00
N VAL G 2495 64.72 -0.59 69.40
CA VAL G 2495 64.74 0.63 70.22
C VAL G 2495 63.38 0.77 70.90
N PRO G 2496 63.34 1.11 72.19
CA PRO G 2496 62.06 1.29 72.85
C PRO G 2496 61.22 2.38 72.21
N ASP G 2497 61.85 3.31 71.49
CA ASP G 2497 61.08 4.34 70.81
C ASP G 2497 60.05 3.74 69.87
N HIS G 2498 60.35 2.56 69.31
CA HIS G 2498 59.36 1.85 68.52
C HIS G 2498 58.05 1.73 69.24
N LYS G 2499 58.09 1.31 70.49
CA LYS G 2499 56.89 1.15 71.30
C LYS G 2499 56.18 2.47 71.55
N ALA G 2500 56.92 3.58 71.58
CA ALA G 2500 56.29 4.88 71.85
C ALA G 2500 55.15 5.14 70.87
N SER G 2501 55.39 4.84 69.59
CA SER G 2501 54.34 4.99 68.60
C SER G 2501 53.08 4.25 69.01
N MET G 2502 53.22 2.99 69.38
CA MET G 2502 52.04 2.21 69.77
C MET G 2502 51.47 2.67 71.10
N VAL G 2503 52.25 3.38 71.91
CA VAL G 2503 51.64 4.04 73.06
C VAL G 2503 50.76 5.19 72.63
N LEU G 2504 51.18 5.96 71.62
CA LEU G 2504 50.38 7.08 71.14
C LEU G 2504 49.05 6.62 70.58
N PHE G 2505 49.08 5.63 69.68
CA PHE G 2505 47.87 5.11 69.06
C PHE G 2505 46.85 4.74 70.11
N LEU G 2506 47.27 3.98 71.11
CA LEU G 2506 46.36 3.54 72.16
C LEU G 2506 45.69 4.72 72.83
N ASP G 2507 46.44 5.78 73.11
CA ASP G 2507 45.86 6.96 73.73
C ASP G 2507 44.85 7.61 72.79
N ARG G 2508 45.18 7.70 71.50
CA ARG G 2508 44.36 8.51 70.61
C ARG G 2508 43.17 7.73 70.07
N VAL G 2509 43.35 6.45 69.74
CA VAL G 2509 42.31 5.73 69.04
C VAL G 2509 41.50 4.89 70.02
N TYR G 2510 42.14 3.90 70.64
CA TYR G 2510 41.41 3.00 71.52
C TYR G 2510 41.05 3.68 72.83
N GLY G 2511 42.00 4.38 73.44
CA GLY G 2511 41.75 5.08 74.69
C GLY G 2511 41.79 4.16 75.89
N ILE G 2512 41.78 4.78 77.07
CA ILE G 2512 41.71 4.07 78.33
C ILE G 2512 40.41 4.50 79.00
N GLU G 2513 39.36 3.72 78.79
CA GLU G 2513 38.03 4.08 79.28
C GLU G 2513 37.64 3.33 80.56
N ASN G 2514 38.10 2.10 80.73
CA ASN G 2514 37.77 1.32 81.91
C ASN G 2514 39.02 1.13 82.76
N GLN G 2515 38.82 1.17 84.07
CA GLN G 2515 39.94 0.99 84.99
C GLN G 2515 40.58 -0.39 84.84
N ASP G 2516 39.80 -1.40 84.46
CA ASP G 2516 40.32 -2.76 84.35
C ASP G 2516 41.37 -2.87 83.26
N PHE G 2517 41.06 -2.34 82.07
CA PHE G 2517 42.02 -2.35 80.97
C PHE G 2517 43.31 -1.68 81.37
N LEU G 2518 43.22 -0.61 82.17
CA LEU G 2518 44.39 0.08 82.66
C LEU G 2518 45.21 -0.80 83.60
N LEU G 2519 44.56 -1.41 84.60
CA LEU G 2519 45.34 -2.29 85.46
C LEU G 2519 45.82 -3.53 84.73
N HIS G 2520 45.32 -3.79 83.53
CA HIS G 2520 45.89 -4.84 82.69
C HIS G 2520 47.16 -4.37 81.97
N VAL G 2521 47.07 -3.21 81.29
CA VAL G 2521 48.22 -2.72 80.55
C VAL G 2521 49.36 -2.37 81.49
N LEU G 2522 49.04 -2.03 82.75
CA LEU G 2522 50.10 -1.74 83.70
C LEU G 2522 50.99 -2.95 83.95
N ASP G 2523 50.39 -4.13 84.06
CA ASP G 2523 51.19 -5.31 84.33
C ASP G 2523 51.81 -5.89 83.07
N VAL G 2524 51.06 -5.93 81.97
CA VAL G 2524 51.53 -6.67 80.80
C VAL G 2524 52.67 -5.94 80.11
N GLY G 2525 52.58 -4.61 79.98
CA GLY G 2525 53.59 -3.89 79.23
C GLY G 2525 54.29 -2.72 79.90
N PHE G 2526 53.62 -2.04 80.83
CA PHE G 2526 54.14 -0.75 81.30
C PHE G 2526 55.17 -0.89 82.43
N LEU G 2527 54.76 -1.43 83.56
CA LEU G 2527 55.60 -1.43 84.76
C LEU G 2527 56.95 -2.12 84.57
N PRO G 2528 57.02 -3.30 83.93
CA PRO G 2528 58.33 -3.96 83.77
C PRO G 2528 59.30 -3.12 82.97
N ASP G 2529 58.80 -2.07 82.32
CA ASP G 2529 59.66 -1.13 81.63
C ASP G 2529 60.14 -0.01 82.54
N MET G 2530 59.25 0.49 83.39
CA MET G 2530 59.65 1.60 84.26
C MET G 2530 60.68 1.14 85.27
N ARG G 2531 60.54 -0.06 85.84
CA ARG G 2531 61.62 -0.49 86.73
C ARG G 2531 62.81 -1.04 85.96
N ALA G 2532 62.64 -1.38 84.68
CA ALA G 2532 63.83 -1.53 83.85
C ALA G 2532 64.66 -0.24 83.86
N ALA G 2533 63.99 0.90 83.63
CA ALA G 2533 64.69 2.18 83.69
C ALA G 2533 65.23 2.47 85.09
N ALA G 2534 64.42 2.21 86.12
CA ALA G 2534 64.83 2.51 87.48
C ALA G 2534 66.05 1.70 87.90
N SER G 2535 66.11 0.43 87.49
CA SER G 2535 67.33 -0.35 87.66
C SER G 2535 68.48 0.28 86.90
N LEU G 2536 68.22 0.77 85.68
CA LEU G 2536 69.26 1.45 84.93
C LEU G 2536 69.70 2.77 85.54
N ASP G 2537 68.98 3.27 86.54
CA ASP G 2537 69.34 4.56 87.13
C ASP G 2537 70.69 4.55 87.84
N THR G 2538 71.41 3.44 87.86
CA THR G 2538 72.67 3.37 88.58
C THR G 2538 73.73 4.23 87.91
N ALA G 2539 74.80 4.51 88.64
CA ALA G 2539 75.82 5.45 88.18
C ALA G 2539 76.46 4.99 86.88
N THR G 2540 76.86 3.73 86.81
CA THR G 2540 77.54 3.26 85.60
C THR G 2540 76.60 3.22 84.40
N PHE G 2541 75.34 2.83 84.60
CA PHE G 2541 74.41 2.71 83.49
C PHE G 2541 73.47 3.91 83.40
N SER G 2542 73.84 5.03 84.02
CA SER G 2542 73.02 6.23 83.92
C SER G 2542 73.09 6.82 82.52
N THR G 2543 74.27 6.78 81.91
CA THR G 2543 74.52 7.48 80.65
C THR G 2543 74.58 6.54 79.45
N THR G 2544 74.35 5.25 79.63
CA THR G 2544 74.31 4.36 78.47
C THR G 2544 73.14 4.75 77.57
N GLU G 2545 73.37 4.72 76.25
CA GLU G 2545 72.41 5.32 75.33
C GLU G 2545 71.04 4.66 75.43
N MET G 2546 71.01 3.37 75.78
CA MET G 2546 69.73 2.73 76.07
C MET G 2546 69.02 3.40 77.23
N ALA G 2547 69.74 3.73 78.29
CA ALA G 2547 69.11 4.42 79.41
C ALA G 2547 68.52 5.75 78.98
N LEU G 2548 69.27 6.51 78.18
CA LEU G 2548 68.77 7.81 77.72
C LEU G 2548 67.53 7.65 76.87
N ALA G 2549 67.55 6.68 75.95
CA ALA G 2549 66.40 6.45 75.11
C ALA G 2549 65.19 6.03 75.94
N LEU G 2550 65.41 5.18 76.94
CA LEU G 2550 64.29 4.74 77.77
C LEU G 2550 63.73 5.88 78.61
N ASN G 2551 64.60 6.75 79.12
CA ASN G 2551 64.13 7.90 79.87
C ASN G 2551 63.27 8.80 79.00
N ARG G 2552 63.75 9.11 77.79
CA ARG G 2552 62.98 9.92 76.88
C ARG G 2552 61.65 9.25 76.55
N TYR G 2553 61.69 7.94 76.31
CA TYR G 2553 60.49 7.17 76.05
C TYR G 2553 59.47 7.32 77.18
N LEU G 2554 59.89 7.09 78.41
CA LEU G 2554 58.94 7.15 79.52
C LEU G 2554 58.38 8.54 79.69
N CYS G 2555 59.23 9.57 79.57
CA CYS G 2555 58.74 10.91 79.81
C CYS G 2555 57.83 11.39 78.69
N LEU G 2556 57.96 10.83 77.49
CA LEU G 2556 57.16 11.33 76.38
C LEU G 2556 55.86 10.56 76.17
N ALA G 2557 55.83 9.25 76.45
CA ALA G 2557 54.69 8.42 76.08
C ALA G 2557 53.93 7.88 77.28
N VAL G 2558 54.59 7.16 78.19
CA VAL G 2558 53.88 6.40 79.21
C VAL G 2558 53.40 7.32 80.32
N LEU G 2559 54.34 8.01 80.96
CA LEU G 2559 54.01 8.84 82.11
C LEU G 2559 52.93 9.88 81.83
N PRO G 2560 52.93 10.61 80.70
CA PRO G 2560 51.80 11.51 80.44
C PRO G 2560 50.47 10.79 80.34
N LEU G 2561 50.45 9.59 79.76
CA LEU G 2561 49.21 8.83 79.68
C LEU G 2561 48.72 8.47 81.08
N ILE G 2562 49.64 8.05 81.94
CA ILE G 2562 49.27 7.78 83.32
C ILE G 2562 48.74 9.03 84.00
N THR G 2563 49.37 10.17 83.74
CA THR G 2563 48.92 11.41 84.34
C THR G 2563 47.50 11.72 83.93
N LYS G 2564 47.19 11.55 82.65
CA LYS G 2564 45.84 11.80 82.18
C LYS G 2564 44.84 10.82 82.76
N CYS G 2565 45.21 9.55 82.89
CA CYS G 2565 44.28 8.52 83.39
C CYS G 2565 44.29 8.39 84.90
N ALA G 2566 45.02 9.27 85.59
CA ALA G 2566 45.07 9.22 87.05
C ALA G 2566 43.70 9.16 87.74
N PRO G 2567 42.67 9.91 87.32
CA PRO G 2567 41.41 9.86 88.08
C PRO G 2567 40.79 8.48 88.19
N LEU G 2568 41.13 7.56 87.30
CA LEU G 2568 40.50 6.24 87.31
C LEU G 2568 40.90 5.39 88.51
N PHE G 2569 41.97 5.78 89.23
CA PHE G 2569 42.49 4.90 90.28
C PHE G 2569 41.68 4.92 91.55
N ALA G 2570 40.71 5.83 91.67
CA ALA G 2570 40.06 6.06 92.96
C ALA G 2570 39.46 4.78 93.53
N GLY G 2571 39.04 3.86 92.67
CA GLY G 2571 38.41 2.65 93.15
C GLY G 2571 39.31 1.44 93.14
N THR G 2572 40.62 1.64 93.00
CA THR G 2572 41.56 0.53 92.96
C THR G 2572 41.79 0.01 94.37
N GLU G 2573 40.71 -0.49 94.97
CA GLU G 2573 40.78 -1.13 96.27
C GLU G 2573 40.86 -2.64 96.17
N HIS G 2574 40.26 -3.24 95.14
CA HIS G 2574 40.32 -4.68 94.97
C HIS G 2574 41.75 -5.13 94.74
N ARG G 2575 42.47 -4.42 93.87
CA ARG G 2575 43.83 -4.78 93.49
C ARG G 2575 44.78 -3.84 94.22
N ALA G 2576 45.75 -4.41 94.94
CA ALA G 2576 46.50 -3.66 95.93
C ALA G 2576 47.97 -3.45 95.58
N ILE G 2577 48.73 -4.52 95.32
CA ILE G 2577 50.18 -4.37 95.22
C ILE G 2577 50.63 -3.64 93.96
N MET G 2578 49.80 -3.62 92.91
CA MET G 2578 50.10 -2.74 91.79
C MET G 2578 50.23 -1.29 92.22
N VAL G 2579 49.31 -0.80 93.07
CA VAL G 2579 49.35 0.60 93.44
C VAL G 2579 50.62 0.92 94.21
N ASP G 2580 50.93 0.10 95.21
CA ASP G 2580 52.13 0.34 96.01
C ASP G 2580 53.39 0.24 95.15
N SER G 2581 53.45 -0.79 94.32
CA SER G 2581 54.62 -0.99 93.47
C SER G 2581 54.80 0.17 92.52
N MET G 2582 53.72 0.65 91.92
CA MET G 2582 53.81 1.76 90.98
C MET G 2582 54.25 3.04 91.68
N LEU G 2583 53.66 3.35 92.83
CA LEU G 2583 54.09 4.52 93.58
C LEU G 2583 55.58 4.44 93.85
N HIS G 2584 56.05 3.27 94.29
CA HIS G 2584 57.44 3.12 94.65
C HIS G 2584 58.34 3.31 93.44
N THR G 2585 57.95 2.75 92.31
CA THR G 2585 58.73 2.86 91.08
C THR G 2585 58.83 4.30 90.61
N VAL G 2586 57.69 4.99 90.55
CA VAL G 2586 57.68 6.38 90.10
C VAL G 2586 58.56 7.22 91.00
N TYR G 2587 58.43 7.03 92.31
CA TYR G 2587 59.28 7.80 93.22
C TYR G 2587 60.75 7.53 92.97
N ARG G 2588 61.14 6.26 92.83
CA ARG G 2588 62.55 5.97 92.67
C ARG G 2588 63.07 6.58 91.37
N LEU G 2589 62.27 6.53 90.31
CA LEU G 2589 62.69 7.17 89.07
C LEU G 2589 62.79 8.68 89.23
N SER G 2590 61.99 9.27 90.12
CA SER G 2590 62.02 10.71 90.30
C SER G 2590 63.35 11.21 90.85
N ARG G 2591 64.07 10.38 91.61
CA ARG G 2591 65.32 10.79 92.23
C ARG G 2591 66.51 10.69 91.30
N GLY G 2592 66.33 10.16 90.10
CA GLY G 2592 67.45 9.74 89.30
C GLY G 2592 68.32 10.88 88.82
N ARG G 2593 69.47 10.49 88.29
CA ARG G 2593 70.39 11.41 87.63
C ARG G 2593 70.18 11.34 86.12
N SER G 2594 70.84 12.26 85.41
CA SER G 2594 70.81 12.32 83.95
C SER G 2594 69.41 12.55 83.40
N LEU G 2595 68.45 12.86 84.26
CA LEU G 2595 67.13 13.22 83.78
C LEU G 2595 67.05 14.73 83.57
N THR G 2596 66.72 15.14 82.36
CA THR G 2596 66.70 16.55 82.02
C THR G 2596 65.63 17.27 82.82
N LYS G 2597 65.84 18.58 83.03
CA LYS G 2597 65.01 19.33 83.96
C LYS G 2597 63.53 19.28 83.55
N ALA G 2598 63.23 19.46 82.26
CA ALA G 2598 61.86 19.37 81.82
C ALA G 2598 61.32 17.96 82.04
N GLN G 2599 62.17 16.96 81.80
CA GLN G 2599 61.76 15.58 82.05
C GLN G 2599 61.49 15.34 83.52
N ARG G 2600 62.31 15.93 84.39
CA ARG G 2600 62.06 15.83 85.82
C ARG G 2600 60.72 16.48 86.18
N ASP G 2601 60.42 17.62 85.54
CA ASP G 2601 59.11 18.23 85.75
C ASP G 2601 58.00 17.29 85.32
N VAL G 2602 58.19 16.59 84.20
CA VAL G 2602 57.17 15.66 83.72
C VAL G 2602 56.94 14.56 84.75
N ILE G 2603 58.02 13.95 85.24
CA ILE G 2603 57.85 12.81 86.13
C ILE G 2603 57.26 13.25 87.46
N GLU G 2604 57.69 14.41 87.98
CA GLU G 2604 57.12 14.87 89.24
C GLU G 2604 55.65 15.24 89.06
N ASP G 2605 55.30 15.80 87.91
CA ASP G 2605 53.89 16.10 87.66
C ASP G 2605 53.07 14.83 87.65
N CYS G 2606 53.57 13.78 86.99
CA CYS G 2606 52.84 12.52 86.99
C CYS G 2606 52.67 11.98 88.39
N LEU G 2607 53.72 12.04 89.21
CA LEU G 2607 53.63 11.49 90.56
C LEU G 2607 52.65 12.29 91.42
N MET G 2608 52.74 13.61 91.37
CA MET G 2608 51.91 14.41 92.25
C MET G 2608 50.49 14.55 91.74
N ALA G 2609 50.22 14.25 90.46
CA ALA G 2609 48.86 14.07 90.02
C ALA G 2609 48.37 12.67 90.37
N LEU G 2610 49.30 11.72 90.45
CA LEU G 2610 48.95 10.35 90.80
C LEU G 2610 48.48 10.25 92.25
N CYS G 2611 49.19 10.90 93.17
CA CYS G 2611 48.87 10.75 94.59
C CYS G 2611 47.49 11.32 94.92
N ARG G 2612 46.94 12.16 94.06
CA ARG G 2612 45.63 12.75 94.26
C ARG G 2612 44.53 11.70 94.38
N TYR G 2613 44.29 10.97 93.30
CA TYR G 2613 43.06 10.20 93.20
C TYR G 2613 43.13 8.89 93.99
N ILE G 2614 44.32 8.46 94.40
CA ILE G 2614 44.43 7.17 95.06
C ILE G 2614 43.87 7.26 96.48
N ARG G 2615 43.46 6.12 97.02
CA ARG G 2615 42.93 6.08 98.37
C ARG G 2615 44.01 6.41 99.39
N PRO G 2616 43.64 7.13 100.47
CA PRO G 2616 44.68 7.60 101.41
C PRO G 2616 45.48 6.49 102.05
N SER G 2617 44.80 5.41 102.45
CA SER G 2617 45.48 4.33 103.16
C SER G 2617 46.54 3.68 102.29
N MET G 2618 46.24 3.50 101.02
CA MET G 2618 47.05 2.68 100.15
C MET G 2618 48.26 3.43 99.61
N LEU G 2619 48.39 4.70 99.95
CA LEU G 2619 49.61 5.47 99.76
C LEU G 2619 50.58 5.29 100.93
N GLN G 2620 50.17 4.53 101.95
CA GLN G 2620 50.92 4.44 103.19
C GLN G 2620 52.37 4.05 102.97
N HIS G 2621 52.61 3.03 102.15
CA HIS G 2621 53.99 2.59 101.92
C HIS G 2621 54.83 3.72 101.36
N LEU G 2622 54.27 4.50 100.45
CA LEU G 2622 55.00 5.64 99.92
C LEU G 2622 55.35 6.61 101.04
N LEU G 2623 54.45 6.80 102.00
CA LEU G 2623 54.81 7.57 103.18
C LEU G 2623 56.02 6.99 103.87
N ARG G 2624 55.99 5.67 104.15
CA ARG G 2624 57.20 4.96 104.54
C ARG G 2624 58.39 5.51 103.80
N ARG G 2625 58.28 5.53 102.47
CA ARG G 2625 59.45 5.71 101.65
C ARG G 2625 60.05 7.05 102.05
N LEU G 2626 59.16 8.04 102.06
CA LEU G 2626 59.49 9.44 102.24
C LEU G 2626 60.08 9.70 103.61
N VAL G 2627 59.60 9.00 104.64
CA VAL G 2627 60.01 9.38 105.99
C VAL G 2627 61.48 9.07 106.17
N PHE G 2628 62.14 8.52 105.14
CA PHE G 2628 63.58 8.42 105.22
C PHE G 2628 64.31 9.34 104.25
N ASP G 2629 63.66 9.76 103.16
CA ASP G 2629 64.29 10.59 102.14
C ASP G 2629 64.14 12.07 102.41
N VAL G 2630 62.96 12.53 102.83
CA VAL G 2630 62.73 13.95 103.03
C VAL G 2630 63.44 14.53 104.26
N PRO G 2631 63.60 13.81 105.39
CA PRO G 2631 64.10 14.50 106.59
C PRO G 2631 65.45 15.17 106.40
N ILE G 2632 66.30 14.65 105.52
CA ILE G 2632 67.56 15.34 105.25
C ILE G 2632 67.30 16.69 104.60
N LEU G 2633 66.21 16.81 103.85
CA LEU G 2633 65.89 18.03 103.10
C LEU G 2633 67.10 18.54 102.33
N ASN G 2634 67.58 17.72 101.41
CA ASN G 2634 68.56 18.12 100.42
C ASN G 2634 67.88 18.94 99.32
N GLU G 2635 68.65 19.28 98.29
CA GLU G 2635 68.07 19.98 97.14
C GLU G 2635 67.01 19.12 96.47
N PHE G 2636 67.30 17.84 96.27
CA PHE G 2636 66.36 16.96 95.58
C PHE G 2636 65.04 16.84 96.32
N ALA G 2637 65.01 17.14 97.61
CA ALA G 2637 63.78 17.11 98.38
C ALA G 2637 62.87 18.29 98.10
N LYS G 2638 63.18 19.09 97.07
CA LYS G 2638 62.35 20.26 96.79
C LYS G 2638 60.95 19.86 96.36
N MET G 2639 60.81 18.78 95.60
CA MET G 2639 59.51 18.37 95.08
C MET G 2639 58.64 17.66 96.11
N PRO G 2640 59.14 16.61 96.82
CA PRO G 2640 58.23 15.74 97.57
C PRO G 2640 57.33 16.50 98.53
N LEU G 2641 57.87 17.61 99.04
CA LEU G 2641 57.15 18.41 100.03
C LEU G 2641 55.77 18.78 99.50
N LYS G 2642 55.67 19.05 98.19
CA LYS G 2642 54.37 19.33 97.60
C LYS G 2642 53.46 18.13 97.69
N LEU G 2643 53.98 16.93 97.45
CA LEU G 2643 53.16 15.73 97.56
C LEU G 2643 52.63 15.57 98.97
N LEU G 2644 53.50 15.79 99.96
CA LEU G 2644 53.08 15.64 101.34
C LEU G 2644 51.99 16.65 101.68
N THR G 2645 52.22 17.91 101.33
CA THR G 2645 51.24 18.94 101.64
C THR G 2645 49.91 18.67 100.96
N ASN G 2646 49.93 18.36 99.67
CA ASN G 2646 48.71 18.07 98.93
C ASN G 2646 48.05 16.77 99.38
N HIS G 2647 48.76 15.94 100.14
CA HIS G 2647 48.14 14.76 100.74
C HIS G 2647 47.45 15.07 102.05
N TYR G 2648 48.19 15.53 103.06
CA TYR G 2648 47.57 15.77 104.36
C TYR G 2648 46.54 16.90 104.31
N GLU G 2649 46.83 18.00 103.62
CA GLU G 2649 45.81 19.03 103.47
C GLU G 2649 44.56 18.48 102.82
N ARG G 2650 44.70 17.48 101.96
CA ARG G 2650 43.56 16.71 101.49
C ARG G 2650 43.07 15.73 102.54
N CYS G 2651 43.98 15.08 103.27
CA CYS G 2651 43.65 13.97 104.15
C CYS G 2651 43.63 14.35 105.62
N TRP G 2652 43.28 15.60 105.94
CA TRP G 2652 43.34 16.02 107.34
C TRP G 2652 42.36 15.25 108.20
N LYS G 2653 41.13 15.08 107.71
CA LYS G 2653 40.10 14.45 108.54
C LYS G 2653 40.14 12.93 108.42
N TYR G 2654 40.92 12.38 107.49
CA TYR G 2654 41.18 10.95 107.55
C TYR G 2654 42.01 10.59 108.76
N TYR G 2655 42.87 11.50 109.20
CA TYR G 2655 43.76 11.25 110.33
C TYR G 2655 43.17 11.76 111.64
N CYS G 2656 42.80 13.04 111.68
CA CYS G 2656 42.41 13.66 112.94
C CYS G 2656 41.10 13.06 113.48
N LEU G 2657 40.07 13.01 112.64
CA LEU G 2657 38.77 12.60 113.13
C LEU G 2657 38.73 11.09 113.37
N PRO G 2658 37.99 10.64 114.40
CA PRO G 2658 37.93 9.19 114.65
C PRO G 2658 37.12 8.44 113.61
N THR G 2659 36.06 9.05 113.08
CA THR G 2659 35.25 8.38 112.07
C THR G 2659 35.99 8.27 110.75
N GLY G 2660 36.84 9.25 110.45
CA GLY G 2660 37.60 9.25 109.22
C GLY G 2660 36.75 9.65 108.01
N TRP G 2661 37.39 9.63 106.85
CA TRP G 2661 36.66 9.82 105.60
C TRP G 2661 35.55 8.79 105.44
N ALA G 2662 34.41 9.25 104.93
CA ALA G 2662 33.36 8.33 104.51
C ALA G 2662 33.89 7.40 103.42
N ASN G 2663 33.85 6.10 103.71
CA ASN G 2663 34.17 5.00 102.82
C ASN G 2663 35.67 4.87 102.57
N PHE G 2664 36.49 5.81 103.01
CA PHE G 2664 37.93 5.70 102.88
C PHE G 2664 38.61 5.28 104.17
N GLY G 2665 37.84 4.80 105.14
CA GLY G 2665 38.40 4.17 106.32
C GLY G 2665 38.91 5.17 107.34
N VAL G 2666 39.64 4.62 108.31
CA VAL G 2666 40.24 5.40 109.38
C VAL G 2666 41.73 5.12 109.34
N THR G 2667 42.52 6.16 109.63
CA THR G 2667 43.97 6.01 109.64
C THR G 2667 44.38 4.88 110.56
N SER G 2668 45.22 3.99 110.05
CA SER G 2668 45.75 2.92 110.86
C SER G 2668 46.64 3.52 111.95
N GLU G 2669 46.87 2.74 112.99
CA GLU G 2669 47.61 3.20 114.17
C GLU G 2669 49.07 3.46 113.81
N GLU G 2670 49.69 2.52 113.09
CA GLU G 2670 51.06 2.71 112.61
C GLU G 2670 51.16 3.91 111.68
N GLU G 2671 50.13 4.15 110.88
CA GLU G 2671 50.18 5.26 109.94
C GLU G 2671 50.34 6.60 110.65
N LEU G 2672 49.60 6.79 111.74
CA LEU G 2672 49.77 8.01 112.52
C LEU G 2672 51.17 8.08 113.11
N HIS G 2673 51.72 6.93 113.53
CA HIS G 2673 53.10 6.94 113.99
C HIS G 2673 54.03 7.48 112.91
N LEU G 2674 53.86 7.02 111.67
CA LEU G 2674 54.71 7.51 110.58
C LEU G 2674 54.55 9.00 110.37
N THR G 2675 53.32 9.50 110.39
CA THR G 2675 53.07 10.91 110.09
C THR G 2675 53.80 11.79 111.10
N ARG G 2676 53.78 11.38 112.36
CA ARG G 2676 54.42 12.16 113.40
C ARG G 2676 55.92 12.08 113.30
N LYS G 2677 56.47 10.86 113.14
CA LYS G 2677 57.92 10.78 112.99
C LYS G 2677 58.37 11.68 111.87
N LEU G 2678 57.56 11.74 110.81
CA LEU G 2678 57.78 12.69 109.74
C LEU G 2678 57.79 14.12 110.27
N PHE G 2679 56.75 14.49 111.03
CA PHE G 2679 56.60 15.89 111.40
C PHE G 2679 57.76 16.35 112.28
N TRP G 2680 58.12 15.52 113.27
CA TRP G 2680 59.23 15.88 114.15
C TRP G 2680 60.55 15.88 113.41
N GLY G 2681 60.79 14.89 112.55
CA GLY G 2681 62.03 14.89 111.79
C GLY G 2681 62.16 16.14 110.94
N ILE G 2682 61.09 16.50 110.24
CA ILE G 2682 61.11 17.69 109.41
C ILE G 2682 61.30 18.93 110.29
N PHE G 2683 60.62 18.98 111.42
CA PHE G 2683 60.72 20.14 112.30
C PHE G 2683 62.15 20.34 112.79
N ASP G 2684 62.74 19.29 113.34
CA ASP G 2684 64.09 19.41 113.88
C ASP G 2684 65.11 19.70 112.79
N SER G 2685 65.01 18.99 111.66
CA SER G 2685 65.95 19.21 110.56
C SER G 2685 65.84 20.64 110.05
N LEU G 2686 64.61 21.17 110.01
CA LEU G 2686 64.42 22.53 109.54
C LEU G 2686 64.88 23.56 110.55
N ALA G 2687 64.85 23.21 111.84
CA ALA G 2687 65.16 24.20 112.88
C ALA G 2687 66.58 24.69 112.77
N HIS G 2688 67.55 23.79 112.60
CA HIS G 2688 68.95 24.16 112.58
C HIS G 2688 69.52 24.29 111.17
N LYS G 2689 68.69 24.63 110.19
CA LYS G 2689 69.12 24.76 108.81
C LYS G 2689 69.33 26.23 108.45
N LYS G 2690 70.25 26.48 107.52
CA LYS G 2690 70.54 27.84 107.06
C LYS G 2690 69.34 28.42 106.33
N TYR G 2691 69.16 29.74 106.46
CA TYR G 2691 68.02 30.40 105.87
C TYR G 2691 68.09 30.35 104.34
N ASP G 2692 67.17 29.60 103.76
CA ASP G 2692 67.06 29.39 102.31
C ASP G 2692 65.67 29.82 101.90
N GLN G 2693 65.58 30.77 100.96
CA GLN G 2693 64.33 31.46 100.69
C GLN G 2693 63.25 30.46 100.29
N GLU G 2694 63.45 29.77 99.17
CA GLU G 2694 62.46 28.82 98.70
C GLU G 2694 62.35 27.60 99.61
N LEU G 2695 63.39 27.29 100.39
CA LEU G 2695 63.31 26.08 101.22
C LEU G 2695 62.25 26.22 102.30
N TYR G 2696 62.25 27.34 103.02
CA TYR G 2696 61.18 27.62 103.96
C TYR G 2696 59.88 27.99 103.27
N ARG G 2697 59.96 28.64 102.10
CA ARG G 2697 58.76 28.77 101.28
C ARG G 2697 58.12 27.42 101.02
N MET G 2698 58.94 26.38 100.96
CA MET G 2698 58.44 25.05 100.69
C MET G 2698 57.91 24.39 101.95
N ALA G 2699 58.72 24.34 102.98
CA ALA G 2699 58.40 23.59 104.19
C ALA G 2699 57.34 24.25 105.06
N MET G 2700 57.02 25.53 104.84
CA MET G 2700 56.07 26.19 105.72
C MET G 2700 54.68 25.55 105.68
N PRO G 2701 53.98 25.49 104.54
CA PRO G 2701 52.67 24.82 104.55
C PRO G 2701 52.76 23.35 104.83
N CYS G 2702 53.93 22.73 104.67
CA CYS G 2702 54.03 21.29 104.90
C CYS G 2702 53.96 20.97 106.39
N LEU G 2703 54.70 21.71 107.22
CA LEU G 2703 54.52 21.59 108.66
C LEU G 2703 53.10 22.00 109.04
N CYS G 2704 52.57 23.06 108.41
CA CYS G 2704 51.16 23.40 108.62
C CYS G 2704 50.26 22.19 108.42
N ALA G 2705 50.43 21.50 107.29
CA ALA G 2705 49.55 20.40 106.93
C ALA G 2705 49.69 19.25 107.90
N ILE G 2706 50.94 18.84 108.19
CA ILE G 2706 51.14 17.68 109.05
C ILE G 2706 50.63 17.98 110.46
N ALA G 2707 50.81 19.21 110.93
CA ALA G 2707 50.24 19.60 112.20
C ALA G 2707 48.72 19.49 112.16
N GLY G 2708 48.11 19.92 111.06
CA GLY G 2708 46.67 19.77 110.92
C GLY G 2708 46.21 18.34 110.91
N ALA G 2709 47.03 17.43 110.37
CA ALA G 2709 46.61 16.04 110.20
C ALA G 2709 46.54 15.31 111.54
N LEU G 2710 47.56 15.46 112.37
CA LEU G 2710 47.68 14.65 113.57
C LEU G 2710 46.61 15.00 114.59
N PRO G 2711 45.93 14.01 115.18
CA PRO G 2711 45.06 14.29 116.32
C PRO G 2711 45.89 14.63 117.54
N PRO G 2712 45.52 15.67 118.28
CA PRO G 2712 46.33 16.06 119.45
C PRO G 2712 46.52 14.95 120.46
N ASP G 2713 45.49 14.14 120.69
CA ASP G 2713 45.55 13.10 121.71
C ASP G 2713 45.90 11.76 121.05
N TYR G 2714 47.19 11.48 120.99
CA TYR G 2714 47.67 10.19 120.54
C TYR G 2714 48.90 9.90 121.38
N VAL G 2715 49.08 8.65 121.80
CA VAL G 2715 50.25 8.27 122.58
C VAL G 2715 51.08 7.28 121.77
N ASP G 2716 52.40 7.53 121.71
CA ASP G 2716 53.28 6.77 120.84
C ASP G 2716 53.39 5.32 121.29
N ALA G 2717 53.49 4.41 120.32
CA ALA G 2717 53.70 3.00 120.64
C ALA G 2717 55.02 2.79 121.37
N SER G 2718 56.08 3.46 120.91
CA SER G 2718 57.37 3.49 121.59
C SER G 2718 57.84 4.93 121.60
N TYR G 2719 57.42 5.69 122.61
CA TYR G 2719 57.72 7.12 122.64
C TYR G 2719 59.22 7.34 122.72
N SER G 2720 59.76 8.05 121.73
CA SER G 2720 61.19 8.29 121.65
C SER G 2720 61.50 9.62 122.32
N SER G 2721 61.62 9.58 123.65
CA SER G 2721 62.09 10.75 124.38
C SER G 2721 63.48 11.14 123.95
N LYS G 2722 64.32 10.15 123.63
CA LYS G 2722 65.64 10.38 123.03
C LYS G 2722 65.67 9.67 121.70
N ALA G 2723 66.09 10.38 120.65
CA ALA G 2723 66.18 9.84 119.31
C ALA G 2723 67.65 9.53 118.99
N GLU G 2724 67.90 8.33 118.49
CA GLU G 2724 69.25 7.87 118.18
C GLU G 2724 69.40 7.85 116.66
N LYS G 2725 69.87 8.96 116.10
CA LYS G 2725 70.08 9.07 114.66
C LYS G 2725 71.18 8.13 114.20
N ASN G 2734 72.13 4.88 101.11
CA ASN G 2734 71.42 5.78 102.01
C ASN G 2734 71.10 5.09 103.33
N PHE G 2735 70.12 4.20 103.30
CA PHE G 2735 69.65 3.52 104.51
C PHE G 2735 70.66 2.46 104.91
N ASP G 2736 71.66 2.90 105.67
CA ASP G 2736 72.70 2.00 106.16
C ASP G 2736 72.65 1.94 107.69
N PRO G 2737 71.96 0.95 108.26
CA PRO G 2737 71.86 0.85 109.71
C PRO G 2737 73.01 0.06 110.32
N ARG G 2738 73.38 0.46 111.53
CA ARG G 2738 74.47 -0.18 112.23
C ARG G 2738 74.06 -1.57 112.72
N PRO G 2739 74.98 -2.53 112.74
CA PRO G 2739 74.72 -3.80 113.41
C PRO G 2739 75.24 -3.77 114.84
N VAL G 2740 74.48 -4.40 115.73
CA VAL G 2740 74.89 -4.48 117.13
C VAL G 2740 75.99 -5.53 117.27
N GLU G 2741 77.17 -5.10 117.69
CA GLU G 2741 78.26 -6.04 117.91
C GLU G 2741 77.89 -6.98 119.06
N THR G 2742 78.15 -8.27 118.85
CA THR G 2742 77.71 -9.28 119.80
C THR G 2742 78.85 -9.89 120.59
N LEU G 2743 80.06 -9.94 120.03
CA LEU G 2743 81.18 -10.61 120.67
C LEU G 2743 82.17 -9.64 121.33
N ASN G 2744 82.06 -8.35 121.05
CA ASN G 2744 83.05 -7.39 121.53
C ASN G 2744 83.07 -7.33 123.06
N VAL G 2745 81.88 -7.33 123.68
CA VAL G 2745 81.81 -7.33 125.14
C VAL G 2745 82.00 -8.76 125.66
N ILE G 2746 82.66 -8.87 126.80
CA ILE G 2746 82.93 -10.16 127.42
C ILE G 2746 81.64 -10.68 128.04
N ILE G 2747 81.33 -11.95 127.77
CA ILE G 2747 80.14 -12.59 128.30
C ILE G 2747 80.34 -12.86 129.79
N PRO G 2748 79.47 -12.36 130.66
CA PRO G 2748 79.60 -12.65 132.10
C PRO G 2748 79.35 -14.11 132.38
N GLU G 2749 80.04 -14.62 133.41
CA GLU G 2749 79.91 -16.03 133.76
C GLU G 2749 78.53 -16.34 134.33
N LYS G 2750 77.82 -15.32 134.83
CA LYS G 2750 76.45 -15.50 135.29
C LYS G 2750 75.61 -16.15 134.20
N LEU G 2751 75.82 -15.73 132.95
CA LEU G 2751 75.12 -16.29 131.80
C LEU G 2751 75.98 -17.35 131.13
N ASP G 2752 76.49 -18.28 131.94
CA ASP G 2752 77.38 -19.31 131.42
C ASP G 2752 76.59 -20.36 130.64
N SER G 2753 75.37 -20.66 131.08
CA SER G 2753 74.55 -21.63 130.37
C SER G 2753 74.32 -21.19 128.93
N PHE G 2754 74.02 -19.90 128.73
CA PHE G 2754 73.85 -19.38 127.38
C PHE G 2754 75.08 -19.64 126.51
N ILE G 2755 76.26 -19.69 127.12
CA ILE G 2755 77.46 -19.96 126.33
C ILE G 2755 77.35 -21.30 125.61
N ASN G 2756 76.82 -22.32 126.30
CA ASN G 2756 76.66 -23.64 125.70
C ASN G 2756 75.28 -24.24 125.86
N LYS G 2757 74.62 -24.05 127.00
CA LYS G 2757 73.39 -24.77 127.30
C LYS G 2757 72.17 -24.19 126.60
N PHE G 2758 72.11 -22.87 126.45
CA PHE G 2758 70.91 -22.24 125.90
C PHE G 2758 70.63 -22.69 124.48
N ALA G 2759 71.68 -22.79 123.65
CA ALA G 2759 71.52 -23.33 122.31
C ALA G 2759 70.89 -24.72 122.36
N GLU G 2760 71.23 -25.50 123.37
CA GLU G 2760 70.50 -26.73 123.67
C GLU G 2760 69.13 -26.38 124.24
N TYR G 2761 69.12 -25.61 125.32
CA TYR G 2761 67.90 -25.42 126.10
C TYR G 2761 66.81 -24.77 125.27
N THR G 2762 67.17 -23.90 124.34
CA THR G 2762 66.17 -23.30 123.46
C THR G 2762 65.80 -24.21 122.30
N HIS G 2763 66.76 -25.00 121.78
CA HIS G 2763 66.44 -25.88 120.68
C HIS G 2763 65.36 -26.88 121.08
N GLU G 2764 65.52 -27.53 122.23
CA GLU G 2764 64.47 -28.40 122.74
C GLU G 2764 63.18 -27.62 122.97
N LYS G 2765 63.31 -26.36 123.37
CA LYS G 2765 62.14 -25.48 123.40
C LYS G 2765 61.64 -25.21 121.99
N TRP G 2766 62.54 -24.88 121.07
CA TRP G 2766 62.17 -24.47 119.72
C TRP G 2766 61.84 -25.65 118.82
N ALA G 2767 62.04 -26.88 119.29
CA ALA G 2767 61.82 -28.03 118.43
C ALA G 2767 60.35 -28.40 118.35
N PHE G 2768 59.78 -28.87 119.46
CA PHE G 2768 58.44 -29.47 119.42
C PHE G 2768 57.43 -28.52 118.82
N ASP G 2769 57.56 -27.22 119.10
CA ASP G 2769 56.67 -26.22 118.53
C ASP G 2769 56.44 -26.47 117.05
N LYS G 2770 57.51 -26.44 116.25
CA LYS G 2770 57.32 -26.48 114.80
C LYS G 2770 56.68 -27.78 114.35
N ILE G 2771 56.91 -28.87 115.11
CA ILE G 2771 56.37 -30.15 114.66
C ILE G 2771 54.94 -30.38 115.11
N GLN G 2772 54.29 -29.36 115.65
CA GLN G 2772 52.87 -29.51 115.99
C GLN G 2772 52.01 -29.73 114.76
N ASN G 2773 52.29 -29.02 113.67
CA ASN G 2773 51.45 -29.10 112.47
C ASN G 2773 51.97 -30.22 111.56
N ASN G 2774 51.27 -31.35 111.60
CA ASN G 2774 51.37 -32.47 110.65
C ASN G 2774 52.80 -32.70 110.14
N TRP G 2775 53.71 -32.90 111.07
CA TRP G 2775 55.10 -33.24 110.77
C TRP G 2775 55.35 -34.68 111.20
N SER G 2776 55.77 -35.51 110.25
CA SER G 2776 56.14 -36.89 110.55
C SER G 2776 57.57 -36.94 111.07
N TYR G 2777 58.08 -38.16 111.27
CA TYR G 2777 59.42 -38.35 111.80
C TYR G 2777 60.47 -37.73 110.87
N GLY G 2778 61.63 -37.38 111.43
CA GLY G 2778 62.65 -36.75 110.61
C GLY G 2778 64.02 -36.61 111.25
N GLU G 2779 65.06 -36.72 110.43
CA GLU G 2779 66.45 -36.54 110.87
C GLU G 2779 67.26 -35.61 109.97
N ASN G 2780 66.85 -35.39 108.72
CA ASN G 2780 67.54 -34.50 107.80
C ASN G 2780 66.50 -33.75 106.98
N VAL G 2781 66.97 -32.90 106.07
CA VAL G 2781 66.09 -32.10 105.20
C VAL G 2781 66.00 -32.84 103.87
N ASP G 2782 64.91 -33.60 103.70
CA ASP G 2782 64.63 -34.26 102.42
C ASP G 2782 63.11 -34.27 102.25
N GLU G 2783 62.61 -33.37 101.39
CA GLU G 2783 61.16 -33.26 101.19
C GLU G 2783 60.57 -34.53 100.61
N GLU G 2784 61.32 -35.25 99.79
CA GLU G 2784 60.82 -36.52 99.25
C GLU G 2784 60.58 -37.53 100.35
N LEU G 2785 61.50 -37.59 101.33
CA LEU G 2785 61.39 -38.55 102.42
C LEU G 2785 60.43 -38.08 103.52
N LYS G 2786 59.92 -36.85 103.43
CA LYS G 2786 59.10 -36.26 104.49
C LYS G 2786 59.81 -36.36 105.84
N THR G 2787 61.10 -36.10 105.81
CA THR G 2787 61.94 -36.10 107.00
C THR G 2787 62.27 -34.65 107.35
N HIS G 2788 62.13 -34.31 108.63
CA HIS G 2788 62.42 -32.98 109.09
C HIS G 2788 63.47 -33.07 110.20
N PRO G 2789 64.63 -32.41 110.03
CA PRO G 2789 65.79 -32.74 110.87
C PRO G 2789 65.63 -32.42 112.33
N MET G 2790 64.50 -31.84 112.74
CA MET G 2790 64.41 -31.33 114.09
C MET G 2790 63.46 -32.17 114.95
N LEU G 2791 62.89 -33.24 114.38
CA LEU G 2791 62.40 -34.31 115.24
C LEU G 2791 63.52 -35.22 115.71
N ARG G 2792 64.76 -34.81 115.48
CA ARG G 2792 65.91 -35.52 116.02
C ARG G 2792 65.85 -35.49 117.54
N PRO G 2793 66.07 -36.62 118.21
CA PRO G 2793 66.11 -36.61 119.68
C PRO G 2793 67.29 -35.81 120.20
N TYR G 2794 67.12 -35.26 121.40
CA TYR G 2794 68.22 -34.60 122.09
C TYR G 2794 69.28 -35.59 122.56
N LYS G 2795 69.01 -36.90 122.43
CA LYS G 2795 70.06 -37.89 122.55
C LYS G 2795 71.08 -37.74 121.43
N THR G 2796 70.61 -37.53 120.21
CA THR G 2796 71.47 -37.38 119.04
C THR G 2796 72.05 -35.98 118.95
N PHE G 2797 71.94 -35.22 120.05
CA PHE G 2797 72.42 -33.84 120.10
C PHE G 2797 73.94 -33.81 120.23
N SER G 2798 74.64 -33.66 119.11
CA SER G 2798 76.09 -33.57 119.13
C SER G 2798 76.53 -32.10 119.10
N GLU G 2799 77.84 -31.91 118.93
CA GLU G 2799 78.37 -30.56 118.79
C GLU G 2799 77.81 -29.87 117.54
N LYS G 2800 77.60 -30.63 116.46
CA LYS G 2800 76.81 -30.18 115.33
C LYS G 2800 75.51 -29.52 115.76
N ASP G 2801 74.69 -30.27 116.50
CA ASP G 2801 73.33 -29.84 116.83
C ASP G 2801 73.38 -28.66 117.78
N LYS G 2802 74.45 -28.56 118.56
CA LYS G 2802 74.67 -27.34 119.35
C LYS G 2802 74.94 -26.16 118.43
N GLU G 2803 75.91 -26.30 117.51
CA GLU G 2803 76.38 -25.17 116.72
C GLU G 2803 75.29 -24.60 115.82
N ILE G 2804 74.50 -25.48 115.20
CA ILE G 2804 73.56 -25.04 114.18
C ILE G 2804 72.51 -24.07 114.72
N TYR G 2805 72.04 -24.27 115.95
CA TYR G 2805 71.21 -23.28 116.62
C TYR G 2805 72.01 -22.39 117.55
N ARG G 2806 73.30 -22.66 117.70
CA ARG G 2806 74.19 -21.86 118.53
C ARG G 2806 74.41 -20.48 117.93
N TRP G 2807 74.66 -20.44 116.62
CA TRP G 2807 75.00 -19.17 116.00
C TRP G 2807 73.91 -18.11 116.21
N PRO G 2808 72.65 -18.38 115.83
CA PRO G 2808 71.61 -17.36 116.07
C PRO G 2808 71.40 -17.05 117.54
N ILE G 2809 71.47 -18.06 118.41
CA ILE G 2809 71.27 -17.85 119.83
C ILE G 2809 72.42 -17.03 120.41
N LYS G 2810 73.64 -17.36 119.99
CA LYS G 2810 74.82 -16.57 120.37
C LYS G 2810 74.61 -15.10 120.07
N GLU G 2811 74.22 -14.80 118.82
CA GLU G 2811 73.90 -13.43 118.48
C GLU G 2811 72.82 -12.88 119.42
N SER G 2812 71.73 -13.63 119.56
CA SER G 2812 70.53 -13.18 120.26
C SER G 2812 70.84 -12.64 121.64
N LEU G 2813 71.61 -13.41 122.42
CA LEU G 2813 71.83 -13.01 123.81
C LEU G 2813 73.16 -12.31 124.04
N LYS G 2814 74.21 -12.60 123.27
CA LYS G 2814 75.45 -11.86 123.51
C LYS G 2814 75.30 -10.40 123.06
N ALA G 2815 74.42 -10.11 122.11
CA ALA G 2815 74.12 -8.72 121.81
C ALA G 2815 73.31 -8.06 122.91
N MET G 2816 72.43 -8.83 123.57
CA MET G 2816 71.74 -8.30 124.74
C MET G 2816 72.77 -7.97 125.83
N ILE G 2817 73.82 -8.78 125.94
CA ILE G 2817 74.89 -8.45 126.86
C ILE G 2817 75.61 -7.20 126.38
N ALA G 2818 75.73 -7.01 125.07
CA ALA G 2818 76.34 -5.79 124.55
C ALA G 2818 75.56 -4.55 124.97
N TRP G 2819 74.22 -4.64 125.03
CA TRP G 2819 73.46 -3.51 125.54
C TRP G 2819 73.47 -3.45 127.07
N GLU G 2820 73.12 -4.56 127.72
CA GLU G 2820 73.05 -4.64 129.17
C GLU G 2820 74.01 -5.71 129.65
N TRP G 2821 75.12 -5.28 130.24
CA TRP G 2821 76.13 -6.19 130.76
C TRP G 2821 76.29 -5.96 132.26
N THR G 2822 76.01 -7.01 133.04
CA THR G 2822 76.18 -7.00 134.49
C THR G 2822 76.57 -8.41 134.91
N ILE G 2823 76.68 -8.62 136.23
CA ILE G 2823 76.89 -9.96 136.76
C ILE G 2823 76.02 -10.16 137.99
N GLU G 2824 74.88 -10.83 137.80
CA GLU G 2824 73.94 -11.10 138.88
C GLU G 2824 73.44 -12.55 138.74
N LYS G 2825 73.03 -13.11 139.87
CA LYS G 2825 72.60 -14.51 139.91
C LYS G 2825 71.59 -14.65 141.06
N ALA G 2826 70.33 -14.93 140.73
CA ALA G 2826 69.30 -14.98 141.75
C ALA G 2826 68.44 -16.24 141.68
N ARG G 2827 68.25 -16.81 140.49
CA ARG G 2827 67.27 -17.87 140.32
C ARG G 2827 67.77 -18.87 139.29
N GLU G 2828 67.31 -20.12 139.43
CA GLU G 2828 67.61 -21.19 138.49
C GLU G 2828 66.30 -21.76 137.98
N GLY G 2829 66.06 -21.64 136.67
CA GLY G 2829 64.83 -22.14 136.08
C GLY G 2829 65.05 -22.77 134.73
N GLU G 2830 64.50 -23.97 134.52
CA GLU G 2830 64.66 -24.68 133.26
C GLU G 2830 63.35 -25.30 132.80
N TYR G 2855 59.14 -37.74 117.49
CA TYR G 2855 58.72 -37.87 118.88
C TYR G 2855 58.20 -36.54 119.42
N ASN G 2856 57.32 -36.61 120.42
CA ASN G 2856 56.62 -35.44 120.94
C ASN G 2856 57.09 -35.14 122.37
N PRO G 2857 58.06 -34.25 122.55
CA PRO G 2857 58.39 -33.77 123.90
C PRO G 2857 57.51 -32.59 124.29
N GLN G 2858 57.78 -31.99 125.45
CA GLN G 2858 57.00 -30.83 125.85
C GLN G 2858 57.79 -29.54 125.58
N PRO G 2859 57.12 -28.49 125.10
CA PRO G 2859 57.81 -27.22 124.89
C PRO G 2859 57.76 -26.36 126.13
N PRO G 2860 58.92 -25.97 126.68
CA PRO G 2860 58.93 -24.98 127.75
C PRO G 2860 58.86 -23.57 127.18
N ASP G 2861 57.71 -22.92 127.33
CA ASP G 2861 57.48 -21.58 126.81
C ASP G 2861 57.29 -20.62 127.97
N LEU G 2862 58.06 -19.53 127.95
CA LEU G 2862 57.96 -18.52 128.99
C LEU G 2862 57.45 -17.19 128.46
N SER G 2863 56.83 -17.17 127.26
CA SER G 2863 56.16 -15.98 126.80
C SER G 2863 55.00 -15.60 127.71
N GLY G 2864 54.33 -16.60 128.28
CA GLY G 2864 53.29 -16.32 129.25
C GLY G 2864 53.82 -15.75 130.55
N VAL G 2865 55.06 -16.11 130.89
CA VAL G 2865 55.67 -15.61 132.12
C VAL G 2865 55.79 -14.09 132.04
N THR G 2866 55.42 -13.42 133.12
CA THR G 2866 55.33 -11.97 133.14
C THR G 2866 56.71 -11.33 133.03
N LEU G 2867 56.71 -10.04 132.71
CA LEU G 2867 57.94 -9.29 132.53
C LEU G 2867 57.69 -7.84 132.96
N SER G 2868 58.75 -7.17 133.39
CA SER G 2868 58.62 -5.80 133.85
C SER G 2868 58.59 -4.84 132.66
N ARG G 2869 58.10 -3.62 132.93
CA ARG G 2869 57.95 -2.63 131.86
C ARG G 2869 59.29 -2.19 131.31
N GLU G 2870 60.29 -2.04 132.18
CA GLU G 2870 61.63 -1.70 131.71
C GLU G 2870 62.18 -2.78 130.80
N LEU G 2871 61.90 -4.05 131.12
CA LEU G 2871 62.30 -5.16 130.28
C LEU G 2871 61.60 -5.16 128.93
N GLN G 2872 60.47 -4.45 128.80
CA GLN G 2872 59.81 -4.36 127.50
C GLN G 2872 60.64 -3.59 126.50
N ALA G 2873 61.27 -2.50 126.92
CA ALA G 2873 62.05 -1.70 125.99
C ALA G 2873 63.19 -2.51 125.40
N MET G 2874 63.80 -3.36 126.22
CA MET G 2874 64.92 -4.17 125.76
C MET G 2874 64.44 -5.41 125.00
N ALA G 2875 63.26 -5.93 125.35
CA ALA G 2875 62.64 -6.94 124.50
C ALA G 2875 62.29 -6.39 123.12
N GLU G 2876 62.02 -5.09 123.03
CA GLU G 2876 61.83 -4.38 121.77
C GLU G 2876 63.14 -4.14 121.04
N GLN G 2877 64.18 -3.72 121.76
CA GLN G 2877 65.47 -3.45 121.13
C GLN G 2877 66.12 -4.74 120.63
N LEU G 2878 65.78 -5.88 121.26
CA LEU G 2878 66.32 -7.15 120.76
C LEU G 2878 65.67 -7.54 119.44
N ALA G 2879 64.37 -7.24 119.29
CA ALA G 2879 63.72 -7.43 118.00
C ALA G 2879 64.28 -6.46 116.96
N GLU G 2880 64.56 -5.23 117.38
CA GLU G 2880 65.23 -4.28 116.51
C GLU G 2880 66.57 -4.82 116.04
N ASN G 2881 67.27 -5.52 116.94
CA ASN G 2881 68.54 -6.14 116.58
C ASN G 2881 68.34 -7.31 115.65
N TYR G 2882 67.27 -8.09 115.85
CA TYR G 2882 66.91 -9.12 114.88
C TYR G 2882 66.76 -8.50 113.51
N HIS G 2883 66.07 -7.36 113.43
CA HIS G 2883 65.94 -6.65 112.17
C HIS G 2883 67.30 -6.24 111.62
N ASN G 2884 68.13 -5.57 112.41
CA ASN G 2884 69.41 -5.06 111.94
C ASN G 2884 70.54 -6.08 112.10
N THR G 2885 70.22 -7.36 112.17
CA THR G 2885 71.18 -8.45 111.95
C THR G 2885 70.76 -9.35 110.80
N TRP G 2886 69.49 -9.78 110.77
CA TRP G 2886 68.98 -10.48 109.60
C TRP G 2886 69.09 -9.60 108.37
N GLY G 2887 68.67 -8.34 108.50
CA GLY G 2887 68.84 -7.40 107.41
C GLY G 2887 70.29 -7.03 107.18
N ARG G 2888 71.15 -7.22 108.18
CA ARG G 2888 72.57 -6.97 107.96
C ARG G 2888 73.21 -8.07 107.14
N LYS G 2889 72.81 -9.33 107.35
CA LYS G 2889 73.26 -10.39 106.46
C LYS G 2889 72.66 -10.23 105.07
N LYS G 2890 71.38 -9.85 104.99
CA LYS G 2890 70.78 -9.47 103.72
C LYS G 2890 71.56 -8.34 103.07
N LYS G 2891 72.03 -7.38 103.88
CA LYS G 2891 72.80 -6.25 103.38
C LYS G 2891 74.20 -6.66 102.97
N GLN G 2892 74.74 -7.71 103.59
CA GLN G 2892 75.99 -8.29 103.10
C GLN G 2892 75.80 -8.85 101.71
N GLU G 2893 74.66 -9.51 101.47
CA GLU G 2893 74.35 -9.97 100.12
C GLU G 2893 74.07 -8.80 99.18
N LEU G 2894 73.33 -7.79 99.64
CA LEU G 2894 73.02 -6.62 98.83
C LEU G 2894 74.25 -5.77 98.53
N GLU G 2895 75.28 -5.85 99.37
CA GLU G 2895 76.52 -5.14 99.11
C GLU G 2895 77.27 -5.79 97.96
N ALA G 2896 76.94 -7.03 97.64
CA ALA G 2896 77.48 -7.72 96.48
C ALA G 2896 76.87 -7.23 95.17
N LYS G 2897 75.80 -6.44 95.22
CA LYS G 2897 75.23 -5.82 94.02
C LYS G 2897 75.55 -4.33 94.02
N GLY G 2898 74.96 -3.65 93.05
CA GLY G 2898 74.78 -2.21 93.12
C GLY G 2898 73.34 -1.86 92.80
N GLY G 2899 72.64 -1.27 93.77
CA GLY G 2899 71.27 -0.83 93.58
C GLY G 2899 70.25 -1.85 94.04
N GLY G 2900 69.01 -1.40 94.08
CA GLY G 2900 67.87 -2.20 94.49
C GLY G 2900 67.36 -1.80 95.87
N THR G 2901 66.03 -1.75 96.01
CA THR G 2901 65.39 -1.41 97.28
C THR G 2901 64.70 -2.63 97.85
N HIS G 2902 64.99 -2.92 99.11
CA HIS G 2902 64.46 -4.10 99.78
C HIS G 2902 63.34 -3.66 100.70
N PRO G 2903 62.07 -3.90 100.36
CA PRO G 2903 60.97 -3.22 101.06
C PRO G 2903 60.88 -3.53 102.55
N LEU G 2904 61.19 -4.77 102.96
CA LEU G 2904 61.08 -5.10 104.38
C LEU G 2904 62.41 -4.89 105.11
N LEU G 2905 63.30 -4.09 104.54
CA LEU G 2905 64.50 -3.62 105.22
C LEU G 2905 64.34 -2.12 105.45
N VAL G 2906 63.84 -1.75 106.63
CA VAL G 2906 63.48 -0.37 106.93
C VAL G 2906 63.86 -0.02 108.36
N PRO G 2907 63.97 1.25 108.73
CA PRO G 2907 64.28 1.60 110.12
C PRO G 2907 63.18 1.12 111.06
N TYR G 2908 63.58 0.82 112.31
CA TYR G 2908 62.63 0.25 113.26
C TYR G 2908 61.46 1.18 113.54
N ASP G 2909 61.72 2.49 113.68
CA ASP G 2909 60.63 3.45 113.82
C ASP G 2909 59.75 3.47 112.58
N THR G 2910 60.24 2.96 111.46
CA THR G 2910 59.51 2.96 110.20
C THR G 2910 58.86 1.61 109.92
N LEU G 2911 59.21 0.58 110.68
CA LEU G 2911 58.56 -0.73 110.52
C LEU G 2911 57.05 -0.65 110.76
N THR G 2912 56.39 -1.72 110.35
CA THR G 2912 54.97 -1.95 110.60
C THR G 2912 54.83 -2.95 111.75
N ALA G 2913 53.69 -2.89 112.42
CA ALA G 2913 53.52 -3.62 113.69
C ALA G 2913 53.69 -5.13 113.51
N LYS G 2914 53.15 -5.70 112.44
CA LYS G 2914 53.25 -7.15 112.25
C LYS G 2914 54.68 -7.58 111.94
N GLU G 2915 55.40 -6.78 111.14
CA GLU G 2915 56.78 -7.11 110.83
C GLU G 2915 57.66 -7.04 112.07
N LYS G 2916 57.41 -6.05 112.94
CA LYS G 2916 58.07 -6.01 114.23
C LYS G 2916 57.69 -7.21 115.08
N ALA G 2917 56.41 -7.60 115.06
CA ALA G 2917 55.94 -8.71 115.89
C ALA G 2917 56.59 -10.03 115.47
N ARG G 2918 56.93 -10.18 114.19
CA ARG G 2918 57.59 -11.39 113.72
C ARG G 2918 58.80 -11.73 114.58
N ASP G 2919 59.80 -10.85 114.60
CA ASP G 2919 60.99 -11.13 115.39
C ASP G 2919 60.82 -10.73 116.85
N ARG G 2920 59.77 -9.97 117.18
CA ARG G 2920 59.42 -9.76 118.58
C ARG G 2920 59.01 -11.07 119.24
N GLU G 2921 58.43 -11.99 118.44
CA GLU G 2921 58.01 -13.27 118.98
C GLU G 2921 59.21 -14.05 119.52
N LYS G 2922 60.34 -14.00 118.83
CA LYS G 2922 61.56 -14.60 119.36
C LYS G 2922 62.17 -13.71 120.45
N ALA G 2923 62.16 -12.39 120.25
CA ALA G 2923 62.83 -11.48 121.17
C ALA G 2923 62.19 -11.46 122.55
N GLN G 2924 60.92 -11.81 122.66
CA GLN G 2924 60.24 -11.71 123.95
C GLN G 2924 60.76 -12.75 124.93
N GLU G 2925 61.02 -13.98 124.48
CA GLU G 2925 61.36 -15.06 125.40
C GLU G 2925 62.69 -14.81 126.10
N LEU G 2926 63.71 -14.38 125.35
CA LEU G 2926 65.04 -14.22 125.92
C LEU G 2926 65.02 -13.24 127.09
N LEU G 2927 64.02 -12.36 127.12
CA LEU G 2927 63.84 -11.47 128.27
C LEU G 2927 62.85 -12.05 129.27
N LYS G 2928 61.73 -12.56 128.77
CA LYS G 2928 60.68 -13.14 129.61
C LYS G 2928 61.14 -14.39 130.32
N PHE G 2929 62.28 -14.95 129.92
CA PHE G 2929 62.87 -16.03 130.70
C PHE G 2929 63.44 -15.41 131.97
N LEU G 2930 62.58 -14.98 132.88
CA LEU G 2930 63.07 -14.34 134.10
C LEU G 2930 63.80 -15.34 134.97
N GLN G 2931 63.53 -16.64 134.77
CA GLN G 2931 64.17 -17.69 135.54
C GLN G 2931 65.42 -18.26 134.89
N MET G 2932 65.90 -17.68 133.77
CA MET G 2932 67.20 -18.11 133.27
C MET G 2932 68.24 -17.51 134.20
N ASN G 2933 69.03 -18.37 134.86
CA ASN G 2933 70.25 -17.91 135.50
C ASN G 2933 70.00 -16.81 136.52
N GLY G 2934 68.73 -16.49 136.77
CA GLY G 2934 68.38 -15.36 137.61
C GLY G 2934 68.89 -14.02 137.11
N TYR G 2935 68.68 -13.73 135.82
CA TYR G 2935 69.21 -12.51 135.21
C TYR G 2935 68.05 -11.58 134.88
N ALA G 2936 68.01 -10.43 135.56
CA ALA G 2936 67.07 -9.36 135.27
C ALA G 2936 67.83 -8.03 135.30
N VAL G 2937 67.59 -7.20 134.28
CA VAL G 2937 68.28 -5.93 134.12
C VAL G 2937 67.27 -4.85 133.71
N THR G 2938 67.65 -3.60 133.91
CA THR G 2938 66.77 -2.45 133.76
C THR G 2938 67.07 -1.70 132.47
N ARG G 2939 66.23 -0.70 132.20
CA ARG G 2939 66.38 0.13 131.00
C ARG G 2939 67.56 1.09 131.13
N SER G 2949 51.35 7.80 133.55
CA SER G 2949 50.28 8.23 132.66
C SER G 2949 50.78 8.41 131.24
N SER G 2950 50.09 7.77 130.30
CA SER G 2950 50.41 7.99 128.89
C SER G 2950 50.12 9.42 128.47
N ILE G 2951 49.12 10.05 129.10
CA ILE G 2951 48.71 11.39 128.74
C ILE G 2951 49.87 12.38 128.81
N GLU G 2952 50.87 12.10 129.64
CA GLU G 2952 51.99 13.02 129.77
C GLU G 2952 52.80 13.16 128.49
N LYS G 2953 52.67 12.23 127.54
CA LYS G 2953 53.49 12.25 126.34
C LYS G 2953 52.67 12.39 125.06
N ARG G 2954 51.51 13.04 125.13
CA ARG G 2954 50.71 13.26 123.94
C ARG G 2954 51.45 14.18 122.97
N PHE G 2955 51.00 14.19 121.72
CA PHE G 2955 51.63 15.02 120.70
C PHE G 2955 51.53 16.50 121.04
N ALA G 2956 50.36 16.95 121.49
CA ALA G 2956 50.18 18.36 121.79
C ALA G 2956 51.13 18.80 122.91
N PHE G 2957 51.27 17.97 123.95
CA PHE G 2957 52.13 18.31 125.07
C PHE G 2957 53.56 18.53 124.61
N GLY G 2958 54.12 17.58 123.87
CA GLY G 2958 55.49 17.72 123.41
C GLY G 2958 55.67 18.90 122.49
N PHE G 2959 54.71 19.12 121.60
CA PHE G 2959 54.85 20.23 120.67
C PHE G 2959 54.87 21.55 121.44
N LEU G 2960 53.98 21.71 122.41
CA LEU G 2960 53.96 22.93 123.20
C LEU G 2960 55.24 23.09 124.01
N GLN G 2961 55.81 21.98 124.48
CA GLN G 2961 57.08 22.07 125.21
C GLN G 2961 58.19 22.60 124.31
N GLN G 2962 58.27 22.08 123.09
CA GLN G 2962 59.26 22.61 122.15
C GLN G 2962 58.99 24.08 121.87
N LEU G 2963 57.72 24.44 121.78
CA LEU G 2963 57.35 25.83 121.56
C LEU G 2963 57.88 26.72 122.66
N LEU G 2964 57.72 26.27 123.92
CA LEU G 2964 58.23 27.05 125.03
C LEU G 2964 59.74 27.21 124.95
N ARG G 2965 60.44 26.16 124.53
CA ARG G 2965 61.90 26.24 124.49
C ARG G 2965 62.36 27.24 123.43
N TRP G 2966 61.83 27.14 122.21
CA TRP G 2966 62.07 28.20 121.24
C TRP G 2966 61.63 29.57 121.71
N MET G 2967 60.59 29.67 122.55
CA MET G 2967 60.17 31.03 122.85
C MET G 2967 61.04 31.65 123.94
N ASP G 2968 61.59 30.83 124.84
CA ASP G 2968 62.64 31.32 125.73
C ASP G 2968 63.86 31.76 124.93
N ILE G 2969 64.25 30.95 123.94
CA ILE G 2969 65.34 31.36 123.05
C ILE G 2969 65.00 32.69 122.40
N SER G 2970 63.74 32.87 121.99
CA SER G 2970 63.35 34.11 121.32
C SER G 2970 63.47 35.30 122.25
N GLN G 2971 63.08 35.12 123.51
CA GLN G 2971 63.30 36.18 124.50
C GLN G 2971 64.76 36.59 124.48
N GLU G 2972 65.66 35.60 124.50
CA GLU G 2972 67.08 35.90 124.52
C GLU G 2972 67.51 36.68 123.27
N PHE G 2973 67.16 36.20 122.08
CA PHE G 2973 67.70 36.86 120.90
C PHE G 2973 66.84 38.01 120.39
N ILE G 2974 65.76 38.37 121.07
CA ILE G 2974 65.19 39.69 120.82
C ILE G 2974 65.79 40.72 121.75
N ALA G 2975 66.10 40.32 122.99
CA ALA G 2975 66.93 41.19 123.82
C ALA G 2975 68.23 41.53 123.11
N HIS G 2976 68.77 40.55 122.38
CA HIS G 2976 69.92 40.83 121.52
C HIS G 2976 69.70 42.09 120.68
N LEU G 2977 68.67 42.09 119.83
CA LEU G 2977 68.51 43.19 118.89
C LEU G 2977 68.28 44.51 119.60
N GLU G 2978 67.54 44.49 120.71
CA GLU G 2978 67.29 45.71 121.46
C GLU G 2978 68.58 46.32 121.97
N ALA G 2979 69.50 45.47 122.47
CA ALA G 2979 70.81 45.99 122.83
C ALA G 2979 71.63 46.37 121.59
N VAL G 2980 71.46 45.64 120.50
CA VAL G 2980 72.27 45.83 119.30
C VAL G 2980 72.02 47.20 118.69
N VAL G 2981 70.76 47.61 118.62
CA VAL G 2981 70.43 48.89 118.00
C VAL G 2981 71.20 50.02 118.67
N SER G 2982 71.25 50.02 120.00
CA SER G 2982 72.06 50.99 120.71
C SER G 2982 73.55 50.76 120.46
N SER G 2983 73.97 49.49 120.44
CA SER G 2983 75.37 49.19 120.19
C SER G 2983 75.80 49.59 118.79
N GLY G 2984 74.89 49.55 117.82
CA GLY G 2984 75.24 49.90 116.45
C GLY G 2984 76.25 48.96 115.82
N ARG G 2985 76.09 47.66 116.05
CA ARG G 2985 77.01 46.66 115.53
C ARG G 2985 76.22 45.52 114.89
N VAL G 2986 76.78 44.94 113.83
CA VAL G 2986 76.15 43.78 113.20
C VAL G 2986 76.18 42.59 114.14
N GLU G 2987 77.25 42.43 114.90
CA GLU G 2987 77.48 41.31 115.81
C GLU G 2987 77.53 39.97 115.07
N LYS G 2988 77.58 40.01 113.74
CA LYS G 2988 77.55 38.85 112.85
C LYS G 2988 76.16 38.22 112.88
N SER G 2989 75.30 38.72 113.77
CA SER G 2989 73.93 38.26 114.00
C SER G 2989 73.81 36.76 113.81
N PRO G 2990 74.62 35.95 114.49
CA PRO G 2990 74.57 34.50 114.24
C PRO G 2990 73.22 33.89 114.57
N HIS G 2991 72.43 34.55 115.42
CA HIS G 2991 71.09 34.09 115.73
C HIS G 2991 70.10 34.37 114.60
N GLU G 2992 70.54 35.06 113.53
CA GLU G 2992 69.62 35.40 112.45
C GLU G 2992 68.88 34.16 111.97
N GLN G 2993 69.58 33.03 111.87
CA GLN G 2993 68.91 31.78 111.52
C GLN G 2993 67.62 31.64 112.30
N GLU G 2994 67.74 31.56 113.62
CA GLU G 2994 66.56 31.33 114.44
C GLU G 2994 65.55 32.46 114.28
N ILE G 2995 66.00 33.71 114.14
CA ILE G 2995 65.01 34.78 114.06
C ILE G 2995 64.15 34.55 112.83
N LYS G 2996 64.77 34.17 111.72
CA LYS G 2996 64.00 33.83 110.54
C LYS G 2996 63.10 32.64 110.84
N PHE G 2997 63.67 31.60 111.46
CA PHE G 2997 62.85 30.46 111.83
C PHE G 2997 61.74 30.86 112.77
N PHE G 2998 61.95 31.92 113.56
CA PHE G 2998 60.87 32.39 114.42
C PHE G 2998 59.87 33.21 113.63
N ALA G 2999 60.34 34.01 112.68
CA ALA G 2999 59.47 34.97 112.02
C ALA G 2999 58.67 34.34 110.89
N LYS G 3000 59.27 33.43 110.15
CA LYS G 3000 58.63 32.94 108.93
C LYS G 3000 57.90 31.63 109.15
N ILE G 3001 58.35 30.80 110.07
CA ILE G 3001 57.90 29.42 110.18
C ILE G 3001 57.05 29.21 111.43
N LEU G 3002 57.57 29.61 112.60
CA LEU G 3002 56.89 29.31 113.85
C LEU G 3002 55.51 29.94 113.91
N LEU G 3003 55.45 31.26 113.76
CA LEU G 3003 54.17 31.96 113.91
C LEU G 3003 53.08 31.44 112.99
N PRO G 3004 53.32 31.27 111.68
CA PRO G 3004 52.25 30.71 110.83
C PRO G 3004 51.95 29.26 111.13
N LEU G 3005 52.86 28.52 111.77
CA LEU G 3005 52.55 27.17 112.21
C LEU G 3005 51.64 27.20 113.43
N ILE G 3006 51.94 28.08 114.38
CA ILE G 3006 51.16 28.20 115.60
C ILE G 3006 49.74 28.61 115.27
N ASN G 3007 49.62 29.62 114.42
CA ASN G 3007 48.31 30.16 114.06
C ASN G 3007 47.42 29.05 113.50
N GLN G 3008 47.93 28.31 112.52
CA GLN G 3008 47.10 27.30 111.88
C GLN G 3008 46.77 26.17 112.84
N TYR G 3009 47.76 25.72 113.63
CA TYR G 3009 47.49 24.60 114.51
C TYR G 3009 46.38 24.96 115.49
N PHE G 3010 46.48 26.13 116.09
CA PHE G 3010 45.53 26.46 117.14
C PHE G 3010 44.18 26.85 116.57
N THR G 3011 44.16 27.51 115.40
CA THR G 3011 42.87 27.75 114.79
C THR G 3011 42.22 26.46 114.30
N ASN G 3012 42.98 25.38 114.18
CA ASN G 3012 42.40 24.10 113.82
C ASN G 3012 41.98 23.25 115.02
N HIS G 3013 42.59 23.46 116.18
CA HIS G 3013 42.30 22.62 117.34
C HIS G 3013 41.94 23.44 118.58
N CYS G 3014 41.41 24.64 118.38
CA CYS G 3014 41.10 25.48 119.54
C CYS G 3014 40.05 24.83 120.43
N LEU G 3015 38.90 24.41 119.85
CA LEU G 3015 37.87 23.87 120.73
C LEU G 3015 38.32 22.58 121.40
N TYR G 3016 39.25 21.84 120.78
CA TYR G 3016 39.89 20.77 121.54
C TYR G 3016 40.61 21.34 122.75
N PHE G 3017 41.41 22.38 122.55
CA PHE G 3017 42.14 22.95 123.67
C PHE G 3017 41.20 23.58 124.70
N LEU G 3018 39.96 23.86 124.32
CA LEU G 3018 38.95 24.38 125.23
C LEU G 3018 37.95 23.34 125.68
N SER G 3019 37.99 22.13 125.13
CA SER G 3019 37.06 21.10 125.55
C SER G 3019 37.26 20.76 127.01
N THR G 3020 36.22 21.00 127.79
CA THR G 3020 36.30 20.75 129.22
C THR G 3020 36.15 19.27 129.52
N PRO G 3021 36.78 18.78 130.58
CA PRO G 3021 36.61 17.36 130.94
C PRO G 3021 35.17 16.98 131.23
N ALA G 3022 34.38 17.90 131.79
CA ALA G 3022 32.96 17.62 132.03
C ALA G 3022 32.19 17.57 130.72
N LYS G 3023 32.19 18.68 129.98
CA LYS G 3023 31.57 18.76 128.66
C LYS G 3023 32.65 19.06 127.65
N VAL G 3024 32.84 18.16 126.69
CA VAL G 3024 33.84 18.31 125.64
C VAL G 3024 33.18 19.00 124.45
N LEU G 3025 33.81 20.05 123.96
CA LEU G 3025 33.32 20.79 122.81
C LEU G 3025 34.27 20.56 121.65
N GLY G 3026 33.92 19.66 120.75
CA GLY G 3026 34.76 19.34 119.62
C GLY G 3026 34.55 17.91 119.19
N SER G 3027 35.50 17.40 118.41
CA SER G 3027 35.40 16.05 117.88
C SER G 3027 35.39 15.02 119.00
N GLY G 3028 36.31 15.14 119.95
CA GLY G 3028 36.37 14.19 121.04
C GLY G 3028 37.48 14.45 122.02
N GLY G 3029 37.23 14.14 123.29
CA GLY G 3029 38.24 14.24 124.32
C GLY G 3029 38.49 15.67 124.76
N HIS G 3030 39.21 15.80 125.86
CA HIS G 3030 39.56 17.09 126.43
C HIS G 3030 41.08 17.21 126.49
N ALA G 3031 41.55 18.45 126.37
CA ALA G 3031 42.97 18.70 126.61
C ALA G 3031 43.30 18.42 128.06
N SER G 3032 44.44 17.77 128.29
CA SER G 3032 44.90 17.57 129.65
C SER G 3032 45.15 18.92 130.28
N ASN G 3033 45.00 18.99 131.60
CA ASN G 3033 45.20 20.25 132.30
C ASN G 3033 46.55 20.87 131.95
N LYS G 3034 47.61 20.08 132.05
CA LYS G 3034 48.97 20.58 131.81
C LYS G 3034 49.04 21.32 130.49
N GLU G 3035 48.38 20.80 129.46
CA GLU G 3035 48.29 21.52 128.20
C GLU G 3035 47.56 22.84 128.39
N LYS G 3036 46.52 22.85 129.22
CA LYS G 3036 45.75 24.08 129.42
C LYS G 3036 46.56 25.14 130.14
N GLU G 3037 47.55 24.74 130.95
CA GLU G 3037 48.40 25.78 131.55
C GLU G 3037 49.56 26.16 130.64
N MET G 3038 50.11 25.21 129.89
CA MET G 3038 51.20 25.61 129.01
C MET G 3038 50.71 26.53 127.91
N ILE G 3039 49.47 26.37 127.46
CA ILE G 3039 48.96 27.30 126.45
C ILE G 3039 48.90 28.72 127.02
N THR G 3040 48.50 28.84 128.29
CA THR G 3040 48.52 30.14 128.95
C THR G 3040 49.94 30.68 129.03
N SER G 3041 50.90 29.80 129.31
CA SER G 3041 52.29 30.24 129.41
C SER G 3041 52.79 30.76 128.07
N LEU G 3042 52.47 30.05 126.99
CA LEU G 3042 52.77 30.57 125.65
C LEU G 3042 52.18 31.95 125.47
N PHE G 3043 50.90 32.11 125.81
CA PHE G 3043 50.24 33.41 125.62
C PHE G 3043 50.99 34.52 126.34
N CYS G 3044 51.23 34.33 127.64
CA CYS G 3044 51.84 35.38 128.45
C CYS G 3044 53.26 35.67 127.98
N LYS G 3045 54.02 34.63 127.68
CA LYS G 3045 55.40 34.84 127.26
C LYS G 3045 55.46 35.53 125.91
N LEU G 3046 54.53 35.21 125.01
CA LEU G 3046 54.43 35.97 123.76
C LEU G 3046 54.21 37.44 124.07
N ALA G 3047 53.29 37.73 124.98
CA ALA G 3047 53.05 39.12 125.36
C ALA G 3047 54.34 39.78 125.82
N ALA G 3048 55.12 39.08 126.64
CA ALA G 3048 56.40 39.63 127.07
C ALA G 3048 57.33 39.88 125.89
N LEU G 3049 57.33 38.96 124.93
CA LEU G 3049 58.16 39.12 123.74
C LEU G 3049 57.77 40.36 122.94
N VAL G 3050 56.49 40.76 122.95
CA VAL G 3050 56.06 41.89 122.13
C VAL G 3050 55.81 43.15 122.93
N ARG G 3051 55.97 43.12 124.26
CA ARG G 3051 55.71 44.29 125.09
C ARG G 3051 56.69 45.40 124.74
N HIS G 3052 56.21 46.43 124.03
CA HIS G 3052 57.06 47.47 123.46
C HIS G 3052 58.21 46.88 122.63
N ARG G 3053 57.88 45.90 121.80
CA ARG G 3053 58.87 45.27 120.94
C ARG G 3053 58.40 45.17 119.50
N VAL G 3054 57.41 46.00 119.12
CA VAL G 3054 56.94 45.99 117.75
C VAL G 3054 58.00 46.52 116.80
N SER G 3055 58.83 47.46 117.28
CA SER G 3055 59.86 48.04 116.43
C SER G 3055 60.84 47.00 115.90
N LEU G 3056 61.06 45.91 116.64
CA LEU G 3056 62.01 44.88 116.22
C LEU G 3056 61.43 43.94 115.18
N PHE G 3057 60.27 43.35 115.47
CA PHE G 3057 59.64 42.45 114.52
C PHE G 3057 59.18 43.18 113.27
N GLY G 3058 58.94 44.50 113.39
CA GLY G 3058 58.65 45.31 112.23
C GLY G 3058 57.57 44.74 111.34
N THR G 3059 57.97 44.29 110.16
CA THR G 3059 57.06 43.63 109.24
C THR G 3059 56.46 42.35 109.83
N ASP G 3060 57.04 41.80 110.89
CA ASP G 3060 56.44 40.62 111.51
C ASP G 3060 55.23 41.00 112.34
N ALA G 3061 54.96 42.30 112.54
CA ALA G 3061 53.88 42.74 113.41
C ALA G 3061 52.52 42.15 113.07
N PRO G 3062 52.05 42.13 111.82
CA PRO G 3062 50.76 41.50 111.55
C PRO G 3062 50.74 40.03 111.94
N ALA G 3063 51.82 39.30 111.64
CA ALA G 3063 51.87 37.89 111.95
C ALA G 3063 51.83 37.66 113.46
N VAL G 3064 52.64 38.39 114.21
CA VAL G 3064 52.71 38.18 115.65
C VAL G 3064 51.41 38.61 116.32
N VAL G 3065 50.79 39.67 115.80
CA VAL G 3065 49.54 40.14 116.40
C VAL G 3065 48.42 39.14 116.13
N ASN G 3066 48.34 38.61 114.91
CA ASN G 3066 47.32 37.60 114.64
C ASN G 3066 47.58 36.32 115.40
N CYS G 3067 48.84 35.94 115.58
CA CYS G 3067 49.17 34.82 116.44
C CYS G 3067 48.68 35.08 117.86
N LEU G 3068 48.95 36.27 118.38
CA LEU G 3068 48.52 36.60 119.73
C LEU G 3068 46.99 36.54 119.82
N HIS G 3069 46.31 36.98 118.77
CA HIS G 3069 44.85 36.89 118.72
C HIS G 3069 44.36 35.46 118.78
N ILE G 3070 44.94 34.58 117.96
CA ILE G 3070 44.42 33.22 117.89
C ILE G 3070 44.72 32.46 119.18
N LEU G 3071 45.87 32.72 119.79
CA LEU G 3071 46.13 32.19 121.13
C LEU G 3071 45.10 32.71 122.13
N ALA G 3072 44.78 34.00 122.06
CA ALA G 3072 43.81 34.55 122.99
C ALA G 3072 42.46 33.87 122.83
N ARG G 3073 42.06 33.59 121.59
CA ARG G 3073 40.80 32.89 121.39
C ARG G 3073 40.89 31.43 121.79
N SER G 3074 42.10 30.87 121.79
CA SER G 3074 42.29 29.48 122.18
C SER G 3074 42.57 29.31 123.67
N LEU G 3075 42.38 30.36 124.46
CA LEU G 3075 42.73 30.31 125.87
C LEU G 3075 41.65 29.61 126.68
N ASP G 3076 41.99 28.48 127.28
CA ASP G 3076 41.09 27.76 128.18
C ASP G 3076 41.41 28.16 129.61
N ALA G 3077 40.38 28.41 130.41
CA ALA G 3077 40.56 28.82 131.79
C ALA G 3077 39.42 28.28 132.64
N ARG G 3078 39.30 28.85 133.84
CA ARG G 3078 38.40 28.40 134.91
C ARG G 3078 38.88 27.06 135.47
N THR G 3079 39.88 26.49 134.82
CA THR G 3079 40.60 25.32 135.28
C THR G 3079 42.04 25.65 135.57
N VAL G 3080 42.65 26.50 134.73
CA VAL G 3080 43.99 26.99 135.02
C VAL G 3080 43.98 27.91 136.23
N MET G 3081 43.08 28.89 136.24
CA MET G 3081 43.08 29.87 137.33
C MET G 3081 42.49 29.29 138.61
N LYS G 3082 41.43 28.49 138.50
CA LYS G 3082 40.87 27.88 139.69
C LYS G 3082 41.83 26.87 140.29
N SER G 3083 42.48 26.07 139.44
CA SER G 3083 43.43 25.04 139.89
C SER G 3083 44.60 24.98 138.92
N GLY G 3084 45.64 25.77 139.20
CA GLY G 3084 46.81 25.77 138.35
C GLY G 3084 48.07 26.19 139.08
N PRO G 3085 49.22 25.91 138.48
CA PRO G 3085 50.49 26.33 139.08
C PRO G 3085 50.53 27.84 139.25
N GLU G 3086 51.02 28.27 140.40
CA GLU G 3086 51.04 29.70 140.69
C GLU G 3086 51.89 30.48 139.71
N ILE G 3087 52.91 29.85 139.13
CA ILE G 3087 53.66 30.50 138.05
C ILE G 3087 52.74 30.77 136.87
N VAL G 3088 51.93 29.78 136.51
CA VAL G 3088 50.99 29.92 135.41
C VAL G 3088 49.99 31.04 135.71
N LYS G 3089 49.41 31.02 136.91
CA LYS G 3089 48.43 32.03 137.28
C LYS G 3089 49.06 33.42 137.26
N ALA G 3090 50.26 33.53 137.83
CA ALA G 3090 50.99 34.79 137.81
C ALA G 3090 51.21 35.25 136.39
N GLY G 3091 51.29 34.31 135.44
CA GLY G 3091 51.35 34.68 134.04
C GLY G 3091 50.27 35.64 133.62
N LEU G 3092 49.01 35.20 133.64
CA LEU G 3092 47.92 36.07 133.23
C LEU G 3092 47.78 37.25 134.18
N ARG G 3093 47.98 37.02 135.49
CA ARG G 3093 47.76 38.09 136.45
C ARG G 3093 48.79 39.21 136.29
N SER G 3094 49.94 38.90 135.69
CA SER G 3094 50.90 39.92 135.31
C SER G 3094 50.65 40.47 133.93
N PHE G 3095 50.11 39.67 133.02
CA PHE G 3095 49.66 40.19 131.73
C PHE G 3095 48.68 41.33 131.90
N PHE G 3096 47.63 41.11 132.67
CA PHE G 3096 46.62 42.15 132.83
C PHE G 3096 47.22 43.37 133.50
N GLU G 3097 48.12 43.17 134.45
CA GLU G 3097 48.75 44.30 135.13
C GLU G 3097 49.56 45.13 134.14
N SER G 3098 50.36 44.48 133.30
CA SER G 3098 51.16 45.22 132.33
C SER G 3098 50.30 45.94 131.32
N ALA G 3099 49.23 45.28 130.84
CA ALA G 3099 48.33 45.94 129.91
C ALA G 3099 47.67 47.15 130.56
N SER G 3100 47.25 46.99 131.81
CA SER G 3100 46.61 48.10 132.52
C SER G 3100 47.57 49.27 132.67
N GLU G 3101 48.82 49.00 133.07
CA GLU G 3101 49.75 50.11 133.27
C GLU G 3101 50.14 50.76 131.95
N ASP G 3102 50.22 49.98 130.88
CA ASP G 3102 50.50 50.58 129.57
C ASP G 3102 49.35 51.45 129.11
N ILE G 3103 48.11 51.02 129.32
CA ILE G 3103 46.96 51.87 129.00
C ILE G 3103 46.93 53.07 129.94
N GLU G 3104 47.36 52.90 131.18
CA GLU G 3104 47.45 54.03 132.09
C GLU G 3104 48.40 55.09 131.57
N LYS G 3105 49.59 54.67 131.11
CA LYS G 3105 50.51 55.62 130.48
C LYS G 3105 49.91 56.19 129.20
N MET G 3106 49.19 55.36 128.46
CA MET G 3106 48.58 55.82 127.22
C MET G 3106 47.65 57.00 127.48
N VAL G 3107 46.74 56.82 128.44
CA VAL G 3107 45.82 57.89 128.83
C VAL G 3107 46.57 59.06 129.47
N GLU G 3108 47.61 58.77 130.25
CA GLU G 3108 48.45 59.82 130.81
C GLU G 3108 49.03 60.73 129.74
N ASN G 3109 49.32 60.20 128.55
CA ASN G 3109 49.91 61.02 127.49
C ASN G 3109 48.90 61.57 126.49
N LEU G 3110 47.69 60.99 126.40
CA LEU G 3110 46.72 61.49 125.43
C LEU G 3110 46.31 62.95 125.70
N ARG G 3111 46.21 63.35 126.96
CA ARG G 3111 45.80 64.72 127.25
C ARG G 3111 46.78 65.72 126.67
N LEU G 3112 48.06 65.57 126.98
CA LEU G 3112 49.07 66.54 126.61
C LEU G 3112 49.92 66.09 125.43
N GLY G 3113 50.36 64.83 125.42
CA GLY G 3113 51.20 64.33 124.36
C GLY G 3113 52.52 63.78 124.86
N LYS G 3123 60.66 56.89 120.93
CA LYS G 3123 60.54 57.49 122.26
C LYS G 3123 59.37 56.86 123.02
N GLY G 3124 59.20 57.28 124.28
CA GLY G 3124 58.22 56.68 125.15
C GLY G 3124 56.79 56.77 124.66
N VAL G 3125 56.33 57.99 124.33
CA VAL G 3125 54.95 58.19 123.91
C VAL G 3125 54.70 57.54 122.56
N GLY G 3126 55.61 57.76 121.61
CA GLY G 3126 55.45 57.16 120.29
C GLY G 3126 55.45 55.64 120.33
N GLN G 3127 56.40 55.06 121.07
CA GLN G 3127 56.45 53.61 121.17
C GLN G 3127 55.24 53.07 121.92
N ASN G 3128 54.74 53.82 122.90
CA ASN G 3128 53.51 53.43 123.59
C ASN G 3128 52.35 53.39 122.61
N LEU G 3129 52.26 54.39 121.75
CA LEU G 3129 51.26 54.38 120.68
C LEU G 3129 51.41 53.11 119.85
N THR G 3130 52.64 52.81 119.41
CA THR G 3130 52.85 51.68 118.52
C THR G 3130 52.42 50.38 119.18
N TYR G 3131 52.77 50.20 120.45
CA TYR G 3131 52.45 48.94 121.11
C TYR G 3131 50.97 48.83 121.44
N THR G 3132 50.35 49.94 121.84
CA THR G 3132 48.95 49.88 122.26
C THR G 3132 48.02 49.77 121.07
N THR G 3133 48.05 50.77 120.20
CA THR G 3133 47.07 50.85 119.12
C THR G 3133 47.11 49.61 118.23
N VAL G 3134 48.30 49.03 118.05
CA VAL G 3134 48.47 47.89 117.16
C VAL G 3134 48.23 46.58 117.89
N ALA G 3135 48.86 46.39 119.04
CA ALA G 3135 48.91 45.08 119.68
C ALA G 3135 48.04 44.98 120.91
N LEU G 3136 48.23 45.89 121.88
CA LEU G 3136 47.61 45.71 123.19
C LEU G 3136 46.08 45.76 123.09
N LEU G 3137 45.55 46.82 122.49
CA LEU G 3137 44.10 46.99 122.46
C LEU G 3137 43.38 45.87 121.73
N PRO G 3138 43.76 45.47 120.52
CA PRO G 3138 42.99 44.41 119.85
C PRO G 3138 43.05 43.07 120.57
N VAL G 3139 44.22 42.68 121.07
CA VAL G 3139 44.31 41.40 121.76
C VAL G 3139 43.59 41.45 123.10
N LEU G 3140 43.64 42.59 123.78
CA LEU G 3140 42.89 42.71 125.02
C LEU G 3140 41.39 42.66 124.75
N THR G 3141 40.96 43.28 123.66
CA THR G 3141 39.55 43.22 123.27
C THR G 3141 39.14 41.78 123.00
N THR G 3142 39.95 41.05 122.25
CA THR G 3142 39.57 39.68 121.92
C THR G 3142 39.65 38.78 123.15
N LEU G 3143 40.50 39.13 124.12
CA LEU G 3143 40.57 38.32 125.33
C LEU G 3143 39.34 38.53 126.20
N PHE G 3144 38.92 39.79 126.39
CA PHE G 3144 37.68 40.05 127.10
C PHE G 3144 36.48 39.47 126.35
N GLN G 3145 36.46 39.60 125.03
CA GLN G 3145 35.36 39.02 124.28
C GLN G 3145 35.35 37.50 124.43
N HIS G 3146 36.54 36.90 124.46
CA HIS G 3146 36.63 35.45 124.66
C HIS G 3146 36.10 35.04 126.02
N ILE G 3147 36.49 35.74 127.07
CA ILE G 3147 35.99 35.39 128.40
C ILE G 3147 34.48 35.59 128.47
N ALA G 3148 33.96 36.57 127.73
CA ALA G 3148 32.53 36.83 127.71
C ALA G 3148 31.76 35.81 126.86
N GLN G 3149 32.41 35.16 125.90
CA GLN G 3149 31.70 34.17 125.08
C GLN G 3149 31.27 32.96 125.88
N HIS G 3150 32.17 32.37 126.67
CA HIS G 3150 31.90 31.11 127.34
C HIS G 3150 31.58 31.30 128.81
N GLN G 3151 31.28 32.54 129.23
CA GLN G 3151 30.89 32.84 130.60
C GLN G 3151 31.98 32.47 131.60
N PHE G 3152 33.24 32.61 131.20
CA PHE G 3152 34.35 32.45 132.14
C PHE G 3152 34.54 33.64 133.05
N GLY G 3153 33.68 34.64 132.98
CA GLY G 3153 33.94 35.90 133.66
C GLY G 3153 34.17 35.82 135.16
N ASP G 3154 33.33 35.09 135.87
CA ASP G 3154 33.40 35.13 137.33
C ASP G 3154 34.54 34.32 137.92
N ASP G 3155 35.49 33.84 137.12
CA ASP G 3155 36.61 33.09 137.67
C ASP G 3155 37.97 33.49 137.12
N VAL G 3156 38.04 34.01 135.90
CA VAL G 3156 39.33 34.39 135.35
C VAL G 3156 39.73 35.78 135.83
N ILE G 3157 38.76 36.67 135.93
CA ILE G 3157 38.94 38.06 136.35
C ILE G 3157 38.28 38.24 137.70
N LEU G 3158 38.28 37.16 138.51
CA LEU G 3158 37.56 37.18 139.78
C LEU G 3158 38.20 38.17 140.76
N ASP G 3159 39.51 38.05 140.98
CA ASP G 3159 40.20 38.82 142.00
C ASP G 3159 41.62 39.11 141.54
N ASP G 3160 42.12 40.30 141.88
CA ASP G 3160 43.52 40.69 141.76
C ASP G 3160 43.94 40.91 140.30
N VAL G 3161 43.11 40.46 139.38
CA VAL G 3161 43.06 41.03 138.05
C VAL G 3161 41.82 41.89 137.89
N GLN G 3162 40.85 41.69 138.79
CA GLN G 3162 39.86 42.66 139.24
C GLN G 3162 40.40 44.08 139.29
N VAL G 3163 41.41 44.32 140.12
CA VAL G 3163 41.91 45.69 140.26
C VAL G 3163 42.64 46.10 138.99
N SER G 3164 43.33 45.16 138.37
CA SER G 3164 44.06 45.44 137.15
C SER G 3164 43.14 46.04 136.10
N CYS G 3165 41.92 45.54 136.00
CA CYS G 3165 40.99 46.06 135.02
C CYS G 3165 40.19 47.26 135.51
N TYR G 3166 40.06 47.47 136.82
CA TYR G 3166 39.48 48.76 137.22
C TYR G 3166 40.38 49.93 136.91
N ARG G 3167 41.70 49.75 137.03
CA ARG G 3167 42.57 50.81 136.54
C ARG G 3167 42.26 51.13 135.09
N THR G 3168 42.13 50.09 134.26
CA THR G 3168 41.86 50.29 132.84
C THR G 3168 40.52 50.97 132.61
N LEU G 3169 39.48 50.55 133.34
CA LEU G 3169 38.15 51.10 133.10
C LEU G 3169 38.06 52.56 133.55
N CYS G 3170 38.52 52.83 134.77
CA CYS G 3170 38.56 54.21 135.25
C CYS G 3170 39.48 55.08 134.41
N SER G 3171 40.43 54.49 133.70
CA SER G 3171 41.23 55.26 132.75
C SER G 3171 40.44 55.55 131.48
N ILE G 3172 39.89 54.49 130.86
CA ILE G 3172 39.30 54.63 129.54
C ILE G 3172 38.08 55.52 129.60
N TYR G 3173 37.43 55.60 130.76
CA TYR G 3173 36.36 56.57 130.87
C TYR G 3173 36.88 57.99 130.85
N SER G 3174 38.04 58.25 131.42
CA SER G 3174 38.48 59.60 131.68
C SER G 3174 38.92 60.35 130.42
N LEU G 3175 38.62 59.83 129.24
CA LEU G 3175 38.94 60.51 127.99
C LEU G 3175 37.92 61.56 127.60
N GLY G 3176 36.94 61.84 128.45
CA GLY G 3176 35.87 62.74 128.09
C GLY G 3176 36.27 64.20 128.03
N THR G 3177 37.51 64.53 128.40
CA THR G 3177 37.95 65.91 128.46
C THR G 3177 38.81 66.31 127.26
N THR G 3178 39.71 65.44 126.84
CA THR G 3178 40.70 65.81 125.83
C THR G 3178 40.03 66.13 124.50
N LYS G 3179 40.55 67.15 123.82
CA LYS G 3179 40.11 67.51 122.48
C LYS G 3179 41.36 67.70 121.62
N ASN G 3180 41.66 66.70 120.80
CA ASN G 3180 42.74 66.79 119.83
C ASN G 3180 42.40 65.87 118.67
N THR G 3181 43.32 65.77 117.72
CA THR G 3181 43.10 64.87 116.59
C THR G 3181 43.10 63.41 117.05
N TYR G 3182 44.09 63.04 117.85
CA TYR G 3182 44.38 61.62 118.05
C TYR G 3182 43.29 60.92 118.84
N VAL G 3183 42.65 61.63 119.77
CA VAL G 3183 41.54 61.01 120.51
C VAL G 3183 40.43 60.62 119.55
N GLU G 3184 40.06 61.55 118.67
CA GLU G 3184 39.09 61.23 117.62
C GLU G 3184 39.59 60.11 116.74
N LYS G 3185 40.91 60.02 116.56
CA LYS G 3185 41.49 59.00 115.70
C LYS G 3185 41.40 57.62 116.32
N LEU G 3186 41.45 57.56 117.65
CA LEU G 3186 41.54 56.30 118.36
C LEU G 3186 40.21 55.78 118.86
N ARG G 3187 39.21 56.66 119.01
CA ARG G 3187 37.99 56.32 119.73
C ARG G 3187 37.44 54.91 119.52
N PRO G 3188 37.25 54.39 118.29
CA PRO G 3188 36.55 53.10 118.17
C PRO G 3188 37.22 51.95 118.87
N ALA G 3189 38.55 51.91 118.90
CA ALA G 3189 39.24 50.83 119.60
C ALA G 3189 38.91 50.85 121.08
N LEU G 3190 38.94 52.04 121.68
CA LEU G 3190 38.51 52.18 123.06
C LEU G 3190 37.09 51.69 123.22
N GLY G 3191 36.22 52.06 122.28
CA GLY G 3191 34.84 51.64 122.37
C GLY G 3191 34.69 50.13 122.41
N GLU G 3192 35.40 49.43 121.54
CA GLU G 3192 35.26 47.98 121.46
C GLU G 3192 35.85 47.28 122.67
N CYS G 3193 37.07 47.68 123.07
CA CYS G 3193 37.69 47.07 124.25
C CYS G 3193 36.81 47.28 125.48
N LEU G 3194 36.32 48.50 125.65
CA LEU G 3194 35.43 48.81 126.75
C LEU G 3194 34.15 48.01 126.68
N ALA G 3195 33.60 47.85 125.48
CA ALA G 3195 32.36 47.08 125.34
C ALA G 3195 32.56 45.64 125.78
N ARG G 3196 33.66 45.02 125.39
CA ARG G 3196 33.91 43.66 125.84
C ARG G 3196 34.11 43.59 127.34
N LEU G 3197 34.88 44.53 127.90
CA LEU G 3197 35.08 44.55 129.34
C LEU G 3197 33.78 44.72 130.10
N ALA G 3198 32.81 45.42 129.52
CA ALA G 3198 31.53 45.60 130.21
C ALA G 3198 30.85 44.28 130.51
N ALA G 3199 31.03 43.28 129.65
CA ALA G 3199 30.49 41.96 129.91
C ALA G 3199 31.47 41.06 130.66
N ALA G 3200 32.77 41.26 130.47
CA ALA G 3200 33.76 40.42 131.13
C ALA G 3200 33.83 40.62 132.63
N MET G 3201 33.77 41.85 133.10
CA MET G 3201 34.13 42.18 134.48
C MET G 3201 32.98 41.91 135.46
N PRO G 3202 33.28 41.27 136.60
CA PRO G 3202 32.24 40.60 137.39
C PRO G 3202 31.41 41.48 138.31
N VAL G 3203 31.63 42.79 138.39
CA VAL G 3203 30.90 43.57 139.38
C VAL G 3203 29.92 44.48 138.65
N ALA G 3204 29.03 45.09 139.42
CA ALA G 3204 28.32 46.27 138.96
C ALA G 3204 29.20 47.50 139.17
N PHE G 3205 30.08 47.78 138.22
CA PHE G 3205 30.93 48.96 138.32
C PHE G 3205 30.11 50.24 138.22
N LEU G 3206 28.88 50.15 137.72
CA LEU G 3206 27.96 51.28 137.71
C LEU G 3206 27.08 51.33 138.94
N GLU G 3207 26.98 50.23 139.69
CA GLU G 3207 26.04 50.12 140.80
C GLU G 3207 26.80 49.66 142.04
N PRO G 3208 27.58 50.54 142.64
CA PRO G 3208 28.27 50.19 143.89
C PRO G 3208 27.39 50.33 145.10
N GLN G 3209 26.20 50.91 144.96
CA GLN G 3209 25.31 51.08 146.10
C GLN G 3209 24.82 49.75 146.64
N LEU G 3210 24.63 48.76 145.76
CA LEU G 3210 24.16 47.43 146.14
C LEU G 3210 25.22 46.41 145.69
N ASN G 3211 26.19 46.17 146.57
CA ASN G 3211 27.27 45.24 146.28
C ASN G 3211 27.39 44.13 147.30
N GLU G 3212 26.70 44.24 148.44
CA GLU G 3212 26.72 43.19 149.45
C GLU G 3212 26.01 41.93 149.00
N TYR G 3213 25.46 41.91 147.80
CA TYR G 3213 24.82 40.73 147.23
C TYR G 3213 25.72 40.02 146.23
N ASN G 3214 26.99 40.38 146.16
CA ASN G 3214 27.93 39.80 145.21
C ASN G 3214 28.91 38.89 145.95
N ALA G 3215 29.56 38.03 145.17
CA ALA G 3215 30.63 37.18 145.69
C ALA G 3215 31.87 37.16 144.81
N CYS G 3216 31.79 37.66 143.59
CA CYS G 3216 32.90 37.62 142.65
C CYS G 3216 33.75 38.88 142.65
N SER G 3217 33.39 39.88 143.46
CA SER G 3217 34.27 41.01 143.65
C SER G 3217 35.30 40.69 144.74
N VAL G 3218 36.28 41.58 144.88
CA VAL G 3218 37.23 41.44 145.98
C VAL G 3218 36.68 41.97 147.29
N TYR G 3219 35.53 42.65 147.29
CA TYR G 3219 35.09 43.27 148.54
C TYR G 3219 34.20 42.37 149.38
N THR G 3220 33.42 41.49 148.76
CA THR G 3220 32.63 40.53 149.53
C THR G 3220 33.37 39.22 149.75
N THR G 3221 34.24 38.83 148.82
CA THR G 3221 35.06 37.65 149.03
C THR G 3221 36.21 37.94 149.99
N LYS G 3222 36.75 39.15 149.97
CA LYS G 3222 37.87 39.53 150.83
C LYS G 3222 37.43 40.62 151.79
N SER G 3223 37.74 40.43 153.06
CA SER G 3223 37.44 41.39 154.10
C SER G 3223 38.39 42.57 154.02
N PRO G 3224 38.05 43.70 154.64
CA PRO G 3224 38.95 44.86 154.58
C PRO G 3224 40.35 44.59 155.13
N ARG G 3225 40.49 43.60 156.01
CA ARG G 3225 41.81 43.20 156.45
C ARG G 3225 42.65 42.69 155.28
N GLU G 3226 42.02 42.25 154.20
CA GLU G 3226 42.75 41.96 152.99
C GLU G 3226 42.86 43.17 152.08
N ARG G 3227 41.89 44.09 152.15
CA ARG G 3227 41.97 45.32 151.36
C ARG G 3227 43.16 46.17 151.76
N ALA G 3228 43.54 46.14 153.04
CA ALA G 3228 44.78 46.78 153.45
C ALA G 3228 45.97 46.12 152.77
N ILE G 3229 45.93 44.80 152.61
CA ILE G 3229 47.06 44.09 152.02
C ILE G 3229 47.27 44.53 150.58
N LEU G 3230 46.19 44.60 149.80
CA LEU G 3230 46.30 44.92 148.39
C LEU G 3230 46.37 46.41 148.13
N GLY G 3231 46.33 47.23 149.16
CA GLY G 3231 46.27 48.67 148.98
C GLY G 3231 45.02 49.15 148.26
N LEU G 3232 43.77 48.65 148.72
CA LEU G 3232 42.62 49.08 147.93
C LEU G 3232 41.92 50.27 148.61
N PRO G 3233 41.26 51.15 147.87
CA PRO G 3233 40.47 52.20 148.52
C PRO G 3233 39.22 51.63 149.20
N ASN G 3234 38.89 52.19 150.37
CA ASN G 3234 37.86 51.58 151.21
C ASN G 3234 36.46 51.73 150.61
N SER G 3235 36.10 52.94 150.17
CA SER G 3235 34.76 53.17 149.66
C SER G 3235 34.54 52.45 148.33
N VAL G 3236 33.39 51.79 148.21
CA VAL G 3236 33.09 51.02 147.01
C VAL G 3236 33.02 51.90 145.78
N GLU G 3237 32.45 53.10 145.90
CA GLU G 3237 32.37 54.00 144.75
C GLU G 3237 33.73 54.51 144.32
N GLU G 3238 34.63 54.72 145.28
CA GLU G 3238 35.82 55.52 145.00
C GLU G 3238 36.86 54.82 144.14
N MET G 3239 36.78 53.50 143.93
CA MET G 3239 37.70 52.89 142.97
C MET G 3239 37.51 53.47 141.59
N CYS G 3240 36.27 53.70 141.20
CA CYS G 3240 35.93 54.24 139.88
C CYS G 3240 35.05 55.46 140.09
N PRO G 3241 35.61 56.53 140.65
CA PRO G 3241 34.76 57.69 140.99
C PRO G 3241 34.31 58.48 139.78
N ASP G 3242 35.18 58.63 138.77
CA ASP G 3242 34.78 59.31 137.55
C ASP G 3242 33.59 58.62 136.89
N ILE G 3243 33.48 57.32 137.06
CA ILE G 3243 32.35 56.60 136.48
C ILE G 3243 31.10 56.85 137.33
N PRO G 3244 30.01 57.32 136.76
CA PRO G 3244 28.83 57.64 137.57
C PRO G 3244 27.91 56.44 137.74
N VAL G 3245 26.90 56.60 138.60
CA VAL G 3245 25.91 55.53 138.77
C VAL G 3245 25.03 55.44 137.53
N LEU G 3246 24.40 54.29 137.35
CA LEU G 3246 23.68 54.00 136.12
C LEU G 3246 22.56 54.99 135.86
N ASP G 3247 21.80 55.33 136.90
CA ASP G 3247 20.63 56.18 136.69
C ASP G 3247 21.04 57.55 136.18
N ARG G 3248 22.15 58.08 136.68
CA ARG G 3248 22.61 59.38 136.17
C ARG G 3248 23.05 59.29 134.72
N LEU G 3249 23.69 58.18 134.32
CA LEU G 3249 24.05 58.00 132.92
C LEU G 3249 22.81 57.94 132.04
N MET G 3250 21.80 57.20 132.49
CA MET G 3250 20.57 57.13 131.71
C MET G 3250 19.88 58.48 131.63
N ALA G 3251 19.91 59.24 132.73
CA ALA G 3251 19.34 60.59 132.69
C ALA G 3251 20.10 61.47 131.72
N ASP G 3252 21.43 61.33 131.70
CA ASP G 3252 22.25 62.08 130.76
C ASP G 3252 21.86 61.77 129.33
N ILE G 3253 21.72 60.47 129.02
CA ILE G 3253 21.35 60.08 127.66
C ILE G 3253 19.94 60.54 127.34
N GLY G 3254 19.03 60.50 128.31
CA GLY G 3254 17.69 60.99 128.08
C GLY G 3254 17.65 62.46 127.75
N GLY G 3255 18.42 63.27 128.47
CA GLY G 3255 18.51 64.68 128.17
C GLY G 3255 19.15 64.93 126.81
N LEU G 3256 20.21 64.18 126.51
CA LEU G 3256 20.89 64.35 125.23
C LEU G 3256 19.99 63.99 124.06
N ALA G 3257 19.18 62.94 124.22
CA ALA G 3257 18.32 62.49 123.13
C ALA G 3257 17.29 63.56 122.77
N GLU G 3258 16.60 64.12 123.76
CA GLU G 3258 15.65 65.18 123.49
C GLU G 3258 16.34 66.47 123.08
N SER G 3259 17.61 66.64 123.46
CA SER G 3259 18.35 67.82 123.05
C SER G 3259 18.50 67.92 121.54
N GLY G 3260 18.52 66.79 120.86
CA GLY G 3260 18.71 66.82 119.41
C GLY G 3260 20.10 67.24 119.00
N ALA G 3261 21.03 67.29 119.95
CA ALA G 3261 22.40 67.67 119.63
C ALA G 3261 23.03 66.64 118.71
N ARG G 3262 23.73 67.12 117.69
CA ARG G 3262 24.32 66.21 116.73
C ARG G 3262 25.58 65.57 117.29
N TYR G 3263 26.33 64.92 116.40
CA TYR G 3263 27.50 64.15 116.82
C TYR G 3263 28.57 65.04 117.43
N THR G 3264 28.64 66.30 117.01
CA THR G 3264 29.73 67.16 117.45
C THR G 3264 29.67 67.46 118.95
N GLU G 3265 28.51 67.86 119.47
CA GLU G 3265 28.43 68.10 120.91
C GLU G 3265 28.64 66.83 121.71
N MET G 3266 28.33 65.66 121.14
CA MET G 3266 28.32 64.42 121.88
C MET G 3266 29.16 63.40 121.10
N PRO G 3267 30.48 63.55 121.12
CA PRO G 3267 31.34 62.48 120.62
C PRO G 3267 31.52 61.36 121.64
N HIS G 3268 31.81 61.77 122.88
CA HIS G 3268 32.18 60.81 123.92
C HIS G 3268 31.03 59.87 124.22
N VAL G 3269 29.86 60.42 124.48
CA VAL G 3269 28.76 59.61 124.96
C VAL G 3269 28.41 58.55 123.92
N ILE G 3270 28.38 58.93 122.64
CA ILE G 3270 28.14 57.96 121.59
C ILE G 3270 29.24 56.92 121.55
N GLU G 3271 30.50 57.36 121.53
CA GLU G 3271 31.58 56.45 121.17
C GLU G 3271 32.04 55.59 122.33
N ILE G 3272 31.68 55.93 123.57
CA ILE G 3272 32.15 55.23 124.75
C ILE G 3272 31.01 54.76 125.62
N THR G 3273 30.15 55.68 126.06
CA THR G 3273 29.18 55.34 127.11
C THR G 3273 28.06 54.48 126.57
N LEU G 3274 27.57 54.76 125.36
CA LEU G 3274 26.60 53.85 124.77
C LEU G 3274 27.15 52.43 124.67
N PRO G 3275 28.24 52.16 123.95
CA PRO G 3275 28.73 50.78 123.90
C PRO G 3275 29.05 50.21 125.27
N MET G 3276 29.37 51.06 126.24
CA MET G 3276 29.48 50.60 127.62
C MET G 3276 28.17 49.96 128.04
N LEU G 3277 27.07 50.69 127.87
CA LEU G 3277 25.79 50.24 128.39
C LEU G 3277 25.21 49.10 127.56
N CYS G 3278 25.42 49.13 126.25
CA CYS G 3278 24.89 48.07 125.39
C CYS G 3278 25.46 46.71 125.75
N SER G 3279 26.55 46.67 126.51
CA SER G 3279 27.07 45.42 127.03
C SER G 3279 26.83 45.23 128.52
N TYR G 3280 26.86 46.31 129.31
CA TYR G 3280 26.59 46.17 130.73
C TYR G 3280 25.18 45.69 130.98
N LEU G 3281 24.19 46.33 130.36
CA LEU G 3281 22.80 46.09 130.74
C LEU G 3281 22.36 44.64 130.55
N PRO G 3282 22.64 43.96 129.44
CA PRO G 3282 22.19 42.56 129.32
C PRO G 3282 22.89 41.63 130.29
N ARG G 3283 24.22 41.69 130.30
CA ARG G 3283 25.03 40.73 131.04
C ARG G 3283 24.72 40.80 132.53
N TRP G 3284 24.27 41.96 133.00
CA TRP G 3284 23.78 42.07 134.36
C TRP G 3284 22.29 41.89 134.47
N TRP G 3285 21.56 42.02 133.36
CA TRP G 3285 20.12 41.83 133.43
C TRP G 3285 19.78 40.36 133.64
N GLU G 3286 20.60 39.47 133.10
CA GLU G 3286 20.31 38.05 133.21
C GLU G 3286 20.25 37.60 134.66
N ARG G 3287 21.16 38.07 135.49
CA ARG G 3287 21.08 37.74 136.91
C ARG G 3287 20.42 38.83 137.72
N GLY G 3288 19.76 39.79 137.07
CA GLY G 3288 18.97 40.76 137.77
C GLY G 3288 17.70 40.14 138.28
N PRO G 3289 16.85 40.94 138.93
CA PRO G 3289 15.62 40.38 139.49
C PRO G 3289 14.64 39.88 138.45
N GLU G 3290 14.74 40.35 137.20
CA GLU G 3290 13.71 40.05 136.22
C GLU G 3290 13.72 38.58 135.82
N ALA G 3291 14.90 38.05 135.49
CA ALA G 3291 15.00 36.71 134.92
C ALA G 3291 14.55 35.66 135.94
N PRO G 3292 14.08 34.49 135.50
CA PRO G 3292 13.52 33.51 136.43
C PRO G 3292 14.56 33.01 137.39
N PRO G 3293 14.20 32.82 138.65
CA PRO G 3293 15.14 32.24 139.62
C PRO G 3293 15.43 30.80 139.27
N PRO G 3294 16.69 30.45 139.04
CA PRO G 3294 17.03 29.05 138.77
C PRO G 3294 16.63 28.13 139.92
N ALA G 3295 16.72 28.63 141.15
CA ALA G 3295 16.28 27.88 142.31
C ALA G 3295 15.89 28.86 143.41
N LEU G 3296 14.87 28.48 144.17
CA LEU G 3296 14.45 29.26 145.34
C LEU G 3296 15.57 29.33 146.38
N PRO G 3297 16.20 28.20 146.77
CA PRO G 3297 17.25 28.28 147.80
C PRO G 3297 18.52 28.93 147.28
N ALA G 3298 18.95 28.55 146.07
CA ALA G 3298 20.21 29.06 145.52
C ALA G 3298 20.12 30.56 145.28
N GLY G 3299 19.01 31.03 144.73
CA GLY G 3299 18.85 32.44 144.43
C GLY G 3299 18.30 33.24 145.59
N ALA G 3300 18.32 32.64 146.78
CA ALA G 3300 17.83 33.35 147.96
C ALA G 3300 18.52 34.70 148.20
N PRO G 3301 19.83 34.85 148.04
CA PRO G 3301 20.43 36.18 148.14
C PRO G 3301 19.84 37.12 147.11
N PRO G 3302 19.69 38.41 147.44
CA PRO G 3302 19.14 39.36 146.48
C PRO G 3302 20.06 39.53 145.28
N PRO G 3303 19.51 39.93 144.14
CA PRO G 3303 20.35 40.06 142.94
C PRO G 3303 21.37 41.18 143.09
N CYS G 3304 22.48 41.02 142.37
CA CYS G 3304 23.59 41.97 142.44
C CYS G 3304 23.21 43.33 141.89
N THR G 3305 22.45 43.37 140.79
CA THR G 3305 22.05 44.61 140.15
C THR G 3305 20.53 44.69 140.09
N ALA G 3306 19.97 45.81 140.52
CA ALA G 3306 18.53 46.02 140.49
C ALA G 3306 18.12 46.62 139.14
N VAL G 3307 18.50 45.91 138.07
CA VAL G 3307 18.25 46.37 136.71
C VAL G 3307 17.02 45.61 136.20
N THR G 3308 15.92 46.34 136.05
CA THR G 3308 14.72 45.78 135.44
C THR G 3308 14.86 45.75 133.92
N SER G 3309 14.03 44.93 133.28
CA SER G 3309 14.04 44.88 131.83
C SER G 3309 13.57 46.19 131.20
N ASP G 3310 12.99 47.08 131.99
CA ASP G 3310 12.58 48.38 131.48
C ASP G 3310 13.80 49.22 131.08
N HIS G 3311 14.93 48.98 131.73
CA HIS G 3311 16.11 49.79 131.45
C HIS G 3311 16.65 49.56 130.05
N LEU G 3312 16.67 48.30 129.61
CA LEU G 3312 17.06 47.99 128.25
C LEU G 3312 16.14 48.65 127.25
N ASN G 3313 14.83 48.60 127.52
CA ASN G 3313 13.88 49.21 126.62
C ASN G 3313 14.10 50.71 126.53
N SER G 3314 14.34 51.36 127.68
CA SER G 3314 14.57 52.79 127.69
C SER G 3314 15.85 53.15 126.94
N LEU G 3315 16.91 52.37 127.15
CA LEU G 3315 18.16 52.65 126.45
C LEU G 3315 17.99 52.51 124.94
N LEU G 3316 17.31 51.46 124.50
CA LEU G 3316 17.09 51.30 123.07
C LEU G 3316 16.26 52.45 122.52
N GLY G 3317 15.22 52.85 123.24
CA GLY G 3317 14.42 53.97 122.82
C GLY G 3317 15.21 55.24 122.70
N ASN G 3318 16.13 55.49 123.63
CA ASN G 3318 16.98 56.67 123.52
C ASN G 3318 17.97 56.55 122.38
N ILE G 3319 18.52 55.35 122.15
CA ILE G 3319 19.48 55.16 121.07
C ILE G 3319 18.82 55.46 119.72
N LEU G 3320 17.57 55.02 119.57
CA LEU G 3320 16.86 55.31 118.33
C LEU G 3320 16.69 56.82 118.15
N ARG G 3321 16.35 57.52 119.22
CA ARG G 3321 16.26 58.98 119.15
C ARG G 3321 17.61 59.57 118.78
N ILE G 3322 18.70 58.97 119.29
CA ILE G 3322 20.04 59.44 118.96
C ILE G 3322 20.27 59.37 117.47
N ILE G 3323 19.83 58.26 116.86
CA ILE G 3323 19.93 58.15 115.41
C ILE G 3323 19.02 59.17 114.74
N VAL G 3324 17.88 59.45 115.37
CA VAL G 3324 16.91 60.40 114.81
C VAL G 3324 17.53 61.79 114.70
N ASN G 3325 18.25 62.23 115.72
CA ASN G 3325 18.79 63.57 115.68
C ASN G 3325 19.91 63.72 114.65
N ASN G 3326 20.49 62.61 114.20
CA ASN G 3326 21.71 62.65 113.42
C ASN G 3326 21.57 62.13 112.01
N LEU G 3327 20.35 61.76 111.58
CA LEU G 3327 20.21 61.08 110.30
C LEU G 3327 20.66 61.96 109.15
N GLY G 3328 20.49 63.27 109.25
CA GLY G 3328 20.75 64.20 108.18
C GLY G 3328 22.20 64.63 108.04
N ILE G 3329 23.11 64.08 108.84
CA ILE G 3329 24.51 64.47 108.74
C ILE G 3329 25.06 64.07 107.37
N ASP G 3330 26.09 64.79 106.93
CA ASP G 3330 26.70 64.55 105.64
C ASP G 3330 27.75 63.43 105.69
N GLU G 3331 28.70 63.53 106.63
CA GLU G 3331 29.80 62.57 106.74
C GLU G 3331 29.96 62.21 108.22
N ALA G 3332 29.42 61.06 108.60
CA ALA G 3332 29.59 60.54 109.96
C ALA G 3332 29.33 59.05 109.94
N THR G 3333 30.38 58.27 110.17
CA THR G 3333 30.30 56.82 110.11
C THR G 3333 29.99 56.19 111.46
N TRP G 3334 29.84 57.00 112.51
CA TRP G 3334 29.67 56.45 113.84
C TRP G 3334 28.42 55.60 113.98
N MET G 3335 27.38 55.89 113.18
CA MET G 3335 26.16 55.09 113.30
C MET G 3335 26.41 53.63 112.92
N LYS G 3336 27.35 53.39 112.01
CA LYS G 3336 27.65 52.02 111.61
C LYS G 3336 28.02 51.16 112.81
N ARG G 3337 28.98 51.61 113.61
CA ARG G 3337 29.42 50.84 114.78
C ARG G 3337 28.40 50.87 115.91
N LEU G 3338 27.70 51.99 116.07
CA LEU G 3338 26.72 52.08 117.13
C LEU G 3338 25.58 51.09 116.91
N ALA G 3339 25.17 50.89 115.66
CA ALA G 3339 24.13 49.89 115.39
C ALA G 3339 24.60 48.50 115.77
N VAL G 3340 25.86 48.17 115.45
CA VAL G 3340 26.40 46.85 115.78
C VAL G 3340 26.38 46.66 117.29
N PHE G 3341 26.85 47.66 118.03
CA PHE G 3341 26.87 47.54 119.48
C PHE G 3341 25.48 47.54 120.08
N ALA G 3342 24.50 48.16 119.41
CA ALA G 3342 23.14 48.21 119.91
C ALA G 3342 22.32 47.00 119.52
N GLN G 3343 22.83 46.16 118.63
CA GLN G 3343 22.09 44.96 118.23
C GLN G 3343 21.61 44.09 119.39
N PRO G 3344 22.43 43.70 120.37
CA PRO G 3344 21.98 42.67 121.31
C PRO G 3344 20.90 43.13 122.28
N ILE G 3345 20.63 44.43 122.40
CA ILE G 3345 19.62 44.87 123.36
C ILE G 3345 18.23 44.46 122.91
N VAL G 3346 17.96 44.52 121.61
CA VAL G 3346 16.60 44.50 121.09
C VAL G 3346 15.83 43.26 121.48
N SER G 3347 16.51 42.18 121.84
CA SER G 3347 15.82 40.96 122.24
C SER G 3347 14.92 41.20 123.45
N ARG G 3348 15.01 42.38 124.03
CA ARG G 3348 14.40 42.65 125.32
C ARG G 3348 13.42 43.80 125.20
N ALA G 3349 13.41 44.45 124.02
CA ALA G 3349 12.66 45.68 123.80
C ALA G 3349 11.17 45.40 123.81
N ARG G 3350 10.40 46.38 124.27
CA ARG G 3350 9.00 46.14 124.53
C ARG G 3350 8.16 46.53 123.32
N PRO G 3351 6.97 45.94 123.15
CA PRO G 3351 6.24 46.11 121.90
C PRO G 3351 5.67 47.50 121.68
N GLU G 3352 5.86 48.43 122.62
CA GLU G 3352 5.36 49.78 122.44
C GLU G 3352 6.18 50.59 121.45
N LEU G 3353 7.47 50.31 121.31
CA LEU G 3353 8.36 51.12 120.49
C LEU G 3353 7.85 51.30 119.07
N LEU G 3354 7.21 50.29 118.51
CA LEU G 3354 6.66 50.41 117.16
C LEU G 3354 5.82 51.65 117.02
N HIS G 3355 4.88 51.86 117.94
CA HIS G 3355 4.07 53.07 117.90
C HIS G 3355 4.85 54.29 118.37
N SER G 3356 5.81 54.12 119.27
CA SER G 3356 6.49 55.26 119.89
C SER G 3356 7.68 55.74 119.07
N HIS G 3357 8.56 54.82 118.66
CA HIS G 3357 9.84 55.24 118.10
C HIS G 3357 10.04 54.82 116.65
N PHE G 3358 9.90 53.54 116.33
CA PHE G 3358 10.33 53.05 115.03
C PHE G 3358 9.57 53.69 113.89
N ILE G 3359 8.25 53.84 114.03
CA ILE G 3359 7.43 54.37 112.94
C ILE G 3359 7.84 55.78 112.54
N PRO G 3360 8.00 56.75 113.47
CA PRO G 3360 8.47 58.07 113.03
C PRO G 3360 9.82 58.04 112.34
N THR G 3361 10.74 57.19 112.82
CA THR G 3361 12.06 57.11 112.20
C THR G 3361 11.97 56.64 110.76
N ILE G 3362 11.30 55.51 110.54
CA ILE G 3362 11.15 55.02 109.18
C ILE G 3362 10.36 55.98 108.33
N GLY G 3363 9.38 56.68 108.89
CA GLY G 3363 8.58 57.61 108.13
C GLY G 3363 9.42 58.75 107.61
N ARG G 3364 10.27 59.30 108.47
CA ARG G 3364 11.14 60.38 108.03
C ARG G 3364 12.15 59.89 107.01
N LEU G 3365 12.69 58.69 107.22
CA LEU G 3365 13.60 58.13 106.24
C LEU G 3365 12.87 57.86 104.93
N ARG G 3366 11.62 57.40 105.01
CA ARG G 3366 10.82 57.19 103.82
C ARG G 3366 10.60 58.51 103.09
N LYS G 3367 10.35 59.59 103.84
CA LYS G 3367 10.19 60.90 103.22
C LYS G 3367 11.46 61.31 102.50
N ARG G 3368 12.62 61.04 103.09
CA ARG G 3368 13.83 61.48 102.41
C ARG G 3368 14.07 60.69 101.14
N ALA G 3369 13.93 59.36 101.20
CA ALA G 3369 13.96 58.59 99.97
C ALA G 3369 12.93 59.14 98.99
N GLY G 3370 11.82 59.65 99.54
CA GLY G 3370 10.83 60.27 98.70
C GLY G 3370 11.36 61.41 97.87
N LYS G 3371 12.03 62.40 98.48
CA LYS G 3371 12.27 63.52 97.57
C LYS G 3371 13.47 63.19 96.71
N VAL G 3372 14.31 62.25 97.14
CA VAL G 3372 15.49 61.95 96.34
C VAL G 3372 15.11 61.17 95.09
N VAL G 3373 14.04 60.37 95.17
CA VAL G 3373 13.50 59.78 93.93
C VAL G 3373 13.00 60.89 93.01
N ALA G 3374 12.38 61.92 93.58
CA ALA G 3374 11.96 63.06 92.78
C ALA G 3374 13.16 63.79 92.18
N GLU G 3375 14.27 63.87 92.93
CA GLU G 3375 15.50 64.41 92.39
C GLU G 3375 15.94 63.62 91.16
N GLU G 3376 15.92 62.30 91.26
CA GLU G 3376 16.24 61.47 90.11
C GLU G 3376 15.27 61.70 88.97
N GLU G 3377 14.01 61.98 89.27
CA GLU G 3377 13.06 62.39 88.24
C GLU G 3377 13.51 63.67 87.55
N GLN G 3378 13.91 64.67 88.32
CA GLN G 3378 14.34 65.94 87.73
C GLN G 3378 15.56 65.74 86.85
N LEU G 3379 16.53 64.94 87.31
CA LEU G 3379 17.70 64.66 86.48
C LEU G 3379 17.33 64.00 85.17
N ARG G 3380 16.47 62.97 85.24
CA ARG G 3380 16.11 62.24 84.03
C ARG G 3380 15.27 63.10 83.08
N LEU G 3381 14.52 64.06 83.62
CA LEU G 3381 13.63 64.86 82.78
C LEU G 3381 14.41 65.68 81.76
N GLU G 3382 15.50 66.30 82.18
CA GLU G 3382 16.25 67.21 81.33
C GLU G 3382 17.65 66.67 81.08
N ALA G 3383 17.97 66.47 79.81
CA ALA G 3383 19.33 66.10 79.39
C ALA G 3383 20.16 67.38 79.29
N LYS G 3384 21.26 67.44 80.04
CA LYS G 3384 22.00 68.68 80.19
C LYS G 3384 23.40 68.35 80.67
N ALA G 3385 24.29 69.33 80.59
CA ALA G 3385 25.55 69.25 81.32
C ALA G 3385 25.28 69.28 82.82
N GLU G 3386 24.21 69.96 83.23
CA GLU G 3386 23.76 69.99 84.61
C GLU G 3386 23.40 68.59 85.10
N ALA G 3387 23.02 67.71 84.17
CA ALA G 3387 22.66 66.35 84.54
C ALA G 3387 23.85 65.63 85.18
N GLU G 3388 25.06 65.89 84.69
CA GLU G 3388 26.23 65.20 85.22
C GLU G 3388 26.55 65.66 86.64
N GLU G 3389 26.52 66.96 86.90
CA GLU G 3389 26.78 67.43 88.24
C GLU G 3389 25.66 67.02 89.20
N GLY G 3390 24.42 67.03 88.71
CA GLY G 3390 23.33 66.51 89.50
C GLY G 3390 23.50 65.03 89.83
N GLU G 3391 24.01 64.26 88.87
CA GLU G 3391 24.31 62.85 89.13
C GLU G 3391 25.39 62.73 90.20
N LEU G 3392 26.42 63.57 90.11
CA LEU G 3392 27.49 63.52 91.10
C LEU G 3392 26.96 63.85 92.48
N LEU G 3393 26.06 64.84 92.59
CA LEU G 3393 25.49 65.18 93.89
C LEU G 3393 24.54 64.09 94.38
N VAL G 3394 23.76 63.51 93.48
CA VAL G 3394 22.76 62.55 93.93
C VAL G 3394 23.40 61.21 94.25
N ARG G 3395 24.60 60.92 93.72
CA ARG G 3395 25.32 59.74 94.19
C ARG G 3395 25.62 59.83 95.67
N ASP G 3396 26.11 61.00 96.11
CA ASP G 3396 26.35 61.20 97.53
C ASP G 3396 25.06 61.28 98.32
N GLU G 3397 24.01 61.83 97.73
CA GLU G 3397 22.72 61.86 98.41
C GLU G 3397 22.21 60.43 98.65
N PHE G 3398 22.30 59.58 97.62
CA PHE G 3398 21.93 58.18 97.79
C PHE G 3398 22.86 57.49 98.77
N SER G 3399 24.12 57.91 98.82
CA SER G 3399 25.03 57.37 99.83
C SER G 3399 24.54 57.69 101.23
N VAL G 3400 24.08 58.92 101.44
CA VAL G 3400 23.51 59.31 102.73
C VAL G 3400 22.31 58.44 103.05
N LEU G 3401 21.42 58.26 102.08
CA LEU G 3401 20.22 57.45 102.31
C LEU G 3401 20.59 56.01 102.62
N CYS G 3402 21.52 55.43 101.87
CA CYS G 3402 21.90 54.03 102.11
C CYS G 3402 22.58 53.87 103.46
N ARG G 3403 23.40 54.84 103.84
CA ARG G 3403 24.06 54.79 105.13
C ARG G 3403 23.05 54.85 106.27
N ASP G 3404 22.04 55.71 106.14
CA ASP G 3404 20.98 55.71 107.14
C ASP G 3404 20.19 54.41 107.13
N LEU G 3405 19.97 53.85 105.93
CA LEU G 3405 19.26 52.59 105.84
C LEU G 3405 19.97 51.48 106.60
N TYR G 3406 21.29 51.38 106.42
CA TYR G 3406 22.03 50.33 107.07
C TYR G 3406 22.44 50.70 108.48
N ALA G 3407 22.14 51.91 108.93
CA ALA G 3407 22.19 52.24 110.34
C ALA G 3407 20.91 51.89 111.08
N LEU G 3408 19.76 52.00 110.40
CA LEU G 3408 18.48 51.77 111.04
C LEU G 3408 18.06 50.30 110.97
N TYR G 3409 18.11 49.71 109.78
CA TYR G 3409 17.56 48.37 109.58
C TYR G 3409 18.17 47.31 110.49
N PRO G 3410 19.50 47.25 110.71
CA PRO G 3410 20.03 46.20 111.60
C PRO G 3410 19.33 46.13 112.94
N LEU G 3411 18.89 47.28 113.47
CA LEU G 3411 18.07 47.25 114.68
C LEU G 3411 16.65 46.82 114.39
N LEU G 3412 16.18 47.01 113.16
CA LEU G 3412 14.80 46.68 112.82
C LEU G 3412 14.60 45.18 112.67
N ILE G 3413 15.60 44.50 112.09
CA ILE G 3413 15.46 43.07 111.81
C ILE G 3413 15.26 42.28 113.09
N ARG G 3414 16.08 42.56 114.10
CA ARG G 3414 16.02 41.83 115.35
C ARG G 3414 14.88 42.28 116.25
N TYR G 3415 14.04 43.19 115.76
CA TYR G 3415 12.75 43.50 116.34
C TYR G 3415 11.62 42.77 115.63
N VAL G 3416 11.65 42.79 114.31
CA VAL G 3416 10.62 42.12 113.53
C VAL G 3416 10.66 40.63 113.80
N ASP G 3417 11.86 40.04 113.82
CA ASP G 3417 11.93 38.60 114.02
C ASP G 3417 11.52 38.21 115.44
N ASN G 3418 11.70 39.10 116.39
CA ASN G 3418 11.34 38.81 117.76
C ASN G 3418 9.87 39.09 118.07
N ASN G 3419 9.18 39.84 117.23
CA ASN G 3419 7.76 40.09 117.47
C ASN G 3419 6.85 39.62 116.35
N ARG G 3420 7.36 38.92 115.35
CA ARG G 3420 6.51 38.55 114.23
C ARG G 3420 5.47 37.52 114.64
N ALA G 3421 5.83 36.61 115.55
CA ALA G 3421 4.86 35.66 116.04
C ALA G 3421 3.68 36.38 116.68
N HIS G 3422 3.96 37.33 117.56
CA HIS G 3422 2.91 38.05 118.25
C HIS G 3422 2.12 38.96 117.31
N TRP G 3423 2.77 39.52 116.29
CA TRP G 3423 2.03 40.34 115.34
C TRP G 3423 1.14 39.51 114.44
N LEU G 3424 1.56 38.28 114.12
CA LEU G 3424 0.76 37.43 113.26
C LEU G 3424 -0.41 36.82 114.01
N THR G 3425 -0.23 36.46 115.28
CA THR G 3425 -1.34 35.85 116.01
C THR G 3425 -2.41 36.84 116.43
N GLU G 3426 -2.04 38.10 116.69
CA GLU G 3426 -2.98 39.13 117.15
C GLU G 3426 -2.81 40.36 116.29
N PRO G 3427 -3.34 40.34 115.08
CA PRO G 3427 -3.04 41.40 114.11
C PRO G 3427 -3.36 42.79 114.65
N ASN G 3428 -2.47 43.73 114.37
CA ASN G 3428 -2.53 45.09 114.88
C ASN G 3428 -2.19 46.06 113.78
N ALA G 3429 -2.82 47.24 113.83
CA ALA G 3429 -2.69 48.21 112.76
C ALA G 3429 -1.30 48.79 112.63
N ASN G 3430 -0.61 48.98 113.75
CA ASN G 3430 0.71 49.62 113.71
C ASN G 3430 1.70 48.79 112.91
N ALA G 3431 1.68 47.47 113.11
CA ALA G 3431 2.56 46.61 112.33
C ALA G 3431 2.25 46.70 110.85
N GLU G 3432 0.96 46.77 110.50
CA GLU G 3432 0.60 46.87 109.11
C GLU G 3432 1.07 48.19 108.51
N GLU G 3433 0.99 49.27 109.28
CA GLU G 3433 1.56 50.53 108.82
C GLU G 3433 3.06 50.37 108.58
N LEU G 3434 3.75 49.70 109.49
CA LEU G 3434 5.18 49.46 109.30
C LEU G 3434 5.43 48.70 108.01
N PHE G 3435 4.57 47.72 107.71
CA PHE G 3435 4.74 46.97 106.46
C PHE G 3435 4.54 47.87 105.25
N ARG G 3436 3.50 48.70 105.29
CA ARG G 3436 3.25 49.61 104.17
C ARG G 3436 4.44 50.53 103.95
N MET G 3437 5.02 51.01 105.05
CA MET G 3437 6.17 51.89 105.02
C MET G 3437 7.37 51.20 104.36
N VAL G 3438 7.69 50.00 104.84
CA VAL G 3438 8.81 49.26 104.26
C VAL G 3438 8.51 48.92 102.80
N GLY G 3439 7.24 48.71 102.47
CA GLY G 3439 6.89 48.45 101.09
C GLY G 3439 7.13 49.64 100.19
N GLU G 3440 6.82 50.85 100.69
CA GLU G 3440 7.17 52.04 99.94
C GLU G 3440 8.68 52.11 99.71
N ILE G 3441 9.44 51.81 100.77
CA ILE G 3441 10.89 51.81 100.63
C ILE G 3441 11.33 50.80 99.57
N PHE G 3442 10.67 49.64 99.53
CA PHE G 3442 11.08 48.60 98.60
C PHE G 3442 10.72 48.97 97.16
N ILE G 3443 9.55 49.57 96.96
CA ILE G 3443 9.20 49.95 95.59
C ILE G 3443 10.11 51.06 95.09
N TYR G 3444 10.51 51.97 95.97
CA TYR G 3444 11.51 52.95 95.58
C TYR G 3444 12.86 52.28 95.36
N TRP G 3445 13.13 51.21 96.09
CA TRP G 3445 14.33 50.42 95.87
C TRP G 3445 14.38 49.89 94.45
N SER G 3446 13.31 49.22 94.03
CA SER G 3446 13.30 48.60 92.72
C SER G 3446 13.15 49.60 91.58
N LYS G 3447 12.53 50.75 91.84
CA LYS G 3447 12.27 51.71 90.79
C LYS G 3447 13.49 52.57 90.45
N SER G 3448 14.59 52.42 91.18
CA SER G 3448 15.80 53.17 90.93
C SER G 3448 16.94 52.22 90.59
N HIS G 3449 17.88 52.73 89.79
CA HIS G 3449 19.01 51.94 89.32
C HIS G 3449 20.33 52.38 89.94
N ASN G 3450 20.69 53.65 89.81
CA ASN G 3450 21.95 54.13 90.40
C ASN G 3450 21.93 53.98 91.91
N PHE G 3451 20.74 54.02 92.51
CA PHE G 3451 20.61 53.78 93.94
C PHE G 3451 21.12 52.40 94.30
N LYS G 3452 20.88 51.41 93.45
CA LYS G 3452 21.41 50.07 93.69
C LYS G 3452 22.93 50.07 93.68
N ARG G 3453 23.53 50.77 92.71
CA ARG G 3453 24.99 50.84 92.65
C ARG G 3453 25.55 51.53 93.88
N GLU G 3454 24.89 52.59 94.34
CA GLU G 3454 25.35 53.26 95.55
C GLU G 3454 25.22 52.36 96.77
N GLU G 3455 24.20 51.51 96.79
CA GLU G 3455 24.09 50.56 97.90
C GLU G 3455 25.26 49.59 97.87
N GLN G 3456 25.59 49.07 96.68
CA GLN G 3456 26.77 48.23 96.54
C GLN G 3456 28.01 48.98 96.98
N ASN G 3457 28.08 50.27 96.69
CA ASN G 3457 29.17 51.09 97.19
C ASN G 3457 29.23 51.03 98.71
N PHE G 3458 28.14 51.44 99.37
CA PHE G 3458 28.14 51.48 100.83
C PHE G 3458 28.61 50.15 101.41
N VAL G 3459 28.14 49.04 100.85
CA VAL G 3459 28.55 47.76 101.41
C VAL G 3459 30.03 47.50 101.16
N VAL G 3460 30.58 47.97 100.04
CA VAL G 3460 31.99 47.63 99.79
C VAL G 3460 32.93 48.54 100.59
N GLN G 3461 32.68 49.86 100.64
CA GLN G 3461 33.59 50.71 101.41
C GLN G 3461 33.34 50.62 102.90
N ASN G 3462 32.19 50.12 103.35
CA ASN G 3462 31.92 50.00 104.77
C ASN G 3462 32.01 48.57 105.29
N GLU G 3463 32.29 47.60 104.42
CA GLU G 3463 32.63 46.23 104.82
C GLU G 3463 31.58 45.64 105.77
N ILE G 3464 30.31 45.89 105.48
CA ILE G 3464 29.24 45.33 106.31
C ILE G 3464 29.12 43.84 106.05
N ASN G 3465 29.04 43.06 107.13
CA ASN G 3465 28.96 41.61 106.99
C ASN G 3465 27.69 41.19 106.26
N ASN G 3466 26.56 41.83 106.57
CA ASN G 3466 25.25 41.56 105.99
C ASN G 3466 24.75 40.16 106.31
N MET G 3467 25.46 39.40 107.14
CA MET G 3467 25.04 38.07 107.55
C MET G 3467 24.81 38.01 109.05
N SER G 3468 25.79 38.43 109.86
CA SER G 3468 25.60 38.46 111.31
C SER G 3468 24.47 39.40 111.69
N PHE G 3469 24.24 40.44 110.88
CA PHE G 3469 23.08 41.29 111.08
C PHE G 3469 21.79 40.50 110.90
N LEU G 3470 21.73 39.68 109.85
CA LEU G 3470 20.51 38.96 109.51
C LEU G 3470 20.26 37.80 110.46
N THR G 3471 21.30 37.05 110.81
CA THR G 3471 21.14 35.91 111.71
C THR G 3471 21.02 36.36 113.16
N TYR G 3503 29.68 39.64 98.32
CA TYR G 3503 28.39 40.27 98.58
C TYR G 3503 27.48 40.15 97.35
N SER G 3504 26.17 40.17 97.59
CA SER G 3504 25.18 40.14 96.52
C SER G 3504 23.94 40.88 96.98
N VAL G 3505 23.12 41.30 96.00
CA VAL G 3505 21.88 41.99 96.31
C VAL G 3505 20.94 41.06 97.07
N GLN G 3506 21.14 39.75 96.97
CA GLN G 3506 20.40 38.78 97.76
C GLN G 3506 20.51 39.12 99.24
N THR G 3507 21.70 39.50 99.69
CA THR G 3507 21.95 39.86 101.07
C THR G 3507 21.72 41.34 101.36
N SER G 3508 21.07 42.09 100.48
CA SER G 3508 20.73 43.47 100.80
C SER G 3508 19.76 43.50 101.98
N LEU G 3509 20.04 44.38 102.95
CA LEU G 3509 19.15 44.47 104.09
C LEU G 3509 17.79 45.02 103.72
N ILE G 3510 17.67 45.72 102.59
CA ILE G 3510 16.35 46.17 102.14
C ILE G 3510 15.47 44.96 101.82
N VAL G 3511 15.96 44.11 100.91
CA VAL G 3511 15.17 42.94 100.53
C VAL G 3511 15.06 41.96 101.69
N ALA G 3512 16.09 41.87 102.54
CA ALA G 3512 16.00 40.98 103.70
C ALA G 3512 14.93 41.45 104.67
N THR G 3513 14.88 42.76 104.96
CA THR G 3513 13.85 43.28 105.84
C THR G 3513 12.47 43.08 105.26
N LEU G 3514 12.31 43.28 103.95
CA LEU G 3514 10.98 43.07 103.39
C LEU G 3514 10.63 41.60 103.37
N LYS G 3515 11.61 40.72 103.18
CA LYS G 3515 11.35 39.29 103.28
C LYS G 3515 10.86 38.93 104.67
N LYS G 3516 11.48 39.49 105.70
CA LYS G 3516 11.07 39.18 107.05
C LYS G 3516 9.77 39.85 107.45
N MET G 3517 9.45 40.98 106.85
CA MET G 3517 8.24 41.72 107.18
C MET G 3517 7.06 41.32 106.30
N LEU G 3518 7.30 40.52 105.27
CA LEU G 3518 6.26 40.17 104.31
C LEU G 3518 5.08 39.42 104.92
N PRO G 3519 5.27 38.38 105.74
CA PRO G 3519 4.11 37.64 106.25
C PRO G 3519 3.12 38.52 106.99
N ILE G 3520 3.61 39.53 107.72
CA ILE G 3520 2.70 40.44 108.40
C ILE G 3520 1.81 41.15 107.41
N GLY G 3521 2.40 41.61 106.31
CA GLY G 3521 1.61 42.26 105.28
C GLY G 3521 0.60 41.32 104.64
N LEU G 3522 1.06 40.12 104.27
CA LEU G 3522 0.16 39.16 103.64
C LEU G 3522 -0.95 38.74 104.59
N ASN G 3523 -0.75 38.90 105.89
CA ASN G 3523 -1.77 38.48 106.85
C ASN G 3523 -3.07 39.23 106.66
N MET G 3524 -3.02 40.53 106.36
CA MET G 3524 -4.25 41.30 106.18
C MET G 3524 -5.04 40.76 105.00
N CYS G 3525 -4.36 40.49 103.89
CA CYS G 3525 -5.02 40.00 102.69
C CYS G 3525 -5.60 38.62 102.94
N ALA G 3526 -6.92 38.53 102.95
CA ALA G 3526 -7.58 37.25 103.11
C ALA G 3526 -7.28 36.34 101.92
N PRO G 3527 -7.36 35.03 102.11
CA PRO G 3527 -7.16 34.13 100.96
C PRO G 3527 -8.12 34.40 99.82
N THR G 3528 -9.34 34.87 100.12
CA THR G 3528 -10.27 35.26 99.07
C THR G 3528 -9.77 36.45 98.28
N ASP G 3529 -8.77 37.17 98.77
CA ASP G 3529 -8.13 38.24 98.02
C ASP G 3529 -6.89 37.77 97.28
N GLN G 3530 -6.49 36.52 97.47
CA GLN G 3530 -5.32 35.98 96.78
C GLN G 3530 -5.48 36.03 95.27
N ASP G 3531 -6.70 35.86 94.77
CA ASP G 3531 -7.03 35.91 93.36
C ASP G 3531 -6.85 37.31 92.77
N LEU G 3532 -7.41 38.33 93.43
CA LEU G 3532 -7.24 39.71 92.96
C LEU G 3532 -5.77 40.00 92.74
N ILE G 3533 -4.96 39.57 93.69
CA ILE G 3533 -3.51 39.80 93.64
C ILE G 3533 -2.94 39.22 92.36
N MET G 3534 -3.29 37.96 92.06
CA MET G 3534 -2.80 37.34 90.83
C MET G 3534 -3.16 38.15 89.60
N LEU G 3535 -4.32 38.79 89.60
CA LEU G 3535 -4.71 39.68 88.54
C LEU G 3535 -3.92 40.98 88.56
N ALA G 3536 -3.74 41.55 89.75
CA ALA G 3536 -2.97 42.77 89.87
C ALA G 3536 -1.51 42.55 89.49
N LYS G 3537 -1.04 41.30 89.54
CA LYS G 3537 0.31 41.02 89.04
C LYS G 3537 0.47 41.50 87.62
N THR G 3538 -0.54 41.27 86.78
CA THR G 3538 -0.49 41.75 85.41
C THR G 3538 -0.44 43.27 85.38
N ARG G 3539 -1.20 43.93 86.26
CA ARG G 3539 -1.30 45.38 86.23
C ARG G 3539 0.07 46.02 86.37
N TYR G 3540 0.81 45.63 87.41
CA TYR G 3540 2.15 46.17 87.60
C TYR G 3540 3.15 45.66 86.57
N ALA G 3541 2.84 44.56 85.89
CA ALA G 3541 3.74 44.06 84.86
C ALA G 3541 3.84 45.03 83.71
N LEU G 3542 2.69 45.50 83.20
CA LEU G 3542 2.67 46.47 82.12
C LEU G 3542 2.95 47.89 82.59
N LYS G 3543 3.41 48.07 83.84
CA LYS G 3543 3.74 49.37 84.39
C LYS G 3543 2.55 50.33 84.33
N ASP G 3544 1.41 49.85 84.83
CA ASP G 3544 0.24 50.69 84.91
C ASP G 3544 0.40 51.72 86.03
N THR G 3545 -0.36 52.81 85.91
CA THR G 3545 -0.25 53.90 86.86
C THR G 3545 -0.66 53.44 88.26
N ASP G 3546 0.12 53.85 89.25
CA ASP G 3546 -0.09 53.38 90.61
C ASP G 3546 -1.45 53.81 91.13
N GLU G 3547 -1.86 55.04 90.83
CA GLU G 3547 -3.15 55.52 91.31
C GLU G 3547 -4.30 54.81 90.63
N GLU G 3548 -4.17 54.48 89.35
CA GLU G 3548 -5.31 53.92 88.65
C GLU G 3548 -5.56 52.46 89.01
N VAL G 3549 -4.57 51.78 89.60
CA VAL G 3549 -4.78 50.40 90.03
C VAL G 3549 -6.00 50.32 90.93
N ARG G 3550 -6.19 51.33 91.78
CA ARG G 3550 -7.41 51.45 92.55
C ARG G 3550 -8.63 51.13 91.70
N GLU G 3551 -8.90 51.92 90.67
CA GLU G 3551 -10.06 51.62 89.85
C GLU G 3551 -9.88 50.38 89.00
N PHE G 3552 -8.65 50.01 88.65
CA PHE G 3552 -8.44 48.71 88.02
C PHE G 3552 -9.00 47.63 88.93
N LEU G 3553 -9.01 47.87 90.23
CA LEU G 3553 -9.57 46.92 91.18
C LEU G 3553 -11.02 47.24 91.55
N GLN G 3554 -11.49 48.49 91.43
CA GLN G 3554 -12.94 48.63 91.56
C GLN G 3554 -13.66 48.34 90.26
N ASN G 3555 -13.01 48.53 89.11
CA ASN G 3555 -13.63 48.08 87.87
C ASN G 3555 -13.62 46.56 87.79
N ASN G 3556 -12.48 45.94 88.11
CA ASN G 3556 -12.41 44.49 88.22
C ASN G 3556 -12.74 44.13 89.66
N LEU G 3557 -14.03 44.17 89.98
CA LEU G 3557 -14.50 43.98 91.34
C LEU G 3557 -14.93 42.55 91.63
N HIS G 3558 -15.56 41.88 90.66
CA HIS G 3558 -15.97 40.49 90.83
C HIS G 3558 -14.76 39.56 90.70
N LEU G 3559 -13.88 39.66 91.69
CA LEU G 3559 -12.73 38.77 91.68
C LEU G 3559 -12.81 37.73 92.79
N GLN G 3560 -13.18 38.15 94.01
CA GLN G 3560 -13.22 37.25 95.15
C GLN G 3560 -14.13 36.04 94.89
N GLY G 3561 -13.59 34.85 95.13
CA GLY G 3561 -14.23 33.62 94.78
C GLY G 3561 -15.16 33.10 95.85
N LYS G 3562 -15.42 31.80 95.80
CA LYS G 3562 -16.36 31.14 96.69
C LYS G 3562 -15.59 30.20 97.62
N VAL G 3563 -15.82 30.35 98.93
CA VAL G 3563 -15.18 29.48 99.91
C VAL G 3563 -15.74 28.07 99.81
N GLU G 3564 -17.05 27.93 99.55
CA GLU G 3564 -17.60 26.59 99.32
C GLU G 3564 -17.17 26.03 97.97
N GLY G 3565 -17.18 26.88 96.93
CA GLY G 3565 -16.83 26.39 95.60
C GLY G 3565 -15.37 26.04 95.45
N SER G 3566 -14.52 26.61 96.29
CA SER G 3566 -13.09 26.32 96.26
C SER G 3566 -12.68 25.60 97.53
N PRO G 3567 -12.21 24.35 97.44
CA PRO G 3567 -11.97 23.56 98.65
C PRO G 3567 -10.82 24.06 99.51
N SER G 3568 -9.66 24.32 98.93
CA SER G 3568 -8.52 24.79 99.72
C SER G 3568 -8.87 26.05 100.51
N LEU G 3569 -9.64 26.93 99.89
CA LEU G 3569 -10.10 28.10 100.62
C LEU G 3569 -11.01 27.73 101.78
N ARG G 3570 -11.67 26.56 101.72
CA ARG G 3570 -12.52 26.17 102.82
C ARG G 3570 -11.71 26.00 104.10
N TRP G 3571 -10.41 25.72 104.00
CA TRP G 3571 -9.59 25.67 105.19
C TRP G 3571 -8.70 26.88 105.39
N GLN G 3572 -8.38 27.62 104.33
CA GLN G 3572 -7.65 28.87 104.55
C GLN G 3572 -8.56 29.95 105.14
N MET G 3573 -9.73 30.14 104.54
CA MET G 3573 -10.68 31.13 105.01
C MET G 3573 -11.10 30.86 106.44
N ALA G 3574 -11.09 29.60 106.86
CA ALA G 3574 -11.44 29.32 108.25
C ALA G 3574 -10.43 29.94 109.21
N LEU G 3575 -9.14 29.72 108.96
CA LEU G 3575 -8.11 30.31 109.81
C LEU G 3575 -8.18 31.83 109.76
N TYR G 3576 -8.34 32.39 108.57
CA TYR G 3576 -8.41 33.84 108.46
C TYR G 3576 -9.62 34.39 109.22
N ARG G 3577 -10.74 33.66 109.13
CA ARG G 3577 -11.94 34.05 109.84
C ARG G 3577 -11.75 33.97 111.34
N GLY G 3578 -10.88 33.08 111.81
CA GLY G 3578 -10.70 32.88 113.23
C GLY G 3578 -9.84 33.92 113.92
N LEU G 3579 -9.04 34.66 113.18
CA LEU G 3579 -8.07 35.55 113.82
C LEU G 3579 -8.79 36.65 114.60
N PRO G 3580 -8.52 36.78 115.90
CA PRO G 3580 -9.19 37.85 116.68
C PRO G 3580 -8.85 39.23 116.18
N GLY G 3581 -7.63 39.45 115.70
CA GLY G 3581 -7.27 40.75 115.16
C GLY G 3581 -7.87 41.02 113.80
N ARG G 3582 -8.27 39.96 113.10
CA ARG G 3582 -8.91 40.09 111.79
C ARG G 3582 -10.41 40.20 112.00
N GLU G 3583 -10.90 41.44 112.07
CA GLU G 3583 -12.32 41.70 112.21
C GLU G 3583 -12.95 41.86 110.83
N GLU G 3584 -14.07 41.17 110.62
CA GLU G 3584 -14.78 41.29 109.35
C GLU G 3584 -15.41 42.66 109.18
N ASP G 3585 -15.66 43.36 110.29
CA ASP G 3585 -16.25 44.69 110.21
C ASP G 3585 -15.28 45.69 109.60
N ALA G 3586 -13.99 45.53 109.87
CA ALA G 3586 -12.98 46.42 109.30
C ALA G 3586 -12.88 46.27 107.79
N ASP G 3587 -13.37 45.15 107.25
CA ASP G 3587 -13.31 44.89 105.81
C ASP G 3587 -14.47 45.62 105.13
N ASP G 3588 -14.22 46.86 104.73
CA ASP G 3588 -15.12 47.62 103.88
C ASP G 3588 -14.75 47.40 102.42
N PRO G 3589 -15.71 47.50 101.50
CA PRO G 3589 -15.40 47.19 100.10
C PRO G 3589 -14.28 48.02 99.49
N GLU G 3590 -14.16 49.28 99.87
CA GLU G 3590 -13.19 50.16 99.20
C GLU G 3590 -11.76 49.83 99.63
N LYS G 3591 -11.47 49.94 100.92
CA LYS G 3591 -10.09 49.82 101.38
C LYS G 3591 -9.48 48.46 101.04
N ILE G 3592 -10.32 47.47 100.76
CA ILE G 3592 -9.83 46.18 100.28
C ILE G 3592 -9.00 46.38 99.02
N VAL G 3593 -9.46 47.28 98.15
CA VAL G 3593 -8.76 47.57 96.91
C VAL G 3593 -7.36 48.06 97.21
N ARG G 3594 -7.23 48.98 98.17
CA ARG G 3594 -5.92 49.51 98.50
C ARG G 3594 -5.04 48.44 99.13
N ARG G 3595 -5.64 47.59 99.96
CA ARG G 3595 -4.90 46.49 100.57
C ARG G 3595 -4.27 45.63 99.47
N VAL G 3596 -5.10 45.24 98.50
CA VAL G 3596 -4.60 44.44 97.41
C VAL G 3596 -3.54 45.20 96.62
N GLN G 3597 -3.72 46.51 96.46
CA GLN G 3597 -2.76 47.29 95.69
C GLN G 3597 -1.39 47.23 96.33
N GLU G 3598 -1.32 47.56 97.63
CA GLU G 3598 -0.02 47.60 98.29
C GLU G 3598 0.64 46.23 98.27
N VAL G 3599 -0.15 45.18 98.56
CA VAL G 3599 0.44 43.85 98.61
C VAL G 3599 0.94 43.44 97.24
N SER G 3600 0.12 43.62 96.21
CA SER G 3600 0.51 43.20 94.88
C SER G 3600 1.71 43.98 94.39
N ALA G 3601 1.79 45.26 94.72
CA ALA G 3601 2.95 46.05 94.33
C ALA G 3601 4.22 45.46 94.91
N VAL G 3602 4.22 45.24 96.23
CA VAL G 3602 5.45 44.76 96.84
C VAL G 3602 5.80 43.37 96.33
N LEU G 3603 4.80 42.53 96.08
CA LEU G 3603 5.10 41.18 95.58
C LEU G 3603 5.63 41.21 94.15
N TYR G 3604 5.09 42.07 93.30
CA TYR G 3604 5.55 42.07 91.92
C TYR G 3604 7.01 42.53 91.87
N HIS G 3605 7.33 43.60 92.59
CA HIS G 3605 8.72 44.03 92.64
C HIS G 3605 9.60 42.99 93.32
N LEU G 3606 9.04 42.27 94.29
CA LEU G 3606 9.78 41.18 94.92
C LEU G 3606 10.10 40.10 93.90
N GLU G 3607 9.15 39.81 93.02
CA GLU G 3607 9.38 38.85 91.94
C GLU G 3607 10.54 39.31 91.07
N GLN G 3608 10.56 40.60 90.72
CA GLN G 3608 11.72 41.12 89.98
C GLN G 3608 13.01 40.92 90.77
N THR G 3609 13.01 41.25 92.05
CA THR G 3609 14.25 41.16 92.81
C THR G 3609 14.72 39.71 92.95
N GLU G 3610 13.80 38.76 93.00
CA GLU G 3610 14.16 37.36 93.17
C GLU G 3610 14.99 36.84 92.01
N HIS G 3611 14.53 37.09 90.78
CA HIS G 3611 15.17 36.54 89.59
C HIS G 3611 14.97 37.50 88.43
N PRO G 3612 15.93 38.37 88.16
CA PRO G 3612 15.82 39.29 87.01
C PRO G 3612 16.29 38.70 85.69
N TYR G 3613 16.43 37.38 85.59
CA TYR G 3613 16.96 36.71 84.40
C TYR G 3613 18.35 37.23 84.05
N LYS G 3614 19.18 37.47 85.06
CA LYS G 3614 20.53 37.99 84.88
C LYS G 3614 21.48 36.80 84.72
N SER G 3615 22.09 36.67 83.55
CA SER G 3615 23.04 35.61 83.28
C SER G 3615 24.04 36.03 82.20
N LEU G 3624 35.64 32.81 70.55
CA LEU G 3624 36.83 33.59 70.19
C LEU G 3624 38.03 32.68 69.96
N SER G 3625 38.78 32.95 68.90
CA SER G 3625 39.98 32.17 68.63
C SER G 3625 41.06 32.46 69.67
N LYS G 3626 41.99 31.51 69.81
CA LYS G 3626 43.09 31.72 70.75
C LYS G 3626 43.98 32.89 70.33
N GLN G 3627 44.04 33.17 69.01
CA GLN G 3627 44.81 34.31 68.55
C GLN G 3627 44.22 35.62 69.06
N ARG G 3628 42.89 35.67 69.20
CA ARG G 3628 42.27 36.84 69.82
C ARG G 3628 42.81 37.10 71.23
N ARG G 3629 43.29 36.05 71.90
CA ARG G 3629 43.99 36.25 73.17
C ARG G 3629 45.36 36.88 72.93
N ARG G 3630 46.14 36.31 72.01
CA ARG G 3630 47.47 36.84 71.71
C ARG G 3630 47.39 38.27 71.20
N ALA G 3631 46.34 38.58 70.43
CA ALA G 3631 46.12 39.94 69.95
C ALA G 3631 46.05 40.95 71.07
N VAL G 3632 45.57 40.57 72.25
CA VAL G 3632 45.61 41.45 73.42
C VAL G 3632 47.04 41.65 73.90
N VAL G 3633 47.78 40.54 74.04
CA VAL G 3633 49.20 40.63 74.38
C VAL G 3633 49.93 41.42 73.30
N ALA G 3634 49.57 41.20 72.04
CA ALA G 3634 50.08 42.01 70.95
C ALA G 3634 49.87 43.49 71.24
N CYS G 3635 48.66 43.85 71.69
CA CYS G 3635 48.35 45.24 71.96
C CYS G 3635 49.31 45.85 72.98
N PHE G 3636 49.91 45.02 73.84
CA PHE G 3636 50.87 45.53 74.79
C PHE G 3636 52.25 45.77 74.17
N ARG G 3637 52.70 44.89 73.28
CA ARG G 3637 54.07 44.98 72.80
C ARG G 3637 54.18 45.42 71.35
N MET G 3638 53.10 45.92 70.74
CA MET G 3638 53.23 46.52 69.42
C MET G 3638 54.24 47.65 69.44
N THR G 3639 55.19 47.59 68.51
CA THR G 3639 56.28 48.55 68.51
C THR G 3639 55.89 49.77 67.69
N PRO G 3640 55.90 50.96 68.26
CA PRO G 3640 55.74 52.16 67.45
C PRO G 3640 56.87 52.29 66.45
N LEU G 3641 56.57 52.88 65.31
CA LEU G 3641 57.58 53.03 64.26
C LEU G 3641 58.80 53.76 64.76
N TYR G 3642 58.64 54.67 65.71
CA TYR G 3642 59.77 55.50 66.11
C TYR G 3642 60.84 54.72 66.85
N ASN G 3643 60.57 53.47 67.21
CA ASN G 3643 61.58 52.61 67.81
C ASN G 3643 62.31 51.73 66.80
N LEU G 3644 61.76 51.59 65.59
CA LEU G 3644 62.38 50.74 64.60
C LEU G 3644 63.73 51.29 64.18
N PRO G 3645 64.62 50.42 63.71
CA PRO G 3645 65.80 50.89 63.00
C PRO G 3645 65.40 51.54 61.69
N THR G 3646 66.26 52.42 61.21
CA THR G 3646 65.88 53.23 60.06
C THR G 3646 65.63 52.36 58.83
N HIS G 3647 66.46 51.35 58.59
CA HIS G 3647 66.31 50.59 57.36
C HIS G 3647 65.03 49.78 57.35
N ARG G 3648 64.64 49.21 58.49
CA ARG G 3648 63.42 48.41 58.50
C ARG G 3648 62.17 49.28 58.49
N ALA G 3649 62.32 50.58 58.64
CA ALA G 3649 61.22 51.50 58.40
C ALA G 3649 61.22 51.99 56.96
N CYS G 3650 62.39 52.25 56.39
CA CYS G 3650 62.49 52.63 55.00
C CYS G 3650 62.00 51.54 54.07
N ASN G 3651 62.10 50.28 54.48
CA ASN G 3651 61.59 49.19 53.68
C ASN G 3651 60.09 48.99 53.81
N MET G 3652 59.51 49.35 54.95
CA MET G 3652 58.06 49.39 55.07
C MET G 3652 57.47 50.54 54.28
N PHE G 3653 58.15 51.68 54.32
CA PHE G 3653 57.69 52.85 53.61
C PHE G 3653 57.65 52.59 52.12
N LEU G 3654 58.63 51.86 51.59
CA LEU G 3654 58.64 51.59 50.17
C LEU G 3654 57.42 50.80 49.76
N GLU G 3655 57.05 49.79 50.55
CA GLU G 3655 55.89 48.99 50.22
C GLU G 3655 54.61 49.81 50.31
N SER G 3656 54.48 50.64 51.35
CA SER G 3656 53.28 51.45 51.47
C SER G 3656 53.17 52.46 50.35
N TYR G 3657 54.29 53.08 49.99
CA TYR G 3657 54.31 54.04 48.90
C TYR G 3657 53.94 53.39 47.58
N LYS G 3658 54.49 52.21 47.32
CA LYS G 3658 54.18 51.50 46.10
C LYS G 3658 52.73 51.09 46.04
N ALA G 3659 52.16 50.65 47.17
CA ALA G 3659 50.78 50.20 47.17
C ALA G 3659 49.82 51.38 47.05
N ALA G 3660 50.12 52.48 47.74
CA ALA G 3660 49.14 53.55 47.86
C ALA G 3660 49.32 54.62 46.81
N TRP G 3661 50.56 54.87 46.38
CA TRP G 3661 50.82 56.04 45.55
C TRP G 3661 51.22 55.67 44.13
N ILE G 3662 52.25 54.85 43.95
CA ILE G 3662 52.70 54.55 42.60
C ILE G 3662 51.67 53.72 41.87
N LEU G 3663 51.18 52.66 42.52
CA LEU G 3663 50.29 51.72 41.84
C LEU G 3663 48.97 52.36 41.50
N THR G 3664 48.38 53.09 42.44
CA THR G 3664 47.07 53.69 42.20
C THR G 3664 47.13 54.77 41.14
N GLU G 3665 48.33 55.19 40.75
CA GLU G 3665 48.46 56.17 39.68
C GLU G 3665 48.12 55.54 38.35
N ASP G 3666 47.32 56.24 37.56
CA ASP G 3666 46.88 55.78 36.25
C ASP G 3666 47.42 56.68 35.15
N HIS G 3667 47.87 56.05 34.06
CA HIS G 3667 48.40 56.78 32.92
C HIS G 3667 47.97 56.07 31.66
N SER G 3668 47.21 56.77 30.82
CA SER G 3668 46.75 56.23 29.55
C SER G 3668 47.82 56.52 28.51
N PHE G 3669 48.55 55.49 28.13
CA PHE G 3669 49.53 55.61 27.07
C PHE G 3669 49.29 54.64 25.94
N GLU G 3670 48.41 53.64 26.13
CA GLU G 3670 48.18 52.67 25.09
C GLU G 3670 47.60 53.32 23.85
N ASP G 3671 46.67 54.25 24.03
CA ASP G 3671 46.08 54.95 22.89
C ASP G 3671 47.15 55.71 22.12
N ARG G 3672 47.94 56.51 22.83
CA ARG G 3672 48.97 57.30 22.17
C ARG G 3672 50.02 56.43 21.53
N MET G 3673 50.41 55.34 22.19
CA MET G 3673 51.47 54.50 21.67
C MET G 3673 51.01 53.76 20.43
N ILE G 3674 49.81 53.19 20.46
CA ILE G 3674 49.26 52.55 19.27
C ILE G 3674 49.03 53.55 18.14
N ASP G 3675 48.69 54.78 18.46
CA ASP G 3675 48.54 55.78 17.40
C ASP G 3675 49.86 56.26 16.84
N ASP G 3676 50.95 56.15 17.60
CA ASP G 3676 52.25 56.45 17.03
C ASP G 3676 52.82 55.27 16.26
N LEU G 3677 52.62 54.06 16.77
CA LEU G 3677 53.08 52.88 16.06
C LEU G 3677 52.34 52.68 14.75
N SER G 3678 51.14 53.23 14.62
CA SER G 3678 50.31 52.94 13.46
C SER G 3678 50.69 53.80 12.26
N LYS G 3679 51.06 55.05 12.48
CA LYS G 3679 51.38 55.92 11.37
C LYS G 3679 52.65 55.46 10.68
N ALA G 3680 52.75 55.77 9.39
CA ALA G 3680 53.92 55.46 8.59
C ALA G 3680 54.52 56.75 8.03
N GLY G 3681 55.76 56.66 7.59
CA GLY G 3681 56.42 57.82 7.02
C GLY G 3681 56.48 57.75 5.52
N GLU G 3682 56.52 58.90 4.86
CA GLU G 3682 56.55 58.96 3.40
C GLU G 3682 57.82 58.35 2.83
N LYS G 3693 52.85 47.78 0.23
CA LYS G 3693 53.92 48.61 0.75
C LYS G 3693 54.60 47.93 1.94
N LYS G 3694 55.62 48.56 2.49
CA LYS G 3694 56.32 47.98 3.62
C LYS G 3694 55.44 48.10 4.86
N PRO G 3695 55.46 47.12 5.76
CA PRO G 3695 54.66 47.22 6.99
C PRO G 3695 55.05 48.41 7.84
N ASP G 3696 54.05 49.03 8.45
CA ASP G 3696 54.27 50.13 9.37
C ASP G 3696 54.77 49.59 10.71
N PRO G 3697 55.22 50.44 11.63
CA PRO G 3697 55.82 49.91 12.86
C PRO G 3697 54.92 48.96 13.63
N LEU G 3698 53.63 49.23 13.71
CA LEU G 3698 52.74 48.32 14.43
C LEU G 3698 52.58 47.01 13.71
N HIS G 3699 52.57 47.01 12.38
CA HIS G 3699 52.41 45.77 11.64
C HIS G 3699 53.67 44.94 11.65
N GLN G 3700 54.80 45.50 12.07
CA GLN G 3700 56.01 44.72 12.31
C GLN G 3700 56.04 44.12 13.70
N LEU G 3701 55.17 44.59 14.59
CA LEU G 3701 55.02 44.03 15.92
C LEU G 3701 54.13 42.79 15.88
N VAL G 3702 52.99 42.91 15.19
CA VAL G 3702 52.10 41.77 15.01
C VAL G 3702 52.80 40.64 14.30
N LEU G 3703 53.55 40.96 13.24
CA LEU G 3703 54.29 39.95 12.51
C LEU G 3703 55.33 39.27 13.36
N HIS G 3704 56.01 40.02 14.23
CA HIS G 3704 57.04 39.43 15.07
C HIS G 3704 56.44 38.42 16.04
N PHE G 3705 55.33 38.76 16.66
CA PHE G 3705 54.69 37.81 17.56
C PHE G 3705 54.03 36.67 16.83
N SER G 3706 53.62 36.87 15.58
CA SER G 3706 53.25 35.73 14.76
C SER G 3706 54.43 34.81 14.55
N ARG G 3707 55.62 35.38 14.36
CA ARG G 3707 56.82 34.58 14.15
C ARG G 3707 57.12 33.70 15.35
N THR G 3708 57.01 34.25 16.55
CA THR G 3708 57.27 33.46 17.74
C THR G 3708 56.24 32.36 17.95
N ALA G 3709 55.01 32.54 17.47
CA ALA G 3709 53.98 31.55 17.60
C ALA G 3709 54.12 30.39 16.64
N LEU G 3710 54.59 30.65 15.43
CA LEU G 3710 54.74 29.60 14.43
C LEU G 3710 56.06 28.85 14.55
N THR G 3711 56.95 29.27 15.43
CA THR G 3711 58.21 28.58 15.62
C THR G 3711 57.96 27.24 16.29
N GLU G 3712 58.49 26.17 15.68
CA GLU G 3712 58.22 24.81 16.13
C GLU G 3712 59.00 24.57 17.43
N LYS G 3713 58.37 24.94 18.54
CA LYS G 3713 58.87 24.64 19.86
C LYS G 3713 57.85 23.76 20.57
N SER G 3714 58.33 22.86 21.43
CA SER G 3714 57.45 21.95 22.11
C SER G 3714 56.44 22.64 23.01
N LYS G 3715 56.82 23.74 23.65
CA LYS G 3715 55.97 24.46 24.58
C LYS G 3715 56.21 25.95 24.45
N LEU G 3716 55.14 26.73 24.55
CA LEU G 3716 55.24 28.17 24.30
C LEU G 3716 55.77 28.91 25.51
N ASP G 3717 56.80 29.73 25.28
CA ASP G 3717 57.55 30.30 26.40
C ASP G 3717 56.89 31.53 27.00
N GLU G 3718 57.34 31.85 28.21
CA GLU G 3718 57.04 33.11 28.89
C GLU G 3718 57.71 34.24 28.13
N ASP G 3719 56.92 35.17 27.64
CA ASP G 3719 57.42 36.43 27.07
C ASP G 3719 56.65 37.57 27.72
N TYR G 3720 57.29 38.25 28.66
CA TYR G 3720 56.63 39.40 29.25
C TYR G 3720 56.43 40.50 28.22
N LEU G 3721 57.26 40.54 27.17
CA LEU G 3721 57.08 41.54 26.13
C LEU G 3721 55.76 41.34 25.41
N TYR G 3722 55.47 40.12 25.00
CA TYR G 3722 54.20 39.85 24.35
C TYR G 3722 53.04 40.14 25.28
N MET G 3723 53.16 39.74 26.54
CA MET G 3723 52.06 39.94 27.48
C MET G 3723 51.84 41.40 27.79
N ALA G 3724 52.86 42.22 27.68
CA ALA G 3724 52.67 43.66 27.87
C ALA G 3724 52.05 44.29 26.64
N TYR G 3725 52.53 43.92 25.46
CA TYR G 3725 52.00 44.53 24.26
C TYR G 3725 50.58 44.08 23.97
N ALA G 3726 50.24 42.84 24.31
CA ALA G 3726 48.87 42.39 24.15
C ALA G 3726 47.92 43.20 25.01
N ASP G 3727 48.34 43.52 26.24
CA ASP G 3727 47.52 44.36 27.08
C ASP G 3727 47.41 45.77 26.53
N ILE G 3728 48.51 46.30 25.98
CA ILE G 3728 48.44 47.63 25.37
C ILE G 3728 47.42 47.64 24.24
N MET G 3729 47.52 46.67 23.34
CA MET G 3729 46.60 46.63 22.21
C MET G 3729 45.17 46.39 22.66
N ALA G 3730 44.98 45.58 23.70
CA ALA G 3730 43.64 45.39 24.23
C ALA G 3730 43.07 46.68 24.79
N LYS G 3731 43.88 47.45 25.51
CA LYS G 3731 43.41 48.73 26.02
C LYS G 3731 43.06 49.68 24.89
N SER G 3732 43.79 49.60 23.79
CA SER G 3732 43.56 50.52 22.68
C SER G 3732 42.15 50.37 22.12
N CYS G 3733 41.68 49.14 21.95
CA CYS G 3733 40.37 48.90 21.34
C CYS G 3733 39.22 48.95 22.34
N HIS G 3734 39.51 49.05 23.63
CA HIS G 3734 38.45 49.08 24.64
C HIS G 3734 37.66 50.37 24.56
N LEU G 3735 38.33 51.49 24.32
CA LEU G 3735 37.67 52.78 24.29
C LEU G 3735 36.82 52.94 23.03
N VAL G 3751 22.35 58.33 24.85
CA VAL G 3751 21.70 57.11 24.39
C VAL G 3751 21.11 57.34 23.01
N SER G 3752 21.45 58.45 22.37
CA SER G 3752 20.95 58.76 21.02
C SER G 3752 21.36 57.77 19.98
N PHE G 3753 20.61 57.71 18.90
CA PHE G 3753 20.97 56.82 17.81
C PHE G 3753 22.31 57.26 17.29
N GLU G 3754 22.53 58.57 17.12
CA GLU G 3754 23.79 58.96 16.54
C GLU G 3754 24.78 58.49 17.53
N GLU G 3755 24.60 58.85 18.79
CA GLU G 3755 25.66 58.62 19.77
C GLU G 3755 26.10 57.16 19.78
N LYS G 3756 25.12 56.25 19.84
CA LYS G 3756 25.47 54.83 19.86
C LYS G 3756 26.17 54.41 18.58
N GLU G 3757 25.70 54.90 17.44
CA GLU G 3757 26.32 54.49 16.18
C GLU G 3757 27.72 55.05 16.05
N MET G 3758 27.95 56.27 16.52
CA MET G 3758 29.31 56.80 16.50
C MET G 3758 30.22 56.01 17.41
N GLU G 3759 29.74 55.60 18.58
CA GLU G 3759 30.56 54.77 19.44
C GLU G 3759 30.90 53.45 18.77
N LYS G 3760 29.91 52.83 18.11
CA LYS G 3760 30.17 51.57 17.42
C LYS G 3760 31.18 51.74 16.31
N GLN G 3761 31.02 52.78 15.49
CA GLN G 3761 31.96 52.98 14.37
C GLN G 3761 33.35 53.29 14.88
N ARG G 3762 33.44 54.04 15.96
CA ARG G 3762 34.73 54.37 16.56
C ARG G 3762 35.43 53.14 17.08
N LEU G 3763 34.68 52.24 17.73
CA LEU G 3763 35.27 50.99 18.17
C LEU G 3763 35.66 50.12 16.99
N LEU G 3764 34.86 50.12 15.92
CA LEU G 3764 35.22 49.38 14.72
C LEU G 3764 36.53 49.90 14.12
N TYR G 3765 36.71 51.22 14.10
CA TYR G 3765 37.97 51.78 13.62
C TYR G 3765 39.13 51.37 14.50
N GLN G 3766 38.93 51.40 15.82
CA GLN G 3766 40.01 50.99 16.71
C GLN G 3766 40.39 49.54 16.50
N GLN G 3767 39.42 48.68 16.28
CA GLN G 3767 39.73 47.29 15.96
C GLN G 3767 40.28 47.12 14.55
N SER G 3768 39.96 48.02 13.64
CA SER G 3768 40.55 48.01 12.32
C SER G 3768 42.02 48.36 12.34
N ARG G 3769 42.45 49.19 13.28
CA ARG G 3769 43.87 49.43 13.42
C ARG G 3769 44.63 48.13 13.67
N LEU G 3770 44.01 47.18 14.38
CA LEU G 3770 44.71 45.95 14.70
C LEU G 3770 44.51 44.87 13.65
N HIS G 3771 43.26 44.56 13.33
CA HIS G 3771 43.00 43.40 12.49
C HIS G 3771 43.33 43.63 11.03
N THR G 3772 43.61 44.87 10.62
CA THR G 3772 44.18 45.12 9.31
C THR G 3772 45.68 44.97 9.31
N ARG G 3773 46.27 44.56 10.44
CA ARG G 3773 47.70 44.35 10.54
C ARG G 3773 48.05 42.97 11.05
N GLY G 3774 47.09 42.03 11.06
CA GLY G 3774 47.35 40.64 11.35
C GLY G 3774 47.04 40.20 12.76
N ALA G 3775 46.35 41.01 13.56
CA ALA G 3775 46.16 40.67 14.97
C ALA G 3775 45.38 39.38 15.15
N ALA G 3776 44.34 39.19 14.33
CA ALA G 3776 43.50 38.00 14.49
C ALA G 3776 44.29 36.72 14.27
N GLU G 3777 45.13 36.70 13.24
CA GLU G 3777 45.95 35.54 12.99
C GLU G 3777 46.93 35.30 14.12
N MET G 3778 47.48 36.38 14.69
CA MET G 3778 48.36 36.22 15.85
C MET G 3778 47.60 35.56 16.99
N VAL G 3779 46.37 35.99 17.25
CA VAL G 3779 45.62 35.46 18.37
C VAL G 3779 45.38 33.97 18.19
N LEU G 3780 44.95 33.59 16.99
CA LEU G 3780 44.74 32.17 16.72
C LEU G 3780 46.04 31.40 16.85
N GLN G 3781 47.14 31.96 16.33
CA GLN G 3781 48.41 31.26 16.38
C GLN G 3781 48.87 31.02 17.81
N MET G 3782 48.73 32.02 18.67
CA MET G 3782 49.24 31.85 20.03
C MET G 3782 48.35 30.94 20.85
N ILE G 3783 47.03 31.00 20.64
CA ILE G 3783 46.17 30.03 21.29
C ILE G 3783 46.56 28.62 20.86
N SER G 3784 46.84 28.43 19.57
CA SER G 3784 47.29 27.13 19.10
C SER G 3784 48.64 26.74 19.69
N ALA G 3785 49.56 27.69 19.82
CA ALA G 3785 50.92 27.40 20.25
C ALA G 3785 51.02 27.12 21.74
N CYS G 3786 50.09 27.64 22.53
CA CYS G 3786 50.11 27.33 23.95
C CYS G 3786 49.87 25.85 24.20
N LYS G 3787 49.26 25.17 23.23
CA LYS G 3787 49.02 23.72 23.31
C LYS G 3787 48.23 23.33 24.54
N GLY G 3788 47.25 24.14 24.90
CA GLY G 3788 46.38 23.83 26.01
C GLY G 3788 47.02 23.87 27.37
N GLU G 3789 47.85 24.87 27.65
CA GLU G 3789 48.40 25.09 28.97
C GLU G 3789 47.86 26.41 29.52
N THR G 3790 47.20 26.33 30.66
CA THR G 3790 46.72 27.53 31.32
C THR G 3790 47.92 28.37 31.77
N GLY G 3791 47.74 29.67 31.78
CA GLY G 3791 48.81 30.55 32.18
C GLY G 3791 48.45 32.00 31.89
N ALA G 3792 49.47 32.83 31.80
CA ALA G 3792 49.30 34.25 31.55
C ALA G 3792 49.33 34.60 30.07
N MET G 3793 50.12 33.88 29.27
CA MET G 3793 50.16 34.13 27.84
C MET G 3793 48.79 33.89 27.21
N VAL G 3794 48.14 32.79 27.60
CA VAL G 3794 46.82 32.49 27.05
C VAL G 3794 45.80 33.52 27.51
N SER G 3795 45.89 33.96 28.76
CA SER G 3795 44.95 34.96 29.25
C SER G 3795 45.09 36.25 28.47
N SER G 3796 46.33 36.70 28.24
CA SER G 3796 46.53 37.92 27.47
C SER G 3796 46.03 37.74 26.04
N THR G 3797 46.29 36.59 25.43
CA THR G 3797 45.84 36.36 24.07
C THR G 3797 44.32 36.37 23.99
N LEU G 3798 43.66 35.72 24.94
CA LEU G 3798 42.21 35.69 24.95
C LEU G 3798 41.62 37.08 25.16
N LYS G 3799 42.22 37.85 26.05
CA LYS G 3799 41.72 39.21 26.27
C LYS G 3799 41.90 40.05 25.01
N LEU G 3800 43.00 39.85 24.28
CA LEU G 3800 43.18 40.56 23.02
C LEU G 3800 42.13 40.15 22.01
N GLY G 3801 41.84 38.85 21.92
CA GLY G 3801 40.81 38.38 21.00
C GLY G 3801 39.45 38.97 21.32
N ILE G 3802 39.11 39.00 22.61
CA ILE G 3802 37.86 39.62 23.03
C ILE G 3802 37.87 41.10 22.66
N SER G 3803 38.99 41.77 22.87
CA SER G 3803 39.05 43.20 22.59
C SER G 3803 38.80 43.48 21.11
N ILE G 3804 39.38 42.68 20.23
CA ILE G 3804 39.19 42.94 18.81
C ILE G 3804 37.89 42.36 18.26
N LEU G 3805 37.22 41.49 19.03
CA LEU G 3805 35.97 40.90 18.56
C LEU G 3805 34.73 41.51 19.20
N ASN G 3806 34.88 42.46 20.12
CA ASN G 3806 33.72 43.02 20.80
C ASN G 3806 32.71 43.57 19.80
N GLY G 3807 31.44 43.31 20.05
CA GLY G 3807 30.40 43.70 19.13
C GLY G 3807 30.24 42.79 17.93
N GLY G 3808 31.00 41.69 17.88
CA GLY G 3808 30.91 40.79 16.75
C GLY G 3808 31.45 41.42 15.48
N ASN G 3809 32.75 41.71 15.45
CA ASN G 3809 33.35 42.34 14.30
C ASN G 3809 33.38 41.37 13.13
N ALA G 3810 32.48 41.56 12.17
CA ALA G 3810 32.34 40.59 11.09
C ALA G 3810 33.62 40.41 10.31
N GLU G 3811 34.37 41.50 10.11
CA GLU G 3811 35.64 41.38 9.40
C GLU G 3811 36.62 40.51 10.16
N VAL G 3812 36.72 40.70 11.47
CA VAL G 3812 37.66 39.92 12.26
C VAL G 3812 37.25 38.46 12.28
N GLN G 3813 35.96 38.18 12.45
CA GLN G 3813 35.49 36.81 12.40
C GLN G 3813 35.77 36.15 11.06
N GLN G 3814 35.53 36.86 9.96
CA GLN G 3814 35.80 36.30 8.64
C GLN G 3814 37.28 36.01 8.47
N LYS G 3815 38.14 36.93 8.92
CA LYS G 3815 39.58 36.70 8.83
C LYS G 3815 39.99 35.47 9.62
N MET G 3816 39.49 35.34 10.85
CA MET G 3816 39.84 34.20 11.68
C MET G 3816 39.38 32.89 11.04
N LEU G 3817 38.15 32.87 10.54
CA LEU G 3817 37.64 31.65 9.92
C LEU G 3817 38.46 31.29 8.69
N ASP G 3818 38.78 32.29 7.86
CA ASP G 3818 39.58 32.00 6.67
C ASP G 3818 40.95 31.45 7.05
N TYR G 3819 41.57 32.02 8.08
CA TYR G 3819 42.87 31.53 8.52
C TYR G 3819 42.78 30.07 8.96
N LEU G 3820 41.82 29.77 9.84
CA LEU G 3820 41.67 28.39 10.31
C LEU G 3820 41.39 27.45 9.17
N LYS G 3821 40.60 27.87 8.19
CA LYS G 3821 40.24 26.97 7.10
C LYS G 3821 41.41 26.72 6.16
N ASP G 3822 42.19 27.75 5.83
CA ASP G 3822 43.27 27.51 4.90
C ASP G 3822 44.46 26.82 5.55
N LYS G 3823 44.73 27.08 6.82
CA LYS G 3823 45.82 26.36 7.47
C LYS G 3823 45.46 24.93 7.83
N LYS G 3824 44.17 24.62 7.94
CA LYS G 3824 43.69 23.29 8.26
C LYS G 3824 44.42 22.69 9.45
N GLU G 3825 44.79 23.52 10.40
CA GLU G 3825 45.47 23.07 11.60
C GLU G 3825 44.46 22.54 12.59
N VAL G 3826 44.80 21.42 13.23
CA VAL G 3826 43.96 20.85 14.28
C VAL G 3826 44.39 21.34 15.65
N GLY G 3827 45.41 22.17 15.73
CA GLY G 3827 45.93 22.62 17.00
C GLY G 3827 45.00 23.55 17.76
N PHE G 3828 44.31 24.43 17.04
CA PHE G 3828 43.48 25.44 17.69
C PHE G 3828 42.38 24.81 18.53
N PHE G 3829 41.59 23.94 17.92
CA PHE G 3829 40.50 23.29 18.64
C PHE G 3829 40.98 22.19 19.56
N GLN G 3830 42.19 21.68 19.35
CA GLN G 3830 42.78 20.73 20.27
C GLN G 3830 43.38 21.42 21.49
N SER G 3831 43.51 22.74 21.46
CA SER G 3831 43.96 23.53 22.60
C SER G 3831 42.82 24.20 23.33
N ILE G 3832 41.79 24.66 22.62
CA ILE G 3832 40.60 25.18 23.29
C ILE G 3832 39.97 24.10 24.14
N GLN G 3833 39.89 22.88 23.61
CA GLN G 3833 39.32 21.77 24.36
C GLN G 3833 40.11 21.50 25.63
N ALA G 3834 41.44 21.51 25.53
CA ALA G 3834 42.27 21.28 26.70
C ALA G 3834 42.07 22.37 27.72
N LEU G 3835 42.00 23.62 27.28
CA LEU G 3835 41.77 24.71 28.21
C LEU G 3835 40.45 24.53 28.94
N MET G 3836 39.40 24.15 28.22
CA MET G 3836 38.09 24.05 28.87
C MET G 3836 38.03 22.85 29.80
N GLN G 3837 38.82 21.82 29.52
CA GLN G 3837 38.94 20.72 30.46
C GLN G 3837 39.67 21.15 31.72
N THR G 3838 40.69 22.00 31.59
CA THR G 3838 41.43 22.45 32.76
C THR G 3838 40.71 23.53 33.55
N CYS G 3839 39.63 24.09 33.01
CA CYS G 3839 38.90 25.14 33.72
C CYS G 3839 38.37 24.61 35.04
N SER G 3840 38.62 25.36 36.11
CA SER G 3840 38.24 24.91 37.43
C SER G 3840 36.74 25.08 37.64
N VAL G 3841 36.20 24.25 38.52
CA VAL G 3841 34.79 24.24 38.84
C VAL G 3841 34.65 24.44 40.32
N LEU G 3842 33.46 24.86 40.74
CA LEU G 3842 33.21 25.17 42.15
C LEU G 3842 33.52 23.97 43.02
N ASP G 3843 34.12 24.23 44.19
CA ASP G 3843 34.56 23.18 45.09
C ASP G 3843 34.05 23.44 46.49
N LEU G 3844 33.90 22.36 47.24
CA LEU G 3844 33.69 22.48 48.68
C LEU G 3844 34.96 22.27 49.47
N ASN G 3845 35.74 21.26 49.10
CA ASN G 3845 36.93 20.91 49.90
C ASN G 3845 37.83 22.11 50.10
N ALA G 3846 38.28 22.72 49.00
CA ALA G 3846 39.10 23.91 49.12
C ALA G 3846 38.38 25.00 49.90
N PHE G 3847 37.07 25.12 49.72
CA PHE G 3847 36.30 26.06 50.51
C PHE G 3847 36.36 25.73 51.99
N GLU G 3848 36.21 24.46 52.35
CA GLU G 3848 36.28 24.09 53.76
C GLU G 3848 37.64 24.41 54.33
N ARG G 3849 38.70 24.09 53.57
CA ARG G 3849 40.05 24.32 54.05
C ARG G 3849 40.33 25.81 54.25
N GLN G 3850 39.90 26.66 53.32
CA GLN G 3850 40.19 28.07 53.52
C GLN G 3850 39.30 28.65 54.60
N ASN G 3851 38.11 28.09 54.80
CA ASN G 3851 37.30 28.45 55.95
C ASN G 3851 38.10 28.27 57.23
N LYS G 3852 38.67 27.09 57.42
CA LYS G 3852 39.46 26.84 58.63
C LYS G 3852 40.72 27.68 58.64
N ALA G 3853 41.32 27.90 57.48
CA ALA G 3853 42.55 28.69 57.41
C ALA G 3853 42.33 30.11 57.89
N GLU G 3854 41.20 30.72 57.53
CA GLU G 3854 40.84 31.99 58.15
C GLU G 3854 40.52 31.80 59.63
N GLY G 3855 39.93 30.67 59.97
CA GLY G 3855 39.64 30.40 61.37
C GLY G 3855 40.88 30.37 62.24
N LEU G 3856 42.05 30.16 61.64
CA LEU G 3856 43.29 30.23 62.40
C LEU G 3856 43.51 31.62 62.96
N GLY G 3857 43.42 32.65 62.12
CA GLY G 3857 43.50 34.02 62.58
C GLY G 3857 44.16 34.92 61.57
N MET G 3858 44.54 36.11 62.06
CA MET G 3858 45.00 37.22 61.24
C MET G 3858 46.38 37.71 61.65
N VAL G 3859 46.82 37.40 62.87
CA VAL G 3859 48.00 38.03 63.46
C VAL G 3859 49.22 37.15 63.25
N ASN G 3860 50.37 37.79 63.03
CA ASN G 3860 51.65 37.11 62.98
C ASN G 3860 52.68 37.94 63.73
N GLU G 3861 53.78 37.28 64.12
CA GLU G 3861 54.87 37.98 64.75
C GLU G 3861 55.57 38.88 63.73
N ASP G 3862 55.33 40.18 63.83
CA ASP G 3862 55.85 41.16 62.87
C ASP G 3862 55.44 40.82 61.45
N GLY G 3863 54.20 40.35 61.30
CA GLY G 3863 53.68 39.98 60.00
C GLY G 3863 52.17 40.00 60.00
N THR G 3864 51.59 40.07 58.79
CA THR G 3864 50.15 40.03 58.60
C THR G 3864 49.83 38.95 57.56
N VAL G 3865 48.78 38.17 57.84
CA VAL G 3865 48.37 37.11 56.92
C VAL G 3865 47.88 37.73 55.61
N ILE G 3866 48.12 37.03 54.51
CA ILE G 3866 47.62 37.44 53.20
C ILE G 3866 46.10 37.54 53.21
N GLU G 3872 43.31 33.05 46.93
CA GLU G 3872 42.12 32.23 46.92
C GLU G 3872 42.35 30.95 46.13
N LYS G 3873 41.83 29.83 46.63
CA LYS G 3873 41.95 28.56 45.94
C LYS G 3873 40.61 27.93 45.59
N VAL G 3874 39.53 28.69 45.67
CA VAL G 3874 38.22 28.24 45.22
C VAL G 3874 37.80 29.14 44.07
N MET G 3875 37.36 28.54 42.97
CA MET G 3875 36.95 29.28 41.77
C MET G 3875 38.04 30.26 41.35
N ALA G 3876 39.29 29.77 41.41
CA ALA G 3876 40.46 30.62 41.26
C ALA G 3876 40.54 31.25 39.87
N ASP G 3877 40.20 30.50 38.83
CA ASP G 3877 40.34 30.97 37.45
C ASP G 3877 39.01 31.42 36.86
N ASP G 3878 38.17 32.05 37.67
CA ASP G 3878 36.87 32.50 37.19
C ASP G 3878 37.04 33.51 36.06
N GLU G 3879 38.00 34.43 36.20
CA GLU G 3879 38.23 35.42 35.17
C GLU G 3879 38.63 34.76 33.86
N PHE G 3880 39.54 33.79 33.92
CA PHE G 3880 39.97 33.13 32.71
C PHE G 3880 38.84 32.35 32.06
N THR G 3881 38.03 31.65 32.86
CA THR G 3881 36.93 30.88 32.29
C THR G 3881 35.91 31.81 31.63
N GLN G 3882 35.59 32.92 32.29
CA GLN G 3882 34.69 33.89 31.69
C GLN G 3882 35.26 34.42 30.39
N ASP G 3883 36.56 34.72 30.38
CA ASP G 3883 37.17 35.25 29.17
C ASP G 3883 37.15 34.23 28.04
N LEU G 3884 37.41 32.97 28.34
CA LEU G 3884 37.43 31.95 27.31
C LEU G 3884 36.05 31.76 26.69
N PHE G 3885 35.02 31.68 27.51
CA PHE G 3885 33.70 31.49 26.94
C PHE G 3885 33.18 32.76 26.29
N ARG G 3886 33.59 33.93 26.78
CA ARG G 3886 33.30 35.17 26.08
C ARG G 3886 33.94 35.19 24.71
N PHE G 3887 35.16 34.65 24.61
CA PHE G 3887 35.83 34.55 23.32
C PHE G 3887 35.04 33.69 22.36
N LEU G 3888 34.61 32.51 22.79
CA LEU G 3888 33.85 31.66 21.89
C LEU G 3888 32.53 32.30 21.49
N GLN G 3889 31.84 32.92 22.44
CA GLN G 3889 30.60 33.60 22.13
C GLN G 3889 30.82 34.71 21.11
N LEU G 3890 31.88 35.50 21.29
CA LEU G 3890 32.17 36.57 20.33
C LEU G 3890 32.53 36.00 18.98
N LEU G 3891 33.12 34.81 18.94
CA LEU G 3891 33.36 34.16 17.65
C LEU G 3891 32.06 33.85 16.94
N CYS G 3892 31.00 33.45 17.60
CA CYS G 3892 29.76 33.24 16.86
C CYS G 3892 28.68 34.30 16.97
N GLU G 3893 29.02 35.51 17.40
CA GLU G 3893 28.05 36.58 17.51
C GLU G 3893 27.75 37.05 16.16
N GLY G 3894 26.63 37.71 16.01
CA GLY G 3894 26.24 38.17 14.70
C GLY G 3894 25.63 37.05 13.93
N HIS G 3895 25.32 35.98 14.61
CA HIS G 3895 24.65 34.89 13.97
C HIS G 3895 25.35 34.29 12.76
N ASN G 3896 26.67 34.17 12.80
CA ASN G 3896 27.42 33.52 11.73
C ASN G 3896 27.10 32.06 11.64
N ASN G 3897 26.71 31.54 10.48
CA ASN G 3897 26.47 30.12 10.29
C ASN G 3897 27.78 29.37 10.11
N ASP G 3898 28.75 29.99 9.45
CA ASP G 3898 30.01 29.32 9.17
C ASP G 3898 30.74 28.97 10.46
N PHE G 3899 30.80 29.91 11.41
CA PHE G 3899 31.42 29.61 12.69
C PHE G 3899 30.59 28.64 13.51
N GLN G 3900 29.28 28.84 13.54
CA GLN G 3900 28.43 27.96 14.32
C GLN G 3900 28.52 26.52 13.82
N ASN G 3901 28.91 26.34 12.57
CA ASN G 3901 29.08 24.99 12.04
C ASN G 3901 30.52 24.51 12.15
N TYR G 3902 31.48 25.42 12.03
CA TYR G 3902 32.88 25.04 12.18
C TYR G 3902 33.17 24.56 13.59
N LEU G 3903 32.61 25.25 14.59
CA LEU G 3903 32.80 24.81 15.96
C LEU G 3903 32.29 23.40 16.17
N ARG G 3904 31.25 23.01 15.44
CA ARG G 3904 30.71 21.68 15.60
C ARG G 3904 31.53 20.65 14.85
N THR G 3905 31.81 20.90 13.58
CA THR G 3905 32.61 19.99 12.77
C THR G 3905 33.67 20.80 12.04
N GLN G 3906 34.88 20.29 12.02
CA GLN G 3906 36.00 20.95 11.34
C GLN G 3906 36.29 20.18 10.08
N THR G 3907 35.55 20.49 9.02
CA THR G 3907 35.74 19.80 7.76
C THR G 3907 37.07 20.17 7.14
N GLY G 3908 37.68 19.19 6.48
CA GLY G 3908 38.99 19.40 5.90
C GLY G 3908 40.09 18.96 6.85
N ASN G 3909 39.96 19.34 8.11
CA ASN G 3909 40.95 18.91 9.10
C ASN G 3909 40.90 17.41 9.27
N THR G 3910 42.05 16.83 9.62
CA THR G 3910 42.13 15.38 9.78
C THR G 3910 41.18 14.88 10.84
N THR G 3911 41.10 15.57 11.97
CA THR G 3911 40.17 15.21 13.02
C THR G 3911 39.36 16.43 13.41
N THR G 3912 38.18 16.19 13.93
CA THR G 3912 37.25 17.25 14.29
C THR G 3912 37.01 17.25 15.79
N ILE G 3913 36.90 18.45 16.35
CA ILE G 3913 36.63 18.63 17.77
C ILE G 3913 35.34 19.42 17.90
N ASN G 3914 34.33 18.83 18.53
CA ASN G 3914 33.03 19.46 18.69
C ASN G 3914 33.08 20.33 19.94
N ILE G 3915 33.26 21.63 19.74
CA ILE G 3915 33.35 22.54 20.87
C ILE G 3915 32.02 22.68 21.60
N ILE G 3916 30.90 22.59 20.89
CA ILE G 3916 29.60 22.81 21.54
C ILE G 3916 29.35 21.76 22.62
N ILE G 3917 29.52 20.48 22.28
CA ILE G 3917 29.32 19.45 23.29
C ILE G 3917 30.37 19.54 24.38
N CYS G 3918 31.54 20.09 24.09
CA CYS G 3918 32.51 20.32 25.15
C CYS G 3918 32.04 21.40 26.11
N THR G 3919 31.41 22.45 25.60
CA THR G 3919 30.81 23.46 26.46
C THR G 3919 29.73 22.84 27.33
N VAL G 3920 28.88 22.01 26.74
CA VAL G 3920 27.86 21.34 27.51
C VAL G 3920 28.47 20.44 28.58
N ASP G 3921 29.51 19.69 28.23
CA ASP G 3921 30.16 18.83 29.21
C ASP G 3921 30.76 19.62 30.36
N TYR G 3922 31.35 20.78 30.09
CA TYR G 3922 31.80 21.63 31.18
C TYR G 3922 30.63 22.10 32.02
N LEU G 3923 29.53 22.46 31.38
CA LEU G 3923 28.39 22.94 32.12
C LEU G 3923 27.85 21.88 33.06
N LEU G 3924 28.04 20.60 32.75
CA LEU G 3924 27.54 19.58 33.65
C LEU G 3924 28.37 19.51 34.92
N ARG G 3925 29.69 19.63 34.78
CA ARG G 3925 30.58 19.78 35.94
C ARG G 3925 30.08 20.93 36.77
N LEU G 3926 29.77 22.02 36.08
CA LEU G 3926 29.36 23.24 36.76
C LEU G 3926 28.08 23.03 37.56
N GLN G 3927 27.09 22.36 36.98
CA GLN G 3927 25.85 22.18 37.73
C GLN G 3927 26.04 21.20 38.86
N GLU G 3928 26.93 20.22 38.68
CA GLU G 3928 27.25 19.31 39.78
C GLU G 3928 27.74 20.09 40.97
N SER G 3929 28.74 20.93 40.76
CA SER G 3929 29.32 21.70 41.86
C SER G 3929 28.31 22.68 42.45
N ILE G 3930 27.50 23.29 41.60
CA ILE G 3930 26.50 24.23 42.10
C ILE G 3930 25.50 23.52 42.99
N SER G 3931 25.02 22.36 42.58
CA SER G 3931 24.17 21.56 43.45
C SER G 3931 24.89 21.15 44.72
N ASP G 3932 26.21 21.02 44.67
CA ASP G 3932 26.93 20.64 45.87
C ASP G 3932 26.93 21.77 46.90
N PHE G 3933 27.09 23.03 46.49
CA PHE G 3933 26.84 24.05 47.52
C PHE G 3933 25.43 24.03 48.06
N TYR G 3934 24.40 23.99 47.21
CA TYR G 3934 23.06 24.03 47.77
C TYR G 3934 22.89 22.94 48.81
N TRP G 3935 23.38 21.74 48.51
CA TRP G 3935 23.28 20.67 49.50
C TRP G 3935 24.09 20.98 50.74
N TYR G 3936 25.27 21.57 50.56
CA TYR G 3936 26.09 21.94 51.72
C TYR G 3936 25.36 22.92 52.62
N TYR G 3937 24.61 23.84 52.04
CA TYR G 3937 23.99 24.93 52.78
C TYR G 3937 22.54 24.67 53.14
N SER G 3938 21.98 23.53 52.74
CA SER G 3938 20.56 23.31 52.96
C SER G 3938 20.21 23.25 54.44
N GLY G 3939 21.19 22.99 55.28
CA GLY G 3939 20.94 22.98 56.71
C GLY G 3939 21.19 24.35 57.32
N LYS G 3940 22.30 24.97 56.93
CA LYS G 3940 22.67 26.27 57.46
C LYS G 3940 21.61 27.29 57.08
N ASP G 3941 20.93 27.85 58.08
CA ASP G 3941 19.79 28.71 57.83
C ASP G 3941 20.16 29.94 57.01
N VAL G 3942 21.32 30.54 57.28
CA VAL G 3942 21.78 31.71 56.55
C VAL G 3942 23.08 31.37 55.86
N ILE G 3943 23.18 31.72 54.57
CA ILE G 3943 24.44 31.61 53.87
C ILE G 3943 25.35 32.74 54.31
N GLU G 3944 26.48 32.40 54.89
CA GLU G 3944 27.43 33.40 55.35
C GLU G 3944 28.12 34.07 54.16
N GLU G 3945 28.99 35.03 54.47
CA GLU G 3945 29.51 35.92 53.44
C GLU G 3945 30.36 35.17 52.43
N GLN G 3946 31.23 34.26 52.90
CA GLN G 3946 32.10 33.53 52.00
C GLN G 3946 31.29 32.76 50.98
N GLY G 3947 30.22 32.11 51.43
CA GLY G 3947 29.33 31.43 50.51
C GLY G 3947 28.73 32.38 49.50
N LYS G 3948 28.40 33.60 49.91
CA LYS G 3948 27.85 34.57 48.98
C LYS G 3948 28.85 34.88 47.87
N ARG G 3949 30.10 35.14 48.24
CA ARG G 3949 31.11 35.46 47.23
C ARG G 3949 31.29 34.31 46.25
N ASN G 3950 31.52 33.10 46.78
CA ASN G 3950 31.84 31.99 45.91
C ASN G 3950 30.65 31.60 45.04
N PHE G 3951 29.46 31.65 45.60
CA PHE G 3951 28.27 31.30 44.83
C PHE G 3951 28.01 32.35 43.75
N SER G 3952 28.28 33.62 44.04
CA SER G 3952 28.16 34.65 43.02
C SER G 3952 29.16 34.44 41.89
N LYS G 3953 30.39 34.06 42.23
CA LYS G 3953 31.39 33.79 41.20
C LYS G 3953 30.95 32.66 40.29
N ALA G 3954 30.47 31.56 40.90
CA ALA G 3954 29.97 30.46 40.09
C ALA G 3954 28.81 30.90 39.22
N MET G 3955 28.01 31.85 39.71
CA MET G 3955 26.86 32.28 38.94
C MET G 3955 27.27 33.12 37.75
N SER G 3956 28.29 33.96 37.92
CA SER G 3956 28.80 34.73 36.79
C SER G 3956 29.34 33.80 35.71
N VAL G 3957 30.09 32.79 36.12
CA VAL G 3957 30.61 31.83 35.15
C VAL G 3957 29.46 31.09 34.46
N ALA G 3958 28.43 30.72 35.22
CA ALA G 3958 27.29 30.03 34.63
C ALA G 3958 26.53 30.94 33.66
N LYS G 3959 26.40 32.22 33.99
CA LYS G 3959 25.79 33.15 33.05
C LYS G 3959 26.55 33.19 31.74
N GLN G 3960 27.88 33.25 31.82
CA GLN G 3960 28.66 33.30 30.60
C GLN G 3960 28.53 32.02 29.79
N VAL G 3961 28.53 30.86 30.46
CA VAL G 3961 28.40 29.61 29.73
C VAL G 3961 27.04 29.52 29.05
N PHE G 3962 25.98 29.91 29.77
CA PHE G 3962 24.66 29.91 29.16
C PHE G 3962 24.58 30.84 27.97
N ASN G 3963 25.15 32.04 28.08
CA ASN G 3963 25.18 32.94 26.93
C ASN G 3963 25.97 32.38 25.77
N SER G 3964 27.07 31.69 26.04
CA SER G 3964 27.84 31.09 24.95
C SER G 3964 27.03 30.03 24.22
N LEU G 3965 26.25 29.29 24.97
CA LEU G 3965 25.45 28.28 24.33
C LEU G 3965 24.36 28.92 23.55
N THR G 3966 23.82 30.04 23.97
CA THR G 3966 22.80 30.68 23.17
C THR G 3966 23.42 31.11 21.89
N GLU G 3967 24.54 31.79 21.90
CA GLU G 3967 25.05 32.27 20.65
C GLU G 3967 25.36 31.16 19.69
N TYR G 3968 25.78 30.03 20.17
CA TYR G 3968 26.05 28.93 19.29
C TYR G 3968 24.80 28.53 18.55
N ILE G 3969 23.64 28.55 19.18
CA ILE G 3969 22.39 28.17 18.55
C ILE G 3969 21.37 29.24 18.28
N GLN G 3970 21.67 30.51 18.51
CA GLN G 3970 20.67 31.58 18.39
C GLN G 3970 20.21 31.84 17.04
N GLY G 3971 21.11 31.72 16.11
CA GLY G 3971 20.72 31.93 14.75
C GLY G 3971 20.12 30.57 14.59
N PRO G 3972 19.14 30.42 13.68
CA PRO G 3972 18.63 29.07 13.71
C PRO G 3972 19.56 28.04 13.11
N CYS G 3973 20.75 27.82 13.67
CA CYS G 3973 21.63 26.77 13.20
C CYS G 3973 21.07 25.44 13.58
N THR G 3974 20.43 24.75 12.65
CA THR G 3974 19.77 23.50 12.99
C THR G 3974 20.76 22.47 13.48
N GLY G 3975 21.93 22.40 12.85
CA GLY G 3975 22.91 21.40 13.24
C GLY G 3975 23.29 21.51 14.70
N ASN G 3976 23.57 22.73 15.15
CA ASN G 3976 23.87 22.92 16.57
C ASN G 3976 22.64 22.68 17.44
N GLN G 3977 21.45 22.96 16.94
CA GLN G 3977 20.26 22.75 17.74
C GLN G 3977 20.06 21.29 18.10
N GLN G 3978 20.08 20.40 17.10
CA GLN G 3978 19.95 19.00 17.44
C GLN G 3978 21.23 18.41 18.02
N SER G 3979 22.39 19.03 17.75
CA SER G 3979 23.59 18.60 18.44
C SER G 3979 23.44 18.82 19.94
N LEU G 3980 22.87 19.96 20.33
CA LEU G 3980 22.55 20.19 21.73
C LEU G 3980 21.45 19.26 22.22
N ALA G 3981 20.42 19.05 21.40
CA ALA G 3981 19.28 18.25 21.85
C ALA G 3981 19.72 16.84 22.19
N HIS G 3982 20.57 16.23 21.37
CA HIS G 3982 21.07 14.92 21.69
C HIS G 3982 22.13 14.97 22.80
N SER G 3983 22.89 16.05 22.87
CA SER G 3983 23.87 16.21 23.92
C SER G 3983 23.19 16.14 25.28
N ARG G 3984 23.98 15.87 26.32
CA ARG G 3984 23.39 15.79 27.64
C ARG G 3984 23.25 17.17 28.27
N LEU G 3985 22.70 18.09 27.48
CA LEU G 3985 22.34 19.39 27.99
C LEU G 3985 21.13 19.32 28.91
N TRP G 3986 20.36 18.25 28.80
CA TRP G 3986 19.14 18.09 29.57
C TRP G 3986 19.40 17.70 31.00
N ASP G 3987 20.41 16.88 31.25
CA ASP G 3987 20.81 16.62 32.62
C ASP G 3987 21.20 17.90 33.33
N ALA G 3988 21.97 18.75 32.65
CA ALA G 3988 22.43 19.99 33.27
C ALA G 3988 21.26 20.87 33.67
N VAL G 3989 20.35 21.12 32.74
CA VAL G 3989 19.23 22.01 33.02
C VAL G 3989 18.26 21.40 34.02
N VAL G 3990 18.04 20.08 33.94
CA VAL G 3990 17.17 19.44 34.92
C VAL G 3990 17.77 19.57 36.30
N GLY G 3991 19.08 19.37 36.43
CA GLY G 3991 19.75 19.59 37.68
C GLY G 3991 19.69 21.02 38.13
N PHE G 3992 19.95 21.97 37.21
CA PHE G 3992 19.92 23.37 37.57
C PHE G 3992 18.60 23.75 38.21
N LEU G 3993 17.50 23.34 37.59
CA LEU G 3993 16.19 23.75 38.09
C LEU G 3993 16.02 23.40 39.56
N HIS G 3994 16.64 22.31 40.00
CA HIS G 3994 16.56 21.94 41.40
C HIS G 3994 17.22 23.00 42.27
N VAL G 3995 18.46 23.37 41.94
CA VAL G 3995 19.16 24.41 42.68
C VAL G 3995 18.37 25.70 42.64
N PHE G 3996 17.82 26.01 41.47
CA PHE G 3996 17.11 27.26 41.30
C PHE G 3996 15.92 27.34 42.24
N ALA G 3997 15.05 26.33 42.20
CA ALA G 3997 13.85 26.35 43.02
C ALA G 3997 14.19 26.38 44.50
N HIS G 3998 15.10 25.52 44.93
CA HIS G 3998 15.37 25.40 46.36
C HIS G 3998 16.09 26.63 46.88
N MET G 3999 17.05 27.16 46.12
CA MET G 3999 17.74 28.35 46.58
C MET G 3999 16.84 29.57 46.53
N MET G 4000 15.90 29.62 45.59
CA MET G 4000 14.91 30.69 45.64
C MET G 4000 14.14 30.65 46.95
N MET G 4001 13.66 29.46 47.32
CA MET G 4001 12.94 29.33 48.59
C MET G 4001 13.80 29.78 49.77
N LYS G 4002 15.03 29.28 49.86
CA LYS G 4002 15.83 29.54 51.06
C LYS G 4002 16.33 30.98 51.09
N LEU G 4003 16.68 31.54 49.93
CA LEU G 4003 17.17 32.91 49.89
C LEU G 4003 16.06 33.92 50.10
N ALA G 4004 14.82 33.56 49.78
CA ALA G 4004 13.73 34.52 49.96
C ALA G 4004 13.51 34.87 51.41
N GLN G 4005 14.03 34.06 52.33
CA GLN G 4005 13.69 34.20 53.74
C GLN G 4005 14.54 35.22 54.48
N ASP G 4006 15.47 35.89 53.80
CA ASP G 4006 16.26 36.95 54.41
C ASP G 4006 16.38 38.13 53.46
N SER G 4007 16.47 39.33 54.04
CA SER G 4007 16.73 40.52 53.25
C SER G 4007 18.20 40.73 52.96
N SER G 4008 19.09 40.23 53.82
CA SER G 4008 20.52 40.37 53.59
C SER G 4008 20.98 39.58 52.37
N GLN G 4009 20.18 38.65 51.87
CA GLN G 4009 20.54 37.83 50.73
C GLN G 4009 19.74 38.22 49.50
N ILE G 4010 19.27 39.47 49.44
CA ILE G 4010 18.48 39.91 48.30
C ILE G 4010 19.32 39.98 47.04
N GLU G 4011 20.59 40.40 47.18
CA GLU G 4011 21.47 40.52 46.03
C GLU G 4011 21.72 39.18 45.38
N LEU G 4012 22.00 38.16 46.20
CA LEU G 4012 22.21 36.83 45.66
C LEU G 4012 20.96 36.32 44.97
N LEU G 4013 19.79 36.63 45.51
CA LEU G 4013 18.55 36.19 44.87
C LEU G 4013 18.36 36.90 43.54
N LYS G 4014 18.74 38.17 43.46
CA LYS G 4014 18.67 38.87 42.18
C LYS G 4014 19.56 38.20 41.14
N GLU G 4015 20.80 37.88 41.52
CA GLU G 4015 21.70 37.19 40.61
C GLU G 4015 21.13 35.85 40.20
N LEU G 4016 20.49 35.15 41.15
CA LEU G 4016 19.82 33.89 40.87
C LEU G 4016 18.73 34.03 39.84
N LEU G 4017 17.90 35.06 39.96
CA LEU G 4017 16.82 35.27 39.01
C LEU G 4017 17.37 35.59 37.62
N ASP G 4018 18.42 36.40 37.56
CA ASP G 4018 19.03 36.72 36.27
C ASP G 4018 19.60 35.47 35.61
N LEU G 4019 20.24 34.62 36.40
CA LEU G 4019 20.76 33.37 35.85
C LEU G 4019 19.64 32.50 35.31
N GLN G 4020 18.53 32.44 36.02
CA GLN G 4020 17.38 31.68 35.52
C GLN G 4020 16.89 32.27 34.20
N LYS G 4021 16.88 33.60 34.09
CA LYS G 4021 16.46 34.22 32.84
C LYS G 4021 17.36 33.81 31.70
N ASP G 4022 18.66 33.73 31.94
CA ASP G 4022 19.59 33.30 30.90
C ASP G 4022 19.32 31.86 30.48
N MET G 4023 19.07 30.99 31.46
CA MET G 4023 18.74 29.60 31.13
C MET G 4023 17.50 29.53 30.26
N VAL G 4024 16.47 30.28 30.58
CA VAL G 4024 15.27 30.23 29.80
C VAL G 4024 15.45 30.89 28.46
N VAL G 4025 16.28 31.92 28.34
CA VAL G 4025 16.56 32.48 27.02
C VAL G 4025 17.32 31.50 26.15
N MET G 4026 17.85 30.44 26.73
CA MET G 4026 18.56 29.44 25.97
C MET G 4026 17.57 28.43 25.54
N LEU G 4027 16.73 28.00 26.46
CA LEU G 4027 15.69 27.04 26.13
C LEU G 4027 14.78 27.58 25.04
N LEU G 4028 14.54 28.87 25.08
CA LEU G 4028 13.71 29.52 24.07
C LEU G 4028 14.46 29.47 22.75
N SER G 4029 15.77 29.66 22.79
CA SER G 4029 16.55 29.67 21.57
C SER G 4029 16.55 28.36 20.88
N LEU G 4030 16.61 27.29 21.62
CA LEU G 4030 16.60 25.98 21.04
C LEU G 4030 15.31 25.78 20.33
N LEU G 4031 14.22 26.27 20.89
CA LEU G 4031 12.92 26.08 20.32
C LEU G 4031 12.70 26.88 19.05
N GLU G 4032 13.58 27.82 18.73
CA GLU G 4032 13.44 28.61 17.52
C GLU G 4032 13.45 27.80 16.28
N GLY G 4033 12.51 28.06 15.39
CA GLY G 4033 12.50 27.42 14.09
C GLY G 4033 11.81 26.11 14.21
N ASN G 4034 11.21 25.84 15.34
CA ASN G 4034 10.74 24.49 15.58
C ASN G 4034 9.29 24.36 15.11
N VAL G 4035 9.03 23.35 14.28
CA VAL G 4035 7.68 23.14 13.76
C VAL G 4035 6.77 22.63 14.86
N VAL G 4036 5.47 22.61 14.54
CA VAL G 4036 4.49 22.06 15.47
C VAL G 4036 4.79 20.59 15.71
N ASN G 4037 4.74 20.18 16.97
CA ASN G 4037 5.05 18.80 17.37
C ASN G 4037 6.46 18.42 16.96
N GLY G 4038 7.40 19.35 17.06
CA GLY G 4038 8.77 19.07 16.70
C GLY G 4038 9.47 18.24 17.74
N MET G 4039 10.68 17.81 17.39
CA MET G 4039 11.46 16.96 18.29
C MET G 4039 11.87 17.73 19.54
N ILE G 4040 12.43 18.92 19.37
CA ILE G 4040 13.00 19.65 20.50
C ILE G 4040 11.92 20.06 21.49
N ALA G 4041 10.76 20.51 20.99
CA ALA G 4041 9.68 20.89 21.89
C ALA G 4041 9.21 19.70 22.70
N ARG G 4042 9.07 18.54 22.07
CA ARG G 4042 8.64 17.36 22.81
C ARG G 4042 9.69 16.95 23.83
N GLN G 4043 10.97 17.12 23.49
CA GLN G 4043 12.03 16.81 24.46
C GLN G 4043 11.96 17.73 25.67
N MET G 4044 11.68 19.01 25.47
CA MET G 4044 11.61 19.87 26.64
C MET G 4044 10.31 19.67 27.41
N VAL G 4045 9.26 19.20 26.76
CA VAL G 4045 8.07 18.85 27.52
C VAL G 4045 8.38 17.65 28.40
N ASP G 4046 9.14 16.70 27.86
CA ASP G 4046 9.62 15.57 28.68
C ASP G 4046 10.50 16.06 29.81
N MET G 4047 11.38 17.01 29.52
CA MET G 4047 12.13 17.72 30.57
C MET G 4047 11.20 18.15 31.69
N LEU G 4048 10.27 19.04 31.37
CA LEU G 4048 9.49 19.68 32.42
C LEU G 4048 8.68 18.67 33.19
N VAL G 4049 8.26 17.58 32.55
CA VAL G 4049 7.67 16.50 33.31
C VAL G 4049 8.66 15.92 34.29
N GLU G 4050 9.89 15.68 33.85
CA GLU G 4050 10.91 15.11 34.73
C GLU G 4050 11.29 16.05 35.87
N SER G 4051 11.22 17.36 35.66
CA SER G 4051 11.54 18.34 36.70
C SER G 4051 10.29 18.94 37.31
N SER G 4052 9.26 18.10 37.50
CA SER G 4052 7.94 18.62 37.83
C SER G 4052 7.93 19.32 39.17
N SER G 4053 8.56 18.72 40.19
CA SER G 4053 8.55 19.32 41.51
C SER G 4053 9.17 20.70 41.49
N ASN G 4054 10.34 20.83 40.87
CA ASN G 4054 11.08 22.08 40.89
C ASN G 4054 10.35 23.15 40.08
N VAL G 4055 9.80 22.78 38.92
CA VAL G 4055 9.06 23.74 38.11
C VAL G 4055 7.83 24.22 38.86
N GLU G 4056 7.14 23.31 39.55
CA GLU G 4056 6.00 23.72 40.35
C GLU G 4056 6.43 24.67 41.46
N MET G 4057 7.59 24.43 42.07
CA MET G 4057 8.07 25.36 43.10
C MET G 4057 8.26 26.75 42.53
N ILE G 4058 8.85 26.84 41.35
CA ILE G 4058 9.13 28.14 40.75
C ILE G 4058 7.84 28.86 40.41
N LEU G 4059 6.92 28.17 39.75
CA LEU G 4059 5.67 28.78 39.34
C LEU G 4059 4.86 29.23 40.55
N LYS G 4060 4.81 28.41 41.59
CA LYS G 4060 4.02 28.76 42.76
C LYS G 4060 4.71 29.80 43.63
N PHE G 4061 6.03 29.96 43.50
CA PHE G 4061 6.68 31.13 44.08
C PHE G 4061 6.18 32.41 43.42
N PHE G 4062 6.23 32.45 42.09
CA PHE G 4062 5.76 33.63 41.39
C PHE G 4062 4.29 33.89 41.70
N ASP G 4063 3.49 32.82 41.74
CA ASP G 4063 2.08 32.97 42.07
C ASP G 4063 1.89 33.53 43.47
N MET G 4064 2.67 33.04 44.44
CA MET G 4064 2.56 33.55 45.80
C MET G 4064 2.70 35.05 45.83
N PHE G 4065 3.76 35.57 45.23
CA PHE G 4065 3.99 37.00 45.39
C PHE G 4065 3.10 37.84 44.49
N LEU G 4066 2.74 37.34 43.30
CA LEU G 4066 1.82 38.09 42.46
C LEU G 4066 0.43 38.21 43.09
N LYS G 4067 -0.04 37.15 43.75
CA LYS G 4067 -1.27 37.25 44.51
C LYS G 4067 -1.11 38.12 45.74
N LEU G 4068 0.07 38.07 46.35
CA LEU G 4068 0.33 38.81 47.57
C LEU G 4068 0.21 40.30 47.36
N LYS G 4069 0.74 40.82 46.25
CA LYS G 4069 0.62 42.25 45.98
C LYS G 4069 -0.83 42.67 45.93
N ASP G 4070 -1.66 41.86 45.26
CA ASP G 4070 -3.08 42.18 45.14
C ASP G 4070 -3.76 42.18 46.50
N ILE G 4071 -3.44 41.19 47.34
CA ILE G 4071 -4.02 41.16 48.69
C ILE G 4071 -3.61 42.40 49.46
N VAL G 4072 -2.34 42.78 49.37
CA VAL G 4072 -1.88 43.99 50.01
C VAL G 4072 -2.68 45.19 49.54
N GLY G 4073 -3.16 45.18 48.30
CA GLY G 4073 -4.06 46.22 47.84
C GLY G 4073 -5.52 46.03 48.20
N SER G 4074 -5.92 44.85 48.68
CA SER G 4074 -7.32 44.56 48.89
C SER G 4074 -7.86 45.32 50.10
N GLU G 4075 -9.16 45.60 50.07
CA GLU G 4075 -9.78 46.38 51.13
C GLU G 4075 -9.79 45.62 52.45
N ALA G 4076 -10.00 44.31 52.40
CA ALA G 4076 -10.04 43.51 53.62
C ALA G 4076 -8.73 43.63 54.39
N PHE G 4077 -7.62 43.61 53.67
CA PHE G 4077 -6.33 43.80 54.34
C PHE G 4077 -6.25 45.16 55.01
N GLN G 4078 -6.68 46.22 54.33
CA GLN G 4078 -6.57 47.55 54.89
C GLN G 4078 -7.59 47.84 55.98
N ASP G 4079 -8.60 47.00 56.16
CA ASP G 4079 -9.37 47.11 57.38
C ASP G 4079 -8.97 46.05 58.40
N TYR G 4080 -7.95 45.24 58.09
CA TYR G 4080 -7.35 44.41 59.13
C TYR G 4080 -6.17 45.12 59.78
N VAL G 4081 -5.57 46.08 59.09
CA VAL G 4081 -4.43 46.81 59.66
C VAL G 4081 -4.91 47.76 60.73
N THR G 4082 -4.09 47.93 61.76
CA THR G 4082 -4.43 48.78 62.90
C THR G 4082 -3.45 49.91 63.12
N ASP G 4083 -2.15 49.62 63.10
CA ASP G 4083 -1.15 50.62 63.43
C ASP G 4083 -1.18 51.76 62.40
N PRO G 4084 -1.27 53.01 62.84
CA PRO G 4084 -1.12 54.12 61.89
C PRO G 4084 0.23 54.17 61.21
N ARG G 4085 1.24 53.50 61.76
CA ARG G 4085 2.56 53.46 61.13
C ARG G 4085 2.57 52.61 59.87
N GLY G 4086 1.43 52.10 59.41
CA GLY G 4086 1.41 51.26 58.23
C GLY G 4086 2.11 49.95 58.41
N LEU G 4087 2.05 49.36 59.59
CA LEU G 4087 2.66 48.07 59.87
C LEU G 4087 1.61 47.14 60.43
N ILE G 4088 1.77 45.85 60.17
CA ILE G 4088 0.80 44.84 60.57
C ILE G 4088 1.52 43.78 61.39
N SER G 4089 0.91 43.38 62.51
CA SER G 4089 1.50 42.34 63.33
C SER G 4089 1.51 41.02 62.58
N LYS G 4090 2.46 40.15 62.93
CA LYS G 4090 2.57 38.87 62.26
C LYS G 4090 1.30 38.05 62.43
N LYS G 4091 0.72 38.06 63.62
CA LYS G 4091 -0.54 37.34 63.82
C LYS G 4091 -1.66 37.98 63.01
N ASP G 4092 -1.75 39.31 63.03
CA ASP G 4092 -2.76 40.00 62.23
C ASP G 4092 -2.57 39.70 60.75
N PHE G 4093 -1.33 39.74 60.27
CA PHE G 4093 -1.04 39.34 58.89
C PHE G 4093 -1.49 37.91 58.63
N GLN G 4094 -1.24 37.02 59.58
CA GLN G 4094 -1.60 35.62 59.40
C GLN G 4094 -3.10 35.45 59.24
N LYS G 4095 -3.87 36.03 60.14
CA LYS G 4095 -5.31 35.88 60.05
C LYS G 4095 -5.90 36.63 58.87
N ALA G 4096 -5.21 37.66 58.39
CA ALA G 4096 -5.58 38.25 57.10
C ALA G 4096 -5.41 37.25 55.97
N MET G 4097 -4.27 36.56 55.91
CA MET G 4097 -4.05 35.51 54.93
C MET G 4097 -5.05 34.38 55.02
N ASP G 4098 -5.49 34.01 56.22
CA ASP G 4098 -6.53 33.00 56.34
C ASP G 4098 -7.85 33.52 55.78
N SER G 4099 -8.24 34.73 56.19
CA SER G 4099 -9.57 35.22 55.82
C SER G 4099 -9.70 35.47 54.33
N GLN G 4100 -8.59 35.62 53.62
CA GLN G 4100 -8.68 35.86 52.19
C GLN G 4100 -8.93 34.56 51.42
N LYS G 4101 -8.91 33.43 52.10
CA LYS G 4101 -9.32 32.15 51.54
C LYS G 4101 -8.42 31.75 50.38
N GLN G 4102 -7.24 32.36 50.31
CA GLN G 4102 -6.47 32.37 49.07
C GLN G 4102 -5.24 31.47 49.15
N PHE G 4103 -4.38 31.69 50.15
CA PHE G 4103 -3.25 30.82 50.36
C PHE G 4103 -3.60 29.67 51.27
N THR G 4104 -2.78 28.62 51.21
CA THR G 4104 -2.88 27.51 52.16
C THR G 4104 -2.04 27.82 53.39
N GLY G 4105 -2.11 26.93 54.38
CA GLY G 4105 -1.44 27.13 55.64
C GLY G 4105 0.07 27.23 55.54
N PRO G 4106 0.71 26.18 55.02
CA PRO G 4106 2.19 26.20 54.94
C PRO G 4106 2.75 27.37 54.16
N GLU G 4107 2.10 27.78 53.07
CA GLU G 4107 2.61 28.92 52.32
C GLU G 4107 2.35 30.23 53.06
N ILE G 4108 1.32 30.28 53.90
CA ILE G 4108 1.17 31.42 54.79
C ILE G 4108 2.34 31.48 55.76
N GLN G 4109 2.74 30.33 56.30
CA GLN G 4109 3.92 30.29 57.15
C GLN G 4109 5.17 30.73 56.38
N PHE G 4110 5.29 30.30 55.13
CA PHE G 4110 6.43 30.72 54.33
C PHE G 4110 6.45 32.23 54.14
N LEU G 4111 5.29 32.83 53.86
CA LEU G 4111 5.23 34.27 53.71
C LEU G 4111 5.60 34.97 55.01
N LEU G 4112 5.15 34.43 56.14
CA LEU G 4112 5.55 35.00 57.42
C LEU G 4112 7.05 34.91 57.62
N SER G 4113 7.66 33.80 57.22
CA SER G 4113 9.10 33.66 57.34
C SER G 4113 9.82 34.69 56.47
N CYS G 4114 9.34 34.88 55.24
CA CYS G 4114 9.93 35.89 54.37
C CYS G 4114 9.68 37.30 54.89
N SER G 4115 8.78 37.46 55.84
CA SER G 4115 8.48 38.80 56.36
C SER G 4115 9.66 39.37 57.09
N GLU G 4116 10.08 40.56 56.69
CA GLU G 4116 11.20 41.23 57.33
C GLU G 4116 10.70 41.84 58.64
N ALA G 4117 10.28 40.95 59.53
CA ALA G 4117 9.69 41.37 60.79
C ALA G 4117 10.78 41.92 61.71
N ASP G 4118 10.38 42.88 62.52
CA ASP G 4118 11.23 43.41 63.57
C ASP G 4118 11.12 42.51 64.80
N GLU G 4119 11.83 42.87 65.85
CA GLU G 4119 11.72 42.10 67.09
C GLU G 4119 10.33 42.25 67.69
N ASN G 4120 9.67 43.38 67.43
CA ASN G 4120 8.29 43.58 67.85
C ASN G 4120 7.31 42.81 66.98
N GLU G 4121 7.80 42.13 65.95
CA GLU G 4121 6.98 41.32 65.03
C GLU G 4121 5.98 42.16 64.26
N MET G 4122 6.44 43.26 63.65
CA MET G 4122 5.57 44.12 62.88
C MET G 4122 6.12 44.26 61.46
N ILE G 4123 5.30 43.92 60.47
CA ILE G 4123 5.71 43.79 59.09
C ILE G 4123 5.27 45.02 58.32
N ASN G 4124 6.16 45.55 57.49
CA ASN G 4124 5.82 46.64 56.58
C ASN G 4124 5.25 46.02 55.31
N PHE G 4125 3.93 46.04 55.18
CA PHE G 4125 3.28 45.26 54.13
C PHE G 4125 3.60 45.78 52.74
N GLU G 4126 3.83 47.09 52.59
CA GLU G 4126 4.20 47.61 51.28
C GLU G 4126 5.58 47.12 50.86
N GLU G 4127 6.55 47.18 51.78
CA GLU G 4127 7.90 46.73 51.47
C GLU G 4127 7.93 45.24 51.17
N PHE G 4128 7.23 44.45 51.98
CA PHE G 4128 7.15 43.02 51.73
C PHE G 4128 6.40 42.72 50.44
N ALA G 4129 5.43 43.56 50.09
CA ALA G 4129 4.76 43.37 48.82
C ALA G 4129 5.70 43.61 47.65
N ASN G 4130 6.64 44.54 47.80
CA ASN G 4130 7.40 45.03 46.66
C ASN G 4130 8.86 44.59 46.62
N ARG G 4131 9.33 43.81 47.59
CA ARG G 4131 10.75 43.43 47.54
C ARG G 4131 11.03 42.57 46.32
N PHE G 4132 10.18 41.58 46.06
CA PHE G 4132 10.40 40.66 44.95
C PHE G 4132 9.65 41.12 43.72
N GLN G 4133 9.22 42.37 43.70
CA GLN G 4133 8.28 42.87 42.69
C GLN G 4133 8.99 43.05 41.36
N GLU G 4134 10.10 43.79 41.36
CA GLU G 4134 10.88 43.99 40.13
C GLU G 4134 11.81 42.82 39.81
N PRO G 4135 12.58 42.26 40.75
CA PRO G 4135 13.56 41.24 40.35
C PRO G 4135 12.98 40.05 39.61
N ALA G 4136 11.73 39.70 39.86
CA ALA G 4136 11.14 38.52 39.27
C ALA G 4136 10.37 38.80 37.98
N ARG G 4137 10.28 40.05 37.56
CA ARG G 4137 9.44 40.37 36.41
C ARG G 4137 9.99 39.77 35.13
N ASP G 4138 11.28 39.93 34.88
CA ASP G 4138 11.86 39.44 33.63
C ASP G 4138 11.83 37.91 33.57
N ILE G 4139 12.18 37.25 34.66
CA ILE G 4139 12.17 35.80 34.66
C ILE G 4139 10.76 35.27 34.54
N GLY G 4140 9.81 35.94 35.17
CA GLY G 4140 8.41 35.55 35.01
C GLY G 4140 7.96 35.66 33.57
N PHE G 4141 8.34 36.76 32.91
CA PHE G 4141 7.94 36.93 31.52
C PHE G 4141 8.56 35.86 30.64
N ASN G 4142 9.82 35.52 30.89
CA ASN G 4142 10.47 34.49 30.11
C ASN G 4142 9.82 33.13 30.33
N VAL G 4143 9.44 32.82 31.56
CA VAL G 4143 8.74 31.56 31.82
C VAL G 4143 7.39 31.55 31.12
N ALA G 4144 6.68 32.69 31.13
CA ALA G 4144 5.41 32.77 30.44
C ALA G 4144 5.59 32.54 28.95
N VAL G 4145 6.62 33.14 28.37
CA VAL G 4145 6.89 32.96 26.95
C VAL G 4145 7.22 31.50 26.65
N LEU G 4146 8.03 30.88 27.52
CA LEU G 4146 8.40 29.49 27.30
C LEU G 4146 7.18 28.58 27.32
N LEU G 4147 6.33 28.75 28.33
CA LEU G 4147 5.14 27.92 28.43
C LEU G 4147 4.19 28.15 27.27
N THR G 4148 3.96 29.40 26.88
CA THR G 4148 3.11 29.68 25.74
C THR G 4148 3.67 29.10 24.46
N ASN G 4149 4.97 29.21 24.23
CA ASN G 4149 5.58 28.68 23.02
C ASN G 4149 5.44 27.17 22.96
N LEU G 4150 5.69 26.49 24.07
CA LEU G 4150 5.52 25.03 24.10
C LEU G 4150 4.06 24.64 23.89
N SER G 4151 3.14 25.39 24.50
CA SER G 4151 1.73 25.07 24.34
C SER G 4151 1.32 25.19 22.88
N GLU G 4152 1.75 26.25 22.21
CA GLU G 4152 1.32 26.47 20.84
C GLU G 4152 2.03 25.52 19.87
N HIS G 4153 3.23 25.07 20.20
CA HIS G 4153 3.94 24.18 19.29
C HIS G 4153 3.75 22.71 19.62
N VAL G 4154 3.29 22.40 20.82
CA VAL G 4154 2.87 21.04 21.15
C VAL G 4154 1.44 21.17 21.68
N PRO G 4155 0.46 21.30 20.82
CA PRO G 4155 -0.90 21.56 21.28
C PRO G 4155 -1.51 20.39 22.04
N HIS G 4156 -1.43 19.21 21.47
CA HIS G 4156 -2.07 18.03 22.04
C HIS G 4156 -1.06 17.32 22.93
N ASP G 4157 -1.01 17.75 24.19
CA ASP G 4157 -0.14 17.13 25.18
C ASP G 4157 -0.83 17.14 26.54
N PRO G 4158 -1.15 15.97 27.11
CA PRO G 4158 -1.80 15.93 28.43
C PRO G 4158 -0.98 16.58 29.52
N ARG G 4159 0.36 16.54 29.39
CA ARG G 4159 1.26 16.79 30.50
C ARG G 4159 1.69 18.23 30.66
N LEU G 4160 1.73 19.03 29.59
CA LEU G 4160 2.13 20.42 29.71
C LEU G 4160 1.03 21.30 30.29
N ARG G 4161 -0.22 21.04 29.92
CA ARG G 4161 -1.32 21.92 30.32
C ARG G 4161 -1.52 21.89 31.83
N ASN G 4162 -1.03 20.84 32.49
CA ASN G 4162 -0.91 20.86 33.94
C ASN G 4162 -0.11 22.07 34.41
N PHE G 4163 1.08 22.24 33.84
CA PHE G 4163 1.92 23.38 34.20
C PHE G 4163 1.23 24.68 33.84
N LEU G 4164 0.53 24.71 32.71
CA LEU G 4164 -0.19 25.93 32.35
C LEU G 4164 -1.24 26.28 33.39
N GLU G 4165 -1.95 25.27 33.91
CA GLU G 4165 -2.92 25.52 34.96
C GLU G 4165 -2.27 26.07 36.22
N LEU G 4166 -1.12 25.51 36.61
CA LEU G 4166 -0.43 26.06 37.77
C LEU G 4166 0.07 27.48 37.53
N ALA G 4167 0.40 27.81 36.28
CA ALA G 4167 0.99 29.11 35.95
C ALA G 4167 -0.05 30.09 35.41
N GLU G 4168 -1.33 29.76 35.56
CA GLU G 4168 -2.39 30.64 35.07
C GLU G 4168 -2.23 32.07 35.58
N SER G 4169 -1.86 32.24 36.85
CA SER G 4169 -1.73 33.58 37.39
C SER G 4169 -0.62 34.36 36.69
N ILE G 4170 0.53 33.70 36.46
CA ILE G 4170 1.63 34.35 35.77
C ILE G 4170 1.22 34.71 34.35
N LEU G 4171 0.56 33.78 33.66
CA LEU G 4171 0.13 34.07 32.29
C LEU G 4171 -0.88 35.21 32.27
N GLU G 4172 -1.74 35.30 33.28
CA GLU G 4172 -2.70 36.40 33.34
C GLU G 4172 -1.99 37.72 33.57
N TYR G 4173 -0.96 37.74 34.41
CA TYR G 4173 -0.30 38.99 34.71
C TYR G 4173 0.58 39.45 33.54
N PHE G 4174 1.18 38.52 32.80
CA PHE G 4174 2.10 38.87 31.74
C PHE G 4174 1.46 38.81 30.36
N ARG G 4175 0.18 38.46 30.31
CA ARG G 4175 -0.62 38.65 29.10
C ARG G 4175 -0.60 40.06 28.53
N PRO G 4176 -0.71 41.15 29.32
CA PRO G 4176 -0.84 42.46 28.68
C PRO G 4176 0.44 42.84 27.97
N TYR G 4177 1.54 42.26 28.44
CA TYR G 4177 2.88 42.64 28.02
C TYR G 4177 3.53 41.60 27.14
N LEU G 4178 2.82 40.52 26.80
CA LEU G 4178 3.35 39.47 25.94
C LEU G 4178 2.71 39.62 24.57
N GLY G 4179 3.50 40.08 23.60
CA GLY G 4179 3.02 40.27 22.25
C GLY G 4179 3.56 39.18 21.35
N ARG G 4180 2.72 38.70 20.46
CA ARG G 4180 3.11 37.68 19.50
C ARG G 4180 2.75 38.14 18.11
N ILE G 4181 3.65 37.90 17.16
CA ILE G 4181 3.42 38.21 15.75
C ILE G 4181 3.92 37.03 14.93
N GLU G 4182 3.31 36.83 13.77
CA GLU G 4182 3.78 35.81 12.85
C GLU G 4182 4.51 36.45 11.69
N ILE G 4183 5.66 35.90 11.33
CA ILE G 4183 6.45 36.38 10.22
C ILE G 4183 6.75 35.22 9.29
N MET G 4184 7.30 35.55 8.13
CA MET G 4184 7.80 34.56 7.18
C MET G 4184 9.31 34.49 7.31
N GLY G 4185 9.79 33.50 8.05
CA GLY G 4185 11.20 33.36 8.30
C GLY G 4185 11.98 32.93 7.07
N ALA G 4186 13.29 32.79 7.25
CA ALA G 4186 14.15 32.40 6.15
C ALA G 4186 13.83 31.02 5.62
N SER G 4187 13.38 30.11 6.47
CA SER G 4187 13.08 28.75 6.07
C SER G 4187 11.80 28.64 5.25
N ARG G 4188 11.22 29.77 4.83
CA ARG G 4188 10.00 29.83 4.03
C ARG G 4188 8.80 29.24 4.75
N ARG G 4189 8.77 29.31 6.07
CA ARG G 4189 7.63 28.89 6.87
C ARG G 4189 7.24 30.01 7.81
N ILE G 4190 5.95 30.15 8.08
CA ILE G 4190 5.50 31.15 9.04
C ILE G 4190 5.90 30.72 10.45
N GLU G 4191 6.55 31.64 11.16
CA GLU G 4191 7.02 31.39 12.51
C GLU G 4191 6.45 32.46 13.43
N ARG G 4192 6.11 32.05 14.65
CA ARG G 4192 5.59 32.96 15.65
C ARG G 4192 6.72 33.50 16.50
N ILE G 4193 6.70 34.80 16.75
CA ILE G 4193 7.67 35.49 17.59
C ILE G 4193 6.96 36.02 18.81
N TYR G 4194 7.48 35.72 19.98
CA TYR G 4194 6.98 36.25 21.24
C TYR G 4194 7.97 37.26 21.79
N PHE G 4195 7.47 38.41 22.20
CA PHE G 4195 8.32 39.48 22.70
C PHE G 4195 7.54 40.25 23.76
N GLU G 4196 8.22 41.24 24.35
CA GLU G 4196 7.67 41.98 25.47
C GLU G 4196 7.21 43.35 25.02
N ILE G 4197 5.96 43.66 25.29
CA ILE G 4197 5.44 45.02 25.10
C ILE G 4197 5.50 45.72 26.44
N SER G 4198 6.25 46.82 26.49
CA SER G 4198 6.42 47.53 27.75
C SER G 4198 5.13 48.21 28.16
N GLU G 4199 5.08 48.64 29.41
CA GLU G 4199 3.89 49.32 29.92
C GLU G 4199 3.72 50.68 29.26
N THR G 4200 4.81 51.43 29.14
CA THR G 4200 4.71 52.77 28.56
C THR G 4200 4.26 52.70 27.11
N ASN G 4201 4.79 51.74 26.35
CA ASN G 4201 4.41 51.64 24.95
C ASN G 4201 2.93 51.33 24.80
N ARG G 4202 2.42 50.40 25.61
CA ARG G 4202 1.00 50.05 25.52
C ARG G 4202 0.13 51.22 25.94
N ALA G 4203 0.52 51.92 27.00
CA ALA G 4203 -0.27 53.06 27.45
C ALA G 4203 -0.28 54.16 26.39
N GLN G 4204 0.86 54.38 25.75
CA GLN G 4204 0.96 55.45 24.77
C GLN G 4204 0.23 55.10 23.49
N TRP G 4205 0.14 53.81 23.16
CA TRP G 4205 -0.54 53.40 21.95
C TRP G 4205 -2.06 53.54 22.07
N GLU G 4206 -2.60 53.37 23.27
CA GLU G 4206 -4.02 53.46 23.48
C GLU G 4206 -4.50 54.88 23.68
N MET G 4207 -3.60 55.85 23.59
CA MET G 4207 -3.94 57.23 23.91
C MET G 4207 -4.82 57.76 22.77
N PRO G 4208 -5.75 58.69 23.05
CA PRO G 4208 -6.76 59.03 22.04
C PRO G 4208 -6.21 59.53 20.72
N GLN G 4209 -5.15 60.33 20.75
CA GLN G 4209 -4.58 60.84 19.50
C GLN G 4209 -4.10 59.72 18.61
N VAL G 4210 -3.34 58.79 19.16
CA VAL G 4210 -2.79 57.70 18.36
C VAL G 4210 -3.92 56.85 17.80
N LYS G 4211 -4.99 56.68 18.55
CA LYS G 4211 -6.11 55.88 18.07
C LYS G 4211 -6.80 56.56 16.89
N GLU G 4212 -6.99 57.87 16.98
CA GLU G 4212 -7.56 58.59 15.85
C GLU G 4212 -6.67 58.50 14.62
N SER G 4213 -5.36 58.64 14.81
CA SER G 4213 -4.44 58.47 13.69
C SER G 4213 -4.52 57.06 13.12
N LYS G 4214 -4.70 56.06 13.98
CA LYS G 4214 -4.85 54.69 13.52
C LYS G 4214 -6.05 54.57 12.58
N ARG G 4215 -7.20 55.09 13.00
CA ARG G 4215 -8.39 54.95 12.16
C ARG G 4215 -8.26 55.72 10.85
N GLN G 4216 -7.64 56.90 10.87
CA GLN G 4216 -7.38 57.56 9.60
C GLN G 4216 -6.46 56.74 8.70
N PHE G 4217 -5.41 56.15 9.26
CA PHE G 4217 -4.53 55.36 8.39
C PHE G 4217 -5.28 54.20 7.79
N ILE G 4218 -6.12 53.53 8.58
CA ILE G 4218 -6.89 52.41 8.05
C ILE G 4218 -7.80 52.87 6.94
N PHE G 4219 -8.47 54.00 7.13
CA PHE G 4219 -9.37 54.50 6.10
C PHE G 4219 -8.60 54.79 4.81
N ASP G 4220 -7.45 55.46 4.94
CA ASP G 4220 -6.67 55.82 3.76
C ASP G 4220 -6.15 54.58 3.04
N VAL G 4221 -5.62 53.61 3.78
CA VAL G 4221 -5.01 52.46 3.14
C VAL G 4221 -6.07 51.57 2.51
N VAL G 4222 -7.28 51.52 3.07
CA VAL G 4222 -8.29 50.65 2.50
C VAL G 4222 -8.95 51.29 1.28
N ASN G 4223 -9.02 52.63 1.24
CA ASN G 4223 -9.48 53.25 -0.01
C ASN G 4223 -8.48 53.01 -1.14
N GLU G 4224 -7.18 53.14 -0.87
CA GLU G 4224 -6.16 52.87 -1.88
C GLU G 4224 -4.79 52.82 -1.21
N GLY G 4225 -3.84 52.17 -1.85
CA GLY G 4225 -2.45 52.24 -1.45
C GLY G 4225 -1.79 50.87 -1.38
N GLY G 4226 -0.46 50.89 -1.39
CA GLY G 4226 0.34 49.70 -1.18
C GLY G 4226 0.47 49.43 0.31
N GLU G 4227 0.02 48.26 0.75
CA GLU G 4227 -0.28 48.06 2.15
C GLU G 4227 0.97 48.06 3.02
N ALA G 4228 1.88 47.12 2.79
CA ALA G 4228 2.95 46.88 3.75
C ALA G 4228 3.83 48.10 3.93
N GLU G 4229 4.22 48.74 2.83
CA GLU G 4229 5.07 49.92 2.94
C GLU G 4229 4.35 51.04 3.66
N LYS G 4230 3.07 51.24 3.37
CA LYS G 4230 2.31 52.28 4.05
C LYS G 4230 2.17 51.99 5.53
N MET G 4231 1.96 50.74 5.94
CA MET G 4231 1.92 50.43 7.36
C MET G 4231 3.22 50.81 7.93
N GLU G 4232 4.32 50.41 7.34
CA GLU G 4232 5.57 50.72 7.96
C GLU G 4232 5.81 52.21 8.05
N LEU G 4233 5.24 53.01 7.18
CA LEU G 4233 5.42 54.43 7.31
C LEU G 4233 4.44 54.95 8.29
N PHE G 4234 3.42 54.19 8.58
CA PHE G 4234 2.50 54.55 9.65
C PHE G 4234 3.11 54.28 11.01
N VAL G 4235 3.82 53.19 11.12
CA VAL G 4235 4.45 52.84 12.35
C VAL G 4235 5.49 53.87 12.63
N SER G 4236 6.34 54.20 11.68
CA SER G 4236 7.42 55.12 11.95
C SER G 4236 6.92 56.48 12.35
N PHE G 4237 5.89 56.96 11.72
CA PHE G 4237 5.34 58.22 12.13
C PHE G 4237 4.78 58.16 13.52
N CYS G 4238 4.10 57.10 13.85
CA CYS G 4238 3.51 56.97 15.15
C CYS G 4238 4.60 56.98 16.19
N GLU G 4239 5.71 56.33 15.92
CA GLU G 4239 6.81 56.28 16.86
C GLU G 4239 7.39 57.65 17.11
N ASP G 4240 7.30 58.56 16.15
CA ASP G 4240 7.77 59.93 16.35
C ASP G 4240 6.72 60.71 17.06
N THR G 4241 5.44 60.42 16.81
CA THR G 4241 4.42 61.12 17.60
C THR G 4241 4.49 60.71 19.05
N ILE G 4242 4.93 59.52 19.32
CA ILE G 4242 5.00 59.06 20.69
C ILE G 4242 6.09 59.89 21.31
N PHE G 4243 7.19 60.13 20.59
CA PHE G 4243 8.28 60.86 21.20
C PHE G 4243 7.81 62.22 21.51
N GLU G 4244 7.11 62.83 20.58
CA GLU G 4244 6.76 64.20 20.80
C GLU G 4244 5.81 64.31 21.96
N MET G 4245 4.86 63.41 22.10
CA MET G 4245 3.92 63.61 23.20
C MET G 4245 4.54 63.28 24.54
N GLN G 4246 5.51 62.35 24.60
CA GLN G 4246 6.21 62.17 25.87
C GLN G 4246 7.04 63.41 26.21
N ILE G 4247 7.65 64.03 25.19
CA ILE G 4247 8.37 65.28 25.43
C ILE G 4247 7.41 66.34 25.94
N ALA G 4248 6.24 66.46 25.30
CA ALA G 4248 5.28 67.50 25.69
C ALA G 4248 4.79 67.30 27.11
N ALA G 4249 4.52 66.04 27.49
CA ALA G 4249 4.02 65.76 28.83
C ALA G 4249 5.13 65.66 29.86
N GLN G 4250 6.39 65.84 29.46
CA GLN G 4250 7.50 65.69 30.39
C GLN G 4250 7.42 66.67 31.54
N ILE G 4251 7.07 67.94 31.27
CA ILE G 4251 7.00 68.92 32.35
C ILE G 4251 5.90 68.54 33.34
N SER G 4252 4.75 68.09 32.84
CA SER G 4252 3.66 67.67 33.70
C SER G 4252 4.00 66.43 34.51
N GLU G 4253 5.07 65.74 34.16
CA GLU G 4253 5.55 64.60 34.92
C GLU G 4253 6.48 65.07 36.02
N PHE G 4540 19.35 85.75 34.57
CA PHE G 4540 20.07 84.82 33.71
C PHE G 4540 19.12 84.17 32.71
N TRP G 4541 19.70 83.57 31.66
CA TRP G 4541 18.88 82.99 30.60
C TRP G 4541 18.50 81.54 30.90
N GLY G 4542 19.20 80.87 31.80
CA GLY G 4542 18.95 79.45 32.02
C GLY G 4542 17.57 79.16 32.61
N GLU G 4543 17.23 79.86 33.70
CA GLU G 4543 15.93 79.63 34.32
C GLU G 4543 14.80 80.07 33.42
N LEU G 4544 15.00 81.15 32.66
CA LEU G 4544 13.98 81.57 31.71
C LEU G 4544 13.82 80.54 30.60
N GLU G 4545 14.90 79.89 30.19
CA GLU G 4545 14.79 78.82 29.21
C GLU G 4545 13.99 77.65 29.76
N VAL G 4546 14.23 77.30 31.03
CA VAL G 4546 13.46 76.22 31.64
C VAL G 4546 11.98 76.57 31.66
N GLN G 4547 11.65 77.78 32.10
CA GLN G 4547 10.26 78.20 32.14
C GLN G 4547 9.67 78.31 30.74
N ARG G 4548 10.48 78.66 29.75
CA ARG G 4548 10.01 78.71 28.37
C ARG G 4548 9.64 77.33 27.87
N VAL G 4549 10.47 76.33 28.16
CA VAL G 4549 10.15 74.97 27.75
C VAL G 4549 8.88 74.51 28.42
N LYS G 4550 8.70 74.86 29.70
CA LYS G 4550 7.48 74.50 30.40
C LYS G 4550 6.26 75.18 29.77
N PHE G 4551 6.37 76.45 29.43
CA PHE G 4551 5.27 77.17 28.81
C PHE G 4551 4.90 76.56 27.47
N LEU G 4552 5.88 76.33 26.61
CA LEU G 4552 5.59 75.77 25.30
C LEU G 4552 5.08 74.35 25.38
N ASN G 4553 5.47 73.59 26.40
CA ASN G 4553 4.93 72.26 26.57
C ASN G 4553 3.51 72.29 27.12
N TYR G 4554 3.19 73.29 27.95
CA TYR G 4554 1.82 73.44 28.42
C TYR G 4554 0.90 73.81 27.27
N LEU G 4555 1.36 74.65 26.34
CA LEU G 4555 0.54 75.00 25.19
C LEU G 4555 0.29 73.76 24.32
N SER G 4556 1.36 73.02 24.03
CA SER G 4556 1.25 71.87 23.15
C SER G 4556 0.35 70.81 23.75
N ARG G 4557 0.42 70.62 25.07
CA ARG G 4557 -0.33 69.56 25.71
C ARG G 4557 -1.83 69.76 25.55
N ASN G 4558 -2.31 70.99 25.71
CA ASN G 4558 -3.72 71.29 25.67
C ASN G 4558 -4.05 72.21 24.50
N PHE G 4559 -3.45 71.93 23.35
CA PHE G 4559 -3.65 72.76 22.16
C PHE G 4559 -5.12 72.80 21.76
N TYR G 4560 -5.80 71.66 21.85
CA TYR G 4560 -7.18 71.59 21.42
C TYR G 4560 -8.09 72.40 22.32
N THR G 4561 -7.81 72.43 23.62
CA THR G 4561 -8.57 73.30 24.50
C THR G 4561 -8.41 74.75 24.09
N LEU G 4562 -7.22 75.14 23.64
CA LEU G 4562 -7.03 76.49 23.14
C LEU G 4562 -7.84 76.74 21.88
N ARG G 4563 -7.82 75.79 20.94
CA ARG G 4563 -8.62 75.90 19.72
C ARG G 4563 -10.11 75.94 20.01
N PHE G 4564 -10.53 75.41 21.15
CA PHE G 4564 -11.92 75.31 21.55
C PHE G 4564 -12.35 76.60 22.24
N LEU G 4565 -11.50 77.11 23.13
CA LEU G 4565 -11.76 78.39 23.78
C LEU G 4565 -11.76 79.53 22.76
N ALA G 4566 -10.91 79.45 21.74
CA ALA G 4566 -10.89 80.50 20.72
C ALA G 4566 -12.23 80.58 20.01
N LEU G 4567 -12.82 79.43 19.69
CA LEU G 4567 -14.15 79.40 19.10
C LEU G 4567 -15.20 79.96 20.05
N PHE G 4568 -15.08 79.62 21.34
CA PHE G 4568 -16.04 80.16 22.31
C PHE G 4568 -15.97 81.68 22.29
N LEU G 4569 -14.75 82.22 22.30
CA LEU G 4569 -14.56 83.67 22.29
C LEU G 4569 -15.13 84.30 21.03
N ALA G 4570 -15.00 83.63 19.90
CA ALA G 4570 -15.57 84.14 18.66
C ALA G 4570 -17.09 84.27 18.75
N PHE G 4571 -17.74 83.27 19.31
CA PHE G 4571 -19.19 83.38 19.51
C PHE G 4571 -19.51 84.50 20.49
N ALA G 4572 -18.74 84.60 21.57
CA ALA G 4572 -19.04 85.61 22.58
C ALA G 4572 -18.97 87.01 21.97
N ILE G 4573 -17.89 87.28 21.22
CA ILE G 4573 -17.72 88.57 20.59
C ILE G 4573 -18.83 88.83 19.58
N ASN G 4574 -19.13 87.85 18.73
CA ASN G 4574 -20.15 88.03 17.73
C ASN G 4574 -21.54 88.15 18.33
N PHE G 4575 -21.74 87.63 19.53
CA PHE G 4575 -22.97 87.91 20.24
C PHE G 4575 -22.99 89.34 20.75
N ILE G 4576 -21.85 89.81 21.26
CA ILE G 4576 -21.69 91.22 21.58
C ILE G 4576 -21.89 92.06 20.33
N LEU G 4577 -21.39 91.59 19.18
CA LEU G 4577 -21.49 92.34 17.94
C LEU G 4577 -22.92 92.49 17.44
N LEU G 4578 -23.87 91.72 17.96
CA LEU G 4578 -25.23 91.84 17.46
C LEU G 4578 -25.87 93.15 17.88
N PHE G 4579 -25.40 93.76 18.97
CA PHE G 4579 -26.08 94.91 19.57
C PHE G 4579 -25.49 96.22 19.06
N TYR G 4580 -25.32 96.33 17.75
CA TYR G 4580 -24.88 97.59 17.17
C TYR G 4580 -26.03 98.40 16.62
N LYS G 4581 -25.75 99.68 16.43
CA LYS G 4581 -26.70 100.63 15.87
C LYS G 4581 -25.92 101.68 15.11
N VAL G 4582 -26.47 102.14 14.00
CA VAL G 4582 -25.83 103.14 13.17
C VAL G 4582 -26.73 104.37 13.16
N SER G 4583 -26.19 105.51 13.58
CA SER G 4583 -26.98 106.72 13.72
C SER G 4583 -26.11 107.93 13.47
N ASP G 4584 -26.71 108.96 12.87
CA ASP G 4584 -25.97 110.17 12.53
C ASP G 4584 -25.46 110.89 13.76
N SER G 4585 -26.27 110.98 14.80
CA SER G 4585 -25.89 111.69 16.01
C SER G 4585 -24.89 110.88 16.81
N PRO G 4586 -23.72 111.43 17.14
CA PRO G 4586 -22.78 110.73 17.99
C PRO G 4586 -23.42 110.35 19.31
N PRO G 4587 -23.07 109.19 19.87
CA PRO G 4587 -23.61 108.77 21.17
C PRO G 4587 -23.07 109.63 22.31
N MET G 4627 -20.98 111.80 7.57
CA MET G 4627 -20.59 110.64 8.36
C MET G 4627 -21.62 110.24 9.40
N VAL G 4628 -21.38 109.08 10.00
CA VAL G 4628 -22.35 108.39 10.85
C VAL G 4628 -21.54 107.51 11.79
N TYR G 4629 -22.07 107.21 12.97
CA TYR G 4629 -21.28 106.56 14.01
C TYR G 4629 -21.91 105.24 14.42
N TYR G 4630 -21.09 104.21 14.52
CA TYR G 4630 -21.52 102.90 15.00
C TYR G 4630 -21.26 102.82 16.49
N PHE G 4631 -22.28 102.39 17.24
CA PHE G 4631 -22.15 102.29 18.68
C PHE G 4631 -23.12 101.25 19.19
N LEU G 4632 -22.77 100.62 20.31
CA LEU G 4632 -23.64 99.60 20.89
C LEU G 4632 -24.81 100.26 21.60
N GLU G 4633 -25.95 99.57 21.60
CA GLU G 4633 -27.11 99.99 22.37
C GLU G 4633 -27.40 98.90 23.39
N GLU G 4634 -27.45 99.29 24.66
CA GLU G 4634 -27.65 98.33 25.75
C GLU G 4634 -27.99 99.10 27.02
N SER G 4635 -28.61 98.40 27.96
CA SER G 4635 -28.93 99.02 29.25
C SER G 4635 -27.81 98.84 30.27
N THR G 4636 -26.94 97.85 30.07
CA THR G 4636 -25.95 97.52 31.09
C THR G 4636 -24.90 98.61 31.21
N GLY G 4637 -24.22 98.90 30.10
CA GLY G 4637 -23.13 99.86 30.09
C GLY G 4637 -21.79 99.24 29.81
N TYR G 4638 -21.45 98.15 30.48
CA TYR G 4638 -20.27 97.40 30.07
C TYR G 4638 -20.60 96.21 29.17
N MET G 4639 -21.34 96.44 28.08
CA MET G 4639 -21.15 95.64 26.88
C MET G 4639 -19.81 95.97 26.26
N GLU G 4640 -19.50 97.26 26.18
CA GLU G 4640 -18.34 97.71 25.43
C GLU G 4640 -17.01 97.30 26.05
N PRO G 4641 -16.75 97.54 27.34
CA PRO G 4641 -15.49 97.01 27.92
C PRO G 4641 -15.38 95.51 27.83
N ALA G 4642 -16.49 94.79 27.91
CA ALA G 4642 -16.46 93.35 27.70
C ALA G 4642 -15.96 93.02 26.31
N LEU G 4643 -16.45 93.75 25.30
CA LEU G 4643 -15.97 93.55 23.95
C LEU G 4643 -14.48 93.86 23.84
N TRP G 4644 -14.04 94.94 24.47
CA TRP G 4644 -12.63 95.32 24.39
C TRP G 4644 -11.72 94.27 25.03
N CYS G 4645 -12.10 93.74 26.20
CA CYS G 4645 -11.32 92.69 26.81
C CYS G 4645 -11.32 91.42 25.96
N LEU G 4646 -12.49 91.07 25.42
CA LEU G 4646 -12.59 89.83 24.66
C LEU G 4646 -11.80 89.90 23.36
N SER G 4647 -11.71 91.09 22.75
CA SER G 4647 -10.91 91.21 21.53
C SER G 4647 -9.44 90.89 21.80
N LEU G 4648 -8.88 91.50 22.84
CA LEU G 4648 -7.48 91.23 23.17
C LEU G 4648 -7.28 89.78 23.56
N LEU G 4649 -8.21 89.22 24.35
CA LEU G 4649 -8.05 87.85 24.80
C LEU G 4649 -8.13 86.88 23.62
N HIS G 4650 -9.03 87.13 22.68
CA HIS G 4650 -9.12 86.28 21.50
C HIS G 4650 -7.85 86.36 20.67
N THR G 4651 -7.31 87.56 20.50
CA THR G 4651 -6.06 87.70 19.77
C THR G 4651 -4.94 86.94 20.45
N LEU G 4652 -4.86 87.04 21.77
CA LEU G 4652 -3.85 86.29 22.51
C LEU G 4652 -4.01 84.79 22.31
N VAL G 4653 -5.25 84.30 22.36
CA VAL G 4653 -5.49 82.87 22.22
C VAL G 4653 -5.08 82.40 20.83
N ALA G 4654 -5.37 83.20 19.81
CA ALA G 4654 -4.97 82.84 18.45
C ALA G 4654 -3.46 82.74 18.33
N PHE G 4655 -2.74 83.71 18.91
CA PHE G 4655 -1.28 83.65 18.85
C PHE G 4655 -0.77 82.42 19.60
N LEU G 4656 -1.34 82.13 20.76
CA LEU G 4656 -0.94 80.95 21.52
C LEU G 4656 -1.20 79.67 20.75
N CYS G 4657 -2.31 79.60 20.00
CA CYS G 4657 -2.59 78.43 19.18
C CYS G 4657 -1.54 78.27 18.08
N ILE G 4658 -1.09 79.38 17.50
CA ILE G 4658 -0.04 79.30 16.50
C ILE G 4658 1.22 78.71 17.09
N ILE G 4659 1.61 79.16 18.29
CA ILE G 4659 2.75 78.57 18.96
C ILE G 4659 2.53 77.10 19.26
N GLY G 4660 1.34 76.73 19.72
CA GLY G 4660 1.05 75.33 19.99
C GLY G 4660 1.20 74.46 18.75
N TYR G 4661 0.74 74.98 17.61
CA TYR G 4661 0.91 74.24 16.36
C TYR G 4661 2.37 74.11 15.99
N ASN G 4662 3.16 75.15 16.18
CA ASN G 4662 4.58 75.06 15.88
C ASN G 4662 5.31 74.04 16.74
N CYS G 4663 4.77 73.67 17.90
CA CYS G 4663 5.45 72.78 18.81
C CYS G 4663 4.79 71.42 18.97
N LEU G 4664 3.65 71.19 18.32
CA LEU G 4664 2.97 69.90 18.44
C LEU G 4664 2.89 69.18 17.11
N LYS G 4665 2.41 69.82 16.05
CA LYS G 4665 2.17 69.14 14.79
C LYS G 4665 3.21 69.42 13.72
N VAL G 4666 3.84 70.60 13.75
CA VAL G 4666 4.85 70.92 12.74
C VAL G 4666 6.00 69.92 12.74
N PRO G 4667 6.55 69.50 13.88
CA PRO G 4667 7.66 68.54 13.82
C PRO G 4667 7.32 67.27 13.06
N LEU G 4668 6.08 66.81 13.14
CA LEU G 4668 5.69 65.64 12.36
C LEU G 4668 5.76 65.92 10.86
N VAL G 4669 5.32 67.11 10.44
CA VAL G 4669 5.35 67.45 9.02
C VAL G 4669 6.79 67.50 8.52
N ILE G 4670 7.67 68.14 9.26
CA ILE G 4670 9.03 68.22 8.80
C ILE G 4670 9.63 66.82 8.77
N PHE G 4671 9.20 65.94 9.65
CA PHE G 4671 9.66 64.55 9.63
C PHE G 4671 9.20 63.85 8.41
N LYS G 4672 8.00 64.11 7.96
CA LYS G 4672 7.48 63.34 6.87
C LYS G 4672 8.02 63.86 5.61
N ARG G 4673 8.61 65.04 5.59
CA ARG G 4673 9.30 65.47 4.38
C ARG G 4673 10.77 65.07 4.41
N GLU G 4674 11.42 65.18 5.57
CA GLU G 4674 12.80 64.71 5.65
C GLU G 4674 12.88 63.21 5.36
N LYS G 4675 11.93 62.45 5.87
CA LYS G 4675 11.91 61.01 5.65
C LYS G 4675 11.78 60.69 4.17
N GLU G 4676 10.76 61.27 3.53
CA GLU G 4676 10.51 60.94 2.13
C GLU G 4676 11.68 61.38 1.26
N LEU G 4677 12.30 62.53 1.57
CA LEU G 4677 13.41 62.96 0.75
C LEU G 4677 14.61 62.06 0.91
N ALA G 4678 14.81 61.53 2.10
CA ALA G 4678 15.99 60.73 2.24
C ALA G 4678 15.83 59.43 1.55
N ARG G 4679 14.61 58.95 1.40
CA ARG G 4679 14.41 57.75 0.62
C ARG G 4679 14.57 58.02 -0.85
N LYS G 4680 13.99 59.12 -1.30
CA LYS G 4680 14.05 59.45 -2.70
C LYS G 4680 15.49 59.68 -3.03
N LEU G 4681 16.27 60.11 -2.05
CA LEU G 4681 17.68 60.38 -2.31
C LEU G 4681 18.49 59.09 -2.32
N GLU G 4682 18.18 58.17 -1.41
CA GLU G 4682 19.02 56.99 -1.27
C GLU G 4682 18.57 55.87 -2.21
N PHE G 4683 17.29 55.50 -2.16
CA PHE G 4683 16.82 54.33 -2.90
C PHE G 4683 16.47 54.65 -4.35
N ASP G 4684 16.17 55.91 -4.64
CA ASP G 4684 15.80 56.33 -5.98
C ASP G 4684 16.75 57.36 -6.57
N GLY G 4685 17.58 57.98 -5.76
CA GLY G 4685 18.52 58.98 -6.25
C GLY G 4685 17.87 60.12 -7.00
N LEU G 4686 16.91 60.79 -6.37
CA LEU G 4686 16.10 61.76 -7.10
C LEU G 4686 16.94 62.95 -7.55
N TYR G 4687 18.03 63.23 -6.86
CA TYR G 4687 18.92 64.31 -7.28
C TYR G 4687 20.27 63.81 -7.77
N ILE G 4688 20.64 62.58 -7.45
CA ILE G 4688 21.92 62.05 -7.94
C ILE G 4688 21.80 61.64 -9.40
N THR G 4689 20.91 60.69 -9.68
CA THR G 4689 20.73 60.18 -11.04
C THR G 4689 19.68 61.00 -11.80
N GLU G 4690 18.45 61.01 -11.29
CA GLU G 4690 17.34 61.71 -11.90
C GLU G 4690 17.36 63.15 -11.40
N GLN G 4691 16.40 63.96 -11.83
CA GLN G 4691 16.30 65.34 -11.35
C GLN G 4691 14.82 65.65 -11.18
N PRO G 4692 14.46 66.55 -10.26
CA PRO G 4692 13.04 66.85 -10.04
C PRO G 4692 12.38 67.30 -11.33
N GLY G 4693 11.12 66.90 -11.50
CA GLY G 4693 10.46 66.94 -12.80
C GLY G 4693 10.26 68.29 -13.43
N ASP G 4694 10.83 69.35 -12.85
CA ASP G 4694 10.79 70.72 -13.34
C ASP G 4694 9.39 71.30 -13.33
N ASP G 4695 8.39 70.54 -12.88
CA ASP G 4695 7.04 71.05 -12.66
C ASP G 4695 6.57 70.83 -11.24
N ASP G 4696 7.31 70.05 -10.45
CA ASP G 4696 6.99 69.81 -9.06
C ASP G 4696 7.75 70.81 -8.20
N VAL G 4697 7.01 71.64 -7.48
CA VAL G 4697 7.65 72.63 -6.63
C VAL G 4697 8.29 71.98 -5.41
N LYS G 4698 7.80 70.79 -5.04
CA LYS G 4698 8.29 70.15 -3.81
C LYS G 4698 9.75 69.75 -3.94
N GLY G 4699 10.10 69.07 -5.04
CA GLY G 4699 11.48 68.66 -5.22
C GLY G 4699 12.43 69.83 -5.34
N GLN G 4700 12.07 70.82 -6.16
CA GLN G 4700 12.93 71.98 -6.34
C GLN G 4700 13.08 72.76 -5.05
N TRP G 4701 12.04 72.85 -4.25
CA TRP G 4701 12.16 73.51 -2.96
C TRP G 4701 13.05 72.71 -2.02
N ASP G 4702 12.90 71.38 -2.02
CA ASP G 4702 13.71 70.54 -1.16
C ASP G 4702 15.16 70.51 -1.57
N ARG G 4703 15.48 71.01 -2.76
CA ARG G 4703 16.89 71.07 -3.15
C ARG G 4703 17.72 71.93 -2.20
N LEU G 4704 17.11 72.92 -1.57
CA LEU G 4704 17.88 73.84 -0.73
C LEU G 4704 18.50 73.12 0.46
N VAL G 4705 17.73 72.24 1.10
CA VAL G 4705 18.10 71.70 2.40
C VAL G 4705 19.21 70.66 2.29
N LEU G 4706 19.46 70.11 1.10
CA LEU G 4706 20.49 69.08 0.95
C LEU G 4706 21.85 69.59 1.38
N ASN G 4707 22.21 70.79 0.95
CA ASN G 4707 23.53 71.32 1.23
C ASN G 4707 23.75 71.58 2.72
N THR G 4708 22.67 71.70 3.49
CA THR G 4708 22.78 72.12 4.88
C THR G 4708 23.40 71.02 5.74
N PRO G 4709 24.17 71.38 6.77
CA PRO G 4709 24.76 70.36 7.63
C PRO G 4709 23.78 69.71 8.58
N SER G 4710 22.62 70.31 8.79
CA SER G 4710 21.62 69.78 9.71
C SER G 4710 20.40 69.28 8.96
N PHE G 4711 20.64 68.57 7.85
CA PHE G 4711 19.52 67.99 7.11
C PHE G 4711 18.68 67.01 7.92
N PRO G 4712 19.18 65.89 8.40
CA PRO G 4712 18.26 65.00 9.10
C PRO G 4712 18.11 65.45 10.56
N SER G 4713 17.33 66.49 10.77
CA SER G 4713 17.15 67.07 12.09
C SER G 4713 16.08 66.39 12.89
N ASN G 4714 15.01 65.96 12.25
CA ASN G 4714 14.00 65.23 12.97
C ASN G 4714 13.95 63.74 12.66
N TYR G 4715 14.39 63.31 11.50
CA TYR G 4715 14.33 61.92 11.11
C TYR G 4715 15.36 61.12 11.84
N TRP G 4716 15.12 59.82 12.02
CA TRP G 4716 16.02 58.99 12.80
C TRP G 4716 17.38 58.86 12.23
N ASP G 4717 17.49 58.71 10.93
CA ASP G 4717 18.79 58.47 10.36
C ASP G 4717 19.52 59.75 10.32
N LYS G 4718 20.66 59.78 10.98
CA LYS G 4718 21.46 60.96 10.96
C LYS G 4718 22.66 60.69 10.10
N PHE G 4719 22.64 59.57 9.40
CA PHE G 4719 23.78 59.19 8.62
C PHE G 4719 23.33 58.92 7.22
N VAL G 4720 22.23 59.52 6.81
CA VAL G 4720 21.70 59.32 5.46
C VAL G 4720 22.68 59.80 4.41
N LYS G 4721 23.32 60.95 4.65
CA LYS G 4721 24.27 61.47 3.68
C LYS G 4721 25.41 60.49 3.44
N ARG G 4722 25.88 59.87 4.50
CA ARG G 4722 27.01 58.95 4.43
C ARG G 4722 26.60 57.61 3.83
N LYS G 4723 25.31 57.37 3.65
CA LYS G 4723 24.86 56.21 2.89
C LYS G 4723 24.64 56.55 1.42
N VAL G 4724 24.12 57.74 1.13
CA VAL G 4724 24.00 58.18 -0.24
C VAL G 4724 25.36 58.23 -0.89
N LEU G 4725 26.37 58.67 -0.14
CA LEU G 4725 27.73 58.67 -0.67
C LEU G 4725 28.18 57.25 -0.97
N ASP G 4726 28.07 56.34 0.00
CA ASP G 4726 28.56 54.99 -0.20
C ASP G 4726 27.78 54.23 -1.25
N LYS G 4727 26.61 54.71 -1.66
CA LYS G 4727 25.84 54.06 -2.71
C LYS G 4727 26.14 54.65 -4.09
N HIS G 4728 26.17 55.97 -4.22
CA HIS G 4728 26.22 56.61 -5.53
C HIS G 4728 27.54 57.29 -5.82
N GLY G 4729 28.50 57.24 -4.89
CA GLY G 4729 29.76 57.95 -5.11
C GLY G 4729 30.56 57.35 -6.26
N ASP G 4730 30.53 56.03 -6.39
CA ASP G 4730 31.27 55.39 -7.47
C ASP G 4730 30.71 55.82 -8.82
N ILE G 4731 29.39 55.82 -8.97
CA ILE G 4731 28.78 56.10 -10.26
C ILE G 4731 28.94 57.57 -10.62
N PHE G 4732 28.74 58.47 -9.65
CA PHE G 4732 28.69 59.89 -9.95
C PHE G 4732 29.77 60.69 -9.22
N GLY G 4733 30.83 60.07 -8.75
CA GLY G 4733 31.92 60.84 -8.19
C GLY G 4733 31.69 61.14 -6.73
N ARG G 4734 32.62 60.72 -5.87
CA ARG G 4734 32.47 60.96 -4.45
C ARG G 4734 32.52 62.45 -4.14
N GLU G 4735 33.40 63.18 -4.82
CA GLU G 4735 33.51 64.61 -4.58
C GLU G 4735 32.22 65.33 -4.96
N ARG G 4736 31.60 64.93 -6.07
CA ARG G 4736 30.36 65.58 -6.49
C ARG G 4736 29.25 65.33 -5.48
N ILE G 4737 29.16 64.11 -4.96
CA ILE G 4737 28.16 63.81 -3.94
C ILE G 4737 28.45 64.61 -2.68
N ALA G 4738 29.74 64.79 -2.36
CA ALA G 4738 30.09 65.59 -1.20
C ALA G 4738 29.61 67.03 -1.36
N GLU G 4739 29.81 67.61 -2.54
CA GLU G 4739 29.33 68.97 -2.76
C GLU G 4739 27.81 69.04 -2.73
N LEU G 4740 27.13 68.07 -3.34
CA LEU G 4740 25.67 68.09 -3.34
C LEU G 4740 25.11 67.95 -1.94
N LEU G 4741 25.75 67.15 -1.10
CA LEU G 4741 25.29 66.92 0.26
C LEU G 4741 26.02 67.79 1.27
N GLY G 4742 26.87 68.70 0.81
CA GLY G 4742 27.55 69.63 1.70
C GLY G 4742 28.56 69.01 2.64
N MET G 4743 28.65 67.69 2.69
CA MET G 4743 29.57 67.04 3.60
C MET G 4743 31.01 67.16 3.09
N ASP G 4744 31.94 67.12 4.02
CA ASP G 4744 33.36 67.22 3.73
C ASP G 4744 33.98 65.84 3.93
N LEU G 4745 34.82 65.42 2.96
CA LEU G 4745 35.32 64.06 2.97
C LEU G 4745 36.33 63.83 4.09
N ALA G 4746 37.25 64.77 4.29
CA ALA G 4746 38.34 64.56 5.24
C ALA G 4746 37.80 64.43 6.66
N SER G 4747 36.98 65.38 7.09
CA SER G 4747 36.45 65.34 8.45
C SER G 4747 35.55 64.13 8.67
N LEU G 4748 34.99 63.58 7.59
CA LEU G 4748 34.18 62.37 7.70
C LEU G 4748 34.99 61.23 8.29
N GLU G 4749 36.18 60.98 7.74
CA GLU G 4749 37.04 59.94 8.29
C GLU G 4749 37.70 60.39 9.58
N ILE G 4750 37.89 61.70 9.76
CA ILE G 4750 38.47 62.20 11.01
C ILE G 4750 37.58 61.82 12.19
N THR G 4751 36.26 61.97 12.02
CA THR G 4751 35.33 61.57 13.09
C THR G 4751 35.37 60.06 13.31
N ALA G 4752 35.75 59.28 12.29
CA ALA G 4752 35.93 57.84 12.49
C ALA G 4752 37.10 57.55 13.42
N HIS G 4753 38.11 58.42 13.42
CA HIS G 4753 39.19 58.38 14.39
C HIS G 4753 38.71 59.04 15.68
N ASN G 4754 39.59 59.12 16.67
CA ASN G 4754 39.30 59.91 17.87
C ASN G 4754 39.01 61.35 17.47
N GLU G 4755 37.93 61.90 18.02
CA GLU G 4755 37.48 63.23 17.66
C GLU G 4755 37.13 64.00 18.93
N ARG G 4756 37.82 65.12 19.14
CA ARG G 4756 37.61 65.95 20.32
C ARG G 4756 36.86 67.22 19.93
N LYS G 4757 35.83 67.54 20.70
CA LYS G 4757 35.07 68.75 20.47
C LYS G 4757 34.99 69.57 21.75
N PRO G 4758 35.09 70.90 21.63
CA PRO G 4758 34.94 71.75 22.82
C PRO G 4758 33.51 72.23 23.00
N ASP G 4759 33.07 72.37 24.25
CA ASP G 4759 31.75 72.92 24.50
C ASP G 4759 31.76 74.42 24.18
N PRO G 4760 30.81 74.90 23.38
CA PRO G 4760 30.80 76.32 23.00
C PRO G 4760 30.55 77.20 24.20
N PRO G 4761 31.06 78.43 24.20
CA PRO G 4761 30.81 79.35 25.31
C PRO G 4761 29.32 79.59 25.49
N PRO G 4762 28.84 79.65 26.73
CA PRO G 4762 27.41 79.92 26.94
C PRO G 4762 27.06 81.37 26.69
N GLY G 4763 26.40 81.64 25.57
CA GLY G 4763 26.01 82.99 25.21
C GLY G 4763 24.90 83.01 24.17
N LEU G 4764 23.96 83.95 24.31
CA LEU G 4764 22.84 84.03 23.38
C LEU G 4764 23.32 84.33 21.96
N LEU G 4765 24.47 84.99 21.84
CA LEU G 4765 25.03 85.26 20.52
C LEU G 4765 25.38 83.96 19.80
N THR G 4766 25.87 82.97 20.55
CA THR G 4766 26.14 81.67 19.94
C THR G 4766 24.86 81.03 19.41
N TRP G 4767 23.77 81.09 20.17
CA TRP G 4767 22.49 80.61 19.64
C TRP G 4767 22.15 81.33 18.35
N LEU G 4768 22.28 82.66 18.36
CA LEU G 4768 21.82 83.46 17.24
C LEU G 4768 22.61 83.15 15.98
N MET G 4769 23.93 83.02 16.09
CA MET G 4769 24.77 82.83 14.91
C MET G 4769 24.85 81.38 14.48
N SER G 4770 24.69 80.43 15.39
CA SER G 4770 24.71 79.02 15.00
C SER G 4770 23.49 78.60 14.18
N ILE G 4771 22.48 79.46 14.05
CA ILE G 4771 21.32 79.15 13.23
C ILE G 4771 21.78 78.91 11.79
N ASP G 4772 21.36 77.78 11.23
CA ASP G 4772 21.60 77.50 9.82
C ASP G 4772 20.49 78.17 9.02
N VAL G 4773 20.83 79.29 8.39
CA VAL G 4773 19.80 80.09 7.73
C VAL G 4773 19.15 79.32 6.59
N LYS G 4774 19.92 78.48 5.89
CA LYS G 4774 19.36 77.75 4.76
C LYS G 4774 18.33 76.72 5.20
N TYR G 4775 18.68 75.91 6.20
CA TYR G 4775 17.74 74.90 6.67
C TYR G 4775 16.50 75.54 7.25
N GLN G 4776 16.67 76.63 8.00
CA GLN G 4776 15.51 77.29 8.59
C GLN G 4776 14.63 77.88 7.50
N ILE G 4777 15.21 78.47 6.47
CA ILE G 4777 14.42 78.98 5.36
C ILE G 4777 13.60 77.87 4.73
N TRP G 4778 14.23 76.71 4.52
CA TRP G 4778 13.50 75.57 3.98
C TRP G 4778 12.39 75.12 4.92
N LYS G 4779 12.70 75.02 6.21
CA LYS G 4779 11.71 74.59 7.19
C LYS G 4779 10.48 75.49 7.17
N PHE G 4780 10.70 76.80 7.16
CA PHE G 4780 9.57 77.74 7.16
C PHE G 4780 8.84 77.75 5.83
N GLY G 4781 9.53 77.48 4.73
CA GLY G 4781 8.85 77.33 3.47
C GLY G 4781 7.89 76.15 3.49
N VAL G 4782 8.35 75.05 4.09
CA VAL G 4782 7.46 73.92 4.32
C VAL G 4782 6.28 74.34 5.20
N ILE G 4783 6.56 75.00 6.32
CA ILE G 4783 5.49 75.31 7.28
C ILE G 4783 4.43 76.20 6.65
N PHE G 4784 4.87 77.26 5.95
CA PHE G 4784 3.91 78.18 5.34
C PHE G 4784 3.21 77.53 4.14
N THR G 4785 3.80 76.48 3.57
CA THR G 4785 3.09 75.68 2.59
C THR G 4785 2.02 74.80 3.23
N ASP G 4786 2.15 74.45 4.50
CA ASP G 4786 1.18 73.58 5.16
C ASP G 4786 -0.19 74.23 5.21
N ASN G 4787 -1.22 73.41 5.01
CA ASN G 4787 -2.59 73.91 4.97
C ASN G 4787 -3.06 74.37 6.34
N SER G 4788 -2.87 73.52 7.35
CA SER G 4788 -3.38 73.86 8.68
C SER G 4788 -2.69 75.09 9.25
N PHE G 4789 -1.39 75.21 9.01
CA PHE G 4789 -0.70 76.41 9.47
C PHE G 4789 -1.19 77.65 8.75
N LEU G 4790 -1.45 77.55 7.44
CA LEU G 4790 -2.01 78.70 6.74
C LEU G 4790 -3.37 79.07 7.31
N TYR G 4791 -4.19 78.07 7.65
CA TYR G 4791 -5.50 78.37 8.23
C TYR G 4791 -5.36 79.07 9.57
N LEU G 4792 -4.44 78.59 10.42
CA LEU G 4792 -4.22 79.27 11.70
C LEU G 4792 -3.63 80.65 11.51
N GLY G 4793 -2.82 80.87 10.48
CA GLY G 4793 -2.30 82.18 10.18
C GLY G 4793 -3.38 83.14 9.75
N TRP G 4794 -4.29 82.67 8.89
CA TRP G 4794 -5.45 83.48 8.52
C TRP G 4794 -6.27 83.84 9.74
N TYR G 4795 -6.43 82.89 10.65
CA TYR G 4795 -7.21 83.11 11.87
C TYR G 4795 -6.57 84.23 12.70
N MET G 4796 -5.24 84.22 12.80
CA MET G 4796 -4.54 85.29 13.50
C MET G 4796 -4.69 86.62 12.75
N VAL G 4797 -4.58 86.60 11.43
CA VAL G 4797 -4.63 87.84 10.67
C VAL G 4797 -5.99 88.50 10.81
N MET G 4798 -7.07 87.71 10.71
CA MET G 4798 -8.40 88.25 10.94
C MET G 4798 -8.55 88.74 12.37
N SER G 4799 -7.97 88.04 13.33
CA SER G 4799 -8.05 88.51 14.71
C SER G 4799 -7.38 89.86 14.88
N LEU G 4800 -6.23 90.07 14.27
CA LEU G 4800 -5.58 91.37 14.33
C LEU G 4800 -6.40 92.44 13.65
N LEU G 4801 -6.91 92.16 12.45
CA LEU G 4801 -7.73 93.14 11.76
C LEU G 4801 -9.03 93.41 12.50
N GLY G 4802 -9.41 92.54 13.43
CA GLY G 4802 -10.58 92.82 14.25
C GLY G 4802 -10.43 94.07 15.08
N HIS G 4803 -9.21 94.51 15.34
CA HIS G 4803 -9.01 95.75 16.06
C HIS G 4803 -9.12 96.97 15.17
N TYR G 4804 -8.87 96.82 13.87
CA TYR G 4804 -9.14 97.91 12.95
C TYR G 4804 -10.63 98.12 12.77
N ASN G 4805 -11.40 97.04 12.77
CA ASN G 4805 -12.86 97.10 12.74
C ASN G 4805 -13.39 95.79 13.28
N ASN G 4806 -14.17 95.86 14.36
CA ASN G 4806 -14.54 94.65 15.08
C ASN G 4806 -15.30 93.65 14.25
N PHE G 4807 -15.92 94.09 13.15
CA PHE G 4807 -16.73 93.18 12.37
C PHE G 4807 -15.91 92.07 11.72
N PHE G 4808 -14.59 92.24 11.61
CA PHE G 4808 -13.78 91.16 11.10
C PHE G 4808 -13.86 89.92 11.98
N PHE G 4809 -14.20 90.08 13.26
CA PHE G 4809 -14.39 88.91 14.10
C PHE G 4809 -15.50 88.01 13.61
N ALA G 4810 -16.38 88.51 12.74
CA ALA G 4810 -17.40 87.66 12.15
C ALA G 4810 -16.78 86.54 11.33
N ALA G 4811 -15.69 86.81 10.60
CA ALA G 4811 -15.05 85.76 9.83
C ALA G 4811 -14.65 84.60 10.73
N HIS G 4812 -14.37 84.90 11.99
CA HIS G 4812 -13.88 83.93 12.94
C HIS G 4812 -14.92 82.87 13.24
N LEU G 4813 -16.17 83.10 12.84
CA LEU G 4813 -17.21 82.12 13.06
C LEU G 4813 -17.05 80.91 12.15
N LEU G 4814 -16.49 81.12 10.95
CA LEU G 4814 -16.34 80.01 10.02
C LEU G 4814 -15.46 78.91 10.59
N ASP G 4815 -14.69 79.21 11.63
CA ASP G 4815 -13.94 78.21 12.36
C ASP G 4815 -14.79 77.02 12.77
N ILE G 4816 -16.09 77.22 13.00
CA ILE G 4816 -16.94 76.11 13.41
C ILE G 4816 -16.91 74.99 12.39
N ALA G 4817 -16.76 75.34 11.12
CA ALA G 4817 -16.70 74.31 10.07
C ALA G 4817 -15.51 73.40 10.30
N MET G 4818 -14.36 73.96 10.65
CA MET G 4818 -13.20 73.14 10.93
C MET G 4818 -13.17 72.67 12.38
N GLY G 4819 -14.09 73.16 13.21
CA GLY G 4819 -14.07 72.79 14.61
C GLY G 4819 -14.72 71.45 14.89
N VAL G 4820 -15.99 71.33 14.53
CA VAL G 4820 -16.79 70.16 14.87
C VAL G 4820 -16.76 69.17 13.73
N LYS G 4821 -16.88 67.88 14.06
CA LYS G 4821 -16.76 66.84 13.05
C LYS G 4821 -17.89 66.90 12.04
N THR G 4822 -19.12 67.11 12.52
CA THR G 4822 -20.29 66.90 11.67
C THR G 4822 -20.34 67.88 10.52
N LEU G 4823 -20.13 69.17 10.80
CA LEU G 4823 -20.07 70.13 9.70
C LEU G 4823 -18.92 69.84 8.77
N ARG G 4824 -17.85 69.22 9.25
CA ARG G 4824 -16.74 68.88 8.37
C ARG G 4824 -17.15 67.77 7.41
N THR G 4825 -17.93 66.80 7.88
CA THR G 4825 -18.50 65.79 6.98
C THR G 4825 -19.47 66.42 5.98
N ILE G 4826 -20.40 67.25 6.49
CA ILE G 4826 -21.43 67.83 5.64
C ILE G 4826 -20.82 68.70 4.57
N LEU G 4827 -19.80 69.48 4.91
CA LEU G 4827 -19.10 70.28 3.92
C LEU G 4827 -18.18 69.44 3.04
N SER G 4828 -17.70 68.31 3.55
CA SER G 4828 -16.96 67.39 2.69
C SER G 4828 -17.83 66.89 1.56
N SER G 4829 -19.15 66.88 1.76
CA SER G 4829 -20.05 66.55 0.66
C SER G 4829 -19.84 67.48 -0.53
N VAL G 4830 -19.90 68.80 -0.29
CA VAL G 4830 -19.71 69.75 -1.38
C VAL G 4830 -18.29 69.68 -1.92
N THR G 4831 -17.30 69.61 -1.02
CA THR G 4831 -15.92 69.64 -1.50
C THR G 4831 -15.56 68.38 -2.27
N HIS G 4832 -16.36 67.32 -2.13
CA HIS G 4832 -16.11 66.11 -2.89
C HIS G 4832 -16.28 66.35 -4.38
N ASN G 4833 -17.35 67.02 -4.77
CA ASN G 4833 -17.68 67.27 -6.17
C ASN G 4833 -17.53 68.74 -6.52
N GLY G 4834 -16.68 69.46 -5.78
CA GLY G 4834 -16.42 70.85 -6.07
C GLY G 4834 -16.07 71.15 -7.51
N LYS G 4835 -15.25 70.31 -8.14
CA LYS G 4835 -14.86 70.56 -9.53
C LYS G 4835 -16.07 70.51 -10.45
N GLN G 4836 -16.92 69.50 -10.29
CA GLN G 4836 -18.12 69.41 -11.12
C GLN G 4836 -19.08 70.55 -10.82
N LEU G 4837 -19.14 70.98 -9.56
CA LEU G 4837 -20.02 72.10 -9.22
C LEU G 4837 -19.56 73.38 -9.91
N VAL G 4838 -18.26 73.65 -9.89
CA VAL G 4838 -17.73 74.85 -10.54
C VAL G 4838 -17.97 74.78 -12.04
N MET G 4839 -17.73 73.61 -12.64
CA MET G 4839 -17.97 73.48 -14.07
C MET G 4839 -19.45 73.59 -14.41
N THR G 4840 -20.33 73.13 -13.53
CA THR G 4840 -21.76 73.28 -13.76
C THR G 4840 -22.15 74.76 -13.74
N VAL G 4841 -21.63 75.52 -12.79
CA VAL G 4841 -21.87 76.96 -12.76
C VAL G 4841 -21.33 77.65 -13.99
N GLY G 4842 -20.18 77.23 -14.50
CA GLY G 4842 -19.66 77.78 -15.74
C GLY G 4842 -20.55 77.47 -16.92
N LEU G 4843 -21.05 76.23 -16.97
CA LEU G 4843 -21.98 75.86 -18.03
C LEU G 4843 -23.24 76.71 -17.97
N LEU G 4844 -23.68 77.03 -16.76
CA LEU G 4844 -24.84 77.91 -16.61
C LEU G 4844 -24.56 79.27 -17.23
N ALA G 4845 -23.36 79.80 -17.01
CA ALA G 4845 -23.00 81.10 -17.60
C ALA G 4845 -23.01 81.02 -19.12
N VAL G 4846 -22.49 79.93 -19.68
CA VAL G 4846 -22.46 79.79 -21.13
C VAL G 4846 -23.88 79.75 -21.69
N VAL G 4847 -24.75 78.94 -21.09
CA VAL G 4847 -26.11 78.80 -21.60
C VAL G 4847 -26.87 80.11 -21.49
N VAL G 4848 -26.74 80.78 -20.34
CA VAL G 4848 -27.40 82.06 -20.17
C VAL G 4848 -26.86 83.07 -21.16
N TYR G 4849 -25.57 82.99 -21.51
CA TYR G 4849 -25.03 83.87 -22.52
C TYR G 4849 -25.67 83.60 -23.88
N LEU G 4850 -25.91 82.34 -24.20
CA LEU G 4850 -26.61 82.04 -25.45
C LEU G 4850 -27.99 82.67 -25.47
N TYR G 4851 -28.72 82.55 -24.37
CA TYR G 4851 -30.03 83.19 -24.30
C TYR G 4851 -29.90 84.70 -24.39
N THR G 4852 -28.83 85.27 -23.82
CA THR G 4852 -28.61 86.70 -23.94
C THR G 4852 -28.37 87.09 -25.39
N VAL G 4853 -27.65 86.27 -26.15
CA VAL G 4853 -27.45 86.53 -27.57
C VAL G 4853 -28.79 86.61 -28.28
N VAL G 4854 -29.64 85.61 -28.05
CA VAL G 4854 -30.92 85.56 -28.73
C VAL G 4854 -31.80 86.74 -28.32
N ALA G 4855 -31.82 87.05 -27.03
CA ALA G 4855 -32.62 88.16 -26.55
C ALA G 4855 -32.14 89.48 -27.13
N PHE G 4856 -30.82 89.66 -27.19
CA PHE G 4856 -30.29 90.90 -27.74
C PHE G 4856 -30.65 91.10 -29.20
N ASN G 4857 -30.70 90.02 -29.97
CA ASN G 4857 -30.94 90.16 -31.40
C ASN G 4857 -32.41 90.35 -31.75
N PHE G 4858 -33.32 89.60 -31.13
CA PHE G 4858 -34.72 89.61 -31.54
C PHE G 4858 -35.65 90.20 -30.50
N PHE G 4859 -35.67 89.64 -29.29
CA PHE G 4859 -36.65 90.02 -28.28
C PHE G 4859 -36.04 91.10 -27.41
N ARG G 4860 -36.01 92.33 -27.92
CA ARG G 4860 -35.41 93.41 -27.17
C ARG G 4860 -36.45 94.41 -26.71
N LYS G 4861 -37.54 94.52 -27.46
CA LYS G 4861 -38.64 95.38 -27.05
C LYS G 4861 -39.33 94.89 -25.79
N PHE G 4862 -39.07 93.66 -25.37
CA PHE G 4862 -39.73 93.06 -24.22
C PHE G 4862 -38.98 93.29 -22.92
N TYR G 4863 -37.86 94.00 -22.95
CA TYR G 4863 -37.00 94.16 -21.79
C TYR G 4863 -37.05 95.57 -21.23
N ASN G 4864 -38.24 96.16 -21.20
CA ASN G 4864 -38.41 97.52 -20.72
C ASN G 4864 -38.84 97.47 -19.26
N LYS G 4865 -37.86 97.54 -18.36
CA LYS G 4865 -38.14 97.54 -16.92
C LYS G 4865 -38.33 98.96 -16.41
N SER G 4866 -39.32 99.63 -16.99
CA SER G 4866 -39.63 101.01 -16.63
C SER G 4866 -41.13 101.19 -16.60
N GLU G 4867 -41.62 101.91 -15.60
CA GLU G 4867 -43.06 102.12 -15.47
C GLU G 4867 -43.50 103.36 -16.24
N ASP G 4868 -42.92 104.51 -15.94
CA ASP G 4868 -43.30 105.74 -16.62
C ASP G 4868 -42.79 105.74 -18.06
N GLU G 4869 -43.59 106.27 -18.97
CA GLU G 4869 -43.21 106.30 -20.37
C GLU G 4869 -42.12 107.35 -20.63
N ASP G 4870 -42.02 108.34 -19.75
CA ASP G 4870 -40.99 109.36 -19.91
C ASP G 4870 -39.60 108.75 -19.81
N GLU G 4871 -39.41 107.86 -18.85
CA GLU G 4871 -38.10 107.24 -18.64
C GLU G 4871 -38.16 105.78 -19.08
N PRO G 4872 -37.57 105.42 -20.21
CA PRO G 4872 -37.41 104.00 -20.54
C PRO G 4872 -36.14 103.46 -19.91
N ASP G 4873 -36.19 102.18 -19.55
CA ASP G 4873 -35.07 101.54 -18.86
C ASP G 4873 -34.62 100.32 -19.65
N MET G 4874 -34.34 100.49 -20.94
CA MET G 4874 -33.95 99.40 -21.80
C MET G 4874 -32.86 98.55 -21.15
N LYS G 4875 -33.20 97.31 -20.84
CA LYS G 4875 -32.28 96.41 -20.18
C LYS G 4875 -31.47 95.57 -21.14
N CYS G 4876 -31.86 95.46 -22.40
CA CYS G 4876 -31.08 94.69 -23.36
C CYS G 4876 -30.57 95.57 -24.50
N ASP G 4877 -30.40 96.86 -24.24
CA ASP G 4877 -29.79 97.76 -25.21
C ASP G 4877 -28.34 97.37 -25.46
N ASP G 4878 -27.62 97.10 -24.38
CA ASP G 4878 -26.25 96.65 -24.46
C ASP G 4878 -26.20 95.17 -24.08
N MET G 4879 -25.22 94.46 -24.64
CA MET G 4879 -25.11 93.07 -24.28
C MET G 4879 -24.55 92.90 -22.88
N MET G 4880 -23.71 93.83 -22.44
CA MET G 4880 -23.22 93.78 -21.07
C MET G 4880 -24.39 93.86 -20.09
N THR G 4881 -25.23 94.88 -20.25
CA THR G 4881 -26.38 95.03 -19.39
C THR G 4881 -27.34 93.86 -19.50
N CYS G 4882 -27.54 93.37 -20.72
CA CYS G 4882 -28.54 92.34 -20.93
C CYS G 4882 -28.07 91.01 -20.36
N TYR G 4883 -26.77 90.72 -20.50
CA TYR G 4883 -26.20 89.54 -19.87
C TYR G 4883 -26.27 89.62 -18.35
N LEU G 4884 -25.96 90.79 -17.80
CA LEU G 4884 -26.10 90.95 -16.36
C LEU G 4884 -27.54 90.75 -15.92
N PHE G 4885 -28.47 91.29 -16.70
CA PHE G 4885 -29.90 91.14 -16.41
C PHE G 4885 -30.28 89.68 -16.32
N HIS G 4886 -29.93 88.90 -17.34
CA HIS G 4886 -30.29 87.48 -17.31
C HIS G 4886 -29.58 86.78 -16.16
N MET G 4887 -28.26 86.92 -16.08
CA MET G 4887 -27.46 86.23 -15.07
C MET G 4887 -27.92 86.53 -13.66
N TYR G 4888 -28.50 87.71 -13.43
CA TYR G 4888 -28.93 88.12 -12.10
C TYR G 4888 -30.38 87.76 -11.81
N VAL G 4889 -31.32 88.26 -12.62
CA VAL G 4889 -32.72 88.09 -12.24
C VAL G 4889 -33.34 86.89 -12.95
N GLY G 4890 -32.89 86.57 -14.16
CA GLY G 4890 -33.48 85.45 -14.86
C GLY G 4890 -33.21 84.12 -14.19
N VAL G 4891 -31.99 83.94 -13.71
CA VAL G 4891 -31.65 82.70 -13.02
C VAL G 4891 -32.34 82.63 -11.67
N ARG G 4892 -32.44 83.74 -10.96
CA ARG G 4892 -33.01 83.74 -9.63
C ARG G 4892 -34.52 83.60 -9.62
N ALA G 4893 -35.21 84.11 -10.64
CA ALA G 4893 -36.66 84.01 -10.68
C ALA G 4893 -37.09 82.56 -10.78
N GLY G 4894 -38.16 82.22 -10.08
CA GLY G 4894 -38.62 80.84 -10.07
C GLY G 4894 -39.13 80.37 -11.42
N GLY G 4895 -39.94 81.21 -12.07
CA GLY G 4895 -40.46 80.85 -13.38
C GLY G 4895 -39.40 80.84 -14.46
N GLY G 4896 -38.44 81.73 -14.36
CA GLY G 4896 -37.43 81.89 -15.37
C GLY G 4896 -37.38 83.34 -15.81
N ILE G 4897 -36.82 83.56 -17.00
CA ILE G 4897 -36.75 84.93 -17.51
C ILE G 4897 -38.11 85.42 -17.94
N GLY G 4898 -39.07 84.51 -18.17
CA GLY G 4898 -40.39 84.93 -18.58
C GLY G 4898 -41.13 85.72 -17.53
N ASP G 4899 -40.83 85.51 -16.26
CA ASP G 4899 -41.51 86.23 -15.20
C ASP G 4899 -41.14 87.70 -15.20
N GLU G 4900 -39.87 88.01 -15.49
CA GLU G 4900 -39.40 89.38 -15.39
C GLU G 4900 -39.81 90.20 -16.61
N ILE G 4901 -39.41 89.76 -17.80
CA ILE G 4901 -39.66 90.53 -19.00
C ILE G 4901 -41.16 90.65 -19.27
N GLU G 4902 -41.52 91.61 -20.11
CA GLU G 4902 -42.92 91.94 -20.32
C GLU G 4902 -43.63 90.82 -21.07
N ASP G 4903 -44.95 90.93 -21.14
CA ASP G 4903 -45.80 89.87 -21.64
C ASP G 4903 -45.70 89.79 -23.17
N PRO G 4904 -45.73 88.58 -23.72
CA PRO G 4904 -45.68 88.43 -25.18
C PRO G 4904 -47.04 88.35 -25.84
N ALA G 4905 -48.13 88.44 -25.08
CA ALA G 4905 -49.46 88.28 -25.64
C ALA G 4905 -49.73 89.34 -26.70
N GLY G 4906 -50.34 88.90 -27.80
CA GLY G 4906 -50.70 89.83 -28.86
C GLY G 4906 -49.50 90.45 -29.56
N ASP G 4907 -48.48 89.65 -29.85
CA ASP G 4907 -47.32 90.12 -30.59
C ASP G 4907 -46.96 89.08 -31.64
N GLU G 4908 -46.33 89.53 -32.71
CA GLU G 4908 -46.00 88.62 -33.79
C GLU G 4908 -44.79 87.75 -33.49
N TYR G 4909 -44.08 88.01 -32.39
CA TYR G 4909 -43.10 87.06 -31.88
C TYR G 4909 -43.60 86.31 -30.64
N GLU G 4910 -44.91 86.31 -30.40
CA GLU G 4910 -45.46 85.70 -29.19
C GLU G 4910 -45.02 84.24 -29.06
N LEU G 4911 -45.21 83.48 -30.14
CA LEU G 4911 -44.95 82.05 -30.09
C LEU G 4911 -43.48 81.77 -29.83
N TYR G 4912 -42.60 82.54 -30.47
CA TYR G 4912 -41.17 82.35 -30.23
C TYR G 4912 -40.80 82.72 -28.80
N ARG G 4913 -41.45 83.76 -28.26
CA ARG G 4913 -41.19 84.12 -26.87
C ARG G 4913 -41.63 83.02 -25.93
N VAL G 4914 -42.75 82.35 -26.25
CA VAL G 4914 -43.22 81.25 -25.42
C VAL G 4914 -42.19 80.14 -25.41
N VAL G 4915 -41.68 79.78 -26.59
CA VAL G 4915 -40.65 78.75 -26.66
C VAL G 4915 -39.41 79.19 -25.90
N PHE G 4916 -39.01 80.45 -26.07
CA PHE G 4916 -37.81 80.97 -25.44
C PHE G 4916 -37.90 80.90 -23.93
N ASP G 4917 -39.00 81.39 -23.36
CA ASP G 4917 -39.15 81.38 -21.91
C ASP G 4917 -39.25 79.96 -21.36
N ILE G 4918 -40.01 79.09 -22.03
CA ILE G 4918 -40.18 77.74 -21.53
C ILE G 4918 -38.88 76.96 -21.57
N THR G 4919 -38.12 77.09 -22.66
CA THR G 4919 -36.86 76.36 -22.73
C THR G 4919 -35.83 76.97 -21.79
N PHE G 4920 -35.93 78.27 -21.49
CA PHE G 4920 -35.10 78.83 -20.42
C PHE G 4920 -35.43 78.17 -19.11
N PHE G 4921 -36.72 77.98 -18.83
CA PHE G 4921 -37.12 77.38 -17.56
C PHE G 4921 -36.62 75.96 -17.45
N PHE G 4922 -36.75 75.16 -18.51
CA PHE G 4922 -36.35 73.76 -18.43
C PHE G 4922 -34.83 73.61 -18.38
N PHE G 4923 -34.11 74.37 -19.21
CA PHE G 4923 -32.70 74.11 -19.38
C PHE G 4923 -31.83 74.82 -18.34
N VAL G 4924 -32.40 75.70 -17.54
CA VAL G 4924 -31.61 76.44 -16.55
C VAL G 4924 -32.19 76.23 -15.17
N ILE G 4925 -33.45 76.61 -14.97
CA ILE G 4925 -34.04 76.56 -13.64
C ILE G 4925 -34.23 75.12 -13.19
N VAL G 4926 -34.64 74.25 -14.09
CA VAL G 4926 -34.98 72.88 -13.71
C VAL G 4926 -33.76 71.98 -13.81
N ILE G 4927 -33.21 71.81 -15.01
CA ILE G 4927 -32.20 70.78 -15.22
C ILE G 4927 -30.90 71.15 -14.55
N LEU G 4928 -30.44 72.39 -14.72
CA LEU G 4928 -29.11 72.74 -14.23
C LEU G 4928 -29.06 72.79 -12.71
N LEU G 4929 -30.09 73.37 -12.09
CA LEU G 4929 -30.16 73.33 -10.63
C LEU G 4929 -30.31 71.91 -10.13
N ALA G 4930 -31.05 71.07 -10.86
CA ALA G 4930 -31.13 69.66 -10.50
C ALA G 4930 -29.78 69.00 -10.56
N ILE G 4931 -28.96 69.36 -11.54
CA ILE G 4931 -27.62 68.79 -11.65
C ILE G 4931 -26.78 69.18 -10.44
N ILE G 4932 -26.84 70.45 -10.05
CA ILE G 4932 -26.06 70.92 -8.90
C ILE G 4932 -26.48 70.17 -7.64
N GLN G 4933 -27.78 70.13 -7.38
CA GLN G 4933 -28.24 69.42 -6.20
C GLN G 4933 -27.91 67.94 -6.29
N GLY G 4934 -28.00 67.34 -7.47
CA GLY G 4934 -27.68 65.93 -7.61
C GLY G 4934 -26.23 65.64 -7.31
N LEU G 4935 -25.33 66.54 -7.69
CA LEU G 4935 -23.93 66.38 -7.31
C LEU G 4935 -23.81 66.32 -5.79
N ILE G 4936 -24.54 67.18 -5.09
CA ILE G 4936 -24.49 67.16 -3.63
C ILE G 4936 -25.02 65.83 -3.08
N ILE G 4937 -26.16 65.37 -3.60
CA ILE G 4937 -26.78 64.16 -3.06
C ILE G 4937 -25.85 62.97 -3.26
N ASP G 4938 -25.32 62.82 -4.48
CA ASP G 4938 -24.45 61.68 -4.75
C ASP G 4938 -23.13 61.80 -4.01
N ALA G 4939 -22.72 63.02 -3.65
CA ALA G 4939 -21.56 63.16 -2.79
C ALA G 4939 -21.82 62.54 -1.43
N PHE G 4940 -23.00 62.80 -0.85
CA PHE G 4940 -23.36 62.16 0.40
C PHE G 4940 -23.35 60.65 0.26
N GLY G 4941 -23.95 60.15 -0.83
CA GLY G 4941 -23.98 58.72 -1.05
C GLY G 4941 -22.61 58.11 -1.17
N GLU G 4942 -21.71 58.77 -1.90
CA GLU G 4942 -20.37 58.23 -2.09
C GLU G 4942 -19.59 58.19 -0.77
N LEU G 4943 -19.70 59.24 0.03
CA LEU G 4943 -18.96 59.25 1.29
C LEU G 4943 -19.48 58.16 2.23
N ARG G 4944 -20.80 58.02 2.32
CA ARG G 4944 -21.37 56.94 3.12
C ARG G 4944 -20.91 55.58 2.61
N ASP G 4945 -20.88 55.41 1.29
CA ASP G 4945 -20.42 54.16 0.71
C ASP G 4945 -18.98 53.89 1.07
N GLN G 4946 -18.13 54.93 1.05
CA GLN G 4946 -16.71 54.73 1.36
C GLN G 4946 -16.53 54.26 2.79
N GLN G 4947 -17.24 54.86 3.73
CA GLN G 4947 -17.09 54.43 5.11
C GLN G 4947 -17.56 53.00 5.31
N GLU G 4948 -18.73 52.64 4.77
CA GLU G 4948 -19.15 51.24 4.84
C GLU G 4948 -18.18 50.34 4.08
N GLN G 4949 -17.58 50.87 3.01
CA GLN G 4949 -16.68 50.11 2.17
C GLN G 4949 -15.48 49.62 2.97
N VAL G 4950 -14.73 50.56 3.54
CA VAL G 4950 -13.58 50.22 4.37
C VAL G 4950 -14.00 49.35 5.53
N LYS G 4951 -15.16 49.64 6.11
CA LYS G 4951 -15.42 49.13 7.44
C LYS G 4951 -15.65 47.63 7.22
N GLU G 4952 -16.51 47.31 6.25
CA GLU G 4952 -16.81 45.92 5.94
C GLU G 4952 -15.56 45.17 5.50
N ASP G 4953 -14.64 45.84 4.80
CA ASP G 4953 -13.33 45.22 4.56
C ASP G 4953 -12.66 44.81 5.87
N MET G 4954 -12.67 45.71 6.85
CA MET G 4954 -11.97 45.43 8.10
C MET G 4954 -12.57 44.22 8.80
N GLU G 4955 -13.89 44.03 8.72
CA GLU G 4955 -14.45 42.83 9.34
C GLU G 4955 -14.64 41.64 8.40
N THR G 4956 -14.10 41.65 7.18
CA THR G 4956 -14.14 40.42 6.40
C THR G 4956 -12.77 39.84 6.09
N LYS G 4957 -11.68 40.60 6.22
CA LYS G 4957 -10.34 40.11 5.98
C LYS G 4957 -9.38 40.65 7.03
N CYS G 4958 -8.33 39.88 7.28
CA CYS G 4958 -7.26 40.32 8.16
C CYS G 4958 -6.44 41.38 7.43
N PHE G 4959 -6.02 42.40 8.17
CA PHE G 4959 -5.26 43.49 7.57
C PHE G 4959 -3.93 43.00 7.01
N ILE G 4960 -3.23 42.16 7.76
CA ILE G 4960 -1.90 41.72 7.34
C ILE G 4960 -1.98 40.51 6.43
N CYS G 4961 -2.68 39.46 6.86
CA CYS G 4961 -2.70 38.22 6.09
C CYS G 4961 -3.31 38.43 4.72
N GLY G 4962 -4.41 39.16 4.66
CA GLY G 4962 -5.24 39.24 3.48
C GLY G 4962 -6.24 38.11 3.37
N ILE G 4963 -6.14 37.11 4.25
CA ILE G 4963 -7.07 36.00 4.21
C ILE G 4963 -8.42 36.45 4.75
N GLY G 4964 -9.48 35.87 4.21
CA GLY G 4964 -10.82 36.25 4.60
C GLY G 4964 -11.24 35.66 5.93
N SER G 4965 -12.34 36.19 6.46
CA SER G 4965 -12.87 35.70 7.72
C SER G 4965 -13.45 34.30 7.58
N ASP G 4966 -13.80 33.89 6.36
CA ASP G 4966 -14.44 32.59 6.18
C ASP G 4966 -13.53 31.46 6.62
N TYR G 4967 -12.24 31.53 6.27
CA TYR G 4967 -11.32 30.50 6.69
C TYR G 4967 -11.12 30.51 8.20
N PHE G 4968 -10.91 31.67 8.79
CA PHE G 4968 -10.55 31.73 10.19
C PHE G 4968 -11.72 31.42 11.10
N ASP G 4969 -12.94 31.40 10.59
CA ASP G 4969 -14.11 31.09 11.41
C ASP G 4969 -14.52 29.63 11.33
N THR G 4970 -13.72 28.77 10.70
CA THR G 4970 -13.97 27.34 10.79
C THR G 4970 -13.83 26.85 12.23
N THR G 4971 -13.15 27.58 13.04
CA THR G 4971 -13.04 27.41 14.48
C THR G 4971 -13.89 28.46 15.19
N PRO G 4972 -14.37 28.15 16.39
CA PRO G 4972 -15.27 29.09 17.08
C PRO G 4972 -14.57 30.40 17.40
N HIS G 4973 -15.13 31.49 16.90
CA HIS G 4973 -14.58 32.83 17.07
C HIS G 4973 -13.12 32.89 16.65
N GLY G 4974 -12.74 32.08 15.66
CA GLY G 4974 -11.35 32.02 15.26
C GLY G 4974 -10.85 33.32 14.67
N PHE G 4975 -11.71 34.01 13.92
CA PHE G 4975 -11.28 35.24 13.28
C PHE G 4975 -10.88 36.30 14.28
N GLU G 4976 -11.63 36.43 15.37
CA GLU G 4976 -11.28 37.42 16.37
C GLU G 4976 -9.93 37.12 16.99
N THR G 4977 -9.66 35.86 17.30
CA THR G 4977 -8.36 35.50 17.83
C THR G 4977 -7.25 35.82 16.83
N HIS G 4978 -7.40 35.38 15.59
CA HIS G 4978 -6.37 35.69 14.59
C HIS G 4978 -6.23 37.19 14.40
N THR G 4979 -7.27 37.95 14.70
CA THR G 4979 -7.18 39.39 14.57
C THR G 4979 -6.38 40.02 15.70
N LEU G 4980 -6.78 39.80 16.96
CA LEU G 4980 -6.06 40.43 18.05
C LEU G 4980 -5.28 39.47 18.93
N GLU G 4981 -4.93 38.28 18.44
CA GLU G 4981 -3.89 37.48 19.05
C GLU G 4981 -2.75 37.19 18.08
N GLU G 4982 -3.06 36.65 16.89
CA GLU G 4982 -2.00 36.22 15.99
C GLU G 4982 -1.47 37.38 15.15
N HIS G 4983 -2.31 37.95 14.30
CA HIS G 4983 -1.92 39.03 13.40
C HIS G 4983 -2.62 40.29 13.84
N ASN G 4984 -2.03 40.99 14.80
CA ASN G 4984 -2.58 42.25 15.28
C ASN G 4984 -1.67 43.38 14.86
N LEU G 4985 -2.21 44.34 14.12
CA LEU G 4985 -1.38 45.41 13.59
C LEU G 4985 -0.74 46.24 14.70
N ALA G 4986 -1.37 46.30 15.88
CA ALA G 4986 -0.73 46.95 17.00
C ALA G 4986 0.55 46.23 17.39
N ASN G 4987 0.51 44.89 17.41
CA ASN G 4987 1.68 44.12 17.80
C ASN G 4987 2.83 44.33 16.82
N TYR G 4988 2.54 44.47 15.54
CA TYR G 4988 3.60 44.71 14.57
C TYR G 4988 4.26 46.06 14.74
N MET G 4989 3.61 47.00 15.43
CA MET G 4989 4.27 48.25 15.79
C MET G 4989 5.11 48.10 17.05
N PHE G 4990 4.57 47.43 18.06
CA PHE G 4990 5.34 47.17 19.27
C PHE G 4990 6.57 46.33 18.97
N PHE G 4991 6.60 45.62 17.86
CA PHE G 4991 7.83 44.91 17.50
C PHE G 4991 8.86 45.89 17.19
N LEU G 4992 8.54 46.85 16.35
CA LEU G 4992 9.53 47.78 15.95
C LEU G 4992 10.04 48.53 17.14
N MET G 4993 9.21 48.85 18.09
CA MET G 4993 9.70 49.66 19.14
C MET G 4993 10.43 48.75 20.05
N TYR G 4994 10.20 47.47 19.98
CA TYR G 4994 11.02 46.54 20.73
C TYR G 4994 12.41 46.40 20.10
N LEU G 4995 12.48 46.23 18.80
CA LEU G 4995 13.74 46.05 18.10
C LEU G 4995 14.59 47.27 18.27
N ILE G 4996 14.04 48.45 18.01
CA ILE G 4996 14.80 49.68 18.03
C ILE G 4996 15.42 49.84 19.39
N ASN G 4997 14.70 49.50 20.44
CA ASN G 4997 15.20 49.63 21.78
C ASN G 4997 16.20 48.57 22.09
N LYS G 4998 15.91 47.33 21.77
CA LYS G 4998 16.81 46.22 22.07
C LYS G 4998 18.20 46.48 21.51
N ASP G 4999 19.20 46.01 22.24
CA ASP G 4999 20.58 46.17 21.81
C ASP G 4999 20.90 45.18 20.69
N GLU G 5000 21.54 45.62 19.64
CA GLU G 5000 21.86 44.72 18.54
C GLU G 5000 22.56 43.45 18.93
N THR G 5001 23.42 43.49 19.91
CA THR G 5001 24.06 42.27 20.26
C THR G 5001 23.03 41.28 20.74
N GLU G 5002 22.00 41.75 21.45
CA GLU G 5002 21.04 40.83 22.03
C GLU G 5002 19.83 40.46 21.22
N HIS G 5003 19.82 40.74 19.93
CA HIS G 5003 18.74 40.35 19.07
C HIS G 5003 18.79 38.90 18.74
N THR G 5004 17.68 38.22 18.91
CA THR G 5004 17.58 36.81 18.63
C THR G 5004 17.57 36.59 17.17
N GLY G 5005 17.61 35.35 16.76
CA GLY G 5005 17.75 35.09 15.34
C GLY G 5005 16.66 35.63 14.49
N GLN G 5006 15.44 35.48 14.93
CA GLN G 5006 14.35 35.96 14.16
C GLN G 5006 14.31 37.46 14.23
N GLU G 5007 14.57 38.02 15.39
CA GLU G 5007 14.57 39.47 15.53
C GLU G 5007 15.65 40.10 14.65
N SER G 5008 16.84 39.48 14.60
CA SER G 5008 17.90 40.03 13.76
C SER G 5008 17.50 39.98 12.29
N TYR G 5009 16.86 38.89 11.88
CA TYR G 5009 16.41 38.75 10.50
C TYR G 5009 15.41 39.83 10.14
N VAL G 5010 14.46 40.11 11.02
CA VAL G 5010 13.51 41.19 10.79
C VAL G 5010 14.17 42.54 10.73
N TRP G 5011 15.08 42.80 11.64
CA TRP G 5011 15.76 44.07 11.68
C TRP G 5011 16.58 44.33 10.49
N LYS G 5012 17.12 43.29 9.88
CA LYS G 5012 18.01 43.53 8.80
C LYS G 5012 17.12 43.78 7.71
N MET G 5013 15.97 43.12 7.68
CA MET G 5013 15.09 43.54 6.60
C MET G 5013 14.51 44.93 6.76
N TYR G 5014 14.21 45.39 7.95
CA TYR G 5014 13.60 46.71 8.04
C TYR G 5014 14.59 47.63 7.47
N GLN G 5015 15.81 47.52 7.90
CA GLN G 5015 16.81 48.47 7.47
C GLN G 5015 17.03 48.49 5.97
N GLU G 5016 17.03 47.36 5.30
CA GLU G 5016 17.16 47.36 3.87
C GLU G 5016 15.83 47.59 3.20
N ARG G 5017 14.75 47.69 3.95
CA ARG G 5017 13.43 48.00 3.44
C ARG G 5017 12.93 46.95 2.45
N CYS G 5018 12.85 45.71 2.91
CA CYS G 5018 12.13 44.65 2.23
C CYS G 5018 11.05 44.11 3.17
N TRP G 5019 9.84 43.97 2.65
CA TRP G 5019 8.69 43.64 3.47
C TRP G 5019 8.21 42.22 3.24
N ASP G 5020 9.11 41.28 3.00
CA ASP G 5020 8.69 39.90 2.79
C ASP G 5020 8.42 39.18 4.10
N PHE G 5021 8.84 39.73 5.23
CA PHE G 5021 8.63 39.03 6.49
C PHE G 5021 7.18 39.11 6.93
N PHE G 5022 6.44 40.11 6.47
CA PHE G 5022 5.01 40.18 6.76
C PHE G 5022 4.32 38.97 6.15
N PRO G 5023 3.45 38.29 6.89
CA PRO G 5023 2.76 37.13 6.32
C PRO G 5023 1.68 37.59 5.35
N ALA G 5024 1.87 37.26 4.07
CA ALA G 5024 0.91 37.61 3.04
C ALA G 5024 0.33 36.32 2.48
N GLY G 5025 -0.98 36.18 2.57
CA GLY G 5025 -1.63 35.00 2.03
C GLY G 5025 -1.34 33.72 2.79
N ASP G 5026 -0.87 33.79 4.03
CA ASP G 5026 -0.61 32.59 4.78
C ASP G 5026 -0.69 32.91 6.27
N CYS G 5027 -0.84 31.88 7.08
CA CYS G 5027 -0.95 32.04 8.52
C CYS G 5027 -0.47 30.77 9.20
N PHE G 5028 -0.19 30.89 10.50
CA PHE G 5028 0.28 29.74 11.25
C PHE G 5028 -0.73 28.60 11.21
N ARG G 5029 -2.02 28.93 11.19
CA ARG G 5029 -3.03 27.90 11.05
C ARG G 5029 -2.92 27.20 9.70
N LYS G 5030 -2.65 27.95 8.64
CA LYS G 5030 -2.51 27.35 7.32
C LYS G 5030 -1.24 26.54 7.21
N GLN G 5031 -0.14 27.06 7.74
CA GLN G 5031 1.15 26.39 7.57
C GLN G 5031 1.14 25.02 8.22
N TYR G 5032 0.54 24.89 9.40
CA TYR G 5032 0.52 23.64 10.14
C TYR G 5032 -0.91 23.16 10.32
N GLU G 5033 -1.69 23.22 9.24
CA GLU G 5033 -3.10 22.86 9.33
C GLU G 5033 -3.28 21.40 9.70
N ASP G 5034 -2.47 20.52 9.11
CA ASP G 5034 -2.62 19.09 9.36
C ASP G 5034 -2.22 18.73 10.79
N GLN G 5035 -1.03 19.14 11.22
CA GLN G 5035 -0.57 18.76 12.55
C GLN G 5035 -1.40 19.42 13.63
N LEU G 5036 -1.61 20.74 13.52
CA LEU G 5036 -2.39 21.43 14.53
C LEU G 5036 -3.83 20.93 14.53
N SER G 5037 -4.33 20.55 13.36
CA SER G 5037 -5.66 19.95 13.21
C SER G 5037 -6.75 20.82 13.83
N VAL H 11 20.38 1.76 25.35
CA VAL H 11 19.80 2.72 26.30
C VAL H 11 19.57 1.99 27.61
N GLN H 12 18.32 1.95 28.06
CA GLN H 12 17.95 1.26 29.30
C GLN H 12 18.80 1.73 30.47
N PHE H 13 18.63 3.00 30.82
CA PHE H 13 19.28 3.55 31.99
C PHE H 13 18.51 3.16 33.24
N LEU H 14 19.22 2.75 34.26
CA LEU H 14 18.58 2.31 35.50
C LEU H 14 17.85 3.47 36.14
N ARG H 15 16.81 3.15 36.88
CA ARG H 15 16.02 4.16 37.57
C ARG H 15 15.66 3.63 38.94
N THR H 16 15.35 4.54 39.84
CA THR H 16 14.94 4.12 41.17
C THR H 16 13.59 3.43 41.08
N ASP H 17 13.33 2.58 42.08
CA ASP H 17 12.17 1.72 42.18
C ASP H 17 12.17 0.59 41.16
N ASP H 18 13.27 0.41 40.44
CA ASP H 18 13.47 -0.82 39.69
C ASP H 18 13.90 -1.93 40.61
N GLU H 19 13.55 -3.15 40.25
CA GLU H 19 14.15 -4.31 40.90
C GLU H 19 15.30 -4.82 40.06
N VAL H 20 16.41 -5.10 40.71
CA VAL H 20 17.64 -5.50 40.03
C VAL H 20 18.31 -6.60 40.82
N VAL H 21 19.20 -7.31 40.15
CA VAL H 21 19.97 -8.39 40.76
C VAL H 21 21.45 -8.06 40.65
N LEU H 22 22.13 -8.04 41.78
CA LEU H 22 23.57 -7.90 41.83
C LEU H 22 24.18 -9.22 41.42
N GLN H 23 25.28 -9.19 40.68
CA GLN H 23 25.73 -10.39 40.00
C GLN H 23 27.21 -10.34 39.68
N CYS H 24 27.97 -11.27 40.25
CA CYS H 24 29.38 -11.44 39.94
C CYS H 24 29.56 -12.55 38.91
N SER H 25 30.79 -12.71 38.45
CA SER H 25 31.13 -13.77 37.50
C SER H 25 32.39 -14.46 38.01
N ALA H 26 32.21 -15.47 38.85
CA ALA H 26 33.35 -16.21 39.35
C ALA H 26 33.90 -17.08 38.23
N THR H 27 35.19 -17.38 38.29
CA THR H 27 35.87 -18.14 37.25
C THR H 27 36.56 -19.33 37.90
N VAL H 28 35.89 -20.48 37.91
CA VAL H 28 36.48 -21.68 38.49
C VAL H 28 36.21 -22.85 37.56
N LEU H 29 37.03 -23.89 37.71
CA LEU H 29 36.96 -25.08 36.87
C LEU H 29 37.02 -24.72 35.38
N LYS H 30 37.72 -23.63 35.07
CA LYS H 30 37.83 -23.11 33.71
C LYS H 30 36.45 -22.88 33.08
N GLU H 31 35.53 -22.33 33.87
CA GLU H 31 34.31 -21.77 33.33
C GLU H 31 33.90 -20.58 34.19
N GLN H 32 33.16 -19.67 33.57
CA GLN H 32 32.62 -18.50 34.24
C GLN H 32 31.23 -18.87 34.75
N LEU H 33 31.09 -19.01 36.06
CA LEU H 33 29.76 -19.22 36.62
C LEU H 33 29.29 -17.90 37.20
N LYS H 34 28.14 -17.44 36.73
CA LYS H 34 27.55 -16.22 37.24
C LYS H 34 26.90 -16.51 38.58
N LEU H 35 27.02 -15.57 39.50
CA LEU H 35 26.48 -15.71 40.83
C LEU H 35 25.72 -14.45 41.17
N CYS H 36 24.66 -14.60 41.96
CA CYS H 36 23.83 -13.48 42.32
C CYS H 36 23.72 -13.38 43.83
N LEU H 37 23.71 -12.17 44.35
CA LEU H 37 23.54 -12.02 45.77
C LEU H 37 22.17 -12.54 46.19
N ALA H 38 22.09 -12.99 47.43
CA ALA H 38 20.84 -13.49 47.94
C ALA H 38 20.88 -13.38 49.44
N ALA H 39 19.70 -13.40 50.05
CA ALA H 39 19.59 -13.44 51.49
C ALA H 39 18.16 -13.83 51.83
N GLU H 40 18.00 -14.65 52.85
CA GLU H 40 16.65 -15.01 53.27
C GLU H 40 16.00 -13.88 54.05
N GLY H 41 16.79 -13.12 54.79
CA GLY H 41 16.30 -12.00 55.54
C GLY H 41 15.75 -12.36 56.89
N PHE H 42 15.06 -13.48 56.97
CA PHE H 42 14.49 -13.96 58.22
C PHE H 42 15.30 -15.15 58.68
N GLY H 43 16.02 -15.00 59.79
CA GLY H 43 16.79 -16.05 60.37
C GLY H 43 18.23 -16.08 59.89
N ASN H 44 18.52 -15.45 58.77
CA ASN H 44 19.89 -15.40 58.26
C ASN H 44 20.05 -14.04 57.59
N ARG H 45 20.59 -13.09 58.35
CA ARG H 45 20.82 -11.78 57.78
C ARG H 45 21.97 -11.75 56.80
N LEU H 46 22.82 -12.77 56.77
CA LEU H 46 23.98 -12.70 55.90
C LEU H 46 23.62 -13.02 54.45
N CYS H 47 24.33 -12.37 53.55
CA CYS H 47 24.18 -12.56 52.13
C CYS H 47 25.05 -13.70 51.65
N PHE H 48 24.60 -14.36 50.59
CA PHE H 48 25.37 -15.44 49.99
C PHE H 48 25.14 -15.45 48.49
N LEU H 49 26.04 -16.12 47.78
CA LEU H 49 26.03 -16.15 46.34
C LEU H 49 25.29 -17.38 45.86
N GLU H 50 24.24 -17.18 45.06
CA GLU H 50 23.48 -18.26 44.45
C GLU H 50 23.78 -18.33 42.96
N PRO H 51 24.15 -19.49 42.44
CA PRO H 51 24.60 -19.57 41.05
C PRO H 51 23.44 -19.69 40.07
N THR H 52 23.62 -19.04 38.92
CA THR H 52 22.58 -18.99 37.90
C THR H 52 23.03 -19.44 36.53
N SER H 53 24.33 -19.69 36.33
CA SER H 53 24.82 -20.09 35.02
C SER H 53 24.23 -21.42 34.59
N ASN H 54 24.12 -22.37 35.51
CA ASN H 54 23.46 -23.64 35.25
C ASN H 54 21.99 -23.50 35.62
N ALA H 55 21.24 -22.80 34.78
CA ALA H 55 19.83 -22.58 35.04
C ALA H 55 18.91 -23.50 34.26
N GLN H 56 19.38 -24.14 33.19
CA GLN H 56 18.53 -25.07 32.48
C GLN H 56 18.42 -26.40 33.22
N ASN H 57 19.50 -26.83 33.89
CA ASN H 57 19.45 -28.09 34.59
C ASN H 57 18.82 -27.96 35.97
N VAL H 58 19.26 -26.98 36.75
CA VAL H 58 18.64 -26.71 38.04
C VAL H 58 18.26 -25.24 38.09
N PRO H 59 17.04 -24.91 38.50
CA PRO H 59 16.63 -23.54 38.60
C PRO H 59 17.28 -22.87 39.79
N PRO H 60 17.64 -21.59 39.68
CA PRO H 60 18.08 -20.84 40.84
C PRO H 60 16.90 -20.20 41.57
N ASP H 61 17.11 -19.93 42.85
CA ASP H 61 16.08 -19.34 43.69
C ASP H 61 16.21 -17.81 43.64
N LEU H 62 15.45 -17.19 42.74
CA LEU H 62 15.46 -15.75 42.60
C LEU H 62 14.39 -15.04 43.40
N ALA H 63 13.62 -15.76 44.22
CA ALA H 63 12.72 -15.07 45.13
C ALA H 63 13.49 -14.21 46.11
N ILE H 64 14.74 -14.55 46.36
CA ILE H 64 15.54 -13.92 47.40
C ILE H 64 16.77 -13.22 46.82
N CYS H 65 16.88 -13.15 45.51
CA CYS H 65 18.01 -12.50 44.86
C CYS H 65 17.66 -11.13 44.30
N CYS H 66 16.43 -10.67 44.46
CA CYS H 66 15.93 -9.46 43.81
C CYS H 66 15.95 -8.31 44.79
N PHE H 67 16.52 -7.18 44.35
CA PHE H 67 16.71 -6.02 45.20
C PHE H 67 16.09 -4.80 44.52
N THR H 68 15.31 -4.03 45.27
CA THR H 68 14.74 -2.80 44.76
C THR H 68 15.71 -1.64 44.94
N LEU H 69 15.84 -0.81 43.91
CA LEU H 69 16.61 0.42 44.01
C LEU H 69 15.70 1.46 44.63
N GLU H 70 15.93 1.80 45.89
CA GLU H 70 15.05 2.75 46.55
C GLU H 70 15.41 4.17 46.20
N GLN H 71 16.61 4.62 46.57
CA GLN H 71 16.96 6.02 46.45
C GLN H 71 18.34 6.18 45.86
N SER H 72 18.54 7.32 45.20
CA SER H 72 19.85 7.72 44.70
C SER H 72 20.10 9.15 45.10
N LEU H 73 21.15 9.37 45.89
CA LEU H 73 21.43 10.69 46.42
C LEU H 73 22.89 11.01 46.17
N SER H 74 23.17 12.21 45.66
CA SER H 74 24.54 12.67 45.63
C SER H 74 25.07 12.68 47.05
N VAL H 75 26.30 12.20 47.21
CA VAL H 75 26.89 11.93 48.51
C VAL H 75 26.57 13.06 49.48
N ARG H 76 26.68 14.29 49.02
CA ARG H 76 26.32 15.42 49.86
C ARG H 76 24.92 15.23 50.41
N ALA H 77 23.92 15.17 49.53
CA ALA H 77 22.54 15.06 49.96
C ALA H 77 22.36 13.91 50.93
N LEU H 78 23.12 12.83 50.75
CA LEU H 78 23.09 11.75 51.72
C LEU H 78 23.58 12.23 53.08
N GLN H 79 24.66 13.01 53.11
CA GLN H 79 25.17 13.49 54.39
C GLN H 79 24.15 14.38 55.09
N GLU H 80 23.59 15.35 54.37
CA GLU H 80 22.62 16.22 55.03
C GLU H 80 21.32 15.48 55.36
N MET H 81 20.97 14.45 54.61
CA MET H 81 19.80 13.67 55.01
C MET H 81 20.07 12.89 56.28
N LEU H 82 21.26 12.31 56.39
CA LEU H 82 21.63 11.59 57.60
C LEU H 82 21.66 12.51 58.80
N ALA H 83 22.15 13.73 58.63
CA ALA H 83 22.14 14.69 59.73
C ALA H 83 20.73 15.05 60.15
N ASN H 84 19.78 15.06 59.22
CA ASN H 84 18.40 15.42 59.53
C ASN H 84 17.55 14.18 59.70
N HIS H 98 11.42 8.73 40.55
CA HIS H 98 11.98 7.79 39.58
C HIS H 98 13.22 8.39 38.94
N ARG H 99 14.14 8.79 39.79
CA ARG H 99 15.38 9.40 39.34
C ARG H 99 16.26 8.38 38.64
N THR H 100 16.84 8.77 37.51
CA THR H 100 17.87 7.97 36.90
C THR H 100 19.09 7.91 37.81
N LEU H 101 19.65 6.73 37.97
CA LEU H 101 20.86 6.59 38.77
C LEU H 101 22.03 7.17 38.00
N LEU H 102 22.96 7.79 38.72
CA LEU H 102 24.17 8.34 38.15
C LEU H 102 25.36 7.70 38.82
N TYR H 103 26.46 7.56 38.09
CA TYR H 103 27.70 7.12 38.71
C TYR H 103 28.15 8.09 39.78
N GLY H 104 28.71 7.57 40.85
CA GLY H 104 29.15 8.39 41.95
C GLY H 104 28.08 8.76 42.94
N HIS H 105 26.82 8.49 42.64
CA HIS H 105 25.77 8.76 43.59
C HIS H 105 25.74 7.65 44.63
N ALA H 106 24.78 7.69 45.53
CA ALA H 106 24.57 6.63 46.48
C ALA H 106 23.32 5.85 46.11
N ILE H 107 23.21 4.65 46.65
CA ILE H 107 22.07 3.78 46.40
C ILE H 107 21.67 3.08 47.67
N LEU H 108 20.37 2.97 47.88
CA LEU H 108 19.79 2.21 48.97
C LEU H 108 19.04 1.05 48.37
N LEU H 109 19.55 -0.16 48.59
CA LEU H 109 19.00 -1.38 47.99
C LEU H 109 18.11 -2.08 49.00
N ARG H 110 16.84 -2.22 48.67
CA ARG H 110 15.89 -2.89 49.55
C ARG H 110 15.68 -4.30 49.05
N HIS H 111 15.73 -5.26 49.97
CA HIS H 111 15.44 -6.63 49.63
C HIS H 111 13.97 -6.79 49.27
N ALA H 112 13.71 -7.52 48.19
CA ALA H 112 12.34 -7.68 47.72
C ALA H 112 11.52 -8.53 48.69
N HIS H 113 12.06 -9.68 49.10
CA HIS H 113 11.33 -10.60 49.95
C HIS H 113 11.12 -10.03 51.34
N SER H 114 12.20 -9.78 52.06
CA SER H 114 12.13 -9.46 53.48
C SER H 114 12.01 -7.99 53.78
N ARG H 115 12.06 -7.13 52.76
CA ARG H 115 11.93 -5.68 52.92
C ARG H 115 13.00 -5.10 53.82
N MET H 116 14.18 -5.71 53.85
CA MET H 116 15.32 -5.17 54.57
C MET H 116 16.30 -4.56 53.58
N TYR H 117 17.32 -3.88 54.10
CA TYR H 117 18.22 -3.12 53.28
C TYR H 117 19.61 -3.72 53.33
N LEU H 118 20.22 -3.89 52.17
CA LEU H 118 21.57 -4.39 52.11
C LEU H 118 22.49 -3.46 52.89
N SER H 119 23.38 -4.04 53.68
CA SER H 119 24.21 -3.22 54.54
C SER H 119 25.56 -3.87 54.73
N CYS H 120 26.53 -3.07 55.17
CA CYS H 120 27.87 -3.56 55.52
C CYS H 120 27.90 -3.76 57.03
N LEU H 121 27.64 -5.00 57.44
CA LEU H 121 27.42 -5.29 58.84
C LEU H 121 28.67 -5.04 59.66
N THR H 122 28.47 -4.68 60.93
CA THR H 122 29.58 -4.32 61.79
C THR H 122 30.52 -5.50 62.04
N THR H 123 29.96 -6.68 62.24
CA THR H 123 30.76 -7.84 62.56
C THR H 123 31.57 -8.30 61.35
N SER H 124 32.31 -9.39 61.55
CA SER H 124 33.01 -10.08 60.47
C SER H 124 33.39 -11.47 60.98
N ARG H 125 32.83 -12.50 60.35
CA ARG H 125 33.10 -13.87 60.73
C ARG H 125 34.07 -14.56 59.79
N SER H 126 34.71 -13.82 58.90
CA SER H 126 35.48 -14.39 57.79
C SER H 126 36.77 -15.02 58.32
N MET H 127 36.96 -16.29 58.01
CA MET H 127 38.18 -17.02 58.28
C MET H 127 39.38 -16.49 57.51
N THR H 128 39.23 -16.26 56.21
CA THR H 128 40.40 -16.12 55.33
C THR H 128 41.19 -14.86 55.58
N ASP H 129 40.52 -13.71 55.64
CA ASP H 129 41.22 -12.43 55.73
C ASP H 129 40.54 -11.54 56.74
N LYS H 130 41.33 -10.68 57.36
CA LYS H 130 40.84 -9.62 58.22
C LYS H 130 40.55 -8.39 57.35
N LEU H 131 40.28 -7.26 57.99
CA LEU H 131 39.98 -6.01 57.28
C LEU H 131 38.82 -6.17 56.31
N ALA H 132 38.06 -7.24 56.45
CA ALA H 132 36.94 -7.52 55.58
C ALA H 132 35.71 -7.71 56.45
N PHE H 133 34.59 -7.15 56.01
CA PHE H 133 33.35 -7.22 56.76
C PHE H 133 32.33 -8.02 55.96
N ASP H 134 31.37 -8.60 56.67
CA ASP H 134 30.39 -9.46 56.04
C ASP H 134 29.11 -8.68 55.74
N VAL H 135 28.73 -8.67 54.47
CA VAL H 135 27.60 -7.89 53.99
C VAL H 135 26.34 -8.65 54.33
N GLY H 136 25.35 -7.94 54.88
CA GLY H 136 24.13 -8.60 55.30
C GLY H 136 22.91 -7.76 55.07
N LEU H 137 21.85 -8.00 55.85
CA LEU H 137 20.61 -7.26 55.72
C LEU H 137 20.28 -6.57 57.03
N GLN H 138 20.01 -5.28 56.95
CA GLN H 138 19.70 -4.45 58.10
C GLN H 138 18.22 -4.11 58.06
N GLU H 139 17.58 -4.09 59.23
CA GLU H 139 16.14 -3.95 59.28
C GLU H 139 15.64 -2.59 58.83
N ASP H 140 16.42 -1.54 59.02
CA ASP H 140 15.94 -0.19 58.72
C ASP H 140 17.05 0.64 58.10
N ALA H 141 16.65 1.69 57.38
CA ALA H 141 17.59 2.47 56.58
C ALA H 141 18.49 3.35 57.43
N THR H 142 18.12 3.59 58.67
CA THR H 142 18.86 4.46 59.57
C THR H 142 20.35 4.13 59.58
N GLY H 143 21.18 5.09 59.18
CA GLY H 143 22.61 4.91 59.23
C GLY H 143 23.21 4.85 57.84
N GLU H 144 24.53 4.99 57.81
CA GLU H 144 25.27 4.96 56.56
C GLU H 144 25.72 3.57 56.18
N ALA H 145 25.39 2.56 56.98
CA ALA H 145 25.66 1.18 56.59
C ALA H 145 24.83 0.80 55.38
N CYS H 146 23.55 1.17 55.39
CA CYS H 146 22.61 0.80 54.35
C CYS H 146 22.92 1.41 53.01
N TRP H 147 23.77 2.43 52.96
CA TRP H 147 23.98 3.23 51.76
C TRP H 147 25.26 2.82 51.09
N TRP H 148 25.19 2.53 49.80
CA TRP H 148 26.35 2.13 49.02
C TRP H 148 26.60 3.18 47.96
N THR H 149 27.77 3.11 47.35
CA THR H 149 28.10 3.98 46.23
C THR H 149 28.50 3.11 45.05
N MET H 150 28.33 3.69 43.86
CA MET H 150 28.56 3.00 42.61
C MET H 150 29.60 3.77 41.82
N HIS H 151 30.53 3.06 41.21
CA HIS H 151 31.62 3.68 40.48
C HIS H 151 31.94 2.95 39.20
N PRO H 152 32.56 3.63 38.25
CA PRO H 152 32.80 3.03 36.95
C PRO H 152 33.72 1.84 37.02
N ALA H 153 33.52 0.92 36.07
CA ALA H 153 34.38 -0.24 35.95
C ALA H 153 35.78 0.15 35.54
N SER H 154 35.90 0.96 34.48
CA SER H 154 37.19 1.35 33.96
C SER H 154 37.07 2.78 33.45
N LYS H 155 38.09 3.23 32.74
CA LYS H 155 38.11 4.59 32.21
C LYS H 155 37.20 4.77 31.01
N GLN H 156 36.40 3.76 30.67
CA GLN H 156 35.38 3.94 29.65
C GLN H 156 34.23 4.78 30.15
N ARG H 157 33.91 4.67 31.43
CA ARG H 157 32.79 5.38 32.03
C ARG H 157 33.31 6.41 33.01
N SER H 158 32.72 7.61 32.97
CA SER H 158 33.08 8.70 33.84
C SER H 158 32.02 8.88 34.91
N GLU H 159 32.33 9.69 35.91
CA GLU H 159 31.38 9.93 36.99
C GLU H 159 30.33 10.92 36.53
N GLY H 160 29.23 10.97 37.28
CA GLY H 160 28.18 11.90 36.94
C GLY H 160 27.28 11.43 35.80
N GLU H 161 27.81 10.62 34.89
CA GLU H 161 27.00 10.12 33.80
C GLU H 161 26.21 8.89 34.25
N LYS H 162 25.01 8.78 33.73
CA LYS H 162 24.04 7.83 34.23
C LYS H 162 24.41 6.41 33.87
N VAL H 163 24.08 5.48 34.76
CA VAL H 163 24.44 4.09 34.57
C VAL H 163 23.44 3.41 33.64
N ARG H 164 23.95 2.61 32.72
CA ARG H 164 23.14 1.87 31.78
C ARG H 164 23.11 0.41 32.18
N VAL H 165 22.07 -0.30 31.73
CA VAL H 165 21.96 -1.72 32.03
C VAL H 165 23.03 -2.49 31.28
N GLY H 166 23.78 -3.31 32.01
CA GLY H 166 24.88 -4.04 31.43
C GLY H 166 26.20 -3.39 31.74
N ASP H 167 26.25 -2.66 32.84
CA ASP H 167 27.44 -1.95 33.26
C ASP H 167 28.12 -2.71 34.39
N ASP H 168 29.44 -2.84 34.30
CA ASP H 168 30.21 -3.37 35.42
C ASP H 168 30.39 -2.27 36.45
N LEU H 169 29.98 -2.53 37.68
CA LEU H 169 30.02 -1.54 38.74
C LEU H 169 31.15 -1.85 39.70
N ILE H 170 31.57 -0.84 40.44
CA ILE H 170 32.43 -1.01 41.59
C ILE H 170 31.69 -0.35 42.75
N LEU H 171 31.10 -1.16 43.61
CA LEU H 171 30.41 -0.60 44.75
C LEU H 171 31.37 -0.42 45.91
N VAL H 172 31.10 0.61 46.71
CA VAL H 172 31.86 0.90 47.91
C VAL H 172 30.88 1.30 48.99
N SER H 173 30.99 0.69 50.15
CA SER H 173 30.09 1.04 51.23
C SER H 173 30.39 2.43 51.74
N VAL H 174 29.34 3.21 51.98
CA VAL H 174 29.54 4.55 52.54
C VAL H 174 30.09 4.46 53.95
N SER H 175 29.57 3.55 54.77
CA SER H 175 29.98 3.52 56.17
C SER H 175 31.42 3.10 56.35
N SER H 176 31.92 2.19 55.52
CA SER H 176 33.22 1.59 55.79
C SER H 176 34.23 1.77 54.68
N GLU H 177 33.92 2.52 53.64
CA GLU H 177 34.81 2.75 52.51
C GLU H 177 35.25 1.47 51.83
N ARG H 178 34.60 0.35 52.14
CA ARG H 178 35.00 -0.94 51.62
C ARG H 178 34.19 -1.28 50.39
N TYR H 179 34.86 -1.87 49.41
CA TYR H 179 34.16 -2.40 48.26
C TYR H 179 33.37 -3.64 48.65
N LEU H 180 32.43 -4.00 47.79
CA LEU H 180 31.97 -5.37 47.77
C LEU H 180 33.06 -6.25 47.19
N HIS H 181 33.00 -7.53 47.47
CA HIS H 181 34.07 -8.44 47.11
C HIS H 181 33.54 -9.86 47.28
N LEU H 182 34.31 -10.85 46.85
CA LEU H 182 33.87 -12.23 47.01
C LEU H 182 35.03 -13.11 47.42
N SER H 183 34.82 -13.88 48.48
CA SER H 183 35.82 -14.81 48.98
C SER H 183 35.85 -16.03 48.09
N THR H 184 36.85 -16.10 47.22
CA THR H 184 37.22 -17.34 46.54
C THR H 184 38.43 -18.00 47.18
N ALA H 185 39.07 -17.34 48.14
CA ALA H 185 40.28 -17.89 48.75
C ALA H 185 39.95 -19.09 49.62
N SER H 186 38.95 -18.98 50.47
CA SER H 186 38.35 -20.16 51.04
C SER H 186 37.82 -21.03 49.90
N GLY H 187 37.53 -22.29 50.20
CA GLY H 187 37.05 -23.18 49.16
C GLY H 187 35.76 -22.72 48.51
N GLU H 188 35.01 -21.91 49.24
CA GLU H 188 33.70 -21.46 48.80
C GLU H 188 33.80 -20.11 48.09
N LEU H 189 32.65 -19.58 47.72
CA LEU H 189 32.53 -18.26 47.11
C LEU H 189 31.55 -17.48 47.97
N GLN H 190 32.07 -16.59 48.82
CA GLN H 190 31.20 -15.80 49.68
C GLN H 190 31.25 -14.34 49.26
N VAL H 191 30.42 -13.54 49.84
CA VAL H 191 30.43 -12.12 49.56
C VAL H 191 30.90 -11.39 50.80
N ASP H 192 31.69 -10.34 50.60
CA ASP H 192 32.34 -9.65 51.69
C ASP H 192 32.43 -8.17 51.36
N ALA H 193 32.79 -7.38 52.37
CA ALA H 193 33.12 -5.98 52.19
C ALA H 193 34.58 -5.79 52.56
N SER H 194 35.41 -5.57 51.55
CA SER H 194 36.84 -5.59 51.78
C SER H 194 37.49 -4.54 50.89
N PHE H 195 38.81 -4.59 50.79
CA PHE H 195 39.57 -3.60 50.07
C PHE H 195 40.09 -4.17 48.76
N MET H 196 39.31 -5.03 48.14
CA MET H 196 39.60 -5.57 46.83
C MET H 196 38.32 -5.56 46.02
N GLN H 197 38.41 -5.13 44.76
CA GLN H 197 37.21 -4.77 44.02
C GLN H 197 36.79 -5.91 43.09
N THR H 198 35.52 -6.29 43.20
CA THR H 198 34.89 -7.20 42.26
C THR H 198 33.92 -6.39 41.42
N LEU H 199 33.85 -6.71 40.13
CA LEU H 199 33.03 -5.96 39.17
C LEU H 199 31.66 -6.61 39.10
N TRP H 200 30.72 -6.07 39.86
CA TRP H 200 29.33 -6.46 39.86
C TRP H 200 28.63 -5.92 38.62
N ASN H 201 27.62 -6.65 38.17
CA ASN H 201 26.69 -6.14 37.18
C ASN H 201 25.38 -5.84 37.86
N MET H 202 24.59 -4.97 37.26
CA MET H 202 23.31 -4.59 37.84
C MET H 202 22.24 -4.99 36.84
N ASN H 203 21.87 -6.26 36.86
CA ASN H 203 20.91 -6.65 35.84
C ASN H 203 19.51 -6.35 36.32
N PRO H 204 18.63 -5.90 35.43
CA PRO H 204 17.29 -5.49 35.85
C PRO H 204 16.29 -6.62 35.77
N ILE H 205 15.24 -6.49 36.56
CA ILE H 205 14.19 -7.49 36.64
C ILE H 205 12.84 -6.90 36.26
N CYS H 206 12.52 -5.72 36.78
CA CYS H 206 11.20 -5.13 36.62
C CYS H 206 11.35 -3.62 36.64
N SER H 207 10.63 -2.94 35.76
CA SER H 207 10.66 -1.48 35.73
C SER H 207 9.32 -0.87 36.11
N CYS H 208 8.27 -1.15 35.36
CA CYS H 208 6.96 -0.54 35.59
C CYS H 208 5.90 -1.42 34.96
N CYS H 209 5.14 -2.14 35.79
CA CYS H 209 4.11 -3.04 35.31
C CYS H 209 2.78 -2.30 35.26
N GLU H 210 2.08 -2.40 34.13
CA GLU H 210 0.77 -1.80 34.02
C GLU H 210 -0.18 -2.44 35.02
N GLU H 211 -1.24 -1.71 35.34
CA GLU H 211 -2.20 -2.19 36.34
C GLU H 211 -2.87 -3.46 35.85
N GLY H 212 -2.95 -4.45 36.74
CA GLY H 212 -3.68 -5.66 36.42
C GLY H 212 -3.13 -6.44 35.25
N TYR H 213 -1.82 -6.63 35.19
CA TYR H 213 -1.22 -7.47 34.18
C TYR H 213 -0.25 -8.42 34.85
N VAL H 214 -0.08 -9.59 34.24
CA VAL H 214 0.68 -10.68 34.85
C VAL H 214 2.11 -10.58 34.37
N THR H 215 3.04 -10.53 35.32
CA THR H 215 4.45 -10.45 35.05
C THR H 215 5.17 -11.56 35.79
N GLY H 216 6.37 -11.90 35.30
CA GLY H 216 7.09 -13.02 35.86
C GLY H 216 7.53 -12.74 37.29
N GLY H 217 7.65 -13.80 38.06
CA GLY H 217 8.02 -13.68 39.44
C GLY H 217 6.89 -13.37 40.38
N HIS H 218 5.67 -13.34 39.90
CA HIS H 218 4.52 -13.12 40.78
C HIS H 218 4.13 -14.41 41.45
N VAL H 219 3.73 -14.31 42.71
CA VAL H 219 3.09 -15.43 43.39
C VAL H 219 1.59 -15.28 43.19
N LEU H 220 0.93 -16.35 42.77
CA LEU H 220 -0.41 -16.27 42.26
C LEU H 220 -1.07 -17.64 42.38
N ARG H 221 -2.39 -17.64 42.40
CA ARG H 221 -3.15 -18.89 42.35
C ARG H 221 -3.67 -19.10 40.95
N LEU H 222 -3.55 -20.32 40.46
CA LEU H 222 -4.05 -20.69 39.15
C LEU H 222 -5.47 -21.22 39.32
N PHE H 223 -6.42 -20.31 39.44
CA PHE H 223 -7.81 -20.69 39.63
C PHE H 223 -8.36 -21.38 38.41
N HIS H 224 -9.42 -22.16 38.64
CA HIS H 224 -10.19 -22.76 37.57
C HIS H 224 -11.43 -21.91 37.36
N GLY H 225 -11.71 -21.58 36.10
CA GLY H 225 -12.67 -20.54 35.76
C GLY H 225 -13.99 -20.60 36.48
N HIS H 226 -14.28 -21.75 37.10
CA HIS H 226 -15.47 -21.86 37.94
C HIS H 226 -15.42 -20.96 39.18
N MET H 227 -14.25 -20.45 39.54
CA MET H 227 -14.04 -19.55 40.68
C MET H 227 -14.20 -20.21 42.04
N ASP H 228 -14.06 -21.53 42.11
CA ASP H 228 -13.95 -22.22 43.39
C ASP H 228 -12.81 -23.20 43.44
N GLU H 229 -12.31 -23.66 42.30
CA GLU H 229 -11.27 -24.67 42.23
C GLU H 229 -9.95 -24.01 41.88
N CYS H 230 -8.93 -24.26 42.69
CA CYS H 230 -7.58 -23.79 42.45
C CYS H 230 -6.61 -24.96 42.53
N LEU H 231 -5.49 -24.81 41.84
CA LEU H 231 -4.53 -25.90 41.69
C LEU H 231 -3.63 -25.99 42.91
N THR H 232 -3.76 -27.06 43.67
CA THR H 232 -3.07 -27.23 44.94
C THR H 232 -2.40 -28.58 45.00
N ILE H 233 -1.31 -28.67 45.74
CA ILE H 233 -0.74 -29.97 46.10
C ILE H 233 -1.40 -30.43 47.38
N SER H 234 -1.19 -31.70 47.73
CA SER H 234 -1.86 -32.31 48.88
C SER H 234 -1.60 -31.52 50.16
N ALA H 235 -2.48 -31.70 51.12
CA ALA H 235 -2.34 -31.00 52.39
C ALA H 235 -1.11 -31.51 53.14
N ALA H 236 -0.70 -30.75 54.13
CA ALA H 236 0.53 -31.05 54.86
C ALA H 236 0.40 -32.37 55.60
N ASP H 237 1.50 -33.14 55.62
CA ASP H 237 1.54 -34.44 56.29
C ASP H 237 0.47 -35.38 55.72
N SER H 238 0.62 -35.71 54.45
CA SER H 238 -0.25 -36.63 53.75
C SER H 238 0.57 -37.73 53.11
N ASP H 239 -0.05 -38.90 52.95
CA ASP H 239 0.63 -40.07 52.41
C ASP H 239 1.11 -39.88 50.98
N ASP H 240 0.59 -38.87 50.28
CA ASP H 240 0.98 -38.60 48.91
C ASP H 240 2.43 -38.19 48.77
N GLN H 241 3.10 -37.86 49.88
CA GLN H 241 4.39 -37.16 49.86
C GLN H 241 4.26 -35.81 49.16
N ARG H 242 3.04 -35.28 49.14
CA ARG H 242 2.74 -33.96 48.61
C ARG H 242 3.29 -33.76 47.21
N ARG H 243 3.47 -34.85 46.48
CA ARG H 243 4.08 -34.79 45.16
C ARG H 243 3.06 -35.02 44.04
N LEU H 244 1.83 -34.58 44.25
CA LEU H 244 0.78 -34.77 43.27
C LEU H 244 -0.13 -33.57 43.28
N VAL H 245 -0.44 -33.05 42.10
CA VAL H 245 -1.27 -31.86 41.96
C VAL H 245 -2.74 -32.24 42.02
N TYR H 246 -3.60 -31.24 42.23
CA TYR H 246 -5.03 -31.44 42.33
C TYR H 246 -5.71 -30.13 41.99
N TYR H 247 -6.98 -30.23 41.61
CA TYR H 247 -7.87 -29.08 41.56
C TYR H 247 -8.76 -29.19 42.79
N GLU H 248 -8.51 -28.37 43.79
CA GLU H 248 -9.25 -28.46 45.02
C GLU H 248 -10.04 -27.18 45.24
N GLY H 249 -11.19 -27.30 45.88
CA GLY H 249 -12.04 -26.17 46.18
C GLY H 249 -12.14 -25.92 47.67
N GLY H 250 -12.85 -24.87 48.01
CA GLY H 250 -13.11 -24.59 49.41
C GLY H 250 -12.19 -23.54 49.98
N ALA H 251 -11.87 -23.66 51.26
CA ALA H 251 -10.98 -22.72 51.92
C ALA H 251 -9.54 -22.86 51.46
N VAL H 252 -9.22 -23.91 50.71
CA VAL H 252 -7.85 -24.10 50.23
C VAL H 252 -7.44 -22.95 49.34
N CYS H 253 -8.40 -22.30 48.71
CA CYS H 253 -8.07 -21.18 47.84
C CYS H 253 -7.89 -19.88 48.61
N THR H 254 -7.82 -19.96 49.94
CA THR H 254 -7.26 -18.90 50.77
C THR H 254 -6.13 -19.43 51.63
N HIS H 255 -5.44 -20.47 51.18
CA HIS H 255 -4.32 -21.06 51.90
C HIS H 255 -3.06 -20.87 51.08
N ALA H 256 -1.96 -21.45 51.56
CA ALA H 256 -0.67 -21.27 50.95
C ALA H 256 -0.25 -22.44 50.08
N ARG H 257 -0.88 -23.59 50.22
CA ARG H 257 -0.62 -24.72 49.34
C ARG H 257 -1.10 -24.46 47.93
N SER H 258 -1.92 -23.43 47.72
CA SER H 258 -2.46 -23.09 46.43
C SER H 258 -1.68 -22.01 45.71
N LEU H 259 -0.55 -21.57 46.26
CA LEU H 259 0.20 -20.45 45.73
C LEU H 259 1.37 -20.96 44.91
N TRP H 260 1.45 -20.53 43.66
CA TRP H 260 2.51 -20.88 42.75
C TRP H 260 3.24 -19.61 42.34
N ARG H 261 4.40 -19.78 41.74
CA ARG H 261 5.21 -18.64 41.34
C ARG H 261 5.76 -18.90 39.96
N LEU H 262 5.50 -17.99 39.03
CA LEU H 262 5.90 -18.19 37.65
C LEU H 262 7.32 -17.68 37.47
N GLU H 263 8.23 -18.58 37.14
CA GLU H 263 9.65 -18.27 37.02
C GLU H 263 10.01 -18.42 35.56
N PRO H 264 10.09 -17.32 34.80
CA PRO H 264 10.47 -17.41 33.40
C PRO H 264 11.84 -18.03 33.25
N LEU H 265 12.20 -18.34 32.01
CA LEU H 265 13.45 -19.01 31.71
C LEU H 265 14.57 -18.04 31.39
N ARG H 266 14.45 -16.79 31.85
CA ARG H 266 15.46 -15.77 31.65
C ARG H 266 15.70 -15.06 32.98
N ILE H 267 16.94 -15.02 33.42
CA ILE H 267 17.25 -14.35 34.67
C ILE H 267 17.12 -12.84 34.55
N SER H 268 17.55 -12.25 33.43
CA SER H 268 17.42 -10.83 33.19
C SER H 268 16.04 -10.53 32.62
N TRP H 269 15.42 -9.47 33.13
CA TRP H 269 14.07 -9.08 32.75
C TRP H 269 13.05 -10.15 33.09
N SER H 270 13.29 -10.87 34.17
CA SER H 270 12.40 -11.92 34.62
C SER H 270 11.07 -11.40 35.10
N GLY H 271 10.93 -10.11 35.32
CA GLY H 271 9.67 -9.56 35.76
C GLY H 271 8.89 -8.95 34.62
N SER H 272 9.23 -9.33 33.39
CA SER H 272 8.57 -8.76 32.24
C SER H 272 7.12 -9.21 32.17
N HIS H 273 6.35 -8.52 31.34
CA HIS H 273 4.95 -8.88 31.15
C HIS H 273 4.85 -10.24 30.48
N LEU H 274 4.12 -11.15 31.11
CA LEU H 274 3.91 -12.47 30.53
C LEU H 274 3.25 -12.35 29.17
N ARG H 275 3.79 -13.06 28.20
CA ARG H 275 3.22 -13.12 26.87
C ARG H 275 2.67 -14.53 26.62
N TRP H 276 1.73 -14.61 25.69
CA TRP H 276 1.14 -15.89 25.37
C TRP H 276 2.21 -16.82 24.83
N GLY H 277 2.22 -18.04 25.34
CA GLY H 277 3.12 -19.05 24.82
C GLY H 277 4.59 -18.72 24.94
N GLN H 278 5.03 -18.29 26.12
CA GLN H 278 6.45 -18.20 26.38
C GLN H 278 6.83 -19.18 27.46
N PRO H 279 7.98 -19.84 27.34
CA PRO H 279 8.34 -20.87 28.32
C PRO H 279 8.54 -20.28 29.70
N LEU H 280 8.18 -21.06 30.71
CA LEU H 280 8.29 -20.62 32.09
C LEU H 280 8.07 -21.81 33.01
N ARG H 281 8.90 -21.91 34.04
CA ARG H 281 8.64 -22.90 35.09
C ARG H 281 7.61 -22.37 36.05
N ILE H 282 7.00 -23.27 36.79
CA ILE H 282 6.02 -22.92 37.81
C ILE H 282 6.43 -23.60 39.11
N ARG H 283 6.74 -22.80 40.11
CA ARG H 283 7.30 -23.30 41.36
C ARG H 283 6.30 -23.19 42.48
N HIS H 284 6.08 -24.28 43.20
CA HIS H 284 5.28 -24.19 44.40
C HIS H 284 6.05 -23.39 45.42
N VAL H 285 5.36 -22.46 46.10
CA VAL H 285 6.07 -21.53 46.95
C VAL H 285 6.43 -22.16 48.29
N THR H 286 5.46 -22.77 48.96
CA THR H 286 5.70 -23.28 50.31
C THR H 286 6.54 -24.54 50.35
N THR H 287 6.83 -25.16 49.21
CA THR H 287 7.67 -26.34 49.17
C THR H 287 8.80 -26.27 48.18
N GLY H 288 8.84 -25.26 47.32
CA GLY H 288 9.95 -25.12 46.41
C GLY H 288 10.10 -26.26 45.44
N ARG H 289 8.99 -26.79 44.93
CA ARG H 289 9.01 -27.93 44.03
C ARG H 289 8.37 -27.52 42.72
N TYR H 290 9.04 -27.84 41.62
CA TYR H 290 8.66 -27.36 40.31
C TYR H 290 7.72 -28.33 39.64
N LEU H 291 6.64 -27.80 39.10
CA LEU H 291 5.68 -28.60 38.35
C LEU H 291 6.39 -29.27 37.18
N ALA H 292 6.16 -30.56 37.00
CA ALA H 292 6.88 -31.28 35.96
C ALA H 292 6.07 -32.44 35.44
N LEU H 293 6.45 -32.89 34.25
CA LEU H 293 5.95 -34.11 33.63
C LEU H 293 7.04 -35.16 33.74
N THR H 294 6.89 -36.07 34.68
CA THR H 294 7.75 -37.24 34.77
C THR H 294 7.06 -38.41 34.11
N GLU H 295 7.87 -39.33 33.57
CA GLU H 295 7.32 -40.47 32.83
C GLU H 295 6.47 -41.36 33.73
N ASP H 296 6.93 -41.61 34.95
CA ASP H 296 6.26 -42.59 35.81
C ASP H 296 4.87 -42.12 36.22
N GLN H 297 4.75 -40.89 36.73
CA GLN H 297 3.50 -40.44 37.32
C GLN H 297 2.90 -39.24 36.61
N GLY H 298 3.29 -38.98 35.38
CA GLY H 298 2.67 -37.89 34.63
C GLY H 298 2.96 -36.56 35.27
N LEU H 299 1.92 -35.89 35.76
CA LEU H 299 2.11 -34.60 36.40
C LEU H 299 2.50 -34.79 37.86
N VAL H 300 3.62 -34.17 38.25
CA VAL H 300 4.13 -34.20 39.61
C VAL H 300 4.70 -32.83 39.94
N VAL H 301 5.18 -32.69 41.17
CA VAL H 301 6.01 -31.56 41.56
C VAL H 301 7.37 -32.11 41.95
N VAL H 302 8.32 -31.99 41.05
CA VAL H 302 9.65 -32.58 41.20
C VAL H 302 10.52 -31.59 41.96
N ASP H 303 11.54 -32.10 42.64
CA ASP H 303 12.40 -31.22 43.43
C ASP H 303 13.20 -30.31 42.52
N ALA H 304 13.91 -29.37 43.12
CA ALA H 304 14.65 -28.37 42.36
C ALA H 304 15.91 -28.94 41.72
N CYS H 305 16.31 -30.15 42.07
CA CYS H 305 17.49 -30.77 41.49
C CYS H 305 17.18 -31.54 40.23
N LYS H 306 15.91 -31.61 39.83
CA LYS H 306 15.49 -32.44 38.70
C LYS H 306 14.58 -31.66 37.76
N ALA H 307 14.76 -30.35 37.68
CA ALA H 307 13.94 -29.49 36.83
C ALA H 307 14.79 -29.06 35.65
N HIS H 308 14.85 -29.91 34.62
CA HIS H 308 15.86 -29.75 33.57
C HIS H 308 15.32 -29.09 32.31
N THR H 309 14.30 -28.24 32.44
CA THR H 309 13.76 -27.37 31.40
C THR H 309 13.07 -28.17 30.31
N LYS H 310 13.20 -29.50 30.32
CA LYS H 310 12.39 -30.35 29.49
C LYS H 310 11.15 -30.85 30.22
N ALA H 311 11.28 -31.10 31.51
CA ALA H 311 10.16 -31.57 32.31
C ALA H 311 9.34 -30.43 32.88
N THR H 312 9.96 -29.30 33.18
CA THR H 312 9.32 -28.25 33.95
C THR H 312 8.89 -27.05 33.14
N SER H 313 9.28 -26.96 31.88
CA SER H 313 8.89 -25.81 31.08
C SER H 313 7.44 -25.91 30.66
N PHE H 314 6.82 -24.76 30.43
CA PHE H 314 5.38 -24.68 30.20
C PHE H 314 5.10 -23.45 29.35
N CYS H 315 3.86 -23.34 28.89
CA CYS H 315 3.46 -22.22 28.05
C CYS H 315 1.98 -21.97 28.25
N PHE H 316 1.61 -20.89 28.93
CA PHE H 316 0.24 -20.42 28.87
C PHE H 316 -0.11 -20.09 27.42
N ARG H 317 -1.28 -20.51 26.97
CA ARG H 317 -1.71 -20.21 25.62
C ARG H 317 -3.18 -19.83 25.60
N VAL H 318 -3.55 -19.06 24.59
CA VAL H 318 -4.87 -18.46 24.54
C VAL H 318 -5.92 -19.42 24.02
N SER H 319 -5.64 -20.09 22.91
CA SER H 319 -6.56 -21.04 22.31
C SER H 319 -5.80 -22.33 22.00
N LYS H 320 -6.55 -23.43 21.94
CA LYS H 320 -5.96 -24.74 21.77
C LYS H 320 -5.49 -24.99 20.34
N GLU H 321 -5.57 -23.97 19.48
CA GLU H 321 -5.04 -24.05 18.13
C GLU H 321 -3.53 -24.13 18.16
N LYS H 322 -2.94 -24.55 17.05
CA LYS H 322 -1.52 -24.87 17.01
C LYS H 322 -0.74 -23.66 16.51
N LEU H 323 -0.05 -22.99 17.44
CA LEU H 323 0.69 -21.78 17.13
C LEU H 323 2.18 -22.04 17.04
N PRO H 327 7.45 -19.65 22.19
CA PRO H 327 8.60 -18.78 22.44
C PRO H 327 8.75 -17.66 21.42
N LYS H 328 8.97 -16.45 21.90
CA LYS H 328 9.17 -15.28 21.06
C LYS H 328 10.56 -14.71 21.32
N ARG H 329 11.00 -13.84 20.42
CA ARG H 329 12.31 -13.22 20.59
C ARG H 329 12.27 -12.29 21.78
N ASP H 330 13.25 -12.44 22.66
CA ASP H 330 13.26 -11.71 23.92
C ASP H 330 13.32 -10.22 23.65
N VAL H 331 12.45 -9.46 24.29
CA VAL H 331 12.44 -8.02 24.18
C VAL H 331 13.02 -7.45 25.46
N GLU H 332 14.05 -6.61 25.31
CA GLU H 332 14.79 -6.08 26.45
C GLU H 332 13.99 -4.95 27.11
N GLY H 333 12.80 -5.30 27.59
CA GLY H 333 11.96 -4.32 28.23
C GLY H 333 10.90 -4.99 29.05
N MET H 334 10.07 -4.16 29.66
CA MET H 334 8.93 -4.69 30.39
C MET H 334 7.98 -5.45 29.47
N GLY H 335 8.02 -5.15 28.16
CA GLY H 335 7.35 -5.95 27.17
C GLY H 335 5.96 -5.45 26.84
N PRO H 336 5.37 -6.00 25.79
CA PRO H 336 3.98 -5.72 25.49
C PRO H 336 3.06 -6.51 26.40
N PRO H 337 2.22 -5.84 27.19
CA PRO H 337 1.41 -6.53 28.19
C PRO H 337 0.30 -7.33 27.52
N GLU H 338 0.24 -8.62 27.83
CA GLU H 338 -0.75 -9.51 27.21
C GLU H 338 -1.74 -10.06 28.23
N ILE H 339 -1.29 -10.76 29.25
CA ILE H 339 -2.21 -11.44 30.14
C ILE H 339 -2.61 -10.52 31.28
N LYS H 340 -3.86 -10.63 31.69
CA LYS H 340 -4.38 -9.83 32.80
C LYS H 340 -4.70 -10.73 33.98
N TYR H 341 -5.18 -10.11 35.05
CA TYR H 341 -5.53 -10.81 36.27
C TYR H 341 -7.04 -10.86 36.42
N GLY H 342 -7.54 -12.03 36.80
CA GLY H 342 -8.97 -12.23 36.92
C GLY H 342 -9.66 -12.17 35.57
N GLU H 343 -8.86 -12.33 34.51
CA GLU H 343 -9.35 -12.30 33.15
C GLU H 343 -8.46 -13.24 32.34
N SER H 344 -8.55 -13.12 31.01
CA SER H 344 -7.61 -13.78 30.12
C SER H 344 -7.51 -15.28 30.40
N LEU H 345 -8.59 -15.98 30.08
CA LEU H 345 -8.59 -17.44 30.11
C LEU H 345 -7.37 -17.99 29.39
N CYS H 346 -6.61 -18.82 30.08
CA CYS H 346 -5.35 -19.34 29.58
C CYS H 346 -5.25 -20.84 29.80
N PHE H 347 -4.85 -21.56 28.76
CA PHE H 347 -4.59 -22.98 28.87
C PHE H 347 -3.09 -23.19 29.07
N VAL H 348 -2.74 -24.08 30.00
CA VAL H 348 -1.35 -24.38 30.31
C VAL H 348 -0.93 -25.55 29.46
N GLN H 349 0.11 -25.36 28.67
CA GLN H 349 0.61 -26.41 27.79
C GLN H 349 2.06 -26.68 28.14
N HIS H 350 2.36 -27.94 28.43
CA HIS H 350 3.74 -28.35 28.54
C HIS H 350 4.41 -28.15 27.19
N VAL H 351 5.67 -27.75 27.21
CA VAL H 351 6.26 -27.27 25.96
C VAL H 351 6.78 -28.43 25.14
N ALA H 352 7.38 -29.43 25.78
CA ALA H 352 7.98 -30.52 25.01
C ALA H 352 6.95 -31.58 24.66
N SER H 353 6.12 -31.96 25.63
CA SER H 353 5.13 -33.01 25.43
C SER H 353 3.83 -32.49 24.85
N GLY H 354 3.70 -31.19 24.63
CA GLY H 354 2.48 -30.64 24.08
C GLY H 354 1.26 -30.83 24.93
N LEU H 355 1.35 -31.57 26.03
CA LEU H 355 0.16 -31.98 26.76
C LEU H 355 -0.50 -30.79 27.44
N TRP H 356 -1.83 -30.75 27.36
CA TRP H 356 -2.58 -29.72 28.07
C TRP H 356 -2.88 -30.17 29.49
N LEU H 357 -2.93 -29.20 30.39
CA LEU H 357 -3.30 -29.47 31.76
C LEU H 357 -4.82 -29.54 31.88
N THR H 358 -5.32 -30.67 32.41
CA THR H 358 -6.75 -30.88 32.57
C THR H 358 -6.99 -31.55 33.89
N TYR H 359 -8.26 -31.81 34.17
CA TYR H 359 -8.65 -32.54 35.37
C TYR H 359 -9.03 -33.96 35.01
N ALA H 360 -8.52 -34.91 35.77
CA ALA H 360 -8.81 -36.32 35.52
C ALA H 360 -10.28 -36.58 35.76
N ALA H 361 -10.98 -36.98 34.70
CA ALA H 361 -12.42 -37.23 34.80
C ALA H 361 -12.80 -38.26 35.87
N PRO H 362 -12.09 -39.40 36.05
CA PRO H 362 -12.56 -40.44 36.99
C PRO H 362 -12.98 -39.92 38.36
N ASP H 363 -14.22 -40.22 38.74
CA ASP H 363 -14.77 -39.88 40.04
C ASP H 363 -15.25 -41.15 40.73
N PRO H 364 -14.41 -41.80 41.53
CA PRO H 364 -14.74 -43.13 42.06
C PRO H 364 -15.63 -43.10 43.29
N LYS H 365 -15.78 -44.26 43.93
CA LYS H 365 -16.54 -44.42 45.17
C LYS H 365 -16.20 -43.35 46.20
N ALA H 366 -14.92 -42.97 46.29
CA ALA H 366 -14.49 -41.93 47.21
C ALA H 366 -15.22 -40.62 46.90
N LEU H 367 -15.69 -40.48 45.67
CA LEU H 367 -16.51 -39.35 45.28
C LEU H 367 -17.97 -39.72 45.06
N ARG H 368 -18.36 -40.96 45.35
CA ARG H 368 -19.78 -41.31 45.31
C ARG H 368 -20.56 -40.51 46.34
N LEU H 369 -19.99 -40.35 47.54
CA LEU H 369 -20.56 -39.45 48.54
C LEU H 369 -19.63 -38.29 48.87
N GLY H 370 -18.32 -38.43 48.66
CA GLY H 370 -17.41 -37.34 48.95
C GLY H 370 -17.45 -36.25 47.90
N VAL H 371 -16.86 -35.11 48.26
CA VAL H 371 -16.82 -33.93 47.41
C VAL H 371 -15.63 -34.04 46.45
N LEU H 372 -15.75 -33.41 45.30
CA LEU H 372 -14.77 -33.58 44.23
C LEU H 372 -13.46 -32.88 44.55
N LYS H 373 -12.35 -33.60 44.37
CA LYS H 373 -11.01 -33.06 44.38
C LYS H 373 -10.36 -33.60 43.11
N LYS H 374 -10.59 -32.91 42.00
CA LYS H 374 -10.19 -33.43 40.70
C LYS H 374 -8.68 -33.40 40.57
N LYS H 375 -8.08 -34.57 40.44
CA LYS H 375 -6.65 -34.62 40.18
C LYS H 375 -6.35 -33.98 38.84
N ALA H 376 -5.22 -33.28 38.77
CA ALA H 376 -4.80 -32.60 37.57
C ALA H 376 -3.84 -33.51 36.82
N ILE H 377 -4.14 -33.78 35.57
CA ILE H 377 -3.36 -34.66 34.73
C ILE H 377 -3.06 -33.95 33.43
N LEU H 378 -2.00 -34.38 32.76
CA LEU H 378 -1.63 -33.87 31.47
C LEU H 378 -2.18 -34.80 30.40
N HIS H 379 -2.86 -34.24 29.42
CA HIS H 379 -3.60 -35.04 28.45
C HIS H 379 -3.21 -34.61 27.04
N GLN H 380 -3.37 -35.54 26.09
CA GLN H 380 -2.99 -35.27 24.71
C GLN H 380 -3.83 -34.14 24.11
N GLU H 381 -5.12 -34.17 24.34
CA GLU H 381 -6.04 -33.18 23.80
C GLU H 381 -6.84 -32.45 24.86
N GLY H 382 -7.24 -33.15 25.92
CA GLY H 382 -7.84 -32.48 27.06
C GLY H 382 -9.25 -31.97 26.83
N HIS H 383 -9.88 -31.50 27.90
CA HIS H 383 -11.23 -30.97 27.81
C HIS H 383 -11.21 -29.56 27.21
N MET H 384 -12.41 -29.05 26.92
CA MET H 384 -12.57 -27.71 26.39
C MET H 384 -12.92 -26.68 27.44
N ASP H 385 -13.01 -27.06 28.71
CA ASP H 385 -13.35 -26.15 29.79
C ASP H 385 -12.20 -25.94 30.76
N ASP H 386 -11.01 -26.39 30.43
CA ASP H 386 -9.89 -26.39 31.36
C ASP H 386 -9.15 -25.05 31.44
N ALA H 387 -9.71 -23.97 30.90
CA ALA H 387 -9.04 -22.68 30.95
C ALA H 387 -9.01 -22.12 32.37
N LEU H 388 -7.93 -21.42 32.70
CA LEU H 388 -7.65 -20.99 34.06
C LEU H 388 -7.57 -19.48 34.15
N PHE H 389 -8.28 -18.89 35.10
CA PHE H 389 -7.98 -17.55 35.55
C PHE H 389 -6.76 -17.57 36.45
N LEU H 390 -6.00 -16.49 36.41
CA LEU H 390 -4.90 -16.26 37.34
C LEU H 390 -5.28 -15.12 38.26
N THR H 391 -5.26 -15.38 39.55
CA THR H 391 -5.49 -14.33 40.53
C THR H 391 -4.16 -13.94 41.13
N ARG H 392 -4.18 -12.89 41.94
CA ARG H 392 -2.98 -12.40 42.59
C ARG H 392 -3.14 -12.58 44.08
N CYS H 393 -2.02 -12.81 44.77
CA CYS H 393 -2.02 -12.94 46.21
C CYS H 393 -1.41 -11.71 46.83
N GLN H 394 -1.91 -11.31 48.00
CA GLN H 394 -1.39 -10.14 48.67
C GLN H 394 0.07 -10.36 49.05
N GLN H 395 0.81 -9.27 49.15
CA GLN H 395 2.22 -9.38 49.51
C GLN H 395 2.41 -10.03 50.87
N GLU H 396 1.45 -9.86 51.78
CA GLU H 396 1.50 -10.56 53.04
C GLU H 396 1.48 -12.07 52.84
N GLU H 397 0.58 -12.55 51.99
CA GLU H 397 0.49 -13.99 51.75
C GLU H 397 1.72 -14.52 51.06
N SER H 398 2.25 -13.81 50.08
CA SER H 398 3.44 -14.29 49.38
C SER H 398 4.63 -14.33 50.31
N GLN H 399 4.80 -13.29 51.12
CA GLN H 399 5.89 -13.28 52.08
C GLN H 399 5.76 -14.40 53.08
N ALA H 400 4.54 -14.65 53.57
CA ALA H 400 4.34 -15.74 54.51
C ALA H 400 4.62 -17.09 53.86
N ALA H 401 4.19 -17.27 52.62
CA ALA H 401 4.40 -18.54 51.92
C ALA H 401 5.86 -18.79 51.65
N ARG H 402 6.66 -17.75 51.53
CA ARG H 402 8.09 -17.97 51.41
C ARG H 402 8.77 -18.09 52.77
N MET H 403 8.24 -17.47 53.82
CA MET H 403 8.77 -17.70 55.15
C MET H 403 8.57 -19.13 55.61
N ILE H 404 7.44 -19.73 55.25
CA ILE H 404 7.18 -21.13 55.56
C ILE H 404 8.16 -22.06 54.88
N HIS H 405 8.60 -21.73 53.68
CA HIS H 405 9.56 -22.58 52.99
C HIS H 405 10.92 -22.58 53.62
N SER H 406 11.29 -21.49 54.30
CA SER H 406 12.59 -21.44 54.97
C SER H 406 12.52 -21.94 56.40
N THR H 407 11.44 -21.61 57.11
CA THR H 407 11.25 -22.08 58.46
C THR H 407 11.16 -23.60 58.51
N ALA H 408 10.40 -24.18 57.59
CA ALA H 408 10.27 -25.63 57.55
C ALA H 408 11.61 -26.30 57.30
N GLY H 409 12.37 -25.77 56.35
CA GLY H 409 13.68 -26.35 56.08
C GLY H 409 14.62 -26.25 57.26
N LEU H 410 14.66 -25.08 57.88
CA LEU H 410 15.53 -24.88 59.04
C LEU H 410 15.17 -25.82 60.17
N TYR H 411 13.88 -25.91 60.49
CA TYR H 411 13.51 -26.70 61.65
C TYR H 411 13.56 -28.19 61.35
N ASN H 412 13.42 -28.58 60.09
CA ASN H 412 13.64 -29.97 59.76
C ASN H 412 15.11 -30.34 59.84
N GLN H 413 16.01 -29.43 59.48
CA GLN H 413 17.41 -29.66 59.75
C GLN H 413 17.67 -29.80 61.25
N PHE H 414 17.05 -28.94 62.05
CA PHE H 414 17.20 -29.04 63.49
C PHE H 414 16.70 -30.37 64.02
N ILE H 415 15.52 -30.79 63.59
CA ILE H 415 14.95 -32.04 64.06
C ILE H 415 15.81 -33.21 63.65
N LYS H 416 16.21 -33.26 62.38
CA LYS H 416 17.02 -34.35 61.89
C LYS H 416 18.41 -34.36 62.50
N GLY H 417 18.90 -33.21 62.95
CA GLY H 417 20.13 -33.18 63.71
C GLY H 417 19.95 -33.73 65.10
N LEU H 418 18.83 -33.38 65.74
CA LEU H 418 18.54 -33.93 67.07
C LEU H 418 18.39 -35.44 67.01
N ASP H 419 17.73 -35.94 65.97
CA ASP H 419 17.57 -37.37 65.83
C ASP H 419 18.87 -38.09 65.49
N SER H 420 19.93 -37.36 65.17
CA SER H 420 21.20 -38.01 64.90
C SER H 420 21.82 -38.55 66.18
N PHE H 421 21.71 -37.82 67.28
CA PHE H 421 22.23 -38.27 68.56
C PHE H 421 21.12 -38.56 69.57
N SER H 422 19.99 -39.10 69.11
CA SER H 422 18.91 -39.42 70.02
C SER H 422 19.38 -40.39 71.11
N GLY H 423 20.00 -41.49 70.69
CA GLY H 423 20.75 -42.29 71.62
C GLY H 423 22.18 -41.79 71.61
N LYS H 424 23.13 -42.69 71.36
CA LYS H 424 24.50 -42.30 71.04
C LYS H 424 25.08 -41.29 72.03
N PRO H 425 25.40 -41.70 73.25
CA PRO H 425 26.05 -40.77 74.19
C PRO H 425 27.37 -40.27 73.61
N ARG H 426 27.66 -39.00 73.88
CA ARG H 426 28.89 -38.41 73.40
C ARG H 426 30.12 -39.02 74.05
N GLY H 427 29.97 -39.59 75.23
CA GLY H 427 31.14 -40.05 75.97
C GLY H 427 31.95 -38.85 76.42
N SER H 428 33.25 -38.91 76.16
CA SER H 428 34.14 -37.78 76.40
C SER H 428 34.71 -37.24 75.09
N GLY H 429 34.13 -37.62 73.95
CA GLY H 429 34.65 -37.22 72.67
C GLY H 429 33.86 -36.11 72.02
N PRO H 430 33.61 -36.25 70.73
CA PRO H 430 32.96 -35.18 69.98
C PRO H 430 31.45 -35.41 69.90
N PRO H 431 30.70 -34.40 69.47
CA PRO H 431 29.29 -34.62 69.14
C PRO H 431 29.14 -35.67 68.04
N ALA H 432 27.91 -36.17 67.88
CA ALA H 432 27.68 -37.30 66.99
C ALA H 432 28.00 -36.94 65.54
N GLY H 433 27.23 -36.01 64.95
CA GLY H 433 27.34 -35.72 63.54
C GLY H 433 27.51 -34.26 63.21
N PRO H 434 26.91 -33.82 62.09
CA PRO H 434 27.07 -32.43 61.65
C PRO H 434 26.51 -31.43 62.64
N ALA H 435 27.03 -30.20 62.60
CA ALA H 435 26.72 -29.21 63.61
C ALA H 435 25.25 -28.81 63.55
N LEU H 436 24.64 -28.65 64.73
CA LEU H 436 23.27 -28.19 64.80
C LEU H 436 23.19 -26.74 64.34
N PRO H 437 22.14 -26.35 63.64
CA PRO H 437 21.98 -24.94 63.28
C PRO H 437 21.37 -24.14 64.42
N ILE H 438 22.17 -23.87 65.44
CA ILE H 438 21.62 -23.29 66.66
C ILE H 438 21.43 -21.78 66.53
N GLU H 439 22.42 -21.06 66.02
CA GLU H 439 22.28 -19.61 65.95
C GLU H 439 21.19 -19.25 64.95
N ALA H 440 21.10 -20.01 63.85
CA ALA H 440 20.04 -19.79 62.88
C ALA H 440 18.67 -20.04 63.49
N VAL H 441 18.55 -21.10 64.29
CA VAL H 441 17.27 -21.41 64.92
C VAL H 441 16.88 -20.32 65.89
N ILE H 442 17.83 -19.84 66.71
CA ILE H 442 17.52 -18.80 67.67
C ILE H 442 17.06 -17.55 66.96
N LEU H 443 17.78 -17.14 65.92
CA LEU H 443 17.41 -15.95 65.18
C LEU H 443 16.06 -16.11 64.50
N SER H 444 15.81 -17.27 63.89
CA SER H 444 14.55 -17.47 63.18
C SER H 444 13.38 -17.45 64.14
N LEU H 445 13.53 -18.10 65.30
CA LEU H 445 12.46 -18.07 66.29
C LEU H 445 12.25 -16.68 66.82
N GLN H 446 13.32 -15.94 67.06
CA GLN H 446 13.18 -14.56 67.51
C GLN H 446 12.44 -13.72 66.48
N ASP H 447 12.74 -13.92 65.20
CA ASP H 447 12.08 -13.17 64.14
C ASP H 447 10.62 -13.57 63.99
N LEU H 448 10.30 -14.84 64.16
CA LEU H 448 8.92 -15.30 64.04
C LEU H 448 8.08 -14.88 65.23
N ILE H 449 8.68 -14.76 66.41
CA ILE H 449 7.96 -14.22 67.56
C ILE H 449 7.60 -12.77 67.36
N GLY H 450 8.46 -11.98 66.71
CA GLY H 450 8.14 -10.61 66.39
C GLY H 450 7.21 -10.50 65.20
N TYR H 451 7.26 -11.49 64.31
CA TYR H 451 6.33 -11.57 63.20
C TYR H 451 4.90 -11.66 63.69
N PHE H 452 4.70 -12.34 64.82
CA PHE H 452 3.38 -12.63 65.34
C PHE H 452 3.03 -11.77 66.54
N GLU H 453 3.77 -10.70 66.78
CA GLU H 453 3.51 -9.89 67.96
C GLU H 453 2.12 -9.29 67.87
N PRO H 454 1.35 -9.29 68.95
CA PRO H 454 0.01 -8.74 68.90
C PRO H 454 0.07 -7.24 68.60
N PRO H 455 -0.93 -6.71 67.92
CA PRO H 455 -0.96 -5.26 67.69
C PRO H 455 -1.03 -4.51 69.01
N SER H 456 -0.35 -3.36 69.04
CA SER H 456 -0.23 -2.56 70.24
C SER H 456 -1.58 -1.95 70.63
N GLU H 457 -1.64 -1.46 71.86
CA GLU H 457 -2.89 -0.90 72.37
C GLU H 457 -3.10 0.53 71.92
N GLU H 458 -2.02 1.32 71.87
CA GLU H 458 -2.19 2.70 71.40
C GLU H 458 -2.56 2.72 69.93
N LEU H 459 -2.41 1.59 69.23
CA LEU H 459 -2.89 1.56 67.85
C LEU H 459 -4.36 1.91 67.84
N GLN H 460 -4.71 2.79 66.91
CA GLN H 460 -6.00 3.43 66.90
C GLN H 460 -6.99 2.38 66.40
N HIS H 461 -8.28 2.56 66.68
CA HIS H 461 -9.20 1.42 66.61
C HIS H 461 -9.16 0.70 65.27
N GLU H 462 -9.34 1.42 64.17
CA GLU H 462 -9.46 0.77 62.87
C GLU H 462 -8.15 0.09 62.48
N GLU H 463 -7.02 0.73 62.77
CA GLU H 463 -5.73 0.11 62.54
C GLU H 463 -5.59 -1.17 63.34
N LYS H 464 -6.04 -1.14 64.59
CA LYS H 464 -5.97 -2.31 65.46
C LYS H 464 -6.77 -3.46 64.86
N GLN H 465 -7.97 -3.17 64.37
CA GLN H 465 -8.79 -4.23 63.84
C GLN H 465 -8.34 -4.71 62.47
N SER H 466 -7.61 -3.90 61.72
CA SER H 466 -7.02 -4.42 60.49
C SER H 466 -5.83 -5.32 60.79
N LYS H 467 -4.97 -4.89 61.72
CA LYS H 467 -3.81 -5.70 62.07
C LYS H 467 -4.23 -7.02 62.70
N LEU H 468 -5.33 -7.01 63.44
CA LEU H 468 -5.81 -8.27 64.00
C LEU H 468 -6.22 -9.25 62.91
N ARG H 469 -6.93 -8.78 61.90
CA ARG H 469 -7.30 -9.66 60.79
C ARG H 469 -6.06 -10.20 60.11
N SER H 470 -5.07 -9.34 59.87
CA SER H 470 -3.85 -9.80 59.23
C SER H 470 -3.14 -10.85 60.08
N LEU H 471 -3.08 -10.62 61.39
CA LEU H 471 -2.42 -11.57 62.27
C LEU H 471 -3.13 -12.91 62.27
N ARG H 472 -4.45 -12.89 62.35
CA ARG H 472 -5.22 -14.14 62.31
C ARG H 472 -4.96 -14.87 61.02
N ASN H 473 -4.91 -14.14 59.91
CA ASN H 473 -4.65 -14.75 58.62
C ASN H 473 -3.28 -15.42 58.61
N ARG H 474 -2.25 -14.72 59.08
CA ARG H 474 -0.90 -15.27 59.04
C ARG H 474 -0.78 -16.50 59.91
N GLN H 475 -1.39 -16.45 61.10
CA GLN H 475 -1.36 -17.62 61.97
C GLN H 475 -2.07 -18.80 61.34
N SER H 476 -3.21 -18.56 60.67
CA SER H 476 -3.90 -19.65 60.01
C SER H 476 -3.05 -20.24 58.90
N LEU H 477 -2.38 -19.40 58.11
CA LEU H 477 -1.50 -19.92 57.08
C LEU H 477 -0.44 -20.84 57.68
N PHE H 478 0.27 -20.35 58.69
CA PHE H 478 1.33 -21.16 59.28
C PHE H 478 0.79 -22.47 59.84
N GLN H 479 -0.36 -22.42 60.51
CA GLN H 479 -0.90 -23.64 61.08
C GLN H 479 -1.32 -24.62 60.00
N GLU H 480 -2.04 -24.15 58.98
CA GLU H 480 -2.51 -25.04 57.92
C GLU H 480 -1.37 -25.64 57.12
N GLU H 481 -0.19 -25.01 57.14
CA GLU H 481 0.99 -25.63 56.55
C GLU H 481 1.79 -26.42 57.57
N GLY H 482 1.19 -26.77 58.69
CA GLY H 482 1.84 -27.60 59.68
C GLY H 482 3.05 -26.99 60.34
N MET H 483 2.95 -25.74 60.78
CA MET H 483 4.01 -25.14 61.58
C MET H 483 3.72 -25.23 63.07
N LEU H 484 2.51 -25.59 63.47
CA LEU H 484 2.22 -25.94 64.84
C LEU H 484 2.47 -27.40 65.14
N SER H 485 2.97 -28.15 64.17
CA SER H 485 3.45 -29.50 64.43
C SER H 485 4.96 -29.58 64.39
N LEU H 486 5.60 -28.77 63.54
CA LEU H 486 7.04 -28.73 63.52
C LEU H 486 7.58 -28.18 64.84
N VAL H 487 6.92 -27.17 65.38
CA VAL H 487 7.32 -26.63 66.68
C VAL H 487 7.12 -27.66 67.77
N LEU H 488 6.02 -28.39 67.72
CA LEU H 488 5.78 -29.43 68.72
C LEU H 488 6.85 -30.51 68.64
N ASN H 489 7.24 -30.90 67.43
CA ASN H 489 8.27 -31.91 67.29
C ASN H 489 9.60 -31.42 67.83
N CYS H 490 9.93 -30.15 67.57
CA CYS H 490 11.15 -29.58 68.15
C CYS H 490 11.10 -29.61 69.67
N ILE H 491 9.96 -29.24 70.25
CA ILE H 491 9.82 -29.26 71.70
C ILE H 491 10.01 -30.66 72.23
N ASP H 492 9.37 -31.64 71.59
CA ASP H 492 9.48 -33.03 72.07
C ASP H 492 10.92 -33.51 72.01
N ARG H 493 11.61 -33.25 70.91
CA ARG H 493 12.98 -33.71 70.81
C ARG H 493 13.87 -33.02 71.83
N LEU H 494 13.65 -31.74 72.09
CA LEU H 494 14.44 -31.02 73.07
C LEU H 494 13.95 -31.25 74.48
N ASN H 495 12.88 -32.01 74.65
CA ASN H 495 12.26 -32.23 75.95
C ASN H 495 12.65 -33.56 76.57
N VAL H 496 13.17 -34.49 75.78
CA VAL H 496 13.66 -35.75 76.34
C VAL H 496 14.89 -35.54 77.20
N TYR H 497 15.37 -34.31 77.31
CA TYR H 497 16.53 -33.98 78.12
C TYR H 497 16.09 -33.11 79.27
N THR H 498 16.46 -33.50 80.49
CA THR H 498 15.96 -32.81 81.67
C THR H 498 16.60 -31.46 81.85
N THR H 499 17.90 -31.35 81.58
CA THR H 499 18.62 -30.11 81.77
C THR H 499 19.69 -29.95 80.72
N ALA H 500 20.34 -28.79 80.74
CA ALA H 500 21.33 -28.49 79.72
C ALA H 500 22.52 -29.42 79.78
N ALA H 501 22.89 -29.89 80.97
CA ALA H 501 23.99 -30.85 81.07
C ALA H 501 23.60 -32.19 80.46
N HIS H 502 22.36 -32.59 80.65
CA HIS H 502 21.87 -33.80 80.00
C HIS H 502 21.95 -33.67 78.49
N PHE H 503 21.59 -32.50 77.98
CA PHE H 503 21.74 -32.22 76.55
C PHE H 503 23.19 -32.24 76.12
N ALA H 504 24.07 -31.70 76.96
CA ALA H 504 25.50 -31.65 76.64
C ALA H 504 26.08 -33.05 76.54
N GLU H 505 25.59 -33.98 77.34
CA GLU H 505 26.09 -35.35 77.28
C GLU H 505 25.85 -35.99 75.92
N TYR H 506 24.98 -35.40 75.11
CA TYR H 506 24.69 -35.91 73.78
C TYR H 506 25.08 -34.94 72.68
N ALA H 507 24.82 -33.65 72.85
CA ALA H 507 25.09 -32.65 71.82
C ALA H 507 26.46 -32.01 71.99
N GLY H 508 26.76 -31.52 73.17
CA GLY H 508 28.05 -30.89 73.40
C GLY H 508 27.87 -29.68 74.29
N GLU H 509 29.00 -29.16 74.75
CA GLU H 509 28.97 -28.03 75.67
C GLU H 509 28.43 -26.78 74.96
N GLU H 510 28.99 -26.46 73.80
CA GLU H 510 28.56 -25.27 73.08
C GLU H 510 27.11 -25.39 72.65
N ALA H 511 26.71 -26.56 72.16
CA ALA H 511 25.31 -26.76 71.79
C ALA H 511 24.39 -26.60 72.99
N ALA H 512 24.79 -27.16 74.13
CA ALA H 512 23.96 -27.07 75.32
C ALA H 512 23.96 -25.67 75.92
N GLU H 513 24.83 -24.79 75.44
CA GLU H 513 24.78 -23.42 75.91
C GLU H 513 23.50 -22.71 75.52
N SER H 514 22.78 -23.19 74.52
CA SER H 514 21.58 -22.55 74.04
C SER H 514 20.33 -23.39 74.22
N TRP H 515 20.41 -24.47 75.00
CA TRP H 515 19.27 -25.36 75.17
C TRP H 515 18.09 -24.63 75.81
N LYS H 516 18.34 -23.96 76.93
CA LYS H 516 17.26 -23.29 77.62
C LYS H 516 16.69 -22.15 76.79
N GLU H 517 17.56 -21.39 76.12
CA GLU H 517 17.09 -20.30 75.29
C GLU H 517 16.20 -20.81 74.16
N ILE H 518 16.62 -21.88 73.49
CA ILE H 518 15.82 -22.40 72.39
C ILE H 518 14.50 -22.95 72.92
N VAL H 519 14.54 -23.68 74.03
CA VAL H 519 13.33 -24.31 74.53
C VAL H 519 12.36 -23.28 75.07
N ASN H 520 12.83 -22.10 75.47
CA ASN H 520 11.93 -21.00 75.78
C ASN H 520 11.39 -20.30 74.55
N LEU H 521 12.21 -20.07 73.53
CA LEU H 521 11.71 -19.45 72.31
C LEU H 521 10.67 -20.30 71.62
N LEU H 522 10.82 -21.62 71.65
CA LEU H 522 9.80 -22.47 71.05
C LEU H 522 8.47 -22.32 71.77
N TYR H 523 8.50 -22.29 73.09
CA TYR H 523 7.29 -22.15 73.87
C TYR H 523 6.68 -20.77 73.75
N GLU H 524 7.47 -19.76 73.44
CA GLU H 524 6.93 -18.44 73.16
C GLU H 524 6.30 -18.38 71.77
N LEU H 525 6.96 -18.96 70.77
CA LEU H 525 6.42 -18.96 69.42
C LEU H 525 5.12 -19.74 69.35
N LEU H 526 5.02 -20.84 70.09
CA LEU H 526 3.79 -21.62 70.08
C LEU H 526 2.62 -20.78 70.57
N ALA H 527 2.82 -20.04 71.65
CA ALA H 527 1.77 -19.15 72.13
C ALA H 527 1.48 -18.07 71.10
N SER H 528 2.51 -17.52 70.47
CA SER H 528 2.29 -16.52 69.43
C SER H 528 1.46 -17.07 68.29
N LEU H 529 1.64 -18.34 67.96
CA LEU H 529 0.86 -18.94 66.89
C LEU H 529 -0.58 -19.14 67.31
N ILE H 530 -0.81 -19.54 68.56
CA ILE H 530 -2.15 -19.92 68.97
C ILE H 530 -2.91 -18.81 69.70
N ARG H 531 -2.29 -17.67 69.95
CA ARG H 531 -2.95 -16.67 70.77
C ARG H 531 -4.05 -15.99 69.97
N GLY H 532 -5.30 -16.19 70.40
CA GLY H 532 -6.43 -15.53 69.80
C GLY H 532 -7.17 -16.33 68.75
N ASN H 533 -6.55 -17.35 68.18
CA ASN H 533 -7.20 -18.20 67.20
C ASN H 533 -7.99 -19.27 67.93
N ARG H 534 -9.28 -19.35 67.65
CA ARG H 534 -10.05 -20.46 68.18
C ARG H 534 -9.71 -21.76 67.47
N ALA H 535 -9.20 -21.69 66.25
CA ALA H 535 -8.85 -22.91 65.52
C ALA H 535 -7.53 -23.50 66.01
N ASN H 536 -6.48 -22.69 66.05
CA ASN H 536 -5.21 -23.18 66.55
C ASN H 536 -5.29 -23.59 68.01
N CYS H 537 -6.17 -22.96 68.78
CA CYS H 537 -6.42 -23.39 70.14
C CYS H 537 -7.29 -24.64 70.20
N ALA H 538 -8.19 -24.82 69.22
CA ALA H 538 -8.96 -26.04 69.09
C ALA H 538 -8.11 -27.24 68.76
N LEU H 539 -6.94 -27.01 68.15
CA LEU H 539 -6.05 -28.13 67.84
C LEU H 539 -5.61 -28.88 69.08
N PHE H 540 -5.75 -28.29 70.27
CA PHE H 540 -5.25 -28.89 71.49
C PHE H 540 -6.32 -29.65 72.25
N SER H 541 -7.37 -30.10 71.57
CA SER H 541 -8.38 -30.92 72.24
C SER H 541 -7.91 -32.35 72.40
N THR H 542 -6.82 -32.72 71.73
CA THR H 542 -6.34 -34.09 71.77
C THR H 542 -4.95 -34.21 72.37
N ASN H 543 -4.13 -33.17 72.30
CA ASN H 543 -2.82 -33.17 72.95
C ASN H 543 -2.81 -32.14 74.06
N LEU H 544 -3.87 -32.14 74.87
CA LEU H 544 -3.88 -31.32 76.08
C LEU H 544 -2.99 -31.93 77.15
N ASP H 545 -2.97 -33.25 77.25
CA ASP H 545 -2.04 -33.90 78.15
C ASP H 545 -0.59 -33.63 77.74
N TRP H 546 -0.37 -33.21 76.50
CA TRP H 546 0.95 -32.75 76.09
C TRP H 546 1.35 -31.52 76.88
N VAL H 547 0.43 -30.58 77.04
CA VAL H 547 0.75 -29.32 77.71
C VAL H 547 0.76 -29.49 79.20
N VAL H 548 -0.27 -30.12 79.75
CA VAL H 548 -0.37 -30.26 81.20
C VAL H 548 0.79 -31.05 81.77
N SER H 549 1.32 -32.01 81.03
CA SER H 549 2.40 -32.84 81.54
C SER H 549 3.75 -32.16 81.48
N LYS H 550 3.83 -30.94 80.96
CA LYS H 550 5.08 -30.21 80.90
C LYS H 550 5.08 -29.01 81.82
N LEU H 551 4.07 -28.86 82.67
CA LEU H 551 3.97 -27.66 83.49
C LEU H 551 5.02 -27.62 84.58
N ASP H 552 5.51 -28.77 85.01
CA ASP H 552 6.50 -28.82 86.09
C ASP H 552 7.92 -28.61 85.60
N ARG H 553 8.15 -28.64 84.29
CA ARG H 553 9.49 -28.47 83.75
C ARG H 553 10.04 -27.11 84.13
N LEU H 554 11.22 -27.10 84.73
CA LEU H 554 11.79 -25.86 85.25
C LEU H 554 12.53 -25.05 84.19
N GLU H 555 12.95 -25.65 83.09
CA GLU H 555 13.72 -24.92 82.10
C GLU H 555 12.91 -23.78 81.50
N ALA H 556 11.64 -24.03 81.20
CA ALA H 556 10.73 -23.00 80.70
C ALA H 556 9.39 -23.30 81.34
N SER H 557 9.14 -22.69 82.49
CA SER H 557 7.92 -22.92 83.24
C SER H 557 6.89 -21.83 83.06
N SER H 558 7.32 -20.61 82.78
CA SER H 558 6.37 -19.54 82.47
C SER H 558 5.80 -19.69 81.07
N GLY H 559 6.64 -20.13 80.13
CA GLY H 559 6.19 -20.23 78.74
C GLY H 559 5.10 -21.27 78.57
N ILE H 560 5.27 -22.43 79.21
CA ILE H 560 4.28 -23.49 79.07
C ILE H 560 2.98 -23.08 79.73
N LEU H 561 3.06 -22.35 80.84
CA LEU H 561 1.86 -21.83 81.48
C LEU H 561 1.16 -20.82 80.60
N GLU H 562 1.91 -19.97 79.91
CA GLU H 562 1.30 -19.02 79.00
C GLU H 562 0.60 -19.73 77.84
N VAL H 563 1.22 -20.78 77.31
CA VAL H 563 0.57 -21.56 76.26
C VAL H 563 -0.74 -22.12 76.76
N LEU H 564 -0.73 -22.67 77.98
CA LEU H 564 -1.94 -23.20 78.56
C LEU H 564 -3.00 -22.12 78.70
N TYR H 565 -2.59 -20.93 79.13
CA TYR H 565 -3.53 -19.86 79.35
C TYR H 565 -4.20 -19.45 78.05
N CYS H 566 -3.41 -19.34 76.97
CA CYS H 566 -3.99 -18.99 75.67
C CYS H 566 -4.98 -20.06 75.22
N VAL H 567 -4.59 -21.34 75.33
CA VAL H 567 -5.46 -22.42 74.90
C VAL H 567 -6.78 -22.37 75.64
N LEU H 568 -6.72 -22.22 76.96
CA LEU H 568 -7.92 -22.24 77.78
C LEU H 568 -8.77 -21.00 77.61
N ILE H 569 -8.16 -19.84 77.39
CA ILE H 569 -8.93 -18.61 77.27
C ILE H 569 -9.55 -18.46 75.90
N GLU H 570 -9.12 -19.22 74.90
CA GLU H 570 -9.71 -19.07 73.58
C GLU H 570 -10.62 -20.21 73.16
N SER H 571 -10.33 -21.45 73.53
CA SER H 571 -11.13 -22.57 73.09
C SER H 571 -12.07 -23.03 74.19
N PRO H 572 -13.39 -23.06 73.95
CA PRO H 572 -14.31 -23.63 74.92
C PRO H 572 -14.47 -25.14 74.85
N GLU H 573 -14.09 -25.76 73.74
CA GLU H 573 -14.15 -27.21 73.64
C GLU H 573 -13.05 -27.87 74.45
N VAL H 574 -11.94 -27.17 74.68
CA VAL H 574 -10.88 -27.69 75.52
C VAL H 574 -11.35 -27.80 76.96
N LEU H 575 -12.21 -26.88 77.40
CA LEU H 575 -12.70 -26.92 78.77
C LEU H 575 -13.51 -28.19 79.05
N ASN H 576 -14.12 -28.77 78.02
CA ASN H 576 -14.97 -29.93 78.26
C ASN H 576 -14.16 -31.20 78.47
N ILE H 577 -12.90 -31.23 78.03
CA ILE H 577 -12.08 -32.42 78.16
C ILE H 577 -11.16 -32.37 79.38
N ILE H 578 -11.21 -31.29 80.16
CA ILE H 578 -10.44 -31.23 81.40
C ILE H 578 -10.98 -32.27 82.36
N GLN H 579 -10.09 -33.05 82.95
CA GLN H 579 -10.44 -34.02 83.96
C GLN H 579 -9.79 -33.63 85.29
N GLU H 580 -9.99 -34.48 86.29
CA GLU H 580 -9.40 -34.20 87.59
C GLU H 580 -7.89 -34.33 87.54
N ASN H 581 -7.36 -35.14 86.62
CA ASN H 581 -5.92 -35.25 86.45
C ASN H 581 -5.33 -33.90 86.13
N HIS H 582 -5.95 -33.17 85.22
CA HIS H 582 -5.41 -31.90 84.78
C HIS H 582 -5.53 -30.84 85.86
N ILE H 583 -6.68 -30.79 86.55
CA ILE H 583 -6.88 -29.79 87.58
C ILE H 583 -5.99 -30.05 88.79
N LYS H 584 -5.80 -31.30 89.17
CA LYS H 584 -4.88 -31.61 90.25
C LYS H 584 -3.43 -31.34 89.89
N SER H 585 -3.13 -31.17 88.61
CA SER H 585 -1.79 -30.77 88.19
C SER H 585 -1.61 -29.28 88.10
N ILE H 586 -2.64 -28.55 87.65
CA ILE H 586 -2.54 -27.09 87.64
C ILE H 586 -2.49 -26.55 89.05
N ILE H 587 -3.22 -27.18 89.98
CA ILE H 587 -3.14 -26.78 91.37
C ILE H 587 -1.78 -27.07 91.97
N SER H 588 -1.16 -28.19 91.60
CA SER H 588 0.16 -28.52 92.13
C SER H 588 1.21 -27.51 91.74
N LEU H 589 0.99 -26.74 90.68
CA LEU H 589 1.87 -25.63 90.40
C LEU H 589 1.87 -24.60 91.51
N LEU H 590 0.72 -24.34 92.12
CA LEU H 590 0.68 -23.44 93.24
C LEU H 590 1.50 -23.95 94.42
N ASP H 591 1.43 -25.23 94.70
CA ASP H 591 2.19 -25.81 95.81
C ASP H 591 3.67 -25.88 95.52
N LYS H 592 4.06 -26.07 94.26
CA LYS H 592 5.45 -26.33 93.93
C LYS H 592 6.16 -25.13 93.34
N HIS H 593 5.45 -24.20 92.72
CA HIS H 593 6.10 -23.06 92.11
C HIS H 593 5.81 -21.74 92.79
N GLY H 594 4.93 -21.71 93.78
CA GLY H 594 4.71 -20.53 94.58
C GLY H 594 3.34 -19.95 94.37
N ARG H 595 3.09 -18.85 95.05
CA ARG H 595 1.83 -18.13 94.93
C ARG H 595 1.93 -17.22 93.72
N ASN H 596 1.47 -17.73 92.58
CA ASN H 596 1.48 -17.01 91.31
C ASN H 596 0.06 -16.74 90.89
N HIS H 597 -0.27 -15.49 90.62
CA HIS H 597 -1.65 -15.16 90.30
C HIS H 597 -2.05 -15.68 88.93
N LYS H 598 -1.09 -15.92 88.05
CA LYS H 598 -1.42 -16.42 86.72
C LYS H 598 -2.01 -17.82 86.79
N VAL H 599 -1.60 -18.62 87.77
CA VAL H 599 -2.21 -19.93 87.93
C VAL H 599 -3.67 -19.78 88.31
N LEU H 600 -3.97 -18.82 89.20
CA LEU H 600 -5.36 -18.55 89.53
C LEU H 600 -6.13 -18.05 88.32
N ASP H 601 -5.47 -17.29 87.44
CA ASP H 601 -6.14 -16.85 86.22
C ASP H 601 -6.50 -18.04 85.34
N VAL H 602 -5.58 -19.00 85.22
CA VAL H 602 -5.87 -20.22 84.48
C VAL H 602 -7.08 -20.92 85.09
N LEU H 603 -7.08 -21.06 86.41
CA LEU H 603 -8.16 -21.78 87.06
C LEU H 603 -9.49 -21.05 86.91
N CYS H 604 -9.48 -19.72 86.94
CA CYS H 604 -10.69 -18.97 86.63
C CYS H 604 -11.17 -19.23 85.22
N SER H 605 -10.27 -19.27 84.25
CA SER H 605 -10.69 -19.55 82.88
C SER H 605 -11.18 -20.97 82.70
N LEU H 606 -10.87 -21.88 83.60
CA LEU H 606 -11.36 -23.25 83.49
C LEU H 606 -12.82 -23.40 83.85
N CYS H 607 -13.44 -22.39 84.45
CA CYS H 607 -14.82 -22.48 84.92
C CYS H 607 -15.82 -21.90 83.95
N VAL H 608 -15.60 -20.68 83.48
CA VAL H 608 -16.51 -20.00 82.58
C VAL H 608 -15.77 -19.66 81.30
N CYS H 609 -16.33 -20.08 80.16
CA CYS H 609 -15.77 -19.72 78.86
C CYS H 609 -16.88 -19.14 78.00
N ASN H 610 -16.76 -17.86 77.67
CA ASN H 610 -17.71 -17.16 76.81
C ASN H 610 -19.11 -17.15 77.42
N GLY H 611 -19.20 -16.98 78.73
CA GLY H 611 -20.47 -16.80 79.39
C GLY H 611 -21.21 -18.08 79.72
N VAL H 612 -20.63 -19.24 79.49
CA VAL H 612 -21.25 -20.50 79.87
C VAL H 612 -20.37 -21.18 80.89
N ALA H 613 -21.00 -21.68 81.95
CA ALA H 613 -20.31 -22.28 83.08
C ALA H 613 -20.18 -23.78 82.90
N VAL H 614 -19.01 -24.31 83.21
CA VAL H 614 -18.72 -25.73 83.12
C VAL H 614 -18.66 -26.24 84.55
N ARG H 615 -19.72 -26.89 85.01
CA ARG H 615 -19.85 -27.14 86.44
C ARG H 615 -18.88 -28.21 86.93
N SER H 616 -18.50 -29.15 86.07
CA SER H 616 -17.55 -30.16 86.52
C SER H 616 -16.24 -29.51 86.94
N ASN H 617 -15.77 -28.53 86.17
CA ASN H 617 -14.53 -27.86 86.52
C ASN H 617 -14.67 -27.05 87.81
N GLN H 618 -15.79 -26.38 87.99
CA GLN H 618 -16.03 -25.63 89.22
C GLN H 618 -15.98 -26.56 90.41
N ASP H 619 -16.68 -27.69 90.32
CA ASP H 619 -16.71 -28.64 91.42
C ASP H 619 -15.33 -29.21 91.70
N LEU H 620 -14.56 -29.50 90.65
CA LEU H 620 -13.25 -30.10 90.86
C LEU H 620 -12.29 -29.11 91.51
N ILE H 621 -12.28 -27.86 91.05
CA ILE H 621 -11.43 -26.86 91.69
C ILE H 621 -11.84 -26.64 93.13
N THR H 622 -13.13 -26.54 93.39
CA THR H 622 -13.59 -26.38 94.76
C THR H 622 -13.16 -27.55 95.64
N GLU H 623 -13.37 -28.77 95.16
CA GLU H 623 -13.09 -29.95 95.94
C GLU H 623 -11.62 -30.20 96.17
N ASN H 624 -10.76 -29.81 95.23
CA ASN H 624 -9.34 -30.04 95.36
C ASN H 624 -8.59 -28.87 95.97
N LEU H 625 -8.86 -27.65 95.52
CA LEU H 625 -8.07 -26.51 95.99
C LEU H 625 -8.49 -26.06 97.38
N LEU H 626 -9.78 -25.96 97.62
CA LEU H 626 -10.28 -25.22 98.77
C LEU H 626 -10.18 -25.93 100.11
N PRO H 627 -10.71 -27.15 100.26
CA PRO H 627 -10.91 -27.69 101.62
C PRO H 627 -9.62 -27.93 102.39
N GLY H 628 -8.47 -27.89 101.74
CA GLY H 628 -7.23 -28.06 102.46
C GLY H 628 -6.85 -26.85 103.29
N ARG H 629 -7.22 -25.66 102.80
CA ARG H 629 -6.89 -24.40 103.46
C ARG H 629 -5.39 -24.28 103.70
N GLU H 630 -4.61 -24.55 102.65
CA GLU H 630 -3.16 -24.52 102.76
C GLU H 630 -2.47 -23.69 101.69
N LEU H 631 -3.07 -23.50 100.52
CA LEU H 631 -2.45 -22.74 99.46
C LEU H 631 -2.97 -21.32 99.33
N LEU H 632 -4.21 -21.09 99.73
CA LEU H 632 -4.87 -19.80 99.55
C LEU H 632 -4.90 -19.08 100.88
N LEU H 633 -4.49 -17.81 100.88
CA LEU H 633 -4.44 -17.04 102.10
C LEU H 633 -5.79 -16.99 102.76
N GLN H 634 -5.87 -17.46 103.98
CA GLN H 634 -7.13 -17.55 104.72
C GLN H 634 -7.35 -16.25 105.49
N THR H 635 -8.62 -15.91 105.67
CA THR H 635 -8.99 -14.70 106.40
C THR H 635 -10.07 -15.02 107.41
N ASN H 636 -10.19 -14.17 108.42
CA ASN H 636 -11.15 -14.36 109.48
C ASN H 636 -11.19 -13.08 110.31
N LEU H 637 -12.24 -12.96 111.12
CA LEU H 637 -12.39 -11.84 112.03
C LEU H 637 -11.92 -12.27 113.42
N ILE H 638 -10.99 -11.53 113.99
CA ILE H 638 -10.42 -11.86 115.28
C ILE H 638 -10.47 -10.63 116.17
N ASN H 639 -10.63 -10.88 117.47
CA ASN H 639 -10.62 -9.81 118.45
C ASN H 639 -9.22 -9.32 118.68
N TYR H 640 -9.11 -8.06 119.11
CA TYR H 640 -7.86 -7.56 119.62
C TYR H 640 -7.66 -8.03 121.04
N VAL H 641 -6.42 -8.37 121.39
CA VAL H 641 -6.08 -8.88 122.70
C VAL H 641 -4.92 -8.08 123.25
N THR H 642 -5.02 -7.70 124.53
CA THR H 642 -3.96 -6.92 125.15
C THR H 642 -3.55 -7.59 126.45
N SER H 643 -2.59 -6.98 127.13
CA SER H 643 -1.96 -7.57 128.30
C SER H 643 -1.60 -6.47 129.28
N ILE H 644 -1.77 -6.75 130.56
CA ILE H 644 -1.47 -5.78 131.61
C ILE H 644 -0.67 -6.48 132.70
N ARG H 645 0.33 -5.79 133.22
CA ARG H 645 1.23 -6.31 134.23
C ARG H 645 1.42 -5.29 135.33
N PRO H 646 1.72 -5.73 136.53
CA PRO H 646 2.33 -4.82 137.50
C PRO H 646 3.77 -4.57 137.10
N ASN H 647 4.31 -3.45 137.54
CA ASN H 647 5.71 -3.21 137.30
C ASN H 647 6.55 -3.91 138.37
N ILE H 648 6.30 -5.20 138.56
CA ILE H 648 7.03 -6.04 139.49
C ILE H 648 7.81 -7.03 138.66
N PHE H 649 9.13 -6.98 138.77
CA PHE H 649 10.00 -7.89 138.04
C PHE H 649 10.85 -8.66 139.03
N VAL H 650 10.88 -9.98 138.89
CA VAL H 650 11.69 -10.83 139.75
C VAL H 650 12.48 -11.79 138.88
N GLY H 651 13.65 -12.18 139.33
CA GLY H 651 14.49 -13.02 138.51
C GLY H 651 15.44 -13.84 139.32
N ARG H 652 16.38 -14.46 138.62
CA ARG H 652 17.35 -15.34 139.26
C ARG H 652 18.67 -15.28 138.52
N ALA H 653 19.76 -15.22 139.27
CA ALA H 653 21.10 -15.27 138.70
C ALA H 653 22.06 -15.57 139.85
N GLU H 654 23.30 -15.83 139.49
CA GLU H 654 24.33 -16.10 140.49
C GLU H 654 24.53 -14.88 141.37
N GLY H 655 24.34 -15.06 142.68
CA GLY H 655 24.52 -13.95 143.60
C GLY H 655 23.54 -12.82 143.39
N SER H 656 22.31 -13.14 143.03
CA SER H 656 21.28 -12.13 142.86
C SER H 656 20.67 -11.77 144.19
N THR H 657 20.28 -10.51 144.32
CA THR H 657 19.74 -9.98 145.55
C THR H 657 18.23 -10.16 145.64
N GLN H 658 17.66 -11.08 144.86
CA GLN H 658 16.22 -11.27 144.81
C GLN H 658 15.82 -12.60 145.43
N TYR H 659 14.77 -12.58 146.23
CA TYR H 659 14.15 -13.81 146.68
C TYR H 659 13.59 -14.55 145.47
N GLY H 660 13.34 -15.84 145.64
CA GLY H 660 12.96 -16.66 144.49
C GLY H 660 11.68 -17.44 144.66
N LYS H 661 10.68 -16.85 145.30
CA LYS H 661 9.43 -17.55 145.57
C LYS H 661 8.33 -16.49 145.66
N TRP H 662 7.51 -16.40 144.62
CA TRP H 662 6.60 -15.29 144.44
C TRP H 662 5.18 -15.79 144.22
N TYR H 663 4.21 -14.97 144.65
CA TYR H 663 2.82 -15.40 144.72
C TYR H 663 1.92 -14.21 144.44
N PHE H 664 0.99 -14.36 143.49
CA PHE H 664 0.04 -13.29 143.23
C PHE H 664 -1.27 -13.88 142.78
N GLU H 665 -2.33 -13.10 142.90
CA GLU H 665 -3.66 -13.59 142.58
C GLU H 665 -4.38 -12.64 141.63
N VAL H 666 -5.38 -13.17 140.95
CA VAL H 666 -6.26 -12.37 140.13
C VAL H 666 -7.68 -12.81 140.43
N MET H 667 -8.53 -11.85 140.77
CA MET H 667 -9.93 -12.09 141.03
C MET H 667 -10.75 -11.61 139.84
N VAL H 668 -11.48 -12.51 139.22
CA VAL H 668 -12.29 -12.18 138.06
C VAL H 668 -13.64 -11.67 138.54
N ASP H 669 -14.00 -10.46 138.12
CA ASP H 669 -15.23 -9.80 138.54
C ASP H 669 -16.37 -10.01 137.57
N GLU H 670 -16.19 -9.59 136.31
CA GLU H 670 -17.20 -9.80 135.30
C GLU H 670 -16.52 -10.26 134.01
N VAL H 671 -17.14 -11.21 133.33
CA VAL H 671 -16.65 -11.66 132.03
C VAL H 671 -17.85 -11.91 131.13
N VAL H 672 -17.95 -11.15 130.05
CA VAL H 672 -18.97 -11.40 129.04
C VAL H 672 -18.44 -12.50 128.13
N PRO H 673 -18.97 -13.71 128.22
CA PRO H 673 -18.32 -14.82 127.51
C PRO H 673 -18.27 -14.64 126.00
N PHE H 674 -19.26 -14.00 125.41
CA PHE H 674 -19.26 -13.76 123.97
C PHE H 674 -19.74 -12.34 123.72
N LEU H 675 -18.81 -11.39 123.69
CA LEU H 675 -19.14 -10.02 123.34
C LEU H 675 -19.13 -9.83 121.84
N THR H 676 -18.27 -10.54 121.14
CA THR H 676 -18.28 -10.66 119.70
C THR H 676 -18.52 -12.13 119.34
N ALA H 677 -18.40 -12.46 118.06
CA ALA H 677 -18.54 -13.85 117.66
C ALA H 677 -17.48 -14.71 118.30
N GLN H 678 -16.25 -14.22 118.36
CA GLN H 678 -15.15 -14.95 118.96
C GLN H 678 -15.27 -14.90 120.49
N ALA H 679 -14.99 -16.02 121.14
CA ALA H 679 -15.13 -16.10 122.58
C ALA H 679 -14.19 -15.11 123.24
N THR H 680 -14.64 -14.55 124.36
CA THR H 680 -13.84 -13.59 125.10
C THR H 680 -12.57 -14.24 125.63
N HIS H 681 -11.45 -13.55 125.48
CA HIS H 681 -10.14 -14.02 125.85
C HIS H 681 -9.81 -13.57 127.27
N LEU H 682 -9.31 -14.49 128.09
CA LEU H 682 -8.85 -14.15 129.43
C LEU H 682 -7.92 -15.23 129.92
N ARG H 683 -6.65 -14.90 130.11
CA ARG H 683 -5.68 -15.80 130.69
C ARG H 683 -4.87 -15.05 131.74
N VAL H 684 -4.41 -15.78 132.74
CA VAL H 684 -3.48 -15.24 133.71
C VAL H 684 -2.16 -15.98 133.56
N GLY H 685 -1.09 -15.42 134.10
CA GLY H 685 0.15 -16.17 134.14
C GLY H 685 1.34 -15.29 134.42
N TRP H 686 2.51 -15.84 134.14
CA TRP H 686 3.77 -15.12 134.25
C TRP H 686 4.36 -14.92 132.87
N ALA H 687 5.30 -14.00 132.76
CA ALA H 687 5.91 -13.73 131.47
C ALA H 687 7.34 -13.25 131.71
N LEU H 688 8.11 -13.21 130.63
CA LEU H 688 9.52 -12.87 130.69
C LEU H 688 9.76 -11.54 130.00
N THR H 689 10.73 -10.79 130.52
CA THR H 689 11.02 -9.44 130.05
C THR H 689 11.93 -9.40 128.85
N GLU H 690 12.26 -10.55 128.28
CA GLU H 690 13.22 -10.61 127.18
C GLU H 690 12.58 -11.29 125.98
N GLY H 691 11.40 -10.83 125.61
CA GLY H 691 10.77 -11.40 124.44
C GLY H 691 9.26 -11.46 124.46
N TYR H 692 8.64 -11.32 125.62
CA TYR H 692 7.18 -11.26 125.64
C TYR H 692 6.78 -9.87 125.22
N SER H 693 6.54 -9.69 123.92
CA SER H 693 6.06 -8.43 123.38
C SER H 693 4.88 -8.72 122.46
N PRO H 694 3.67 -8.60 122.94
CA PRO H 694 2.47 -8.91 122.16
C PRO H 694 1.92 -7.70 121.40
N TYR H 695 2.57 -7.35 120.30
CA TYR H 695 2.15 -6.19 119.53
C TYR H 695 0.69 -6.35 119.12
N PRO H 696 -0.14 -5.32 119.28
CA PRO H 696 -1.56 -5.45 118.96
C PRO H 696 -1.76 -5.77 117.50
N GLY H 697 -2.76 -6.60 117.23
CA GLY H 697 -3.06 -6.95 115.86
C GLY H 697 -2.67 -8.37 115.50
N GLY H 698 -1.88 -8.51 114.45
CA GLY H 698 -1.50 -9.82 113.95
C GLY H 698 -0.50 -10.50 114.85
N GLY H 699 -0.12 -11.70 114.42
CA GLY H 699 0.88 -12.44 115.18
C GLY H 699 0.84 -13.91 114.85
N GLU H 700 1.40 -14.70 115.75
CA GLU H 700 1.49 -16.13 115.54
C GLU H 700 0.11 -16.75 115.43
N GLY H 701 0.00 -17.76 114.58
CA GLY H 701 -1.27 -18.45 114.44
C GLY H 701 -2.32 -17.53 113.87
N TRP H 702 -3.43 -17.42 114.58
CA TRP H 702 -4.55 -16.60 114.16
C TRP H 702 -4.66 -15.31 114.95
N GLY H 703 -3.56 -14.73 115.36
CA GLY H 703 -3.60 -13.50 116.10
C GLY H 703 -4.13 -13.71 117.49
N GLY H 704 -4.44 -12.59 118.14
CA GLY H 704 -4.95 -12.64 119.48
C GLY H 704 -3.94 -13.22 120.44
N ASN H 705 -2.71 -12.73 120.36
CA ASN H 705 -1.62 -13.27 121.15
C ASN H 705 -1.71 -12.74 122.57
N GLY H 706 -1.89 -13.64 123.53
CA GLY H 706 -1.94 -13.25 124.92
C GLY H 706 -0.89 -13.95 125.73
N VAL H 707 -1.24 -14.40 126.94
CA VAL H 707 -0.27 -15.06 127.82
C VAL H 707 -0.24 -16.53 127.42
N GLY H 708 0.80 -16.93 126.71
CA GLY H 708 0.96 -18.32 126.37
C GLY H 708 1.01 -18.55 124.88
N ASP H 709 1.21 -17.48 124.12
CA ASP H 709 1.32 -17.59 122.68
C ASP H 709 2.76 -17.49 122.21
N ASP H 710 3.71 -17.77 123.10
CA ASP H 710 5.10 -17.91 122.77
C ASP H 710 5.76 -18.73 123.86
N LEU H 711 7.06 -18.88 123.78
CA LEU H 711 7.80 -19.61 124.79
C LEU H 711 8.40 -18.70 125.84
N TYR H 712 7.96 -17.44 125.89
CA TYR H 712 8.35 -16.49 126.91
C TYR H 712 7.25 -16.22 127.92
N SER H 713 6.06 -16.77 127.70
CA SER H 713 4.93 -16.54 128.58
C SER H 713 4.33 -17.87 128.98
N TYR H 714 3.71 -17.89 130.16
CA TYR H 714 3.18 -19.12 130.73
C TYR H 714 1.83 -18.79 131.33
N GLY H 715 0.76 -19.32 130.74
CA GLY H 715 -0.58 -18.84 131.03
C GLY H 715 -1.53 -19.96 131.39
N PHE H 716 -2.74 -19.54 131.76
CA PHE H 716 -3.75 -20.42 132.34
C PHE H 716 -5.09 -19.75 132.16
N ASP H 717 -6.07 -20.47 131.62
CA ASP H 717 -7.39 -19.91 131.38
C ASP H 717 -8.51 -20.61 132.12
N GLY H 718 -8.20 -21.50 133.05
CA GLY H 718 -9.19 -22.23 133.80
C GLY H 718 -9.33 -23.66 133.35
N LEU H 719 -9.30 -23.90 132.04
CA LEU H 719 -9.35 -25.24 131.48
C LEU H 719 -8.04 -25.70 130.90
N HIS H 720 -7.14 -24.79 130.55
CA HIS H 720 -5.97 -25.10 129.77
C HIS H 720 -4.75 -24.43 130.38
N LEU H 721 -3.59 -25.02 130.10
CA LEU H 721 -2.31 -24.39 130.37
C LEU H 721 -1.69 -24.08 129.02
N TRP H 722 -1.39 -22.81 128.79
CA TRP H 722 -0.99 -22.33 127.48
C TRP H 722 0.48 -21.99 127.48
N THR H 723 1.19 -22.50 126.48
CA THR H 723 2.54 -22.01 126.21
C THR H 723 2.94 -22.49 124.84
N GLY H 724 3.76 -21.70 124.16
CA GLY H 724 4.10 -22.01 122.79
C GLY H 724 2.92 -22.06 121.86
N HIS H 725 1.86 -21.31 122.16
CA HIS H 725 0.63 -21.29 121.38
C HIS H 725 -0.07 -22.62 121.39
N VAL H 726 0.18 -23.45 122.39
CA VAL H 726 -0.47 -24.74 122.53
C VAL H 726 -1.22 -24.72 123.84
N ALA H 727 -2.45 -25.21 123.82
CA ALA H 727 -3.29 -25.31 124.99
C ALA H 727 -3.34 -26.76 125.44
N ARG H 728 -3.01 -27.01 126.70
CA ARG H 728 -2.94 -28.37 127.20
C ARG H 728 -3.89 -28.51 128.38
N PRO H 729 -4.88 -29.39 128.30
CA PRO H 729 -5.90 -29.44 129.36
C PRO H 729 -5.31 -29.85 130.69
N VAL H 730 -5.81 -29.23 131.75
CA VAL H 730 -5.38 -29.50 133.11
C VAL H 730 -6.61 -29.81 133.95
N THR H 731 -6.52 -30.87 134.73
CA THR H 731 -7.62 -31.19 135.62
C THR H 731 -7.58 -30.28 136.84
N SER H 732 -8.72 -29.68 137.14
CA SER H 732 -8.93 -28.93 138.37
C SER H 732 -10.24 -29.39 138.95
N PRO H 733 -10.41 -29.30 140.25
CA PRO H 733 -11.63 -29.82 140.86
C PRO H 733 -12.85 -28.97 140.57
N GLY H 734 -13.47 -29.20 139.41
CA GLY H 734 -14.61 -28.42 138.99
C GLY H 734 -14.25 -27.45 137.88
N GLN H 735 -13.44 -27.93 136.95
CA GLN H 735 -12.85 -27.05 135.94
C GLN H 735 -13.90 -26.37 135.10
N HIS H 736 -13.58 -25.17 134.64
CA HIS H 736 -14.40 -24.35 133.76
C HIS H 736 -13.60 -23.11 133.41
N LEU H 737 -13.98 -22.44 132.33
CA LEU H 737 -13.31 -21.20 131.98
C LEU H 737 -13.40 -20.22 133.12
N LEU H 738 -12.55 -19.19 133.05
CA LEU H 738 -12.51 -18.19 134.09
C LEU H 738 -13.82 -17.41 134.10
N ALA H 739 -14.55 -17.54 135.19
CA ALA H 739 -15.90 -16.98 135.33
C ALA H 739 -15.87 -15.93 136.43
N PRO H 740 -16.95 -15.17 136.58
CA PRO H 740 -17.02 -14.23 137.70
C PRO H 740 -16.90 -14.95 139.04
N GLU H 741 -16.31 -14.24 140.00
CA GLU H 741 -16.08 -14.75 141.35
C GLU H 741 -15.09 -15.92 141.32
N ASP H 742 -14.03 -15.76 140.56
CA ASP H 742 -12.95 -16.74 140.46
C ASP H 742 -11.68 -16.11 141.00
N VAL H 743 -10.89 -16.90 141.71
CA VAL H 743 -9.65 -16.44 142.30
C VAL H 743 -8.54 -17.37 141.82
N VAL H 744 -7.66 -16.86 140.97
CA VAL H 744 -6.56 -17.63 140.42
C VAL H 744 -5.30 -17.23 141.16
N SER H 745 -4.63 -18.19 141.79
CA SER H 745 -3.42 -17.95 142.54
C SER H 745 -2.25 -18.53 141.77
N CYS H 746 -1.39 -17.67 141.26
CA CYS H 746 -0.24 -18.11 140.49
C CYS H 746 1.02 -18.00 141.33
N CYS H 747 1.86 -19.01 141.22
CA CYS H 747 3.07 -19.14 142.00
C CYS H 747 4.27 -19.27 141.08
N LEU H 748 5.47 -18.86 141.49
CA LEU H 748 6.73 -19.06 140.76
C LEU H 748 7.75 -19.41 141.73
N ASP H 749 8.41 -20.54 141.60
CA ASP H 749 9.52 -20.92 142.41
C ASP H 749 10.48 -20.90 141.35
N LEU H 750 11.52 -20.15 141.47
CA LEU H 750 12.38 -20.01 140.41
C LEU H 750 13.47 -20.86 140.79
N SER H 751 13.44 -21.45 141.98
CA SER H 751 14.46 -22.42 142.37
C SER H 751 14.50 -23.69 141.55
N VAL H 752 13.38 -24.28 141.23
CA VAL H 752 13.31 -25.42 140.36
C VAL H 752 12.62 -24.60 139.42
N PRO H 753 12.95 -24.60 138.18
CA PRO H 753 12.05 -23.53 137.87
C PRO H 753 10.66 -24.04 137.72
N SER H 754 9.63 -23.39 138.26
CA SER H 754 8.29 -23.91 138.23
C SER H 754 7.24 -22.86 138.34
N ILE H 755 6.06 -23.06 137.78
CA ILE H 755 4.99 -22.12 137.86
C ILE H 755 3.78 -22.91 138.14
N SER H 756 3.36 -22.99 139.37
CA SER H 756 2.17 -23.70 139.78
C SER H 756 0.96 -22.77 139.70
N PHE H 757 -0.22 -23.32 139.93
CA PHE H 757 -1.43 -22.53 139.97
C PHE H 757 -2.38 -23.13 140.99
N ARG H 758 -3.38 -22.34 141.37
CA ARG H 758 -4.55 -22.80 142.08
C ARG H 758 -5.74 -22.02 141.56
N ILE H 759 -6.89 -22.67 141.54
CA ILE H 759 -8.14 -22.03 141.12
C ILE H 759 -9.14 -22.16 142.25
N ASN H 760 -9.63 -21.02 142.75
CA ASN H 760 -10.57 -21.00 143.86
C ASN H 760 -10.04 -21.78 145.06
N GLY H 761 -8.73 -21.82 145.22
CA GLY H 761 -8.13 -22.54 146.31
C GLY H 761 -7.92 -24.01 146.07
N CYS H 762 -8.33 -24.52 144.91
CA CYS H 762 -8.17 -25.92 144.54
C CYS H 762 -6.97 -26.09 143.64
N PRO H 763 -6.05 -26.99 143.96
CA PRO H 763 -4.84 -27.12 143.16
C PRO H 763 -5.14 -27.49 141.72
N VAL H 764 -4.39 -26.91 140.81
CA VAL H 764 -4.51 -27.20 139.39
C VAL H 764 -3.41 -28.20 139.03
N GLN H 765 -3.81 -29.39 138.59
CA GLN H 765 -2.87 -30.49 138.40
C GLN H 765 -2.16 -30.33 137.06
N GLY H 766 -1.20 -29.41 137.05
CA GLY H 766 -0.39 -29.16 135.88
C GLY H 766 0.66 -28.11 136.19
N VAL H 767 1.91 -28.35 135.83
CA VAL H 767 3.01 -27.49 136.26
C VAL H 767 3.96 -27.27 135.09
N PHE H 768 4.22 -26.01 134.78
CA PHE H 768 5.34 -25.69 133.91
C PHE H 768 6.63 -25.83 134.70
N GLU H 769 7.66 -26.36 134.06
CA GLU H 769 8.93 -26.58 134.73
C GLU H 769 10.06 -26.37 133.74
N ALA H 770 11.27 -26.47 134.26
CA ALA H 770 12.49 -26.56 133.45
C ALA H 770 12.47 -25.60 132.28
N PHE H 771 12.18 -24.34 132.57
CA PHE H 771 12.16 -23.33 131.53
C PHE H 771 13.34 -22.39 131.68
N ASN H 772 13.49 -21.50 130.71
CA ASN H 772 14.63 -20.61 130.64
C ASN H 772 14.52 -19.55 131.73
N LEU H 773 15.64 -19.28 132.39
CA LEU H 773 15.67 -18.40 133.54
C LEU H 773 16.45 -17.12 133.28
N ASP H 774 16.79 -16.83 132.03
CA ASP H 774 17.30 -15.51 131.71
C ASP H 774 16.16 -14.50 131.78
N GLY H 775 16.53 -13.22 131.79
CA GLY H 775 15.49 -12.21 131.86
C GLY H 775 14.77 -12.19 133.19
N LEU H 776 13.75 -11.33 133.24
CA LEU H 776 12.99 -11.09 134.44
C LEU H 776 11.54 -11.48 134.21
N PHE H 777 10.90 -11.99 135.26
CA PHE H 777 9.54 -12.49 135.22
C PHE H 777 8.60 -11.48 135.86
N PHE H 778 7.48 -11.23 135.21
CA PHE H 778 6.45 -10.39 135.78
C PHE H 778 5.09 -11.06 135.64
N PRO H 779 4.18 -10.78 136.56
CA PRO H 779 2.81 -11.26 136.41
C PRO H 779 2.14 -10.58 135.24
N VAL H 780 1.18 -11.26 134.64
CA VAL H 780 0.53 -10.71 133.47
C VAL H 780 -0.84 -11.33 133.33
N VAL H 781 -1.81 -10.51 132.91
CA VAL H 781 -3.10 -11.00 132.46
C VAL H 781 -3.31 -10.56 131.03
N SER H 782 -3.73 -11.49 130.20
CA SER H 782 -4.11 -11.18 128.83
C SER H 782 -5.61 -11.24 128.72
N PHE H 783 -6.18 -10.34 127.93
CA PHE H 783 -7.62 -10.27 127.86
C PHE H 783 -8.01 -9.56 126.58
N SER H 784 -9.16 -9.93 126.06
CA SER H 784 -9.84 -9.17 125.04
C SER H 784 -10.84 -8.27 125.73
N ALA H 785 -11.65 -7.57 124.95
CA ALA H 785 -12.64 -6.70 125.55
C ALA H 785 -13.71 -7.53 126.24
N GLY H 786 -14.35 -6.92 127.23
CA GLY H 786 -15.44 -7.55 127.94
C GLY H 786 -15.09 -8.25 129.22
N VAL H 787 -14.03 -7.84 129.91
CA VAL H 787 -13.64 -8.47 131.16
C VAL H 787 -13.41 -7.40 132.21
N LYS H 788 -13.51 -7.82 133.46
CA LYS H 788 -13.02 -7.04 134.59
C LYS H 788 -12.30 -7.98 135.53
N VAL H 789 -11.09 -7.64 135.91
CA VAL H 789 -10.29 -8.46 136.80
C VAL H 789 -9.68 -7.55 137.85
N ARG H 790 -9.10 -8.16 138.87
CA ARG H 790 -8.45 -7.43 139.94
C ARG H 790 -7.17 -8.14 140.33
N PHE H 791 -6.05 -7.44 140.22
CA PHE H 791 -4.79 -7.96 140.72
C PHE H 791 -4.78 -7.89 142.23
N LEU H 792 -4.39 -8.98 142.86
CA LEU H 792 -4.18 -9.01 144.30
C LEU H 792 -2.72 -9.34 144.54
N LEU H 793 -1.99 -8.36 145.06
CA LEU H 793 -0.56 -8.45 145.27
C LEU H 793 -0.20 -8.53 146.74
N GLY H 794 -1.18 -8.55 147.62
CA GLY H 794 -0.90 -8.76 149.03
C GLY H 794 -0.59 -7.48 149.77
N GLY H 795 -0.89 -7.45 151.05
CA GLY H 795 -0.58 -6.31 151.88
C GLY H 795 -1.54 -5.16 151.68
N ARG H 796 -1.08 -4.08 151.07
CA ARG H 796 -1.94 -2.94 150.81
C ARG H 796 -2.37 -2.87 149.36
N HIS H 797 -2.18 -3.95 148.61
CA HIS H 797 -2.62 -4.03 147.23
C HIS H 797 -3.50 -5.24 146.98
N GLY H 798 -4.05 -5.81 148.03
CA GLY H 798 -4.89 -6.98 147.95
C GLY H 798 -4.76 -7.80 149.22
N GLU H 799 -5.66 -8.77 149.38
CA GLU H 799 -5.67 -9.61 150.57
C GLU H 799 -5.63 -11.10 150.27
N PHE H 800 -5.55 -11.48 149.01
CA PHE H 800 -5.23 -12.83 148.58
C PHE H 800 -6.32 -13.86 148.85
N LYS H 801 -7.25 -13.58 149.76
CA LYS H 801 -8.40 -14.44 149.96
C LYS H 801 -8.01 -15.88 150.27
N PHE H 802 -6.70 -16.15 150.32
CA PHE H 802 -6.14 -17.49 150.33
C PHE H 802 -4.69 -17.36 150.78
N LEU H 803 -4.30 -18.11 151.78
CA LEU H 803 -2.94 -18.03 152.25
C LEU H 803 -1.99 -18.47 151.15
N PRO H 804 -0.96 -17.71 150.83
CA PRO H 804 0.06 -18.19 149.93
C PRO H 804 0.70 -19.43 150.49
N PRO H 805 1.00 -20.42 149.65
CA PRO H 805 1.60 -21.64 150.16
C PRO H 805 2.92 -21.34 150.84
N PRO H 806 3.33 -22.16 151.80
CA PRO H 806 4.41 -21.77 152.70
C PRO H 806 5.69 -21.41 151.97
N GLY H 807 6.36 -20.37 152.46
CA GLY H 807 7.61 -19.92 151.91
C GLY H 807 7.50 -18.95 150.75
N TYR H 808 6.30 -18.61 150.32
CA TYR H 808 6.13 -17.72 149.19
C TYR H 808 5.99 -16.27 149.64
N ALA H 809 6.48 -15.38 148.81
CA ALA H 809 6.46 -13.96 149.14
C ALA H 809 5.41 -13.25 148.30
N PRO H 810 4.55 -12.44 148.91
CA PRO H 810 3.61 -11.65 148.13
C PRO H 810 4.34 -10.74 147.17
N CYS H 811 3.74 -10.53 146.00
CA CYS H 811 4.40 -9.79 144.94
C CYS H 811 4.55 -8.30 145.24
N HIS H 812 3.88 -7.77 146.24
CA HIS H 812 4.07 -6.38 146.59
C HIS H 812 5.40 -6.13 147.28
N GLU H 813 6.19 -7.18 147.50
CA GLU H 813 7.49 -7.10 148.14
C GLU H 813 8.60 -7.02 147.12
N ALA H 814 8.27 -6.77 145.87
CA ALA H 814 9.28 -6.70 144.83
C ALA H 814 9.34 -5.35 144.15
N VAL H 815 8.58 -4.37 144.63
CA VAL H 815 8.69 -3.03 144.09
C VAL H 815 10.02 -2.43 144.53
N LEU H 816 10.77 -1.92 143.58
CA LEU H 816 12.10 -1.45 143.86
C LEU H 816 12.06 -0.10 144.58
N PRO H 817 13.10 0.24 145.34
CA PRO H 817 13.01 1.41 146.22
C PRO H 817 12.89 2.73 145.50
N ARG H 818 12.80 2.73 144.17
CA ARG H 818 12.69 3.97 143.44
C ARG H 818 11.42 4.08 142.61
N GLU H 819 10.59 3.06 142.58
CA GLU H 819 9.38 3.08 141.78
C GLU H 819 8.17 2.87 142.67
N ARG H 820 6.99 3.03 142.08
CA ARG H 820 5.72 2.85 142.76
C ARG H 820 4.94 1.77 142.04
N LEU H 821 4.23 0.95 142.80
CA LEU H 821 3.47 -0.13 142.22
C LEU H 821 2.32 0.42 141.39
N ARG H 822 2.21 -0.05 140.15
CA ARG H 822 1.21 0.43 139.23
C ARG H 822 1.07 -0.59 138.12
N LEU H 823 -0.03 -0.52 137.40
CA LEU H 823 -0.32 -1.47 136.34
C LEU H 823 -0.08 -0.79 135.01
N GLU H 824 0.72 -1.43 134.17
CA GLU H 824 1.11 -0.87 132.89
C GLU H 824 1.01 -1.94 131.82
N PRO H 825 0.83 -1.52 130.58
CA PRO H 825 0.93 -2.47 129.47
C PRO H 825 2.37 -2.83 129.18
N ILE H 826 2.54 -3.97 128.52
CA ILE H 826 3.84 -4.43 128.06
C ILE H 826 4.27 -3.47 126.96
N LYS H 827 5.50 -3.62 126.46
CA LYS H 827 6.09 -2.71 125.50
C LYS H 827 5.07 -2.15 124.51
N GLU H 828 5.01 -0.83 124.41
CA GLU H 828 3.99 -0.15 123.63
C GLU H 828 4.66 0.92 122.78
N TYR H 829 4.08 1.16 121.61
CA TYR H 829 4.58 2.20 120.71
C TYR H 829 3.64 3.38 120.63
N ARG H 830 2.66 3.45 121.50
CA ARG H 830 1.59 4.43 121.37
C ARG H 830 0.84 4.50 122.69
N ARG H 831 0.68 5.69 123.21
CA ARG H 831 -0.18 5.92 124.34
C ARG H 831 -1.01 7.16 124.06
N GLU H 832 -2.18 7.23 124.67
CA GLU H 832 -3.06 8.36 124.43
C GLU H 832 -2.54 9.59 125.17
N GLY H 833 -2.59 10.74 124.52
CA GLY H 833 -2.07 11.95 125.08
C GLY H 833 -3.12 13.03 125.21
N PRO H 834 -2.75 14.14 125.85
CA PRO H 834 -3.70 15.24 126.04
C PRO H 834 -4.26 15.77 124.72
N ARG H 835 -3.38 16.17 123.81
CA ARG H 835 -3.82 16.71 122.53
C ARG H 835 -4.04 15.64 121.49
N GLY H 836 -3.40 14.49 121.62
CA GLY H 836 -3.54 13.42 120.67
C GLY H 836 -2.61 12.27 120.97
N PRO H 837 -2.61 11.25 120.11
CA PRO H 837 -1.79 10.07 120.37
C PRO H 837 -0.32 10.40 120.51
N HIS H 838 0.33 9.77 121.46
CA HIS H 838 1.74 9.96 121.74
C HIS H 838 2.51 8.73 121.32
N LEU H 839 3.35 8.87 120.31
CA LEU H 839 4.25 7.82 119.88
C LEU H 839 5.31 7.63 120.96
N VAL H 840 5.63 6.38 121.25
CA VAL H 840 6.58 6.04 122.30
C VAL H 840 7.66 5.16 121.71
N GLY H 841 8.90 5.51 122.02
CA GLY H 841 10.03 4.71 121.60
C GLY H 841 10.22 3.56 122.54
N PRO H 842 11.28 2.77 122.34
CA PRO H 842 11.49 1.60 123.19
C PRO H 842 11.72 2.01 124.63
N SER H 843 11.50 1.08 125.54
CA SER H 843 11.73 1.31 126.95
C SER H 843 12.85 0.41 127.43
N ARG H 844 13.52 0.84 128.50
CA ARG H 844 14.61 0.08 129.08
C ARG H 844 14.09 -0.69 130.28
N CYS H 845 14.17 -2.02 130.21
CA CYS H 845 13.77 -2.90 131.29
C CYS H 845 15.01 -3.44 131.98
N LEU H 846 14.89 -3.71 133.26
CA LEU H 846 16.03 -4.22 134.00
C LEU H 846 16.36 -5.62 133.54
N SER H 847 17.65 -5.87 133.29
CA SER H 847 18.11 -7.22 133.06
C SER H 847 18.33 -7.90 134.40
N HIS H 848 18.30 -9.23 134.39
CA HIS H 848 18.44 -9.95 135.65
C HIS H 848 19.83 -9.80 136.24
N THR H 849 20.78 -9.26 135.50
CA THR H 849 22.11 -8.98 135.99
C THR H 849 22.26 -7.56 136.52
N ASP H 850 21.15 -6.85 136.65
CA ASP H 850 21.14 -5.56 137.32
C ASP H 850 20.77 -5.67 138.80
N PHE H 851 20.53 -6.88 139.28
CA PHE H 851 20.29 -7.10 140.70
C PHE H 851 21.46 -7.76 141.40
N VAL H 852 22.51 -8.13 140.67
CA VAL H 852 23.70 -8.69 141.29
C VAL H 852 24.66 -7.54 141.57
N PRO H 853 25.14 -7.39 142.82
CA PRO H 853 26.11 -6.34 143.11
C PRO H 853 27.52 -6.80 142.77
N CYS H 854 28.15 -6.13 141.80
CA CYS H 854 29.47 -6.50 141.32
C CYS H 854 30.46 -5.40 141.65
N PRO H 855 31.13 -5.46 142.80
CA PRO H 855 32.08 -4.41 143.19
C PRO H 855 33.45 -4.66 142.58
N VAL H 856 34.38 -3.77 142.92
CA VAL H 856 35.78 -3.98 142.58
C VAL H 856 36.46 -4.68 143.74
N ASP H 857 37.16 -5.76 143.44
CA ASP H 857 37.78 -6.56 144.48
C ASP H 857 38.81 -5.73 145.24
N THR H 858 38.72 -5.76 146.57
CA THR H 858 39.62 -4.98 147.42
C THR H 858 40.50 -5.86 148.29
N VAL H 859 41.08 -6.91 147.72
CA VAL H 859 41.95 -7.81 148.47
C VAL H 859 43.39 -7.65 147.99
N GLN H 860 43.60 -7.76 146.68
CA GLN H 860 44.93 -7.73 146.10
C GLN H 860 45.41 -6.28 145.94
N ILE H 861 45.62 -5.64 147.08
CA ILE H 861 46.09 -4.25 147.15
C ILE H 861 47.14 -4.18 148.24
N VAL H 862 48.41 -4.05 147.85
CA VAL H 862 49.48 -3.79 148.81
C VAL H 862 49.35 -2.35 149.28
N LEU H 863 49.36 -2.15 150.59
CA LEU H 863 49.05 -0.84 151.14
C LEU H 863 50.25 0.08 150.98
N PRO H 864 50.09 1.24 150.37
CA PRO H 864 51.25 2.09 150.03
C PRO H 864 51.77 2.83 151.24
N PRO H 865 53.01 3.33 151.18
CA PRO H 865 53.53 4.11 152.31
C PRO H 865 52.79 5.42 152.55
N HIS H 866 52.38 6.11 151.49
CA HIS H 866 51.72 7.40 151.67
C HIS H 866 50.33 7.24 152.27
N LEU H 867 49.72 6.06 152.15
CA LEU H 867 48.43 5.82 152.78
C LEU H 867 48.57 5.46 154.25
N GLU H 868 49.47 4.54 154.58
CA GLU H 868 49.73 4.23 155.98
C GLU H 868 50.25 5.45 156.73
N ARG H 869 50.88 6.37 156.01
CA ARG H 869 51.30 7.62 156.62
C ARG H 869 50.10 8.45 157.06
N ILE H 870 48.97 8.31 156.35
CA ILE H 870 47.76 9.04 156.70
C ILE H 870 46.69 8.03 157.15
N ARG H 871 47.14 6.88 157.63
CA ARG H 871 46.22 5.82 158.01
C ARG H 871 45.37 6.18 159.22
N GLU H 872 45.75 7.20 159.99
CA GLU H 872 45.11 7.43 161.28
C GLU H 872 44.05 8.53 161.23
N LYS H 873 44.41 9.72 160.74
CA LYS H 873 43.47 10.84 160.78
C LYS H 873 42.23 10.54 159.95
N LEU H 874 42.41 9.97 158.76
CA LEU H 874 41.27 9.54 157.97
C LEU H 874 40.49 8.41 158.61
N ALA H 875 41.07 7.75 159.62
CA ALA H 875 40.33 6.78 160.43
C ALA H 875 39.74 7.43 161.66
N GLU H 876 40.52 8.29 162.33
CA GLU H 876 40.02 9.00 163.51
C GLU H 876 38.81 9.86 163.20
N ASN H 877 38.70 10.37 161.98
CA ASN H 877 37.62 11.27 161.63
C ASN H 877 36.34 10.53 161.25
N ILE H 878 36.38 9.20 161.16
CA ILE H 878 35.18 8.43 160.85
C ILE H 878 34.92 7.42 161.96
N HIS H 879 35.45 7.68 163.15
CA HIS H 879 35.22 6.81 164.29
C HIS H 879 33.95 7.17 165.06
N GLU H 880 33.57 8.45 165.07
CA GLU H 880 32.30 8.84 165.66
C GLU H 880 31.61 9.91 164.81
N LEU H 881 31.90 9.96 163.51
CA LEU H 881 31.27 10.98 162.67
C LEU H 881 29.77 10.78 162.61
N TRP H 882 29.33 9.52 162.56
CA TRP H 882 27.90 9.23 162.65
C TRP H 882 27.31 9.64 163.99
N ALA H 883 28.16 9.87 164.98
CA ALA H 883 27.71 10.26 166.32
C ALA H 883 27.50 11.76 166.46
N LEU H 884 28.06 12.57 165.57
CA LEU H 884 28.02 14.01 165.76
C LEU H 884 26.63 14.58 165.59
N THR H 885 25.82 13.99 164.71
CA THR H 885 24.52 14.58 164.36
C THR H 885 23.58 14.63 165.56
N ARG H 886 23.58 13.58 166.37
CA ARG H 886 22.56 13.38 167.40
C ARG H 886 22.98 13.81 168.80
N ILE H 887 24.16 14.41 168.97
CA ILE H 887 24.53 14.88 170.30
C ILE H 887 23.66 16.08 170.65
N GLU H 888 23.42 16.27 171.96
CA GLU H 888 22.52 17.30 172.48
C GLU H 888 21.08 17.06 172.01
N GLN H 889 20.73 15.80 171.77
CA GLN H 889 19.36 15.43 171.43
C GLN H 889 18.90 14.31 172.35
N GLY H 890 17.78 13.67 172.01
CA GLY H 890 17.37 12.49 172.75
C GLY H 890 18.40 11.38 172.70
N TRP H 891 19.21 11.35 171.64
CA TRP H 891 20.32 10.41 171.54
C TRP H 891 21.62 11.09 171.99
N THR H 892 21.63 11.46 173.27
CA THR H 892 22.78 12.11 173.89
C THR H 892 23.47 11.13 174.82
N TYR H 893 24.78 11.01 174.68
CA TYR H 893 25.53 9.95 175.34
C TYR H 893 25.41 10.04 176.86
N GLY H 894 25.75 8.94 177.53
CA GLY H 894 25.77 8.87 178.96
C GLY H 894 26.89 7.99 179.44
N PRO H 895 27.51 8.36 180.58
CA PRO H 895 28.63 7.55 181.08
C PRO H 895 28.24 6.12 181.42
N VAL H 896 26.98 5.88 181.78
CA VAL H 896 26.57 4.53 182.18
C VAL H 896 26.57 3.59 180.99
N ARG H 897 26.18 4.09 179.81
CA ARG H 897 26.02 3.24 178.64
C ARG H 897 27.08 3.57 177.59
N ASP H 898 26.94 2.94 176.42
CA ASP H 898 27.90 3.07 175.32
C ASP H 898 27.09 3.16 174.03
N ASP H 899 27.76 2.93 172.90
CA ASP H 899 27.10 2.99 171.61
C ASP H 899 25.92 2.01 171.55
N ASN H 900 25.01 2.28 170.62
CA ASN H 900 23.86 1.43 170.31
C ASN H 900 22.84 1.35 171.44
N LYS H 901 22.88 2.27 172.40
CA LYS H 901 21.99 2.27 173.55
C LYS H 901 21.06 3.48 173.57
N ARG H 902 20.63 3.93 172.39
CA ARG H 902 19.77 5.10 172.22
C ARG H 902 20.39 6.37 172.76
N LEU H 903 21.65 6.29 173.20
CA LEU H 903 22.44 7.42 173.68
C LEU H 903 23.86 7.25 173.11
N HIS H 904 23.92 6.91 171.83
CA HIS H 904 25.10 6.38 171.16
C HIS H 904 26.37 7.22 171.23
N PRO H 905 26.32 8.58 171.05
CA PRO H 905 27.50 9.30 170.53
C PRO H 905 28.87 8.87 171.02
N CYS H 906 29.12 8.93 172.32
CA CYS H 906 30.42 8.59 172.91
C CYS H 906 31.56 9.23 172.12
N LEU H 907 31.56 10.57 172.13
CA LEU H 907 32.50 11.35 171.33
C LEU H 907 33.92 11.31 171.84
N VAL H 908 34.16 10.69 173.00
CA VAL H 908 35.45 10.82 173.68
C VAL H 908 36.57 10.33 172.78
N ASN H 909 36.56 9.03 172.46
CA ASN H 909 37.59 8.42 171.64
C ASN H 909 37.18 6.98 171.36
N PHE H 910 37.88 6.35 170.43
CA PHE H 910 37.71 4.94 170.11
C PHE H 910 38.48 4.02 171.04
N HIS H 911 39.37 4.56 171.88
CA HIS H 911 40.01 3.75 172.91
C HIS H 911 39.00 3.27 173.93
N SER H 912 38.08 4.14 174.35
CA SER H 912 37.00 3.71 175.22
C SER H 912 36.10 2.70 174.54
N LEU H 913 35.94 2.81 173.23
CA LEU H 913 35.12 1.90 172.45
C LEU H 913 35.85 0.57 172.28
N PRO H 914 35.12 -0.51 172.01
CA PRO H 914 35.74 -1.84 171.93
C PRO H 914 36.86 -1.88 170.89
N GLU H 915 37.94 -2.56 171.26
CA GLU H 915 39.15 -2.67 170.47
C GLU H 915 38.94 -3.32 169.09
N PRO H 916 38.21 -4.46 168.98
CA PRO H 916 38.06 -5.09 167.67
C PRO H 916 37.38 -4.18 166.66
N GLU H 917 36.22 -3.63 167.01
CA GLU H 917 35.58 -2.67 166.11
C GLU H 917 36.42 -1.41 165.94
N ARG H 918 37.24 -1.08 166.94
CA ARG H 918 38.12 0.08 166.83
C ARG H 918 39.11 -0.07 165.69
N ASN H 919 40.01 -1.05 165.79
CA ASN H 919 40.97 -1.24 164.71
C ASN H 919 40.27 -1.69 163.43
N TYR H 920 39.06 -2.26 163.55
CA TYR H 920 38.24 -2.49 162.37
C TYR H 920 37.90 -1.18 161.68
N ASN H 921 37.56 -0.14 162.45
CA ASN H 921 37.27 1.16 161.86
C ASN H 921 38.53 1.77 161.24
N LEU H 922 39.67 1.61 161.90
CA LEU H 922 40.93 2.04 161.29
C LEU H 922 41.12 1.38 159.93
N GLN H 923 41.00 0.07 159.88
CA GLN H 923 41.23 -0.63 158.62
C GLN H 923 40.05 -0.53 157.66
N MET H 924 38.88 -0.05 158.10
CA MET H 924 37.84 0.38 157.17
C MET H 924 38.15 1.72 156.51
N SER H 925 38.74 2.66 157.24
CA SER H 925 39.26 3.85 156.57
C SER H 925 40.33 3.46 155.57
N GLY H 926 41.22 2.56 155.99
CA GLY H 926 42.17 1.99 155.05
C GLY H 926 41.49 1.27 153.90
N GLU H 927 40.37 0.61 154.18
CA GLU H 927 39.62 -0.12 153.16
C GLU H 927 39.01 0.82 152.13
N THR H 928 38.48 1.96 152.59
CA THR H 928 38.03 2.99 151.67
C THR H 928 39.18 3.52 150.83
N LEU H 929 40.33 3.75 151.45
CA LEU H 929 41.51 4.10 150.66
C LEU H 929 41.92 2.99 149.71
N LYS H 930 41.68 1.73 150.08
CA LYS H 930 42.00 0.62 149.19
C LYS H 930 41.07 0.58 148.00
N THR H 931 39.80 0.92 148.22
CA THR H 931 38.87 1.13 147.11
C THR H 931 39.37 2.26 146.24
N LEU H 932 39.92 3.30 146.86
CA LEU H 932 40.49 4.41 146.11
C LEU H 932 41.66 3.93 145.24
N LEU H 933 42.47 3.03 145.77
CA LEU H 933 43.56 2.45 144.99
C LEU H 933 43.03 1.66 143.81
N ALA H 934 42.11 0.72 144.07
CA ALA H 934 41.61 -0.13 143.00
C ALA H 934 40.87 0.67 141.95
N LEU H 935 40.24 1.79 142.35
CA LEU H 935 39.55 2.63 141.39
C LEU H 935 40.53 3.40 140.50
N GLY H 936 41.67 3.79 141.05
CA GLY H 936 42.61 4.62 140.30
C GLY H 936 42.83 5.99 140.91
N CYS H 937 42.74 6.07 142.24
CA CYS H 937 42.98 7.31 142.96
C CYS H 937 44.35 7.23 143.64
N HIS H 938 45.16 8.27 143.45
CA HIS H 938 46.48 8.37 144.04
C HIS H 938 46.64 9.75 144.66
N VAL H 939 47.52 9.86 145.65
CA VAL H 939 47.59 11.04 146.50
C VAL H 939 48.93 11.74 146.33
N GLY H 940 48.91 13.06 146.46
CA GLY H 940 50.12 13.85 146.42
C GLY H 940 50.00 15.07 147.32
N MET H 941 51.09 15.37 148.02
CA MET H 941 51.13 16.42 149.04
C MET H 941 51.90 17.61 148.51
N ALA H 942 51.25 18.79 148.53
CA ALA H 942 51.91 20.02 148.09
C ALA H 942 52.00 21.08 149.18
N ASP H 943 50.89 21.52 149.74
CA ASP H 943 50.82 22.82 150.41
C ASP H 943 51.10 22.70 151.90
N GLU H 944 50.79 23.78 152.64
CA GLU H 944 50.97 23.81 154.08
C GLU H 944 50.21 22.66 154.73
N LYS H 945 50.84 22.03 155.72
CA LYS H 945 50.24 20.87 156.36
C LYS H 945 48.97 21.29 157.10
N ALA H 946 47.85 20.68 156.73
CA ALA H 946 46.58 21.04 157.36
C ALA H 946 46.59 20.78 158.86
N GLU H 947 47.43 19.86 159.33
CA GLU H 947 47.53 19.61 160.77
C GLU H 947 47.80 20.89 161.53
N ASP H 948 48.62 21.78 160.98
CA ASP H 948 48.93 23.05 161.64
C ASP H 948 47.73 23.98 161.66
N ASN H 949 47.09 24.18 160.52
CA ASN H 949 46.09 25.23 160.37
C ASN H 949 44.67 24.69 160.59
N LEU H 950 44.57 23.49 161.17
CA LEU H 950 43.32 22.88 161.62
C LEU H 950 43.28 22.89 163.14
N LYS H 951 42.08 22.99 163.71
CA LYS H 951 41.91 22.97 165.16
C LYS H 951 40.63 22.23 165.52
N LYS H 952 40.56 21.80 166.78
CA LYS H 952 39.38 21.16 167.33
C LYS H 952 38.55 22.17 168.09
N THR H 953 37.23 22.15 167.84
CA THR H 953 36.31 23.16 168.36
C THR H 953 35.39 22.51 169.38
N LYS H 954 35.59 22.84 170.66
CA LYS H 954 34.67 22.41 171.72
C LYS H 954 33.44 23.32 171.65
N LEU H 955 32.50 22.93 170.81
CA LEU H 955 31.29 23.71 170.62
C LEU H 955 30.42 23.67 171.88
N PRO H 956 29.58 24.68 172.09
CA PRO H 956 28.57 24.56 173.16
C PRO H 956 27.68 23.36 172.95
N LYS H 957 27.31 23.09 171.70
CA LYS H 957 26.70 21.82 171.35
C LYS H 957 27.76 20.72 171.41
N THR H 958 27.30 19.47 171.53
CA THR H 958 28.15 18.30 171.69
C THR H 958 28.98 18.33 172.96
N TYR H 959 28.56 19.12 173.96
CA TYR H 959 29.22 19.09 175.26
C TYR H 959 28.81 17.84 176.04
N MET H 960 29.79 17.15 176.59
CA MET H 960 29.52 15.93 177.34
C MET H 960 30.31 15.91 178.65
N MET H 961 29.80 15.14 179.59
CA MET H 961 30.39 15.02 180.92
C MET H 961 31.41 13.90 181.03
N SER H 962 31.41 12.96 180.09
CA SER H 962 32.31 11.81 180.13
C SER H 962 33.65 12.22 179.52
N ASN H 963 34.62 12.52 180.38
CA ASN H 963 36.00 12.77 179.99
C ASN H 963 36.10 13.88 178.93
N GLY H 964 35.51 15.03 179.27
CA GLY H 964 35.59 16.19 178.42
C GLY H 964 34.71 16.10 177.19
N TYR H 965 34.60 17.23 176.49
CA TYR H 965 33.76 17.36 175.31
C TYR H 965 34.62 17.71 174.09
N LYS H 966 34.26 17.15 172.95
CA LYS H 966 34.97 17.35 171.69
C LYS H 966 34.03 17.00 170.56
N PRO H 967 34.31 17.45 169.34
CA PRO H 967 33.57 16.93 168.19
C PRO H 967 33.71 15.42 168.11
N ALA H 968 32.59 14.74 167.83
CA ALA H 968 32.61 13.28 167.78
C ALA H 968 33.56 12.74 166.72
N PRO H 969 33.55 13.21 165.46
CA PRO H 969 34.66 12.89 164.57
C PRO H 969 35.82 13.84 164.81
N LEU H 970 36.88 13.75 164.00
CA LEU H 970 37.96 14.71 164.11
C LEU H 970 37.57 15.99 163.39
N ASP H 971 37.83 17.13 164.05
CA ASP H 971 37.34 18.41 163.54
C ASP H 971 38.08 18.80 162.25
N LEU H 972 37.48 19.72 161.52
CA LEU H 972 38.05 20.20 160.26
C LEU H 972 37.59 21.63 160.03
N SER H 973 38.45 22.41 159.39
CA SER H 973 38.19 23.80 159.08
C SER H 973 37.65 23.92 157.65
N HIS H 974 37.60 25.16 157.15
CA HIS H 974 37.19 25.45 155.77
C HIS H 974 37.98 24.63 154.75
N VAL H 975 37.28 23.72 154.07
CA VAL H 975 37.85 22.83 153.07
C VAL H 975 36.79 22.59 151.99
N ARG H 976 37.23 22.49 150.74
CA ARG H 976 36.32 22.34 149.62
C ARG H 976 36.69 21.09 148.83
N LEU H 977 35.88 20.78 147.82
CA LEU H 977 36.05 19.56 147.03
C LEU H 977 35.67 19.84 145.58
N THR H 978 36.50 19.39 144.65
CA THR H 978 36.27 19.59 143.23
C THR H 978 35.32 18.53 142.70
N PRO H 979 34.72 18.75 141.52
CA PRO H 979 33.77 17.76 140.98
C PRO H 979 34.36 16.37 140.80
N ALA H 980 35.66 16.28 140.49
CA ALA H 980 36.31 14.98 140.44
C ALA H 980 36.09 14.22 141.74
N GLN H 981 36.21 14.90 142.87
CA GLN H 981 35.94 14.28 144.15
C GLN H 981 34.48 13.89 144.30
N THR H 982 33.55 14.66 143.71
CA THR H 982 32.14 14.30 143.80
C THR H 982 31.87 12.99 143.07
N THR H 983 32.34 12.87 141.84
CA THR H 983 32.17 11.61 141.12
C THR H 983 32.87 10.47 141.84
N LEU H 984 34.08 10.73 142.33
CA LEU H 984 34.84 9.68 143.00
C LEU H 984 34.14 9.22 144.27
N VAL H 985 33.58 10.15 145.05
CA VAL H 985 32.89 9.73 146.27
C VAL H 985 31.59 9.02 145.91
N ASP H 986 30.96 9.38 144.79
CA ASP H 986 29.77 8.65 144.38
C ASP H 986 30.09 7.18 144.12
N ARG H 987 31.09 6.91 143.28
CA ARG H 987 31.41 5.51 143.01
C ARG H 987 32.09 4.84 144.19
N LEU H 988 32.73 5.62 145.05
CA LEU H 988 33.29 5.06 146.28
C LEU H 988 32.18 4.58 147.21
N ALA H 989 31.10 5.34 147.33
CA ALA H 989 29.96 4.87 148.12
C ALA H 989 29.27 3.71 147.45
N GLU H 990 29.21 3.70 146.11
CA GLU H 990 28.66 2.55 145.41
C GLU H 990 29.42 1.28 145.77
N ASN H 991 30.73 1.35 145.79
CA ASN H 991 31.49 0.15 146.07
C ASN H 991 31.45 -0.23 147.54
N GLY H 992 30.96 0.63 148.42
CA GLY H 992 30.74 0.22 149.78
C GLY H 992 29.43 -0.52 149.90
N HIS H 993 28.40 0.07 149.28
CA HIS H 993 27.08 -0.57 149.30
C HIS H 993 27.11 -1.94 148.65
N ASN H 994 27.80 -2.07 147.52
CA ASN H 994 27.78 -3.31 146.78
C ASN H 994 28.60 -4.41 147.43
N VAL H 995 29.58 -4.07 148.25
CA VAL H 995 30.31 -5.08 148.99
C VAL H 995 29.43 -5.51 150.15
N TRP H 996 28.78 -4.54 150.78
CA TRP H 996 27.88 -4.88 151.87
C TRP H 996 26.74 -5.78 151.42
N ALA H 997 26.12 -5.45 150.28
CA ALA H 997 25.01 -6.24 149.77
C ALA H 997 25.48 -7.63 149.37
N ARG H 998 26.65 -7.72 148.75
CA ARG H 998 27.20 -9.02 148.39
C ARG H 998 27.37 -9.89 149.62
N ASP H 999 27.92 -9.31 150.68
CA ASP H 999 28.14 -10.07 151.90
C ASP H 999 26.81 -10.54 152.49
N ARG H 1000 25.83 -9.63 152.55
CA ARG H 1000 24.53 -9.99 153.11
C ARG H 1000 23.88 -11.12 152.32
N VAL H 1001 23.96 -11.04 150.98
CA VAL H 1001 23.41 -12.11 150.16
C VAL H 1001 24.14 -13.42 150.46
N ALA H 1002 25.46 -13.36 150.56
CA ALA H 1002 26.22 -14.56 150.90
C ALA H 1002 25.84 -15.12 152.26
N GLN H 1003 25.25 -14.32 153.13
CA GLN H 1003 24.66 -14.86 154.35
C GLN H 1003 23.19 -15.21 154.17
N GLY H 1004 22.69 -15.26 152.94
CA GLY H 1004 21.37 -15.74 152.63
C GLY H 1004 20.32 -14.67 152.44
N TRP H 1005 20.57 -13.45 152.93
CA TRP H 1005 19.57 -12.39 152.88
C TRP H 1005 19.10 -12.08 151.47
N SER H 1006 17.98 -11.39 151.33
CA SER H 1006 17.46 -10.99 150.03
C SER H 1006 16.66 -9.71 150.19
N TYR H 1007 16.08 -9.25 149.09
CA TYR H 1007 15.37 -7.98 149.07
C TYR H 1007 13.90 -8.17 149.39
N SER H 1008 13.34 -7.18 150.08
CA SER H 1008 11.91 -7.11 150.30
C SER H 1008 11.57 -5.68 150.67
N ALA H 1009 10.56 -5.11 150.01
CA ALA H 1009 10.19 -3.74 150.30
C ALA H 1009 9.75 -3.55 151.74
N VAL H 1010 9.38 -4.62 152.41
CA VAL H 1010 9.08 -4.60 153.84
C VAL H 1010 10.16 -5.42 154.55
N GLN H 1011 10.72 -4.86 155.61
CA GLN H 1011 11.85 -5.48 156.27
C GLN H 1011 11.41 -6.64 157.15
N ASP H 1012 12.08 -7.79 157.01
CA ASP H 1012 11.84 -8.97 157.83
C ASP H 1012 13.21 -9.49 158.28
N ILE H 1013 13.63 -9.10 159.48
CA ILE H 1013 14.92 -9.51 160.00
C ILE H 1013 14.95 -11.01 160.27
N PRO H 1014 14.00 -11.60 161.02
CA PRO H 1014 14.05 -13.05 161.23
C PRO H 1014 13.93 -13.85 159.95
N ALA H 1015 13.23 -13.32 158.95
CA ALA H 1015 13.20 -13.94 157.62
C ALA H 1015 14.39 -13.53 156.76
N ARG H 1016 15.25 -12.65 157.28
CA ARG H 1016 16.52 -12.30 156.64
C ARG H 1016 16.29 -11.64 155.29
N ARG H 1017 15.45 -10.62 155.28
CA ARG H 1017 15.20 -9.83 154.08
C ARG H 1017 15.24 -8.36 154.44
N ASN H 1018 15.72 -7.54 153.51
CA ASN H 1018 16.02 -6.14 153.75
C ASN H 1018 15.46 -5.32 152.61
N PRO H 1019 15.04 -4.08 152.88
CA PRO H 1019 14.64 -3.18 151.79
C PRO H 1019 15.80 -2.51 151.08
N ARG H 1020 17.04 -2.78 151.46
CA ARG H 1020 18.18 -2.12 150.86
C ARG H 1020 19.15 -3.08 150.20
N LEU H 1021 18.83 -4.36 150.14
CA LEU H 1021 19.66 -5.29 149.38
C LEU H 1021 19.39 -5.15 147.89
N VAL H 1022 19.76 -4.00 147.34
CA VAL H 1022 19.82 -3.83 145.88
C VAL H 1022 21.11 -3.15 145.51
N PRO H 1023 21.57 -3.37 144.29
CA PRO H 1023 22.75 -2.65 143.82
C PRO H 1023 22.51 -1.15 143.89
N TYR H 1024 23.60 -0.41 144.08
CA TYR H 1024 23.52 1.03 144.32
C TYR H 1024 22.68 1.72 143.27
N ARG H 1025 22.80 1.29 142.02
CA ARG H 1025 22.07 1.96 140.96
C ARG H 1025 20.58 1.89 141.15
N LEU H 1026 20.10 0.92 141.91
CA LEU H 1026 18.67 0.73 142.14
C LEU H 1026 18.21 1.24 143.50
N LEU H 1027 19.14 1.65 144.35
CA LEU H 1027 18.80 2.19 145.66
C LEU H 1027 18.01 3.48 145.51
N ASP H 1028 17.46 3.96 146.61
CA ASP H 1028 16.70 5.20 146.61
C ASP H 1028 17.62 6.39 146.87
N GLU H 1029 17.16 7.57 146.47
CA GLU H 1029 18.01 8.75 146.60
C GLU H 1029 18.30 9.10 148.05
N ALA H 1030 17.35 8.85 148.95
CA ALA H 1030 17.58 9.11 150.36
C ALA H 1030 18.77 8.31 150.87
N THR H 1031 18.76 7.00 150.63
CA THR H 1031 19.86 6.16 151.09
C THR H 1031 21.14 6.42 150.32
N LYS H 1032 21.03 6.70 149.01
CA LYS H 1032 22.21 7.08 148.25
C LYS H 1032 22.90 8.27 148.90
N ARG H 1033 22.12 9.29 149.22
CA ARG H 1033 22.67 10.50 149.85
C ARG H 1033 23.23 10.19 151.23
N SER H 1034 22.53 9.37 152.00
CA SER H 1034 23.00 9.05 153.35
C SER H 1034 24.34 8.32 153.30
N ASN H 1035 24.50 7.39 152.35
CA ASN H 1035 25.81 6.76 152.17
C ASN H 1035 26.85 7.76 151.70
N ARG H 1036 26.48 8.62 150.75
CA ARG H 1036 27.47 9.53 150.18
C ARG H 1036 27.97 10.53 151.20
N ASP H 1037 27.16 10.85 152.22
CA ASP H 1037 27.57 11.85 153.19
C ASP H 1037 28.82 11.43 153.94
N SER H 1038 28.87 10.17 154.39
CA SER H 1038 30.01 9.72 155.19
C SER H 1038 31.31 9.76 154.39
N LEU H 1039 31.31 9.16 153.21
CA LEU H 1039 32.54 9.14 152.42
C LEU H 1039 32.85 10.51 151.84
N CYS H 1040 31.85 11.38 151.67
CA CYS H 1040 32.16 12.76 151.30
C CYS H 1040 32.92 13.44 152.42
N GLN H 1041 32.50 13.21 153.67
CA GLN H 1041 33.25 13.75 154.80
C GLN H 1041 34.67 13.19 154.82
N ALA H 1042 34.82 11.89 154.56
CA ALA H 1042 36.14 11.27 154.56
C ALA H 1042 37.04 11.90 153.51
N VAL H 1043 36.56 11.99 152.27
CA VAL H 1043 37.37 12.54 151.20
C VAL H 1043 37.63 14.02 151.44
N ARG H 1044 36.70 14.71 152.10
CA ARG H 1044 36.93 16.10 152.46
C ARG H 1044 38.09 16.23 153.44
N THR H 1045 38.10 15.36 154.46
CA THR H 1045 39.19 15.36 155.43
C THR H 1045 40.52 15.02 154.75
N LEU H 1046 40.47 14.11 153.78
CA LEU H 1046 41.68 13.80 153.02
C LEU H 1046 42.14 15.01 152.21
N LEU H 1047 41.21 15.71 151.58
CA LEU H 1047 41.58 16.85 150.74
C LEU H 1047 42.17 17.98 151.56
N GLY H 1048 41.68 18.16 152.79
CA GLY H 1048 42.23 19.21 153.64
C GLY H 1048 43.72 19.06 153.84
N TYR H 1049 44.18 17.81 154.00
CA TYR H 1049 45.60 17.52 154.14
C TYR H 1049 46.37 17.68 152.83
N GLY H 1050 45.71 18.13 151.76
CA GLY H 1050 46.38 18.47 150.53
C GLY H 1050 46.73 17.31 149.63
N TYR H 1051 46.39 16.09 150.01
CA TYR H 1051 46.73 14.93 149.20
C TYR H 1051 45.75 14.85 148.03
N ASN H 1052 46.30 14.81 146.82
CA ASN H 1052 45.48 14.90 145.62
C ASN H 1052 44.54 13.72 145.49
N ILE H 1053 43.33 13.99 145.01
CA ILE H 1053 42.38 12.94 144.68
C ILE H 1053 42.45 12.77 143.16
N GLU H 1054 43.13 11.75 142.71
CA GLU H 1054 43.38 11.66 141.29
C GLU H 1054 42.25 10.90 140.60
N PRO H 1055 41.56 11.52 139.65
CA PRO H 1055 40.58 10.78 138.87
C PRO H 1055 41.26 9.68 138.07
N PRO H 1056 40.60 8.55 137.90
CA PRO H 1056 41.16 7.50 137.05
C PRO H 1056 40.94 7.83 135.57
N ASP H 1057 41.46 6.95 134.72
CA ASP H 1057 41.21 7.09 133.30
C ASP H 1057 39.74 6.87 132.99
N GLN H 1058 39.30 7.44 131.87
CA GLN H 1058 37.91 7.35 131.44
C GLN H 1058 37.78 6.31 130.34
N GLU H 1059 36.89 5.35 130.53
CA GLU H 1059 36.63 4.31 129.55
C GLU H 1059 35.16 4.32 129.17
N PRO H 1060 34.82 4.62 127.92
CA PRO H 1060 33.41 4.60 127.51
C PRO H 1060 32.91 3.17 127.33
N SER H 1061 31.79 2.86 127.98
CA SER H 1061 31.22 1.52 127.94
C SER H 1061 29.73 1.61 127.69
N GLN H 1062 29.20 0.58 127.03
CA GLN H 1062 27.79 0.45 126.76
C GLN H 1062 27.24 -0.76 127.51
N VAL H 1063 26.13 -0.57 128.21
CA VAL H 1063 25.58 -1.64 129.05
C VAL H 1063 25.10 -2.80 128.18
N GLU H 1064 24.32 -2.49 127.14
CA GLU H 1064 23.81 -3.48 126.20
C GLU H 1064 24.26 -3.09 124.81
N ASN H 1065 24.88 -4.03 124.10
CA ASN H 1065 25.43 -3.77 122.77
C ASN H 1065 24.86 -4.66 121.68
N GLN H 1066 24.52 -5.91 122.00
CA GLN H 1066 24.10 -6.87 120.99
C GLN H 1066 22.85 -6.38 120.26
N SER H 1067 21.83 -5.99 121.00
CA SER H 1067 20.56 -5.58 120.41
C SER H 1067 20.60 -4.10 120.01
N ARG H 1068 21.33 -3.83 118.92
CA ARG H 1068 21.35 -2.49 118.37
C ARG H 1068 20.03 -2.11 117.74
N TRP H 1069 19.16 -3.10 117.46
CA TRP H 1069 17.91 -2.84 116.77
C TRP H 1069 16.78 -2.50 117.71
N ASP H 1070 16.80 -3.08 118.92
CA ASP H 1070 15.84 -2.69 119.96
C ASP H 1070 16.29 -1.38 120.61
N ARG H 1071 16.49 -0.40 119.75
CA ARG H 1071 16.92 0.93 120.15
C ARG H 1071 16.04 2.03 119.57
N VAL H 1072 15.60 1.89 118.32
CA VAL H 1072 14.97 2.97 117.60
C VAL H 1072 13.68 2.46 116.98
N ARG H 1073 12.59 3.19 117.17
CA ARG H 1073 11.35 2.92 116.46
C ARG H 1073 11.12 4.01 115.43
N ILE H 1074 10.85 3.62 114.20
CA ILE H 1074 10.64 4.54 113.10
C ILE H 1074 9.20 4.46 112.67
N PHE H 1075 8.48 5.56 112.84
CA PHE H 1075 7.08 5.66 112.43
C PHE H 1075 7.04 6.52 111.18
N ARG H 1076 6.52 5.98 110.10
CA ARG H 1076 6.40 6.70 108.86
C ARG H 1076 4.96 6.65 108.39
N ALA H 1077 4.58 7.61 107.57
CA ALA H 1077 3.27 7.51 106.97
C ALA H 1077 3.24 6.38 105.95
N GLU H 1078 2.04 5.97 105.56
CA GLU H 1078 1.92 4.91 104.57
C GLU H 1078 2.46 5.38 103.23
N LYS H 1079 2.91 4.44 102.41
CA LYS H 1079 3.42 4.81 101.10
C LYS H 1079 2.37 5.44 100.22
N SER H 1080 1.09 5.21 100.48
CA SER H 1080 0.04 5.75 99.65
C SER H 1080 -0.10 7.26 99.79
N TYR H 1081 0.55 7.87 100.77
CA TYR H 1081 0.48 9.30 101.00
C TYR H 1081 1.69 10.03 100.46
N THR H 1082 2.56 9.35 99.71
CA THR H 1082 3.78 9.97 99.24
C THR H 1082 3.46 11.18 98.39
N VAL H 1083 4.22 12.26 98.61
CA VAL H 1083 3.98 13.52 97.91
C VAL H 1083 5.08 13.71 96.90
N GLN H 1084 4.70 14.14 95.70
CA GLN H 1084 5.65 14.39 94.62
C GLN H 1084 5.59 15.84 94.15
N SER H 1085 4.80 16.67 94.81
CA SER H 1085 4.61 18.04 94.38
C SER H 1085 3.94 18.81 95.51
N GLY H 1086 3.79 20.10 95.30
CA GLY H 1086 3.16 20.94 96.30
C GLY H 1086 4.10 21.32 97.40
N ARG H 1087 3.56 22.02 98.39
CA ARG H 1087 4.31 22.46 99.55
C ARG H 1087 3.57 21.99 100.80
N TRP H 1088 4.25 21.21 101.63
CA TRP H 1088 3.60 20.48 102.70
C TRP H 1088 4.24 20.79 104.04
N TYR H 1089 3.52 20.46 105.10
CA TYR H 1089 3.89 20.85 106.45
C TYR H 1089 3.34 19.85 107.43
N PHE H 1090 4.07 19.64 108.53
CA PHE H 1090 3.60 18.77 109.59
C PHE H 1090 4.44 19.03 110.84
N GLU H 1091 3.84 18.85 112.00
CA GLU H 1091 4.49 19.18 113.26
C GLU H 1091 4.82 17.93 114.04
N PHE H 1092 5.80 18.06 114.93
CA PHE H 1092 6.25 16.96 115.77
C PHE H 1092 6.70 17.56 117.09
N GLU H 1093 5.97 17.25 118.15
CA GLU H 1093 6.27 17.79 119.47
C GLU H 1093 7.15 16.83 120.23
N ALA H 1094 8.27 17.34 120.73
CA ALA H 1094 9.24 16.56 121.48
C ALA H 1094 8.83 16.58 122.94
N VAL H 1095 8.14 15.54 123.38
CA VAL H 1095 7.69 15.48 124.76
C VAL H 1095 8.87 15.32 125.71
N THR H 1096 9.87 14.53 125.32
CA THR H 1096 11.08 14.36 126.11
C THR H 1096 12.29 14.65 125.24
N THR H 1097 13.05 15.68 125.59
CA THR H 1097 14.30 15.97 124.90
C THR H 1097 15.21 14.76 124.99
N GLY H 1098 15.46 14.15 123.85
CA GLY H 1098 16.23 12.92 123.80
C GLY H 1098 16.67 12.72 122.40
N GLU H 1099 16.86 11.46 122.02
CA GLU H 1099 17.32 11.12 120.68
C GLU H 1099 16.10 10.80 119.83
N MET H 1100 15.60 11.81 119.14
CA MET H 1100 14.52 11.63 118.19
C MET H 1100 14.84 12.41 116.93
N ARG H 1101 14.42 11.86 115.79
CA ARG H 1101 14.66 12.47 114.49
C ARG H 1101 13.34 12.59 113.74
N VAL H 1102 13.10 13.75 113.15
CA VAL H 1102 11.86 14.02 112.44
C VAL H 1102 12.19 14.60 111.08
N GLY H 1103 11.45 14.18 110.06
CA GLY H 1103 11.72 14.74 108.75
C GLY H 1103 11.00 14.01 107.65
N TRP H 1104 11.60 14.02 106.48
CA TRP H 1104 10.99 13.45 105.28
C TRP H 1104 11.79 12.24 104.82
N ALA H 1105 11.10 11.30 104.19
CA ALA H 1105 11.71 10.01 103.90
C ALA H 1105 11.14 9.45 102.62
N ARG H 1106 12.01 8.92 101.78
CA ARG H 1106 11.57 8.30 100.55
C ARG H 1106 10.82 7.02 100.87
N PRO H 1107 9.88 6.61 100.01
CA PRO H 1107 8.99 5.50 100.36
C PRO H 1107 9.69 4.20 100.69
N GLU H 1108 10.76 3.86 100.00
CA GLU H 1108 11.42 2.56 100.23
C GLU H 1108 12.41 2.64 101.38
N LEU H 1109 11.95 3.16 102.50
CA LEU H 1109 12.83 3.37 103.65
C LEU H 1109 13.14 2.05 104.31
N ARG H 1110 14.42 1.78 104.53
CA ARG H 1110 14.81 0.58 105.25
C ARG H 1110 14.43 0.72 106.72
N PRO H 1111 13.88 -0.33 107.33
CA PRO H 1111 13.51 -0.25 108.75
C PRO H 1111 14.67 -0.48 109.69
N ASP H 1112 15.86 -0.78 109.20
CA ASP H 1112 16.97 -1.17 110.06
C ASP H 1112 18.22 -0.33 109.83
N VAL H 1113 18.05 0.92 109.42
CA VAL H 1113 19.15 1.88 109.33
C VAL H 1113 18.69 3.16 110.00
N GLU H 1114 19.61 3.81 110.73
CA GLU H 1114 19.27 5.06 111.40
C GLU H 1114 18.90 6.10 110.37
N LEU H 1115 17.88 6.89 110.69
CA LEU H 1115 17.38 7.86 109.73
C LEU H 1115 18.47 8.85 109.35
N GLY H 1116 18.67 9.02 108.05
CA GLY H 1116 19.67 9.91 107.54
C GLY H 1116 21.03 9.28 107.32
N ALA H 1117 21.29 8.12 107.90
CA ALA H 1117 22.54 7.44 107.63
C ALA H 1117 22.66 7.08 106.16
N ASP H 1118 21.59 6.56 105.58
CA ASP H 1118 21.55 6.25 104.16
C ASP H 1118 21.06 7.49 103.41
N GLU H 1119 20.68 7.32 102.16
CA GLU H 1119 20.23 8.43 101.32
C GLU H 1119 18.73 8.51 101.18
N LEU H 1120 17.98 7.77 102.01
CA LEU H 1120 16.54 7.67 101.88
C LEU H 1120 15.79 8.57 102.87
N ALA H 1121 16.47 9.49 103.53
CA ALA H 1121 15.79 10.33 104.50
C ALA H 1121 16.54 11.63 104.69
N TYR H 1122 15.80 12.72 104.78
CA TYR H 1122 16.31 14.02 105.18
C TYR H 1122 15.63 14.36 106.49
N VAL H 1123 16.36 14.21 107.61
CA VAL H 1123 15.74 14.31 108.92
C VAL H 1123 16.55 15.24 109.81
N PHE H 1124 15.95 15.62 110.93
CA PHE H 1124 16.54 16.54 111.88
C PHE H 1124 16.58 15.86 113.24
N ASN H 1125 17.75 15.83 113.86
CA ASN H 1125 17.96 15.25 115.18
C ASN H 1125 18.12 16.38 116.19
N GLY H 1126 17.32 16.29 117.24
CA GLY H 1126 17.18 17.43 118.14
C GLY H 1126 17.94 17.31 119.43
N HIS H 1127 18.52 16.15 119.71
CA HIS H 1127 19.29 16.01 120.95
C HIS H 1127 20.42 17.01 120.99
N ARG H 1128 21.26 17.01 119.97
CA ARG H 1128 22.07 18.16 119.61
C ARG H 1128 21.72 18.45 118.17
N GLY H 1129 21.54 19.71 117.82
CA GLY H 1129 20.98 20.03 116.54
C GLY H 1129 21.78 19.49 115.39
N GLN H 1130 21.22 18.55 114.63
CA GLN H 1130 21.97 17.96 113.54
C GLN H 1130 21.07 17.66 112.37
N ARG H 1131 21.54 18.00 111.17
CA ARG H 1131 20.97 17.46 109.96
C ARG H 1131 21.36 16.00 109.81
N TRP H 1132 20.54 15.25 109.09
CA TRP H 1132 20.91 13.90 108.75
C TRP H 1132 20.45 13.61 107.34
N HIS H 1133 21.42 13.43 106.45
CA HIS H 1133 21.22 12.78 105.17
C HIS H 1133 22.57 12.27 104.72
N LEU H 1134 22.68 10.96 104.51
CA LEU H 1134 23.95 10.31 104.21
C LEU H 1134 25.00 10.62 105.25
N GLY H 1135 24.59 10.98 106.45
CA GLY H 1135 25.52 11.32 107.50
C GLY H 1135 24.95 12.43 108.36
N SER H 1136 25.84 13.20 108.94
CA SER H 1136 25.46 14.23 109.90
C SER H 1136 26.19 15.52 109.61
N GLU H 1137 25.50 16.63 109.85
CA GLU H 1137 26.07 17.98 109.80
C GLU H 1137 25.40 18.79 110.88
N PRO H 1138 26.16 19.59 111.64
CA PRO H 1138 25.56 20.35 112.75
C PRO H 1138 24.68 21.46 112.19
N PHE H 1139 23.45 21.52 112.69
CA PHE H 1139 22.46 22.41 112.10
C PHE H 1139 21.39 22.69 113.15
N GLY H 1140 21.43 23.87 113.74
CA GLY H 1140 20.37 24.35 114.60
C GLY H 1140 20.61 24.02 116.06
N ARG H 1141 19.72 24.54 116.87
CA ARG H 1141 19.68 24.42 118.32
C ARG H 1141 19.20 23.05 118.72
N PRO H 1142 19.45 22.65 119.97
CA PRO H 1142 18.79 21.45 120.49
C PRO H 1142 17.46 21.84 121.10
N TRP H 1143 16.47 20.96 120.96
CA TRP H 1143 15.20 21.26 121.59
C TRP H 1143 15.24 20.98 123.08
N GLN H 1144 14.26 21.54 123.77
CA GLN H 1144 13.94 21.19 125.14
C GLN H 1144 12.61 20.45 125.14
N SER H 1145 12.15 20.08 126.34
CA SER H 1145 10.87 19.41 126.43
C SER H 1145 9.74 20.36 126.06
N GLY H 1146 8.84 19.89 125.21
CA GLY H 1146 7.71 20.68 124.78
C GLY H 1146 7.92 21.44 123.49
N ASP H 1147 9.11 21.43 122.94
CA ASP H 1147 9.36 22.13 121.69
C ASP H 1147 8.60 21.47 120.55
N VAL H 1148 8.21 22.26 119.56
CA VAL H 1148 7.43 21.78 118.44
C VAL H 1148 8.23 22.03 117.18
N VAL H 1149 8.66 20.96 116.52
CA VAL H 1149 9.43 21.06 115.30
C VAL H 1149 8.47 20.96 114.12
N GLY H 1150 8.38 22.02 113.34
CA GLY H 1150 7.54 22.03 112.17
C GLY H 1150 8.36 21.80 110.93
N CYS H 1151 8.17 20.65 110.31
CA CYS H 1151 8.92 20.28 109.13
C CYS H 1151 8.08 20.57 107.91
N MET H 1152 8.66 21.23 106.93
CA MET H 1152 7.94 21.62 105.74
C MET H 1152 8.82 21.39 104.52
N ILE H 1153 8.19 21.04 103.42
CA ILE H 1153 8.89 20.77 102.16
C ILE H 1153 8.27 21.60 101.07
N ASP H 1154 9.11 22.09 100.17
CA ASP H 1154 8.69 22.83 98.98
C ASP H 1154 9.23 22.05 97.80
N LEU H 1155 8.38 21.27 97.15
CA LEU H 1155 8.81 20.45 96.03
C LEU H 1155 8.80 21.20 94.71
N THR H 1156 8.41 22.48 94.71
CA THR H 1156 8.62 23.32 93.55
C THR H 1156 10.05 23.84 93.52
N GLU H 1157 10.53 24.33 94.66
CA GLU H 1157 11.92 24.72 94.81
C GLU H 1157 12.81 23.58 95.24
N ASN H 1158 12.24 22.44 95.61
CA ASN H 1158 13.00 21.27 96.04
C ASN H 1158 13.89 21.59 97.24
N THR H 1159 13.23 21.98 98.34
CA THR H 1159 13.93 22.33 99.56
C THR H 1159 13.16 21.83 100.76
N ILE H 1160 13.87 21.69 101.88
CA ILE H 1160 13.29 21.26 103.14
C ILE H 1160 13.65 22.29 104.21
N ILE H 1161 12.66 22.69 105.00
CA ILE H 1161 12.86 23.67 106.06
C ILE H 1161 12.37 23.06 107.36
N PHE H 1162 13.10 23.32 108.43
CA PHE H 1162 12.68 22.94 109.77
C PHE H 1162 12.56 24.18 110.63
N THR H 1163 11.48 24.27 111.39
CA THR H 1163 11.28 25.37 112.30
C THR H 1163 11.14 24.83 113.71
N LEU H 1164 11.77 25.51 114.65
CA LEU H 1164 11.73 25.12 116.06
C LEU H 1164 10.95 26.19 116.81
N ASN H 1165 9.70 25.89 117.13
CA ASN H 1165 8.81 26.83 117.81
C ASN H 1165 8.57 28.07 116.97
N GLY H 1166 8.23 27.86 115.71
CA GLY H 1166 7.86 28.94 114.83
C GLY H 1166 9.02 29.74 114.28
N GLU H 1167 10.25 29.43 114.68
CA GLU H 1167 11.43 30.12 114.19
C GLU H 1167 12.19 29.17 113.29
N VAL H 1168 12.57 29.66 112.12
CA VAL H 1168 13.28 28.80 111.18
C VAL H 1168 14.67 28.50 111.74
N LEU H 1169 15.05 27.24 111.72
CA LEU H 1169 16.42 26.88 112.03
C LEU H 1169 17.33 27.22 110.86
N MET H 1170 18.45 27.84 111.17
CA MET H 1170 19.40 28.28 110.17
C MET H 1170 20.72 27.54 110.34
N SER H 1171 21.30 27.11 109.23
CA SER H 1171 22.62 26.53 109.30
C SER H 1171 23.64 27.61 109.62
N ASP H 1172 24.89 27.18 109.86
CA ASP H 1172 25.93 28.15 110.17
C ASP H 1172 26.27 29.01 108.97
N SER H 1173 26.17 28.45 107.77
CA SER H 1173 26.45 29.22 106.56
C SER H 1173 25.46 30.37 106.39
N GLY H 1174 24.27 30.24 106.99
CA GLY H 1174 23.29 31.29 106.90
C GLY H 1174 22.08 30.87 106.09
N SER H 1175 22.14 29.70 105.48
CA SER H 1175 21.03 29.24 104.66
C SER H 1175 19.81 28.97 105.54
N GLU H 1176 18.64 29.29 105.01
CA GLU H 1176 17.39 29.05 105.71
C GLU H 1176 16.74 27.72 105.37
N THR H 1177 17.30 26.98 104.42
CA THR H 1177 16.81 25.66 104.08
C THR H 1177 17.79 24.63 104.60
N ALA H 1178 17.26 23.61 105.28
CA ALA H 1178 18.12 22.55 105.77
C ALA H 1178 18.73 21.77 104.61
N PHE H 1179 17.93 21.43 103.63
CA PHE H 1179 18.38 20.69 102.47
C PHE H 1179 17.85 21.36 101.22
N ARG H 1180 18.66 21.38 100.16
CA ARG H 1180 18.29 21.99 98.90
C ARG H 1180 18.63 21.04 97.76
N GLU H 1181 18.04 21.32 96.61
CA GLU H 1181 18.30 20.55 95.39
C GLU H 1181 17.93 19.08 95.54
N ILE H 1182 16.87 18.81 96.31
CA ILE H 1182 16.40 17.45 96.49
C ILE H 1182 15.65 17.04 95.23
N GLU H 1183 16.00 15.88 94.67
CA GLU H 1183 15.24 15.39 93.54
C GLU H 1183 13.89 14.86 94.03
N ILE H 1184 12.84 15.13 93.26
CA ILE H 1184 11.52 14.66 93.65
C ILE H 1184 11.51 13.14 93.70
N GLY H 1185 12.05 12.51 92.67
CA GLY H 1185 12.15 11.06 92.69
C GLY H 1185 10.79 10.42 92.80
N ASP H 1186 10.74 9.33 93.57
CA ASP H 1186 9.48 8.62 93.75
C ASP H 1186 8.55 9.33 94.73
N GLY H 1187 9.10 10.06 95.70
CA GLY H 1187 8.24 10.85 96.56
C GLY H 1187 8.91 11.11 97.89
N PHE H 1188 8.09 11.52 98.86
CA PHE H 1188 8.54 11.86 100.19
C PHE H 1188 7.41 11.60 101.17
N LEU H 1189 7.74 11.29 102.42
CA LEU H 1189 6.79 10.91 103.44
C LEU H 1189 7.21 11.52 104.77
N PRO H 1190 6.26 11.75 105.67
CA PRO H 1190 6.64 12.11 107.03
C PRO H 1190 7.19 10.90 107.77
N VAL H 1191 8.29 11.13 108.47
CA VAL H 1191 8.97 10.06 109.18
C VAL H 1191 9.47 10.60 110.51
N CYS H 1192 9.43 9.75 111.51
CA CYS H 1192 9.81 10.07 112.87
C CYS H 1192 10.54 8.88 113.43
N SER H 1193 11.45 9.12 114.37
CA SER H 1193 12.33 8.09 114.90
C SER H 1193 12.57 8.38 116.36
N LEU H 1194 11.98 7.56 117.22
CA LEU H 1194 12.09 7.74 118.65
C LEU H 1194 13.02 6.70 119.24
N GLY H 1195 13.97 7.16 120.05
CA GLY H 1195 14.92 6.29 120.69
C GLY H 1195 14.36 5.71 121.96
N PRO H 1196 15.22 5.10 122.77
CA PRO H 1196 14.76 4.42 123.99
C PRO H 1196 14.25 5.42 125.01
N GLY H 1197 13.04 5.18 125.50
CA GLY H 1197 12.47 6.02 126.53
C GLY H 1197 12.00 7.36 126.03
N GLN H 1198 11.74 7.51 124.74
CA GLN H 1198 11.42 8.80 124.13
C GLN H 1198 9.98 8.82 123.68
N VAL H 1199 9.29 9.91 123.97
CA VAL H 1199 7.91 10.11 123.59
C VAL H 1199 7.84 11.30 122.64
N GLY H 1200 6.85 11.30 121.78
CA GLY H 1200 6.68 12.40 120.84
C GLY H 1200 5.29 12.35 120.26
N HIS H 1201 4.84 13.51 119.78
CA HIS H 1201 3.49 13.67 119.25
C HIS H 1201 3.56 14.15 117.81
N LEU H 1202 3.14 13.31 116.89
CA LEU H 1202 3.20 13.63 115.46
C LEU H 1202 1.85 14.19 115.02
N ASN H 1203 1.81 15.47 114.72
CA ASN H 1203 0.59 16.14 114.28
C ASN H 1203 0.72 16.39 112.78
N LEU H 1204 0.16 15.48 111.98
CA LEU H 1204 0.20 15.69 110.55
C LEU H 1204 -0.75 16.79 110.12
N GLY H 1205 -1.64 17.22 110.98
CA GLY H 1205 -2.45 18.38 110.74
C GLY H 1205 -3.83 18.15 110.19
N GLN H 1206 -4.44 17.00 110.46
CA GLN H 1206 -5.79 16.74 109.96
C GLN H 1206 -6.77 17.79 110.45
N ASP H 1207 -6.53 18.37 111.62
CA ASP H 1207 -7.28 19.52 112.11
C ASP H 1207 -6.31 20.68 112.25
N VAL H 1208 -6.56 21.75 111.50
CA VAL H 1208 -5.57 22.81 111.37
C VAL H 1208 -5.38 23.53 112.69
N SER H 1209 -6.45 23.69 113.45
CA SER H 1209 -6.36 24.43 114.71
C SER H 1209 -5.43 23.74 115.69
N SER H 1210 -5.26 22.43 115.57
CA SER H 1210 -4.35 21.72 116.46
C SER H 1210 -2.91 22.16 116.26
N LEU H 1211 -2.50 22.36 115.02
CA LEU H 1211 -1.16 22.83 114.73
C LEU H 1211 -0.91 24.15 115.43
N ARG H 1212 0.09 24.17 116.31
CA ARG H 1212 0.28 25.32 117.18
C ARG H 1212 1.10 26.44 116.54
N PHE H 1213 2.14 26.10 115.79
CA PHE H 1213 3.03 27.08 115.21
C PHE H 1213 2.93 27.12 113.69
N PHE H 1214 1.78 26.72 113.16
CA PHE H 1214 1.60 26.71 111.71
C PHE H 1214 1.54 28.13 111.17
N ALA H 1215 0.72 28.98 111.77
CA ALA H 1215 0.52 30.32 111.22
C ALA H 1215 1.76 31.17 111.36
N ILE H 1216 2.49 31.01 112.46
CA ILE H 1216 3.67 31.83 112.70
C ILE H 1216 4.70 31.62 111.60
N CYS H 1217 4.92 30.37 111.21
CA CYS H 1217 5.82 30.07 110.10
C CYS H 1217 5.27 28.86 109.37
N GLY H 1218 4.78 29.06 108.16
CA GLY H 1218 4.29 27.96 107.38
C GLY H 1218 3.04 28.28 106.59
N LEU H 1219 2.22 29.20 107.10
CA LEU H 1219 0.94 29.47 106.45
C LEU H 1219 1.09 30.47 105.31
N GLN H 1220 1.58 31.67 105.62
CA GLN H 1220 1.64 32.71 104.59
C GLN H 1220 2.65 32.37 103.51
N GLU H 1221 3.57 31.45 103.79
CA GLU H 1221 4.55 31.06 102.80
C GLU H 1221 3.99 30.09 101.77
N GLY H 1222 2.75 29.66 101.91
CA GLY H 1222 2.10 28.83 100.94
C GLY H 1222 2.01 27.37 101.31
N PHE H 1223 2.65 26.95 102.39
CA PHE H 1223 2.68 25.54 102.74
C PHE H 1223 1.33 25.08 103.25
N GLU H 1224 1.00 23.87 102.95
CA GLU H 1224 -0.22 23.28 103.44
C GLU H 1224 0.06 22.20 104.48
N PRO H 1225 -0.82 22.00 105.44
CA PRO H 1225 -0.67 20.86 106.34
C PRO H 1225 -0.74 19.56 105.54
N PHE H 1226 0.06 18.60 105.96
CA PHE H 1226 0.23 17.37 105.19
C PHE H 1226 -1.10 16.63 105.04
N ALA H 1227 -1.75 16.38 106.15
CA ALA H 1227 -3.10 15.82 106.15
C ALA H 1227 -4.04 17.00 106.26
N ILE H 1228 -4.75 17.31 105.19
CA ILE H 1228 -5.63 18.48 105.24
C ILE H 1228 -7.06 18.05 105.00
N ASN H 1229 -7.25 16.95 104.28
CA ASN H 1229 -8.58 16.41 104.07
C ASN H 1229 -8.55 14.89 104.15
N MET H 1230 -7.54 14.34 104.81
CA MET H 1230 -7.51 12.92 105.08
C MET H 1230 -8.56 12.61 106.12
N GLN H 1231 -9.82 12.54 105.69
CA GLN H 1231 -10.94 12.54 106.61
C GLN H 1231 -10.69 11.52 107.68
N ARG H 1232 -10.15 10.39 107.27
CA ARG H 1232 -9.71 9.37 108.19
C ARG H 1232 -8.25 9.64 108.53
N PRO H 1233 -7.86 9.63 109.80
CA PRO H 1233 -6.49 10.02 110.17
C PRO H 1233 -5.46 9.18 109.45
N VAL H 1234 -4.31 9.81 109.15
CA VAL H 1234 -3.33 9.20 108.27
C VAL H 1234 -2.80 7.93 108.89
N THR H 1235 -2.87 6.85 108.12
CA THR H 1235 -2.33 5.57 108.54
C THR H 1235 -0.81 5.63 108.61
N THR H 1236 -0.25 5.03 109.65
CA THR H 1236 1.18 5.02 109.85
C THR H 1236 1.68 3.61 110.06
N TRP H 1237 2.91 3.37 109.65
CA TRP H 1237 3.58 2.10 109.78
C TRP H 1237 4.84 2.31 110.61
N PHE H 1238 5.09 1.42 111.55
CA PHE H 1238 6.26 1.50 112.39
C PHE H 1238 7.20 0.35 112.11
N SER H 1239 8.44 0.49 112.57
CA SER H 1239 9.44 -0.55 112.40
C SER H 1239 9.29 -1.55 113.54
N LYS H 1240 8.78 -2.72 113.23
CA LYS H 1240 8.48 -3.74 114.22
C LYS H 1240 9.70 -4.60 114.42
N SER H 1241 10.29 -4.55 115.61
CA SER H 1241 11.54 -5.26 115.87
C SER H 1241 11.30 -6.68 116.32
N LEU H 1242 10.53 -7.44 115.54
CA LEU H 1242 10.30 -8.85 115.79
C LEU H 1242 10.89 -9.65 114.64
N PRO H 1243 11.92 -10.45 114.87
CA PRO H 1243 12.62 -11.11 113.76
C PRO H 1243 11.71 -12.09 113.04
N GLN H 1244 11.47 -11.82 111.78
CA GLN H 1244 10.76 -12.71 110.89
C GLN H 1244 11.74 -13.27 109.88
N PHE H 1245 11.45 -14.46 109.37
CA PHE H 1245 12.25 -15.03 108.31
C PHE H 1245 11.81 -14.48 106.97
N GLU H 1246 12.74 -13.93 106.20
CA GLU H 1246 12.44 -13.36 104.90
C GLU H 1246 13.42 -13.90 103.88
N PRO H 1247 13.02 -14.00 102.62
CA PRO H 1247 13.90 -14.61 101.61
C PRO H 1247 15.18 -13.82 101.43
N VAL H 1248 16.25 -14.54 101.18
CA VAL H 1248 17.54 -13.88 100.96
C VAL H 1248 17.44 -13.04 99.70
N PRO H 1249 17.70 -11.74 99.76
CA PRO H 1249 17.54 -10.89 98.59
C PRO H 1249 18.42 -11.36 97.45
N PRO H 1250 17.90 -11.36 96.22
CA PRO H 1250 18.76 -11.72 95.09
C PRO H 1250 19.95 -10.81 94.92
N GLU H 1251 19.81 -9.54 95.27
CA GLU H 1251 20.94 -8.62 95.30
C GLU H 1251 21.22 -8.31 96.77
N HIS H 1252 22.27 -8.91 97.29
CA HIS H 1252 22.66 -8.75 98.67
C HIS H 1252 24.17 -8.52 98.68
N PRO H 1253 24.66 -7.53 99.40
CA PRO H 1253 26.10 -7.24 99.37
C PRO H 1253 26.96 -8.37 99.89
N HIS H 1254 26.42 -9.28 100.69
CA HIS H 1254 27.26 -10.27 101.35
C HIS H 1254 26.93 -11.71 101.02
N TYR H 1255 25.67 -12.11 101.10
CA TYR H 1255 25.29 -13.51 100.99
C TYR H 1255 24.71 -13.80 99.61
N GLU H 1256 25.10 -14.93 99.04
CA GLU H 1256 24.56 -15.39 97.77
C GLU H 1256 24.15 -16.83 97.93
N VAL H 1257 23.08 -17.20 97.25
CA VAL H 1257 22.55 -18.56 97.30
C VAL H 1257 22.46 -19.10 95.88
N ALA H 1258 23.11 -20.22 95.63
CA ALA H 1258 23.11 -20.85 94.33
C ALA H 1258 22.24 -22.09 94.38
N ARG H 1259 21.26 -22.16 93.47
CA ARG H 1259 20.34 -23.28 93.44
C ARG H 1259 20.92 -24.36 92.53
N MET H 1260 21.96 -25.02 93.03
CA MET H 1260 22.62 -26.05 92.26
C MET H 1260 21.68 -27.21 92.01
N ASP H 1261 21.70 -27.75 90.80
CA ASP H 1261 20.86 -28.86 90.44
C ASP H 1261 21.59 -30.17 90.74
N GLY H 1262 20.97 -31.28 90.38
CA GLY H 1262 21.45 -32.56 90.84
C GLY H 1262 22.06 -33.45 89.78
N THR H 1263 23.36 -33.68 89.90
CA THR H 1263 24.02 -34.71 89.11
C THR H 1263 23.70 -36.09 89.70
N VAL H 1264 24.34 -37.12 89.14
CA VAL H 1264 24.10 -38.46 89.64
C VAL H 1264 24.67 -38.63 91.04
N ASP H 1265 25.87 -38.10 91.28
CA ASP H 1265 26.47 -38.23 92.61
C ASP H 1265 25.87 -37.20 93.56
N THR H 1266 25.32 -36.11 93.04
CA THR H 1266 24.94 -35.11 94.02
C THR H 1266 23.44 -34.83 93.94
N PRO H 1267 22.77 -34.82 95.09
CA PRO H 1267 21.36 -34.44 95.11
C PRO H 1267 21.22 -32.95 94.89
N PRO H 1268 20.01 -32.46 94.62
CA PRO H 1268 19.82 -31.02 94.47
C PRO H 1268 20.24 -30.28 95.73
N CYS H 1269 20.84 -29.11 95.54
CA CYS H 1269 21.40 -28.36 96.65
C CYS H 1269 20.96 -26.90 96.58
N LEU H 1270 21.21 -26.20 97.68
CA LEU H 1270 21.09 -24.74 97.73
C LEU H 1270 22.27 -24.23 98.54
N ARG H 1271 23.31 -23.82 97.85
CA ARG H 1271 24.59 -23.53 98.49
C ARG H 1271 24.65 -22.06 98.88
N LEU H 1272 25.08 -21.81 100.10
CA LEU H 1272 25.30 -20.47 100.60
C LEU H 1272 26.76 -20.11 100.49
N ALA H 1273 27.05 -18.96 99.89
CA ALA H 1273 28.41 -18.46 99.78
C ALA H 1273 28.45 -17.03 100.26
N HIS H 1274 29.58 -16.68 100.87
CA HIS H 1274 29.79 -15.34 101.41
C HIS H 1274 30.58 -14.55 100.38
N ARG H 1275 29.98 -13.48 99.85
CA ARG H 1275 30.59 -12.78 98.73
C ARG H 1275 31.89 -12.10 99.14
N THR H 1276 31.86 -11.33 100.22
CA THR H 1276 32.94 -10.40 100.54
C THR H 1276 33.88 -10.94 101.62
N TRP H 1277 34.05 -12.25 101.72
CA TRP H 1277 34.96 -12.76 102.72
C TRP H 1277 36.39 -12.37 102.38
N GLY H 1278 37.14 -11.96 103.39
CA GLY H 1278 38.46 -11.44 103.20
C GLY H 1278 38.50 -9.98 102.79
N SER H 1279 37.49 -9.53 102.05
CA SER H 1279 37.39 -8.14 101.67
C SER H 1279 37.28 -7.25 102.91
N GLN H 1280 37.46 -5.95 102.69
CA GLN H 1280 37.47 -5.00 103.81
C GLN H 1280 36.10 -4.86 104.45
N ASN H 1281 35.04 -4.82 103.64
CA ASN H 1281 33.68 -4.63 104.15
C ASN H 1281 32.99 -5.93 104.50
N SER H 1282 33.74 -6.97 104.84
CA SER H 1282 33.14 -8.25 105.20
C SER H 1282 32.29 -8.08 106.44
N LEU H 1283 31.10 -8.68 106.41
CA LEU H 1283 30.17 -8.67 107.54
C LEU H 1283 30.08 -10.10 108.06
N VAL H 1284 30.76 -10.36 109.17
CA VAL H 1284 30.78 -11.68 109.77
C VAL H 1284 29.91 -11.64 111.00
N GLU H 1285 28.77 -12.31 110.94
CA GLU H 1285 27.82 -12.31 112.03
C GLU H 1285 26.97 -13.56 111.90
N MET H 1286 26.28 -13.89 112.98
CA MET H 1286 25.45 -15.09 112.97
C MET H 1286 24.37 -14.95 111.91
N LEU H 1287 24.17 -16.02 111.15
CA LEU H 1287 23.22 -16.07 110.06
C LEU H 1287 22.20 -17.14 110.38
N PHE H 1288 20.93 -16.75 110.42
CA PHE H 1288 19.86 -17.66 110.79
C PHE H 1288 19.08 -18.03 109.54
N LEU H 1289 19.46 -19.15 108.93
CA LEU H 1289 18.89 -19.59 107.67
C LEU H 1289 17.80 -20.61 107.92
N ARG H 1290 16.82 -20.66 107.02
CA ARG H 1290 15.83 -21.71 107.03
C ARG H 1290 15.25 -21.86 105.64
N LEU H 1291 14.77 -23.06 105.34
CA LEU H 1291 14.10 -23.30 104.08
C LEU H 1291 12.64 -22.91 104.19
N SER H 1292 12.06 -22.51 103.07
CA SER H 1292 10.77 -21.84 103.10
C SER H 1292 9.67 -22.76 103.56
N LEU H 1293 9.73 -24.02 103.22
CA LEU H 1293 8.52 -24.78 103.48
C LEU H 1293 8.70 -25.75 104.63
N PRO H 1294 7.66 -25.96 105.42
CA PRO H 1294 7.76 -26.86 106.57
C PRO H 1294 7.33 -28.27 106.23
N VAL H 1295 7.74 -29.20 107.09
CA VAL H 1295 7.25 -30.57 107.06
C VAL H 1295 6.34 -30.75 108.25
N GLN H 1296 5.15 -31.27 108.02
CA GLN H 1296 4.13 -31.35 109.04
C GLN H 1296 4.00 -32.79 109.52
N PHE H 1297 3.90 -32.96 110.82
CA PHE H 1297 3.78 -34.28 111.38
C PHE H 1297 2.34 -34.77 111.27
N HIS H 1298 2.19 -36.08 111.27
CA HIS H 1298 0.87 -36.68 111.16
C HIS H 1298 0.04 -36.35 112.38
N GLN H 1299 -1.26 -36.22 112.16
CA GLN H 1299 -2.16 -35.80 113.23
C GLN H 1299 -2.38 -36.90 114.25
N HIS H 1300 -2.16 -38.15 113.85
CA HIS H 1300 -2.23 -39.30 114.74
C HIS H 1300 -0.96 -40.11 114.61
N PHE H 1301 -0.42 -40.55 115.74
CA PHE H 1301 0.83 -41.28 115.75
C PHE H 1301 0.58 -42.78 115.81
N ARG H 1302 1.49 -43.54 115.21
CA ARG H 1302 1.25 -44.97 115.01
C ARG H 1302 1.07 -45.70 116.33
N CYS H 1303 1.90 -45.39 117.33
CA CYS H 1303 1.77 -46.04 118.63
C CYS H 1303 0.47 -45.58 119.27
N THR H 1304 -0.51 -46.49 119.33
CA THR H 1304 -1.84 -46.21 119.84
C THR H 1304 -2.47 -45.04 119.09
N ASN H 1420 22.34 -46.69 97.91
CA ASN H 1420 21.96 -48.00 97.40
C ASN H 1420 20.51 -48.04 96.92
N ARG H 1421 20.25 -49.06 96.11
CA ARG H 1421 18.92 -49.43 95.64
C ARG H 1421 17.96 -49.59 96.81
N ASP H 1422 16.69 -49.37 96.55
CA ASP H 1422 15.67 -49.33 97.60
C ASP H 1422 14.66 -50.45 97.40
N ASP H 1423 14.19 -50.99 98.52
CA ASP H 1423 13.07 -51.91 98.48
C ASP H 1423 11.79 -51.13 98.23
N PRO H 1424 11.09 -51.39 97.10
CA PRO H 1424 9.97 -50.51 96.73
C PRO H 1424 8.86 -50.49 97.75
N GLU H 1425 8.59 -51.60 98.42
CA GLU H 1425 7.44 -51.62 99.33
C GLU H 1425 7.76 -50.87 100.61
N ILE H 1426 9.02 -50.92 101.06
CA ILE H 1426 9.42 -50.15 102.23
C ILE H 1426 9.44 -48.66 101.92
N ILE H 1427 10.06 -48.28 100.81
CA ILE H 1427 10.17 -46.87 100.49
C ILE H 1427 8.80 -46.26 100.20
N LEU H 1428 7.89 -47.04 99.62
CA LEU H 1428 6.56 -46.50 99.35
C LEU H 1428 5.71 -46.42 100.61
N ASN H 1429 6.01 -47.24 101.63
CA ASN H 1429 5.25 -47.27 102.86
C ASN H 1429 6.06 -46.76 104.05
N THR H 1430 6.96 -45.82 103.82
CA THR H 1430 7.77 -45.26 104.89
C THR H 1430 7.30 -43.86 105.20
N THR H 1431 7.64 -43.40 106.42
CA THR H 1431 7.34 -42.06 106.87
C THR H 1431 8.58 -41.33 107.37
N THR H 1432 9.76 -41.83 107.06
CA THR H 1432 11.00 -41.20 107.44
C THR H 1432 11.50 -40.34 106.29
N TYR H 1433 11.93 -39.13 106.60
CA TYR H 1433 12.37 -38.18 105.60
C TYR H 1433 13.70 -37.61 106.05
N TYR H 1434 14.47 -37.13 105.08
CA TYR H 1434 15.88 -36.88 105.27
C TYR H 1434 16.32 -35.62 104.56
N TYR H 1435 17.26 -34.91 105.16
CA TYR H 1435 18.00 -33.87 104.46
C TYR H 1435 19.31 -33.63 105.17
N SER H 1436 20.34 -33.26 104.43
CA SER H 1436 21.64 -33.07 105.04
C SER H 1436 22.13 -31.67 104.78
N VAL H 1437 23.20 -31.31 105.48
CA VAL H 1437 23.88 -30.05 105.29
C VAL H 1437 25.37 -30.32 105.24
N ARG H 1438 26.02 -29.88 104.17
CA ARG H 1438 27.45 -30.02 104.01
C ARG H 1438 28.10 -28.74 104.49
N VAL H 1439 28.90 -28.85 105.55
CA VAL H 1439 29.69 -27.74 106.07
C VAL H 1439 31.05 -27.84 105.41
N PHE H 1440 31.33 -26.94 104.48
CA PHE H 1440 32.49 -27.04 103.63
C PHE H 1440 33.77 -26.88 104.45
N ALA H 1441 34.84 -27.45 103.94
CA ALA H 1441 36.12 -27.35 104.61
C ALA H 1441 36.55 -25.89 104.67
N GLY H 1442 36.90 -25.42 105.85
CA GLY H 1442 37.21 -24.03 106.03
C GLY H 1442 36.21 -23.37 106.96
N GLN H 1443 34.94 -23.73 106.81
CA GLN H 1443 33.90 -23.26 107.71
C GLN H 1443 33.93 -24.12 108.97
N GLU H 1444 34.30 -23.52 110.09
CA GLU H 1444 34.53 -24.29 111.29
C GLU H 1444 33.26 -25.00 111.72
N PRO H 1445 33.31 -26.31 111.99
CA PRO H 1445 32.10 -27.03 112.38
C PRO H 1445 31.57 -26.62 113.74
N SER H 1446 32.36 -25.96 114.56
CA SER H 1446 31.89 -25.48 115.86
C SER H 1446 31.08 -24.20 115.74
N CYS H 1447 30.96 -23.65 114.53
CA CYS H 1447 30.19 -22.45 114.27
C CYS H 1447 28.95 -22.73 113.43
N VAL H 1448 28.43 -23.96 113.45
CA VAL H 1448 27.25 -24.34 112.70
C VAL H 1448 26.30 -25.10 113.61
N TRP H 1449 25.02 -24.77 113.54
CA TRP H 1449 23.96 -25.51 114.21
C TRP H 1449 22.95 -25.94 113.16
N VAL H 1450 22.72 -27.24 113.05
CA VAL H 1450 21.90 -27.79 111.97
C VAL H 1450 20.69 -28.48 112.58
N GLY H 1451 19.51 -28.26 111.98
CA GLY H 1451 18.33 -28.94 112.46
C GLY H 1451 17.04 -28.37 111.96
N TRP H 1452 16.07 -28.20 112.85
CA TRP H 1452 14.73 -27.75 112.52
C TRP H 1452 14.33 -26.60 113.44
N VAL H 1453 13.41 -25.78 112.97
CA VAL H 1453 12.82 -24.73 113.78
C VAL H 1453 11.31 -24.75 113.59
N THR H 1454 10.58 -24.55 114.67
CA THR H 1454 9.13 -24.43 114.57
C THR H 1454 8.82 -23.07 113.95
N PRO H 1455 7.62 -22.83 113.48
CA PRO H 1455 7.35 -21.57 112.80
C PRO H 1455 7.27 -20.36 113.72
N ASP H 1456 7.71 -20.51 114.97
CA ASP H 1456 7.72 -19.39 115.91
C ASP H 1456 9.11 -19.21 116.49
N TYR H 1457 10.13 -19.20 115.63
CA TYR H 1457 11.48 -18.86 116.02
C TYR H 1457 11.74 -17.42 115.60
N HIS H 1458 11.76 -16.52 116.56
CA HIS H 1458 11.97 -15.10 116.32
C HIS H 1458 13.12 -14.58 117.16
N GLN H 1459 14.22 -15.30 117.17
CA GLN H 1459 15.30 -15.05 118.11
C GLN H 1459 16.57 -14.75 117.34
N HIS H 1460 16.78 -13.48 117.03
CA HIS H 1460 17.96 -13.02 116.31
C HIS H 1460 19.08 -12.77 117.32
N ASP H 1461 19.60 -13.86 117.86
CA ASP H 1461 20.58 -13.81 118.92
C ASP H 1461 21.98 -13.88 118.31
N MET H 1462 22.74 -12.80 118.42
CA MET H 1462 24.06 -12.78 117.79
C MET H 1462 25.11 -13.51 118.60
N ASN H 1463 24.76 -14.13 119.72
CA ASN H 1463 25.65 -15.03 120.45
C ASN H 1463 24.86 -16.29 120.68
N PHE H 1464 24.83 -17.16 119.69
CA PHE H 1464 23.97 -18.33 119.79
C PHE H 1464 24.69 -19.50 120.42
N ASP H 1465 23.91 -20.37 121.04
CA ASP H 1465 24.34 -21.65 121.54
C ASP H 1465 23.09 -22.43 121.91
N LEU H 1466 23.25 -23.73 122.10
CA LEU H 1466 22.09 -24.58 122.35
C LEU H 1466 21.60 -24.48 123.77
N SER H 1467 22.09 -23.53 124.55
CA SER H 1467 21.52 -23.20 125.84
C SER H 1467 20.66 -21.95 125.78
N LYS H 1468 20.61 -21.28 124.63
CA LYS H 1468 19.76 -20.13 124.44
C LYS H 1468 18.52 -20.45 123.63
N VAL H 1469 18.24 -21.71 123.39
CA VAL H 1469 17.00 -22.10 122.74
C VAL H 1469 15.91 -22.20 123.78
N ARG H 1470 14.73 -21.71 123.43
CA ARG H 1470 13.61 -21.75 124.36
C ARG H 1470 13.24 -23.18 124.67
N ALA H 1471 12.79 -23.39 125.90
CA ALA H 1471 12.39 -24.73 126.33
C ALA H 1471 11.42 -24.60 127.48
N VAL H 1472 10.60 -25.64 127.64
CA VAL H 1472 9.67 -25.71 128.75
C VAL H 1472 9.23 -27.16 128.87
N THR H 1473 8.74 -27.54 130.04
CA THR H 1473 8.33 -28.91 130.30
C THR H 1473 7.00 -28.87 131.02
N VAL H 1474 5.92 -28.98 130.25
CA VAL H 1474 4.59 -29.00 130.85
C VAL H 1474 4.33 -30.39 131.40
N THR H 1475 4.12 -30.47 132.71
CA THR H 1475 3.93 -31.73 133.41
C THR H 1475 2.54 -31.78 134.00
N MET H 1476 1.80 -32.83 133.66
CA MET H 1476 0.45 -33.04 134.14
C MET H 1476 0.43 -34.23 135.08
N GLY H 1477 -0.11 -34.01 136.27
CA GLY H 1477 -0.11 -35.02 137.30
C GLY H 1477 -1.51 -35.28 137.81
N ASP H 1478 -1.60 -36.27 138.71
CA ASP H 1478 -2.86 -36.66 139.32
C ASP H 1478 -3.06 -35.88 140.61
N GLU H 1479 -4.03 -36.30 141.41
CA GLU H 1479 -4.36 -35.57 142.64
C GLU H 1479 -3.19 -35.57 143.61
N GLN H 1480 -2.53 -36.71 143.77
CA GLN H 1480 -1.40 -36.77 144.70
C GLN H 1480 -0.20 -36.02 144.16
N GLY H 1481 -0.13 -35.85 142.85
CA GLY H 1481 1.02 -35.25 142.19
C GLY H 1481 1.82 -36.21 141.33
N ASN H 1482 1.45 -37.48 141.27
CA ASN H 1482 2.13 -38.43 140.42
C ASN H 1482 1.96 -38.03 138.95
N VAL H 1483 3.08 -38.01 138.22
CA VAL H 1483 3.05 -37.51 136.85
C VAL H 1483 2.21 -38.41 135.96
N HIS H 1484 1.48 -37.79 135.03
CA HIS H 1484 0.84 -38.50 133.94
C HIS H 1484 1.33 -38.06 132.58
N SER H 1485 1.99 -36.91 132.48
CA SER H 1485 2.54 -36.46 131.20
C SER H 1485 3.66 -35.48 131.48
N SER H 1486 4.68 -35.50 130.64
CA SER H 1486 5.85 -34.65 130.84
C SER H 1486 6.28 -34.03 129.51
N LEU H 1487 5.35 -33.44 128.79
CA LEU H 1487 5.66 -32.96 127.44
C LEU H 1487 6.71 -31.87 127.47
N LYS H 1488 7.72 -32.03 126.62
CA LYS H 1488 8.80 -31.07 126.50
C LYS H 1488 8.64 -30.28 125.21
N CYS H 1489 8.65 -28.96 125.33
CA CYS H 1489 8.37 -28.09 124.20
C CYS H 1489 9.52 -27.11 123.99
N SER H 1490 9.72 -26.74 122.73
CA SER H 1490 10.77 -25.82 122.34
C SER H 1490 10.42 -25.26 120.98
N ASN H 1491 11.34 -24.48 120.42
CA ASN H 1491 11.17 -23.98 119.07
C ASN H 1491 12.38 -24.18 118.18
N CYS H 1492 13.48 -24.71 118.71
CA CYS H 1492 14.69 -24.94 117.94
C CYS H 1492 15.20 -26.31 118.30
N TYR H 1493 15.10 -27.24 117.36
CA TYR H 1493 15.57 -28.61 117.55
C TYR H 1493 16.81 -28.78 116.70
N MET H 1494 17.99 -28.69 117.32
CA MET H 1494 19.21 -28.48 116.57
C MET H 1494 20.35 -29.26 117.20
N VAL H 1495 21.40 -29.47 116.42
CA VAL H 1495 22.64 -30.05 116.91
C VAL H 1495 23.78 -29.14 116.50
N TRP H 1496 24.81 -29.10 117.36
CA TRP H 1496 25.98 -28.27 117.16
C TRP H 1496 27.04 -29.10 116.47
N GLY H 1497 27.62 -28.56 115.40
CA GLY H 1497 28.60 -29.31 114.65
C GLY H 1497 29.85 -29.62 115.44
N GLY H 1498 30.05 -28.94 116.56
CA GLY H 1498 31.22 -29.22 117.37
C GLY H 1498 31.08 -30.48 118.20
N ASP H 1499 29.85 -30.98 118.34
CA ASP H 1499 29.68 -32.28 118.97
C ASP H 1499 30.27 -33.38 118.11
N PHE H 1500 30.42 -33.14 116.82
CA PHE H 1500 30.83 -34.18 115.89
C PHE H 1500 32.30 -34.10 115.52
N VAL H 1501 32.97 -33.01 115.83
CA VAL H 1501 34.38 -32.88 115.57
C VAL H 1501 35.14 -32.77 116.89
N ARG H 1508 43.28 -34.38 113.45
CA ARG H 1508 42.60 -33.25 114.07
C ARG H 1508 42.35 -32.13 113.06
N ILE H 1509 43.08 -32.16 111.95
CA ILE H 1509 43.08 -31.04 111.03
C ILE H 1509 41.81 -31.05 110.19
N SER H 1510 41.24 -29.86 109.95
CA SER H 1510 39.99 -29.69 109.23
C SER H 1510 40.24 -29.41 107.74
N HIS H 1511 40.23 -30.48 106.94
CA HIS H 1511 40.13 -30.34 105.49
C HIS H 1511 38.99 -31.10 104.86
N THR H 1512 38.22 -31.88 105.62
CA THR H 1512 37.11 -32.63 105.08
C THR H 1512 35.81 -32.04 105.57
N ASP H 1513 34.83 -31.97 104.69
CA ASP H 1513 33.56 -31.36 105.01
C ASP H 1513 32.81 -32.21 106.04
N LEU H 1514 31.80 -31.60 106.65
CA LEU H 1514 30.97 -32.28 107.64
C LEU H 1514 29.55 -32.37 107.09
N VAL H 1515 29.07 -33.59 106.92
CA VAL H 1515 27.77 -33.81 106.30
C VAL H 1515 26.82 -34.24 107.42
N ILE H 1516 26.14 -33.26 108.02
CA ILE H 1516 25.20 -33.54 109.09
C ILE H 1516 23.85 -33.86 108.47
N GLY H 1517 23.34 -35.06 108.73
CA GLY H 1517 22.08 -35.50 108.17
C GLY H 1517 21.00 -35.46 109.24
N CYS H 1518 19.78 -35.17 108.83
CA CYS H 1518 18.66 -35.03 109.73
C CYS H 1518 17.53 -35.90 109.22
N LEU H 1519 16.95 -36.71 110.10
CA LEU H 1519 15.85 -37.61 109.79
C LEU H 1519 14.66 -37.28 110.69
N VAL H 1520 13.46 -37.35 110.12
CA VAL H 1520 12.23 -37.19 110.89
C VAL H 1520 11.28 -38.31 110.53
N ASP H 1521 10.66 -38.89 111.55
CA ASP H 1521 9.64 -39.91 111.38
C ASP H 1521 8.29 -39.25 111.65
N LEU H 1522 7.59 -38.87 110.59
CA LEU H 1522 6.40 -38.04 110.72
C LEU H 1522 5.23 -38.79 111.32
N ALA H 1523 5.35 -40.09 111.55
CA ALA H 1523 4.28 -40.84 112.19
C ALA H 1523 4.67 -41.39 113.54
N THR H 1524 5.88 -41.11 114.00
CA THR H 1524 6.28 -41.37 115.37
C THR H 1524 6.56 -40.08 116.14
N GLY H 1525 6.88 -39.00 115.43
CA GLY H 1525 7.23 -37.76 116.06
C GLY H 1525 8.67 -37.67 116.48
N LEU H 1526 9.53 -38.53 115.98
CA LEU H 1526 10.88 -38.65 116.50
C LEU H 1526 11.88 -38.15 115.46
N MET H 1527 12.90 -37.47 115.95
CA MET H 1527 13.87 -36.78 115.12
C MET H 1527 15.26 -37.27 115.48
N THR H 1528 16.10 -37.47 114.48
CA THR H 1528 17.42 -38.05 114.72
C THR H 1528 18.43 -37.39 113.80
N PHE H 1529 19.69 -37.40 114.23
CA PHE H 1529 20.75 -36.74 113.50
C PHE H 1529 21.90 -37.73 113.30
N THR H 1530 22.56 -37.61 112.15
CA THR H 1530 23.72 -38.41 111.83
C THR H 1530 24.89 -37.49 111.55
N ALA H 1531 26.02 -37.77 112.19
CA ALA H 1531 27.14 -36.84 112.16
C ALA H 1531 27.85 -36.87 110.82
N ASN H 1532 28.47 -37.98 110.48
CA ASN H 1532 29.12 -38.16 109.19
C ASN H 1532 28.89 -39.57 108.69
N GLY H 1533 27.68 -40.08 108.92
CA GLY H 1533 27.39 -41.48 108.73
C GLY H 1533 27.10 -42.14 110.05
N LYS H 1534 27.87 -41.79 111.07
CA LYS H 1534 27.62 -42.29 112.41
C LYS H 1534 26.40 -41.61 113.02
N GLU H 1535 25.64 -42.36 113.80
CA GLU H 1535 24.43 -41.85 114.42
C GLU H 1535 24.78 -41.10 115.70
N SER H 1536 24.22 -39.90 115.84
CA SER H 1536 24.46 -39.10 117.03
C SER H 1536 23.65 -39.68 118.19
N ASN H 1537 23.70 -38.98 119.32
CA ASN H 1537 22.97 -39.40 120.50
C ASN H 1537 21.93 -38.39 120.93
N THR H 1538 21.55 -37.47 120.07
CA THR H 1538 20.51 -36.49 120.37
C THR H 1538 19.27 -36.85 119.59
N PHE H 1539 18.24 -37.29 120.29
CA PHE H 1539 16.95 -37.56 119.70
C PHE H 1539 15.93 -36.58 120.28
N PHE H 1540 15.03 -36.11 119.44
CA PHE H 1540 13.96 -35.25 119.87
C PHE H 1540 12.63 -35.92 119.59
N GLN H 1541 11.65 -35.61 120.43
CA GLN H 1541 10.29 -36.11 120.25
C GLN H 1541 9.37 -34.91 120.17
N VAL H 1542 8.48 -34.90 119.19
CA VAL H 1542 7.57 -33.78 118.99
C VAL H 1542 6.15 -34.32 118.87
N GLU H 1543 5.22 -33.57 119.45
CA GLU H 1543 3.83 -33.96 119.51
C GLU H 1543 3.19 -33.88 118.13
N PRO H 1544 2.04 -34.51 117.95
CA PRO H 1544 1.46 -34.58 116.61
C PRO H 1544 1.15 -33.22 116.03
N ASN H 1545 1.20 -33.15 114.70
CA ASN H 1545 0.70 -32.04 113.91
C ASN H 1545 1.60 -30.81 113.97
N THR H 1546 2.84 -30.97 114.40
CA THR H 1546 3.75 -29.85 114.45
C THR H 1546 4.36 -29.57 113.07
N LYS H 1547 4.75 -28.32 112.86
CA LYS H 1547 5.45 -27.90 111.67
C LYS H 1547 6.90 -27.64 112.02
N LEU H 1548 7.80 -27.98 111.10
CA LEU H 1548 9.22 -27.86 111.37
C LEU H 1548 9.95 -27.54 110.08
N PHE H 1549 10.47 -26.34 109.99
CA PHE H 1549 11.24 -25.92 108.84
C PHE H 1549 12.69 -26.38 109.01
N PRO H 1550 13.34 -26.84 107.94
CA PRO H 1550 14.77 -27.05 108.01
C PRO H 1550 15.47 -25.74 108.27
N ALA H 1551 16.59 -25.80 109.00
CA ALA H 1551 17.26 -24.57 109.36
C ALA H 1551 18.71 -24.84 109.71
N VAL H 1552 19.54 -23.85 109.40
CA VAL H 1552 20.95 -23.87 109.77
C VAL H 1552 21.30 -22.49 110.31
N PHE H 1553 21.99 -22.45 111.43
CA PHE H 1553 22.45 -21.22 112.05
C PHE H 1553 23.97 -21.23 112.01
N VAL H 1554 24.56 -20.33 111.25
CA VAL H 1554 25.97 -20.41 110.94
C VAL H 1554 26.63 -19.05 111.07
N LEU H 1555 27.79 -19.02 111.72
CA LEU H 1555 28.63 -17.84 111.73
C LEU H 1555 29.70 -18.06 110.68
N PRO H 1556 29.69 -17.33 109.56
CA PRO H 1556 30.63 -17.64 108.48
C PRO H 1556 32.08 -17.56 108.94
N THR H 1557 32.85 -18.54 108.49
CA THR H 1557 34.29 -18.57 108.69
C THR H 1557 35.01 -18.89 107.38
N HIS H 1558 34.30 -18.84 106.27
CA HIS H 1558 34.87 -19.12 104.96
C HIS H 1558 33.88 -18.63 103.91
N GLN H 1559 34.41 -18.32 102.72
CA GLN H 1559 33.53 -17.84 101.67
C GLN H 1559 32.69 -18.96 101.07
N ASN H 1560 32.99 -20.21 101.42
CA ASN H 1560 32.10 -21.33 101.16
C ASN H 1560 31.58 -21.81 102.51
N VAL H 1561 30.35 -21.43 102.83
CA VAL H 1561 29.88 -21.56 104.20
C VAL H 1561 29.22 -22.91 104.42
N ILE H 1562 28.09 -23.15 103.78
CA ILE H 1562 27.33 -24.38 103.94
C ILE H 1562 26.65 -24.71 102.63
N GLN H 1563 25.97 -25.85 102.61
CA GLN H 1563 25.26 -26.29 101.42
C GLN H 1563 24.15 -27.22 101.85
N PHE H 1564 22.90 -26.77 101.71
CA PHE H 1564 21.76 -27.64 101.92
C PHE H 1564 21.79 -28.75 100.88
N GLU H 1565 21.50 -29.98 101.28
CA GLU H 1565 21.47 -31.11 100.36
C GLU H 1565 20.16 -31.86 100.55
N LEU H 1566 19.30 -31.78 99.55
CA LEU H 1566 17.95 -32.33 99.63
C LEU H 1566 17.96 -33.71 98.99
N GLY H 1567 18.71 -34.62 99.58
CA GLY H 1567 18.81 -35.96 99.05
C GLY H 1567 18.06 -36.97 99.87
N LYS H 1568 18.32 -38.25 99.64
CA LYS H 1568 17.65 -39.32 100.35
C LYS H 1568 18.65 -40.39 100.72
N GLN H 1569 18.33 -41.18 101.73
CA GLN H 1569 19.10 -42.36 102.06
C GLN H 1569 18.42 -43.58 101.48
N LYS H 1570 18.94 -44.76 101.79
CA LYS H 1570 18.30 -45.98 101.36
C LYS H 1570 17.08 -46.25 102.23
N ASN H 1571 15.90 -46.25 101.60
CA ASN H 1571 14.62 -46.51 102.25
C ASN H 1571 14.15 -45.34 103.10
N ILE H 1572 14.64 -44.14 102.84
CA ILE H 1572 14.14 -42.91 103.44
C ILE H 1572 13.87 -41.91 102.33
N MET H 1573 12.66 -41.40 102.27
CA MET H 1573 12.26 -40.49 101.23
C MET H 1573 12.93 -39.14 101.45
N PRO H 1574 13.02 -38.31 100.41
CA PRO H 1574 13.61 -36.99 100.58
C PRO H 1574 12.60 -36.00 101.14
N LEU H 1575 13.07 -34.78 101.38
CA LEU H 1575 12.19 -33.76 101.93
C LEU H 1575 11.06 -33.40 100.98
N SER H 1576 11.36 -33.33 99.68
CA SER H 1576 10.36 -32.89 98.72
C SER H 1576 9.12 -33.76 98.74
N ALA H 1577 9.25 -35.00 99.21
CA ALA H 1577 8.08 -35.84 99.36
C ALA H 1577 7.22 -35.38 100.54
N ALA H 1578 7.86 -34.94 101.61
CA ALA H 1578 7.11 -34.47 102.78
C ALA H 1578 6.51 -33.10 102.53
N MET H 1579 7.22 -32.25 101.80
CA MET H 1579 6.83 -30.86 101.67
C MET H 1579 5.64 -30.69 100.75
N PHE H 1580 5.64 -31.39 99.61
CA PHE H 1580 4.64 -31.22 98.57
C PHE H 1580 3.74 -32.44 98.52
N LEU H 1581 2.44 -32.19 98.45
CA LEU H 1581 1.48 -33.28 98.45
C LEU H 1581 1.59 -34.12 97.19
N SER H 1582 1.86 -33.49 96.06
CA SER H 1582 1.94 -34.22 94.81
C SER H 1582 3.06 -35.24 94.80
N GLU H 1583 4.05 -35.08 95.67
CA GLU H 1583 5.26 -35.91 95.63
C GLU H 1583 5.32 -36.90 96.79
N ARG H 1584 4.19 -37.20 97.42
CA ARG H 1584 4.23 -38.07 98.59
C ARG H 1584 4.79 -39.44 98.27
N LYS H 1585 4.71 -39.88 97.03
CA LYS H 1585 5.22 -41.19 96.65
C LYS H 1585 6.39 -41.11 95.69
N ASN H 1586 6.85 -39.93 95.34
CA ASN H 1586 7.97 -39.80 94.43
C ASN H 1586 9.27 -39.87 95.20
N PRO H 1587 10.09 -40.90 94.98
CA PRO H 1587 11.39 -40.98 95.68
C PRO H 1587 12.54 -40.27 94.99
N ALA H 1588 12.27 -39.45 94.01
CA ALA H 1588 13.35 -38.73 93.36
C ALA H 1588 13.48 -37.36 93.99
N PRO H 1589 14.65 -37.01 94.52
CA PRO H 1589 14.82 -35.71 95.15
C PRO H 1589 14.54 -34.58 94.17
N GLN H 1590 13.86 -33.54 94.67
CA GLN H 1590 13.53 -32.38 93.87
C GLN H 1590 13.79 -31.12 94.68
N CYS H 1591 13.87 -30.00 93.96
CA CYS H 1591 14.04 -28.69 94.58
C CYS H 1591 13.24 -27.69 93.77
N PRO H 1592 11.93 -27.64 93.97
CA PRO H 1592 11.09 -26.75 93.20
C PRO H 1592 11.33 -25.31 93.58
N PRO H 1593 10.90 -24.36 92.76
CA PRO H 1593 11.21 -22.95 93.02
C PRO H 1593 10.58 -22.40 94.28
N ARG H 1594 9.61 -23.09 94.89
CA ARG H 1594 9.07 -22.61 96.15
C ARG H 1594 10.00 -22.90 97.32
N LEU H 1595 10.93 -23.83 97.16
CA LEU H 1595 11.90 -24.12 98.20
C LEU H 1595 13.09 -23.18 98.05
N GLU H 1596 13.27 -22.30 99.04
CA GLU H 1596 14.30 -21.28 98.92
C GLU H 1596 14.77 -20.91 100.31
N VAL H 1597 16.08 -20.66 100.43
CA VAL H 1597 16.65 -20.32 101.73
C VAL H 1597 16.17 -18.94 102.14
N GLN H 1598 15.66 -18.84 103.36
CA GLN H 1598 15.25 -17.58 103.96
C GLN H 1598 16.15 -17.28 105.14
N MET H 1599 16.39 -16.00 105.40
CA MET H 1599 17.23 -15.57 106.49
C MET H 1599 16.42 -14.70 107.45
N LEU H 1600 16.90 -14.60 108.68
CA LEU H 1600 16.18 -13.87 109.72
C LEU H 1600 16.48 -12.39 109.61
N MET H 1601 15.45 -11.60 109.48
CA MET H 1601 15.64 -10.16 109.43
C MET H 1601 15.31 -9.56 110.77
N PRO H 1602 16.11 -8.65 111.29
CA PRO H 1602 15.87 -8.15 112.65
C PRO H 1602 14.60 -7.32 112.77
N VAL H 1603 14.31 -6.48 111.78
CA VAL H 1603 13.22 -5.53 111.83
C VAL H 1603 12.41 -5.63 110.55
N SER H 1604 11.14 -5.26 110.65
CA SER H 1604 10.26 -5.22 109.49
C SER H 1604 9.18 -4.19 109.76
N TRP H 1605 8.68 -3.59 108.69
CA TRP H 1605 7.62 -2.60 108.83
C TRP H 1605 6.33 -3.27 109.27
N SER H 1606 5.47 -2.51 109.91
CA SER H 1606 4.19 -3.05 110.34
C SER H 1606 3.17 -1.93 110.51
N ARG H 1607 1.94 -2.23 110.15
CA ARG H 1607 0.87 -1.26 110.25
C ARG H 1607 0.52 -0.97 111.70
N MET H 1608 0.24 0.29 111.97
CA MET H 1608 -0.29 0.68 113.26
C MET H 1608 -1.80 0.66 113.21
N PRO H 1609 -2.46 -0.06 114.11
CA PRO H 1609 -3.92 -0.12 114.07
C PRO H 1609 -4.53 1.26 114.17
N ASN H 1610 -5.70 1.42 113.54
CA ASN H 1610 -6.38 2.71 113.58
C ASN H 1610 -6.97 2.98 114.95
N HIS H 1611 -7.47 1.94 115.61
CA HIS H 1611 -8.11 2.07 116.90
C HIS H 1611 -7.50 1.05 117.85
N PHE H 1612 -7.21 1.48 119.07
CA PHE H 1612 -6.61 0.59 120.06
C PHE H 1612 -7.59 0.36 121.20
N LEU H 1613 -7.37 -0.73 121.91
CA LEU H 1613 -8.24 -1.09 123.01
C LEU H 1613 -8.14 -0.03 124.09
N GLN H 1614 -9.25 0.18 124.80
CA GLN H 1614 -9.31 1.19 125.85
C GLN H 1614 -9.44 0.48 127.18
N VAL H 1615 -8.31 0.36 127.88
CA VAL H 1615 -8.23 -0.34 129.15
C VAL H 1615 -8.20 0.67 130.27
N GLU H 1616 -8.85 0.35 131.38
CA GLU H 1616 -8.90 1.23 132.53
C GLU H 1616 -8.34 0.51 133.74
N THR H 1617 -7.39 1.14 134.41
CA THR H 1617 -6.75 0.59 135.59
C THR H 1617 -6.87 1.58 136.73
N ARG H 1618 -7.12 1.06 137.93
CA ARG H 1618 -7.34 1.92 139.08
C ARG H 1618 -7.13 1.09 140.33
N ARG H 1619 -6.55 1.70 141.35
CA ARG H 1619 -6.40 1.02 142.63
C ARG H 1619 -7.75 1.03 143.31
N ALA H 1620 -8.45 -0.10 143.26
CA ALA H 1620 -9.82 -0.16 143.74
C ALA H 1620 -9.89 0.12 145.23
N GLY H 1621 -8.90 -0.32 145.98
CA GLY H 1621 -8.87 -0.07 147.41
C GLY H 1621 -7.65 -0.73 148.01
N GLU H 1622 -7.52 -0.58 149.32
CA GLU H 1622 -6.45 -1.28 150.00
C GLU H 1622 -6.69 -2.78 149.99
N ARG H 1623 -7.96 -3.20 150.06
CA ARG H 1623 -8.30 -4.60 150.12
C ARG H 1623 -8.77 -5.16 148.79
N LEU H 1624 -9.23 -4.32 147.88
CA LEU H 1624 -9.72 -4.83 146.61
C LEU H 1624 -8.59 -5.04 145.62
N GLY H 1625 -7.51 -4.27 145.73
CA GLY H 1625 -6.38 -4.41 144.83
C GLY H 1625 -6.62 -3.71 143.51
N TRP H 1626 -5.62 -3.80 142.65
CA TRP H 1626 -5.66 -3.11 141.38
C TRP H 1626 -6.65 -3.75 140.43
N ALA H 1627 -7.43 -2.93 139.75
CA ALA H 1627 -8.50 -3.39 138.89
C ALA H 1627 -8.17 -3.08 137.44
N VAL H 1628 -8.61 -3.97 136.56
CA VAL H 1628 -8.44 -3.79 135.12
C VAL H 1628 -9.81 -3.96 134.48
N GLN H 1629 -10.06 -3.19 133.43
CA GLN H 1629 -11.40 -3.20 132.85
C GLN H 1629 -11.33 -2.77 131.40
N CYS H 1630 -11.68 -3.67 130.49
CA CYS H 1630 -11.84 -3.36 129.08
C CYS H 1630 -13.21 -3.86 128.66
N GLN H 1631 -14.00 -3.01 128.03
CA GLN H 1631 -15.38 -3.37 127.70
C GLN H 1631 -15.84 -3.00 126.30
N ASP H 1632 -15.17 -2.09 125.61
CA ASP H 1632 -15.59 -1.80 124.25
C ASP H 1632 -14.85 -2.70 123.27
N PRO H 1633 -15.55 -3.47 122.44
CA PRO H 1633 -14.88 -4.48 121.63
C PRO H 1633 -14.19 -3.90 120.40
N LEU H 1634 -13.20 -4.64 119.93
CA LEU H 1634 -12.47 -4.31 118.71
C LEU H 1634 -12.16 -5.60 117.98
N THR H 1635 -12.35 -5.60 116.67
CA THR H 1635 -12.08 -6.75 115.84
C THR H 1635 -11.08 -6.36 114.77
N MET H 1636 -10.66 -7.35 114.00
CA MET H 1636 -9.73 -7.15 112.91
C MET H 1636 -9.94 -8.28 111.92
N MET H 1637 -9.89 -7.96 110.64
CA MET H 1637 -10.03 -8.97 109.61
C MET H 1637 -8.64 -9.48 109.29
N ALA H 1638 -8.32 -10.64 109.82
CA ALA H 1638 -6.99 -11.22 109.74
C ALA H 1638 -6.72 -11.76 108.35
N LEU H 1639 -5.44 -12.05 108.11
CA LEU H 1639 -5.01 -12.74 106.90
C LEU H 1639 -3.91 -13.69 107.32
N HIS H 1640 -4.09 -14.96 107.03
CA HIS H 1640 -3.29 -16.02 107.61
C HIS H 1640 -2.47 -16.65 106.50
N ILE H 1641 -1.15 -16.66 106.65
CA ILE H 1641 -0.30 -17.38 105.70
C ILE H 1641 -0.16 -18.80 106.22
N PRO H 1642 -0.78 -19.78 105.57
CA PRO H 1642 -0.93 -21.09 106.21
C PRO H 1642 0.37 -21.83 106.45
N GLU H 1643 1.33 -21.73 105.52
CA GLU H 1643 2.56 -22.50 105.69
C GLU H 1643 3.40 -21.96 106.84
N GLU H 1644 3.36 -20.66 107.08
CA GLU H 1644 4.18 -20.04 108.10
C GLU H 1644 3.49 -19.94 109.44
N ASN H 1645 2.20 -20.24 109.51
CA ASN H 1645 1.42 -20.16 110.73
C ASN H 1645 1.55 -18.79 111.38
N ARG H 1646 1.31 -17.76 110.58
CA ARG H 1646 1.34 -16.40 111.08
C ARG H 1646 0.21 -15.61 110.44
N CYS H 1647 -0.11 -14.51 111.10
CA CYS H 1647 -1.25 -13.67 110.79
C CYS H 1647 -0.82 -12.22 110.66
N MET H 1648 -1.37 -11.53 109.68
CA MET H 1648 -1.20 -10.10 109.54
C MET H 1648 -2.54 -9.47 109.20
N ASP H 1649 -2.69 -8.20 109.52
CA ASP H 1649 -3.91 -7.52 109.17
C ASP H 1649 -4.08 -7.50 107.65
N ILE H 1650 -5.34 -7.49 107.20
CA ILE H 1650 -5.57 -7.42 105.78
C ILE H 1650 -5.29 -6.03 105.23
N LEU H 1651 -5.43 -4.99 106.06
CA LEU H 1651 -5.06 -3.66 105.65
C LEU H 1651 -3.56 -3.48 105.50
N GLU H 1652 -2.77 -4.43 105.99
CA GLU H 1652 -1.36 -4.45 105.67
C GLU H 1652 -1.12 -4.77 104.22
N LEU H 1653 -2.17 -5.15 103.49
CA LEU H 1653 -2.08 -5.33 102.05
C LEU H 1653 -2.22 -4.03 101.30
N SER H 1654 -2.00 -2.90 101.96
CA SER H 1654 -1.89 -1.64 101.25
C SER H 1654 -0.48 -1.42 100.73
N GLU H 1655 0.50 -2.10 101.29
CA GLU H 1655 1.88 -1.99 100.84
C GLU H 1655 2.49 -3.34 100.52
N ARG H 1656 1.79 -4.44 100.75
CA ARG H 1656 2.26 -5.77 100.37
C ARG H 1656 1.55 -6.14 99.07
N LEU H 1657 2.07 -5.60 97.98
CA LEU H 1657 1.32 -5.59 96.72
C LEU H 1657 1.26 -6.97 96.06
N ASP H 1658 2.28 -7.80 96.25
CA ASP H 1658 2.23 -9.14 95.69
C ASP H 1658 1.11 -9.94 96.33
N LEU H 1659 0.97 -9.84 97.65
CA LEU H 1659 -0.15 -10.48 98.31
C LEU H 1659 -1.47 -9.88 97.88
N GLN H 1660 -1.50 -8.58 97.56
CA GLN H 1660 -2.71 -8.01 96.98
C GLN H 1660 -3.09 -8.70 95.68
N ARG H 1661 -2.14 -8.82 94.77
CA ARG H 1661 -2.47 -9.45 93.50
C ARG H 1661 -2.95 -10.86 93.72
N PHE H 1662 -2.24 -11.62 94.54
CA PHE H 1662 -2.64 -12.99 94.76
C PHE H 1662 -4.01 -13.07 95.40
N HIS H 1663 -4.31 -12.18 96.34
CA HIS H 1663 -5.58 -12.27 97.04
C HIS H 1663 -6.75 -11.77 96.18
N SER H 1664 -6.55 -10.71 95.42
CA SER H 1664 -7.57 -10.25 94.50
C SER H 1664 -7.90 -11.34 93.50
N HIS H 1665 -6.90 -12.04 92.99
CA HIS H 1665 -7.18 -13.12 92.09
C HIS H 1665 -7.72 -14.35 92.80
N THR H 1666 -7.46 -14.49 94.09
CA THR H 1666 -8.14 -15.53 94.85
C THR H 1666 -9.63 -15.27 94.90
N LEU H 1667 -10.02 -14.02 95.15
CA LEU H 1667 -11.44 -13.68 95.12
C LEU H 1667 -12.04 -13.82 93.73
N ARG H 1668 -11.28 -13.50 92.67
CA ARG H 1668 -11.79 -13.80 91.34
C ARG H 1668 -12.01 -15.28 91.15
N LEU H 1669 -11.13 -16.11 91.70
CA LEU H 1669 -11.33 -17.55 91.63
C LEU H 1669 -12.59 -17.97 92.37
N TYR H 1670 -12.82 -17.40 93.55
CA TYR H 1670 -14.04 -17.72 94.29
C TYR H 1670 -15.26 -17.36 93.48
N ARG H 1671 -15.27 -16.17 92.89
CA ARG H 1671 -16.41 -15.76 92.10
C ARG H 1671 -16.58 -16.61 90.86
N ALA H 1672 -15.50 -17.16 90.32
CA ALA H 1672 -15.62 -18.02 89.16
C ALA H 1672 -16.19 -19.38 89.51
N VAL H 1673 -15.74 -19.96 90.63
CA VAL H 1673 -16.17 -21.32 90.94
C VAL H 1673 -17.61 -21.38 91.41
N CYS H 1674 -18.19 -20.24 91.79
CA CYS H 1674 -19.59 -20.18 92.17
C CYS H 1674 -20.44 -19.46 91.14
N ALA H 1675 -19.91 -19.23 89.95
CA ALA H 1675 -20.56 -18.38 88.96
C ALA H 1675 -21.64 -19.13 88.21
N LEU H 1676 -22.58 -18.35 87.69
CA LEU H 1676 -23.63 -18.85 86.80
C LEU H 1676 -24.38 -20.02 87.41
N GLY H 1677 -24.92 -19.80 88.60
CA GLY H 1677 -25.92 -20.69 89.17
C GLY H 1677 -25.41 -21.75 90.11
N ASN H 1678 -24.11 -21.90 90.31
CA ASN H 1678 -23.61 -22.97 91.17
C ASN H 1678 -23.83 -22.56 92.60
N ASN H 1679 -25.02 -22.84 93.12
CA ASN H 1679 -25.33 -22.59 94.51
C ASN H 1679 -24.78 -23.65 95.42
N ARG H 1680 -24.46 -24.83 94.89
CA ARG H 1680 -23.81 -25.85 95.69
C ARG H 1680 -22.41 -25.46 96.09
N VAL H 1681 -21.75 -24.63 95.28
CA VAL H 1681 -20.42 -24.14 95.63
C VAL H 1681 -20.48 -22.83 96.39
N ALA H 1682 -21.55 -22.05 96.20
CA ALA H 1682 -21.72 -20.84 97.00
C ALA H 1682 -21.86 -21.20 98.48
N HIS H 1683 -22.56 -22.28 98.77
CA HIS H 1683 -22.66 -22.73 100.16
C HIS H 1683 -21.31 -23.08 100.71
N ALA H 1684 -20.47 -23.75 99.92
CA ALA H 1684 -19.14 -24.09 100.38
C ALA H 1684 -18.32 -22.84 100.66
N LEU H 1685 -18.39 -21.86 99.76
CA LEU H 1685 -17.65 -20.62 99.96
C LEU H 1685 -18.19 -19.80 101.11
N CYS H 1686 -19.25 -20.15 101.76
CA CYS H 1686 -19.70 -19.41 102.89
C CYS H 1686 -19.03 -19.97 104.08
N SER H 1687 -18.03 -20.80 103.91
CA SER H 1687 -17.29 -21.34 105.00
C SER H 1687 -15.87 -20.90 104.89
N HIS H 1688 -15.56 -20.13 103.89
CA HIS H 1688 -14.23 -19.71 103.65
C HIS H 1688 -14.30 -18.23 103.77
N VAL H 1689 -15.39 -17.59 103.36
CA VAL H 1689 -15.61 -16.16 103.55
C VAL H 1689 -17.00 -16.02 104.15
N ASP H 1690 -17.14 -15.90 105.44
CA ASP H 1690 -18.44 -15.82 106.04
C ASP H 1690 -19.14 -14.52 105.98
N GLN H 1691 -20.37 -14.44 106.48
CA GLN H 1691 -21.18 -13.26 106.39
C GLN H 1691 -20.57 -12.14 107.09
N ALA H 1692 -19.97 -12.39 108.22
CA ALA H 1692 -19.40 -11.36 109.01
C ALA H 1692 -18.21 -10.76 108.40
N GLN H 1693 -17.39 -11.53 107.75
CA GLN H 1693 -16.28 -10.91 107.04
C GLN H 1693 -16.78 -10.07 105.87
N LEU H 1694 -17.79 -10.56 105.16
CA LEU H 1694 -18.32 -9.80 104.02
C LEU H 1694 -18.93 -8.49 104.48
N LEU H 1695 -19.80 -8.57 105.50
CA LEU H 1695 -20.42 -7.35 105.99
C LEU H 1695 -19.41 -6.41 106.62
N HIS H 1696 -18.29 -6.95 107.12
CA HIS H 1696 -17.22 -6.11 107.63
C HIS H 1696 -16.49 -5.40 106.48
N ALA H 1697 -16.17 -6.15 105.44
CA ALA H 1697 -15.43 -5.57 104.32
C ALA H 1697 -16.25 -4.58 103.54
N LEU H 1698 -17.57 -4.67 103.63
CA LEU H 1698 -18.40 -3.67 102.97
C LEU H 1698 -18.20 -2.28 103.58
N GLU H 1699 -18.05 -2.20 104.90
CA GLU H 1699 -17.95 -0.93 105.60
C GLU H 1699 -16.51 -0.52 105.87
N ASP H 1700 -15.54 -1.32 105.48
CA ASP H 1700 -14.15 -1.11 105.85
C ASP H 1700 -13.58 0.01 104.98
N ALA H 1701 -13.15 1.10 105.62
CA ALA H 1701 -12.72 2.27 104.88
C ALA H 1701 -11.30 2.14 104.34
N HIS H 1702 -10.46 1.36 105.02
CA HIS H 1702 -9.05 1.30 104.67
C HIS H 1702 -8.68 0.12 103.80
N LEU H 1703 -9.65 -0.65 103.33
CA LEU H 1703 -9.31 -1.74 102.42
C LEU H 1703 -8.79 -1.17 101.12
N PRO H 1704 -7.70 -1.70 100.57
CA PRO H 1704 -7.27 -1.29 99.24
C PRO H 1704 -8.35 -1.61 98.22
N GLY H 1705 -8.43 -0.78 97.20
CA GLY H 1705 -9.50 -0.86 96.22
C GLY H 1705 -9.69 -2.21 95.57
N PRO H 1706 -8.63 -2.84 95.10
CA PRO H 1706 -8.79 -4.14 94.45
C PRO H 1706 -9.40 -5.18 95.36
N LEU H 1707 -9.28 -4.97 96.67
CA LEU H 1707 -9.92 -5.87 97.61
C LEU H 1707 -11.30 -5.41 98.03
N ARG H 1708 -11.54 -4.11 98.09
CA ARG H 1708 -12.88 -3.61 98.35
C ARG H 1708 -13.84 -4.05 97.25
N ALA H 1709 -13.46 -3.81 96.01
CA ALA H 1709 -14.28 -4.25 94.88
C ALA H 1709 -14.41 -5.76 94.86
N GLY H 1710 -13.34 -6.47 95.19
CA GLY H 1710 -13.41 -7.92 95.19
C GLY H 1710 -14.37 -8.46 96.22
N TYR H 1711 -14.36 -7.90 97.42
CA TYR H 1711 -15.27 -8.36 98.46
C TYR H 1711 -16.69 -7.88 98.25
N TYR H 1712 -16.90 -6.81 97.50
CA TYR H 1712 -18.26 -6.46 97.10
C TYR H 1712 -18.79 -7.38 96.03
N ASP H 1713 -17.95 -7.75 95.06
CA ASP H 1713 -18.39 -8.68 94.04
C ASP H 1713 -18.61 -10.06 94.59
N LEU H 1714 -17.81 -10.46 95.58
CA LEU H 1714 -17.96 -11.79 96.15
C LEU H 1714 -19.28 -11.95 96.88
N LEU H 1715 -19.75 -10.92 97.57
CA LEU H 1715 -21.05 -11.00 98.23
C LEU H 1715 -22.15 -11.23 97.22
N ILE H 1716 -22.13 -10.45 96.14
CA ILE H 1716 -23.14 -10.60 95.10
C ILE H 1716 -23.07 -11.99 94.49
N SER H 1717 -21.87 -12.48 94.22
CA SER H 1717 -21.73 -13.78 93.59
C SER H 1717 -22.23 -14.89 94.50
N ILE H 1718 -21.90 -14.83 95.78
CA ILE H 1718 -22.28 -15.91 96.68
C ILE H 1718 -23.77 -15.90 96.93
N HIS H 1719 -24.33 -14.72 97.19
CA HIS H 1719 -25.67 -14.62 97.77
C HIS H 1719 -26.73 -14.11 96.81
N LEU H 1720 -26.42 -13.11 95.99
CA LEU H 1720 -27.46 -12.37 95.29
C LEU H 1720 -27.51 -12.60 93.80
N GLU H 1721 -26.44 -13.06 93.17
CA GLU H 1721 -26.36 -13.03 91.71
C GLU H 1721 -27.39 -13.94 91.05
N SER H 1722 -27.57 -15.15 91.58
CA SER H 1722 -28.52 -16.08 90.98
C SER H 1722 -29.93 -15.54 91.05
N ALA H 1723 -30.33 -15.04 92.22
CA ALA H 1723 -31.64 -14.44 92.37
C ALA H 1723 -31.79 -13.24 91.47
N CYS H 1724 -30.71 -12.45 91.32
CA CYS H 1724 -30.78 -11.28 90.47
C CYS H 1724 -31.04 -11.65 89.02
N ARG H 1725 -30.33 -12.66 88.49
CA ARG H 1725 -30.54 -12.99 87.09
C ARG H 1725 -31.91 -13.64 86.88
N SER H 1726 -32.36 -14.46 87.83
CA SER H 1726 -33.67 -15.06 87.70
C SER H 1726 -34.75 -13.99 87.69
N ARG H 1727 -34.64 -12.99 88.57
CA ARG H 1727 -35.60 -11.89 88.56
C ARG H 1727 -35.48 -11.09 87.28
N ARG H 1728 -34.26 -10.84 86.82
CA ARG H 1728 -34.04 -10.01 85.64
C ARG H 1728 -34.58 -10.65 84.38
N SER H 1729 -34.68 -11.97 84.33
CA SER H 1729 -35.29 -12.64 83.20
C SER H 1729 -36.80 -12.50 83.16
N MET H 1730 -37.44 -12.27 84.30
CA MET H 1730 -38.89 -12.09 84.35
C MET H 1730 -39.29 -10.63 84.24
N LEU H 1731 -38.35 -9.73 84.08
CA LEU H 1731 -38.65 -8.30 84.11
C LEU H 1731 -39.03 -7.75 82.75
N SER H 1732 -39.17 -8.61 81.75
CA SER H 1732 -39.60 -8.18 80.43
C SER H 1732 -40.97 -8.69 80.06
N GLU H 1733 -41.60 -9.49 80.92
CA GLU H 1733 -42.93 -10.01 80.68
C GLU H 1733 -43.84 -9.55 81.80
N TYR H 1734 -45.01 -9.03 81.44
CA TYR H 1734 -45.92 -8.41 82.40
C TYR H 1734 -47.22 -9.20 82.43
N ILE H 1735 -47.29 -10.19 83.31
CA ILE H 1735 -48.53 -10.89 83.57
C ILE H 1735 -49.21 -10.15 84.71
N VAL H 1736 -50.35 -9.55 84.43
CA VAL H 1736 -51.04 -8.68 85.37
C VAL H 1736 -52.35 -9.34 85.76
N PRO H 1737 -52.54 -9.78 87.00
CA PRO H 1737 -53.78 -10.41 87.40
C PRO H 1737 -54.87 -9.39 87.62
N LEU H 1738 -56.11 -9.79 87.31
CA LEU H 1738 -57.25 -8.88 87.39
C LEU H 1738 -57.82 -8.82 88.79
N THR H 1739 -56.95 -8.52 89.75
CA THR H 1739 -57.34 -8.36 91.14
C THR H 1739 -57.79 -6.93 91.39
N PRO H 1740 -58.52 -6.69 92.48
CA PRO H 1740 -58.85 -5.31 92.84
C PRO H 1740 -57.64 -4.43 93.03
N GLU H 1741 -56.55 -4.98 93.57
CA GLU H 1741 -55.30 -4.24 93.66
C GLU H 1741 -54.90 -3.69 92.30
N THR H 1742 -54.96 -4.54 91.27
CA THR H 1742 -54.69 -4.08 89.92
C THR H 1742 -55.71 -3.03 89.50
N ARG H 1743 -56.97 -3.27 89.79
CA ARG H 1743 -58.03 -2.37 89.38
C ARG H 1743 -57.82 -0.96 89.93
N ALA H 1744 -57.16 -0.83 91.08
CA ALA H 1744 -56.95 0.48 91.65
C ALA H 1744 -55.84 1.28 90.97
N ILE H 1745 -55.01 0.63 90.14
CA ILE H 1745 -53.87 1.33 89.55
C ILE H 1745 -54.36 2.43 88.63
N THR H 1746 -53.72 3.59 88.72
CA THR H 1746 -53.96 4.70 87.82
C THR H 1746 -52.63 5.27 87.37
N LEU H 1747 -52.62 5.91 86.22
CA LEU H 1747 -51.38 6.44 85.67
C LEU H 1747 -50.79 7.50 86.59
N PHE H 1748 -51.59 8.50 86.94
CA PHE H 1748 -51.10 9.61 87.73
C PHE H 1748 -51.67 9.52 89.14
N PRO H 1749 -50.87 9.76 90.17
CA PRO H 1749 -51.40 9.71 91.53
C PRO H 1749 -52.56 10.66 91.69
N PRO H 1750 -53.60 10.26 92.41
CA PRO H 1750 -54.81 11.09 92.47
C PRO H 1750 -54.51 12.47 93.04
N GLY H 1751 -55.21 13.47 92.52
CA GLY H 1751 -55.04 14.83 92.95
C GLY H 1751 -53.84 15.51 92.31
N ARG H 1758 -52.38 16.33 87.25
CA ARG H 1758 -51.58 15.46 86.39
C ARG H 1758 -50.08 15.73 86.58
N ARG H 1759 -49.54 15.25 87.70
CA ARG H 1759 -48.11 15.24 87.94
C ARG H 1759 -47.64 13.80 87.90
N HIS H 1760 -46.43 13.58 87.40
CA HIS H 1760 -45.84 12.25 87.50
C HIS H 1760 -45.58 11.90 88.95
N GLY H 1761 -45.92 10.68 89.33
CA GLY H 1761 -45.44 10.15 90.59
C GLY H 1761 -44.00 9.73 90.49
N LEU H 1762 -43.42 9.37 91.62
CA LEU H 1762 -42.04 8.96 91.62
C LEU H 1762 -41.89 7.62 90.92
N PRO H 1763 -40.89 7.45 90.07
CA PRO H 1763 -40.68 6.14 89.43
C PRO H 1763 -40.26 5.10 90.47
N GLY H 1764 -40.78 3.89 90.28
CA GLY H 1764 -40.48 2.82 91.20
C GLY H 1764 -41.21 2.90 92.51
N VAL H 1765 -41.95 3.96 92.77
CA VAL H 1765 -42.75 4.12 93.97
C VAL H 1765 -44.21 3.95 93.57
N GLY H 1766 -44.84 2.89 94.06
CA GLY H 1766 -46.22 2.65 93.73
C GLY H 1766 -46.57 1.20 93.96
N VAL H 1767 -47.75 0.83 93.50
CA VAL H 1767 -48.25 -0.53 93.61
C VAL H 1767 -48.07 -1.24 92.26
N THR H 1768 -47.43 -2.39 92.30
CA THR H 1768 -47.19 -3.19 91.09
C THR H 1768 -47.78 -4.57 91.31
N THR H 1769 -48.54 -5.05 90.34
CA THR H 1769 -49.19 -6.34 90.46
C THR H 1769 -48.65 -7.39 89.50
N SER H 1770 -47.71 -7.04 88.64
CA SER H 1770 -47.16 -8.02 87.72
C SER H 1770 -46.56 -9.17 88.50
N LEU H 1771 -46.83 -10.39 88.04
CA LEU H 1771 -46.32 -11.59 88.69
C LEU H 1771 -44.83 -11.71 88.44
N ARG H 1772 -44.06 -11.72 89.52
CA ARG H 1772 -42.68 -12.13 89.52
C ARG H 1772 -42.54 -13.15 90.63
N PRO H 1773 -42.04 -14.35 90.35
CA PRO H 1773 -42.00 -15.36 91.38
C PRO H 1773 -41.06 -14.95 92.50
N PRO H 1774 -41.39 -15.27 93.75
CA PRO H 1774 -40.48 -15.00 94.84
C PRO H 1774 -39.22 -15.82 94.68
N HIS H 1775 -38.10 -15.21 95.06
CA HIS H 1775 -36.81 -15.86 94.95
C HIS H 1775 -36.40 -16.48 96.28
N HIS H 1776 -35.87 -17.70 96.20
CA HIS H 1776 -35.75 -18.61 97.32
C HIS H 1776 -34.31 -18.67 97.79
N PHE H 1777 -34.12 -18.83 99.10
CA PHE H 1777 -32.82 -18.92 99.71
C PHE H 1777 -32.84 -20.04 100.74
N SER H 1778 -31.69 -20.52 101.15
CA SER H 1778 -31.60 -21.58 102.13
C SER H 1778 -30.51 -21.23 103.05
N PRO H 1779 -30.66 -21.55 104.31
CA PRO H 1779 -29.66 -21.12 105.27
C PRO H 1779 -28.35 -21.82 105.18
N PRO H 1780 -27.21 -21.16 105.41
CA PRO H 1780 -25.98 -21.95 105.32
C PRO H 1780 -25.52 -22.68 106.57
N CYS H 1781 -25.65 -23.99 106.67
CA CYS H 1781 -25.23 -24.79 107.82
C CYS H 1781 -24.43 -25.96 107.43
N PHE H 1782 -23.32 -26.20 108.12
CA PHE H 1782 -22.42 -27.27 107.81
C PHE H 1782 -22.39 -28.31 108.87
N VAL H 1783 -23.48 -28.49 109.59
CA VAL H 1783 -23.63 -29.54 110.56
C VAL H 1783 -24.86 -30.37 110.19
N ALA H 1784 -25.46 -30.16 109.03
CA ALA H 1784 -26.65 -30.86 108.61
C ALA H 1784 -26.27 -32.18 107.95
N ALA H 1785 -27.06 -33.21 108.20
CA ALA H 1785 -26.74 -34.54 107.70
C ALA H 1785 -26.82 -34.57 106.19
N LEU H 1786 -26.15 -35.56 105.60
CA LEU H 1786 -26.11 -35.69 104.15
C LEU H 1786 -27.27 -36.52 103.62
N ALA H 1794 -30.96 -35.48 94.08
CA ALA H 1794 -30.45 -34.28 94.74
C ALA H 1794 -31.05 -33.02 94.12
N PRO H 1795 -32.14 -32.52 94.71
CA PRO H 1795 -32.76 -31.30 94.19
C PRO H 1795 -31.77 -30.14 94.25
N ALA H 1796 -31.86 -29.26 93.25
CA ALA H 1796 -30.92 -28.17 93.12
C ALA H 1796 -30.89 -27.33 94.39
N ARG H 1797 -29.70 -27.01 94.86
CA ARG H 1797 -29.53 -26.26 96.09
C ARG H 1797 -29.79 -24.80 95.82
N LEU H 1798 -30.36 -24.11 96.80
CA LEU H 1798 -30.69 -22.71 96.66
C LEU H 1798 -29.54 -21.84 97.16
N SER H 1799 -29.62 -20.55 96.83
CA SER H 1799 -28.54 -19.64 97.17
C SER H 1799 -28.46 -19.43 98.67
N PRO H 1800 -27.27 -19.19 99.21
CA PRO H 1800 -27.15 -18.97 100.65
C PRO H 1800 -27.86 -17.72 101.10
N ALA H 1801 -28.61 -17.85 102.17
CA ALA H 1801 -29.39 -16.75 102.71
C ALA H 1801 -28.47 -15.75 103.38
N ILE H 1802 -28.74 -14.47 103.14
CA ILE H 1802 -28.11 -13.38 103.87
C ILE H 1802 -29.25 -12.44 104.27
N PRO H 1803 -29.27 -11.90 105.48
CA PRO H 1803 -30.41 -11.06 105.88
C PRO H 1803 -30.54 -9.85 104.98
N LEU H 1804 -31.62 -9.82 104.20
CA LEU H 1804 -31.71 -8.85 103.12
C LEU H 1804 -32.06 -7.46 103.62
N GLU H 1805 -32.81 -7.35 104.71
CA GLU H 1805 -33.22 -6.04 105.20
C GLU H 1805 -32.04 -5.31 105.83
N ALA H 1806 -31.26 -6.00 106.66
CA ALA H 1806 -30.07 -5.38 107.23
C ALA H 1806 -29.09 -4.99 106.14
N LEU H 1807 -28.90 -5.86 105.16
CA LEU H 1807 -28.03 -5.56 104.04
C LEU H 1807 -28.53 -4.34 103.27
N ARG H 1808 -29.84 -4.26 103.04
CA ARG H 1808 -30.40 -3.13 102.30
C ARG H 1808 -30.18 -1.83 103.05
N ASP H 1809 -30.44 -1.83 104.37
CA ASP H 1809 -30.25 -0.62 105.15
C ASP H 1809 -28.78 -0.20 105.17
N LYS H 1810 -27.88 -1.17 105.29
CA LYS H 1810 -26.46 -0.87 105.23
C LYS H 1810 -26.10 -0.28 103.88
N ALA H 1811 -26.66 -0.83 102.80
CA ALA H 1811 -26.34 -0.34 101.46
C ALA H 1811 -26.77 1.10 101.29
N LEU H 1812 -28.00 1.41 101.72
CA LEU H 1812 -28.44 2.80 101.68
C LEU H 1812 -27.55 3.70 102.51
N ARG H 1813 -27.19 3.27 103.71
CA ARG H 1813 -26.37 4.10 104.59
C ARG H 1813 -25.01 4.38 103.97
N MET H 1814 -24.37 3.35 103.42
CA MET H 1814 -23.07 3.53 102.79
C MET H 1814 -23.18 4.46 101.59
N LEU H 1815 -24.23 4.29 100.78
CA LEU H 1815 -24.40 5.16 99.63
C LEU H 1815 -24.60 6.61 100.06
N GLY H 1816 -25.38 6.83 101.11
CA GLY H 1816 -25.59 8.17 101.61
C GLY H 1816 -24.33 8.81 102.14
N GLU H 1817 -23.51 8.03 102.85
CA GLU H 1817 -22.25 8.56 103.35
C GLU H 1817 -21.33 8.96 102.23
N ALA H 1818 -21.28 8.18 101.16
CA ALA H 1818 -20.36 8.44 100.06
C ALA H 1818 -20.73 9.65 99.22
N VAL H 1819 -21.96 10.16 99.33
CA VAL H 1819 -22.43 11.20 98.43
C VAL H 1819 -22.21 12.58 99.03
N ARG H 1820 -22.89 12.85 100.14
CA ARG H 1820 -22.72 14.15 100.78
C ARG H 1820 -21.27 14.40 101.17
N ASP H 1821 -20.42 13.40 101.02
CA ASP H 1821 -18.99 13.60 101.09
C ASP H 1821 -18.35 13.44 99.74
N GLY H 1822 -19.11 13.05 98.73
CA GLY H 1822 -18.63 13.19 97.38
C GLY H 1822 -18.54 14.65 96.96
N GLY H 1823 -19.51 15.46 97.35
CA GLY H 1823 -19.49 16.86 96.98
C GLY H 1823 -18.33 17.61 97.60
N GLN H 1824 -17.97 17.28 98.83
CA GLN H 1824 -16.85 17.94 99.48
C GLN H 1824 -15.56 17.71 98.73
N HIS H 1825 -15.45 16.60 98.02
CA HIS H 1825 -14.22 16.14 97.40
C HIS H 1825 -13.01 16.41 98.27
N ALA H 1826 -13.04 15.84 99.47
CA ALA H 1826 -11.84 15.74 100.27
C ALA H 1826 -10.89 14.72 99.62
N ARG H 1827 -9.73 14.55 100.24
CA ARG H 1827 -8.78 13.53 99.80
C ARG H 1827 -9.03 12.21 100.51
N ASP H 1828 -10.28 11.94 100.79
CA ASP H 1828 -10.80 10.70 101.35
C ASP H 1828 -11.48 9.95 100.23
N PRO H 1829 -10.73 9.29 99.37
CA PRO H 1829 -11.33 8.41 98.38
C PRO H 1829 -11.37 6.98 98.88
N VAL H 1830 -12.31 6.66 99.76
CA VAL H 1830 -12.38 5.34 100.39
C VAL H 1830 -12.16 4.27 99.33
N GLY H 1831 -11.15 3.45 99.52
CA GLY H 1831 -10.72 2.52 98.50
C GLY H 1831 -9.60 3.02 97.62
N GLY H 1832 -9.20 4.27 97.75
CA GLY H 1832 -8.08 4.78 97.01
C GLY H 1832 -8.43 5.66 95.83
N SER H 1833 -9.69 5.70 95.43
CA SER H 1833 -10.12 6.51 94.30
C SER H 1833 -11.63 6.68 94.39
N VAL H 1834 -12.15 7.64 93.62
CA VAL H 1834 -13.59 7.84 93.57
C VAL H 1834 -14.27 6.65 92.93
N GLU H 1835 -13.63 6.05 91.93
CA GLU H 1835 -14.18 4.85 91.30
C GLU H 1835 -14.37 3.75 92.32
N PHE H 1836 -13.34 3.44 93.11
CA PHE H 1836 -13.46 2.40 94.10
C PHE H 1836 -14.34 2.79 95.26
N GLN H 1837 -14.54 4.08 95.49
CA GLN H 1837 -15.47 4.49 96.52
C GLN H 1837 -16.91 4.29 96.10
N PHE H 1838 -17.23 4.51 94.83
CA PHE H 1838 -18.62 4.56 94.38
C PHE H 1838 -19.07 3.30 93.66
N VAL H 1839 -18.32 2.83 92.67
CA VAL H 1839 -18.75 1.74 91.81
C VAL H 1839 -19.16 0.52 92.64
N PRO H 1840 -18.38 0.07 93.63
CA PRO H 1840 -18.81 -1.09 94.40
C PRO H 1840 -20.14 -0.91 95.10
N VAL H 1841 -20.43 0.28 95.63
CA VAL H 1841 -21.70 0.48 96.32
C VAL H 1841 -22.84 0.56 95.33
N LEU H 1842 -22.62 1.25 94.21
CA LEU H 1842 -23.66 1.37 93.20
C LEU H 1842 -24.04 0.02 92.64
N LYS H 1843 -23.06 -0.87 92.46
CA LYS H 1843 -23.37 -2.21 91.98
C LYS H 1843 -24.29 -2.93 92.95
N LEU H 1844 -24.00 -2.84 94.24
CA LEU H 1844 -24.82 -3.51 95.24
C LEU H 1844 -26.24 -2.92 95.27
N VAL H 1845 -26.35 -1.60 95.21
CA VAL H 1845 -27.66 -0.98 95.26
C VAL H 1845 -28.46 -1.33 94.02
N SER H 1846 -27.81 -1.35 92.86
CA SER H 1846 -28.51 -1.75 91.65
C SER H 1846 -29.01 -3.18 91.75
N THR H 1847 -28.17 -4.08 92.29
CA THR H 1847 -28.60 -5.46 92.44
C THR H 1847 -29.80 -5.58 93.36
N LEU H 1848 -29.77 -4.88 94.49
CA LEU H 1848 -30.87 -5.00 95.45
C LEU H 1848 -32.12 -4.31 94.95
N LEU H 1849 -31.98 -3.27 94.13
CA LEU H 1849 -33.14 -2.66 93.49
C LEU H 1849 -33.79 -3.63 92.53
N VAL H 1850 -32.96 -4.28 91.69
CA VAL H 1850 -33.49 -5.20 90.69
C VAL H 1850 -34.18 -6.38 91.35
N MET H 1851 -33.56 -6.93 92.40
CA MET H 1851 -34.16 -8.09 93.06
C MET H 1851 -35.54 -7.78 93.60
N GLY H 1852 -35.75 -6.60 94.16
CA GLY H 1852 -37.06 -6.21 94.64
C GLY H 1852 -37.06 -5.92 96.12
N ILE H 1853 -35.87 -5.84 96.70
CA ILE H 1853 -35.73 -5.71 98.14
C ILE H 1853 -36.18 -4.34 98.66
N PHE H 1854 -36.01 -3.29 97.88
CA PHE H 1854 -36.18 -1.93 98.36
C PHE H 1854 -37.66 -1.58 98.48
N GLY H 1855 -38.05 -1.05 99.64
CA GLY H 1855 -39.39 -0.55 99.85
C GLY H 1855 -39.57 0.81 99.20
N ASP H 1856 -40.71 1.43 99.50
CA ASP H 1856 -41.01 2.72 98.89
C ASP H 1856 -40.18 3.84 99.50
N GLU H 1857 -40.05 3.84 100.83
CA GLU H 1857 -39.24 4.86 101.48
C GLU H 1857 -37.78 4.76 101.05
N ASP H 1858 -37.28 3.54 100.95
CA ASP H 1858 -35.91 3.33 100.50
C ASP H 1858 -35.72 3.82 99.07
N VAL H 1859 -36.71 3.57 98.21
CA VAL H 1859 -36.61 4.04 96.84
C VAL H 1859 -36.60 5.56 96.81
N LYS H 1860 -37.41 6.18 97.67
CA LYS H 1860 -37.37 7.64 97.77
C LYS H 1860 -35.99 8.12 98.18
N GLN H 1861 -35.36 7.42 99.12
CA GLN H 1861 -34.01 7.82 99.53
C GLN H 1861 -33.04 7.72 98.38
N ILE H 1862 -33.10 6.63 97.61
CA ILE H 1862 -32.20 6.48 96.46
C ILE H 1862 -32.43 7.61 95.47
N LEU H 1863 -33.70 7.93 95.20
CA LEU H 1863 -34.01 8.95 94.23
C LEU H 1863 -33.52 10.32 94.70
N LYS H 1864 -33.65 10.62 95.99
CA LYS H 1864 -33.09 11.87 96.48
C LYS H 1864 -31.58 11.90 96.37
N MET H 1865 -30.91 10.78 96.65
CA MET H 1865 -29.47 10.74 96.45
C MET H 1865 -29.08 10.87 94.99
N ILE H 1866 -30.00 10.60 94.07
CA ILE H 1866 -29.70 10.80 92.66
C ILE H 1866 -29.89 12.24 92.26
N GLU H 1867 -31.07 12.79 92.53
CA GLU H 1867 -31.35 14.16 92.13
C GLU H 1867 -32.38 14.78 93.06
N PRO H 1868 -31.95 15.55 94.06
CA PRO H 1868 -32.89 16.02 95.08
C PRO H 1868 -33.99 16.92 94.54
N GLU H 1869 -33.70 17.78 93.57
CA GLU H 1869 -34.70 18.73 93.11
C GLU H 1869 -35.79 18.03 92.30
N VAL H 1870 -35.39 17.17 91.37
CA VAL H 1870 -36.36 16.55 90.47
C VAL H 1870 -37.28 15.62 91.24
N PHE H 1871 -36.77 14.91 92.24
CA PHE H 1871 -37.52 13.87 92.93
C PHE H 1871 -37.82 14.33 94.35
N THR H 1872 -38.93 15.06 94.50
CA THR H 1872 -39.38 15.50 95.82
C THR H 1872 -40.81 16.04 95.75
N GLU H 1924 -26.50 17.19 98.29
CA GLU H 1924 -25.94 16.97 96.95
C GLU H 1924 -26.39 15.64 96.37
N GLY H 1925 -26.66 15.62 95.07
CA GLY H 1925 -27.05 14.39 94.41
C GLY H 1925 -25.87 13.74 93.73
N LEU H 1926 -26.04 12.51 93.23
CA LEU H 1926 -24.93 11.84 92.59
C LEU H 1926 -24.50 12.55 91.33
N LEU H 1927 -25.31 13.48 90.83
CA LEU H 1927 -24.98 14.32 89.70
C LEU H 1927 -24.54 15.70 90.13
N GLN H 1928 -24.36 15.91 91.44
CA GLN H 1928 -23.86 17.16 92.02
C GLN H 1928 -22.35 17.16 92.17
N MET H 1929 -21.66 16.22 91.54
CA MET H 1929 -20.21 16.24 91.44
C MET H 1929 -19.79 15.47 90.22
N LYS H 1930 -18.64 15.83 89.67
CA LYS H 1930 -18.08 15.17 88.51
C LYS H 1930 -17.73 13.73 88.84
N LEU H 1931 -17.90 12.84 87.86
CA LEU H 1931 -17.76 11.41 88.09
C LEU H 1931 -16.87 10.79 87.02
N PRO H 1932 -16.22 9.69 87.33
CA PRO H 1932 -15.49 8.96 86.29
C PRO H 1932 -16.43 8.20 85.38
N GLU H 1933 -15.89 7.56 84.36
CA GLU H 1933 -16.71 6.85 83.39
C GLU H 1933 -17.09 5.46 83.84
N SER H 1934 -16.54 4.99 84.96
CA SER H 1934 -16.98 3.74 85.54
C SER H 1934 -18.18 3.93 86.45
N VAL H 1935 -18.19 5.01 87.23
CA VAL H 1935 -19.35 5.34 88.04
C VAL H 1935 -20.53 5.71 87.17
N LYS H 1936 -20.27 6.45 86.08
CA LYS H 1936 -21.35 6.85 85.19
C LYS H 1936 -22.09 5.64 84.65
N LEU H 1937 -21.38 4.55 84.42
CA LEU H 1937 -22.03 3.35 83.91
C LEU H 1937 -23.02 2.80 84.93
N GLN H 1938 -22.65 2.81 86.21
CA GLN H 1938 -23.58 2.33 87.23
C GLN H 1938 -24.75 3.29 87.42
N MET H 1939 -24.51 4.59 87.26
CA MET H 1939 -25.64 5.53 87.24
C MET H 1939 -26.60 5.20 86.11
N CYS H 1940 -26.06 4.84 84.95
CA CYS H 1940 -26.92 4.40 83.86
C CYS H 1940 -27.68 3.13 84.23
N ASN H 1941 -27.04 2.20 84.92
CA ASN H 1941 -27.73 0.99 85.34
C ASN H 1941 -28.79 1.23 86.41
N LEU H 1942 -28.71 2.34 87.14
CA LEU H 1942 -29.79 2.68 88.07
C LEU H 1942 -30.94 3.36 87.33
N LEU H 1943 -30.62 4.33 86.48
CA LEU H 1943 -31.65 5.04 85.75
C LEU H 1943 -32.39 4.12 84.81
N GLU H 1944 -31.73 3.09 84.28
CA GLU H 1944 -32.46 2.15 83.45
C GLU H 1944 -33.48 1.39 84.29
N TYR H 1945 -33.17 1.11 85.55
CA TYR H 1945 -34.16 0.48 86.41
C TYR H 1945 -35.38 1.38 86.59
N PHE H 1946 -35.14 2.65 86.89
CA PHE H 1946 -36.28 3.52 87.10
C PHE H 1946 -37.02 3.81 85.81
N CYS H 1947 -36.36 3.70 84.67
CA CYS H 1947 -37.03 3.80 83.39
C CYS H 1947 -37.83 2.55 83.06
N ASP H 1948 -37.41 1.39 83.54
CA ASP H 1948 -38.18 0.18 83.37
C ASP H 1948 -39.41 0.17 84.25
N GLN H 1949 -39.31 0.71 85.47
CA GLN H 1949 -40.48 0.75 86.33
C GLN H 1949 -41.56 1.66 85.80
N GLU H 1950 -41.20 2.77 85.13
CA GLU H 1950 -42.22 3.60 84.51
C GLU H 1950 -42.94 2.87 83.39
N LEU H 1951 -42.20 2.11 82.58
CA LEU H 1951 -42.83 1.32 81.53
C LEU H 1951 -43.74 0.26 82.13
N GLN H 1952 -43.27 -0.41 83.18
CA GLN H 1952 -44.10 -1.39 83.85
C GLN H 1952 -45.36 -0.76 84.40
N HIS H 1953 -45.23 0.45 84.93
CA HIS H 1953 -46.41 1.17 85.42
C HIS H 1953 -47.38 1.48 84.28
N ARG H 1954 -46.85 1.89 83.13
CA ARG H 1954 -47.73 2.17 82.00
C ARG H 1954 -48.49 0.94 81.59
N VAL H 1955 -47.80 -0.20 81.49
CA VAL H 1955 -48.46 -1.43 81.11
C VAL H 1955 -49.48 -1.85 82.15
N GLU H 1956 -49.15 -1.75 83.43
CA GLU H 1956 -50.09 -2.12 84.47
C GLU H 1956 -51.32 -1.22 84.46
N SER H 1957 -51.14 0.08 84.29
CA SER H 1957 -52.27 0.99 84.26
C SER H 1957 -53.13 0.76 83.04
N LEU H 1958 -52.51 0.44 81.91
CA LEU H 1958 -53.26 0.09 80.71
C LEU H 1958 -54.03 -1.20 80.87
N ALA H 1959 -53.50 -2.18 81.58
CA ALA H 1959 -54.24 -3.39 81.89
C ALA H 1959 -55.38 -3.12 82.86
N ALA H 1960 -55.15 -2.28 83.86
CA ALA H 1960 -56.21 -1.91 84.78
C ALA H 1960 -57.33 -1.19 84.05
N PHE H 1961 -56.98 -0.29 83.12
CA PHE H 1961 -58.01 0.36 82.34
C PHE H 1961 -58.78 -0.63 81.50
N ALA H 1962 -58.07 -1.59 80.90
CA ALA H 1962 -58.76 -2.61 80.15
C ALA H 1962 -59.77 -3.33 81.02
N GLU H 1963 -59.38 -3.67 82.24
CA GLU H 1963 -60.30 -4.32 83.15
C GLU H 1963 -61.51 -3.46 83.42
N ARG H 1964 -61.30 -2.18 83.69
CA ARG H 1964 -62.42 -1.32 84.06
C ARG H 1964 -63.28 -0.94 82.88
N TYR H 1965 -62.78 -1.11 81.66
CA TYR H 1965 -63.48 -0.58 80.49
C TYR H 1965 -64.18 -1.67 79.70
N VAL H 1966 -63.61 -2.88 79.68
CA VAL H 1966 -64.31 -3.97 79.01
C VAL H 1966 -65.59 -4.28 79.75
N ASP H 1967 -65.65 -3.97 81.04
CA ASP H 1967 -66.92 -4.12 81.75
C ASP H 1967 -67.99 -3.24 81.15
N LYS H 1968 -67.65 -2.00 80.81
CA LYS H 1968 -68.63 -1.12 80.19
C LYS H 1968 -68.97 -1.58 78.79
N LEU H 1969 -67.95 -1.98 78.02
CA LEU H 1969 -68.22 -2.47 76.68
C LEU H 1969 -69.05 -3.74 76.67
N GLN H 1970 -69.07 -4.48 77.78
CA GLN H 1970 -69.91 -5.67 77.91
C GLN H 1970 -71.30 -5.31 78.40
N ALA H 1971 -71.38 -4.42 79.39
CA ALA H 1971 -72.67 -4.01 79.91
C ALA H 1971 -73.52 -3.36 78.84
N ASN H 1972 -72.94 -2.46 78.05
CA ASN H 1972 -73.77 -1.81 77.04
C ASN H 1972 -74.05 -2.76 75.89
N GLN H 1973 -73.16 -3.71 75.61
CA GLN H 1973 -73.48 -4.69 74.57
C GLN H 1973 -74.67 -5.52 74.98
N ARG H 1974 -74.73 -5.92 76.25
CA ARG H 1974 -75.86 -6.71 76.70
C ARG H 1974 -77.15 -5.89 76.71
N SER H 1975 -77.08 -4.65 77.19
CA SER H 1975 -78.27 -3.79 77.18
C SER H 1975 -78.72 -3.48 75.75
N ARG H 1976 -77.78 -3.23 74.86
CA ARG H 1976 -78.09 -3.05 73.45
C ARG H 1976 -78.76 -4.27 72.87
N TYR H 1977 -78.26 -5.46 73.21
CA TYR H 1977 -78.86 -6.67 72.71
C TYR H 1977 -80.28 -6.82 73.21
N ALA H 1978 -80.52 -6.47 74.48
CA ALA H 1978 -81.88 -6.47 74.99
C ALA H 1978 -82.77 -5.56 74.16
N LEU H 1979 -82.29 -4.34 73.90
CA LEU H 1979 -83.09 -3.40 73.12
C LEU H 1979 -83.36 -3.91 71.71
N LEU H 1980 -82.36 -4.51 71.07
CA LEU H 1980 -82.57 -5.08 69.75
C LEU H 1980 -83.50 -6.28 69.79
N MET H 1981 -83.56 -7.00 70.91
CA MET H 1981 -84.48 -8.11 71.02
C MET H 1981 -85.92 -7.62 71.15
N ARG H 1982 -86.14 -6.52 71.88
CA ARG H 1982 -87.45 -5.88 71.81
C ARG H 1982 -87.74 -5.41 70.38
N ALA H 1983 -86.74 -4.85 69.71
CA ALA H 1983 -86.89 -4.59 68.28
C ALA H 1983 -86.87 -5.91 67.53
N PHE H 1984 -86.99 -5.81 66.20
CA PHE H 1984 -87.16 -6.97 65.32
C PHE H 1984 -88.49 -7.66 65.62
N THR H 1985 -89.25 -7.12 66.57
CA THR H 1985 -90.62 -7.51 66.85
C THR H 1985 -91.49 -6.33 66.48
N MET H 1986 -92.35 -6.52 65.46
CA MET H 1986 -93.24 -5.53 64.85
C MET H 1986 -92.44 -4.35 64.31
N SER H 1987 -91.12 -4.40 64.43
CA SER H 1987 -90.22 -3.40 63.84
C SER H 1987 -89.02 -4.17 63.29
N ALA H 1988 -89.13 -4.61 62.04
CA ALA H 1988 -88.15 -5.51 61.44
C ALA H 1988 -87.69 -4.98 60.09
N ALA H 1989 -86.57 -5.51 59.63
CA ALA H 1989 -85.85 -5.20 58.40
C ALA H 1989 -85.15 -3.85 58.48
N GLU H 1990 -85.35 -3.07 59.53
CA GLU H 1990 -84.56 -1.86 59.74
C GLU H 1990 -83.36 -2.11 60.64
N THR H 1991 -83.44 -3.13 61.49
CA THR H 1991 -82.32 -3.56 62.32
C THR H 1991 -81.69 -4.84 61.80
N ALA H 1992 -82.04 -5.26 60.58
CA ALA H 1992 -81.58 -6.55 60.08
C ALA H 1992 -80.06 -6.58 59.93
N ARG H 1993 -79.47 -5.46 59.52
CA ARG H 1993 -78.01 -5.40 59.38
C ARG H 1993 -77.33 -5.26 60.74
N ARG H 1994 -77.97 -4.58 61.69
CA ARG H 1994 -77.29 -4.20 62.92
C ARG H 1994 -76.96 -5.38 63.82
N THR H 1995 -77.34 -6.60 63.43
CA THR H 1995 -76.95 -7.81 64.12
C THR H 1995 -75.71 -8.46 63.52
N ARG H 1996 -74.93 -7.72 62.72
CA ARG H 1996 -73.65 -8.25 62.26
C ARG H 1996 -72.62 -8.20 63.39
N GLU H 1997 -72.66 -7.15 64.21
CA GLU H 1997 -71.74 -7.05 65.34
C GLU H 1997 -71.80 -8.28 66.20
N PHE H 1998 -73.01 -8.74 66.52
CA PHE H 1998 -73.18 -9.85 67.45
C PHE H 1998 -72.83 -11.18 66.80
N ARG H 1999 -72.61 -11.21 65.49
CA ARG H 1999 -72.35 -12.48 64.82
C ARG H 1999 -71.00 -12.49 64.12
N SER H 2000 -70.14 -11.53 64.41
CA SER H 2000 -68.75 -11.55 63.99
C SER H 2000 -67.92 -12.14 65.10
N PRO H 2001 -66.68 -12.56 64.82
CA PRO H 2001 -65.83 -13.08 65.87
C PRO H 2001 -65.62 -12.04 66.94
N PRO H 2002 -65.48 -12.46 68.19
CA PRO H 2002 -65.43 -11.49 69.29
C PRO H 2002 -64.36 -10.43 69.14
N GLN H 2003 -63.22 -10.73 68.54
CA GLN H 2003 -62.25 -9.66 68.35
C GLN H 2003 -62.72 -8.68 67.29
N GLU H 2004 -63.33 -9.18 66.22
CA GLU H 2004 -63.91 -8.27 65.25
C GLU H 2004 -65.05 -7.46 65.83
N GLN H 2005 -65.57 -7.85 66.99
CA GLN H 2005 -66.47 -6.98 67.72
C GLN H 2005 -65.75 -5.97 68.59
N ILE H 2006 -64.69 -6.38 69.28
CA ILE H 2006 -63.86 -5.45 70.04
C ILE H 2006 -62.99 -4.60 69.14
N ASN H 2007 -62.78 -5.01 67.89
CA ASN H 2007 -62.06 -4.24 66.91
C ASN H 2007 -62.96 -3.27 66.18
N MET H 2008 -64.24 -3.63 66.03
CA MET H 2008 -65.25 -2.70 65.56
C MET H 2008 -65.53 -1.62 66.59
N LEU H 2009 -65.71 -2.02 67.84
CA LEU H 2009 -66.16 -1.09 68.86
C LEU H 2009 -65.15 0.02 69.12
N LEU H 2010 -63.86 -0.28 69.00
CA LEU H 2010 -62.83 0.69 69.31
C LEU H 2010 -62.50 1.57 68.13
N HIS H 2011 -63.38 1.63 67.13
CA HIS H 2011 -63.14 2.41 65.91
C HIS H 2011 -63.89 3.73 66.01
N PHE H 2012 -63.38 4.64 66.84
CA PHE H 2012 -63.94 5.98 66.92
C PHE H 2012 -62.87 7.03 67.15
N LYS H 2013 -61.67 6.81 66.63
CA LYS H 2013 -60.59 7.76 66.87
C LYS H 2013 -60.53 8.84 65.81
N ASP H 2014 -60.64 8.47 64.54
CA ASP H 2014 -60.34 9.39 63.44
C ASP H 2014 -61.47 10.34 63.09
N GLU H 2015 -62.65 10.19 63.71
CA GLU H 2015 -63.83 11.01 63.48
C GLU H 2015 -64.41 10.86 62.08
N ALA H 2016 -63.85 9.97 61.27
CA ALA H 2016 -64.51 9.56 60.04
C ALA H 2016 -65.42 8.36 60.25
N ASP H 2017 -65.35 7.73 61.42
CA ASP H 2017 -66.14 6.54 61.75
C ASP H 2017 -66.83 6.71 63.09
N GLU H 2018 -67.54 7.82 63.29
CA GLU H 2018 -68.11 8.10 64.60
C GLU H 2018 -69.32 7.22 64.89
N GLU H 2019 -70.40 7.35 64.10
CA GLU H 2019 -71.62 6.64 64.44
C GLU H 2019 -71.54 5.15 64.15
N ASP H 2020 -70.63 4.75 63.25
CA ASP H 2020 -70.42 3.32 63.01
C ASP H 2020 -70.10 2.60 64.31
N CYS H 2021 -69.37 3.24 65.19
CA CYS H 2021 -69.19 2.70 66.53
C CYS H 2021 -70.49 2.78 67.29
N PRO H 2022 -71.06 1.65 67.72
CA PRO H 2022 -72.34 1.71 68.43
C PRO H 2022 -72.24 2.32 69.81
N LEU H 2023 -71.04 2.51 70.31
CA LEU H 2023 -70.87 2.92 71.70
C LEU H 2023 -71.53 4.28 71.92
N PRO H 2024 -72.26 4.46 73.01
CA PRO H 2024 -72.71 5.79 73.39
C PRO H 2024 -71.52 6.70 73.69
N GLU H 2025 -71.78 8.00 73.66
CA GLU H 2025 -70.69 8.96 73.70
C GLU H 2025 -69.97 8.95 75.04
N ASP H 2026 -70.70 8.73 76.13
CA ASP H 2026 -70.06 8.62 77.44
C ASP H 2026 -68.99 7.54 77.44
N ILE H 2027 -69.32 6.37 76.88
CA ILE H 2027 -68.36 5.28 76.88
C ILE H 2027 -67.13 5.64 76.07
N ARG H 2028 -67.31 6.27 74.91
CA ARG H 2028 -66.17 6.71 74.13
C ARG H 2028 -65.32 7.69 74.90
N GLN H 2029 -65.94 8.45 75.80
CA GLN H 2029 -65.19 9.47 76.51
C GLN H 2029 -64.13 8.87 77.42
N ASP H 2030 -64.43 7.74 78.06
CA ASP H 2030 -63.45 7.14 78.96
C ASP H 2030 -62.19 6.78 78.22
N LEU H 2031 -62.33 6.21 77.03
CA LEU H 2031 -61.15 5.85 76.26
C LEU H 2031 -60.41 7.06 75.76
N GLN H 2032 -61.12 8.10 75.32
CA GLN H 2032 -60.43 9.31 74.89
C GLN H 2032 -59.61 9.90 76.03
N ASP H 2033 -60.20 9.97 77.23
CA ASP H 2033 -59.52 10.57 78.36
C ASP H 2033 -58.30 9.76 78.77
N PHE H 2034 -58.46 8.43 78.86
CA PHE H 2034 -57.30 7.61 79.20
C PHE H 2034 -56.22 7.71 78.13
N HIS H 2035 -56.62 7.82 76.87
CA HIS H 2035 -55.63 7.94 75.81
C HIS H 2035 -54.84 9.22 75.97
N GLN H 2036 -55.51 10.31 76.32
CA GLN H 2036 -54.79 11.55 76.56
C GLN H 2036 -53.85 11.43 77.75
N ASP H 2037 -54.29 10.76 78.80
CA ASP H 2037 -53.40 10.54 79.95
C ASP H 2037 -52.18 9.73 79.55
N LEU H 2038 -52.39 8.69 78.74
CA LEU H 2038 -51.28 7.85 78.30
C LEU H 2038 -50.29 8.66 77.48
N LEU H 2039 -50.79 9.50 76.58
CA LEU H 2039 -49.90 10.35 75.81
C LEU H 2039 -49.11 11.29 76.71
N ALA H 2040 -49.78 11.91 77.68
CA ALA H 2040 -49.08 12.83 78.57
C ALA H 2040 -48.02 12.11 79.40
N HIS H 2041 -48.32 10.90 79.84
CA HIS H 2041 -47.33 10.15 80.61
C HIS H 2041 -46.10 9.85 79.77
N CYS H 2042 -46.27 9.59 78.49
CA CYS H 2042 -45.17 9.23 77.60
C CYS H 2042 -44.42 10.44 77.09
N GLY H 2043 -44.81 11.65 77.47
CA GLY H 2043 -44.10 12.84 77.10
C GLY H 2043 -44.65 13.58 75.90
N ILE H 2044 -45.64 13.01 75.22
CA ILE H 2044 -46.20 13.64 74.04
C ILE H 2044 -47.10 14.80 74.42
N PRO H 2091 -35.87 20.26 85.08
CA PRO H 2091 -36.26 19.01 84.45
C PRO H 2091 -37.66 18.57 84.84
N GLN H 2092 -37.90 18.42 86.14
CA GLN H 2092 -39.21 18.11 86.71
C GLN H 2092 -39.77 16.77 86.24
N SER H 2093 -38.97 15.92 85.61
CA SER H 2093 -39.44 14.62 85.16
C SER H 2093 -38.25 13.73 84.89
N LEU H 2094 -38.47 12.42 85.02
CA LEU H 2094 -37.39 11.48 84.77
C LEU H 2094 -36.93 11.54 83.32
N GLN H 2095 -37.88 11.65 82.39
CA GLN H 2095 -37.51 11.73 80.98
C GLN H 2095 -36.65 12.95 80.71
N GLU H 2096 -37.06 14.10 81.22
CA GLU H 2096 -36.27 15.31 81.02
C GLU H 2096 -34.93 15.23 81.71
N LEU H 2097 -34.89 14.67 82.92
CA LEU H 2097 -33.63 14.52 83.62
C LEU H 2097 -32.64 13.70 82.82
N VAL H 2098 -33.06 12.51 82.39
CA VAL H 2098 -32.14 11.64 81.65
C VAL H 2098 -31.76 12.27 80.33
N SER H 2099 -32.73 12.85 79.62
CA SER H 2099 -32.44 13.46 78.33
C SER H 2099 -31.44 14.59 78.47
N HIS H 2100 -31.50 15.35 79.56
CA HIS H 2100 -30.52 16.41 79.75
C HIS H 2100 -29.16 15.87 80.13
N MET H 2101 -29.15 14.93 81.08
CA MET H 2101 -27.90 14.48 81.67
C MET H 2101 -27.07 13.66 80.70
N VAL H 2102 -27.71 12.87 79.83
CA VAL H 2102 -26.97 12.11 78.83
C VAL H 2102 -26.30 13.05 77.83
N VAL H 2103 -27.06 14.02 77.32
CA VAL H 2103 -26.51 14.98 76.39
C VAL H 2103 -25.38 15.76 77.03
N ARG H 2104 -25.56 16.14 78.29
CA ARG H 2104 -24.53 16.91 78.97
C ARG H 2104 -23.25 16.10 79.12
N TRP H 2105 -23.37 14.82 79.47
CA TRP H 2105 -22.18 13.98 79.51
C TRP H 2105 -21.52 13.90 78.16
N ALA H 2106 -22.30 13.72 77.11
CA ALA H 2106 -21.72 13.56 75.79
C ALA H 2106 -21.03 14.82 75.31
N GLN H 2107 -21.56 15.98 75.65
CA GLN H 2107 -21.00 17.23 75.20
C GLN H 2107 -20.09 17.86 76.24
N GLU H 2108 -19.80 17.16 77.32
CA GLU H 2108 -18.77 17.61 78.24
C GLU H 2108 -17.44 16.93 77.96
N ASP H 2109 -17.45 15.73 77.43
CA ASP H 2109 -16.24 14.97 77.21
C ASP H 2109 -16.47 13.96 76.11
N TYR H 2110 -15.37 13.54 75.49
CA TYR H 2110 -15.42 12.53 74.45
C TYR H 2110 -15.36 11.17 75.14
N VAL H 2111 -16.53 10.58 75.36
CA VAL H 2111 -16.62 9.37 76.17
C VAL H 2111 -15.85 8.25 75.50
N GLN H 2112 -14.96 7.61 76.25
CA GLN H 2112 -14.05 6.61 75.72
C GLN H 2112 -14.54 5.19 75.92
N SER H 2113 -15.44 4.95 76.85
CA SER H 2113 -15.88 3.58 77.15
C SER H 2113 -17.05 3.22 76.24
N PRO H 2114 -16.91 2.23 75.37
CA PRO H 2114 -18.02 1.88 74.48
C PRO H 2114 -19.27 1.47 75.23
N GLU H 2115 -19.11 0.77 76.35
CA GLU H 2115 -20.28 0.35 77.13
C GLU H 2115 -21.05 1.55 77.65
N LEU H 2116 -20.33 2.57 78.12
CA LEU H 2116 -21.00 3.78 78.58
C LEU H 2116 -21.77 4.43 77.45
N VAL H 2117 -21.19 4.50 76.26
CA VAL H 2117 -21.87 5.14 75.14
C VAL H 2117 -23.13 4.37 74.79
N ARG H 2118 -23.04 3.05 74.76
CA ARG H 2118 -24.20 2.25 74.44
C ARG H 2118 -25.32 2.45 75.45
N ALA H 2119 -24.98 2.43 76.74
CA ALA H 2119 -26.00 2.60 77.76
C ALA H 2119 -26.61 4.00 77.69
N MET H 2120 -25.75 5.01 77.50
CA MET H 2120 -26.21 6.38 77.40
C MET H 2120 -27.24 6.54 76.30
N PHE H 2121 -26.95 5.99 75.13
CA PHE H 2121 -27.83 6.24 74.01
C PHE H 2121 -29.04 5.34 74.01
N SER H 2122 -28.96 4.15 74.61
CA SER H 2122 -30.18 3.38 74.83
C SER H 2122 -31.12 4.12 75.75
N LEU H 2123 -30.60 4.72 76.82
CA LEU H 2123 -31.45 5.50 77.72
C LEU H 2123 -32.06 6.69 76.99
N LEU H 2124 -31.24 7.41 76.22
CA LEU H 2124 -31.76 8.56 75.50
C LEU H 2124 -32.88 8.17 74.56
N HIS H 2125 -32.69 7.07 73.84
CA HIS H 2125 -33.72 6.56 72.94
C HIS H 2125 -35.00 6.30 73.68
N ARG H 2126 -34.92 5.54 74.78
CA ARG H 2126 -36.13 5.22 75.51
C ARG H 2126 -36.80 6.46 76.09
N GLN H 2127 -36.05 7.51 76.37
CA GLN H 2127 -36.71 8.71 76.84
C GLN H 2127 -37.41 9.44 75.72
N TYR H 2128 -36.81 9.53 74.54
CA TYR H 2128 -37.46 10.25 73.46
C TYR H 2128 -38.65 9.48 72.90
N ASP H 2129 -38.51 8.18 72.73
CA ASP H 2129 -39.56 7.34 72.19
C ASP H 2129 -40.14 6.52 73.34
N GLY H 2130 -41.08 7.10 74.06
CA GLY H 2130 -41.75 6.39 75.12
C GLY H 2130 -42.89 5.56 74.57
N LEU H 2131 -43.72 6.20 73.74
CA LEU H 2131 -44.85 5.51 73.14
C LEU H 2131 -44.43 4.38 72.21
N GLY H 2132 -43.21 4.39 71.73
CA GLY H 2132 -42.76 3.30 70.89
C GLY H 2132 -42.17 2.20 71.73
N GLU H 2133 -41.85 2.51 72.98
CA GLU H 2133 -41.41 1.49 73.92
C GLU H 2133 -42.55 0.73 74.54
N LEU H 2134 -43.66 1.43 74.83
CA LEU H 2134 -44.86 0.76 75.28
C LEU H 2134 -45.38 -0.20 74.23
N LEU H 2135 -45.33 0.20 72.97
CA LEU H 2135 -45.80 -0.61 71.86
C LEU H 2135 -44.98 -1.86 71.65
N ARG H 2136 -43.73 -1.87 72.08
CA ARG H 2136 -42.86 -3.04 71.93
C ARG H 2136 -42.84 -3.91 73.18
N ALA H 2137 -43.54 -3.51 74.21
CA ALA H 2137 -43.71 -4.33 75.40
C ALA H 2137 -45.10 -4.89 75.54
N LEU H 2138 -46.10 -4.22 74.97
CA LEU H 2138 -47.46 -4.75 75.00
C LEU H 2138 -47.60 -6.11 74.33
N PRO H 2139 -46.76 -6.52 73.38
CA PRO H 2139 -46.81 -7.92 72.95
C PRO H 2139 -46.59 -8.90 74.08
N ARG H 2140 -45.84 -8.50 75.10
CA ARG H 2140 -45.47 -9.37 76.21
C ARG H 2140 -46.20 -8.99 77.48
N ALA H 2141 -47.47 -8.61 77.36
CA ALA H 2141 -48.32 -8.30 78.49
C ALA H 2141 -49.57 -9.17 78.41
N TYR H 2142 -49.85 -9.89 79.48
CA TYR H 2142 -50.97 -10.83 79.51
C TYR H 2142 -51.73 -10.66 80.81
N THR H 2143 -53.04 -10.70 80.74
CA THR H 2143 -53.90 -10.50 81.90
C THR H 2143 -54.56 -11.81 82.26
N ILE H 2144 -54.24 -12.35 83.43
CA ILE H 2144 -54.80 -13.60 83.90
C ILE H 2144 -55.80 -13.31 85.00
N SER H 2145 -56.71 -14.23 85.19
CA SER H 2145 -57.68 -14.11 86.26
C SER H 2145 -57.02 -14.33 87.60
N PRO H 2146 -57.58 -13.78 88.67
CA PRO H 2146 -56.94 -13.91 89.99
C PRO H 2146 -56.84 -15.35 90.47
N SER H 2147 -57.66 -16.25 89.95
CA SER H 2147 -57.58 -17.64 90.37
C SER H 2147 -56.36 -18.35 89.79
N SER H 2148 -55.99 -18.05 88.56
CA SER H 2148 -54.86 -18.71 87.93
C SER H 2148 -53.54 -18.24 88.43
N VAL H 2149 -53.46 -17.48 89.52
CA VAL H 2149 -52.18 -16.89 89.92
C VAL H 2149 -51.23 -17.97 90.42
N GLU H 2150 -51.74 -18.94 91.16
CA GLU H 2150 -50.88 -19.96 91.76
C GLU H 2150 -50.20 -20.81 90.69
N ASP H 2151 -50.99 -21.31 89.75
CA ASP H 2151 -50.43 -22.14 88.69
C ASP H 2151 -49.44 -21.37 87.85
N THR H 2152 -49.77 -20.11 87.53
CA THR H 2152 -48.86 -19.29 86.76
C THR H 2152 -47.56 -19.05 87.50
N MET H 2153 -47.64 -18.85 88.82
CA MET H 2153 -46.43 -18.69 89.62
C MET H 2153 -45.54 -19.91 89.55
N SER H 2154 -46.13 -21.10 89.73
CA SER H 2154 -45.33 -22.32 89.63
C SER H 2154 -44.75 -22.49 88.24
N LEU H 2155 -45.54 -22.18 87.21
CA LEU H 2155 -45.06 -22.30 85.84
C LEU H 2155 -43.92 -21.34 85.58
N LEU H 2156 -43.98 -20.15 86.15
CA LEU H 2156 -42.89 -19.20 85.98
C LEU H 2156 -41.63 -19.69 86.67
N GLU H 2157 -41.76 -20.33 87.83
CA GLU H 2157 -40.58 -20.90 88.47
C GLU H 2157 -39.96 -21.99 87.61
N CYS H 2158 -40.79 -22.86 87.03
CA CYS H 2158 -40.25 -23.91 86.15
C CYS H 2158 -39.57 -23.30 84.94
N LEU H 2159 -40.17 -22.26 84.36
CA LEU H 2159 -39.57 -21.59 83.22
C LEU H 2159 -38.24 -20.97 83.60
N GLY H 2160 -38.17 -20.36 84.78
CA GLY H 2160 -36.92 -19.79 85.23
C GLY H 2160 -35.84 -20.84 85.37
N GLN H 2161 -36.19 -22.01 85.88
CA GLN H 2161 -35.22 -23.09 85.94
C GLN H 2161 -34.75 -23.47 84.55
N ILE H 2162 -35.67 -23.57 83.59
CA ILE H 2162 -35.27 -23.97 82.25
C ILE H 2162 -34.33 -22.95 81.63
N ARG H 2163 -34.64 -21.66 81.74
CA ARG H 2163 -33.83 -20.64 81.11
C ARG H 2163 -32.63 -20.23 81.95
N SER H 2164 -32.48 -20.82 83.13
CA SER H 2164 -31.27 -20.63 83.91
C SER H 2164 -30.22 -21.68 83.61
N LEU H 2165 -30.59 -22.76 82.94
CA LEU H 2165 -29.65 -23.80 82.55
C LEU H 2165 -29.20 -23.64 81.11
N LEU H 2166 -29.43 -22.47 80.53
CA LEU H 2166 -28.89 -22.14 79.22
C LEU H 2166 -27.52 -21.50 79.31
N ILE H 2167 -27.10 -21.07 80.49
CA ILE H 2167 -25.75 -20.58 80.72
C ILE H 2167 -24.87 -21.67 81.32
N VAL H 2168 -25.29 -22.92 81.26
CA VAL H 2168 -24.60 -24.04 81.87
C VAL H 2168 -24.43 -25.12 80.82
N GLN H 2169 -23.20 -25.64 80.70
CA GLN H 2169 -22.98 -26.78 79.82
C GLN H 2169 -23.69 -28.00 80.37
N MET H 2170 -24.31 -28.76 79.48
CA MET H 2170 -25.18 -29.85 79.91
C MET H 2170 -24.41 -30.92 80.67
N GLY H 2171 -25.06 -31.49 81.66
CA GLY H 2171 -24.53 -32.61 82.40
C GLY H 2171 -25.67 -33.49 82.86
N PRO H 2172 -25.38 -34.40 83.77
CA PRO H 2172 -26.43 -35.29 84.29
C PRO H 2172 -27.49 -34.55 85.09
N GLN H 2173 -27.05 -33.77 86.08
CA GLN H 2173 -28.00 -33.08 86.94
C GLN H 2173 -28.82 -32.06 86.14
N GLU H 2174 -28.18 -31.37 85.21
CA GLU H 2174 -28.92 -30.42 84.37
C GLU H 2174 -29.95 -31.14 83.51
N GLU H 2175 -29.58 -32.32 83.00
CA GLU H 2175 -30.56 -33.16 82.32
C GLU H 2175 -31.77 -33.41 83.22
N ASN H 2176 -31.51 -33.79 84.46
CA ASN H 2176 -32.62 -34.11 85.34
C ASN H 2176 -33.49 -32.89 85.62
N LEU H 2177 -32.89 -31.72 85.78
CA LEU H 2177 -33.68 -30.52 86.03
C LEU H 2177 -34.51 -30.13 84.81
N MET H 2178 -33.93 -30.21 83.60
CA MET H 2178 -34.73 -30.01 82.40
C MET H 2178 -35.91 -30.96 82.35
N ILE H 2179 -35.67 -32.25 82.60
CA ILE H 2179 -36.75 -33.21 82.47
C ILE H 2179 -37.82 -32.94 83.49
N GLN H 2180 -37.44 -32.67 84.74
CA GLN H 2180 -38.43 -32.37 85.77
C GLN H 2180 -39.23 -31.12 85.41
N SER H 2181 -38.55 -30.05 85.03
CA SER H 2181 -39.23 -28.80 84.75
C SER H 2181 -40.19 -28.95 83.57
N ILE H 2182 -39.72 -29.55 82.49
CA ILE H 2182 -40.53 -29.72 81.29
C ILE H 2182 -41.70 -30.64 81.55
N GLY H 2183 -41.51 -31.68 82.35
CA GLY H 2183 -42.63 -32.54 82.69
C GLY H 2183 -43.60 -31.84 83.61
N ASN H 2184 -43.12 -30.87 84.37
CA ASN H 2184 -43.99 -30.08 85.23
C ASN H 2184 -44.81 -29.05 84.48
N ILE H 2185 -44.22 -28.40 83.48
CA ILE H 2185 -44.98 -27.45 82.67
C ILE H 2185 -46.09 -28.16 81.94
N MET H 2186 -45.80 -29.31 81.36
CA MET H 2186 -46.78 -30.06 80.61
C MET H 2186 -47.91 -30.59 81.48
N ASN H 2187 -47.74 -30.58 82.80
CA ASN H 2187 -48.78 -31.02 83.72
C ASN H 2187 -49.53 -29.86 84.34
N ASN H 2188 -49.33 -28.65 83.84
CA ASN H 2188 -49.93 -27.44 84.37
C ASN H 2188 -51.10 -27.05 83.49
N LYS H 2189 -52.24 -26.78 84.12
CA LYS H 2189 -53.42 -26.43 83.32
C LYS H 2189 -53.25 -25.10 82.61
N VAL H 2190 -52.41 -24.22 83.12
CA VAL H 2190 -52.19 -22.94 82.45
C VAL H 2190 -51.50 -23.16 81.13
N PHE H 2191 -50.64 -24.17 81.03
CA PHE H 2191 -49.96 -24.45 79.77
C PHE H 2191 -50.95 -24.82 78.68
N TYR H 2192 -52.10 -25.37 79.02
CA TYR H 2192 -53.10 -25.71 78.02
C TYR H 2192 -54.05 -24.55 77.81
N GLN H 2193 -54.53 -23.97 78.90
CA GLN H 2193 -55.59 -22.97 78.82
C GLN H 2193 -55.12 -21.70 78.16
N HIS H 2194 -53.85 -21.36 78.27
CA HIS H 2194 -53.34 -20.06 77.84
C HIS H 2194 -52.19 -20.27 76.87
N PRO H 2195 -52.49 -20.75 75.67
CA PRO H 2195 -51.42 -20.95 74.69
C PRO H 2195 -50.72 -19.67 74.30
N ASN H 2196 -51.44 -18.56 74.24
CA ASN H 2196 -50.85 -17.30 73.85
C ASN H 2196 -49.84 -16.79 74.85
N LEU H 2197 -50.07 -17.01 76.14
CA LEU H 2197 -49.06 -16.68 77.13
C LEU H 2197 -47.79 -17.45 76.91
N MET H 2198 -47.91 -18.71 76.51
CA MET H 2198 -46.76 -19.58 76.39
C MET H 2198 -45.89 -19.19 75.20
N ARG H 2199 -46.53 -18.80 74.11
CA ARG H 2199 -45.83 -18.24 72.97
C ARG H 2199 -45.37 -16.81 73.20
N ALA H 2200 -45.97 -16.12 74.16
CA ALA H 2200 -45.52 -14.78 74.51
C ALA H 2200 -44.30 -14.82 75.40
N LEU H 2201 -44.26 -15.74 76.35
CA LEU H 2201 -43.07 -15.98 77.15
C LEU H 2201 -41.95 -16.59 76.33
N GLY H 2202 -42.27 -17.14 75.17
CA GLY H 2202 -41.28 -17.77 74.32
C GLY H 2202 -40.68 -19.02 74.91
N MET H 2203 -41.50 -19.94 75.45
CA MET H 2203 -40.89 -21.15 75.95
C MET H 2203 -40.36 -22.00 74.81
N HIS H 2204 -41.10 -22.08 73.71
CA HIS H 2204 -40.68 -22.94 72.62
C HIS H 2204 -39.28 -22.58 72.16
N GLU H 2205 -38.98 -21.29 72.09
CA GLU H 2205 -37.65 -20.87 71.68
C GLU H 2205 -36.59 -21.27 72.69
N THR H 2206 -36.89 -21.20 73.98
CA THR H 2206 -35.94 -21.62 74.99
C THR H 2206 -35.67 -23.13 74.89
N VAL H 2207 -36.73 -23.91 74.72
CA VAL H 2207 -36.59 -25.35 74.59
C VAL H 2207 -35.78 -25.69 73.35
N MET H 2208 -36.02 -24.99 72.24
CA MET H 2208 -35.20 -25.25 71.08
C MET H 2208 -33.76 -24.83 71.30
N GLU H 2209 -33.53 -23.78 72.08
CA GLU H 2209 -32.15 -23.42 72.38
C GLU H 2209 -31.42 -24.55 73.09
N VAL H 2210 -32.06 -25.14 74.10
CA VAL H 2210 -31.38 -26.22 74.82
C VAL H 2210 -31.23 -27.45 73.92
N MET H 2211 -32.22 -27.71 73.07
CA MET H 2211 -32.12 -28.84 72.15
C MET H 2211 -31.00 -28.62 71.13
N VAL H 2212 -30.86 -27.38 70.67
CA VAL H 2212 -29.74 -27.02 69.81
C VAL H 2212 -28.43 -27.32 70.51
N ASN H 2213 -28.30 -26.87 71.75
CA ASN H 2213 -27.03 -27.03 72.45
C ASN H 2213 -26.68 -28.50 72.64
N VAL H 2214 -27.67 -29.32 72.98
CA VAL H 2214 -27.36 -30.74 73.17
C VAL H 2214 -27.09 -31.43 71.84
N LEU H 2215 -27.89 -31.14 70.81
CA LEU H 2215 -27.67 -31.79 69.51
C LEU H 2215 -26.37 -31.32 68.87
N GLY H 2216 -26.17 -30.00 68.83
CA GLY H 2216 -24.99 -29.44 68.20
C GLY H 2216 -23.70 -29.73 68.95
N ILE H 2223 -25.40 -38.42 69.27
CA ILE H 2223 -25.60 -37.30 70.17
C ILE H 2223 -25.48 -37.76 71.62
N ARG H 2224 -24.96 -36.90 72.47
CA ARG H 2224 -24.99 -37.17 73.89
C ARG H 2224 -26.33 -36.73 74.47
N PHE H 2225 -26.63 -37.27 75.65
CA PHE H 2225 -27.81 -36.87 76.41
C PHE H 2225 -29.10 -37.10 75.64
N PRO H 2226 -29.40 -38.34 75.23
CA PRO H 2226 -30.61 -38.56 74.45
C PRO H 2226 -31.88 -38.33 75.24
N LYS H 2227 -31.84 -38.46 76.56
CA LYS H 2227 -33.05 -38.29 77.35
C LYS H 2227 -33.58 -36.87 77.24
N MET H 2228 -32.69 -35.88 77.28
CA MET H 2228 -33.14 -34.50 77.22
C MET H 2228 -33.71 -34.19 75.84
N VAL H 2229 -33.12 -34.76 74.78
CA VAL H 2229 -33.66 -34.56 73.45
C VAL H 2229 -35.04 -35.18 73.34
N THR H 2230 -35.21 -36.39 73.87
CA THR H 2230 -36.52 -37.02 73.85
C THR H 2230 -37.56 -36.23 74.62
N SER H 2231 -37.20 -35.62 75.74
CA SER H 2231 -38.13 -34.78 76.48
C SER H 2231 -38.45 -33.49 75.77
N CYS H 2232 -37.44 -32.81 75.21
CA CYS H 2232 -37.69 -31.58 74.48
C CYS H 2232 -38.58 -31.83 73.28
N CYS H 2233 -38.34 -32.91 72.55
CA CYS H 2233 -39.12 -33.18 71.36
C CYS H 2233 -40.51 -33.71 71.67
N ARG H 2234 -40.75 -34.20 72.88
CA ARG H 2234 -42.11 -34.43 73.34
C ARG H 2234 -42.81 -33.13 73.70
N PHE H 2235 -42.11 -32.25 74.40
CA PHE H 2235 -42.68 -30.97 74.77
C PHE H 2235 -43.08 -30.17 73.54
N LEU H 2236 -42.21 -30.15 72.53
CA LEU H 2236 -42.49 -29.36 71.35
C LEU H 2236 -43.59 -29.98 70.50
N CYS H 2237 -43.62 -31.30 70.40
CA CYS H 2237 -44.73 -31.94 69.71
C CYS H 2237 -46.04 -31.76 70.44
N TYR H 2238 -46.02 -31.44 71.72
CA TYR H 2238 -47.25 -31.11 72.44
C TYR H 2238 -47.65 -29.65 72.30
N PHE H 2239 -46.68 -28.75 72.44
CA PHE H 2239 -46.80 -27.34 72.09
C PHE H 2239 -47.57 -27.19 70.79
N CYS H 2240 -47.15 -27.93 69.76
CA CYS H 2240 -47.75 -27.79 68.45
C CYS H 2240 -49.18 -28.32 68.40
N ARG H 2241 -49.51 -29.32 69.21
CA ARG H 2241 -50.88 -29.80 69.21
C ARG H 2241 -51.80 -28.96 70.06
N ILE H 2242 -51.26 -28.06 70.89
CA ILE H 2242 -52.15 -27.26 71.72
C ILE H 2242 -53.06 -26.38 70.88
N SER H 2243 -52.50 -25.63 69.94
CA SER H 2243 -53.33 -24.69 69.20
C SER H 2243 -52.68 -24.36 67.86
N ARG H 2244 -53.51 -23.87 66.95
CA ARG H 2244 -53.11 -23.69 65.56
C ARG H 2244 -52.02 -22.64 65.39
N GLN H 2245 -51.95 -21.66 66.28
CA GLN H 2245 -50.88 -20.67 66.20
C GLN H 2245 -49.57 -21.21 66.70
N ASN H 2246 -49.60 -22.18 67.61
CA ASN H 2246 -48.36 -22.79 68.07
C ASN H 2246 -47.66 -23.54 66.95
N GLN H 2247 -48.43 -24.23 66.10
CA GLN H 2247 -47.83 -24.85 64.92
C GLN H 2247 -47.13 -23.82 64.07
N ARG H 2248 -47.82 -22.72 63.76
CA ARG H 2248 -47.24 -21.70 62.92
C ARG H 2248 -46.00 -21.10 63.53
N SER H 2249 -45.98 -20.91 64.84
CA SER H 2249 -44.77 -20.43 65.51
C SER H 2249 -43.64 -21.43 65.38
N MET H 2250 -43.92 -22.72 65.53
CA MET H 2250 -42.89 -23.73 65.39
C MET H 2250 -42.56 -24.04 63.94
N PHE H 2251 -43.48 -23.78 63.02
CA PHE H 2251 -43.23 -24.05 61.62
C PHE H 2251 -42.07 -23.25 61.07
N ASP H 2252 -41.82 -22.07 61.62
CA ASP H 2252 -40.71 -21.25 61.16
C ASP H 2252 -39.37 -21.84 61.52
N HIS H 2253 -39.34 -22.86 62.37
CA HIS H 2253 -38.12 -23.54 62.72
C HIS H 2253 -37.91 -24.81 61.91
N LEU H 2254 -38.75 -25.07 60.92
CA LEU H 2254 -38.68 -26.33 60.18
C LEU H 2254 -37.33 -26.53 59.55
N SER H 2255 -36.71 -25.46 59.05
CA SER H 2255 -35.39 -25.59 58.44
C SER H 2255 -34.39 -26.14 59.44
N TYR H 2256 -34.40 -25.61 60.66
CA TYR H 2256 -33.51 -26.14 61.68
C TYR H 2256 -33.78 -27.63 61.94
N LEU H 2257 -35.02 -27.95 62.33
CA LEU H 2257 -35.35 -29.32 62.71
C LEU H 2257 -34.99 -30.29 61.59
N LEU H 2258 -35.11 -29.84 60.34
CA LEU H 2258 -34.72 -30.69 59.23
C LEU H 2258 -33.22 -30.77 59.07
N GLU H 2259 -32.48 -29.75 59.51
CA GLU H 2259 -31.03 -29.85 59.52
C GLU H 2259 -30.57 -30.97 60.45
N ASN H 2260 -31.14 -31.02 61.64
CA ASN H 2260 -30.71 -32.02 62.61
C ASN H 2260 -31.55 -33.29 62.59
N SER H 2261 -32.48 -33.43 61.67
CA SER H 2261 -33.23 -34.66 61.56
C SER H 2261 -32.35 -35.76 61.00
N GLN H 2268 -35.40 -42.24 71.98
CA GLN H 2268 -36.14 -43.39 71.52
C GLN H 2268 -36.78 -43.03 70.19
N GLY H 2269 -38.08 -43.24 70.05
CA GLY H 2269 -38.74 -42.86 68.81
C GLY H 2269 -38.78 -41.35 68.61
N SER H 2270 -39.11 -40.61 69.66
CA SER H 2270 -39.35 -39.18 69.53
C SER H 2270 -38.04 -38.42 69.32
N THR H 2271 -37.94 -37.70 68.21
CA THR H 2271 -36.68 -37.15 67.73
C THR H 2271 -36.99 -35.87 66.97
N PRO H 2272 -35.99 -35.00 66.75
CA PRO H 2272 -36.28 -33.69 66.17
C PRO H 2272 -36.90 -33.74 64.78
N LEU H 2273 -37.17 -34.93 64.27
CA LEU H 2273 -37.97 -35.03 63.04
C LEU H 2273 -39.46 -35.06 63.32
N ASP H 2274 -39.90 -35.71 64.38
CA ASP H 2274 -41.33 -35.75 64.66
C ASP H 2274 -41.84 -34.39 65.11
N VAL H 2275 -40.96 -33.53 65.62
CA VAL H 2275 -41.33 -32.13 65.83
C VAL H 2275 -41.61 -31.47 64.50
N ALA H 2276 -40.75 -31.71 63.52
CA ALA H 2276 -40.96 -31.16 62.19
C ALA H 2276 -42.22 -31.69 61.56
N ALA H 2277 -42.53 -32.96 61.77
CA ALA H 2277 -43.76 -33.53 61.25
C ALA H 2277 -44.97 -33.20 62.11
N ALA H 2278 -44.75 -32.54 63.26
CA ALA H 2278 -45.84 -32.04 64.07
C ALA H 2278 -46.22 -30.63 63.72
N SER H 2279 -45.29 -29.85 63.18
CA SER H 2279 -45.59 -28.50 62.75
C SER H 2279 -46.60 -28.49 61.62
N VAL H 2280 -46.45 -29.41 60.67
CA VAL H 2280 -47.14 -29.33 59.38
C VAL H 2280 -48.36 -30.24 59.31
N ILE H 2281 -48.57 -31.11 60.30
CA ILE H 2281 -49.61 -32.11 60.20
C ILE H 2281 -50.98 -31.44 60.24
N ASP H 2282 -51.81 -31.77 59.25
CA ASP H 2282 -53.22 -31.40 59.19
C ASP H 2282 -53.45 -29.90 59.14
N ASN H 2283 -52.44 -29.11 58.81
CA ASN H 2283 -52.64 -27.69 58.55
C ASN H 2283 -52.27 -27.43 57.09
N ASN H 2284 -53.25 -27.63 56.21
CA ASN H 2284 -53.06 -27.44 54.79
C ASN H 2284 -52.54 -26.04 54.51
N GLU H 2285 -52.88 -25.07 55.35
CA GLU H 2285 -52.28 -23.75 55.20
C GLU H 2285 -50.81 -23.79 55.56
N LEU H 2286 -50.43 -24.64 56.52
CA LEU H 2286 -49.02 -24.78 56.85
C LEU H 2286 -48.30 -25.71 55.88
N ALA H 2287 -48.98 -26.74 55.39
CA ALA H 2287 -48.36 -27.53 54.33
C ALA H 2287 -48.02 -26.66 53.15
N LEU H 2288 -48.95 -25.81 52.73
CA LEU H 2288 -48.70 -24.96 51.58
C LEU H 2288 -47.88 -23.75 52.01
N ALA H 2289 -46.83 -24.00 52.77
CA ALA H 2289 -45.80 -23.02 53.02
C ALA H 2289 -44.43 -23.67 53.05
N LEU H 2290 -44.34 -24.96 52.79
CA LEU H 2290 -43.05 -25.59 52.66
C LEU H 2290 -42.27 -24.94 51.54
N GLN H 2291 -40.97 -24.74 51.76
CA GLN H 2291 -40.08 -24.35 50.69
C GLN H 2291 -39.47 -25.61 50.10
N GLU H 2292 -39.66 -25.78 48.79
CA GLU H 2292 -39.28 -27.00 48.08
C GLU H 2292 -37.92 -27.52 48.51
N GLN H 2293 -36.99 -26.61 48.80
CA GLN H 2293 -35.67 -27.04 49.24
C GLN H 2293 -35.73 -27.77 50.58
N ASP H 2294 -36.69 -27.42 51.44
CA ASP H 2294 -36.80 -28.12 52.72
C ASP H 2294 -37.42 -29.49 52.54
N LEU H 2295 -38.35 -29.65 51.60
CA LEU H 2295 -38.71 -30.99 51.15
C LEU H 2295 -37.53 -31.70 50.50
N GLU H 2296 -36.61 -30.95 49.92
CA GLU H 2296 -35.50 -31.56 49.20
C GLU H 2296 -34.49 -32.17 50.15
N LYS H 2297 -34.14 -31.44 51.20
CA LYS H 2297 -33.11 -31.93 52.12
C LYS H 2297 -33.53 -33.24 52.76
N VAL H 2298 -34.82 -33.41 53.01
CA VAL H 2298 -35.31 -34.69 53.52
C VAL H 2298 -35.01 -35.79 52.52
N VAL H 2299 -35.23 -35.51 51.24
CA VAL H 2299 -34.92 -36.52 50.24
C VAL H 2299 -33.42 -36.79 50.19
N SER H 2300 -32.62 -35.76 50.43
CA SER H 2300 -31.17 -35.97 50.49
C SER H 2300 -30.81 -36.93 51.62
N TYR H 2301 -31.44 -36.76 52.77
CA TYR H 2301 -31.21 -37.69 53.87
C TYR H 2301 -31.67 -39.09 53.50
N LEU H 2302 -32.81 -39.20 52.81
CA LEU H 2302 -33.26 -40.50 52.36
C LEU H 2302 -32.25 -41.15 51.45
N ALA H 2303 -31.65 -40.38 50.55
CA ALA H 2303 -30.60 -40.91 49.69
C ALA H 2303 -29.41 -41.38 50.50
N GLY H 2304 -28.95 -40.56 51.44
CA GLY H 2304 -27.89 -41.00 52.33
C GLY H 2304 -28.24 -42.19 53.18
N CYS H 2305 -29.51 -42.54 53.27
CA CYS H 2305 -29.96 -43.69 54.02
C CYS H 2305 -30.20 -44.92 53.16
N GLY H 2306 -30.38 -44.76 51.87
CA GLY H 2306 -30.56 -45.89 50.99
C GLY H 2306 -29.31 -46.39 50.28
N LEU H 2307 -28.14 -45.85 50.58
CA LEU H 2307 -26.89 -46.28 49.97
C LEU H 2307 -25.91 -46.84 50.99
N GLN H 2308 -25.79 -46.22 52.15
CA GLN H 2308 -25.01 -46.79 53.23
C GLN H 2308 -25.96 -47.26 54.33
N SER H 2309 -25.39 -47.81 55.41
CA SER H 2309 -26.18 -48.33 56.51
C SER H 2309 -25.70 -47.68 57.81
N CYS H 2310 -26.53 -47.79 58.84
CA CYS H 2310 -26.23 -47.16 60.11
C CYS H 2310 -24.91 -47.69 60.67
N PRO H 2311 -23.98 -46.82 61.04
CA PRO H 2311 -22.83 -47.30 61.82
C PRO H 2311 -23.25 -47.81 63.19
N MET H 2312 -24.43 -47.41 63.65
CA MET H 2312 -24.94 -47.90 64.92
C MET H 2312 -25.08 -49.43 64.89
N LEU H 2313 -25.76 -49.96 63.88
CA LEU H 2313 -25.91 -51.41 63.79
C LEU H 2313 -24.60 -52.09 63.45
N LEU H 2314 -23.73 -51.42 62.70
CA LEU H 2314 -22.36 -51.89 62.53
C LEU H 2314 -21.70 -52.13 63.89
N ALA H 2315 -21.92 -51.22 64.83
CA ALA H 2315 -21.42 -51.41 66.19
C ALA H 2315 -22.23 -52.44 66.96
N LYS H 2316 -23.44 -52.75 66.51
CA LYS H 2316 -24.22 -53.82 67.08
C LYS H 2316 -23.99 -55.16 66.39
N GLY H 2317 -23.07 -55.23 65.45
CA GLY H 2317 -22.71 -56.50 64.80
C GLY H 2317 -23.80 -57.10 63.95
N TYR H 2318 -24.49 -56.30 63.17
CA TYR H 2318 -25.64 -56.71 62.38
C TYR H 2318 -25.21 -57.09 60.98
N PRO H 2319 -26.10 -57.72 60.20
CA PRO H 2319 -25.71 -58.13 58.84
C PRO H 2319 -25.18 -57.00 57.96
N ASP H 2320 -25.79 -55.81 58.03
CA ASP H 2320 -25.31 -54.63 57.29
C ASP H 2320 -25.24 -54.93 55.79
N ILE H 2321 -26.41 -55.08 55.19
CA ILE H 2321 -26.42 -55.57 53.82
C ILE H 2321 -25.92 -54.52 52.83
N GLY H 2322 -26.72 -53.48 52.57
CA GLY H 2322 -26.25 -52.41 51.73
C GLY H 2322 -26.80 -51.05 52.10
N TRP H 2323 -27.73 -51.02 53.04
CA TRP H 2323 -28.53 -49.84 53.32
C TRP H 2323 -29.36 -50.08 54.56
N ASN H 2324 -29.44 -49.09 55.44
CA ASN H 2324 -30.33 -49.18 56.59
C ASN H 2324 -31.70 -48.68 56.18
N PRO H 2325 -32.77 -49.45 56.41
CA PRO H 2325 -34.12 -48.90 56.28
C PRO H 2325 -34.63 -48.18 57.52
N CYS H 2326 -33.87 -48.20 58.62
CA CYS H 2326 -34.33 -47.56 59.85
C CYS H 2326 -34.51 -46.06 59.68
N GLY H 2327 -33.53 -45.38 59.07
CA GLY H 2327 -33.69 -43.97 58.78
C GLY H 2327 -34.59 -43.70 57.60
N GLY H 2328 -34.60 -44.61 56.62
CA GLY H 2328 -35.49 -44.44 55.49
C GLY H 2328 -36.96 -44.43 55.90
N GLU H 2329 -37.35 -45.35 56.78
CA GLU H 2329 -38.72 -45.37 57.24
C GLU H 2329 -39.09 -44.07 57.93
N ARG H 2330 -38.23 -43.59 58.83
CA ARG H 2330 -38.48 -42.32 59.47
C ARG H 2330 -38.68 -41.21 58.45
N TYR H 2331 -37.75 -41.08 57.52
CA TYR H 2331 -37.85 -39.95 56.61
C TYR H 2331 -38.95 -40.10 55.59
N LEU H 2332 -39.54 -41.28 55.44
CA LEU H 2332 -40.75 -41.42 54.66
C LEU H 2332 -42.00 -41.18 55.47
N ASP H 2333 -41.85 -40.87 56.76
CA ASP H 2333 -43.00 -40.52 57.59
C ASP H 2333 -43.27 -39.02 57.61
N PHE H 2334 -42.22 -38.21 57.73
CA PHE H 2334 -42.39 -36.78 57.58
C PHE H 2334 -42.90 -36.44 56.20
N LEU H 2335 -42.33 -37.08 55.19
CA LEU H 2335 -42.80 -36.84 53.83
C LEU H 2335 -44.21 -37.32 53.60
N ARG H 2336 -44.78 -38.11 54.50
CA ARG H 2336 -46.16 -38.51 54.39
C ARG H 2336 -47.11 -37.50 55.01
N PHE H 2337 -46.64 -36.72 55.99
CA PHE H 2337 -47.43 -35.69 56.61
C PHE H 2337 -47.35 -34.36 55.88
N ALA H 2338 -46.53 -34.28 54.84
CA ALA H 2338 -46.38 -33.06 54.06
C ALA H 2338 -46.94 -33.19 52.65
N VAL H 2339 -47.70 -34.24 52.37
CA VAL H 2339 -48.20 -34.47 51.02
C VAL H 2339 -49.70 -34.67 51.05
N PHE H 2340 -50.22 -35.07 52.20
CA PHE H 2340 -51.60 -35.52 52.33
C PHE H 2340 -52.12 -35.05 53.68
N VAL H 2341 -52.96 -34.03 53.67
CA VAL H 2341 -53.49 -33.45 54.89
C VAL H 2341 -55.01 -33.42 54.82
N ASN H 2342 -55.65 -33.81 55.91
CA ASN H 2342 -57.10 -33.75 56.05
C ASN H 2342 -57.82 -34.58 54.99
N GLY H 2343 -57.18 -35.65 54.52
CA GLY H 2343 -57.82 -36.57 53.61
C GLY H 2343 -57.77 -36.19 52.15
N GLU H 2344 -57.25 -35.03 51.80
CA GLU H 2344 -57.07 -34.62 50.42
C GLU H 2344 -55.58 -34.49 50.13
N SER H 2345 -55.22 -34.63 48.86
CA SER H 2345 -53.84 -34.57 48.43
C SER H 2345 -53.42 -33.11 48.28
N VAL H 2346 -52.25 -32.78 48.83
CA VAL H 2346 -51.67 -31.46 48.62
C VAL H 2346 -50.92 -31.50 47.30
N GLU H 2347 -51.62 -31.11 46.22
CA GLU H 2347 -51.07 -31.22 44.88
C GLU H 2347 -49.69 -30.59 44.77
N GLU H 2348 -49.57 -29.38 45.31
CA GLU H 2348 -48.34 -28.62 45.19
C GLU H 2348 -47.18 -29.36 45.83
N ASN H 2349 -47.36 -29.80 47.07
CA ASN H 2349 -46.33 -30.62 47.69
C ASN H 2349 -46.35 -32.04 47.17
N ALA H 2350 -47.42 -32.47 46.51
CA ALA H 2350 -47.45 -33.81 45.94
C ALA H 2350 -46.43 -33.95 44.83
N ASN H 2351 -46.45 -33.02 43.88
CA ASN H 2351 -45.60 -33.16 42.70
C ASN H 2351 -44.12 -33.02 43.05
N VAL H 2352 -43.80 -32.13 43.98
CA VAL H 2352 -42.39 -31.79 44.23
C VAL H 2352 -41.64 -33.00 44.76
N VAL H 2353 -42.25 -33.72 45.69
CA VAL H 2353 -41.56 -34.88 46.24
C VAL H 2353 -41.38 -35.95 45.18
N VAL H 2354 -42.34 -36.11 44.28
CA VAL H 2354 -42.19 -37.08 43.19
C VAL H 2354 -41.00 -36.72 42.33
N ARG H 2355 -40.93 -35.45 41.93
CA ARG H 2355 -39.80 -35.01 41.10
C ARG H 2355 -38.48 -35.24 41.81
N LEU H 2356 -38.39 -34.83 43.08
CA LEU H 2356 -37.14 -34.98 43.80
C LEU H 2356 -36.79 -36.43 44.04
N LEU H 2357 -37.79 -37.30 44.08
CA LEU H 2357 -37.49 -38.72 44.23
C LEU H 2357 -36.94 -39.31 42.94
N ILE H 2358 -37.53 -38.96 41.80
CA ILE H 2358 -37.06 -39.60 40.57
C ILE H 2358 -35.75 -38.98 40.10
N ARG H 2359 -35.53 -37.69 40.36
CA ARG H 2359 -34.24 -37.09 40.03
C ARG H 2359 -33.11 -37.76 40.78
N LYS H 2360 -33.43 -38.37 41.92
CA LYS H 2360 -32.47 -39.15 42.69
C LYS H 2360 -33.02 -40.55 42.88
N PRO H 2361 -32.96 -41.40 41.87
CA PRO H 2361 -33.64 -42.71 41.93
C PRO H 2361 -33.04 -43.72 42.87
N GLU H 2362 -32.04 -43.35 43.67
CA GLU H 2362 -31.53 -44.26 44.68
C GLU H 2362 -32.39 -44.28 45.92
N CYS H 2363 -33.25 -43.29 46.10
CA CYS H 2363 -34.07 -43.17 47.30
C CYS H 2363 -35.17 -44.22 47.31
N PHE H 2364 -35.35 -44.93 46.20
CA PHE H 2364 -36.39 -45.93 46.09
C PHE H 2364 -35.97 -47.29 46.64
N GLY H 2365 -34.73 -47.42 47.11
CA GLY H 2365 -34.28 -48.65 47.72
C GLY H 2365 -33.55 -49.57 46.75
N PRO H 2366 -33.17 -50.75 47.23
CA PRO H 2366 -32.50 -51.72 46.35
C PRO H 2366 -33.38 -52.21 45.23
N ALA H 2367 -34.60 -52.60 45.54
CA ALA H 2367 -35.56 -52.81 44.47
C ALA H 2367 -35.90 -51.48 43.85
N LEU H 2368 -36.57 -51.52 42.71
CA LEU H 2368 -36.92 -50.34 41.93
C LEU H 2368 -35.70 -49.53 41.51
N ARG H 2369 -34.50 -50.08 41.69
CA ARG H 2369 -33.30 -49.41 41.21
C ARG H 2369 -33.18 -49.43 39.70
N GLY H 2370 -33.99 -50.20 38.99
CA GLY H 2370 -33.93 -50.16 37.54
C GLY H 2370 -32.92 -51.14 36.99
N GLU H 2371 -31.71 -50.67 36.73
CA GLU H 2371 -30.61 -51.57 36.41
C GLU H 2371 -30.33 -52.50 37.58
N GLY H 2372 -30.09 -53.76 37.26
CA GLY H 2372 -29.88 -54.76 38.30
C GLY H 2372 -31.02 -54.82 39.28
N GLY H 2373 -32.23 -54.52 38.81
CA GLY H 2373 -33.34 -54.36 39.72
C GLY H 2373 -33.85 -55.67 40.27
N SER H 2374 -34.72 -55.53 41.26
CA SER H 2374 -35.45 -56.66 41.82
C SER H 2374 -36.90 -56.26 41.89
N GLY H 2375 -37.79 -57.19 41.55
CA GLY H 2375 -39.20 -56.91 41.64
C GLY H 2375 -39.57 -56.52 43.05
N LEU H 2376 -40.42 -55.50 43.20
CA LEU H 2376 -40.92 -55.14 44.52
C LEU H 2376 -41.47 -56.36 45.23
N LEU H 2377 -42.22 -57.18 44.49
CA LEU H 2377 -42.68 -58.46 45.00
C LEU H 2377 -41.51 -59.33 45.42
N ALA H 2378 -40.49 -59.42 44.57
CA ALA H 2378 -39.35 -60.25 44.88
C ALA H 2378 -38.62 -59.75 46.11
N ALA H 2379 -38.47 -58.43 46.24
CA ALA H 2379 -37.79 -57.88 47.41
C ALA H 2379 -38.57 -58.18 48.68
N ILE H 2380 -39.89 -58.06 48.62
CA ILE H 2380 -40.70 -58.40 49.79
C ILE H 2380 -40.59 -59.88 50.12
N GLU H 2381 -40.55 -60.73 49.10
CA GLU H 2381 -40.39 -62.16 49.35
C GLU H 2381 -39.05 -62.44 50.01
N GLU H 2382 -37.99 -61.78 49.54
CA GLU H 2382 -36.69 -61.91 50.17
C GLU H 2382 -36.74 -61.48 51.63
N ALA H 2383 -37.44 -60.39 51.93
CA ALA H 2383 -37.55 -59.97 53.32
C ALA H 2383 -38.39 -60.93 54.14
N ILE H 2384 -39.34 -61.62 53.51
CA ILE H 2384 -40.02 -62.72 54.19
C ILE H 2384 -39.03 -63.79 54.60
N ARG H 2385 -38.19 -64.23 53.67
CA ARG H 2385 -37.28 -65.32 53.96
C ARG H 2385 -36.17 -64.88 54.91
N ILE H 2386 -35.85 -63.60 54.94
CA ILE H 2386 -34.85 -63.10 55.88
C ILE H 2386 -35.45 -62.97 57.28
N SER H 2387 -36.77 -62.99 57.39
CA SER H 2387 -37.41 -62.75 58.67
C SER H 2387 -37.14 -63.88 59.66
N GLU H 2388 -36.92 -65.10 59.17
CA GLU H 2388 -36.82 -66.25 60.06
C GLU H 2388 -35.37 -66.60 60.38
N ASP H 2389 -34.51 -66.60 59.38
CA ASP H 2389 -33.14 -67.06 59.57
C ASP H 2389 -32.43 -66.12 60.54
N PRO H 2390 -31.90 -66.63 61.65
CA PRO H 2390 -31.28 -65.74 62.63
C PRO H 2390 -30.01 -65.08 62.13
N ALA H 2391 -29.29 -65.74 61.23
CA ALA H 2391 -28.00 -65.21 60.80
C ALA H 2391 -28.16 -63.91 60.02
N ARG H 2392 -29.24 -63.77 59.25
CA ARG H 2392 -29.42 -62.63 58.39
C ARG H 2392 -30.44 -61.63 58.94
N ASP H 2393 -30.85 -61.80 60.19
CA ASP H 2393 -31.73 -60.83 60.84
C ASP H 2393 -31.00 -59.96 61.85
N GLY H 2394 -29.97 -60.48 62.51
CA GLY H 2394 -29.12 -59.65 63.33
C GLY H 2394 -29.02 -60.12 64.76
N PRO H 2395 -27.80 -60.49 65.18
CA PRO H 2395 -27.52 -60.82 66.58
C PRO H 2395 -27.24 -59.58 67.41
N ASN H 2414 -32.44 -56.68 73.41
CA ASN H 2414 -32.60 -56.38 71.98
C ASN H 2414 -33.83 -55.51 71.74
N ARG H 2415 -33.72 -54.61 70.76
CA ARG H 2415 -34.80 -53.70 70.41
C ARG H 2415 -35.03 -53.56 68.92
N VAL H 2416 -34.10 -54.04 68.07
CA VAL H 2416 -34.16 -53.79 66.64
C VAL H 2416 -33.93 -55.09 65.88
N HIS H 2417 -34.81 -55.36 64.91
CA HIS H 2417 -34.70 -56.51 64.01
C HIS H 2417 -34.83 -56.00 62.59
N LEU H 2418 -34.43 -56.82 61.63
CA LEU H 2418 -34.42 -56.41 60.23
C LEU H 2418 -35.52 -57.00 59.38
N GLY H 2419 -35.94 -58.23 59.65
CA GLY H 2419 -36.95 -58.85 58.81
C GLY H 2419 -38.17 -57.98 58.64
N HIS H 2420 -38.51 -57.22 59.69
CA HIS H 2420 -39.55 -56.22 59.60
C HIS H 2420 -39.05 -54.90 59.06
N ALA H 2421 -37.75 -54.62 59.15
CA ALA H 2421 -37.25 -53.29 58.82
C ALA H 2421 -37.40 -52.99 57.34
N ILE H 2422 -36.92 -53.89 56.48
CA ILE H 2422 -37.02 -53.67 55.04
C ILE H 2422 -38.49 -53.57 54.64
N MET H 2423 -39.32 -54.39 55.27
CA MET H 2423 -40.74 -54.36 54.98
C MET H 2423 -41.34 -53.02 55.36
N SER H 2424 -40.96 -52.48 56.51
CA SER H 2424 -41.44 -51.16 56.89
C SER H 2424 -41.03 -50.13 55.87
N PHE H 2425 -39.76 -50.18 55.44
CA PHE H 2425 -39.27 -49.19 54.50
C PHE H 2425 -40.07 -49.22 53.22
N TYR H 2426 -40.30 -50.41 52.68
CA TYR H 2426 -41.01 -50.48 51.41
C TYR H 2426 -42.49 -50.19 51.58
N ALA H 2427 -43.09 -50.59 52.70
CA ALA H 2427 -44.49 -50.25 52.95
C ALA H 2427 -44.67 -48.75 53.05
N ALA H 2428 -43.76 -48.08 53.75
CA ALA H 2428 -43.82 -46.62 53.87
C ALA H 2428 -43.67 -45.95 52.52
N LEU H 2429 -42.71 -46.43 51.71
CA LEU H 2429 -42.53 -45.85 50.39
C LEU H 2429 -43.77 -46.02 49.55
N ILE H 2430 -44.39 -47.19 49.59
CA ILE H 2430 -45.59 -47.41 48.79
C ILE H 2430 -46.73 -46.54 49.28
N ASP H 2431 -46.89 -46.40 50.60
CA ASP H 2431 -47.92 -45.51 51.12
C ASP H 2431 -47.70 -44.09 50.62
N LEU H 2432 -46.49 -43.57 50.82
CA LEU H 2432 -46.20 -42.20 50.45
C LEU H 2432 -46.42 -41.96 48.97
N LEU H 2433 -45.98 -42.91 48.13
CA LEU H 2433 -46.21 -42.77 46.70
C LEU H 2433 -47.69 -42.82 46.36
N GLY H 2434 -48.48 -43.56 47.15
CA GLY H 2434 -49.91 -43.51 46.98
C GLY H 2434 -50.50 -42.18 47.37
N ARG H 2435 -49.94 -41.53 48.38
CA ARG H 2435 -50.46 -40.24 48.82
C ARG H 2435 -50.34 -39.19 47.72
N CYS H 2436 -49.20 -39.14 47.05
CA CYS H 2436 -48.98 -38.12 46.04
C CYS H 2436 -49.88 -38.29 44.84
N ALA H 2437 -50.54 -39.44 44.71
CA ALA H 2437 -51.41 -39.66 43.57
C ALA H 2437 -52.53 -38.62 43.57
N PRO H 2438 -52.88 -38.07 42.42
CA PRO H 2438 -53.91 -37.03 42.38
C PRO H 2438 -55.27 -37.57 42.79
N GLU H 2439 -56.08 -36.68 43.36
CA GLU H 2439 -57.44 -37.02 43.73
C GLU H 2439 -58.33 -37.05 42.49
N MET H 2440 -59.63 -37.26 42.68
CA MET H 2440 -60.52 -37.47 41.55
C MET H 2440 -60.78 -36.20 40.75
N HIS H 2441 -60.75 -35.03 41.42
CA HIS H 2441 -61.02 -33.78 40.72
C HIS H 2441 -60.09 -33.62 39.53
N LEU H 2442 -58.78 -33.75 39.77
CA LEU H 2442 -57.81 -33.55 38.71
C LEU H 2442 -57.88 -34.66 37.66
N ILE H 2443 -58.13 -35.89 38.11
CA ILE H 2443 -58.16 -37.02 37.17
C ILE H 2443 -59.29 -36.87 36.17
N GLN H 2444 -60.49 -36.51 36.64
CA GLN H 2444 -61.58 -36.26 35.70
C GLN H 2444 -61.47 -34.93 35.00
N ALA H 2445 -60.71 -33.98 35.55
CA ALA H 2445 -60.53 -32.69 34.90
C ALA H 2445 -59.60 -32.75 33.71
N GLY H 2446 -58.90 -33.87 33.50
CA GLY H 2446 -57.97 -33.99 32.39
C GLY H 2446 -56.81 -33.04 32.52
N LYS H 2447 -56.48 -32.67 33.76
CA LYS H 2447 -55.36 -31.78 34.00
C LYS H 2447 -54.05 -32.48 33.62
N GLY H 2448 -53.26 -31.81 32.80
CA GLY H 2448 -52.09 -32.46 32.23
C GLY H 2448 -51.08 -32.90 33.27
N GLU H 2449 -50.79 -32.03 34.24
CA GLU H 2449 -49.82 -32.38 35.27
C GLU H 2449 -50.29 -33.57 36.08
N ALA H 2450 -51.59 -33.63 36.39
CA ALA H 2450 -52.10 -34.73 37.19
C ALA H 2450 -51.91 -36.05 36.49
N LEU H 2451 -52.32 -36.13 35.22
CA LEU H 2451 -52.16 -37.38 34.48
C LEU H 2451 -50.69 -37.74 34.34
N ARG H 2452 -49.83 -36.73 34.15
CA ARG H 2452 -48.40 -37.01 34.02
C ARG H 2452 -47.85 -37.62 35.30
N ILE H 2453 -48.21 -37.05 36.45
CA ILE H 2453 -47.70 -37.59 37.72
C ILE H 2453 -48.23 -38.99 37.95
N ARG H 2454 -49.50 -39.23 37.62
CA ARG H 2454 -50.05 -40.56 37.83
C ARG H 2454 -49.35 -41.57 36.92
N ALA H 2455 -49.09 -41.19 35.67
CA ALA H 2455 -48.36 -42.09 34.79
C ALA H 2455 -46.97 -42.36 35.31
N ILE H 2456 -46.33 -41.34 35.90
CA ILE H 2456 -44.99 -41.54 36.43
C ILE H 2456 -45.02 -42.55 37.57
N LEU H 2457 -45.98 -42.41 38.47
CA LEU H 2457 -46.10 -43.39 39.55
C LEU H 2457 -46.46 -44.77 39.02
N ARG H 2458 -47.30 -44.84 37.99
CA ARG H 2458 -47.67 -46.13 37.41
C ARG H 2458 -46.44 -46.83 36.86
N SER H 2459 -45.57 -46.09 36.18
CA SER H 2459 -44.33 -46.67 35.70
C SER H 2459 -43.43 -47.06 36.85
N LEU H 2460 -43.41 -46.26 37.93
CA LEU H 2460 -42.48 -46.49 39.02
C LEU H 2460 -42.72 -47.84 39.69
N VAL H 2461 -43.95 -48.31 39.73
CA VAL H 2461 -44.28 -49.58 40.36
C VAL H 2461 -45.26 -50.35 39.48
N PRO H 2462 -44.97 -51.59 39.12
CA PRO H 2462 -45.90 -52.37 38.29
C PRO H 2462 -47.14 -52.75 39.06
N LEU H 2463 -47.99 -53.54 38.41
CA LEU H 2463 -49.20 -54.03 39.08
C LEU H 2463 -49.00 -55.40 39.70
N ASP H 2464 -48.35 -56.32 38.99
CA ASP H 2464 -48.29 -57.70 39.45
C ASP H 2464 -47.72 -57.80 40.86
N ASP H 2465 -46.69 -57.03 41.16
CA ASP H 2465 -46.13 -57.02 42.50
C ASP H 2465 -47.15 -56.48 43.51
N LEU H 2466 -47.96 -55.51 43.10
CA LEU H 2466 -48.92 -54.93 44.03
C LEU H 2466 -49.92 -55.98 44.50
N VAL H 2467 -50.66 -56.58 43.57
CA VAL H 2467 -51.63 -57.61 43.94
C VAL H 2467 -50.93 -58.85 44.47
N GLY H 2468 -49.63 -59.01 44.21
CA GLY H 2468 -48.89 -60.11 44.78
C GLY H 2468 -48.60 -59.93 46.26
N ILE H 2469 -48.17 -58.73 46.64
CA ILE H 2469 -47.95 -58.46 48.06
C ILE H 2469 -49.29 -58.40 48.77
N ILE H 2470 -50.36 -58.13 48.03
CA ILE H 2470 -51.68 -58.44 48.55
C ILE H 2470 -51.84 -59.93 48.86
N SER H 2471 -51.10 -60.78 48.16
CA SER H 2471 -51.35 -62.22 48.18
C SER H 2471 -50.37 -62.99 49.06
N LEU H 2472 -49.63 -62.32 49.92
CA LEU H 2472 -48.68 -62.99 50.80
C LEU H 2472 -49.39 -63.94 51.75
N PRO H 2473 -48.70 -64.93 52.31
CA PRO H 2473 -49.29 -65.68 53.42
C PRO H 2473 -48.95 -65.05 54.76
N LEU H 2474 -49.95 -64.95 55.64
CA LEU H 2474 -49.85 -64.20 56.88
C LEU H 2474 -49.90 -65.17 58.04
N GLN H 2475 -48.76 -65.36 58.72
CA GLN H 2475 -48.67 -66.40 59.74
C GLN H 2475 -49.60 -66.06 60.90
N ILE H 2476 -50.74 -66.74 60.92
CA ILE H 2476 -51.85 -66.54 61.84
C ILE H 2476 -51.45 -67.06 63.21
N PRO H 2477 -51.95 -66.49 64.33
CA PRO H 2477 -51.61 -67.07 65.65
C PRO H 2477 -51.95 -68.54 65.70
N THR H 2478 -50.91 -69.35 65.81
CA THR H 2478 -51.08 -70.79 65.69
C THR H 2478 -51.73 -71.35 66.94
N LEU H 2479 -52.89 -71.97 66.78
CA LEU H 2479 -53.58 -72.60 67.90
C LEU H 2479 -52.82 -73.81 68.38
N GLY H 2480 -53.34 -74.43 69.44
CA GLY H 2480 -52.76 -75.66 69.93
C GLY H 2480 -51.31 -75.45 70.33
N LYS H 2481 -50.41 -76.19 69.67
CA LYS H 2481 -49.00 -76.21 70.02
C LYS H 2481 -48.82 -76.55 71.49
N ASP H 2482 -49.29 -77.75 71.85
CA ASP H 2482 -49.40 -78.27 73.21
C ASP H 2482 -50.44 -77.51 74.02
N GLY H 2483 -51.29 -76.70 73.39
CA GLY H 2483 -52.36 -76.01 74.08
C GLY H 2483 -52.10 -74.55 74.39
N ALA H 2484 -50.85 -74.11 74.33
CA ALA H 2484 -50.47 -72.75 74.72
C ALA H 2484 -50.41 -71.85 73.50
N LEU H 2485 -50.92 -70.63 73.64
CA LEU H 2485 -50.83 -69.65 72.56
C LEU H 2485 -49.38 -69.37 72.23
N VAL H 2486 -49.04 -69.46 70.94
CA VAL H 2486 -47.74 -69.03 70.43
C VAL H 2486 -47.98 -68.15 69.22
N GLN H 2487 -48.11 -66.85 69.45
CA GLN H 2487 -48.33 -65.91 68.37
C GLN H 2487 -47.00 -65.42 67.81
N PRO H 2488 -46.95 -65.11 66.52
CA PRO H 2488 -45.72 -64.55 65.96
C PRO H 2488 -45.56 -63.10 66.36
N LYS H 2489 -44.32 -62.71 66.68
CA LYS H 2489 -44.04 -61.34 67.12
C LYS H 2489 -44.21 -60.40 65.94
N MET H 2490 -45.34 -59.73 65.86
CA MET H 2490 -45.52 -58.71 64.83
C MET H 2490 -44.88 -57.40 65.19
N SER H 2491 -43.93 -57.41 66.11
CA SER H 2491 -42.90 -56.38 66.15
C SER H 2491 -41.70 -56.77 65.29
N ALA H 2492 -41.64 -58.02 64.85
CA ALA H 2492 -40.54 -58.50 64.03
C ALA H 2492 -40.98 -59.45 62.92
N SER H 2493 -42.24 -59.46 62.54
CA SER H 2493 -42.70 -60.31 61.45
C SER H 2493 -43.39 -59.46 60.38
N PHE H 2494 -43.92 -60.12 59.36
CA PHE H 2494 -44.74 -59.42 58.36
C PHE H 2494 -46.03 -59.00 59.02
N VAL H 2495 -46.06 -57.80 59.55
CA VAL H 2495 -47.32 -57.25 60.04
C VAL H 2495 -48.26 -57.04 58.87
N PRO H 2496 -49.53 -57.41 58.97
CA PRO H 2496 -50.44 -57.17 57.85
C PRO H 2496 -50.58 -55.71 57.52
N ASP H 2497 -50.27 -54.82 58.45
CA ASP H 2497 -50.33 -53.39 58.16
C ASP H 2497 -49.44 -53.04 56.96
N HIS H 2498 -48.36 -53.78 56.77
CA HIS H 2498 -47.53 -53.61 55.59
C HIS H 2498 -48.38 -53.63 54.34
N LYS H 2499 -49.25 -54.62 54.20
CA LYS H 2499 -50.12 -54.75 53.06
C LYS H 2499 -51.10 -53.60 52.91
N ALA H 2500 -51.49 -52.99 54.03
CA ALA H 2500 -52.46 -51.89 53.96
C ALA H 2500 -51.97 -50.81 53.03
N SER H 2501 -50.68 -50.46 53.11
CA SER H 2501 -50.11 -49.47 52.20
C SER H 2501 -50.38 -49.85 50.76
N MET H 2502 -50.07 -51.09 50.39
CA MET H 2502 -50.29 -51.51 49.00
C MET H 2502 -51.76 -51.62 48.67
N VAL H 2503 -52.64 -51.74 49.67
CA VAL H 2503 -54.05 -51.61 49.37
C VAL H 2503 -54.40 -50.17 49.01
N LEU H 2504 -53.81 -49.20 49.70
CA LEU H 2504 -54.09 -47.80 49.41
C LEU H 2504 -53.67 -47.43 47.99
N PHE H 2505 -52.42 -47.76 47.63
CA PHE H 2505 -51.89 -47.44 46.32
C PHE H 2505 -52.84 -47.93 45.22
N LEU H 2506 -53.25 -49.19 45.32
CA LEU H 2506 -54.13 -49.77 44.31
C LEU H 2506 -55.41 -48.94 44.16
N ASP H 2507 -55.98 -48.51 45.28
CA ASP H 2507 -57.18 -47.70 45.21
C ASP H 2507 -56.89 -46.37 44.54
N ARG H 2508 -55.76 -45.74 44.87
CA ARG H 2508 -55.54 -44.38 44.43
C ARG H 2508 -54.96 -44.31 43.03
N VAL H 2509 -54.03 -45.21 42.69
CA VAL H 2509 -53.31 -45.07 41.44
C VAL H 2509 -53.91 -45.97 40.37
N TYR H 2510 -53.86 -47.28 40.57
CA TYR H 2510 -54.35 -48.20 39.55
C TYR H 2510 -55.87 -48.21 39.49
N GLY H 2511 -56.52 -48.29 40.65
CA GLY H 2511 -57.97 -48.29 40.71
C GLY H 2511 -58.57 -49.64 40.37
N ILE H 2512 -59.86 -49.75 40.61
CA ILE H 2512 -60.64 -50.94 40.28
C ILE H 2512 -61.68 -50.50 39.26
N GLU H 2513 -61.35 -50.66 37.98
CA GLU H 2513 -62.21 -50.18 36.90
C GLU H 2513 -63.04 -51.30 36.26
N ASN H 2514 -62.52 -52.51 36.20
CA ASN H 2514 -63.23 -53.62 35.60
C ASN H 2514 -63.61 -54.63 36.66
N GLN H 2515 -64.80 -55.20 36.52
CA GLN H 2515 -65.28 -56.19 37.46
C GLN H 2515 -64.37 -57.41 37.52
N ASP H 2516 -63.73 -57.76 36.40
CA ASP H 2516 -62.89 -58.95 36.34
C ASP H 2516 -61.68 -58.83 37.25
N PHE H 2517 -60.98 -57.70 37.17
CA PHE H 2517 -59.83 -57.47 38.04
C PHE H 2517 -60.23 -57.58 39.51
N LEU H 2518 -61.42 -57.11 39.83
CA LEU H 2518 -61.93 -57.21 41.19
C LEU H 2518 -62.16 -58.66 41.60
N LEU H 2519 -62.85 -59.44 40.77
CA LEU H 2519 -63.03 -60.84 41.14
C LEU H 2519 -61.73 -61.62 41.08
N HIS H 2520 -60.68 -61.03 40.52
CA HIS H 2520 -59.35 -61.62 40.63
C HIS H 2520 -58.69 -61.31 41.97
N VAL H 2521 -58.67 -60.02 42.35
CA VAL H 2521 -58.02 -59.63 43.60
C VAL H 2521 -58.76 -60.23 44.78
N LEU H 2522 -60.06 -60.49 44.64
CA LEU H 2522 -60.80 -61.10 45.73
C LEU H 2522 -60.27 -62.48 46.06
N ASP H 2523 -59.93 -63.27 45.04
CA ASP H 2523 -59.45 -64.62 45.31
C ASP H 2523 -57.96 -64.63 45.65
N VAL H 2524 -57.15 -63.85 44.94
CA VAL H 2524 -55.70 -64.00 45.08
C VAL H 2524 -55.22 -63.45 46.42
N GLY H 2525 -55.75 -62.30 46.85
CA GLY H 2525 -55.23 -61.69 48.06
C GLY H 2525 -56.22 -61.35 49.17
N PHE H 2526 -57.48 -61.05 48.83
CA PHE H 2526 -58.39 -60.45 49.81
C PHE H 2526 -59.06 -61.49 50.71
N LEU H 2527 -59.87 -62.36 50.13
CA LEU H 2527 -60.73 -63.26 50.90
C LEU H 2527 -59.97 -64.15 51.88
N PRO H 2528 -58.85 -64.79 51.48
CA PRO H 2528 -58.13 -65.66 52.41
C PRO H 2528 -57.64 -64.91 53.64
N ASP H 2529 -57.68 -63.59 53.59
CA ASP H 2529 -57.34 -62.78 54.74
C ASP H 2529 -58.56 -62.52 55.63
N MET H 2530 -59.71 -62.25 55.01
CA MET H 2530 -60.88 -61.97 55.83
C MET H 2530 -61.34 -63.19 56.59
N ARG H 2531 -61.29 -64.38 55.98
CA ARG H 2531 -61.62 -65.55 56.81
C ARG H 2531 -60.46 -65.99 57.69
N ALA H 2532 -59.25 -65.54 57.40
CA ALA H 2532 -58.22 -65.64 58.43
C ALA H 2532 -58.65 -64.90 59.69
N ALA H 2533 -59.13 -63.67 59.54
CA ALA H 2533 -59.64 -62.91 60.69
C ALA H 2533 -60.86 -63.59 61.29
N ALA H 2534 -61.79 -64.03 60.45
CA ALA H 2534 -63.02 -64.64 60.94
C ALA H 2534 -62.75 -65.91 61.75
N SER H 2535 -61.78 -66.72 61.30
CA SER H 2535 -61.32 -67.84 62.12
C SER H 2535 -60.72 -67.33 63.43
N LEU H 2536 -59.97 -66.23 63.38
CA LEU H 2536 -59.41 -65.65 64.59
C LEU H 2536 -60.46 -65.08 65.51
N ASP H 2537 -61.71 -64.95 65.07
CA ASP H 2537 -62.76 -64.36 65.91
C ASP H 2537 -63.09 -65.18 67.15
N THR H 2538 -62.43 -66.32 67.36
CA THR H 2538 -62.76 -67.16 68.50
C THR H 2538 -62.36 -66.49 69.81
N ALA H 2539 -62.91 -67.00 70.91
CA ALA H 2539 -62.74 -66.37 72.22
C ALA H 2539 -61.27 -66.28 72.62
N THR H 2540 -60.54 -67.37 72.48
CA THR H 2540 -59.15 -67.36 72.91
C THR H 2540 -58.28 -66.46 72.03
N PHE H 2541 -58.54 -66.45 70.73
CA PHE H 2541 -57.72 -65.66 69.82
C PHE H 2541 -58.39 -64.36 69.42
N SER H 2542 -59.37 -63.90 70.21
CA SER H 2542 -60.02 -62.63 69.93
C SER H 2542 -59.08 -61.47 70.22
N THR H 2543 -58.29 -61.58 71.28
CA THR H 2543 -57.49 -60.47 71.78
C THR H 2543 -56.00 -60.62 71.47
N THR H 2544 -55.59 -61.65 70.75
CA THR H 2544 -54.20 -61.75 70.35
C THR H 2544 -53.85 -60.59 69.43
N GLU H 2545 -52.66 -60.02 69.62
CA GLU H 2545 -52.34 -58.74 68.97
C GLU H 2545 -52.40 -58.86 67.46
N MET H 2546 -52.10 -60.05 66.92
CA MET H 2546 -52.31 -60.27 65.50
C MET H 2546 -53.77 -60.10 65.10
N ALA H 2547 -54.69 -60.62 65.91
CA ALA H 2547 -56.10 -60.44 65.60
C ALA H 2547 -56.47 -58.96 65.59
N LEU H 2548 -56.00 -58.21 66.57
CA LEU H 2548 -56.32 -56.78 66.63
C LEU H 2548 -55.76 -56.06 65.41
N ALA H 2549 -54.51 -56.35 65.06
CA ALA H 2549 -53.91 -55.71 63.89
C ALA H 2549 -54.68 -56.07 62.62
N LEU H 2550 -55.10 -57.32 62.48
CA LEU H 2550 -55.83 -57.72 61.29
C LEU H 2550 -57.20 -57.06 61.23
N ASN H 2551 -57.87 -56.93 62.38
CA ASN H 2551 -59.16 -56.25 62.41
C ASN H 2551 -59.01 -54.80 61.97
N ARG H 2552 -58.01 -54.11 62.52
CA ARG H 2552 -57.76 -52.72 62.12
C ARG H 2552 -57.44 -52.65 60.64
N TYR H 2553 -56.61 -53.57 60.17
CA TYR H 2553 -56.28 -53.64 58.74
C TYR H 2553 -57.53 -53.75 57.88
N LEU H 2554 -58.39 -54.72 58.18
CA LEU H 2554 -59.56 -54.92 57.33
C LEU H 2554 -60.48 -53.71 57.37
N CYS H 2555 -60.69 -53.13 58.55
CA CYS H 2555 -61.62 -52.01 58.64
C CYS H 2555 -61.06 -50.76 57.98
N LEU H 2556 -59.75 -50.63 57.87
CA LEU H 2556 -59.18 -49.41 57.33
C LEU H 2556 -58.92 -49.47 55.83
N ALA H 2557 -58.55 -50.63 55.29
CA ALA H 2557 -58.08 -50.72 53.92
C ALA H 2557 -59.02 -51.50 53.01
N VAL H 2558 -59.32 -52.76 53.34
CA VAL H 2558 -59.99 -53.64 52.39
C VAL H 2558 -61.47 -53.33 52.32
N LEU H 2559 -62.16 -53.42 53.45
CA LEU H 2559 -63.60 -53.24 53.47
C LEU H 2559 -64.07 -51.91 52.89
N PRO H 2560 -63.44 -50.77 53.19
CA PRO H 2560 -63.85 -49.54 52.49
C PRO H 2560 -63.71 -49.61 50.99
N LEU H 2561 -62.65 -50.25 50.50
CA LEU H 2561 -62.48 -50.40 49.05
C LEU H 2561 -63.62 -51.23 48.46
N ILE H 2562 -63.98 -52.31 49.15
CA ILE H 2562 -65.11 -53.11 48.71
C ILE H 2562 -66.39 -52.29 48.72
N THR H 2563 -66.57 -51.47 49.75
CA THR H 2563 -67.77 -50.64 49.82
C THR H 2563 -67.85 -49.70 48.64
N LYS H 2564 -66.73 -49.08 48.28
CA LYS H 2564 -66.72 -48.19 47.14
C LYS H 2564 -66.96 -48.93 45.83
N CYS H 2565 -66.40 -50.13 45.67
CA CYS H 2565 -66.54 -50.87 44.42
C CYS H 2565 -67.78 -51.76 44.38
N ALA H 2566 -68.63 -51.67 45.40
CA ALA H 2566 -69.85 -52.47 45.43
C ALA H 2566 -70.70 -52.41 44.16
N PRO H 2567 -70.90 -51.25 43.51
CA PRO H 2567 -71.79 -51.25 42.33
C PRO H 2567 -71.36 -52.19 41.21
N LEU H 2568 -70.09 -52.58 41.16
CA LEU H 2568 -69.62 -53.42 40.06
C LEU H 2568 -70.17 -54.83 40.11
N PHE H 2569 -70.74 -55.26 41.24
CA PHE H 2569 -71.12 -56.67 41.37
C PHE H 2569 -72.40 -57.02 40.64
N ALA H 2570 -73.13 -56.04 40.12
CA ALA H 2570 -74.47 -56.30 39.61
C ALA H 2570 -74.49 -57.40 38.56
N GLY H 2571 -73.41 -57.54 37.80
CA GLY H 2571 -73.38 -58.53 36.75
C GLY H 2571 -72.62 -59.79 37.10
N THR H 2572 -72.33 -60.00 38.38
CA THR H 2572 -71.57 -61.18 38.81
C THR H 2572 -72.49 -62.40 38.82
N GLU H 2573 -73.00 -62.73 37.64
CA GLU H 2573 -73.80 -63.92 37.46
C GLU H 2573 -72.99 -65.09 36.93
N HIS H 2574 -71.95 -64.83 36.13
CA HIS H 2574 -71.11 -65.90 35.63
C HIS H 2574 -70.41 -66.63 36.77
N ARG H 2575 -69.85 -65.86 37.70
CA ARG H 2575 -69.08 -66.41 38.81
C ARG H 2575 -69.95 -66.37 40.05
N ALA H 2576 -70.09 -67.50 40.71
CA ALA H 2576 -71.14 -67.67 41.72
C ALA H 2576 -70.64 -67.82 43.14
N ILE H 2577 -69.76 -68.79 43.43
CA ILE H 2577 -69.44 -69.11 44.81
C ILE H 2577 -68.62 -68.04 45.50
N MET H 2578 -67.89 -67.21 44.75
CA MET H 2578 -67.29 -66.03 45.37
C MET H 2578 -68.30 -65.15 46.05
N VAL H 2579 -69.44 -64.89 45.42
CA VAL H 2579 -70.42 -63.99 46.00
C VAL H 2579 -70.97 -64.56 47.31
N ASP H 2580 -71.39 -65.82 47.27
CA ASP H 2580 -71.94 -66.45 48.47
C ASP H 2580 -70.89 -66.51 49.57
N SER H 2581 -69.67 -66.92 49.22
CA SER H 2581 -68.62 -67.04 50.20
C SER H 2581 -68.31 -65.70 50.84
N MET H 2582 -68.24 -64.64 50.03
CA MET H 2582 -67.94 -63.32 50.54
C MET H 2582 -69.04 -62.81 51.46
N LEU H 2583 -70.30 -62.95 51.05
CA LEU H 2583 -71.41 -62.55 51.91
C LEU H 2583 -71.30 -63.25 53.25
N HIS H 2584 -71.03 -64.56 53.21
CA HIS H 2584 -70.98 -65.34 54.44
C HIS H 2584 -69.85 -64.87 55.34
N THR H 2585 -68.68 -64.60 54.75
CA THR H 2585 -67.52 -64.15 55.50
C THR H 2585 -67.78 -62.79 56.15
N VAL H 2586 -68.29 -61.84 55.37
CA VAL H 2586 -68.54 -60.51 55.92
C VAL H 2586 -69.54 -60.61 57.06
N TYR H 2587 -70.60 -61.39 56.88
CA TYR H 2587 -71.57 -61.52 57.96
C TYR H 2587 -70.92 -62.10 59.20
N ARG H 2588 -70.13 -63.17 59.06
CA ARG H 2588 -69.57 -63.79 60.24
C ARG H 2588 -68.64 -62.82 60.97
N LEU H 2589 -67.86 -62.05 60.20
CA LEU H 2589 -67.00 -61.04 60.82
C LEU H 2589 -67.83 -59.97 61.52
N SER H 2590 -69.04 -59.70 61.02
CA SER H 2590 -69.86 -58.66 61.61
C SER H 2590 -70.29 -59.00 63.03
N ARG H 2591 -70.42 -60.27 63.37
CA ARG H 2591 -70.88 -60.69 64.69
C ARG H 2591 -69.79 -60.69 65.75
N GLY H 2592 -68.55 -60.44 65.35
CA GLY H 2592 -67.43 -60.73 66.22
C GLY H 2592 -67.37 -59.88 67.46
N ARG H 2593 -66.50 -60.30 68.37
CA ARG H 2593 -66.18 -59.55 69.56
C ARG H 2593 -64.89 -58.76 69.34
N SER H 2594 -64.58 -57.90 70.31
CA SER H 2594 -63.35 -57.08 70.31
C SER H 2594 -63.28 -56.15 69.10
N LEU H 2595 -64.36 -56.02 68.35
CA LEU H 2595 -64.40 -55.05 67.27
C LEU H 2595 -64.93 -53.73 67.81
N THR H 2596 -64.15 -52.67 67.65
CA THR H 2596 -64.52 -51.37 68.19
C THR H 2596 -65.78 -50.85 67.49
N LYS H 2597 -66.51 -50.00 68.19
CA LYS H 2597 -67.85 -49.60 67.73
C LYS H 2597 -67.78 -48.94 66.36
N ALA H 2598 -66.82 -48.03 66.15
CA ALA H 2598 -66.67 -47.41 64.84
C ALA H 2598 -66.30 -48.46 63.79
N GLN H 2599 -65.47 -49.41 64.17
CA GLN H 2599 -65.11 -50.50 63.27
C GLN H 2599 -66.32 -51.35 62.93
N ARG H 2600 -67.18 -51.60 63.91
CA ARG H 2600 -68.41 -52.32 63.64
C ARG H 2600 -69.30 -51.54 62.68
N ASP H 2601 -69.34 -50.23 62.85
CA ASP H 2601 -70.08 -49.40 61.89
C ASP H 2601 -69.49 -49.56 60.49
N VAL H 2602 -68.16 -49.58 60.38
CA VAL H 2602 -67.53 -49.74 59.08
C VAL H 2602 -67.95 -51.06 58.44
N ILE H 2603 -67.86 -52.15 59.19
CA ILE H 2603 -68.12 -53.45 58.59
C ILE H 2603 -69.59 -53.60 58.23
N GLU H 2604 -70.49 -53.09 59.08
CA GLU H 2604 -71.91 -53.18 58.75
C GLU H 2604 -72.23 -52.30 57.55
N ASP H 2605 -71.57 -51.15 57.43
CA ASP H 2605 -71.79 -50.31 56.26
C ASP H 2605 -71.36 -51.03 55.00
N CYS H 2606 -70.20 -51.69 55.05
CA CYS H 2606 -69.75 -52.44 53.88
C CYS H 2606 -70.74 -53.53 53.51
N LEU H 2607 -71.25 -54.25 54.50
CA LEU H 2607 -72.18 -55.35 54.22
C LEU H 2607 -73.48 -54.83 53.64
N MET H 2608 -74.04 -53.78 54.23
CA MET H 2608 -75.35 -53.32 53.78
C MET H 2608 -75.27 -52.47 52.53
N ALA H 2609 -74.08 -51.97 52.18
CA ALA H 2609 -73.90 -51.43 50.84
C ALA H 2609 -73.64 -52.55 49.85
N LEU H 2610 -73.08 -53.66 50.32
CA LEU H 2610 -72.82 -54.79 49.47
C LEU H 2610 -74.10 -55.47 49.00
N CYS H 2611 -75.06 -55.65 49.91
CA CYS H 2611 -76.26 -56.39 49.57
C CYS H 2611 -77.10 -55.65 48.52
N ARG H 2612 -76.87 -54.36 48.35
CA ARG H 2612 -77.58 -53.55 47.37
C ARG H 2612 -77.43 -54.08 45.96
N TYR H 2613 -76.21 -54.02 45.44
CA TYR H 2613 -76.01 -54.17 44.00
C TYR H 2613 -76.05 -55.62 43.56
N ILE H 2614 -75.96 -56.57 44.49
CA ILE H 2614 -75.90 -57.98 44.08
C ILE H 2614 -77.28 -58.44 43.61
N ARG H 2615 -77.29 -59.48 42.78
CA ARG H 2615 -78.54 -60.02 42.27
C ARG H 2615 -79.36 -60.64 43.41
N PRO H 2616 -80.69 -60.51 43.37
CA PRO H 2616 -81.51 -60.96 44.51
C PRO H 2616 -81.37 -62.44 44.80
N SER H 2617 -81.35 -63.27 43.77
CA SER H 2617 -81.31 -64.72 43.96
C SER H 2617 -80.04 -65.14 44.68
N MET H 2618 -78.93 -64.53 44.31
CA MET H 2618 -77.63 -65.01 44.74
C MET H 2618 -77.27 -64.54 46.14
N LEU H 2619 -78.13 -63.75 46.77
CA LEU H 2619 -78.08 -63.46 48.18
C LEU H 2619 -78.79 -64.53 49.01
N GLN H 2620 -79.39 -65.51 48.34
CA GLN H 2620 -80.27 -66.48 48.99
C GLN H 2620 -79.61 -67.16 50.18
N HIS H 2621 -78.37 -67.63 50.00
CA HIS H 2621 -77.69 -68.32 51.08
C HIS H 2621 -77.56 -67.43 52.30
N LEU H 2622 -77.26 -66.15 52.08
CA LEU H 2622 -77.19 -65.22 53.21
C LEU H 2622 -78.53 -65.14 53.93
N LEU H 2623 -79.63 -65.19 53.17
CA LEU H 2623 -80.94 -65.30 53.81
C LEU H 2623 -81.00 -66.52 54.70
N ARG H 2624 -80.64 -67.70 54.15
CA ARG H 2624 -80.39 -68.87 54.98
C ARG H 2624 -79.77 -68.44 56.30
N ARG H 2625 -78.65 -67.73 56.20
CA ARG H 2625 -77.79 -67.55 57.34
C ARG H 2625 -78.65 -66.89 58.42
N LEU H 2626 -79.30 -65.82 57.98
CA LEU H 2626 -80.04 -64.92 58.85
C LEU H 2626 -81.22 -65.60 59.50
N VAL H 2627 -81.88 -66.53 58.78
CA VAL H 2627 -83.13 -67.06 59.31
C VAL H 2627 -82.84 -67.90 60.55
N PHE H 2628 -81.57 -68.02 60.92
CA PHE H 2628 -81.28 -68.63 62.21
C PHE H 2628 -80.73 -67.65 63.23
N ASP H 2629 -80.13 -66.55 62.80
CA ASP H 2629 -79.51 -65.58 63.70
C ASP H 2629 -80.47 -64.49 64.15
N VAL H 2630 -81.29 -63.96 63.26
CA VAL H 2630 -82.18 -62.84 63.61
C VAL H 2630 -83.35 -63.26 64.49
N PRO H 2631 -83.96 -64.46 64.36
CA PRO H 2631 -85.21 -64.70 65.10
C PRO H 2631 -85.09 -64.52 66.60
N ILE H 2632 -83.90 -64.77 67.18
CA ILE H 2632 -83.74 -64.50 68.60
C ILE H 2632 -83.87 -63.02 68.90
N LEU H 2633 -83.50 -62.17 67.94
CA LEU H 2633 -83.50 -60.72 68.12
C LEU H 2633 -82.82 -60.33 69.43
N ASN H 2634 -81.54 -60.67 69.53
CA ASN H 2634 -80.68 -60.17 70.60
C ASN H 2634 -80.27 -58.74 70.28
N GLU H 2635 -79.38 -58.19 71.13
CA GLU H 2635 -78.85 -56.87 70.86
C GLU H 2635 -78.09 -56.84 69.54
N PHE H 2636 -77.25 -57.86 69.31
CA PHE H 2636 -76.44 -57.89 68.09
C PHE H 2636 -77.28 -57.90 66.83
N ALA H 2637 -78.55 -58.31 66.94
CA ALA H 2637 -79.44 -58.33 65.80
C ALA H 2637 -79.95 -56.94 65.43
N LYS H 2638 -79.38 -55.88 66.01
CA LYS H 2638 -79.84 -54.53 65.72
C LYS H 2638 -79.57 -54.16 64.26
N MET H 2639 -78.44 -54.58 63.72
CA MET H 2639 -78.08 -54.20 62.36
C MET H 2639 -78.81 -55.00 61.27
N PRO H 2640 -78.83 -56.36 61.33
CA PRO H 2640 -79.25 -57.13 60.14
C PRO H 2640 -80.61 -56.72 59.64
N LEU H 2641 -81.46 -56.27 60.56
CA LEU H 2641 -82.83 -55.91 60.22
C LEU H 2641 -82.84 -54.88 59.09
N LYS H 2642 -81.86 -53.97 59.10
CA LYS H 2642 -81.74 -53.00 58.02
C LYS H 2642 -81.45 -53.69 56.70
N LEU H 2643 -80.57 -54.69 56.71
CA LEU H 2643 -80.27 -55.42 55.49
C LEU H 2643 -81.52 -56.08 54.95
N LEU H 2644 -82.29 -56.72 55.84
CA LEU H 2644 -83.49 -57.41 55.40
C LEU H 2644 -84.48 -56.42 54.79
N THR H 2645 -84.72 -55.30 55.49
CA THR H 2645 -85.68 -54.32 55.00
C THR H 2645 -85.24 -53.74 53.68
N ASN H 2646 -83.98 -53.34 53.56
CA ASN H 2646 -83.46 -52.78 52.32
C ASN H 2646 -83.38 -53.81 51.22
N HIS H 2647 -83.50 -55.10 51.53
CA HIS H 2647 -83.58 -56.12 50.50
C HIS H 2647 -85.00 -56.32 49.99
N TYR H 2648 -85.92 -56.72 50.88
CA TYR H 2648 -87.28 -56.99 50.39
C TYR H 2648 -87.98 -55.73 49.90
N GLU H 2649 -87.83 -54.60 50.58
CA GLU H 2649 -88.40 -53.37 50.06
C GLU H 2649 -87.84 -53.05 48.69
N ARG H 2650 -86.61 -53.45 48.42
CA ARG H 2650 -86.08 -53.43 47.07
C ARG H 2650 -86.62 -54.57 46.23
N CYS H 2651 -86.75 -55.77 46.83
CA CYS H 2651 -87.06 -56.98 46.07
C CYS H 2651 -88.51 -57.43 46.22
N TRP H 2652 -89.44 -56.49 46.38
CA TRP H 2652 -90.83 -56.90 46.62
C TRP H 2652 -91.41 -57.62 45.41
N LYS H 2653 -91.16 -57.08 44.21
CA LYS H 2653 -91.78 -57.67 43.03
C LYS H 2653 -90.96 -58.81 42.46
N TYR H 2654 -89.75 -59.03 42.95
CA TYR H 2654 -89.06 -60.28 42.64
C TYR H 2654 -89.78 -61.47 43.26
N TYR H 2655 -90.40 -61.26 44.41
CA TYR H 2655 -91.06 -62.34 45.14
C TYR H 2655 -92.55 -62.41 44.80
N CYS H 2656 -93.27 -61.29 44.98
CA CYS H 2656 -94.72 -61.32 44.85
C CYS H 2656 -95.17 -61.62 43.42
N LEU H 2657 -94.63 -60.88 42.46
CA LEU H 2657 -95.13 -61.03 41.09
C LEU H 2657 -94.64 -62.32 40.46
N PRO H 2658 -95.46 -62.96 39.62
CA PRO H 2658 -95.01 -64.22 38.98
C PRO H 2658 -93.93 -64.00 37.94
N THR H 2659 -93.99 -62.89 37.21
CA THR H 2659 -92.97 -62.63 36.19
C THR H 2659 -91.63 -62.29 36.83
N GLY H 2660 -91.65 -61.65 37.99
CA GLY H 2660 -90.44 -61.27 38.68
C GLY H 2660 -89.77 -60.05 38.05
N TRP H 2661 -88.63 -59.69 38.63
CA TRP H 2661 -87.79 -58.65 38.02
C TRP H 2661 -87.40 -59.01 36.61
N ALA H 2662 -87.41 -58.01 35.74
CA ALA H 2662 -86.84 -58.16 34.41
C ALA H 2662 -85.36 -58.52 34.51
N ASN H 2663 -85.01 -59.68 33.97
CA ASN H 2663 -83.65 -60.22 33.82
C ASN H 2663 -83.07 -60.69 35.15
N PHE H 2664 -83.73 -60.44 36.28
CA PHE H 2664 -83.26 -60.95 37.55
C PHE H 2664 -84.04 -62.17 38.03
N GLY H 2665 -84.80 -62.79 37.14
CA GLY H 2665 -85.41 -64.07 37.41
C GLY H 2665 -86.64 -63.99 38.26
N VAL H 2666 -87.08 -65.15 38.72
CA VAL H 2666 -88.24 -65.28 39.59
C VAL H 2666 -87.77 -65.99 40.85
N THR H 2667 -88.34 -65.59 41.98
CA THR H 2667 -87.98 -66.20 43.25
C THR H 2667 -88.15 -67.71 43.19
N SER H 2668 -87.13 -68.42 43.62
CA SER H 2668 -87.21 -69.87 43.69
C SER H 2668 -88.25 -70.24 44.75
N GLU H 2669 -88.73 -71.47 44.65
CA GLU H 2669 -89.81 -71.96 45.52
C GLU H 2669 -89.32 -72.06 46.96
N GLU H 2670 -88.12 -72.64 47.16
CA GLU H 2670 -87.53 -72.71 48.49
C GLU H 2670 -87.27 -71.32 49.05
N GLU H 2671 -86.91 -70.37 48.19
CA GLU H 2671 -86.61 -69.03 48.67
C GLU H 2671 -87.81 -68.39 49.35
N LEU H 2672 -88.99 -68.54 48.75
CA LEU H 2672 -90.20 -68.04 49.40
C LEU H 2672 -90.45 -68.76 50.72
N HIS H 2673 -90.16 -70.07 50.76
CA HIS H 2673 -90.28 -70.77 52.03
C HIS H 2673 -89.42 -70.09 53.10
N LEU H 2674 -88.16 -69.76 52.76
CA LEU H 2674 -87.29 -69.11 53.73
C LEU H 2674 -87.83 -67.76 54.17
N THR H 2675 -88.32 -66.97 53.22
CA THR H 2675 -88.79 -65.62 53.56
C THR H 2675 -89.92 -65.68 54.57
N ARG H 2676 -90.82 -66.65 54.40
CA ARG H 2676 -91.95 -66.77 55.31
C ARG H 2676 -91.51 -67.29 56.66
N LYS H 2677 -90.69 -68.36 56.68
CA LYS H 2677 -90.23 -68.84 57.98
C LYS H 2677 -89.58 -67.70 58.74
N LEU H 2678 -88.88 -66.84 58.02
CA LEU H 2678 -88.35 -65.61 58.58
C LEU H 2678 -89.48 -64.76 59.16
N PHE H 2679 -90.52 -64.50 58.36
CA PHE H 2679 -91.53 -63.54 58.78
C PHE H 2679 -92.25 -64.02 60.02
N TRP H 2680 -92.66 -65.29 60.03
CA TRP H 2680 -93.35 -65.84 61.19
C TRP H 2680 -92.44 -65.91 62.41
N GLY H 2681 -91.18 -66.33 62.23
CA GLY H 2681 -90.28 -66.35 63.37
C GLY H 2681 -90.11 -64.98 63.98
N ILE H 2682 -89.89 -63.98 63.13
CA ILE H 2682 -89.75 -62.61 63.62
C ILE H 2682 -91.03 -62.15 64.29
N PHE H 2683 -92.17 -62.46 63.69
CA PHE H 2683 -93.45 -62.03 64.23
C PHE H 2683 -93.67 -62.60 65.62
N ASP H 2684 -93.53 -63.91 65.77
CA ASP H 2684 -93.78 -64.55 67.06
C ASP H 2684 -92.75 -64.10 68.09
N SER H 2685 -91.48 -64.06 67.72
CA SER H 2685 -90.45 -63.63 68.66
C SER H 2685 -90.70 -62.20 69.12
N LEU H 2686 -91.17 -61.35 68.22
CA LEU H 2686 -91.43 -59.97 68.56
C LEU H 2686 -92.70 -59.83 69.40
N ALA H 2687 -93.65 -60.76 69.25
CA ALA H 2687 -94.93 -60.60 69.91
C ALA H 2687 -94.79 -60.64 71.43
N HIS H 2688 -94.02 -61.59 71.95
CA HIS H 2688 -93.88 -61.76 73.39
C HIS H 2688 -92.61 -61.13 73.96
N LYS H 2689 -92.10 -60.08 73.32
CA LYS H 2689 -90.88 -59.42 73.77
C LYS H 2689 -91.22 -58.14 74.53
N LYS H 2690 -90.37 -57.78 75.48
CA LYS H 2690 -90.54 -56.57 76.27
C LYS H 2690 -90.43 -55.32 75.40
N TYR H 2691 -91.21 -54.29 75.75
CA TYR H 2691 -91.23 -53.07 74.96
C TYR H 2691 -89.89 -52.36 75.00
N ASP H 2692 -89.22 -52.34 73.85
CA ASP H 2692 -87.90 -51.74 73.68
C ASP H 2692 -88.04 -50.71 72.55
N GLN H 2693 -87.69 -49.46 72.84
CA GLN H 2693 -88.04 -48.36 71.96
C GLN H 2693 -87.45 -48.57 70.57
N GLU H 2694 -86.12 -48.61 70.49
CA GLU H 2694 -85.48 -48.79 69.21
C GLU H 2694 -85.71 -50.19 68.62
N LEU H 2695 -86.03 -51.18 69.45
CA LEU H 2695 -86.19 -52.53 68.90
C LEU H 2695 -87.40 -52.62 67.99
N TYR H 2696 -88.54 -52.09 68.44
CA TYR H 2696 -89.70 -52.00 67.57
C TYR H 2696 -89.54 -50.90 66.52
N ARG H 2697 -88.83 -49.83 66.84
CA ARG H 2697 -88.43 -48.90 65.79
C ARG H 2697 -87.71 -49.63 64.66
N MET H 2698 -87.00 -50.70 65.01
CA MET H 2698 -86.23 -51.44 64.02
C MET H 2698 -87.12 -52.42 63.28
N ALA H 2699 -87.82 -53.27 64.01
CA ALA H 2699 -88.58 -54.36 63.43
C ALA H 2699 -89.85 -53.93 62.71
N MET H 2700 -90.33 -52.71 62.92
CA MET H 2700 -91.60 -52.31 62.32
C MET H 2700 -91.54 -52.33 60.79
N PRO H 2701 -90.68 -51.56 60.11
CA PRO H 2701 -90.63 -51.64 58.65
C PRO H 2701 -90.17 -52.99 58.15
N CYS H 2702 -89.50 -53.78 58.98
CA CYS H 2702 -89.01 -55.08 58.51
C CYS H 2702 -90.16 -56.06 58.33
N LEU H 2703 -91.06 -56.16 59.30
CA LEU H 2703 -92.28 -56.92 59.09
C LEU H 2703 -93.09 -56.33 57.95
N CYS H 2704 -93.15 -54.99 57.88
CA CYS H 2704 -93.78 -54.35 56.73
C CYS H 2704 -93.22 -54.90 55.42
N ALA H 2705 -91.89 -54.91 55.29
CA ALA H 2705 -91.26 -55.31 54.04
C ALA H 2705 -91.52 -56.77 53.73
N ILE H 2706 -91.31 -57.65 54.71
CA ILE H 2706 -91.48 -59.07 54.44
C ILE H 2706 -92.92 -59.40 54.10
N ALA H 2707 -93.87 -58.73 54.77
CA ALA H 2707 -95.27 -58.87 54.39
C ALA H 2707 -95.49 -58.43 52.96
N GLY H 2708 -94.87 -57.32 52.55
CA GLY H 2708 -94.97 -56.88 51.18
C GLY H 2708 -94.39 -57.86 50.18
N ALA H 2709 -93.34 -58.57 50.58
CA ALA H 2709 -92.62 -59.44 49.64
C ALA H 2709 -93.44 -60.68 49.30
N LEU H 2710 -94.02 -61.33 50.30
CA LEU H 2710 -94.64 -62.63 50.10
C LEU H 2710 -95.90 -62.51 49.25
N PRO H 2711 -96.08 -63.36 48.25
CA PRO H 2711 -97.37 -63.43 47.56
C PRO H 2711 -98.41 -64.08 48.46
N PRO H 2712 -99.61 -63.51 48.52
CA PRO H 2712 -100.63 -64.07 49.44
C PRO H 2712 -100.94 -65.53 49.18
N ASP H 2713 -100.97 -65.94 47.91
CA ASP H 2713 -101.35 -67.30 47.56
C ASP H 2713 -100.09 -68.14 47.34
N TYR H 2714 -99.63 -68.76 48.43
CA TYR H 2714 -98.54 -69.72 48.36
C TYR H 2714 -98.88 -70.79 49.37
N VAL H 2715 -98.61 -72.05 49.04
CA VAL H 2715 -98.87 -73.15 49.97
C VAL H 2715 -97.53 -73.79 50.35
N ASP H 2716 -97.33 -74.01 51.65
CA ASP H 2716 -96.04 -74.47 52.17
C ASP H 2716 -95.73 -75.89 51.70
N ALA H 2717 -94.44 -76.13 51.43
CA ALA H 2717 -94.01 -77.48 51.07
C ALA H 2717 -94.28 -78.46 52.21
N SER H 2718 -93.98 -78.05 53.43
CA SER H 2718 -94.31 -78.82 54.63
C SER H 2718 -94.90 -77.83 55.64
N TYR H 2719 -96.21 -77.61 55.56
CA TYR H 2719 -96.85 -76.60 56.39
C TYR H 2719 -96.71 -76.98 57.86
N SER H 2720 -96.08 -76.09 58.63
CA SER H 2720 -95.83 -76.34 60.04
C SER H 2720 -96.96 -75.74 60.85
N SER H 2721 -98.06 -76.49 60.96
CA SER H 2721 -99.15 -76.10 61.85
C SER H 2721 -98.66 -76.03 63.28
N LYS H 2722 -97.76 -76.93 63.66
CA LYS H 2722 -97.09 -76.89 64.95
C LYS H 2722 -95.59 -76.77 64.70
N ALA H 2723 -94.95 -75.82 65.37
CA ALA H 2723 -93.51 -75.60 65.23
C ALA H 2723 -92.80 -76.17 66.44
N GLU H 2724 -91.76 -76.95 66.21
CA GLU H 2724 -91.00 -77.60 67.27
C GLU H 2724 -89.65 -76.89 67.39
N LYS H 2725 -89.60 -75.90 68.26
CA LYS H 2725 -88.37 -75.13 68.48
C LYS H 2725 -87.30 -76.01 69.12
N ASN H 2734 -74.34 -72.20 68.66
CA ASN H 2734 -75.68 -71.71 68.36
C ASN H 2734 -76.56 -72.82 67.80
N PHE H 2735 -76.31 -73.19 66.55
CA PHE H 2735 -77.12 -74.17 65.85
C PHE H 2735 -76.77 -75.57 66.37
N ASP H 2736 -77.43 -75.95 67.47
CA ASP H 2736 -77.21 -77.26 68.06
C ASP H 2736 -78.50 -78.06 68.00
N PRO H 2737 -78.66 -78.90 66.99
CA PRO H 2737 -79.88 -79.70 66.87
C PRO H 2737 -79.80 -81.02 67.60
N ARG H 2738 -80.96 -81.44 68.11
CA ARG H 2738 -81.04 -82.68 68.88
C ARG H 2738 -80.89 -83.88 67.95
N PRO H 2739 -80.26 -84.96 68.41
CA PRO H 2739 -80.31 -86.22 67.67
C PRO H 2739 -81.44 -87.11 68.16
N VAL H 2740 -82.07 -87.82 67.23
CA VAL H 2740 -83.14 -88.73 67.58
C VAL H 2740 -82.55 -89.99 68.17
N GLU H 2741 -82.86 -90.27 69.43
CA GLU H 2741 -82.39 -91.49 70.07
C GLU H 2741 -83.00 -92.70 69.36
N THR H 2742 -82.18 -93.70 69.08
CA THR H 2742 -82.61 -94.84 68.28
C THR H 2742 -82.77 -96.11 69.10
N LEU H 2743 -82.01 -96.27 70.18
CA LEU H 2743 -82.01 -97.50 70.96
C LEU H 2743 -82.83 -97.40 72.24
N ASN H 2744 -83.22 -96.19 72.66
CA ASN H 2744 -83.88 -96.02 73.95
C ASN H 2744 -85.21 -96.77 73.99
N VAL H 2745 -86.00 -96.68 72.91
CA VAL H 2745 -87.26 -97.41 72.85
C VAL H 2745 -87.00 -98.86 72.46
N ILE H 2746 -87.79 -99.75 73.03
CA ILE H 2746 -87.67 -101.18 72.77
C ILE H 2746 -88.22 -101.49 71.38
N ILE H 2747 -87.46 -102.24 70.60
CA ILE H 2747 -87.87 -102.61 69.24
C ILE H 2747 -88.97 -103.66 69.34
N PRO H 2748 -90.13 -103.41 68.74
CA PRO H 2748 -91.20 -104.43 68.75
C PRO H 2748 -90.81 -105.65 67.95
N GLU H 2749 -91.32 -106.81 68.38
CA GLU H 2749 -90.98 -108.05 67.71
C GLU H 2749 -91.61 -108.12 66.32
N LYS H 2750 -92.67 -107.34 66.08
CA LYS H 2750 -93.25 -107.25 64.75
C LYS H 2750 -92.18 -106.94 63.72
N LEU H 2751 -91.27 -106.04 64.06
CA LEU H 2751 -90.17 -105.65 63.20
C LEU H 2751 -88.91 -106.44 63.57
N ASP H 2752 -89.07 -107.76 63.68
CA ASP H 2752 -87.95 -108.60 64.07
C ASP H 2752 -86.95 -108.77 62.94
N SER H 2753 -87.44 -108.83 61.70
CA SER H 2753 -86.54 -108.95 60.56
C SER H 2753 -85.55 -107.78 60.52
N PHE H 2754 -86.05 -106.57 60.76
CA PHE H 2754 -85.16 -105.40 60.79
C PHE H 2754 -84.05 -105.57 61.81
N ILE H 2755 -84.30 -106.32 62.88
CA ILE H 2755 -83.25 -106.53 63.88
C ILE H 2755 -82.04 -107.19 63.24
N ASN H 2756 -82.25 -108.17 62.36
CA ASN H 2756 -81.15 -108.85 61.69
C ASN H 2756 -81.29 -108.94 60.18
N LYS H 2757 -82.50 -109.16 59.66
CA LYS H 2757 -82.67 -109.47 58.24
C LYS H 2757 -82.59 -108.24 57.35
N PHE H 2758 -83.10 -107.09 57.82
CA PHE H 2758 -83.18 -105.91 56.96
C PHE H 2758 -81.80 -105.45 56.52
N ALA H 2759 -80.82 -105.46 57.44
CA ALA H 2759 -79.44 -105.14 57.07
C ALA H 2759 -78.96 -106.05 55.94
N GLU H 2760 -79.40 -107.30 55.96
CA GLU H 2760 -79.23 -108.18 54.80
C GLU H 2760 -80.16 -107.73 53.68
N TYR H 2761 -81.46 -107.68 53.98
CA TYR H 2761 -82.46 -107.51 52.94
C TYR H 2761 -82.29 -106.21 52.19
N THR H 2762 -81.82 -105.17 52.86
CA THR H 2762 -81.54 -103.91 52.18
C THR H 2762 -80.21 -103.91 51.47
N HIS H 2763 -79.19 -104.58 52.04
CA HIS H 2763 -77.89 -104.61 51.39
C HIS H 2763 -77.98 -105.25 50.00
N GLU H 2764 -78.64 -106.40 49.91
CA GLU H 2764 -78.88 -107.00 48.59
C GLU H 2764 -79.71 -106.07 47.72
N LYS H 2765 -80.62 -105.31 48.34
CA LYS H 2765 -81.30 -104.24 47.61
C LYS H 2765 -80.32 -103.13 47.25
N TRP H 2766 -79.50 -102.71 48.20
CA TRP H 2766 -78.61 -101.58 48.01
C TRP H 2766 -77.35 -101.93 47.25
N ALA H 2767 -77.13 -103.22 46.95
CA ALA H 2767 -75.89 -103.61 46.29
C ALA H 2767 -75.96 -103.35 44.79
N PHE H 2768 -76.80 -104.11 44.08
CA PHE H 2768 -76.77 -104.12 42.62
C PHE H 2768 -76.90 -102.71 42.06
N ASP H 2769 -77.73 -101.88 42.69
CA ASP H 2769 -77.89 -100.50 42.26
C ASP H 2769 -76.55 -99.85 41.95
N LYS H 2770 -75.66 -99.78 42.94
CA LYS H 2770 -74.44 -99.01 42.75
C LYS H 2770 -73.57 -99.60 41.65
N ILE H 2771 -73.65 -100.91 41.43
CA ILE H 2771 -72.77 -101.52 40.43
C ILE H 2771 -73.35 -101.45 39.03
N GLN H 2772 -74.44 -100.69 38.83
CA GLN H 2772 -74.95 -100.53 37.47
C GLN H 2772 -73.97 -99.77 36.58
N ASN H 2773 -73.31 -98.75 37.11
CA ASN H 2773 -72.41 -97.92 36.31
C ASN H 2773 -71.00 -98.50 36.35
N ASN H 2774 -70.64 -99.18 35.26
CA ASN H 2774 -69.29 -99.62 34.90
C ASN H 2774 -68.44 -100.01 36.12
N TRP H 2775 -68.96 -100.97 36.88
CA TRP H 2775 -68.26 -101.54 38.02
C TRP H 2775 -67.90 -102.99 37.69
N SER H 2776 -66.61 -103.30 37.73
CA SER H 2776 -66.15 -104.66 37.54
C SER H 2776 -66.28 -105.45 38.84
N TYR H 2777 -65.76 -106.69 38.82
CA TYR H 2777 -65.85 -107.57 39.99
C TYR H 2777 -65.14 -106.95 41.19
N GLY H 2778 -65.54 -107.34 42.39
CA GLY H 2778 -64.93 -106.79 43.58
C GLY H 2778 -65.26 -107.45 44.90
N GLU H 2779 -64.29 -107.47 45.81
CA GLU H 2779 -64.46 -108.02 47.15
C GLU H 2779 -63.97 -107.10 48.26
N ASN H 2780 -63.08 -106.15 47.97
CA ASN H 2780 -62.57 -105.21 48.95
C ASN H 2780 -62.42 -103.84 48.28
N VAL H 2781 -61.94 -102.86 49.04
CA VAL H 2781 -61.75 -101.50 48.55
C VAL H 2781 -60.28 -101.36 48.16
N ASP H 2782 -59.99 -101.51 46.87
CA ASP H 2782 -58.65 -101.28 46.33
C ASP H 2782 -58.81 -100.69 44.94
N GLU H 2783 -58.59 -99.37 44.83
CA GLU H 2783 -58.77 -98.69 43.55
C GLU H 2783 -57.81 -99.20 42.49
N GLU H 2784 -56.60 -99.60 42.89
CA GLU H 2784 -55.65 -100.16 41.94
C GLU H 2784 -56.17 -101.45 41.33
N LEU H 2785 -56.79 -102.30 42.15
CA LEU H 2785 -57.30 -103.58 41.68
C LEU H 2785 -58.66 -103.46 40.98
N LYS H 2786 -59.27 -102.27 41.00
CA LYS H 2786 -60.63 -102.06 40.49
C LYS H 2786 -61.58 -103.07 41.09
N THR H 2787 -61.42 -103.28 42.39
CA THR H 2787 -62.27 -104.17 43.17
C THR H 2787 -63.18 -103.32 44.04
N HIS H 2788 -64.47 -103.65 44.04
CA HIS H 2788 -65.44 -102.94 44.85
C HIS H 2788 -66.13 -103.93 45.78
N PRO H 2789 -66.05 -103.72 47.10
CA PRO H 2789 -66.38 -104.81 48.05
C PRO H 2789 -67.82 -105.24 48.03
N MET H 2790 -68.67 -104.61 47.23
CA MET H 2790 -70.10 -104.87 47.35
C MET H 2790 -70.63 -105.65 46.14
N LEU H 2791 -69.76 -106.01 45.20
CA LEU H 2791 -70.10 -107.13 44.33
C LEU H 2791 -69.84 -108.46 45.00
N ARG H 2792 -69.59 -108.44 46.30
CA ARG H 2792 -69.49 -109.67 47.08
C ARG H 2792 -70.82 -110.41 47.04
N PRO H 2793 -70.82 -111.72 46.82
CA PRO H 2793 -72.07 -112.46 46.86
C PRO H 2793 -72.65 -112.50 48.26
N TYR H 2794 -73.97 -112.63 48.32
CA TYR H 2794 -74.65 -112.82 49.60
C TYR H 2794 -74.37 -114.20 50.18
N LYS H 2795 -73.71 -115.08 49.42
CA LYS H 2795 -73.12 -116.28 49.99
C LYS H 2795 -72.03 -115.94 50.99
N THR H 2796 -71.17 -114.98 50.62
CA THR H 2796 -70.06 -114.55 51.47
C THR H 2796 -70.53 -113.60 52.56
N PHE H 2797 -71.84 -113.52 52.76
CA PHE H 2797 -72.43 -112.62 53.75
C PHE H 2797 -72.24 -113.17 55.15
N SER H 2798 -71.21 -112.72 55.85
CA SER H 2798 -70.97 -113.15 57.22
C SER H 2798 -71.55 -112.12 58.20
N GLU H 2799 -71.22 -112.32 59.48
CA GLU H 2799 -71.62 -111.36 60.51
C GLU H 2799 -71.00 -109.99 60.26
N LYS H 2800 -69.75 -109.96 59.77
CA LYS H 2800 -69.14 -108.76 59.20
C LYS H 2800 -70.09 -108.02 58.26
N ASP H 2801 -70.55 -108.72 57.23
CA ASP H 2801 -71.30 -108.09 56.15
C ASP H 2801 -72.67 -107.66 56.66
N LYS H 2802 -73.18 -108.34 57.68
CA LYS H 2802 -74.37 -107.86 58.37
C LYS H 2802 -74.08 -106.54 59.08
N GLU H 2803 -73.04 -106.51 59.91
CA GLU H 2803 -72.78 -105.37 60.79
C GLU H 2803 -72.50 -104.09 60.01
N ILE H 2804 -71.72 -104.20 58.93
CA ILE H 2804 -71.23 -103.02 58.22
C ILE H 2804 -72.37 -102.18 57.66
N TYR H 2805 -73.44 -102.80 57.15
CA TYR H 2805 -74.64 -102.08 56.79
C TYR H 2805 -75.70 -102.13 57.88
N ARG H 2806 -75.43 -102.85 58.96
CA ARG H 2806 -76.35 -102.94 60.09
C ARG H 2806 -76.42 -101.62 60.83
N TRP H 2807 -75.27 -101.00 61.07
CA TRP H 2807 -75.26 -99.79 61.89
C TRP H 2807 -76.16 -98.70 61.30
N PRO H 2808 -75.97 -98.29 60.03
CA PRO H 2808 -76.87 -97.26 59.49
C PRO H 2808 -78.32 -97.70 59.42
N ILE H 2809 -78.57 -98.96 59.08
CA ILE H 2809 -79.94 -99.46 58.99
C ILE H 2809 -80.58 -99.49 60.37
N LYS H 2810 -79.82 -99.94 61.37
CA LYS H 2810 -80.27 -99.92 62.75
C LYS H 2810 -80.74 -98.53 63.15
N GLU H 2811 -79.90 -97.52 62.90
CA GLU H 2811 -80.31 -96.15 63.14
C GLU H 2811 -81.59 -95.84 62.38
N SER H 2812 -81.58 -96.14 61.08
CA SER H 2812 -82.65 -95.72 60.15
C SER H 2812 -84.03 -96.13 60.66
N LEU H 2813 -84.17 -97.39 61.07
CA LEU H 2813 -85.50 -97.86 61.44
C LEU H 2813 -85.77 -97.87 62.93
N LYS H 2814 -84.76 -98.06 63.78
CA LYS H 2814 -85.05 -98.01 65.20
C LYS H 2814 -85.38 -96.58 65.65
N ALA H 2815 -84.87 -95.56 64.95
CA ALA H 2815 -85.32 -94.21 65.23
C ALA H 2815 -86.76 -93.99 64.73
N MET H 2816 -87.14 -94.63 63.62
CA MET H 2816 -88.54 -94.59 63.22
C MET H 2816 -89.41 -95.21 64.29
N ILE H 2817 -88.92 -96.28 64.94
CA ILE H 2817 -89.63 -96.84 66.06
C ILE H 2817 -89.67 -95.86 67.22
N ALA H 2818 -88.61 -95.07 67.39
CA ALA H 2818 -88.60 -94.05 68.42
C ALA H 2818 -89.72 -93.03 68.19
N TRP H 2819 -89.99 -92.67 66.93
CA TRP H 2819 -91.11 -91.78 66.68
C TRP H 2819 -92.45 -92.52 66.72
N GLU H 2820 -92.56 -93.62 65.96
CA GLU H 2820 -93.78 -94.39 65.88
C GLU H 2820 -93.49 -95.81 66.35
N TRP H 2821 -93.99 -96.15 67.53
CA TRP H 2821 -93.80 -97.48 68.11
C TRP H 2821 -95.16 -98.12 68.35
N THR H 2822 -95.40 -99.25 67.68
CA THR H 2822 -96.60 -100.04 67.84
C THR H 2822 -96.24 -101.51 67.66
N ILE H 2823 -97.24 -102.37 67.68
CA ILE H 2823 -97.02 -103.77 67.35
C ILE H 2823 -98.16 -104.27 66.47
N GLU H 2824 -97.93 -104.32 65.16
CA GLU H 2824 -98.91 -104.77 64.19
C GLU H 2824 -98.22 -105.67 63.16
N LYS H 2825 -99.02 -106.57 62.57
CA LYS H 2825 -98.49 -107.55 61.61
C LYS H 2825 -99.60 -107.90 60.65
N ALA H 2826 -99.44 -107.53 59.37
CA ALA H 2826 -100.51 -107.75 58.41
C ALA H 2826 -100.04 -108.43 57.12
N ARG H 2827 -98.80 -108.19 56.72
CA ARG H 2827 -98.34 -108.61 55.40
C ARG H 2827 -96.89 -109.06 55.46
N GLU H 2828 -96.52 -109.95 54.55
CA GLU H 2828 -95.14 -110.42 54.39
C GLU H 2828 -94.71 -110.17 52.95
N GLY H 2829 -93.71 -109.32 52.77
CA GLY H 2829 -93.21 -109.01 51.45
C GLY H 2829 -91.70 -108.88 51.40
N GLU H 2830 -91.08 -109.54 50.43
CA GLU H 2830 -89.63 -109.51 50.29
C GLU H 2830 -89.22 -109.33 48.83
N TYR H 2855 -71.09 -109.89 40.00
CA TYR H 2855 -72.30 -110.57 39.57
C TYR H 2855 -73.50 -109.63 39.61
N ASN H 2856 -74.50 -109.90 38.78
CA ASN H 2856 -75.64 -109.01 38.60
C ASN H 2856 -76.91 -109.65 39.16
N PRO H 2857 -77.28 -109.37 40.41
CA PRO H 2857 -78.60 -109.79 40.89
C PRO H 2857 -79.67 -108.77 40.56
N GLN H 2858 -80.91 -108.98 41.04
CA GLN H 2858 -81.95 -108.00 40.79
C GLN H 2858 -82.16 -107.11 42.01
N PRO H 2859 -82.38 -105.81 41.82
CA PRO H 2859 -82.64 -104.93 42.95
C PRO H 2859 -84.13 -104.85 43.25
N PRO H 2860 -84.54 -105.22 44.47
CA PRO H 2860 -85.94 -104.99 44.87
C PRO H 2860 -86.12 -103.56 45.37
N ASP H 2861 -86.79 -102.75 44.56
CA ASP H 2861 -87.01 -101.34 44.88
C ASP H 2861 -88.49 -101.11 45.09
N LEU H 2862 -88.84 -100.51 46.23
CA LEU H 2862 -90.22 -100.19 46.54
C LEU H 2862 -90.49 -98.69 46.58
N SER H 2863 -89.60 -97.88 46.02
CA SER H 2863 -89.91 -96.46 45.88
C SER H 2863 -91.10 -96.23 44.96
N GLY H 2864 -91.26 -97.10 43.95
CA GLY H 2864 -92.44 -97.02 43.11
C GLY H 2864 -93.71 -97.41 43.84
N VAL H 2865 -93.59 -98.30 44.83
CA VAL H 2865 -94.75 -98.72 45.60
C VAL H 2865 -95.36 -97.52 46.30
N THR H 2866 -96.69 -97.42 46.23
CA THR H 2866 -97.40 -96.26 46.72
C THR H 2866 -97.32 -96.17 48.24
N LEU H 2867 -97.65 -94.98 48.75
CA LEU H 2867 -97.60 -94.70 50.18
C LEU H 2867 -98.69 -93.71 50.52
N SER H 2868 -99.15 -93.75 51.76
CA SER H 2868 -100.22 -92.85 52.19
C SER H 2868 -99.67 -91.48 52.53
N ARG H 2869 -100.55 -90.49 52.56
CA ARG H 2869 -100.14 -89.11 52.80
C ARG H 2869 -99.59 -88.93 54.21
N GLU H 2870 -100.21 -89.59 55.19
CA GLU H 2870 -99.69 -89.53 56.55
C GLU H 2870 -98.28 -90.10 56.63
N LEU H 2871 -98.04 -91.17 55.88
CA LEU H 2871 -96.71 -91.76 55.79
C LEU H 2871 -95.70 -90.83 55.15
N GLN H 2872 -96.15 -89.83 54.40
CA GLN H 2872 -95.21 -88.86 53.81
C GLN H 2872 -94.53 -88.02 54.87
N ALA H 2873 -95.27 -87.59 55.89
CA ALA H 2873 -94.70 -86.74 56.91
C ALA H 2873 -93.58 -87.46 57.64
N MET H 2874 -93.75 -88.76 57.86
CA MET H 2874 -92.75 -89.54 58.58
C MET H 2874 -91.62 -89.98 57.65
N ALA H 2875 -91.91 -90.16 56.36
CA ALA H 2875 -90.84 -90.32 55.38
C ALA H 2875 -89.98 -89.07 55.28
N GLU H 2876 -90.57 -87.90 55.53
CA GLU H 2876 -89.86 -86.63 55.64
C GLU H 2876 -89.07 -86.50 56.94
N GLN H 2877 -89.68 -86.90 58.05
CA GLN H 2877 -89.00 -86.79 59.34
C GLN H 2877 -87.84 -87.78 59.43
N LEU H 2878 -87.90 -88.88 58.68
CA LEU H 2878 -86.78 -89.82 58.66
C LEU H 2878 -85.59 -89.23 57.90
N ALA H 2879 -85.86 -88.47 56.83
CA ALA H 2879 -84.80 -87.75 56.15
C ALA H 2879 -84.26 -86.64 57.04
N GLU H 2880 -85.14 -85.96 57.79
CA GLU H 2880 -84.70 -84.99 58.78
C GLU H 2880 -83.76 -85.64 59.79
N ASN H 2881 -84.06 -86.89 60.17
CA ASN H 2881 -83.19 -87.62 61.09
C ASN H 2881 -81.88 -88.00 60.43
N TYR H 2882 -81.92 -88.36 59.15
CA TYR H 2882 -80.68 -88.56 58.41
C TYR H 2882 -79.81 -87.31 58.50
N HIS H 2883 -80.43 -86.14 58.31
CA HIS H 2883 -79.70 -84.90 58.47
C HIS H 2883 -79.14 -84.75 59.88
N ASN H 2884 -79.98 -84.89 60.91
CA ASN H 2884 -79.53 -84.69 62.29
C ASN H 2884 -78.97 -85.95 62.93
N THR H 2885 -78.49 -86.90 62.13
CA THR H 2885 -77.59 -87.96 62.58
C THR H 2885 -76.27 -87.95 61.83
N TRP H 2886 -76.31 -87.84 60.50
CA TRP H 2886 -75.07 -87.63 59.75
C TRP H 2886 -74.40 -86.33 60.19
N GLY H 2887 -75.19 -85.26 60.31
CA GLY H 2887 -74.66 -84.02 60.82
C GLY H 2887 -74.34 -84.10 62.30
N ARG H 2888 -74.94 -85.06 63.01
CA ARG H 2888 -74.58 -85.22 64.42
C ARG H 2888 -73.22 -85.89 64.57
N LYS H 2889 -72.90 -86.84 63.71
CA LYS H 2889 -71.54 -87.38 63.71
C LYS H 2889 -70.54 -86.35 63.20
N LYS H 2890 -70.92 -85.58 62.18
CA LYS H 2890 -70.13 -84.43 61.78
C LYS H 2890 -69.95 -83.46 62.93
N LYS H 2891 -70.99 -83.28 63.75
CA LYS H 2891 -70.93 -82.39 64.90
C LYS H 2891 -70.10 -82.97 66.02
N GLN H 2892 -70.03 -84.30 66.11
CA GLN H 2892 -69.08 -84.93 67.02
C GLN H 2892 -67.65 -84.60 66.61
N GLU H 2893 -67.38 -84.61 65.31
CA GLU H 2893 -66.07 -84.17 64.83
C GLU H 2893 -65.86 -82.67 65.05
N LEU H 2894 -66.88 -81.86 64.75
CA LEU H 2894 -66.81 -80.41 64.93
C LEU H 2894 -66.68 -80.01 66.40
N GLU H 2895 -67.16 -80.85 67.31
CA GLU H 2895 -67.02 -80.57 68.74
C GLU H 2895 -65.57 -80.75 69.17
N ALA H 2896 -64.78 -81.46 68.36
CA ALA H 2896 -63.36 -81.59 68.59
C ALA H 2896 -62.59 -80.32 68.22
N LYS H 2897 -63.22 -79.36 67.54
CA LYS H 2897 -62.60 -78.07 67.26
C LYS H 2897 -63.22 -77.00 68.14
N GLY H 2898 -62.83 -75.76 67.86
CA GLY H 2898 -63.60 -74.60 68.26
C GLY H 2898 -63.80 -73.68 67.08
N GLY H 2899 -65.04 -73.47 66.67
CA GLY H 2899 -65.36 -72.56 65.59
C GLY H 2899 -65.50 -73.26 64.25
N GLY H 2900 -65.99 -72.50 63.28
CA GLY H 2900 -66.22 -72.97 61.92
C GLY H 2900 -67.69 -73.19 61.62
N THR H 2901 -68.10 -72.78 60.42
CA THR H 2901 -69.48 -72.93 59.96
C THR H 2901 -69.53 -73.96 58.85
N HIS H 2902 -70.43 -74.94 59.01
CA HIS H 2902 -70.56 -76.04 58.07
C HIS H 2902 -71.79 -75.78 57.22
N PRO H 2903 -71.64 -75.38 55.95
CA PRO H 2903 -72.79 -74.82 55.21
C PRO H 2903 -73.93 -75.79 55.01
N LEU H 2904 -73.65 -77.08 54.80
CA LEU H 2904 -74.74 -78.03 54.58
C LEU H 2904 -75.19 -78.70 55.89
N LEU H 2905 -74.88 -78.07 57.02
CA LEU H 2905 -75.45 -78.46 58.32
C LEU H 2905 -76.38 -77.34 58.76
N VAL H 2906 -77.67 -77.47 58.45
CA VAL H 2906 -78.65 -76.41 58.66
C VAL H 2906 -79.97 -77.01 59.16
N PRO H 2907 -80.86 -76.21 59.76
CA PRO H 2907 -82.16 -76.76 60.19
C PRO H 2907 -82.97 -77.24 59.00
N TYR H 2908 -83.80 -78.26 59.25
CA TYR H 2908 -84.56 -78.88 58.15
C TYR H 2908 -85.47 -77.89 57.45
N ASP H 2909 -86.16 -77.03 58.20
CA ASP H 2909 -86.94 -75.96 57.59
C ASP H 2909 -86.07 -75.02 56.76
N THR H 2910 -84.77 -75.01 57.03
CA THR H 2910 -83.84 -74.13 56.34
C THR H 2910 -83.10 -74.82 55.22
N LEU H 2911 -83.20 -76.15 55.13
CA LEU H 2911 -82.58 -76.89 54.02
C LEU H 2911 -83.13 -76.44 52.67
N THR H 2912 -82.41 -76.84 51.63
CA THR H 2912 -82.81 -76.68 50.24
C THR H 2912 -83.35 -78.00 49.72
N ALA H 2913 -84.20 -77.93 48.70
CA ALA H 2913 -84.98 -79.09 48.26
C ALA H 2913 -84.09 -80.25 47.83
N LYS H 2914 -83.01 -79.97 47.10
CA LYS H 2914 -82.15 -81.05 46.61
C LYS H 2914 -81.38 -81.71 47.77
N GLU H 2915 -80.92 -80.92 48.73
CA GLU H 2915 -80.21 -81.49 49.87
C GLU H 2915 -81.14 -82.36 50.71
N LYS H 2916 -82.39 -81.94 50.87
CA LYS H 2916 -83.38 -82.79 51.50
C LYS H 2916 -83.64 -84.04 50.68
N ALA H 2917 -83.70 -83.91 49.35
CA ALA H 2917 -83.98 -85.05 48.49
C ALA H 2917 -82.88 -86.10 48.57
N ARG H 2918 -81.64 -85.68 48.81
CA ARG H 2918 -80.53 -86.63 48.93
C ARG H 2918 -80.86 -87.74 49.92
N ASP H 2919 -81.09 -87.39 51.18
CA ASP H 2919 -81.39 -88.42 52.17
C ASP H 2919 -82.86 -88.79 52.18
N ARG H 2920 -83.72 -88.00 51.51
CA ARG H 2920 -85.09 -88.45 51.29
C ARG H 2920 -85.12 -89.67 50.39
N GLU H 2921 -84.13 -89.79 49.50
CA GLU H 2921 -84.07 -90.94 48.62
C GLU H 2921 -83.93 -92.24 49.40
N LYS H 2922 -83.12 -92.23 50.47
CA LYS H 2922 -83.06 -93.38 51.36
C LYS H 2922 -84.29 -93.44 52.26
N ALA H 2923 -84.73 -92.29 52.77
CA ALA H 2923 -85.80 -92.26 53.75
C ALA H 2923 -87.13 -92.74 53.18
N GLN H 2924 -87.33 -92.65 51.87
CA GLN H 2924 -88.62 -93.00 51.29
C GLN H 2924 -88.87 -94.51 51.38
N GLU H 2925 -87.84 -95.33 51.12
CA GLU H 2925 -88.07 -96.77 51.01
C GLU H 2925 -88.51 -97.38 52.33
N LEU H 2926 -87.86 -96.99 53.43
CA LEU H 2926 -88.15 -97.61 54.72
C LEU H 2926 -89.62 -97.42 55.10
N LEU H 2927 -90.27 -96.41 54.52
CA LEU H 2927 -91.70 -96.23 54.72
C LEU H 2927 -92.50 -96.87 53.59
N LYS H 2928 -92.06 -96.64 52.35
CA LYS H 2928 -92.71 -97.18 51.17
C LYS H 2928 -92.65 -98.68 51.10
N PHE H 2929 -91.82 -99.31 51.92
CA PHE H 2929 -91.85 -100.76 52.04
C PHE H 2929 -93.12 -101.11 52.82
N LEU H 2930 -94.28 -100.94 52.19
CA LEU H 2930 -95.52 -101.24 52.89
C LEU H 2930 -95.65 -102.72 53.18
N GLN H 2931 -94.93 -103.54 52.42
CA GLN H 2931 -94.97 -104.98 52.60
C GLN H 2931 -93.88 -105.52 53.53
N MET H 2932 -93.09 -104.66 54.18
CA MET H 2932 -92.19 -105.17 55.21
C MET H 2932 -93.07 -105.53 56.40
N ASN H 2933 -93.07 -106.81 56.79
CA ASN H 2933 -93.58 -107.18 58.10
C ASN H 2933 -95.02 -106.74 58.31
N GLY H 2934 -95.66 -106.20 57.28
CA GLY H 2934 -96.98 -105.62 57.40
C GLY H 2934 -97.07 -104.48 58.38
N TYR H 2935 -96.14 -103.52 58.32
CA TYR H 2935 -96.08 -102.42 59.27
C TYR H 2935 -96.47 -101.12 58.57
N ALA H 2936 -97.60 -100.55 58.99
CA ALA H 2936 -98.05 -99.24 58.56
C ALA H 2936 -98.53 -98.45 59.77
N VAL H 2937 -98.10 -97.20 59.88
CA VAL H 2937 -98.42 -96.34 61.01
C VAL H 2937 -98.78 -94.95 60.51
N THR H 2938 -99.46 -94.18 61.35
CA THR H 2938 -100.06 -92.90 60.99
C THR H 2938 -99.24 -91.75 61.55
N ARG H 2939 -99.64 -90.54 61.19
CA ARG H 2939 -98.97 -89.33 61.63
C ARG H 2939 -99.29 -89.03 63.09
N SER H 2949 -107.84 -79.50 50.86
CA SER H 2949 -107.51 -78.34 50.04
C SER H 2949 -106.26 -77.65 50.56
N SER H 2950 -105.28 -77.44 49.68
CA SER H 2950 -104.11 -76.66 50.05
C SER H 2950 -104.49 -75.21 50.35
N ILE H 2951 -105.53 -74.70 49.68
CA ILE H 2951 -105.94 -73.31 49.83
C ILE H 2951 -106.23 -72.96 51.27
N GLU H 2952 -106.60 -73.94 52.10
CA GLU H 2952 -106.91 -73.66 53.49
C GLU H 2952 -105.71 -73.17 54.28
N LYS H 2953 -104.48 -73.36 53.79
CA LYS H 2953 -103.29 -73.03 54.54
C LYS H 2953 -102.43 -71.97 53.84
N ARG H 2954 -103.03 -71.11 53.03
CA ARG H 2954 -102.28 -70.05 52.39
C ARG H 2954 -101.73 -69.07 53.42
N PHE H 2955 -100.75 -68.28 53.00
CA PHE H 2955 -100.13 -67.31 53.90
C PHE H 2955 -101.14 -66.29 54.39
N ALA H 2956 -101.97 -65.76 53.50
CA ALA H 2956 -102.94 -64.74 53.89
C ALA H 2956 -103.91 -65.29 54.94
N PHE H 2957 -104.38 -66.53 54.74
CA PHE H 2957 -105.32 -67.12 55.68
C PHE H 2957 -104.74 -67.19 57.09
N GLY H 2958 -103.54 -67.76 57.22
CA GLY H 2958 -102.93 -67.87 58.52
C GLY H 2958 -102.66 -66.53 59.15
N PHE H 2959 -102.19 -65.57 58.35
CA PHE H 2959 -101.89 -64.26 58.91
C PHE H 2959 -103.16 -63.62 59.46
N LEU H 2960 -104.25 -63.69 58.70
CA LEU H 2960 -105.51 -63.13 59.18
C LEU H 2960 -106.02 -63.85 60.41
N GLN H 2961 -105.78 -65.16 60.51
CA GLN H 2961 -106.19 -65.89 61.70
C GLN H 2961 -105.44 -65.38 62.93
N GLN H 2962 -104.13 -65.20 62.81
CA GLN H 2962 -103.37 -64.63 63.91
C GLN H 2962 -103.87 -63.23 64.25
N LEU H 2963 -104.23 -62.47 63.21
CA LEU H 2963 -104.76 -61.14 63.42
C LEU H 2963 -106.02 -61.18 64.26
N LEU H 2964 -106.92 -62.12 63.96
CA LEU H 2964 -108.15 -62.24 64.73
C LEU H 2964 -107.83 -62.59 66.18
N ARG H 2965 -106.84 -63.44 66.41
CA ARG H 2965 -106.54 -63.85 67.78
C ARG H 2965 -106.00 -62.67 68.59
N TRP H 2966 -105.02 -61.95 68.06
CA TRP H 2966 -104.63 -60.69 68.70
C TRP H 2966 -105.77 -59.70 68.82
N MET H 2967 -106.75 -59.70 67.93
CA MET H 2967 -107.73 -58.64 68.07
C MET H 2967 -108.78 -58.99 69.12
N ASP H 2968 -109.06 -60.28 69.30
CA ASP H 2968 -109.83 -60.71 70.47
C ASP H 2968 -109.10 -60.37 71.76
N ILE H 2969 -107.79 -60.63 71.80
CA ILE H 2969 -107.00 -60.21 72.95
C ILE H 2969 -107.14 -58.71 73.16
N SER H 2970 -107.11 -57.94 72.07
CA SER H 2970 -107.21 -56.49 72.20
C SER H 2970 -108.54 -56.07 72.79
N GLN H 2971 -109.63 -56.71 72.36
CA GLN H 2971 -110.92 -56.47 72.99
C GLN H 2971 -110.80 -56.61 74.49
N GLU H 2972 -110.17 -57.71 74.92
CA GLU H 2972 -110.02 -57.96 76.35
C GLU H 2972 -109.23 -56.85 77.04
N PHE H 2973 -108.05 -56.51 76.52
CA PHE H 2973 -107.24 -55.57 77.28
C PHE H 2973 -107.52 -54.11 76.95
N ILE H 2974 -108.49 -53.80 76.09
CA ILE H 2974 -109.02 -52.44 76.08
C ILE H 2974 -110.18 -52.30 77.05
N ALA H 2975 -110.99 -53.37 77.18
CA ALA H 2975 -111.95 -53.37 78.29
C ALA H 2975 -111.23 -53.19 79.62
N HIS H 2976 -110.03 -53.76 79.74
CA HIS H 2976 -109.19 -53.48 80.89
C HIS H 2976 -109.10 -52.00 81.18
N LEU H 2977 -108.58 -51.21 80.23
CA LEU H 2977 -108.32 -49.79 80.51
C LEU H 2977 -109.60 -49.04 80.82
N GLU H 2978 -110.69 -49.39 80.14
CA GLU H 2978 -111.95 -48.71 80.39
C GLU H 2978 -112.42 -48.94 81.82
N ALA H 2979 -112.25 -50.16 82.33
CA ALA H 2979 -112.53 -50.39 83.74
C ALA H 2979 -111.49 -49.73 84.64
N VAL H 2980 -110.24 -49.69 84.19
CA VAL H 2980 -109.13 -49.20 85.01
C VAL H 2980 -109.30 -47.72 85.32
N VAL H 2981 -109.70 -46.93 84.32
CA VAL H 2981 -109.83 -45.49 84.52
C VAL H 2981 -110.77 -45.19 85.67
N SER H 2982 -111.91 -45.90 85.71
CA SER H 2982 -112.82 -45.77 86.85
C SER H 2982 -112.19 -46.32 88.13
N SER H 2983 -111.48 -47.45 88.02
CA SER H 2983 -110.85 -48.03 89.20
C SER H 2983 -109.74 -47.14 89.73
N GLY H 2984 -109.07 -46.37 88.88
CA GLY H 2984 -107.99 -45.52 89.33
C GLY H 2984 -106.80 -46.26 89.88
N ARG H 2985 -106.41 -47.36 89.23
CA ARG H 2985 -105.31 -48.20 89.67
C ARG H 2985 -104.40 -48.51 88.49
N VAL H 2986 -103.09 -48.61 88.78
CA VAL H 2986 -102.14 -48.99 87.74
C VAL H 2986 -102.37 -50.42 87.30
N GLU H 2987 -102.75 -51.31 88.23
CA GLU H 2987 -102.96 -52.74 87.99
C GLU H 2987 -101.68 -53.42 87.52
N LYS H 2988 -100.54 -52.73 87.57
CA LYS H 2988 -99.25 -53.19 87.08
C LYS H 2988 -99.25 -53.22 85.55
N SER H 2989 -100.43 -52.99 84.96
CA SER H 2989 -100.69 -53.02 83.53
C SER H 2989 -99.85 -54.07 82.82
N PRO H 2990 -99.88 -55.32 83.25
CA PRO H 2990 -99.00 -56.33 82.63
C PRO H 2990 -99.29 -56.53 81.15
N HIS H 2991 -100.49 -56.17 80.69
CA HIS H 2991 -100.81 -56.24 79.28
C HIS H 2991 -100.17 -55.11 78.49
N GLU H 2992 -99.49 -54.17 79.15
CA GLU H 2992 -98.91 -53.05 78.43
C GLU H 2992 -98.06 -53.51 77.26
N GLN H 2993 -97.31 -54.60 77.45
CA GLN H 2993 -96.55 -55.18 76.35
C GLN H 2993 -97.43 -55.26 75.11
N GLU H 2994 -98.50 -56.04 75.19
CA GLU H 2994 -99.33 -56.24 74.03
C GLU H 2994 -99.93 -54.93 73.54
N ILE H 2995 -100.32 -54.02 74.45
CA ILE H 2995 -100.95 -52.80 73.95
C ILE H 2995 -99.97 -52.06 73.07
N LYS H 2996 -98.70 -52.01 73.49
CA LYS H 2996 -97.69 -51.41 72.64
C LYS H 2996 -97.56 -52.20 71.34
N PHE H 2997 -97.50 -53.52 71.46
CA PHE H 2997 -97.44 -54.35 70.26
C PHE H 2997 -98.67 -54.13 69.40
N PHE H 2998 -99.80 -53.78 70.01
CA PHE H 2998 -100.98 -53.49 69.21
C PHE H 2998 -100.90 -52.09 68.61
N ALA H 2999 -100.36 -51.13 69.35
CA ALA H 2999 -100.42 -49.74 68.93
C ALA H 2999 -99.32 -49.39 67.94
N LYS H 3000 -98.12 -49.93 68.13
CA LYS H 3000 -96.98 -49.48 67.35
C LYS H 3000 -96.71 -50.38 66.16
N ILE H 3001 -97.02 -51.66 66.25
CA ILE H 3001 -96.57 -52.65 65.29
C ILE H 3001 -97.72 -53.17 64.44
N LEU H 3002 -98.80 -53.63 65.07
CA LEU H 3002 -99.87 -54.29 64.34
C LEU H 3002 -100.50 -53.35 63.33
N LEU H 3003 -101.01 -52.20 63.78
CA LEU H 3003 -101.73 -51.30 62.88
C LEU H 3003 -100.91 -50.88 61.67
N PRO H 3004 -99.66 -50.42 61.82
CA PRO H 3004 -98.89 -50.07 60.62
C PRO H 3004 -98.52 -51.27 59.76
N LEU H 3005 -98.55 -52.48 60.31
CA LEU H 3005 -98.35 -53.67 59.51
C LEU H 3005 -99.60 -53.98 58.68
N ILE H 3006 -100.76 -53.86 59.31
CA ILE H 3006 -102.03 -54.13 58.65
C ILE H 3006 -102.23 -53.16 57.50
N ASN H 3007 -101.99 -51.88 57.78
CA ASN H 3007 -102.20 -50.83 56.79
C ASN H 3007 -101.39 -51.11 55.54
N GLN H 3008 -100.09 -51.38 55.71
CA GLN H 3008 -99.24 -51.57 54.54
C GLN H 3008 -99.60 -52.85 53.81
N TYR H 3009 -99.86 -53.94 54.53
CA TYR H 3009 -100.17 -55.19 53.84
C TYR H 3009 -101.39 -55.02 52.97
N PHE H 3010 -102.44 -54.44 53.53
CA PHE H 3010 -103.69 -54.40 52.79
C PHE H 3010 -103.66 -53.34 51.71
N THR H 3011 -102.98 -52.22 51.94
CA THR H 3011 -102.83 -51.28 50.84
C THR H 3011 -101.93 -51.82 49.74
N ASN H 3012 -101.17 -52.88 50.00
CA ASN H 3012 -100.37 -53.51 48.97
C ASN H 3012 -101.09 -54.65 48.26
N HIS H 3013 -102.06 -55.28 48.90
CA HIS H 3013 -102.73 -56.44 48.30
C HIS H 3013 -104.25 -56.31 48.31
N CYS H 3014 -104.76 -55.08 48.29
CA CYS H 3014 -106.20 -54.91 48.34
C CYS H 3014 -106.88 -55.52 47.12
N LEU H 3015 -106.42 -55.17 45.90
CA LEU H 3015 -107.13 -55.70 44.74
C LEU H 3015 -107.01 -57.21 44.65
N TYR H 3016 -105.94 -57.79 45.21
CA TYR H 3016 -105.96 -59.24 45.38
C TYR H 3016 -107.12 -59.67 46.27
N PHE H 3017 -107.28 -59.01 47.42
CA PHE H 3017 -108.35 -59.38 48.32
C PHE H 3017 -109.72 -59.10 47.70
N LEU H 3018 -109.78 -58.26 46.67
CA LEU H 3018 -111.01 -57.97 45.96
C LEU H 3018 -111.13 -58.69 44.63
N SER H 3019 -110.07 -59.37 44.19
CA SER H 3019 -110.13 -60.09 42.93
C SER H 3019 -111.19 -61.17 42.98
N THR H 3020 -112.19 -61.04 42.14
CA THR H 3020 -113.28 -61.99 42.12
C THR H 3020 -112.88 -63.26 41.38
N PRO H 3021 -113.43 -64.41 41.78
CA PRO H 3021 -113.11 -65.65 41.06
C PRO H 3021 -113.48 -65.61 39.60
N ALA H 3022 -114.55 -64.90 39.24
CA ALA H 3022 -114.91 -64.78 37.83
C ALA H 3022 -113.93 -63.89 37.08
N LYS H 3023 -113.81 -62.63 37.52
CA LYS H 3023 -112.85 -61.69 36.97
C LYS H 3023 -111.89 -61.30 38.08
N VAL H 3024 -110.61 -61.58 37.89
CA VAL H 3024 -109.57 -61.26 38.87
C VAL H 3024 -109.02 -59.88 38.53
N LEU H 3025 -108.95 -59.01 39.53
CA LEU H 3025 -108.41 -57.66 39.36
C LEU H 3025 -107.10 -57.58 40.14
N GLY H 3026 -105.99 -57.71 39.45
CA GLY H 3026 -104.70 -57.68 40.10
C GLY H 3026 -103.69 -58.51 39.33
N SER H 3027 -102.59 -58.82 40.01
CA SER H 3027 -101.52 -59.60 39.38
C SER H 3027 -102.00 -60.98 38.96
N GLY H 3028 -102.70 -61.68 39.86
CA GLY H 3028 -103.17 -63.01 39.55
C GLY H 3028 -103.90 -63.68 40.68
N GLY H 3029 -104.90 -64.49 40.33
CA GLY H 3029 -105.62 -65.28 41.31
C GLY H 3029 -106.62 -64.46 42.10
N HIS H 3030 -107.48 -65.17 42.82
CA HIS H 3030 -108.50 -64.56 43.65
C HIS H 3030 -108.30 -64.99 45.09
N ALA H 3031 -108.67 -64.12 46.02
CA ALA H 3031 -108.71 -64.51 47.41
C ALA H 3031 -109.75 -65.59 47.62
N SER H 3032 -109.41 -66.60 48.41
CA SER H 3032 -110.40 -67.62 48.75
C SER H 3032 -111.52 -66.95 49.53
N ASN H 3033 -112.72 -67.53 49.42
CA ASN H 3033 -113.87 -66.95 50.11
C ASN H 3033 -113.58 -66.74 51.59
N LYS H 3034 -113.08 -67.77 52.26
CA LYS H 3034 -112.83 -67.70 53.69
C LYS H 3034 -112.02 -66.47 54.06
N GLU H 3035 -111.03 -66.15 53.23
CA GLU H 3035 -110.31 -64.89 53.43
C GLU H 3035 -111.24 -63.70 53.29
N LYS H 3036 -112.17 -63.77 52.33
CA LYS H 3036 -113.07 -62.65 52.11
C LYS H 3036 -114.02 -62.45 53.28
N GLU H 3037 -114.34 -63.50 54.03
CA GLU H 3037 -115.16 -63.27 55.22
C GLU H 3037 -114.32 -62.89 56.43
N MET H 3038 -113.11 -63.45 56.57
CA MET H 3038 -112.33 -63.06 57.73
C MET H 3038 -111.91 -61.59 57.63
N ILE H 3039 -111.70 -61.07 56.42
CA ILE H 3039 -111.38 -59.65 56.31
C ILE H 3039 -112.55 -58.80 56.81
N THR H 3040 -113.78 -59.23 56.51
CA THR H 3040 -114.95 -58.55 57.04
C THR H 3040 -114.98 -58.63 58.56
N SER H 3041 -114.61 -59.80 59.10
CA SER H 3041 -114.61 -59.96 60.54
C SER H 3041 -113.60 -59.05 61.21
N LEU H 3042 -112.41 -58.92 60.63
CA LEU H 3042 -111.44 -57.95 61.10
C LEU H 3042 -112.06 -56.56 61.10
N PHE H 3043 -112.68 -56.17 60.00
CA PHE H 3043 -113.26 -54.83 59.90
C PHE H 3043 -114.25 -54.58 61.03
N CYS H 3044 -115.23 -55.47 61.18
CA CYS H 3044 -116.29 -55.26 62.15
C CYS H 3044 -115.74 -55.27 63.57
N LYS H 3045 -114.83 -56.19 63.86
CA LYS H 3045 -114.29 -56.28 65.21
C LYS H 3045 -113.44 -55.05 65.53
N LEU H 3046 -112.70 -54.54 64.55
CA LEU H 3046 -112.01 -53.26 64.74
C LEU H 3046 -113.01 -52.18 65.12
N ALA H 3047 -114.12 -52.11 64.40
CA ALA H 3047 -115.15 -51.13 64.73
C ALA H 3047 -115.59 -51.27 66.18
N ALA H 3048 -115.79 -52.51 66.62
CA ALA H 3048 -116.18 -52.73 68.02
C ALA H 3048 -115.08 -52.24 68.96
N LEU H 3049 -113.82 -52.48 68.61
CA LEU H 3049 -112.71 -52.01 69.42
C LEU H 3049 -112.67 -50.50 69.54
N VAL H 3050 -113.14 -49.76 68.52
CA VAL H 3050 -113.05 -48.30 68.57
C VAL H 3050 -114.39 -47.62 68.84
N ARG H 3051 -115.47 -48.39 68.98
CA ARG H 3051 -116.78 -47.80 69.21
C ARG H 3051 -116.80 -47.07 70.54
N HIS H 3052 -116.78 -45.73 70.50
CA HIS H 3052 -116.60 -44.90 71.70
C HIS H 3052 -115.39 -45.33 72.52
N ARG H 3053 -114.27 -45.58 71.82
CA ARG H 3053 -113.04 -45.97 72.48
C ARG H 3053 -111.85 -45.14 72.00
N VAL H 3054 -112.11 -43.96 71.42
CA VAL H 3054 -111.02 -43.10 70.98
C VAL H 3054 -110.25 -42.56 72.15
N SER H 3055 -110.92 -42.35 73.29
CA SER H 3055 -110.26 -41.80 74.46
C SER H 3055 -109.11 -42.68 74.95
N LEU H 3056 -109.19 -44.00 74.72
CA LEU H 3056 -108.16 -44.91 75.20
C LEU H 3056 -106.94 -44.93 74.28
N PHE H 3057 -107.15 -45.15 72.99
CA PHE H 3057 -106.04 -45.17 72.05
C PHE H 3057 -105.41 -43.79 71.91
N GLY H 3058 -106.18 -42.74 72.20
CA GLY H 3058 -105.62 -41.39 72.25
C GLY H 3058 -104.81 -41.03 71.04
N THR H 3059 -103.49 -40.93 71.22
CA THR H 3059 -102.59 -40.67 70.12
C THR H 3059 -102.62 -41.76 69.06
N ASP H 3060 -103.14 -42.95 69.39
CA ASP H 3060 -103.26 -43.99 68.38
C ASP H 3060 -104.40 -43.72 67.41
N ALA H 3061 -105.22 -42.70 67.68
CA ALA H 3061 -106.41 -42.43 66.86
C ALA H 3061 -106.11 -42.27 65.37
N PRO H 3062 -105.13 -41.47 64.94
CA PRO H 3062 -104.86 -41.41 63.50
C PRO H 3062 -104.51 -42.76 62.90
N ALA H 3063 -103.69 -43.54 63.61
CA ALA H 3063 -103.29 -44.84 63.09
C ALA H 3063 -104.49 -45.78 62.98
N VAL H 3064 -105.31 -45.86 64.02
CA VAL H 3064 -106.43 -46.79 64.00
C VAL H 3064 -107.47 -46.35 62.98
N VAL H 3065 -107.65 -45.04 62.82
CA VAL H 3065 -108.64 -44.56 61.86
C VAL H 3065 -108.18 -44.83 60.44
N ASN H 3066 -106.90 -44.60 60.15
CA ASN H 3066 -106.40 -44.91 58.82
C ASN H 3066 -106.40 -46.41 58.55
N CYS H 3067 -106.11 -47.22 59.57
CA CYS H 3067 -106.26 -48.66 59.42
C CYS H 3067 -107.71 -49.01 59.08
N LEU H 3068 -108.65 -48.43 59.80
CA LEU H 3068 -110.05 -48.71 59.54
C LEU H 3068 -110.42 -48.30 58.12
N HIS H 3069 -109.86 -47.18 57.66
CA HIS H 3069 -110.09 -46.74 56.29
C HIS H 3069 -109.56 -47.73 55.27
N ILE H 3070 -108.32 -48.20 55.45
CA ILE H 3070 -107.73 -49.07 54.44
C ILE H 3070 -108.43 -50.42 54.42
N LEU H 3071 -108.84 -50.92 55.58
CA LEU H 3071 -109.68 -52.11 55.61
C LEU H 3071 -110.99 -51.87 54.88
N ALA H 3072 -111.61 -50.70 55.10
CA ALA H 3072 -112.86 -50.41 54.43
C ALA H 3072 -112.68 -50.42 52.91
N ARG H 3073 -111.57 -49.87 52.43
CA ARG H 3073 -111.32 -49.89 50.99
C ARG H 3073 -110.97 -51.29 50.51
N SER H 3074 -110.47 -52.14 51.39
CA SER H 3074 -110.09 -53.51 51.02
C SER H 3074 -111.24 -54.49 51.22
N LEU H 3075 -112.45 -54.00 51.46
CA LEU H 3075 -113.57 -54.88 51.77
C LEU H 3075 -114.16 -55.48 50.51
N ASP H 3076 -114.08 -56.80 50.38
CA ASP H 3076 -114.69 -57.52 49.27
C ASP H 3076 -116.05 -58.05 49.74
N ALA H 3077 -117.06 -57.92 48.88
CA ALA H 3077 -118.40 -58.36 49.22
C ALA H 3077 -119.12 -58.84 47.96
N ARG H 3078 -120.43 -58.97 48.08
CA ARG H 3078 -121.32 -59.57 47.08
C ARG H 3078 -121.08 -61.07 47.01
N THR H 3079 -120.05 -61.53 47.69
CA THR H 3079 -119.75 -62.92 47.89
C THR H 3079 -119.86 -63.30 49.35
N VAL H 3080 -119.41 -62.41 50.23
CA VAL H 3080 -119.61 -62.61 51.65
C VAL H 3080 -121.09 -62.50 52.01
N MET H 3081 -121.74 -61.43 51.58
CA MET H 3081 -123.14 -61.21 51.97
C MET H 3081 -124.09 -62.12 51.21
N LYS H 3082 -123.83 -62.34 49.92
CA LYS H 3082 -124.68 -63.25 49.16
C LYS H 3082 -124.53 -64.68 49.66
N SER H 3083 -123.29 -65.09 49.93
CA SER H 3083 -122.99 -66.46 50.39
C SER H 3083 -121.90 -66.39 51.46
N GLY H 3084 -122.29 -66.27 52.72
CA GLY H 3084 -121.33 -66.23 53.79
C GLY H 3084 -121.88 -66.70 55.11
N PRO H 3085 -121.00 -67.00 56.06
CA PRO H 3085 -121.46 -67.40 57.39
C PRO H 3085 -122.30 -66.31 58.02
N GLU H 3086 -123.40 -66.72 58.65
CA GLU H 3086 -124.31 -65.75 59.23
C GLU H 3086 -123.65 -64.91 60.31
N ILE H 3087 -122.64 -65.45 61.00
CA ILE H 3087 -121.88 -64.64 61.94
C ILE H 3087 -121.17 -63.52 61.20
N VAL H 3088 -120.57 -63.85 60.06
CA VAL H 3088 -119.88 -62.85 59.25
C VAL H 3088 -120.87 -61.79 58.77
N LYS H 3089 -122.01 -62.23 58.23
CA LYS H 3089 -123.01 -61.28 57.74
C LYS H 3089 -123.51 -60.38 58.86
N ALA H 3090 -123.81 -60.99 60.01
CA ALA H 3090 -124.23 -60.23 61.18
C ALA H 3090 -123.18 -59.22 61.56
N GLY H 3091 -121.91 -59.50 61.27
CA GLY H 3091 -120.87 -58.51 61.46
C GLY H 3091 -121.18 -57.17 60.84
N LEU H 3092 -121.25 -57.11 59.51
CA LEU H 3092 -121.54 -55.85 58.85
C LEU H 3092 -122.93 -55.35 59.19
N ARG H 3093 -123.90 -56.26 59.28
CA ARG H 3093 -125.27 -55.84 59.51
C ARG H 3093 -125.45 -55.22 60.90
N SER H 3094 -124.55 -55.54 61.82
CA SER H 3094 -124.52 -54.88 63.11
C SER H 3094 -123.63 -53.64 63.09
N PHE H 3095 -122.58 -53.64 62.27
CA PHE H 3095 -121.82 -52.41 62.06
C PHE H 3095 -122.70 -51.26 61.61
N PHE H 3096 -123.48 -51.48 60.56
CA PHE H 3096 -124.30 -50.39 60.04
C PHE H 3096 -125.33 -49.96 61.08
N GLU H 3097 -125.87 -50.92 61.83
CA GLU H 3097 -126.84 -50.59 62.86
C GLU H 3097 -126.23 -49.69 63.93
N SER H 3098 -125.03 -50.05 64.40
CA SER H 3098 -124.38 -49.24 65.43
C SER H 3098 -124.02 -47.87 64.90
N ALA H 3099 -123.53 -47.78 63.67
CA ALA H 3099 -123.22 -46.48 63.09
C ALA H 3099 -124.48 -45.63 62.97
N SER H 3100 -125.57 -46.25 62.53
CA SER H 3100 -126.82 -45.53 62.38
C SER H 3100 -127.32 -45.01 63.73
N GLU H 3101 -127.27 -45.84 64.77
CA GLU H 3101 -127.77 -45.38 66.06
C GLU H 3101 -126.87 -44.33 66.66
N ASP H 3102 -125.56 -44.42 66.43
CA ASP H 3102 -124.67 -43.38 66.92
C ASP H 3102 -124.92 -42.05 66.21
N ILE H 3103 -125.13 -42.09 64.90
CA ILE H 3103 -125.50 -40.87 64.18
C ILE H 3103 -126.88 -40.38 64.62
N GLU H 3104 -127.77 -41.30 64.96
CA GLU H 3104 -129.07 -40.91 65.49
C GLU H 3104 -128.92 -40.12 66.78
N LYS H 3105 -128.09 -40.61 67.70
CA LYS H 3105 -127.81 -39.85 68.92
C LYS H 3105 -127.10 -38.55 68.59
N MET H 3106 -126.21 -38.57 67.60
CA MET H 3106 -125.49 -37.37 67.22
C MET H 3106 -126.46 -36.26 66.81
N VAL H 3107 -127.39 -36.59 65.92
CA VAL H 3107 -128.42 -35.64 65.50
C VAL H 3107 -129.36 -35.29 66.65
N GLU H 3108 -129.68 -36.27 67.49
CA GLU H 3108 -130.48 -36.01 68.69
C GLU H 3108 -129.87 -34.94 69.58
N ASN H 3109 -128.55 -34.84 69.63
CA ASN H 3109 -127.89 -33.85 70.48
C ASN H 3109 -127.49 -32.57 69.76
N LEU H 3110 -127.39 -32.57 68.44
CA LEU H 3110 -127.00 -31.34 67.72
C LEU H 3110 -127.99 -30.20 67.92
N ARG H 3111 -129.30 -30.49 68.00
CA ARG H 3111 -130.27 -29.42 68.17
C ARG H 3111 -130.03 -28.66 69.47
N LEU H 3112 -129.96 -29.38 70.57
CA LEU H 3112 -129.89 -28.75 71.88
C LEU H 3112 -128.49 -28.80 72.48
N GLY H 3113 -127.81 -29.94 72.39
CA GLY H 3113 -126.49 -30.06 72.97
C GLY H 3113 -126.39 -31.20 73.97
N LYS H 3123 -118.11 -37.37 78.70
CA LYS H 3123 -119.56 -37.54 78.83
C LYS H 3123 -120.16 -38.04 77.53
N GLY H 3124 -121.47 -38.30 77.54
CA GLY H 3124 -122.13 -38.88 76.39
C GLY H 3124 -122.05 -38.07 75.11
N VAL H 3125 -122.44 -36.80 75.18
CA VAL H 3125 -122.46 -35.97 73.98
C VAL H 3125 -121.04 -35.68 73.48
N GLY H 3126 -120.14 -35.35 74.41
CA GLY H 3126 -118.76 -35.08 74.01
C GLY H 3126 -118.08 -36.31 73.42
N GLN H 3127 -118.25 -37.46 74.07
CA GLN H 3127 -117.64 -38.67 73.54
C GLN H 3127 -118.28 -39.09 72.22
N ASN H 3128 -119.58 -38.82 72.06
CA ASN H 3128 -120.23 -39.07 70.78
C ASN H 3128 -119.62 -38.21 69.70
N LEU H 3129 -119.37 -36.94 70.00
CA LEU H 3129 -118.64 -36.07 69.08
C LEU H 3129 -117.30 -36.70 68.71
N THR H 3130 -116.54 -37.12 69.72
CA THR H 3130 -115.20 -37.63 69.47
C THR H 3130 -115.24 -38.85 68.56
N TYR H 3131 -116.18 -39.76 68.82
CA TYR H 3131 -116.23 -40.99 68.03
C TYR H 3131 -116.75 -40.75 66.63
N THR H 3132 -117.75 -39.86 66.48
CA THR H 3132 -118.37 -39.66 65.18
C THR H 3132 -117.50 -38.82 64.28
N THR H 3133 -117.20 -37.59 64.70
CA THR H 3133 -116.51 -36.66 63.82
C THR H 3133 -115.16 -37.20 63.38
N VAL H 3134 -114.49 -37.95 64.23
CA VAL H 3134 -113.16 -38.45 63.93
C VAL H 3134 -113.21 -39.79 63.21
N ALA H 3135 -113.98 -40.74 63.72
CA ALA H 3135 -113.90 -42.12 63.25
C ALA H 3135 -115.11 -42.53 62.42
N LEU H 3136 -116.32 -42.37 62.95
CA LEU H 3136 -117.49 -42.98 62.31
C LEU H 3136 -117.75 -42.38 60.94
N LEU H 3137 -117.83 -41.05 60.86
CA LEU H 3137 -118.18 -40.41 59.60
C LEU H 3137 -117.18 -40.68 58.48
N PRO H 3138 -115.87 -40.51 58.68
CA PRO H 3138 -114.96 -40.74 57.54
C PRO H 3138 -114.95 -42.19 57.07
N VAL H 3139 -114.94 -43.15 58.00
CA VAL H 3139 -114.91 -44.54 57.57
C VAL H 3139 -116.23 -44.95 56.93
N LEU H 3140 -117.35 -44.41 57.44
CA LEU H 3140 -118.62 -44.70 56.81
C LEU H 3140 -118.67 -44.10 55.41
N THR H 3141 -118.12 -42.90 55.25
CA THR H 3141 -118.04 -42.28 53.93
C THR H 3141 -117.22 -43.13 52.99
N THR H 3142 -116.06 -43.60 53.44
CA THR H 3142 -115.23 -44.39 52.55
C THR H 3142 -115.83 -45.75 52.27
N LEU H 3143 -116.65 -46.27 53.19
CA LEU H 3143 -117.30 -47.54 52.94
C LEU H 3143 -118.40 -47.41 51.90
N PHE H 3144 -119.24 -46.37 52.01
CA PHE H 3144 -120.23 -46.11 50.97
C PHE H 3144 -119.57 -45.78 49.65
N GLN H 3145 -118.50 -45.01 49.67
CA GLN H 3145 -117.80 -44.70 48.43
C GLN H 3145 -117.23 -45.97 47.82
N HIS H 3146 -116.72 -46.88 48.68
CA HIS H 3146 -116.19 -48.14 48.19
C HIS H 3146 -117.27 -49.00 47.55
N ILE H 3147 -118.44 -49.11 48.18
CA ILE H 3147 -119.52 -49.89 47.59
C ILE H 3147 -119.97 -49.25 46.28
N ALA H 3148 -119.90 -47.93 46.19
CA ALA H 3148 -120.29 -47.24 44.98
C ALA H 3148 -119.26 -47.35 43.87
N GLN H 3149 -118.00 -47.60 44.19
CA GLN H 3149 -116.98 -47.71 43.16
C GLN H 3149 -117.17 -48.94 42.29
N HIS H 3150 -117.39 -50.10 42.89
CA HIS H 3150 -117.44 -51.35 42.14
C HIS H 3150 -118.86 -51.85 41.93
N GLN H 3151 -119.85 -50.98 42.15
CA GLN H 3151 -121.24 -51.32 41.90
C GLN H 3151 -121.71 -52.48 42.77
N PHE H 3152 -121.17 -52.59 43.98
CA PHE H 3152 -121.67 -53.58 44.94
C PHE H 3152 -122.98 -53.18 45.59
N GLY H 3153 -123.58 -52.06 45.20
CA GLY H 3153 -124.69 -51.49 45.93
C GLY H 3153 -125.89 -52.40 46.12
N ASP H 3154 -126.33 -53.07 45.06
CA ASP H 3154 -127.59 -53.79 45.14
C ASP H 3154 -127.50 -55.12 45.88
N ASP H 3155 -126.38 -55.41 46.56
CA ASP H 3155 -126.26 -56.67 47.30
C ASP H 3155 -125.71 -56.52 48.70
N VAL H 3156 -124.90 -55.51 48.97
CA VAL H 3156 -124.33 -55.36 50.30
C VAL H 3156 -125.31 -54.64 51.22
N ILE H 3157 -126.01 -53.66 50.68
CA ILE H 3157 -126.98 -52.84 51.39
C ILE H 3157 -128.37 -53.18 50.86
N LEU H 3158 -128.56 -54.43 50.44
CA LEU H 3158 -129.80 -54.83 49.79
C LEU H 3158 -130.97 -54.76 50.77
N ASP H 3159 -130.83 -55.42 51.93
CA ASP H 3159 -131.94 -55.56 52.88
C ASP H 3159 -131.38 -55.57 54.29
N ASP H 3160 -132.14 -54.98 55.22
CA ASP H 3160 -131.93 -55.07 56.66
C ASP H 3160 -130.69 -54.30 57.13
N VAL H 3161 -129.86 -53.90 56.19
CA VAL H 3161 -128.99 -52.75 56.36
C VAL H 3161 -129.51 -51.58 55.55
N GLN H 3162 -130.39 -51.86 54.58
CA GLN H 3162 -131.43 -51.00 54.05
C GLN H 3162 -132.03 -50.08 55.12
N VAL H 3163 -132.66 -50.67 56.14
CA VAL H 3163 -133.31 -49.82 57.14
C VAL H 3163 -132.27 -49.08 57.97
N SER H 3164 -131.14 -49.75 58.24
CA SER H 3164 -130.08 -49.14 59.02
C SER H 3164 -129.65 -47.82 58.40
N CYS H 3165 -129.59 -47.76 57.08
CA CYS H 3165 -129.18 -46.53 56.42
C CYS H 3165 -130.32 -45.57 56.17
N TYR H 3166 -131.58 -46.02 56.14
CA TYR H 3166 -132.64 -45.01 56.11
C TYR H 3166 -132.73 -44.23 57.40
N ARG H 3167 -132.48 -44.88 58.53
CA ARG H 3167 -132.38 -44.08 59.75
C ARG H 3167 -131.35 -42.98 59.60
N THR H 3168 -130.17 -43.33 59.06
CA THR H 3168 -129.10 -42.36 58.89
C THR H 3168 -129.50 -41.25 57.92
N LEU H 3169 -130.14 -41.61 56.80
CA LEU H 3169 -130.48 -40.61 55.79
C LEU H 3169 -131.56 -39.66 56.29
N CYS H 3170 -132.65 -40.22 56.83
CA CYS H 3170 -133.69 -39.39 57.41
C CYS H 3170 -133.20 -38.58 58.58
N SER H 3171 -132.11 -39.00 59.23
CA SER H 3171 -131.49 -38.18 60.25
C SER H 3171 -130.69 -37.04 59.63
N ILE H 3172 -129.78 -37.37 58.73
CA ILE H 3172 -128.82 -36.39 58.22
C ILE H 3172 -129.55 -35.30 57.45
N TYR H 3173 -130.71 -35.61 56.89
CA TYR H 3173 -131.50 -34.54 56.29
C TYR H 3173 -132.03 -33.58 57.33
N SER H 3174 -132.40 -34.06 58.51
CA SER H 3174 -133.17 -33.27 59.45
C SER H 3174 -132.35 -32.18 60.13
N LEU H 3175 -131.15 -31.89 59.65
CA LEU H 3175 -130.33 -30.82 60.20
C LEU H 3175 -130.69 -29.45 59.68
N GLY H 3176 -131.77 -29.34 58.89
CA GLY H 3176 -132.09 -28.07 58.26
C GLY H 3176 -132.65 -27.03 59.21
N THR H 3177 -132.87 -27.38 60.47
CA THR H 3177 -133.47 -26.46 61.42
C THR H 3177 -132.46 -25.82 62.36
N THR H 3178 -131.49 -26.59 62.85
CA THR H 3178 -130.60 -26.12 63.90
C THR H 3178 -129.74 -24.95 63.40
N LYS H 3179 -129.54 -23.98 64.28
CA LYS H 3179 -128.63 -22.86 64.01
C LYS H 3179 -127.74 -22.69 65.23
N ASN H 3180 -126.49 -23.16 65.12
CA ASN H 3180 -125.48 -22.96 66.13
C ASN H 3180 -124.14 -22.97 65.45
N THR H 3181 -123.08 -22.88 66.26
CA THR H 3181 -121.73 -22.94 65.69
C THR H 3181 -121.44 -24.32 65.12
N TYR H 3182 -121.75 -25.36 65.88
CA TYR H 3182 -121.19 -26.68 65.59
C TYR H 3182 -121.77 -27.28 64.32
N VAL H 3183 -123.03 -26.97 64.01
CA VAL H 3183 -123.60 -27.47 62.76
C VAL H 3183 -122.82 -26.92 61.58
N GLU H 3184 -122.58 -25.60 61.60
CA GLU H 3184 -121.73 -24.99 60.58
C GLU H 3184 -120.34 -25.60 60.60
N LYS H 3185 -119.88 -26.02 61.77
CA LYS H 3185 -118.54 -26.58 61.89
C LYS H 3185 -118.46 -27.96 61.27
N LEU H 3186 -119.55 -28.71 61.30
CA LEU H 3186 -119.55 -30.10 60.90
C LEU H 3186 -120.01 -30.32 59.47
N ARG H 3187 -120.75 -29.36 58.90
CA ARG H 3187 -121.47 -29.59 57.64
C ARG H 3187 -120.74 -30.41 56.57
N PRO H 3188 -119.49 -30.13 56.19
CA PRO H 3188 -118.91 -30.84 55.04
C PRO H 3188 -118.84 -32.35 55.21
N ALA H 3189 -118.57 -32.83 56.41
CA ALA H 3189 -118.52 -34.28 56.62
C ALA H 3189 -119.87 -34.91 56.34
N LEU H 3190 -120.94 -34.28 56.84
CA LEU H 3190 -122.28 -34.73 56.51
C LEU H 3190 -122.48 -34.73 55.01
N GLY H 3191 -122.02 -33.66 54.35
CA GLY H 3191 -122.18 -33.58 52.91
C GLY H 3191 -121.55 -34.74 52.19
N GLU H 3192 -120.32 -35.08 52.56
CA GLU H 3192 -119.60 -36.14 51.85
C GLU H 3192 -120.20 -37.52 52.13
N CYS H 3193 -120.48 -37.81 53.41
CA CYS H 3193 -121.08 -39.11 53.74
C CYS H 3193 -122.40 -39.28 53.02
N LEU H 3194 -123.22 -38.24 53.05
CA LEU H 3194 -124.51 -38.25 52.36
C LEU H 3194 -124.33 -38.41 50.86
N ALA H 3195 -123.33 -37.74 50.29
CA ALA H 3195 -123.11 -37.86 48.86
C ALA H 3195 -122.78 -39.29 48.46
N ARG H 3196 -121.91 -39.95 49.24
CA ARG H 3196 -121.61 -41.34 48.92
C ARG H 3196 -122.84 -42.24 49.10
N LEU H 3197 -123.60 -42.04 50.17
CA LEU H 3197 -124.80 -42.83 50.37
C LEU H 3197 -125.80 -42.64 49.24
N ALA H 3198 -125.83 -41.47 48.62
CA ALA H 3198 -126.78 -41.25 47.53
C ALA H 3198 -126.55 -42.21 46.38
N ALA H 3199 -125.31 -42.63 46.15
CA ALA H 3199 -125.01 -43.63 45.14
C ALA H 3199 -125.05 -45.05 45.68
N ALA H 3200 -124.70 -45.22 46.96
CA ALA H 3200 -124.67 -46.56 47.54
C ALA H 3200 -126.05 -47.21 47.68
N MET H 3201 -127.03 -46.44 48.12
CA MET H 3201 -128.29 -47.01 48.59
C MET H 3201 -129.24 -47.35 47.43
N PRO H 3202 -129.86 -48.53 47.46
CA PRO H 3202 -130.44 -49.11 46.24
C PRO H 3202 -131.82 -48.62 45.82
N VAL H 3203 -132.45 -47.69 46.55
CA VAL H 3203 -133.82 -47.34 46.19
C VAL H 3203 -133.82 -45.92 45.64
N ALA H 3204 -134.95 -45.52 45.08
CA ALA H 3204 -135.25 -44.11 44.89
C ALA H 3204 -135.84 -43.56 46.17
N PHE H 3205 -134.97 -43.13 47.09
CA PHE H 3205 -135.43 -42.54 48.34
C PHE H 3205 -136.12 -41.21 48.09
N LEU H 3206 -135.90 -40.60 46.93
CA LEU H 3206 -136.60 -39.40 46.51
C LEU H 3206 -137.87 -39.70 45.73
N GLU H 3207 -138.01 -40.91 45.21
CA GLU H 3207 -139.11 -41.26 44.31
C GLU H 3207 -139.81 -42.51 44.83
N PRO H 3208 -140.57 -42.38 45.91
CA PRO H 3208 -141.33 -43.53 46.39
C PRO H 3208 -142.64 -43.74 45.65
N GLN H 3209 -143.02 -42.81 44.79
CA GLN H 3209 -144.27 -42.96 44.05
C GLN H 3209 -144.21 -44.12 43.07
N LEU H 3210 -143.03 -44.39 42.51
CA LEU H 3210 -142.82 -45.48 41.55
C LEU H 3210 -141.74 -46.40 42.12
N ASN H 3211 -142.17 -47.38 42.92
CA ASN H 3211 -141.28 -48.33 43.55
C ASN H 3211 -141.62 -49.77 43.22
N GLU H 3212 -142.77 -50.03 42.64
CA GLU H 3212 -143.15 -51.39 42.25
C GLU H 3212 -142.33 -51.92 41.09
N TYR H 3213 -141.39 -51.12 40.57
CA TYR H 3213 -140.48 -51.56 39.52
C TYR H 3213 -139.11 -51.91 40.06
N ASN H 3214 -138.96 -52.01 41.37
CA ASN H 3214 -137.68 -52.31 42.00
C ASN H 3214 -137.67 -53.73 42.54
N ALA H 3215 -136.47 -54.23 42.80
CA ALA H 3215 -136.30 -55.52 43.45
C ALA H 3215 -135.29 -55.51 44.58
N CYS H 3216 -134.48 -54.46 44.69
CA CYS H 3216 -133.43 -54.39 45.69
C CYS H 3216 -133.85 -53.66 46.97
N SER H 3217 -135.09 -53.18 47.04
CA SER H 3217 -135.61 -52.69 48.30
C SER H 3217 -136.18 -53.84 49.12
N VAL H 3218 -136.50 -53.54 50.38
CA VAL H 3218 -137.19 -54.53 51.20
C VAL H 3218 -138.69 -54.60 50.91
N TYR H 3219 -139.24 -53.68 50.12
CA TYR H 3219 -140.68 -53.67 49.96
C TYR H 3219 -141.17 -54.52 48.79
N THR H 3220 -140.39 -54.63 47.72
CA THR H 3220 -140.76 -55.51 46.63
C THR H 3220 -140.19 -56.91 46.79
N THR H 3221 -139.02 -57.03 47.42
CA THR H 3221 -138.48 -58.36 47.72
C THR H 3221 -139.21 -59.01 48.89
N LYS H 3222 -139.64 -58.22 49.87
CA LYS H 3222 -140.33 -58.73 51.05
C LYS H 3222 -141.76 -58.21 51.08
N SER H 3223 -142.69 -59.12 51.29
CA SER H 3223 -144.11 -58.79 51.40
C SER H 3223 -144.38 -58.14 52.74
N PRO H 3224 -145.53 -57.46 52.88
CA PRO H 3224 -145.84 -56.81 54.17
C PRO H 3224 -145.89 -57.76 55.34
N ARG H 3225 -146.16 -59.05 55.09
CA ARG H 3225 -146.06 -60.04 56.14
C ARG H 3225 -144.66 -60.13 56.71
N GLU H 3226 -143.66 -59.71 55.95
CA GLU H 3226 -142.32 -59.57 56.51
C GLU H 3226 -142.10 -58.17 57.09
N ARG H 3227 -142.78 -57.16 56.55
CA ARG H 3227 -142.66 -55.82 57.10
C ARG H 3227 -143.15 -55.75 58.54
N ALA H 3228 -144.17 -56.54 58.88
CA ALA H 3228 -144.57 -56.67 60.27
C ALA H 3228 -143.43 -57.24 61.10
N ILE H 3229 -142.68 -58.19 60.54
CA ILE H 3229 -141.60 -58.83 61.30
C ILE H 3229 -140.53 -57.81 61.66
N LEU H 3230 -140.12 -57.01 60.69
CA LEU H 3230 -139.03 -56.07 60.91
C LEU H 3230 -139.49 -54.78 61.57
N GLY H 3231 -140.77 -54.64 61.85
CA GLY H 3231 -141.30 -53.39 62.36
C GLY H 3231 -141.17 -52.22 61.40
N LEU H 3232 -141.59 -52.43 60.06
CA LEU H 3232 -141.35 -51.30 59.17
C LEU H 3232 -142.64 -50.48 59.00
N PRO H 3233 -142.54 -49.18 58.74
CA PRO H 3233 -143.76 -48.40 58.42
C PRO H 3233 -144.33 -48.79 57.06
N ASN H 3234 -145.67 -48.83 56.98
CA ASN H 3234 -146.32 -49.40 55.80
C ASN H 3234 -146.16 -48.51 54.57
N SER H 3235 -146.41 -47.21 54.71
CA SER H 3235 -146.36 -46.30 53.57
C SER H 3235 -144.93 -46.12 53.08
N VAL H 3236 -144.75 -46.20 51.76
CA VAL H 3236 -143.42 -46.09 51.18
C VAL H 3236 -142.78 -44.74 51.44
N GLU H 3237 -143.57 -43.65 51.40
CA GLU H 3237 -143.02 -42.33 51.67
C GLU H 3237 -142.61 -42.17 53.13
N GLU H 3238 -143.35 -42.80 54.04
CA GLU H 3238 -143.24 -42.41 55.44
C GLU H 3238 -141.96 -42.88 56.12
N MET H 3239 -141.18 -43.78 55.52
CA MET H 3239 -139.88 -44.10 56.13
C MET H 3239 -139.00 -42.86 56.18
N CYS H 3240 -139.03 -42.06 55.12
CA CYS H 3240 -138.23 -40.86 55.03
C CYS H 3240 -139.15 -39.70 54.70
N PRO H 3241 -140.02 -39.32 55.64
CA PRO H 3241 -141.03 -38.30 55.31
C PRO H 3241 -140.45 -36.90 55.21
N ASP H 3242 -139.48 -36.56 56.06
CA ASP H 3242 -138.83 -35.27 55.96
C ASP H 3242 -138.20 -35.07 54.59
N ILE H 3243 -137.75 -36.15 53.97
CA ILE H 3243 -137.14 -36.05 52.64
C ILE H 3243 -138.24 -35.86 51.61
N PRO H 3244 -138.20 -34.83 50.78
CA PRO H 3244 -139.29 -34.60 49.82
C PRO H 3244 -139.07 -35.31 48.51
N VAL H 3245 -140.07 -35.29 47.64
CA VAL H 3245 -139.93 -35.89 46.32
C VAL H 3245 -139.00 -35.02 45.46
N LEU H 3246 -138.44 -35.64 44.42
CA LEU H 3246 -137.38 -34.99 43.66
C LEU H 3246 -137.87 -33.70 43.01
N ASP H 3247 -139.08 -33.71 42.45
CA ASP H 3247 -139.54 -32.55 41.71
C ASP H 3247 -139.66 -31.33 42.63
N ARG H 3248 -140.11 -31.53 43.86
CA ARG H 3248 -140.18 -30.42 44.80
C ARG H 3248 -138.80 -29.89 45.14
N LEU H 3249 -137.81 -30.78 45.30
CA LEU H 3249 -136.45 -30.32 45.55
C LEU H 3249 -135.92 -29.50 44.39
N MET H 3250 -136.17 -29.97 43.16
CA MET H 3250 -135.71 -29.21 42.00
C MET H 3250 -136.43 -27.88 41.90
N ALA H 3251 -137.71 -27.84 42.23
CA ALA H 3251 -138.43 -26.58 42.25
C ALA H 3251 -137.85 -25.64 43.29
N ASP H 3252 -137.50 -26.18 44.46
CA ASP H 3252 -136.88 -25.37 45.50
C ASP H 3252 -135.57 -24.77 45.00
N ILE H 3253 -134.74 -25.58 44.36
CA ILE H 3253 -133.46 -25.08 43.86
C ILE H 3253 -133.69 -24.07 42.75
N GLY H 3254 -134.69 -24.29 41.91
CA GLY H 3254 -134.99 -23.34 40.86
C GLY H 3254 -135.41 -21.98 41.40
N GLY H 3255 -136.25 -21.99 42.44
CA GLY H 3255 -136.63 -20.75 43.08
C GLY H 3255 -135.46 -20.07 43.75
N LEU H 3256 -134.62 -20.85 44.43
CA LEU H 3256 -133.47 -20.29 45.12
C LEU H 3256 -132.48 -19.68 44.14
N ALA H 3257 -132.29 -20.32 42.99
CA ALA H 3257 -131.33 -19.82 42.01
C ALA H 3257 -131.72 -18.45 41.49
N GLU H 3258 -132.98 -18.29 41.08
CA GLU H 3258 -133.44 -16.99 40.62
C GLU H 3258 -133.55 -15.99 41.76
N SER H 3259 -133.70 -16.48 43.00
CA SER H 3259 -133.75 -15.58 44.14
C SER H 3259 -132.47 -14.79 44.31
N GLY H 3260 -131.34 -15.33 43.87
CA GLY H 3260 -130.08 -14.64 44.05
C GLY H 3260 -129.64 -14.56 45.50
N ALA H 3261 -130.28 -15.33 46.38
CA ALA H 3261 -129.90 -15.32 47.79
C ALA H 3261 -128.50 -15.88 47.96
N ARG H 3262 -127.71 -15.21 48.78
CA ARG H 3262 -126.33 -15.62 48.96
C ARG H 3262 -126.25 -16.85 49.87
N TYR H 3263 -125.04 -17.16 50.30
CA TYR H 3263 -124.80 -18.38 51.07
C TYR H 3263 -125.51 -18.35 52.41
N THR H 3264 -125.73 -17.16 52.97
CA THR H 3264 -126.29 -17.07 54.32
C THR H 3264 -127.72 -17.57 54.38
N GLU H 3265 -128.60 -17.14 53.47
CA GLU H 3265 -129.97 -17.66 53.51
C GLU H 3265 -130.01 -19.15 53.19
N MET H 3266 -129.04 -19.67 52.45
CA MET H 3266 -129.10 -21.03 51.96
C MET H 3266 -127.78 -21.71 52.32
N PRO H 3267 -127.60 -22.06 53.61
CA PRO H 3267 -126.47 -22.94 53.96
C PRO H 3267 -126.80 -24.40 53.69
N HIS H 3268 -127.99 -24.81 54.12
CA HIS H 3268 -128.36 -26.22 54.09
C HIS H 3268 -128.41 -26.74 52.67
N VAL H 3269 -129.13 -26.03 51.80
CA VAL H 3269 -129.39 -26.55 50.47
C VAL H 3269 -128.08 -26.75 49.73
N ILE H 3270 -127.18 -25.78 49.85
CA ILE H 3270 -125.85 -25.92 49.24
C ILE H 3270 -125.11 -27.10 49.85
N GLU H 3271 -125.04 -27.16 51.18
CA GLU H 3271 -124.09 -28.06 51.81
C GLU H 3271 -124.58 -29.50 51.91
N ILE H 3272 -125.87 -29.73 51.71
CA ILE H 3272 -126.46 -31.05 51.87
C ILE H 3272 -127.24 -31.49 50.63
N THR H 3273 -128.22 -30.69 50.21
CA THR H 3273 -129.16 -31.16 49.20
C THR H 3273 -128.52 -31.20 47.82
N LEU H 3274 -127.72 -30.20 47.47
CA LEU H 3274 -126.98 -30.29 46.22
C LEU H 3274 -126.12 -31.54 46.17
N PRO H 3275 -125.15 -31.75 47.07
CA PRO H 3275 -124.34 -32.98 46.96
C PRO H 3275 -125.19 -34.24 47.05
N MET H 3276 -126.36 -34.18 47.68
CA MET H 3276 -127.30 -35.28 47.60
C MET H 3276 -127.65 -35.57 46.15
N LEU H 3277 -128.06 -34.52 45.43
CA LEU H 3277 -128.56 -34.72 44.07
C LEU H 3277 -127.44 -35.01 43.08
N CYS H 3278 -126.27 -34.38 43.28
CA CYS H 3278 -125.15 -34.60 42.37
C CYS H 3278 -124.71 -36.05 42.36
N SER H 3279 -125.11 -36.83 43.36
CA SER H 3279 -124.86 -38.26 43.35
C SER H 3279 -126.10 -39.09 43.05
N TYR H 3280 -127.28 -38.65 43.50
CA TYR H 3280 -128.50 -39.40 43.21
C TYR H 3280 -128.78 -39.44 41.72
N LEU H 3281 -128.74 -38.28 41.07
CA LEU H 3281 -129.24 -38.20 39.71
C LEU H 3281 -128.49 -39.09 38.73
N PRO H 3282 -127.16 -39.16 38.71
CA PRO H 3282 -126.51 -40.05 37.73
C PRO H 3282 -126.76 -41.53 38.01
N ARG H 3283 -126.51 -41.91 39.27
CA ARG H 3283 -126.53 -43.34 39.63
C ARG H 3283 -127.90 -43.94 39.38
N TRP H 3284 -128.94 -43.11 39.43
CA TRP H 3284 -130.26 -43.56 39.04
C TRP H 3284 -130.59 -43.25 37.59
N TRP H 3285 -129.85 -42.34 36.97
CA TRP H 3285 -130.10 -42.03 35.56
C TRP H 3285 -129.67 -43.19 34.68
N GLU H 3286 -128.62 -43.90 35.09
CA GLU H 3286 -128.11 -44.98 34.25
C GLU H 3286 -129.15 -46.06 34.02
N ARG H 3287 -129.91 -46.41 35.05
CA ARG H 3287 -130.98 -47.37 34.85
C ARG H 3287 -132.33 -46.71 34.68
N GLY H 3288 -132.35 -45.39 34.46
CA GLY H 3288 -133.56 -44.71 34.11
C GLY H 3288 -133.97 -45.04 32.69
N PRO H 3289 -135.08 -44.45 32.24
CA PRO H 3289 -135.56 -44.77 30.88
C PRO H 3289 -134.62 -44.30 29.78
N GLU H 3290 -133.76 -43.34 30.05
CA GLU H 3290 -132.98 -42.71 28.99
C GLU H 3290 -131.94 -43.68 28.42
N ALA H 3291 -131.18 -44.33 29.28
CA ALA H 3291 -130.04 -45.13 28.84
C ALA H 3291 -130.51 -46.33 28.03
N PRO H 3292 -129.68 -46.86 27.14
CA PRO H 3292 -130.13 -47.92 26.24
C PRO H 3292 -130.52 -49.17 27.01
N PRO H 3293 -131.59 -49.84 26.61
CA PRO H 3293 -131.95 -51.10 27.24
C PRO H 3293 -130.91 -52.17 26.94
N PRO H 3294 -130.29 -52.74 27.96
CA PRO H 3294 -129.34 -53.84 27.72
C PRO H 3294 -129.98 -55.01 26.99
N ALA H 3295 -131.25 -55.28 27.27
CA ALA H 3295 -131.99 -56.32 26.58
C ALA H 3295 -133.46 -55.97 26.61
N LEU H 3296 -134.16 -56.33 25.53
CA LEU H 3296 -135.60 -56.15 25.47
C LEU H 3296 -136.31 -57.01 26.52
N PRO H 3297 -135.99 -58.32 26.65
CA PRO H 3297 -136.69 -59.13 27.65
C PRO H 3297 -136.28 -58.79 29.09
N ALA H 3298 -134.98 -58.61 29.31
CA ALA H 3298 -134.49 -58.35 30.67
C ALA H 3298 -135.01 -57.01 31.18
N GLY H 3299 -134.99 -55.99 30.34
CA GLY H 3299 -135.41 -54.66 30.75
C GLY H 3299 -136.89 -54.44 30.56
N ALA H 3300 -137.64 -55.53 30.36
CA ALA H 3300 -139.09 -55.41 30.19
C ALA H 3300 -139.78 -54.71 31.35
N PRO H 3301 -139.44 -54.94 32.62
CA PRO H 3301 -140.03 -54.13 33.70
C PRO H 3301 -139.70 -52.67 33.51
N PRO H 3302 -140.62 -51.77 33.89
CA PRO H 3302 -140.36 -50.34 33.75
C PRO H 3302 -139.23 -49.91 34.66
N PRO H 3303 -138.54 -48.82 34.31
CA PRO H 3303 -137.40 -48.38 35.13
C PRO H 3303 -137.85 -47.92 36.50
N CYS H 3304 -136.91 -48.05 37.46
CA CYS H 3304 -137.20 -47.71 38.85
C CYS H 3304 -137.45 -46.21 39.04
N THR H 3305 -136.69 -45.37 38.35
CA THR H 3305 -136.80 -43.92 38.47
C THR H 3305 -137.08 -43.32 37.11
N ALA H 3306 -138.10 -42.48 37.04
CA ALA H 3306 -138.45 -41.80 35.79
C ALA H 3306 -137.67 -40.50 35.64
N VAL H 3307 -136.35 -40.64 35.71
CA VAL H 3307 -135.44 -39.50 35.65
C VAL H 3307 -134.90 -39.42 34.22
N THR H 3308 -135.32 -38.40 33.50
CA THR H 3308 -134.80 -38.13 32.17
C THR H 3308 -133.46 -37.41 32.29
N SER H 3309 -132.69 -37.46 31.19
CA SER H 3309 -131.41 -36.76 31.17
C SER H 3309 -131.59 -35.25 31.27
N ASP H 3310 -132.80 -34.75 31.08
CA ASP H 3310 -133.04 -33.32 31.21
C ASP H 3310 -132.85 -32.87 32.65
N HIS H 3311 -133.07 -33.76 33.62
CA HIS H 3311 -132.97 -33.38 35.02
C HIS H 3311 -131.54 -33.03 35.40
N LEU H 3312 -130.57 -33.81 34.94
CA LEU H 3312 -129.17 -33.48 35.17
C LEU H 3312 -128.81 -32.14 34.57
N ASN H 3313 -129.29 -31.88 33.35
CA ASN H 3313 -129.00 -30.61 32.72
C ASN H 3313 -129.58 -29.47 33.51
N SER H 3314 -130.82 -29.62 33.99
CA SER H 3314 -131.46 -28.56 34.76
C SER H 3314 -130.72 -28.33 36.07
N LEU H 3315 -130.32 -29.42 36.75
CA LEU H 3315 -129.59 -29.26 38.00
C LEU H 3315 -128.27 -28.53 37.78
N LEU H 3316 -127.53 -28.91 36.74
CA LEU H 3316 -126.27 -28.22 36.46
C LEU H 3316 -126.51 -26.76 36.15
N GLY H 3317 -127.53 -26.46 35.36
CA GLY H 3317 -127.86 -25.09 35.06
C GLY H 3317 -128.19 -24.29 36.30
N ASN H 3318 -128.92 -24.88 37.24
CA ASN H 3318 -129.19 -24.18 38.48
C ASN H 3318 -127.95 -24.03 39.34
N ILE H 3319 -127.09 -25.04 39.37
CA ILE H 3319 -125.87 -24.95 40.18
C ILE H 3319 -124.99 -23.82 39.69
N LEU H 3320 -124.91 -23.65 38.37
CA LEU H 3320 -124.13 -22.55 37.82
C LEU H 3320 -124.71 -21.22 38.26
N ARG H 3321 -126.04 -21.09 38.22
CA ARG H 3321 -126.67 -19.88 38.72
C ARG H 3321 -126.37 -19.67 40.19
N ILE H 3322 -126.29 -20.77 40.96
CA ILE H 3322 -125.96 -20.68 42.38
C ILE H 3322 -124.59 -20.06 42.54
N ILE H 3323 -123.64 -20.47 41.71
CA ILE H 3323 -122.33 -19.85 41.74
C ILE H 3323 -122.42 -18.39 41.31
N VAL H 3324 -123.33 -18.11 40.37
CA VAL H 3324 -123.48 -16.75 39.86
C VAL H 3324 -123.91 -15.79 40.96
N ASN H 3325 -124.84 -16.23 41.82
CA ASN H 3325 -125.33 -15.31 42.84
C ASN H 3325 -124.29 -15.05 43.92
N ASN H 3326 -123.26 -15.89 44.01
CA ASN H 3326 -122.36 -15.87 45.15
C ASN H 3326 -120.92 -15.52 44.79
N LEU H 3327 -120.64 -15.17 43.54
CA LEU H 3327 -119.25 -15.01 43.13
C LEU H 3327 -118.57 -13.88 43.89
N GLY H 3328 -119.32 -12.84 44.24
CA GLY H 3328 -118.78 -11.65 44.86
C GLY H 3328 -118.57 -11.72 46.35
N ILE H 3329 -118.81 -12.87 46.98
CA ILE H 3329 -118.60 -12.99 48.41
C ILE H 3329 -117.13 -12.77 48.76
N ASP H 3330 -116.89 -12.33 49.99
CA ASP H 3330 -115.53 -12.07 50.44
C ASP H 3330 -114.85 -13.32 50.96
N GLU H 3331 -115.50 -14.05 51.88
CA GLU H 3331 -114.93 -15.24 52.52
C GLU H 3331 -115.99 -16.33 52.53
N ALA H 3332 -115.88 -17.26 51.59
CA ALA H 3332 -116.77 -18.41 51.54
C ALA H 3332 -116.11 -19.50 50.72
N THR H 3333 -115.72 -20.59 51.37
CA THR H 3333 -115.01 -21.67 50.73
C THR H 3333 -115.95 -22.76 50.20
N TRP H 3334 -117.26 -22.61 50.38
CA TRP H 3334 -118.18 -23.66 50.01
C TRP H 3334 -118.15 -23.98 48.54
N MET H 3335 -117.82 -23.01 47.69
CA MET H 3335 -117.80 -23.29 46.26
C MET H 3335 -116.74 -24.33 45.91
N LYS H 3336 -115.65 -24.37 46.68
CA LYS H 3336 -114.60 -25.35 46.40
C LYS H 3336 -115.16 -26.77 46.41
N ARG H 3337 -115.86 -27.15 47.47
CA ARG H 3337 -116.40 -28.49 47.58
C ARG H 3337 -117.59 -28.71 46.67
N LEU H 3338 -118.41 -27.67 46.47
CA LEU H 3338 -119.56 -27.81 45.59
C LEU H 3338 -119.14 -28.10 44.16
N ALA H 3339 -118.06 -27.48 43.70
CA ALA H 3339 -117.56 -27.78 42.35
C ALA H 3339 -117.15 -29.24 42.24
N VAL H 3340 -116.45 -29.74 43.26
CA VAL H 3340 -116.02 -31.14 43.24
C VAL H 3340 -117.23 -32.06 43.15
N PHE H 3341 -118.24 -31.81 43.99
CA PHE H 3341 -119.42 -32.65 43.97
C PHE H 3341 -120.21 -32.49 42.68
N ALA H 3342 -120.13 -31.33 42.04
CA ALA H 3342 -120.88 -31.09 40.81
C ALA H 3342 -120.13 -31.57 39.56
N GLN H 3343 -118.88 -31.95 39.70
CA GLN H 3343 -118.11 -32.43 38.55
C GLN H 3343 -118.79 -33.56 37.76
N PRO H 3344 -119.29 -34.64 38.37
CA PRO H 3344 -119.72 -35.79 37.55
C PRO H 3344 -120.98 -35.56 36.75
N ILE H 3345 -121.75 -34.50 37.01
CA ILE H 3345 -122.99 -34.31 36.26
C ILE H 3345 -122.70 -33.94 34.82
N VAL H 3346 -121.66 -33.13 34.59
CA VAL H 3346 -121.49 -32.42 33.34
C VAL H 3346 -121.40 -33.34 32.13
N SER H 3347 -121.06 -34.62 32.34
CA SER H 3347 -120.97 -35.55 31.22
C SER H 3347 -122.30 -35.67 30.50
N ARG H 3348 -123.35 -35.07 31.04
CA ARG H 3348 -124.70 -35.31 30.61
C ARG H 3348 -125.34 -34.01 30.15
N ALA H 3349 -124.63 -32.90 30.39
CA ALA H 3349 -125.17 -31.56 30.18
C ALA H 3349 -125.36 -31.28 28.70
N ARG H 3350 -126.36 -30.48 28.39
CA ARG H 3350 -126.77 -30.34 27.01
C ARG H 3350 -126.09 -29.11 26.38
N PRO H 3351 -125.90 -29.11 25.05
CA PRO H 3351 -125.06 -28.08 24.44
C PRO H 3351 -125.65 -26.68 24.47
N GLU H 3352 -126.85 -26.50 25.02
CA GLU H 3352 -127.43 -25.17 25.09
C GLU H 3352 -126.78 -24.29 26.15
N LEU H 3353 -126.27 -24.88 27.23
CA LEU H 3353 -125.77 -24.11 28.37
C LEU H 3353 -124.74 -23.08 27.96
N LEU H 3354 -123.91 -23.37 26.97
CA LEU H 3354 -122.92 -22.40 26.51
C LEU H 3354 -123.56 -21.05 26.22
N HIS H 3355 -124.64 -21.05 25.45
CA HIS H 3355 -125.34 -19.81 25.18
C HIS H 3355 -126.15 -19.34 26.38
N SER H 3356 -126.65 -20.26 27.20
CA SER H 3356 -127.56 -19.90 28.27
C SER H 3356 -126.85 -19.51 29.56
N HIS H 3357 -125.90 -20.31 30.00
CA HIS H 3357 -125.35 -20.12 31.34
C HIS H 3357 -123.86 -19.79 31.35
N PHE H 3358 -123.02 -20.59 30.70
CA PHE H 3358 -121.57 -20.46 30.92
C PHE H 3358 -121.05 -19.10 30.46
N ILE H 3359 -121.52 -18.61 29.31
CA ILE H 3359 -120.99 -17.36 28.76
C ILE H 3359 -121.24 -16.18 29.69
N PRO H 3360 -122.44 -15.95 30.21
CA PRO H 3360 -122.60 -14.84 31.18
C PRO H 3360 -121.71 -14.97 32.40
N THR H 3361 -121.53 -16.18 32.91
CA THR H 3361 -120.70 -16.38 34.09
C THR H 3361 -119.26 -15.98 33.82
N ILE H 3362 -118.68 -16.54 32.75
CA ILE H 3362 -117.31 -16.19 32.40
C ILE H 3362 -117.17 -14.72 32.05
N GLY H 3363 -118.20 -14.13 31.45
CA GLY H 3363 -118.14 -12.73 31.08
C GLY H 3363 -118.06 -11.85 32.29
N ARG H 3364 -118.88 -12.14 33.28
CA ARG H 3364 -118.84 -11.35 34.51
C ARG H 3364 -117.52 -11.55 35.25
N LEU H 3365 -117.03 -12.80 35.28
CA LEU H 3365 -115.72 -13.04 35.88
C LEU H 3365 -114.62 -12.34 35.10
N ARG H 3366 -114.74 -12.33 33.76
CA ARG H 3366 -113.79 -11.60 32.94
C ARG H 3366 -113.83 -10.12 33.26
N LYS H 3367 -115.02 -9.56 33.45
CA LYS H 3367 -115.14 -8.16 33.81
C LYS H 3367 -114.45 -7.89 35.15
N ARG H 3368 -114.59 -8.81 36.11
CA ARG H 3368 -113.97 -8.51 37.39
C ARG H 3368 -112.45 -8.57 37.30
N ALA H 3369 -111.92 -9.60 36.65
CA ALA H 3369 -110.49 -9.59 36.37
C ALA H 3369 -110.12 -8.32 35.63
N GLY H 3370 -111.05 -7.81 34.82
CA GLY H 3370 -110.83 -6.55 34.14
C GLY H 3370 -110.55 -5.40 35.08
N LYS H 3371 -111.40 -5.17 36.08
CA LYS H 3371 -111.09 -3.89 36.74
C LYS H 3371 -109.95 -4.12 37.72
N VAL H 3372 -109.71 -5.37 38.12
CA VAL H 3372 -108.64 -5.59 39.08
C VAL H 3372 -107.27 -5.43 38.40
N VAL H 3373 -107.18 -5.75 37.11
CA VAL H 3373 -105.96 -5.40 36.39
C VAL H 3373 -105.78 -3.88 36.35
N ALA H 3374 -106.89 -3.15 36.20
CA ALA H 3374 -106.81 -1.69 36.25
C ALA H 3374 -106.40 -1.22 37.65
N GLU H 3375 -106.86 -1.92 38.69
CA GLU H 3375 -106.39 -1.63 40.04
C GLU H 3375 -104.88 -1.77 40.14
N GLU H 3376 -104.35 -2.87 39.59
CA GLU H 3376 -102.90 -3.03 39.56
C GLU H 3376 -102.22 -1.93 38.75
N GLU H 3377 -102.88 -1.45 37.70
CA GLU H 3377 -102.38 -0.28 36.98
C GLU H 3377 -102.28 0.94 37.90
N GLN H 3378 -103.34 1.20 38.66
CA GLN H 3378 -103.35 2.35 39.56
C GLN H 3378 -102.24 2.24 40.60
N LEU H 3379 -102.06 1.05 41.18
CA LEU H 3379 -100.98 0.86 42.14
C LEU H 3379 -99.62 1.12 41.52
N ARG H 3380 -99.37 0.57 40.33
CA ARG H 3380 -98.06 0.74 39.71
C ARG H 3380 -97.83 2.18 39.27
N LEU H 3381 -98.90 2.91 38.95
CA LEU H 3381 -98.73 4.27 38.45
C LEU H 3381 -98.08 5.18 39.48
N GLU H 3382 -98.51 5.09 40.74
CA GLU H 3382 -98.06 5.99 41.78
C GLU H 3382 -97.29 5.22 42.85
N ALA H 3383 -96.04 5.62 43.07
CA ALA H 3383 -95.24 5.08 44.16
C ALA H 3383 -95.57 5.86 45.43
N LYS H 3384 -96.02 5.15 46.47
CA LYS H 3384 -96.57 5.80 47.64
C LYS H 3384 -96.55 4.82 48.80
N ALA H 3385 -96.75 5.35 50.00
CA ALA H 3385 -97.09 4.49 51.13
C ALA H 3385 -98.45 3.83 50.91
N GLU H 3386 -99.33 4.53 50.18
CA GLU H 3386 -100.63 3.99 49.80
C GLU H 3386 -100.46 2.75 48.92
N ALA H 3387 -99.34 2.67 48.22
CA ALA H 3387 -99.09 1.51 47.36
C ALA H 3387 -99.05 0.22 48.16
N GLU H 3388 -98.50 0.28 49.37
CA GLU H 3388 -98.40 -0.94 50.18
C GLU H 3388 -99.77 -1.42 50.66
N GLU H 3389 -100.60 -0.50 51.14
CA GLU H 3389 -101.94 -0.91 51.58
C GLU H 3389 -102.79 -1.34 50.39
N GLY H 3390 -102.62 -0.67 49.25
CA GLY H 3390 -103.29 -1.13 48.04
C GLY H 3390 -102.85 -2.51 47.63
N GLU H 3391 -101.56 -2.80 47.77
CA GLU H 3391 -101.06 -4.15 47.50
C GLU H 3391 -101.68 -5.16 48.45
N LEU H 3392 -101.79 -4.79 49.74
CA LEU H 3392 -102.41 -5.70 50.69
C LEU H 3392 -103.86 -5.97 50.35
N LEU H 3393 -104.59 -4.95 49.92
CA LEU H 3393 -105.99 -5.15 49.54
C LEU H 3393 -106.11 -5.93 48.24
N VAL H 3394 -105.22 -5.68 47.27
CA VAL H 3394 -105.34 -6.33 45.98
C VAL H 3394 -104.86 -7.77 46.05
N ARG H 3395 -104.04 -8.13 47.04
CA ARG H 3395 -103.73 -9.54 47.22
C ARG H 3395 -104.99 -10.33 47.55
N ASP H 3396 -105.81 -9.79 48.46
CA ASP H 3396 -107.08 -10.45 48.78
C ASP H 3396 -108.06 -10.35 47.62
N GLU H 3397 -108.02 -9.26 46.86
CA GLU H 3397 -108.88 -9.16 45.69
C GLU H 3397 -108.52 -10.23 44.67
N PHE H 3398 -107.22 -10.41 44.40
CA PHE H 3398 -106.80 -11.48 43.52
C PHE H 3398 -107.11 -12.84 44.10
N SER H 3399 -107.10 -12.96 45.43
CA SER H 3399 -107.52 -14.21 46.05
C SER H 3399 -108.98 -14.50 45.74
N VAL H 3400 -109.83 -13.48 45.79
CA VAL H 3400 -111.23 -13.65 45.44
C VAL H 3400 -111.36 -14.10 43.99
N LEU H 3401 -110.61 -13.43 43.10
CA LEU H 3401 -110.68 -13.79 41.68
C LEU H 3401 -110.19 -15.21 41.44
N CYS H 3402 -109.09 -15.61 42.07
CA CYS H 3402 -108.56 -16.96 41.88
C CYS H 3402 -109.50 -18.00 42.44
N ARG H 3403 -110.12 -17.71 43.58
CA ARG H 3403 -111.07 -18.63 44.18
C ARG H 3403 -112.28 -18.83 43.27
N ASP H 3404 -112.78 -17.74 42.67
CA ASP H 3404 -113.86 -17.90 41.72
C ASP H 3404 -113.39 -18.66 40.48
N LEU H 3405 -112.16 -18.41 40.05
CA LEU H 3405 -111.63 -19.13 38.89
C LEU H 3405 -111.62 -20.62 39.13
N TYR H 3406 -111.14 -21.05 40.28
CA TYR H 3406 -111.06 -22.47 40.56
C TYR H 3406 -112.37 -23.04 41.09
N ALA H 3407 -113.37 -22.20 41.29
CA ALA H 3407 -114.73 -22.70 41.48
C ALA H 3407 -115.46 -22.90 40.17
N LEU H 3408 -115.17 -22.08 39.15
CA LEU H 3408 -115.88 -22.18 37.88
C LEU H 3408 -115.22 -23.15 36.91
N TYR H 3409 -113.90 -23.03 36.72
CA TYR H 3409 -113.21 -23.81 35.69
C TYR H 3409 -113.38 -25.31 35.83
N PRO H 3410 -113.27 -25.91 37.03
CA PRO H 3410 -113.43 -27.37 37.11
C PRO H 3410 -114.70 -27.88 36.45
N LEU H 3411 -115.77 -27.11 36.49
CA LEU H 3411 -116.97 -27.47 35.74
C LEU H 3411 -116.81 -27.18 34.26
N LEU H 3412 -115.93 -26.23 33.89
CA LEU H 3412 -115.77 -25.86 32.50
C LEU H 3412 -114.97 -26.90 31.72
N ILE H 3413 -113.96 -27.49 32.37
CA ILE H 3413 -113.07 -28.43 31.68
C ILE H 3413 -113.85 -29.64 31.19
N ARG H 3414 -114.67 -30.20 32.05
CA ARG H 3414 -115.41 -31.41 31.71
C ARG H 3414 -116.64 -31.12 30.86
N TYR H 3415 -116.80 -29.87 30.44
CA TYR H 3415 -117.73 -29.50 29.38
C TYR H 3415 -117.01 -29.32 28.05
N VAL H 3416 -115.88 -28.64 28.08
CA VAL H 3416 -115.10 -28.42 26.86
C VAL H 3416 -114.62 -29.75 26.32
N ASP H 3417 -114.12 -30.64 27.19
CA ASP H 3417 -113.60 -31.89 26.68
C ASP H 3417 -114.72 -32.78 26.16
N ASN H 3418 -115.93 -32.64 26.69
CA ASN H 3418 -117.04 -33.45 26.23
C ASN H 3418 -117.73 -32.90 25.00
N ASN H 3419 -117.50 -31.63 24.65
CA ASN H 3419 -118.12 -31.08 23.45
C ASN H 3419 -117.13 -30.58 22.42
N ARG H 3420 -115.83 -30.79 22.62
CA ARG H 3420 -114.87 -30.22 21.68
C ARG H 3420 -114.96 -30.90 20.32
N ALA H 3421 -115.23 -32.19 20.30
CA ALA H 3421 -115.41 -32.88 19.03
C ALA H 3421 -116.54 -32.24 18.23
N HIS H 3422 -117.68 -32.03 18.88
CA HIS H 3422 -118.83 -31.47 18.19
C HIS H 3422 -118.61 -30.01 17.83
N TRP H 3423 -117.87 -29.25 18.63
CA TRP H 3423 -117.59 -27.87 18.27
C TRP H 3423 -116.61 -27.77 17.12
N LEU H 3424 -115.67 -28.72 17.03
CA LEU H 3424 -114.70 -28.68 15.95
C LEU H 3424 -115.29 -29.15 14.63
N THR H 3425 -116.18 -30.14 14.67
CA THR H 3425 -116.75 -30.62 13.41
C THR H 3425 -117.80 -29.69 12.83
N GLU H 3426 -118.53 -28.96 13.66
CA GLU H 3426 -119.61 -28.07 13.20
C GLU H 3426 -119.41 -26.71 13.83
N PRO H 3427 -118.46 -25.92 13.33
CA PRO H 3427 -118.07 -24.69 14.04
C PRO H 3427 -119.25 -23.77 14.28
N ASN H 3428 -119.26 -23.18 15.47
CA ASN H 3428 -120.36 -22.34 15.95
C ASN H 3428 -119.79 -21.13 16.65
N ALA H 3429 -120.51 -20.01 16.53
CA ALA H 3429 -120.02 -18.73 17.03
C ALA H 3429 -119.91 -18.68 18.54
N ASN H 3430 -120.81 -19.34 19.25
CA ASN H 3430 -120.81 -19.25 20.71
C ASN H 3430 -119.53 -19.84 21.29
N ALA H 3431 -119.07 -20.97 20.75
CA ALA H 3431 -117.83 -21.55 21.22
C ALA H 3431 -116.67 -20.62 20.95
N GLU H 3432 -116.67 -19.95 19.81
CA GLU H 3432 -115.59 -19.03 19.50
C GLU H 3432 -115.59 -17.85 20.46
N GLU H 3433 -116.78 -17.36 20.81
CA GLU H 3433 -116.85 -16.32 21.84
C GLU H 3433 -116.27 -16.81 23.14
N LEU H 3434 -116.60 -18.05 23.52
CA LEU H 3434 -116.02 -18.62 24.74
C LEU H 3434 -114.50 -18.64 24.65
N PHE H 3435 -113.96 -18.99 23.48
CA PHE H 3435 -112.51 -19.00 23.34
C PHE H 3435 -111.94 -17.60 23.50
N ARG H 3436 -112.57 -16.60 22.88
CA ARG H 3436 -112.09 -15.23 23.00
C ARG H 3436 -112.09 -14.80 24.46
N MET H 3437 -113.13 -15.18 25.18
CA MET H 3437 -113.28 -14.85 26.59
C MET H 3437 -112.15 -15.45 27.41
N VAL H 3438 -111.93 -16.76 27.24
CA VAL H 3438 -110.85 -17.43 27.96
C VAL H 3438 -109.52 -16.84 27.56
N GLY H 3439 -109.39 -16.41 26.31
CA GLY H 3439 -108.15 -15.80 25.88
C GLY H 3439 -107.88 -14.47 26.56
N GLU H 3440 -108.94 -13.67 26.75
CA GLU H 3440 -108.78 -12.46 27.54
C GLU H 3440 -108.32 -12.80 28.94
N ILE H 3441 -108.91 -13.84 29.54
CA ILE H 3441 -108.50 -14.25 30.88
C ILE H 3441 -107.04 -14.66 30.87
N PHE H 3442 -106.59 -15.32 29.81
CA PHE H 3442 -105.21 -15.80 29.78
C PHE H 3442 -104.22 -14.67 29.58
N ILE H 3443 -104.57 -13.68 28.74
CA ILE H 3443 -103.65 -12.58 28.55
C ILE H 3443 -103.56 -11.75 29.84
N TYR H 3444 -104.67 -11.61 30.57
CA TYR H 3444 -104.57 -10.97 31.87
C TYR H 3444 -103.79 -11.85 32.84
N TRP H 3445 -103.87 -13.16 32.67
CA TRP H 3445 -103.06 -14.08 33.47
C TRP H 3445 -101.58 -13.78 33.30
N SER H 3446 -101.12 -13.73 32.05
CA SER H 3446 -99.70 -13.55 31.77
C SER H 3446 -99.24 -12.13 32.04
N LYS H 3447 -100.13 -11.15 31.92
CA LYS H 3447 -99.73 -9.76 32.06
C LYS H 3447 -99.58 -9.33 33.51
N SER H 3448 -99.92 -10.18 34.47
CA SER H 3448 -99.81 -9.86 35.88
C SER H 3448 -98.83 -10.82 36.55
N HIS H 3449 -98.19 -10.32 37.61
CA HIS H 3449 -97.18 -11.09 38.34
C HIS H 3449 -97.66 -11.51 39.72
N ASN H 3450 -98.07 -10.56 40.56
CA ASN H 3450 -98.53 -10.90 41.90
C ASN H 3450 -99.77 -11.79 41.84
N PHE H 3451 -100.55 -11.66 40.76
CA PHE H 3451 -101.68 -12.54 40.55
C PHE H 3451 -101.26 -13.99 40.47
N LYS H 3452 -100.10 -14.26 39.87
CA LYS H 3452 -99.57 -15.61 39.83
C LYS H 3452 -99.25 -16.12 41.22
N ARG H 3453 -98.62 -15.27 42.04
CA ARG H 3453 -98.31 -15.68 43.41
C ARG H 3453 -99.57 -15.95 44.20
N GLU H 3454 -100.60 -15.13 44.02
CA GLU H 3454 -101.86 -15.37 44.71
C GLU H 3454 -102.50 -16.65 44.24
N GLU H 3455 -102.35 -17.01 42.97
CA GLU H 3455 -102.86 -18.28 42.50
C GLU H 3455 -102.15 -19.44 43.19
N GLN H 3456 -100.81 -19.34 43.28
CA GLN H 3456 -100.06 -20.33 44.03
C GLN H 3456 -100.54 -20.39 45.48
N ASN H 3457 -100.88 -19.22 46.04
CA ASN H 3457 -101.47 -19.21 47.38
C ASN H 3457 -102.73 -20.05 47.41
N PHE H 3458 -103.71 -19.70 46.57
CA PHE H 3458 -104.98 -20.42 46.59
C PHE H 3458 -104.76 -21.92 46.50
N VAL H 3459 -103.85 -22.36 45.63
CA VAL H 3459 -103.65 -23.79 45.50
C VAL H 3459 -103.02 -24.38 46.77
N VAL H 3460 -102.15 -23.62 47.45
CA VAL H 3460 -101.50 -24.22 48.61
C VAL H 3460 -102.41 -24.23 49.85
N GLN H 3461 -103.12 -23.13 50.13
CA GLN H 3461 -104.00 -23.16 51.30
C GLN H 3461 -105.30 -23.92 51.04
N ASN H 3462 -105.67 -24.15 49.79
CA ASN H 3462 -106.90 -24.88 49.51
C ASN H 3462 -106.65 -26.31 49.04
N GLU H 3463 -105.39 -26.72 48.89
CA GLU H 3463 -105.03 -28.12 48.67
C GLU H 3463 -105.78 -28.72 47.48
N ILE H 3464 -105.91 -27.95 46.40
CA ILE H 3464 -106.57 -28.45 45.21
C ILE H 3464 -105.68 -29.46 44.51
N ASN H 3465 -106.26 -30.60 44.13
CA ASN H 3465 -105.48 -31.66 43.48
C ASN H 3465 -104.92 -31.18 42.15
N ASN H 3466 -105.71 -30.45 41.38
CA ASN H 3466 -105.36 -29.93 40.05
C ASN H 3466 -105.08 -31.03 39.04
N MET H 3467 -105.29 -32.29 39.41
CA MET H 3467 -105.11 -33.42 38.50
C MET H 3467 -106.42 -34.16 38.26
N SER H 3468 -107.10 -34.56 39.34
CA SER H 3468 -108.40 -35.22 39.17
C SER H 3468 -109.40 -34.28 38.51
N PHE H 3469 -109.23 -32.98 38.71
CA PHE H 3469 -110.05 -32.02 37.97
C PHE H 3469 -109.78 -32.12 36.48
N LEU H 3470 -108.51 -32.21 36.10
CA LEU H 3470 -108.14 -32.19 34.69
C LEU H 3470 -108.47 -33.51 34.00
N THR H 3471 -108.19 -34.64 34.67
CA THR H 3471 -108.45 -35.94 34.07
C THR H 3471 -109.94 -36.28 34.15
N TYR H 3503 -96.97 -29.02 43.33
CA TYR H 3503 -97.74 -28.21 42.39
C TYR H 3503 -96.82 -27.37 41.51
N SER H 3504 -97.31 -27.04 40.31
CA SER H 3504 -96.58 -26.19 39.39
C SER H 3504 -97.57 -25.41 38.54
N VAL H 3505 -97.08 -24.31 37.96
CA VAL H 3505 -97.93 -23.51 37.08
C VAL H 3505 -98.35 -24.31 35.86
N GLN H 3506 -97.60 -25.35 35.53
CA GLN H 3506 -97.99 -26.28 34.47
C GLN H 3506 -99.40 -26.80 34.71
N THR H 3507 -99.70 -27.13 35.95
CA THR H 3507 -101.02 -27.65 36.32
C THR H 3507 -102.00 -26.55 36.70
N SER H 3508 -101.74 -25.28 36.39
CA SER H 3508 -102.73 -24.24 36.62
C SER H 3508 -103.95 -24.49 35.76
N LEU H 3509 -105.13 -24.39 36.37
CA LEU H 3509 -106.35 -24.60 35.59
C LEU H 3509 -106.56 -23.51 34.55
N ILE H 3510 -105.95 -22.35 34.71
CA ILE H 3510 -106.04 -21.32 33.67
C ILE H 3510 -105.38 -21.82 32.40
N VAL H 3511 -104.10 -22.19 32.49
CA VAL H 3511 -103.38 -22.66 31.31
C VAL H 3511 -103.95 -23.99 30.83
N ALA H 3512 -104.42 -24.84 31.74
CA ALA H 3512 -105.02 -26.10 31.32
C ALA H 3512 -106.29 -25.87 30.52
N THR H 3513 -107.15 -24.97 30.99
CA THR H 3513 -108.37 -24.67 30.26
C THR H 3513 -108.06 -24.06 28.90
N LEU H 3514 -107.07 -23.17 28.83
CA LEU H 3514 -106.75 -22.60 27.53
C LEU H 3514 -106.13 -23.65 26.62
N LYS H 3515 -105.35 -24.57 27.17
CA LYS H 3515 -104.81 -25.66 26.38
C LYS H 3515 -105.94 -26.49 25.79
N LYS H 3516 -106.97 -26.79 26.58
CA LYS H 3516 -108.07 -27.59 26.09
C LYS H 3516 -108.99 -26.82 25.17
N MET H 3517 -109.07 -25.50 25.31
CA MET H 3517 -109.95 -24.69 24.49
C MET H 3517 -109.25 -24.15 23.25
N LEU H 3518 -107.94 -24.35 23.15
CA LEU H 3518 -107.17 -23.78 22.04
C LEU H 3518 -107.57 -24.28 20.68
N PRO H 3519 -107.75 -25.60 20.44
CA PRO H 3519 -108.09 -26.04 19.08
C PRO H 3519 -109.34 -25.40 18.52
N ILE H 3520 -110.33 -25.13 19.37
CA ILE H 3520 -111.54 -24.47 18.90
C ILE H 3520 -111.19 -23.09 18.35
N GLY H 3521 -110.35 -22.36 19.07
CA GLY H 3521 -109.93 -21.06 18.60
C GLY H 3521 -109.14 -21.14 17.30
N LEU H 3522 -108.17 -22.05 17.25
CA LEU H 3522 -107.37 -22.18 16.04
C LEU H 3522 -108.20 -22.62 14.85
N ASN H 3523 -109.36 -23.24 15.11
CA ASN H 3523 -110.20 -23.71 14.01
C ASN H 3523 -110.66 -22.58 13.11
N MET H 3524 -111.00 -21.42 13.67
CA MET H 3524 -111.45 -20.31 12.84
C MET H 3524 -110.35 -19.86 11.90
N CYS H 3525 -109.13 -19.74 12.41
CA CYS H 3525 -108.00 -19.28 11.60
C CYS H 3525 -107.70 -20.31 10.53
N ALA H 3526 -107.93 -19.94 9.28
CA ALA H 3526 -107.60 -20.82 8.17
C ALA H 3526 -106.09 -21.02 8.08
N PRO H 3527 -105.66 -22.13 7.49
CA PRO H 3527 -104.21 -22.32 7.31
C PRO H 3527 -103.55 -21.20 6.53
N THR H 3528 -104.28 -20.57 5.60
CA THR H 3528 -103.76 -19.42 4.90
C THR H 3528 -103.53 -18.23 5.82
N ASP H 3529 -104.08 -18.25 7.02
CA ASP H 3529 -103.81 -17.24 8.03
C ASP H 3529 -102.70 -17.65 8.98
N GLN H 3530 -102.18 -18.87 8.86
CA GLN H 3530 -101.10 -19.34 9.72
C GLN H 3530 -99.86 -18.48 9.59
N ASP H 3531 -99.61 -17.94 8.40
CA ASP H 3531 -98.49 -17.06 8.11
C ASP H 3531 -98.60 -15.72 8.82
N LEU H 3532 -99.77 -15.05 8.71
CA LEU H 3532 -99.97 -13.79 9.41
C LEU H 3532 -99.61 -13.94 10.87
N ILE H 3533 -100.06 -15.04 11.46
CA ILE H 3533 -99.83 -15.33 12.86
C ILE H 3533 -98.34 -15.32 13.17
N MET H 3534 -97.56 -16.04 12.35
CA MET H 3534 -96.12 -16.07 12.55
C MET H 3534 -95.51 -14.68 12.53
N LEU H 3535 -96.05 -13.78 11.71
CA LEU H 3535 -95.64 -12.39 11.70
C LEU H 3535 -96.11 -11.66 12.94
N ALA H 3536 -97.36 -11.86 13.33
CA ALA H 3536 -97.88 -11.23 14.52
C ALA H 3536 -97.14 -11.69 15.77
N LYS H 3537 -96.50 -12.87 15.72
CA LYS H 3537 -95.67 -13.28 16.84
C LYS H 3537 -94.63 -12.23 17.18
N THR H 3538 -94.02 -11.65 16.14
CA THR H 3538 -93.05 -10.59 16.39
C THR H 3538 -93.73 -9.38 17.03
N ARG H 3539 -94.95 -9.07 16.58
CA ARG H 3539 -95.62 -7.87 17.06
C ARG H 3539 -95.77 -7.89 18.58
N TYR H 3540 -96.32 -8.98 19.12
CA TYR H 3540 -96.46 -9.09 20.56
C TYR H 3540 -95.14 -9.32 21.27
N ALA H 3541 -94.10 -9.73 20.55
CA ALA H 3541 -92.79 -9.91 21.18
C ALA H 3541 -92.23 -8.56 21.65
N LEU H 3542 -92.26 -7.56 20.78
CA LEU H 3542 -91.80 -6.23 21.14
C LEU H 3542 -92.81 -5.45 21.94
N LYS H 3543 -93.86 -6.09 22.44
CA LYS H 3543 -94.88 -5.45 23.27
C LYS H 3543 -95.52 -4.27 22.54
N ASP H 3544 -95.96 -4.53 21.33
CA ASP H 3544 -96.67 -3.50 20.57
C ASP H 3544 -98.08 -3.32 21.12
N THR H 3545 -98.65 -2.14 20.85
CA THR H 3545 -99.95 -1.80 21.40
C THR H 3545 -101.01 -2.74 20.85
N ASP H 3546 -101.90 -3.19 21.74
CA ASP H 3546 -102.89 -4.19 21.35
C ASP H 3546 -103.82 -3.65 20.27
N GLU H 3547 -104.23 -2.39 20.38
CA GLU H 3547 -105.13 -1.82 19.39
C GLU H 3547 -104.44 -1.66 18.04
N GLU H 3548 -103.16 -1.30 18.03
CA GLU H 3548 -102.53 -1.00 16.75
C GLU H 3548 -102.20 -2.26 15.96
N VAL H 3549 -102.19 -3.43 16.60
CA VAL H 3549 -101.96 -4.67 15.86
C VAL H 3549 -102.94 -4.78 14.72
N ARG H 3550 -104.19 -4.35 14.95
CA ARG H 3550 -105.16 -4.23 13.88
C ARG H 3550 -104.53 -3.65 12.63
N GLU H 3551 -104.06 -2.41 12.68
CA GLU H 3551 -103.46 -1.84 11.50
C GLU H 3551 -102.11 -2.44 11.16
N PHE H 3552 -101.39 -2.96 12.15
CA PHE H 3552 -100.20 -3.74 11.84
C PHE H 3552 -100.57 -4.87 10.89
N LEU H 3553 -101.81 -5.35 10.98
CA LEU H 3553 -102.30 -6.40 10.09
C LEU H 3553 -103.07 -5.84 8.89
N GLN H 3554 -103.64 -4.64 8.96
CA GLN H 3554 -104.12 -4.11 7.67
C GLN H 3554 -103.01 -3.42 6.89
N ASN H 3555 -101.98 -2.90 7.56
CA ASN H 3555 -100.83 -2.42 6.82
C ASN H 3555 -100.05 -3.57 6.22
N ASN H 3556 -99.80 -4.62 7.02
CA ASN H 3556 -99.20 -5.84 6.51
C ASN H 3556 -100.34 -6.75 6.07
N LEU H 3557 -100.90 -6.45 4.92
CA LEU H 3557 -102.07 -7.14 4.41
C LEU H 3557 -101.73 -8.28 3.46
N HIS H 3558 -100.72 -8.09 2.61
CA HIS H 3558 -100.29 -9.15 1.68
C HIS H 3558 -99.51 -10.23 2.42
N LEU H 3559 -100.21 -10.95 3.28
CA LEU H 3559 -99.56 -12.03 3.99
C LEU H 3559 -100.04 -13.39 3.51
N GLN H 3560 -101.36 -13.56 3.33
CA GLN H 3560 -101.92 -14.85 2.95
C GLN H 3560 -101.31 -15.35 1.64
N GLY H 3561 -100.86 -16.60 1.66
CA GLY H 3561 -100.11 -17.18 0.58
C GLY H 3561 -100.98 -17.83 -0.47
N LYS H 3562 -100.37 -18.74 -1.21
CA LYS H 3562 -101.02 -19.41 -2.33
C LYS H 3562 -101.23 -20.88 -2.00
N VAL H 3563 -102.47 -21.35 -2.14
CA VAL H 3563 -102.77 -22.76 -1.89
C VAL H 3563 -102.13 -23.64 -2.97
N GLU H 3564 -102.12 -23.18 -4.21
CA GLU H 3564 -101.41 -23.92 -5.25
C GLU H 3564 -99.90 -23.81 -5.09
N GLY H 3565 -99.40 -22.63 -4.77
CA GLY H 3565 -97.96 -22.44 -4.65
C GLY H 3565 -97.37 -23.13 -3.44
N SER H 3566 -98.18 -23.40 -2.43
CA SER H 3566 -97.72 -24.09 -1.23
C SER H 3566 -98.39 -25.44 -1.13
N PRO H 3567 -97.63 -26.54 -1.19
CA PRO H 3567 -98.26 -27.88 -1.28
C PRO H 3567 -98.99 -28.32 -0.02
N SER H 3568 -98.37 -28.20 1.15
CA SER H 3568 -99.04 -28.62 2.38
C SER H 3568 -100.38 -27.90 2.55
N LEU H 3569 -100.42 -26.62 2.19
CA LEU H 3569 -101.69 -25.92 2.23
C LEU H 3569 -102.69 -26.51 1.26
N ARG H 3570 -102.24 -27.17 0.20
CA ARG H 3570 -103.18 -27.76 -0.74
C ARG H 3570 -104.03 -28.83 -0.06
N TRP H 3571 -103.54 -29.42 1.04
CA TRP H 3571 -104.37 -30.37 1.77
C TRP H 3571 -104.93 -29.80 3.06
N GLN H 3572 -104.30 -28.77 3.64
CA GLN H 3572 -104.92 -28.15 4.81
C GLN H 3572 -106.12 -27.30 4.40
N MET H 3573 -105.94 -26.45 3.39
CA MET H 3573 -107.00 -25.58 2.92
C MET H 3573 -108.19 -26.38 2.43
N ALA H 3574 -107.97 -27.60 1.94
CA ALA H 3574 -109.09 -28.43 1.52
C ALA H 3574 -110.00 -28.76 2.70
N LEU H 3575 -109.42 -29.24 3.79
CA LEU H 3575 -110.21 -29.55 4.98
C LEU H 3575 -110.90 -28.30 5.51
N TYR H 3576 -110.17 -27.19 5.58
CA TYR H 3576 -110.77 -25.96 6.09
C TYR H 3576 -111.92 -25.53 5.19
N ARG H 3577 -111.74 -25.66 3.89
CA ARG H 3577 -112.79 -25.32 2.93
C ARG H 3577 -113.99 -26.22 3.08
N GLY H 3578 -113.79 -27.46 3.53
CA GLY H 3578 -114.89 -28.40 3.62
C GLY H 3578 -115.80 -28.22 4.83
N LEU H 3579 -115.35 -27.52 5.85
CA LEU H 3579 -116.11 -27.47 7.09
C LEU H 3579 -117.44 -26.76 6.88
N PRO H 3580 -118.57 -27.41 7.18
CA PRO H 3580 -119.87 -26.75 6.99
C PRO H 3580 -120.03 -25.51 7.85
N GLY H 3581 -119.46 -25.50 9.05
CA GLY H 3581 -119.54 -24.32 9.89
C GLY H 3581 -118.61 -23.22 9.44
N ARG H 3582 -117.60 -23.56 8.65
CA ARG H 3582 -116.67 -22.57 8.10
C ARG H 3582 -117.21 -22.08 6.77
N GLU H 3583 -117.95 -20.98 6.81
CA GLU H 3583 -118.48 -20.36 5.61
C GLU H 3583 -117.50 -19.31 5.08
N GLU H 3584 -117.22 -19.38 3.79
CA GLU H 3584 -116.33 -18.40 3.17
C GLU H 3584 -116.96 -17.02 3.13
N ASP H 3585 -118.30 -16.94 3.18
CA ASP H 3585 -118.98 -15.66 3.17
C ASP H 3585 -118.72 -14.87 4.45
N ALA H 3586 -118.61 -15.59 5.58
CA ALA H 3586 -118.33 -14.91 6.84
C ALA H 3586 -116.94 -14.30 6.87
N ASP H 3587 -116.06 -14.74 5.97
CA ASP H 3587 -114.69 -14.23 5.92
C ASP H 3587 -114.68 -12.92 5.15
N ASP H 3588 -114.87 -11.81 5.87
CA ASP H 3588 -114.68 -10.47 5.34
C ASP H 3588 -113.24 -10.03 5.58
N PRO H 3589 -112.70 -9.16 4.74
CA PRO H 3589 -111.28 -8.79 4.89
C PRO H 3589 -110.92 -8.20 6.24
N GLU H 3590 -111.81 -7.43 6.85
CA GLU H 3590 -111.45 -6.72 8.09
C GLU H 3590 -111.37 -7.68 9.26
N LYS H 3591 -112.47 -8.36 9.58
CA LYS H 3591 -112.53 -9.15 10.80
C LYS H 3591 -111.48 -10.26 10.82
N ILE H 3592 -110.95 -10.61 9.66
CA ILE H 3592 -109.83 -11.55 9.61
C ILE H 3592 -108.66 -11.02 10.45
N VAL H 3593 -108.43 -9.71 10.38
CA VAL H 3593 -107.35 -9.09 11.12
C VAL H 3593 -107.56 -9.33 12.61
N ARG H 3594 -108.79 -9.13 13.09
CA ARG H 3594 -109.05 -9.32 14.51
C ARG H 3594 -108.92 -10.79 14.90
N ARG H 3595 -109.35 -11.69 14.02
CA ARG H 3595 -109.20 -13.12 14.25
C ARG H 3595 -107.73 -13.44 14.50
N VAL H 3596 -106.88 -12.97 13.59
CA VAL H 3596 -105.47 -13.22 13.72
C VAL H 3596 -104.93 -12.57 14.99
N GLN H 3597 -105.44 -11.39 15.33
CA GLN H 3597 -104.95 -10.71 16.53
C GLN H 3597 -105.19 -11.54 17.77
N GLU H 3598 -106.44 -11.97 17.97
CA GLU H 3598 -106.76 -12.71 19.18
C GLU H 3598 -105.98 -14.00 19.24
N VAL H 3599 -105.89 -14.72 18.11
CA VAL H 3599 -105.19 -15.99 18.12
C VAL H 3599 -103.71 -15.79 18.41
N SER H 3600 -103.08 -14.84 17.73
CA SER H 3600 -101.65 -14.62 17.91
C SER H 3600 -101.36 -14.16 19.33
N ALA H 3601 -102.23 -13.34 19.91
CA ALA H 3601 -102.03 -12.90 21.28
C ALA H 3601 -101.99 -14.10 22.22
N VAL H 3602 -103.01 -14.95 22.13
CA VAL H 3602 -103.07 -16.06 23.08
C VAL H 3602 -101.90 -17.02 22.85
N LEU H 3603 -101.49 -17.21 21.60
CA LEU H 3603 -100.38 -18.12 21.34
C LEU H 3603 -99.06 -17.54 21.83
N TYR H 3604 -98.84 -16.24 21.67
CA TYR H 3604 -97.56 -15.69 22.09
C TYR H 3604 -97.42 -15.80 23.61
N HIS H 3605 -98.49 -15.42 24.33
CA HIS H 3605 -98.44 -15.58 25.78
C HIS H 3605 -98.36 -17.04 26.18
N LEU H 3606 -98.97 -17.93 25.39
CA LEU H 3606 -98.85 -19.36 25.63
C LEU H 3606 -97.40 -19.80 25.50
N GLU H 3607 -96.70 -19.25 24.51
CA GLU H 3607 -95.28 -19.54 24.34
C GLU H 3607 -94.51 -19.12 25.58
N GLN H 3608 -94.81 -17.93 26.11
CA GLN H 3608 -94.19 -17.53 27.37
C GLN H 3608 -94.49 -18.52 28.48
N THR H 3609 -95.75 -18.92 28.62
CA THR H 3609 -96.11 -19.80 29.73
C THR H 3609 -95.46 -21.17 29.60
N GLU H 3610 -95.24 -21.63 28.37
CA GLU H 3610 -94.66 -22.95 28.15
C GLU H 3610 -93.25 -23.05 28.70
N HIS H 3611 -92.40 -22.08 28.38
CA HIS H 3611 -90.99 -22.10 28.74
C HIS H 3611 -90.48 -20.68 28.92
N PRO H 3612 -90.46 -20.18 30.15
CA PRO H 3612 -89.92 -18.83 30.40
C PRO H 3612 -88.41 -18.78 30.60
N TYR H 3613 -87.68 -19.83 30.21
CA TYR H 3613 -86.24 -19.92 30.43
C TYR H 3613 -85.90 -19.80 31.91
N LYS H 3614 -86.71 -20.40 32.77
CA LYS H 3614 -86.51 -20.36 34.21
C LYS H 3614 -85.63 -21.54 34.62
N SER H 3615 -84.44 -21.24 35.12
CA SER H 3615 -83.52 -22.27 35.59
C SER H 3615 -82.58 -21.72 36.65
N LEU H 3624 -68.68 -22.21 46.00
CA LEU H 3624 -68.50 -21.80 47.39
C LEU H 3624 -67.63 -22.81 48.13
N SER H 3625 -66.68 -22.31 48.93
CA SER H 3625 -65.83 -23.19 49.72
C SER H 3625 -66.64 -23.85 50.83
N LYS H 3626 -66.14 -24.99 51.31
CA LYS H 3626 -66.81 -25.67 52.42
C LYS H 3626 -66.80 -24.83 53.68
N GLN H 3627 -65.80 -23.95 53.84
CA GLN H 3627 -65.78 -23.07 55.01
C GLN H 3627 -66.95 -22.10 54.99
N ARG H 3628 -67.37 -21.69 53.78
CA ARG H 3628 -68.58 -20.87 53.66
C ARG H 3628 -69.80 -21.57 54.27
N ARG H 3629 -69.80 -22.90 54.31
CA ARG H 3629 -70.82 -23.64 55.04
C ARG H 3629 -70.63 -23.47 56.54
N ARG H 3630 -69.41 -23.72 57.03
CA ARG H 3630 -69.14 -23.59 58.46
C ARG H 3630 -69.38 -22.17 58.94
N ALA H 3631 -69.08 -21.18 58.10
CA ALA H 3631 -69.35 -19.78 58.43
C ALA H 3631 -70.81 -19.53 58.78
N VAL H 3632 -71.74 -20.28 58.18
CA VAL H 3632 -73.14 -20.19 58.58
C VAL H 3632 -73.36 -20.78 59.97
N VAL H 3633 -72.80 -21.96 60.22
CA VAL H 3633 -72.85 -22.54 61.56
C VAL H 3633 -72.15 -21.61 62.53
N ALA H 3634 -71.03 -21.02 62.10
CA ALA H 3634 -70.37 -19.99 62.90
C ALA H 3634 -71.35 -18.90 63.28
N CYS H 3635 -72.15 -18.44 62.32
CA CYS H 3635 -73.11 -17.37 62.58
C CYS H 3635 -74.07 -17.74 63.70
N PHE H 3636 -74.30 -19.03 63.93
CA PHE H 3636 -75.16 -19.44 65.03
C PHE H 3636 -74.46 -19.40 66.38
N ARG H 3637 -73.18 -19.79 66.45
CA ARG H 3637 -72.53 -19.94 67.74
C ARG H 3637 -71.47 -18.88 68.02
N MET H 3638 -71.40 -17.81 67.22
CA MET H 3638 -70.52 -16.70 67.55
C MET H 3638 -70.86 -16.16 68.93
N THR H 3639 -69.85 -16.04 69.77
CA THR H 3639 -70.07 -15.66 71.16
C THR H 3639 -70.01 -14.15 71.28
N PRO H 3640 -71.06 -13.50 71.75
CA PRO H 3640 -70.96 -12.09 72.07
C PRO H 3640 -69.93 -11.85 73.17
N LEU H 3641 -69.29 -10.69 73.12
CA LEU H 3641 -68.25 -10.39 74.09
C LEU H 3641 -68.76 -10.48 75.51
N TYR H 3642 -70.05 -10.18 75.73
CA TYR H 3642 -70.55 -10.11 77.09
C TYR H 3642 -70.60 -11.47 77.77
N ASN H 3643 -70.37 -12.56 77.03
CA ASN H 3643 -70.28 -13.88 77.62
C ASN H 3643 -68.85 -14.29 77.94
N LEU H 3644 -67.87 -13.60 77.38
CA LEU H 3644 -66.48 -13.98 77.61
C LEU H 3644 -66.10 -13.79 79.07
N PRO H 3645 -65.10 -14.53 79.54
CA PRO H 3645 -64.48 -14.20 80.81
C PRO H 3645 -63.73 -12.88 80.68
N THR H 3646 -63.57 -12.22 81.82
CA THR H 3646 -63.03 -10.87 81.78
C THR H 3646 -61.62 -10.83 81.21
N HIS H 3647 -60.77 -11.79 81.57
CA HIS H 3647 -59.39 -11.71 81.13
C HIS H 3647 -59.26 -11.92 79.64
N ARG H 3648 -60.06 -12.82 79.05
CA ARG H 3648 -59.94 -13.05 77.62
C ARG H 3648 -60.59 -11.94 76.82
N ALA H 3649 -61.31 -11.03 77.47
CA ALA H 3649 -61.75 -9.82 76.82
C ALA H 3649 -60.74 -8.70 76.99
N CYS H 3650 -60.14 -8.59 78.18
CA CYS H 3650 -59.10 -7.60 78.40
C CYS H 3650 -57.89 -7.83 77.53
N ASN H 3651 -57.63 -9.07 77.13
CA ASN H 3651 -56.54 -9.34 76.22
C ASN H 3651 -56.86 -9.07 74.76
N MET H 3652 -58.13 -9.17 74.38
CA MET H 3652 -58.55 -8.72 73.07
C MET H 3652 -58.54 -7.20 72.98
N PHE H 3653 -58.97 -6.55 74.05
CA PHE H 3653 -59.00 -5.10 74.08
C PHE H 3653 -57.60 -4.53 73.93
N LEU H 3654 -56.60 -5.17 74.54
CA LEU H 3654 -55.25 -4.66 74.44
C LEU H 3654 -54.78 -4.67 73.00
N GLU H 3655 -55.06 -5.75 72.28
CA GLU H 3655 -54.65 -5.81 70.89
C GLU H 3655 -55.37 -4.78 70.04
N SER H 3656 -56.68 -4.62 70.25
CA SER H 3656 -57.41 -3.63 69.47
C SER H 3656 -56.93 -2.23 69.77
N TYR H 3657 -56.69 -1.92 71.04
CA TYR H 3657 -56.20 -0.61 71.42
C TYR H 3657 -54.83 -0.34 70.82
N LYS H 3658 -53.95 -1.32 70.86
CA LYS H 3658 -52.63 -1.15 70.29
C LYS H 3658 -52.69 -0.96 68.79
N ALA H 3659 -53.57 -1.68 68.11
CA ALA H 3659 -53.64 -1.57 66.66
C ALA H 3659 -54.29 -0.27 66.23
N ALA H 3660 -55.33 0.16 66.94
CA ALA H 3660 -56.14 1.26 66.47
C ALA H 3660 -55.71 2.59 67.05
N TRP H 3661 -55.20 2.59 68.29
CA TRP H 3661 -54.97 3.84 69.00
C TRP H 3661 -53.50 4.16 69.20
N ILE H 3662 -52.75 3.26 69.83
CA ILE H 3662 -51.36 3.55 70.12
C ILE H 3662 -50.55 3.61 68.84
N LEU H 3663 -50.71 2.61 67.98
CA LEU H 3663 -49.87 2.51 66.79
C LEU H 3663 -50.16 3.64 65.81
N THR H 3664 -51.43 3.93 65.56
CA THR H 3664 -51.77 4.97 64.61
C THR H 3664 -51.35 6.35 65.09
N GLU H 3665 -50.97 6.48 66.35
CA GLU H 3665 -50.49 7.75 66.85
C GLU H 3665 -49.11 8.06 66.29
N ASP H 3666 -48.93 9.29 65.82
CA ASP H 3666 -47.68 9.73 65.22
C ASP H 3666 -47.04 10.82 66.07
N HIS H 3667 -45.72 10.72 66.23
CA HIS H 3667 -44.97 11.70 67.00
C HIS H 3667 -43.64 11.95 66.31
N SER H 3668 -43.40 13.18 65.90
CA SER H 3668 -42.15 13.56 65.25
C SER H 3668 -41.19 13.97 66.35
N PHE H 3669 -40.22 13.10 66.61
CA PHE H 3669 -39.16 13.40 67.55
C PHE H 3669 -37.79 13.30 66.93
N GLU H 3670 -37.68 12.71 65.75
CA GLU H 3670 -36.37 12.56 65.13
C GLU H 3670 -35.73 13.89 64.86
N ASP H 3671 -36.51 14.85 64.37
CA ASP H 3671 -35.97 16.19 64.10
C ASP H 3671 -35.45 16.82 65.38
N ARG H 3672 -36.27 16.83 66.43
CA ARG H 3672 -35.87 17.44 67.68
C ARG H 3672 -34.68 16.72 68.30
N MET H 3673 -34.68 15.39 68.22
CA MET H 3673 -33.61 14.64 68.86
C MET H 3673 -32.29 14.85 68.15
N ILE H 3674 -32.29 14.79 66.82
CA ILE H 3674 -31.09 15.08 66.06
C ILE H 3674 -30.63 16.50 66.24
N ASP H 3675 -31.56 17.44 66.42
CA ASP H 3675 -31.15 18.82 66.66
C ASP H 3675 -30.61 19.05 68.07
N ASP H 3676 -31.00 18.20 69.02
CA ASP H 3676 -30.38 18.30 70.35
C ASP H 3676 -29.04 17.57 70.38
N LEU H 3677 -28.95 16.42 69.73
CA LEU H 3677 -27.70 15.69 69.68
C LEU H 3677 -26.64 16.46 68.93
N SER H 3678 -27.03 17.36 68.03
CA SER H 3678 -26.07 18.00 67.15
C SER H 3678 -25.36 19.16 67.83
N LYS H 3679 -26.06 19.91 68.66
CA LYS H 3679 -25.44 21.06 69.30
C LYS H 3679 -24.37 20.63 70.29
N ALA H 3680 -23.39 21.50 70.50
CA ALA H 3680 -22.32 21.27 71.44
C ALA H 3680 -22.32 22.37 72.50
N GLY H 3681 -21.64 22.12 73.60
CA GLY H 3681 -21.56 23.09 74.66
C GLY H 3681 -20.23 23.79 74.68
N GLU H 3682 -20.19 25.02 75.17
CA GLU H 3682 -18.97 25.81 75.21
C GLU H 3682 -17.93 25.20 76.14
N LYS H 3693 -11.75 19.84 67.39
CA LYS H 3693 -12.37 19.87 68.72
C LYS H 3693 -12.93 18.49 69.06
N LYS H 3694 -13.49 18.36 70.27
CA LYS H 3694 -14.06 17.09 70.68
C LYS H 3694 -15.35 16.85 69.92
N PRO H 3695 -15.66 15.61 69.57
CA PRO H 3695 -16.92 15.33 68.86
C PRO H 3695 -18.13 15.71 69.70
N ASP H 3696 -19.16 16.21 69.03
CA ASP H 3696 -20.42 16.54 69.67
C ASP H 3696 -21.21 15.26 69.91
N PRO H 3697 -22.31 15.30 70.68
CA PRO H 3697 -23.00 14.06 71.02
C PRO H 3697 -23.39 13.22 69.83
N LEU H 3698 -23.85 13.82 68.75
CA LEU H 3698 -24.23 13.04 67.58
C LEU H 3698 -23.02 12.41 66.90
N HIS H 3699 -21.89 13.11 66.88
CA HIS H 3699 -20.71 12.56 66.25
C HIS H 3699 -20.07 11.47 67.08
N GLN H 3700 -20.46 11.32 68.34
CA GLN H 3700 -20.06 10.18 69.14
C GLN H 3700 -20.96 8.98 68.94
N LEU H 3701 -22.12 9.19 68.33
CA LEU H 3701 -23.02 8.10 67.97
C LEU H 3701 -22.60 7.46 66.68
N VAL H 3702 -22.29 8.27 65.68
CA VAL H 3702 -21.79 7.78 64.40
C VAL H 3702 -20.50 7.01 64.61
N LEU H 3703 -19.59 7.55 65.40
CA LEU H 3703 -18.34 6.88 65.68
C LEU H 3703 -18.54 5.56 66.37
N HIS H 3704 -19.50 5.47 67.31
CA HIS H 3704 -19.73 4.23 68.01
C HIS H 3704 -20.21 3.14 67.08
N PHE H 3705 -21.13 3.47 66.19
CA PHE H 3705 -21.60 2.47 65.23
C PHE H 3705 -20.56 2.17 64.17
N SER H 3706 -19.67 3.10 63.88
CA SER H 3706 -18.50 2.75 63.08
C SER H 3706 -17.65 1.73 63.80
N ARG H 3707 -17.50 1.88 65.12
CA ARG H 3707 -16.70 0.95 65.90
C ARG H 3707 -17.26 -0.47 65.84
N THR H 3708 -18.57 -0.62 65.96
CA THR H 3708 -19.18 -1.94 65.89
C THR H 3708 -19.05 -2.57 64.51
N ALA H 3709 -18.98 -1.76 63.46
CA ALA H 3709 -18.84 -2.27 62.11
C ALA H 3709 -17.44 -2.74 61.79
N LEU H 3710 -16.42 -2.07 62.31
CA LEU H 3710 -15.04 -2.43 62.04
C LEU H 3710 -14.52 -3.54 62.95
N THR H 3711 -15.29 -3.95 63.94
CA THR H 3711 -14.87 -5.02 64.82
C THR H 3711 -14.86 -6.34 64.06
N GLU H 3712 -13.73 -7.04 64.13
CA GLU H 3712 -13.55 -8.26 63.34
C GLU H 3712 -14.39 -9.38 63.97
N LYS H 3713 -15.64 -9.44 63.55
CA LYS H 3713 -16.53 -10.53 63.90
C LYS H 3713 -16.94 -11.24 62.61
N SER H 3714 -17.15 -12.54 62.71
CA SER H 3714 -17.49 -13.32 61.53
C SER H 3714 -18.81 -12.89 60.89
N LYS H 3715 -19.79 -12.48 61.67
CA LYS H 3715 -21.09 -12.10 61.18
C LYS H 3715 -21.64 -10.95 61.98
N LEU H 3716 -22.31 -10.02 61.31
CA LEU H 3716 -22.74 -8.79 61.97
C LEU H 3716 -24.02 -9.00 62.76
N ASP H 3717 -24.00 -8.58 64.02
CA ASP H 3717 -25.07 -8.96 64.94
C ASP H 3717 -26.31 -8.07 64.82
N GLU H 3718 -27.40 -8.58 65.37
CA GLU H 3718 -28.64 -7.84 65.59
C GLU H 3718 -28.37 -6.79 66.65
N ASP H 3719 -28.55 -5.53 66.29
CA ASP H 3719 -28.55 -4.42 67.24
C ASP H 3719 -29.80 -3.59 66.99
N TYR H 3720 -30.80 -3.75 67.84
CA TYR H 3720 -31.98 -2.91 67.70
C TYR H 3720 -31.65 -1.45 67.94
N LEU H 3721 -30.60 -1.16 68.70
CA LEU H 3721 -30.21 0.23 68.94
C LEU H 3721 -29.77 0.88 67.65
N TYR H 3722 -28.90 0.21 66.90
CA TYR H 3722 -28.48 0.77 65.62
C TYR H 3722 -29.65 0.90 64.67
N MET H 3723 -30.52 -0.09 64.62
CA MET H 3723 -31.64 -0.05 63.69
C MET H 3723 -32.65 1.03 64.06
N ALA H 3724 -32.73 1.40 65.34
CA ALA H 3724 -33.60 2.49 65.72
C ALA H 3724 -32.97 3.83 65.40
N TYR H 3725 -31.69 3.98 65.68
CA TYR H 3725 -31.05 5.25 65.44
C TYR H 3725 -30.88 5.52 63.95
N ALA H 3726 -30.66 4.48 63.16
CA ALA H 3726 -30.59 4.67 61.72
C ALA H 3726 -31.91 5.19 61.18
N ASP H 3727 -33.02 4.68 61.68
CA ASP H 3727 -34.33 5.19 61.26
C ASP H 3727 -34.53 6.61 61.73
N ILE H 3728 -34.08 6.95 62.94
CA ILE H 3728 -34.18 8.33 63.40
C ILE H 3728 -33.43 9.26 62.46
N MET H 3729 -32.18 8.92 62.16
CA MET H 3729 -31.38 9.78 61.29
C MET H 3729 -31.95 9.85 59.89
N ALA H 3730 -32.51 8.74 59.40
CA ALA H 3730 -33.14 8.76 58.09
C ALA H 3730 -34.35 9.70 58.08
N LYS H 3731 -35.17 9.66 59.13
CA LYS H 3731 -36.31 10.56 59.21
C LYS H 3731 -35.85 12.01 59.26
N SER H 3732 -34.70 12.26 59.90
CA SER H 3732 -34.23 13.64 60.04
C SER H 3732 -33.98 14.28 58.68
N CYS H 3733 -33.36 13.55 57.76
CA CYS H 3733 -32.98 14.11 56.47
C CYS H 3733 -34.09 14.03 55.44
N HIS H 3734 -35.19 13.35 55.74
CA HIS H 3734 -36.29 13.22 54.79
C HIS H 3734 -37.00 14.54 54.56
N LEU H 3735 -37.17 15.33 55.62
CA LEU H 3735 -37.89 16.59 55.53
C LEU H 3735 -37.06 17.64 54.81
N VAL H 3751 -44.12 25.84 43.64
CA VAL H 3751 -43.28 25.33 42.56
C VAL H 3751 -42.33 26.41 42.08
N SER H 3752 -42.23 27.51 42.84
CA SER H 3752 -41.31 28.61 42.50
C SER H 3752 -39.87 28.23 42.47
N PHE H 3753 -39.07 28.98 41.76
CA PHE H 3753 -37.65 28.72 41.74
C PHE H 3753 -37.14 28.87 43.14
N GLU H 3754 -37.55 29.92 43.85
CA GLU H 3754 -36.97 30.10 45.17
C GLU H 3754 -37.40 28.89 45.90
N GLU H 3755 -38.69 28.59 45.88
CA GLU H 3755 -39.20 27.56 46.77
C GLU H 3755 -38.44 26.25 46.60
N LYS H 3756 -38.26 25.82 45.34
CA LYS H 3756 -37.55 24.58 45.10
C LYS H 3756 -36.11 24.66 45.58
N GLU H 3757 -35.45 25.79 45.33
CA GLU H 3757 -34.06 25.90 45.73
C GLU H 3757 -33.91 25.94 47.24
N MET H 3758 -34.85 26.59 47.93
CA MET H 3758 -34.79 26.57 49.39
C MET H 3758 -35.02 25.16 49.92
N GLU H 3759 -35.93 24.41 49.32
CA GLU H 3759 -36.11 23.03 49.76
C GLU H 3759 -34.84 22.22 49.54
N LYS H 3760 -34.19 22.40 48.39
CA LYS H 3760 -32.96 21.67 48.12
C LYS H 3760 -31.87 22.03 49.12
N GLN H 3761 -31.68 23.32 49.37
CA GLN H 3761 -30.64 23.74 50.30
C GLN H 3761 -30.92 23.25 51.71
N ARG H 3762 -32.20 23.27 52.10
CA ARG H 3762 -32.60 22.80 53.41
C ARG H 3762 -32.32 21.31 53.57
N LEU H 3763 -32.61 20.53 52.53
CA LEU H 3763 -32.28 19.11 52.58
C LEU H 3763 -30.78 18.89 52.60
N LEU H 3764 -30.02 19.72 51.86
CA LEU H 3764 -28.57 19.63 51.89
C LEU H 3764 -28.04 19.90 53.29
N TYR H 3765 -28.61 20.89 53.98
CA TYR H 3765 -28.19 21.16 55.35
C TYR H 3765 -28.52 19.98 56.27
N GLN H 3766 -29.71 19.40 56.10
CA GLN H 3766 -30.07 18.26 56.94
C GLN H 3766 -29.12 17.10 56.72
N GLN H 3767 -28.72 16.85 55.47
CA GLN H 3767 -27.73 15.82 55.21
C GLN H 3767 -26.34 16.22 55.65
N SER H 3768 -26.04 17.51 55.70
CA SER H 3768 -24.77 17.97 56.23
C SER H 3768 -24.65 17.74 57.72
N ARG H 3769 -25.77 17.78 58.45
CA ARG H 3769 -25.71 17.40 59.85
C ARG H 3769 -25.15 16.00 60.03
N LEU H 3770 -25.44 15.10 59.10
CA LEU H 3770 -25.00 13.72 59.26
C LEU H 3770 -23.63 13.48 58.64
N HIS H 3771 -23.47 13.81 57.36
CA HIS H 3771 -22.26 13.41 56.67
C HIS H 3771 -21.04 14.23 57.07
N THR H 3772 -21.22 15.32 57.80
CA THR H 3772 -20.09 16.00 58.42
C THR H 3772 -19.71 15.38 59.75
N ARG H 3773 -20.37 14.29 60.12
CA ARG H 3773 -20.06 13.59 61.36
C ARG H 3773 -19.78 12.11 61.13
N GLY H 3774 -19.54 11.70 59.89
CA GLY H 3774 -19.09 10.35 59.58
C GLY H 3774 -20.15 9.38 59.12
N ALA H 3775 -21.36 9.84 58.81
CA ALA H 3775 -22.46 8.93 58.52
C ALA H 3775 -22.17 8.08 57.28
N ALA H 3776 -21.59 8.69 56.25
CA ALA H 3776 -21.34 7.96 55.01
C ALA H 3776 -20.39 6.79 55.24
N GLU H 3777 -19.32 7.03 55.98
CA GLU H 3777 -18.39 5.95 56.28
C GLU H 3777 -19.06 4.86 57.10
N MET H 3778 -19.94 5.24 58.04
CA MET H 3778 -20.67 4.22 58.77
C MET H 3778 -21.49 3.36 57.83
N VAL H 3779 -22.17 3.99 56.87
CA VAL H 3779 -23.05 3.25 55.98
C VAL H 3779 -22.25 2.25 55.17
N LEU H 3780 -21.12 2.71 54.62
CA LEU H 3780 -20.26 1.79 53.87
C LEU H 3780 -19.75 0.67 54.76
N GLN H 3781 -19.34 1.00 55.98
CA GLN H 3781 -18.79 0.00 56.88
C GLN H 3781 -19.81 -1.07 57.20
N MET H 3782 -21.05 -0.67 57.48
CA MET H 3782 -22.04 -1.67 57.89
C MET H 3782 -22.50 -2.51 56.71
N ILE H 3783 -22.62 -1.91 55.53
CA ILE H 3783 -22.89 -2.73 54.35
C ILE H 3783 -21.79 -3.75 54.15
N SER H 3784 -20.53 -3.34 54.33
CA SER H 3784 -19.43 -4.28 54.23
C SER H 3784 -19.47 -5.33 55.32
N ALA H 3785 -19.83 -4.97 56.54
CA ALA H 3785 -19.79 -5.87 57.68
C ALA H 3785 -20.92 -6.88 57.67
N CYS H 3786 -22.04 -6.56 57.02
CA CYS H 3786 -23.11 -7.55 56.92
C CYS H 3786 -22.68 -8.76 56.12
N LYS H 3787 -21.65 -8.60 55.28
CA LYS H 3787 -21.08 -9.70 54.51
C LYS H 3787 -22.12 -10.38 53.63
N GLY H 3788 -23.01 -9.58 53.05
CA GLY H 3788 -24.00 -10.12 52.13
C GLY H 3788 -25.07 -10.99 52.73
N GLU H 3789 -25.58 -10.62 53.89
CA GLU H 3789 -26.72 -11.31 54.49
C GLU H 3789 -27.92 -10.37 54.52
N THR H 3790 -29.01 -10.78 53.88
CA THR H 3790 -30.23 -10.01 53.92
C THR H 3790 -30.76 -9.98 55.35
N GLY H 3791 -31.42 -8.90 55.70
CA GLY H 3791 -31.96 -8.77 57.04
C GLY H 3791 -32.46 -7.36 57.27
N ALA H 3792 -32.55 -7.00 58.54
CA ALA H 3792 -33.04 -5.69 58.94
C ALA H 3792 -31.93 -4.67 59.10
N MET H 3793 -30.75 -5.10 59.53
CA MET H 3793 -29.63 -4.18 59.66
C MET H 3793 -29.26 -3.59 58.31
N VAL H 3794 -29.21 -4.43 57.28
CA VAL H 3794 -28.86 -3.95 55.95
C VAL H 3794 -29.95 -3.03 55.42
N SER H 3795 -31.21 -3.35 55.68
CA SER H 3795 -32.29 -2.50 55.22
C SER H 3795 -32.21 -1.11 55.85
N SER H 3796 -31.96 -1.07 57.16
CA SER H 3796 -31.83 0.22 57.82
C SER H 3796 -30.63 0.99 57.29
N THR H 3797 -29.50 0.30 57.07
CA THR H 3797 -28.32 0.97 56.56
C THR H 3797 -28.56 1.53 55.17
N LEU H 3798 -29.22 0.75 54.30
CA LEU H 3798 -29.50 1.21 52.95
C LEU H 3798 -30.45 2.39 52.96
N LYS H 3799 -31.46 2.36 53.83
CA LYS H 3799 -32.39 3.48 53.91
C LYS H 3799 -31.67 4.74 54.40
N LEU H 3800 -30.73 4.58 55.33
CA LEU H 3800 -29.94 5.72 55.76
C LEU H 3800 -29.08 6.26 54.63
N GLY H 3801 -28.46 5.38 53.84
CA GLY H 3801 -27.66 5.83 52.72
C GLY H 3801 -28.49 6.58 51.71
N ILE H 3802 -29.68 6.07 51.41
CA ILE H 3802 -30.59 6.76 50.51
C ILE H 3802 -30.96 8.12 51.09
N SER H 3803 -31.24 8.17 52.39
CA SER H 3803 -31.64 9.42 53.02
C SER H 3803 -30.56 10.48 52.89
N ILE H 3804 -29.30 10.10 53.09
CA ILE H 3804 -28.25 11.11 53.02
C ILE H 3804 -27.78 11.35 51.59
N LEU H 3805 -28.16 10.51 50.63
CA LEU H 3805 -27.74 10.71 49.25
C LEU H 3805 -28.84 11.26 48.35
N ASN H 3806 -30.04 11.51 48.87
CA ASN H 3806 -31.13 11.99 48.03
C ASN H 3806 -30.73 13.27 47.32
N GLY H 3807 -31.08 13.36 46.05
CA GLY H 3807 -30.68 14.49 45.24
C GLY H 3807 -29.26 14.44 44.73
N GLY H 3808 -28.55 13.34 44.99
CA GLY H 3808 -27.17 13.24 44.56
C GLY H 3808 -26.27 14.20 45.28
N ASN H 3809 -26.12 14.01 46.59
CA ASN H 3809 -25.30 14.91 47.40
C ASN H 3809 -23.84 14.72 47.04
N ALA H 3810 -23.27 15.67 46.28
CA ALA H 3810 -21.93 15.51 45.76
C ALA H 3810 -20.91 15.32 46.87
N GLU H 3811 -21.09 16.03 47.98
CA GLU H 3811 -20.17 15.88 49.10
C GLU H 3811 -20.21 14.47 49.65
N VAL H 3812 -21.40 13.91 49.83
CA VAL H 3812 -21.53 12.58 50.39
C VAL H 3812 -20.94 11.55 49.44
N GLN H 3813 -21.21 11.68 48.15
CA GLN H 3813 -20.63 10.77 47.17
C GLN H 3813 -19.11 10.85 47.17
N GLN H 3814 -18.55 12.06 47.21
CA GLN H 3814 -17.10 12.19 47.24
C GLN H 3814 -16.51 11.56 48.49
N LYS H 3815 -17.15 11.76 49.63
CA LYS H 3815 -16.67 11.14 50.87
C LYS H 3815 -16.69 9.63 50.77
N MET H 3816 -17.79 9.07 50.25
CA MET H 3816 -17.89 7.62 50.14
C MET H 3816 -16.83 7.07 49.20
N LEU H 3817 -16.64 7.72 48.06
CA LEU H 3817 -15.64 7.26 47.11
C LEU H 3817 -14.25 7.33 47.71
N ASP H 3818 -13.93 8.42 48.40
CA ASP H 3818 -12.62 8.54 49.01
C ASP H 3818 -12.40 7.44 50.05
N TYR H 3819 -13.43 7.16 50.85
CA TYR H 3819 -13.30 6.10 51.85
C TYR H 3819 -13.03 4.75 51.21
N LEU H 3820 -13.83 4.40 50.19
CA LEU H 3820 -13.62 3.12 49.53
C LEU H 3820 -12.25 3.05 48.89
N LYS H 3821 -11.78 4.15 48.32
CA LYS H 3821 -10.49 4.12 47.64
C LYS H 3821 -9.32 4.01 48.61
N ASP H 3822 -9.36 4.72 49.73
CA ASP H 3822 -8.23 4.66 50.63
C ASP H 3822 -8.22 3.38 51.45
N LYS H 3823 -9.38 2.83 51.81
CA LYS H 3823 -9.37 1.57 52.53
C LYS H 3823 -9.09 0.38 51.63
N LYS H 3824 -9.30 0.51 50.32
CA LYS H 3824 -9.04 -0.55 49.35
C LYS H 3824 -9.65 -1.87 49.79
N GLU H 3825 -10.78 -1.82 50.47
CA GLU H 3825 -11.45 -3.03 50.93
C GLU H 3825 -12.26 -3.62 49.78
N VAL H 3826 -12.22 -4.94 49.66
CA VAL H 3826 -13.02 -5.64 48.67
C VAL H 3826 -14.34 -6.10 49.26
N GLY H 3827 -14.59 -5.82 50.53
CA GLY H 3827 -15.79 -6.29 51.20
C GLY H 3827 -17.06 -5.65 50.71
N PHE H 3828 -17.00 -4.35 50.42
CA PHE H 3828 -18.20 -3.60 50.06
C PHE H 3828 -18.85 -4.16 48.80
N PHE H 3829 -18.08 -4.28 47.73
CA PHE H 3829 -18.62 -4.78 46.48
C PHE H 3829 -18.80 -6.29 46.48
N GLN H 3830 -18.13 -6.99 47.40
CA GLN H 3830 -18.36 -8.42 47.57
C GLN H 3830 -19.60 -8.69 48.39
N SER H 3831 -20.17 -7.67 49.04
CA SER H 3831 -21.42 -7.79 49.77
C SER H 3831 -22.60 -7.25 48.99
N ILE H 3832 -22.41 -6.18 48.22
CA ILE H 3832 -23.48 -5.71 47.34
C ILE H 3832 -23.84 -6.79 46.33
N GLN H 3833 -22.82 -7.45 45.78
CA GLN H 3833 -23.07 -8.52 44.81
C GLN H 3833 -23.87 -9.65 45.44
N ALA H 3834 -23.51 -10.04 46.67
CA ALA H 3834 -24.24 -11.10 47.35
C ALA H 3834 -25.67 -10.69 47.60
N LEU H 3835 -25.89 -9.45 48.02
CA LEU H 3835 -27.25 -8.99 48.24
C LEU H 3835 -28.07 -9.06 46.97
N MET H 3836 -27.48 -8.64 45.84
CA MET H 3836 -28.26 -8.61 44.61
C MET H 3836 -28.50 -10.02 44.08
N GLN H 3837 -27.62 -10.95 44.40
CA GLN H 3837 -27.89 -12.34 44.08
C GLN H 3837 -29.02 -12.90 44.93
N THR H 3838 -29.11 -12.50 46.20
CA THR H 3838 -30.16 -12.99 47.06
C THR H 3838 -31.50 -12.29 46.83
N CYS H 3839 -31.52 -11.22 46.06
CA CYS H 3839 -32.77 -10.50 45.81
C CYS H 3839 -33.77 -11.42 45.11
N SER H 3840 -34.98 -11.46 45.64
CA SER H 3840 -35.99 -12.36 45.12
C SER H 3840 -36.55 -11.83 43.81
N VAL H 3841 -37.03 -12.76 43.00
CA VAL H 3841 -37.59 -12.45 41.69
C VAL H 3841 -39.00 -13.01 41.65
N LEU H 3842 -39.79 -12.49 40.73
CA LEU H 3842 -41.19 -12.88 40.62
C LEU H 3842 -41.32 -14.39 40.44
N ASP H 3843 -42.32 -14.97 41.09
CA ASP H 3843 -42.51 -16.41 41.08
C ASP H 3843 -43.94 -16.75 40.73
N LEU H 3844 -44.12 -17.94 40.17
CA LEU H 3844 -45.45 -18.51 40.04
C LEU H 3844 -45.76 -19.51 41.13
N ASN H 3845 -44.81 -20.39 41.44
CA ASN H 3845 -45.09 -21.46 42.39
C ASN H 3845 -45.64 -20.92 43.69
N ALA H 3846 -44.89 -20.03 44.34
CA ALA H 3846 -45.39 -19.42 45.58
C ALA H 3846 -46.72 -18.72 45.35
N PHE H 3847 -46.88 -18.09 44.19
CA PHE H 3847 -48.17 -17.49 43.85
C PHE H 3847 -49.27 -18.54 43.79
N GLU H 3848 -49.01 -19.67 43.14
CA GLU H 3848 -50.03 -20.72 43.07
C GLU H 3848 -50.40 -21.21 44.45
N ARG H 3849 -49.37 -21.42 45.29
CA ARG H 3849 -49.62 -21.94 46.63
C ARG H 3849 -50.43 -20.96 47.47
N GLN H 3850 -50.12 -19.67 47.40
CA GLN H 3850 -50.89 -18.76 48.23
C GLN H 3850 -52.27 -18.55 47.65
N ASN H 3851 -52.43 -18.69 46.33
CA ASN H 3851 -53.75 -18.73 45.75
C ASN H 3851 -54.61 -19.80 46.41
N LYS H 3852 -54.09 -21.02 46.46
CA LYS H 3852 -54.84 -22.11 47.09
C LYS H 3852 -55.00 -21.87 48.60
N ALA H 3853 -53.98 -21.29 49.23
CA ALA H 3853 -54.05 -21.06 50.67
C ALA H 3853 -55.17 -20.10 51.02
N GLU H 3854 -55.38 -19.05 50.22
CA GLU H 3854 -56.58 -18.25 50.40
C GLU H 3854 -57.82 -19.04 50.04
N GLY H 3855 -57.70 -19.93 49.05
CA GLY H 3855 -58.83 -20.75 48.67
C GLY H 3855 -59.32 -21.63 49.81
N LEU H 3856 -58.46 -21.89 50.80
CA LEU H 3856 -58.89 -22.64 51.98
C LEU H 3856 -59.99 -21.90 52.72
N GLY H 3857 -59.76 -20.62 53.05
CA GLY H 3857 -60.78 -19.82 53.66
C GLY H 3857 -60.20 -18.80 54.63
N MET H 3858 -61.10 -18.24 55.44
CA MET H 3858 -60.83 -17.09 56.29
C MET H 3858 -61.14 -17.39 57.76
N VAL H 3859 -61.93 -18.40 58.04
CA VAL H 3859 -62.50 -18.60 59.37
C VAL H 3859 -61.65 -19.60 60.15
N ASN H 3860 -61.53 -19.37 61.46
CA ASN H 3860 -60.90 -20.31 62.37
C ASN H 3860 -61.72 -20.39 63.64
N GLU H 3861 -61.53 -21.48 64.39
CA GLU H 3861 -62.17 -21.61 65.69
C GLU H 3861 -61.57 -20.62 66.67
N ASP H 3862 -62.32 -19.55 66.97
CA ASP H 3862 -61.85 -18.47 67.83
C ASP H 3862 -60.55 -17.88 67.30
N GLY H 3863 -60.46 -17.75 65.98
CA GLY H 3863 -59.27 -17.20 65.35
C GLY H 3863 -59.59 -16.68 63.97
N THR H 3864 -58.71 -15.81 63.47
CA THR H 3864 -58.82 -15.26 62.12
C THR H 3864 -57.49 -15.47 61.40
N VAL H 3865 -57.57 -15.88 60.13
CA VAL H 3865 -56.38 -16.11 59.33
C VAL H 3865 -55.64 -14.78 59.11
N ILE H 3866 -54.32 -14.85 59.05
CA ILE H 3866 -53.48 -13.69 58.75
C ILE H 3866 -53.85 -13.11 57.39
N GLU H 3872 -46.93 -12.50 53.03
CA GLU H 3872 -46.77 -12.74 51.61
C GLU H 3872 -45.45 -13.43 51.32
N LYS H 3873 -45.46 -14.39 50.39
CA LYS H 3873 -44.26 -15.09 50.01
C LYS H 3873 -43.93 -14.95 48.53
N VAL H 3874 -44.57 -14.03 47.83
CA VAL H 3874 -44.24 -13.71 46.44
C VAL H 3874 -43.77 -12.27 46.41
N MET H 3875 -42.62 -12.04 45.77
CA MET H 3875 -42.03 -10.71 45.68
C MET H 3875 -41.90 -10.09 47.07
N ALA H 3876 -41.47 -10.93 48.01
CA ALA H 3876 -41.50 -10.55 49.43
C ALA H 3876 -40.58 -9.38 49.74
N ASP H 3877 -39.41 -9.32 49.14
CA ASP H 3877 -38.42 -8.29 49.44
C ASP H 3877 -38.39 -7.19 48.39
N ASP H 3878 -39.56 -6.83 47.87
CA ASP H 3878 -39.62 -5.78 46.85
C ASP H 3878 -39.09 -4.46 47.40
N GLU H 3879 -39.45 -4.13 48.65
CA GLU H 3879 -38.98 -2.89 49.25
C GLU H 3879 -37.46 -2.87 49.35
N PHE H 3880 -36.87 -3.98 49.80
CA PHE H 3880 -35.43 -4.04 49.93
C PHE H 3880 -34.74 -3.94 48.58
N THR H 3881 -35.26 -4.62 47.56
CA THR H 3881 -34.64 -4.56 46.25
C THR H 3881 -34.71 -3.15 45.68
N GLN H 3882 -35.88 -2.51 45.81
CA GLN H 3882 -36.00 -1.13 45.37
C GLN H 3882 -35.01 -0.24 46.11
N ASP H 3883 -34.87 -0.43 47.42
CA ASP H 3883 -33.96 0.40 48.18
C ASP H 3883 -32.51 0.18 47.75
N LEU H 3884 -32.13 -1.06 47.48
CA LEU H 3884 -30.76 -1.35 47.10
C LEU H 3884 -30.42 -0.71 45.76
N PHE H 3885 -31.30 -0.85 44.78
CA PHE H 3885 -30.99 -0.26 43.49
C PHE H 3885 -31.14 1.25 43.52
N ARG H 3886 -32.02 1.79 44.35
CA ARG H 3886 -32.06 3.22 44.57
C ARG H 3886 -30.76 3.71 45.16
N PHE H 3887 -30.18 2.93 46.07
CA PHE H 3887 -28.88 3.30 46.64
C PHE H 3887 -27.82 3.38 45.58
N LEU H 3888 -27.73 2.36 44.72
CA LEU H 3888 -26.70 2.40 43.67
C LEU H 3888 -26.93 3.56 42.71
N GLN H 3889 -28.19 3.79 42.33
CA GLN H 3889 -28.49 4.91 41.46
C GLN H 3889 -28.09 6.23 42.09
N LEU H 3890 -28.39 6.41 43.38
CA LEU H 3890 -28.02 7.64 44.05
C LEU H 3890 -26.51 7.77 44.15
N LEU H 3891 -25.79 6.65 44.24
CA LEU H 3891 -24.34 6.71 44.20
C LEU H 3891 -23.84 7.28 42.88
N CYS H 3892 -24.44 6.97 41.75
CA CYS H 3892 -23.97 7.60 40.52
C CYS H 3892 -24.78 8.75 39.95
N GLU H 3893 -25.65 9.37 40.73
CA GLU H 3893 -26.45 10.49 40.26
C GLU H 3893 -25.57 11.65 40.17
N GLY H 3894 -25.97 12.63 39.41
CA GLY H 3894 -25.14 13.79 39.22
C GLY H 3894 -24.08 13.51 38.20
N HIS H 3895 -24.23 12.41 37.50
CA HIS H 3895 -23.31 12.11 36.45
C HIS H 3895 -21.85 12.02 36.87
N ASN H 3896 -21.54 11.46 38.03
CA ASN H 3896 -20.17 11.24 38.45
C ASN H 3896 -19.47 10.23 37.59
N ASN H 3897 -18.31 10.55 37.01
CA ASN H 3897 -17.53 9.60 36.24
C ASN H 3897 -16.75 8.66 37.14
N ASP H 3898 -16.28 9.17 38.28
CA ASP H 3898 -15.47 8.35 39.16
C ASP H 3898 -16.26 7.18 39.71
N PHE H 3899 -17.50 7.41 40.14
CA PHE H 3899 -18.34 6.31 40.60
C PHE H 3899 -18.75 5.41 39.46
N GLN H 3900 -19.15 5.99 38.33
CA GLN H 3900 -19.59 5.18 37.21
C GLN H 3900 -18.46 4.26 36.72
N ASN H 3901 -17.21 4.64 36.99
CA ASN H 3901 -16.11 3.78 36.61
C ASN H 3901 -15.67 2.87 37.75
N TYR H 3902 -15.80 3.31 39.00
CA TYR H 3902 -15.45 2.47 40.14
C TYR H 3902 -16.38 1.27 40.22
N LEU H 3903 -17.68 1.49 39.97
CA LEU H 3903 -18.61 0.38 39.99
C LEU H 3903 -18.24 -0.67 38.96
N ARG H 3904 -17.64 -0.24 37.85
CA ARG H 3904 -17.26 -1.21 36.82
C ARG H 3904 -15.97 -1.91 37.17
N THR H 3905 -14.94 -1.16 37.52
CA THR H 3905 -13.66 -1.74 37.90
C THR H 3905 -13.18 -1.08 39.18
N GLN H 3906 -12.68 -1.88 40.10
CA GLN H 3906 -12.18 -1.38 41.38
C GLN H 3906 -10.67 -1.45 41.33
N THR H 3907 -10.06 -0.41 40.78
CA THR H 3907 -8.62 -0.37 40.66
C THR H 3907 -7.98 -0.22 42.04
N GLY H 3908 -6.83 -0.85 42.21
CA GLY H 3908 -6.17 -0.84 43.49
C GLY H 3908 -6.55 -2.03 44.34
N ASN H 3909 -7.84 -2.34 44.38
CA ASN H 3909 -8.28 -3.51 45.12
C ASN H 3909 -7.73 -4.78 44.48
N THR H 3910 -7.52 -5.80 45.32
CA THR H 3910 -6.96 -7.05 44.82
C THR H 3910 -7.84 -7.68 43.75
N THR H 3911 -9.15 -7.68 43.96
CA THR H 3911 -10.08 -8.19 42.96
C THR H 3911 -11.14 -7.14 42.71
N THR H 3912 -11.73 -7.21 41.51
CA THR H 3912 -12.72 -6.24 41.09
C THR H 3912 -14.07 -6.92 40.87
N ILE H 3913 -15.12 -6.23 41.25
CA ILE H 3913 -16.48 -6.72 41.07
C ILE H 3913 -17.23 -5.73 40.20
N ASN H 3914 -17.70 -6.18 39.05
CA ASN H 3914 -18.40 -5.33 38.10
C ASN H 3914 -19.87 -5.29 38.50
N ILE H 3915 -20.28 -4.22 39.18
CA ILE H 3915 -21.66 -4.12 39.62
C ILE H 3915 -22.62 -3.93 38.46
N ILE H 3916 -22.20 -3.27 37.38
CA ILE H 3916 -23.12 -2.98 36.28
C ILE H 3916 -23.61 -4.28 35.64
N ILE H 3917 -22.69 -5.19 35.29
CA ILE H 3917 -23.11 -6.44 34.70
C ILE H 3917 -23.88 -7.28 35.71
N CYS H 3918 -23.64 -7.09 37.00
CA CYS H 3918 -24.46 -7.78 37.99
C CYS H 3918 -25.89 -7.26 37.99
N THR H 3919 -26.07 -5.95 37.82
CA THR H 3919 -27.41 -5.40 37.67
C THR H 3919 -28.09 -5.97 36.44
N VAL H 3920 -27.36 -6.03 35.33
CA VAL H 3920 -27.93 -6.63 34.13
C VAL H 3920 -28.29 -8.08 34.34
N ASP H 3921 -27.43 -8.85 34.99
CA ASP H 3921 -27.73 -10.25 35.26
C ASP H 3921 -28.97 -10.41 36.12
N TYR H 3922 -29.15 -9.55 37.12
CA TYR H 3922 -30.40 -9.59 37.88
C TYR H 3922 -31.59 -9.26 36.99
N LEU H 3923 -31.43 -8.26 36.13
CA LEU H 3923 -32.52 -7.89 35.25
C LEU H 3923 -32.95 -9.03 34.36
N LEU H 3924 -32.04 -9.93 34.03
CA LEU H 3924 -32.44 -11.03 33.17
C LEU H 3924 -33.31 -12.03 33.91
N ARG H 3925 -33.00 -12.32 35.17
CA ARG H 3925 -33.87 -13.08 36.05
C ARG H 3925 -35.24 -12.43 36.05
N LEU H 3926 -35.21 -11.10 36.19
CA LEU H 3926 -36.45 -10.35 36.30
C LEU H 3926 -37.30 -10.51 35.05
N GLN H 3927 -36.70 -10.40 33.87
CA GLN H 3927 -37.50 -10.50 32.66
C GLN H 3927 -37.98 -11.93 32.45
N GLU H 3928 -37.19 -12.90 32.88
CA GLU H 3928 -37.63 -14.29 32.82
C GLU H 3928 -38.93 -14.46 33.59
N SER H 3929 -38.93 -14.01 34.84
CA SER H 3929 -40.12 -14.17 35.67
C SER H 3929 -41.29 -13.35 35.13
N ILE H 3930 -41.02 -12.16 34.63
CA ILE H 3930 -42.09 -11.34 34.09
C ILE H 3930 -42.73 -12.02 32.89
N SER H 3931 -41.93 -12.57 31.99
CA SER H 3931 -42.49 -13.35 30.89
C SER H 3931 -43.23 -14.58 31.40
N ASP H 3932 -42.85 -15.09 32.56
CA ASP H 3932 -43.56 -16.25 33.09
C ASP H 3932 -44.97 -15.90 33.53
N PHE H 3933 -45.18 -14.74 34.17
CA PHE H 3933 -46.59 -14.38 34.35
C PHE H 3933 -47.33 -14.19 33.05
N TYR H 3934 -46.81 -13.44 32.09
CA TYR H 3934 -47.57 -13.25 30.87
C TYR H 3934 -47.99 -14.59 30.30
N TRP H 3935 -47.07 -15.55 30.27
CA TRP H 3935 -47.44 -16.85 29.75
C TRP H 3935 -48.48 -17.51 30.63
N TYR H 3936 -48.37 -17.35 31.94
CA TYR H 3936 -49.36 -17.94 32.85
C TYR H 3936 -50.75 -17.38 32.57
N TYR H 3937 -50.84 -16.11 32.24
CA TYR H 3937 -52.10 -15.41 32.10
C TYR H 3937 -52.59 -15.32 30.67
N SER H 3938 -51.83 -15.82 29.70
CA SER H 3938 -52.21 -15.62 28.31
C SER H 3938 -53.52 -16.31 27.97
N GLY H 3939 -53.93 -17.28 28.78
CA GLY H 3939 -55.20 -17.94 28.55
C GLY H 3939 -56.31 -17.26 29.32
N LYS H 3940 -56.05 -16.94 30.58
CA LYS H 3940 -57.04 -16.30 31.44
C LYS H 3940 -57.40 -14.94 30.86
N ASP H 3941 -58.67 -14.79 30.46
CA ASP H 3941 -59.08 -13.59 29.75
C ASP H 3941 -58.88 -12.33 30.58
N VAL H 3942 -59.17 -12.38 31.87
CA VAL H 3942 -58.99 -11.24 32.76
C VAL H 3942 -57.95 -11.59 33.82
N ILE H 3943 -57.00 -10.69 34.04
CA ILE H 3943 -56.09 -10.85 35.15
C ILE H 3943 -56.80 -10.48 36.43
N GLU H 3944 -56.91 -11.43 37.35
CA GLU H 3944 -57.59 -11.19 38.61
C GLU H 3944 -56.73 -10.29 39.50
N GLU H 3945 -57.28 -9.98 40.68
CA GLU H 3945 -56.69 -8.92 41.51
C GLU H 3945 -55.30 -9.29 41.99
N GLN H 3946 -55.11 -10.53 42.43
CA GLN H 3946 -53.80 -10.94 42.94
C GLN H 3946 -52.73 -10.76 41.88
N GLY H 3947 -53.04 -11.15 40.65
CA GLY H 3947 -52.11 -10.90 39.57
C GLY H 3947 -51.81 -9.43 39.37
N LYS H 3948 -52.81 -8.58 39.57
CA LYS H 3948 -52.57 -7.14 39.43
C LYS H 3948 -51.57 -6.66 40.46
N ARG H 3949 -51.74 -7.07 41.72
CA ARG H 3949 -50.82 -6.64 42.77
C ARG H 3949 -49.40 -7.11 42.47
N ASN H 3950 -49.25 -8.41 42.22
CA ASN H 3950 -47.90 -8.95 42.07
C ASN H 3950 -47.22 -8.42 40.82
N PHE H 3951 -47.98 -8.26 39.74
CA PHE H 3951 -47.39 -7.74 38.51
C PHE H 3951 -47.00 -6.28 38.68
N SER H 3952 -47.80 -5.51 39.43
CA SER H 3952 -47.42 -4.12 39.72
C SER H 3952 -46.15 -4.06 40.55
N LYS H 3953 -46.01 -4.95 41.54
CA LYS H 3953 -44.80 -4.97 42.34
C LYS H 3953 -43.58 -5.25 41.48
N ALA H 3954 -43.68 -6.27 40.62
CA ALA H 3954 -42.58 -6.56 39.72
C ALA H 3954 -42.27 -5.38 38.82
N MET H 3955 -43.30 -4.61 38.47
CA MET H 3955 -43.08 -3.49 37.57
C MET H 3955 -42.36 -2.35 38.28
N SER H 3956 -42.70 -2.11 39.54
CA SER H 3956 -41.98 -1.09 40.30
C SER H 3956 -40.51 -1.46 40.43
N VAL H 3957 -40.23 -2.73 40.72
CA VAL H 3957 -38.84 -3.16 40.82
C VAL H 3957 -38.14 -3.00 39.48
N ALA H 3958 -38.83 -3.34 38.39
CA ALA H 3958 -38.23 -3.19 37.07
C ALA H 3958 -37.99 -1.73 36.72
N LYS H 3959 -38.89 -0.83 37.11
CA LYS H 3959 -38.66 0.59 36.91
C LYS H 3959 -37.39 1.02 37.61
N GLN H 3960 -37.21 0.59 38.86
CA GLN H 3960 -36.02 0.99 39.59
C GLN H 3960 -34.75 0.43 38.97
N VAL H 3961 -34.78 -0.82 38.51
CA VAL H 3961 -33.59 -1.40 37.89
C VAL H 3961 -33.25 -0.66 36.61
N PHE H 3962 -34.27 -0.37 35.79
CA PHE H 3962 -34.02 0.39 34.57
C PHE H 3962 -33.45 1.76 34.87
N ASN H 3963 -33.98 2.46 35.85
CA ASN H 3963 -33.43 3.75 36.24
C ASN H 3963 -31.99 3.64 36.73
N SER H 3964 -31.67 2.59 37.48
CA SER H 3964 -30.30 2.41 37.95
C SER H 3964 -29.34 2.22 36.78
N LEU H 3965 -29.80 1.52 35.76
CA LEU H 3965 -28.94 1.31 34.64
C LEU H 3965 -28.79 2.59 33.87
N THR H 3966 -29.80 3.43 33.82
CA THR H 3966 -29.61 4.68 33.15
C THR H 3966 -28.60 5.48 33.88
N GLU H 3967 -28.69 5.62 35.18
CA GLU H 3967 -27.74 6.49 35.83
C GLU H 3967 -26.32 5.99 35.67
N TYR H 3968 -26.11 4.70 35.62
CA TYR H 3968 -24.80 4.20 35.42
C TYR H 3968 -24.23 4.68 34.11
N ILE H 3969 -25.01 4.77 33.06
CA ILE H 3969 -24.55 5.22 31.76
C ILE H 3969 -25.03 6.54 31.24
N GLN H 3970 -25.76 7.31 32.02
CA GLN H 3970 -26.36 8.57 31.51
C GLN H 3970 -25.43 9.61 31.19
N GLY H 3971 -24.38 9.70 31.96
CA GLY H 3971 -23.39 10.69 31.68
C GLY H 3971 -22.74 9.91 30.60
N PRO H 3972 -22.10 10.58 29.64
CA PRO H 3972 -21.60 9.67 28.64
C PRO H 3972 -20.40 8.85 29.08
N CYS H 3973 -20.53 7.99 30.09
CA CYS H 3973 -19.46 7.09 30.47
C CYS H 3973 -19.27 6.04 29.44
N THR H 3974 -18.29 6.19 28.58
CA THR H 3974 -18.13 5.25 27.48
C THR H 3974 -17.87 3.85 27.99
N GLY H 3975 -17.03 3.72 29.03
CA GLY H 3975 -16.71 2.40 29.53
C GLY H 3975 -17.94 1.62 29.93
N ASN H 3976 -18.85 2.25 30.68
CA ASN H 3976 -20.09 1.58 31.04
C ASN H 3976 -20.97 1.36 29.82
N GLN H 3977 -20.91 2.23 28.82
CA GLN H 3977 -21.76 2.07 27.65
C GLN H 3977 -21.41 0.79 26.91
N GLN H 3978 -20.14 0.59 26.57
CA GLN H 3978 -19.79 -0.65 25.89
C GLN H 3978 -19.76 -1.83 26.84
N SER H 3979 -19.58 -1.60 28.14
CA SER H 3979 -19.73 -2.70 29.08
C SER H 3979 -21.15 -3.25 29.04
N LEU H 3980 -22.14 -2.35 28.96
CA LEU H 3980 -23.51 -2.78 28.77
C LEU H 3980 -23.73 -3.39 27.40
N ALA H 3981 -23.13 -2.79 26.36
CA ALA H 3981 -23.37 -3.27 25.01
C ALA H 3981 -22.91 -4.70 24.84
N HIS H 3982 -21.75 -5.05 25.39
CA HIS H 3982 -21.30 -6.43 25.34
C HIS H 3982 -22.06 -7.30 26.33
N SER H 3983 -22.48 -6.74 27.45
CA SER H 3983 -23.25 -7.49 28.42
C SER H 3983 -24.53 -8.01 27.77
N ARG H 3984 -25.13 -9.01 28.40
CA ARG H 3984 -26.35 -9.56 27.83
C ARG H 3984 -27.56 -8.75 28.25
N LEU H 3985 -27.43 -7.43 28.11
CA LEU H 3985 -28.56 -6.54 28.29
C LEU H 3985 -29.55 -6.66 27.16
N TRP H 3986 -29.13 -7.20 26.03
CA TRP H 3986 -29.96 -7.30 24.84
C TRP H 3986 -30.96 -8.44 24.94
N ASP H 3987 -30.57 -9.55 25.54
CA ASP H 3987 -31.54 -10.59 25.81
C ASP H 3987 -32.67 -10.07 26.67
N ALA H 3988 -32.34 -9.31 27.72
CA ALA H 3988 -33.35 -8.81 28.63
C ALA H 3988 -34.35 -7.92 27.91
N VAL H 3989 -33.85 -6.94 27.17
CA VAL H 3989 -34.74 -6.00 26.49
C VAL H 3989 -35.52 -6.67 25.35
N VAL H 3990 -34.88 -7.59 24.64
CA VAL H 3990 -35.60 -8.32 23.59
C VAL H 3990 -36.72 -9.12 24.19
N GLY H 3991 -36.46 -9.77 25.32
CA GLY H 3991 -37.50 -10.48 26.03
C GLY H 3991 -38.58 -9.55 26.54
N PHE H 3992 -38.18 -8.43 27.15
CA PHE H 3992 -39.15 -7.49 27.68
C PHE H 3992 -40.14 -7.08 26.62
N LEU H 3993 -39.65 -6.70 25.44
CA LEU H 3993 -40.54 -6.20 24.40
C LEU H 3993 -41.66 -7.17 24.12
N HIS H 3994 -41.40 -8.47 24.26
CA HIS H 3994 -42.46 -9.45 24.04
C HIS H 3994 -43.57 -9.28 25.07
N VAL H 3995 -43.19 -9.24 26.36
CA VAL H 3995 -44.18 -9.03 27.41
C VAL H 3995 -44.90 -7.72 27.20
N PHE H 3996 -44.17 -6.69 26.80
CA PHE H 3996 -44.75 -5.36 26.65
C PHE H 3996 -45.84 -5.39 25.59
N ALA H 3997 -45.51 -5.88 24.39
CA ALA H 3997 -46.47 -5.88 23.30
C ALA H 3997 -47.69 -6.72 23.63
N HIS H 3998 -47.46 -7.94 24.13
CA HIS H 3998 -48.58 -8.84 24.34
C HIS H 3998 -49.47 -8.38 25.49
N MET H 3999 -48.85 -7.90 26.57
CA MET H 3999 -49.67 -7.43 27.68
C MET H 3999 -50.39 -6.14 27.33
N MET H 4000 -49.79 -5.30 26.49
CA MET H 4000 -50.54 -4.14 26.00
C MET H 4000 -51.80 -4.59 25.27
N MET H 4001 -51.67 -5.56 24.37
CA MET H 4001 -52.84 -6.08 23.67
C MET H 4001 -53.89 -6.59 24.64
N LYS H 4002 -53.49 -7.47 25.56
CA LYS H 4002 -54.47 -8.13 26.40
C LYS H 4002 -55.06 -7.18 27.44
N LEU H 4003 -54.25 -6.27 27.97
CA LEU H 4003 -54.76 -5.33 28.96
C LEU H 4003 -55.66 -4.27 28.34
N ALA H 4004 -55.46 -3.95 27.06
CA ALA H 4004 -56.28 -2.93 26.44
C ALA H 4004 -57.75 -3.33 26.38
N GLN H 4005 -58.05 -4.62 26.55
CA GLN H 4005 -59.40 -5.12 26.29
C GLN H 4005 -60.33 -4.95 27.48
N ASP H 4006 -59.87 -4.40 28.60
CA ASP H 4006 -60.73 -4.15 29.74
C ASP H 4006 -60.45 -2.77 30.32
N SER H 4007 -61.48 -2.15 30.88
CA SER H 4007 -61.32 -0.89 31.57
C SER H 4007 -60.87 -1.07 33.01
N SER H 4008 -61.19 -2.20 33.63
CA SER H 4008 -60.76 -2.45 35.00
C SER H 4008 -59.25 -2.61 35.11
N GLN H 4009 -58.55 -2.83 34.01
CA GLN H 4009 -57.10 -3.00 34.01
C GLN H 4009 -56.39 -1.78 33.42
N ILE H 4010 -57.03 -0.62 33.49
CA ILE H 4010 -56.42 0.57 32.91
C ILE H 4010 -55.20 0.99 33.72
N GLU H 4011 -55.25 0.83 35.04
CA GLU H 4011 -54.14 1.22 35.90
C GLU H 4011 -52.89 0.40 35.59
N LEU H 4012 -53.08 -0.91 35.45
CA LEU H 4012 -51.94 -1.76 35.13
C LEU H 4012 -51.36 -1.40 33.77
N LEU H 4013 -52.21 -1.02 32.82
CA LEU H 4013 -51.72 -0.64 31.50
C LEU H 4013 -50.94 0.67 31.59
N LYS H 4014 -51.38 1.59 32.46
CA LYS H 4014 -50.63 2.82 32.67
C LYS H 4014 -49.24 2.53 33.21
N GLU H 4015 -49.17 1.66 34.22
CA GLU H 4015 -47.88 1.28 34.78
C GLU H 4015 -47.01 0.62 33.71
N LEU H 4016 -47.63 -0.19 32.87
CA LEU H 4016 -46.94 -0.83 31.75
C LEU H 4016 -46.34 0.19 30.80
N LEU H 4017 -47.10 1.21 30.43
CA LEU H 4017 -46.59 2.22 29.52
C LEU H 4017 -45.46 3.01 30.15
N ASP H 4018 -45.56 3.32 31.44
CA ASP H 4018 -44.47 4.03 32.11
C ASP H 4018 -43.20 3.19 32.14
N LEU H 4019 -43.35 1.88 32.40
CA LEU H 4019 -42.19 1.00 32.39
C LEU H 4019 -41.54 0.97 31.02
N GLN H 4020 -42.36 0.94 29.96
CA GLN H 4020 -41.81 1.00 28.61
C GLN H 4020 -41.05 2.29 28.38
N LYS H 4021 -41.57 3.40 28.90
CA LYS H 4021 -40.89 4.68 28.76
C LYS H 4021 -39.52 4.63 29.41
N ASP H 4022 -39.43 4.01 30.58
CA ASP H 4022 -38.14 3.89 31.26
C ASP H 4022 -37.16 3.06 30.44
N MET H 4023 -37.64 1.95 29.87
CA MET H 4023 -36.78 1.13 29.03
C MET H 4023 -36.25 1.94 27.85
N VAL H 4024 -37.09 2.72 27.21
CA VAL H 4024 -36.64 3.48 26.06
C VAL H 4024 -35.77 4.62 26.50
N VAL H 4025 -35.98 5.21 27.66
CA VAL H 4025 -35.05 6.25 28.13
C VAL H 4025 -33.69 5.66 28.45
N MET H 4026 -33.57 4.35 28.52
CA MET H 4026 -32.30 3.71 28.77
C MET H 4026 -31.67 3.46 27.46
N LEU H 4027 -32.43 2.93 26.53
CA LEU H 4027 -31.91 2.69 25.18
C LEU H 4027 -31.42 3.99 24.56
N LEU H 4028 -32.10 5.06 24.84
CA LEU H 4028 -31.71 6.36 24.34
C LEU H 4028 -30.41 6.76 25.00
N SER H 4029 -30.26 6.45 26.27
CA SER H 4029 -29.05 6.81 26.99
C SER H 4029 -27.84 6.14 26.46
N LEU H 4030 -27.97 4.89 26.11
CA LEU H 4030 -26.85 4.15 25.59
C LEU H 4030 -26.42 4.80 24.31
N LEU H 4031 -27.35 5.26 23.52
CA LEU H 4031 -27.03 5.84 22.23
C LEU H 4031 -26.37 7.20 22.35
N GLU H 4032 -26.34 7.80 23.51
CA GLU H 4032 -25.72 9.10 23.69
C GLU H 4032 -24.26 9.10 23.39
N GLY H 4033 -23.81 10.07 22.61
CA GLY H 4033 -22.40 10.22 22.34
C GLY H 4033 -22.02 9.37 21.19
N ASN H 4034 -22.99 8.77 20.56
CA ASN H 4034 -22.67 7.74 19.58
C ASN H 4034 -22.50 8.36 18.20
N VAL H 4035 -21.38 8.08 17.55
CA VAL H 4035 -21.09 8.63 16.24
C VAL H 4035 -21.98 7.98 15.19
N VAL H 4036 -21.98 8.55 13.99
CA VAL H 4036 -22.72 7.98 12.88
C VAL H 4036 -22.17 6.60 12.59
N ASN H 4037 -23.08 5.63 12.37
CA ASN H 4037 -22.71 4.25 12.12
C ASN H 4037 -21.88 3.68 13.27
N GLY H 4038 -22.21 4.05 14.49
CA GLY H 4038 -21.50 3.55 15.63
C GLY H 4038 -21.85 2.12 15.96
N MET H 4039 -21.11 1.55 16.91
CA MET H 4039 -21.32 0.17 17.30
C MET H 4039 -22.67 -0.02 17.98
N ILE H 4040 -22.97 0.83 18.96
CA ILE H 4040 -24.16 0.64 19.77
C ILE H 4040 -25.42 0.81 18.94
N ALA H 4041 -25.44 1.82 18.06
CA ALA H 4041 -26.61 2.02 17.22
C ALA H 4041 -26.86 0.83 16.33
N ARG H 4042 -25.80 0.28 15.73
CA ARG H 4042 -25.96 -0.88 14.88
C ARG H 4042 -26.44 -2.08 15.69
N GLN H 4043 -25.96 -2.21 16.93
CA GLN H 4043 -26.43 -3.30 17.78
C GLN H 4043 -27.91 -3.18 18.08
N MET H 4044 -28.40 -1.97 18.34
CA MET H 4044 -29.83 -1.85 18.60
C MET H 4044 -30.65 -1.98 17.35
N VAL H 4045 -30.09 -1.66 16.19
CA VAL H 4045 -30.82 -1.93 14.96
C VAL H 4045 -30.96 -3.43 14.77
N ASP H 4046 -29.89 -4.17 15.10
CA ASP H 4046 -29.97 -5.63 15.10
C ASP H 4046 -30.99 -6.13 16.11
N MET H 4047 -31.01 -5.52 17.29
CA MET H 4047 -32.08 -5.75 18.25
C MET H 4047 -33.44 -5.67 17.58
N LEU H 4048 -33.77 -4.50 17.08
CA LEU H 4048 -35.13 -4.25 16.61
C LEU H 4048 -35.49 -5.19 15.48
N VAL H 4049 -34.51 -5.57 14.66
CA VAL H 4049 -34.78 -6.61 13.68
C VAL H 4049 -35.14 -7.90 14.38
N GLU H 4050 -34.40 -8.29 15.42
CA GLU H 4050 -34.68 -9.53 16.13
C GLU H 4050 -36.02 -9.50 16.86
N SER H 4051 -36.48 -8.33 17.31
CA SER H 4051 -37.75 -8.20 17.99
C SER H 4051 -38.82 -7.62 17.07
N SER H 4052 -38.81 -8.03 15.81
CA SER H 4052 -39.60 -7.34 14.80
C SER H 4052 -41.09 -7.48 15.06
N SER H 4053 -41.54 -8.68 15.41
CA SER H 4053 -42.97 -8.88 15.64
C SER H 4053 -43.47 -7.99 16.77
N ASN H 4054 -42.76 -7.97 17.89
CA ASN H 4054 -43.21 -7.22 19.06
C ASN H 4054 -43.17 -5.73 18.81
N VAL H 4055 -42.11 -5.25 18.15
CA VAL H 4055 -42.02 -3.83 17.84
C VAL H 4055 -43.14 -3.41 16.91
N GLU H 4056 -43.45 -4.25 15.92
CA GLU H 4056 -44.56 -3.95 15.04
C GLU H 4056 -45.87 -3.92 15.81
N MET H 4057 -46.05 -4.81 16.79
CA MET H 4057 -47.26 -4.76 17.60
C MET H 4057 -47.39 -3.44 18.31
N ILE H 4058 -46.28 -2.95 18.89
CA ILE H 4058 -46.33 -1.71 19.66
C ILE H 4058 -46.65 -0.53 18.75
N LEU H 4059 -45.93 -0.44 17.63
CA LEU H 4059 -46.13 0.68 16.72
C LEU H 4059 -47.54 0.69 16.16
N LYS H 4060 -48.06 -0.48 15.79
CA LYS H 4060 -49.40 -0.54 15.21
C LYS H 4060 -50.49 -0.39 16.27
N PHE H 4061 -50.18 -0.64 17.53
CA PHE H 4061 -51.09 -0.23 18.60
C PHE H 4061 -51.24 1.29 18.64
N PHE H 4062 -50.10 1.98 18.69
CA PHE H 4062 -50.15 3.44 18.73
C PHE H 4062 -50.83 3.97 17.47
N ASP H 4063 -50.54 3.37 16.32
CA ASP H 4063 -51.17 3.80 15.08
C ASP H 4063 -52.68 3.59 15.13
N MET H 4064 -53.12 2.45 15.66
CA MET H 4064 -54.55 2.19 15.76
C MET H 4064 -55.26 3.31 16.48
N PHE H 4065 -54.77 3.67 17.67
CA PHE H 4065 -55.53 4.64 18.45
C PHE H 4065 -55.33 6.07 17.95
N LEU H 4066 -54.16 6.41 17.41
CA LEU H 4066 -53.97 7.74 16.86
C LEU H 4066 -54.85 7.97 15.65
N LYS H 4067 -55.02 6.96 14.80
CA LYS H 4067 -55.97 7.05 13.70
C LYS H 4067 -57.40 7.06 14.20
N LEU H 4068 -57.66 6.31 15.27
CA LEU H 4068 -59.00 6.19 15.81
C LEU H 4068 -59.55 7.52 16.29
N LYS H 4069 -58.72 8.31 16.97
CA LYS H 4069 -59.19 9.62 17.42
C LYS H 4069 -59.64 10.47 16.25
N ASP H 4070 -58.86 10.45 15.17
CA ASP H 4070 -59.20 11.25 14.00
C ASP H 4070 -60.50 10.76 13.37
N ILE H 4071 -60.70 9.45 13.27
CA ILE H 4071 -61.96 8.94 12.74
C ILE H 4071 -63.11 9.37 13.61
N VAL H 4072 -62.95 9.30 14.92
CA VAL H 4072 -63.98 9.78 15.83
C VAL H 4072 -64.30 11.24 15.56
N GLY H 4073 -63.33 12.03 15.11
CA GLY H 4073 -63.61 13.37 14.69
C GLY H 4073 -64.13 13.54 13.28
N SER H 4074 -64.07 12.50 12.46
CA SER H 4074 -64.40 12.63 11.05
C SER H 4074 -65.90 12.80 10.86
N GLU H 4075 -66.28 13.47 9.77
CA GLU H 4075 -67.69 13.75 9.51
C GLU H 4075 -68.47 12.48 9.21
N ALA H 4076 -67.84 11.53 8.50
CA ALA H 4076 -68.54 10.30 8.16
C ALA H 4076 -68.98 9.56 9.41
N PHE H 4077 -68.12 9.53 10.43
CA PHE H 4077 -68.52 8.91 11.68
C PHE H 4077 -69.72 9.62 12.29
N GLN H 4078 -69.72 10.94 12.31
CA GLN H 4078 -70.80 11.67 12.94
C GLN H 4078 -72.09 11.68 12.13
N ASP H 4079 -72.05 11.27 10.86
CA ASP H 4079 -73.31 10.99 10.20
C ASP H 4079 -73.61 9.50 10.16
N TYR H 4080 -72.76 8.68 10.77
CA TYR H 4080 -73.14 7.28 11.00
C TYR H 4080 -73.79 7.11 12.37
N VAL H 4081 -73.52 8.02 13.30
CA VAL H 4081 -74.10 7.92 14.64
C VAL H 4081 -75.58 8.28 14.58
N THR H 4082 -76.38 7.62 15.40
CA THR H 4082 -77.83 7.82 15.42
C THR H 4082 -78.34 8.28 16.78
N ASP H 4083 -77.92 7.62 17.86
CA ASP H 4083 -78.47 7.91 19.17
C ASP H 4083 -78.13 9.34 19.58
N PRO H 4084 -79.11 10.13 20.00
CA PRO H 4084 -78.78 11.45 20.57
C PRO H 4084 -77.94 11.38 21.83
N ARG H 4085 -77.90 10.22 22.50
CA ARG H 4085 -77.06 10.07 23.68
C ARG H 4085 -75.57 10.04 23.37
N GLY H 4086 -75.18 10.26 22.11
CA GLY H 4086 -73.78 10.21 21.75
C GLY H 4086 -73.16 8.84 21.88
N LEU H 4087 -73.92 7.80 21.60
CA LEU H 4087 -73.43 6.43 21.66
C LEU H 4087 -73.70 5.76 20.32
N ILE H 4088 -72.83 4.82 19.96
CA ILE H 4088 -72.90 4.14 18.68
C ILE H 4088 -72.96 2.64 18.92
N SER H 4089 -73.86 1.96 18.22
CA SER H 4089 -73.95 0.52 18.34
C SER H 4089 -72.69 -0.15 17.82
N LYS H 4090 -72.40 -1.33 18.35
CA LYS H 4090 -71.19 -2.04 17.95
C LYS H 4090 -71.21 -2.34 16.46
N LYS H 4091 -72.36 -2.75 15.93
CA LYS H 4091 -72.45 -3.00 14.50
C LYS H 4091 -72.28 -1.71 13.71
N ASP H 4092 -72.95 -0.63 14.16
CA ASP H 4092 -72.78 0.67 13.50
C ASP H 4092 -71.33 1.12 13.54
N PHE H 4093 -70.69 0.98 14.71
CA PHE H 4093 -69.26 1.28 14.81
C PHE H 4093 -68.45 0.43 13.84
N GLN H 4094 -68.80 -0.84 13.71
CA GLN H 4094 -68.06 -1.74 12.83
C GLN H 4094 -68.16 -1.29 11.38
N LYS H 4095 -69.37 -1.03 10.90
CA LYS H 4095 -69.51 -0.62 9.53
C LYS H 4095 -68.97 0.78 9.28
N ALA H 4096 -68.89 1.61 10.30
CA ALA H 4096 -68.14 2.85 10.20
C ALA H 4096 -66.65 2.59 9.96
N MET H 4097 -66.06 1.69 10.73
CA MET H 4097 -64.67 1.28 10.52
C MET H 4097 -64.42 0.68 9.15
N ASP H 4098 -65.37 -0.08 8.61
CA ASP H 4098 -65.22 -0.58 7.24
C ASP H 4098 -65.26 0.55 6.24
N SER H 4099 -66.25 1.44 6.36
CA SER H 4099 -66.44 2.46 5.34
C SER H 4099 -65.30 3.45 5.30
N GLN H 4100 -64.53 3.58 6.38
CA GLN H 4100 -63.42 4.52 6.37
C GLN H 4100 -62.22 3.98 5.65
N LYS H 4101 -62.27 2.73 5.20
CA LYS H 4101 -61.26 2.13 4.32
C LYS H 4101 -59.90 2.11 5.00
N GLN H 4102 -59.88 2.23 6.32
CA GLN H 4102 -58.66 2.62 7.03
C GLN H 4102 -58.06 1.46 7.81
N PHE H 4103 -58.84 0.83 8.68
CA PHE H 4103 -58.37 -0.35 9.39
C PHE H 4103 -58.70 -1.62 8.60
N THR H 4104 -57.99 -2.69 8.94
CA THR H 4104 -58.31 -4.01 8.42
C THR H 4104 -59.33 -4.68 9.32
N GLY H 4105 -59.79 -5.86 8.92
CA GLY H 4105 -60.82 -6.58 9.62
C GLY H 4105 -60.46 -6.96 11.04
N PRO H 4106 -59.40 -7.74 11.21
CA PRO H 4106 -59.04 -8.18 12.57
C PRO H 4106 -58.80 -7.04 13.54
N GLU H 4107 -58.19 -5.94 13.11
CA GLU H 4107 -57.98 -4.83 14.02
C GLU H 4107 -59.27 -4.09 14.30
N ILE H 4108 -60.24 -4.13 13.38
CA ILE H 4108 -61.57 -3.62 13.70
C ILE H 4108 -62.19 -4.48 14.80
N GLN H 4109 -62.02 -5.79 14.72
CA GLN H 4109 -62.50 -6.67 15.80
C GLN H 4109 -61.79 -6.34 17.10
N PHE H 4110 -60.49 -6.08 17.05
CA PHE H 4110 -59.76 -5.72 18.26
C PHE H 4110 -60.30 -4.43 18.87
N LEU H 4111 -60.58 -3.43 18.03
CA LEU H 4111 -61.14 -2.19 18.54
C LEU H 4111 -62.50 -2.43 19.16
N LEU H 4112 -63.32 -3.28 18.55
CA LEU H 4112 -64.61 -3.62 19.14
C LEU H 4112 -64.43 -4.30 20.49
N SER H 4113 -63.44 -5.18 20.60
CA SER H 4113 -63.17 -5.84 21.88
C SER H 4113 -62.76 -4.82 22.94
N CYS H 4114 -61.89 -3.88 22.57
CA CYS H 4114 -61.50 -2.83 23.51
C CYS H 4114 -62.65 -1.90 23.84
N SER H 4115 -63.74 -1.96 23.07
CA SER H 4115 -64.87 -1.06 23.32
C SER H 4115 -65.53 -1.39 24.65
N GLU H 4116 -65.65 -0.37 25.49
CA GLU H 4116 -66.29 -0.55 26.79
C GLU H 4116 -67.80 -0.57 26.58
N ALA H 4117 -68.23 -1.59 25.84
CA ALA H 4117 -69.63 -1.71 25.48
C ALA H 4117 -70.45 -2.10 26.69
N ASP H 4118 -71.69 -1.63 26.71
CA ASP H 4118 -72.67 -2.03 27.71
C ASP H 4118 -73.31 -3.33 27.26
N GLU H 4119 -74.26 -3.83 28.06
CA GLU H 4119 -74.97 -5.03 27.66
C GLU H 4119 -75.84 -4.76 26.44
N ASN H 4120 -76.29 -3.51 26.28
CA ASN H 4120 -77.03 -3.10 25.10
C ASN H 4120 -76.13 -2.93 23.89
N GLU H 4121 -74.81 -3.10 24.06
CA GLU H 4121 -73.82 -3.00 22.99
C GLU H 4121 -73.75 -1.61 22.40
N MET H 4122 -73.65 -0.59 23.24
CA MET H 4122 -73.56 0.79 22.78
C MET H 4122 -72.30 1.43 23.34
N ILE H 4123 -71.46 1.94 22.44
CA ILE H 4123 -70.12 2.42 22.76
C ILE H 4123 -70.14 3.93 22.84
N ASN H 4124 -69.49 4.49 23.87
CA ASN H 4124 -69.28 5.92 23.98
C ASN H 4124 -68.02 6.27 23.20
N PHE H 4125 -68.19 6.80 21.99
CA PHE H 4125 -67.06 6.93 21.08
C PHE H 4125 -66.04 7.95 21.58
N GLU H 4126 -66.48 8.99 22.31
CA GLU H 4126 -65.52 9.94 22.84
C GLU H 4126 -64.65 9.30 23.93
N GLU H 4127 -65.26 8.56 24.85
CA GLU H 4127 -64.51 7.91 25.91
C GLU H 4127 -63.55 6.87 25.33
N PHE H 4128 -64.02 6.06 24.39
CA PHE H 4128 -63.14 5.09 23.75
C PHE H 4128 -62.05 5.77 22.93
N ALA H 4129 -62.34 6.94 22.39
CA ALA H 4129 -61.30 7.66 21.67
C ALA H 4129 -60.22 8.13 22.64
N ASN H 4130 -60.59 8.47 23.86
CA ASN H 4130 -59.68 9.20 24.75
C ASN H 4130 -59.15 8.38 25.92
N ARG H 4131 -59.52 7.10 26.06
CA ARG H 4131 -59.00 6.34 27.20
C ARG H 4131 -57.50 6.19 27.11
N PHE H 4132 -56.98 5.83 25.94
CA PHE H 4132 -55.55 5.60 25.77
C PHE H 4132 -54.85 6.85 25.27
N GLN H 4133 -55.53 7.99 25.36
CA GLN H 4133 -55.08 9.22 24.70
C GLN H 4133 -53.87 9.81 25.41
N GLU H 4134 -53.99 10.01 26.72
CA GLU H 4134 -52.88 10.54 27.50
C GLU H 4134 -51.86 9.47 27.90
N PRO H 4135 -52.24 8.28 28.39
CA PRO H 4135 -51.23 7.35 28.90
C PRO H 4135 -50.15 6.98 27.89
N ALA H 4136 -50.46 7.01 26.59
CA ALA H 4136 -49.50 6.57 25.58
C ALA H 4136 -48.70 7.71 24.98
N ARG H 4137 -48.94 8.95 25.40
CA ARG H 4137 -48.28 10.08 24.74
C ARG H 4137 -46.78 10.06 25.00
N ASP H 4138 -46.37 9.89 26.25
CA ASP H 4138 -44.95 9.94 26.59
C ASP H 4138 -44.19 8.79 25.96
N ILE H 4139 -44.74 7.57 26.02
CA ILE H 4139 -44.06 6.43 25.45
C ILE H 4139 -44.00 6.55 23.93
N GLY H 4140 -45.07 7.08 23.32
CA GLY H 4140 -45.03 7.31 21.90
C GLY H 4140 -43.93 8.30 21.52
N PHE H 4141 -43.80 9.37 22.29
CA PHE H 4141 -42.77 10.36 21.98
C PHE H 4141 -41.39 9.75 22.12
N ASN H 4142 -41.19 8.94 23.16
CA ASN H 4142 -39.89 8.31 23.34
C ASN H 4142 -39.57 7.34 22.22
N VAL H 4143 -40.57 6.59 21.74
CA VAL H 4143 -40.35 5.70 20.61
C VAL H 4143 -40.01 6.50 19.36
N ALA H 4144 -40.71 7.62 19.15
CA ALA H 4144 -40.41 8.47 18.01
C ALA H 4144 -38.99 9.00 18.08
N VAL H 4145 -38.56 9.41 19.27
CA VAL H 4145 -37.19 9.91 19.44
C VAL H 4145 -36.19 8.80 19.17
N LEU H 4146 -36.47 7.60 19.66
CA LEU H 4146 -35.55 6.49 19.46
C LEU H 4146 -35.40 6.17 17.98
N LEU H 4147 -36.52 6.07 17.27
CA LEU H 4147 -36.47 5.76 15.84
C LEU H 4147 -35.78 6.86 15.05
N THR H 4148 -36.08 8.12 15.33
CA THR H 4148 -35.40 9.21 14.67
C THR H 4148 -33.90 9.22 14.94
N ASN H 4149 -33.49 9.00 16.18
CA ASN H 4149 -32.07 8.98 16.52
C ASN H 4149 -31.34 7.86 15.80
N LEU H 4150 -31.94 6.67 15.76
CA LEU H 4150 -31.31 5.57 15.04
C LEU H 4150 -31.24 5.86 13.55
N SER H 4151 -32.31 6.44 12.99
CA SER H 4151 -32.31 6.75 11.58
C SER H 4151 -31.20 7.73 11.23
N GLU H 4152 -31.03 8.77 12.05
CA GLU H 4152 -30.04 9.79 11.73
C GLU H 4152 -28.63 9.30 12.00
N HIS H 4153 -28.45 8.36 12.92
CA HIS H 4153 -27.10 7.89 13.23
C HIS H 4153 -26.73 6.63 12.47
N VAL H 4154 -27.72 5.92 11.94
CA VAL H 4154 -27.46 4.82 11.01
C VAL H 4154 -28.26 5.13 9.76
N PRO H 4155 -27.78 5.99 8.90
CA PRO H 4155 -28.58 6.42 7.77
C PRO H 4155 -28.81 5.32 6.75
N HIS H 4156 -27.74 4.65 6.34
CA HIS H 4156 -27.82 3.64 5.30
C HIS H 4156 -28.04 2.28 5.95
N ASP H 4157 -29.31 1.96 6.17
CA ASP H 4157 -29.70 0.67 6.73
C ASP H 4157 -31.01 0.22 6.09
N PRO H 4158 -31.01 -0.89 5.35
CA PRO H 4158 -32.26 -1.38 4.74
C PRO H 4158 -33.35 -1.70 5.76
N ARG H 4159 -32.93 -2.12 6.97
CA ARG H 4159 -33.83 -2.80 7.90
C ARG H 4159 -34.55 -1.88 8.87
N LEU H 4160 -33.99 -0.71 9.20
CA LEU H 4160 -34.66 0.19 10.13
C LEU H 4160 -35.80 0.96 9.47
N ARG H 4161 -35.62 1.36 8.22
CA ARG H 4161 -36.60 2.22 7.55
C ARG H 4161 -37.93 1.50 7.36
N ASN H 4162 -37.90 0.16 7.41
CA ASN H 4162 -39.14 -0.61 7.52
C ASN H 4162 -39.94 -0.16 8.74
N PHE H 4163 -39.28 -0.13 9.91
CA PHE H 4163 -39.95 0.31 11.12
C PHE H 4163 -40.40 1.74 11.00
N LEU H 4164 -39.59 2.58 10.37
CA LEU H 4164 -39.98 3.98 10.17
C LEU H 4164 -41.27 4.07 9.35
N GLU H 4165 -41.39 3.25 8.32
CA GLU H 4165 -42.61 3.24 7.52
C GLU H 4165 -43.81 2.80 8.35
N LEU H 4166 -43.65 1.77 9.17
CA LEU H 4166 -44.77 1.38 10.03
C LEU H 4166 -45.11 2.46 11.06
N ALA H 4167 -44.14 3.25 11.49
CA ALA H 4167 -44.34 4.25 12.53
C ALA H 4167 -44.53 5.65 11.96
N GLU H 4168 -44.78 5.74 10.66
CA GLU H 4168 -44.99 7.05 10.03
C GLU H 4168 -46.06 7.86 10.74
N SER H 4169 -47.15 7.22 11.16
CA SER H 4169 -48.23 7.96 11.81
C SER H 4169 -47.75 8.55 13.13
N ILE H 4170 -47.02 7.77 13.92
CA ILE H 4170 -46.50 8.27 15.19
C ILE H 4170 -45.54 9.42 14.95
N LEU H 4171 -44.65 9.26 13.97
CA LEU H 4171 -43.70 10.33 13.68
C LEU H 4171 -44.41 11.58 13.20
N GLU H 4172 -45.51 11.43 12.45
CA GLU H 4172 -46.26 12.59 12.01
C GLU H 4172 -46.94 13.27 13.19
N TYR H 4173 -47.46 12.51 14.14
CA TYR H 4173 -48.16 13.14 15.25
C TYR H 4173 -47.19 13.80 16.22
N PHE H 4174 -46.01 13.23 16.40
CA PHE H 4174 -45.06 13.74 17.39
C PHE H 4174 -43.99 14.62 16.76
N ARG H 4175 -44.03 14.80 15.45
CA ARG H 4175 -43.25 15.84 14.78
C ARG H 4175 -43.42 17.23 15.36
N PRO H 4176 -44.63 17.73 15.69
CA PRO H 4176 -44.72 19.15 16.08
C PRO H 4176 -44.02 19.37 17.41
N TYR H 4177 -43.95 18.31 18.19
CA TYR H 4177 -43.48 18.37 19.57
C TYR H 4177 -42.09 17.77 19.75
N LEU H 4178 -41.45 17.33 18.68
CA LEU H 4178 -40.11 16.76 18.74
C LEU H 4178 -39.14 17.79 18.21
N GLY H 4179 -38.36 18.39 19.11
CA GLY H 4179 -37.38 19.39 18.74
C GLY H 4179 -35.99 18.81 18.81
N ARG H 4180 -35.17 19.17 17.83
CA ARG H 4180 -33.79 18.72 17.79
C ARG H 4180 -32.87 19.93 17.63
N ILE H 4181 -31.77 19.92 18.36
CA ILE H 4181 -30.75 20.96 18.26
C ILE H 4181 -29.40 20.29 18.25
N GLU H 4182 -28.42 20.91 17.62
CA GLU H 4182 -27.06 20.42 17.64
C GLU H 4182 -26.22 21.29 18.55
N ILE H 4183 -25.41 20.65 19.39
CA ILE H 4183 -24.52 21.34 20.30
C ILE H 4183 -23.12 20.79 20.12
N MET H 4184 -22.16 21.46 20.74
CA MET H 4184 -20.79 20.99 20.81
C MET H 4184 -20.55 20.36 22.17
N GLY H 4185 -20.62 19.04 22.23
CA GLY H 4185 -20.48 18.32 23.48
C GLY H 4185 -19.06 18.35 24.01
N ALA H 4186 -18.88 17.71 25.16
CA ALA H 4186 -17.57 17.68 25.79
C ALA H 4186 -16.53 16.97 24.95
N SER H 4187 -16.94 15.96 24.18
CA SER H 4187 -16.01 15.19 23.36
C SER H 4187 -15.53 15.96 22.15
N ARG H 4188 -15.81 17.26 22.06
CA ARG H 4188 -15.41 18.12 20.96
C ARG H 4188 -15.99 17.69 19.63
N ARG H 4189 -17.16 17.09 19.63
CA ARG H 4189 -17.88 16.72 18.42
C ARG H 4189 -19.30 17.26 18.52
N ILE H 4190 -19.86 17.67 17.38
CA ILE H 4190 -21.24 18.11 17.36
C ILE H 4190 -22.17 16.92 17.57
N GLU H 4191 -23.07 17.06 18.53
CA GLU H 4191 -24.03 16.02 18.87
C GLU H 4191 -25.44 16.58 18.77
N ARG H 4192 -26.36 15.75 18.31
CA ARG H 4192 -27.76 16.13 18.20
C ARG H 4192 -28.50 15.75 19.45
N ILE H 4193 -29.34 16.65 19.94
CA ILE H 4193 -30.17 16.44 21.11
C ILE H 4193 -31.63 16.48 20.66
N TYR H 4194 -32.39 15.46 21.04
CA TYR H 4194 -33.82 15.41 20.78
C TYR H 4194 -34.56 15.58 22.10
N PHE H 4195 -35.55 16.46 22.10
CA PHE H 4195 -36.31 16.76 23.30
C PHE H 4195 -37.73 17.09 22.89
N GLU H 4196 -38.56 17.34 23.91
CA GLU H 4196 -39.99 17.53 23.70
C GLU H 4196 -40.34 19.00 23.82
N ILE H 4197 -40.99 19.54 22.79
CA ILE H 4197 -41.56 20.87 22.85
C ILE H 4197 -43.03 20.73 23.19
N SER H 4198 -43.44 21.32 24.31
CA SER H 4198 -44.81 21.18 24.75
C SER H 4198 -45.74 21.95 23.84
N GLU H 4199 -47.04 21.66 23.96
CA GLU H 4199 -48.03 22.33 23.14
C GLU H 4199 -48.14 23.80 23.51
N THR H 4200 -48.17 24.09 24.80
CA THR H 4200 -48.32 25.47 25.25
C THR H 4200 -47.14 26.32 24.80
N ASN H 4201 -45.92 25.78 24.91
CA ASN H 4201 -44.75 26.53 24.51
C ASN H 4201 -44.78 26.86 23.03
N ARG H 4202 -45.14 25.90 22.19
CA ARG H 4202 -45.19 26.13 20.76
C ARG H 4202 -46.28 27.14 20.42
N ALA H 4203 -47.44 27.01 21.05
CA ALA H 4203 -48.53 27.95 20.79
C ALA H 4203 -48.13 29.36 21.20
N GLN H 4204 -47.45 29.49 22.34
CA GLN H 4204 -47.09 30.81 22.83
C GLN H 4204 -45.97 31.42 22.02
N TRP H 4205 -45.10 30.61 21.44
CA TRP H 4205 -44.01 31.14 20.63
C TRP H 4205 -44.50 31.69 19.30
N GLU H 4206 -45.55 31.12 18.75
CA GLU H 4206 -46.07 31.56 17.47
C GLU H 4206 -47.00 32.75 17.60
N MET H 4207 -47.21 33.26 18.81
CA MET H 4207 -48.19 34.29 19.03
C MET H 4207 -47.65 35.60 18.43
N PRO H 4208 -48.51 36.50 17.95
CA PRO H 4208 -48.01 37.62 17.14
C PRO H 4208 -46.99 38.51 17.84
N GLN H 4209 -47.18 38.77 19.14
CA GLN H 4209 -46.24 39.63 19.85
C GLN H 4209 -44.84 39.04 19.85
N VAL H 4210 -44.72 37.75 20.17
CA VAL H 4210 -43.41 37.13 20.24
C VAL H 4210 -42.75 37.11 18.89
N LYS H 4211 -43.55 36.96 17.82
CA LYS H 4211 -42.98 36.94 16.48
C LYS H 4211 -42.43 38.32 16.10
N GLU H 4212 -43.16 39.38 16.45
CA GLU H 4212 -42.65 40.72 16.21
C GLU H 4212 -41.36 40.97 16.98
N SER H 4213 -41.32 40.54 18.24
CA SER H 4213 -40.10 40.67 19.01
C SER H 4213 -38.96 39.89 18.38
N LYS H 4214 -39.27 38.71 17.84
CA LYS H 4214 -38.25 37.92 17.15
C LYS H 4214 -37.64 38.69 15.99
N ARG H 4215 -38.49 39.29 15.15
CA ARG H 4215 -37.95 40.01 14.00
C ARG H 4215 -37.15 41.24 14.41
N GLN H 4216 -37.59 41.95 15.44
CA GLN H 4216 -36.76 43.04 15.94
C GLN H 4216 -35.42 42.54 16.46
N PHE H 4217 -35.40 41.43 17.20
CA PHE H 4217 -34.11 40.97 17.68
C PHE H 4217 -33.20 40.59 16.53
N ILE H 4218 -33.74 39.95 15.50
CA ILE H 4218 -32.91 39.59 14.35
C ILE H 4218 -32.36 40.83 13.69
N PHE H 4219 -33.20 41.86 13.53
CA PHE H 4219 -32.72 43.08 12.89
C PHE H 4219 -31.60 43.72 13.70
N ASP H 4220 -31.78 43.79 15.02
CA ASP H 4220 -30.78 44.41 15.88
C ASP H 4220 -29.48 43.63 15.87
N VAL H 4221 -29.55 42.31 15.97
CA VAL H 4221 -28.34 41.52 16.07
C VAL H 4221 -27.59 41.50 14.74
N VAL H 4222 -28.30 41.58 13.62
CA VAL H 4222 -27.59 41.52 12.34
C VAL H 4222 -27.00 42.88 11.99
N ASN H 4223 -27.59 43.97 12.45
CA ASN H 4223 -26.91 45.26 12.28
C ASN H 4223 -25.62 45.31 13.08
N GLU H 4224 -25.65 44.84 14.33
CA GLU H 4224 -24.45 44.79 15.16
C GLU H 4224 -24.72 43.96 16.40
N GLY H 4225 -23.66 43.44 17.01
CA GLY H 4225 -23.76 42.83 18.32
C GLY H 4225 -23.04 41.50 18.39
N GLY H 4226 -22.76 41.07 19.62
CA GLY H 4226 -22.23 39.75 19.89
C GLY H 4226 -23.35 38.72 19.91
N GLU H 4227 -23.27 37.72 19.03
CA GLU H 4227 -24.45 36.95 18.68
C GLU H 4227 -24.94 36.09 19.83
N ALA H 4228 -24.11 35.16 20.31
CA ALA H 4228 -24.60 34.11 21.19
C ALA H 4228 -25.15 34.69 22.49
N GLU H 4229 -24.43 35.63 23.10
CA GLU H 4229 -24.90 36.23 24.34
C GLU H 4229 -26.20 36.98 24.13
N LYS H 4230 -26.29 37.71 23.02
CA LYS H 4230 -27.53 38.45 22.74
C LYS H 4230 -28.69 37.51 22.50
N MET H 4231 -28.50 36.39 21.82
CA MET H 4231 -29.58 35.43 21.66
C MET H 4231 -29.99 34.99 23.02
N GLU H 4232 -29.06 34.61 23.86
CA GLU H 4232 -29.48 34.12 25.13
C GLU H 4232 -30.21 35.16 25.95
N LEU H 4233 -29.95 36.44 25.72
CA LEU H 4233 -30.70 37.43 26.45
C LEU H 4233 -31.98 37.67 25.78
N PHE H 4234 -32.09 37.27 24.54
CA PHE H 4234 -33.37 37.32 23.84
C PHE H 4234 -34.28 36.20 24.29
N VAL H 4235 -33.71 35.03 24.52
CA VAL H 4235 -34.48 33.93 24.96
C VAL H 4235 -34.99 34.24 26.33
N SER H 4236 -34.15 34.70 27.23
CA SER H 4236 -34.60 34.93 28.59
C SER H 4236 -35.67 35.97 28.67
N PHE H 4237 -35.58 37.02 27.90
CA PHE H 4237 -36.64 37.99 27.90
C PHE H 4237 -37.92 37.42 27.37
N CYS H 4238 -37.83 36.64 26.32
CA CYS H 4238 -39.02 36.07 25.74
C CYS H 4238 -39.69 35.17 26.75
N GLU H 4239 -38.93 34.43 27.52
CA GLU H 4239 -39.48 33.53 28.50
C GLU H 4239 -40.22 34.30 29.58
N ASP H 4240 -39.85 35.54 29.86
CA ASP H 4240 -40.56 36.35 30.83
C ASP H 4240 -41.75 36.97 30.16
N THR H 4241 -41.67 37.30 28.88
CA THR H 4241 -42.87 37.79 28.23
C THR H 4241 -43.92 36.70 28.13
N ILE H 4242 -43.50 35.47 28.08
CA ILE H 4242 -44.44 34.39 27.96
C ILE H 4242 -45.15 34.36 29.30
N PHE H 4243 -44.41 34.54 30.38
CA PHE H 4243 -45.06 34.44 31.68
C PHE H 4243 -46.06 35.52 31.80
N GLU H 4244 -45.69 36.71 31.38
CA GLU H 4244 -46.59 37.80 31.61
C GLU H 4244 -47.83 37.61 30.79
N MET H 4245 -47.73 37.14 29.55
CA MET H 4245 -48.96 37.06 28.77
C MET H 4245 -49.83 35.89 29.22
N GLN H 4246 -49.25 34.81 29.74
CA GLN H 4246 -50.11 33.79 30.32
C GLN H 4246 -50.80 34.30 31.57
N ILE H 4247 -50.10 35.11 32.37
CA ILE H 4247 -50.74 35.74 33.52
C ILE H 4247 -51.88 36.64 33.07
N ALA H 4248 -51.63 37.46 32.03
CA ALA H 4248 -52.65 38.40 31.57
C ALA H 4248 -53.87 37.67 31.04
N ALA H 4249 -53.66 36.58 30.30
CA ALA H 4249 -54.78 35.84 29.74
C ALA H 4249 -55.40 34.87 30.72
N GLN H 4250 -54.87 34.79 31.95
CA GLN H 4250 -55.37 33.82 32.91
C GLN H 4250 -56.85 34.03 33.23
N ILE H 4251 -57.28 35.29 33.41
CA ILE H 4251 -58.68 35.53 33.73
C ILE H 4251 -59.58 35.10 32.58
N SER H 4252 -59.17 35.37 31.35
CA SER H 4252 -59.93 34.98 30.17
C SER H 4252 -59.98 33.47 30.00
N GLU H 4253 -59.13 32.74 30.72
CA GLU H 4253 -59.15 31.30 30.70
C GLU H 4253 -60.13 30.79 31.76
N PHE H 4540 -65.94 43.54 51.72
CA PHE H 4540 -64.62 43.02 52.03
C PHE H 4540 -63.65 43.32 50.90
N TRP H 4541 -62.36 43.20 51.17
CA TRP H 4541 -61.34 43.54 50.19
C TRP H 4541 -60.99 42.38 49.27
N GLY H 4542 -61.31 41.15 49.65
CA GLY H 4542 -60.88 40.00 48.86
C GLY H 4542 -61.53 39.94 47.50
N GLU H 4543 -62.85 40.05 47.45
CA GLU H 4543 -63.56 39.99 46.18
C GLU H 4543 -63.22 41.17 45.30
N LEU H 4544 -63.03 42.35 45.90
CA LEU H 4544 -62.62 43.51 45.13
C LEU H 4544 -61.22 43.32 44.57
N GLU H 4545 -60.34 42.65 45.32
CA GLU H 4545 -59.02 42.34 44.78
C GLU H 4545 -59.11 41.41 43.59
N VAL H 4546 -59.99 40.40 43.67
CA VAL H 4546 -60.16 39.49 42.55
C VAL H 4546 -60.65 40.25 41.32
N GLN H 4547 -61.66 41.10 41.51
CA GLN H 4547 -62.18 41.88 40.38
C GLN H 4547 -61.15 42.88 39.88
N ARG H 4548 -60.30 43.39 40.76
CA ARG H 4548 -59.24 44.30 40.34
C ARG H 4548 -58.23 43.58 39.45
N VAL H 4549 -57.84 42.37 39.82
CA VAL H 4549 -56.91 41.61 39.00
C VAL H 4549 -57.54 41.33 37.64
N LYS H 4550 -58.84 41.02 37.63
CA LYS H 4550 -59.52 40.79 36.36
C LYS H 4550 -59.55 42.05 35.51
N PHE H 4551 -59.83 43.20 36.12
CA PHE H 4551 -59.87 44.45 35.38
C PHE H 4551 -58.50 44.78 34.79
N LEU H 4552 -57.45 44.71 35.61
CA LEU H 4552 -56.13 45.03 35.11
C LEU H 4552 -55.63 44.04 34.07
N ASN H 4553 -56.08 42.78 34.14
CA ASN H 4553 -55.70 41.83 33.12
C ASN H 4553 -56.48 42.06 31.83
N TYR H 4554 -57.72 42.51 31.94
CA TYR H 4554 -58.49 42.87 30.74
C TYR H 4554 -57.86 44.06 30.03
N LEU H 4555 -57.36 45.04 30.80
CA LEU H 4555 -56.70 46.17 30.17
C LEU H 4555 -55.43 45.72 29.45
N SER H 4556 -54.61 44.93 30.13
CA SER H 4556 -53.33 44.51 29.57
C SER H 4556 -53.54 43.66 28.33
N ARG H 4557 -54.57 42.82 28.32
CA ARG H 4557 -54.78 41.91 27.21
C ARG H 4557 -55.05 42.65 25.92
N ASN H 4558 -55.86 43.69 25.97
CA ASN H 4558 -56.25 44.43 24.78
C ASN H 4558 -55.75 45.87 24.84
N PHE H 4559 -54.50 46.03 25.28
CA PHE H 4559 -53.91 47.36 25.42
C PHE H 4559 -53.89 48.09 24.08
N TYR H 4560 -53.57 47.38 23.01
CA TYR H 4560 -53.45 48.01 21.70
C TYR H 4560 -54.80 48.50 21.19
N THR H 4561 -55.87 47.76 21.47
CA THR H 4561 -57.19 48.26 21.11
C THR H 4561 -57.49 49.56 21.83
N LEU H 4562 -57.03 49.69 23.08
CA LEU H 4562 -57.20 50.95 23.78
C LEU H 4562 -56.40 52.06 23.14
N ARG H 4563 -55.14 51.78 22.77
CA ARG H 4563 -54.31 52.77 22.07
C ARG H 4563 -54.88 53.15 20.72
N PHE H 4564 -55.69 52.30 20.13
CA PHE H 4564 -56.28 52.48 18.82
C PHE H 4564 -57.56 53.29 18.93
N LEU H 4565 -58.40 52.95 19.92
CA LEU H 4565 -59.60 53.72 20.19
C LEU H 4565 -59.28 55.14 20.63
N ALA H 4566 -58.18 55.32 21.38
CA ALA H 4566 -57.80 56.66 21.80
C ALA H 4566 -57.50 57.54 20.61
N LEU H 4567 -56.80 56.99 19.61
CA LEU H 4567 -56.55 57.71 18.37
C LEU H 4567 -57.84 58.02 17.64
N PHE H 4568 -58.77 57.06 17.61
CA PHE H 4568 -60.05 57.31 16.94
C PHE H 4568 -60.73 58.49 17.61
N LEU H 4569 -60.75 58.51 18.94
CA LEU H 4569 -61.38 59.59 19.68
C LEU H 4569 -60.72 60.93 19.41
N ALA H 4570 -59.39 60.94 19.27
CA ALA H 4570 -58.69 62.18 18.93
C ALA H 4570 -59.13 62.73 17.58
N PHE H 4571 -59.29 61.88 16.58
CA PHE H 4571 -59.81 62.35 15.31
C PHE H 4571 -61.24 62.85 15.46
N ALA H 4572 -62.06 62.11 16.21
CA ALA H 4572 -63.46 62.50 16.34
C ALA H 4572 -63.58 63.88 16.96
N ILE H 4573 -62.84 64.11 18.04
CA ILE H 4573 -62.87 65.41 18.71
C ILE H 4573 -62.35 66.49 17.79
N ASN H 4574 -61.23 66.25 17.13
CA ASN H 4574 -60.65 67.26 16.24
C ASN H 4574 -61.52 67.52 15.03
N PHE H 4575 -62.35 66.56 14.64
CA PHE H 4575 -63.33 66.83 13.62
C PHE H 4575 -64.44 67.70 14.16
N ILE H 4576 -64.86 67.43 15.41
CA ILE H 4576 -65.77 68.32 16.10
C ILE H 4576 -65.13 69.70 16.25
N LEU H 4577 -63.82 69.74 16.51
CA LEU H 4577 -63.13 71.01 16.72
C LEU H 4577 -63.06 71.86 15.46
N LEU H 4578 -63.35 71.30 14.29
CA LEU H 4578 -63.26 72.11 13.08
C LEU H 4578 -64.37 73.15 13.01
N PHE H 4579 -65.49 72.91 13.68
CA PHE H 4579 -66.68 73.74 13.52
C PHE H 4579 -66.73 74.84 14.57
N TYR H 4580 -65.62 75.56 14.77
CA TYR H 4580 -65.62 76.69 15.67
C TYR H 4580 -65.78 78.01 14.93
N LYS H 4581 -66.16 79.02 15.69
CA LYS H 4581 -66.31 80.36 15.19
C LYS H 4581 -65.99 81.32 16.32
N VAL H 4582 -65.37 82.44 15.99
CA VAL H 4582 -65.00 83.44 16.97
C VAL H 4582 -65.73 84.73 16.62
N SER H 4583 -66.52 85.23 17.58
CA SER H 4583 -67.37 86.38 17.32
C SER H 4583 -67.55 87.17 18.60
N ASP H 4584 -67.65 88.50 18.45
CA ASP H 4584 -67.76 89.38 19.59
C ASP H 4584 -69.06 89.14 20.36
N SER H 4585 -70.16 88.96 19.65
CA SER H 4585 -71.46 88.77 20.29
C SER H 4585 -71.55 87.39 20.90
N PRO H 4586 -71.86 87.26 22.19
CA PRO H 4586 -72.06 85.95 22.78
C PRO H 4586 -73.15 85.18 22.05
N PRO H 4587 -73.02 83.86 21.92
CA PRO H 4587 -74.05 83.05 21.27
C PRO H 4587 -75.32 82.97 22.10
N MET H 4627 -63.25 91.53 24.80
CA MET H 4627 -63.29 90.08 24.70
C MET H 4627 -64.22 89.57 23.61
N VAL H 4628 -64.14 88.27 23.38
CA VAL H 4628 -64.73 87.61 22.23
C VAL H 4628 -64.96 86.16 22.62
N TYR H 4629 -65.96 85.51 22.03
CA TYR H 4629 -66.38 84.19 22.50
C TYR H 4629 -66.25 83.15 21.40
N TYR H 4630 -65.69 82.00 21.75
CA TYR H 4630 -65.57 80.87 20.84
C TYR H 4630 -66.76 79.94 21.05
N PHE H 4631 -67.41 79.57 19.95
CA PHE H 4631 -68.57 78.72 20.04
C PHE H 4631 -68.72 77.95 18.74
N LEU H 4632 -69.31 76.77 18.81
CA LEU H 4632 -69.52 75.97 17.62
C LEU H 4632 -70.67 76.51 16.81
N GLU H 4633 -70.59 76.35 15.49
CA GLU H 4633 -71.68 76.69 14.59
C GLU H 4633 -72.11 75.39 13.90
N GLU H 4634 -73.39 75.07 14.00
CA GLU H 4634 -73.91 73.83 13.45
C GLU H 4634 -75.43 73.89 13.45
N SER H 4635 -76.05 73.06 12.61
CA SER H 4635 -77.50 73.01 12.57
C SER H 4635 -78.06 71.97 13.53
N THR H 4636 -77.25 71.00 13.94
CA THR H 4636 -77.77 69.87 14.72
C THR H 4636 -78.16 70.32 16.12
N GLY H 4637 -77.22 70.88 16.85
CA GLY H 4637 -77.42 71.28 18.22
C GLY H 4637 -76.63 70.49 19.22
N TYR H 4638 -76.61 69.17 19.10
CA TYR H 4638 -75.68 68.39 19.88
C TYR H 4638 -74.41 68.03 19.12
N MET H 4639 -73.74 69.01 18.52
CA MET H 4639 -72.29 68.92 18.38
C MET H 4639 -71.63 69.06 19.73
N GLU H 4640 -72.11 70.01 20.52
CA GLU H 4640 -71.44 70.36 21.77
C GLU H 4640 -71.51 69.27 22.83
N PRO H 4641 -72.68 68.70 23.18
CA PRO H 4641 -72.67 67.58 24.12
C PRO H 4641 -71.86 66.40 23.62
N ALA H 4642 -71.82 66.16 22.31
CA ALA H 4642 -70.95 65.11 21.78
C ALA H 4642 -69.50 65.41 22.11
N LEU H 4643 -69.08 66.67 21.94
CA LEU H 4643 -67.72 67.03 22.29
C LEU H 4643 -67.47 66.84 23.78
N TRP H 4644 -68.44 67.20 24.61
CA TRP H 4644 -68.26 67.08 26.06
C TRP H 4644 -68.13 65.62 26.48
N CYS H 4645 -68.95 64.73 25.93
CA CYS H 4645 -68.82 63.32 26.25
C CYS H 4645 -67.51 62.76 25.74
N LEU H 4646 -67.12 63.14 24.52
CA LEU H 4646 -65.90 62.60 23.94
C LEU H 4646 -64.66 63.05 24.69
N SER H 4647 -64.66 64.26 25.24
CA SER H 4647 -63.51 64.71 26.01
C SER H 4647 -63.29 63.83 27.23
N LEU H 4648 -64.36 63.59 28.00
CA LEU H 4648 -64.24 62.73 29.17
C LEU H 4648 -63.85 61.31 28.79
N LEU H 4649 -64.45 60.80 27.73
CA LEU H 4649 -64.15 59.42 27.33
C LEU H 4649 -62.72 59.29 26.88
N HIS H 4650 -62.20 60.27 26.14
CA HIS H 4650 -60.81 60.24 25.72
C HIS H 4650 -59.87 60.29 26.91
N THR H 4651 -60.18 61.15 27.88
CA THR H 4651 -59.36 61.22 29.08
C THR H 4651 -59.36 59.89 29.82
N LEU H 4652 -60.52 59.25 29.92
CA LEU H 4652 -60.59 57.95 30.57
C LEU H 4652 -59.76 56.92 29.82
N VAL H 4653 -59.83 56.93 28.49
CA VAL H 4653 -59.08 55.95 27.71
C VAL H 4653 -57.58 56.15 27.90
N ALA H 4654 -57.14 57.41 27.94
CA ALA H 4654 -55.72 57.67 28.15
C ALA H 4654 -55.26 57.15 29.51
N PHE H 4655 -56.07 57.37 30.55
CA PHE H 4655 -55.69 56.87 31.87
C PHE H 4655 -55.64 55.34 31.87
N LEU H 4656 -56.63 54.72 31.22
CA LEU H 4656 -56.64 53.26 31.13
C LEU H 4656 -55.43 52.73 30.37
N CYS H 4657 -54.99 53.43 29.34
CA CYS H 4657 -53.79 53.02 28.61
C CYS H 4657 -52.56 53.11 29.50
N ILE H 4658 -52.48 54.13 30.36
CA ILE H 4658 -51.37 54.23 31.29
C ILE H 4658 -51.34 53.03 32.22
N ILE H 4659 -52.51 52.64 32.76
CA ILE H 4659 -52.57 51.45 33.57
C ILE H 4659 -52.19 50.20 32.79
N GLY H 4660 -52.65 50.06 31.55
CA GLY H 4660 -52.28 48.93 30.73
C GLY H 4660 -50.79 48.83 30.53
N TYR H 4661 -50.15 49.97 30.31
CA TYR H 4661 -48.69 49.98 30.16
C TYR H 4661 -48.00 49.56 31.45
N ASN H 4662 -48.50 50.03 32.59
CA ASN H 4662 -47.90 49.63 33.86
C ASN H 4662 -48.01 48.13 34.13
N CYS H 4663 -48.95 47.44 33.49
CA CYS H 4663 -49.17 46.03 33.77
C CYS H 4663 -48.80 45.11 32.63
N LEU H 4664 -48.38 45.63 31.48
CA LEU H 4664 -48.01 44.79 30.35
C LEU H 4664 -46.55 44.92 29.99
N LYS H 4665 -46.04 46.14 29.81
CA LYS H 4665 -44.69 46.33 29.30
C LYS H 4665 -43.69 46.75 30.36
N VAL H 4666 -44.14 47.45 31.41
CA VAL H 4666 -43.21 47.88 32.45
C VAL H 4666 -42.50 46.70 33.12
N PRO H 4667 -43.17 45.60 33.47
CA PRO H 4667 -42.45 44.50 34.10
C PRO H 4667 -41.27 44.00 33.29
N LEU H 4668 -41.37 44.01 31.96
CA LEU H 4668 -40.23 43.62 31.14
C LEU H 4668 -39.07 44.58 31.31
N VAL H 4669 -39.35 45.88 31.38
CA VAL H 4669 -38.29 46.86 31.53
C VAL H 4669 -37.59 46.68 32.87
N ILE H 4670 -38.32 46.51 33.94
CA ILE H 4670 -37.69 46.35 35.22
C ILE H 4670 -36.89 45.06 35.23
N PHE H 4671 -37.33 44.05 34.49
CA PHE H 4671 -36.57 42.82 34.35
C PHE H 4671 -35.28 43.04 33.65
N LYS H 4672 -35.26 43.88 32.64
CA LYS H 4672 -34.08 44.01 31.87
C LYS H 4672 -33.12 44.88 32.55
N ARG H 4673 -33.54 45.62 33.56
CA ARG H 4673 -32.56 46.35 34.37
C ARG H 4673 -32.10 45.53 35.56
N GLU H 4674 -33.01 44.80 36.21
CA GLU H 4674 -32.57 43.92 37.29
C GLU H 4674 -31.61 42.86 36.77
N LYS H 4675 -31.89 42.32 35.59
CA LYS H 4675 -31.02 41.30 35.01
C LYS H 4675 -29.63 41.84 34.75
N GLU H 4676 -29.55 42.98 34.05
CA GLU H 4676 -28.25 43.51 33.69
C GLU H 4676 -27.47 43.92 34.92
N LEU H 4677 -28.15 44.45 35.94
CA LEU H 4677 -27.42 44.86 37.13
C LEU H 4677 -26.89 43.64 37.88
N ALA H 4678 -27.62 42.55 37.86
CA ALA H 4678 -27.12 41.45 38.63
C ALA H 4678 -25.96 40.83 37.96
N ARG H 4679 -25.85 40.93 36.66
CA ARG H 4679 -24.66 40.45 35.99
C ARG H 4679 -23.50 41.38 36.24
N LYS H 4680 -23.73 42.67 36.14
CA LYS H 4680 -22.67 43.62 36.33
C LYS H 4680 -22.21 43.48 37.74
N LEU H 4681 -23.08 43.07 38.62
CA LEU H 4681 -22.71 42.93 40.02
C LEU H 4681 -21.93 41.65 40.26
N GLU H 4682 -22.33 40.56 39.63
CA GLU H 4682 -21.74 39.26 39.92
C GLU H 4682 -20.50 39.02 39.07
N PHE H 4683 -20.63 39.13 37.76
CA PHE H 4683 -19.54 38.74 36.85
C PHE H 4683 -18.52 39.85 36.65
N ASP H 4684 -18.91 41.11 36.86
CA ASP H 4684 -18.03 42.24 36.68
C ASP H 4684 -17.83 43.04 37.96
N GLY H 4685 -18.65 42.84 38.98
CA GLY H 4685 -18.49 43.56 40.23
C GLY H 4685 -18.52 45.07 40.08
N LEU H 4686 -19.57 45.60 39.45
CA LEU H 4686 -19.57 47.01 39.10
C LEU H 4686 -19.57 47.89 40.33
N TYR H 4687 -20.07 47.39 41.46
CA TYR H 4687 -20.02 48.16 42.69
C TYR H 4687 -19.09 47.58 43.73
N ILE H 4688 -18.71 46.31 43.60
CA ILE H 4688 -17.79 45.70 44.56
C ILE H 4688 -16.37 46.17 44.27
N THR H 4689 -15.85 45.87 43.08
CA THR H 4689 -14.49 46.22 42.70
C THR H 4689 -14.44 47.61 42.06
N GLU H 4690 -15.13 47.77 40.94
CA GLU H 4690 -15.15 49.01 40.20
C GLU H 4690 -16.26 49.89 40.79
N GLN H 4691 -16.47 51.07 40.22
CA GLN H 4691 -17.54 51.95 40.67
C GLN H 4691 -18.15 52.60 39.44
N PRO H 4692 -19.43 52.96 39.46
CA PRO H 4692 -20.05 53.56 38.28
C PRO H 4692 -19.30 54.81 37.84
N GLY H 4693 -19.21 55.00 36.53
CA GLY H 4693 -18.25 55.91 35.93
C GLY H 4693 -18.39 57.38 36.28
N ASP H 4694 -19.26 57.71 37.23
CA ASP H 4694 -19.49 59.06 37.72
C ASP H 4694 -20.07 60.00 36.65
N ASP H 4695 -20.29 59.51 35.44
CA ASP H 4695 -20.99 60.25 34.41
C ASP H 4695 -22.21 59.50 33.90
N ASP H 4696 -22.38 58.23 34.26
CA ASP H 4696 -23.53 57.43 33.89
C ASP H 4696 -24.57 57.54 34.99
N VAL H 4697 -25.74 58.07 34.64
CA VAL H 4697 -26.80 58.20 35.63
C VAL H 4697 -27.41 56.84 35.95
N LYS H 4698 -27.27 55.88 35.04
CA LYS H 4698 -27.93 54.58 35.24
C LYS H 4698 -27.32 53.84 36.42
N GLY H 4699 -25.99 53.75 36.48
CA GLY H 4699 -25.36 53.05 37.58
C GLY H 4699 -25.61 53.71 38.91
N GLN H 4700 -25.45 55.04 38.97
CA GLN H 4700 -25.65 55.76 40.21
C GLN H 4700 -27.10 55.66 40.67
N TRP H 4701 -28.05 55.68 39.74
CA TRP H 4701 -29.44 55.50 40.13
C TRP H 4701 -29.69 54.08 40.64
N ASP H 4702 -29.10 53.10 39.97
CA ASP H 4702 -29.28 51.71 40.39
C ASP H 4702 -28.61 51.42 41.71
N ARG H 4703 -27.76 52.31 42.20
CA ARG H 4703 -27.16 52.09 43.51
C ARG H 4703 -28.20 52.00 44.61
N LEU H 4704 -29.35 52.66 44.45
CA LEU H 4704 -30.33 52.69 45.52
C LEU H 4704 -30.89 51.30 45.81
N VAL H 4705 -31.18 50.54 44.76
CA VAL H 4705 -31.97 49.32 44.90
C VAL H 4705 -31.16 48.18 45.51
N LEU H 4706 -29.83 48.28 45.51
CA LEU H 4706 -29.00 47.20 46.05
C LEU H 4706 -29.34 46.92 47.51
N ASN H 4707 -29.45 47.97 48.31
CA ASN H 4707 -29.68 47.79 49.74
C ASN H 4707 -31.03 47.18 50.04
N THR H 4708 -31.97 47.23 49.10
CA THR H 4708 -33.34 46.82 49.38
C THR H 4708 -33.44 45.31 49.51
N PRO H 4709 -34.33 44.80 50.37
CA PRO H 4709 -34.48 43.34 50.52
C PRO H 4709 -35.18 42.69 49.35
N SER H 4710 -35.89 43.44 48.53
CA SER H 4710 -36.64 42.89 47.41
C SER H 4710 -35.99 43.28 46.08
N PHE H 4711 -34.67 43.20 46.02
CA PHE H 4711 -33.99 43.50 44.77
C PHE H 4711 -34.41 42.61 43.60
N PRO H 4712 -34.19 41.30 43.64
CA PRO H 4712 -34.56 40.54 42.44
C PRO H 4712 -36.05 40.20 42.47
N SER H 4713 -36.88 41.19 42.16
CA SER H 4713 -38.33 41.03 42.25
C SER H 4713 -38.91 40.43 41.00
N ASN H 4714 -38.38 40.78 39.85
CA ASN H 4714 -38.86 40.19 38.63
C ASN H 4714 -37.91 39.18 37.99
N TYR H 4715 -36.62 39.29 38.23
CA TYR H 4715 -35.64 38.41 37.62
C TYR H 4715 -35.68 37.05 38.25
N TRP H 4716 -35.29 36.02 37.51
CA TRP H 4716 -35.38 34.66 38.01
C TRP H 4716 -34.55 34.39 39.21
N ASP H 4717 -33.33 34.90 39.26
CA ASP H 4717 -32.45 34.56 40.36
C ASP H 4717 -32.88 35.34 41.53
N LYS H 4718 -33.23 34.66 42.59
CA LYS H 4718 -33.60 35.33 43.79
C LYS H 4718 -32.48 35.16 44.77
N PHE H 4719 -31.37 34.62 44.32
CA PHE H 4719 -30.28 34.35 45.21
C PHE H 4719 -29.04 35.00 44.68
N VAL H 4720 -29.19 36.05 43.92
CA VAL H 4720 -28.06 36.76 43.34
C VAL H 4720 -27.18 37.35 44.43
N LYS H 4721 -27.79 37.92 45.46
CA LYS H 4721 -27.00 38.52 46.54
C LYS H 4721 -26.10 37.48 47.19
N ARG H 4722 -26.64 36.28 47.40
CA ARG H 4722 -25.91 35.21 48.06
C ARG H 4722 -24.85 34.61 47.17
N LYS H 4723 -24.84 34.93 45.88
CA LYS H 4723 -23.74 34.56 45.00
C LYS H 4723 -22.68 35.64 44.93
N VAL H 4724 -23.11 36.91 44.92
CA VAL H 4724 -22.15 38.01 44.97
C VAL H 4724 -21.33 37.92 46.25
N LEU H 4725 -21.98 37.55 47.35
CA LEU H 4725 -21.25 37.36 48.59
C LEU H 4725 -20.23 36.24 48.46
N ASP H 4726 -20.66 35.07 48.00
CA ASP H 4726 -19.76 33.93 47.90
C ASP H 4726 -18.65 34.13 46.89
N LYS H 4727 -18.78 35.11 46.00
CA LYS H 4727 -17.72 35.40 45.04
C LYS H 4727 -16.74 36.47 45.54
N HIS H 4728 -17.25 37.57 46.09
CA HIS H 4728 -16.42 38.73 46.37
C HIS H 4728 -16.21 38.98 47.86
N GLY H 4729 -16.79 38.14 48.73
CA GLY H 4729 -16.67 38.38 50.15
C GLY H 4729 -15.25 38.23 50.65
N ASP H 4730 -14.53 37.25 50.11
CA ASP H 4730 -13.14 37.07 50.52
C ASP H 4730 -12.29 38.28 50.17
N ILE H 4731 -12.45 38.80 48.96
CA ILE H 4731 -11.59 39.89 48.50
C ILE H 4731 -11.94 41.18 49.22
N PHE H 4732 -13.23 41.46 49.40
CA PHE H 4732 -13.66 42.74 49.93
C PHE H 4732 -14.44 42.65 51.22
N GLY H 4733 -14.32 41.56 51.96
CA GLY H 4733 -14.93 41.51 53.28
C GLY H 4733 -16.38 41.08 53.19
N ARG H 4734 -16.73 40.00 53.87
CA ARG H 4734 -18.10 39.52 53.83
C ARG H 4734 -19.06 40.52 54.47
N GLU H 4735 -18.63 41.14 55.57
CA GLU H 4735 -19.49 42.12 56.23
C GLU H 4735 -19.77 43.31 55.34
N ARG H 4736 -18.76 43.77 54.60
CA ARG H 4736 -18.95 44.91 53.71
C ARG H 4736 -19.93 44.58 52.59
N ILE H 4737 -19.82 43.38 52.03
CA ILE H 4737 -20.76 42.96 51.01
C ILE H 4737 -22.15 42.84 51.60
N ALA H 4738 -22.25 42.39 52.85
CA ALA H 4738 -23.56 42.31 53.49
C ALA H 4738 -24.20 43.68 53.62
N GLU H 4739 -23.42 44.69 54.03
CA GLU H 4739 -23.96 46.03 54.11
C GLU H 4739 -24.32 46.59 52.74
N LEU H 4740 -23.49 46.36 51.73
CA LEU H 4740 -23.79 46.87 50.41
C LEU H 4740 -25.05 46.22 49.83
N LEU H 4741 -25.26 44.94 50.11
CA LEU H 4741 -26.42 44.23 49.61
C LEU H 4741 -27.55 44.15 50.63
N GLY H 4742 -27.41 44.82 51.77
CA GLY H 4742 -28.46 44.88 52.76
C GLY H 4742 -28.78 43.56 53.44
N MET H 4743 -28.18 42.46 53.01
CA MET H 4743 -28.46 41.17 53.60
C MET H 4743 -27.79 41.04 54.97
N ASP H 4744 -28.38 40.22 55.82
CA ASP H 4744 -27.87 39.97 57.17
C ASP H 4744 -27.27 38.58 57.19
N LEU H 4745 -26.09 38.45 57.79
CA LEU H 4745 -25.35 37.20 57.71
C LEU H 4745 -25.99 36.12 58.56
N ALA H 4746 -26.41 36.44 59.78
CA ALA H 4746 -26.91 35.42 60.69
C ALA H 4746 -28.18 34.76 60.16
N SER H 4747 -29.16 35.58 59.78
CA SER H 4747 -30.42 35.03 59.28
C SER H 4747 -30.21 34.26 57.98
N LEU H 4748 -29.15 34.58 57.23
CA LEU H 4748 -28.85 33.83 56.03
C LEU H 4748 -28.65 32.34 56.32
N GLU H 4749 -27.81 32.04 57.31
CA GLU H 4749 -27.63 30.65 57.69
C GLU H 4749 -28.81 30.12 58.49
N ILE H 4750 -29.53 30.99 59.18
CA ILE H 4750 -30.73 30.55 59.90
C ILE H 4750 -31.75 29.96 58.95
N THR H 4751 -31.95 30.60 57.79
CA THR H 4751 -32.86 30.05 56.79
C THR H 4751 -32.34 28.73 56.23
N ALA H 4752 -31.02 28.50 56.27
CA ALA H 4752 -30.49 27.21 55.87
C ALA H 4752 -30.90 26.12 56.83
N HIS H 4753 -31.10 26.46 58.10
CA HIS H 4753 -31.69 25.57 59.08
C HIS H 4753 -33.22 25.59 58.91
N ASN H 4754 -33.92 24.84 59.75
CA ASN H 4754 -35.38 24.96 59.80
C ASN H 4754 -35.77 26.40 60.10
N GLU H 4755 -36.72 26.91 59.33
CA GLU H 4755 -37.13 28.31 59.44
C GLU H 4755 -38.65 28.38 59.43
N ARG H 4756 -39.22 28.92 60.50
CA ARG H 4756 -40.66 29.04 60.65
C ARG H 4756 -41.08 30.50 60.45
N LYS H 4757 -42.10 30.71 59.62
CA LYS H 4757 -42.63 32.04 59.41
C LYS H 4757 -44.12 32.06 59.67
N PRO H 4758 -44.63 33.12 60.28
CA PRO H 4758 -46.08 33.24 60.49
C PRO H 4758 -46.76 34.02 59.37
N ASP H 4759 -47.97 33.63 59.02
CA ASP H 4759 -48.73 34.39 58.03
C ASP H 4759 -49.15 35.73 58.62
N PRO H 4760 -48.89 36.84 57.93
CA PRO H 4760 -49.22 38.15 58.49
C PRO H 4760 -50.72 38.33 58.60
N PRO H 4761 -51.19 39.13 59.56
CA PRO H 4761 -52.63 39.36 59.69
C PRO H 4761 -53.20 39.98 58.43
N PRO H 4762 -54.39 39.54 58.01
CA PRO H 4762 -54.99 40.12 56.80
C PRO H 4762 -55.53 41.52 57.06
N GLY H 4763 -54.83 42.53 56.54
CA GLY H 4763 -55.24 43.91 56.71
C GLY H 4763 -54.59 44.83 55.70
N LEU H 4764 -55.34 45.81 55.21
CA LEU H 4764 -54.81 46.73 54.21
C LEU H 4764 -53.63 47.53 54.76
N LEU H 4765 -53.60 47.74 56.08
CA LEU H 4765 -52.47 48.43 56.69
C LEU H 4765 -51.17 47.66 56.49
N THR H 4766 -51.25 46.34 56.56
CA THR H 4766 -50.06 45.53 56.29
C THR H 4766 -49.57 45.71 54.86
N TRP H 4767 -50.48 45.75 53.88
CA TRP H 4767 -50.07 46.07 52.52
C TRP H 4767 -49.36 47.41 52.49
N LEU H 4768 -49.97 48.41 53.13
CA LEU H 4768 -49.46 49.77 53.02
C LEU H 4768 -48.08 49.91 53.61
N MET H 4769 -47.84 49.31 54.78
CA MET H 4769 -46.58 49.48 55.47
C MET H 4769 -45.50 48.53 54.97
N SER H 4770 -45.87 47.35 54.45
CA SER H 4770 -44.88 46.44 53.91
C SER H 4770 -44.23 46.93 52.63
N ILE H 4771 -44.73 48.03 52.04
CA ILE H 4771 -44.10 48.58 50.85
C ILE H 4771 -42.67 48.98 51.16
N ASP H 4772 -41.73 48.52 50.33
CA ASP H 4772 -40.34 48.93 50.43
C ASP H 4772 -40.20 50.24 49.68
N VAL H 4773 -40.12 51.35 50.42
CA VAL H 4773 -40.13 52.66 49.79
C VAL H 4773 -38.93 52.85 48.88
N LYS H 4774 -37.78 52.29 49.26
CA LYS H 4774 -36.57 52.48 48.45
C LYS H 4774 -36.68 51.78 47.10
N TYR H 4775 -37.09 50.51 47.11
CA TYR H 4775 -37.21 49.79 45.85
C TYR H 4775 -38.27 50.41 44.96
N GLN H 4776 -39.39 50.83 45.55
CA GLN H 4776 -40.45 51.46 44.75
C GLN H 4776 -39.97 52.77 44.15
N ILE H 4777 -39.23 53.56 44.93
CA ILE H 4777 -38.69 54.81 44.40
C ILE H 4777 -37.80 54.53 43.20
N TRP H 4778 -36.95 53.51 43.32
CA TRP H 4778 -36.09 53.13 42.20
C TRP H 4778 -36.91 52.67 41.01
N LYS H 4779 -37.91 51.82 41.26
CA LYS H 4779 -38.75 51.31 40.18
C LYS H 4779 -39.40 52.45 39.41
N PHE H 4780 -39.97 53.41 40.13
CA PHE H 4780 -40.64 54.53 39.46
C PHE H 4780 -39.66 55.47 38.78
N GLY H 4781 -38.44 55.58 39.32
CA GLY H 4781 -37.43 56.34 38.62
C GLY H 4781 -37.10 55.72 37.28
N VAL H 4782 -37.00 54.39 37.27
CA VAL H 4782 -36.85 53.69 36.00
C VAL H 4782 -38.03 53.96 35.09
N ILE H 4783 -39.26 53.81 35.61
CA ILE H 4783 -40.45 53.92 34.75
C ILE H 4783 -40.54 55.32 34.13
N PHE H 4784 -40.34 56.36 34.94
CA PHE H 4784 -40.46 57.73 34.42
C PHE H 4784 -39.27 58.05 33.52
N THR H 4785 -38.16 57.32 33.65
CA THR H 4785 -37.08 57.43 32.67
C THR H 4785 -37.44 56.76 31.34
N ASP H 4786 -38.35 55.79 31.33
CA ASP H 4786 -38.70 55.10 30.11
C ASP H 4786 -39.33 56.04 29.10
N ASN H 4787 -38.99 55.84 27.82
CA ASN H 4787 -39.47 56.72 26.77
C ASN H 4787 -40.95 56.54 26.52
N SER H 4788 -41.39 55.29 26.37
CA SER H 4788 -42.79 55.05 26.03
C SER H 4788 -43.72 55.50 27.15
N PHE H 4789 -43.31 55.28 28.39
CA PHE H 4789 -44.11 55.75 29.51
C PHE H 4789 -44.18 57.27 29.54
N LEU H 4790 -43.07 57.95 29.26
CA LEU H 4790 -43.12 59.40 29.19
C LEU H 4790 -44.06 59.87 28.08
N TYR H 4791 -44.05 59.18 26.94
CA TYR H 4791 -44.96 59.56 25.87
C TYR H 4791 -46.41 59.38 26.28
N LEU H 4792 -46.73 58.25 26.93
CA LEU H 4792 -48.09 58.06 27.41
C LEU H 4792 -48.46 59.06 28.50
N GLY H 4793 -47.51 59.48 29.32
CA GLY H 4793 -47.76 60.48 30.32
C GLY H 4793 -48.06 61.84 29.70
N TRP H 4794 -47.29 62.21 28.67
CA TRP H 4794 -47.59 63.43 27.93
C TRP H 4794 -48.98 63.36 27.32
N TYR H 4795 -49.35 62.20 26.79
CA TYR H 4795 -50.65 62.01 26.18
C TYR H 4795 -51.76 62.25 27.21
N MET H 4796 -51.57 61.75 28.42
CA MET H 4796 -52.53 62.01 29.51
C MET H 4796 -52.55 63.49 29.88
N VAL H 4797 -51.37 64.12 29.96
CA VAL H 4797 -51.31 65.51 30.41
C VAL H 4797 -52.02 66.41 29.41
N MET H 4798 -51.79 66.20 28.12
CA MET H 4798 -52.51 66.96 27.10
C MET H 4798 -54.00 66.66 27.16
N SER H 4799 -54.38 65.42 27.44
CA SER H 4799 -55.80 65.11 27.54
C SER H 4799 -56.45 65.87 28.69
N LEU H 4800 -55.77 65.96 29.83
CA LEU H 4800 -56.31 66.73 30.95
C LEU H 4800 -56.39 68.21 30.61
N LEU H 4801 -55.33 68.77 30.02
CA LEU H 4801 -55.37 70.18 29.65
C LEU H 4801 -56.40 70.45 28.57
N GLY H 4802 -56.87 69.42 27.88
CA GLY H 4802 -57.94 69.61 26.93
C GLY H 4802 -59.22 70.12 27.54
N HIS H 4803 -59.39 69.92 28.85
CA HIS H 4803 -60.56 70.47 29.52
C HIS H 4803 -60.38 71.93 29.91
N TYR H 4804 -59.14 72.39 30.06
CA TYR H 4804 -58.91 73.81 30.25
C TYR H 4804 -59.17 74.58 28.96
N ASN H 4805 -58.83 73.97 27.82
CA ASN H 4805 -59.12 74.54 26.51
C ASN H 4805 -59.09 73.40 25.50
N ASN H 4806 -60.20 73.16 24.83
CA ASN H 4806 -60.34 71.96 24.01
C ASN H 4806 -59.30 71.86 22.92
N PHE H 4807 -58.70 72.97 22.50
CA PHE H 4807 -57.75 72.92 21.40
C PHE H 4807 -56.51 72.11 21.72
N PHE H 4808 -56.23 71.85 22.99
CA PHE H 4808 -55.11 70.97 23.30
C PHE H 4808 -55.31 69.58 22.76
N PHE H 4809 -56.56 69.16 22.50
CA PHE H 4809 -56.78 67.87 21.88
C PHE H 4809 -56.15 67.79 20.49
N ALA H 4810 -55.82 68.93 19.88
CA ALA H 4810 -55.13 68.90 18.61
C ALA H 4810 -53.76 68.22 18.73
N ALA H 4811 -53.04 68.45 19.84
CA ALA H 4811 -51.75 67.79 20.00
C ALA H 4811 -51.90 66.28 19.93
N HIS H 4812 -53.07 65.78 20.31
CA HIS H 4812 -53.33 64.35 20.37
C HIS H 4812 -53.31 63.72 19.00
N LEU H 4813 -53.32 64.53 17.95
CA LEU H 4813 -53.27 63.99 16.60
C LEU H 4813 -51.89 63.45 16.28
N LEU H 4814 -50.85 64.03 16.86
CA LEU H 4814 -49.49 63.59 16.56
C LEU H 4814 -49.27 62.13 16.93
N ASP H 4815 -50.16 61.58 17.77
CA ASP H 4815 -50.16 60.16 18.07
C ASP H 4815 -50.13 59.30 16.82
N ILE H 4816 -50.68 59.77 15.70
CA ILE H 4816 -50.70 58.96 14.49
C ILE H 4816 -49.28 58.59 14.07
N ALA H 4817 -48.32 59.47 14.33
CA ALA H 4817 -46.94 59.17 13.98
C ALA H 4817 -46.45 57.93 14.71
N MET H 4818 -46.78 57.82 16.00
CA MET H 4818 -46.40 56.62 16.74
C MET H 4818 -47.42 55.50 16.58
N GLY H 4819 -48.55 55.77 15.94
CA GLY H 4819 -49.57 54.76 15.81
C GLY H 4819 -49.32 53.78 14.68
N VAL H 4820 -49.22 54.29 13.48
CA VAL H 4820 -49.14 53.47 12.28
C VAL H 4820 -47.67 53.26 11.91
N LYS H 4821 -47.39 52.11 11.30
CA LYS H 4821 -46.01 51.75 10.99
C LYS H 4821 -45.40 52.71 9.97
N THR H 4822 -46.15 53.04 8.92
CA THR H 4822 -45.58 53.70 7.76
C THR H 4822 -45.06 55.09 8.10
N LEU H 4823 -45.85 55.89 8.80
CA LEU H 4823 -45.34 57.19 9.23
C LEU H 4823 -44.17 57.05 10.17
N ARG H 4824 -44.09 55.95 10.91
CA ARG H 4824 -42.94 55.76 11.78
C ARG H 4824 -41.67 55.53 10.98
N THR H 4825 -41.78 54.78 9.87
CA THR H 4825 -40.65 54.64 8.96
C THR H 4825 -40.30 55.96 8.30
N ILE H 4826 -41.31 56.67 7.79
CA ILE H 4826 -41.06 57.91 7.06
C ILE H 4826 -40.42 58.94 7.96
N LEU H 4827 -40.88 59.04 9.21
CA LEU H 4827 -40.25 59.95 10.15
C LEU H 4827 -38.92 59.43 10.67
N SER H 4828 -38.72 58.11 10.67
CA SER H 4828 -37.40 57.57 10.98
C SER H 4828 -36.37 58.05 9.98
N SER H 4829 -36.81 58.38 8.76
CA SER H 4829 -35.90 58.98 7.80
C SER H 4829 -35.27 60.26 8.36
N VAL H 4830 -36.10 61.20 8.82
CA VAL H 4830 -35.58 62.45 9.36
C VAL H 4830 -34.79 62.19 10.64
N THR H 4831 -35.32 61.35 11.53
CA THR H 4831 -34.64 61.14 12.80
C THR H 4831 -33.31 60.41 12.62
N HIS H 4832 -33.10 59.78 11.48
CA HIS H 4832 -31.83 59.12 11.22
C HIS H 4832 -30.69 60.13 11.16
N ASN H 4833 -30.90 61.23 10.44
CA ASN H 4833 -29.88 62.25 10.24
C ASN H 4833 -30.24 63.55 10.94
N GLY H 4834 -31.04 63.45 12.01
CA GLY H 4834 -31.38 64.60 12.80
C GLY H 4834 -30.22 65.47 13.23
N LYS H 4835 -29.12 64.85 13.66
CA LYS H 4835 -27.96 65.62 14.10
C LYS H 4835 -27.39 66.46 12.96
N GLN H 4836 -27.23 65.86 11.79
CA GLN H 4836 -26.73 66.62 10.65
C GLN H 4836 -27.72 67.69 10.22
N LEU H 4837 -29.02 67.41 10.33
CA LEU H 4837 -30.01 68.43 9.97
C LEU H 4837 -29.91 69.63 10.89
N VAL H 4838 -29.79 69.39 12.20
CA VAL H 4838 -29.69 70.50 13.14
C VAL H 4838 -28.43 71.28 12.89
N MET H 4839 -27.31 70.60 12.66
CA MET H 4839 -26.06 71.30 12.38
C MET H 4839 -26.13 72.07 11.07
N THR H 4840 -26.85 71.55 10.06
CA THR H 4840 -27.02 72.27 8.82
C THR H 4840 -27.80 73.55 9.03
N VAL H 4841 -28.88 73.49 9.82
CA VAL H 4841 -29.63 74.69 10.16
C VAL H 4841 -28.78 75.69 10.93
N GLY H 4842 -27.91 75.22 11.82
CA GLY H 4842 -26.99 76.12 12.51
C GLY H 4842 -26.02 76.79 11.56
N LEU H 4843 -25.49 76.00 10.62
CA LEU H 4843 -24.60 76.55 9.61
C LEU H 4843 -25.31 77.61 8.79
N LEU H 4844 -26.60 77.41 8.51
CA LEU H 4844 -27.37 78.42 7.81
C LEU H 4844 -27.41 79.71 8.59
N ALA H 4845 -27.61 79.62 9.90
CA ALA H 4845 -27.64 80.82 10.72
C ALA H 4845 -26.31 81.55 10.69
N VAL H 4846 -25.21 80.79 10.73
CA VAL H 4846 -23.88 81.42 10.70
C VAL H 4846 -23.67 82.15 9.37
N VAL H 4847 -23.99 81.50 8.26
CA VAL H 4847 -23.77 82.10 6.96
C VAL H 4847 -24.64 83.33 6.78
N VAL H 4848 -25.90 83.23 7.17
CA VAL H 4848 -26.79 84.38 7.07
C VAL H 4848 -26.30 85.51 7.96
N TYR H 4849 -25.69 85.19 9.11
CA TYR H 4849 -25.13 86.22 9.94
C TYR H 4849 -23.97 86.92 9.25
N LEU H 4850 -23.15 86.17 8.52
CA LEU H 4850 -22.07 86.79 7.76
C LEU H 4850 -22.63 87.78 6.74
N TYR H 4851 -23.68 87.36 6.02
CA TYR H 4851 -24.30 88.27 5.08
C TYR H 4851 -24.92 89.47 5.78
N THR H 4852 -25.44 89.27 6.99
CA THR H 4852 -25.96 90.39 7.76
C THR H 4852 -24.86 91.36 8.13
N VAL H 4853 -23.68 90.85 8.46
CA VAL H 4853 -22.54 91.71 8.74
C VAL H 4853 -22.24 92.60 7.55
N VAL H 4854 -22.14 91.98 6.37
CA VAL H 4854 -21.79 92.72 5.16
C VAL H 4854 -22.87 93.73 4.84
N ALA H 4855 -24.14 93.32 4.94
CA ALA H 4855 -25.24 94.23 4.64
C ALA H 4855 -25.27 95.40 5.60
N PHE H 4856 -25.02 95.14 6.88
CA PHE H 4856 -25.03 96.22 7.87
C PHE H 4856 -23.94 97.24 7.60
N ASN H 4857 -22.78 96.80 7.13
CA ASN H 4857 -21.67 97.72 6.95
C ASN H 4857 -21.75 98.55 5.68
N PHE H 4858 -22.12 97.95 4.54
CA PHE H 4858 -22.06 98.64 3.27
C PHE H 4858 -23.43 98.88 2.64
N PHE H 4859 -24.20 97.83 2.41
CA PHE H 4859 -25.45 97.94 1.66
C PHE H 4859 -26.59 98.14 2.65
N ARG H 4860 -26.72 99.36 3.16
CA ARG H 4860 -27.74 99.63 4.15
C ARG H 4860 -28.81 100.54 3.59
N LYS H 4861 -28.45 101.37 2.61
CA LYS H 4861 -29.44 102.21 1.95
C LYS H 4861 -30.43 101.41 1.14
N PHE H 4862 -30.15 100.14 0.88
CA PHE H 4862 -30.99 99.30 0.05
C PHE H 4862 -32.06 98.57 0.83
N TYR H 4863 -32.14 98.77 2.14
CA TYR H 4863 -33.04 98.00 3.01
C TYR H 4863 -34.20 98.85 3.51
N ASN H 4864 -34.74 99.70 2.65
CA ASN H 4864 -35.83 100.59 3.03
C ASN H 4864 -37.15 99.94 2.62
N LYS H 4865 -37.75 99.21 3.55
CA LYS H 4865 -39.03 98.56 3.31
C LYS H 4865 -40.18 99.50 3.70
N SER H 4866 -40.21 100.65 3.05
CA SER H 4866 -41.22 101.66 3.31
C SER H 4866 -41.65 102.29 2.00
N GLU H 4867 -42.94 102.51 1.84
CA GLU H 4867 -43.46 103.10 0.60
C GLU H 4867 -43.45 104.62 0.67
N ASP H 4868 -44.14 105.19 1.66
CA ASP H 4868 -44.19 106.63 1.80
C ASP H 4868 -42.86 107.20 2.26
N GLU H 4869 -42.50 108.35 1.73
CA GLU H 4869 -41.22 108.97 2.08
C GLU H 4869 -41.28 109.56 3.49
N ASP H 4870 -42.48 109.86 3.99
CA ASP H 4870 -42.61 110.40 5.34
C ASP H 4870 -42.12 109.40 6.37
N GLU H 4871 -42.49 108.14 6.20
CA GLU H 4871 -42.11 107.09 7.16
C GLU H 4871 -41.06 106.19 6.53
N PRO H 4872 -39.79 106.28 6.92
CA PRO H 4872 -38.82 105.28 6.52
C PRO H 4872 -38.84 104.10 7.47
N ASP H 4873 -38.56 102.92 6.92
CA ASP H 4873 -38.63 101.69 7.69
C ASP H 4873 -37.28 100.98 7.63
N MET H 4874 -36.20 101.68 7.95
CA MET H 4874 -34.86 101.12 7.87
C MET H 4874 -34.80 99.76 8.54
N LYS H 4875 -34.56 98.73 7.73
CA LYS H 4875 -34.51 97.38 8.23
C LYS H 4875 -33.13 96.93 8.65
N CYS H 4876 -32.07 97.62 8.24
CA CYS H 4876 -30.72 97.24 8.64
C CYS H 4876 -30.05 98.34 9.46
N ASP H 4877 -30.85 99.18 10.12
CA ASP H 4877 -30.30 100.17 11.03
C ASP H 4877 -29.62 99.51 12.21
N ASP H 4878 -30.27 98.50 12.78
CA ASP H 4878 -29.70 97.71 13.86
C ASP H 4878 -29.33 96.34 13.32
N MET H 4879 -28.31 95.74 13.93
CA MET H 4879 -27.95 94.41 13.48
C MET H 4879 -28.95 93.37 13.94
N MET H 4880 -29.60 93.60 15.09
CA MET H 4880 -30.65 92.69 15.51
C MET H 4880 -31.77 92.65 14.49
N THR H 4881 -32.28 93.83 14.10
CA THR H 4881 -33.34 93.89 13.11
C THR H 4881 -32.88 93.34 11.78
N CYS H 4882 -31.64 93.65 11.40
CA CYS H 4882 -31.19 93.27 10.06
C CYS H 4882 -30.96 91.78 9.98
N TYR H 4883 -30.43 91.18 11.06
CA TYR H 4883 -30.30 89.73 11.12
C TYR H 4883 -31.66 89.05 11.08
N LEU H 4884 -32.63 89.58 11.84
CA LEU H 4884 -33.97 89.02 11.78
C LEU H 4884 -34.54 89.13 10.39
N PHE H 4885 -34.31 90.26 9.73
CA PHE H 4885 -34.79 90.47 8.37
C PHE H 4885 -34.26 89.39 7.44
N HIS H 4886 -32.94 89.19 7.44
CA HIS H 4886 -32.38 88.18 6.56
C HIS H 4886 -32.90 86.79 6.94
N MET H 4887 -32.75 86.41 8.21
CA MET H 4887 -33.13 85.09 8.68
C MET H 4887 -34.58 84.76 8.38
N TYR H 4888 -35.45 85.76 8.30
CA TYR H 4888 -36.87 85.56 8.09
C TYR H 4888 -37.24 85.61 6.61
N VAL H 4889 -36.98 86.73 5.94
CA VAL H 4889 -37.51 86.89 4.59
C VAL H 4889 -36.48 86.50 3.54
N GLY H 4890 -35.18 86.71 3.82
CA GLY H 4890 -34.18 86.40 2.82
C GLY H 4890 -34.09 84.91 2.56
N VAL H 4891 -34.15 84.10 3.62
CA VAL H 4891 -34.10 82.65 3.44
C VAL H 4891 -35.36 82.14 2.78
N ARG H 4892 -36.52 82.70 3.14
CA ARG H 4892 -37.78 82.19 2.62
C ARG H 4892 -38.03 82.59 1.17
N ALA H 4893 -37.53 83.75 0.74
CA ALA H 4893 -37.75 84.19 -0.63
C ALA H 4893 -37.07 83.24 -1.60
N GLY H 4894 -37.74 82.96 -2.72
CA GLY H 4894 -37.19 82.02 -3.68
C GLY H 4894 -35.93 82.52 -4.34
N GLY H 4895 -35.92 83.79 -4.76
CA GLY H 4895 -34.74 84.34 -5.39
C GLY H 4895 -33.59 84.52 -4.42
N GLY H 4896 -33.90 84.86 -3.19
CA GLY H 4896 -32.89 85.16 -2.20
C GLY H 4896 -33.18 86.51 -1.59
N ILE H 4897 -32.15 87.11 -0.99
CA ILE H 4897 -32.33 88.43 -0.39
C ILE H 4897 -32.47 89.50 -1.46
N GLY H 4898 -32.04 89.23 -2.68
CA GLY H 4898 -32.16 90.21 -3.75
C GLY H 4898 -33.59 90.55 -4.10
N ASP H 4899 -34.52 89.62 -3.90
CA ASP H 4899 -35.91 89.89 -4.25
C ASP H 4899 -36.51 90.92 -3.31
N GLU H 4900 -36.16 90.88 -2.03
CA GLU H 4900 -36.80 91.76 -1.06
C GLU H 4900 -36.21 93.17 -1.12
N ILE H 4901 -34.90 93.29 -0.93
CA ILE H 4901 -34.29 94.61 -0.86
C ILE H 4901 -34.41 95.33 -2.19
N GLU H 4902 -34.22 96.65 -2.15
CA GLU H 4902 -34.48 97.49 -3.31
C GLU H 4902 -33.45 97.23 -4.40
N ASP H 4903 -33.73 97.79 -5.57
CA ASP H 4903 -32.97 97.50 -6.78
C ASP H 4903 -31.59 98.18 -6.73
N PRO H 4904 -30.55 97.53 -7.22
CA PRO H 4904 -29.23 98.14 -7.24
C PRO H 4904 -28.89 98.87 -8.54
N ALA H 4905 -29.82 98.92 -9.49
CA ALA H 4905 -29.52 99.51 -10.78
C ALA H 4905 -29.18 100.99 -10.63
N GLY H 4906 -28.15 101.42 -11.36
CA GLY H 4906 -27.75 102.81 -11.31
C GLY H 4906 -27.20 103.26 -9.98
N ASP H 4907 -26.37 102.43 -9.35
CA ASP H 4907 -25.71 102.78 -8.12
C ASP H 4907 -24.24 102.39 -8.20
N GLU H 4908 -23.40 103.09 -7.44
CA GLU H 4908 -21.97 102.81 -7.51
C GLU H 4908 -21.57 101.55 -6.74
N TYR H 4909 -22.49 100.95 -5.98
CA TYR H 4909 -22.30 99.61 -5.44
C TYR H 4909 -23.11 98.56 -6.19
N GLU H 4910 -23.59 98.88 -7.39
CA GLU H 4910 -24.45 97.94 -8.13
C GLU H 4910 -23.78 96.60 -8.31
N LEU H 4911 -22.55 96.60 -8.79
CA LEU H 4911 -21.87 95.35 -9.11
C LEU H 4911 -21.65 94.51 -7.88
N TYR H 4912 -21.28 95.14 -6.77
CA TYR H 4912 -21.11 94.39 -5.53
C TYR H 4912 -22.44 93.83 -5.04
N ARG H 4913 -23.51 94.59 -5.21
CA ARG H 4913 -24.83 94.08 -4.82
C ARG H 4913 -25.21 92.87 -5.67
N VAL H 4914 -24.86 92.90 -6.96
CA VAL H 4914 -25.15 91.75 -7.82
C VAL H 4914 -24.42 90.52 -7.31
N VAL H 4915 -23.14 90.67 -6.99
CA VAL H 4915 -22.38 89.54 -6.45
C VAL H 4915 -22.98 89.09 -5.13
N PHE H 4916 -23.35 90.04 -4.27
CA PHE H 4916 -23.88 89.73 -2.96
C PHE H 4916 -25.17 88.92 -3.06
N ASP H 4917 -26.11 89.38 -3.88
CA ASP H 4917 -27.39 88.69 -4.02
C ASP H 4917 -27.20 87.32 -4.65
N ILE H 4918 -26.38 87.23 -5.70
CA ILE H 4918 -26.22 85.96 -6.39
C ILE H 4918 -25.56 84.93 -5.50
N THR H 4919 -24.52 85.33 -4.77
CA THR H 4919 -23.86 84.37 -3.89
C THR H 4919 -24.74 84.02 -2.69
N PHE H 4920 -25.62 84.93 -2.27
CA PHE H 4920 -26.63 84.55 -1.29
C PHE H 4920 -27.53 83.46 -1.84
N PHE H 4921 -27.93 83.61 -3.11
CA PHE H 4921 -28.83 82.62 -3.70
C PHE H 4921 -28.15 81.26 -3.80
N PHE H 4922 -26.90 81.23 -4.24
CA PHE H 4922 -26.23 79.94 -4.43
C PHE H 4922 -25.88 79.29 -3.09
N PHE H 4923 -25.38 80.08 -2.13
CA PHE H 4923 -24.83 79.48 -0.92
C PHE H 4923 -25.87 79.21 0.14
N VAL H 4924 -27.10 79.69 -0.03
CA VAL H 4924 -28.12 79.51 0.99
C VAL H 4924 -29.34 78.82 0.39
N ILE H 4925 -29.94 79.45 -0.62
CA ILE H 4925 -31.18 78.92 -1.18
C ILE H 4925 -30.94 77.63 -1.92
N VAL H 4926 -29.83 77.54 -2.64
CA VAL H 4926 -29.59 76.37 -3.49
C VAL H 4926 -28.84 75.29 -2.73
N ILE H 4927 -27.61 75.60 -2.30
CA ILE H 4927 -26.73 74.55 -1.78
C ILE H 4927 -27.21 74.05 -0.42
N LEU H 4928 -27.56 74.96 0.48
CA LEU H 4928 -27.87 74.55 1.86
C LEU H 4928 -29.19 73.79 1.91
N LEU H 4929 -30.21 74.28 1.20
CA LEU H 4929 -31.45 73.54 1.13
C LEU H 4929 -31.25 72.19 0.44
N ALA H 4930 -30.38 72.16 -0.58
CA ALA H 4930 -30.05 70.89 -1.21
C ALA H 4930 -29.40 69.93 -0.22
N ILE H 4931 -28.56 70.45 0.67
CA ILE H 4931 -27.93 69.61 1.68
C ILE H 4931 -28.97 69.01 2.60
N ILE H 4932 -29.92 69.84 3.05
CA ILE H 4932 -30.97 69.35 3.95
C ILE H 4932 -31.78 68.25 3.29
N GLN H 4933 -32.27 68.53 2.08
CA GLN H 4933 -33.03 67.53 1.36
C GLN H 4933 -32.20 66.28 1.09
N GLY H 4934 -30.92 66.46 0.77
CA GLY H 4934 -30.08 65.30 0.51
C GLY H 4934 -29.88 64.42 1.73
N LEU H 4935 -29.80 65.03 2.91
CA LEU H 4935 -29.77 64.23 4.12
C LEU H 4935 -31.01 63.37 4.22
N ILE H 4936 -32.17 63.93 3.89
CA ILE H 4936 -33.41 63.16 3.93
C ILE H 4936 -33.36 62.01 2.93
N ILE H 4937 -32.94 62.29 1.70
CA ILE H 4937 -32.96 61.26 0.66
C ILE H 4937 -32.04 60.11 1.04
N ASP H 4938 -30.82 60.44 1.47
CA ASP H 4938 -29.88 59.39 1.81
C ASP H 4938 -30.29 58.67 3.08
N ALA H 4939 -31.09 59.31 3.94
CA ALA H 4939 -31.65 58.58 5.06
C ALA H 4939 -32.58 57.48 4.58
N PHE H 4940 -33.45 57.80 3.61
CA PHE H 4940 -34.29 56.76 3.02
C PHE H 4940 -33.46 55.64 2.44
N GLY H 4941 -32.41 56.01 1.69
CA GLY H 4941 -31.57 54.99 1.09
C GLY H 4941 -30.89 54.11 2.11
N GLU H 4942 -30.39 54.71 3.20
CA GLU H 4942 -29.70 53.92 4.22
C GLU H 4942 -30.65 52.96 4.91
N LEU H 4943 -31.86 53.42 5.24
CA LEU H 4943 -32.79 52.52 5.92
C LEU H 4943 -33.20 51.36 5.02
N ARG H 4944 -33.47 51.65 3.75
CA ARG H 4944 -33.77 50.58 2.81
C ARG H 4944 -32.61 49.61 2.69
N ASP H 4945 -31.39 50.15 2.64
CA ASP H 4945 -30.21 49.29 2.57
C ASP H 4945 -30.10 48.41 3.80
N GLN H 4946 -30.39 48.95 4.99
CA GLN H 4946 -30.27 48.17 6.20
C GLN H 4946 -31.24 46.99 6.20
N GLN H 4947 -32.48 47.23 5.78
CA GLN H 4947 -33.43 46.12 5.76
C GLN H 4947 -33.02 45.05 4.76
N GLU H 4948 -32.63 45.44 3.54
CA GLU H 4948 -32.12 44.44 2.61
C GLU H 4948 -30.85 43.79 3.15
N GLN H 4949 -30.05 44.55 3.90
CA GLN H 4949 -28.79 44.08 4.43
C GLN H 4949 -29.00 42.88 5.34
N VAL H 4950 -29.78 43.08 6.40
CA VAL H 4950 -30.09 42.00 7.33
C VAL H 4950 -30.77 40.86 6.60
N LYS H 4951 -31.65 41.19 5.66
CA LYS H 4951 -32.60 40.18 5.22
C LYS H 4951 -31.76 39.19 4.41
N GLU H 4952 -30.95 39.73 3.49
CA GLU H 4952 -30.09 38.89 2.67
C GLU H 4952 -29.11 38.09 3.52
N ASP H 4953 -28.63 38.67 4.64
CA ASP H 4953 -27.86 37.87 5.58
C ASP H 4953 -28.66 36.66 6.05
N MET H 4954 -29.92 36.87 6.40
CA MET H 4954 -30.72 35.77 6.93
C MET H 4954 -30.88 34.65 5.90
N GLU H 4955 -30.99 35.00 4.63
CA GLU H 4955 -31.08 33.91 3.64
C GLU H 4955 -29.76 33.52 2.98
N THR H 4956 -28.60 33.96 3.48
CA THR H 4956 -27.36 33.41 2.96
C THR H 4956 -26.54 32.64 3.98
N LYS H 4957 -26.79 32.82 5.28
CA LYS H 4957 -26.07 32.10 6.32
C LYS H 4957 -27.02 31.67 7.42
N CYS H 4958 -26.67 30.58 8.09
CA CYS H 4958 -27.41 30.11 9.25
C CYS H 4958 -27.12 31.04 10.41
N PHE H 4959 -28.14 31.33 11.21
CA PHE H 4959 -27.98 32.24 12.33
C PHE H 4959 -27.00 31.70 13.35
N ILE H 4960 -27.10 30.41 13.68
CA ILE H 4960 -26.27 29.83 14.72
C ILE H 4960 -24.92 29.38 14.17
N CYS H 4961 -24.95 28.55 13.12
CA CYS H 4961 -23.72 27.97 12.59
C CYS H 4961 -22.76 29.05 12.11
N GLY H 4962 -23.28 30.04 11.39
CA GLY H 4962 -22.47 30.97 10.67
C GLY H 4962 -22.06 30.48 9.29
N ILE H 4963 -22.30 29.20 9.00
CA ILE H 4963 -21.96 28.66 7.70
C ILE H 4963 -22.91 29.20 6.65
N GLY H 4964 -22.39 29.37 5.44
CA GLY H 4964 -23.18 29.91 4.35
C GLY H 4964 -24.12 28.90 3.75
N SER H 4965 -25.06 29.43 2.95
CA SER H 4965 -26.02 28.57 2.26
C SER H 4965 -25.36 27.73 1.18
N ASP H 4966 -24.20 28.15 0.70
CA ASP H 4966 -23.56 27.43 -0.40
C ASP H 4966 -23.22 26.00 -0.01
N TYR H 4967 -22.68 25.81 1.19
CA TYR H 4967 -22.38 24.46 1.64
C TYR H 4967 -23.64 23.63 1.83
N PHE H 4968 -24.65 24.18 2.49
CA PHE H 4968 -25.81 23.39 2.85
C PHE H 4968 -26.69 23.06 1.65
N ASP H 4969 -26.49 23.73 0.52
CA ASP H 4969 -27.28 23.46 -0.66
C ASP H 4969 -26.62 22.48 -1.62
N THR H 4970 -25.51 21.86 -1.23
CA THR H 4970 -24.97 20.76 -2.02
C THR H 4970 -25.94 19.59 -2.08
N THR H 4971 -26.84 19.53 -1.18
CA THR H 4971 -27.97 18.62 -1.13
C THR H 4971 -29.25 19.37 -1.49
N PRO H 4972 -30.24 18.67 -2.05
CA PRO H 4972 -31.46 19.36 -2.50
C PRO H 4972 -32.20 20.00 -1.33
N HIS H 4973 -32.40 21.31 -1.43
CA HIS H 4973 -33.06 22.10 -0.39
C HIS H 4973 -32.41 21.86 0.97
N GLY H 4974 -31.11 21.60 0.99
CA GLY H 4974 -30.46 21.29 2.25
C GLY H 4974 -30.46 22.45 3.21
N PHE H 4975 -30.32 23.67 2.70
CA PHE H 4975 -30.24 24.84 3.58
C PHE H 4975 -31.53 25.02 4.37
N GLU H 4976 -32.68 24.81 3.72
CA GLU H 4976 -33.93 24.97 4.44
C GLU H 4976 -34.05 23.96 5.57
N THR H 4977 -33.65 22.71 5.32
CA THR H 4977 -33.69 21.72 6.38
C THR H 4977 -32.75 22.11 7.52
N HIS H 4978 -31.51 22.46 7.20
CA HIS H 4978 -30.58 22.85 8.26
C HIS H 4978 -31.09 24.09 8.99
N THR H 4979 -31.92 24.89 8.33
CA THR H 4979 -32.47 26.06 8.99
C THR H 4979 -33.57 25.71 9.97
N LEU H 4980 -34.63 25.04 9.52
CA LEU H 4980 -35.71 24.73 10.45
C LEU H 4980 -35.86 23.26 10.78
N GLU H 4981 -34.81 22.45 10.62
CA GLU H 4981 -34.74 21.16 11.27
C GLU H 4981 -33.53 21.05 12.19
N GLU H 4982 -32.33 21.32 11.70
CA GLU H 4982 -31.14 21.09 12.50
C GLU H 4982 -30.85 22.26 13.44
N HIS H 4983 -30.55 23.43 12.89
CA HIS H 4983 -30.20 24.61 13.67
C HIS H 4983 -31.33 25.62 13.53
N ASN H 4984 -32.35 25.49 14.35
CA ASN H 4984 -33.47 26.41 14.34
C ASN H 4984 -33.45 27.21 15.62
N LEU H 4985 -33.38 28.54 15.50
CA LEU H 4985 -33.27 29.38 16.69
C LEU H 4985 -34.47 29.24 17.60
N ALA H 4986 -35.63 28.90 17.06
CA ALA H 4986 -36.78 28.63 17.91
C ALA H 4986 -36.51 27.42 18.79
N ASN H 4987 -35.92 26.38 18.23
CA ASN H 4987 -35.63 25.17 19.01
C ASN H 4987 -34.66 25.45 20.14
N TYR H 4988 -33.67 26.32 19.92
CA TYR H 4988 -32.74 26.65 20.99
C TYR H 4988 -33.40 27.41 22.13
N MET H 4989 -34.56 28.01 21.91
CA MET H 4989 -35.32 28.59 23.00
C MET H 4989 -36.16 27.54 23.73
N PHE H 4990 -36.82 26.67 22.97
CA PHE H 4990 -37.58 25.60 23.57
C PHE H 4990 -36.68 24.67 24.37
N PHE H 4991 -35.38 24.67 24.12
CA PHE H 4991 -34.50 23.88 24.96
C PHE H 4991 -34.48 24.47 26.30
N LEU H 4992 -34.27 25.76 26.38
CA LEU H 4992 -34.15 26.37 27.66
C LEU H 4992 -35.41 26.18 28.43
N MET H 4993 -36.56 26.23 27.79
CA MET H 4993 -37.75 26.16 28.57
C MET H 4993 -37.94 24.74 28.88
N TYR H 4994 -37.32 23.83 28.16
CA TYR H 4994 -37.37 22.44 28.56
C TYR H 4994 -36.48 22.18 29.77
N LEU H 4995 -35.28 22.69 29.77
CA LEU H 4995 -34.33 22.48 30.85
C LEU H 4995 -34.87 23.08 32.11
N ILE H 4996 -35.31 24.33 32.07
CA ILE H 4996 -35.75 25.02 33.26
C ILE H 4996 -36.86 24.26 33.89
N ASN H 4997 -37.75 23.70 33.10
CA ASN H 4997 -38.88 22.94 33.62
C ASN H 4997 -38.43 21.61 34.13
N LYS H 4998 -37.63 20.89 33.36
CA LYS H 4998 -37.20 19.55 33.76
C LYS H 4998 -36.54 19.59 35.13
N ASP H 4999 -36.74 18.50 35.87
CA ASP H 4999 -36.15 18.37 37.20
C ASP H 4999 -34.67 18.06 37.10
N GLU H 5000 -33.84 18.73 37.85
CA GLU H 5000 -32.42 18.48 37.79
C GLU H 5000 -32.02 17.04 37.93
N THR H 5001 -32.69 16.28 38.76
CA THR H 5001 -32.28 14.92 38.85
C THR H 5001 -32.45 14.24 37.51
N GLU H 5002 -33.49 14.59 36.76
CA GLU H 5002 -33.76 13.89 35.51
C GLU H 5002 -33.13 14.42 34.25
N HIS H 5003 -32.16 15.30 34.36
CA HIS H 5003 -31.45 15.79 33.20
C HIS H 5003 -30.49 14.80 32.68
N THR H 5004 -30.55 14.56 31.39
CA THR H 5004 -29.65 13.61 30.74
C THR H 5004 -28.31 14.19 30.64
N GLY H 5005 -27.36 13.42 30.18
CA GLY H 5005 -26.00 13.87 30.20
C GLY H 5005 -25.74 15.11 29.41
N GLN H 5006 -26.29 15.19 28.23
CA GLN H 5006 -26.08 16.33 27.41
C GLN H 5006 -26.86 17.49 27.97
N GLU H 5007 -28.06 17.24 28.43
CA GLU H 5007 -28.86 18.31 29.01
C GLU H 5007 -28.18 18.89 30.24
N SER H 5008 -27.61 18.05 31.09
CA SER H 5008 -26.92 18.55 32.28
C SER H 5008 -25.72 19.39 31.89
N TYR H 5009 -24.99 18.96 30.87
CA TYR H 5009 -23.83 19.70 30.39
C TYR H 5009 -24.23 21.09 29.90
N VAL H 5010 -25.31 21.17 29.14
CA VAL H 5010 -25.81 22.47 28.69
C VAL H 5010 -26.26 23.34 29.82
N TRP H 5011 -26.97 22.77 30.77
CA TRP H 5011 -27.48 23.53 31.90
C TRP H 5011 -26.39 24.06 32.75
N LYS H 5012 -25.28 23.38 32.83
CA LYS H 5012 -24.28 23.82 33.75
C LYS H 5012 -23.64 24.88 33.01
N MET H 5013 -23.55 24.75 31.70
CA MET H 5013 -22.99 25.93 31.05
C MET H 5013 -23.91 27.14 31.07
N TYR H 5014 -25.21 27.00 30.97
CA TYR H 5014 -26.02 28.20 30.93
C TYR H 5014 -25.77 28.90 32.20
N GLN H 5015 -25.83 28.18 33.29
CA GLN H 5015 -25.70 28.80 34.58
C GLN H 5015 -24.38 29.53 34.78
N GLU H 5016 -23.28 28.96 34.34
CA GLU H 5016 -22.01 29.65 34.44
C GLU H 5016 -21.81 30.63 33.31
N ARG H 5017 -22.73 30.68 32.36
CA ARG H 5017 -22.71 31.63 31.27
C ARG H 5017 -21.46 31.49 30.39
N CYS H 5018 -21.31 30.29 29.83
CA CYS H 5018 -20.37 30.04 28.75
C CYS H 5018 -21.14 29.50 27.55
N TRP H 5019 -20.87 30.07 26.38
CA TRP H 5019 -21.67 29.77 25.20
C TRP H 5019 -20.90 28.92 24.18
N ASP H 5020 -20.07 28.00 24.65
CA ASP H 5020 -19.33 27.16 23.72
C ASP H 5020 -20.16 26.00 23.19
N PHE H 5021 -21.31 25.72 23.80
CA PHE H 5021 -22.11 24.60 23.33
C PHE H 5021 -22.83 24.93 22.03
N PHE H 5022 -23.05 26.20 21.74
CA PHE H 5022 -23.63 26.58 20.47
C PHE H 5022 -22.68 26.16 19.35
N PRO H 5023 -23.17 25.56 18.28
CA PRO H 5023 -22.28 25.16 17.19
C PRO H 5023 -21.88 26.37 16.37
N ALA H 5024 -20.59 26.72 16.42
CA ALA H 5024 -20.07 27.84 15.65
C ALA H 5024 -19.10 27.30 14.63
N GLY H 5025 -19.37 27.60 13.36
CA GLY H 5025 -18.50 27.14 12.30
C GLY H 5025 -18.49 25.66 12.06
N ASP H 5026 -19.49 24.92 12.53
CA ASP H 5026 -19.52 23.48 12.30
C ASP H 5026 -20.97 23.02 12.35
N CYS H 5027 -21.21 21.82 11.82
CA CYS H 5027 -22.55 21.26 11.78
C CYS H 5027 -22.43 19.74 11.72
N PHE H 5028 -23.54 19.09 12.05
CA PHE H 5028 -23.56 17.62 12.02
C PHE H 5028 -23.20 17.09 10.65
N ARG H 5029 -23.59 17.80 9.59
CA ARG H 5029 -23.20 17.39 8.25
C ARG H 5029 -21.69 17.48 8.07
N LYS H 5030 -21.08 18.53 8.61
CA LYS H 5030 -19.64 18.70 8.50
C LYS H 5030 -18.90 17.68 9.34
N GLN H 5031 -19.36 17.45 10.57
CA GLN H 5031 -18.65 16.56 11.48
C GLN H 5031 -18.56 15.15 10.94
N TYR H 5032 -19.63 14.66 10.34
CA TYR H 5032 -19.69 13.30 9.83
C TYR H 5032 -19.91 13.31 8.33
N GLU H 5033 -19.18 14.17 7.63
CA GLU H 5033 -19.37 14.31 6.19
C GLU H 5033 -19.04 13.03 5.46
N ASP H 5034 -17.96 12.36 5.85
CA ASP H 5034 -17.54 11.15 5.15
C ASP H 5034 -18.51 10.01 5.38
N GLN H 5035 -18.83 9.71 6.64
CA GLN H 5035 -19.70 8.57 6.93
C GLN H 5035 -21.11 8.83 6.42
N LEU H 5036 -21.68 9.98 6.75
CA LEU H 5036 -23.03 10.29 6.30
C LEU H 5036 -23.08 10.38 4.78
N SER H 5037 -22.01 10.85 4.17
CA SER H 5037 -21.87 10.89 2.71
C SER H 5037 -23.03 11.63 2.05
PG ATP I . -2.31 53.16 -16.31
O1G ATP I . -0.84 53.48 -16.41
O2G ATP I . -3.17 53.81 -17.36
O3G ATP I . -2.87 53.22 -14.91
PB ATP I . -1.50 50.53 -15.86
O1B ATP I . -0.35 50.08 -16.73
O2B ATP I . -1.26 51.05 -14.47
O3B ATP I . -2.37 51.60 -16.68
PA ATP I . -4.12 49.68 -15.93
O1A ATP I . -4.45 49.78 -17.41
O2A ATP I . -4.42 50.82 -14.99
O3A ATP I . -2.56 49.33 -15.77
O5' ATP I . -4.77 48.34 -15.32
C5' ATP I . -4.07 47.70 -14.25
C4' ATP I . -4.99 46.76 -13.51
O4' ATP I . -5.54 45.79 -14.39
C3' ATP I . -4.25 45.99 -12.43
O3' ATP I . -4.54 46.53 -11.15
C2' ATP I . -4.79 44.58 -12.52
O2' ATP I . -5.43 44.21 -11.28
C1' ATP I . -5.82 44.61 -13.63
N9 ATP I . -5.71 43.40 -14.46
C8 ATP I . -6.34 42.24 -14.21
N7 ATP I . -6.04 41.32 -15.16
C5 ATP I . -5.19 41.89 -16.03
C6 ATP I . -4.50 41.47 -17.25
N6 ATP I . -4.65 40.22 -17.74
N1 ATP I . -3.72 42.38 -17.86
C2 ATP I . -3.57 43.62 -17.38
N3 ATP I . -4.18 44.06 -16.27
C4 ATP I . -4.99 43.26 -15.57
CA CA J . 11.13 26.40 -39.78
ZN ZN K . -4.23 35.55 -16.12
N1 CFF L . -1.62 41.68 -40.64
C2 CFF L . -2.03 42.61 -39.66
C10 CFF L . -0.75 42.12 -41.73
C6 CFF L . -2.04 40.35 -40.59
N3 CFF L . -2.86 42.25 -38.58
O11 CFF L . -1.63 43.79 -39.73
C12 CFF L . -3.26 43.25 -37.60
C4 CFF L . -3.29 41.01 -38.49
C5 CFF L . -2.93 39.99 -39.46
N9 CFF L . -4.08 40.44 -37.58
O13 CFF L . -1.68 39.54 -41.46
N7 CFF L . -3.52 38.86 -39.08
C8 CFF L . -4.21 39.14 -37.95
C14 CFF L . -3.47 37.53 -39.73
PG ATP M . -33.43 36.67 -25.33
O1G ATP M . -33.33 36.20 -26.76
O2G ATP M . -34.79 37.17 -24.93
O3G ATP M . -32.29 37.54 -24.87
PB ATP M . -31.96 34.39 -24.67
O1B ATP M . -32.38 33.16 -25.44
O2B ATP M . -30.81 35.24 -25.15
O3B ATP M . -33.26 35.32 -24.48
PA ATP M . -32.28 34.93 -21.99
O1A ATP M . -33.74 34.57 -21.77
O2A ATP M . -31.86 36.33 -22.31
O3A ATP M . -31.70 33.98 -23.15
O5' ATP M . -31.40 34.41 -20.75
C5' ATP M . -30.06 34.01 -21.02
C4' ATP M . -29.25 33.98 -19.74
O4' ATP M . -29.85 33.12 -18.77
C3' ATP M . -27.86 33.45 -19.97
O3' ATP M . -26.91 34.53 -20.00
C2' ATP M . -27.56 32.55 -18.79
O2' ATP M . -26.44 33.06 -18.05
C1' ATP M . -28.81 32.62 -17.93
N9 ATP M . -29.14 31.28 -17.40
C8 ATP M . -28.66 30.77 -16.26
N7 ATP M . -29.15 29.52 -16.05
C5 ATP M . -29.97 29.24 -17.07
C6 ATP M . -30.80 28.10 -17.47
N6 ATP M . -30.87 26.98 -16.70
N1 ATP M . -31.51 28.20 -18.61
C2 ATP M . -31.46 29.31 -19.37
N3 ATP M . -30.72 30.37 -19.07
C4 ATP M . -29.97 30.41 -17.95
CA CA N . -43.20 -0.04 -23.27
ZN ZN O . -27.72 23.75 -14.66
N1 CFF P . -51.78 17.67 -20.15
C2 CFF P . -51.27 18.99 -20.28
C10 CFF P . -52.74 17.17 -21.13
C6 CFF P . -51.36 16.83 -19.10
N3 CFF P . -50.34 19.53 -19.37
O11 CFF P . -51.65 19.70 -21.21
C12 CFF P . -49.84 20.89 -19.53
C4 CFF P . -49.92 18.77 -18.36
C5 CFF P . -50.38 17.42 -18.16
N9 CFF P . -49.05 19.05 -17.38
O13 CFF P . -51.82 15.68 -19.00
N7 CFF P . -49.77 16.95 -17.07
C8 CFF P . -48.98 17.94 -16.62
C14 CFF P . -49.92 15.62 -16.44
PG ATP Q . -11.34 51.20 18.76
O1G ATP Q . -11.11 51.01 20.24
O2G ATP Q . -10.92 52.55 18.23
O3G ATP Q . -12.69 50.74 18.28
PB ATP Q . -10.33 48.63 18.47
O1B ATP Q . -9.14 48.33 19.35
O2B ATP Q . -11.73 48.24 18.91
O3B ATP Q . -10.31 50.18 18.09
PA ATP Q . -10.41 48.88 15.73
O1A ATP Q . -9.26 49.81 15.46
O2A ATP Q . -11.82 49.40 15.91
O3A ATP Q . -10.06 47.99 17.02
O5' ATP Q . -10.45 47.72 14.61
C5' ATP Q . -10.92 46.44 15.01
C4' ATP Q . -11.31 45.62 13.79
O4' ATP Q . -10.21 45.48 12.90
C3' ATP Q . -11.72 44.21 14.17
O3' ATP Q . -13.13 44.08 14.12
C2' ATP Q . -11.10 43.32 13.12
O2' ATP Q . -12.11 42.62 12.39
C1' ATP Q . -10.36 44.26 12.18
N9 ATP Q . -9.06 43.69 11.80
C8 ATP Q . -8.86 42.86 10.77
N7 ATP Q . -7.55 42.51 10.68
C5 ATP Q . -6.90 43.13 11.67
C6 ATP Q . -5.52 43.18 12.14
N6 ATP Q . -4.54 42.50 11.51
N1 ATP Q . -5.25 43.95 13.21
C2 ATP Q . -6.22 44.64 13.84
N3 ATP Q . -7.50 44.63 13.46
C4 ATP Q . -7.90 43.91 12.40
CA CA R . 24.11 37.52 20.46
ZN ZN S . -3.66 37.85 10.05
N1 CFF T . 15.08 54.34 14.76
C2 CFF T . 13.72 54.71 14.76
C10 CFF T . 15.99 54.94 15.73
C6 CFF T . 15.58 53.40 13.85
N3 CFF T . 12.79 54.16 13.86
O11 CFF T . 13.31 55.54 15.59
C12 CFF T . 11.39 54.58 13.89
C4 CFF T . 13.20 53.27 12.98
C5 CFF T . 14.59 52.83 12.90
N9 CFF T . 12.53 52.62 12.02
O13 CFF T . 16.78 53.09 13.87
N7 CFF T . 14.67 51.95 11.91
C8 CFF T . 13.43 51.82 11.40
C14 CFF T . 15.87 51.21 11.44
PG ATP U . -42.47 34.66 9.83
O1G ATP U . -43.60 33.67 9.98
O2G ATP U . -42.54 35.85 10.75
O3G ATP U . -42.10 34.99 8.40
PB ATP U . -40.80 32.44 9.74
O1B ATP U . -41.16 31.34 10.72
O2B ATP U . -41.28 32.37 8.32
O3B ATP U . -41.20 33.85 10.37
PA ATP U . -38.57 34.05 9.75
O1A ATP U . -38.55 34.56 11.19
O2A ATP U . -39.26 34.85 8.67
O3A ATP U . -39.20 32.59 9.73
O5' ATP U . -37.08 33.72 9.27
C5' ATP U . -36.91 32.67 8.32
C4' ATP U . -35.56 32.78 7.64
O4' ATP U . -34.51 32.76 8.59
C3' ATP U . -35.31 31.61 6.71
O3' ATP U . -35.51 32.01 5.35
C2' ATP U . -33.87 31.24 6.93
O2' ATP U . -33.12 31.39 5.71
C1' ATP U . -33.35 32.22 7.96
N9 ATP U . -32.49 31.52 8.94
C8 ATP U . -31.17 31.32 8.80
N7 ATP U . -30.67 30.66 9.85
C5 ATP U . -31.66 30.41 10.70
C6 ATP U . -31.82 29.76 12.00
N6 ATP U . -30.75 29.20 12.63
N1 ATP U . -33.04 29.72 12.55
C2 ATP U . -34.10 30.26 11.93
N3 ATP U . -34.04 30.88 10.74
C4 ATP U . -32.87 30.99 10.10
CA CA V . -30.21 11.04 37.02
ZN ZN W . -27.13 25.97 11.58
N1 CFF X . -35.07 30.29 35.34
C2 CFF X . -35.53 31.05 34.23
C10 CFF X . -36.00 29.97 36.42
C6 CFF X . -33.74 29.85 35.42
N3 CFF X . -34.69 31.39 33.16
O11 CFF X . -36.71 31.42 34.19
C12 CFF X . -35.19 32.17 32.03
C4 CFF X . -33.42 31.00 33.18
C5 CFF X . -32.87 30.22 34.28
N9 CFF X . -32.44 31.20 32.30
O13 CFF X . -33.36 29.20 36.40
N7 CFF X . -31.59 30.00 34.01
C8 CFF X . -31.34 30.58 32.81
C14 CFF X . -30.59 29.25 34.81
#